data_9K7Z
#
_entry.id   9K7Z
#
loop_
_entity.id
_entity.type
_entity.pdbx_description
1 polymer Cage-i53-Zn1-HEHE-16
2 non-polymer 'ZINC ION'
#
_entity_poly.entity_id   1
_entity_poly.type   'polypeptide(L)'
_entity_poly.pdbx_seq_one_letter_code
;MGHHHHHHHHSSGLEVLFQGPGGTMEKLEVAVEHLKEAIELIEKGEYVKADLILTDILRLLEEEGVKSLIKQAKELHIEV
FKLLKEGEYKEAKALVEALRVSVELYILIKRGVREGRPIEEIAREVGRKLVELAKRLEKEGISWEEIIELIERILESIRE
ILKEEGLPESEINRILAVSILEVAKYLLEKLGFDYLVELLDRAIEYILKGRSELAVHLLDDIIRRVHEEIERYGDDVPEE
LLLLDLLVQKARDLAARI
;
_entity_poly.pdbx_strand_id   A,B,C,D,E,F,Q,b,m,x,G,R,c,n,y,H,S,d,o,z,I,T,e,p,0,J,U,f,q,1,K,V,g,r,2,L,W,h,s,3,M,X,i,t,4,N,Y,j,u,5,O,Z,k,v,6,P,a,l,w,7
#
# COMPACT_ATOMS: atom_id res chain seq x y z
N MET A 25 -84.29 -21.45 -0.34
CA MET A 25 -84.02 -22.79 0.17
C MET A 25 -85.08 -23.78 -0.26
N GLU A 26 -85.60 -23.63 -1.49
CA GLU A 26 -86.67 -24.50 -1.96
C GLU A 26 -86.23 -25.94 -2.13
N LYS A 27 -84.91 -26.19 -2.25
CA LYS A 27 -84.42 -27.55 -2.33
C LYS A 27 -84.74 -28.34 -1.08
N LEU A 28 -84.62 -27.70 0.09
CA LEU A 28 -84.92 -28.38 1.34
C LEU A 28 -86.42 -28.61 1.52
N GLU A 29 -87.26 -27.70 1.01
CA GLU A 29 -88.70 -27.96 1.02
C GLU A 29 -89.04 -29.12 0.09
N VAL A 30 -88.37 -29.23 -1.05
CA VAL A 30 -88.56 -30.38 -1.93
C VAL A 30 -88.14 -31.66 -1.22
N ALA A 31 -87.03 -31.60 -0.48
CA ALA A 31 -86.59 -32.75 0.30
C ALA A 31 -87.62 -33.13 1.36
N VAL A 32 -88.22 -32.15 2.03
CA VAL A 32 -89.25 -32.43 3.03
C VAL A 32 -90.47 -33.09 2.38
N GLU A 33 -90.88 -32.59 1.22
CA GLU A 33 -91.99 -33.21 0.50
C GLU A 33 -91.67 -34.64 0.09
N HIS A 34 -90.46 -34.85 -0.38
CA HIS A 34 -90.03 -36.21 -0.66
C HIS A 34 -90.11 -37.10 0.56
N LEU A 35 -89.63 -36.61 1.71
CA LEU A 35 -89.67 -37.40 2.94
C LEU A 35 -91.11 -37.76 3.31
N LYS A 36 -92.03 -36.83 3.15
CA LYS A 36 -93.44 -37.16 3.36
C LYS A 36 -93.90 -38.25 2.39
N GLU A 37 -93.48 -38.14 1.12
CA GLU A 37 -93.82 -39.17 0.15
C GLU A 37 -93.25 -40.52 0.54
N ALA A 38 -92.02 -40.53 1.07
CA ALA A 38 -91.40 -41.78 1.51
C ALA A 38 -92.17 -42.40 2.66
N ILE A 39 -92.62 -41.58 3.63
CA ILE A 39 -93.43 -42.10 4.72
C ILE A 39 -94.71 -42.71 4.19
N GLU A 40 -95.38 -42.01 3.26
CA GLU A 40 -96.60 -42.54 2.68
C GLU A 40 -96.36 -43.84 1.92
N LEU A 41 -95.23 -43.94 1.22
CA LEU A 41 -94.90 -45.14 0.47
C LEU A 41 -94.64 -46.32 1.41
N ILE A 42 -93.90 -46.10 2.50
CA ILE A 42 -93.69 -47.15 3.48
C ILE A 42 -95.03 -47.60 4.06
N GLU A 43 -95.94 -46.64 4.30
CA GLU A 43 -97.27 -47.00 4.79
C GLU A 43 -98.03 -47.84 3.77
N LYS A 44 -97.91 -47.51 2.49
CA LYS A 44 -98.64 -48.25 1.46
C LYS A 44 -98.10 -49.67 1.31
N GLY A 45 -96.78 -49.82 1.21
CA GLY A 45 -96.19 -51.14 1.09
C GLY A 45 -95.15 -51.27 0.01
N GLU A 46 -94.83 -50.17 -0.68
CA GLU A 46 -93.81 -50.17 -1.73
C GLU A 46 -92.47 -49.82 -1.11
N TYR A 47 -91.65 -50.84 -0.84
CA TYR A 47 -90.37 -50.65 -0.18
C TYR A 47 -89.24 -50.33 -1.16
N VAL A 48 -89.32 -50.84 -2.39
CA VAL A 48 -88.32 -50.49 -3.40
C VAL A 48 -88.39 -49.01 -3.73
N LYS A 49 -89.61 -48.50 -3.93
CA LYS A 49 -89.78 -47.09 -4.22
C LYS A 49 -89.35 -46.23 -3.04
N ALA A 50 -89.58 -46.72 -1.81
CA ALA A 50 -89.12 -46.01 -0.64
C ALA A 50 -87.59 -45.93 -0.58
N ASP A 51 -86.92 -47.04 -0.89
CA ASP A 51 -85.46 -47.04 -0.91
C ASP A 51 -84.92 -46.08 -1.98
N LEU A 52 -85.53 -46.09 -3.16
CA LEU A 52 -85.12 -45.18 -4.22
C LEU A 52 -85.38 -43.72 -3.85
N ILE A 53 -86.51 -43.44 -3.19
CA ILE A 53 -86.80 -42.09 -2.73
C ILE A 53 -85.77 -41.65 -1.70
N LEU A 54 -85.35 -42.55 -0.82
CA LEU A 54 -84.32 -42.19 0.15
C LEU A 54 -83.02 -41.83 -0.54
N THR A 55 -82.67 -42.57 -1.59
CA THR A 55 -81.48 -42.20 -2.36
C THR A 55 -81.63 -40.83 -3.01
N ASP A 56 -82.82 -40.53 -3.54
CA ASP A 56 -83.06 -39.21 -4.13
C ASP A 56 -82.95 -38.10 -3.09
N ILE A 57 -83.48 -38.34 -1.89
CA ILE A 57 -83.40 -37.35 -0.82
C ILE A 57 -81.94 -37.12 -0.44
N LEU A 58 -81.15 -38.20 -0.37
CA LEU A 58 -79.74 -38.05 -0.08
C LEU A 58 -79.05 -37.19 -1.15
N ARG A 59 -79.39 -37.43 -2.42
CA ARG A 59 -78.81 -36.62 -3.50
C ARG A 59 -79.19 -35.15 -3.35
N LEU A 60 -80.45 -34.87 -3.02
CA LEU A 60 -80.89 -33.49 -2.82
C LEU A 60 -80.13 -32.82 -1.67
N LEU A 61 -80.03 -33.51 -0.54
CA LEU A 61 -79.36 -32.93 0.62
C LEU A 61 -77.87 -32.70 0.34
N GLU A 62 -77.23 -33.64 -0.37
CA GLU A 62 -75.84 -33.42 -0.74
C GLU A 62 -75.70 -32.26 -1.71
N GLU A 63 -76.69 -32.04 -2.57
CA GLU A 63 -76.69 -30.87 -3.43
C GLU A 63 -76.75 -29.59 -2.61
N GLU A 64 -77.58 -29.58 -1.56
CA GLU A 64 -77.64 -28.39 -0.70
C GLU A 64 -76.33 -28.18 0.05
N GLY A 65 -75.83 -29.23 0.72
CA GLY A 65 -74.53 -29.14 1.36
C GLY A 65 -74.52 -28.95 2.87
N VAL A 66 -75.35 -29.69 3.59
CA VAL A 66 -75.36 -29.68 5.05
C VAL A 66 -74.84 -31.03 5.53
N LYS A 67 -73.71 -31.03 6.23
CA LYS A 67 -72.97 -32.26 6.49
C LYS A 67 -73.77 -33.19 7.40
N SER A 68 -74.32 -32.66 8.49
CA SER A 68 -75.06 -33.48 9.43
C SER A 68 -76.27 -34.12 8.76
N LEU A 69 -77.01 -33.35 7.97
CA LEU A 69 -78.12 -33.90 7.22
C LEU A 69 -77.66 -34.98 6.24
N ILE A 70 -76.49 -34.78 5.64
CA ILE A 70 -75.99 -35.75 4.67
C ILE A 70 -75.68 -37.09 5.33
N LYS A 71 -74.94 -37.06 6.43
CA LYS A 71 -74.62 -38.32 7.11
C LYS A 71 -75.88 -38.97 7.67
N GLN A 72 -76.81 -38.17 8.18
CA GLN A 72 -78.06 -38.73 8.66
C GLN A 72 -78.83 -39.39 7.53
N ALA A 73 -78.81 -38.80 6.33
CA ALA A 73 -79.54 -39.38 5.20
C ALA A 73 -78.90 -40.68 4.73
N LYS A 74 -77.56 -40.74 4.70
CA LYS A 74 -76.91 -41.99 4.30
C LYS A 74 -77.20 -43.11 5.29
N GLU A 75 -77.03 -42.84 6.58
CA GLU A 75 -77.33 -43.86 7.57
C GLU A 75 -78.81 -44.22 7.55
N LEU A 76 -79.68 -43.26 7.23
CA LEU A 76 -81.09 -43.55 7.10
C LEU A 76 -81.35 -44.52 5.97
N HIS A 77 -80.71 -44.31 4.82
CA HIS A 77 -80.88 -45.23 3.69
C HIS A 77 -80.49 -46.65 4.10
N ILE A 78 -79.30 -46.80 4.68
CA ILE A 78 -78.82 -48.14 5.04
C ILE A 78 -79.75 -48.79 6.06
N GLU A 79 -80.07 -48.07 7.14
CA GLU A 79 -80.83 -48.67 8.22
C GLU A 79 -82.28 -48.94 7.82
N VAL A 80 -82.88 -48.07 7.01
CA VAL A 80 -84.24 -48.32 6.56
C VAL A 80 -84.29 -49.51 5.63
N PHE A 81 -83.27 -49.67 4.76
CA PHE A 81 -83.23 -50.87 3.93
C PHE A 81 -83.18 -52.13 4.80
N LYS A 82 -82.31 -52.13 5.81
CA LYS A 82 -82.22 -53.29 6.70
C LYS A 82 -83.53 -53.55 7.42
N LEU A 83 -84.14 -52.50 7.98
CA LEU A 83 -85.38 -52.67 8.74
C LEU A 83 -86.53 -53.14 7.87
N LEU A 84 -86.64 -52.60 6.65
CA LEU A 84 -87.69 -53.05 5.75
C LEU A 84 -87.46 -54.50 5.30
N LYS A 85 -86.19 -54.91 5.21
CA LYS A 85 -85.91 -56.33 5.01
C LYS A 85 -86.44 -57.16 6.18
N GLU A 86 -86.15 -56.72 7.41
CA GLU A 86 -86.58 -57.47 8.58
C GLU A 86 -88.09 -57.40 8.79
N GLY A 87 -88.71 -56.28 8.44
CA GLY A 87 -90.13 -56.08 8.66
C GLY A 87 -90.49 -55.06 9.72
N GLU A 88 -89.52 -54.29 10.22
CA GLU A 88 -89.77 -53.27 11.24
C GLU A 88 -90.22 -51.98 10.55
N TYR A 89 -91.50 -51.95 10.17
CA TYR A 89 -92.03 -50.79 9.47
C TYR A 89 -92.05 -49.56 10.35
N LYS A 90 -92.46 -49.72 11.61
CA LYS A 90 -92.59 -48.59 12.51
C LYS A 90 -91.25 -47.93 12.80
N GLU A 91 -90.19 -48.73 12.97
CA GLU A 91 -88.87 -48.17 13.20
C GLU A 91 -88.38 -47.37 12.01
N ALA A 92 -88.60 -47.89 10.80
CA ALA A 92 -88.20 -47.15 9.60
C ALA A 92 -88.98 -45.86 9.46
N LYS A 93 -90.29 -45.92 9.71
CA LYS A 93 -91.10 -44.70 9.68
C LYS A 93 -90.62 -43.69 10.70
N ALA A 94 -90.25 -44.15 11.90
CA ALA A 94 -89.74 -43.25 12.92
C ALA A 94 -88.44 -42.60 12.48
N LEU A 95 -87.54 -43.36 11.86
CA LEU A 95 -86.28 -42.78 11.40
C LEU A 95 -86.52 -41.74 10.30
N VAL A 96 -87.42 -42.03 9.37
CA VAL A 96 -87.73 -41.07 8.32
C VAL A 96 -88.36 -39.81 8.90
N GLU A 97 -89.26 -39.96 9.88
CA GLU A 97 -89.87 -38.81 10.53
C GLU A 97 -88.83 -37.99 11.29
N ALA A 98 -87.86 -38.65 11.91
CA ALA A 98 -86.80 -37.94 12.61
C ALA A 98 -85.97 -37.11 11.64
N LEU A 99 -85.62 -37.68 10.48
CA LEU A 99 -84.88 -36.91 9.49
C LEU A 99 -85.71 -35.75 8.96
N ARG A 100 -87.01 -35.96 8.76
CA ARG A 100 -87.87 -34.88 8.29
C ARG A 100 -87.91 -33.74 9.29
N VAL A 101 -88.07 -34.07 10.57
CA VAL A 101 -88.10 -33.05 11.62
C VAL A 101 -86.77 -32.32 11.69
N SER A 102 -85.66 -33.04 11.51
CA SER A 102 -84.36 -32.40 11.55
C SER A 102 -84.20 -31.40 10.40
N VAL A 103 -84.65 -31.78 9.19
CA VAL A 103 -84.52 -30.88 8.05
C VAL A 103 -85.41 -29.65 8.23
N GLU A 104 -86.66 -29.85 8.68
CA GLU A 104 -87.54 -28.71 8.93
C GLU A 104 -86.98 -27.79 10.00
N LEU A 105 -86.38 -28.37 11.05
CA LEU A 105 -85.77 -27.57 12.10
C LEU A 105 -84.60 -26.76 11.57
N TYR A 106 -83.79 -27.35 10.69
CA TYR A 106 -82.71 -26.58 10.09
C TYR A 106 -83.26 -25.42 9.27
N ILE A 107 -84.32 -25.67 8.51
CA ILE A 107 -84.94 -24.59 7.72
C ILE A 107 -85.38 -23.46 8.63
N LEU A 108 -86.07 -23.80 9.72
CA LEU A 108 -86.61 -22.79 10.62
C LEU A 108 -85.49 -22.04 11.34
N ILE A 109 -84.41 -22.74 11.69
CA ILE A 109 -83.28 -22.08 12.33
C ILE A 109 -82.65 -21.06 11.37
N LYS A 110 -82.48 -21.45 10.10
CA LYS A 110 -81.90 -20.53 9.13
C LYS A 110 -82.80 -19.31 8.91
N ARG A 111 -84.11 -19.54 8.80
CA ARG A 111 -85.03 -18.41 8.63
C ARG A 111 -85.01 -17.50 9.84
N GLY A 112 -84.98 -18.06 11.05
CA GLY A 112 -84.95 -17.24 12.24
C GLY A 112 -83.66 -16.42 12.37
N VAL A 113 -82.52 -17.04 12.07
CA VAL A 113 -81.25 -16.34 12.20
C VAL A 113 -81.13 -15.24 11.15
N ARG A 114 -81.53 -15.53 9.91
CA ARG A 114 -81.45 -14.53 8.86
C ARG A 114 -82.34 -13.33 9.16
N GLU A 115 -83.61 -13.59 9.52
CA GLU A 115 -84.56 -12.55 9.87
C GLU A 115 -84.25 -11.83 11.16
N GLY A 116 -83.17 -12.17 11.85
CA GLY A 116 -82.86 -11.56 13.13
C GLY A 116 -83.89 -11.80 14.19
N ARG A 117 -84.55 -12.96 14.16
CA ARG A 117 -85.55 -13.27 15.16
C ARG A 117 -84.89 -13.47 16.53
N PRO A 118 -85.61 -13.17 17.61
CA PRO A 118 -85.04 -13.39 18.95
C PRO A 118 -84.82 -14.87 19.22
N ILE A 119 -83.79 -15.15 20.02
CA ILE A 119 -83.48 -16.52 20.42
C ILE A 119 -84.66 -17.14 21.15
N GLU A 120 -85.43 -16.33 21.87
CA GLU A 120 -86.54 -16.85 22.67
C GLU A 120 -87.56 -17.60 21.82
N GLU A 121 -88.05 -16.96 20.75
CA GLU A 121 -89.08 -17.60 19.95
C GLU A 121 -88.54 -18.75 19.11
N ILE A 122 -87.27 -18.67 18.71
CA ILE A 122 -86.64 -19.80 18.04
C ILE A 122 -86.63 -21.02 18.95
N ALA A 123 -86.23 -20.81 20.22
CA ALA A 123 -86.22 -21.91 21.18
C ALA A 123 -87.61 -22.47 21.41
N ARG A 124 -88.61 -21.59 21.53
CA ARG A 124 -89.97 -22.08 21.72
C ARG A 124 -90.44 -22.90 20.52
N GLU A 125 -90.11 -22.46 19.31
CA GLU A 125 -90.49 -23.20 18.11
C GLU A 125 -89.81 -24.57 18.07
N VAL A 126 -88.52 -24.62 18.41
CA VAL A 126 -87.82 -25.90 18.42
C VAL A 126 -88.45 -26.85 19.43
N GLY A 127 -88.77 -26.35 20.62
CA GLY A 127 -89.43 -27.19 21.61
C GLY A 127 -90.78 -27.69 21.14
N ARG A 128 -91.56 -26.82 20.51
CA ARG A 128 -92.87 -27.23 20.01
C ARG A 128 -92.74 -28.32 18.95
N LYS A 129 -91.79 -28.17 18.04
CA LYS A 129 -91.58 -29.18 17.01
C LYS A 129 -91.17 -30.51 17.61
N LEU A 130 -90.25 -30.49 18.59
CA LEU A 130 -89.82 -31.73 19.22
C LEU A 130 -90.98 -32.40 19.96
N VAL A 131 -91.83 -31.62 20.63
CA VAL A 131 -92.95 -32.21 21.34
C VAL A 131 -93.95 -32.81 20.36
N GLU A 132 -94.18 -32.15 19.22
CA GLU A 132 -95.09 -32.71 18.23
C GLU A 132 -94.55 -34.01 17.66
N LEU A 133 -93.24 -34.07 17.40
CA LEU A 133 -92.65 -35.32 16.93
C LEU A 133 -92.80 -36.42 17.98
N ALA A 134 -92.57 -36.09 19.25
CA ALA A 134 -92.70 -37.09 20.30
C ALA A 134 -94.14 -37.61 20.40
N LYS A 135 -95.11 -36.70 20.29
CA LYS A 135 -96.52 -37.12 20.32
C LYS A 135 -96.84 -38.03 19.14
N ARG A 136 -96.34 -37.69 17.95
CA ARG A 136 -96.56 -38.54 16.78
C ARG A 136 -95.99 -39.93 17.00
N LEU A 137 -94.73 -40.01 17.45
CA LEU A 137 -94.10 -41.31 17.66
C LEU A 137 -94.81 -42.11 18.75
N GLU A 138 -95.28 -41.44 19.79
CA GLU A 138 -96.04 -42.13 20.83
C GLU A 138 -97.34 -42.68 20.27
N LYS A 139 -97.99 -41.94 19.37
CA LYS A 139 -99.20 -42.44 18.73
C LYS A 139 -98.90 -43.65 17.85
N GLU A 140 -97.75 -43.64 17.16
CA GLU A 140 -97.39 -44.77 16.31
C GLU A 140 -97.21 -46.05 17.11
N GLY A 141 -96.55 -45.96 18.27
CA GLY A 141 -96.33 -47.13 19.10
C GLY A 141 -94.89 -47.33 19.48
N ILE A 142 -94.03 -46.36 19.15
CA ILE A 142 -92.63 -46.44 19.51
C ILE A 142 -92.48 -46.15 21.01
N SER A 143 -91.64 -46.94 21.68
CA SER A 143 -91.44 -46.78 23.11
C SER A 143 -90.70 -45.48 23.42
N TRP A 144 -90.79 -45.06 24.68
CA TRP A 144 -90.28 -43.74 25.07
C TRP A 144 -88.77 -43.69 25.10
N GLU A 145 -88.10 -44.82 25.34
CA GLU A 145 -86.64 -44.84 25.26
C GLU A 145 -86.15 -44.54 23.85
N GLU A 146 -86.78 -45.16 22.86
CA GLU A 146 -86.42 -44.87 21.46
C GLU A 146 -86.75 -43.43 21.10
N ILE A 147 -87.89 -42.92 21.59
CA ILE A 147 -88.27 -41.54 21.33
C ILE A 147 -87.22 -40.59 21.89
N ILE A 148 -86.77 -40.85 23.12
CA ILE A 148 -85.78 -39.98 23.74
C ILE A 148 -84.46 -40.04 22.98
N GLU A 149 -84.04 -41.25 22.57
CA GLU A 149 -82.79 -41.36 21.83
C GLU A 149 -82.86 -40.62 20.49
N LEU A 150 -83.97 -40.76 19.78
CA LEU A 150 -84.14 -40.01 18.53
C LEU A 150 -84.10 -38.51 18.78
N ILE A 151 -84.75 -38.06 19.86
CA ILE A 151 -84.78 -36.63 20.18
C ILE A 151 -83.37 -36.13 20.48
N GLU A 152 -82.57 -36.90 21.22
CA GLU A 152 -81.21 -36.46 21.50
C GLU A 152 -80.34 -36.45 20.26
N ARG A 153 -80.54 -37.39 19.34
CA ARG A 153 -79.81 -37.31 18.08
C ARG A 153 -80.18 -36.04 17.32
N ILE A 154 -81.47 -35.71 17.27
CA ILE A 154 -81.90 -34.47 16.63
C ILE A 154 -81.29 -33.26 17.34
N LEU A 155 -81.19 -33.33 18.66
CA LEU A 155 -80.62 -32.21 19.43
C LEU A 155 -79.14 -32.03 19.14
N GLU A 156 -78.40 -33.12 18.98
CA GLU A 156 -76.99 -33.01 18.57
C GLU A 156 -76.87 -32.41 17.18
N SER A 157 -77.75 -32.81 16.26
CA SER A 157 -77.77 -32.19 14.94
C SER A 157 -78.05 -30.70 15.04
N ILE A 158 -79.00 -30.32 15.89
CA ILE A 158 -79.33 -28.90 16.09
C ILE A 158 -78.12 -28.15 16.65
N ARG A 159 -77.41 -28.77 17.59
CA ARG A 159 -76.23 -28.13 18.16
C ARG A 159 -75.18 -27.86 17.09
N GLU A 160 -74.94 -28.85 16.23
CA GLU A 160 -73.99 -28.64 15.14
C GLU A 160 -74.45 -27.54 14.19
N ILE A 161 -75.73 -27.54 13.84
CA ILE A 161 -76.26 -26.52 12.92
C ILE A 161 -76.13 -25.14 13.53
N LEU A 162 -76.47 -24.99 14.81
CA LEU A 162 -76.37 -23.70 15.47
C LEU A 162 -74.93 -23.22 15.56
N LYS A 163 -74.00 -24.14 15.87
CA LYS A 163 -72.60 -23.78 15.88
C LYS A 163 -72.11 -23.35 14.50
N GLU A 164 -72.70 -23.92 13.44
CA GLU A 164 -72.33 -23.50 12.09
C GLU A 164 -72.72 -22.05 11.83
N GLU A 165 -73.89 -21.63 12.33
CA GLU A 165 -74.37 -20.26 12.09
C GLU A 165 -73.56 -19.20 12.84
N GLY A 166 -72.51 -19.57 13.56
CA GLY A 166 -71.71 -18.61 14.28
C GLY A 166 -72.30 -18.13 15.58
N LEU A 167 -73.36 -18.77 16.08
CA LEU A 167 -73.92 -18.38 17.36
C LEU A 167 -72.96 -18.76 18.49
N PRO A 168 -72.88 -17.95 19.54
CA PRO A 168 -72.03 -18.31 20.69
C PRO A 168 -72.66 -19.41 21.52
N GLU A 169 -71.86 -19.95 22.43
CA GLU A 169 -72.26 -21.14 23.19
C GLU A 169 -73.44 -20.87 24.11
N SER A 170 -73.58 -19.63 24.61
CA SER A 170 -74.61 -19.35 25.60
C SER A 170 -76.01 -19.53 25.02
N GLU A 171 -76.27 -18.93 23.85
CA GLU A 171 -77.59 -19.06 23.24
C GLU A 171 -77.86 -20.48 22.77
N ILE A 172 -76.84 -21.18 22.27
CA ILE A 172 -77.00 -22.57 21.88
C ILE A 172 -77.44 -23.41 23.07
N ASN A 173 -76.74 -23.25 24.20
CA ASN A 173 -77.10 -23.98 25.40
C ASN A 173 -78.49 -23.61 25.89
N ARG A 174 -78.85 -22.33 25.78
CA ARG A 174 -80.18 -21.89 26.18
C ARG A 174 -81.26 -22.56 25.35
N ILE A 175 -81.09 -22.59 24.03
CA ILE A 175 -82.08 -23.22 23.15
C ILE A 175 -82.19 -24.70 23.45
N LEU A 176 -81.05 -25.38 23.59
CA LEU A 176 -81.08 -26.81 23.85
C LEU A 176 -81.74 -27.13 25.18
N ALA A 177 -81.42 -26.35 26.22
CA ALA A 177 -82.03 -26.55 27.52
C ALA A 177 -83.53 -26.34 27.47
N VAL A 178 -83.98 -25.30 26.75
CA VAL A 178 -85.41 -25.04 26.64
C VAL A 178 -86.12 -26.19 25.94
N SER A 179 -85.53 -26.72 24.87
CA SER A 179 -86.16 -27.83 24.16
C SER A 179 -86.26 -29.08 25.04
N ILE A 180 -85.17 -29.40 25.73
CA ILE A 180 -85.18 -30.55 26.64
C ILE A 180 -86.22 -30.36 27.72
N LEU A 181 -86.32 -29.15 28.27
CA LEU A 181 -87.29 -28.88 29.31
C LEU A 181 -88.72 -28.95 28.79
N GLU A 182 -88.94 -28.60 27.52
CA GLU A 182 -90.29 -28.74 26.96
C GLU A 182 -90.67 -30.20 26.82
N VAL A 183 -89.73 -31.05 26.38
CA VAL A 183 -90.01 -32.49 26.33
C VAL A 183 -90.30 -33.02 27.74
N ALA A 184 -89.50 -32.59 28.72
CA ALA A 184 -89.71 -33.02 30.10
C ALA A 184 -91.05 -32.53 30.62
N LYS A 185 -91.47 -31.33 30.22
CA LYS A 185 -92.78 -30.81 30.63
C LYS A 185 -93.90 -31.65 30.06
N TYR A 186 -93.78 -32.07 28.80
CA TYR A 186 -94.78 -32.98 28.24
C TYR A 186 -94.84 -34.29 29.02
N LEU A 187 -93.67 -34.82 29.38
CA LEU A 187 -93.65 -36.04 30.18
C LEU A 187 -94.32 -35.84 31.54
N LEU A 188 -94.05 -34.71 32.19
CA LEU A 188 -94.66 -34.43 33.48
C LEU A 188 -96.17 -34.30 33.36
N GLU A 189 -96.64 -33.65 32.30
CA GLU A 189 -98.09 -33.55 32.07
C GLU A 189 -98.70 -34.92 31.87
N LYS A 190 -98.02 -35.81 31.15
CA LYS A 190 -98.49 -37.19 31.01
C LYS A 190 -98.57 -37.88 32.37
N LEU A 191 -97.53 -37.71 33.20
CA LEU A 191 -97.54 -38.35 34.52
C LEU A 191 -98.63 -37.78 35.41
N GLY A 192 -98.86 -36.46 35.37
CA GLY A 192 -99.90 -35.85 36.17
C GLY A 192 -99.40 -35.10 37.39
N PHE A 193 -98.25 -34.45 37.26
CA PHE A 193 -97.65 -33.66 38.33
C PHE A 193 -97.72 -32.19 37.92
N ASP A 194 -98.83 -31.54 38.29
CA ASP A 194 -99.10 -30.19 37.81
C ASP A 194 -98.16 -29.16 38.42
N TYR A 195 -97.87 -29.28 39.72
CA TYR A 195 -97.02 -28.30 40.37
C TYR A 195 -95.61 -28.31 39.79
N LEU A 196 -95.06 -29.50 39.55
CA LEU A 196 -93.76 -29.58 38.88
C LEU A 196 -93.82 -28.99 37.48
N VAL A 197 -94.97 -29.13 36.80
CA VAL A 197 -95.14 -28.49 35.50
C VAL A 197 -95.01 -26.99 35.63
N GLU A 198 -95.72 -26.40 36.60
CA GLU A 198 -95.68 -24.95 36.80
C GLU A 198 -94.28 -24.46 37.12
N LEU A 199 -93.57 -25.16 38.02
CA LEU A 199 -92.19 -24.82 38.29
C LEU A 199 -91.34 -24.92 37.02
N LEU A 200 -91.67 -25.87 36.14
CA LEU A 200 -90.92 -26.00 34.89
C LEU A 200 -91.16 -24.82 33.96
N ASP A 201 -92.41 -24.33 33.87
CA ASP A 201 -92.61 -23.11 33.07
C ASP A 201 -91.86 -21.94 33.67
N ARG A 202 -91.84 -21.83 35.00
CA ARG A 202 -91.09 -20.75 35.63
C ARG A 202 -89.61 -20.83 35.26
N ALA A 203 -89.03 -22.02 35.34
CA ALA A 203 -87.62 -22.19 35.00
C ALA A 203 -87.36 -21.91 33.53
N ILE A 204 -88.28 -22.33 32.65
CA ILE A 204 -88.12 -22.08 31.22
C ILE A 204 -88.15 -20.59 30.93
N GLU A 205 -89.09 -19.87 31.55
CA GLU A 205 -89.14 -18.42 31.39
C GLU A 205 -87.87 -17.75 31.89
N TYR A 206 -87.34 -18.20 33.03
CA TYR A 206 -86.11 -17.62 33.53
C TYR A 206 -84.93 -17.89 32.60
N ILE A 207 -84.86 -19.09 32.03
CA ILE A 207 -83.80 -19.39 31.06
C ILE A 207 -83.94 -18.51 29.83
N LEU A 208 -85.18 -18.34 29.34
CA LEU A 208 -85.40 -17.58 28.12
C LEU A 208 -85.08 -16.10 28.31
N LYS A 209 -85.43 -15.54 29.48
CA LYS A 209 -85.16 -14.14 29.75
C LYS A 209 -83.69 -13.85 30.04
N GLY A 210 -82.86 -14.88 30.19
CA GLY A 210 -81.45 -14.70 30.41
C GLY A 210 -80.98 -14.89 31.85
N ARG A 211 -81.91 -15.01 32.79
CA ARG A 211 -81.56 -15.17 34.20
C ARG A 211 -81.19 -16.64 34.44
N SER A 212 -79.89 -16.92 34.45
CA SER A 212 -79.39 -18.29 34.45
C SER A 212 -79.27 -18.89 35.84
N GLU A 213 -78.72 -18.14 36.80
CA GLU A 213 -78.48 -18.69 38.13
C GLU A 213 -79.78 -18.99 38.86
N LEU A 214 -80.77 -18.12 38.72
CA LEU A 214 -82.09 -18.39 39.29
C LEU A 214 -82.68 -19.65 38.68
N ALA A 215 -82.51 -19.82 37.38
CA ALA A 215 -83.02 -21.02 36.70
C ALA A 215 -82.30 -22.27 37.20
N VAL A 216 -80.99 -22.17 37.45
CA VAL A 216 -80.25 -23.32 37.95
C VAL A 216 -80.73 -23.70 39.35
N HIS A 217 -80.96 -22.71 40.20
CA HIS A 217 -81.47 -23.02 41.55
C HIS A 217 -82.87 -23.63 41.48
N LEU A 218 -83.73 -23.09 40.59
CA LEU A 218 -85.05 -23.67 40.41
C LEU A 218 -84.97 -25.10 39.92
N LEU A 219 -84.03 -25.38 39.00
CA LEU A 219 -83.87 -26.73 38.48
C LEU A 219 -83.36 -27.68 39.56
N ASP A 220 -82.49 -27.18 40.46
CA ASP A 220 -82.07 -27.99 41.59
C ASP A 220 -83.24 -28.36 42.49
N ASP A 221 -84.11 -27.39 42.77
CA ASP A 221 -85.28 -27.69 43.59
C ASP A 221 -86.22 -28.67 42.88
N ILE A 222 -86.38 -28.51 41.56
CA ILE A 222 -87.21 -29.43 40.79
C ILE A 222 -86.62 -30.84 40.82
N ILE A 223 -85.29 -30.95 40.71
CA ILE A 223 -84.63 -32.25 40.75
C ILE A 223 -84.85 -32.92 42.11
N ARG A 224 -84.74 -32.14 43.18
CA ARG A 224 -85.00 -32.70 44.51
C ARG A 224 -86.44 -33.20 44.63
N ARG A 225 -87.39 -32.43 44.12
CA ARG A 225 -88.80 -32.86 44.17
C ARG A 225 -89.01 -34.12 43.35
N VAL A 226 -88.38 -34.22 42.18
CA VAL A 226 -88.53 -35.40 41.33
C VAL A 226 -87.95 -36.63 42.01
N HIS A 227 -86.78 -36.48 42.65
CA HIS A 227 -86.20 -37.59 43.38
C HIS A 227 -87.08 -38.01 44.55
N GLU A 228 -87.71 -37.05 45.23
CA GLU A 228 -88.65 -37.39 46.28
C GLU A 228 -89.83 -38.18 45.74
N GLU A 229 -90.36 -37.79 44.58
CA GLU A 229 -91.45 -38.54 43.98
C GLU A 229 -91.04 -39.95 43.61
N ILE A 230 -89.84 -40.10 43.03
CA ILE A 230 -89.34 -41.42 42.66
C ILE A 230 -89.19 -42.30 43.90
N GLU A 231 -88.63 -41.75 44.98
CA GLU A 231 -88.49 -42.50 46.22
C GLU A 231 -89.85 -42.88 46.79
N ARG A 232 -90.85 -42.01 46.65
CA ARG A 232 -92.19 -42.36 47.10
C ARG A 232 -92.76 -43.51 46.31
N TYR A 233 -92.49 -43.56 45.00
CA TYR A 233 -93.06 -44.63 44.18
C TYR A 233 -92.53 -45.99 44.58
N GLY A 234 -91.25 -46.10 44.88
CA GLY A 234 -90.68 -47.34 45.39
C GLY A 234 -90.17 -48.24 44.27
N ASP A 235 -90.74 -49.44 44.17
CA ASP A 235 -90.33 -50.42 43.17
C ASP A 235 -91.17 -50.38 41.90
N ASP A 236 -92.27 -49.63 41.89
CA ASP A 236 -93.18 -49.57 40.75
C ASP A 236 -93.03 -48.27 39.97
N VAL A 237 -91.82 -47.75 39.88
CA VAL A 237 -91.58 -46.46 39.23
C VAL A 237 -91.81 -46.59 37.73
N PRO A 238 -92.70 -45.79 37.14
CA PRO A 238 -92.83 -45.78 35.69
C PRO A 238 -91.59 -45.23 35.02
N GLU A 239 -91.35 -45.70 33.79
CA GLU A 239 -90.16 -45.29 33.05
C GLU A 239 -90.18 -43.82 32.67
N GLU A 240 -91.37 -43.22 32.56
CA GLU A 240 -91.46 -41.80 32.24
C GLU A 240 -90.82 -40.96 33.33
N LEU A 241 -90.97 -41.35 34.59
CA LEU A 241 -90.35 -40.61 35.68
C LEU A 241 -88.82 -40.65 35.60
N LEU A 242 -88.25 -41.80 35.27
CA LEU A 242 -86.80 -41.89 35.15
C LEU A 242 -86.28 -41.10 33.95
N LEU A 243 -86.99 -41.18 32.83
CA LEU A 243 -86.60 -40.39 31.66
C LEU A 243 -86.70 -38.90 31.96
N LEU A 244 -87.75 -38.48 32.67
CA LEU A 244 -87.88 -37.09 33.08
C LEU A 244 -86.74 -36.67 33.99
N ASP A 245 -86.36 -37.54 34.94
CA ASP A 245 -85.22 -37.26 35.80
C ASP A 245 -83.96 -36.99 34.98
N LEU A 246 -83.67 -37.88 34.04
CA LEU A 246 -82.48 -37.72 33.21
C LEU A 246 -82.54 -36.43 32.39
N LEU A 247 -83.72 -36.14 31.81
CA LEU A 247 -83.87 -34.95 31.00
C LEU A 247 -83.65 -33.69 31.81
N VAL A 248 -84.25 -33.61 32.99
CA VAL A 248 -84.11 -32.43 33.83
C VAL A 248 -82.66 -32.27 34.29
N GLN A 249 -81.99 -33.39 34.59
CA GLN A 249 -80.60 -33.30 34.98
C GLN A 249 -79.72 -32.75 33.86
N LYS A 250 -79.91 -33.26 32.64
CA LYS A 250 -79.09 -32.76 31.54
C LYS A 250 -79.44 -31.31 31.18
N ALA A 251 -80.70 -30.92 31.33
CA ALA A 251 -81.07 -29.53 31.12
C ALA A 251 -80.44 -28.62 32.16
N ARG A 252 -80.38 -29.07 33.41
CA ARG A 252 -79.70 -28.30 34.45
C ARG A 252 -78.21 -28.17 34.16
N ASP A 253 -77.59 -29.24 33.66
CA ASP A 253 -76.19 -29.14 33.28
C ASP A 253 -75.98 -28.12 32.17
N LEU A 254 -76.84 -28.14 31.15
CA LEU A 254 -76.74 -27.17 30.08
C LEU A 254 -76.95 -25.74 30.59
N ALA A 255 -77.93 -25.55 31.48
CA ALA A 255 -78.19 -24.22 32.02
C ALA A 255 -77.01 -23.72 32.83
N ALA A 256 -76.36 -24.62 33.58
CA ALA A 256 -75.14 -24.24 34.28
C ALA A 256 -74.03 -23.84 33.31
N ARG A 257 -73.90 -24.59 32.20
CA ARG A 257 -72.87 -24.28 31.22
C ARG A 257 -73.14 -23.01 30.42
N ILE A 258 -74.33 -22.42 30.54
CA ILE A 258 -74.68 -21.22 29.79
C ILE A 258 -73.70 -20.11 30.07
N MET B 25 -53.52 -67.08 14.31
CA MET B 25 -53.20 -67.11 15.73
C MET B 25 -53.38 -68.50 16.32
N GLU B 26 -53.05 -69.53 15.55
CA GLU B 26 -53.25 -70.90 16.01
C GLU B 26 -52.35 -71.27 17.18
N LYS B 27 -51.26 -70.52 17.40
CA LYS B 27 -50.41 -70.77 18.55
C LYS B 27 -51.17 -70.54 19.85
N LEU B 28 -52.00 -69.50 19.90
CA LEU B 28 -52.78 -69.22 21.11
C LEU B 28 -53.88 -70.23 21.32
N GLU B 29 -54.48 -70.77 20.24
CA GLU B 29 -55.42 -71.87 20.40
C GLU B 29 -54.73 -73.13 20.92
N VAL B 30 -53.50 -73.38 20.46
CA VAL B 30 -52.74 -74.51 21.00
C VAL B 30 -52.45 -74.28 22.48
N ALA B 31 -52.13 -73.04 22.86
CA ALA B 31 -51.93 -72.72 24.26
C ALA B 31 -53.19 -72.95 25.08
N VAL B 32 -54.35 -72.58 24.54
CA VAL B 32 -55.62 -72.80 25.25
C VAL B 32 -55.88 -74.29 25.43
N GLU B 33 -55.62 -75.08 24.39
CA GLU B 33 -55.79 -76.52 24.50
C GLU B 33 -54.84 -77.11 25.54
N HIS B 34 -53.61 -76.65 25.54
CA HIS B 34 -52.69 -77.04 26.58
C HIS B 34 -53.21 -76.71 27.97
N LEU B 35 -53.73 -75.49 28.16
CA LEU B 35 -54.27 -75.09 29.46
C LEU B 35 -55.40 -76.00 29.90
N LYS B 36 -56.28 -76.38 28.96
CA LYS B 36 -57.31 -77.36 29.28
C LYS B 36 -56.70 -78.69 29.71
N GLU B 37 -55.65 -79.12 28.99
CA GLU B 37 -54.96 -80.34 29.37
C GLU B 37 -54.35 -80.24 30.76
N ALA B 38 -53.80 -79.07 31.10
CA ALA B 38 -53.23 -78.87 32.43
C ALA B 38 -54.29 -78.96 33.51
N ILE B 39 -55.46 -78.36 33.26
CA ILE B 39 -56.56 -78.46 34.23
C ILE B 39 -56.96 -79.92 34.42
N GLU B 40 -57.08 -80.65 33.32
CA GLU B 40 -57.44 -82.07 33.42
C GLU B 40 -56.37 -82.87 34.17
N LEU B 41 -55.10 -82.54 33.95
CA LEU B 41 -54.02 -83.24 34.64
C LEU B 41 -54.02 -82.97 36.13
N ILE B 42 -54.23 -81.71 36.52
CA ILE B 42 -54.36 -81.38 37.94
C ILE B 42 -55.53 -82.13 38.55
N GLU B 43 -56.63 -82.24 37.80
CA GLU B 43 -57.77 -83.01 38.30
C GLU B 43 -57.42 -84.48 38.48
N LYS B 44 -56.66 -85.05 37.55
CA LYS B 44 -56.30 -86.46 37.63
C LYS B 44 -55.38 -86.73 38.81
N GLY B 45 -54.31 -85.94 38.95
CA GLY B 45 -53.39 -86.12 40.05
C GLY B 45 -51.93 -86.11 39.66
N GLU B 46 -51.63 -85.87 38.38
CA GLU B 46 -50.25 -85.80 37.90
C GLU B 46 -49.79 -84.35 37.97
N TYR B 47 -49.03 -84.03 39.03
CA TYR B 47 -48.58 -82.66 39.25
C TYR B 47 -47.27 -82.34 38.54
N VAL B 48 -46.41 -83.34 38.34
CA VAL B 48 -45.18 -83.12 37.59
C VAL B 48 -45.50 -82.80 36.14
N LYS B 49 -46.41 -83.56 35.54
CA LYS B 49 -46.81 -83.29 34.17
C LYS B 49 -47.50 -81.95 34.06
N ALA B 50 -48.27 -81.56 35.08
CA ALA B 50 -48.90 -80.25 35.09
C ALA B 50 -47.86 -79.12 35.13
N ASP B 51 -46.82 -79.28 35.95
CA ASP B 51 -45.75 -78.28 36.01
C ASP B 51 -45.03 -78.18 34.67
N LEU B 52 -44.74 -79.32 34.05
CA LEU B 52 -44.08 -79.32 32.75
C LEU B 52 -44.96 -78.70 31.67
N ILE B 53 -46.26 -78.98 31.71
CA ILE B 53 -47.20 -78.37 30.76
C ILE B 53 -47.23 -76.85 30.94
N LEU B 54 -47.19 -76.39 32.20
CA LEU B 54 -47.17 -74.95 32.43
C LEU B 54 -45.92 -74.32 31.83
N THR B 55 -44.77 -75.00 31.95
CA THR B 55 -43.56 -74.50 31.30
C THR B 55 -43.72 -74.46 29.78
N ASP B 56 -44.34 -75.49 29.20
CA ASP B 56 -44.58 -75.49 27.76
C ASP B 56 -45.49 -74.35 27.33
N ILE B 57 -46.55 -74.08 28.11
CA ILE B 57 -47.46 -72.99 27.81
C ILE B 57 -46.73 -71.66 27.87
N LEU B 58 -45.85 -71.49 28.87
CA LEU B 58 -45.05 -70.28 28.95
C LEU B 58 -44.18 -70.11 27.71
N ARG B 59 -43.56 -71.21 27.25
CA ARG B 59 -42.75 -71.15 26.04
C ARG B 59 -43.58 -70.73 24.83
N LEU B 60 -44.78 -71.30 24.69
CA LEU B 60 -45.67 -70.94 23.58
C LEU B 60 -46.03 -69.47 23.62
N LEU B 61 -46.44 -68.97 24.80
CA LEU B 61 -46.86 -67.58 24.91
C LEU B 61 -45.70 -66.64 24.65
N GLU B 62 -44.49 -66.98 25.13
CA GLU B 62 -43.33 -66.17 24.82
C GLU B 62 -43.01 -66.20 23.33
N GLU B 63 -43.27 -67.33 22.67
CA GLU B 63 -43.11 -67.38 21.22
C GLU B 63 -44.07 -66.42 20.54
N GLU B 64 -45.31 -66.35 21.01
CA GLU B 64 -46.27 -65.41 20.42
C GLU B 64 -45.87 -63.96 20.69
N GLY B 65 -45.58 -63.62 21.94
CA GLY B 65 -45.07 -62.31 22.26
C GLY B 65 -46.04 -61.31 22.85
N VAL B 66 -46.86 -61.75 23.81
CA VAL B 66 -47.75 -60.85 24.55
C VAL B 66 -47.25 -60.75 25.98
N LYS B 67 -46.86 -59.54 26.37
CA LYS B 67 -46.10 -59.35 27.61
C LYS B 67 -46.93 -59.71 28.83
N SER B 68 -48.18 -59.23 28.89
CA SER B 68 -49.02 -59.50 30.06
C SER B 68 -49.26 -61.00 30.21
N LEU B 69 -49.56 -61.67 29.10
CA LEU B 69 -49.73 -63.12 29.15
C LEU B 69 -48.44 -63.81 29.61
N ILE B 70 -47.28 -63.29 29.20
CA ILE B 70 -46.02 -63.91 29.55
C ILE B 70 -45.77 -63.82 31.05
N LYS B 71 -45.93 -62.63 31.63
CA LYS B 71 -45.71 -62.49 33.06
C LYS B 71 -46.74 -63.28 33.85
N GLN B 72 -47.99 -63.31 33.38
CA GLN B 72 -49.01 -64.11 34.03
C GLN B 72 -48.65 -65.59 34.00
N ALA B 73 -48.09 -66.06 32.89
CA ALA B 73 -47.74 -67.47 32.78
C ALA B 73 -46.56 -67.84 33.69
N LYS B 74 -45.56 -66.95 33.80
CA LYS B 74 -44.44 -67.23 34.70
C LYS B 74 -44.90 -67.27 36.16
N GLU B 75 -45.66 -66.26 36.58
CA GLU B 75 -46.16 -66.28 37.95
C GLU B 75 -47.10 -67.45 38.18
N LEU B 76 -47.83 -67.87 37.14
CA LEU B 76 -48.68 -69.05 37.27
C LEU B 76 -47.84 -70.28 37.52
N HIS B 77 -46.74 -70.46 36.78
CA HIS B 77 -45.89 -71.61 37.00
C HIS B 77 -45.39 -71.65 38.44
N ILE B 78 -44.85 -70.53 38.92
CA ILE B 78 -44.29 -70.52 40.28
C ILE B 78 -45.38 -70.80 41.31
N GLU B 79 -46.50 -70.09 41.23
CA GLU B 79 -47.52 -70.20 42.26
C GLU B 79 -48.23 -71.54 42.22
N VAL B 80 -48.44 -72.11 41.03
CA VAL B 80 -49.07 -73.43 40.95
C VAL B 80 -48.14 -74.50 41.50
N PHE B 81 -46.83 -74.37 41.25
CA PHE B 81 -45.90 -75.31 41.87
C PHE B 81 -45.99 -75.25 43.39
N LYS B 82 -45.99 -74.03 43.94
CA LYS B 82 -46.10 -73.89 45.39
C LYS B 82 -47.41 -74.47 45.92
N LEU B 83 -48.53 -74.15 45.27
CA LEU B 83 -49.83 -74.60 45.74
C LEU B 83 -49.97 -76.11 45.66
N LEU B 84 -49.47 -76.72 44.58
CA LEU B 84 -49.52 -78.17 44.45
C LEU B 84 -48.63 -78.83 45.48
N LYS B 85 -47.51 -78.18 45.86
CA LYS B 85 -46.74 -78.66 46.99
C LYS B 85 -47.57 -78.64 48.28
N GLU B 86 -48.26 -77.53 48.53
CA GLU B 86 -49.05 -77.42 49.75
C GLU B 86 -50.29 -78.31 49.71
N GLY B 87 -50.88 -78.51 48.54
CA GLY B 87 -52.10 -79.29 48.42
C GLY B 87 -53.34 -78.49 48.06
N GLU B 88 -53.20 -77.22 47.69
CA GLU B 88 -54.34 -76.37 47.32
C GLU B 88 -54.65 -76.59 45.84
N TYR B 89 -55.34 -77.70 45.56
CA TYR B 89 -55.67 -78.05 44.18
C TYR B 89 -56.62 -77.03 43.57
N LYS B 90 -57.64 -76.61 44.33
CA LYS B 90 -58.65 -75.72 43.79
C LYS B 90 -58.08 -74.35 43.44
N GLU B 91 -57.16 -73.84 44.27
CA GLU B 91 -56.54 -72.56 43.96
C GLU B 91 -55.70 -72.62 42.69
N ALA B 92 -54.95 -73.70 42.51
CA ALA B 92 -54.16 -73.87 41.30
C ALA B 92 -55.06 -73.99 40.07
N LYS B 93 -56.14 -74.77 40.19
CA LYS B 93 -57.08 -74.88 39.09
C LYS B 93 -57.70 -73.52 38.75
N ALA B 94 -58.01 -72.73 39.78
CA ALA B 94 -58.57 -71.40 39.54
C ALA B 94 -57.58 -70.51 38.81
N LEU B 95 -56.30 -70.55 39.20
CA LEU B 95 -55.30 -69.74 38.52
C LEU B 95 -55.13 -70.16 37.07
N VAL B 96 -55.12 -71.47 36.80
CA VAL B 96 -54.99 -71.93 35.43
C VAL B 96 -56.21 -71.52 34.61
N GLU B 97 -57.41 -71.61 35.20
CA GLU B 97 -58.62 -71.19 34.50
C GLU B 97 -58.61 -69.69 34.23
N ALA B 98 -58.08 -68.90 35.16
CA ALA B 98 -57.98 -67.46 34.95
C ALA B 98 -57.05 -67.15 33.78
N LEU B 99 -55.90 -67.84 33.71
CA LEU B 99 -55.00 -67.62 32.57
C LEU B 99 -55.65 -68.06 31.26
N ARG B 100 -56.39 -69.16 31.29
CA ARG B 100 -57.08 -69.63 30.08
C ARG B 100 -58.08 -68.59 29.60
N VAL B 101 -58.89 -68.06 30.52
CA VAL B 101 -59.88 -67.05 30.17
C VAL B 101 -59.20 -65.79 29.64
N SER B 102 -58.07 -65.42 30.23
CA SER B 102 -57.35 -64.25 29.76
C SER B 102 -56.85 -64.43 28.32
N VAL B 103 -56.31 -65.62 28.02
CA VAL B 103 -55.81 -65.88 26.67
C VAL B 103 -56.96 -65.89 25.66
N GLU B 104 -58.07 -66.57 26.00
CA GLU B 104 -59.21 -66.58 25.10
C GLU B 104 -59.77 -65.18 24.88
N LEU B 105 -59.79 -64.35 25.93
CA LEU B 105 -60.27 -62.99 25.80
C LEU B 105 -59.35 -62.17 24.89
N TYR B 106 -58.04 -62.38 25.00
CA TYR B 106 -57.14 -61.68 24.08
C TYR B 106 -57.41 -62.11 22.64
N ILE B 107 -57.63 -63.41 22.41
CA ILE B 107 -57.92 -63.89 21.07
C ILE B 107 -59.17 -63.20 20.53
N LEU B 108 -60.23 -63.16 21.35
CA LEU B 108 -61.50 -62.59 20.90
C LEU B 108 -61.37 -61.09 20.67
N ILE B 109 -60.59 -60.39 21.50
CA ILE B 109 -60.38 -58.96 21.30
C ILE B 109 -59.66 -58.71 19.98
N LYS B 110 -58.64 -59.51 19.67
CA LYS B 110 -57.93 -59.34 18.42
C LYS B 110 -58.82 -59.61 17.22
N ARG B 111 -59.63 -60.68 17.30
CA ARG B 111 -60.54 -60.98 16.20
C ARG B 111 -61.57 -59.87 16.02
N GLY B 112 -62.11 -59.34 17.12
CA GLY B 112 -63.08 -58.27 17.01
C GLY B 112 -62.51 -56.99 16.43
N VAL B 113 -61.30 -56.62 16.87
CA VAL B 113 -60.69 -55.38 16.39
C VAL B 113 -60.32 -55.51 14.93
N ARG B 114 -59.75 -56.65 14.53
CA ARG B 114 -59.37 -56.83 13.13
C ARG B 114 -60.58 -56.79 12.21
N GLU B 115 -61.63 -57.55 12.57
CA GLU B 115 -62.86 -57.60 11.79
C GLU B 115 -63.67 -56.32 11.84
N GLY B 116 -63.20 -55.28 12.54
CA GLY B 116 -63.95 -54.06 12.66
C GLY B 116 -65.28 -54.23 13.38
N ARG B 117 -65.36 -55.16 14.32
CA ARG B 117 -66.59 -55.37 15.05
C ARG B 117 -66.90 -54.17 15.94
N PRO B 118 -68.18 -53.89 16.20
CA PRO B 118 -68.53 -52.78 17.08
C PRO B 118 -68.05 -53.04 18.50
N ILE B 119 -67.72 -51.95 19.20
CA ILE B 119 -67.29 -52.04 20.60
C ILE B 119 -68.39 -52.65 21.45
N GLU B 120 -69.66 -52.44 21.08
CA GLU B 120 -70.78 -52.92 21.88
C GLU B 120 -70.74 -54.44 22.05
N GLU B 121 -70.64 -55.17 20.93
CA GLU B 121 -70.69 -56.63 21.02
C GLU B 121 -69.41 -57.20 21.63
N ILE B 122 -68.28 -56.53 21.41
CA ILE B 122 -67.04 -56.94 22.07
C ILE B 122 -67.20 -56.86 23.59
N ALA B 123 -67.77 -55.74 24.07
CA ALA B 123 -68.00 -55.58 25.50
C ALA B 123 -68.96 -56.63 26.04
N ARG B 124 -70.04 -56.91 25.30
CA ARG B 124 -70.98 -57.93 25.74
C ARG B 124 -70.31 -59.30 25.82
N GLU B 125 -69.47 -59.63 24.84
CA GLU B 125 -68.76 -60.90 24.85
C GLU B 125 -67.82 -61.01 26.05
N VAL B 126 -67.08 -59.92 26.32
CA VAL B 126 -66.17 -59.93 27.47
C VAL B 126 -66.93 -60.14 28.77
N GLY B 127 -68.06 -59.44 28.92
CA GLY B 127 -68.87 -59.63 30.12
C GLY B 127 -69.40 -61.04 30.25
N ARG B 128 -69.85 -61.63 29.14
CA ARG B 128 -70.36 -63.00 29.18
C ARG B 128 -69.25 -63.97 29.58
N LYS B 129 -68.05 -63.80 29.05
CA LYS B 129 -66.95 -64.68 29.40
C LYS B 129 -66.59 -64.55 30.88
N LEU B 130 -66.54 -63.32 31.39
CA LEU B 130 -66.23 -63.13 32.81
C LEU B 130 -67.30 -63.75 33.70
N VAL B 131 -68.56 -63.62 33.33
CA VAL B 131 -69.63 -64.20 34.13
C VAL B 131 -69.55 -65.72 34.12
N GLU B 132 -69.23 -66.31 32.95
CA GLU B 132 -69.08 -67.76 32.89
C GLU B 132 -67.93 -68.24 33.75
N LEU B 133 -66.80 -67.52 33.72
CA LEU B 133 -65.69 -67.87 34.60
C LEU B 133 -66.10 -67.79 36.07
N ALA B 134 -66.81 -66.73 36.45
CA ALA B 134 -67.23 -66.57 37.83
C ALA B 134 -68.16 -67.71 38.25
N LYS B 135 -69.09 -68.11 37.38
CA LYS B 135 -69.97 -69.22 37.68
C LYS B 135 -69.19 -70.51 37.85
N ARG B 136 -68.21 -70.75 36.99
CA ARG B 136 -67.37 -71.94 37.12
C ARG B 136 -66.65 -71.96 38.46
N LEU B 137 -66.00 -70.84 38.80
CA LEU B 137 -65.25 -70.79 40.06
C LEU B 137 -66.18 -70.95 41.26
N GLU B 138 -67.38 -70.38 41.18
CA GLU B 138 -68.34 -70.55 42.28
C GLU B 138 -68.75 -72.01 42.40
N LYS B 139 -68.91 -72.70 41.28
CA LYS B 139 -69.21 -74.13 41.34
C LYS B 139 -68.07 -74.92 41.96
N GLU B 140 -66.82 -74.55 41.64
CA GLU B 140 -65.68 -75.25 42.19
C GLU B 140 -65.63 -75.14 43.72
N GLY B 141 -65.89 -73.96 44.26
CA GLY B 141 -65.87 -73.76 45.69
C GLY B 141 -65.00 -72.61 46.13
N ILE B 142 -64.50 -71.84 45.17
CA ILE B 142 -63.68 -70.67 45.48
C ILE B 142 -64.58 -69.55 46.00
N SER B 143 -64.14 -68.87 47.05
CA SER B 143 -64.93 -67.80 47.66
C SER B 143 -65.01 -66.60 46.72
N TRP B 144 -65.99 -65.73 46.99
CA TRP B 144 -66.28 -64.63 46.09
C TRP B 144 -65.22 -63.53 46.12
N GLU B 145 -64.53 -63.38 47.25
CA GLU B 145 -63.44 -62.41 47.30
C GLU B 145 -62.31 -62.81 46.35
N GLU B 146 -61.94 -64.09 46.35
CA GLU B 146 -60.93 -64.57 45.41
C GLU B 146 -61.40 -64.45 43.98
N ILE B 147 -62.68 -64.75 43.72
CA ILE B 147 -63.24 -64.63 42.38
C ILE B 147 -63.14 -63.19 41.90
N ILE B 148 -63.50 -62.24 42.76
CA ILE B 148 -63.45 -60.83 42.38
C ILE B 148 -62.01 -60.41 42.12
N GLU B 149 -61.06 -60.83 42.96
CA GLU B 149 -59.66 -60.45 42.75
C GLU B 149 -59.13 -61.02 41.43
N LEU B 150 -59.45 -62.28 41.13
CA LEU B 150 -59.05 -62.86 39.85
C LEU B 150 -59.66 -62.08 38.69
N ILE B 151 -60.93 -61.71 38.82
CA ILE B 151 -61.60 -60.97 37.75
C ILE B 151 -60.94 -59.62 37.53
N GLU B 152 -60.58 -58.92 38.60
CA GLU B 152 -59.92 -57.63 38.43
C GLU B 152 -58.52 -57.77 37.84
N ARG B 153 -57.79 -58.84 38.17
CA ARG B 153 -56.52 -59.07 37.50
C ARG B 153 -56.72 -59.28 36.00
N ILE B 154 -57.73 -60.07 35.63
CA ILE B 154 -58.05 -60.28 34.22
C ILE B 154 -58.44 -58.95 33.56
N LEU B 155 -59.16 -58.10 34.30
CA LEU B 155 -59.58 -56.82 33.76
C LEU B 155 -58.39 -55.89 33.52
N GLU B 156 -57.40 -55.90 34.42
CA GLU B 156 -56.19 -55.13 34.18
C GLU B 156 -55.42 -55.65 32.96
N SER B 157 -55.37 -56.97 32.81
CA SER B 157 -54.76 -57.54 31.60
C SER B 157 -55.51 -57.09 30.35
N ILE B 158 -56.84 -57.08 30.40
CA ILE B 158 -57.65 -56.63 29.27
C ILE B 158 -57.38 -55.17 28.96
N ARG B 159 -57.25 -54.34 30.00
CA ARG B 159 -56.95 -52.93 29.80
C ARG B 159 -55.64 -52.75 29.08
N GLU B 160 -54.61 -53.49 29.49
CA GLU B 160 -53.31 -53.40 28.82
C GLU B 160 -53.42 -53.87 27.36
N ILE B 161 -54.13 -54.97 27.13
CA ILE B 161 -54.27 -55.50 25.77
C ILE B 161 -54.99 -54.48 24.88
N LEU B 162 -56.07 -53.89 25.39
CA LEU B 162 -56.83 -52.91 24.62
C LEU B 162 -55.99 -51.68 24.32
N LYS B 163 -55.22 -51.21 25.31
CA LYS B 163 -54.34 -50.08 25.08
C LYS B 163 -53.28 -50.41 24.03
N GLU B 164 -52.86 -51.69 23.96
CA GLU B 164 -51.90 -52.08 22.93
C GLU B 164 -52.49 -51.94 21.53
N GLU B 165 -53.77 -52.28 21.36
CA GLU B 165 -54.41 -52.21 20.05
C GLU B 165 -54.64 -50.80 19.55
N GLY B 166 -54.20 -49.78 20.28
CA GLY B 166 -54.39 -48.41 19.85
C GLY B 166 -55.76 -47.83 20.07
N LEU B 167 -56.62 -48.52 20.82
CA LEU B 167 -57.94 -47.98 21.11
C LEU B 167 -57.82 -46.79 22.05
N PRO B 168 -58.66 -45.77 21.88
CA PRO B 168 -58.64 -44.63 22.82
C PRO B 168 -59.26 -45.01 24.16
N GLU B 169 -59.07 -44.11 25.13
CA GLU B 169 -59.44 -44.40 26.51
C GLU B 169 -60.95 -44.55 26.68
N SER B 170 -61.75 -43.86 25.87
CA SER B 170 -63.20 -43.86 26.08
C SER B 170 -63.79 -45.26 25.87
N GLU B 171 -63.45 -45.90 24.76
CA GLU B 171 -63.98 -47.24 24.49
C GLU B 171 -63.42 -48.27 25.47
N ILE B 172 -62.16 -48.12 25.87
CA ILE B 172 -61.58 -49.04 26.85
C ILE B 172 -62.36 -48.95 28.16
N ASN B 173 -62.61 -47.72 28.62
CA ASN B 173 -63.36 -47.53 29.85
C ASN B 173 -64.78 -48.05 29.71
N ARG B 174 -65.39 -47.86 28.53
CA ARG B 174 -66.73 -48.37 28.30
C ARG B 174 -66.79 -49.89 28.40
N ILE B 175 -65.83 -50.57 27.77
CA ILE B 175 -65.81 -52.04 27.81
C ILE B 175 -65.60 -52.52 29.24
N LEU B 176 -64.65 -51.91 29.95
CA LEU B 176 -64.36 -52.33 31.31
C LEU B 176 -65.56 -52.11 32.23
N ALA B 177 -66.22 -50.96 32.10
CA ALA B 177 -67.39 -50.67 32.91
C ALA B 177 -68.52 -51.66 32.62
N VAL B 178 -68.72 -52.00 31.34
CA VAL B 178 -69.77 -52.95 30.99
C VAL B 178 -69.48 -54.32 31.61
N SER B 179 -68.23 -54.78 31.54
CA SER B 179 -67.89 -56.08 32.11
C SER B 179 -68.09 -56.09 33.62
N ILE B 180 -67.63 -55.05 34.30
CA ILE B 180 -67.83 -54.96 35.75
C ILE B 180 -69.30 -54.96 36.09
N LEU B 181 -70.10 -54.21 35.31
CA LEU B 181 -71.53 -54.15 35.57
C LEU B 181 -72.21 -55.48 35.30
N GLU B 182 -71.71 -56.27 34.35
CA GLU B 182 -72.28 -57.59 34.12
C GLU B 182 -72.01 -58.53 35.29
N VAL B 183 -70.79 -58.48 35.84
CA VAL B 183 -70.50 -59.25 37.04
C VAL B 183 -71.40 -58.81 38.19
N ALA B 184 -71.56 -57.50 38.36
CA ALA B 184 -72.42 -56.98 39.41
C ALA B 184 -73.87 -57.40 39.20
N LYS B 185 -74.31 -57.46 37.94
CA LYS B 185 -75.66 -57.91 37.63
C LYS B 185 -75.86 -59.37 38.02
N TYR B 186 -74.85 -60.22 37.75
CA TYR B 186 -74.93 -61.60 38.20
C TYR B 186 -75.03 -61.68 39.71
N LEU B 187 -74.24 -60.87 40.43
CA LEU B 187 -74.32 -60.85 41.88
C LEU B 187 -75.71 -60.42 42.36
N LEU B 188 -76.29 -59.39 41.73
CA LEU B 188 -77.62 -58.92 42.11
C LEU B 188 -78.67 -59.99 41.86
N GLU B 189 -78.56 -60.71 40.74
CA GLU B 189 -79.48 -61.81 40.47
C GLU B 189 -79.37 -62.89 41.53
N LYS B 190 -78.14 -63.20 41.96
CA LYS B 190 -77.96 -64.16 43.05
C LYS B 190 -78.62 -63.66 44.33
N LEU B 191 -78.45 -62.38 44.66
CA LEU B 191 -79.06 -61.83 45.87
C LEU B 191 -80.58 -61.82 45.78
N GLY B 192 -81.14 -61.49 44.62
CA GLY B 192 -82.58 -61.49 44.44
C GLY B 192 -83.20 -60.11 44.45
N PHE B 193 -82.51 -59.14 43.87
CA PHE B 193 -82.99 -57.76 43.76
C PHE B 193 -83.26 -57.48 42.28
N ASP B 194 -84.50 -57.77 41.85
CA ASP B 194 -84.83 -57.72 40.43
C ASP B 194 -84.86 -56.29 39.90
N TYR B 195 -85.41 -55.35 40.68
CA TYR B 195 -85.52 -53.98 40.21
C TYR B 195 -84.15 -53.36 39.98
N LEU B 196 -83.22 -53.59 40.90
CA LEU B 196 -81.85 -53.13 40.71
C LEU B 196 -81.22 -53.78 39.48
N VAL B 197 -81.58 -55.04 39.21
CA VAL B 197 -81.10 -55.69 38.00
C VAL B 197 -81.58 -54.93 36.76
N GLU B 198 -82.88 -54.61 36.71
CA GLU B 198 -83.44 -53.90 35.57
C GLU B 198 -82.78 -52.53 35.37
N LEU B 199 -82.61 -51.79 36.47
CA LEU B 199 -81.88 -50.53 36.38
C LEU B 199 -80.47 -50.74 35.87
N LEU B 200 -79.85 -51.88 36.22
CA LEU B 200 -78.51 -52.17 35.74
C LEU B 200 -78.49 -52.42 34.24
N ASP B 201 -79.48 -53.16 33.71
CA ASP B 201 -79.53 -53.31 32.25
C ASP B 201 -79.73 -51.95 31.58
N ARG B 202 -80.58 -51.11 32.16
CA ARG B 202 -80.77 -49.78 31.58
C ARG B 202 -79.46 -49.01 31.52
N ALA B 203 -78.70 -49.02 32.63
CA ALA B 203 -77.42 -48.32 32.66
C ALA B 203 -76.42 -48.92 31.68
N ILE B 204 -76.40 -50.25 31.57
CA ILE B 204 -75.49 -50.90 30.63
C ILE B 204 -75.81 -50.52 29.20
N GLU B 205 -77.11 -50.50 28.85
CA GLU B 205 -77.51 -50.07 27.52
C GLU B 205 -77.12 -48.63 27.25
N TYR B 206 -77.29 -47.75 28.25
CA TYR B 206 -76.90 -46.36 28.06
C TYR B 206 -75.40 -46.21 27.87
N ILE B 207 -74.61 -46.98 28.62
CA ILE B 207 -73.15 -46.95 28.45
C ILE B 207 -72.78 -47.45 27.05
N LEU B 208 -73.43 -48.53 26.60
CA LEU B 208 -73.08 -49.12 25.32
C LEU B 208 -73.45 -48.21 24.16
N LYS B 209 -74.58 -47.52 24.25
CA LYS B 209 -75.01 -46.62 23.19
C LYS B 209 -74.23 -45.31 23.16
N GLY B 210 -73.40 -45.05 24.16
CA GLY B 210 -72.57 -43.86 24.18
C GLY B 210 -73.06 -42.75 25.10
N ARG B 211 -74.27 -42.87 25.63
CA ARG B 211 -74.84 -41.85 26.51
C ARG B 211 -74.25 -42.01 27.90
N SER B 212 -73.22 -41.22 28.21
CA SER B 212 -72.42 -41.43 29.41
C SER B 212 -73.00 -40.72 30.64
N GLU B 213 -73.43 -39.47 30.50
CA GLU B 213 -73.90 -38.71 31.66
C GLU B 213 -75.18 -39.30 32.22
N LEU B 214 -76.10 -39.72 31.36
CA LEU B 214 -77.31 -40.39 31.83
C LEU B 214 -76.96 -41.67 32.57
N ALA B 215 -75.97 -42.41 32.07
CA ALA B 215 -75.54 -43.63 32.74
C ALA B 215 -74.93 -43.33 34.09
N VAL B 216 -74.17 -42.24 34.21
CA VAL B 216 -73.57 -41.87 35.48
C VAL B 216 -74.65 -41.51 36.49
N HIS B 217 -75.67 -40.76 36.07
CA HIS B 217 -76.76 -40.42 36.98
C HIS B 217 -77.53 -41.67 37.40
N LEU B 218 -77.77 -42.58 36.46
CA LEU B 218 -78.42 -43.85 36.79
C LEU B 218 -77.60 -44.65 37.79
N LEU B 219 -76.28 -44.66 37.60
CA LEU B 219 -75.41 -45.40 38.52
C LEU B 219 -75.39 -44.76 39.89
N ASP B 220 -75.49 -43.42 39.96
CA ASP B 220 -75.62 -42.76 41.26
C ASP B 220 -76.89 -43.18 41.97
N ASP B 221 -78.00 -43.23 41.24
CA ASP B 221 -79.26 -43.67 41.86
C ASP B 221 -79.18 -45.12 42.31
N ILE B 222 -78.54 -45.97 41.49
CA ILE B 222 -78.35 -47.38 41.86
C ILE B 222 -77.50 -47.50 43.11
N ILE B 223 -76.44 -46.69 43.21
CA ILE B 223 -75.57 -46.73 44.38
C ILE B 223 -76.35 -46.31 45.63
N ARG B 224 -77.18 -45.28 45.52
CA ARG B 224 -78.01 -44.88 46.65
C ARG B 224 -78.95 -46.00 47.08
N ARG B 225 -79.57 -46.67 46.10
CA ARG B 225 -80.48 -47.78 46.44
C ARG B 225 -79.72 -48.93 47.10
N VAL B 226 -78.51 -49.23 46.62
CA VAL B 226 -77.72 -50.31 47.20
C VAL B 226 -77.33 -49.97 48.63
N HIS B 227 -76.93 -48.72 48.87
CA HIS B 227 -76.60 -48.31 50.24
C HIS B 227 -77.82 -48.38 51.15
N GLU B 228 -79.00 -48.03 50.63
CA GLU B 228 -80.22 -48.18 51.41
C GLU B 228 -80.47 -49.64 51.77
N GLU B 229 -80.27 -50.55 50.82
CA GLU B 229 -80.45 -51.96 51.10
C GLU B 229 -79.46 -52.45 52.16
N ILE B 230 -78.20 -52.03 52.05
CA ILE B 230 -77.18 -52.43 53.03
C ILE B 230 -77.56 -51.93 54.42
N GLU B 231 -77.99 -50.66 54.51
CA GLU B 231 -78.41 -50.11 55.79
C GLU B 231 -79.62 -50.85 56.35
N ARG B 232 -80.53 -51.30 55.48
CA ARG B 232 -81.66 -52.08 55.94
C ARG B 232 -81.21 -53.42 56.52
N TYR B 233 -80.20 -54.04 55.91
CA TYR B 233 -79.75 -55.35 56.38
C TYR B 233 -79.19 -55.27 57.79
N GLY B 234 -78.41 -54.25 58.09
CA GLY B 234 -77.92 -54.03 59.44
C GLY B 234 -76.57 -54.71 59.67
N ASP B 235 -76.53 -55.64 60.63
CA ASP B 235 -75.30 -56.34 60.98
C ASP B 235 -75.15 -57.67 60.26
N ASP B 236 -76.18 -58.15 59.57
CA ASP B 236 -76.15 -59.45 58.90
C ASP B 236 -75.99 -59.30 57.39
N VAL B 237 -75.22 -58.31 56.95
CA VAL B 237 -75.06 -58.03 55.52
C VAL B 237 -74.26 -59.15 54.86
N PRO B 238 -74.80 -59.80 53.84
CA PRO B 238 -74.00 -60.79 53.09
C PRO B 238 -72.86 -60.11 52.33
N GLU B 239 -71.79 -60.86 52.13
CA GLU B 239 -70.61 -60.32 51.46
C GLU B 239 -70.87 -59.99 50.00
N GLU B 240 -71.85 -60.64 49.38
CA GLU B 240 -72.16 -60.35 47.99
C GLU B 240 -72.65 -58.91 47.83
N LEU B 241 -73.40 -58.40 48.82
CA LEU B 241 -73.87 -57.02 48.75
C LEU B 241 -72.72 -56.04 48.80
N LEU B 242 -71.73 -56.29 49.67
CA LEU B 242 -70.58 -55.39 49.75
C LEU B 242 -69.73 -55.44 48.49
N LEU B 243 -69.52 -56.65 47.95
CA LEU B 243 -68.77 -56.77 46.71
C LEU B 243 -69.51 -56.08 45.57
N LEU B 244 -70.83 -56.21 45.52
CA LEU B 244 -71.63 -55.51 44.53
C LEU B 244 -71.51 -54.00 44.67
N ASP B 245 -71.53 -53.51 45.92
CA ASP B 245 -71.34 -52.08 46.16
C ASP B 245 -70.02 -51.60 45.58
N LEU B 246 -68.93 -52.32 45.89
CA LEU B 246 -67.62 -51.93 45.38
C LEU B 246 -67.58 -51.98 43.85
N LEU B 247 -68.16 -53.01 43.26
CA LEU B 247 -68.15 -53.15 41.81
C LEU B 247 -68.91 -52.01 41.14
N VAL B 248 -70.10 -51.68 41.64
CA VAL B 248 -70.88 -50.60 41.05
C VAL B 248 -70.17 -49.27 41.22
N GLN B 249 -69.52 -49.06 42.36
CA GLN B 249 -68.78 -47.82 42.55
C GLN B 249 -67.64 -47.67 41.57
N LYS B 250 -66.86 -48.75 41.37
CA LYS B 250 -65.75 -48.65 40.42
C LYS B 250 -66.25 -48.53 38.98
N ALA B 251 -67.38 -49.17 38.66
CA ALA B 251 -67.96 -49.02 37.33
C ALA B 251 -68.44 -47.58 37.10
N ARG B 252 -69.02 -46.96 38.13
CA ARG B 252 -69.43 -45.57 38.02
C ARG B 252 -68.22 -44.65 37.83
N ASP B 253 -67.12 -44.94 38.53
CA ASP B 253 -65.90 -44.16 38.33
C ASP B 253 -65.40 -44.28 36.89
N LEU B 254 -65.39 -45.50 36.36
CA LEU B 254 -64.96 -45.70 34.97
C LEU B 254 -65.89 -44.99 33.99
N ALA B 255 -67.20 -45.05 34.23
CA ALA B 255 -68.15 -44.38 33.35
C ALA B 255 -67.96 -42.87 33.39
N ALA B 256 -67.66 -42.31 34.56
CA ALA B 256 -67.35 -40.90 34.65
C ALA B 256 -66.07 -40.58 33.87
N ARG B 257 -65.06 -41.44 33.96
CA ARG B 257 -63.81 -41.19 33.25
C ARG B 257 -63.92 -41.37 31.74
N ILE B 258 -65.05 -41.90 31.23
CA ILE B 258 -65.22 -42.12 29.80
C ILE B 258 -65.05 -40.82 29.03
N MET C 25 -25.69 -54.81 62.49
CA MET C 25 -26.33 -53.74 63.25
C MET C 25 -26.38 -54.06 64.74
N GLU C 26 -25.33 -54.69 65.26
CA GLU C 26 -25.31 -55.10 66.66
C GLU C 26 -25.28 -53.91 67.60
N LYS C 27 -24.86 -52.73 67.12
CA LYS C 27 -24.89 -51.54 67.96
C LYS C 27 -26.31 -51.19 68.39
N LEU C 28 -27.27 -51.33 67.47
CA LEU C 28 -28.65 -51.03 67.81
C LEU C 28 -29.25 -52.07 68.74
N GLU C 29 -28.84 -53.34 68.62
CA GLU C 29 -29.27 -54.33 69.61
C GLU C 29 -28.69 -54.03 70.98
N VAL C 30 -27.44 -53.57 71.03
CA VAL C 30 -26.86 -53.14 72.31
C VAL C 30 -27.64 -51.97 72.88
N ALA C 31 -28.04 -51.04 72.02
CA ALA C 31 -28.86 -49.92 72.46
C ALA C 31 -30.21 -50.39 73.01
N VAL C 32 -30.82 -51.38 72.36
CA VAL C 32 -32.09 -51.91 72.85
C VAL C 32 -31.92 -52.57 74.22
N GLU C 33 -30.84 -53.33 74.38
CA GLU C 33 -30.56 -53.94 75.67
C GLU C 33 -30.33 -52.88 76.75
N HIS C 34 -29.59 -51.85 76.41
CA HIS C 34 -29.45 -50.74 77.32
C HIS C 34 -30.78 -50.14 77.71
N LEU C 35 -31.67 -49.91 76.73
CA LEU C 35 -32.98 -49.33 77.01
C LEU C 35 -33.77 -50.22 77.97
N LYS C 36 -33.71 -51.53 77.77
CA LYS C 36 -34.34 -52.44 78.73
C LYS C 36 -33.72 -52.27 80.12
N GLU C 37 -32.40 -52.15 80.19
CA GLU C 37 -31.73 -51.93 81.46
C GLU C 37 -32.19 -50.63 82.11
N ALA C 38 -32.37 -49.58 81.30
CA ALA C 38 -32.84 -48.31 81.82
C ALA C 38 -34.25 -48.41 82.40
N ILE C 39 -35.14 -49.14 81.70
CA ILE C 39 -36.48 -49.35 82.23
C ILE C 39 -36.42 -50.09 83.56
N GLU C 40 -35.59 -51.14 83.64
CA GLU C 40 -35.46 -51.88 84.89
C GLU C 40 -34.89 -51.01 86.00
N LEU C 41 -33.95 -50.12 85.67
CA LEU C 41 -33.36 -49.24 86.68
C LEU C 41 -34.38 -48.23 87.19
N ILE C 42 -35.18 -47.64 86.29
CA ILE C 42 -36.24 -46.74 86.73
C ILE C 42 -37.22 -47.48 87.62
N GLU C 43 -37.52 -48.73 87.29
CA GLU C 43 -38.39 -49.53 88.14
C GLU C 43 -37.78 -49.76 89.52
N LYS C 44 -36.47 -50.02 89.57
CA LYS C 44 -35.82 -50.28 90.85
C LYS C 44 -35.79 -49.02 91.73
N GLY C 45 -35.36 -47.90 91.17
CA GLY C 45 -35.32 -46.66 91.92
C GLY C 45 -34.04 -45.88 91.78
N GLU C 46 -33.11 -46.35 90.95
CA GLU C 46 -31.85 -45.65 90.71
C GLU C 46 -32.02 -44.72 89.51
N TYR C 47 -32.23 -43.43 89.80
CA TYR C 47 -32.48 -42.45 88.76
C TYR C 47 -31.21 -41.84 88.19
N VAL C 48 -30.14 -41.74 89.00
CA VAL C 48 -28.86 -41.27 88.49
C VAL C 48 -28.31 -42.25 87.45
N LYS C 49 -28.35 -43.54 87.77
CA LYS C 49 -27.88 -44.54 86.83
C LYS C 49 -28.75 -44.57 85.58
N ALA C 50 -30.04 -44.31 85.72
CA ALA C 50 -30.92 -44.22 84.56
C ALA C 50 -30.56 -43.05 83.67
N ASP C 51 -30.28 -41.89 84.27
CA ASP C 51 -29.87 -40.72 83.49
C ASP C 51 -28.56 -40.99 82.75
N LEU C 52 -27.60 -41.61 83.43
CA LEU C 52 -26.32 -41.94 82.81
C LEU C 52 -26.49 -42.96 81.68
N ILE C 53 -27.36 -43.95 81.88
CA ILE C 53 -27.64 -44.93 80.84
C ILE C 53 -28.27 -44.24 79.63
N LEU C 54 -29.16 -43.27 79.85
CA LEU C 54 -29.74 -42.56 78.74
C LEU C 54 -28.69 -41.80 77.95
N THR C 55 -27.72 -41.20 78.65
CA THR C 55 -26.61 -40.56 77.95
C THR C 55 -25.80 -41.58 77.13
N ASP C 56 -25.56 -42.75 77.70
CA ASP C 56 -24.83 -43.80 76.97
C ASP C 56 -25.61 -44.23 75.72
N ILE C 57 -26.92 -44.39 75.84
CA ILE C 57 -27.75 -44.78 74.70
C ILE C 57 -27.68 -43.71 73.62
N LEU C 58 -27.72 -42.43 74.02
CA LEU C 58 -27.59 -41.36 73.05
C LEU C 58 -26.25 -41.43 72.33
N ARG C 59 -25.18 -41.72 73.07
CA ARG C 59 -23.87 -41.86 72.44
C ARG C 59 -23.85 -43.00 71.44
N LEU C 60 -24.45 -44.14 71.80
CA LEU C 60 -24.51 -45.28 70.89
C LEU C 60 -25.28 -44.93 69.62
N LEU C 61 -26.46 -44.31 69.77
CA LEU C 61 -27.27 -43.98 68.61
C LEU C 61 -26.58 -42.97 67.71
N GLU C 62 -25.90 -41.98 68.31
CA GLU C 62 -25.13 -41.03 67.51
C GLU C 62 -23.98 -41.72 66.79
N GLU C 63 -23.39 -42.75 67.42
CA GLU C 63 -22.38 -43.54 66.74
C GLU C 63 -22.94 -44.25 65.52
N GLU C 64 -24.16 -44.79 65.64
CA GLU C 64 -24.78 -45.43 64.49
C GLU C 64 -25.12 -44.43 63.40
N GLY C 65 -25.80 -43.34 63.76
CA GLY C 65 -26.05 -42.27 62.80
C GLY C 65 -27.44 -42.20 62.20
N VAL C 66 -28.48 -42.35 63.03
CA VAL C 66 -29.87 -42.18 62.58
C VAL C 66 -30.42 -40.92 63.24
N LYS C 67 -30.76 -39.93 62.42
CA LYS C 67 -31.05 -38.59 62.91
C LYS C 67 -32.27 -38.57 63.81
N SER C 68 -33.36 -39.20 63.36
CA SER C 68 -34.59 -39.20 64.14
C SER C 68 -34.39 -39.86 65.50
N LEU C 69 -33.70 -41.00 65.51
CA LEU C 69 -33.37 -41.67 66.77
C LEU C 69 -32.52 -40.77 67.65
N ILE C 70 -31.60 -40.01 67.05
CA ILE C 70 -30.70 -39.16 67.84
C ILE C 70 -31.48 -38.05 68.53
N LYS C 71 -32.34 -37.34 67.78
CA LYS C 71 -33.11 -36.27 68.40
C LYS C 71 -34.08 -36.82 69.44
N GLN C 72 -34.67 -37.98 69.15
CA GLN C 72 -35.55 -38.60 70.12
C GLN C 72 -34.81 -38.96 71.40
N ALA C 73 -33.56 -39.42 71.27
CA ALA C 73 -32.79 -39.79 72.45
C ALA C 73 -32.39 -38.58 73.27
N LYS C 74 -32.02 -37.47 72.62
CA LYS C 74 -31.67 -36.26 73.36
C LYS C 74 -32.89 -35.72 74.12
N GLU C 75 -34.02 -35.59 73.42
CA GLU C 75 -35.23 -35.11 74.10
C GLU C 75 -35.66 -36.09 75.19
N LEU C 76 -35.42 -37.38 74.99
CA LEU C 76 -35.72 -38.36 76.03
C LEU C 76 -34.88 -38.13 77.27
N HIS C 77 -33.58 -37.88 77.09
CA HIS C 77 -32.72 -37.60 78.24
C HIS C 77 -33.24 -36.40 79.02
N ILE C 78 -33.50 -35.29 78.33
CA ILE C 78 -33.95 -34.08 79.02
C ILE C 78 -35.27 -34.32 79.74
N GLU C 79 -36.26 -34.87 79.03
CA GLU C 79 -37.59 -35.01 79.59
C GLU C 79 -37.65 -36.05 80.71
N VAL C 80 -36.88 -37.14 80.58
CA VAL C 80 -36.86 -38.13 81.64
C VAL C 80 -36.19 -37.57 82.89
N PHE C 81 -35.13 -36.77 82.72
CA PHE C 81 -34.53 -36.12 83.88
C PHE C 81 -35.56 -35.25 84.59
N LYS C 82 -36.29 -34.43 83.83
CA LYS C 82 -37.31 -33.57 84.43
C LYS C 82 -38.39 -34.39 85.14
N LEU C 83 -38.90 -35.43 84.48
CA LEU C 83 -39.98 -36.22 85.04
C LEU C 83 -39.53 -36.97 86.30
N LEU C 84 -38.32 -37.52 86.29
CA LEU C 84 -37.82 -38.19 87.48
C LEU C 84 -37.58 -37.21 88.62
N LYS C 85 -37.23 -35.96 88.30
CA LYS C 85 -37.22 -34.93 89.32
C LYS C 85 -38.60 -34.72 89.92
N GLU C 86 -39.62 -34.61 89.05
CA GLU C 86 -40.98 -34.37 89.53
C GLU C 86 -41.56 -35.60 90.23
N GLY C 87 -41.20 -36.80 89.77
CA GLY C 87 -41.75 -38.02 90.32
C GLY C 87 -42.67 -38.80 89.41
N GLU C 88 -42.76 -38.41 88.13
CA GLU C 88 -43.62 -39.09 87.16
C GLU C 88 -42.86 -40.28 86.58
N TYR C 89 -42.83 -41.37 87.36
CA TYR C 89 -42.10 -42.57 86.94
C TYR C 89 -42.74 -43.21 85.72
N LYS C 90 -44.07 -43.29 85.69
CA LYS C 90 -44.76 -43.96 84.60
C LYS C 90 -44.57 -43.23 83.28
N GLU C 91 -44.58 -41.90 83.30
CA GLU C 91 -44.37 -41.14 82.06
C GLU C 91 -42.97 -41.36 81.52
N ALA C 92 -41.96 -41.37 82.40
CA ALA C 92 -40.59 -41.62 81.96
C ALA C 92 -40.44 -43.04 81.41
N LYS C 93 -41.03 -44.02 82.07
CA LYS C 93 -41.01 -45.39 81.57
C LYS C 93 -41.67 -45.49 80.21
N ALA C 94 -42.79 -44.77 80.02
CA ALA C 94 -43.47 -44.77 78.74
C ALA C 94 -42.60 -44.17 77.65
N LEU C 95 -41.90 -43.08 77.95
CA LEU C 95 -41.03 -42.47 76.94
C LEU C 95 -39.88 -43.39 76.57
N VAL C 96 -39.28 -44.06 77.57
CA VAL C 96 -38.20 -44.99 77.28
C VAL C 96 -38.71 -46.16 76.46
N GLU C 97 -39.90 -46.67 76.78
CA GLU C 97 -40.47 -47.77 76.00
C GLU C 97 -40.78 -47.34 74.58
N ALA C 98 -41.23 -46.10 74.39
CA ALA C 98 -41.48 -45.60 73.05
C ALA C 98 -40.19 -45.53 72.24
N LEU C 99 -39.11 -45.04 72.84
CA LEU C 99 -37.83 -45.03 72.12
C LEU C 99 -37.35 -46.43 71.80
N ARG C 100 -37.54 -47.36 72.74
CA ARG C 100 -37.14 -48.75 72.49
C ARG C 100 -37.91 -49.34 71.31
N VAL C 101 -39.22 -49.13 71.28
CA VAL C 101 -40.04 -49.63 70.19
C VAL C 101 -39.63 -48.99 68.87
N SER C 102 -39.31 -47.69 68.90
CA SER C 102 -38.87 -47.02 67.68
C SER C 102 -37.57 -47.61 67.14
N VAL C 103 -36.61 -47.89 68.03
CA VAL C 103 -35.34 -48.47 67.59
C VAL C 103 -35.54 -49.88 67.05
N GLU C 104 -36.32 -50.70 67.74
CA GLU C 104 -36.60 -52.04 67.25
C GLU C 104 -37.31 -52.01 65.90
N LEU C 105 -38.24 -51.07 65.72
CA LEU C 105 -38.94 -50.94 64.46
C LEU C 105 -37.98 -50.54 63.35
N TYR C 106 -37.04 -49.65 63.63
CA TYR C 106 -36.05 -49.30 62.62
C TYR C 106 -35.22 -50.52 62.23
N ILE C 107 -34.82 -51.32 63.23
CA ILE C 107 -34.05 -52.53 62.95
C ILE C 107 -34.84 -53.46 62.03
N LEU C 108 -36.11 -53.68 62.36
CA LEU C 108 -36.93 -54.60 61.58
C LEU C 108 -37.18 -54.06 60.18
N ILE C 109 -37.36 -52.74 60.03
CA ILE C 109 -37.54 -52.15 58.71
C ILE C 109 -36.30 -52.36 57.86
N LYS C 110 -35.12 -52.15 58.44
CA LYS C 110 -33.89 -52.33 57.69
C LYS C 110 -33.71 -53.79 57.28
N ARG C 111 -33.98 -54.73 58.20
CA ARG C 111 -33.88 -56.14 57.86
C ARG C 111 -34.86 -56.53 56.77
N GLY C 112 -36.09 -56.02 56.83
CA GLY C 112 -37.08 -56.35 55.81
C GLY C 112 -36.71 -55.79 54.45
N VAL C 113 -36.24 -54.55 54.41
CA VAL C 113 -35.91 -53.93 53.13
C VAL C 113 -34.69 -54.60 52.51
N ARG C 114 -33.67 -54.89 53.32
CA ARG C 114 -32.47 -55.55 52.79
C ARG C 114 -32.79 -56.93 52.24
N GLU C 115 -33.51 -57.74 53.01
CA GLU C 115 -33.91 -59.09 52.61
C GLU C 115 -34.93 -59.11 51.49
N GLY C 116 -35.36 -57.95 50.98
CA GLY C 116 -36.37 -57.92 49.95
C GLY C 116 -37.72 -58.48 50.38
N ARG C 117 -38.05 -58.34 51.67
CA ARG C 117 -39.32 -58.82 52.16
C ARG C 117 -40.48 -58.03 51.56
N PRO C 118 -41.64 -58.66 51.39
CA PRO C 118 -42.80 -57.92 50.86
C PRO C 118 -43.24 -56.84 51.83
N ILE C 119 -43.80 -55.76 51.26
CA ILE C 119 -44.32 -54.66 52.06
C ILE C 119 -45.44 -55.14 52.98
N GLU C 120 -46.19 -56.16 52.54
CA GLU C 120 -47.33 -56.64 53.31
C GLU C 120 -46.92 -57.11 54.70
N GLU C 121 -45.92 -58.00 54.77
CA GLU C 121 -45.54 -58.55 56.06
C GLU C 121 -44.81 -57.53 56.92
N ILE C 122 -44.07 -56.61 56.30
CA ILE C 122 -43.47 -55.51 57.05
C ILE C 122 -44.55 -54.69 57.74
N ALA C 123 -45.61 -54.34 56.99
CA ALA C 123 -46.70 -53.58 57.56
C ALA C 123 -47.38 -54.32 58.69
N ARG C 124 -47.61 -55.63 58.50
CA ARG C 124 -48.24 -56.42 59.56
C ARG C 124 -47.36 -56.44 60.82
N GLU C 125 -46.04 -56.58 60.64
CA GLU C 125 -45.14 -56.59 61.78
C GLU C 125 -45.16 -55.25 62.52
N VAL C 126 -45.15 -54.15 61.76
CA VAL C 126 -45.20 -52.82 62.38
C VAL C 126 -46.47 -52.66 63.19
N GLY C 127 -47.61 -53.06 62.61
CA GLY C 127 -48.87 -52.98 63.34
C GLY C 127 -48.87 -53.82 64.59
N ARG C 128 -48.33 -55.04 64.52
CA ARG C 128 -48.27 -55.90 65.70
C ARG C 128 -47.42 -55.28 66.80
N LYS C 129 -46.28 -54.69 66.43
CA LYS C 129 -45.41 -54.06 67.42
C LYS C 129 -46.11 -52.88 68.08
N LEU C 130 -46.79 -52.05 67.27
CA LEU C 130 -47.49 -50.90 67.84
C LEU C 130 -48.61 -51.35 68.78
N VAL C 131 -49.33 -52.40 68.42
CA VAL C 131 -50.41 -52.88 69.27
C VAL C 131 -49.85 -53.43 70.58
N GLU C 132 -48.72 -54.14 70.51
CA GLU C 132 -48.10 -54.65 71.73
C GLU C 132 -47.65 -53.51 72.64
N LEU C 133 -47.06 -52.47 72.06
CA LEU C 133 -46.69 -51.31 72.87
C LEU C 133 -47.90 -50.67 73.51
N ALA C 134 -48.99 -50.52 72.75
CA ALA C 134 -50.20 -49.92 73.30
C ALA C 134 -50.76 -50.75 74.46
N LYS C 135 -50.76 -52.07 74.31
CA LYS C 135 -51.23 -52.94 75.37
C LYS C 135 -50.36 -52.81 76.62
N ARG C 136 -49.03 -52.74 76.43
CA ARG C 136 -48.13 -52.56 77.55
C ARG C 136 -48.44 -51.25 78.29
N LEU C 137 -48.54 -50.16 77.53
CA LEU C 137 -48.79 -48.85 78.15
C LEU C 137 -50.14 -48.83 78.86
N GLU C 138 -51.15 -49.48 78.28
CA GLU C 138 -52.45 -49.56 78.93
C GLU C 138 -52.37 -50.33 80.23
N LYS C 139 -51.56 -51.40 80.25
CA LYS C 139 -51.36 -52.14 81.49
C LYS C 139 -50.65 -51.28 82.54
N GLU C 140 -49.68 -50.46 82.11
CA GLU C 140 -48.97 -49.61 83.06
C GLU C 140 -49.91 -48.62 83.74
N GLY C 141 -50.82 -48.01 82.98
CA GLY C 141 -51.75 -47.05 83.54
C GLY C 141 -51.77 -45.72 82.81
N ILE C 142 -51.06 -45.65 81.68
CA ILE C 142 -51.05 -44.44 80.87
C ILE C 142 -52.37 -44.31 80.12
N SER C 143 -52.92 -43.11 80.09
CA SER C 143 -54.19 -42.87 79.44
C SER C 143 -54.07 -43.02 77.93
N TRP C 144 -55.22 -43.19 77.28
CA TRP C 144 -55.23 -43.51 75.85
C TRP C 144 -54.85 -42.32 74.98
N GLU C 145 -55.09 -41.10 75.45
CA GLU C 145 -54.65 -39.92 74.69
C GLU C 145 -53.12 -39.88 74.60
N GLU C 146 -52.44 -40.12 75.73
CA GLU C 146 -50.98 -40.18 75.71
C GLU C 146 -50.48 -41.33 74.87
N ILE C 147 -51.15 -42.48 74.94
CA ILE C 147 -50.76 -43.63 74.12
C ILE C 147 -50.86 -43.29 72.65
N ILE C 148 -51.96 -42.65 72.25
CA ILE C 148 -52.14 -42.28 70.84
C ILE C 148 -51.08 -41.28 70.41
N GLU C 149 -50.77 -40.28 71.25
CA GLU C 149 -49.77 -39.30 70.88
C GLU C 149 -48.39 -39.94 70.73
N LEU C 150 -48.02 -40.84 71.65
CA LEU C 150 -46.76 -41.56 71.51
C LEU C 150 -46.73 -42.38 70.23
N ILE C 151 -47.84 -43.04 69.90
CA ILE C 151 -47.91 -43.86 68.70
C ILE C 151 -47.74 -43.01 67.46
N GLU C 152 -48.36 -41.83 67.42
CA GLU C 152 -48.19 -40.96 66.25
C GLU C 152 -46.77 -40.41 66.14
N ARG C 153 -46.12 -40.12 67.26
CA ARG C 153 -44.71 -39.74 67.18
C ARG C 153 -43.87 -40.87 66.60
N ILE C 154 -44.11 -42.10 67.05
CA ILE C 154 -43.41 -43.25 66.49
C ILE C 154 -43.71 -43.39 65.00
N LEU C 155 -44.94 -43.11 64.61
CA LEU C 155 -45.33 -43.23 63.20
C LEU C 155 -44.63 -42.19 62.33
N GLU C 156 -44.47 -40.97 62.85
CA GLU C 156 -43.70 -39.96 62.12
C GLU C 156 -42.24 -40.37 61.99
N SER C 157 -41.68 -40.95 63.06
CA SER C 157 -40.31 -41.48 62.96
C SER C 157 -40.22 -42.58 61.91
N ILE C 158 -41.21 -43.47 61.86
CA ILE C 158 -41.25 -44.54 60.87
C ILE C 158 -41.33 -43.95 59.46
N ARG C 159 -42.14 -42.91 59.28
CA ARG C 159 -42.26 -42.28 57.98
C ARG C 159 -40.92 -41.72 57.52
N GLU C 160 -40.20 -41.05 58.42
CA GLU C 160 -38.89 -40.53 58.06
C GLU C 160 -37.92 -41.66 57.72
N ILE C 161 -37.94 -42.73 58.52
CA ILE C 161 -37.03 -43.86 58.28
C ILE C 161 -37.31 -44.49 56.92
N LEU C 162 -38.60 -44.71 56.61
CA LEU C 162 -38.98 -45.31 55.34
C LEU C 162 -38.60 -44.42 54.18
N LYS C 163 -38.80 -43.11 54.31
CA LYS C 163 -38.38 -42.19 53.25
C LYS C 163 -36.88 -42.23 53.06
N GLU C 164 -36.12 -42.48 54.14
CA GLU C 164 -34.67 -42.59 54.01
C GLU C 164 -34.28 -43.78 53.15
N GLU C 165 -34.99 -44.91 53.30
CA GLU C 165 -34.66 -46.13 52.55
C GLU C 165 -34.97 -46.02 51.07
N GLY C 166 -35.43 -44.87 50.58
CA GLY C 166 -35.74 -44.72 49.17
C GLY C 166 -37.05 -45.32 48.72
N LEU C 167 -37.91 -45.74 49.65
CA LEU C 167 -39.21 -46.27 49.27
C LEU C 167 -40.09 -45.14 48.72
N PRO C 168 -40.93 -45.43 47.73
CA PRO C 168 -41.84 -44.41 47.23
C PRO C 168 -43.00 -44.17 48.19
N GLU C 169 -43.75 -43.10 47.91
CA GLU C 169 -44.77 -42.63 48.85
C GLU C 169 -45.91 -43.64 49.00
N SER C 170 -46.21 -44.41 47.95
CA SER C 170 -47.37 -45.29 47.99
C SER C 170 -47.22 -46.36 49.06
N GLU C 171 -46.08 -47.06 49.07
CA GLU C 171 -45.87 -48.11 50.06
C GLU C 171 -45.75 -47.55 51.46
N ILE C 172 -45.13 -46.38 51.61
CA ILE C 172 -45.03 -45.74 52.91
C ILE C 172 -46.42 -45.45 53.46
N ASN C 173 -47.29 -44.86 52.63
CA ASN C 173 -48.65 -44.57 53.05
C ASN C 173 -49.41 -45.85 53.36
N ARG C 174 -49.18 -46.90 52.57
CA ARG C 174 -49.84 -48.17 52.82
C ARG C 174 -49.45 -48.74 54.18
N ILE C 175 -48.16 -48.73 54.50
CA ILE C 175 -47.70 -49.27 55.78
C ILE C 175 -48.27 -48.45 56.93
N LEU C 176 -48.22 -47.12 56.81
CA LEU C 176 -48.72 -46.26 57.88
C LEU C 176 -50.20 -46.45 58.09
N ALA C 177 -50.97 -46.54 57.01
CA ALA C 177 -52.41 -46.76 57.11
C ALA C 177 -52.73 -48.09 57.76
N VAL C 178 -51.97 -49.14 57.39
CA VAL C 178 -52.20 -50.45 58.00
C VAL C 178 -51.93 -50.42 59.49
N SER C 179 -50.84 -49.76 59.91
CA SER C 179 -50.52 -49.70 61.34
C SER C 179 -51.60 -48.94 62.11
N ILE C 180 -52.03 -47.79 61.57
CA ILE C 180 -53.09 -47.01 62.22
C ILE C 180 -54.36 -47.85 62.31
N LEU C 181 -54.69 -48.57 61.25
CA LEU C 181 -55.90 -49.38 61.26
C LEU C 181 -55.80 -50.54 62.23
N GLU C 182 -54.59 -51.08 62.45
CA GLU C 182 -54.44 -52.13 63.45
C GLU C 182 -54.66 -51.60 64.87
N VAL C 183 -54.14 -50.40 65.15
CA VAL C 183 -54.42 -49.79 66.45
C VAL C 183 -55.92 -49.53 66.61
N ALA C 184 -56.56 -49.02 65.55
CA ALA C 184 -57.99 -48.79 65.60
C ALA C 184 -58.77 -50.09 65.79
N LYS C 185 -58.29 -51.18 65.18
CA LYS C 185 -58.93 -52.48 65.35
C LYS C 185 -58.84 -52.95 66.78
N TYR C 186 -57.68 -52.75 67.42
CA TYR C 186 -57.56 -53.08 68.84
C TYR C 186 -58.55 -52.26 69.67
N LEU C 187 -58.67 -50.97 69.37
CA LEU C 187 -59.64 -50.14 70.09
C LEU C 187 -61.07 -50.65 69.88
N LEU C 188 -61.43 -51.01 68.65
CA LEU C 188 -62.77 -51.53 68.38
C LEU C 188 -63.03 -52.83 69.13
N GLU C 189 -62.03 -53.70 69.18
CA GLU C 189 -62.18 -54.94 69.96
C GLU C 189 -62.39 -54.65 71.43
N LYS C 190 -61.67 -53.66 71.97
CA LYS C 190 -61.91 -53.25 73.36
C LYS C 190 -63.33 -52.74 73.54
N LEU C 191 -63.82 -51.92 72.61
CA LEU C 191 -65.18 -51.39 72.72
C LEU C 191 -66.23 -52.50 72.60
N GLY C 192 -66.02 -53.46 71.70
CA GLY C 192 -66.95 -54.57 71.54
C GLY C 192 -67.84 -54.46 70.33
N PHE C 193 -67.30 -53.94 69.22
CA PHE C 193 -68.03 -53.80 67.96
C PHE C 193 -67.40 -54.77 66.96
N ASP C 194 -67.93 -56.00 66.94
CA ASP C 194 -67.31 -57.07 66.15
C ASP C 194 -67.47 -56.85 64.66
N TYR C 195 -68.65 -56.40 64.22
CA TYR C 195 -68.87 -56.21 62.78
C TYR C 195 -67.94 -55.16 62.21
N LEU C 196 -67.77 -54.04 62.92
CA LEU C 196 -66.82 -53.03 62.48
C LEU C 196 -65.40 -53.59 62.46
N VAL C 197 -65.08 -54.50 63.39
CA VAL C 197 -63.79 -55.17 63.36
C VAL C 197 -63.61 -55.93 62.06
N GLU C 198 -64.62 -56.73 61.69
CA GLU C 198 -64.54 -57.54 60.47
C GLU C 198 -64.39 -56.67 59.23
N LEU C 199 -65.18 -55.59 59.15
CA LEU C 199 -65.01 -54.65 58.05
C LEU C 199 -63.60 -54.06 58.05
N LEU C 200 -63.02 -53.87 59.22
CA LEU C 200 -61.66 -53.34 59.30
C LEU C 200 -60.64 -54.33 58.77
N ASP C 201 -60.79 -55.62 59.08
CA ASP C 201 -59.88 -56.60 58.47
C ASP C 201 -60.05 -56.62 56.96
N ARG C 202 -61.29 -56.52 56.47
CA ARG C 202 -61.50 -56.47 55.03
C ARG C 202 -60.76 -55.29 54.40
N ALA C 203 -60.90 -54.11 55.01
CA ALA C 203 -60.23 -52.92 54.48
C ALA C 203 -58.71 -53.06 54.56
N ILE C 204 -58.20 -53.65 55.64
CA ILE C 204 -56.75 -53.83 55.77
C ILE C 204 -56.23 -54.77 54.70
N GLU C 205 -56.95 -55.86 54.45
CA GLU C 205 -56.56 -56.79 53.38
C GLU C 205 -56.57 -56.10 52.02
N TYR C 206 -57.60 -55.28 51.77
CA TYR C 206 -57.65 -54.58 50.48
C TYR C 206 -56.50 -53.59 50.34
N ILE C 207 -56.15 -52.89 51.42
CA ILE C 207 -55.00 -51.98 51.38
C ILE C 207 -53.71 -52.76 51.11
N LEU C 208 -53.55 -53.90 51.78
CA LEU C 208 -52.31 -54.67 51.67
C LEU C 208 -52.16 -55.26 50.27
N LYS C 209 -53.26 -55.73 49.67
CA LYS C 209 -53.21 -56.31 48.34
C LYS C 209 -53.05 -55.28 47.24
N GLY C 210 -53.15 -53.99 47.55
CA GLY C 210 -52.95 -52.93 46.59
C GLY C 210 -54.22 -52.29 46.07
N ARG C 211 -55.38 -52.85 46.38
CA ARG C 211 -56.66 -52.31 45.92
C ARG C 211 -57.04 -51.12 46.79
N SER C 212 -56.75 -49.91 46.32
CA SER C 212 -56.85 -48.71 47.13
C SER C 212 -58.25 -48.10 47.13
N GLU C 213 -58.87 -47.98 45.95
CA GLU C 213 -60.17 -47.32 45.87
C GLU C 213 -61.25 -48.09 46.60
N LEU C 214 -61.24 -49.42 46.48
CA LEU C 214 -62.18 -50.24 47.24
C LEU C 214 -61.98 -50.05 48.73
N ALA C 215 -60.72 -49.97 49.16
CA ALA C 215 -60.43 -49.74 50.57
C ALA C 215 -60.93 -48.38 51.03
N VAL C 216 -60.79 -47.35 50.18
CA VAL C 216 -61.27 -46.02 50.54
C VAL C 216 -62.79 -46.02 50.68
N HIS C 217 -63.49 -46.69 49.77
CA HIS C 217 -64.95 -46.76 49.90
C HIS C 217 -65.36 -47.53 51.15
N LEU C 218 -64.66 -48.62 51.44
CA LEU C 218 -64.93 -49.38 52.67
C LEU C 218 -64.70 -48.52 53.91
N LEU C 219 -63.63 -47.71 53.89
CA LEU C 219 -63.32 -46.85 55.02
C LEU C 219 -64.37 -45.76 55.17
N ASP C 220 -64.90 -45.25 54.05
CA ASP C 220 -66.01 -44.31 54.13
C ASP C 220 -67.23 -44.93 54.79
N ASP C 221 -67.57 -46.15 54.41
CA ASP C 221 -68.71 -46.82 55.04
C ASP C 221 -68.45 -47.07 56.52
N ILE C 222 -67.22 -47.44 56.87
CA ILE C 222 -66.87 -47.66 58.28
C ILE C 222 -66.98 -46.36 59.06
N ILE C 223 -66.54 -45.24 58.47
CA ILE C 223 -66.63 -43.94 59.12
C ILE C 223 -68.08 -43.57 59.37
N ARG C 224 -68.94 -43.81 58.38
CA ARG C 224 -70.37 -43.53 58.57
C ARG C 224 -70.94 -44.37 59.71
N ARG C 225 -70.59 -45.65 59.76
CA ARG C 225 -71.08 -46.51 60.84
C ARG C 225 -70.57 -46.04 62.20
N VAL C 226 -69.32 -45.61 62.28
CA VAL C 226 -68.75 -45.14 63.54
C VAL C 226 -69.46 -43.87 64.00
N HIS C 227 -69.73 -42.95 63.06
CA HIS C 227 -70.46 -41.74 63.41
C HIS C 227 -71.88 -42.07 63.88
N GLU C 228 -72.52 -43.05 63.25
CA GLU C 228 -73.83 -43.48 63.71
C GLU C 228 -73.76 -44.02 65.14
N GLU C 229 -72.73 -44.81 65.45
CA GLU C 229 -72.58 -45.33 66.81
C GLU C 229 -72.37 -44.19 67.81
N ILE C 230 -71.53 -43.22 67.45
CA ILE C 230 -71.27 -42.08 68.33
C ILE C 230 -72.56 -41.30 68.59
N GLU C 231 -73.33 -41.05 67.53
CA GLU C 231 -74.60 -40.35 67.68
C GLU C 231 -75.58 -41.15 68.55
N ARG C 232 -75.55 -42.48 68.44
CA ARG C 232 -76.40 -43.29 69.29
C ARG C 232 -76.00 -43.16 70.77
N TYR C 233 -74.70 -43.06 71.03
CA TYR C 233 -74.24 -42.99 72.43
C TYR C 233 -74.72 -41.71 73.11
N GLY C 234 -74.68 -40.59 72.41
CA GLY C 234 -75.23 -39.34 72.93
C GLY C 234 -74.20 -38.54 73.69
N ASP C 235 -74.45 -38.30 74.98
CA ASP C 235 -73.56 -37.51 75.82
C ASP C 235 -72.57 -38.35 76.61
N ASP C 236 -72.73 -39.68 76.62
CA ASP C 236 -71.88 -40.57 77.39
C ASP C 236 -70.88 -41.31 76.52
N VAL C 237 -70.38 -40.66 75.48
CA VAL C 237 -69.47 -41.31 74.53
C VAL C 237 -68.14 -41.58 75.20
N PRO C 238 -67.68 -42.84 75.21
CA PRO C 238 -66.33 -43.12 75.72
C PRO C 238 -65.26 -42.52 74.81
N GLU C 239 -64.13 -42.19 75.41
CA GLU C 239 -63.03 -41.57 74.66
C GLU C 239 -62.43 -42.50 73.62
N GLU C 240 -62.54 -43.82 73.81
CA GLU C 240 -62.01 -44.76 72.84
C GLU C 240 -62.72 -44.62 71.51
N LEU C 241 -64.03 -44.35 71.54
CA LEU C 241 -64.78 -44.18 70.29
C LEU C 241 -64.30 -42.95 69.52
N LEU C 242 -64.04 -41.85 70.22
CA LEU C 242 -63.55 -40.64 69.54
C LEU C 242 -62.14 -40.84 68.99
N LEU C 243 -61.27 -41.49 69.77
CA LEU C 243 -59.94 -41.77 69.27
C LEU C 243 -59.98 -42.69 68.07
N LEU C 244 -60.86 -43.69 68.10
CA LEU C 244 -61.05 -44.58 66.95
C LEU C 244 -61.54 -43.81 65.73
N ASP C 245 -62.48 -42.88 65.94
CA ASP C 245 -62.96 -42.04 64.85
C ASP C 245 -61.80 -41.29 64.20
N LEU C 246 -60.97 -40.63 65.03
CA LEU C 246 -59.85 -39.87 64.50
C LEU C 246 -58.86 -40.78 63.76
N LEU C 247 -58.58 -41.96 64.33
CA LEU C 247 -57.63 -42.87 63.71
C LEU C 247 -58.14 -43.35 62.35
N VAL C 248 -59.40 -43.74 62.27
CA VAL C 248 -59.95 -44.23 61.01
C VAL C 248 -59.98 -43.11 59.98
N GLN C 249 -60.28 -41.88 60.40
CA GLN C 249 -60.28 -40.76 59.47
C GLN C 249 -58.88 -40.51 58.90
N LYS C 250 -57.86 -40.52 59.75
CA LYS C 250 -56.50 -40.28 59.25
C LYS C 250 -56.02 -41.45 58.39
N ALA C 251 -56.42 -42.68 58.72
CA ALA C 251 -56.08 -43.82 57.89
C ALA C 251 -56.74 -43.72 56.52
N ARG C 252 -57.99 -43.26 56.48
CA ARG C 252 -58.66 -43.06 55.20
C ARG C 252 -57.97 -41.99 54.38
N ASP C 253 -57.52 -40.91 55.03
CA ASP C 253 -56.78 -39.89 54.31
C ASP C 253 -55.49 -40.45 53.72
N LEU C 254 -54.76 -41.25 54.50
CA LEU C 254 -53.53 -41.86 53.99
C LEU C 254 -53.83 -42.82 52.83
N ALA C 255 -54.89 -43.60 52.94
CA ALA C 255 -55.25 -44.54 51.87
C ALA C 255 -55.62 -43.79 50.60
N ALA C 256 -56.31 -42.66 50.74
CA ALA C 256 -56.60 -41.82 49.58
C ALA C 256 -55.30 -41.29 48.96
N ARG C 257 -54.35 -40.87 49.81
CA ARG C 257 -53.10 -40.34 49.28
C ARG C 257 -52.19 -41.40 48.67
N ILE C 258 -52.51 -42.68 48.81
CA ILE C 258 -51.69 -43.76 48.28
C ILE C 258 -51.52 -43.59 46.77
N MET D 25 -39.28 -1.59 77.63
CA MET D 25 -40.55 -1.14 77.06
C MET D 25 -41.40 -0.40 78.09
N GLU D 26 -40.76 0.39 78.95
CA GLU D 26 -41.49 1.09 80.00
C GLU D 26 -42.42 2.15 79.46
N LYS D 27 -42.21 2.61 78.22
CA LYS D 27 -43.12 3.57 77.62
C LYS D 27 -44.52 2.98 77.46
N LEU D 28 -44.60 1.71 77.08
CA LEU D 28 -45.90 1.07 76.91
C LEU D 28 -46.57 0.80 78.25
N GLU D 29 -45.81 0.52 79.31
CA GLU D 29 -46.39 0.43 80.64
C GLU D 29 -46.91 1.78 81.11
N VAL D 30 -46.20 2.87 80.79
CA VAL D 30 -46.70 4.20 81.10
C VAL D 30 -47.99 4.47 80.33
N ALA D 31 -48.06 4.04 79.07
CA ALA D 31 -49.28 4.17 78.30
C ALA D 31 -50.44 3.39 78.92
N VAL D 32 -50.16 2.18 79.40
CA VAL D 32 -51.20 1.38 80.05
C VAL D 32 -51.70 2.06 81.32
N GLU D 33 -50.79 2.62 82.11
CA GLU D 33 -51.19 3.36 83.31
C GLU D 33 -52.02 4.58 82.95
N HIS D 34 -51.62 5.29 81.92
CA HIS D 34 -52.43 6.38 81.43
C HIS D 34 -53.83 5.93 81.05
N LEU D 35 -53.93 4.81 80.31
CA LEU D 35 -55.23 4.30 79.90
C LEU D 35 -56.11 3.97 81.10
N LYS D 36 -55.52 3.39 82.14
CA LYS D 36 -56.27 3.17 83.38
C LYS D 36 -56.74 4.51 83.97
N GLU D 37 -55.86 5.51 83.96
CA GLU D 37 -56.24 6.84 84.45
C GLU D 37 -57.38 7.42 83.63
N ALA D 38 -57.35 7.22 82.31
CA ALA D 38 -58.43 7.71 81.44
C ALA D 38 -59.75 7.04 81.77
N ILE D 39 -59.73 5.72 82.00
CA ILE D 39 -60.96 5.01 82.38
C ILE D 39 -61.49 5.58 83.70
N GLU D 40 -60.61 5.78 84.67
CA GLU D 40 -61.04 6.34 85.96
C GLU D 40 -61.61 7.75 85.79
N LEU D 41 -61.00 8.55 84.90
CA LEU D 41 -61.49 9.91 84.67
C LEU D 41 -62.86 9.91 84.01
N ILE D 42 -63.07 9.05 83.02
CA ILE D 42 -64.40 8.93 82.41
C ILE D 42 -65.41 8.50 83.46
N GLU D 43 -65.01 7.59 84.36
CA GLU D 43 -65.92 7.19 85.44
C GLU D 43 -66.26 8.36 86.35
N LYS D 44 -65.27 9.20 86.66
CA LYS D 44 -65.50 10.33 87.56
C LYS D 44 -66.41 11.37 86.93
N GLY D 45 -66.12 11.76 85.70
CA GLY D 45 -66.96 12.72 85.02
C GLY D 45 -66.20 13.85 84.33
N GLU D 46 -64.87 13.79 84.36
CA GLU D 46 -64.03 14.80 83.70
C GLU D 46 -63.73 14.33 82.29
N TYR D 47 -64.47 14.87 81.32
CA TYR D 47 -64.32 14.45 79.92
C TYR D 47 -63.25 15.22 79.18
N VAL D 48 -63.01 16.49 79.56
CA VAL D 48 -61.93 17.25 78.94
C VAL D 48 -60.58 16.63 79.28
N LYS D 49 -60.39 16.28 80.56
CA LYS D 49 -59.15 15.65 80.97
C LYS D 49 -59.00 14.28 80.31
N ALA D 50 -60.11 13.56 80.12
CA ALA D 50 -60.04 12.29 79.42
C ALA D 50 -59.61 12.46 77.96
N ASP D 51 -60.15 13.48 77.29
CA ASP D 51 -59.75 13.76 75.90
C ASP D 51 -58.27 14.11 75.82
N LEU D 52 -57.79 14.95 76.75
CA LEU D 52 -56.39 15.32 76.78
C LEU D 52 -55.49 14.12 77.08
N ILE D 53 -55.92 13.25 77.99
CA ILE D 53 -55.16 12.03 78.29
C ILE D 53 -55.09 11.14 77.06
N LEU D 54 -56.18 11.05 76.30
CA LEU D 54 -56.14 10.24 75.09
C LEU D 54 -55.14 10.79 74.09
N THR D 55 -55.07 12.13 73.98
CA THR D 55 -54.04 12.73 73.12
C THR D 55 -52.64 12.40 73.62
N ASP D 56 -52.43 12.44 74.94
CA ASP D 56 -51.12 12.09 75.50
C ASP D 56 -50.77 10.64 75.21
N ILE D 57 -51.74 9.73 75.34
CA ILE D 57 -51.51 8.32 75.05
C ILE D 57 -51.15 8.13 73.59
N LEU D 58 -51.83 8.85 72.70
CA LEU D 58 -51.49 8.77 71.28
C LEU D 58 -50.05 9.24 71.05
N ARG D 59 -49.63 10.32 71.72
CA ARG D 59 -48.26 10.79 71.58
C ARG D 59 -47.27 9.74 72.07
N LEU D 60 -47.55 9.10 73.20
CA LEU D 60 -46.67 8.05 73.72
C LEU D 60 -46.55 6.89 72.73
N LEU D 61 -47.68 6.41 72.23
CA LEU D 61 -47.67 5.28 71.31
C LEU D 61 -46.94 5.62 70.02
N GLU D 62 -47.13 6.83 69.51
CA GLU D 62 -46.39 7.26 68.32
C GLU D 62 -44.91 7.35 68.61
N GLU D 63 -44.54 7.73 69.83
CA GLU D 63 -43.13 7.73 70.23
C GLU D 63 -42.57 6.30 70.19
N GLU D 64 -43.34 5.33 70.66
CA GLU D 64 -42.88 3.95 70.61
C GLU D 64 -42.77 3.44 69.17
N GLY D 65 -43.83 3.62 68.38
CA GLY D 65 -43.76 3.29 66.96
C GLY D 65 -44.41 1.99 66.53
N VAL D 66 -45.62 1.71 67.03
CA VAL D 66 -46.40 0.55 66.60
C VAL D 66 -47.60 1.06 65.82
N LYS D 67 -47.66 0.70 64.53
CA LYS D 67 -48.60 1.34 63.61
C LYS D 67 -50.05 1.03 63.99
N SER D 68 -50.35 -0.23 64.26
CA SER D 68 -51.72 -0.61 64.59
C SER D 68 -52.19 0.08 65.86
N LEU D 69 -51.34 0.13 66.88
CA LEU D 69 -51.67 0.85 68.09
C LEU D 69 -51.89 2.33 67.81
N ILE D 70 -51.10 2.89 66.90
CA ILE D 70 -51.21 4.33 66.60
C ILE D 70 -52.55 4.64 65.96
N LYS D 71 -52.93 3.87 64.93
CA LYS D 71 -54.22 4.14 64.28
C LYS D 71 -55.38 3.87 65.24
N GLN D 72 -55.26 2.83 66.06
CA GLN D 72 -56.29 2.57 67.05
C GLN D 72 -56.42 3.72 68.04
N ALA D 73 -55.29 4.32 68.43
CA ALA D 73 -55.34 5.42 69.38
C ALA D 73 -55.96 6.68 68.78
N LYS D 74 -55.64 6.97 67.51
CA LYS D 74 -56.24 8.12 66.85
C LYS D 74 -57.76 7.96 66.70
N GLU D 75 -58.18 6.80 66.20
CA GLU D 75 -59.62 6.58 66.08
C GLU D 75 -60.30 6.54 67.44
N LEU D 76 -59.58 6.09 68.47
CA LEU D 76 -60.12 6.12 69.81
C LEU D 76 -60.36 7.54 70.27
N HIS D 77 -59.39 8.43 70.04
CA HIS D 77 -59.57 9.83 70.42
C HIS D 77 -60.82 10.41 69.76
N ILE D 78 -60.94 10.25 68.44
CA ILE D 78 -62.07 10.84 67.72
C ILE D 78 -63.39 10.25 68.23
N GLU D 79 -63.48 8.92 68.30
CA GLU D 79 -64.75 8.29 68.64
C GLU D 79 -65.12 8.51 70.10
N VAL D 80 -64.15 8.55 71.01
CA VAL D 80 -64.47 8.81 72.40
C VAL D 80 -64.94 10.24 72.59
N PHE D 81 -64.32 11.19 71.86
CA PHE D 81 -64.83 12.56 71.92
C PHE D 81 -66.29 12.63 71.47
N LYS D 82 -66.60 11.98 70.35
CA LYS D 82 -67.98 11.97 69.86
C LYS D 82 -68.93 11.33 70.86
N LEU D 83 -68.55 10.17 71.40
CA LEU D 83 -69.43 9.45 72.33
C LEU D 83 -69.64 10.22 73.62
N LEU D 84 -68.59 10.84 74.15
CA LEU D 84 -68.74 11.65 75.36
C LEU D 84 -69.60 12.88 75.09
N LYS D 85 -69.53 13.43 73.88
CA LYS D 85 -70.49 14.46 73.50
C LYS D 85 -71.92 13.94 73.56
N GLU D 86 -72.15 12.75 72.97
CA GLU D 86 -73.50 12.20 72.96
C GLU D 86 -73.96 11.73 74.33
N GLY D 87 -73.04 11.23 75.15
CA GLY D 87 -73.37 10.71 76.46
C GLY D 87 -73.22 9.20 76.62
N GLU D 88 -72.62 8.53 75.64
CA GLU D 88 -72.42 7.08 75.70
C GLU D 88 -71.14 6.79 76.47
N TYR D 89 -71.25 6.85 77.79
CA TYR D 89 -70.09 6.64 78.65
C TYR D 89 -69.58 5.20 78.55
N LYS D 90 -70.50 4.23 78.55
CA LYS D 90 -70.11 2.83 78.54
C LYS D 90 -69.38 2.45 77.25
N GLU D 91 -69.84 2.97 76.11
CA GLU D 91 -69.16 2.67 74.85
C GLU D 91 -67.75 3.23 74.83
N ALA D 92 -67.57 4.46 75.34
CA ALA D 92 -66.23 5.04 75.40
C ALA D 92 -65.32 4.26 76.34
N LYS D 93 -65.86 3.86 77.50
CA LYS D 93 -65.09 3.04 78.42
C LYS D 93 -64.69 1.71 77.78
N ALA D 94 -65.61 1.11 77.02
CA ALA D 94 -65.31 -0.15 76.33
C ALA D 94 -64.20 0.04 75.31
N LEU D 95 -64.24 1.14 74.55
CA LEU D 95 -63.18 1.37 73.56
C LEU D 95 -61.83 1.59 74.23
N VAL D 96 -61.80 2.33 75.34
CA VAL D 96 -60.55 2.55 76.05
C VAL D 96 -60.02 1.24 76.61
N GLU D 97 -60.92 0.40 77.16
CA GLU D 97 -60.50 -0.89 77.68
C GLU D 97 -59.98 -1.80 76.58
N ALA D 98 -60.59 -1.73 75.40
CA ALA D 98 -60.11 -2.52 74.27
C ALA D 98 -58.70 -2.10 73.86
N LEU D 99 -58.45 -0.79 73.80
CA LEU D 99 -57.09 -0.33 73.49
C LEU D 99 -56.10 -0.74 74.56
N ARG D 100 -56.50 -0.67 75.83
CA ARG D 100 -55.63 -1.10 76.91
C ARG D 100 -55.26 -2.57 76.79
N VAL D 101 -56.25 -3.42 76.52
CA VAL D 101 -56.02 -4.84 76.36
C VAL D 101 -55.11 -5.10 75.17
N SER D 102 -55.31 -4.36 74.09
CA SER D 102 -54.46 -4.52 72.91
C SER D 102 -53.01 -4.18 73.22
N VAL D 103 -52.77 -3.08 73.95
CA VAL D 103 -51.41 -2.68 74.28
C VAL D 103 -50.75 -3.71 75.21
N GLU D 104 -51.48 -4.16 76.23
CA GLU D 104 -50.95 -5.17 77.14
C GLU D 104 -50.64 -6.48 76.39
N LEU D 105 -51.50 -6.85 75.44
CA LEU D 105 -51.27 -8.05 74.66
C LEU D 105 -50.03 -7.91 73.79
N TYR D 106 -49.81 -6.72 73.21
CA TYR D 106 -48.58 -6.51 72.45
C TYR D 106 -47.36 -6.66 73.36
N ILE D 107 -47.43 -6.09 74.56
CA ILE D 107 -46.31 -6.20 75.50
C ILE D 107 -46.01 -7.66 75.79
N LEU D 108 -47.06 -8.44 76.09
CA LEU D 108 -46.87 -9.84 76.45
C LEU D 108 -46.36 -10.65 75.27
N ILE D 109 -46.82 -10.34 74.05
CA ILE D 109 -46.33 -11.04 72.87
C ILE D 109 -44.85 -10.77 72.67
N LYS D 110 -44.43 -9.51 72.84
CA LYS D 110 -43.01 -9.18 72.68
C LYS D 110 -42.17 -9.89 73.74
N ARG D 111 -42.62 -9.89 74.99
CA ARG D 111 -41.88 -10.57 76.04
C ARG D 111 -41.80 -12.06 75.78
N GLY D 112 -42.89 -12.68 75.32
CA GLY D 112 -42.86 -14.10 75.04
C GLY D 112 -41.94 -14.45 73.89
N VAL D 113 -41.98 -13.66 72.82
CA VAL D 113 -41.15 -13.97 71.66
C VAL D 113 -39.68 -13.77 71.98
N ARG D 114 -39.34 -12.69 72.69
CA ARG D 114 -37.94 -12.43 73.04
C ARG D 114 -37.39 -13.53 73.94
N GLU D 115 -38.12 -13.88 74.99
CA GLU D 115 -37.73 -14.92 75.93
C GLU D 115 -37.77 -16.32 75.33
N GLY D 116 -38.14 -16.47 74.06
CA GLY D 116 -38.24 -17.79 73.47
C GLY D 116 -39.29 -18.67 74.10
N ARG D 117 -40.37 -18.08 74.60
CA ARG D 117 -41.43 -18.85 75.22
C ARG D 117 -42.14 -19.70 74.17
N PRO D 118 -42.68 -20.86 74.56
CA PRO D 118 -43.42 -21.68 73.61
C PRO D 118 -44.69 -20.98 73.14
N ILE D 119 -45.08 -21.28 71.90
CA ILE D 119 -46.31 -20.73 71.33
C ILE D 119 -47.51 -21.14 72.16
N GLU D 120 -47.46 -22.33 72.78
CA GLU D 120 -48.60 -22.84 73.53
C GLU D 120 -49.01 -21.90 74.66
N GLU D 121 -48.06 -21.52 75.51
CA GLU D 121 -48.41 -20.69 76.66
C GLU D 121 -48.73 -19.27 76.25
N ILE D 122 -48.11 -18.76 75.17
CA ILE D 122 -48.49 -17.46 74.64
C ILE D 122 -49.95 -17.47 74.21
N ALA D 123 -50.37 -18.52 73.50
CA ALA D 123 -51.75 -18.63 73.06
C ALA D 123 -52.70 -18.73 74.26
N ARG D 124 -52.33 -19.51 75.27
CA ARG D 124 -53.17 -19.61 76.45
C ARG D 124 -53.31 -18.25 77.16
N GLU D 125 -52.21 -17.50 77.25
CA GLU D 125 -52.27 -16.19 77.87
C GLU D 125 -53.16 -15.23 77.09
N VAL D 126 -53.04 -15.24 75.76
CA VAL D 126 -53.89 -14.38 74.93
C VAL D 126 -55.35 -14.72 75.13
N GLY D 127 -55.68 -16.01 75.13
CA GLY D 127 -57.06 -16.41 75.37
C GLY D 127 -57.57 -15.98 76.73
N ARG D 128 -56.74 -16.13 77.76
CA ARG D 128 -57.15 -15.72 79.10
C ARG D 128 -57.42 -14.22 79.17
N LYS D 129 -56.55 -13.42 78.54
CA LYS D 129 -56.75 -11.97 78.53
C LYS D 129 -58.03 -11.59 77.81
N LEU D 130 -58.29 -12.22 76.65
CA LEU D 130 -59.52 -11.93 75.92
C LEU D 130 -60.75 -12.31 76.72
N VAL D 131 -60.71 -13.44 77.42
CA VAL D 131 -61.86 -13.86 78.21
C VAL D 131 -62.08 -12.89 79.37
N GLU D 132 -61.00 -12.43 80.00
CA GLU D 132 -61.15 -11.47 81.09
C GLU D 132 -61.75 -10.16 80.59
N LEU D 133 -61.30 -9.69 79.43
CA LEU D 133 -61.90 -8.49 78.84
C LEU D 133 -63.38 -8.69 78.57
N ALA D 134 -63.75 -9.84 78.00
CA ALA D 134 -65.15 -10.11 77.70
C ALA D 134 -65.99 -10.13 78.97
N LYS D 135 -65.47 -10.75 80.04
CA LYS D 135 -66.19 -10.76 81.31
C LYS D 135 -66.36 -9.36 81.86
N ARG D 136 -65.32 -8.53 81.77
CA ARG D 136 -65.43 -7.14 82.22
C ARG D 136 -66.51 -6.40 81.45
N LEU D 137 -66.48 -6.49 80.13
CA LEU D 137 -67.46 -5.78 79.31
C LEU D 137 -68.87 -6.29 79.57
N GLU D 138 -69.03 -7.60 79.79
CA GLU D 138 -70.34 -8.14 80.12
C GLU D 138 -70.82 -7.59 81.46
N LYS D 139 -69.93 -7.44 82.42
CA LYS D 139 -70.30 -6.84 83.70
C LYS D 139 -70.72 -5.38 83.52
N GLU D 140 -70.03 -4.65 82.65
CA GLU D 140 -70.37 -3.24 82.43
C GLU D 140 -71.78 -3.09 81.88
N GLY D 141 -72.16 -3.94 80.92
CA GLY D 141 -73.48 -3.87 80.33
C GLY D 141 -73.47 -3.80 78.82
N ILE D 142 -72.29 -3.97 78.22
CA ILE D 142 -72.18 -3.97 76.77
C ILE D 142 -72.70 -5.30 76.22
N SER D 143 -73.47 -5.21 75.14
CA SER D 143 -74.06 -6.40 74.54
C SER D 143 -72.99 -7.29 73.91
N TRP D 144 -73.37 -8.54 73.67
CA TRP D 144 -72.39 -9.54 73.23
C TRP D 144 -71.97 -9.33 71.78
N GLU D 145 -72.81 -8.74 70.95
CA GLU D 145 -72.40 -8.42 69.58
C GLU D 145 -71.27 -7.41 69.57
N GLU D 146 -71.39 -6.35 70.39
CA GLU D 146 -70.33 -5.37 70.50
C GLU D 146 -69.06 -5.98 71.08
N ILE D 147 -69.22 -6.86 72.08
CA ILE D 147 -68.07 -7.53 72.67
C ILE D 147 -67.34 -8.36 71.63
N ILE D 148 -68.09 -9.11 70.81
CA ILE D 148 -67.47 -9.94 69.79
C ILE D 148 -66.76 -9.06 68.75
N GLU D 149 -67.38 -7.97 68.34
CA GLU D 149 -66.75 -7.10 67.35
C GLU D 149 -65.45 -6.49 67.89
N LEU D 150 -65.47 -6.03 69.15
CA LEU D 150 -64.25 -5.52 69.76
C LEU D 150 -63.18 -6.60 69.82
N ILE D 151 -63.56 -7.83 70.18
CA ILE D 151 -62.60 -8.92 70.27
C ILE D 151 -61.99 -9.22 68.91
N GLU D 152 -62.79 -9.21 67.85
CA GLU D 152 -62.23 -9.46 66.52
C GLU D 152 -61.32 -8.33 66.05
N ARG D 153 -61.63 -7.08 66.41
CA ARG D 153 -60.69 -6.01 66.11
C ARG D 153 -59.36 -6.21 66.82
N ILE D 154 -59.42 -6.60 68.10
CA ILE D 154 -58.20 -6.90 68.84
C ILE D 154 -57.46 -8.07 68.20
N LEU D 155 -58.19 -9.05 67.70
CA LEU D 155 -57.57 -10.21 67.07
C LEU D 155 -56.86 -9.84 65.77
N GLU D 156 -57.46 -8.93 64.99
CA GLU D 156 -56.77 -8.45 63.79
C GLU D 156 -55.51 -7.68 64.14
N SER D 157 -55.58 -6.87 65.21
CA SER D 157 -54.37 -6.20 65.69
C SER D 157 -53.30 -7.20 66.10
N ILE D 158 -53.70 -8.26 66.80
CA ILE D 158 -52.77 -9.31 67.21
C ILE D 158 -52.16 -9.98 66.00
N ARG D 159 -52.96 -10.24 64.98
CA ARG D 159 -52.45 -10.87 63.76
C ARG D 159 -51.38 -10.00 63.12
N GLU D 160 -51.64 -8.69 63.02
CA GLU D 160 -50.63 -7.79 62.45
C GLU D 160 -49.37 -7.77 63.30
N ILE D 161 -49.51 -7.72 64.63
CA ILE D 161 -48.36 -7.68 65.52
C ILE D 161 -47.52 -8.95 65.37
N LEU D 162 -48.19 -10.11 65.34
CA LEU D 162 -47.49 -11.38 65.20
C LEU D 162 -46.78 -11.47 63.86
N LYS D 163 -47.43 -11.02 62.79
CA LYS D 163 -46.78 -10.99 61.48
C LYS D 163 -45.56 -10.08 61.49
N GLU D 164 -45.60 -9.01 62.29
CA GLU D 164 -44.45 -8.13 62.39
C GLU D 164 -43.25 -8.85 63.00
N GLU D 165 -43.48 -9.68 64.01
CA GLU D 165 -42.40 -10.38 64.69
C GLU D 165 -41.74 -11.46 63.84
N GLY D 166 -42.15 -11.63 62.58
CA GLY D 166 -41.54 -12.63 61.73
C GLY D 166 -42.02 -14.04 61.95
N LEU D 167 -43.07 -14.23 62.74
CA LEU D 167 -43.60 -15.58 62.94
C LEU D 167 -44.26 -16.08 61.66
N PRO D 168 -44.16 -17.37 61.36
CA PRO D 168 -44.84 -17.91 60.18
C PRO D 168 -46.34 -18.03 60.41
N GLU D 169 -47.05 -18.29 59.31
CA GLU D 169 -48.51 -18.27 59.33
C GLU D 169 -49.10 -19.35 60.21
N SER D 170 -48.43 -20.51 60.34
CA SER D 170 -49.00 -21.63 61.06
C SER D 170 -49.20 -21.31 62.54
N GLU D 171 -48.17 -20.77 63.19
CA GLU D 171 -48.29 -20.45 64.61
C GLU D 171 -49.24 -19.29 64.85
N ILE D 172 -49.27 -18.31 63.93
CA ILE D 172 -50.21 -17.20 64.05
C ILE D 172 -51.63 -17.72 64.01
N ASN D 173 -51.93 -18.59 63.04
CA ASN D 173 -53.26 -19.17 62.93
C ASN D 173 -53.59 -20.02 64.15
N ARG D 174 -52.60 -20.74 64.68
CA ARG D 174 -52.83 -21.55 65.87
C ARG D 174 -53.21 -20.68 67.07
N ILE D 175 -52.47 -19.59 67.28
CA ILE D 175 -52.76 -18.71 68.41
C ILE D 175 -54.13 -18.09 68.26
N LEU D 176 -54.45 -17.60 67.05
CA LEU D 176 -55.75 -16.96 66.84
C LEU D 176 -56.89 -17.95 67.04
N ALA D 177 -56.74 -19.17 66.52
CA ALA D 177 -57.78 -20.18 66.69
C ALA D 177 -57.97 -20.54 68.16
N VAL D 178 -56.87 -20.65 68.91
CA VAL D 178 -56.99 -20.96 70.33
C VAL D 178 -57.71 -19.86 71.08
N SER D 179 -57.40 -18.59 70.78
CA SER D 179 -58.07 -17.48 71.45
C SER D 179 -59.57 -17.46 71.13
N ILE D 180 -59.91 -17.63 69.86
CA ILE D 180 -61.32 -17.67 69.46
C ILE D 180 -62.04 -18.82 70.17
N LEU D 181 -61.39 -19.98 70.24
CA LEU D 181 -61.99 -21.13 70.88
C LEU D 181 -62.15 -20.92 72.38
N GLU D 182 -61.25 -20.17 73.01
CA GLU D 182 -61.41 -19.87 74.42
C GLU D 182 -62.61 -18.97 74.67
N VAL D 183 -62.80 -17.96 73.81
CA VAL D 183 -63.99 -17.13 73.92
C VAL D 183 -65.26 -17.97 73.71
N ALA D 184 -65.23 -18.85 72.71
CA ALA D 184 -66.37 -19.72 72.46
C ALA D 184 -66.62 -20.67 73.64
N LYS D 185 -65.55 -21.13 74.29
CA LYS D 185 -65.70 -21.97 75.47
C LYS D 185 -66.36 -21.23 76.61
N TYR D 186 -65.99 -19.96 76.81
CA TYR D 186 -66.67 -19.16 77.83
C TYR D 186 -68.16 -19.01 77.50
N LEU D 187 -68.47 -18.78 76.22
CA LEU D 187 -69.87 -18.69 75.81
C LEU D 187 -70.63 -20.00 76.08
N LEU D 188 -70.00 -21.13 75.76
CA LEU D 188 -70.63 -22.43 76.00
C LEU D 188 -70.86 -22.66 77.48
N GLU D 189 -69.90 -22.29 78.33
CA GLU D 189 -70.08 -22.41 79.76
C GLU D 189 -71.24 -21.56 80.24
N LYS D 190 -71.37 -20.34 79.70
CA LYS D 190 -72.53 -19.51 80.04
C LYS D 190 -73.83 -20.18 79.63
N LEU D 191 -73.87 -20.76 78.43
CA LEU D 191 -75.08 -21.44 77.97
C LEU D 191 -75.41 -22.66 78.81
N GLY D 192 -74.39 -23.45 79.18
CA GLY D 192 -74.61 -24.61 80.01
C GLY D 192 -74.53 -25.92 79.26
N PHE D 193 -73.64 -26.01 78.29
CA PHE D 193 -73.43 -27.22 77.50
C PHE D 193 -72.05 -27.77 77.86
N ASP D 194 -72.01 -28.63 78.87
CA ASP D 194 -70.75 -29.10 79.43
C ASP D 194 -70.01 -30.02 78.48
N TYR D 195 -70.73 -30.93 77.81
CA TYR D 195 -70.07 -31.88 76.92
C TYR D 195 -69.38 -31.18 75.76
N LEU D 196 -70.06 -30.18 75.16
CA LEU D 196 -69.42 -29.39 74.13
C LEU D 196 -68.22 -28.65 74.66
N VAL D 197 -68.26 -28.22 75.92
CA VAL D 197 -67.10 -27.60 76.55
C VAL D 197 -65.93 -28.57 76.56
N GLU D 198 -66.16 -29.80 77.02
CA GLU D 198 -65.10 -30.80 77.10
C GLU D 198 -64.52 -31.10 75.73
N LEU D 199 -65.37 -31.27 74.73
CA LEU D 199 -64.88 -31.45 73.36
C LEU D 199 -64.05 -30.25 72.92
N LEU D 200 -64.42 -29.05 73.39
CA LEU D 200 -63.66 -27.86 73.03
C LEU D 200 -62.27 -27.86 73.66
N ASP D 201 -62.16 -28.28 74.93
CA ASP D 201 -60.82 -28.41 75.50
C ASP D 201 -60.00 -29.45 74.75
N ARG D 202 -60.63 -30.56 74.35
CA ARG D 202 -59.90 -31.56 73.58
C ARG D 202 -59.37 -30.97 72.27
N ALA D 203 -60.22 -30.23 71.56
CA ALA D 203 -59.79 -29.62 70.30
C ALA D 203 -58.71 -28.58 70.53
N ILE D 204 -58.81 -27.79 71.61
CA ILE D 204 -57.80 -26.79 71.89
C ILE D 204 -56.46 -27.44 72.19
N GLU D 205 -56.47 -28.52 72.98
CA GLU D 205 -55.23 -29.25 73.25
C GLU D 205 -54.63 -29.81 71.97
N TYR D 206 -55.47 -30.36 71.08
CA TYR D 206 -54.95 -30.90 69.83
C TYR D 206 -54.34 -29.79 68.96
N ILE D 207 -54.98 -28.63 68.93
CA ILE D 207 -54.42 -27.49 68.17
C ILE D 207 -53.08 -27.07 68.77
N LEU D 208 -53.02 -26.99 70.10
CA LEU D 208 -51.82 -26.52 70.77
C LEU D 208 -50.65 -27.49 70.58
N LYS D 209 -50.92 -28.79 70.63
CA LYS D 209 -49.87 -29.79 70.46
C LYS D 209 -49.41 -29.94 69.01
N GLY D 210 -50.09 -29.31 68.06
CA GLY D 210 -49.69 -29.34 66.67
C GLY D 210 -50.49 -30.28 65.79
N ARG D 211 -51.34 -31.13 66.38
CA ARG D 211 -52.15 -32.08 65.62
C ARG D 211 -53.34 -31.34 65.02
N SER D 212 -53.22 -30.95 63.75
CA SER D 212 -54.19 -30.06 63.12
C SER D 212 -55.39 -30.79 62.52
N GLU D 213 -55.16 -31.89 61.80
CA GLU D 213 -56.25 -32.58 61.12
C GLU D 213 -57.23 -33.19 62.11
N LEU D 214 -56.72 -33.78 63.20
CA LEU D 214 -57.60 -34.29 64.24
C LEU D 214 -58.43 -33.18 64.84
N ALA D 215 -57.82 -32.01 65.04
CA ALA D 215 -58.55 -30.87 65.57
C ALA D 215 -59.64 -30.40 64.61
N VAL D 216 -59.33 -30.42 63.30
CA VAL D 216 -60.33 -30.01 62.31
C VAL D 216 -61.51 -30.97 62.31
N HIS D 217 -61.25 -32.27 62.39
CA HIS D 217 -62.35 -33.24 62.45
C HIS D 217 -63.16 -33.06 63.72
N LEU D 218 -62.49 -32.84 64.86
CA LEU D 218 -63.20 -32.58 66.11
C LEU D 218 -64.06 -31.33 66.00
N LEU D 219 -63.55 -30.29 65.35
CA LEU D 219 -64.31 -29.05 65.19
C LEU D 219 -65.50 -29.26 64.28
N ASP D 220 -65.36 -30.10 63.26
CA ASP D 220 -66.50 -30.45 62.42
C ASP D 220 -67.60 -31.14 63.23
N ASP D 221 -67.21 -32.09 64.08
CA ASP D 221 -68.20 -32.76 64.92
C ASP D 221 -68.85 -31.78 65.89
N ILE D 222 -68.05 -30.87 66.46
CA ILE D 222 -68.59 -29.85 67.36
C ILE D 222 -69.58 -28.95 66.63
N ILE D 223 -69.26 -28.57 65.39
CA ILE D 223 -70.14 -27.72 64.60
C ILE D 223 -71.45 -28.43 64.33
N ARG D 224 -71.39 -29.73 64.00
CA ARG D 224 -72.62 -30.49 63.79
C ARG D 224 -73.46 -30.53 65.06
N ARG D 225 -72.83 -30.74 66.21
CA ARG D 225 -73.57 -30.78 67.47
C ARG D 225 -74.21 -29.42 67.78
N VAL D 226 -73.48 -28.34 67.51
CA VAL D 226 -74.00 -26.99 67.76
C VAL D 226 -75.21 -26.71 66.87
N HIS D 227 -75.12 -27.10 65.59
CA HIS D 227 -76.25 -26.92 64.68
C HIS D 227 -77.45 -27.75 65.13
N GLU D 228 -77.20 -28.96 65.64
CA GLU D 228 -78.30 -29.75 66.19
C GLU D 228 -78.96 -29.06 67.36
N GLU D 229 -78.15 -28.46 68.25
CA GLU D 229 -78.72 -27.74 69.39
C GLU D 229 -79.54 -26.54 68.93
N ILE D 230 -79.03 -25.80 67.95
CA ILE D 230 -79.76 -24.65 67.43
C ILE D 230 -81.08 -25.07 66.83
N GLU D 231 -81.07 -26.15 66.03
CA GLU D 231 -82.31 -26.66 65.46
C GLU D 231 -83.27 -27.13 66.52
N ARG D 232 -82.77 -27.70 67.62
CA ARG D 232 -83.65 -28.08 68.72
C ARG D 232 -84.31 -26.87 69.35
N TYR D 233 -83.56 -25.76 69.48
CA TYR D 233 -84.12 -24.58 70.13
C TYR D 233 -85.29 -24.01 69.35
N GLY D 234 -85.20 -23.96 68.04
CA GLY D 234 -86.31 -23.54 67.21
C GLY D 234 -86.29 -22.04 66.95
N ASP D 235 -87.35 -21.35 67.38
CA ASP D 235 -87.48 -19.92 67.16
C ASP D 235 -86.99 -19.07 68.34
N ASP D 236 -86.68 -19.70 69.47
CA ASP D 236 -86.27 -19.00 70.68
C ASP D 236 -84.76 -19.12 70.92
N VAL D 237 -83.97 -19.14 69.86
CA VAL D 237 -82.53 -19.35 69.97
C VAL D 237 -81.89 -18.12 70.63
N PRO D 238 -81.17 -18.28 71.72
CA PRO D 238 -80.41 -17.16 72.29
C PRO D 238 -79.28 -16.75 71.36
N GLU D 239 -78.93 -15.46 71.44
CA GLU D 239 -77.89 -14.91 70.58
C GLU D 239 -76.52 -15.48 70.88
N GLU D 240 -76.30 -15.96 72.11
CA GLU D 240 -75.01 -16.55 72.46
C GLU D 240 -74.75 -17.79 71.63
N LEU D 241 -75.78 -18.58 71.36
CA LEU D 241 -75.62 -19.78 70.53
C LEU D 241 -75.19 -19.43 69.11
N LEU D 242 -75.78 -18.39 68.52
CA LEU D 242 -75.41 -18.00 67.17
C LEU D 242 -73.99 -17.43 67.13
N LEU D 243 -73.64 -16.62 68.12
CA LEU D 243 -72.28 -16.09 68.18
C LEU D 243 -71.27 -17.22 68.37
N LEU D 244 -71.61 -18.20 69.20
CA LEU D 244 -70.74 -19.37 69.38
C LEU D 244 -70.60 -20.14 68.07
N ASP D 245 -71.70 -20.31 67.33
CA ASP D 245 -71.63 -20.96 66.03
C ASP D 245 -70.65 -20.25 65.11
N LEU D 246 -70.77 -18.93 65.01
CA LEU D 246 -69.88 -18.17 64.13
C LEU D 246 -68.43 -18.29 64.59
N LEU D 247 -68.20 -18.22 65.90
CA LEU D 247 -66.84 -18.29 66.44
C LEU D 247 -66.21 -19.64 66.13
N VAL D 248 -66.95 -20.73 66.37
CA VAL D 248 -66.41 -22.06 66.12
C VAL D 248 -66.16 -22.27 64.63
N GLN D 249 -67.03 -21.73 63.78
CA GLN D 249 -66.80 -21.86 62.35
C GLN D 249 -65.53 -21.14 61.91
N LYS D 250 -65.32 -19.91 62.39
CA LYS D 250 -64.11 -19.19 61.99
C LYS D 250 -62.86 -19.82 62.60
N ALA D 251 -62.97 -20.39 63.80
CA ALA D 251 -61.83 -21.10 64.38
C ALA D 251 -61.49 -22.35 63.58
N ARG D 252 -62.51 -23.07 63.09
CA ARG D 252 -62.27 -24.22 62.24
C ARG D 252 -61.62 -23.82 60.94
N ASP D 253 -62.05 -22.69 60.35
CA ASP D 253 -61.39 -22.20 59.14
C ASP D 253 -59.92 -21.89 59.40
N LEU D 254 -59.62 -21.23 60.52
CA LEU D 254 -58.23 -20.93 60.84
C LEU D 254 -57.42 -22.21 61.07
N ALA D 255 -58.00 -23.19 61.75
CA ALA D 255 -57.31 -24.44 62.00
C ALA D 255 -57.03 -25.18 60.69
N ALA D 256 -57.97 -25.13 59.75
CA ALA D 256 -57.72 -25.70 58.44
C ALA D 256 -56.59 -24.97 57.73
N ARG D 257 -56.56 -23.63 57.84
CA ARG D 257 -55.50 -22.87 57.17
C ARG D 257 -54.13 -23.03 57.83
N ILE D 258 -54.05 -23.67 58.98
CA ILE D 258 -52.78 -23.84 59.68
C ILE D 258 -51.77 -24.57 58.78
N MET E 25 -75.54 19.04 38.78
CA MET E 25 -76.24 17.99 38.06
C MET E 25 -77.71 18.31 37.88
N GLU E 26 -78.04 19.59 37.68
CA GLU E 26 -79.43 19.99 37.58
C GLU E 26 -80.12 19.42 36.33
N LYS E 27 -79.35 19.02 35.32
CA LYS E 27 -79.94 18.39 34.15
C LYS E 27 -80.66 17.11 34.52
N LEU E 28 -80.08 16.31 35.41
CA LEU E 28 -80.71 15.06 35.82
C LEU E 28 -81.93 15.30 36.69
N GLU E 29 -81.93 16.36 37.51
CA GLU E 29 -83.14 16.72 38.23
C GLU E 29 -84.25 17.17 37.27
N VAL E 30 -83.89 17.89 36.21
CA VAL E 30 -84.86 18.26 35.20
C VAL E 30 -85.41 17.01 34.52
N ALA E 31 -84.53 16.03 34.25
CA ALA E 31 -84.98 14.77 33.69
C ALA E 31 -85.94 14.04 34.62
N VAL E 32 -85.66 14.05 35.92
CA VAL E 32 -86.54 13.40 36.89
C VAL E 32 -87.90 14.09 36.91
N GLU E 33 -87.91 15.42 36.87
CA GLU E 33 -89.18 16.16 36.84
C GLU E 33 -89.96 15.84 35.56
N HIS E 34 -89.26 15.78 34.44
CA HIS E 34 -89.89 15.35 33.22
C HIS E 34 -90.51 13.97 33.35
N LEU E 35 -89.77 13.01 33.92
CA LEU E 35 -90.29 11.66 34.10
C LEU E 35 -91.56 11.65 34.95
N LYS E 36 -91.58 12.46 36.00
CA LYS E 36 -92.82 12.61 36.77
C LYS E 36 -93.94 13.15 35.91
N GLU E 37 -93.63 14.16 35.08
CA GLU E 37 -94.63 14.70 34.17
C GLU E 37 -95.13 13.65 33.20
N ALA E 38 -94.24 12.79 32.71
CA ALA E 38 -94.63 11.72 31.80
C ALA E 38 -95.57 10.74 32.48
N ILE E 39 -95.27 10.37 33.73
CA ILE E 39 -96.16 9.47 34.47
C ILE E 39 -97.54 10.11 34.63
N GLU E 40 -97.57 11.40 34.98
CA GLU E 40 -98.85 12.09 35.13
C GLU E 40 -99.61 12.15 33.80
N LEU E 41 -98.90 12.35 32.69
CA LEU E 41 -99.54 12.41 31.39
C LEU E 41 -100.12 11.06 30.98
N ILE E 42 -99.38 9.97 31.22
CA ILE E 42 -99.91 8.65 30.96
C ILE E 42 -101.15 8.41 31.80
N GLU E 43 -101.13 8.87 33.06
CA GLU E 43 -102.31 8.73 33.91
C GLU E 43 -103.50 9.52 33.34
N LYS E 44 -103.25 10.72 32.83
CA LYS E 44 -104.33 11.54 32.30
C LYS E 44 -104.94 10.93 31.04
N GLY E 45 -104.09 10.54 30.09
CA GLY E 45 -104.58 9.93 28.87
C GLY E 45 -103.97 10.48 27.59
N GLU E 46 -103.03 11.41 27.71
CA GLU E 46 -102.34 11.98 26.56
C GLU E 46 -101.09 11.15 26.26
N TYR E 47 -101.20 10.26 25.28
CA TYR E 47 -100.11 9.36 24.94
C TYR E 47 -99.13 9.95 23.95
N VAL E 48 -99.60 10.85 23.06
CA VAL E 48 -98.68 11.52 22.14
C VAL E 48 -97.73 12.43 22.91
N LYS E 49 -98.27 13.19 23.87
CA LYS E 49 -97.42 14.05 24.68
C LYS E 49 -96.46 13.22 25.53
N ALA E 50 -96.90 12.05 26.00
CA ALA E 50 -96.02 11.17 26.74
C ALA E 50 -94.87 10.66 25.88
N ASP E 51 -95.16 10.28 24.64
CA ASP E 51 -94.11 9.83 23.72
C ASP E 51 -93.11 10.94 23.44
N LEU E 52 -93.62 12.16 23.22
CA LEU E 52 -92.74 13.30 22.97
C LEU E 52 -91.90 13.63 24.20
N ILE E 53 -92.49 13.55 25.39
CA ILE E 53 -91.74 13.77 26.63
C ILE E 53 -90.64 12.73 26.78
N LEU E 54 -90.93 11.47 26.43
CA LEU E 54 -89.89 10.45 26.51
C LEU E 54 -88.74 10.76 25.57
N THR E 55 -89.05 11.27 24.37
CA THR E 55 -87.97 11.70 23.47
C THR E 55 -87.16 12.85 24.07
N ASP E 56 -87.84 13.81 24.71
CA ASP E 56 -87.13 14.91 25.36
C ASP E 56 -86.22 14.41 26.49
N ILE E 57 -86.72 13.46 27.29
CA ILE E 57 -85.91 12.89 28.36
C ILE E 57 -84.70 12.18 27.80
N LEU E 58 -84.87 11.45 26.70
CA LEU E 58 -83.72 10.81 26.06
C LEU E 58 -82.70 11.84 25.62
N ARG E 59 -83.16 12.96 25.05
CA ARG E 59 -82.24 14.02 24.63
C ARG E 59 -81.48 14.59 25.83
N LEU E 60 -82.19 14.83 26.94
CA LEU E 60 -81.53 15.34 28.15
C LEU E 60 -80.47 14.37 28.67
N LEU E 61 -80.82 13.08 28.76
CA LEU E 61 -79.88 12.10 29.29
C LEU E 61 -78.67 11.95 28.36
N GLU E 62 -78.88 11.99 27.05
CA GLU E 62 -77.75 11.95 26.13
C GLU E 62 -76.89 13.20 26.25
N GLU E 63 -77.51 14.34 26.57
CA GLU E 63 -76.74 15.54 26.84
C GLU E 63 -75.85 15.36 28.06
N GLU E 64 -76.38 14.73 29.11
CA GLU E 64 -75.57 14.48 30.30
C GLU E 64 -74.44 13.49 30.01
N GLY E 65 -74.78 12.34 29.41
CA GLY E 65 -73.75 11.41 28.98
C GLY E 65 -73.54 10.18 29.85
N VAL E 66 -74.61 9.53 30.28
CA VAL E 66 -74.54 8.28 31.03
C VAL E 66 -75.08 7.17 30.13
N LYS E 67 -74.22 6.21 29.79
CA LYS E 67 -74.53 5.25 28.73
C LYS E 67 -75.71 4.36 29.12
N SER E 68 -75.69 3.81 30.33
CA SER E 68 -76.75 2.91 30.77
C SER E 68 -78.09 3.63 30.78
N LEU E 69 -78.12 4.85 31.30
CA LEU E 69 -79.35 5.64 31.28
C LEU E 69 -79.81 5.90 29.85
N ILE E 70 -78.85 6.12 28.94
CA ILE E 70 -79.21 6.42 27.55
C ILE E 70 -79.89 5.23 26.89
N LYS E 71 -79.28 4.04 27.01
CA LYS E 71 -79.88 2.87 26.39
C LYS E 71 -81.22 2.54 27.05
N GLN E 72 -81.31 2.71 28.37
CA GLN E 72 -82.57 2.49 29.05
C GLN E 72 -83.65 3.45 28.55
N ALA E 73 -83.27 4.70 28.29
CA ALA E 73 -84.26 5.67 27.81
C ALA E 73 -84.72 5.37 26.40
N LYS E 74 -83.81 4.94 25.52
CA LYS E 74 -84.22 4.58 24.16
C LYS E 74 -85.16 3.38 24.16
N GLU E 75 -84.78 2.32 24.88
CA GLU E 75 -85.66 1.15 24.95
C GLU E 75 -86.97 1.51 25.62
N LEU E 76 -86.94 2.44 26.58
CA LEU E 76 -88.18 2.89 27.20
C LEU E 76 -89.09 3.57 26.20
N HIS E 77 -88.53 4.44 25.36
CA HIS E 77 -89.34 5.10 24.35
C HIS E 77 -90.03 4.06 23.45
N ILE E 78 -89.24 3.12 22.92
CA ILE E 78 -89.81 2.13 22.00
C ILE E 78 -90.88 1.29 22.69
N GLU E 79 -90.56 0.75 23.87
CA GLU E 79 -91.48 -0.17 24.52
C GLU E 79 -92.72 0.53 25.05
N VAL E 80 -92.59 1.77 25.53
CA VAL E 80 -93.76 2.50 25.99
C VAL E 80 -94.67 2.85 24.83
N PHE E 81 -94.09 3.19 23.67
CA PHE E 81 -94.93 3.42 22.50
C PHE E 81 -95.73 2.17 22.14
N LYS E 82 -95.04 1.02 22.12
CA LYS E 82 -95.74 -0.23 21.81
C LYS E 82 -96.84 -0.54 22.83
N LEU E 83 -96.52 -0.41 24.12
CA LEU E 83 -97.49 -0.73 25.17
C LEU E 83 -98.70 0.21 25.14
N LEU E 84 -98.45 1.50 24.93
CA LEU E 84 -99.57 2.44 24.83
C LEU E 84 -100.42 2.17 23.60
N LYS E 85 -99.80 1.68 22.51
CA LYS E 85 -100.59 1.21 21.39
C LYS E 85 -101.49 0.03 21.81
N GLU E 86 -100.91 -0.93 22.52
CA GLU E 86 -101.69 -2.10 22.92
C GLU E 86 -102.71 -1.77 24.00
N GLY E 87 -102.40 -0.83 24.88
CA GLY E 87 -103.28 -0.48 25.98
C GLY E 87 -102.78 -0.87 27.36
N GLU E 88 -101.53 -1.31 27.48
CA GLU E 88 -100.96 -1.71 28.77
C GLU E 88 -100.41 -0.46 29.47
N TYR E 89 -101.33 0.29 30.08
CA TYR E 89 -100.95 1.53 30.75
C TYR E 89 -100.07 1.25 31.97
N LYS E 90 -100.41 0.23 32.75
CA LYS E 90 -99.68 -0.05 33.99
C LYS E 90 -98.24 -0.48 33.69
N GLU E 91 -98.04 -1.27 32.64
CA GLU E 91 -96.68 -1.68 32.30
C GLU E 91 -95.82 -0.49 31.87
N ALA E 92 -96.40 0.41 31.07
CA ALA E 92 -95.66 1.61 30.66
C ALA E 92 -95.34 2.49 31.86
N LYS E 93 -96.30 2.67 32.76
CA LYS E 93 -96.05 3.44 33.97
C LYS E 93 -94.96 2.80 34.82
N ALA E 94 -94.95 1.47 34.90
CA ALA E 94 -93.91 0.77 35.65
C ALA E 94 -92.54 1.00 35.03
N LEU E 95 -92.45 0.94 33.69
CA LEU E 95 -91.16 1.17 33.04
C LEU E 95 -90.67 2.60 33.26
N VAL E 96 -91.57 3.58 33.18
CA VAL E 96 -91.17 4.97 33.41
C VAL E 96 -90.72 5.15 34.85
N GLU E 97 -91.43 4.54 35.80
CA GLU E 97 -91.04 4.63 37.20
C GLU E 97 -89.69 3.97 37.44
N ALA E 98 -89.43 2.85 36.77
CA ALA E 98 -88.13 2.20 36.90
C ALA E 98 -87.01 3.09 36.40
N LEU E 99 -87.21 3.75 35.25
CA LEU E 99 -86.18 4.67 34.75
C LEU E 99 -86.00 5.85 35.71
N ARG E 100 -87.09 6.37 36.27
CA ARG E 100 -87.00 7.46 37.22
C ARG E 100 -86.18 7.06 38.44
N VAL E 101 -86.47 5.88 38.99
CA VAL E 101 -85.73 5.40 40.16
C VAL E 101 -84.26 5.21 39.81
N SER E 102 -83.98 4.70 38.61
CA SER E 102 -82.59 4.51 38.21
C SER E 102 -81.85 5.84 38.13
N VAL E 103 -82.48 6.87 37.57
CA VAL E 103 -81.83 8.18 37.46
C VAL E 103 -81.60 8.79 38.85
N GLU E 104 -82.61 8.72 39.72
CA GLU E 104 -82.45 9.24 41.07
C GLU E 104 -81.36 8.49 41.82
N LEU E 105 -81.27 7.18 41.63
CA LEU E 105 -80.23 6.40 42.29
C LEU E 105 -78.86 6.78 41.78
N TYR E 106 -78.72 7.06 40.47
CA TYR E 106 -77.44 7.53 39.98
C TYR E 106 -77.07 8.87 40.60
N ILE E 107 -78.04 9.77 40.72
CA ILE E 107 -77.78 11.06 41.34
C ILE E 107 -77.29 10.87 42.77
N LEU E 108 -77.97 10.02 43.54
CA LEU E 108 -77.61 9.82 44.93
C LEU E 108 -76.24 9.14 45.06
N ILE E 109 -75.93 8.21 44.15
CA ILE E 109 -74.62 7.56 44.19
C ILE E 109 -73.52 8.58 43.92
N LYS E 110 -73.73 9.46 42.94
CA LYS E 110 -72.72 10.48 42.65
C LYS E 110 -72.53 11.43 43.83
N ARG E 111 -73.64 11.87 44.44
CA ARG E 111 -73.54 12.75 45.60
C ARG E 111 -72.82 12.06 46.75
N GLY E 112 -73.13 10.79 47.00
CA GLY E 112 -72.48 10.08 48.09
C GLY E 112 -70.99 9.88 47.85
N VAL E 113 -70.61 9.51 46.63
CA VAL E 113 -69.20 9.28 46.33
C VAL E 113 -68.40 10.57 46.40
N ARG E 114 -68.96 11.65 45.84
CA ARG E 114 -68.25 12.93 45.87
C ARG E 114 -68.05 13.42 47.30
N GLU E 115 -69.12 13.42 48.09
CA GLU E 115 -69.07 13.85 49.49
C GLU E 115 -68.28 12.91 50.38
N GLY E 116 -67.72 11.84 49.85
CA GLY E 116 -67.00 10.89 50.69
C GLY E 116 -67.86 10.19 51.71
N ARG E 117 -69.14 9.97 51.40
CA ARG E 117 -70.03 9.32 52.34
C ARG E 117 -69.63 7.85 52.50
N PRO E 118 -69.88 7.27 53.67
CA PRO E 118 -69.56 5.85 53.87
C PRO E 118 -70.41 4.96 52.97
N ILE E 119 -69.83 3.83 52.58
CA ILE E 119 -70.54 2.85 51.76
C ILE E 119 -71.79 2.35 52.48
N GLU E 120 -71.75 2.30 53.82
CA GLU E 120 -72.86 1.76 54.58
C GLU E 120 -74.16 2.53 54.32
N GLU E 121 -74.12 3.86 54.47
CA GLU E 121 -75.34 4.63 54.31
C GLU E 121 -75.78 4.72 52.86
N ILE E 122 -74.84 4.69 51.92
CA ILE E 122 -75.19 4.61 50.51
C ILE E 122 -75.99 3.35 50.23
N ALA E 123 -75.50 2.21 50.76
CA ALA E 123 -76.20 0.94 50.57
C ALA E 123 -77.58 0.97 51.21
N ARG E 124 -77.69 1.54 52.41
CA ARG E 124 -79.00 1.63 53.06
C ARG E 124 -79.96 2.48 52.24
N GLU E 125 -79.47 3.59 51.68
CA GLU E 125 -80.31 4.45 50.87
C GLU E 125 -80.78 3.73 49.60
N VAL E 126 -79.88 3.01 48.95
CA VAL E 126 -80.24 2.26 47.75
C VAL E 126 -81.32 1.22 48.07
N GLY E 127 -81.13 0.49 49.17
CA GLY E 127 -82.14 -0.48 49.57
C GLY E 127 -83.49 0.17 49.86
N ARG E 128 -83.48 1.31 50.56
CA ARG E 128 -84.73 2.00 50.86
C ARG E 128 -85.44 2.44 49.58
N LYS E 129 -84.69 2.97 48.62
CA LYS E 129 -85.29 3.40 47.36
C LYS E 129 -85.90 2.22 46.60
N LEU E 130 -85.17 1.09 46.55
CA LEU E 130 -85.70 -0.08 45.86
C LEU E 130 -86.96 -0.61 46.53
N VAL E 131 -86.98 -0.61 47.87
CA VAL E 131 -88.18 -1.09 48.58
C VAL E 131 -89.35 -0.16 48.32
N GLU E 132 -89.12 1.15 48.30
CA GLU E 132 -90.20 2.09 48.01
C GLU E 132 -90.75 1.89 46.60
N LEU E 133 -89.86 1.68 45.62
CA LEU E 133 -90.32 1.38 44.27
C LEU E 133 -91.15 0.11 44.23
N ALA E 134 -90.69 -0.93 44.93
CA ALA E 134 -91.42 -2.20 44.94
C ALA E 134 -92.80 -2.02 45.56
N LYS E 135 -92.90 -1.25 46.66
CA LYS E 135 -94.19 -0.99 47.27
C LYS E 135 -95.12 -0.23 46.33
N ARG E 136 -94.57 0.76 45.62
CA ARG E 136 -95.36 1.51 44.66
C ARG E 136 -95.92 0.58 43.57
N LEU E 137 -95.04 -0.24 42.98
CA LEU E 137 -95.47 -1.13 41.90
C LEU E 137 -96.49 -2.15 42.41
N GLU E 138 -96.32 -2.64 43.64
CA GLU E 138 -97.29 -3.55 44.21
C GLU E 138 -98.64 -2.88 44.40
N LYS E 139 -98.63 -1.60 44.80
CA LYS E 139 -99.88 -0.86 44.90
C LYS E 139 -100.54 -0.68 43.54
N GLU E 140 -99.74 -0.44 42.49
CA GLU E 140 -100.30 -0.27 41.15
C GLU E 140 -101.03 -1.53 40.69
N GLY E 141 -100.43 -2.69 40.92
CA GLY E 141 -101.05 -3.95 40.49
C GLY E 141 -100.13 -4.82 39.67
N ILE E 142 -98.86 -4.43 39.58
CA ILE E 142 -97.88 -5.23 38.84
C ILE E 142 -97.50 -6.44 39.68
N SER E 143 -97.41 -7.60 39.02
CA SER E 143 -97.09 -8.84 39.72
C SER E 143 -95.64 -8.82 40.21
N TRP E 144 -95.35 -9.72 41.17
CA TRP E 144 -94.06 -9.69 41.84
C TRP E 144 -92.93 -10.19 40.96
N GLU E 145 -93.23 -11.05 39.98
CA GLU E 145 -92.19 -11.47 39.03
C GLU E 145 -91.70 -10.30 38.21
N GLU E 146 -92.62 -9.48 37.71
CA GLU E 146 -92.24 -8.28 36.96
C GLU E 146 -91.49 -7.29 37.86
N ILE E 147 -91.94 -7.14 39.10
CA ILE E 147 -91.26 -6.25 40.04
C ILE E 147 -89.82 -6.71 40.26
N ILE E 148 -89.62 -8.01 40.46
CA ILE E 148 -88.28 -8.52 40.68
C ILE E 148 -87.41 -8.31 39.44
N GLU E 149 -87.96 -8.57 38.25
CA GLU E 149 -87.17 -8.38 37.03
C GLU E 149 -86.77 -6.91 36.84
N LEU E 150 -87.70 -5.99 37.08
CA LEU E 150 -87.37 -4.57 37.01
C LEU E 150 -86.29 -4.22 38.02
N ILE E 151 -86.39 -4.75 39.24
CA ILE E 151 -85.41 -4.46 40.27
C ILE E 151 -84.03 -4.97 39.87
N GLU E 152 -83.96 -6.17 39.29
CA GLU E 152 -82.65 -6.67 38.86
C GLU E 152 -82.08 -5.88 37.70
N ARG E 153 -82.92 -5.40 36.79
CA ARG E 153 -82.40 -4.50 35.75
C ARG E 153 -81.82 -3.23 36.36
N ILE E 154 -82.52 -2.65 37.33
CA ILE E 154 -82.00 -1.47 38.02
C ILE E 154 -80.70 -1.81 38.73
N LEU E 155 -80.61 -3.00 39.30
CA LEU E 155 -79.40 -3.41 40.01
C LEU E 155 -78.21 -3.55 39.07
N GLU E 156 -78.45 -4.09 37.87
CA GLU E 156 -77.37 -4.15 36.87
C GLU E 156 -76.93 -2.75 36.44
N SER E 157 -77.89 -1.84 36.29
CA SER E 157 -77.54 -0.45 36.00
C SER E 157 -76.70 0.15 37.12
N ILE E 158 -77.08 -0.13 38.37
CA ILE E 158 -76.32 0.36 39.53
C ILE E 158 -74.92 -0.21 39.53
N ARG E 159 -74.78 -1.50 39.19
CA ARG E 159 -73.46 -2.12 39.15
C ARG E 159 -72.58 -1.42 38.12
N GLU E 160 -73.12 -1.15 36.94
CA GLU E 160 -72.34 -0.44 35.92
C GLU E 160 -71.96 0.97 36.39
N ILE E 161 -72.90 1.67 37.01
CA ILE E 161 -72.63 3.03 37.48
C ILE E 161 -71.53 3.02 38.54
N LEU E 162 -71.62 2.09 39.49
CA LEU E 162 -70.62 2.00 40.55
C LEU E 162 -69.26 1.64 39.98
N LYS E 163 -69.21 0.72 39.02
CA LYS E 163 -67.94 0.40 38.37
C LYS E 163 -67.37 1.60 37.65
N GLU E 164 -68.23 2.47 37.12
CA GLU E 164 -67.75 3.68 36.46
C GLU E 164 -67.04 4.60 37.44
N GLU E 165 -67.55 4.72 38.67
CA GLU E 165 -66.97 5.60 39.68
C GLU E 165 -65.62 5.13 40.20
N GLY E 166 -65.09 4.02 39.70
CA GLY E 166 -63.80 3.53 40.15
C GLY E 166 -63.84 2.77 41.46
N LEU E 167 -65.01 2.44 41.98
CA LEU E 167 -65.09 1.67 43.21
C LEU E 167 -64.60 0.24 42.96
N PRO E 168 -63.93 -0.38 43.93
CA PRO E 168 -63.51 -1.78 43.77
C PRO E 168 -64.70 -2.72 43.91
N GLU E 169 -64.45 -3.98 43.55
CA GLU E 169 -65.52 -4.96 43.47
C GLU E 169 -66.14 -5.27 44.83
N SER E 170 -65.36 -5.18 45.90
CA SER E 170 -65.86 -5.59 47.22
C SER E 170 -67.02 -4.71 47.67
N GLU E 171 -66.85 -3.38 47.60
CA GLU E 171 -67.91 -2.48 48.03
C GLU E 171 -69.12 -2.54 47.10
N ILE E 172 -68.88 -2.72 45.80
CA ILE E 172 -69.99 -2.87 44.86
C ILE E 172 -70.83 -4.10 45.22
N ASN E 173 -70.16 -5.22 45.46
CA ASN E 173 -70.87 -6.44 45.84
C ASN E 173 -71.58 -6.26 47.17
N ARG E 174 -70.97 -5.54 48.11
CA ARG E 174 -71.60 -5.29 49.40
C ARG E 174 -72.89 -4.50 49.24
N ILE E 175 -72.84 -3.43 48.44
CA ILE E 175 -74.03 -2.59 48.24
C ILE E 175 -75.13 -3.40 47.55
N LEU E 176 -74.77 -4.15 46.52
CA LEU E 176 -75.77 -4.94 45.79
C LEU E 176 -76.40 -5.99 46.69
N ALA E 177 -75.58 -6.68 47.49
CA ALA E 177 -76.10 -7.70 48.40
C ALA E 177 -77.03 -7.07 49.44
N VAL E 178 -76.67 -5.91 49.96
CA VAL E 178 -77.52 -5.25 50.95
C VAL E 178 -78.87 -4.87 50.34
N SER E 179 -78.86 -4.34 49.11
CA SER E 179 -80.12 -3.97 48.46
C SER E 179 -81.01 -5.19 48.21
N ILE E 180 -80.41 -6.26 47.70
CA ILE E 180 -81.17 -7.50 47.47
C ILE E 180 -81.74 -8.01 48.78
N LEU E 181 -80.94 -7.98 49.85
CA LEU E 181 -81.42 -8.46 51.14
C LEU E 181 -82.52 -7.58 51.70
N GLU E 182 -82.49 -6.28 51.41
CA GLU E 182 -83.59 -5.42 51.87
C GLU E 182 -84.89 -5.75 51.15
N VAL E 183 -84.82 -6.00 49.84
CA VAL E 183 -86.01 -6.44 49.12
C VAL E 183 -86.52 -7.77 49.69
N ALA E 184 -85.60 -8.70 49.95
CA ALA E 184 -85.98 -9.98 50.52
C ALA E 184 -86.59 -9.82 51.91
N LYS E 185 -86.08 -8.86 52.69
CA LYS E 185 -86.64 -8.59 54.01
C LYS E 185 -88.05 -8.06 53.91
N TYR E 186 -88.32 -7.19 52.93
CA TYR E 186 -89.69 -6.74 52.72
C TYR E 186 -90.59 -7.90 52.36
N LEU E 187 -90.12 -8.80 51.50
CA LEU E 187 -90.91 -9.98 51.15
C LEU E 187 -91.18 -10.85 52.38
N LEU E 188 -90.18 -11.06 53.23
CA LEU E 188 -90.36 -11.86 54.43
C LEU E 188 -91.37 -11.22 55.37
N GLU E 189 -91.31 -9.90 55.52
CA GLU E 189 -92.29 -9.20 56.35
C GLU E 189 -93.69 -9.37 55.79
N LYS E 190 -93.84 -9.33 54.47
CA LYS E 190 -95.15 -9.58 53.87
C LYS E 190 -95.61 -11.01 54.18
N LEU E 191 -94.72 -11.99 54.06
CA LEU E 191 -95.09 -13.37 54.35
C LEU E 191 -95.44 -13.57 55.82
N GLY E 192 -94.70 -12.95 56.74
CA GLY E 192 -94.99 -13.05 58.15
C GLY E 192 -94.05 -13.97 58.91
N PHE E 193 -92.77 -13.96 58.54
CA PHE E 193 -91.75 -14.77 59.18
C PHE E 193 -90.80 -13.82 59.91
N ASP E 194 -91.13 -13.52 61.17
CA ASP E 194 -90.41 -12.49 61.90
C ASP E 194 -88.99 -12.92 62.25
N TYR E 195 -88.81 -14.18 62.67
CA TYR E 195 -87.48 -14.63 63.07
C TYR E 195 -86.50 -14.57 61.91
N LEU E 196 -86.93 -15.01 60.72
CA LEU E 196 -86.09 -14.89 59.53
C LEU E 196 -85.79 -13.44 59.22
N VAL E 197 -86.74 -12.54 59.49
CA VAL E 197 -86.49 -11.12 59.33
C VAL E 197 -85.35 -10.67 60.22
N GLU E 198 -85.40 -11.05 61.51
CA GLU E 198 -84.37 -10.65 62.46
C GLU E 198 -83.00 -11.19 62.06
N LEU E 199 -82.95 -12.47 61.66
CA LEU E 199 -81.69 -13.01 61.14
C LEU E 199 -81.21 -12.23 59.92
N LEU E 200 -82.15 -11.74 59.10
CA LEU E 200 -81.76 -10.97 57.94
C LEU E 200 -81.16 -9.62 58.32
N ASP E 201 -81.72 -8.93 59.33
CA ASP E 201 -81.07 -7.71 59.79
C ASP E 201 -79.68 -8.00 60.35
N ARG E 202 -79.54 -9.12 61.08
CA ARG E 202 -78.21 -9.47 61.59
C ARG E 202 -77.22 -9.66 60.45
N ALA E 203 -77.63 -10.39 59.40
CA ALA E 203 -76.74 -10.61 58.26
C ALA E 203 -76.43 -9.31 57.53
N ILE E 204 -77.43 -8.43 57.39
CA ILE E 204 -77.21 -7.15 56.71
C ILE E 204 -76.22 -6.31 57.50
N GLU E 205 -76.35 -6.26 58.82
CA GLU E 205 -75.40 -5.54 59.65
C GLU E 205 -74.00 -6.11 59.52
N TYR E 206 -73.88 -7.43 59.50
CA TYR E 206 -72.56 -8.04 59.35
C TYR E 206 -71.94 -7.72 58.00
N ILE E 207 -72.75 -7.72 56.93
CA ILE E 207 -72.25 -7.35 55.61
C ILE E 207 -71.80 -5.89 55.61
N LEU E 208 -72.59 -5.01 56.22
CA LEU E 208 -72.29 -3.59 56.20
C LEU E 208 -71.02 -3.27 57.00
N LYS E 209 -70.82 -3.95 58.13
CA LYS E 209 -69.65 -3.71 58.96
C LYS E 209 -68.38 -4.32 58.38
N GLY E 210 -68.48 -5.12 57.32
CA GLY E 210 -67.33 -5.70 56.67
C GLY E 210 -67.06 -7.16 56.99
N ARG E 211 -67.77 -7.72 57.97
CA ARG E 211 -67.56 -9.11 58.37
C ARG E 211 -68.30 -10.01 57.38
N SER E 212 -67.56 -10.54 56.41
CA SER E 212 -68.15 -11.24 55.28
C SER E 212 -68.41 -12.72 55.55
N GLU E 213 -67.45 -13.42 56.14
CA GLU E 213 -67.58 -14.86 56.34
C GLU E 213 -68.70 -15.19 57.32
N LEU E 214 -68.81 -14.41 58.39
CA LEU E 214 -69.93 -14.59 59.33
C LEU E 214 -71.26 -14.38 58.63
N ALA E 215 -71.32 -13.37 57.76
CA ALA E 215 -72.53 -13.10 57.00
C ALA E 215 -72.86 -14.25 56.06
N VAL E 216 -71.85 -14.85 55.43
CA VAL E 216 -72.08 -15.97 54.53
C VAL E 216 -72.62 -17.16 55.30
N HIS E 217 -72.07 -17.44 56.48
CA HIS E 217 -72.58 -18.55 57.29
C HIS E 217 -74.00 -18.28 57.75
N LEU E 218 -74.29 -17.04 58.15
CA LEU E 218 -75.66 -16.68 58.53
C LEU E 218 -76.62 -16.84 57.36
N LEU E 219 -76.17 -16.47 56.15
CA LEU E 219 -77.02 -16.61 54.98
C LEU E 219 -77.25 -18.08 54.63
N ASP E 220 -76.25 -18.92 54.85
CA ASP E 220 -76.44 -20.36 54.67
C ASP E 220 -77.51 -20.90 55.63
N ASP E 221 -77.45 -20.48 56.89
CA ASP E 221 -78.46 -20.93 57.85
C ASP E 221 -79.84 -20.41 57.47
N ILE E 222 -79.91 -19.16 57.00
CA ILE E 222 -81.18 -18.59 56.56
C ILE E 222 -81.73 -19.35 55.36
N ILE E 223 -80.86 -19.72 54.42
CA ILE E 223 -81.28 -20.48 53.25
C ILE E 223 -81.83 -21.84 53.67
N ARG E 224 -81.17 -22.51 54.61
CA ARG E 224 -81.67 -23.78 55.12
C ARG E 224 -83.05 -23.62 55.74
N ARG E 225 -83.24 -22.57 56.55
CA ARG E 225 -84.54 -22.33 57.18
C ARG E 225 -85.62 -22.05 56.13
N VAL E 226 -85.28 -21.29 55.09
CA VAL E 226 -86.24 -20.98 54.04
C VAL E 226 -86.64 -22.24 53.29
N HIS E 227 -85.67 -23.10 52.98
CA HIS E 227 -85.98 -24.36 52.32
C HIS E 227 -86.85 -25.24 53.20
N GLU E 228 -86.61 -25.24 54.51
CA GLU E 228 -87.47 -25.99 55.42
C GLU E 228 -88.89 -25.46 55.39
N GLU E 229 -89.06 -24.13 55.36
CA GLU E 229 -90.39 -23.55 55.29
C GLU E 229 -91.09 -23.93 53.98
N ILE E 230 -90.35 -23.87 52.87
CA ILE E 230 -90.93 -24.23 51.57
C ILE E 230 -91.37 -25.69 51.58
N GLU E 231 -90.53 -26.58 52.12
CA GLU E 231 -90.89 -27.99 52.19
C GLU E 231 -92.10 -28.20 53.09
N ARG E 232 -92.23 -27.41 54.16
CA ARG E 232 -93.41 -27.51 55.01
C ARG E 232 -94.67 -27.10 54.26
N TYR E 233 -94.57 -26.07 53.40
CA TYR E 233 -95.75 -25.60 52.69
C TYR E 233 -96.30 -26.66 51.74
N GLY E 234 -95.43 -27.37 51.04
CA GLY E 234 -95.86 -28.49 50.20
C GLY E 234 -96.18 -28.04 48.77
N ASP E 235 -97.41 -28.24 48.35
CA ASP E 235 -97.84 -27.90 47.00
C ASP E 235 -98.48 -26.52 46.90
N ASP E 236 -98.76 -25.87 48.03
CA ASP E 236 -99.43 -24.57 48.05
C ASP E 236 -98.46 -23.43 48.35
N VAL E 237 -97.22 -23.53 47.87
CA VAL E 237 -96.20 -22.55 48.16
C VAL E 237 -96.53 -21.23 47.48
N PRO E 238 -96.64 -20.13 48.20
CA PRO E 238 -96.80 -18.82 47.55
C PRO E 238 -95.55 -18.42 46.78
N GLU E 239 -95.76 -17.64 45.73
CA GLU E 239 -94.66 -17.22 44.86
C GLU E 239 -93.67 -16.31 45.59
N GLU E 240 -94.12 -15.60 46.62
CA GLU E 240 -93.22 -14.73 47.36
C GLU E 240 -92.11 -15.53 48.03
N LEU E 241 -92.44 -16.74 48.52
CA LEU E 241 -91.43 -17.59 49.15
C LEU E 241 -90.36 -18.00 48.15
N LEU E 242 -90.76 -18.37 46.93
CA LEU E 242 -89.79 -18.77 45.92
C LEU E 242 -88.93 -17.60 45.47
N LEU E 243 -89.55 -16.42 45.30
CA LEU E 243 -88.77 -15.25 44.94
C LEU E 243 -87.79 -14.87 46.05
N LEU E 244 -88.23 -14.99 47.30
CA LEU E 244 -87.35 -14.75 48.44
C LEU E 244 -86.19 -15.73 48.46
N ASP E 245 -86.47 -17.01 48.18
CA ASP E 245 -85.41 -18.02 48.09
C ASP E 245 -84.37 -17.61 47.05
N LEU E 246 -84.82 -17.24 45.85
CA LEU E 246 -83.88 -16.85 44.80
C LEU E 246 -83.08 -15.60 45.20
N LEU E 247 -83.75 -14.63 45.81
CA LEU E 247 -83.07 -13.40 46.21
C LEU E 247 -82.00 -13.67 47.25
N VAL E 248 -82.33 -14.47 48.27
CA VAL E 248 -81.36 -14.77 49.32
C VAL E 248 -80.19 -15.56 48.76
N GLN E 249 -80.47 -16.47 47.82
CA GLN E 249 -79.38 -17.24 47.22
C GLN E 249 -78.43 -16.34 46.44
N LYS E 250 -78.97 -15.42 45.63
CA LYS E 250 -78.08 -14.53 44.87
C LYS E 250 -77.35 -13.55 45.78
N ALA E 251 -77.98 -13.12 46.87
CA ALA E 251 -77.30 -12.26 47.84
C ALA E 251 -76.17 -13.00 48.52
N ARG E 252 -76.37 -14.28 48.84
CA ARG E 252 -75.30 -15.09 49.42
C ARG E 252 -74.15 -15.27 48.44
N ASP E 253 -74.46 -15.47 47.16
CA ASP E 253 -73.41 -15.55 46.16
C ASP E 253 -72.61 -14.26 46.08
N LEU E 254 -73.29 -13.11 46.09
CA LEU E 254 -72.59 -11.83 46.07
C LEU E 254 -71.74 -11.64 47.32
N ALA E 255 -72.26 -12.02 48.48
CA ALA E 255 -71.51 -11.87 49.72
C ALA E 255 -70.26 -12.77 49.71
N ALA E 256 -70.38 -13.96 49.15
CA ALA E 256 -69.21 -14.81 48.98
C ALA E 256 -68.19 -14.17 48.05
N ARG E 257 -68.66 -13.55 46.95
CA ARG E 257 -67.75 -12.92 46.01
C ARG E 257 -67.11 -11.65 46.54
N ILE E 258 -67.56 -11.14 47.68
CA ILE E 258 -67.01 -9.90 48.25
C ILE E 258 -65.51 -10.03 48.47
N MET F 25 -35.62 -64.37 46.42
CA MET F 25 -34.96 -65.40 45.61
C MET F 25 -35.74 -66.71 45.60
N GLU F 26 -37.07 -66.61 45.59
CA GLU F 26 -37.91 -67.80 45.64
C GLU F 26 -37.78 -68.67 44.40
N LYS F 27 -37.29 -68.10 43.29
CA LYS F 27 -37.07 -68.89 42.09
C LYS F 27 -36.03 -69.98 42.34
N LEU F 28 -34.97 -69.65 43.07
CA LEU F 28 -33.94 -70.63 43.36
C LEU F 28 -34.41 -71.69 44.35
N GLU F 29 -35.28 -71.33 45.28
CA GLU F 29 -35.89 -72.35 46.14
C GLU F 29 -36.80 -73.27 45.34
N VAL F 30 -37.53 -72.73 44.36
CA VAL F 30 -38.32 -73.57 43.47
C VAL F 30 -37.42 -74.51 42.68
N ALA F 31 -36.28 -74.00 42.22
CA ALA F 31 -35.31 -74.84 41.53
C ALA F 31 -34.78 -75.96 42.43
N VAL F 32 -34.52 -75.64 43.70
CA VAL F 32 -34.04 -76.66 44.64
C VAL F 32 -35.11 -77.74 44.85
N GLU F 33 -36.37 -77.31 44.99
CA GLU F 33 -37.46 -78.28 45.13
C GLU F 33 -37.59 -79.15 43.89
N HIS F 34 -37.48 -78.54 42.73
CA HIS F 34 -37.46 -79.32 41.51
C HIS F 34 -36.34 -80.34 41.50
N LEU F 35 -35.12 -79.92 41.89
CA LEU F 35 -33.98 -80.85 41.92
C LEU F 35 -34.25 -82.02 42.85
N LYS F 36 -34.86 -81.76 44.02
CA LYS F 36 -35.26 -82.86 44.89
C LYS F 36 -36.26 -83.77 44.19
N GLU F 37 -37.22 -83.19 43.47
CA GLU F 37 -38.19 -83.99 42.72
C GLU F 37 -37.50 -84.83 41.65
N ALA F 38 -36.49 -84.26 40.99
CA ALA F 38 -35.74 -85.01 39.98
C ALA F 38 -35.00 -86.19 40.59
N ILE F 39 -34.38 -85.99 41.77
CA ILE F 39 -33.71 -87.10 42.45
C ILE F 39 -34.72 -88.19 42.78
N GLU F 40 -35.88 -87.80 43.31
CA GLU F 40 -36.91 -88.79 43.64
C GLU F 40 -37.40 -89.53 42.39
N LEU F 41 -37.52 -88.81 41.27
CA LEU F 41 -37.98 -89.45 40.04
C LEU F 41 -36.95 -90.43 39.50
N ILE F 42 -35.67 -90.07 39.54
CA ILE F 42 -34.63 -91.02 39.14
C ILE F 42 -34.66 -92.25 40.04
N GLU F 43 -34.91 -92.04 41.34
CA GLU F 43 -35.01 -93.18 42.24
C GLU F 43 -36.20 -94.06 41.88
N LYS F 44 -37.33 -93.46 41.51
CA LYS F 44 -38.53 -94.24 41.18
C LYS F 44 -38.32 -95.04 39.90
N GLY F 45 -37.84 -94.39 38.84
CA GLY F 45 -37.60 -95.09 37.59
C GLY F 45 -38.11 -94.38 36.36
N GLU F 46 -38.66 -93.17 36.53
CA GLU F 46 -39.16 -92.38 35.42
C GLU F 46 -38.04 -91.47 34.92
N TYR F 47 -37.38 -91.89 33.83
CA TYR F 47 -36.24 -91.15 33.30
C TYR F 47 -36.65 -90.06 32.32
N VAL F 48 -37.76 -90.24 31.60
CA VAL F 48 -38.25 -89.19 30.72
C VAL F 48 -38.68 -87.97 31.53
N LYS F 49 -39.43 -88.21 32.61
CA LYS F 49 -39.84 -87.11 33.47
C LYS F 49 -38.65 -86.45 34.12
N ALA F 50 -37.62 -87.22 34.46
CA ALA F 50 -36.40 -86.64 35.02
C ALA F 50 -35.70 -85.75 34.01
N ASP F 51 -35.61 -86.18 32.75
CA ASP F 51 -34.99 -85.36 31.71
C ASP F 51 -35.77 -84.06 31.50
N LEU F 52 -37.10 -84.16 31.48
CA LEU F 52 -37.93 -82.97 31.33
C LEU F 52 -37.81 -82.03 32.52
N ILE F 53 -37.73 -82.59 33.73
CA ILE F 53 -37.53 -81.76 34.92
C ILE F 53 -36.19 -81.05 34.86
N LEU F 54 -35.15 -81.73 34.37
CA LEU F 54 -33.86 -81.08 34.23
C LEU F 54 -33.93 -79.91 33.26
N THR F 55 -34.67 -80.08 32.17
CA THR F 55 -34.88 -78.95 31.25
C THR F 55 -35.60 -77.80 31.93
N ASP F 56 -36.62 -78.11 32.75
CA ASP F 56 -37.34 -77.07 33.47
C ASP F 56 -36.43 -76.34 34.46
N ILE F 57 -35.57 -77.09 35.16
CA ILE F 57 -34.63 -76.48 36.09
C ILE F 57 -33.66 -75.56 35.36
N LEU F 58 -33.19 -75.99 34.19
CA LEU F 58 -32.33 -75.13 33.39
C LEU F 58 -33.05 -73.85 33.01
N ARG F 59 -34.32 -73.95 32.62
CA ARG F 59 -35.09 -72.75 32.28
C ARG F 59 -35.22 -71.81 33.48
N LEU F 60 -35.49 -72.37 34.66
CA LEU F 60 -35.58 -71.56 35.88
C LEU F 60 -34.27 -70.84 36.17
N LEU F 61 -33.16 -71.58 36.13
CA LEU F 61 -31.87 -70.99 36.45
C LEU F 61 -31.49 -69.92 35.43
N GLU F 62 -31.78 -70.14 34.15
CA GLU F 62 -31.53 -69.11 33.15
C GLU F 62 -32.41 -67.90 33.38
N GLU F 63 -33.63 -68.11 33.87
CA GLU F 63 -34.48 -66.97 34.25
C GLU F 63 -33.85 -66.16 35.37
N GLU F 64 -33.26 -66.84 36.36
CA GLU F 64 -32.60 -66.12 37.44
C GLU F 64 -31.37 -65.38 36.93
N GLY F 65 -30.48 -66.07 36.22
CA GLY F 65 -29.35 -65.41 35.60
C GLY F 65 -28.01 -65.58 36.28
N VAL F 66 -27.67 -66.79 36.71
CA VAL F 66 -26.35 -67.09 37.27
C VAL F 66 -25.61 -68.00 36.29
N LYS F 67 -24.50 -67.49 35.75
CA LYS F 67 -23.86 -68.13 34.61
C LYS F 67 -23.32 -69.52 34.96
N SER F 68 -22.63 -69.63 36.08
CA SER F 68 -22.06 -70.91 36.48
C SER F 68 -23.14 -71.96 36.68
N LEU F 69 -24.22 -71.58 37.36
CA LEU F 69 -25.35 -72.49 37.53
C LEU F 69 -25.94 -72.88 36.19
N ILE F 70 -25.98 -71.93 35.24
CA ILE F 70 -26.59 -72.22 33.94
C ILE F 70 -25.78 -73.25 33.18
N LYS F 71 -24.45 -73.06 33.10
CA LYS F 71 -23.63 -74.03 32.38
C LYS F 71 -23.64 -75.37 33.08
N GLN F 72 -23.63 -75.36 34.42
CA GLN F 72 -23.71 -76.62 35.16
C GLN F 72 -25.02 -77.34 34.87
N ALA F 73 -26.12 -76.60 34.75
CA ALA F 73 -27.41 -77.23 34.48
C ALA F 73 -27.49 -77.81 33.07
N LYS F 74 -26.93 -77.10 32.08
CA LYS F 74 -26.92 -77.64 30.72
C LYS F 74 -26.08 -78.92 30.63
N GLU F 75 -24.86 -78.88 31.17
CA GLU F 75 -24.04 -80.08 31.16
C GLU F 75 -24.68 -81.20 31.98
N LEU F 76 -25.41 -80.85 33.03
CA LEU F 76 -26.12 -81.85 33.80
C LEU F 76 -27.19 -82.52 32.97
N HIS F 77 -27.96 -81.75 32.20
CA HIS F 77 -28.97 -82.34 31.34
C HIS F 77 -28.35 -83.33 30.38
N ILE F 78 -27.30 -82.91 29.67
CA ILE F 78 -26.69 -83.78 28.68
C ILE F 78 -26.13 -85.06 29.33
N GLU F 79 -25.35 -84.89 30.40
CA GLU F 79 -24.67 -86.03 30.99
C GLU F 79 -25.65 -86.96 31.70
N VAL F 80 -26.69 -86.44 32.33
CA VAL F 80 -27.67 -87.30 32.97
C VAL F 80 -28.46 -88.08 31.92
N PHE F 81 -28.78 -87.46 30.79
CA PHE F 81 -29.42 -88.21 29.72
C PHE F 81 -28.54 -89.37 29.27
N LYS F 82 -27.26 -89.10 29.04
CA LYS F 82 -26.35 -90.16 28.62
C LYS F 82 -26.25 -91.27 29.67
N LEU F 83 -26.09 -90.89 30.95
CA LEU F 83 -25.92 -91.88 32.01
C LEU F 83 -27.18 -92.72 32.19
N LEU F 84 -28.35 -92.09 32.14
CA LEU F 84 -29.60 -92.86 32.25
C LEU F 84 -29.79 -93.78 31.06
N LYS F 85 -29.30 -93.38 29.88
CA LYS F 85 -29.27 -94.31 28.75
C LYS F 85 -28.40 -95.52 29.08
N GLU F 86 -27.19 -95.26 29.62
CA GLU F 86 -26.28 -96.36 29.92
C GLU F 86 -26.76 -97.20 31.11
N GLY F 87 -27.41 -96.57 32.08
CA GLY F 87 -27.85 -97.26 33.29
C GLY F 87 -27.12 -96.88 34.55
N GLU F 88 -26.30 -95.82 34.52
CA GLU F 88 -25.56 -95.38 35.70
C GLU F 88 -26.45 -94.44 36.51
N TYR F 89 -27.35 -95.05 37.28
CA TYR F 89 -28.29 -94.28 38.08
C TYR F 89 -27.58 -93.50 39.18
N LYS F 90 -26.62 -94.12 39.85
CA LYS F 90 -25.94 -93.48 40.97
C LYS F 90 -25.14 -92.27 40.52
N GLU F 91 -24.48 -92.36 39.36
CA GLU F 91 -23.72 -91.21 38.86
C GLU F 91 -24.64 -90.04 38.54
N ALA F 92 -25.78 -90.31 37.92
CA ALA F 92 -26.73 -89.25 37.61
C ALA F 92 -27.28 -88.62 38.88
N LYS F 93 -27.62 -89.45 39.87
CA LYS F 93 -28.09 -88.94 41.15
C LYS F 93 -27.03 -88.07 41.81
N ALA F 94 -25.76 -88.49 41.73
CA ALA F 94 -24.67 -87.71 42.30
C ALA F 94 -24.54 -86.36 41.61
N LEU F 95 -24.67 -86.32 40.28
CA LEU F 95 -24.57 -85.05 39.57
C LEU F 95 -25.72 -84.12 39.94
N VAL F 96 -26.94 -84.67 40.05
CA VAL F 96 -28.08 -83.85 40.43
C VAL F 96 -27.90 -83.31 41.85
N GLU F 97 -27.41 -84.16 42.76
CA GLU F 97 -27.17 -83.71 44.13
C GLU F 97 -26.09 -82.63 44.18
N ALA F 98 -25.06 -82.76 43.34
CA ALA F 98 -24.02 -81.74 43.29
C ALA F 98 -24.58 -80.41 42.83
N LEU F 99 -25.44 -80.42 41.80
CA LEU F 99 -26.05 -79.17 41.36
C LEU F 99 -26.96 -78.60 42.43
N ARG F 100 -27.70 -79.45 43.14
CA ARG F 100 -28.56 -78.98 44.22
C ARG F 100 -27.75 -78.30 45.31
N VAL F 101 -26.64 -78.93 45.72
CA VAL F 101 -25.79 -78.36 46.76
C VAL F 101 -25.20 -77.04 46.28
N SER F 102 -24.82 -76.96 45.00
CA SER F 102 -24.27 -75.71 44.47
C SER F 102 -25.29 -74.59 44.52
N VAL F 103 -26.54 -74.87 44.15
CA VAL F 103 -27.58 -73.84 44.17
C VAL F 103 -27.88 -73.40 45.60
N GLU F 104 -28.00 -74.35 46.51
CA GLU F 104 -28.24 -73.99 47.92
C GLU F 104 -27.09 -73.17 48.48
N LEU F 105 -25.85 -73.52 48.11
CA LEU F 105 -24.70 -72.76 48.58
C LEU F 105 -24.70 -71.35 48.02
N TYR F 106 -25.11 -71.17 46.77
CA TYR F 106 -25.23 -69.82 46.23
C TYR F 106 -26.28 -69.03 47.00
N ILE F 107 -27.41 -69.67 47.31
CA ILE F 107 -28.45 -68.99 48.08
C ILE F 107 -27.91 -68.53 49.42
N LEU F 108 -27.20 -69.43 50.12
CA LEU F 108 -26.70 -69.10 51.45
C LEU F 108 -25.62 -68.04 51.38
N ILE F 109 -24.78 -68.06 50.34
CA ILE F 109 -23.75 -67.03 50.18
C ILE F 109 -24.41 -65.66 49.98
N LYS F 110 -25.45 -65.60 49.14
CA LYS F 110 -26.13 -64.34 48.92
C LYS F 110 -26.78 -63.82 50.18
N ARG F 111 -27.44 -64.71 50.94
CA ARG F 111 -28.08 -64.30 52.18
C ARG F 111 -27.04 -63.81 53.18
N GLY F 112 -25.91 -64.50 53.29
CA GLY F 112 -24.87 -64.07 54.21
C GLY F 112 -24.26 -62.74 53.86
N VAL F 113 -23.98 -62.53 52.56
CA VAL F 113 -23.36 -61.28 52.14
C VAL F 113 -24.32 -60.12 52.31
N ARG F 114 -25.59 -60.30 51.94
CA ARG F 114 -26.56 -59.22 52.08
C ARG F 114 -26.75 -58.83 53.54
N GLU F 115 -26.96 -59.82 54.42
CA GLU F 115 -27.15 -59.61 55.84
C GLU F 115 -25.88 -59.13 56.55
N GLY F 116 -24.77 -58.95 55.84
CA GLY F 116 -23.53 -58.55 56.48
C GLY F 116 -23.01 -59.56 57.47
N ARG F 117 -23.25 -60.85 57.24
CA ARG F 117 -22.76 -61.88 58.14
C ARG F 117 -21.23 -61.96 58.08
N PRO F 118 -20.60 -62.35 59.17
CA PRO F 118 -19.15 -62.50 59.17
C PRO F 118 -18.71 -63.61 58.22
N ILE F 119 -17.52 -63.43 57.65
CA ILE F 119 -16.94 -64.44 56.76
C ILE F 119 -16.75 -65.76 57.49
N GLU F 120 -16.50 -65.70 58.80
CA GLU F 120 -16.22 -66.91 59.58
C GLU F 120 -17.38 -67.89 59.52
N GLU F 121 -18.59 -67.43 59.83
CA GLU F 121 -19.73 -68.34 59.88
C GLU F 121 -20.16 -68.78 58.48
N ILE F 122 -19.98 -67.91 57.48
CA ILE F 122 -20.23 -68.32 56.10
C ILE F 122 -19.33 -69.49 55.71
N ALA F 123 -18.04 -69.37 56.05
CA ALA F 123 -17.09 -70.44 55.75
C ALA F 123 -17.46 -71.73 56.48
N ARG F 124 -17.84 -71.61 57.76
CA ARG F 124 -18.24 -72.81 58.51
C ARG F 124 -19.46 -73.47 57.88
N GLU F 125 -20.44 -72.66 57.45
CA GLU F 125 -21.63 -73.21 56.81
C GLU F 125 -21.28 -73.93 55.50
N VAL F 126 -20.42 -73.31 54.70
CA VAL F 126 -20.01 -73.94 53.43
C VAL F 126 -19.32 -75.27 53.70
N GLY F 127 -18.43 -75.31 54.68
CA GLY F 127 -17.77 -76.56 55.02
C GLY F 127 -18.74 -77.62 55.49
N ARG F 128 -19.71 -77.23 56.33
CA ARG F 128 -20.70 -78.18 56.82
C ARG F 128 -21.53 -78.75 55.66
N LYS F 129 -21.93 -77.90 54.72
CA LYS F 129 -22.71 -78.38 53.58
C LYS F 129 -21.90 -79.34 52.72
N LEU F 130 -20.63 -79.01 52.47
CA LEU F 130 -19.79 -79.90 51.67
C LEU F 130 -19.60 -81.24 52.36
N VAL F 131 -19.41 -81.23 53.68
CA VAL F 131 -19.22 -82.49 54.41
C VAL F 131 -20.50 -83.33 54.36
N GLU F 132 -21.65 -82.68 54.48
CA GLU F 132 -22.92 -83.42 54.41
C GLU F 132 -23.11 -84.04 53.04
N LEU F 133 -22.78 -83.29 51.98
CA LEU F 133 -22.85 -83.86 50.64
C LEU F 133 -21.90 -85.05 50.49
N ALA F 134 -20.69 -84.93 51.01
CA ALA F 134 -19.73 -86.03 50.91
C ALA F 134 -20.23 -87.27 51.64
N LYS F 135 -20.81 -87.07 52.83
CA LYS F 135 -21.38 -88.20 53.58
C LYS F 135 -22.52 -88.85 52.82
N ARG F 136 -23.39 -88.05 52.20
CA ARG F 136 -24.47 -88.60 51.40
C ARG F 136 -23.94 -89.44 50.26
N LEU F 137 -22.98 -88.89 49.50
CA LEU F 137 -22.44 -89.61 48.35
C LEU F 137 -21.72 -90.89 48.79
N GLU F 138 -21.04 -90.84 49.94
CA GLU F 138 -20.39 -92.04 50.46
C GLU F 138 -21.42 -93.09 50.82
N LYS F 139 -22.56 -92.68 51.38
CA LYS F 139 -23.63 -93.62 51.68
C LYS F 139 -24.21 -94.22 50.40
N GLU F 140 -24.32 -93.43 49.35
CA GLU F 140 -24.86 -93.94 48.09
C GLU F 140 -23.99 -95.04 47.51
N GLY F 141 -22.66 -94.84 47.54
CA GLY F 141 -21.76 -95.83 47.01
C GLY F 141 -20.76 -95.27 46.00
N ILE F 142 -20.75 -93.94 45.86
CA ILE F 142 -19.80 -93.29 44.97
C ILE F 142 -18.42 -93.29 45.60
N SER F 143 -17.40 -93.60 44.80
CA SER F 143 -16.04 -93.66 45.30
C SER F 143 -15.52 -92.28 45.69
N TRP F 144 -14.46 -92.26 46.48
CA TRP F 144 -13.98 -91.01 47.06
C TRP F 144 -13.29 -90.12 46.03
N GLU F 145 -12.71 -90.71 44.98
CA GLU F 145 -12.14 -89.89 43.92
C GLU F 145 -13.21 -89.07 43.21
N GLU F 146 -14.34 -89.70 42.89
CA GLU F 146 -15.46 -88.98 42.29
C GLU F 146 -16.02 -87.93 43.24
N ILE F 147 -16.12 -88.27 44.53
CA ILE F 147 -16.60 -87.32 45.52
C ILE F 147 -15.70 -86.09 45.57
N ILE F 148 -14.37 -86.31 45.58
CA ILE F 148 -13.44 -85.20 45.63
C ILE F 148 -13.55 -84.35 44.37
N GLU F 149 -13.66 -84.98 43.20
CA GLU F 149 -13.77 -84.20 41.96
C GLU F 149 -15.05 -83.37 41.93
N LEU F 150 -16.17 -83.95 42.37
CA LEU F 150 -17.41 -83.18 42.46
C LEU F 150 -17.26 -82.02 43.42
N ILE F 151 -16.61 -82.24 44.57
CA ILE F 151 -16.42 -81.19 45.55
C ILE F 151 -15.57 -80.05 44.99
N GLU F 152 -14.51 -80.39 44.25
CA GLU F 152 -13.68 -79.33 43.66
C GLU F 152 -14.43 -78.57 42.57
N ARG F 153 -15.28 -79.23 41.79
CA ARG F 153 -16.12 -78.49 40.85
C ARG F 153 -17.04 -77.52 41.57
N ILE F 154 -17.66 -77.97 42.66
CA ILE F 154 -18.50 -77.08 43.46
C ILE F 154 -17.68 -75.93 44.03
N LEU F 155 -16.43 -76.21 44.43
CA LEU F 155 -15.57 -75.17 44.98
C LEU F 155 -15.21 -74.12 43.94
N GLU F 156 -14.96 -74.54 42.70
CA GLU F 156 -14.71 -73.58 41.62
C GLU F 156 -15.94 -72.73 41.35
N SER F 157 -17.12 -73.35 41.39
CA SER F 157 -18.36 -72.58 41.26
C SER F 157 -18.49 -71.56 42.39
N ILE F 158 -18.17 -71.97 43.61
CA ILE F 158 -18.22 -71.07 44.77
C ILE F 158 -17.25 -69.92 44.59
N ARG F 159 -16.04 -70.21 44.08
CA ARG F 159 -15.07 -69.17 43.84
C ARG F 159 -15.59 -68.14 42.86
N GLU F 160 -16.20 -68.60 41.77
CA GLU F 160 -16.77 -67.65 40.80
C GLU F 160 -17.89 -66.84 41.42
N ILE F 161 -18.76 -67.48 42.20
CA ILE F 161 -19.88 -66.78 42.82
C ILE F 161 -19.38 -65.72 43.78
N LEU F 162 -18.38 -66.07 44.60
CA LEU F 162 -17.83 -65.11 45.56
C LEU F 162 -17.15 -63.96 44.86
N LYS F 163 -16.41 -64.23 43.78
CA LYS F 163 -15.81 -63.16 43.01
C LYS F 163 -16.87 -62.25 42.40
N GLU F 164 -18.03 -62.80 42.06
CA GLU F 164 -19.11 -61.97 41.53
C GLU F 164 -19.61 -60.97 42.58
N GLU F 165 -19.69 -61.40 43.84
CA GLU F 165 -20.21 -60.53 44.90
C GLU F 165 -19.26 -59.39 45.26
N GLY F 166 -18.13 -59.25 44.57
CA GLY F 166 -17.19 -58.19 44.87
C GLY F 166 -16.31 -58.41 46.07
N LEU F 167 -16.29 -59.62 46.62
CA LEU F 167 -15.40 -59.90 47.74
C LEU F 167 -13.94 -59.90 47.27
N PRO F 168 -13.01 -59.44 48.10
CA PRO F 168 -11.60 -59.49 47.72
C PRO F 168 -11.05 -60.92 47.83
N GLU F 169 -9.84 -61.09 47.29
CA GLU F 169 -9.27 -62.42 47.16
C GLU F 169 -8.97 -63.07 48.50
N SER F 170 -8.66 -62.27 49.53
CA SER F 170 -8.25 -62.84 50.81
C SER F 170 -9.36 -63.63 51.46
N GLU F 171 -10.56 -63.06 51.55
CA GLU F 171 -11.68 -63.77 52.17
C GLU F 171 -12.13 -64.95 51.33
N ILE F 172 -12.07 -64.83 50.00
CA ILE F 172 -12.42 -65.95 49.14
C ILE F 172 -11.49 -67.12 49.40
N ASN F 173 -10.18 -66.84 49.44
CA ASN F 173 -9.21 -67.90 49.71
C ASN F 173 -9.39 -68.47 51.11
N ARG F 174 -9.74 -67.63 52.08
CA ARG F 174 -9.98 -68.11 53.44
C ARG F 174 -11.16 -69.09 53.48
N ILE F 175 -12.26 -68.73 52.82
CA ILE F 175 -13.44 -69.58 52.81
C ILE F 175 -13.13 -70.90 52.12
N LEU F 176 -12.47 -70.84 50.96
CA LEU F 176 -12.15 -72.05 50.22
C LEU F 176 -11.22 -72.96 51.02
N ALA F 177 -10.20 -72.38 51.66
CA ALA F 177 -9.28 -73.17 52.46
C ALA F 177 -10.00 -73.82 53.64
N VAL F 178 -10.90 -73.09 54.28
CA VAL F 178 -11.64 -73.67 55.41
C VAL F 178 -12.50 -74.83 54.95
N SER F 179 -13.18 -74.69 53.82
CA SER F 179 -14.02 -75.78 53.32
C SER F 179 -13.19 -77.03 52.98
N ILE F 180 -12.07 -76.82 52.28
CA ILE F 180 -11.19 -77.93 51.95
C ILE F 180 -10.68 -78.60 53.21
N LEU F 181 -10.31 -77.81 54.22
CA LEU F 181 -9.81 -78.37 55.46
C LEU F 181 -10.90 -79.11 56.22
N GLU F 182 -12.15 -78.69 56.11
CA GLU F 182 -13.24 -79.43 56.75
C GLU F 182 -13.44 -80.79 56.10
N VAL F 183 -13.37 -80.85 54.76
CA VAL F 183 -13.44 -82.14 54.08
C VAL F 183 -12.27 -83.03 54.51
N ALA F 184 -11.06 -82.44 54.57
CA ALA F 184 -9.90 -83.20 55.00
C ALA F 184 -10.04 -83.69 56.43
N LYS F 185 -10.66 -82.87 57.29
CA LYS F 185 -10.89 -83.27 58.67
C LYS F 185 -11.84 -84.46 58.75
N TYR F 186 -12.89 -84.45 57.92
CA TYR F 186 -13.77 -85.61 57.87
C TYR F 186 -13.02 -86.85 57.43
N LEU F 187 -12.15 -86.71 56.43
CA LEU F 187 -11.34 -87.85 55.98
C LEU F 187 -10.42 -88.36 57.10
N LEU F 188 -9.79 -87.43 57.84
CA LEU F 188 -8.92 -87.84 58.94
C LEU F 188 -9.69 -88.55 60.03
N GLU F 189 -10.90 -88.07 60.34
CA GLU F 189 -11.74 -88.75 61.33
C GLU F 189 -12.10 -90.16 60.87
N LYS F 190 -12.39 -90.32 59.57
CA LYS F 190 -12.62 -91.66 59.04
C LYS F 190 -11.40 -92.55 59.19
N LEU F 191 -10.22 -92.01 58.88
CA LEU F 191 -8.99 -92.80 59.02
C LEU F 191 -8.70 -93.15 60.47
N GLY F 192 -8.92 -92.23 61.40
CA GLY F 192 -8.69 -92.49 62.81
C GLY F 192 -7.43 -91.88 63.36
N PHE F 193 -7.09 -90.68 62.90
CA PHE F 193 -5.91 -89.94 63.36
C PHE F 193 -6.41 -88.72 64.13
N ASP F 194 -6.60 -88.90 65.44
CA ASP F 194 -7.24 -87.87 66.25
C ASP F 194 -6.34 -86.64 66.44
N TYR F 195 -5.04 -86.86 66.66
CA TYR F 195 -4.14 -85.74 66.89
C TYR F 195 -4.06 -84.82 65.68
N LEU F 196 -3.96 -85.41 64.49
CA LEU F 196 -3.99 -84.62 63.27
C LEU F 196 -5.31 -83.87 63.14
N VAL F 197 -6.40 -84.48 63.59
CA VAL F 197 -7.70 -83.79 63.60
C VAL F 197 -7.61 -82.54 64.45
N GLU F 198 -7.09 -82.67 65.68
CA GLU F 198 -7.00 -81.54 66.59
C GLU F 198 -6.12 -80.42 66.02
N LEU F 199 -4.97 -80.79 65.45
CA LEU F 199 -4.15 -79.79 64.78
C LEU F 199 -4.90 -79.13 63.64
N LEU F 200 -5.78 -79.88 62.97
CA LEU F 200 -6.56 -79.31 61.89
C LEU F 200 -7.59 -78.29 62.40
N ASP F 201 -8.24 -78.58 63.53
CA ASP F 201 -9.13 -77.55 64.10
C ASP F 201 -8.33 -76.32 64.50
N ARG F 202 -7.14 -76.52 65.06
CA ARG F 202 -6.32 -75.36 65.42
C ARG F 202 -5.99 -74.51 64.19
N ALA F 203 -5.60 -75.15 63.10
CA ALA F 203 -5.28 -74.43 61.87
C ALA F 203 -6.50 -73.74 61.30
N ILE F 204 -7.66 -74.40 61.36
CA ILE F 204 -8.90 -73.80 60.84
C ILE F 204 -9.27 -72.57 61.64
N GLU F 205 -9.16 -72.65 62.97
CA GLU F 205 -9.43 -71.49 63.82
C GLU F 205 -8.47 -70.35 63.51
N TYR F 206 -7.19 -70.66 63.30
CA TYR F 206 -6.23 -69.61 62.97
C TYR F 206 -6.54 -68.96 61.64
N ILE F 207 -6.94 -69.76 60.65
CA ILE F 207 -7.33 -69.20 59.35
C ILE F 207 -8.56 -68.31 59.51
N LEU F 208 -9.55 -68.76 60.29
CA LEU F 208 -10.79 -68.02 60.43
C LEU F 208 -10.57 -66.71 61.16
N LYS F 209 -9.71 -66.69 62.19
CA LYS F 209 -9.43 -65.48 62.94
C LYS F 209 -8.56 -64.49 62.19
N GLY F 210 -7.99 -64.87 61.05
CA GLY F 210 -7.19 -63.99 60.25
C GLY F 210 -5.69 -64.19 60.36
N ARG F 211 -5.23 -65.01 61.30
CA ARG F 211 -3.81 -65.25 61.50
C ARG F 211 -3.34 -66.26 60.45
N SER F 212 -2.74 -65.76 59.37
CA SER F 212 -2.45 -66.58 58.20
C SER F 212 -1.10 -67.29 58.30
N GLU F 213 -0.06 -66.57 58.72
CA GLU F 213 1.28 -67.17 58.73
C GLU F 213 1.39 -68.30 59.75
N LEU F 214 0.78 -68.12 60.92
CA LEU F 214 0.74 -69.21 61.90
C LEU F 214 0.02 -70.42 61.33
N ALA F 215 -1.08 -70.18 60.61
CA ALA F 215 -1.81 -71.28 59.99
C ALA F 215 -0.98 -71.98 58.93
N VAL F 216 -0.20 -71.22 58.16
CA VAL F 216 0.65 -71.83 57.14
C VAL F 216 1.73 -72.71 57.78
N HIS F 217 2.33 -72.23 58.87
CA HIS F 217 3.33 -73.05 59.56
C HIS F 217 2.69 -74.30 60.16
N LEU F 218 1.51 -74.16 60.74
CA LEU F 218 0.79 -75.33 61.26
C LEU F 218 0.48 -76.32 60.16
N LEU F 219 0.08 -75.82 58.99
CA LEU F 219 -0.23 -76.69 57.86
C LEU F 219 1.03 -77.40 57.34
N ASP F 220 2.17 -76.71 57.38
CA ASP F 220 3.43 -77.36 57.03
C ASP F 220 3.74 -78.50 57.97
N ASP F 221 3.56 -78.28 59.28
CA ASP F 221 3.80 -79.35 60.24
C ASP F 221 2.83 -80.51 60.04
N ILE F 222 1.57 -80.19 59.74
CA ILE F 222 0.57 -81.24 59.48
C ILE F 222 0.95 -82.03 58.23
N ILE F 223 1.42 -81.35 57.19
CA ILE F 223 1.83 -82.03 55.96
C ILE F 223 3.00 -82.97 56.24
N ARG F 224 3.97 -82.52 57.04
CA ARG F 224 5.07 -83.40 57.40
C ARG F 224 4.59 -84.63 58.15
N ARG F 225 3.66 -84.44 59.09
CA ARG F 225 3.13 -85.59 59.84
C ARG F 225 2.37 -86.55 58.93
N VAL F 226 1.61 -86.01 57.97
CA VAL F 226 0.85 -86.85 57.05
C VAL F 226 1.81 -87.66 56.17
N HIS F 227 2.87 -87.02 55.69
CA HIS F 227 3.86 -87.74 54.88
C HIS F 227 4.55 -88.82 55.70
N GLU F 228 4.82 -88.54 56.98
CA GLU F 228 5.39 -89.57 57.85
C GLU F 228 4.44 -90.76 57.99
N GLU F 229 3.14 -90.49 58.16
CA GLU F 229 2.17 -91.57 58.25
C GLU F 229 2.11 -92.39 56.97
N ILE F 230 2.12 -91.71 55.82
CA ILE F 230 2.10 -92.40 54.53
C ILE F 230 3.32 -93.30 54.39
N GLU F 231 4.50 -92.77 54.73
CA GLU F 231 5.72 -93.55 54.65
C GLU F 231 5.68 -94.74 55.60
N ARG F 232 5.05 -94.57 56.77
CA ARG F 232 4.90 -95.70 57.69
C ARG F 232 4.01 -96.78 57.09
N TYR F 233 2.96 -96.39 56.38
CA TYR F 233 2.03 -97.38 55.82
C TYR F 233 2.73 -98.27 54.78
N GLY F 234 3.55 -97.69 53.93
CA GLY F 234 4.34 -98.48 52.99
C GLY F 234 3.62 -98.67 51.66
N ASP F 235 3.35 -99.93 51.30
CA ASP F 235 2.70 -100.25 50.05
C ASP F 235 1.18 -100.43 50.18
N ASP F 236 0.66 -100.45 51.40
CA ASP F 236 -0.76 -100.67 51.64
C ASP F 236 -1.48 -99.37 52.01
N VAL F 237 -1.08 -98.26 51.43
CA VAL F 237 -1.64 -96.95 51.79
C VAL F 237 -3.08 -96.86 51.29
N PRO F 238 -4.04 -96.60 52.17
CA PRO F 238 -5.41 -96.36 51.71
C PRO F 238 -5.52 -95.07 50.90
N GLU F 239 -6.48 -95.05 49.98
CA GLU F 239 -6.65 -93.90 49.11
C GLU F 239 -7.09 -92.65 49.86
N GLU F 240 -7.74 -92.81 51.01
CA GLU F 240 -8.17 -91.67 51.79
C GLU F 240 -6.97 -90.86 52.27
N LEU F 241 -5.87 -91.53 52.61
CA LEU F 241 -4.67 -90.82 53.05
C LEU F 241 -4.08 -89.98 51.93
N LEU F 242 -4.05 -90.51 50.70
CA LEU F 242 -3.51 -89.74 49.58
C LEU F 242 -4.42 -88.57 49.23
N LEU F 243 -5.73 -88.78 49.25
CA LEU F 243 -6.66 -87.68 49.00
C LEU F 243 -6.54 -86.61 50.08
N LEU F 244 -6.38 -87.02 51.33
CA LEU F 244 -6.15 -86.08 52.41
C LEU F 244 -4.87 -85.29 52.21
N ASP F 245 -3.80 -85.97 51.79
CA ASP F 245 -2.55 -85.29 51.49
C ASP F 245 -2.75 -84.20 50.45
N LEU F 246 -3.42 -84.55 49.34
CA LEU F 246 -3.65 -83.56 48.28
C LEU F 246 -4.50 -82.41 48.78
N LEU F 247 -5.54 -82.71 49.57
CA LEU F 247 -6.43 -81.66 50.07
C LEU F 247 -5.68 -80.70 50.99
N VAL F 248 -4.89 -81.24 51.92
CA VAL F 248 -4.14 -80.38 52.84
C VAL F 248 -3.12 -79.54 52.09
N GLN F 249 -2.48 -80.12 51.06
CA GLN F 249 -1.51 -79.36 50.29
C GLN F 249 -2.18 -78.19 49.56
N LYS F 250 -3.33 -78.43 48.92
CA LYS F 250 -4.00 -77.34 48.23
C LYS F 250 -4.56 -76.30 49.20
N ALA F 251 -5.00 -76.74 50.38
CA ALA F 251 -5.45 -75.79 51.40
C ALA F 251 -4.29 -74.92 51.89
N ARG F 252 -3.11 -75.52 52.05
CA ARG F 252 -1.94 -74.74 52.44
C ARG F 252 -1.56 -73.74 51.36
N ASP F 253 -1.66 -74.14 50.09
CA ASP F 253 -1.40 -73.20 49.01
C ASP F 253 -2.37 -72.03 49.05
N LEU F 254 -3.66 -72.30 49.26
CA LEU F 254 -4.64 -71.24 49.35
C LEU F 254 -4.37 -70.33 50.55
N ALA F 255 -4.01 -70.91 51.69
CA ALA F 255 -3.73 -70.11 52.88
C ALA F 255 -2.51 -69.22 52.66
N ALA F 256 -1.50 -69.73 51.95
CA ALA F 256 -0.37 -68.90 51.59
C ALA F 256 -0.79 -67.76 50.67
N ARG F 257 -1.67 -68.04 49.72
CA ARG F 257 -2.12 -67.00 48.78
C ARG F 257 -3.04 -65.98 49.44
N ILE F 258 -3.49 -66.20 50.67
CA ILE F 258 -4.39 -65.27 51.35
C ILE F 258 -3.77 -63.89 51.43
N MET G 25 -6.14 -86.72 3.10
CA MET G 25 -4.72 -86.86 3.41
C MET G 25 -4.17 -88.21 2.93
N GLU G 26 -4.66 -88.68 1.78
CA GLU G 26 -4.25 -89.99 1.28
C GLU G 26 -2.77 -90.02 0.88
N LYS G 27 -2.16 -88.86 0.64
CA LYS G 27 -0.74 -88.83 0.34
C LYS G 27 0.08 -89.36 1.51
N LEU G 28 -0.30 -89.00 2.73
CA LEU G 28 0.42 -89.47 3.91
C LEU G 28 0.20 -90.95 4.16
N GLU G 29 -0.99 -91.47 3.85
CA GLU G 29 -1.18 -92.92 3.92
C GLU G 29 -0.34 -93.65 2.87
N VAL G 30 -0.20 -93.07 1.68
CA VAL G 30 0.68 -93.64 0.68
C VAL G 30 2.13 -93.63 1.18
N ALA G 31 2.52 -92.54 1.84
CA ALA G 31 3.85 -92.47 2.44
C ALA G 31 4.05 -93.53 3.50
N VAL G 32 3.04 -93.78 4.34
CA VAL G 32 3.14 -94.80 5.36
C VAL G 32 3.29 -96.19 4.73
N GLU G 33 2.52 -96.46 3.67
CA GLU G 33 2.63 -97.73 2.97
C GLU G 33 4.02 -97.88 2.35
N HIS G 34 4.53 -96.82 1.76
CA HIS G 34 5.89 -96.86 1.28
C HIS G 34 6.89 -97.17 2.37
N LEU G 35 6.75 -96.53 3.54
CA LEU G 35 7.66 -96.79 4.66
C LEU G 35 7.62 -98.25 5.08
N LYS G 36 6.42 -98.85 5.12
CA LYS G 36 6.32 -100.27 5.38
C LYS G 36 7.05 -101.08 4.32
N GLU G 37 6.90 -100.69 3.05
CA GLU G 37 7.62 -101.36 1.97
C GLU G 37 9.12 -101.24 2.14
N ALA G 38 9.59 -100.07 2.57
CA ALA G 38 11.02 -99.86 2.81
C ALA G 38 11.53 -100.76 3.92
N ILE G 39 10.77 -100.90 5.01
CA ILE G 39 11.17 -101.79 6.08
C ILE G 39 11.26 -103.23 5.57
N GLU G 40 10.26 -103.65 4.79
CA GLU G 40 10.28 -105.00 4.23
C GLU G 40 11.47 -105.20 3.30
N LEU G 41 11.81 -104.17 2.52
CA LEU G 41 12.94 -104.28 1.60
C LEU G 41 14.27 -104.37 2.34
N ILE G 42 14.44 -103.57 3.39
CA ILE G 42 15.65 -103.69 4.21
C ILE G 42 15.72 -105.08 4.83
N GLU G 43 14.58 -105.63 5.25
CA GLU G 43 14.57 -106.99 5.79
C GLU G 43 14.99 -108.00 4.73
N LYS G 44 14.52 -107.83 3.49
CA LYS G 44 14.84 -108.78 2.44
C LYS G 44 16.32 -108.73 2.06
N GLY G 45 16.86 -107.53 1.85
CA GLY G 45 18.26 -107.38 1.52
C GLY G 45 18.54 -106.47 0.34
N GLU G 46 17.51 -105.84 -0.21
CA GLU G 46 17.67 -104.91 -1.32
C GLU G 46 17.85 -103.50 -0.76
N TYR G 47 19.11 -103.05 -0.70
CA TYR G 47 19.41 -101.75 -0.12
C TYR G 47 19.33 -100.61 -1.12
N VAL G 48 19.59 -100.88 -2.40
CA VAL G 48 19.43 -99.85 -3.42
C VAL G 48 17.97 -99.46 -3.55
N LYS G 49 17.09 -100.46 -3.60
CA LYS G 49 15.66 -100.18 -3.69
C LYS G 49 15.17 -99.46 -2.44
N ALA G 50 15.73 -99.80 -1.28
CA ALA G 50 15.38 -99.10 -0.05
C ALA G 50 15.79 -97.63 -0.09
N ASP G 51 17.00 -97.36 -0.61
CA ASP G 51 17.45 -95.97 -0.73
C ASP G 51 16.56 -95.19 -1.70
N LEU G 52 16.19 -95.81 -2.82
CA LEU G 52 15.32 -95.15 -3.78
C LEU G 52 13.93 -94.92 -3.20
N ILE G 53 13.41 -95.89 -2.43
CA ILE G 53 12.11 -95.71 -1.78
C ILE G 53 12.17 -94.57 -0.78
N LEU G 54 13.28 -94.44 -0.05
CA LEU G 54 13.40 -93.33 0.88
C LEU G 54 13.37 -91.99 0.15
N THR G 55 14.02 -91.92 -1.02
CA THR G 55 13.94 -90.71 -1.82
C THR G 55 12.49 -90.44 -2.27
N ASP G 56 11.77 -91.48 -2.67
CA ASP G 56 10.37 -91.31 -3.06
C ASP G 56 9.51 -90.82 -1.89
N ILE G 57 9.75 -91.36 -0.70
CA ILE G 57 9.00 -90.93 0.48
C ILE G 57 9.30 -89.47 0.79
N LEU G 58 10.56 -89.06 0.65
CA LEU G 58 10.90 -87.66 0.85
C LEU G 58 10.16 -86.78 -0.15
N ARG G 59 10.08 -87.21 -1.40
CA ARG G 59 9.35 -86.44 -2.41
C ARG G 59 7.87 -86.32 -2.04
N LEU G 60 7.26 -87.42 -1.58
CA LEU G 60 5.86 -87.39 -1.18
C LEU G 60 5.63 -86.43 -0.01
N LEU G 61 6.48 -86.51 1.01
CA LEU G 61 6.32 -85.65 2.18
C LEU G 61 6.53 -84.19 1.83
N GLU G 62 7.50 -83.89 0.96
CA GLU G 62 7.68 -82.52 0.50
C GLU G 62 6.48 -82.04 -0.30
N GLU G 63 5.84 -82.95 -1.06
CA GLU G 63 4.61 -82.60 -1.75
C GLU G 63 3.52 -82.22 -0.76
N GLU G 64 3.40 -82.96 0.34
CA GLU G 64 2.40 -82.63 1.34
C GLU G 64 2.72 -81.30 2.03
N GLY G 65 3.95 -81.14 2.50
CA GLY G 65 4.38 -79.86 3.06
C GLY G 65 4.42 -79.74 4.57
N VAL G 66 4.96 -80.75 5.25
CA VAL G 66 5.17 -80.71 6.69
C VAL G 66 6.67 -80.64 6.95
N LYS G 67 7.12 -79.54 7.55
CA LYS G 67 8.54 -79.22 7.61
C LYS G 67 9.30 -80.25 8.44
N SER G 68 8.79 -80.57 9.63
CA SER G 68 9.47 -81.51 10.50
C SER G 68 9.60 -82.87 9.84
N LEU G 69 8.53 -83.35 9.22
CA LEU G 69 8.59 -84.61 8.49
C LEU G 69 9.60 -84.53 7.35
N ILE G 70 9.70 -83.38 6.69
CA ILE G 70 10.61 -83.24 5.57
C ILE G 70 12.06 -83.36 6.02
N LYS G 71 12.43 -82.62 7.07
CA LYS G 71 13.81 -82.69 7.54
C LYS G 71 14.12 -84.07 8.10
N GLN G 72 13.15 -84.68 8.78
CA GLN G 72 13.35 -86.05 9.28
C GLN G 72 13.57 -87.02 8.13
N ALA G 73 12.84 -86.84 7.02
CA ALA G 73 12.99 -87.75 5.88
C ALA G 73 14.34 -87.57 5.20
N LYS G 74 14.81 -86.33 5.06
CA LYS G 74 16.12 -86.11 4.45
C LYS G 74 17.24 -86.72 5.31
N GLU G 75 17.22 -86.43 6.61
CA GLU G 75 18.25 -87.02 7.48
C GLU G 75 18.12 -88.54 7.52
N LEU G 76 16.89 -89.06 7.40
CA LEU G 76 16.72 -90.50 7.33
C LEU G 76 17.38 -91.08 6.10
N HIS G 77 17.20 -90.44 4.94
CA HIS G 77 17.85 -90.92 3.73
C HIS G 77 19.37 -91.00 3.91
N ILE G 78 19.96 -89.89 4.38
CA ILE G 78 21.42 -89.86 4.52
C ILE G 78 21.89 -90.92 5.52
N GLU G 79 21.28 -90.96 6.70
CA GLU G 79 21.76 -91.85 7.75
C GLU G 79 21.51 -93.31 7.43
N VAL G 80 20.39 -93.63 6.78
CA VAL G 80 20.12 -95.01 6.40
C VAL G 80 21.10 -95.46 5.32
N PHE G 81 21.43 -94.58 4.38
CA PHE G 81 22.45 -94.94 3.39
C PHE G 81 23.77 -95.26 4.09
N LYS G 82 24.19 -94.41 5.02
CA LYS G 82 25.44 -94.67 5.74
C LYS G 82 25.39 -95.98 6.52
N LEU G 83 24.30 -96.21 7.26
CA LEU G 83 24.19 -97.41 8.07
C LEU G 83 24.14 -98.67 7.24
N LEU G 84 23.41 -98.64 6.11
CA LEU G 84 23.39 -99.81 5.23
C LEU G 84 24.75 -100.05 4.60
N LYS G 85 25.52 -98.99 4.35
CA LYS G 85 26.91 -99.19 3.94
C LYS G 85 27.69 -99.91 5.04
N GLU G 86 27.55 -99.47 6.29
CA GLU G 86 28.29 -100.08 7.38
C GLU G 86 27.79 -101.48 7.71
N GLY G 87 26.49 -101.72 7.55
CA GLY G 87 25.90 -103.00 7.90
C GLY G 87 24.98 -102.99 9.11
N GLU G 88 24.63 -101.81 9.64
CA GLU G 88 23.75 -101.69 10.80
C GLU G 88 22.31 -101.72 10.31
N TYR G 89 21.82 -102.94 10.03
CA TYR G 89 20.46 -103.10 9.53
C TYR G 89 19.43 -102.70 10.57
N LYS G 90 19.65 -103.10 11.82
CA LYS G 90 18.67 -102.84 12.88
C LYS G 90 18.51 -101.35 13.14
N GLU G 91 19.62 -100.60 13.12
CA GLU G 91 19.53 -99.15 13.34
C GLU G 91 18.76 -98.46 12.22
N ALA G 92 18.99 -98.87 10.97
CA ALA G 92 18.26 -98.30 9.86
C ALA G 92 16.78 -98.63 9.95
N LYS G 93 16.46 -99.88 10.28
CA LYS G 93 15.06 -100.27 10.47
C LYS G 93 14.41 -99.46 11.57
N ALA G 94 15.14 -99.22 12.67
CA ALA G 94 14.61 -98.42 13.76
C ALA G 94 14.33 -97.00 13.31
N LEU G 95 15.23 -96.40 12.54
CA LEU G 95 15.00 -95.04 12.06
C LEU G 95 13.80 -94.96 11.13
N VAL G 96 13.65 -95.95 10.24
CA VAL G 96 12.49 -95.96 9.35
C VAL G 96 11.21 -96.13 10.14
N GLU G 97 11.22 -97.01 11.15
CA GLU G 97 10.04 -97.20 11.99
C GLU G 97 9.70 -95.94 12.77
N ALA G 98 10.72 -95.21 13.23
CA ALA G 98 10.48 -93.96 13.93
C ALA G 98 9.82 -92.94 13.02
N LEU G 99 10.30 -92.82 11.77
CA LEU G 99 9.65 -91.90 10.83
C LEU G 99 8.22 -92.33 10.53
N ARG G 100 7.99 -93.64 10.39
CA ARG G 100 6.65 -94.14 10.14
C ARG G 100 5.71 -93.77 11.28
N VAL G 101 6.15 -93.99 12.53
CA VAL G 101 5.34 -93.66 13.68
C VAL G 101 5.07 -92.17 13.75
N SER G 102 6.07 -91.36 13.41
CA SER G 102 5.89 -89.91 13.42
C SER G 102 4.83 -89.48 12.40
N VAL G 103 4.87 -90.05 11.20
CA VAL G 103 3.88 -89.69 10.18
C VAL G 103 2.48 -90.13 10.59
N GLU G 104 2.35 -91.36 11.09
CA GLU G 104 1.05 -91.83 11.55
C GLU G 104 0.51 -90.98 12.70
N LEU G 105 1.40 -90.56 13.61
CA LEU G 105 0.99 -89.70 14.71
C LEU G 105 0.52 -88.34 14.21
N TYR G 106 1.19 -87.79 13.20
CA TYR G 106 0.71 -86.54 12.61
C TYR G 106 -0.67 -86.72 12.01
N ILE G 107 -0.88 -87.83 11.30
CA ILE G 107 -2.19 -88.09 10.70
C ILE G 107 -3.26 -88.14 11.79
N LEU G 108 -2.99 -88.87 12.87
CA LEU G 108 -3.98 -89.02 13.93
C LEU G 108 -4.23 -87.70 14.66
N ILE G 109 -3.18 -86.89 14.84
CA ILE G 109 -3.37 -85.58 15.47
C ILE G 109 -4.26 -84.70 14.60
N LYS G 110 -4.03 -84.70 13.29
CA LYS G 110 -4.85 -83.88 12.41
C LYS G 110 -6.30 -84.35 12.42
N ARG G 111 -6.52 -85.67 12.37
CA ARG G 111 -7.89 -86.19 12.41
C ARG G 111 -8.56 -85.84 13.74
N GLY G 112 -7.85 -85.95 14.85
CA GLY G 112 -8.45 -85.62 16.14
C GLY G 112 -8.78 -84.15 16.27
N VAL G 113 -7.89 -83.28 15.82
CA VAL G 113 -8.14 -81.85 15.95
C VAL G 113 -9.29 -81.41 15.04
N ARG G 114 -9.32 -81.92 13.81
CA ARG G 114 -10.39 -81.55 12.89
C ARG G 114 -11.76 -82.01 13.42
N GLU G 115 -11.85 -83.27 13.83
CA GLU G 115 -13.08 -83.84 14.37
C GLU G 115 -13.46 -83.28 15.73
N GLY G 116 -12.69 -82.35 16.28
CA GLY G 116 -13.00 -81.81 17.60
C GLY G 116 -12.92 -82.84 18.70
N ARG G 117 -12.04 -83.84 18.57
CA ARG G 117 -11.91 -84.86 19.59
C ARG G 117 -11.33 -84.26 20.87
N PRO G 118 -11.67 -84.81 22.03
CA PRO G 118 -11.09 -84.30 23.28
C PRO G 118 -9.59 -84.55 23.33
N ILE G 119 -8.89 -83.65 24.02
CA ILE G 119 -7.45 -83.77 24.20
C ILE G 119 -7.12 -85.08 24.93
N GLU G 120 -8.01 -85.53 25.82
CA GLU G 120 -7.76 -86.72 26.62
C GLU G 120 -7.49 -87.95 25.75
N GLU G 121 -8.40 -88.23 24.81
CA GLU G 121 -8.25 -89.44 24.02
C GLU G 121 -7.12 -89.31 23.01
N ILE G 122 -6.86 -88.09 22.52
CA ILE G 122 -5.70 -87.88 21.66
C ILE G 122 -4.41 -88.23 22.41
N ALA G 123 -4.31 -87.75 23.65
CA ALA G 123 -3.12 -88.06 24.47
C ALA G 123 -3.00 -89.55 24.72
N ARG G 124 -4.11 -90.22 25.03
CA ARG G 124 -4.05 -91.66 25.24
C ARG G 124 -3.61 -92.40 23.99
N GLU G 125 -4.10 -91.97 22.83
CA GLU G 125 -3.70 -92.61 21.57
C GLU G 125 -2.21 -92.40 21.31
N VAL G 126 -1.71 -91.19 21.53
CA VAL G 126 -0.28 -90.92 21.33
C VAL G 126 0.56 -91.81 22.24
N GLY G 127 0.17 -91.90 23.51
CA GLY G 127 0.90 -92.77 24.43
C GLY G 127 0.88 -94.22 24.00
N ARG G 128 -0.28 -94.71 23.55
CA ARG G 128 -0.37 -96.10 23.10
C ARG G 128 0.54 -96.35 21.90
N LYS G 129 0.57 -95.41 20.95
CA LYS G 129 1.42 -95.58 19.79
C LYS G 129 2.89 -95.59 20.17
N LEU G 130 3.29 -94.69 21.07
CA LEU G 130 4.69 -94.66 21.51
C LEU G 130 5.07 -95.95 22.23
N VAL G 131 4.17 -96.48 23.06
CA VAL G 131 4.47 -97.72 23.77
C VAL G 131 4.58 -98.88 22.80
N GLU G 132 3.72 -98.91 21.78
CA GLU G 132 3.82 -99.99 20.79
C GLU G 132 5.13 -99.91 20.01
N LEU G 133 5.55 -98.70 19.65
CA LEU G 133 6.84 -98.55 18.98
C LEU G 133 7.98 -99.01 19.88
N ALA G 134 7.94 -98.65 21.16
CA ALA G 134 8.98 -99.06 22.09
C ALA G 134 9.03 -100.58 22.22
N LYS G 135 7.87 -101.22 22.30
CA LYS G 135 7.84 -102.68 22.38
C LYS G 135 8.40 -103.32 21.12
N ARG G 136 8.07 -102.76 19.95
CA ARG G 136 8.63 -103.27 18.70
C ARG G 136 10.14 -103.17 18.70
N LEU G 137 10.68 -102.00 19.04
CA LEU G 137 12.12 -101.80 19.02
C LEU G 137 12.81 -102.69 20.04
N GLU G 138 12.19 -102.90 21.20
CA GLU G 138 12.76 -103.81 22.19
C GLU G 138 12.79 -105.24 21.66
N LYS G 139 11.76 -105.64 20.93
CA LYS G 139 11.76 -106.97 20.31
C LYS G 139 12.87 -107.08 19.27
N GLU G 140 13.10 -106.01 18.50
CA GLU G 140 14.14 -106.06 17.48
C GLU G 140 15.52 -106.28 18.09
N GLY G 141 15.82 -105.59 19.19
CA GLY G 141 17.10 -105.73 19.84
C GLY G 141 17.81 -104.41 20.09
N ILE G 142 17.10 -103.31 19.83
CA ILE G 142 17.67 -101.99 20.08
C ILE G 142 17.66 -101.70 21.58
N SER G 143 18.77 -101.14 22.07
CA SER G 143 18.89 -100.86 23.49
C SER G 143 17.94 -99.75 23.91
N TRP G 144 17.71 -99.66 25.23
CA TRP G 144 16.68 -98.75 25.75
C TRP G 144 17.11 -97.29 25.68
N GLU G 145 18.42 -97.01 25.71
CA GLU G 145 18.88 -95.63 25.53
C GLU G 145 18.53 -95.12 24.14
N GLU G 146 18.78 -95.94 23.11
CA GLU G 146 18.41 -95.55 21.75
C GLU G 146 16.91 -95.42 21.61
N ILE G 147 16.15 -96.32 22.23
CA ILE G 147 14.69 -96.24 22.18
C ILE G 147 14.21 -94.93 22.79
N ILE G 148 14.76 -94.56 23.95
CA ILE G 148 14.36 -93.32 24.60
C ILE G 148 14.72 -92.12 23.74
N GLU G 149 15.91 -92.11 23.14
CA GLU G 149 16.30 -90.98 22.31
C GLU G 149 15.39 -90.85 21.09
N LEU G 150 15.06 -91.97 20.44
CA LEU G 150 14.12 -91.93 19.32
C LEU G 150 12.76 -91.40 19.77
N ILE G 151 12.30 -91.85 20.94
CA ILE G 151 11.00 -91.41 21.44
C ILE G 151 11.00 -89.91 21.70
N GLU G 152 12.08 -89.37 22.27
CA GLU G 152 12.14 -87.93 22.51
C GLU G 152 12.22 -87.14 21.22
N ARG G 153 12.90 -87.66 20.19
CA ARG G 153 12.86 -86.98 18.90
C ARG G 153 11.45 -86.94 18.34
N ILE G 154 10.73 -88.06 18.44
CA ILE G 154 9.34 -88.09 18.00
C ILE G 154 8.49 -87.12 18.81
N LEU G 155 8.79 -87.00 20.11
CA LEU G 155 8.03 -86.08 20.96
C LEU G 155 8.27 -84.63 20.59
N GLU G 156 9.51 -84.28 20.23
CA GLU G 156 9.78 -82.92 19.75
C GLU G 156 9.05 -82.65 18.44
N SER G 157 9.01 -83.65 17.55
CA SER G 157 8.23 -83.50 16.32
C SER G 157 6.76 -83.29 16.63
N ILE G 158 6.23 -84.05 17.59
CA ILE G 158 4.83 -83.90 18.00
C ILE G 158 4.58 -82.51 18.57
N ARG G 159 5.52 -82.01 19.37
CA ARG G 159 5.37 -80.67 19.92
C ARG G 159 5.29 -79.62 18.82
N GLU G 160 6.17 -79.73 17.82
CA GLU G 160 6.10 -78.78 16.70
C GLU G 160 4.79 -78.90 15.94
N ILE G 161 4.33 -80.13 15.69
CA ILE G 161 3.08 -80.34 14.96
C ILE G 161 1.91 -79.74 15.72
N LEU G 162 1.86 -79.99 17.03
CA LEU G 162 0.77 -79.46 17.85
C LEU G 162 0.79 -77.94 17.90
N LYS G 163 1.98 -77.35 18.01
CA LYS G 163 2.09 -75.90 17.96
C LYS G 163 1.62 -75.35 16.62
N GLU G 164 1.82 -76.11 15.55
CA GLU G 164 1.34 -75.67 14.23
C GLU G 164 -0.18 -75.59 14.20
N GLU G 165 -0.86 -76.54 14.84
CA GLU G 165 -2.33 -76.57 14.82
C GLU G 165 -2.97 -75.45 15.63
N GLY G 166 -2.18 -74.55 16.21
CA GLY G 166 -2.74 -73.47 17.00
C GLY G 166 -3.17 -73.83 18.39
N LEU G 167 -2.83 -75.02 18.88
CA LEU G 167 -3.18 -75.39 20.24
C LEU G 167 -2.37 -74.58 21.23
N PRO G 168 -2.94 -74.21 22.36
CA PRO G 168 -2.17 -73.48 23.39
C PRO G 168 -1.21 -74.41 24.12
N GLU G 169 -0.32 -73.79 24.89
CA GLU G 169 0.78 -74.53 25.51
C GLU G 169 0.30 -75.54 26.55
N SER G 170 -0.82 -75.27 27.21
CA SER G 170 -1.27 -76.12 28.30
C SER G 170 -1.63 -77.52 27.81
N GLU G 171 -2.43 -77.60 26.75
CA GLU G 171 -2.82 -78.92 26.23
C GLU G 171 -1.63 -79.64 25.59
N ILE G 172 -0.74 -78.90 24.95
CA ILE G 172 0.46 -79.52 24.38
C ILE G 172 1.29 -80.16 25.48
N ASN G 173 1.52 -79.42 26.56
CA ASN G 173 2.28 -79.95 27.68
C ASN G 173 1.56 -81.14 28.32
N ARG G 174 0.23 -81.08 28.40
CA ARG G 174 -0.53 -82.18 28.96
C ARG G 174 -0.35 -83.45 28.13
N ILE G 175 -0.47 -83.33 26.81
CA ILE G 175 -0.32 -84.49 25.93
C ILE G 175 1.08 -85.07 26.03
N LEU G 176 2.09 -84.20 26.00
CA LEU G 176 3.47 -84.67 26.07
C LEU G 176 3.75 -85.37 27.40
N ALA G 177 3.28 -84.78 28.51
CA ALA G 177 3.47 -85.38 29.81
C ALA G 177 2.79 -86.74 29.90
N VAL G 178 1.58 -86.86 29.36
CA VAL G 178 0.86 -88.13 29.39
C VAL G 178 1.63 -89.20 28.60
N SER G 179 2.14 -88.84 27.42
CA SER G 179 2.89 -89.80 26.63
C SER G 179 4.16 -90.26 27.34
N ILE G 180 4.91 -89.31 27.90
CA ILE G 180 6.11 -89.66 28.64
C ILE G 180 5.77 -90.57 29.81
N LEU G 181 4.68 -90.25 30.53
CA LEU G 181 4.29 -91.06 31.66
C LEU G 181 3.84 -92.45 31.25
N GLU G 182 3.25 -92.59 30.06
CA GLU G 182 2.88 -93.93 29.59
C GLU G 182 4.11 -94.76 29.28
N VAL G 183 5.13 -94.16 28.67
CA VAL G 183 6.38 -94.87 28.45
C VAL G 183 7.01 -95.27 29.79
N ALA G 184 7.01 -94.35 30.75
CA ALA G 184 7.53 -94.65 32.08
C ALA G 184 6.74 -95.75 32.76
N LYS G 185 5.42 -95.78 32.55
CA LYS G 185 4.59 -96.84 33.12
C LYS G 185 4.95 -98.18 32.53
N TYR G 186 5.20 -98.24 31.22
CA TYR G 186 5.65 -99.49 30.62
C TYR G 186 6.97 -99.94 31.23
N LEU G 187 7.90 -99.00 31.43
CA LEU G 187 9.17 -99.34 32.05
C LEU G 187 8.97 -99.87 33.47
N LEU G 188 8.08 -99.24 34.25
CA LEU G 188 7.82 -99.69 35.61
C LEU G 188 7.21 -101.08 35.62
N GLU G 189 6.29 -101.36 34.68
CA GLU G 189 5.72 -102.70 34.57
C GLU G 189 6.80 -103.72 34.25
N LYS G 190 7.73 -103.37 33.36
CA LYS G 190 8.85 -104.27 33.09
C LYS G 190 9.68 -104.53 34.35
N LEU G 191 9.97 -103.46 35.11
CA LEU G 191 10.75 -103.63 36.33
C LEU G 191 10.01 -104.46 37.38
N GLY G 192 8.71 -104.26 37.52
CA GLY G 192 7.92 -105.03 38.47
C GLY G 192 7.56 -104.28 39.73
N PHE G 193 7.29 -102.99 39.60
CA PHE G 193 6.89 -102.13 40.72
C PHE G 193 5.43 -101.75 40.51
N ASP G 194 4.53 -102.58 41.04
CA ASP G 194 3.10 -102.42 40.76
C ASP G 194 2.51 -101.18 41.44
N TYR G 195 2.91 -100.92 42.68
CA TYR G 195 2.36 -99.78 43.40
C TYR G 195 2.70 -98.46 42.72
N LEU G 196 3.96 -98.32 42.28
CA LEU G 196 4.34 -97.14 41.51
C LEU G 196 3.56 -97.05 40.21
N VAL G 197 3.24 -98.19 39.61
CA VAL G 197 2.40 -98.19 38.42
C VAL G 197 1.04 -97.58 38.74
N GLU G 198 0.41 -98.05 39.82
CA GLU G 198 -0.92 -97.54 40.20
C GLU G 198 -0.88 -96.05 40.48
N LEU G 199 0.12 -95.58 41.22
CA LEU G 199 0.27 -94.15 41.43
C LEU G 199 0.45 -93.41 40.11
N LEU G 200 1.10 -94.06 39.13
CA LEU G 200 1.28 -93.43 37.83
C LEU G 200 -0.04 -93.30 37.08
N ASP G 201 -0.90 -94.33 37.13
CA ASP G 201 -2.23 -94.17 36.52
C ASP G 201 -3.01 -93.06 37.23
N ARG G 202 -2.91 -92.97 38.55
CA ARG G 202 -3.59 -91.89 39.25
C ARG G 202 -3.12 -90.52 38.77
N ALA G 203 -1.80 -90.35 38.65
CA ALA G 203 -1.26 -89.08 38.19
C ALA G 203 -1.66 -88.79 36.75
N ILE G 204 -1.68 -89.81 35.89
CA ILE G 204 -2.07 -89.63 34.50
C ILE G 204 -3.53 -89.19 34.41
N GLU G 205 -4.41 -89.83 35.20
CA GLU G 205 -5.81 -89.43 35.23
C GLU G 205 -5.96 -87.99 35.71
N TYR G 206 -5.21 -87.60 36.73
CA TYR G 206 -5.29 -86.23 37.22
C TYR G 206 -4.82 -85.23 36.18
N ILE G 207 -3.75 -85.57 35.46
CA ILE G 207 -3.28 -84.69 34.37
C ILE G 207 -4.33 -84.57 33.29
N LEU G 208 -4.95 -85.70 32.92
CA LEU G 208 -5.92 -85.71 31.82
C LEU G 208 -7.18 -84.93 32.19
N LYS G 209 -7.64 -85.05 33.43
CA LYS G 209 -8.83 -84.34 33.87
C LYS G 209 -8.60 -82.85 34.09
N GLY G 210 -7.36 -82.38 34.04
CA GLY G 210 -7.06 -80.98 34.18
C GLY G 210 -6.51 -80.56 35.53
N ARG G 211 -6.55 -81.45 36.52
CA ARG G 211 -6.08 -81.14 37.87
C ARG G 211 -4.56 -81.24 37.89
N SER G 212 -3.89 -80.10 37.76
CA SER G 212 -2.45 -80.06 37.54
C SER G 212 -1.64 -80.10 38.83
N GLU G 213 -2.04 -79.30 39.83
CA GLU G 213 -1.25 -79.21 41.06
C GLU G 213 -1.26 -80.52 41.83
N LEU G 214 -2.41 -81.19 41.89
CA LEU G 214 -2.47 -82.51 42.52
C LEU G 214 -1.56 -83.49 41.80
N ALA G 215 -1.55 -83.42 40.46
CA ALA G 215 -0.68 -84.30 39.69
C ALA G 215 0.79 -84.01 39.97
N VAL G 216 1.15 -82.73 40.12
CA VAL G 216 2.54 -82.36 40.41
C VAL G 216 2.94 -82.91 41.78
N HIS G 217 2.07 -82.78 42.77
CA HIS G 217 2.39 -83.32 44.09
C HIS G 217 2.53 -84.85 44.05
N LEU G 218 1.63 -85.51 43.31
CA LEU G 218 1.72 -86.96 43.15
C LEU G 218 3.02 -87.35 42.47
N LEU G 219 3.44 -86.58 41.47
CA LEU G 219 4.68 -86.87 40.76
C LEU G 219 5.89 -86.65 41.66
N ASP G 220 5.83 -85.65 42.55
CA ASP G 220 6.88 -85.47 43.54
C ASP G 220 7.00 -86.67 44.45
N ASP G 221 5.86 -87.19 44.94
CA ASP G 221 5.89 -88.37 45.78
C ASP G 221 6.43 -89.59 45.03
N ILE G 222 6.04 -89.72 43.76
CA ILE G 222 6.53 -90.83 42.93
C ILE G 222 8.03 -90.72 42.74
N ILE G 223 8.53 -89.50 42.52
CA ILE G 223 9.96 -89.28 42.33
C ILE G 223 10.72 -89.66 43.60
N ARG G 224 10.19 -89.28 44.77
CA ARG G 224 10.83 -89.67 46.02
C ARG G 224 10.87 -91.19 46.18
N ARG G 225 9.77 -91.86 45.84
CA ARG G 225 9.75 -93.32 45.95
C ARG G 225 10.75 -93.97 44.98
N VAL G 226 10.86 -93.42 43.76
CA VAL G 226 11.79 -93.96 42.79
C VAL G 226 13.23 -93.78 43.27
N HIS G 227 13.55 -92.61 43.82
CA HIS G 227 14.88 -92.39 44.35
C HIS G 227 15.17 -93.33 45.52
N GLU G 228 14.18 -93.59 46.36
CA GLU G 228 14.35 -94.57 47.43
C GLU G 228 14.66 -95.95 46.88
N GLU G 229 13.96 -96.36 45.82
CA GLU G 229 14.22 -97.65 45.21
C GLU G 229 15.63 -97.72 44.63
N ILE G 230 16.06 -96.64 43.96
CA ILE G 230 17.40 -96.60 43.37
C ILE G 230 18.45 -96.72 44.47
N GLU G 231 18.26 -95.97 45.57
CA GLU G 231 19.19 -96.04 46.69
C GLU G 231 19.22 -97.43 47.31
N ARG G 232 18.07 -98.10 47.35
CA ARG G 232 18.04 -99.47 47.85
C ARG G 232 18.84 -100.41 46.96
N TYR G 233 18.77 -100.21 45.64
CA TYR G 233 19.48 -101.10 44.73
C TYR G 233 20.99 -101.03 44.91
N GLY G 234 21.52 -99.84 45.09
CA GLY G 234 22.94 -99.68 45.40
C GLY G 234 23.77 -99.51 44.13
N ASP G 235 24.71 -100.44 43.92
CA ASP G 235 25.61 -100.39 42.77
C ASP G 235 25.12 -101.21 41.59
N ASP G 236 24.08 -102.02 41.76
CA ASP G 236 23.57 -102.89 40.71
C ASP G 236 22.28 -102.36 40.10
N VAL G 237 22.15 -101.04 39.98
CA VAL G 237 20.92 -100.43 39.48
C VAL G 237 20.75 -100.73 38.01
N PRO G 238 19.64 -101.33 37.61
CA PRO G 238 19.38 -101.51 36.17
C PRO G 238 19.14 -100.17 35.48
N GLU G 239 19.49 -100.13 34.20
CA GLU G 239 19.36 -98.89 33.42
C GLU G 239 17.91 -98.45 33.25
N GLU G 240 16.97 -99.40 33.31
CA GLU G 240 15.56 -99.03 33.18
C GLU G 240 15.12 -98.13 34.32
N LEU G 241 15.64 -98.36 35.52
CA LEU G 241 15.29 -97.50 36.66
C LEU G 241 15.78 -96.08 36.46
N LEU G 242 16.99 -95.91 35.94
CA LEU G 242 17.52 -94.56 35.70
C LEU G 242 16.76 -93.86 34.59
N LEU G 243 16.44 -94.59 33.51
CA LEU G 243 15.66 -94.00 32.44
C LEU G 243 14.27 -93.61 32.93
N LEU G 244 13.66 -94.45 33.76
CA LEU G 244 12.38 -94.13 34.36
C LEU G 244 12.46 -92.88 35.24
N ASP G 245 13.53 -92.77 36.03
CA ASP G 245 13.75 -91.58 36.83
C ASP G 245 13.78 -90.33 35.96
N LEU G 246 14.57 -90.36 34.89
CA LEU G 246 14.66 -89.20 34.00
C LEU G 246 13.31 -88.88 33.37
N LEU G 247 12.58 -89.91 32.93
CA LEU G 247 11.30 -89.70 32.29
C LEU G 247 10.30 -89.07 33.24
N VAL G 248 10.21 -89.58 34.47
CA VAL G 248 9.26 -89.04 35.43
C VAL G 248 9.64 -87.61 35.79
N GLN G 249 10.94 -87.32 35.90
CA GLN G 249 11.35 -85.95 36.21
C GLN G 249 10.95 -84.99 35.10
N LYS G 250 11.18 -85.36 33.84
CA LYS G 250 10.81 -84.46 32.75
C LYS G 250 9.29 -84.33 32.62
N ALA G 251 8.55 -85.40 32.91
CA ALA G 251 7.09 -85.33 32.90
C ALA G 251 6.59 -84.40 34.01
N ARG G 252 7.22 -84.46 35.18
CA ARG G 252 6.85 -83.54 36.26
C ARG G 252 7.15 -82.09 35.88
N ASP G 253 8.28 -81.86 35.21
CA ASP G 253 8.58 -80.50 34.74
C ASP G 253 7.52 -80.01 33.76
N LEU G 254 7.11 -80.87 32.81
CA LEU G 254 6.06 -80.49 31.86
C LEU G 254 4.74 -80.23 32.57
N ALA G 255 4.39 -81.07 33.55
CA ALA G 255 3.14 -80.87 34.27
C ALA G 255 3.16 -79.57 35.06
N ALA G 256 4.30 -79.22 35.63
CA ALA G 256 4.43 -77.92 36.28
C ALA G 256 4.26 -76.79 35.29
N ARG G 257 4.84 -76.92 34.09
CA ARG G 257 4.73 -75.87 33.09
C ARG G 257 3.34 -75.76 32.48
N ILE G 258 2.43 -76.70 32.76
CA ILE G 258 1.08 -76.67 32.20
C ILE G 258 0.38 -75.36 32.56
N MET H 25 48.45 -71.63 9.34
CA MET H 25 48.78 -71.31 10.72
C MET H 25 50.12 -71.90 11.14
N GLU H 26 51.09 -71.94 10.21
CA GLU H 26 52.38 -72.55 10.50
C GLU H 26 53.17 -71.78 11.55
N LYS H 27 52.84 -70.51 11.77
CA LYS H 27 53.50 -69.75 12.83
C LYS H 27 53.25 -70.36 14.19
N LEU H 28 52.02 -70.81 14.44
CA LEU H 28 51.70 -71.41 15.73
C LEU H 28 52.34 -72.79 15.88
N GLU H 29 52.49 -73.55 14.79
CA GLU H 29 53.25 -74.79 14.87
C GLU H 29 54.73 -74.53 15.17
N VAL H 30 55.28 -73.45 14.59
CA VAL H 30 56.65 -73.07 14.92
C VAL H 30 56.75 -72.68 16.39
N ALA H 31 55.75 -71.98 16.91
CA ALA H 31 55.71 -71.65 18.32
C ALA H 31 55.65 -72.90 19.20
N VAL H 32 54.86 -73.89 18.79
CA VAL H 32 54.78 -75.14 19.55
C VAL H 32 56.12 -75.86 19.56
N GLU H 33 56.79 -75.89 18.41
CA GLU H 33 58.12 -76.50 18.35
C GLU H 33 59.12 -75.77 19.22
N HIS H 34 59.06 -74.44 19.20
CA HIS H 34 59.87 -73.68 20.11
C HIS H 34 59.61 -74.03 21.56
N LEU H 35 58.33 -74.12 21.94
CA LEU H 35 57.98 -74.47 23.32
C LEU H 35 58.55 -75.83 23.71
N LYS H 36 58.48 -76.79 22.81
CA LYS H 36 59.13 -78.08 23.07
C LYS H 36 60.63 -77.91 23.27
N GLU H 37 61.25 -77.07 22.43
CA GLU H 37 62.68 -76.80 22.59
C GLU H 37 62.98 -76.15 23.94
N ALA H 38 62.11 -75.24 24.38
CA ALA H 38 62.28 -74.59 25.68
C ALA H 38 62.20 -75.60 26.83
N ILE H 39 61.24 -76.53 26.75
CA ILE H 39 61.14 -77.57 27.77
C ILE H 39 62.41 -78.41 27.80
N GLU H 40 62.90 -78.80 26.61
CA GLU H 40 64.13 -79.58 26.56
C GLU H 40 65.32 -78.80 27.12
N LEU H 41 65.37 -77.50 26.85
CA LEU H 41 66.47 -76.68 27.36
C LEU H 41 66.43 -76.55 28.87
N ILE H 42 65.24 -76.34 29.44
CA ILE H 42 65.11 -76.31 30.89
C ILE H 42 65.54 -77.65 31.48
N GLU H 43 65.19 -78.75 30.81
CA GLU H 43 65.62 -80.06 31.28
C GLU H 43 67.14 -80.19 31.25
N LYS H 44 67.78 -79.67 30.19
CA LYS H 44 69.23 -79.79 30.07
C LYS H 44 69.95 -78.96 31.12
N GLY H 45 69.55 -77.70 31.28
CA GLY H 45 70.17 -76.84 32.28
C GLY H 45 70.55 -75.47 31.79
N GLU H 46 70.23 -75.15 30.54
CA GLU H 46 70.52 -73.83 29.97
C GLU H 46 69.32 -72.93 30.19
N TYR H 47 69.41 -72.08 31.22
CA TYR H 47 68.30 -71.21 31.59
C TYR H 47 68.30 -69.89 30.84
N VAL H 48 69.48 -69.39 30.46
CA VAL H 48 69.54 -68.18 29.64
C VAL H 48 68.92 -68.43 28.27
N LYS H 49 69.28 -69.55 27.65
CA LYS H 49 68.70 -69.88 26.36
C LYS H 49 67.20 -70.11 26.47
N ALA H 50 66.75 -70.68 27.59
CA ALA H 50 65.31 -70.86 27.82
C ALA H 50 64.59 -69.51 27.92
N ASP H 51 65.19 -68.56 28.64
CA ASP H 51 64.60 -67.23 28.76
C ASP H 51 64.51 -66.55 27.40
N LEU H 52 65.59 -66.65 26.60
CA LEU H 52 65.59 -66.07 25.27
C LEU H 52 64.59 -66.73 24.36
N ILE H 53 64.44 -68.06 24.45
CA ILE H 53 63.44 -68.77 23.67
C ILE H 53 62.04 -68.32 24.04
N LEU H 54 61.80 -68.09 25.34
CA LEU H 54 60.49 -67.61 25.75
C LEU H 54 60.20 -66.25 25.16
N THR H 55 61.21 -65.37 25.10
CA THR H 55 61.03 -64.08 24.44
C THR H 55 60.71 -64.26 22.94
N ASP H 56 61.40 -65.19 22.28
CA ASP H 56 61.11 -65.46 20.87
C ASP H 56 59.70 -65.97 20.68
N ILE H 57 59.24 -66.86 21.55
CA ILE H 57 57.88 -67.40 21.47
C ILE H 57 56.86 -66.27 21.66
N LEU H 58 57.14 -65.36 22.59
CA LEU H 58 56.25 -64.21 22.78
C LEU H 58 56.18 -63.38 21.51
N ARG H 59 57.34 -63.15 20.86
CA ARG H 59 57.35 -62.40 19.61
C ARG H 59 56.53 -63.09 18.53
N LEU H 60 56.67 -64.41 18.41
CA LEU H 60 55.89 -65.17 17.43
C LEU H 60 54.40 -65.04 17.69
N LEU H 61 53.98 -65.24 18.95
CA LEU H 61 52.57 -65.18 19.28
C LEU H 61 51.99 -63.79 19.05
N GLU H 62 52.77 -62.76 19.38
CA GLU H 62 52.31 -61.39 19.10
C GLU H 62 52.23 -61.14 17.61
N GLU H 63 53.10 -61.76 16.82
CA GLU H 63 52.99 -61.68 15.37
C GLU H 63 51.69 -62.30 14.88
N GLU H 64 51.31 -63.45 15.46
CA GLU H 64 50.04 -64.07 15.07
C GLU H 64 48.85 -63.22 15.49
N GLY H 65 48.81 -62.80 16.75
CA GLY H 65 47.78 -61.88 17.21
C GLY H 65 46.63 -62.48 18.00
N VAL H 66 46.91 -63.36 18.95
CA VAL H 66 45.91 -63.90 19.86
C VAL H 66 46.18 -63.35 21.25
N LYS H 67 45.21 -62.59 21.77
CA LYS H 67 45.46 -61.77 22.96
C LYS H 67 45.73 -62.63 24.19
N SER H 68 44.89 -63.66 24.40
CA SER H 68 45.06 -64.52 25.57
C SER H 68 46.41 -65.22 25.55
N LEU H 69 46.79 -65.75 24.38
CA LEU H 69 48.11 -66.36 24.25
C LEU H 69 49.22 -65.35 24.51
N ILE H 70 49.03 -64.11 24.10
CA ILE H 70 50.06 -63.10 24.27
C ILE H 70 50.27 -62.79 25.75
N LYS H 71 49.19 -62.54 26.49
CA LYS H 71 49.34 -62.24 27.92
C LYS H 71 49.89 -63.45 28.67
N GLN H 72 49.45 -64.66 28.28
CA GLN H 72 49.97 -65.86 28.89
C GLN H 72 51.47 -66.00 28.65
N ALA H 73 51.93 -65.64 27.44
CA ALA H 73 53.34 -65.76 27.12
C ALA H 73 54.18 -64.74 27.90
N LYS H 74 53.67 -63.51 28.04
CA LYS H 74 54.42 -62.51 28.81
C LYS H 74 54.53 -62.91 30.27
N GLU H 75 53.41 -63.30 30.88
CA GLU H 75 53.48 -63.74 32.27
C GLU H 75 54.32 -64.99 32.42
N LEU H 76 54.33 -65.86 31.39
CA LEU H 76 55.19 -67.03 31.42
C LEU H 76 56.65 -66.63 31.44
N HIS H 77 57.04 -65.66 30.61
CA HIS H 77 58.43 -65.21 30.61
C HIS H 77 58.83 -64.72 32.00
N ILE H 78 58.03 -63.82 32.58
CA ILE H 78 58.38 -63.26 33.88
C ILE H 78 58.46 -64.35 34.95
N GLU H 79 57.42 -65.19 35.05
CA GLU H 79 57.37 -66.16 36.12
C GLU H 79 58.41 -67.26 35.96
N VAL H 80 58.70 -67.67 34.72
CA VAL H 80 59.72 -68.69 34.52
C VAL H 80 61.10 -68.13 34.86
N PHE H 81 61.36 -66.86 34.53
CA PHE H 81 62.62 -66.26 34.95
C PHE H 81 62.76 -66.28 36.46
N LYS H 82 61.70 -65.88 37.17
CA LYS H 82 61.75 -65.89 38.63
C LYS H 82 61.95 -67.31 39.18
N LEU H 83 61.20 -68.28 38.66
CA LEU H 83 61.30 -69.65 39.16
C LEU H 83 62.66 -70.26 38.89
N LEU H 84 63.22 -70.02 37.70
CA LEU H 84 64.55 -70.53 37.39
C LEU H 84 65.61 -69.86 38.26
N LYS H 85 65.40 -68.59 38.63
CA LYS H 85 66.27 -67.97 39.63
C LYS H 85 66.18 -68.73 40.96
N GLU H 86 64.95 -69.02 41.40
CA GLU H 86 64.78 -69.69 42.69
C GLU H 86 65.22 -71.15 42.63
N GLY H 87 65.06 -71.81 41.49
CA GLY H 87 65.39 -73.21 41.35
C GLY H 87 64.21 -74.15 41.19
N GLU H 88 63.00 -73.62 40.99
CA GLU H 88 61.79 -74.44 40.82
C GLU H 88 61.69 -74.84 39.35
N TYR H 89 62.47 -75.86 38.98
CA TYR H 89 62.49 -76.32 37.59
C TYR H 89 61.15 -76.92 37.19
N LYS H 90 60.55 -77.73 38.07
CA LYS H 90 59.31 -78.42 37.74
C LYS H 90 58.16 -77.45 37.52
N GLU H 91 58.09 -76.40 38.34
CA GLU H 91 57.03 -75.40 38.16
C GLU H 91 57.17 -74.67 36.84
N ALA H 92 58.39 -74.31 36.46
CA ALA H 92 58.62 -73.65 35.18
C ALA H 92 58.27 -74.57 34.02
N LYS H 93 58.67 -75.84 34.10
CA LYS H 93 58.32 -76.80 33.07
C LYS H 93 56.81 -76.96 32.96
N ALA H 94 56.12 -76.98 34.11
CA ALA H 94 54.66 -77.08 34.09
C ALA H 94 54.02 -75.88 33.42
N LEU H 95 54.53 -74.67 33.69
CA LEU H 95 53.96 -73.49 33.06
C LEU H 95 54.20 -73.50 31.55
N VAL H 96 55.39 -73.91 31.12
CA VAL H 96 55.66 -73.99 29.69
C VAL H 96 54.77 -75.03 29.02
N GLU H 97 54.58 -76.18 29.68
CA GLU H 97 53.71 -77.21 29.14
C GLU H 97 52.26 -76.72 29.06
N ALA H 98 51.82 -75.95 30.06
CA ALA H 98 50.48 -75.40 30.02
C ALA H 98 50.30 -74.45 28.84
N LEU H 99 51.28 -73.59 28.59
CA LEU H 99 51.19 -72.70 27.43
C LEU H 99 51.20 -73.49 26.13
N ARG H 100 52.03 -74.54 26.06
CA ARG H 100 52.06 -75.37 24.87
C ARG H 100 50.71 -76.02 24.60
N VAL H 101 50.09 -76.58 25.64
CA VAL H 101 48.79 -77.21 25.49
C VAL H 101 47.75 -76.18 25.08
N SER H 102 47.82 -74.97 25.63
CA SER H 102 46.87 -73.93 25.26
C SER H 102 47.00 -73.55 23.78
N VAL H 103 48.24 -73.43 23.28
CA VAL H 103 48.44 -73.08 21.88
C VAL H 103 47.94 -74.20 20.96
N GLU H 104 48.28 -75.45 21.30
CA GLU H 104 47.81 -76.57 20.49
C GLU H 104 46.28 -76.66 20.50
N LEU H 105 45.66 -76.39 21.65
CA LEU H 105 44.21 -76.40 21.73
C LEU H 105 43.59 -75.31 20.88
N TYR H 106 44.21 -74.12 20.85
CA TYR H 106 43.71 -73.08 19.96
C TYR H 106 43.80 -73.50 18.51
N ILE H 107 44.92 -74.13 18.14
CA ILE H 107 45.08 -74.60 16.76
C ILE H 107 43.97 -75.59 16.42
N LEU H 108 43.73 -76.55 17.31
CA LEU H 108 42.73 -77.58 17.03
C LEU H 108 41.32 -76.99 16.99
N ILE H 109 41.04 -76.01 17.85
CA ILE H 109 39.73 -75.36 17.81
C ILE H 109 39.52 -74.65 16.49
N LYS H 110 40.55 -73.92 16.01
CA LYS H 110 40.41 -73.23 14.74
C LYS H 110 40.22 -74.20 13.59
N ARG H 111 40.99 -75.30 13.58
CA ARG H 111 40.82 -76.30 12.53
C ARG H 111 39.43 -76.92 12.57
N GLY H 112 38.93 -77.23 13.76
CA GLY H 112 37.61 -77.82 13.87
C GLY H 112 36.50 -76.88 13.43
N VAL H 113 36.60 -75.61 13.82
CA VAL H 113 35.55 -74.66 13.46
C VAL H 113 35.56 -74.38 11.96
N ARG H 114 36.75 -74.21 11.38
CA ARG H 114 36.84 -73.94 9.95
C ARG H 114 36.29 -75.11 9.14
N GLU H 115 36.73 -76.33 9.46
CA GLU H 115 36.28 -77.54 8.77
C GLU H 115 34.83 -77.89 9.05
N GLY H 116 34.12 -77.10 9.86
CA GLY H 116 32.74 -77.44 10.19
C GLY H 116 32.59 -78.72 10.96
N ARG H 117 33.57 -79.06 11.78
CA ARG H 117 33.50 -80.29 12.57
C ARG H 117 32.41 -80.17 13.63
N PRO H 118 31.78 -81.28 14.00
CA PRO H 118 30.77 -81.23 15.06
C PRO H 118 31.37 -80.82 16.40
N ILE H 119 30.55 -80.14 17.21
CA ILE H 119 30.97 -79.73 18.54
C ILE H 119 31.34 -80.94 19.39
N GLU H 120 30.69 -82.08 19.14
CA GLU H 120 30.91 -83.28 19.95
C GLU H 120 32.37 -83.71 19.91
N GLU H 121 32.92 -83.89 18.71
CA GLU H 121 34.29 -84.39 18.61
C GLU H 121 35.31 -83.35 19.04
N ILE H 122 35.01 -82.06 18.82
CA ILE H 122 35.88 -81.01 19.34
C ILE H 122 35.98 -81.10 20.86
N ALA H 123 34.82 -81.26 21.52
CA ALA H 123 34.80 -81.38 22.98
C ALA H 123 35.56 -82.62 23.44
N ARG H 124 35.38 -83.74 22.75
CA ARG H 124 36.13 -84.95 23.12
C ARG H 124 37.62 -84.74 22.97
N GLU H 125 38.05 -84.08 21.90
CA GLU H 125 39.47 -83.82 21.70
C GLU H 125 40.03 -82.92 22.79
N VAL H 126 39.29 -81.87 23.15
CA VAL H 126 39.74 -80.97 24.21
C VAL H 126 39.90 -81.73 25.53
N GLY H 127 38.91 -82.57 25.86
CA GLY H 127 39.01 -83.37 27.07
C GLY H 127 40.20 -84.31 27.06
N ARG H 128 40.44 -84.96 25.91
CA ARG H 128 41.57 -85.87 25.82
C ARG H 128 42.90 -85.14 26.01
N LYS H 129 43.02 -83.95 25.41
CA LYS H 129 44.25 -83.16 25.56
C LYS H 129 44.47 -82.75 27.01
N LEU H 130 43.39 -82.30 27.68
CA LEU H 130 43.52 -81.89 29.08
C LEU H 130 43.90 -83.08 29.95
N VAL H 131 43.33 -84.26 29.70
CA VAL H 131 43.66 -85.43 30.50
C VAL H 131 45.12 -85.84 30.27
N GLU H 132 45.59 -85.75 29.03
CA GLU H 132 46.99 -86.08 28.76
C GLU H 132 47.93 -85.11 29.46
N LEU H 133 47.61 -83.82 29.45
CA LEU H 133 48.42 -82.85 30.20
C LEU H 133 48.42 -83.16 31.69
N ALA H 134 47.25 -83.49 32.25
CA ALA H 134 47.18 -83.81 33.67
C ALA H 134 48.02 -85.03 34.00
N LYS H 135 47.98 -86.06 33.15
CA LYS H 135 48.80 -87.24 33.38
C LYS H 135 50.28 -86.92 33.32
N ARG H 136 50.68 -86.08 32.35
CA ARG H 136 52.07 -85.66 32.27
C ARG H 136 52.51 -84.96 33.53
N LEU H 137 51.72 -83.97 33.98
CA LEU H 137 52.09 -83.21 35.17
C LEU H 137 52.13 -84.10 36.41
N GLU H 138 51.21 -85.05 36.50
CA GLU H 138 51.23 -85.99 37.62
C GLU H 138 52.49 -86.84 37.59
N LYS H 139 52.93 -87.25 36.40
CA LYS H 139 54.18 -87.99 36.29
C LYS H 139 55.37 -87.14 36.71
N GLU H 140 55.36 -85.84 36.36
CA GLU H 140 56.47 -84.97 36.73
C GLU H 140 56.60 -84.84 38.24
N GLY H 141 55.48 -84.70 38.95
CA GLY H 141 55.53 -84.58 40.40
C GLY H 141 54.77 -83.37 40.92
N ILE H 142 54.06 -82.68 40.03
CA ILE H 142 53.26 -81.53 40.44
C ILE H 142 52.01 -82.02 41.16
N SER H 143 51.66 -81.35 42.26
CA SER H 143 50.50 -81.73 43.05
C SER H 143 49.21 -81.46 42.29
N TRP H 144 48.13 -82.10 42.76
CA TRP H 144 46.88 -82.06 42.01
C TRP H 144 46.18 -80.70 42.13
N GLU H 145 46.42 -79.96 43.20
CA GLU H 145 45.86 -78.61 43.30
C GLU H 145 46.44 -77.70 42.22
N GLU H 146 47.76 -77.77 42.03
CA GLU H 146 48.39 -76.98 40.97
C GLU H 146 47.91 -77.44 39.59
N ILE H 147 47.76 -78.75 39.40
CA ILE H 147 47.27 -79.28 38.13
C ILE H 147 45.88 -78.73 37.84
N ILE H 148 45.00 -78.75 38.84
CA ILE H 148 43.64 -78.26 38.64
C ILE H 148 43.65 -76.77 38.33
N GLU H 149 44.47 -75.99 39.04
CA GLU H 149 44.52 -74.55 38.77
C GLU H 149 45.02 -74.25 37.36
N LEU H 150 46.06 -74.97 36.92
CA LEU H 150 46.54 -74.81 35.55
C LEU H 150 45.46 -75.17 34.55
N ILE H 151 44.72 -76.26 34.81
CA ILE H 151 43.66 -76.69 33.90
C ILE H 151 42.56 -75.65 33.82
N GLU H 152 42.19 -75.04 34.94
CA GLU H 152 41.15 -74.00 34.89
C GLU H 152 41.63 -72.75 34.19
N ARG H 153 42.91 -72.39 34.32
CA ARG H 153 43.42 -71.28 33.53
C ARG H 153 43.34 -71.58 32.04
N ILE H 154 43.71 -72.80 31.65
CA ILE H 154 43.59 -73.20 30.25
C ILE H 154 42.13 -73.17 29.80
N LEU H 155 41.22 -73.55 30.69
CA LEU H 155 39.80 -73.56 30.36
C LEU H 155 39.26 -72.15 30.15
N GLU H 156 39.72 -71.19 30.97
CA GLU H 156 39.33 -69.80 30.75
C GLU H 156 39.87 -69.28 29.42
N SER H 157 41.11 -69.65 29.08
CA SER H 157 41.65 -69.30 27.78
C SER H 157 40.82 -69.89 26.64
N ILE H 158 40.41 -71.15 26.80
CA ILE H 158 39.57 -71.81 25.80
C ILE H 158 38.23 -71.09 25.68
N ARG H 159 37.66 -70.68 26.80
CA ARG H 159 36.39 -69.95 26.76
C ARG H 159 36.53 -68.67 25.97
N GLU H 160 37.60 -67.91 26.22
CA GLU H 160 37.82 -66.68 25.46
C GLU H 160 38.01 -66.97 23.97
N ILE H 161 38.78 -68.00 23.64
CA ILE H 161 39.03 -68.34 22.24
C ILE H 161 37.73 -68.72 21.55
N LEU H 162 36.91 -69.55 22.21
CA LEU H 162 35.64 -69.98 21.63
C LEU H 162 34.70 -68.80 21.44
N LYS H 163 34.65 -67.89 22.42
CA LYS H 163 33.82 -66.69 22.26
C LYS H 163 34.32 -65.83 21.12
N GLU H 164 35.63 -65.84 20.84
CA GLU H 164 36.15 -65.09 19.71
C GLU H 164 35.62 -65.64 18.38
N GLU H 165 35.51 -66.96 18.27
CA GLU H 165 35.06 -67.59 17.03
C GLU H 165 33.59 -67.37 16.73
N GLY H 166 32.88 -66.60 17.56
CA GLY H 166 31.48 -66.35 17.32
C GLY H 166 30.54 -67.47 17.72
N LEU H 167 31.02 -68.48 18.44
CA LEU H 167 30.15 -69.55 18.89
C LEU H 167 29.20 -69.03 19.97
N PRO H 168 27.97 -69.52 20.01
CA PRO H 168 27.04 -69.11 21.07
C PRO H 168 27.40 -69.78 22.39
N GLU H 169 26.75 -69.28 23.45
CA GLU H 169 27.12 -69.69 24.81
C GLU H 169 26.82 -71.16 25.07
N SER H 170 25.80 -71.72 24.41
CA SER H 170 25.38 -73.08 24.73
C SER H 170 26.48 -74.09 24.38
N GLU H 171 27.03 -74.00 23.18
CA GLU H 171 28.07 -74.95 22.78
C GLU H 171 29.36 -74.72 23.56
N ILE H 172 29.68 -73.47 23.88
CA ILE H 172 30.85 -73.18 24.70
C ILE H 172 30.72 -73.85 26.06
N ASN H 173 29.56 -73.68 26.70
CA ASN H 173 29.33 -74.31 27.99
C ASN H 173 29.35 -75.82 27.88
N ARG H 174 28.82 -76.37 26.79
CA ARG H 174 28.83 -77.81 26.59
C ARG H 174 30.27 -78.34 26.51
N ILE H 175 31.11 -77.68 25.71
CA ILE H 175 32.50 -78.11 25.57
C ILE H 175 33.23 -78.03 26.89
N LEU H 176 33.06 -76.92 27.61
CA LEU H 176 33.74 -76.74 28.88
C LEU H 176 33.30 -77.78 29.90
N ALA H 177 31.99 -78.04 29.98
CA ALA H 177 31.48 -79.04 30.90
C ALA H 177 32.01 -80.43 30.57
N VAL H 178 32.08 -80.76 29.27
CA VAL H 178 32.60 -82.07 28.88
C VAL H 178 34.06 -82.21 29.28
N SER H 179 34.87 -81.17 29.07
CA SER H 179 36.28 -81.24 29.43
C SER H 179 36.46 -81.40 30.94
N ILE H 180 35.71 -80.61 31.72
CA ILE H 180 35.78 -80.73 33.18
C ILE H 180 35.37 -82.13 33.62
N LEU H 181 34.32 -82.66 33.00
CA LEU H 181 33.85 -83.99 33.38
C LEU H 181 34.85 -85.06 32.98
N GLU H 182 35.60 -84.87 31.91
CA GLU H 182 36.64 -85.85 31.55
C GLU H 182 37.77 -85.84 32.57
N VAL H 183 38.18 -84.65 33.03
CA VAL H 183 39.19 -84.59 34.09
C VAL H 183 38.66 -85.27 35.35
N ALA H 184 37.40 -85.00 35.70
CA ALA H 184 36.80 -85.63 36.87
C ALA H 184 36.72 -87.14 36.71
N LYS H 185 36.45 -87.61 35.50
CA LYS H 185 36.41 -89.05 35.23
C LYS H 185 37.78 -89.68 35.43
N TYR H 186 38.84 -89.01 34.98
CA TYR H 186 40.17 -89.51 35.25
C TYR H 186 40.45 -89.59 36.75
N LEU H 187 40.04 -88.56 37.49
CA LEU H 187 40.20 -88.59 38.95
C LEU H 187 39.44 -89.76 39.57
N LEU H 188 38.20 -89.99 39.12
CA LEU H 188 37.40 -91.09 39.66
C LEU H 188 38.04 -92.44 39.35
N GLU H 189 38.59 -92.60 38.15
CA GLU H 189 39.29 -93.82 37.81
C GLU H 189 40.50 -94.03 38.71
N LYS H 190 41.24 -92.94 38.99
CA LYS H 190 42.35 -93.06 39.93
C LYS H 190 41.86 -93.49 41.32
N LEU H 191 40.76 -92.90 41.79
CA LEU H 191 40.24 -93.28 43.11
C LEU H 191 39.74 -94.72 43.13
N GLY H 192 39.08 -95.17 42.07
CA GLY H 192 38.61 -96.54 42.00
C GLY H 192 37.12 -96.70 42.23
N PHE H 193 36.34 -95.75 41.73
CA PHE H 193 34.88 -95.77 41.85
C PHE H 193 34.32 -95.98 40.44
N ASP H 194 34.15 -97.25 40.06
CA ASP H 194 33.79 -97.59 38.69
C ASP H 194 32.35 -97.19 38.36
N TYR H 195 31.41 -97.39 39.29
CA TYR H 195 30.02 -97.06 39.01
C TYR H 195 29.84 -95.57 38.76
N LEU H 196 30.48 -94.73 39.58
CA LEU H 196 30.44 -93.30 39.35
C LEU H 196 31.07 -92.95 38.01
N VAL H 197 32.10 -93.69 37.60
CA VAL H 197 32.68 -93.49 36.27
C VAL H 197 31.64 -93.73 35.20
N GLU H 198 30.92 -94.86 35.28
CA GLU H 198 29.91 -95.19 34.28
C GLU H 198 28.80 -94.15 34.22
N LEU H 199 28.32 -93.70 35.39
CA LEU H 199 27.34 -92.63 35.40
C LEU H 199 27.92 -91.36 34.77
N LEU H 200 29.23 -91.13 34.92
CA LEU H 200 29.84 -89.96 34.31
C LEU H 200 29.88 -90.08 32.80
N ASP H 201 30.18 -91.26 32.25
CA ASP H 201 30.08 -91.40 30.79
C ASP H 201 28.65 -91.18 30.32
N ARG H 202 27.68 -91.69 31.07
CA ARG H 202 26.29 -91.47 30.68
C ARG H 202 25.95 -89.98 30.64
N ALA H 203 26.37 -89.24 31.67
CA ALA H 203 26.11 -87.79 31.71
C ALA H 203 26.85 -87.07 30.58
N ILE H 204 28.08 -87.48 30.29
CA ILE H 204 28.84 -86.84 29.22
C ILE H 204 28.16 -87.08 27.86
N GLU H 205 27.70 -88.30 27.62
CA GLU H 205 26.97 -88.59 26.39
C GLU H 205 25.70 -87.75 26.29
N TYR H 206 24.97 -87.61 27.40
CA TYR H 206 23.74 -86.81 27.37
C TYR H 206 24.06 -85.34 27.09
N ILE H 207 25.13 -84.82 27.68
CA ILE H 207 25.54 -83.44 27.39
C ILE H 207 25.92 -83.29 25.92
N LEU H 208 26.66 -84.25 25.39
CA LEU H 208 27.14 -84.14 24.01
C LEU H 208 25.99 -84.24 23.01
N LYS H 209 25.01 -85.10 23.28
CA LYS H 209 23.87 -85.25 22.38
C LYS H 209 22.88 -84.09 22.46
N GLY H 210 23.04 -83.19 23.42
CA GLY H 210 22.19 -82.02 23.54
C GLY H 210 21.14 -82.11 24.62
N ARG H 211 20.94 -83.27 25.23
CA ARG H 211 19.93 -83.46 26.28
C ARG H 211 20.48 -82.92 27.58
N SER H 212 20.10 -81.68 27.92
CA SER H 212 20.71 -80.96 29.02
C SER H 212 20.06 -81.25 30.37
N GLU H 213 18.73 -81.26 30.43
CA GLU H 213 18.04 -81.43 31.70
C GLU H 213 18.28 -82.82 32.29
N LEU H 214 18.26 -83.85 31.44
CA LEU H 214 18.59 -85.20 31.90
C LEU H 214 20.00 -85.25 32.45
N ALA H 215 20.93 -84.57 31.78
CA ALA H 215 22.31 -84.52 32.24
C ALA H 215 22.41 -83.81 33.59
N VAL H 216 21.64 -82.74 33.78
CA VAL H 216 21.67 -82.02 35.05
C VAL H 216 21.14 -82.90 36.18
N HIS H 217 20.06 -83.64 35.92
CA HIS H 217 19.54 -84.54 36.95
C HIS H 217 20.54 -85.65 37.27
N LEU H 218 21.18 -86.21 36.23
CA LEU H 218 22.21 -87.21 36.44
C LEU H 218 23.37 -86.66 37.26
N LEU H 219 23.77 -85.42 36.98
CA LEU H 219 24.85 -84.80 37.72
C LEU H 219 24.47 -84.54 39.16
N ASP H 220 23.20 -84.20 39.41
CA ASP H 220 22.72 -84.07 40.80
C ASP H 220 22.83 -85.40 41.53
N ASP H 221 22.42 -86.50 40.88
CA ASP H 221 22.53 -87.80 41.53
C ASP H 221 23.99 -88.18 41.78
N ILE H 222 24.87 -87.85 40.81
CA ILE H 222 26.29 -88.12 40.98
C ILE H 222 26.86 -87.32 42.14
N ILE H 223 26.45 -86.05 42.27
CA ILE H 223 26.92 -85.20 43.36
C ILE H 223 26.48 -85.78 44.70
N ARG H 224 25.23 -86.24 44.79
CA ARG H 224 24.77 -86.86 46.02
C ARG H 224 25.59 -88.10 46.36
N ARG H 225 25.88 -88.93 45.36
CA ARG H 225 26.69 -90.13 45.61
C ARG H 225 28.10 -89.77 46.07
N VAL H 226 28.69 -88.73 45.46
CA VAL H 226 30.04 -88.31 45.83
C VAL H 226 30.05 -87.79 47.27
N HIS H 227 29.04 -87.01 47.64
CA HIS H 227 28.96 -86.52 49.01
C HIS H 227 28.78 -87.68 49.99
N GLU H 228 28.01 -88.69 49.61
CA GLU H 228 27.88 -89.87 50.46
C GLU H 228 29.23 -90.57 50.64
N GLU H 229 30.00 -90.69 49.57
CA GLU H 229 31.32 -91.31 49.68
C GLU H 229 32.24 -90.49 50.58
N ILE H 230 32.22 -89.17 50.44
CA ILE H 230 33.05 -88.31 51.28
C ILE H 230 32.67 -88.47 52.74
N GLU H 231 31.37 -88.47 53.03
CA GLU H 231 30.91 -88.66 54.40
C GLU H 231 31.31 -90.02 54.94
N ARG H 232 31.31 -91.05 54.09
CA ARG H 232 31.76 -92.36 54.53
C ARG H 232 33.25 -92.34 54.89
N TYR H 233 34.05 -91.60 54.13
CA TYR H 233 35.49 -91.57 54.39
C TYR H 233 35.81 -90.98 55.76
N GLY H 234 35.13 -89.91 56.13
CA GLY H 234 35.28 -89.33 57.46
C GLY H 234 36.37 -88.27 57.51
N ASP H 235 37.39 -88.49 58.32
CA ASP H 235 38.48 -87.54 58.49
C ASP H 235 39.67 -87.84 57.60
N ASP H 236 39.70 -88.98 56.92
CA ASP H 236 40.83 -89.39 56.09
C ASP H 236 40.52 -89.23 54.60
N VAL H 237 39.76 -88.20 54.24
CA VAL H 237 39.35 -88.00 52.86
C VAL H 237 40.55 -87.63 52.00
N PRO H 238 40.84 -88.36 50.94
CA PRO H 238 41.89 -87.95 50.01
C PRO H 238 41.50 -86.68 49.27
N GLU H 239 42.52 -85.89 48.89
CA GLU H 239 42.28 -84.62 48.21
C GLU H 239 41.67 -84.82 46.83
N GLU H 240 41.89 -85.97 46.20
CA GLU H 240 41.30 -86.22 44.89
C GLU H 240 39.79 -86.22 44.96
N LEU H 241 39.22 -86.74 46.04
CA LEU H 241 37.77 -86.76 46.20
C LEU H 241 37.20 -85.34 46.30
N LEU H 242 37.88 -84.46 47.05
CA LEU H 242 37.40 -83.08 47.17
C LEU H 242 37.54 -82.33 45.85
N LEU H 243 38.65 -82.53 45.14
CA LEU H 243 38.81 -81.90 43.85
C LEU H 243 37.76 -82.40 42.85
N LEU H 244 37.48 -83.71 42.89
CA LEU H 244 36.42 -84.27 42.05
C LEU H 244 35.06 -83.66 42.39
N ASP H 245 34.77 -83.50 43.69
CA ASP H 245 33.54 -82.85 44.11
C ASP H 245 33.41 -81.46 43.50
N LEU H 246 34.47 -80.66 43.62
CA LEU H 246 34.43 -79.30 43.08
C LEU H 246 34.26 -79.31 41.56
N LEU H 247 34.97 -80.22 40.89
CA LEU H 247 34.88 -80.29 39.43
C LEU H 247 33.48 -80.66 38.97
N VAL H 248 32.88 -81.67 39.60
CA VAL H 248 31.53 -82.09 39.21
C VAL H 248 30.53 -80.99 39.50
N GLN H 249 30.70 -80.27 40.61
CA GLN H 249 29.79 -79.18 40.91
C GLN H 249 29.86 -78.08 39.87
N LYS H 250 31.08 -77.68 39.48
CA LYS H 250 31.19 -76.63 38.47
C LYS H 250 30.72 -77.10 37.10
N ALA H 251 30.92 -78.38 36.77
CA ALA H 251 30.39 -78.93 35.53
C ALA H 251 28.87 -78.92 35.53
N ARG H 252 28.26 -79.25 36.66
CA ARG H 252 26.80 -79.19 36.77
C ARG H 252 26.29 -77.77 36.61
N ASP H 253 27.01 -76.80 37.19
CA ASP H 253 26.63 -75.40 37.00
C ASP H 253 26.69 -75.00 35.53
N LEU H 254 27.76 -75.40 34.83
CA LEU H 254 27.87 -75.09 33.41
C LEU H 254 26.76 -75.77 32.60
N ALA H 255 26.45 -77.03 32.93
CA ALA H 255 25.40 -77.73 32.21
C ALA H 255 24.05 -77.08 32.43
N ALA H 256 23.80 -76.59 33.65
CA ALA H 256 22.57 -75.84 33.90
C ALA H 256 22.55 -74.55 33.07
N ARG H 257 23.69 -73.86 32.97
CA ARG H 257 23.74 -72.62 32.21
C ARG H 257 23.65 -72.82 30.70
N ILE H 258 23.72 -74.07 30.23
CA ILE H 258 23.67 -74.34 28.78
C ILE H 258 22.38 -73.78 28.18
N MET I 25 52.72 -39.98 56.53
CA MET I 25 51.63 -40.22 57.47
C MET I 25 52.12 -40.32 58.91
N GLU I 26 53.13 -39.52 59.25
CA GLU I 26 53.72 -39.59 60.58
C GLU I 26 52.74 -39.15 61.67
N LYS I 27 51.70 -38.40 61.32
CA LYS I 27 50.70 -38.01 62.30
C LYS I 27 49.99 -39.23 62.88
N LEU I 28 49.69 -40.22 62.02
CA LEU I 28 49.02 -41.42 62.50
C LEU I 28 49.95 -42.30 63.32
N GLU I 29 51.25 -42.32 63.02
CA GLU I 29 52.19 -43.01 63.90
C GLU I 29 52.30 -42.32 65.24
N VAL I 30 52.25 -40.99 65.27
CA VAL I 30 52.23 -40.27 66.54
C VAL I 30 50.96 -40.61 67.32
N ALA I 31 49.83 -40.72 66.62
CA ALA I 31 48.60 -41.14 67.26
C ALA I 31 48.70 -42.54 67.84
N VAL I 32 49.34 -43.47 67.12
CA VAL I 32 49.52 -44.82 67.62
C VAL I 32 50.39 -44.83 68.87
N GLU I 33 51.46 -44.04 68.86
CA GLU I 33 52.32 -43.93 70.04
C GLU I 33 51.56 -43.34 71.22
N HIS I 34 50.76 -42.34 70.97
CA HIS I 34 49.90 -41.82 72.00
C HIS I 34 48.97 -42.87 72.57
N LEU I 35 48.33 -43.67 71.69
CA LEU I 35 47.43 -44.72 72.15
C LEU I 35 48.16 -45.72 73.03
N LYS I 36 49.39 -46.09 72.66
CA LYS I 36 50.18 -46.94 73.53
C LYS I 36 50.43 -46.27 74.88
N GLU I 37 50.73 -44.97 74.87
CA GLU I 37 50.92 -44.24 76.11
C GLU I 37 49.64 -44.24 76.95
N ALA I 38 48.49 -44.10 76.30
CA ALA I 38 47.22 -44.13 77.02
C ALA I 38 46.98 -45.47 77.67
N ILE I 39 47.27 -46.57 76.96
CA ILE I 39 47.14 -47.89 77.55
C ILE I 39 48.04 -48.03 78.77
N GLU I 40 49.29 -47.58 78.64
CA GLU I 40 50.21 -47.64 79.77
C GLU I 40 49.73 -46.81 80.95
N LEU I 41 49.14 -45.63 80.67
CA LEU I 41 48.64 -44.78 81.73
C LEU I 41 47.45 -45.40 82.45
N ILE I 42 46.52 -45.99 81.69
CA ILE I 42 45.41 -46.71 82.32
C ILE I 42 45.93 -47.84 83.18
N GLU I 43 46.97 -48.54 82.71
CA GLU I 43 47.57 -49.60 83.51
C GLU I 43 48.17 -49.04 84.81
N LYS I 44 48.83 -47.89 84.72
CA LYS I 44 49.47 -47.31 85.91
C LYS I 44 48.43 -46.87 86.93
N GLY I 45 47.42 -46.12 86.49
CA GLY I 45 46.39 -45.66 87.40
C GLY I 45 46.03 -44.20 87.26
N GLU I 46 46.64 -43.50 86.31
CA GLU I 46 46.34 -42.08 86.07
C GLU I 46 45.23 -41.98 85.03
N TYR I 47 44.01 -41.76 85.50
CA TYR I 47 42.85 -41.71 84.62
C TYR I 47 42.59 -40.33 84.04
N VAL I 48 42.96 -39.27 84.77
CA VAL I 48 42.83 -37.92 84.22
C VAL I 48 43.77 -37.73 83.04
N LYS I 49 45.01 -38.18 83.19
CA LYS I 49 45.96 -38.08 82.09
C LYS I 49 45.53 -38.94 80.91
N ALA I 50 44.92 -40.10 81.18
CA ALA I 50 44.39 -40.93 80.12
C ALA I 50 43.27 -40.23 79.36
N ASP I 51 42.35 -39.58 80.08
CA ASP I 51 41.27 -38.84 79.43
C ASP I 51 41.82 -37.71 78.58
N LEU I 52 42.80 -36.97 79.10
CA LEU I 52 43.41 -35.89 78.35
C LEU I 52 44.16 -36.41 77.11
N ILE I 53 44.85 -37.54 77.24
CA ILE I 53 45.52 -38.15 76.11
C ILE I 53 44.51 -38.57 75.04
N LEU I 54 43.36 -39.10 75.46
CA LEU I 54 42.34 -39.45 74.48
C LEU I 54 41.84 -38.23 73.73
N THR I 55 41.68 -37.10 74.44
CA THR I 55 41.32 -35.86 73.74
C THR I 55 42.40 -35.44 72.74
N ASP I 56 43.68 -35.57 73.13
CA ASP I 56 44.77 -35.24 72.22
C ASP I 56 44.76 -36.14 70.98
N ILE I 57 44.51 -37.44 71.18
CA ILE I 57 44.45 -38.37 70.06
C ILE I 57 43.30 -38.01 69.12
N LEU I 58 42.15 -37.62 69.70
CA LEU I 58 41.04 -37.19 68.86
C LEU I 58 41.42 -35.96 68.04
N ARG I 59 42.14 -35.01 68.65
CA ARG I 59 42.59 -33.83 67.91
C ARG I 59 43.51 -34.21 66.77
N LEU I 60 44.46 -35.13 67.03
CA LEU I 60 45.36 -35.59 65.98
C LEU I 60 44.61 -36.24 64.83
N LEU I 61 43.69 -37.15 65.14
CA LEU I 61 42.96 -37.85 64.10
C LEU I 61 42.08 -36.89 63.30
N GLU I 62 41.46 -35.91 63.97
CA GLU I 62 40.70 -34.91 63.24
C GLU I 62 41.60 -34.05 62.36
N GLU I 63 42.83 -33.81 62.80
CA GLU I 63 43.79 -33.12 61.96
C GLU I 63 44.10 -33.92 60.70
N GLU I 64 44.25 -35.24 60.84
CA GLU I 64 44.49 -36.07 59.66
C GLU I 64 43.28 -36.10 58.74
N GLY I 65 42.10 -36.38 59.28
CA GLY I 65 40.88 -36.31 58.50
C GLY I 65 40.29 -37.62 58.01
N VAL I 66 40.23 -38.63 58.89
CA VAL I 66 39.58 -39.89 58.57
C VAL I 66 38.32 -40.00 59.43
N LYS I 67 37.16 -40.04 58.76
CA LYS I 67 35.88 -39.87 59.45
C LYS I 67 35.61 -41.00 60.43
N SER I 68 35.80 -42.24 59.99
CA SER I 68 35.54 -43.39 60.85
C SER I 68 36.41 -43.37 62.09
N LEU I 69 37.70 -43.07 61.91
CA LEU I 69 38.61 -42.95 63.04
C LEU I 69 38.17 -41.82 63.96
N ILE I 70 37.65 -40.73 63.40
CA ILE I 70 37.24 -39.58 64.22
C ILE I 70 36.06 -39.95 65.11
N LYS I 71 35.02 -40.55 64.52
CA LYS I 71 33.86 -40.91 65.34
C LYS I 71 34.23 -41.98 66.35
N GLN I 72 35.09 -42.93 65.97
CA GLN I 72 35.55 -43.94 66.92
C GLN I 72 36.30 -43.30 68.07
N ALA I 73 37.11 -42.28 67.79
CA ALA I 73 37.87 -41.62 68.85
C ALA I 73 36.98 -40.84 69.80
N LYS I 74 35.96 -40.15 69.27
CA LYS I 74 35.04 -39.43 70.13
C LYS I 74 34.26 -40.37 71.04
N GLU I 75 33.69 -41.43 70.46
CA GLU I 75 32.96 -42.39 71.28
C GLU I 75 33.90 -43.09 72.26
N LEU I 76 35.17 -43.28 71.88
CA LEU I 76 36.14 -43.85 72.80
C LEU I 76 36.36 -42.94 74.00
N HIS I 77 36.50 -41.63 73.75
CA HIS I 77 36.67 -40.70 74.86
C HIS I 77 35.51 -40.79 75.83
N ILE I 78 34.28 -40.71 75.31
CA ILE I 78 33.11 -40.71 76.18
C ILE I 78 33.03 -42.03 76.96
N GLU I 79 33.14 -43.16 76.26
CA GLU I 79 32.92 -44.45 76.90
C GLU I 79 34.05 -44.80 77.86
N VAL I 80 35.29 -44.42 77.54
CA VAL I 80 36.39 -44.69 78.46
C VAL I 80 36.26 -43.84 79.72
N PHE I 81 35.81 -42.59 79.57
CA PHE I 81 35.56 -41.79 80.77
C PHE I 81 34.52 -42.46 81.66
N LYS I 82 33.41 -42.91 81.07
CA LYS I 82 32.38 -43.59 81.85
C LYS I 82 32.92 -44.85 82.52
N LEU I 83 33.63 -45.69 81.76
CA LEU I 83 34.13 -46.95 82.31
C LEU I 83 35.15 -46.72 83.42
N LEU I 84 36.04 -45.75 83.24
CA LEU I 84 37.00 -45.45 84.30
C LEU I 84 36.32 -44.89 85.54
N LYS I 85 35.22 -44.16 85.35
CA LYS I 85 34.40 -43.78 86.50
C LYS I 85 33.86 -45.02 87.22
N GLU I 86 33.31 -45.97 86.44
CA GLU I 86 32.74 -47.17 87.06
C GLU I 86 33.81 -48.10 87.62
N GLY I 87 34.99 -48.15 87.00
CA GLY I 87 36.04 -49.04 87.42
C GLY I 87 36.34 -50.19 86.48
N GLU I 88 35.77 -50.18 85.27
CA GLU I 88 36.00 -51.24 84.28
C GLU I 88 37.27 -50.92 83.51
N TYR I 89 38.41 -51.21 84.13
CA TYR I 89 39.70 -50.92 83.51
C TYR I 89 39.92 -51.77 82.27
N LYS I 90 39.59 -53.05 82.33
CA LYS I 90 39.84 -53.96 81.21
C LYS I 90 39.03 -53.58 79.98
N GLU I 91 37.77 -53.16 80.17
CA GLU I 91 36.95 -52.75 79.04
C GLU I 91 37.51 -51.51 78.36
N ALA I 92 37.96 -50.53 79.16
CA ALA I 92 38.56 -49.33 78.60
C ALA I 92 39.84 -49.66 77.85
N LYS I 93 40.69 -50.52 78.43
CA LYS I 93 41.90 -50.94 77.75
C LYS I 93 41.58 -51.64 76.44
N ALA I 94 40.54 -52.48 76.44
CA ALA I 94 40.13 -53.16 75.21
C ALA I 94 39.69 -52.17 74.14
N LEU I 95 38.92 -51.15 74.54
CA LEU I 95 38.47 -50.16 73.56
C LEU I 95 39.65 -49.38 72.99
N VAL I 96 40.61 -49.00 73.84
CA VAL I 96 41.78 -48.27 73.36
C VAL I 96 42.60 -49.15 72.42
N GLU I 97 42.75 -50.44 72.76
CA GLU I 97 43.49 -51.35 71.90
C GLU I 97 42.77 -51.54 70.56
N ALA I 98 41.44 -51.58 70.57
CA ALA I 98 40.70 -51.69 69.33
C ALA I 98 40.91 -50.49 68.44
N LEU I 99 40.89 -49.27 69.02
CA LEU I 99 41.16 -48.09 68.22
C LEU I 99 42.59 -48.08 67.68
N ARG I 100 43.54 -48.53 68.51
CA ARG I 100 44.93 -48.61 68.05
C ARG I 100 45.07 -49.55 66.86
N VAL I 101 44.46 -50.73 66.95
CA VAL I 101 44.51 -51.71 65.88
C VAL I 101 43.85 -51.14 64.62
N SER I 102 42.74 -50.42 64.79
CA SER I 102 42.06 -49.83 63.64
C SER I 102 42.94 -48.80 62.94
N VAL I 103 43.64 -47.96 63.71
CA VAL I 103 44.50 -46.94 63.11
C VAL I 103 45.69 -47.59 62.40
N GLU I 104 46.32 -48.59 63.04
CA GLU I 104 47.42 -49.29 62.39
C GLU I 104 46.97 -50.00 61.12
N LEU I 105 45.78 -50.58 61.15
CA LEU I 105 45.24 -51.24 59.95
C LEU I 105 45.00 -50.24 58.84
N TYR I 106 44.50 -49.05 59.17
CA TYR I 106 44.33 -48.03 58.13
C TYR I 106 45.69 -47.64 57.54
N ILE I 107 46.70 -47.49 58.39
CA ILE I 107 48.03 -47.15 57.90
C ILE I 107 48.53 -48.22 56.93
N LEU I 108 48.38 -49.50 57.32
CA LEU I 108 48.88 -50.58 56.49
C LEU I 108 48.09 -50.69 55.18
N ILE I 109 46.78 -50.44 55.23
CA ILE I 109 45.97 -50.47 54.01
C ILE I 109 46.43 -49.38 53.05
N LYS I 110 46.68 -48.17 53.57
CA LYS I 110 47.13 -47.09 52.71
C LYS I 110 48.49 -47.40 52.09
N ARG I 111 49.42 -47.92 52.91
CA ARG I 111 50.73 -48.29 52.38
C ARG I 111 50.63 -49.37 51.32
N GLY I 112 49.79 -50.38 51.55
CA GLY I 112 49.64 -51.44 50.57
C GLY I 112 49.02 -50.96 49.27
N VAL I 113 47.99 -50.11 49.35
CA VAL I 113 47.33 -49.64 48.15
C VAL I 113 48.25 -48.72 47.35
N ARG I 114 48.97 -47.82 48.04
CA ARG I 114 49.87 -46.92 47.34
C ARG I 114 50.98 -47.67 46.64
N GLU I 115 51.64 -48.59 47.35
CA GLU I 115 52.72 -49.40 46.81
C GLU I 115 52.26 -50.42 45.77
N GLY I 116 50.96 -50.46 45.45
CA GLY I 116 50.47 -51.45 44.51
C GLY I 116 50.64 -52.88 44.97
N ARG I 117 50.58 -53.12 46.27
CA ARG I 117 50.72 -54.47 46.80
C ARG I 117 49.53 -55.32 46.38
N PRO I 118 49.73 -56.63 46.22
CA PRO I 118 48.60 -57.50 45.89
C PRO I 118 47.59 -57.56 47.02
N ILE I 119 46.32 -57.75 46.64
CA ILE I 119 45.23 -57.88 47.61
C ILE I 119 45.48 -59.06 48.54
N GLU I 120 46.13 -60.10 48.03
CA GLU I 120 46.35 -61.32 48.81
C GLU I 120 47.12 -61.04 50.09
N GLU I 121 48.27 -60.38 49.97
CA GLU I 121 49.10 -60.15 51.16
C GLU I 121 48.50 -59.12 52.08
N ILE I 122 47.77 -58.14 51.53
CA ILE I 122 47.04 -57.19 52.37
C ILE I 122 46.02 -57.93 53.23
N ALA I 123 45.27 -58.85 52.62
CA ALA I 123 44.29 -59.62 53.36
C ALA I 123 44.95 -60.48 54.43
N ARG I 124 46.07 -61.11 54.09
CA ARG I 124 46.78 -61.93 55.09
C ARG I 124 47.25 -61.07 56.25
N GLU I 125 47.77 -59.88 55.96
CA GLU I 125 48.23 -58.99 57.03
C GLU I 125 47.07 -58.56 57.93
N VAL I 126 45.93 -58.22 57.33
CA VAL I 126 44.76 -57.82 58.12
C VAL I 126 44.32 -58.96 59.03
N GLY I 127 44.27 -60.18 58.49
CA GLY I 127 43.90 -61.32 59.31
C GLY I 127 44.87 -61.56 60.45
N ARG I 128 46.17 -61.43 60.18
CA ARG I 128 47.18 -61.62 61.22
C ARG I 128 47.02 -60.59 62.32
N LYS I 129 46.78 -59.32 61.95
CA LYS I 129 46.60 -58.28 62.95
C LYS I 129 45.36 -58.54 63.81
N LEU I 130 44.25 -58.94 63.17
CA LEU I 130 43.04 -59.24 63.93
C LEU I 130 43.24 -60.41 64.88
N VAL I 131 43.96 -61.44 64.44
CA VAL I 131 44.20 -62.59 65.32
C VAL I 131 45.08 -62.19 66.48
N GLU I 132 46.09 -61.34 66.24
CA GLU I 132 46.94 -60.90 67.34
C GLU I 132 46.15 -60.07 68.35
N LEU I 133 45.27 -59.20 67.87
CA LEU I 133 44.41 -58.45 68.79
C LEU I 133 43.53 -59.38 69.61
N ALA I 134 42.94 -60.40 68.94
CA ALA I 134 42.08 -61.33 69.66
C ALA I 134 42.85 -62.09 70.73
N LYS I 135 44.07 -62.52 70.41
CA LYS I 135 44.91 -63.21 71.39
C LYS I 135 45.23 -62.30 72.57
N ARG I 136 45.55 -61.04 72.30
CA ARG I 136 45.83 -60.09 73.37
C ARG I 136 44.61 -59.94 74.28
N LEU I 137 43.44 -59.71 73.69
CA LEU I 137 42.23 -59.51 74.50
C LEU I 137 41.89 -60.77 75.29
N GLU I 138 42.10 -61.95 74.70
CA GLU I 138 41.87 -63.18 75.43
C GLU I 138 42.81 -63.31 76.61
N LYS I 139 44.07 -62.89 76.44
CA LYS I 139 45.01 -62.89 77.55
C LYS I 139 44.57 -61.93 78.65
N GLU I 140 44.04 -60.76 78.27
CA GLU I 140 43.61 -59.79 79.26
C GLU I 140 42.48 -60.34 80.13
N GLY I 141 41.52 -61.02 79.52
CA GLY I 141 40.41 -61.59 80.27
C GLY I 141 39.05 -61.20 79.72
N ILE I 142 39.04 -60.55 78.56
CA ILE I 142 37.79 -60.17 77.93
C ILE I 142 37.14 -61.40 77.29
N SER I 143 35.84 -61.53 77.46
CA SER I 143 35.11 -62.70 76.94
C SER I 143 35.07 -62.66 75.42
N TRP I 144 34.77 -63.82 74.83
CA TRP I 144 34.87 -63.97 73.38
C TRP I 144 33.75 -63.26 72.65
N GLU I 145 32.59 -63.08 73.29
CA GLU I 145 31.52 -62.31 72.67
C GLU I 145 31.93 -60.86 72.47
N GLU I 146 32.54 -60.27 73.50
CA GLU I 146 33.04 -58.90 73.37
C GLU I 146 34.16 -58.81 72.34
N ILE I 147 35.05 -59.81 72.32
CA ILE I 147 36.12 -59.84 71.33
C ILE I 147 35.55 -59.85 69.93
N ILE I 148 34.55 -60.70 69.69
CA ILE I 148 33.95 -60.79 68.37
C ILE I 148 33.27 -59.49 67.99
N GLU I 149 32.55 -58.86 68.93
CA GLU I 149 31.89 -57.60 68.62
C GLU I 149 32.90 -56.50 68.28
N LEU I 150 33.99 -56.41 69.04
CA LEU I 150 35.05 -55.45 68.72
C LEU I 150 35.63 -55.72 67.35
N ILE I 151 35.86 -57.00 67.03
CA ILE I 151 36.43 -57.36 65.73
C ILE I 151 35.50 -56.96 64.60
N GLU I 152 34.19 -57.17 64.76
CA GLU I 152 33.25 -56.77 63.70
C GLU I 152 33.16 -55.25 63.56
N ARG I 153 33.27 -54.51 64.67
CA ARG I 153 33.34 -53.06 64.53
C ARG I 153 34.57 -52.63 63.74
N ILE I 154 35.72 -53.25 64.05
CA ILE I 154 36.94 -52.96 63.30
C ILE I 154 36.75 -53.33 61.83
N LEU I 155 36.05 -54.43 61.56
CA LEU I 155 35.83 -54.88 60.19
C LEU I 155 34.94 -53.90 59.41
N GLU I 156 33.93 -53.34 60.07
CA GLU I 156 33.11 -52.32 59.43
C GLU I 156 33.94 -51.07 59.13
N SER I 157 34.81 -50.69 60.06
CA SER I 157 35.71 -49.56 59.81
C SER I 157 36.62 -49.85 58.61
N ILE I 158 37.14 -51.08 58.53
CA ILE I 158 37.99 -51.48 57.40
C ILE I 158 37.21 -51.42 56.10
N ARG I 159 35.95 -51.86 56.12
CA ARG I 159 35.13 -51.81 54.92
C ARG I 159 34.95 -50.38 54.44
N GLU I 160 34.67 -49.45 55.36
CA GLU I 160 34.55 -48.06 54.98
C GLU I 160 35.86 -47.51 54.43
N ILE I 161 36.98 -47.83 55.07
CA ILE I 161 38.28 -47.35 54.62
C ILE I 161 38.60 -47.86 53.22
N LEU I 162 38.35 -49.15 52.98
CA LEU I 162 38.61 -49.74 51.67
C LEU I 162 37.72 -49.13 50.61
N LYS I 163 36.45 -48.90 50.93
CA LYS I 163 35.56 -48.24 49.97
C LYS I 163 36.03 -46.83 49.67
N GLU I 164 36.67 -46.16 50.64
CA GLU I 164 37.20 -44.84 50.40
C GLU I 164 38.32 -44.86 49.36
N GLU I 165 39.17 -45.89 49.41
CA GLU I 165 40.31 -45.98 48.49
C GLU I 165 39.89 -46.29 47.06
N GLY I 166 38.61 -46.38 46.76
CA GLY I 166 38.16 -46.67 45.42
C GLY I 166 38.25 -48.10 44.99
N LEU I 167 38.50 -49.02 45.92
CA LEU I 167 38.54 -50.43 45.57
C LEU I 167 37.13 -50.93 45.23
N PRO I 168 37.00 -51.84 44.28
CA PRO I 168 35.67 -52.40 43.98
C PRO I 168 35.23 -53.39 45.05
N GLU I 169 33.96 -53.76 44.97
CA GLU I 169 33.34 -54.56 46.02
C GLU I 169 33.94 -55.96 46.13
N SER I 170 34.43 -56.52 45.02
CA SER I 170 34.89 -57.90 45.03
C SER I 170 36.11 -58.07 45.93
N GLU I 171 37.11 -57.21 45.78
CA GLU I 171 38.32 -57.32 46.59
C GLU I 171 38.03 -56.97 48.05
N ILE I 172 37.14 -56.01 48.29
CA ILE I 172 36.77 -55.68 49.67
C ILE I 172 36.15 -56.89 50.35
N ASN I 173 35.21 -57.54 49.66
CA ASN I 173 34.57 -58.73 50.22
C ASN I 173 35.58 -59.85 50.41
N ARG I 174 36.52 -59.99 49.49
CA ARG I 174 37.54 -61.02 49.62
C ARG I 174 38.40 -60.79 50.86
N ILE I 175 38.84 -59.56 51.07
CA ILE I 175 39.67 -59.24 52.23
C ILE I 175 38.90 -59.49 53.53
N LEU I 176 37.64 -59.02 53.57
CA LEU I 176 36.85 -59.20 54.77
C LEU I 176 36.59 -60.67 55.08
N ALA I 177 36.27 -61.45 54.05
CA ALA I 177 36.04 -62.87 54.23
C ALA I 177 37.29 -63.58 54.71
N VAL I 178 38.46 -63.21 54.17
CA VAL I 178 39.70 -63.84 54.60
C VAL I 178 39.98 -63.52 56.06
N SER I 179 39.77 -62.27 56.49
CA SER I 179 40.02 -61.92 57.88
C SER I 179 39.07 -62.67 58.82
N ILE I 180 37.79 -62.71 58.48
CA ILE I 180 36.83 -63.46 59.29
C ILE I 180 37.22 -64.92 59.37
N LEU I 181 37.64 -65.50 58.25
CA LEU I 181 38.03 -66.90 58.24
C LEU I 181 39.29 -67.15 59.04
N GLU I 182 40.20 -66.17 59.11
CA GLU I 182 41.39 -66.34 59.95
C GLU I 182 41.02 -66.33 61.43
N VAL I 183 40.10 -65.44 61.83
CA VAL I 183 39.63 -65.48 63.21
C VAL I 183 38.95 -66.81 63.51
N ALA I 184 38.12 -67.29 62.58
CA ALA I 184 37.46 -68.57 62.77
C ALA I 184 38.46 -69.71 62.84
N LYS I 185 39.54 -69.63 62.06
CA LYS I 185 40.59 -70.64 62.11
C LYS I 185 41.27 -70.66 63.46
N TYR I 186 41.54 -69.48 64.03
CA TYR I 186 42.10 -69.44 65.38
C TYR I 186 41.15 -70.09 66.38
N LEU I 187 39.85 -69.81 66.25
CA LEU I 187 38.88 -70.44 67.15
C LEU I 187 38.87 -71.95 66.99
N LEU I 188 38.93 -72.44 65.75
CA LEU I 188 38.96 -73.88 65.51
C LEU I 188 40.20 -74.52 66.11
N GLU I 189 41.35 -73.86 65.97
CA GLU I 189 42.58 -74.37 66.58
C GLU I 189 42.44 -74.44 68.09
N LYS I 190 41.81 -73.42 68.70
CA LYS I 190 41.57 -73.48 70.14
C LYS I 190 40.68 -74.67 70.50
N LEU I 191 39.61 -74.89 69.71
CA LEU I 191 38.72 -76.01 69.99
C LEU I 191 39.41 -77.36 69.81
N GLY I 192 40.24 -77.49 68.78
CA GLY I 192 40.97 -78.73 68.54
C GLY I 192 40.41 -79.57 67.42
N PHE I 193 39.93 -78.93 66.36
CA PHE I 193 39.39 -79.60 65.19
C PHE I 193 40.34 -79.36 64.03
N ASP I 194 41.33 -80.25 63.87
CA ASP I 194 42.41 -80.02 62.92
C ASP I 194 41.93 -80.14 61.48
N TYR I 195 41.08 -81.13 61.19
CA TYR I 195 40.63 -81.33 59.82
C TYR I 195 39.84 -80.12 59.31
N LEU I 196 38.95 -79.58 60.16
CA LEU I 196 38.24 -78.37 59.78
C LEU I 196 39.20 -77.21 59.58
N VAL I 197 40.29 -77.17 60.36
CA VAL I 197 41.31 -76.15 60.15
C VAL I 197 41.90 -76.27 58.74
N GLU I 198 42.28 -77.49 58.36
CA GLU I 198 42.88 -77.71 57.03
C GLU I 198 41.93 -77.32 55.92
N LEU I 199 40.66 -77.73 56.03
CA LEU I 199 39.67 -77.30 55.05
C LEU I 199 39.55 -75.79 55.03
N LEU I 200 39.73 -75.13 56.17
CA LEU I 200 39.66 -73.67 56.21
C LEU I 200 40.84 -73.04 55.48
N ASP I 201 42.05 -73.58 55.64
CA ASP I 201 43.16 -73.05 54.84
C ASP I 201 42.90 -73.26 53.35
N ARG I 202 42.35 -74.41 52.98
CA ARG I 202 42.03 -74.64 51.57
C ARG I 202 41.06 -73.59 51.05
N ALA I 203 40.00 -73.32 51.81
CA ALA I 203 39.01 -72.33 51.39
C ALA I 203 39.61 -70.93 51.34
N ILE I 204 40.49 -70.60 52.29
CA ILE I 204 41.13 -69.28 52.30
C ILE I 204 42.02 -69.12 51.08
N GLU I 205 42.79 -70.16 50.74
CA GLU I 205 43.62 -70.11 49.54
C GLU I 205 42.77 -69.94 48.29
N TYR I 206 41.65 -70.65 48.21
CA TYR I 206 40.78 -70.52 47.04
C TYR I 206 40.19 -69.12 46.94
N ILE I 207 39.80 -68.53 48.07
CA ILE I 207 39.30 -67.15 48.07
C ILE I 207 40.39 -66.20 47.61
N LEU I 208 41.61 -66.38 48.11
CA LEU I 208 42.70 -65.47 47.80
C LEU I 208 43.10 -65.55 46.34
N LYS I 209 43.11 -66.75 45.77
CA LYS I 209 43.48 -66.93 44.37
C LYS I 209 42.40 -66.47 43.40
N GLY I 210 41.20 -66.16 43.89
CA GLY I 210 40.13 -65.66 43.05
C GLY I 210 39.05 -66.66 42.72
N ARG I 211 39.26 -67.94 43.04
CA ARG I 211 38.29 -68.99 42.75
C ARG I 211 37.19 -68.95 43.80
N SER I 212 36.07 -68.30 43.46
CA SER I 212 35.03 -67.99 44.44
C SER I 212 34.02 -69.11 44.61
N GLU I 213 33.54 -69.71 43.51
CA GLU I 213 32.50 -70.72 43.61
C GLU I 213 33.00 -71.98 44.32
N LEU I 214 34.23 -72.40 44.02
CA LEU I 214 34.82 -73.53 44.73
C LEU I 214 34.92 -73.23 46.22
N ALA I 215 35.31 -72.00 46.57
CA ALA I 215 35.39 -71.61 47.97
C ALA I 215 34.02 -71.64 48.63
N VAL I 216 32.98 -71.20 47.91
CA VAL I 216 31.62 -71.22 48.48
C VAL I 216 31.17 -72.65 48.74
N HIS I 217 31.45 -73.56 47.80
CA HIS I 217 31.08 -74.96 48.01
C HIS I 217 31.86 -75.57 49.19
N LEU I 218 33.15 -75.24 49.29
CA LEU I 218 33.95 -75.70 50.41
C LEU I 218 33.40 -75.16 51.73
N LEU I 219 32.98 -73.90 51.74
CA LEU I 219 32.42 -73.31 52.94
C LEU I 219 31.09 -73.95 53.32
N ASP I 220 30.29 -74.32 52.32
CA ASP I 220 29.06 -75.06 52.59
C ASP I 220 29.37 -76.40 53.26
N ASP I 221 30.36 -77.12 52.75
CA ASP I 221 30.73 -78.40 53.36
C ASP I 221 31.25 -78.19 54.79
N ILE I 222 32.04 -77.14 54.99
CA ILE I 222 32.56 -76.82 56.32
C ILE I 222 31.41 -76.50 57.28
N ILE I 223 30.42 -75.75 56.80
CA ILE I 223 29.27 -75.39 57.63
C ILE I 223 28.49 -76.64 58.02
N ARG I 224 28.31 -77.57 57.07
CA ARG I 224 27.64 -78.82 57.41
C ARG I 224 28.41 -79.59 58.47
N ARG I 225 29.74 -79.67 58.33
CA ARG I 225 30.54 -80.38 59.32
C ARG I 225 30.46 -79.72 60.69
N VAL I 226 30.47 -78.38 60.72
CA VAL I 226 30.38 -77.66 61.99
C VAL I 226 29.04 -77.91 62.67
N HIS I 227 27.95 -77.90 61.88
CA HIS I 227 26.64 -78.20 62.44
C HIS I 227 26.57 -79.63 62.96
N GLU I 228 27.20 -80.57 62.26
CA GLU I 228 27.27 -81.94 62.76
C GLU I 228 28.01 -82.00 64.10
N GLU I 229 29.11 -81.27 64.22
CA GLU I 229 29.83 -81.25 65.49
C GLU I 229 28.99 -80.66 66.61
N ILE I 230 28.29 -79.57 66.32
CA ILE I 230 27.43 -78.93 67.32
C ILE I 230 26.33 -79.90 67.77
N GLU I 231 25.70 -80.58 66.81
CA GLU I 231 24.67 -81.56 67.15
C GLU I 231 25.24 -82.71 67.96
N ARG I 232 26.48 -83.11 67.69
CA ARG I 232 27.11 -84.15 68.49
C ARG I 232 27.32 -83.68 69.93
N TYR I 233 27.68 -82.41 70.12
CA TYR I 233 27.96 -81.92 71.47
C TYR I 233 26.71 -81.95 72.33
N GLY I 234 25.57 -81.58 71.79
CA GLY I 234 24.30 -81.69 72.51
C GLY I 234 23.98 -80.42 73.29
N ASP I 235 23.87 -80.55 74.61
CA ASP I 235 23.52 -79.44 75.48
C ASP I 235 24.74 -78.75 76.09
N ASP I 236 25.93 -79.32 75.93
CA ASP I 236 27.15 -78.78 76.52
C ASP I 236 28.03 -78.09 75.49
N VAL I 237 27.42 -77.43 74.50
CA VAL I 237 28.16 -76.81 73.42
C VAL I 237 28.95 -75.61 73.94
N PRO I 238 30.27 -75.57 73.76
CA PRO I 238 31.02 -74.37 74.12
C PRO I 238 30.66 -73.20 73.22
N GLU I 239 30.79 -72.00 73.77
CA GLU I 239 30.44 -70.78 73.03
C GLU I 239 31.35 -70.54 71.84
N GLU I 240 32.58 -71.06 71.88
CA GLU I 240 33.49 -70.88 70.75
C GLU I 240 32.94 -71.55 69.50
N LEU I 241 32.29 -72.71 69.65
CA LEU I 241 31.70 -73.39 68.51
C LEU I 241 30.59 -72.57 67.87
N LEU I 242 29.74 -71.95 68.68
CA LEU I 242 28.66 -71.13 68.14
C LEU I 242 29.20 -69.88 67.47
N LEU I 243 30.20 -69.24 68.08
CA LEU I 243 30.81 -68.07 67.46
C LEU I 243 31.49 -68.44 66.14
N LEU I 244 32.15 -69.60 66.11
CA LEU I 244 32.75 -70.08 64.88
C LEU I 244 31.70 -70.34 63.81
N ASP I 245 30.57 -70.93 64.20
CA ASP I 245 29.46 -71.14 63.26
C ASP I 245 29.02 -69.83 62.65
N LEU I 246 28.78 -68.81 63.49
CA LEU I 246 28.35 -67.52 62.97
C LEU I 246 29.40 -66.89 62.05
N LEU I 247 30.67 -66.99 62.45
CA LEU I 247 31.74 -66.41 61.64
C LEU I 247 31.83 -67.07 60.27
N VAL I 248 31.79 -68.40 60.24
CA VAL I 248 31.89 -69.11 58.96
C VAL I 248 30.69 -68.80 58.09
N GLN I 249 29.49 -68.69 58.69
CA GLN I 249 28.31 -68.35 57.91
C GLN I 249 28.43 -66.96 57.28
N LYS I 250 28.88 -65.97 58.05
CA LYS I 250 29.00 -64.63 57.47
C LYS I 250 30.13 -64.56 56.45
N ALA I 251 31.20 -65.33 56.64
CA ALA I 251 32.27 -65.40 55.65
C ALA I 251 31.76 -66.03 54.35
N ARG I 252 30.94 -67.06 54.47
CA ARG I 252 30.35 -67.68 53.27
C ARG I 252 29.43 -66.70 52.55
N ASP I 253 28.66 -65.92 53.31
CA ASP I 253 27.82 -64.90 52.67
C ASP I 253 28.67 -63.88 51.92
N LEU I 254 29.76 -63.42 52.54
CA LEU I 254 30.64 -62.47 51.86
C LEU I 254 31.27 -63.09 50.62
N ALA I 255 31.70 -64.35 50.70
CA ALA I 255 32.30 -65.01 49.55
C ALA I 255 31.30 -65.16 48.42
N ALA I 256 30.04 -65.45 48.75
CA ALA I 256 29.00 -65.48 47.73
C ALA I 256 28.81 -64.11 47.10
N ARG I 257 28.84 -63.05 47.91
CA ARG I 257 28.65 -61.70 47.38
C ARG I 257 29.84 -61.20 46.56
N ILE I 258 30.97 -61.92 46.57
CA ILE I 258 32.16 -61.49 45.83
C ILE I 258 31.83 -61.31 44.35
N MET J 25 0.73 -35.50 79.45
CA MET J 25 -0.17 -36.58 79.05
C MET J 25 -0.98 -37.12 80.22
N GLU J 26 -1.39 -36.23 81.12
CA GLU J 26 -2.12 -36.67 82.31
C GLU J 26 -3.49 -37.24 81.98
N LYS J 27 -4.03 -36.92 80.80
CA LYS J 27 -5.31 -37.50 80.40
C LYS J 27 -5.21 -39.01 80.27
N LEU J 28 -4.10 -39.51 79.73
CA LEU J 28 -3.92 -40.95 79.58
C LEU J 28 -3.69 -41.63 80.93
N GLU J 29 -3.03 -40.96 81.87
CA GLU J 29 -2.93 -41.52 83.22
C GLU J 29 -4.29 -41.57 83.89
N VAL J 30 -5.14 -40.56 83.67
CA VAL J 30 -6.50 -40.59 84.18
C VAL J 30 -7.26 -41.76 83.56
N ALA J 31 -7.07 -41.99 82.26
CA ALA J 31 -7.69 -43.13 81.60
C ALA J 31 -7.22 -44.45 82.20
N VAL J 32 -5.92 -44.56 82.51
CA VAL J 32 -5.40 -45.78 83.11
C VAL J 32 -6.02 -46.00 84.50
N GLU J 33 -6.14 -44.93 85.28
CA GLU J 33 -6.78 -45.05 86.59
C GLU J 33 -8.24 -45.46 86.46
N HIS J 34 -8.93 -44.88 85.50
CA HIS J 34 -10.27 -45.32 85.22
C HIS J 34 -10.34 -46.80 84.89
N LEU J 35 -9.44 -47.26 84.02
CA LEU J 35 -9.42 -48.68 83.64
C LEU J 35 -9.22 -49.58 84.86
N LYS J 36 -8.33 -49.18 85.76
CA LYS J 36 -8.18 -49.91 87.01
C LYS J 36 -9.49 -49.93 87.80
N GLU J 37 -10.16 -48.77 87.86
CA GLU J 37 -11.45 -48.70 88.54
C GLU J 37 -12.47 -49.62 87.89
N ALA J 38 -12.46 -49.70 86.56
CA ALA J 38 -13.38 -50.58 85.85
C ALA J 38 -13.11 -52.04 86.18
N ILE J 39 -11.84 -52.43 86.24
CA ILE J 39 -11.50 -53.80 86.61
C ILE J 39 -12.01 -54.10 88.02
N GLU J 40 -11.79 -53.16 88.95
CA GLU J 40 -12.25 -53.36 90.32
C GLU J 40 -13.78 -53.45 90.38
N LEU J 41 -14.47 -52.65 89.57
CA LEU J 41 -15.93 -52.69 89.55
C LEU J 41 -16.46 -54.00 89.01
N ILE J 42 -15.86 -54.51 87.92
CA ILE J 42 -16.25 -55.82 87.40
C ILE J 42 -16.00 -56.89 88.46
N GLU J 43 -14.90 -56.77 89.20
CA GLU J 43 -14.65 -57.72 90.28
C GLU J 43 -15.71 -57.64 91.36
N LYS J 44 -16.14 -56.43 91.70
CA LYS J 44 -17.14 -56.27 92.77
C LYS J 44 -18.49 -56.83 92.34
N GLY J 45 -18.96 -56.46 91.14
CA GLY J 45 -20.23 -56.96 90.66
C GLY J 45 -21.14 -55.90 90.07
N GLU J 46 -20.68 -54.66 90.00
CA GLU J 46 -21.46 -53.57 89.42
C GLU J 46 -21.13 -53.47 87.94
N TYR J 47 -22.01 -54.03 87.09
CA TYR J 47 -21.78 -54.06 85.67
C TYR J 47 -22.28 -52.83 84.94
N VAL J 48 -23.33 -52.18 85.46
CA VAL J 48 -23.81 -50.93 84.87
C VAL J 48 -22.76 -49.84 85.04
N LYS J 49 -22.18 -49.73 86.24
CA LYS J 49 -21.14 -48.75 86.47
C LYS J 49 -19.90 -49.05 85.63
N ALA J 50 -19.61 -50.34 85.42
CA ALA J 50 -18.49 -50.70 84.56
C ALA J 50 -18.73 -50.28 83.11
N ASP J 51 -19.95 -50.49 82.61
CA ASP J 51 -20.29 -50.07 81.25
C ASP J 51 -20.18 -48.55 81.11
N LEU J 52 -20.68 -47.81 82.10
CA LEU J 52 -20.59 -46.36 82.07
C LEU J 52 -19.14 -45.88 82.15
N ILE J 53 -18.32 -46.54 82.97
CA ILE J 53 -16.90 -46.20 83.05
C ILE J 53 -16.22 -46.45 81.71
N LEU J 54 -16.58 -47.53 81.03
CA LEU J 54 -15.99 -47.79 79.72
C LEU J 54 -16.35 -46.70 78.74
N THR J 55 -17.59 -46.20 78.79
CA THR J 55 -17.96 -45.07 77.95
C THR J 55 -17.14 -43.82 78.30
N ASP J 56 -16.93 -43.58 79.59
CA ASP J 56 -16.11 -42.43 80.00
C ASP J 56 -14.67 -42.56 79.50
N ILE J 57 -14.11 -43.77 79.58
CA ILE J 57 -12.75 -44.00 79.10
C ILE J 57 -12.68 -43.77 77.60
N LEU J 58 -13.69 -44.21 76.86
CA LEU J 58 -13.73 -43.95 75.43
C LEU J 58 -13.75 -42.45 75.15
N ARG J 59 -14.53 -41.70 75.92
CA ARG J 59 -14.57 -40.25 75.75
C ARG J 59 -13.21 -39.62 76.02
N LEU J 60 -12.53 -40.06 77.08
CA LEU J 60 -11.19 -39.55 77.38
C LEU J 60 -10.21 -39.83 76.25
N LEU J 61 -10.19 -41.08 75.78
CA LEU J 61 -9.25 -41.45 74.72
C LEU J 61 -9.53 -40.69 73.44
N GLU J 62 -10.81 -40.50 73.10
CA GLU J 62 -11.15 -39.70 71.93
C GLU J 62 -10.73 -38.25 72.12
N GLU J 63 -10.80 -37.74 73.35
CA GLU J 63 -10.30 -36.41 73.63
C GLU J 63 -8.80 -36.32 73.37
N GLU J 64 -8.05 -37.34 73.76
CA GLU J 64 -6.61 -37.35 73.50
C GLU J 64 -6.32 -37.44 72.00
N GLY J 65 -6.93 -38.42 71.33
CA GLY J 65 -6.81 -38.50 69.88
C GLY J 65 -5.85 -39.55 69.33
N VAL J 66 -5.89 -40.76 69.87
CA VAL J 66 -5.11 -41.88 69.35
C VAL J 66 -6.07 -42.88 68.74
N LYS J 67 -5.95 -43.09 67.42
CA LYS J 67 -6.98 -43.80 66.66
C LYS J 67 -7.08 -45.26 67.10
N SER J 68 -5.94 -45.94 67.22
CA SER J 68 -5.96 -47.36 67.60
C SER J 68 -6.58 -47.53 68.98
N LEU J 69 -6.21 -46.69 69.94
CA LEU J 69 -6.81 -46.74 71.26
C LEU J 69 -8.31 -46.48 71.19
N ILE J 70 -8.73 -45.58 70.30
CA ILE J 70 -10.15 -45.23 70.20
C ILE J 70 -10.96 -46.43 69.71
N LYS J 71 -10.51 -47.06 68.62
CA LYS J 71 -11.25 -48.21 68.10
C LYS J 71 -11.22 -49.37 69.09
N GLN J 72 -10.09 -49.56 69.77
CA GLN J 72 -10.01 -50.60 70.79
C GLN J 72 -10.99 -50.32 71.92
N ALA J 73 -11.15 -49.06 72.32
CA ALA J 73 -12.05 -48.73 73.40
C ALA J 73 -13.51 -48.93 73.00
N LYS J 74 -13.87 -48.57 71.77
CA LYS J 74 -15.25 -48.79 71.32
C LYS J 74 -15.58 -50.27 71.26
N GLU J 75 -14.70 -51.08 70.64
CA GLU J 75 -14.96 -52.51 70.59
C GLU J 75 -14.94 -53.11 71.99
N LEU J 76 -14.13 -52.56 72.89
CA LEU J 76 -14.13 -53.02 74.27
C LEU J 76 -15.48 -52.77 74.93
N HIS J 77 -16.04 -51.58 74.73
CA HIS J 77 -17.35 -51.30 75.31
C HIS J 77 -18.39 -52.31 74.83
N ILE J 78 -18.46 -52.51 73.50
CA ILE J 78 -19.47 -53.42 72.96
C ILE J 78 -19.26 -54.85 73.48
N GLU J 79 -18.03 -55.35 73.39
CA GLU J 79 -17.78 -56.74 73.73
C GLU J 79 -17.90 -57.00 75.23
N VAL J 80 -17.49 -56.03 76.06
CA VAL J 80 -17.63 -56.21 77.49
C VAL J 80 -19.10 -56.19 77.89
N PHE J 81 -19.91 -55.33 77.25
CA PHE J 81 -21.34 -55.37 77.53
C PHE J 81 -21.91 -56.74 77.21
N LYS J 82 -21.57 -57.29 76.03
CA LYS J 82 -22.07 -58.60 75.65
C LYS J 82 -21.61 -59.68 76.64
N LEU J 83 -20.32 -59.68 76.99
CA LEU J 83 -19.78 -60.71 77.87
C LEU J 83 -20.38 -60.63 79.27
N LEU J 84 -20.56 -59.41 79.79
CA LEU J 84 -21.19 -59.27 81.11
C LEU J 84 -22.65 -59.69 81.06
N LYS J 85 -23.33 -59.50 79.93
CA LYS J 85 -24.65 -60.09 79.77
C LYS J 85 -24.59 -61.61 79.86
N GLU J 86 -23.64 -62.22 79.14
CA GLU J 86 -23.54 -63.68 79.16
C GLU J 86 -23.04 -64.22 80.48
N GLY J 87 -22.17 -63.47 81.16
CA GLY J 87 -21.58 -63.93 82.42
C GLY J 87 -20.11 -64.26 82.36
N GLU J 88 -19.42 -63.94 81.26
CA GLU J 88 -17.99 -64.21 81.11
C GLU J 88 -17.20 -63.06 81.74
N TYR J 89 -17.11 -63.10 83.07
CA TYR J 89 -16.42 -62.04 83.80
C TYR J 89 -14.92 -62.02 83.48
N LYS J 90 -14.30 -63.20 83.42
CA LYS J 90 -12.86 -63.28 83.20
C LYS J 90 -12.46 -62.75 81.83
N GLU J 91 -13.26 -63.05 80.80
CA GLU J 91 -12.97 -62.55 79.46
C GLU J 91 -13.06 -61.03 79.41
N ALA J 92 -14.07 -60.45 80.06
CA ALA J 92 -14.20 -58.99 80.09
C ALA J 92 -13.04 -58.36 80.85
N LYS J 93 -12.66 -58.95 81.99
CA LYS J 93 -11.52 -58.46 82.73
C LYS J 93 -10.24 -58.53 81.90
N ALA J 94 -10.08 -59.62 81.14
CA ALA J 94 -8.91 -59.74 80.27
C ALA J 94 -8.88 -58.66 79.21
N LEU J 95 -10.04 -58.37 78.60
CA LEU J 95 -10.08 -57.33 77.58
C LEU J 95 -9.76 -55.95 78.17
N VAL J 96 -10.29 -55.66 79.36
CA VAL J 96 -9.99 -54.38 79.99
C VAL J 96 -8.51 -54.28 80.34
N GLU J 97 -7.93 -55.38 80.84
CA GLU J 97 -6.51 -55.38 81.16
C GLU J 97 -5.66 -55.21 79.91
N ALA J 98 -6.09 -55.80 78.79
CA ALA J 98 -5.36 -55.63 77.54
C ALA J 98 -5.38 -54.17 77.09
N LEU J 99 -6.54 -53.51 77.19
CA LEU J 99 -6.60 -52.10 76.83
C LEU J 99 -5.74 -51.25 77.77
N ARG J 100 -5.75 -51.58 79.06
CA ARG J 100 -4.92 -50.86 80.01
C ARG J 100 -3.44 -50.98 79.67
N VAL J 101 -2.99 -52.20 79.37
CA VAL J 101 -1.60 -52.43 79.01
C VAL J 101 -1.25 -51.68 77.74
N SER J 102 -2.18 -51.66 76.77
CA SER J 102 -1.93 -50.96 75.52
C SER J 102 -1.76 -49.46 75.76
N VAL J 103 -2.60 -48.87 76.61
CA VAL J 103 -2.50 -47.43 76.89
C VAL J 103 -1.19 -47.12 77.63
N GLU J 104 -0.85 -47.92 78.63
CA GLU J 104 0.40 -47.71 79.35
C GLU J 104 1.61 -47.85 78.42
N LEU J 105 1.56 -48.81 77.50
CA LEU J 105 2.64 -49.00 76.55
C LEU J 105 2.76 -47.80 75.62
N TYR J 106 1.63 -47.24 75.19
CA TYR J 106 1.71 -46.03 74.37
C TYR J 106 2.34 -44.88 75.16
N ILE J 107 1.98 -44.74 76.43
CA ILE J 107 2.56 -43.69 77.26
C ILE J 107 4.07 -43.87 77.33
N LEU J 108 4.52 -45.10 77.61
CA LEU J 108 5.94 -45.35 77.77
C LEU J 108 6.69 -45.16 76.45
N ILE J 109 6.08 -45.54 75.32
CA ILE J 109 6.71 -45.33 74.03
C ILE J 109 6.89 -43.84 73.76
N LYS J 110 5.86 -43.04 74.06
CA LYS J 110 5.98 -41.60 73.84
C LYS J 110 7.06 -40.99 74.73
N ARG J 111 7.10 -41.38 76.00
CA ARG J 111 8.13 -40.87 76.91
C ARG J 111 9.52 -41.27 76.44
N GLY J 112 9.68 -42.52 75.98
CA GLY J 112 11.00 -42.95 75.52
C GLY J 112 11.44 -42.22 74.27
N VAL J 113 10.52 -42.04 73.32
CA VAL J 113 10.90 -41.38 72.07
C VAL J 113 11.22 -39.91 72.30
N ARG J 114 10.40 -39.23 73.13
CA ARG J 114 10.65 -37.81 73.40
C ARG J 114 11.99 -37.62 74.10
N GLU J 115 12.25 -38.40 75.16
CA GLU J 115 13.49 -38.33 75.92
C GLU J 115 14.69 -38.83 75.15
N GLY J 116 14.54 -39.25 73.90
CA GLY J 116 15.65 -39.79 73.14
C GLY J 116 16.24 -41.04 73.73
N ARG J 117 15.42 -41.87 74.39
CA ARG J 117 15.92 -43.10 74.97
C ARG J 117 16.34 -44.08 73.88
N PRO J 118 17.32 -44.93 74.17
CA PRO J 118 17.73 -45.93 73.17
C PRO J 118 16.60 -46.93 72.89
N ILE J 119 16.58 -47.43 71.65
CA ILE J 119 15.60 -48.43 71.25
C ILE J 119 15.73 -49.68 72.11
N GLU J 120 16.95 -49.99 72.56
CA GLU J 120 17.19 -51.20 73.32
C GLU J 120 16.34 -51.27 74.59
N GLU J 121 16.41 -50.21 75.40
CA GLU J 121 15.70 -50.25 76.67
C GLU J 121 14.19 -50.11 76.48
N ILE J 122 13.75 -49.41 75.43
CA ILE J 122 12.34 -49.36 75.10
C ILE J 122 11.83 -50.77 74.79
N ALA J 123 12.58 -51.51 73.97
CA ALA J 123 12.19 -52.87 73.64
C ALA J 123 12.16 -53.76 74.86
N ARG J 124 13.15 -53.64 75.75
CA ARG J 124 13.16 -54.43 76.97
C ARG J 124 11.95 -54.12 77.84
N GLU J 125 11.60 -52.83 77.96
CA GLU J 125 10.43 -52.44 78.75
C GLU J 125 9.15 -53.01 78.16
N VAL J 126 9.00 -52.94 76.84
CA VAL J 126 7.81 -53.48 76.19
C VAL J 126 7.70 -54.98 76.45
N GLY J 127 8.81 -55.70 76.32
CA GLY J 127 8.79 -57.13 76.59
C GLY J 127 8.43 -57.44 78.03
N ARG J 128 8.98 -56.67 78.98
CA ARG J 128 8.66 -56.88 80.39
C ARG J 128 7.19 -56.66 80.66
N LYS J 129 6.61 -55.60 80.08
CA LYS J 129 5.19 -55.33 80.28
C LYS J 129 4.32 -56.45 79.71
N LEU J 130 4.66 -56.92 78.50
CA LEU J 130 3.90 -58.01 77.90
C LEU J 130 3.99 -59.28 78.74
N VAL J 131 5.17 -59.59 79.28
CA VAL J 131 5.32 -60.79 80.09
C VAL J 131 4.52 -60.65 81.38
N GLU J 132 4.51 -59.47 81.98
CA GLU J 132 3.72 -59.27 83.20
C GLU J 132 2.23 -59.43 82.92
N LEU J 133 1.76 -58.90 81.80
CA LEU J 133 0.36 -59.10 81.43
C LEU J 133 0.05 -60.57 81.23
N ALA J 134 0.93 -61.30 80.55
CA ALA J 134 0.71 -62.72 80.32
C ALA J 134 0.65 -63.49 81.63
N LYS J 135 1.55 -63.16 82.56
CA LYS J 135 1.52 -63.82 83.88
C LYS J 135 0.23 -63.52 84.62
N ARG J 136 -0.24 -62.26 84.56
CA ARG J 136 -1.51 -61.91 85.19
C ARG J 136 -2.65 -62.73 84.61
N LEU J 137 -2.75 -62.76 83.28
CA LEU J 137 -3.84 -63.50 82.64
C LEU J 137 -3.76 -64.98 82.94
N GLU J 138 -2.56 -65.54 83.00
CA GLU J 138 -2.41 -66.94 83.35
C GLU J 138 -2.87 -67.20 84.78
N LYS J 139 -2.59 -66.26 85.69
CA LYS J 139 -3.09 -66.40 87.06
C LYS J 139 -4.61 -66.32 87.10
N GLU J 140 -5.21 -65.47 86.28
CA GLU J 140 -6.67 -65.35 86.27
C GLU J 140 -7.33 -66.66 85.85
N GLY J 141 -6.80 -67.31 84.82
CA GLY J 141 -7.36 -68.56 84.35
C GLY J 141 -7.64 -68.57 82.86
N ILE J 142 -7.20 -67.53 82.16
CA ILE J 142 -7.38 -67.46 80.71
C ILE J 142 -6.39 -68.39 80.04
N SER J 143 -6.85 -69.12 79.04
CA SER J 143 -6.02 -70.08 78.34
C SER J 143 -4.94 -69.37 77.51
N TRP J 144 -3.92 -70.12 77.14
CA TRP J 144 -2.74 -69.52 76.50
C TRP J 144 -3.01 -69.10 75.07
N GLU J 145 -3.96 -69.74 74.39
CA GLU J 145 -4.32 -69.29 73.05
C GLU J 145 -4.94 -67.90 73.08
N GLU J 146 -5.84 -67.66 74.03
CA GLU J 146 -6.42 -66.32 74.19
C GLU J 146 -5.36 -65.31 74.60
N ILE J 147 -4.43 -65.71 75.48
CA ILE J 147 -3.35 -64.81 75.90
C ILE J 147 -2.51 -64.41 74.70
N ILE J 148 -2.17 -65.39 73.85
CA ILE J 148 -1.34 -65.09 72.69
C ILE J 148 -2.09 -64.17 71.73
N GLU J 149 -3.38 -64.43 71.51
CA GLU J 149 -4.14 -63.57 70.59
C GLU J 149 -4.24 -62.14 71.11
N LEU J 150 -4.48 -61.98 72.41
CA LEU J 150 -4.49 -60.64 73.00
C LEU J 150 -3.14 -59.96 72.84
N ILE J 151 -2.05 -60.71 73.06
CA ILE J 151 -0.72 -60.15 72.94
C ILE J 151 -0.44 -59.70 71.51
N GLU J 152 -0.86 -60.49 70.51
CA GLU J 152 -0.64 -60.07 69.13
C GLU J 152 -1.49 -58.87 68.75
N ARG J 153 -2.71 -58.75 69.30
CA ARG J 153 -3.47 -57.52 69.06
C ARG J 153 -2.76 -56.31 69.64
N ILE J 154 -2.22 -56.45 70.87
CA ILE J 154 -1.45 -55.37 71.47
C ILE J 154 -0.22 -55.05 70.63
N LEU J 155 0.40 -56.08 70.05
CA LEU J 155 1.59 -55.88 69.24
C LEU J 155 1.27 -55.12 67.94
N GLU J 156 0.13 -55.43 67.34
CA GLU J 156 -0.30 -54.66 66.16
C GLU J 156 -0.58 -53.20 66.52
N SER J 157 -1.20 -52.97 67.68
CA SER J 157 -1.39 -51.60 68.15
C SER J 157 -0.05 -50.90 68.36
N ILE J 158 0.92 -51.60 68.94
CA ILE J 158 2.26 -51.04 69.14
C ILE J 158 2.90 -50.70 67.80
N ARG J 159 2.74 -51.58 66.82
CA ARG J 159 3.31 -51.33 65.50
C ARG J 159 2.73 -50.06 64.89
N GLU J 160 1.41 -49.89 64.99
CA GLU J 160 0.80 -48.66 64.48
C GLU J 160 1.30 -47.43 65.22
N ILE J 161 1.40 -47.52 66.56
CA ILE J 161 1.85 -46.38 67.35
C ILE J 161 3.28 -46.01 66.98
N LEU J 162 4.16 -47.01 66.84
CA LEU J 162 5.54 -46.74 66.50
C LEU J 162 5.65 -46.14 65.11
N LYS J 163 4.87 -46.65 64.15
CA LYS J 163 4.87 -46.06 62.81
C LYS J 163 4.38 -44.62 62.85
N GLU J 164 3.48 -44.29 63.78
CA GLU J 164 3.03 -42.91 63.91
C GLU J 164 4.15 -41.99 64.33
N GLU J 165 5.03 -42.45 65.24
CA GLU J 165 6.12 -41.63 65.74
C GLU J 165 7.21 -41.36 64.72
N GLY J 166 7.05 -41.83 63.48
CA GLY J 166 8.06 -41.61 62.46
C GLY J 166 9.27 -42.51 62.53
N LEU J 167 9.24 -43.54 63.36
CA LEU J 167 10.37 -44.47 63.42
C LEU J 167 10.44 -45.29 62.13
N PRO J 168 11.64 -45.61 61.67
CA PRO J 168 11.77 -46.46 60.48
C PRO J 168 11.45 -47.91 60.80
N GLU J 169 11.32 -48.70 59.73
CA GLU J 169 10.84 -50.08 59.86
C GLU J 169 11.81 -50.96 60.64
N SER J 170 13.10 -50.68 60.57
CA SER J 170 14.10 -51.56 61.17
C SER J 170 13.94 -51.61 62.69
N GLU J 171 13.87 -50.44 63.33
CA GLU J 171 13.73 -50.41 64.79
C GLU J 171 12.38 -50.94 65.24
N ILE J 172 11.32 -50.68 64.46
CA ILE J 172 10.00 -51.21 64.79
C ILE J 172 10.04 -52.73 64.79
N ASN J 173 10.63 -53.31 63.74
CA ASN J 173 10.73 -54.77 63.66
C ASN J 173 11.61 -55.31 64.78
N ARG J 174 12.67 -54.59 65.13
CA ARG J 174 13.54 -55.03 66.22
C ARG J 174 12.79 -55.07 67.55
N ILE J 175 12.02 -54.02 67.85
CA ILE J 175 11.26 -53.98 69.09
C ILE J 175 10.23 -55.09 69.14
N LEU J 176 9.50 -55.27 68.03
CA LEU J 176 8.46 -56.30 67.99
C LEU J 176 9.07 -57.69 68.15
N ALA J 177 10.18 -57.96 67.46
CA ALA J 177 10.84 -59.25 67.57
C ALA J 177 11.32 -59.50 68.99
N VAL J 178 11.87 -58.48 69.65
CA VAL J 178 12.35 -58.64 71.01
C VAL J 178 11.19 -58.97 71.95
N SER J 179 10.06 -58.27 71.79
CA SER J 179 8.90 -58.54 72.66
C SER J 179 8.38 -59.97 72.46
N ILE J 180 8.24 -60.38 71.19
CA ILE J 180 7.78 -61.74 70.90
C ILE J 180 8.74 -62.75 71.49
N LEU J 181 10.05 -62.50 71.37
CA LEU J 181 11.04 -63.43 71.90
C LEU J 181 11.01 -63.47 73.43
N GLU J 182 10.67 -62.36 74.08
CA GLU J 182 10.55 -62.38 75.54
C GLU J 182 9.36 -63.23 75.98
N VAL J 183 8.24 -63.10 75.27
CA VAL J 183 7.09 -63.97 75.58
C VAL J 183 7.47 -65.44 75.36
N ALA J 184 8.16 -65.72 74.25
CA ALA J 184 8.58 -67.09 73.98
C ALA J 184 9.56 -67.59 75.04
N LYS J 185 10.42 -66.71 75.55
CA LYS J 185 11.35 -67.08 76.61
C LYS J 185 10.61 -67.44 77.88
N TYR J 186 9.56 -66.68 78.22
CA TYR J 186 8.74 -67.05 79.36
C TYR J 186 8.10 -68.41 79.17
N LEU J 187 7.59 -68.68 77.96
CA LEU J 187 7.01 -69.98 77.69
C LEU J 187 8.04 -71.10 77.83
N LEU J 188 9.26 -70.88 77.32
CA LEU J 188 10.31 -71.88 77.43
C LEU J 188 10.68 -72.14 78.89
N GLU J 189 10.76 -71.08 79.70
CA GLU J 189 11.03 -71.24 81.12
C GLU J 189 9.93 -72.07 81.79
N LYS J 190 8.67 -71.82 81.42
CA LYS J 190 7.58 -72.63 81.95
C LYS J 190 7.75 -74.09 81.55
N LEU J 191 8.10 -74.35 80.29
CA LEU J 191 8.29 -75.73 79.83
C LEU J 191 9.46 -76.40 80.53
N GLY J 192 10.56 -75.68 80.73
CA GLY J 192 11.72 -76.23 81.41
C GLY J 192 12.87 -76.60 80.49
N PHE J 193 13.09 -75.81 79.45
CA PHE J 193 14.16 -76.01 78.49
C PHE J 193 15.17 -74.88 78.68
N ASP J 194 16.14 -75.09 79.56
CA ASP J 194 17.05 -74.02 79.96
C ASP J 194 18.01 -73.64 78.84
N TYR J 195 18.54 -74.63 78.12
CA TYR J 195 19.50 -74.33 77.07
C TYR J 195 18.89 -73.49 75.96
N LEU J 196 17.65 -73.83 75.56
CA LEU J 196 16.96 -73.00 74.58
C LEU J 196 16.71 -71.61 75.13
N VAL J 197 16.48 -71.48 76.43
CA VAL J 197 16.34 -70.16 77.04
C VAL J 197 17.62 -69.37 76.84
N GLU J 198 18.78 -69.97 77.15
CA GLU J 198 20.06 -69.28 77.03
C GLU J 198 20.32 -68.85 75.58
N LEU J 199 20.07 -69.75 74.63
CA LEU J 199 20.18 -69.38 73.23
C LEU J 199 19.25 -68.22 72.88
N LEU J 200 18.08 -68.18 73.53
CA LEU J 200 17.15 -67.10 73.27
C LEU J 200 17.67 -65.76 73.80
N ASP J 201 18.29 -65.76 74.99
CA ASP J 201 18.91 -64.50 75.43
C ASP J 201 20.03 -64.08 74.49
N ARG J 202 20.82 -65.04 74.01
CA ARG J 202 21.87 -64.69 73.06
C ARG J 202 21.30 -64.04 71.81
N ALA J 203 20.23 -64.62 71.25
CA ALA J 203 19.60 -64.07 70.06
C ALA J 203 18.99 -62.69 70.35
N ILE J 204 18.38 -62.52 71.52
CA ILE J 204 17.79 -61.23 71.87
C ILE J 204 18.86 -60.16 71.97
N GLU J 205 19.99 -60.49 72.60
CA GLU J 205 21.10 -59.55 72.69
C GLU J 205 21.64 -59.19 71.31
N TYR J 206 21.76 -60.18 70.42
CA TYR J 206 22.23 -59.89 69.08
C TYR J 206 21.26 -58.99 68.31
N ILE J 207 19.96 -59.22 68.47
CA ILE J 207 18.97 -58.36 67.84
C ILE J 207 19.06 -56.95 68.39
N LEU J 208 19.22 -56.81 69.70
CA LEU J 208 19.24 -55.50 70.33
C LEU J 208 20.48 -54.71 69.94
N LYS J 209 21.63 -55.39 69.84
CA LYS J 209 22.87 -54.71 69.46
C LYS J 209 22.93 -54.36 67.98
N GLY J 210 22.00 -54.84 67.17
CA GLY J 210 21.95 -54.51 65.77
C GLY J 210 22.45 -55.60 64.84
N ARG J 211 23.06 -56.65 65.36
CA ARG J 211 23.60 -57.74 64.54
C ARG J 211 22.45 -58.65 64.14
N SER J 212 21.93 -58.46 62.93
CA SER J 212 20.70 -59.10 62.50
C SER J 212 20.92 -60.48 61.90
N GLU J 213 21.93 -60.63 61.02
CA GLU J 213 22.13 -61.91 60.34
C GLU J 213 22.55 -63.01 61.31
N LEU J 214 23.42 -62.68 62.27
CA LEU J 214 23.77 -63.65 63.30
C LEU J 214 22.56 -64.07 64.10
N ALA J 215 21.68 -63.11 64.41
CA ALA J 215 20.45 -63.42 65.13
C ALA J 215 19.55 -64.32 64.31
N VAL J 216 19.46 -64.09 63.00
CA VAL J 216 18.62 -64.93 62.15
C VAL J 216 19.16 -66.35 62.12
N HIS J 217 20.48 -66.51 62.01
CA HIS J 217 21.06 -67.86 62.01
C HIS J 217 20.82 -68.55 63.36
N LEU J 218 20.98 -67.81 64.46
CA LEU J 218 20.70 -68.35 65.78
C LEU J 218 19.25 -68.78 65.91
N LEU J 219 18.33 -67.97 65.35
CA LEU J 219 16.92 -68.31 65.41
C LEU J 219 16.60 -69.53 64.57
N ASP J 220 17.28 -69.69 63.44
CA ASP J 220 17.14 -70.91 62.65
C ASP J 220 17.57 -72.15 63.44
N ASP J 221 18.70 -72.05 64.13
CA ASP J 221 19.15 -73.18 64.95
C ASP J 221 18.17 -73.46 66.09
N ILE J 222 17.63 -72.40 66.70
CA ILE J 222 16.65 -72.56 67.77
C ILE J 222 15.38 -73.23 67.24
N ILE J 223 14.95 -72.84 66.04
CA ILE J 223 13.76 -73.43 65.44
C ILE J 223 13.98 -74.91 65.17
N ARG J 224 15.17 -75.27 64.68
CA ARG J 224 15.47 -76.68 64.47
C ARG J 224 15.43 -77.46 65.77
N ARG J 225 16.00 -76.90 66.83
CA ARG J 225 15.99 -77.57 68.12
C ARG J 225 14.56 -77.73 68.66
N VAL J 226 13.73 -76.71 68.47
CA VAL J 226 12.34 -76.77 68.94
C VAL J 226 11.58 -77.84 68.18
N HIS J 227 11.78 -77.92 66.86
CA HIS J 227 11.13 -78.95 66.07
C HIS J 227 11.60 -80.34 66.50
N GLU J 228 12.88 -80.49 66.82
CA GLU J 228 13.37 -81.76 67.34
C GLU J 228 12.68 -82.13 68.65
N GLU J 229 12.51 -81.16 69.54
CA GLU J 229 11.82 -81.42 70.80
C GLU J 229 10.37 -81.84 70.57
N ILE J 230 9.69 -81.15 69.65
CA ILE J 230 8.30 -81.48 69.34
C ILE J 230 8.20 -82.90 68.79
N GLU J 231 9.10 -83.25 67.86
CA GLU J 231 9.11 -84.59 67.32
C GLU J 231 9.41 -85.64 68.38
N ARG J 232 10.26 -85.30 69.35
CA ARG J 232 10.51 -86.22 70.45
C ARG J 232 9.27 -86.44 71.29
N TYR J 233 8.47 -85.39 71.51
CA TYR J 233 7.28 -85.52 72.34
C TYR J 233 6.26 -86.47 71.74
N GLY J 234 6.06 -86.40 70.43
CA GLY J 234 5.19 -87.36 69.75
C GLY J 234 3.75 -86.86 69.69
N ASP J 235 2.83 -87.63 70.28
CA ASP J 235 1.41 -87.31 70.26
C ASP J 235 0.96 -86.54 71.50
N ASP J 236 1.81 -86.41 72.52
CA ASP J 236 1.45 -85.76 73.77
C ASP J 236 2.07 -84.37 73.88
N VAL J 237 2.19 -83.65 72.77
CA VAL J 237 2.84 -82.35 72.75
C VAL J 237 1.99 -81.34 73.51
N PRO J 238 2.52 -80.67 74.53
CA PRO J 238 1.78 -79.59 75.17
C PRO J 238 1.62 -78.41 74.23
N GLU J 239 0.52 -77.66 74.44
CA GLU J 239 0.20 -76.53 73.59
C GLU J 239 1.21 -75.40 73.71
N GLU J 240 1.90 -75.31 74.86
CA GLU J 240 2.91 -74.27 75.02
C GLU J 240 4.04 -74.44 74.02
N LEU J 241 4.42 -75.68 73.72
CA LEU J 241 5.48 -75.92 72.75
C LEU J 241 5.07 -75.45 71.35
N LEU J 242 3.82 -75.70 70.95
CA LEU J 242 3.37 -75.26 69.63
C LEU J 242 3.27 -73.74 69.56
N LEU J 243 2.76 -73.12 70.62
CA LEU J 243 2.71 -71.65 70.65
C LEU J 243 4.10 -71.05 70.61
N LEU J 244 5.05 -71.66 71.34
CA LEU J 244 6.44 -71.21 71.29
C LEU J 244 7.02 -71.35 69.89
N ASP J 245 6.73 -72.47 69.22
CA ASP J 245 7.16 -72.66 67.84
C ASP J 245 6.67 -71.52 66.95
N LEU J 246 5.37 -71.22 67.03
CA LEU J 246 4.81 -70.15 66.20
C LEU J 246 5.44 -68.81 66.53
N LEU J 247 5.63 -68.53 67.82
CA LEU J 247 6.21 -67.26 68.23
C LEU J 247 7.62 -67.10 67.71
N VAL J 248 8.45 -68.13 67.86
CA VAL J 248 9.83 -68.06 67.40
C VAL J 248 9.88 -67.91 65.89
N GLN J 249 8.98 -68.60 65.17
CA GLN J 249 8.97 -68.46 63.72
C GLN J 249 8.62 -67.04 63.29
N LYS J 250 7.60 -66.45 63.91
CA LYS J 250 7.24 -65.08 63.53
C LYS J 250 8.32 -64.08 63.94
N ALA J 251 8.99 -64.32 65.08
CA ALA J 251 10.10 -63.46 65.47
C ALA J 251 11.26 -63.56 64.49
N ARG J 252 11.54 -64.76 63.99
CA ARG J 252 12.58 -64.92 62.98
C ARG J 252 12.20 -64.22 61.70
N ASP J 253 10.93 -64.28 61.30
CA ASP J 253 10.49 -63.54 60.12
C ASP J 253 10.70 -62.04 60.30
N LEU J 254 10.34 -61.51 61.47
CA LEU J 254 10.53 -60.08 61.73
C LEU J 254 12.02 -59.72 61.72
N ALA J 255 12.86 -60.57 62.32
CA ALA J 255 14.29 -60.29 62.34
C ALA J 255 14.88 -60.31 60.94
N ALA J 256 14.40 -61.21 60.08
CA ALA J 256 14.82 -61.20 58.68
C ALA J 256 14.37 -59.91 58.00
N ARG J 257 13.16 -59.45 58.28
CA ARG J 257 12.66 -58.23 57.64
C ARG J 257 13.33 -56.96 58.17
N ILE J 258 14.13 -57.05 59.22
CA ILE J 258 14.79 -55.88 59.79
C ILE J 258 15.66 -55.19 58.74
N MET K 25 -68.04 -53.81 6.50
CA MET K 25 -68.32 -53.74 5.07
C MET K 25 -69.78 -53.98 4.76
N GLU K 26 -70.68 -53.51 5.63
CA GLU K 26 -72.10 -53.76 5.45
C GLU K 26 -72.66 -53.06 4.21
N LYS K 27 -71.98 -52.03 3.70
CA LYS K 27 -72.43 -51.39 2.47
C LYS K 27 -72.41 -52.36 1.31
N LEU K 28 -71.39 -53.20 1.22
CA LEU K 28 -71.31 -54.18 0.14
C LEU K 28 -72.34 -55.29 0.29
N GLU K 29 -72.68 -55.68 1.52
CA GLU K 29 -73.78 -56.61 1.71
C GLU K 29 -75.11 -56.00 1.31
N VAL K 30 -75.30 -54.71 1.59
CA VAL K 30 -76.50 -54.02 1.13
C VAL K 30 -76.54 -53.99 -0.40
N ALA K 31 -75.39 -53.76 -1.03
CA ALA K 31 -75.30 -53.81 -2.48
C ALA K 31 -75.66 -55.19 -3.03
N VAL K 32 -75.19 -56.25 -2.36
CA VAL K 32 -75.51 -57.60 -2.80
C VAL K 32 -77.02 -57.87 -2.68
N GLU K 33 -77.62 -57.43 -1.58
CA GLU K 33 -79.07 -57.57 -1.42
C GLU K 33 -79.82 -56.81 -2.49
N HIS K 34 -79.38 -55.60 -2.78
CA HIS K 34 -79.96 -54.87 -3.88
C HIS K 34 -79.86 -55.62 -5.19
N LEU K 35 -78.69 -56.19 -5.49
CA LEU K 35 -78.51 -56.94 -6.73
C LEU K 35 -79.47 -58.12 -6.80
N LYS K 36 -79.66 -58.81 -5.68
CA LYS K 36 -80.68 -59.87 -5.66
C LYS K 36 -82.06 -59.30 -5.95
N GLU K 37 -82.38 -58.15 -5.36
CA GLU K 37 -83.67 -57.50 -5.63
C GLU K 37 -83.80 -57.15 -7.11
N ALA K 38 -82.72 -56.68 -7.72
CA ALA K 38 -82.74 -56.34 -9.15
C ALA K 38 -83.00 -57.57 -10.01
N ILE K 39 -82.37 -58.69 -9.67
CA ILE K 39 -82.61 -59.93 -10.41
C ILE K 39 -84.08 -60.33 -10.28
N GLU K 40 -84.63 -60.26 -9.06
CA GLU K 40 -86.03 -60.59 -8.86
C GLU K 40 -86.95 -59.66 -9.64
N LEU K 41 -86.61 -58.37 -9.69
CA LEU K 41 -87.43 -57.40 -10.43
C LEU K 41 -87.40 -57.67 -11.92
N ILE K 42 -86.22 -57.96 -12.48
CA ILE K 42 -86.14 -58.33 -13.89
C ILE K 42 -86.98 -59.58 -14.15
N GLU K 43 -86.95 -60.54 -13.22
CA GLU K 43 -87.78 -61.73 -13.38
C GLU K 43 -89.26 -61.39 -13.37
N LYS K 44 -89.67 -60.46 -12.50
CA LYS K 44 -91.08 -60.10 -12.40
C LYS K 44 -91.56 -59.37 -13.66
N GLY K 45 -90.81 -58.37 -14.10
CA GLY K 45 -91.18 -57.65 -15.30
C GLY K 45 -91.11 -56.14 -15.17
N GLU K 46 -90.67 -55.63 -14.02
CA GLU K 46 -90.53 -54.20 -13.81
C GLU K 46 -89.12 -53.78 -14.19
N TYR K 47 -88.98 -53.22 -15.40
CA TYR K 47 -87.68 -52.83 -15.92
C TYR K 47 -87.26 -51.43 -15.51
N VAL K 48 -88.21 -50.53 -15.30
CA VAL K 48 -87.89 -49.19 -14.82
C VAL K 48 -87.32 -49.27 -13.40
N LYS K 49 -87.96 -50.06 -12.54
CA LYS K 49 -87.46 -50.23 -11.19
C LYS K 49 -86.11 -50.92 -11.18
N ALA K 50 -85.89 -51.85 -12.12
CA ALA K 50 -84.58 -52.49 -12.24
C ALA K 50 -83.50 -51.50 -12.64
N ASP K 51 -83.81 -50.61 -13.59
CA ASP K 51 -82.85 -49.59 -14.00
C ASP K 51 -82.51 -48.65 -12.84
N LEU K 52 -83.53 -48.24 -12.09
CA LEU K 52 -83.32 -47.37 -10.94
C LEU K 52 -82.52 -48.07 -9.84
N ILE K 53 -82.79 -49.36 -9.61
CA ILE K 53 -82.02 -50.13 -8.65
C ILE K 53 -80.56 -50.23 -9.07
N LEU K 54 -80.31 -50.40 -10.36
CA LEU K 54 -78.93 -50.45 -10.84
C LEU K 54 -78.23 -49.12 -10.58
N THR K 55 -78.92 -48.01 -10.78
CA THR K 55 -78.33 -46.72 -10.43
C THR K 55 -78.03 -46.61 -8.94
N ASP K 56 -78.94 -47.11 -8.10
CA ASP K 56 -78.70 -47.09 -6.65
C ASP K 56 -77.49 -47.95 -6.28
N ILE K 57 -77.35 -49.12 -6.91
CA ILE K 57 -76.22 -49.99 -6.64
C ILE K 57 -74.92 -49.31 -7.05
N LEU K 58 -74.94 -48.61 -8.20
CA LEU K 58 -73.76 -47.87 -8.61
C LEU K 58 -73.40 -46.80 -7.59
N ARG K 59 -74.40 -46.11 -7.06
CA ARG K 59 -74.14 -45.09 -6.04
C ARG K 59 -73.52 -45.72 -4.78
N LEU K 60 -74.06 -46.87 -4.35
CA LEU K 60 -73.50 -47.56 -3.19
C LEU K 60 -72.04 -47.97 -3.41
N LEU K 61 -71.76 -48.57 -4.57
CA LEU K 61 -70.40 -49.02 -4.85
C LEU K 61 -69.43 -47.85 -4.95
N GLU K 62 -69.86 -46.75 -5.55
CA GLU K 62 -69.02 -45.56 -5.59
C GLU K 62 -68.80 -44.99 -4.20
N GLU K 63 -69.80 -45.11 -3.31
CA GLU K 63 -69.61 -44.72 -1.93
C GLU K 63 -68.54 -45.56 -1.26
N GLU K 64 -68.54 -46.87 -1.52
CA GLU K 64 -67.51 -47.74 -0.95
C GLU K 64 -66.13 -47.41 -1.52
N GLY K 65 -66.01 -47.34 -2.84
CA GLY K 65 -64.77 -46.92 -3.46
C GLY K 65 -63.88 -48.00 -4.05
N VAL K 66 -64.46 -48.96 -4.76
CA VAL K 66 -63.71 -49.99 -5.47
C VAL K 66 -63.84 -49.72 -6.96
N LYS K 67 -62.72 -49.43 -7.62
CA LYS K 67 -62.75 -48.90 -8.98
C LYS K 67 -63.31 -49.92 -9.97
N SER K 68 -62.83 -51.16 -9.90
CA SER K 68 -63.29 -52.18 -10.83
C SER K 68 -64.78 -52.42 -10.69
N LEU K 69 -65.27 -52.51 -9.46
CA LEU K 69 -66.70 -52.65 -9.22
C LEU K 69 -67.46 -51.45 -9.76
N ILE K 70 -66.89 -50.26 -9.65
CA ILE K 70 -67.58 -49.05 -10.10
C ILE K 70 -67.75 -49.07 -11.62
N LYS K 71 -66.67 -49.34 -12.36
CA LYS K 71 -66.78 -49.37 -13.81
C LYS K 71 -67.69 -50.50 -14.27
N GLN K 72 -67.62 -51.65 -13.59
CA GLN K 72 -68.51 -52.75 -13.92
C GLN K 72 -69.96 -52.36 -13.69
N ALA K 73 -70.24 -51.61 -12.63
CA ALA K 73 -71.62 -51.22 -12.36
C ALA K 73 -72.14 -50.21 -13.37
N LYS K 74 -71.30 -49.26 -13.79
CA LYS K 74 -71.73 -48.30 -14.81
C LYS K 74 -72.03 -48.99 -16.14
N GLU K 75 -71.09 -49.84 -16.60
CA GLU K 75 -71.34 -50.56 -17.84
C GLU K 75 -72.52 -51.50 -17.71
N LEU K 76 -72.75 -52.04 -16.50
CA LEU K 76 -73.92 -52.87 -16.28
C LEU K 76 -75.21 -52.07 -16.45
N HIS K 77 -75.25 -50.87 -15.90
CA HIS K 77 -76.44 -50.03 -16.06
C HIS K 77 -76.72 -49.79 -17.54
N ILE K 78 -75.71 -49.35 -18.29
CA ILE K 78 -75.92 -49.03 -19.70
C ILE K 78 -76.37 -50.28 -20.47
N GLU K 79 -75.64 -51.38 -20.31
CA GLU K 79 -75.91 -52.56 -21.12
C GLU K 79 -77.23 -53.22 -20.74
N VAL K 80 -77.59 -53.21 -19.45
CA VAL K 80 -78.86 -53.79 -19.04
C VAL K 80 -80.01 -52.94 -19.56
N PHE K 81 -79.87 -51.62 -19.56
CA PHE K 81 -80.91 -50.79 -20.16
C PHE K 81 -81.10 -51.14 -21.63
N LYS K 82 -80.00 -51.26 -22.37
CA LYS K 82 -80.10 -51.61 -23.79
C LYS K 82 -80.75 -52.98 -23.98
N LEU K 83 -80.31 -53.97 -23.22
CA LEU K 83 -80.83 -55.33 -23.38
C LEU K 83 -82.31 -55.41 -23.01
N LEU K 84 -82.72 -54.74 -21.94
CA LEU K 84 -84.13 -54.73 -21.58
C LEU K 84 -84.97 -54.01 -22.61
N LYS K 85 -84.40 -52.99 -23.28
CA LYS K 85 -85.07 -52.41 -24.42
C LYS K 85 -85.27 -53.44 -25.53
N GLU K 86 -84.20 -54.19 -25.84
CA GLU K 86 -84.29 -55.18 -26.92
C GLU K 86 -85.15 -56.37 -26.53
N GLY K 87 -85.15 -56.76 -25.26
CA GLY K 87 -85.88 -57.92 -24.80
C GLY K 87 -85.03 -59.09 -24.37
N GLU K 88 -83.71 -58.92 -24.26
CA GLU K 88 -82.80 -60.00 -23.84
C GLU K 88 -82.77 -60.05 -22.31
N TYR K 89 -83.80 -60.66 -21.75
CA TYR K 89 -83.90 -60.74 -20.29
C TYR K 89 -82.79 -61.60 -19.69
N LYS K 90 -82.50 -62.75 -20.33
CA LYS K 90 -81.52 -63.67 -19.79
C LYS K 90 -80.12 -63.06 -19.78
N GLU K 91 -79.76 -62.32 -20.83
CA GLU K 91 -78.45 -61.68 -20.85
C GLU K 91 -78.31 -60.64 -19.75
N ALA K 92 -79.36 -59.85 -19.52
CA ALA K 92 -79.31 -58.86 -18.45
C ALA K 92 -79.22 -59.53 -17.09
N LYS K 93 -80.00 -60.60 -16.88
CA LYS K 93 -79.90 -61.35 -15.63
C LYS K 93 -78.51 -61.92 -15.43
N ALA K 94 -77.89 -62.42 -16.51
CA ALA K 94 -76.55 -62.96 -16.42
C ALA K 94 -75.55 -61.87 -16.03
N LEU K 95 -75.67 -60.68 -16.61
CA LEU K 95 -74.76 -59.60 -16.25
C LEU K 95 -74.92 -59.18 -14.80
N VAL K 96 -76.17 -59.09 -14.33
CA VAL K 96 -76.41 -58.74 -12.93
C VAL K 96 -75.84 -59.80 -12.00
N GLU K 97 -76.02 -61.08 -12.36
CA GLU K 97 -75.47 -62.16 -11.55
C GLU K 97 -73.95 -62.14 -11.53
N ALA K 98 -73.34 -61.79 -12.66
CA ALA K 98 -71.89 -61.68 -12.72
C ALA K 98 -71.40 -60.57 -11.80
N LEU K 99 -72.06 -59.42 -11.80
CA LEU K 99 -71.66 -58.34 -10.89
C LEU K 99 -71.86 -58.74 -9.43
N ARG K 100 -72.96 -59.46 -9.15
CA ARG K 100 -73.20 -59.93 -7.78
C ARG K 100 -72.09 -60.86 -7.32
N VAL K 101 -71.71 -61.82 -8.16
CA VAL K 101 -70.65 -62.75 -7.83
C VAL K 101 -69.34 -62.02 -7.63
N SER K 102 -69.07 -61.01 -8.47
CA SER K 102 -67.84 -60.24 -8.32
C SER K 102 -67.78 -59.51 -6.99
N VAL K 103 -68.90 -58.90 -6.58
CA VAL K 103 -68.93 -58.18 -5.31
C VAL K 103 -68.77 -59.13 -4.13
N GLU K 104 -69.48 -60.27 -4.17
CA GLU K 104 -69.33 -61.25 -3.10
C GLU K 104 -67.91 -61.78 -3.03
N LEU K 105 -67.28 -62.01 -4.18
CA LEU K 105 -65.90 -62.48 -4.20
C LEU K 105 -64.96 -61.45 -3.62
N TYR K 106 -65.19 -60.17 -3.90
CA TYR K 106 -64.36 -59.13 -3.29
C TYR K 106 -64.53 -59.15 -1.77
N ILE K 107 -65.76 -59.30 -1.30
CA ILE K 107 -66.01 -59.35 0.15
C ILE K 107 -65.23 -60.52 0.77
N LEU K 108 -65.32 -61.69 0.15
CA LEU K 108 -64.67 -62.87 0.69
C LEU K 108 -63.15 -62.74 0.65
N ILE K 109 -62.61 -62.13 -0.41
CA ILE K 109 -61.17 -61.91 -0.50
C ILE K 109 -60.71 -60.99 0.63
N LYS K 110 -61.45 -59.92 0.88
CA LYS K 110 -61.07 -59.00 1.94
C LYS K 110 -61.13 -59.68 3.31
N ARG K 111 -62.19 -60.45 3.56
CA ARG K 111 -62.29 -61.17 4.82
C ARG K 111 -61.16 -62.18 4.99
N GLY K 112 -60.82 -62.90 3.92
CA GLY K 112 -59.74 -63.86 4.02
C GLY K 112 -58.38 -63.22 4.25
N VAL K 113 -58.10 -62.12 3.56
CA VAL K 113 -56.82 -61.46 3.72
C VAL K 113 -56.68 -60.85 5.09
N ARG K 114 -57.74 -60.19 5.58
CA ARG K 114 -57.69 -59.57 6.91
C ARG K 114 -57.49 -60.62 7.99
N GLU K 115 -58.29 -61.69 7.96
CA GLU K 115 -58.19 -62.78 8.93
C GLU K 115 -56.93 -63.60 8.80
N GLY K 116 -56.04 -63.28 7.86
CA GLY K 116 -54.84 -64.07 7.67
C GLY K 116 -55.12 -65.50 7.24
N ARG K 117 -56.19 -65.72 6.49
CA ARG K 117 -56.52 -67.06 6.02
C ARG K 117 -55.47 -67.53 5.00
N PRO K 118 -55.23 -68.84 4.93
CA PRO K 118 -54.28 -69.35 3.93
C PRO K 118 -54.79 -69.11 2.52
N ILE K 119 -53.84 -68.94 1.60
CA ILE K 119 -54.16 -68.76 0.19
C ILE K 119 -54.92 -69.96 -0.35
N GLU K 120 -54.62 -71.15 0.18
CA GLU K 120 -55.23 -72.38 -0.31
C GLU K 120 -56.75 -72.34 -0.23
N GLU K 121 -57.28 -72.04 0.95
CA GLU K 121 -58.73 -72.07 1.12
C GLU K 121 -59.41 -70.91 0.43
N ILE K 122 -58.73 -69.76 0.33
CA ILE K 122 -59.25 -68.65 -0.46
C ILE K 122 -59.43 -69.07 -1.91
N ALA K 123 -58.41 -69.73 -2.47
CA ALA K 123 -58.48 -70.20 -3.86
C ALA K 123 -59.60 -71.22 -4.03
N ARG K 124 -59.74 -72.15 -3.09
CA ARG K 124 -60.82 -73.13 -3.18
C ARG K 124 -62.18 -72.46 -3.14
N GLU K 125 -62.35 -71.45 -2.28
CA GLU K 125 -63.61 -70.74 -2.20
C GLU K 125 -63.92 -70.01 -3.50
N VAL K 126 -62.91 -69.34 -4.08
CA VAL K 126 -63.12 -68.64 -5.33
C VAL K 126 -63.54 -69.61 -6.43
N GLY K 127 -62.87 -70.75 -6.51
CA GLY K 127 -63.24 -71.75 -7.50
C GLY K 127 -64.66 -72.26 -7.30
N ARG K 128 -65.05 -72.52 -6.05
CA ARG K 128 -66.39 -72.99 -5.77
C ARG K 128 -67.44 -71.96 -6.18
N LYS K 129 -67.19 -70.68 -5.90
CA LYS K 129 -68.13 -69.63 -6.28
C LYS K 129 -68.25 -69.53 -7.80
N LEU K 130 -67.13 -69.60 -8.51
CA LEU K 130 -67.17 -69.53 -9.96
C LEU K 130 -67.93 -70.72 -10.55
N VAL K 131 -67.73 -71.92 -9.99
CA VAL K 131 -68.44 -73.09 -10.50
C VAL K 131 -69.93 -72.97 -10.24
N GLU K 132 -70.31 -72.44 -9.07
CA GLU K 132 -71.72 -72.27 -8.78
C GLU K 132 -72.36 -71.27 -9.73
N LEU K 133 -71.66 -70.17 -10.03
CA LEU K 133 -72.16 -69.22 -11.00
C LEU K 133 -72.33 -69.86 -12.38
N ALA K 134 -71.34 -70.65 -12.79
CA ALA K 134 -71.42 -71.30 -14.10
C ALA K 134 -72.60 -72.26 -14.16
N LYS K 135 -72.83 -73.02 -13.08
CA LYS K 135 -73.98 -73.92 -13.04
C LYS K 135 -75.29 -73.16 -13.12
N ARG K 136 -75.38 -72.03 -12.40
CA ARG K 136 -76.58 -71.21 -12.47
C ARG K 136 -76.84 -70.72 -13.88
N LEU K 137 -75.80 -70.17 -14.53
CA LEU K 137 -75.97 -69.64 -15.88
C LEU K 137 -76.32 -70.75 -16.87
N GLU K 138 -75.74 -71.93 -16.69
CA GLU K 138 -76.08 -73.06 -17.55
C GLU K 138 -77.54 -73.45 -17.37
N LYS K 139 -78.03 -73.41 -16.13
CA LYS K 139 -79.44 -73.70 -15.89
C LYS K 139 -80.33 -72.65 -16.55
N GLU K 140 -79.92 -71.38 -16.52
CA GLU K 140 -80.72 -70.33 -17.13
C GLU K 140 -80.88 -70.55 -18.63
N GLY K 141 -79.80 -70.91 -19.31
CA GLY K 141 -79.86 -71.14 -20.74
C GLY K 141 -78.80 -70.38 -21.52
N ILE K 142 -77.87 -69.74 -20.79
CA ILE K 142 -76.78 -69.02 -21.44
C ILE K 142 -75.76 -70.01 -21.97
N SER K 143 -75.27 -69.76 -23.19
CA SER K 143 -74.32 -70.66 -23.82
C SER K 143 -72.98 -70.61 -23.10
N TRP K 144 -72.16 -71.64 -23.35
CA TRP K 144 -70.92 -71.80 -22.60
C TRP K 144 -69.85 -70.78 -23.01
N GLU K 145 -69.89 -70.29 -24.24
CA GLU K 145 -68.96 -69.24 -24.64
C GLU K 145 -69.20 -67.96 -23.84
N GLU K 146 -70.46 -67.58 -23.68
CA GLU K 146 -70.80 -66.41 -22.87
C GLU K 146 -70.42 -66.64 -21.40
N ILE K 147 -70.67 -67.86 -20.90
CA ILE K 147 -70.31 -68.17 -19.52
C ILE K 147 -68.81 -68.03 -19.31
N ILE K 148 -68.02 -68.54 -20.25
CA ILE K 148 -66.56 -68.46 -20.13
C ILE K 148 -66.12 -66.99 -20.19
N GLU K 149 -66.69 -66.20 -21.10
CA GLU K 149 -66.29 -64.80 -21.18
C GLU K 149 -66.63 -64.04 -19.90
N LEU K 150 -67.82 -64.27 -19.35
CA LEU K 150 -68.18 -63.65 -18.07
C LEU K 150 -67.21 -64.07 -16.98
N ILE K 151 -66.85 -65.35 -16.93
CA ILE K 151 -65.94 -65.85 -15.92
C ILE K 151 -64.57 -65.20 -16.04
N GLU K 152 -64.06 -65.03 -17.27
CA GLU K 152 -62.78 -64.37 -17.43
C GLU K 152 -62.83 -62.89 -17.06
N ARG K 153 -63.94 -62.21 -17.33
CA ARG K 153 -64.07 -60.84 -16.86
C ARG K 153 -64.02 -60.79 -15.33
N ILE K 154 -64.72 -61.70 -14.67
CA ILE K 154 -64.68 -61.77 -13.21
C ILE K 154 -63.27 -62.06 -12.74
N LEU K 155 -62.54 -62.92 -13.47
CA LEU K 155 -61.17 -63.26 -13.09
C LEU K 155 -60.24 -62.08 -13.21
N GLU K 156 -60.41 -61.25 -14.25
CA GLU K 156 -59.62 -60.03 -14.37
C GLU K 156 -59.93 -59.07 -13.22
N SER K 157 -61.21 -58.96 -12.85
CA SER K 157 -61.57 -58.15 -11.69
C SER K 157 -60.91 -58.68 -10.42
N ILE K 158 -60.90 -60.00 -10.24
CA ILE K 158 -60.26 -60.62 -9.09
C ILE K 158 -58.76 -60.32 -9.09
N ARG K 159 -58.12 -60.39 -10.26
CA ARG K 159 -56.71 -60.10 -10.35
C ARG K 159 -56.42 -58.67 -9.90
N GLU K 160 -57.23 -57.72 -10.36
CA GLU K 160 -57.03 -56.33 -9.93
C GLU K 160 -57.24 -56.18 -8.43
N ILE K 161 -58.28 -56.82 -7.89
CA ILE K 161 -58.57 -56.72 -6.46
C ILE K 161 -57.42 -57.29 -5.65
N LEU K 162 -56.91 -58.46 -6.05
CA LEU K 162 -55.81 -59.09 -5.33
C LEU K 162 -54.54 -58.24 -5.41
N LYS K 163 -54.26 -57.67 -6.57
CA LYS K 163 -53.11 -56.77 -6.69
C LYS K 163 -53.27 -55.55 -5.79
N GLU K 164 -54.51 -55.09 -5.58
CA GLU K 164 -54.75 -53.97 -4.68
C GLU K 164 -54.36 -54.31 -3.24
N GLU K 165 -54.65 -55.54 -2.81
CA GLU K 165 -54.37 -55.95 -1.43
C GLU K 165 -52.88 -56.12 -1.15
N GLY K 166 -52.00 -55.84 -2.11
CA GLY K 166 -50.58 -55.97 -1.88
C GLY K 166 -50.04 -57.38 -1.97
N LEU K 167 -50.84 -58.33 -2.43
CA LEU K 167 -50.34 -59.70 -2.58
C LEU K 167 -49.32 -59.75 -3.72
N PRO K 168 -48.29 -60.59 -3.58
CA PRO K 168 -47.33 -60.75 -4.68
C PRO K 168 -47.91 -61.58 -5.82
N GLU K 169 -47.19 -61.57 -6.94
CA GLU K 169 -47.71 -62.16 -8.17
C GLU K 169 -47.88 -63.67 -8.06
N SER K 170 -47.05 -64.34 -7.26
CA SER K 170 -47.08 -65.80 -7.20
C SER K 170 -48.41 -66.31 -6.67
N GLU K 171 -48.87 -65.78 -5.54
CA GLU K 171 -50.12 -66.23 -4.97
C GLU K 171 -51.31 -65.83 -5.83
N ILE K 172 -51.26 -64.65 -6.45
CA ILE K 172 -52.32 -64.23 -7.36
C ILE K 172 -52.45 -65.22 -8.51
N ASN K 173 -51.32 -65.57 -9.12
CA ASN K 173 -51.33 -66.53 -10.22
C ASN K 173 -51.81 -67.90 -9.75
N ARG K 174 -51.42 -68.29 -8.53
CA ARG K 174 -51.87 -69.57 -8.00
C ARG K 174 -53.38 -69.62 -7.84
N ILE K 175 -53.96 -68.55 -7.27
CA ILE K 175 -55.40 -68.50 -7.07
C ILE K 175 -56.13 -68.52 -8.41
N LEU K 176 -55.66 -67.72 -9.36
CA LEU K 176 -56.31 -67.66 -10.66
C LEU K 176 -56.24 -69.00 -11.38
N ALA K 177 -55.07 -69.65 -11.34
CA ALA K 177 -54.91 -70.95 -11.97
C ALA K 177 -55.82 -71.99 -11.34
N VAL K 178 -55.94 -71.97 -10.01
CA VAL K 178 -56.81 -72.93 -9.33
C VAL K 178 -58.26 -72.72 -9.73
N SER K 179 -58.71 -71.46 -9.81
CA SER K 179 -60.10 -71.19 -10.21
C SER K 179 -60.37 -71.65 -11.64
N ILE K 180 -59.45 -71.33 -12.55
CA ILE K 180 -59.62 -71.77 -13.93
C ILE K 180 -59.65 -73.28 -14.01
N LEU K 181 -58.78 -73.96 -13.25
CA LEU K 181 -58.75 -75.41 -13.26
C LEU K 181 -60.02 -76.01 -12.66
N GLU K 182 -60.63 -75.34 -11.69
CA GLU K 182 -61.89 -75.84 -11.15
C GLU K 182 -63.02 -75.74 -12.18
N VAL K 183 -63.07 -74.63 -12.93
CA VAL K 183 -64.04 -74.53 -14.01
C VAL K 183 -63.80 -75.62 -15.06
N ALA K 184 -62.52 -75.83 -15.41
CA ALA K 184 -62.19 -76.88 -16.37
C ALA K 184 -62.56 -78.26 -15.85
N LYS K 185 -62.40 -78.48 -14.54
CA LYS K 185 -62.78 -79.75 -13.94
C LYS K 185 -64.28 -79.98 -14.03
N TYR K 186 -65.06 -78.93 -13.80
CA TYR K 186 -66.51 -79.06 -13.98
C TYR K 186 -66.85 -79.41 -15.43
N LEU K 187 -66.18 -78.76 -16.38
CA LEU K 187 -66.40 -79.09 -17.79
C LEU K 187 -66.05 -80.54 -18.09
N LEU K 188 -64.92 -81.03 -17.56
CA LEU K 188 -64.51 -82.41 -17.78
C LEU K 188 -65.51 -83.39 -17.17
N GLU K 189 -66.03 -83.07 -15.99
CA GLU K 189 -67.06 -83.92 -15.39
C GLU K 189 -68.31 -83.95 -16.26
N LYS K 190 -68.70 -82.81 -16.83
CA LYS K 190 -69.82 -82.81 -17.75
C LYS K 190 -69.55 -83.68 -18.96
N LEU K 191 -68.34 -83.59 -19.53
CA LEU K 191 -68.01 -84.41 -20.69
C LEU K 191 -67.96 -85.89 -20.35
N GLY K 192 -67.43 -86.26 -19.18
CA GLY K 192 -67.40 -87.65 -18.77
C GLY K 192 -66.03 -88.29 -18.90
N PHE K 193 -64.98 -87.53 -18.61
CA PHE K 193 -63.60 -88.01 -18.67
C PHE K 193 -63.08 -88.03 -17.23
N ASP K 194 -63.27 -89.17 -16.55
CA ASP K 194 -62.98 -89.26 -15.14
C ASP K 194 -61.48 -89.23 -14.85
N TYR K 195 -60.68 -89.92 -15.67
CA TYR K 195 -59.25 -89.98 -15.43
C TYR K 195 -58.61 -88.60 -15.54
N LEU K 196 -59.01 -87.84 -16.56
CA LEU K 196 -58.53 -86.47 -16.67
C LEU K 196 -58.97 -85.63 -15.49
N VAL K 197 -60.16 -85.90 -14.94
CA VAL K 197 -60.60 -85.22 -13.74
C VAL K 197 -59.63 -85.50 -12.60
N GLU K 198 -59.30 -86.78 -12.38
CA GLU K 198 -58.40 -87.15 -11.28
C GLU K 198 -57.03 -86.50 -11.44
N LEU K 199 -56.49 -86.52 -12.66
CA LEU K 199 -55.23 -85.82 -12.90
C LEU K 199 -55.37 -84.33 -12.61
N LEU K 200 -56.55 -83.76 -12.87
CA LEU K 200 -56.76 -82.35 -12.58
C LEU K 200 -56.77 -82.06 -11.09
N ASP K 201 -57.39 -82.94 -10.28
CA ASP K 201 -57.29 -82.75 -8.83
C ASP K 201 -55.84 -82.86 -8.38
N ARG K 202 -55.08 -83.81 -8.94
CA ARG K 202 -53.68 -83.92 -8.57
C ARG K 202 -52.92 -82.63 -8.87
N ALA K 203 -53.13 -82.08 -10.06
CA ALA K 203 -52.45 -80.85 -10.43
C ALA K 203 -52.90 -79.67 -9.56
N ILE K 204 -54.18 -79.61 -9.21
CA ILE K 204 -54.68 -78.54 -8.35
C ILE K 204 -54.06 -78.63 -6.97
N GLU K 205 -53.96 -79.84 -6.42
CA GLU K 205 -53.31 -80.02 -5.12
C GLU K 205 -51.85 -79.61 -5.18
N TYR K 206 -51.15 -79.97 -6.26
CA TYR K 206 -49.75 -79.59 -6.38
C TYR K 206 -49.58 -78.07 -6.48
N ILE K 207 -50.48 -77.41 -7.21
CA ILE K 207 -50.44 -75.95 -7.29
C ILE K 207 -50.70 -75.34 -5.92
N LEU K 208 -51.68 -75.87 -5.19
CA LEU K 208 -52.05 -75.30 -3.90
C LEU K 208 -50.94 -75.48 -2.87
N LYS K 209 -50.27 -76.64 -2.87
CA LYS K 209 -49.20 -76.91 -1.93
C LYS K 209 -47.92 -76.15 -2.25
N GLY K 210 -47.83 -75.50 -3.41
CA GLY K 210 -46.67 -74.71 -3.78
C GLY K 210 -45.74 -75.37 -4.76
N ARG K 211 -45.93 -76.65 -5.06
CA ARG K 211 -45.06 -77.38 -5.99
C ARG K 211 -45.47 -77.03 -7.41
N SER K 212 -44.75 -76.08 -8.02
CA SER K 212 -45.15 -75.50 -9.29
C SER K 212 -44.67 -76.29 -10.50
N GLU K 213 -43.41 -76.72 -10.51
CA GLU K 213 -42.85 -77.39 -11.68
C GLU K 213 -43.52 -78.74 -11.92
N LEU K 214 -43.78 -79.49 -10.84
CA LEU K 214 -44.52 -80.74 -10.98
C LEU K 214 -45.90 -80.50 -11.55
N ALA K 215 -46.55 -79.43 -11.09
CA ALA K 215 -47.87 -79.10 -11.61
C ALA K 215 -47.81 -78.74 -13.09
N VAL K 216 -46.76 -78.01 -13.50
CA VAL K 216 -46.62 -77.65 -14.91
C VAL K 216 -46.43 -78.89 -15.77
N HIS K 217 -45.61 -79.84 -15.31
CA HIS K 217 -45.42 -81.07 -16.07
C HIS K 217 -46.71 -81.88 -16.14
N LEU K 218 -47.45 -81.94 -15.02
CA LEU K 218 -48.75 -82.62 -15.02
C LEU K 218 -49.71 -81.95 -15.99
N LEU K 219 -49.71 -80.62 -16.05
CA LEU K 219 -50.59 -79.90 -16.95
C LEU K 219 -50.20 -80.13 -18.39
N ASP K 220 -48.90 -80.26 -18.67
CA ASP K 220 -48.46 -80.62 -20.01
C ASP K 220 -48.98 -81.99 -20.43
N ASP K 221 -48.90 -82.96 -19.52
CA ASP K 221 -49.42 -84.29 -19.83
C ASP K 221 -50.93 -84.26 -20.03
N ILE K 222 -51.64 -83.47 -19.21
CA ILE K 222 -53.08 -83.33 -19.36
C ILE K 222 -53.43 -82.70 -20.69
N ILE K 223 -52.66 -81.69 -21.12
CA ILE K 223 -52.90 -81.03 -22.39
C ILE K 223 -52.70 -82.00 -23.53
N ARG K 224 -51.65 -82.83 -23.46
CA ARG K 224 -51.45 -83.85 -24.49
C ARG K 224 -52.61 -84.82 -24.55
N ARG K 225 -53.11 -85.26 -23.40
CA ARG K 225 -54.24 -86.18 -23.38
C ARG K 225 -55.49 -85.53 -23.97
N VAL K 226 -55.71 -84.25 -23.64
CA VAL K 226 -56.89 -83.54 -24.16
C VAL K 226 -56.80 -83.41 -25.67
N HIS K 227 -55.62 -83.08 -26.19
CA HIS K 227 -55.45 -82.99 -27.64
C HIS K 227 -55.66 -84.35 -28.31
N GLU K 228 -55.22 -85.42 -27.66
CA GLU K 228 -55.48 -86.76 -28.19
C GLU K 228 -56.98 -87.03 -28.25
N GLU K 229 -57.71 -86.65 -27.20
CA GLU K 229 -59.16 -86.86 -27.21
C GLU K 229 -59.83 -86.05 -28.32
N ILE K 230 -59.41 -84.80 -28.50
CA ILE K 230 -59.97 -83.96 -29.55
C ILE K 230 -59.71 -84.57 -30.92
N GLU K 231 -58.48 -85.04 -31.14
CA GLU K 231 -58.16 -85.68 -32.42
C GLU K 231 -58.96 -86.95 -32.63
N ARG K 232 -59.25 -87.69 -31.55
CA ARG K 232 -60.09 -88.87 -31.68
C ARG K 232 -61.50 -88.49 -32.08
N TYR K 233 -62.02 -87.39 -31.56
CA TYR K 233 -63.39 -87.00 -31.88
C TYR K 233 -63.57 -86.68 -33.35
N GLY K 234 -62.61 -85.99 -33.94
CA GLY K 234 -62.63 -85.74 -35.38
C GLY K 234 -63.36 -84.43 -35.72
N ASP K 235 -64.43 -84.53 -36.50
CA ASP K 235 -65.19 -83.37 -36.93
C ASP K 235 -66.39 -83.07 -36.04
N ASP K 236 -66.72 -83.96 -35.11
CA ASP K 236 -67.90 -83.79 -34.24
C ASP K 236 -67.50 -83.37 -32.83
N VAL K 237 -66.45 -82.56 -32.69
CA VAL K 237 -65.94 -82.17 -31.39
C VAL K 237 -66.94 -81.25 -30.69
N PRO K 238 -67.40 -81.59 -29.50
CA PRO K 238 -68.24 -80.66 -28.73
C PRO K 238 -67.46 -79.43 -28.31
N GLU K 239 -68.18 -78.32 -28.17
CA GLU K 239 -67.55 -77.05 -27.81
C GLU K 239 -66.96 -77.07 -26.40
N GLU K 240 -67.50 -77.92 -25.53
CA GLU K 240 -66.96 -78.01 -24.17
C GLU K 240 -65.52 -78.48 -24.18
N LEU K 241 -65.18 -79.40 -25.09
CA LEU K 241 -63.80 -79.89 -25.18
C LEU K 241 -62.85 -78.77 -25.60
N LEU K 242 -63.26 -77.93 -26.55
CA LEU K 242 -62.40 -76.84 -26.98
C LEU K 242 -62.25 -75.79 -25.89
N LEU K 243 -63.34 -75.46 -25.21
CA LEU K 243 -63.26 -74.52 -24.11
C LEU K 243 -62.37 -75.05 -22.99
N LEU K 244 -62.49 -76.35 -22.70
CA LEU K 244 -61.61 -76.99 -21.71
C LEU K 244 -60.16 -76.92 -22.13
N ASP K 245 -59.88 -77.17 -23.42
CA ASP K 245 -58.52 -77.05 -23.94
C ASP K 245 -57.97 -75.66 -23.67
N LEU K 246 -58.73 -74.62 -24.04
CA LEU K 246 -58.27 -73.25 -23.84
C LEU K 246 -58.06 -72.95 -22.35
N LEU K 247 -58.97 -73.41 -21.50
CA LEU K 247 -58.85 -73.15 -20.07
C LEU K 247 -57.61 -73.80 -19.49
N VAL K 248 -57.36 -75.06 -19.83
CA VAL K 248 -56.20 -75.77 -19.30
C VAL K 248 -54.92 -75.12 -19.81
N GLN K 249 -54.91 -74.67 -21.07
CA GLN K 249 -53.72 -74.01 -21.60
C GLN K 249 -53.43 -72.71 -20.85
N LYS K 250 -54.45 -71.89 -20.60
CA LYS K 250 -54.21 -70.64 -19.89
C LYS K 250 -53.84 -70.89 -18.43
N ALA K 251 -54.40 -71.93 -17.81
CA ALA K 251 -54.02 -72.29 -16.46
C ALA K 251 -52.57 -72.75 -16.39
N ARG K 252 -52.12 -73.50 -17.39
CA ARG K 252 -50.72 -73.91 -17.45
C ARG K 252 -49.81 -72.71 -17.63
N ASP K 253 -50.22 -71.74 -18.45
CA ASP K 253 -49.42 -70.53 -18.59
C ASP K 253 -49.31 -69.79 -17.27
N LEU K 254 -50.42 -69.66 -16.54
CA LEU K 254 -50.38 -69.00 -15.23
C LEU K 254 -49.50 -69.76 -14.25
N ALA K 255 -49.60 -71.10 -14.24
CA ALA K 255 -48.78 -71.89 -13.34
C ALA K 255 -47.30 -71.75 -13.66
N ALA K 256 -46.96 -71.66 -14.95
CA ALA K 256 -45.57 -71.39 -15.32
C ALA K 256 -45.14 -70.01 -14.84
N ARG K 257 -46.01 -69.02 -14.95
CA ARG K 257 -45.66 -67.67 -14.51
C ARG K 257 -45.58 -67.52 -13.00
N ILE K 258 -46.00 -68.53 -12.24
CA ILE K 258 -45.98 -68.46 -10.77
C ILE K 258 -44.57 -68.19 -10.27
N MET L 25 -64.40 -34.77 -47.06
CA MET L 25 -63.46 -35.55 -47.86
C MET L 25 -64.02 -35.84 -49.25
N GLU L 26 -64.75 -34.88 -49.82
CA GLU L 26 -65.38 -35.10 -51.12
C GLU L 26 -64.38 -35.24 -52.25
N LYS L 27 -63.13 -34.78 -52.04
CA LYS L 27 -62.10 -34.96 -53.06
C LYS L 27 -61.82 -36.44 -53.29
N LEU L 28 -61.79 -37.23 -52.21
CA LEU L 28 -61.53 -38.66 -52.36
C LEU L 28 -62.71 -39.39 -52.98
N GLU L 29 -63.95 -38.94 -52.73
CA GLU L 29 -65.09 -39.51 -53.44
C GLU L 29 -65.04 -39.17 -54.93
N VAL L 30 -64.59 -37.96 -55.27
CA VAL L 30 -64.40 -37.61 -56.67
C VAL L 30 -63.33 -38.50 -57.29
N ALA L 31 -62.26 -38.76 -56.55
CA ALA L 31 -61.23 -39.68 -57.03
C ALA L 31 -61.77 -41.07 -57.26
N VAL L 32 -62.62 -41.56 -56.36
CA VAL L 32 -63.23 -42.89 -56.52
C VAL L 32 -64.11 -42.93 -57.76
N GLU L 33 -64.89 -41.88 -57.98
CA GLU L 33 -65.72 -41.81 -59.19
C GLU L 33 -64.86 -41.79 -60.44
N HIS L 34 -63.79 -41.03 -60.41
CA HIS L 34 -62.85 -41.06 -61.51
C HIS L 34 -62.31 -42.44 -61.77
N LEU L 35 -61.91 -43.16 -60.70
CA LEU L 35 -61.38 -44.51 -60.85
C LEU L 35 -62.41 -45.44 -61.50
N LYS L 36 -63.68 -45.31 -61.10
CA LYS L 36 -64.72 -46.08 -61.77
C LYS L 36 -64.80 -45.71 -63.25
N GLU L 37 -64.70 -44.41 -63.56
CA GLU L 37 -64.71 -43.98 -64.95
C GLU L 37 -63.53 -44.57 -65.71
N ALA L 38 -62.36 -44.63 -65.07
CA ALA L 38 -61.18 -45.21 -65.71
C ALA L 38 -61.38 -46.69 -66.01
N ILE L 39 -61.97 -47.43 -65.07
CA ILE L 39 -62.26 -48.84 -65.32
C ILE L 39 -63.21 -48.99 -66.50
N GLU L 40 -64.26 -48.16 -66.54
CA GLU L 40 -65.20 -48.22 -67.64
C GLU L 40 -64.53 -47.88 -68.97
N LEU L 41 -63.61 -46.91 -68.96
CA LEU L 41 -62.92 -46.52 -70.18
C LEU L 41 -62.00 -47.63 -70.68
N ILE L 42 -61.26 -48.27 -69.77
CA ILE L 42 -60.44 -49.41 -70.16
C ILE L 42 -61.32 -50.51 -70.75
N GLU L 43 -62.50 -50.73 -70.16
CA GLU L 43 -63.42 -51.72 -70.70
C GLU L 43 -63.88 -51.34 -72.11
N LYS L 44 -64.15 -50.06 -72.34
CA LYS L 44 -64.63 -49.62 -73.65
C LYS L 44 -63.55 -49.76 -74.71
N GLY L 45 -62.34 -49.28 -74.43
CA GLY L 45 -61.25 -49.38 -75.37
C GLY L 45 -60.47 -48.11 -75.58
N GLU L 46 -60.80 -47.05 -74.85
CA GLU L 46 -60.09 -45.77 -74.95
C GLU L 46 -58.97 -45.76 -73.93
N TYR L 47 -57.74 -46.04 -74.39
CA TYR L 47 -56.59 -46.13 -73.50
C TYR L 47 -55.91 -44.80 -73.27
N VAL L 48 -55.97 -43.88 -74.24
CA VAL L 48 -55.42 -42.55 -74.04
C VAL L 48 -56.21 -41.81 -72.98
N LYS L 49 -57.53 -41.88 -73.05
CA LYS L 49 -58.37 -41.23 -72.04
C LYS L 49 -58.16 -41.87 -70.68
N ALA L 50 -57.94 -43.19 -70.64
CA ALA L 50 -57.65 -43.86 -69.39
C ALA L 50 -56.34 -43.37 -68.78
N ASP L 51 -55.30 -43.22 -69.60
CA ASP L 51 -54.03 -42.71 -69.12
C ASP L 51 -54.17 -41.28 -68.58
N LEU L 52 -54.92 -40.44 -69.30
CA LEU L 52 -55.14 -39.07 -68.85
C LEU L 52 -55.95 -39.02 -67.56
N ILE L 53 -56.96 -39.90 -67.44
CA ILE L 53 -57.74 -39.98 -66.21
C ILE L 53 -56.86 -40.41 -65.04
N LEU L 54 -55.94 -41.34 -65.28
CA LEU L 54 -55.03 -41.75 -64.21
C LEU L 54 -54.16 -40.59 -63.76
N THR L 55 -53.71 -39.76 -64.70
CA THR L 55 -52.96 -38.56 -64.32
C THR L 55 -53.83 -37.61 -63.49
N ASP L 56 -55.09 -37.44 -63.88
CA ASP L 56 -56.00 -36.59 -63.12
C ASP L 56 -56.21 -37.12 -61.71
N ILE L 57 -56.37 -38.44 -61.57
CA ILE L 57 -56.55 -39.05 -60.26
C ILE L 57 -55.31 -38.84 -59.40
N LEU L 58 -54.13 -38.96 -60.00
CA LEU L 58 -52.90 -38.69 -59.26
C LEU L 58 -52.87 -37.25 -58.78
N ARG L 59 -53.28 -36.31 -59.63
CA ARG L 59 -53.33 -34.91 -59.21
C ARG L 59 -54.29 -34.70 -58.05
N LEU L 60 -55.47 -35.32 -58.11
CA LEU L 60 -56.44 -35.22 -57.01
C LEU L 60 -55.86 -35.76 -55.71
N LEU L 61 -55.28 -36.96 -55.76
CA LEU L 61 -54.74 -37.58 -54.56
C LEU L 61 -53.60 -36.76 -53.98
N GLU L 62 -52.73 -36.21 -54.84
CA GLU L 62 -51.67 -35.34 -54.35
C GLU L 62 -52.24 -34.06 -53.73
N GLU L 63 -53.36 -33.57 -54.27
CA GLU L 63 -54.03 -32.44 -53.65
C GLU L 63 -54.52 -32.78 -52.25
N GLU L 64 -55.06 -33.99 -52.07
CA GLU L 64 -55.50 -34.40 -50.73
C GLU L 64 -54.32 -34.56 -49.79
N GLY L 65 -53.30 -35.31 -50.21
CA GLY L 65 -52.08 -35.42 -49.42
C GLY L 65 -51.90 -36.69 -48.61
N VAL L 66 -52.18 -37.85 -49.21
CA VAL L 66 -51.92 -39.14 -48.58
C VAL L 66 -50.79 -39.82 -49.33
N LYS L 67 -49.68 -40.05 -48.63
CA LYS L 67 -48.43 -40.43 -49.30
C LYS L 67 -48.55 -41.80 -49.96
N SER L 68 -49.09 -42.78 -49.24
CA SER L 68 -49.20 -44.13 -49.79
C SER L 68 -50.09 -44.14 -51.02
N LEU L 69 -51.22 -43.44 -50.97
CA LEU L 69 -52.08 -43.33 -52.12
C LEU L 69 -51.37 -42.64 -53.28
N ILE L 70 -50.52 -41.65 -52.97
CA ILE L 70 -49.82 -40.91 -54.03
C ILE L 70 -48.84 -41.83 -54.76
N LYS L 71 -48.01 -42.56 -54.01
CA LYS L 71 -47.05 -43.44 -54.67
C LYS L 71 -47.76 -44.56 -55.42
N GLN L 72 -48.84 -45.08 -54.83
CA GLN L 72 -49.62 -46.10 -55.53
C GLN L 72 -50.19 -45.56 -56.83
N ALA L 73 -50.64 -44.31 -56.84
CA ALA L 73 -51.22 -43.73 -58.06
C ALA L 73 -50.16 -43.51 -59.13
N LYS L 74 -48.96 -43.05 -58.74
CA LYS L 74 -47.89 -42.87 -59.73
C LYS L 74 -47.48 -44.20 -60.35
N GLU L 75 -47.22 -45.21 -59.51
CA GLU L 75 -46.86 -46.51 -60.04
C GLU L 75 -47.99 -47.10 -60.86
N LEU L 76 -49.25 -46.81 -60.49
CA LEU L 76 -50.38 -47.25 -61.28
C LEU L 76 -50.37 -46.64 -62.66
N HIS L 77 -50.10 -45.34 -62.75
CA HIS L 77 -50.03 -44.69 -64.06
C HIS L 77 -48.98 -45.36 -64.94
N ILE L 78 -47.76 -45.53 -64.40
CA ILE L 78 -46.69 -46.11 -65.21
C ILE L 78 -47.04 -47.53 -65.64
N GLU L 79 -47.45 -48.37 -64.68
CA GLU L 79 -47.66 -49.77 -64.99
C GLU L 79 -48.88 -49.98 -65.88
N VAL L 80 -49.93 -49.19 -65.71
CA VAL L 80 -51.09 -49.34 -66.57
C VAL L 80 -50.76 -48.88 -67.99
N PHE L 81 -49.95 -47.83 -68.14
CA PHE L 81 -49.51 -47.46 -69.48
C PHE L 81 -48.76 -48.60 -70.15
N LYS L 82 -47.82 -49.22 -69.42
CA LYS L 82 -47.07 -50.33 -69.98
C LYS L 82 -47.98 -51.51 -70.34
N LEU L 83 -48.89 -51.87 -69.43
CA LEU L 83 -49.76 -53.02 -69.67
C LEU L 83 -50.71 -52.78 -70.83
N LEU L 84 -51.27 -51.58 -70.94
CA LEU L 84 -52.13 -51.26 -72.07
C LEU L 84 -51.35 -51.24 -73.38
N LYS L 85 -50.08 -50.86 -73.34
CA LYS L 85 -49.23 -51.05 -74.51
C LYS L 85 -49.12 -52.52 -74.89
N GLU L 86 -48.85 -53.37 -73.90
CA GLU L 86 -48.69 -54.80 -74.17
C GLU L 86 -50.00 -55.47 -74.54
N GLY L 87 -51.12 -55.01 -73.96
CA GLY L 87 -52.41 -55.62 -74.19
C GLY L 87 -53.00 -56.36 -73.02
N GLU L 88 -52.41 -56.23 -71.82
CA GLU L 88 -52.92 -56.91 -70.62
C GLU L 88 -54.00 -56.03 -69.99
N TYR L 89 -55.20 -56.12 -70.57
CA TYR L 89 -56.31 -55.30 -70.09
C TYR L 89 -56.74 -55.72 -68.68
N LYS L 90 -56.80 -57.02 -68.41
CA LYS L 90 -57.27 -57.51 -67.12
C LYS L 90 -56.33 -57.10 -65.99
N GLU L 91 -55.02 -57.15 -66.24
CA GLU L 91 -54.06 -56.74 -65.21
C GLU L 91 -54.20 -55.27 -64.87
N ALA L 92 -54.37 -54.42 -65.90
CA ALA L 92 -54.55 -53.00 -65.66
C ALA L 92 -55.85 -52.72 -64.91
N LYS L 93 -56.93 -53.41 -65.30
CA LYS L 93 -58.20 -53.26 -64.58
C LYS L 93 -58.04 -53.70 -63.13
N ALA L 94 -57.30 -54.78 -62.88
CA ALA L 94 -57.08 -55.23 -61.51
C ALA L 94 -56.31 -54.20 -60.71
N LEU L 95 -55.29 -53.59 -61.30
CA LEU L 95 -54.53 -52.56 -60.57
C LEU L 95 -55.39 -51.35 -60.25
N VAL L 96 -56.22 -50.92 -61.21
CA VAL L 96 -57.10 -49.78 -60.96
C VAL L 96 -58.12 -50.12 -59.87
N GLU L 97 -58.66 -51.34 -59.89
CA GLU L 97 -59.60 -51.75 -58.86
C GLU L 97 -58.93 -51.82 -57.50
N ALA L 98 -57.67 -52.26 -57.45
CA ALA L 98 -56.95 -52.29 -56.19
C ALA L 98 -56.76 -50.90 -55.62
N LEU L 99 -56.40 -49.93 -56.48
CA LEU L 99 -56.26 -48.55 -56.00
C LEU L 99 -57.60 -48.00 -55.54
N ARG L 100 -58.68 -48.32 -56.25
CA ARG L 100 -60.00 -47.86 -55.85
C ARG L 100 -60.38 -48.40 -54.47
N VAL L 101 -60.15 -49.70 -54.26
CA VAL L 101 -60.46 -50.32 -52.97
C VAL L 101 -59.60 -49.70 -51.87
N SER L 102 -58.34 -49.41 -52.17
CA SER L 102 -57.47 -48.79 -51.18
C SER L 102 -57.98 -47.40 -50.77
N VAL L 103 -58.41 -46.61 -51.75
CA VAL L 103 -58.91 -45.26 -51.45
C VAL L 103 -60.21 -45.34 -50.64
N GLU L 104 -61.13 -46.21 -51.05
CA GLU L 104 -62.37 -46.37 -50.30
C GLU L 104 -62.10 -46.85 -48.87
N LEU L 105 -61.13 -47.76 -48.71
CA LEU L 105 -60.79 -48.23 -47.38
C LEU L 105 -60.21 -47.12 -46.52
N TYR L 106 -59.38 -46.25 -47.12
CA TYR L 106 -58.89 -45.11 -46.36
C TYR L 106 -60.03 -44.20 -45.92
N ILE L 107 -60.99 -43.96 -46.82
CA ILE L 107 -62.14 -43.13 -46.47
C ILE L 107 -62.89 -43.74 -45.29
N LEU L 108 -63.16 -45.05 -45.36
CA LEU L 108 -63.92 -45.70 -44.31
C LEU L 108 -63.14 -45.71 -42.99
N ILE L 109 -61.82 -45.90 -43.04
CA ILE L 109 -61.03 -45.87 -41.83
C ILE L 109 -61.09 -44.50 -41.18
N LYS L 110 -60.99 -43.43 -41.99
CA LYS L 110 -61.07 -42.08 -41.43
C LYS L 110 -62.43 -41.81 -40.81
N ARG L 111 -63.50 -42.22 -41.50
CA ARG L 111 -64.83 -42.03 -40.95
C ARG L 111 -65.03 -42.81 -39.65
N GLY L 112 -64.53 -44.04 -39.60
CA GLY L 112 -64.67 -44.82 -38.39
C GLY L 112 -63.90 -44.26 -37.22
N VAL L 113 -62.66 -43.81 -37.48
CA VAL L 113 -61.84 -43.27 -36.39
C VAL L 113 -62.41 -41.96 -35.88
N ARG L 114 -62.84 -41.08 -36.79
CA ARG L 114 -63.40 -39.80 -36.36
C ARG L 114 -64.67 -40.00 -35.54
N GLU L 115 -65.60 -40.82 -36.04
CA GLU L 115 -66.85 -41.12 -35.35
C GLU L 115 -66.67 -41.94 -34.09
N GLY L 116 -65.45 -42.30 -33.72
CA GLY L 116 -65.23 -43.12 -32.55
C GLY L 116 -65.85 -44.51 -32.65
N ARG L 117 -65.91 -45.06 -33.86
CA ARG L 117 -66.47 -46.38 -34.03
C ARG L 117 -65.57 -47.43 -33.39
N PRO L 118 -66.15 -48.54 -32.92
CA PRO L 118 -65.32 -49.60 -32.34
C PRO L 118 -64.41 -50.23 -33.39
N ILE L 119 -63.25 -50.69 -32.92
CA ILE L 119 -62.30 -51.38 -33.80
C ILE L 119 -62.92 -52.62 -34.42
N GLU L 120 -63.84 -53.26 -33.69
CA GLU L 120 -64.44 -54.51 -34.17
C GLU L 120 -65.14 -54.33 -35.51
N GLU L 121 -66.04 -53.35 -35.60
CA GLU L 121 -66.80 -53.17 -36.83
C GLU L 121 -65.95 -52.61 -37.96
N ILE L 122 -64.94 -51.81 -37.63
CA ILE L 122 -64.00 -51.36 -38.65
C ILE L 122 -63.28 -52.55 -39.27
N ALA L 123 -62.81 -53.47 -38.42
CA ALA L 123 -62.14 -54.67 -38.91
C ALA L 123 -63.07 -55.52 -39.77
N ARG L 124 -64.32 -55.69 -39.34
CA ARG L 124 -65.27 -56.46 -40.13
C ARG L 124 -65.51 -55.81 -41.48
N GLU L 125 -65.63 -54.48 -41.52
CA GLU L 125 -65.84 -53.78 -42.78
C GLU L 125 -64.64 -53.95 -43.71
N VAL L 126 -63.42 -53.84 -43.17
CA VAL L 126 -62.23 -54.01 -43.99
C VAL L 126 -62.19 -55.41 -44.58
N GLY L 127 -62.48 -56.42 -43.76
CA GLY L 127 -62.51 -57.78 -44.26
C GLY L 127 -63.55 -57.99 -45.35
N ARG L 128 -64.74 -57.42 -45.16
CA ARG L 128 -65.80 -57.54 -46.16
C ARG L 128 -65.37 -56.90 -47.47
N LYS L 129 -64.75 -55.72 -47.42
CA LYS L 129 -64.30 -55.05 -48.63
C LYS L 129 -63.23 -55.87 -49.35
N LEU L 130 -62.28 -56.42 -48.60
CA LEU L 130 -61.24 -57.24 -49.21
C LEU L 130 -61.82 -58.49 -49.86
N VAL L 131 -62.79 -59.12 -49.21
CA VAL L 131 -63.40 -60.31 -49.78
C VAL L 131 -64.17 -59.98 -51.05
N GLU L 132 -64.87 -58.83 -51.06
CA GLU L 132 -65.59 -58.42 -52.26
C GLU L 132 -64.63 -58.15 -53.41
N LEU L 133 -63.50 -57.49 -53.13
CA LEU L 133 -62.50 -57.28 -54.17
C LEU L 133 -61.96 -58.60 -54.70
N ALA L 134 -61.68 -59.55 -53.80
CA ALA L 134 -61.18 -60.85 -54.23
C ALA L 134 -62.18 -61.57 -55.11
N LYS L 135 -63.46 -61.52 -54.73
CA LYS L 135 -64.50 -62.16 -55.56
C LYS L 135 -64.58 -61.50 -56.93
N ARG L 136 -64.49 -60.17 -56.98
CA ARG L 136 -64.51 -59.47 -58.27
C ARG L 136 -63.35 -59.92 -59.14
N LEU L 137 -62.13 -59.92 -58.58
CA LEU L 137 -60.96 -60.30 -59.36
C LEU L 137 -61.04 -61.74 -59.81
N GLU L 138 -61.57 -62.62 -58.96
CA GLU L 138 -61.75 -64.02 -59.36
C GLU L 138 -62.74 -64.13 -60.51
N LYS L 139 -63.79 -63.32 -60.50
CA LYS L 139 -64.74 -63.32 -61.61
C LYS L 139 -64.08 -62.82 -62.89
N GLU L 140 -63.20 -61.81 -62.78
CA GLU L 140 -62.53 -61.29 -63.96
C GLU L 140 -61.67 -62.35 -64.63
N GLY L 141 -60.92 -63.12 -63.84
CA GLY L 141 -60.06 -64.15 -64.38
C GLY L 141 -58.63 -64.06 -63.90
N ILE L 142 -58.38 -63.19 -62.93
CA ILE L 142 -57.05 -63.06 -62.36
C ILE L 142 -56.78 -64.24 -61.42
N SER L 143 -55.58 -64.80 -61.51
CA SER L 143 -55.23 -65.95 -60.69
C SER L 143 -55.12 -65.58 -59.22
N TRP L 144 -55.16 -66.60 -58.37
CA TRP L 144 -55.24 -66.35 -56.93
C TRP L 144 -53.92 -65.86 -56.35
N GLU L 145 -52.79 -66.19 -56.97
CA GLU L 145 -51.52 -65.65 -56.51
C GLU L 145 -51.47 -64.14 -56.69
N GLU L 146 -51.92 -63.66 -57.85
CA GLU L 146 -51.97 -62.21 -58.08
C GLU L 146 -52.97 -61.54 -57.14
N ILE L 147 -54.11 -62.20 -56.90
CA ILE L 147 -55.11 -61.65 -55.98
C ILE L 147 -54.52 -61.50 -54.59
N ILE L 148 -53.81 -62.54 -54.12
CA ILE L 148 -53.21 -62.49 -52.80
C ILE L 148 -52.16 -61.38 -52.73
N GLU L 149 -51.32 -61.25 -53.76
CA GLU L 149 -50.30 -60.20 -53.74
C GLU L 149 -50.92 -58.82 -53.72
N LEU L 150 -51.96 -58.59 -54.52
CA LEU L 150 -52.66 -57.32 -54.48
C LEU L 150 -53.25 -57.05 -53.10
N ILE L 151 -53.84 -58.08 -52.49
CA ILE L 151 -54.45 -57.93 -51.18
C ILE L 151 -53.39 -57.56 -50.14
N GLU L 152 -52.21 -58.20 -50.19
CA GLU L 152 -51.16 -57.85 -49.23
C GLU L 152 -50.61 -56.45 -49.46
N ARG L 153 -50.54 -55.99 -50.71
CA ARG L 153 -50.15 -54.60 -50.93
C ARG L 153 -51.18 -53.65 -50.32
N ILE L 154 -52.47 -53.94 -50.50
CA ILE L 154 -53.51 -53.12 -49.89
C ILE L 154 -53.40 -53.17 -48.37
N LEU L 155 -53.04 -54.34 -47.82
CA LEU L 155 -52.92 -54.47 -46.37
C LEU L 155 -51.75 -53.65 -45.83
N GLU L 156 -50.64 -53.61 -46.56
CA GLU L 156 -49.53 -52.74 -46.15
C GLU L 156 -49.92 -51.27 -46.20
N SER L 157 -50.68 -50.89 -47.23
CA SER L 157 -51.20 -49.52 -47.28
C SER L 157 -52.10 -49.23 -46.09
N ILE L 158 -52.96 -50.19 -45.73
CA ILE L 158 -53.84 -50.03 -44.58
C ILE L 158 -53.04 -49.89 -43.30
N ARG L 159 -51.97 -50.68 -43.16
CA ARG L 159 -51.12 -50.59 -41.98
C ARG L 159 -50.51 -49.20 -41.86
N GLU L 160 -50.00 -48.66 -42.97
CA GLU L 160 -49.44 -47.31 -42.92
C GLU L 160 -50.51 -46.28 -42.57
N ILE L 161 -51.70 -46.40 -43.15
CA ILE L 161 -52.77 -45.45 -42.89
C ILE L 161 -53.18 -45.49 -41.42
N LEU L 162 -53.31 -46.69 -40.87
CA LEU L 162 -53.70 -46.85 -39.46
C LEU L 162 -52.62 -46.29 -38.55
N LYS L 163 -51.35 -46.54 -38.86
CA LYS L 163 -50.27 -45.97 -38.07
C LYS L 163 -50.29 -44.45 -38.13
N GLU L 164 -50.73 -43.89 -39.26
CA GLU L 164 -50.83 -42.43 -39.37
C GLU L 164 -51.86 -41.87 -38.39
N GLU L 165 -52.99 -42.57 -38.22
CA GLU L 165 -54.06 -42.10 -37.35
C GLU L 165 -53.70 -42.16 -35.87
N GLY L 166 -52.49 -42.56 -35.52
CA GLY L 166 -52.10 -42.63 -34.13
C GLY L 166 -52.60 -43.83 -33.37
N LEU L 167 -53.16 -44.83 -34.05
CA LEU L 167 -53.60 -46.03 -33.38
C LEU L 167 -52.39 -46.83 -32.88
N PRO L 168 -52.50 -47.47 -31.72
CA PRO L 168 -51.40 -48.32 -31.25
C PRO L 168 -51.32 -49.62 -32.03
N GLU L 169 -50.21 -50.33 -31.82
CA GLU L 169 -49.90 -51.51 -32.62
C GLU L 169 -50.90 -52.64 -32.41
N SER L 170 -51.49 -52.74 -31.21
CA SER L 170 -52.35 -53.89 -30.90
C SER L 170 -53.59 -53.89 -31.78
N GLU L 171 -54.29 -52.75 -31.88
CA GLU L 171 -55.50 -52.70 -32.70
C GLU L 171 -55.18 -52.81 -34.18
N ILE L 172 -54.05 -52.25 -34.61
CA ILE L 172 -53.65 -52.39 -36.01
C ILE L 172 -53.44 -53.86 -36.36
N ASN L 173 -52.71 -54.58 -35.50
CA ASN L 173 -52.48 -55.99 -35.73
C ASN L 173 -53.79 -56.77 -35.68
N ARG L 174 -54.69 -56.40 -34.78
CA ARG L 174 -55.99 -57.06 -34.70
C ARG L 174 -56.78 -56.91 -35.99
N ILE L 175 -56.85 -55.68 -36.51
CA ILE L 175 -57.58 -55.43 -37.75
C ILE L 175 -56.97 -56.20 -38.91
N LEU L 176 -55.64 -56.16 -39.03
CA LEU L 176 -54.97 -56.85 -40.12
C LEU L 176 -55.19 -58.35 -40.04
N ALA L 177 -55.07 -58.93 -38.84
CA ALA L 177 -55.29 -60.35 -38.66
C ALA L 177 -56.71 -60.74 -39.02
N VAL L 178 -57.69 -59.92 -38.62
CA VAL L 178 -59.08 -60.23 -38.93
C VAL L 178 -59.31 -60.20 -40.44
N SER L 179 -58.74 -59.22 -41.13
CA SER L 179 -58.92 -59.15 -42.59
C SER L 179 -58.30 -60.36 -43.28
N ILE L 180 -57.07 -60.70 -42.88
CA ILE L 180 -56.40 -61.87 -43.46
C ILE L 180 -57.23 -63.12 -43.20
N LEU L 181 -57.75 -63.27 -41.98
CA LEU L 181 -58.54 -64.44 -41.65
C LEU L 181 -59.86 -64.48 -42.43
N GLU L 182 -60.43 -63.32 -42.76
CA GLU L 182 -61.65 -63.32 -43.57
C GLU L 182 -61.35 -63.78 -44.99
N VAL L 183 -60.22 -63.34 -45.56
CA VAL L 183 -59.84 -63.85 -46.87
C VAL L 183 -59.60 -65.35 -46.82
N ALA L 184 -58.91 -65.82 -45.77
CA ALA L 184 -58.68 -67.25 -45.62
C ALA L 184 -59.99 -68.03 -45.44
N LYS L 185 -60.96 -67.43 -44.75
CA LYS L 185 -62.27 -68.06 -44.60
C LYS L 185 -62.97 -68.19 -45.92
N TYR L 186 -62.90 -67.17 -46.77
CA TYR L 186 -63.46 -67.29 -48.11
C TYR L 186 -62.80 -68.41 -48.89
N LEU L 187 -61.47 -68.51 -48.79
CA LEU L 187 -60.76 -69.60 -49.46
C LEU L 187 -61.21 -70.96 -48.95
N LEU L 188 -61.36 -71.10 -47.62
CA LEU L 188 -61.81 -72.36 -47.04
C LEU L 188 -63.21 -72.73 -47.51
N GLU L 189 -64.10 -71.73 -47.59
CA GLU L 189 -65.44 -71.99 -48.10
C GLU L 189 -65.40 -72.45 -49.55
N LYS L 190 -64.52 -71.85 -50.35
CA LYS L 190 -64.36 -72.32 -51.73
C LYS L 190 -63.87 -73.77 -51.76
N LEU L 191 -62.90 -74.11 -50.91
CA LEU L 191 -62.39 -75.48 -50.87
C LEU L 191 -63.45 -76.47 -50.39
N GLY L 192 -64.24 -76.09 -49.39
CA GLY L 192 -65.29 -76.96 -48.89
C GLY L 192 -64.97 -77.64 -47.58
N PHE L 193 -64.29 -76.92 -46.69
CA PHE L 193 -63.92 -77.43 -45.36
C PHE L 193 -64.72 -76.63 -44.33
N ASP L 194 -65.92 -77.12 -44.01
CA ASP L 194 -66.85 -76.36 -43.18
C ASP L 194 -66.37 -76.27 -41.74
N TYR L 195 -65.84 -77.36 -41.19
CA TYR L 195 -65.42 -77.35 -39.79
C TYR L 195 -64.28 -76.35 -39.56
N LEU L 196 -63.31 -76.32 -40.47
CA LEU L 196 -62.25 -75.33 -40.37
C LEU L 196 -62.81 -73.92 -40.51
N VAL L 197 -63.87 -73.75 -41.30
CA VAL L 197 -64.53 -72.45 -41.38
C VAL L 197 -65.06 -72.05 -40.02
N GLU L 198 -65.79 -72.96 -39.36
CA GLU L 198 -66.38 -72.66 -38.05
C GLU L 198 -65.30 -72.32 -37.02
N LEU L 199 -64.22 -73.10 -36.99
CA LEU L 199 -63.11 -72.77 -36.11
C LEU L 199 -62.54 -71.40 -36.45
N LEU L 200 -62.56 -71.02 -37.72
CA LEU L 200 -62.06 -69.71 -38.11
C LEU L 200 -62.96 -68.59 -37.60
N ASP L 201 -64.28 -68.76 -37.66
CA ASP L 201 -65.16 -67.75 -37.06
C ASP L 201 -64.91 -67.66 -35.56
N ARG L 202 -64.72 -68.80 -34.90
CA ARG L 202 -64.44 -68.76 -33.46
C ARG L 202 -63.17 -67.96 -33.17
N ALA L 203 -62.11 -68.22 -33.94
CA ALA L 203 -60.85 -67.49 -33.73
C ALA L 203 -61.01 -66.01 -34.05
N ILE L 204 -61.78 -65.67 -35.09
CA ILE L 204 -61.99 -64.27 -35.43
C ILE L 204 -62.75 -63.55 -34.33
N GLU L 205 -63.77 -64.19 -33.78
CA GLU L 205 -64.50 -63.62 -32.65
C GLU L 205 -63.60 -63.42 -31.44
N TYR L 206 -62.73 -64.39 -31.16
CA TYR L 206 -61.83 -64.25 -30.02
C TYR L 206 -60.84 -63.11 -30.24
N ILE L 207 -60.33 -62.95 -31.47
CA ILE L 207 -59.45 -61.83 -31.77
C ILE L 207 -60.18 -60.51 -31.61
N LEU L 208 -61.41 -60.43 -32.10
CA LEU L 208 -62.17 -59.19 -32.06
C LEU L 208 -62.51 -58.79 -30.63
N LYS L 209 -62.87 -59.76 -29.79
CA LYS L 209 -63.22 -59.47 -28.40
C LYS L 209 -62.01 -59.15 -27.54
N GLY L 210 -60.79 -59.33 -28.04
CA GLY L 210 -59.59 -58.99 -27.31
C GLY L 210 -58.85 -60.16 -26.71
N ARG L 211 -59.45 -61.36 -26.72
CA ARG L 211 -58.83 -62.54 -26.13
C ARG L 211 -57.80 -63.08 -27.12
N SER L 212 -56.53 -62.74 -26.91
CA SER L 212 -55.49 -63.00 -27.89
C SER L 212 -54.87 -64.39 -27.76
N GLU L 213 -54.55 -64.82 -26.53
CA GLU L 213 -53.86 -66.09 -26.33
C GLU L 213 -54.75 -67.27 -26.73
N LEU L 214 -56.04 -67.21 -26.39
CA LEU L 214 -56.97 -68.24 -26.83
C LEU L 214 -57.03 -68.30 -28.35
N ALA L 215 -57.03 -67.13 -29.00
CA ALA L 215 -57.04 -67.09 -30.45
C ALA L 215 -55.77 -67.69 -31.04
N VAL L 216 -54.63 -67.43 -30.41
CA VAL L 216 -53.37 -67.99 -30.90
C VAL L 216 -53.37 -69.51 -30.79
N HIS L 217 -53.87 -70.04 -29.67
CA HIS L 217 -53.95 -71.49 -29.53
C HIS L 217 -54.92 -72.09 -30.55
N LEU L 218 -56.06 -71.43 -30.77
CA LEU L 218 -57.01 -71.89 -31.79
C LEU L 218 -56.37 -71.88 -33.17
N LEU L 219 -55.58 -70.85 -33.47
CA LEU L 219 -54.92 -70.75 -34.76
C LEU L 219 -53.86 -71.83 -34.92
N ASP L 220 -53.17 -72.18 -33.83
CA ASP L 220 -52.24 -73.30 -33.87
C ASP L 220 -52.95 -74.60 -34.21
N ASP L 221 -54.10 -74.85 -33.58
CA ASP L 221 -54.85 -76.07 -33.88
C ASP L 221 -55.35 -76.06 -35.32
N ILE L 222 -55.79 -74.90 -35.80
CA ILE L 222 -56.24 -74.77 -37.19
C ILE L 222 -55.09 -75.05 -38.15
N ILE L 223 -53.90 -74.54 -37.84
CA ILE L 223 -52.73 -74.76 -38.68
C ILE L 223 -52.38 -76.24 -38.74
N ARG L 224 -52.45 -76.92 -37.59
CA ARG L 224 -52.20 -78.36 -37.58
C ARG L 224 -53.21 -79.10 -38.44
N ARG L 225 -54.49 -78.73 -38.34
CA ARG L 225 -55.51 -79.38 -39.17
C ARG L 225 -55.28 -79.13 -40.65
N VAL L 226 -54.89 -77.90 -41.00
CA VAL L 226 -54.64 -77.57 -42.41
C VAL L 226 -53.45 -78.38 -42.94
N HIS L 227 -52.38 -78.49 -42.15
CA HIS L 227 -51.24 -79.30 -42.56
C HIS L 227 -51.63 -80.76 -42.72
N GLU L 228 -52.49 -81.27 -41.84
CA GLU L 228 -52.99 -82.65 -41.99
C GLU L 228 -53.75 -82.80 -43.30
N GLU L 229 -54.59 -81.82 -43.64
CA GLU L 229 -55.33 -81.90 -44.90
C GLU L 229 -54.39 -81.88 -46.10
N ILE L 230 -53.37 -81.01 -46.06
CA ILE L 230 -52.40 -80.92 -47.15
C ILE L 230 -51.67 -82.24 -47.31
N GLU L 231 -51.23 -82.84 -46.19
CA GLU L 231 -50.56 -84.13 -46.24
C GLU L 231 -51.48 -85.22 -46.78
N ARG L 232 -52.77 -85.15 -46.46
CA ARG L 232 -53.72 -86.12 -47.01
C ARG L 232 -53.83 -85.97 -48.52
N TYR L 233 -53.81 -84.73 -49.03
CA TYR L 233 -53.96 -84.53 -50.47
C TYR L 233 -52.82 -85.14 -51.26
N GLY L 234 -51.60 -85.00 -50.78
CA GLY L 234 -50.46 -85.66 -51.40
C GLY L 234 -49.80 -84.77 -52.45
N ASP L 235 -49.78 -85.25 -53.70
CA ASP L 235 -49.15 -84.53 -54.80
C ASP L 235 -50.12 -83.68 -55.60
N ASP L 236 -51.43 -83.81 -55.35
CA ASP L 236 -52.45 -83.08 -56.10
C ASP L 236 -53.04 -81.93 -55.29
N VAL L 237 -52.23 -81.28 -54.47
CA VAL L 237 -52.70 -80.22 -53.60
C VAL L 237 -53.11 -79.00 -54.42
N PRO L 238 -54.34 -78.53 -54.31
CA PRO L 238 -54.73 -77.28 -54.97
C PRO L 238 -53.99 -76.09 -54.37
N GLU L 239 -53.79 -75.07 -55.21
CA GLU L 239 -53.06 -73.88 -54.77
C GLU L 239 -53.80 -73.09 -53.71
N GLU L 240 -55.13 -73.21 -53.67
CA GLU L 240 -55.90 -72.51 -52.65
C GLU L 240 -55.53 -72.99 -51.26
N LEU L 241 -55.25 -74.28 -51.10
CA LEU L 241 -54.87 -74.81 -49.80
C LEU L 241 -53.53 -74.23 -49.33
N LEU L 242 -52.56 -74.11 -50.25
CA LEU L 242 -51.27 -73.55 -49.88
C LEU L 242 -51.38 -72.06 -49.55
N LEU L 243 -52.17 -71.33 -50.34
CA LEU L 243 -52.37 -69.92 -50.04
C LEU L 243 -53.07 -69.74 -48.70
N LEU L 244 -54.06 -70.59 -48.42
CA LEU L 244 -54.73 -70.56 -47.12
C LEU L 244 -53.76 -70.86 -45.98
N ASP L 245 -52.88 -71.84 -46.18
CA ASP L 245 -51.85 -72.14 -45.18
C ASP L 245 -51.01 -70.90 -44.88
N LEU L 246 -50.51 -70.25 -45.93
CA LEU L 246 -49.69 -69.06 -45.74
C LEU L 246 -50.47 -67.95 -45.03
N LEU L 247 -51.72 -67.75 -45.42
CA LEU L 247 -52.53 -66.69 -44.84
C LEU L 247 -52.77 -66.94 -43.35
N VAL L 248 -53.14 -68.17 -42.99
CA VAL L 248 -53.39 -68.49 -41.59
C VAL L 248 -52.11 -68.36 -40.77
N GLN L 249 -50.97 -68.75 -41.35
CA GLN L 249 -49.71 -68.62 -40.63
C GLN L 249 -49.38 -67.15 -40.35
N LYS L 250 -49.54 -66.28 -41.36
CA LYS L 250 -49.24 -64.87 -41.13
C LYS L 250 -50.24 -64.23 -40.18
N ALA L 251 -51.51 -64.66 -40.23
CA ALA L 251 -52.50 -64.16 -39.29
C ALA L 251 -52.16 -64.58 -37.87
N ARG L 252 -51.70 -65.81 -37.69
CA ARG L 252 -51.27 -66.26 -36.37
C ARG L 252 -50.08 -65.47 -35.87
N ASP L 253 -49.13 -65.15 -36.76
CA ASP L 253 -48.01 -64.31 -36.37
C ASP L 253 -48.47 -62.94 -35.91
N LEU L 254 -49.40 -62.33 -36.66
CA LEU L 254 -49.93 -61.03 -36.26
C LEU L 254 -50.67 -61.10 -34.93
N ALA L 255 -51.46 -62.16 -34.73
CA ALA L 255 -52.18 -62.31 -33.47
C ALA L 255 -51.23 -62.48 -32.30
N ALA L 256 -50.13 -63.21 -32.50
CA ALA L 256 -49.12 -63.30 -31.47
C ALA L 256 -48.50 -61.94 -31.18
N ARG L 257 -48.24 -61.15 -32.22
CA ARG L 257 -47.63 -59.83 -32.03
C ARG L 257 -48.59 -58.81 -31.41
N ILE L 258 -49.87 -59.13 -31.28
CA ILE L 258 -50.84 -58.21 -30.71
C ILE L 258 -50.43 -57.78 -29.30
N MET M 25 -14.38 -51.79 -68.41
CA MET M 25 -13.85 -52.96 -67.72
C MET M 25 -13.28 -53.99 -68.69
N GLU M 26 -12.65 -53.50 -69.77
CA GLU M 26 -12.14 -54.41 -70.79
C GLU M 26 -10.99 -55.27 -70.28
N LYS M 27 -10.33 -54.85 -69.19
CA LYS M 27 -9.27 -55.67 -68.61
C LYS M 27 -9.81 -57.01 -68.14
N LEU M 28 -11.01 -57.01 -67.52
CA LEU M 28 -11.59 -58.24 -67.05
C LEU M 28 -12.07 -59.14 -68.19
N GLU M 29 -12.54 -58.54 -69.29
CA GLU M 29 -12.85 -59.35 -70.48
C GLU M 29 -11.60 -59.96 -71.06
N VAL M 30 -10.48 -59.23 -71.06
CA VAL M 30 -9.21 -59.80 -71.50
C VAL M 30 -8.80 -60.95 -70.59
N ALA M 31 -9.02 -60.79 -69.28
CA ALA M 31 -8.74 -61.87 -68.33
C ALA M 31 -9.61 -63.10 -68.62
N VAL M 32 -10.89 -62.89 -68.94
CA VAL M 32 -11.78 -64.00 -69.25
C VAL M 32 -11.31 -64.73 -70.51
N GLU M 33 -10.90 -63.96 -71.53
CA GLU M 33 -10.38 -64.57 -72.75
C GLU M 33 -9.10 -65.36 -72.47
N HIS M 34 -8.23 -64.81 -71.66
CA HIS M 34 -7.07 -65.54 -71.23
C HIS M 34 -7.43 -66.85 -70.54
N LEU M 35 -8.41 -66.81 -69.61
CA LEU M 35 -8.83 -68.01 -68.91
C LEU M 35 -9.35 -69.07 -69.88
N LYS M 36 -10.11 -68.65 -70.89
CA LYS M 36 -10.52 -69.59 -71.93
C LYS M 36 -9.30 -70.18 -72.64
N GLU M 37 -8.32 -69.33 -72.95
CA GLU M 37 -7.10 -69.82 -73.58
C GLU M 37 -6.38 -70.82 -72.70
N ALA M 38 -6.35 -70.56 -71.38
CA ALA M 38 -5.71 -71.48 -70.45
C ALA M 38 -6.42 -72.83 -70.42
N ILE M 39 -7.75 -72.83 -70.44
CA ILE M 39 -8.50 -74.08 -70.48
C ILE M 39 -8.16 -74.84 -71.76
N GLU M 40 -8.13 -74.14 -72.89
CA GLU M 40 -7.80 -74.79 -74.16
C GLU M 40 -6.38 -75.35 -74.14
N LEU M 41 -5.44 -74.63 -73.52
CA LEU M 41 -4.06 -75.09 -73.44
C LEU M 41 -3.93 -76.33 -72.57
N ILE M 42 -4.62 -76.35 -71.42
CA ILE M 42 -4.63 -77.56 -70.59
C ILE M 42 -5.21 -78.73 -71.37
N GLU M 43 -6.25 -78.46 -72.15
CA GLU M 43 -6.83 -79.53 -72.98
C GLU M 43 -5.83 -80.03 -74.01
N LYS M 44 -5.06 -79.13 -74.62
CA LYS M 44 -4.11 -79.53 -75.64
C LYS M 44 -2.97 -80.35 -75.04
N GLY M 45 -2.36 -79.86 -73.96
CA GLY M 45 -1.29 -80.59 -73.32
C GLY M 45 -0.08 -79.75 -72.97
N GLU M 46 -0.15 -78.44 -73.22
CA GLU M 46 0.94 -77.54 -72.89
C GLU M 46 0.73 -76.99 -71.48
N TYR M 47 1.42 -77.56 -70.52
CA TYR M 47 1.24 -77.18 -69.12
C TYR M 47 2.13 -76.01 -68.70
N VAL M 48 3.30 -75.87 -69.32
CA VAL M 48 4.14 -74.71 -69.04
C VAL M 48 3.47 -73.43 -69.50
N LYS M 49 2.91 -73.44 -70.71
CA LYS M 49 2.20 -72.27 -71.20
C LYS M 49 0.97 -71.98 -70.37
N ALA M 50 0.31 -73.03 -69.87
CA ALA M 50 -0.84 -72.83 -68.98
C ALA M 50 -0.42 -72.16 -67.67
N ASP M 51 0.70 -72.60 -67.09
CA ASP M 51 1.20 -71.98 -65.87
C ASP M 51 1.56 -70.51 -66.09
N LEU M 52 2.21 -70.22 -67.22
CA LEU M 52 2.57 -68.84 -67.54
C LEU M 52 1.33 -67.99 -67.79
N ILE M 53 0.32 -68.55 -68.45
CA ILE M 53 -0.94 -67.83 -68.67
C ILE M 53 -1.62 -67.53 -67.34
N LEU M 54 -1.57 -68.47 -66.40
CA LEU M 54 -2.16 -68.22 -65.09
C LEU M 54 -1.44 -67.07 -64.38
N THR M 55 -0.11 -67.01 -64.51
CA THR M 55 0.61 -65.87 -63.95
C THR M 55 0.19 -64.56 -64.62
N ASP M 56 0.01 -64.57 -65.94
CA ASP M 56 -0.44 -63.37 -66.65
C ASP M 56 -1.84 -62.95 -66.18
N ILE M 57 -2.74 -63.91 -65.99
CA ILE M 57 -4.08 -63.60 -65.52
C ILE M 57 -4.03 -63.00 -64.12
N LEU M 58 -3.16 -63.54 -63.26
CA LEU M 58 -3.00 -62.95 -61.93
C LEU M 58 -2.52 -61.51 -62.03
N ARG M 59 -1.57 -61.24 -62.93
CA ARG M 59 -1.09 -59.87 -63.11
C ARG M 59 -2.21 -58.95 -63.57
N LEU M 60 -3.03 -59.41 -64.51
CA LEU M 60 -4.16 -58.61 -64.99
C LEU M 60 -5.14 -58.30 -63.86
N LEU M 61 -5.52 -59.33 -63.10
CA LEU M 61 -6.48 -59.14 -62.01
C LEU M 61 -5.93 -58.21 -60.94
N GLU M 62 -4.65 -58.34 -60.62
CA GLU M 62 -4.04 -57.42 -59.66
C GLU M 62 -4.00 -56.00 -60.21
N GLU M 63 -3.84 -55.85 -61.53
CA GLU M 63 -3.93 -54.53 -62.14
C GLU M 63 -5.32 -53.94 -61.97
N GLU M 64 -6.36 -54.76 -62.12
CA GLU M 64 -7.72 -54.26 -61.92
C GLU M 64 -7.97 -53.90 -60.46
N GLY M 65 -7.65 -54.82 -59.54
CA GLY M 65 -7.74 -54.51 -58.13
C GLY M 65 -8.94 -55.06 -57.37
N VAL M 66 -9.29 -56.32 -57.61
CA VAL M 66 -10.35 -57.00 -56.86
C VAL M 66 -9.70 -58.05 -55.98
N LYS M 67 -9.84 -57.89 -54.66
CA LYS M 67 -9.05 -58.68 -53.72
C LYS M 67 -9.39 -60.16 -53.79
N SER M 68 -10.69 -60.48 -53.78
CA SER M 68 -11.12 -61.88 -53.81
C SER M 68 -10.63 -62.57 -55.07
N LEU M 69 -10.77 -61.90 -56.22
CA LEU M 69 -10.27 -62.45 -57.47
C LEU M 69 -8.75 -62.64 -57.41
N ILE M 70 -8.05 -61.73 -56.75
CA ILE M 70 -6.59 -61.81 -56.68
C ILE M 70 -6.16 -63.03 -55.89
N LYS M 71 -6.73 -63.22 -54.69
CA LYS M 71 -6.34 -64.38 -53.89
C LYS M 71 -6.76 -65.67 -54.58
N GLN M 72 -7.93 -65.68 -55.22
CA GLN M 72 -8.35 -66.86 -55.96
C GLN M 72 -7.38 -67.17 -57.09
N ALA M 73 -6.87 -66.15 -57.77
CA ALA M 73 -5.94 -66.38 -58.88
C ALA M 73 -4.60 -66.90 -58.38
N LYS M 74 -4.10 -66.39 -57.26
CA LYS M 74 -2.83 -66.89 -56.72
C LYS M 74 -2.96 -68.35 -56.30
N GLU M 75 -4.02 -68.67 -55.53
CA GLU M 75 -4.21 -70.06 -55.13
C GLU M 75 -4.45 -70.95 -56.34
N LEU M 76 -5.10 -70.41 -57.39
CA LEU M 76 -5.29 -71.17 -58.60
C LEU M 76 -3.96 -71.50 -59.26
N HIS M 77 -3.05 -70.54 -59.33
CA HIS M 77 -1.74 -70.80 -59.91
C HIS M 77 -1.05 -71.93 -59.15
N ILE M 78 -0.98 -71.82 -57.83
CA ILE M 78 -0.27 -72.83 -57.05
C ILE M 78 -0.91 -74.21 -57.21
N GLU M 79 -2.23 -74.28 -57.04
CA GLU M 79 -2.91 -75.57 -57.05
C GLU M 79 -2.93 -76.20 -58.43
N VAL M 80 -3.06 -75.39 -59.49
CA VAL M 80 -3.03 -75.95 -60.84
C VAL M 80 -1.65 -76.46 -61.17
N PHE M 81 -0.60 -75.76 -60.73
CA PHE M 81 0.75 -76.30 -60.93
C PHE M 81 0.90 -77.66 -60.26
N LYS M 82 0.45 -77.77 -59.01
CA LYS M 82 0.55 -79.04 -58.31
C LYS M 82 -0.25 -80.13 -59.02
N LEU M 83 -1.49 -79.83 -59.40
CA LEU M 83 -2.34 -80.84 -60.03
C LEU M 83 -1.80 -81.27 -61.38
N LEU M 84 -1.29 -80.33 -62.19
CA LEU M 84 -0.70 -80.71 -63.47
C LEU M 84 0.56 -81.52 -63.27
N LYS M 85 1.31 -81.28 -62.19
CA LYS M 85 2.40 -82.18 -61.84
C LYS M 85 1.89 -83.59 -61.56
N GLU M 86 0.83 -83.70 -60.77
CA GLU M 86 0.29 -85.01 -60.42
C GLU M 86 -0.40 -85.68 -61.60
N GLY M 87 -1.03 -84.90 -62.47
CA GLY M 87 -1.78 -85.44 -63.59
C GLY M 87 -3.28 -85.28 -63.51
N GLU M 88 -3.79 -84.52 -62.55
CA GLU M 88 -5.24 -84.30 -62.40
C GLU M 88 -5.66 -83.16 -63.31
N TYR M 89 -5.82 -83.49 -64.60
CA TYR M 89 -6.19 -82.48 -65.59
C TYR M 89 -7.59 -81.94 -65.34
N LYS M 90 -8.53 -82.82 -65.01
CA LYS M 90 -9.92 -82.42 -64.83
C LYS M 90 -10.08 -81.47 -63.65
N GLU M 91 -9.37 -81.74 -62.55
CA GLU M 91 -9.46 -80.86 -61.39
C GLU M 91 -8.91 -79.47 -61.70
N ALA M 92 -7.80 -79.40 -62.43
CA ALA M 92 -7.23 -78.11 -62.81
C ALA M 92 -8.18 -77.36 -63.74
N LYS M 93 -8.77 -78.06 -64.71
CA LYS M 93 -9.74 -77.44 -65.60
C LYS M 93 -10.94 -76.92 -64.82
N ALA M 94 -11.40 -77.70 -63.82
CA ALA M 94 -12.51 -77.26 -63.00
C ALA M 94 -12.17 -75.99 -62.22
N LEU M 95 -10.96 -75.92 -61.66
CA LEU M 95 -10.57 -74.73 -60.92
C LEU M 95 -10.48 -73.50 -61.83
N VAL M 96 -9.93 -73.68 -63.04
CA VAL M 96 -9.86 -72.56 -63.98
C VAL M 96 -11.26 -72.12 -64.39
N GLU M 97 -12.16 -73.07 -64.64
CA GLU M 97 -13.53 -72.73 -64.99
C GLU M 97 -14.24 -72.01 -63.86
N ALA M 98 -13.96 -72.41 -62.62
CA ALA M 98 -14.55 -71.73 -61.47
C ALA M 98 -14.08 -70.29 -61.38
N LEU M 99 -12.78 -70.05 -61.60
CA LEU M 99 -12.29 -68.67 -61.58
C LEU M 99 -12.89 -67.87 -62.74
N ARG M 100 -13.03 -68.48 -63.90
CA ARG M 100 -13.63 -67.79 -65.04
C ARG M 100 -15.07 -67.37 -64.73
N VAL M 101 -15.86 -68.30 -64.16
CA VAL M 101 -17.24 -68.01 -63.81
C VAL M 101 -17.29 -66.91 -62.76
N SER M 102 -16.37 -66.94 -61.79
CA SER M 102 -16.35 -65.90 -60.77
C SER M 102 -16.06 -64.52 -61.36
N VAL M 103 -15.12 -64.44 -62.30
CA VAL M 103 -14.80 -63.15 -62.92
C VAL M 103 -15.97 -62.64 -63.76
N GLU M 104 -16.58 -63.53 -64.55
CA GLU M 104 -17.74 -63.13 -65.36
C GLU M 104 -18.90 -62.68 -64.46
N LEU M 105 -19.09 -63.37 -63.34
CA LEU M 105 -20.15 -62.97 -62.41
C LEU M 105 -19.87 -61.61 -61.80
N TYR M 106 -18.62 -61.32 -61.48
CA TYR M 106 -18.29 -59.99 -60.98
C TYR M 106 -18.58 -58.93 -62.04
N ILE M 107 -18.23 -59.21 -63.29
CA ILE M 107 -18.51 -58.27 -64.37
C ILE M 107 -20.01 -57.99 -64.46
N LEU M 108 -20.81 -59.06 -64.44
CA LEU M 108 -22.26 -58.91 -64.58
C LEU M 108 -22.86 -58.19 -63.39
N ILE M 109 -22.35 -58.45 -62.18
CA ILE M 109 -22.83 -57.75 -61.00
C ILE M 109 -22.55 -56.26 -61.11
N LYS M 110 -21.33 -55.90 -61.55
CA LYS M 110 -21.01 -54.49 -61.70
C LYS M 110 -21.88 -53.81 -62.74
N ARG M 111 -22.09 -54.48 -63.88
CA ARG M 111 -22.95 -53.91 -64.92
C ARG M 111 -24.38 -53.75 -64.41
N GLY M 112 -24.90 -54.73 -63.68
CA GLY M 112 -26.25 -54.63 -63.17
C GLY M 112 -26.42 -53.53 -62.16
N VAL M 113 -25.45 -53.40 -61.24
CA VAL M 113 -25.55 -52.38 -60.20
C VAL M 113 -25.43 -50.98 -60.80
N ARG M 114 -24.48 -50.79 -61.73
CA ARG M 114 -24.31 -49.48 -62.35
C ARG M 114 -25.56 -49.07 -63.12
N GLU M 115 -26.07 -49.96 -63.96
CA GLU M 115 -27.26 -49.71 -64.77
C GLU M 115 -28.53 -49.62 -63.95
N GLY M 116 -28.46 -49.76 -62.63
CA GLY M 116 -29.66 -49.74 -61.81
C GLY M 116 -30.62 -50.87 -62.10
N ARG M 117 -30.12 -52.03 -62.50
CA ARG M 117 -30.98 -53.16 -62.79
C ARG M 117 -31.63 -53.67 -61.51
N PRO M 118 -32.83 -54.23 -61.61
CA PRO M 118 -33.48 -54.79 -60.42
C PRO M 118 -32.69 -55.98 -59.87
N ILE M 119 -32.78 -56.14 -58.55
CA ILE M 119 -32.13 -57.27 -57.87
C ILE M 119 -32.66 -58.60 -58.41
N GLU M 120 -33.93 -58.62 -58.82
CA GLU M 120 -34.56 -59.86 -59.28
C GLU M 120 -33.82 -60.46 -60.45
N GLU M 121 -33.59 -59.67 -61.51
CA GLU M 121 -32.97 -60.23 -62.70
C GLU M 121 -31.49 -60.51 -62.49
N ILE M 122 -30.82 -59.74 -61.64
CA ILE M 122 -29.45 -60.04 -61.26
C ILE M 122 -29.37 -61.42 -60.61
N ALA M 123 -30.28 -61.68 -59.67
CA ALA M 123 -30.30 -62.97 -59.00
C ALA M 123 -30.59 -64.10 -59.97
N ARG M 124 -31.53 -63.90 -60.89
CA ARG M 124 -31.82 -64.93 -61.88
C ARG M 124 -30.61 -65.21 -62.77
N GLU M 125 -29.90 -64.15 -63.17
CA GLU M 125 -28.70 -64.33 -63.99
C GLU M 125 -27.62 -65.10 -63.24
N VAL M 126 -27.41 -64.76 -61.96
CA VAL M 126 -26.41 -65.48 -61.16
C VAL M 126 -26.77 -66.95 -61.05
N GLY M 127 -28.04 -67.25 -60.78
CA GLY M 127 -28.46 -68.63 -60.72
C GLY M 127 -28.26 -69.38 -62.02
N ARG M 128 -28.59 -68.72 -63.14
CA ARG M 128 -28.40 -69.36 -64.44
C ARG M 128 -26.94 -69.66 -64.71
N LYS M 129 -26.05 -68.72 -64.38
CA LYS M 129 -24.62 -68.94 -64.58
C LYS M 129 -24.12 -70.09 -63.73
N LEU M 130 -24.54 -70.15 -62.46
CA LEU M 130 -24.10 -71.23 -61.59
C LEU M 130 -24.61 -72.58 -62.09
N VAL M 131 -25.85 -72.64 -62.58
CA VAL M 131 -26.38 -73.90 -63.09
C VAL M 131 -25.63 -74.33 -64.34
N GLU M 132 -25.28 -73.38 -65.22
CA GLU M 132 -24.52 -73.72 -66.41
C GLU M 132 -23.14 -74.25 -66.05
N LEU M 133 -22.48 -73.63 -65.07
CA LEU M 133 -21.19 -74.15 -64.62
C LEU M 133 -21.33 -75.55 -64.05
N ALA M 134 -22.37 -75.79 -63.25
CA ALA M 134 -22.57 -77.12 -62.67
C ALA M 134 -22.81 -78.16 -63.77
N LYS M 135 -23.59 -77.83 -64.78
CA LYS M 135 -23.81 -78.75 -65.89
C LYS M 135 -22.52 -79.04 -66.63
N ARG M 136 -21.71 -78.01 -66.86
CA ARG M 136 -20.41 -78.22 -67.52
C ARG M 136 -19.54 -79.17 -66.71
N LEU M 137 -19.41 -78.92 -65.41
CA LEU M 137 -18.56 -79.76 -64.57
C LEU M 137 -19.09 -81.18 -64.51
N GLU M 138 -20.41 -81.34 -64.47
CA GLU M 138 -20.99 -82.69 -64.49
C GLU M 138 -20.67 -83.40 -65.79
N LYS M 139 -20.69 -82.68 -66.90
CA LYS M 139 -20.32 -83.28 -68.18
C LYS M 139 -18.85 -83.69 -68.19
N GLU M 140 -17.98 -82.88 -67.57
CA GLU M 140 -16.56 -83.20 -67.54
C GLU M 140 -16.30 -84.50 -66.79
N GLY M 141 -16.97 -84.70 -65.65
CA GLY M 141 -16.79 -85.91 -64.87
C GLY M 141 -16.47 -85.64 -63.42
N ILE M 142 -16.55 -84.37 -63.01
CA ILE M 142 -16.30 -84.02 -61.62
C ILE M 142 -17.51 -84.41 -60.77
N SER M 143 -17.24 -85.00 -59.61
CA SER M 143 -18.30 -85.46 -58.72
C SER M 143 -19.08 -84.28 -58.14
N TRP M 144 -20.28 -84.58 -57.63
CA TRP M 144 -21.19 -83.52 -57.21
C TRP M 144 -20.74 -82.87 -55.90
N GLU M 145 -20.00 -83.57 -55.06
CA GLU M 145 -19.47 -82.94 -53.84
C GLU M 145 -18.47 -81.85 -54.20
N GLU M 146 -17.57 -82.12 -55.15
CA GLU M 146 -16.63 -81.11 -55.61
C GLU M 146 -17.35 -79.96 -56.28
N ILE M 147 -18.38 -80.25 -57.08
CA ILE M 147 -19.16 -79.21 -57.74
C ILE M 147 -19.80 -78.30 -56.70
N ILE M 148 -20.39 -78.89 -55.66
CA ILE M 148 -21.04 -78.09 -54.63
C ILE M 148 -20.01 -77.23 -53.89
N GLU M 149 -18.85 -77.80 -53.57
CA GLU M 149 -17.83 -77.02 -52.86
C GLU M 149 -17.33 -75.85 -53.71
N LEU M 150 -17.10 -76.09 -55.00
CA LEU M 150 -16.71 -75.00 -55.90
C LEU M 150 -17.79 -73.92 -55.94
N ILE M 151 -19.06 -74.34 -56.02
CA ILE M 151 -20.17 -73.39 -56.09
C ILE M 151 -20.23 -72.56 -54.83
N GLU M 152 -20.03 -73.17 -53.65
CA GLU M 152 -20.06 -72.39 -52.42
C GLU M 152 -18.88 -71.44 -52.31
N ARG M 153 -17.71 -71.82 -52.82
CA ARG M 153 -16.60 -70.87 -52.86
C ARG M 153 -16.94 -69.68 -53.75
N ILE M 154 -17.53 -69.94 -54.91
CA ILE M 154 -17.97 -68.85 -55.79
C ILE M 154 -19.01 -67.98 -55.10
N LEU M 155 -19.89 -68.61 -54.31
CA LEU M 155 -20.94 -67.87 -53.61
C LEU M 155 -20.35 -66.97 -52.53
N GLU M 156 -19.33 -67.43 -51.83
CA GLU M 156 -18.65 -66.58 -50.85
C GLU M 156 -17.96 -65.40 -51.55
N SER M 157 -17.34 -65.65 -52.70
CA SER M 157 -16.77 -64.56 -53.48
C SER M 157 -17.83 -63.55 -53.90
N ILE M 158 -19.00 -64.05 -54.33
CA ILE M 158 -20.11 -63.18 -54.71
C ILE M 158 -20.58 -62.36 -53.52
N ARG M 159 -20.65 -62.98 -52.34
CA ARG M 159 -21.06 -62.26 -51.15
C ARG M 159 -20.11 -61.10 -50.85
N GLU M 160 -18.80 -61.37 -50.94
CA GLU M 160 -17.83 -60.31 -50.71
C GLU M 160 -17.97 -59.20 -51.76
N ILE M 161 -18.14 -59.57 -53.02
CA ILE M 161 -18.26 -58.58 -54.08
C ILE M 161 -19.50 -57.71 -53.87
N LEU M 162 -20.62 -58.34 -53.53
CA LEU M 162 -21.86 -57.59 -53.30
C LEU M 162 -21.73 -56.67 -52.10
N LYS M 163 -21.09 -57.14 -51.03
CA LYS M 163 -20.86 -56.27 -49.87
C LYS M 163 -19.97 -55.10 -50.24
N GLU M 164 -19.05 -55.29 -51.19
CA GLU M 164 -18.20 -54.18 -51.63
C GLU M 164 -19.02 -53.10 -52.31
N GLU M 165 -20.02 -53.48 -53.10
CA GLU M 165 -20.84 -52.52 -53.84
C GLU M 165 -21.76 -51.70 -52.94
N GLY M 166 -21.70 -51.89 -51.62
CA GLY M 166 -22.56 -51.13 -50.73
C GLY M 166 -23.98 -51.61 -50.62
N LEU M 167 -24.30 -52.78 -51.17
CA LEU M 167 -25.64 -53.30 -51.05
C LEU M 167 -25.92 -53.72 -49.61
N PRO M 168 -27.14 -53.55 -49.12
CA PRO M 168 -27.47 -54.01 -47.76
C PRO M 168 -27.61 -55.52 -47.71
N GLU M 169 -27.68 -56.04 -46.48
CA GLU M 169 -27.64 -57.48 -46.27
C GLU M 169 -28.86 -58.19 -46.84
N SER M 170 -30.01 -57.52 -46.88
CA SER M 170 -31.25 -58.19 -47.30
C SER M 170 -31.17 -58.64 -48.75
N GLU M 171 -30.77 -57.74 -49.65
CA GLU M 171 -30.69 -58.11 -51.06
C GLU M 171 -29.57 -59.11 -51.32
N ILE M 172 -28.46 -58.99 -50.59
CA ILE M 172 -27.38 -59.96 -50.74
C ILE M 172 -27.88 -61.36 -50.37
N ASN M 173 -28.56 -61.46 -49.24
CA ASN M 173 -29.10 -62.75 -48.81
C ASN M 173 -30.14 -63.27 -49.80
N ARG M 174 -30.95 -62.36 -50.35
CA ARG M 174 -31.95 -62.77 -51.34
C ARG M 174 -31.29 -63.36 -52.58
N ILE M 175 -30.27 -62.69 -53.10
CA ILE M 175 -29.58 -63.17 -54.29
C ILE M 175 -28.92 -64.53 -54.03
N LEU M 176 -28.24 -64.64 -52.88
CA LEU M 176 -27.56 -65.90 -52.56
C LEU M 176 -28.56 -67.04 -52.39
N ALA M 177 -29.68 -66.78 -51.70
CA ALA M 177 -30.70 -67.81 -51.52
C ALA M 177 -31.29 -68.24 -52.86
N VAL M 178 -31.53 -67.28 -53.76
CA VAL M 178 -32.09 -67.62 -55.07
C VAL M 178 -31.11 -68.49 -55.85
N SER M 179 -29.82 -68.16 -55.82
CA SER M 179 -28.84 -68.96 -56.56
C SER M 179 -28.75 -70.38 -56.00
N ILE M 180 -28.70 -70.50 -54.67
CA ILE M 180 -28.66 -71.82 -54.05
C ILE M 180 -29.90 -72.61 -54.42
N LEU M 181 -31.07 -71.96 -54.39
CA LEU M 181 -32.30 -72.65 -54.72
C LEU M 181 -32.35 -73.06 -56.19
N GLU M 182 -31.72 -72.29 -57.07
CA GLU M 182 -31.67 -72.70 -58.48
C GLU M 182 -30.81 -73.94 -58.67
N VAL M 183 -29.66 -73.99 -57.97
CA VAL M 183 -28.86 -75.21 -58.02
C VAL M 183 -29.64 -76.40 -57.45
N ALA M 184 -30.34 -76.19 -56.34
CA ALA M 184 -31.15 -77.25 -55.76
C ALA M 184 -32.27 -77.68 -56.70
N LYS M 185 -32.85 -76.73 -57.45
CA LYS M 185 -33.88 -77.06 -58.42
C LYS M 185 -33.33 -77.92 -59.54
N TYR M 186 -32.12 -77.62 -60.00
CA TYR M 186 -31.50 -78.46 -61.01
C TYR M 186 -31.28 -79.87 -60.46
N LEU M 187 -30.83 -79.98 -59.21
CA LEU M 187 -30.66 -81.30 -58.60
C LEU M 187 -31.99 -82.05 -58.51
N LEU M 188 -33.06 -81.36 -58.11
CA LEU M 188 -34.38 -82.00 -58.02
C LEU M 188 -34.86 -82.47 -59.38
N GLU M 189 -34.63 -81.66 -60.43
CA GLU M 189 -35.00 -82.09 -61.77
C GLU M 189 -34.22 -83.32 -62.19
N LYS M 190 -32.94 -83.39 -61.84
CA LYS M 190 -32.16 -84.59 -62.12
C LYS M 190 -32.75 -85.80 -61.38
N LEU M 191 -33.12 -85.63 -60.10
CA LEU M 191 -33.68 -86.73 -59.34
C LEU M 191 -35.03 -87.17 -59.89
N GLY M 192 -35.88 -86.22 -60.30
CA GLY M 192 -37.17 -86.55 -60.88
C GLY M 192 -38.33 -86.32 -59.94
N PHE M 193 -38.26 -85.26 -59.13
CA PHE M 193 -39.33 -84.91 -58.19
C PHE M 193 -39.94 -83.59 -58.68
N ASP M 194 -40.97 -83.72 -59.53
CA ASP M 194 -41.53 -82.56 -60.21
C ASP M 194 -42.29 -81.65 -59.25
N TYR M 195 -43.06 -82.23 -58.32
CA TYR M 195 -43.85 -81.41 -57.42
C TYR M 195 -42.96 -80.55 -56.52
N LEU M 196 -41.88 -81.14 -56.00
CA LEU M 196 -40.92 -80.35 -55.22
C LEU M 196 -40.29 -79.26 -56.08
N VAL M 197 -40.09 -79.53 -57.37
CA VAL M 197 -39.59 -78.50 -58.27
C VAL M 197 -40.57 -77.33 -58.33
N GLU M 198 -41.86 -77.62 -58.52
CA GLU M 198 -42.86 -76.56 -58.60
C GLU M 198 -42.93 -75.74 -57.33
N LEU M 199 -42.93 -76.42 -56.17
CA LEU M 199 -42.86 -75.70 -54.91
C LEU M 199 -41.62 -74.84 -54.82
N LEU M 200 -40.51 -75.30 -55.40
CA LEU M 200 -39.29 -74.52 -55.39
C LEU M 200 -39.40 -73.26 -56.24
N ASP M 201 -40.04 -73.35 -57.42
CA ASP M 201 -40.28 -72.12 -58.19
C ASP M 201 -41.17 -71.17 -57.41
N ARG M 202 -42.19 -71.70 -56.74
CA ARG M 202 -43.06 -70.83 -55.94
C ARG M 202 -42.27 -70.10 -54.86
N ALA M 203 -41.40 -70.83 -54.15
CA ALA M 203 -40.59 -70.22 -53.10
C ALA M 203 -39.61 -69.20 -53.67
N ILE M 204 -39.03 -69.51 -54.84
CA ILE M 204 -38.08 -68.58 -55.47
C ILE M 204 -38.79 -67.29 -55.86
N GLU M 205 -39.99 -67.41 -56.45
CA GLU M 205 -40.77 -66.22 -56.80
C GLU M 205 -41.11 -65.41 -55.56
N TYR M 206 -41.49 -66.07 -54.46
CA TYR M 206 -41.81 -65.33 -53.24
C TYR M 206 -40.58 -64.61 -52.69
N ILE M 207 -39.42 -65.26 -52.74
CA ILE M 207 -38.19 -64.60 -52.29
C ILE M 207 -37.88 -63.39 -53.18
N LEU M 208 -38.03 -63.55 -54.49
CA LEU M 208 -37.69 -62.49 -55.42
C LEU M 208 -38.62 -61.30 -55.27
N LYS M 209 -39.91 -61.54 -55.05
CA LYS M 209 -40.87 -60.46 -54.90
C LYS M 209 -40.78 -59.76 -53.56
N GLY M 210 -40.00 -60.28 -52.61
CA GLY M 210 -39.80 -59.65 -51.33
C GLY M 210 -40.56 -60.28 -50.18
N ARG M 211 -41.48 -61.19 -50.46
CA ARG M 211 -42.28 -61.84 -49.43
C ARG M 211 -41.45 -62.94 -48.77
N SER M 212 -40.86 -62.61 -47.62
CA SER M 212 -39.86 -63.48 -47.00
C SER M 212 -40.46 -64.54 -46.09
N GLU M 213 -41.43 -64.17 -45.25
CA GLU M 213 -41.98 -65.12 -44.29
C GLU M 213 -42.74 -66.24 -44.97
N LEU M 214 -43.51 -65.91 -46.02
CA LEU M 214 -44.19 -66.94 -46.79
C LEU M 214 -43.18 -67.89 -47.42
N ALA M 215 -42.07 -67.34 -47.93
CA ALA M 215 -41.03 -68.17 -48.50
C ALA M 215 -40.39 -69.09 -47.46
N VAL M 216 -40.19 -68.57 -46.24
CA VAL M 216 -39.61 -69.39 -45.18
C VAL M 216 -40.55 -70.54 -44.82
N HIS M 217 -41.85 -70.26 -44.72
CA HIS M 217 -42.80 -71.34 -44.44
C HIS M 217 -42.84 -72.37 -45.56
N LEU M 218 -42.81 -71.89 -46.81
CA LEU M 218 -42.77 -72.80 -47.95
C LEU M 218 -41.51 -73.67 -47.91
N LEU M 219 -40.37 -73.07 -47.54
CA LEU M 219 -39.13 -73.81 -47.48
C LEU M 219 -39.15 -74.83 -46.34
N ASP M 220 -39.82 -74.51 -45.23
CA ASP M 220 -40.01 -75.49 -44.17
C ASP M 220 -40.82 -76.68 -44.66
N ASP M 221 -41.90 -76.42 -45.39
CA ASP M 221 -42.69 -77.53 -45.93
C ASP M 221 -41.90 -78.36 -46.93
N ILE M 222 -41.09 -77.69 -47.76
CA ILE M 222 -40.25 -78.39 -48.73
C ILE M 222 -39.22 -79.25 -48.00
N ILE M 223 -38.63 -78.73 -46.92
CA ILE M 223 -37.66 -79.49 -46.14
C ILE M 223 -38.30 -80.73 -45.53
N ARG M 224 -39.52 -80.58 -45.00
CA ARG M 224 -40.22 -81.75 -44.47
C ARG M 224 -40.47 -82.79 -45.55
N ARG M 225 -40.89 -82.35 -46.74
CA ARG M 225 -41.13 -83.30 -47.83
C ARG M 225 -39.83 -84.00 -48.26
N VAL M 226 -38.72 -83.26 -48.30
CA VAL M 226 -37.44 -83.85 -48.68
C VAL M 226 -37.01 -84.88 -47.65
N HIS M 227 -37.17 -84.57 -46.36
CA HIS M 227 -36.84 -85.54 -45.32
C HIS M 227 -37.71 -86.78 -45.42
N GLU M 228 -39.00 -86.60 -45.74
CA GLU M 228 -39.87 -87.75 -45.96
C GLU M 228 -39.36 -88.61 -47.11
N GLU M 229 -38.95 -87.99 -48.21
CA GLU M 229 -38.42 -88.75 -49.34
C GLU M 229 -37.15 -89.51 -48.95
N ILE M 230 -36.25 -88.86 -48.21
CA ILE M 230 -35.01 -89.50 -47.78
C ILE M 230 -35.33 -90.71 -46.90
N GLU M 231 -36.26 -90.54 -45.95
CA GLU M 231 -36.65 -91.65 -45.09
C GLU M 231 -37.29 -92.78 -45.89
N ARG M 232 -38.04 -92.44 -46.94
CA ARG M 232 -38.60 -93.48 -47.79
C ARG M 232 -37.51 -94.27 -48.51
N TYR M 233 -36.45 -93.57 -48.95
CA TYR M 233 -35.38 -94.26 -49.68
C TYR M 233 -34.67 -95.31 -48.82
N GLY M 234 -34.41 -94.98 -47.57
CA GLY M 234 -33.83 -95.95 -46.64
C GLY M 234 -32.31 -95.92 -46.65
N ASP M 235 -31.69 -97.05 -47.00
CA ASP M 235 -30.25 -97.17 -47.01
C ASP M 235 -29.63 -96.90 -48.39
N ASP M 236 -30.44 -96.77 -49.43
CA ASP M 236 -29.95 -96.58 -50.79
C ASP M 236 -30.13 -95.13 -51.26
N VAL M 237 -29.97 -94.18 -50.36
CA VAL M 237 -30.21 -92.77 -50.68
C VAL M 237 -29.12 -92.27 -51.62
N PRO M 238 -29.48 -91.74 -52.79
CA PRO M 238 -28.47 -91.12 -53.65
C PRO M 238 -27.91 -89.85 -53.02
N GLU M 239 -26.66 -89.55 -53.37
CA GLU M 239 -25.98 -88.39 -52.79
C GLU M 239 -26.61 -87.07 -53.23
N GLU M 240 -27.29 -87.06 -54.38
CA GLU M 240 -27.94 -85.84 -54.83
C GLU M 240 -29.04 -85.41 -53.86
N LEU M 241 -29.75 -86.37 -53.29
CA LEU M 241 -30.79 -86.05 -52.32
C LEU M 241 -30.21 -85.40 -51.07
N LEU M 242 -29.08 -85.91 -50.58
CA LEU M 242 -28.46 -85.31 -49.39
C LEU M 242 -27.91 -83.92 -49.68
N LEU M 243 -27.28 -83.76 -50.84
CA LEU M 243 -26.79 -82.43 -51.22
C LEU M 243 -27.94 -81.45 -51.38
N LEU M 244 -29.05 -81.90 -51.97
CA LEU M 244 -30.24 -81.06 -52.08
C LEU M 244 -30.78 -80.68 -50.71
N ASP M 245 -30.80 -81.63 -49.78
CA ASP M 245 -31.23 -81.35 -48.41
C ASP M 245 -30.38 -80.23 -47.81
N LEU M 246 -29.06 -80.36 -47.90
CA LEU M 246 -28.17 -79.35 -47.34
C LEU M 246 -28.38 -78.00 -48.01
N LEU M 247 -28.53 -77.99 -49.34
CA LEU M 247 -28.71 -76.74 -50.06
C LEU M 247 -29.99 -76.04 -49.66
N VAL M 248 -31.10 -76.79 -49.58
CA VAL M 248 -32.37 -76.19 -49.19
C VAL M 248 -32.33 -75.68 -47.76
N GLN M 249 -31.64 -76.41 -46.88
CA GLN M 249 -31.52 -75.94 -45.50
C GLN M 249 -30.76 -74.63 -45.41
N LYS M 250 -29.63 -74.52 -46.12
CA LYS M 250 -28.86 -73.29 -46.07
C LYS M 250 -29.61 -72.13 -46.75
N ALA M 251 -30.37 -72.43 -47.81
CA ALA M 251 -31.17 -71.40 -48.45
C ALA M 251 -32.27 -70.90 -47.51
N ARG M 252 -32.88 -71.82 -46.75
CA ARG M 252 -33.89 -71.42 -45.77
C ARG M 252 -33.27 -70.55 -44.68
N ASP M 253 -32.05 -70.90 -44.23
CA ASP M 253 -31.38 -70.07 -43.25
C ASP M 253 -31.12 -68.66 -43.80
N LEU M 254 -30.66 -68.57 -45.04
CA LEU M 254 -30.43 -67.26 -45.65
C LEU M 254 -31.74 -66.48 -45.79
N ALA M 255 -32.82 -67.15 -46.19
CA ALA M 255 -34.10 -66.47 -46.33
C ALA M 255 -34.61 -65.97 -44.98
N ALA M 256 -34.39 -66.74 -43.93
CA ALA M 256 -34.74 -66.26 -42.59
C ALA M 256 -33.90 -65.04 -42.21
N ARG M 257 -32.61 -65.05 -42.55
CA ARG M 257 -31.74 -63.92 -42.21
C ARG M 257 -32.03 -62.68 -43.06
N ILE M 258 -32.86 -62.76 -44.09
CA ILE M 258 -33.16 -61.63 -44.94
C ILE M 258 -33.73 -60.48 -44.12
N MET N 25 12.88 -81.37 -28.04
CA MET N 25 11.97 -81.91 -27.04
C MET N 25 12.32 -83.35 -26.68
N GLU N 26 13.62 -83.66 -26.64
CA GLU N 26 14.05 -85.03 -26.37
C GLU N 26 13.72 -85.49 -24.95
N LYS N 27 13.46 -84.54 -24.04
CA LYS N 27 13.06 -84.92 -22.69
C LYS N 27 11.74 -85.66 -22.71
N LEU N 28 10.80 -85.22 -23.54
CA LEU N 28 9.50 -85.88 -23.62
C LEU N 28 9.60 -87.24 -24.30
N GLU N 29 10.51 -87.40 -25.27
CA GLU N 29 10.75 -88.72 -25.83
C GLU N 29 11.37 -89.66 -24.79
N VAL N 30 12.26 -89.13 -23.95
CA VAL N 30 12.80 -89.94 -22.85
C VAL N 30 11.69 -90.35 -21.89
N ALA N 31 10.77 -89.42 -21.62
CA ALA N 31 9.61 -89.73 -20.78
C ALA N 31 8.75 -90.82 -21.40
N VAL N 32 8.54 -90.76 -22.71
CA VAL N 32 7.74 -91.78 -23.39
C VAL N 32 8.43 -93.15 -23.30
N GLU N 33 9.74 -93.17 -23.49
CA GLU N 33 10.49 -94.43 -23.35
C GLU N 33 10.41 -94.97 -21.92
N HIS N 34 10.53 -94.09 -20.96
CA HIS N 34 10.31 -94.51 -19.58
C HIS N 34 8.94 -95.11 -19.38
N LEU N 35 7.89 -94.46 -19.90
CA LEU N 35 6.53 -94.98 -19.75
C LEU N 35 6.40 -96.37 -20.36
N LYS N 36 7.01 -96.59 -21.52
CA LYS N 36 7.03 -97.93 -22.08
C LYS N 36 7.74 -98.91 -21.14
N GLU N 37 8.86 -98.49 -20.56
CA GLU N 37 9.56 -99.32 -19.59
C GLU N 37 8.69 -99.64 -18.39
N ALA N 38 7.92 -98.65 -17.92
CA ALA N 38 7.02 -98.86 -16.79
C ALA N 38 5.94 -99.88 -17.12
N ILE N 39 5.37 -99.79 -18.33
CA ILE N 39 4.37 -100.79 -18.75
C ILE N 39 4.98 -102.18 -18.77
N GLU N 40 6.20 -102.30 -19.33
CA GLU N 40 6.86 -103.59 -19.37
C GLU N 40 7.16 -104.12 -17.97
N LEU N 41 7.53 -103.23 -17.05
CA LEU N 41 7.82 -103.64 -15.68
C LEU N 41 6.56 -104.13 -14.96
N ILE N 42 5.45 -103.41 -15.13
CA ILE N 42 4.18 -103.87 -14.56
C ILE N 42 3.82 -105.23 -15.14
N GLU N 43 4.06 -105.43 -16.43
CA GLU N 43 3.79 -106.73 -17.04
C GLU N 43 4.66 -107.82 -16.42
N LYS N 44 5.93 -107.51 -16.16
CA LYS N 44 6.85 -108.51 -15.61
C LYS N 44 6.47 -108.87 -14.18
N GLY N 45 6.24 -107.88 -13.33
CA GLY N 45 5.85 -108.14 -11.96
C GLY N 45 6.60 -107.34 -10.92
N GLU N 46 7.49 -106.44 -11.36
CA GLU N 46 8.23 -105.58 -10.44
C GLU N 46 7.46 -104.30 -10.23
N TYR N 47 6.76 -104.22 -9.10
CA TYR N 47 5.91 -103.06 -8.81
C TYR N 47 6.66 -101.94 -8.11
N VAL N 48 7.69 -102.27 -7.32
CA VAL N 48 8.51 -101.23 -6.70
C VAL N 48 9.25 -100.43 -7.76
N LYS N 49 9.85 -101.14 -8.73
CA LYS N 49 10.55 -100.46 -9.81
C LYS N 49 9.58 -99.64 -10.65
N ALA N 50 8.36 -100.14 -10.83
CA ALA N 50 7.35 -99.37 -11.56
C ALA N 50 6.99 -98.08 -10.83
N ASP N 51 6.82 -98.16 -9.50
CA ASP N 51 6.52 -96.97 -8.72
C ASP N 51 7.67 -95.95 -8.80
N LEU N 52 8.90 -96.43 -8.70
CA LEU N 52 10.06 -95.55 -8.81
C LEU N 52 10.18 -94.93 -10.20
N ILE N 53 9.89 -95.72 -11.25
CA ILE N 53 9.90 -95.19 -12.60
C ILE N 53 8.84 -94.11 -12.77
N LEU N 54 7.67 -94.30 -12.16
CA LEU N 54 6.63 -93.29 -12.24
C LEU N 54 7.09 -91.98 -11.58
N THR N 55 7.79 -92.10 -10.45
CA THR N 55 8.35 -90.90 -9.83
C THR N 55 9.38 -90.23 -10.75
N ASP N 56 10.22 -91.02 -11.41
CA ASP N 56 11.19 -90.46 -12.36
C ASP N 56 10.50 -89.75 -13.52
N ILE N 57 9.43 -90.35 -14.04
CA ILE N 57 8.68 -89.72 -15.13
C ILE N 57 8.06 -88.41 -14.68
N LEU N 58 7.54 -88.38 -13.46
CA LEU N 58 7.00 -87.13 -12.93
C LEU N 58 8.09 -86.07 -12.83
N ARG N 59 9.29 -86.46 -12.40
CA ARG N 59 10.39 -85.50 -12.32
C ARG N 59 10.75 -84.96 -13.71
N LEU N 60 10.79 -85.85 -14.71
CA LEU N 60 11.09 -85.41 -16.07
C LEU N 60 10.04 -84.44 -16.60
N LEU N 61 8.76 -84.77 -16.41
CA LEU N 61 7.70 -83.91 -16.91
C LEU N 61 7.69 -82.57 -16.20
N GLU N 62 7.95 -82.55 -14.90
CA GLU N 62 8.06 -81.28 -14.18
C GLU N 62 9.26 -80.48 -14.66
N GLU N 63 10.34 -81.16 -15.05
CA GLU N 63 11.48 -80.47 -15.65
C GLU N 63 11.07 -79.80 -16.96
N GLU N 64 10.27 -80.49 -17.78
CA GLU N 64 9.82 -79.88 -19.03
C GLU N 64 8.88 -78.71 -18.76
N GLY N 65 7.86 -78.90 -17.94
CA GLY N 65 7.00 -77.81 -17.53
C GLY N 65 5.64 -77.72 -18.21
N VAL N 66 4.94 -78.84 -18.35
CA VAL N 66 3.58 -78.87 -18.86
C VAL N 66 2.64 -79.24 -17.72
N LYS N 67 1.75 -78.31 -17.37
CA LYS N 67 0.99 -78.42 -16.13
C LYS N 67 0.05 -79.62 -16.15
N SER N 68 -0.69 -79.79 -17.24
CA SER N 68 -1.65 -80.90 -17.33
C SER N 68 -0.92 -82.24 -17.23
N LEU N 69 0.19 -82.38 -17.95
CA LEU N 69 0.99 -83.59 -17.85
C LEU N 69 1.49 -83.81 -16.43
N ILE N 70 1.85 -82.73 -15.74
CA ILE N 70 2.39 -82.85 -14.39
C ILE N 70 1.32 -83.38 -13.43
N LYS N 71 0.13 -82.77 -13.44
CA LYS N 71 -0.92 -83.24 -12.54
C LYS N 71 -1.34 -84.66 -12.89
N GLN N 72 -1.40 -84.98 -14.20
CA GLN N 72 -1.72 -86.34 -14.61
C GLN N 72 -0.68 -87.33 -14.10
N ALA N 73 0.60 -86.95 -14.12
CA ALA N 73 1.65 -87.85 -13.65
C ALA N 73 1.59 -88.06 -12.16
N LYS N 74 1.30 -87.01 -11.38
CA LYS N 74 1.19 -87.17 -9.94
C LYS N 74 0.01 -88.08 -9.57
N GLU N 75 -1.15 -87.81 -10.16
CA GLU N 75 -2.30 -88.66 -9.87
C GLU N 75 -2.06 -90.08 -10.38
N LEU N 76 -1.30 -90.23 -11.45
CA LEU N 76 -0.95 -91.56 -11.94
C LEU N 76 -0.11 -92.31 -10.92
N HIS N 77 0.89 -91.63 -10.34
CA HIS N 77 1.71 -92.27 -9.32
C HIS N 77 0.86 -92.77 -8.17
N ILE N 78 0.01 -91.88 -7.63
CA ILE N 78 -0.81 -92.27 -6.47
C ILE N 78 -1.74 -93.43 -6.82
N GLU N 79 -2.48 -93.30 -7.93
CA GLU N 79 -3.49 -94.30 -8.26
C GLU N 79 -2.87 -95.62 -8.67
N VAL N 80 -1.73 -95.60 -9.37
CA VAL N 80 -1.09 -96.85 -9.74
C VAL N 80 -0.54 -97.55 -8.51
N PHE N 81 0.01 -96.80 -7.55
CA PHE N 81 0.44 -97.44 -6.31
C PHE N 81 -0.74 -98.13 -5.62
N LYS N 82 -1.87 -97.43 -5.52
CA LYS N 82 -3.05 -98.04 -4.89
C LYS N 82 -3.51 -99.29 -5.64
N LEU N 83 -3.60 -99.19 -6.97
CA LEU N 83 -4.09 -100.32 -7.77
C LEU N 83 -3.15 -101.52 -7.69
N LEU N 84 -1.84 -101.28 -7.75
CA LEU N 84 -0.89 -102.37 -7.62
C LEU N 84 -0.94 -103.00 -6.24
N LYS N 85 -1.24 -102.20 -5.21
CA LYS N 85 -1.52 -102.78 -3.90
C LYS N 85 -2.73 -103.71 -3.95
N GLU N 86 -3.81 -103.24 -4.58
CA GLU N 86 -5.02 -104.05 -4.64
C GLU N 86 -4.87 -105.25 -5.57
N GLY N 87 -4.09 -105.11 -6.64
CA GLY N 87 -3.93 -106.16 -7.62
C GLY N 87 -4.56 -105.90 -8.97
N GLU N 88 -5.02 -104.68 -9.23
CA GLU N 88 -5.63 -104.32 -10.51
C GLU N 88 -4.54 -103.93 -11.50
N TYR N 89 -3.89 -104.95 -12.05
CA TYR N 89 -2.79 -104.72 -12.99
C TYR N 89 -3.27 -104.04 -14.27
N LYS N 90 -4.40 -104.49 -14.80
CA LYS N 90 -4.90 -103.97 -16.07
C LYS N 90 -5.28 -102.50 -15.96
N GLU N 91 -5.89 -102.10 -14.85
CA GLU N 91 -6.26 -100.70 -14.66
C GLU N 91 -5.02 -99.81 -14.59
N ALA N 92 -3.98 -100.26 -13.88
CA ALA N 92 -2.74 -99.49 -13.81
C ALA N 92 -2.07 -99.39 -15.17
N LYS N 93 -2.04 -100.50 -15.92
CA LYS N 93 -1.49 -100.47 -17.27
C LYS N 93 -2.27 -99.51 -18.16
N ALA N 94 -3.60 -99.50 -18.02
CA ALA N 94 -4.42 -98.58 -18.81
C ALA N 94 -4.11 -97.14 -18.47
N LEU N 95 -3.93 -96.83 -17.19
CA LEU N 95 -3.61 -95.45 -16.81
C LEU N 95 -2.26 -95.02 -17.34
N VAL N 96 -1.26 -95.92 -17.27
CA VAL N 96 0.06 -95.60 -17.80
C VAL N 96 -0.01 -95.40 -19.31
N GLU N 97 -0.77 -96.24 -20.01
CA GLU N 97 -0.92 -96.10 -21.45
C GLU N 97 -1.62 -94.79 -21.80
N ALA N 98 -2.61 -94.39 -21.00
CA ALA N 98 -3.29 -93.13 -21.24
C ALA N 98 -2.33 -91.96 -21.10
N LEU N 99 -1.48 -91.97 -20.06
CA LEU N 99 -0.50 -90.90 -19.91
C LEU N 99 0.50 -90.90 -21.06
N ARG N 100 0.92 -92.09 -21.50
CA ARG N 100 1.84 -92.17 -22.63
C ARG N 100 1.23 -91.56 -23.88
N VAL N 101 -0.03 -91.91 -24.17
CA VAL N 101 -0.71 -91.37 -25.35
C VAL N 101 -0.85 -89.87 -25.23
N SER N 102 -1.15 -89.37 -24.03
CA SER N 102 -1.28 -87.94 -23.83
C SER N 102 0.04 -87.21 -24.11
N VAL N 103 1.15 -87.77 -23.64
CA VAL N 103 2.46 -87.13 -23.86
C VAL N 103 2.82 -87.16 -25.35
N GLU N 104 2.61 -88.30 -26.00
CA GLU N 104 2.90 -88.38 -27.44
C GLU N 104 2.02 -87.41 -28.23
N LEU N 105 0.75 -87.27 -27.84
CA LEU N 105 -0.13 -86.34 -28.51
C LEU N 105 0.32 -84.90 -28.32
N TYR N 106 0.81 -84.56 -27.12
CA TYR N 106 1.34 -83.21 -26.93
C TYR N 106 2.55 -82.99 -27.83
N ILE N 107 3.43 -83.99 -27.94
CA ILE N 107 4.60 -83.86 -28.80
C ILE N 107 4.17 -83.60 -30.24
N LEU N 108 3.20 -84.39 -30.72
CA LEU N 108 2.76 -84.25 -32.11
C LEU N 108 2.06 -82.93 -32.34
N ILE N 109 1.29 -82.44 -31.36
CA ILE N 109 0.63 -81.15 -31.50
C ILE N 109 1.67 -80.05 -31.61
N LYS N 110 2.72 -80.10 -30.77
CA LYS N 110 3.75 -79.07 -30.83
C LYS N 110 4.49 -79.10 -32.16
N ARG N 111 4.82 -80.30 -32.64
CA ARG N 111 5.50 -80.41 -33.94
C ARG N 111 4.62 -79.90 -35.06
N GLY N 112 3.32 -80.22 -35.03
CA GLY N 112 2.43 -79.74 -36.08
C GLY N 112 2.27 -78.23 -36.08
N VAL N 113 2.11 -77.65 -34.88
CA VAL N 113 1.91 -76.21 -34.80
C VAL N 113 3.17 -75.46 -35.21
N ARG N 114 4.34 -75.93 -34.76
CA ARG N 114 5.59 -75.26 -35.12
C ARG N 114 5.82 -75.31 -36.62
N GLU N 115 5.69 -76.50 -37.22
CA GLU N 115 5.88 -76.70 -38.65
C GLU N 115 4.80 -76.05 -39.51
N GLY N 116 3.81 -75.39 -38.90
CA GLY N 116 2.73 -74.80 -39.67
C GLY N 116 1.88 -75.81 -40.40
N ARG N 117 1.74 -77.01 -39.85
CA ARG N 117 0.93 -78.03 -40.49
C ARG N 117 -0.54 -77.64 -40.48
N PRO N 118 -1.31 -78.07 -41.47
CA PRO N 118 -2.74 -77.77 -41.47
C PRO N 118 -3.46 -78.42 -40.31
N ILE N 119 -4.52 -77.76 -39.84
CA ILE N 119 -5.34 -78.31 -38.75
C ILE N 119 -5.93 -79.65 -39.15
N GLU N 120 -6.21 -79.84 -40.44
CA GLU N 120 -6.87 -81.05 -40.92
C GLU N 120 -6.05 -82.30 -40.57
N GLU N 121 -4.77 -82.30 -40.95
CA GLU N 121 -3.97 -83.51 -40.73
C GLU N 121 -3.63 -83.69 -39.25
N ILE N 122 -3.51 -82.60 -38.50
CA ILE N 122 -3.34 -82.72 -37.05
C ILE N 122 -4.54 -83.43 -36.43
N ALA N 123 -5.74 -83.02 -36.84
CA ALA N 123 -6.96 -83.65 -36.32
C ALA N 123 -7.02 -85.12 -36.71
N ARG N 124 -6.68 -85.44 -37.95
CA ARG N 124 -6.68 -86.84 -38.37
C ARG N 124 -5.69 -87.66 -37.56
N GLU N 125 -4.51 -87.11 -37.30
CA GLU N 125 -3.51 -87.82 -36.51
C GLU N 125 -4.01 -88.06 -35.08
N VAL N 126 -4.62 -87.04 -34.47
CA VAL N 126 -5.14 -87.19 -33.12
C VAL N 126 -6.20 -88.28 -33.07
N GLY N 127 -7.11 -88.27 -34.05
CA GLY N 127 -8.12 -89.32 -34.10
C GLY N 127 -7.54 -90.70 -34.27
N ARG N 128 -6.53 -90.83 -35.13
CA ARG N 128 -5.89 -92.13 -35.33
C ARG N 128 -5.24 -92.62 -34.05
N LYS N 129 -4.55 -91.73 -33.33
CA LYS N 129 -3.91 -92.13 -32.08
C LYS N 129 -4.94 -92.56 -31.04
N LEU N 130 -6.05 -91.82 -30.92
CA LEU N 130 -7.08 -92.19 -29.97
C LEU N 130 -7.70 -93.53 -30.32
N VAL N 131 -7.92 -93.79 -31.61
CA VAL N 131 -8.50 -95.07 -32.01
C VAL N 131 -7.54 -96.21 -31.72
N GLU N 132 -6.25 -96.00 -31.95
CA GLU N 132 -5.26 -97.04 -31.65
C GLU N 132 -5.21 -97.33 -30.16
N LEU N 133 -5.27 -96.29 -29.33
CA LEU N 133 -5.32 -96.52 -27.89
C LEU N 133 -6.57 -97.29 -27.49
N ALA N 134 -7.72 -96.94 -28.07
CA ALA N 134 -8.95 -97.65 -27.75
C ALA N 134 -8.88 -99.11 -28.14
N LYS N 135 -8.30 -99.40 -29.32
CA LYS N 135 -8.14 -100.79 -29.74
C LYS N 135 -7.22 -101.55 -28.80
N ARG N 136 -6.12 -100.91 -28.38
CA ARG N 136 -5.22 -101.55 -27.42
C ARG N 136 -5.94 -101.89 -26.12
N LEU N 137 -6.66 -100.92 -25.56
CA LEU N 137 -7.35 -101.14 -24.29
C LEU N 137 -8.43 -102.20 -24.44
N GLU N 138 -9.12 -102.23 -25.58
CA GLU N 138 -10.12 -103.27 -25.82
C GLU N 138 -9.46 -104.64 -25.88
N LYS N 139 -8.28 -104.73 -26.48
CA LYS N 139 -7.56 -106.00 -26.50
C LYS N 139 -7.14 -106.42 -25.09
N GLU N 140 -6.74 -105.46 -24.26
CA GLU N 140 -6.33 -105.80 -22.90
C GLU N 140 -7.48 -106.41 -22.10
N GLY N 141 -8.68 -105.83 -22.23
CA GLY N 141 -9.83 -106.34 -21.50
C GLY N 141 -10.56 -105.28 -20.71
N ILE N 142 -10.17 -104.02 -20.90
CA ILE N 142 -10.84 -102.92 -20.21
C ILE N 142 -12.19 -102.65 -20.89
N SER N 143 -13.22 -102.44 -20.07
CA SER N 143 -14.56 -102.21 -20.59
C SER N 143 -14.64 -100.87 -21.32
N TRP N 144 -15.69 -100.73 -22.14
CA TRP N 144 -15.79 -99.57 -23.02
C TRP N 144 -16.15 -98.29 -22.27
N GLU N 145 -16.82 -98.40 -21.12
CA GLU N 145 -17.09 -97.21 -20.32
C GLU N 145 -15.79 -96.61 -19.79
N GLU N 146 -14.88 -97.46 -19.29
CA GLU N 146 -13.59 -96.98 -18.84
C GLU N 146 -12.77 -96.41 -19.99
N ILE N 147 -12.83 -97.07 -21.15
CA ILE N 147 -12.12 -96.57 -22.33
C ILE N 147 -12.61 -95.18 -22.70
N ILE N 148 -13.94 -94.99 -22.71
CA ILE N 148 -14.49 -93.69 -23.06
C ILE N 148 -14.08 -92.64 -22.05
N GLU N 149 -14.13 -92.97 -20.76
CA GLU N 149 -13.74 -92.00 -19.74
C GLU N 149 -12.27 -91.60 -19.88
N LEU N 150 -11.39 -92.58 -20.10
CA LEU N 150 -9.98 -92.26 -20.34
C LEU N 150 -9.81 -91.37 -21.55
N ILE N 151 -10.55 -91.67 -22.63
CA ILE N 151 -10.45 -90.88 -23.85
C ILE N 151 -10.90 -89.44 -23.61
N GLU N 152 -11.98 -89.25 -22.84
CA GLU N 152 -12.42 -87.88 -22.57
C GLU N 152 -11.44 -87.14 -21.67
N ARG N 153 -10.79 -87.82 -20.73
CA ARG N 153 -9.75 -87.16 -19.95
C ARG N 153 -8.60 -86.72 -20.86
N ILE N 154 -8.19 -87.58 -21.79
CA ILE N 154 -7.15 -87.21 -22.74
C ILE N 154 -7.61 -86.04 -23.60
N LEU N 155 -8.89 -86.01 -23.96
CA LEU N 155 -9.43 -84.93 -24.79
C LEU N 155 -9.41 -83.60 -24.04
N GLU N 156 -9.73 -83.62 -22.75
CA GLU N 156 -9.64 -82.40 -21.95
C GLU N 156 -8.20 -81.92 -21.85
N SER N 157 -7.25 -82.86 -21.69
CA SER N 157 -5.84 -82.49 -21.71
C SER N 157 -5.45 -81.86 -23.04
N ILE N 158 -5.93 -82.44 -24.15
CA ILE N 158 -5.65 -81.90 -25.48
C ILE N 158 -6.23 -80.50 -25.61
N ARG N 159 -7.43 -80.29 -25.10
CA ARG N 159 -8.06 -78.97 -25.16
C ARG N 159 -7.20 -77.94 -24.44
N GLU N 160 -6.73 -78.28 -23.25
CA GLU N 160 -5.86 -77.36 -22.52
C GLU N 160 -4.56 -77.09 -23.27
N ILE N 161 -3.95 -78.13 -23.83
CA ILE N 161 -2.70 -77.97 -24.57
C ILE N 161 -2.91 -77.07 -25.78
N LEU N 162 -3.98 -77.29 -26.53
CA LEU N 162 -4.26 -76.49 -27.70
C LEU N 162 -4.53 -75.04 -27.33
N LYS N 163 -5.28 -74.81 -26.25
CA LYS N 163 -5.51 -73.45 -25.78
C LYS N 163 -4.20 -72.78 -25.37
N GLU N 164 -3.24 -73.56 -24.86
CA GLU N 164 -1.94 -72.99 -24.52
C GLU N 164 -1.21 -72.47 -25.75
N GLU N 165 -1.30 -73.19 -26.87
CA GLU N 165 -0.60 -72.81 -28.10
C GLU N 165 -1.16 -71.56 -28.75
N GLY N 166 -2.17 -70.93 -28.16
CA GLY N 166 -2.75 -69.74 -28.74
C GLY N 166 -3.71 -69.97 -29.87
N LEU N 167 -4.12 -71.20 -30.12
CA LEU N 167 -5.09 -71.47 -31.17
C LEU N 167 -6.46 -70.92 -30.77
N PRO N 168 -7.24 -70.41 -31.72
CA PRO N 168 -8.59 -69.95 -31.40
C PRO N 168 -9.54 -71.12 -31.18
N GLU N 169 -10.72 -70.78 -30.66
CA GLU N 169 -11.67 -71.82 -30.23
C GLU N 169 -12.19 -72.65 -31.40
N SER N 170 -12.29 -72.06 -32.59
CA SER N 170 -12.91 -72.76 -33.70
C SER N 170 -12.11 -74.00 -34.10
N GLU N 171 -10.80 -73.85 -34.29
CA GLU N 171 -9.97 -74.99 -34.68
C GLU N 171 -9.86 -76.02 -33.56
N ILE N 172 -9.83 -75.57 -32.30
CA ILE N 172 -9.80 -76.49 -31.18
C ILE N 172 -11.06 -77.36 -31.18
N ASN N 173 -12.22 -76.72 -31.34
CA ASN N 173 -13.47 -77.45 -31.38
C ASN N 173 -13.53 -78.38 -32.58
N ARG N 174 -12.98 -77.94 -33.71
CA ARG N 174 -12.95 -78.80 -34.90
C ARG N 174 -12.12 -80.05 -34.67
N ILE N 175 -10.93 -79.90 -34.08
CA ILE N 175 -10.06 -81.04 -33.82
C ILE N 175 -10.73 -82.00 -32.84
N LEU N 176 -11.31 -81.45 -31.76
CA LEU N 176 -11.95 -82.31 -30.76
C LEU N 176 -13.13 -83.05 -31.34
N ALA N 177 -13.95 -82.36 -32.14
CA ALA N 177 -15.10 -83.01 -32.77
C ALA N 177 -14.66 -84.11 -33.72
N VAL N 178 -13.60 -83.87 -34.49
CA VAL N 178 -13.11 -84.90 -35.41
C VAL N 178 -12.62 -86.12 -34.65
N SER N 179 -11.89 -85.92 -33.55
CA SER N 179 -11.40 -87.06 -32.78
C SER N 179 -12.55 -87.87 -32.18
N ILE N 180 -13.53 -87.17 -31.60
CA ILE N 180 -14.69 -87.85 -31.04
C ILE N 180 -15.43 -88.63 -32.13
N LEU N 181 -15.58 -88.02 -33.31
CA LEU N 181 -16.27 -88.69 -34.39
C LEU N 181 -15.49 -89.89 -34.91
N GLU N 182 -14.16 -89.86 -34.85
CA GLU N 182 -13.38 -91.02 -35.25
C GLU N 182 -13.57 -92.18 -34.29
N VAL N 183 -13.60 -91.88 -32.98
CA VAL N 183 -13.90 -92.93 -32.01
C VAL N 183 -15.30 -93.50 -32.24
N ALA N 184 -16.26 -92.61 -32.49
CA ALA N 184 -17.62 -93.07 -32.77
C ALA N 184 -17.69 -93.89 -34.04
N LYS N 185 -16.89 -93.54 -35.04
CA LYS N 185 -16.83 -94.32 -36.28
C LYS N 185 -16.29 -95.72 -36.02
N TYR N 186 -15.26 -95.83 -35.19
CA TYR N 186 -14.77 -97.15 -34.83
C TYR N 186 -15.85 -97.96 -34.12
N LEU N 187 -16.59 -97.33 -33.21
CA LEU N 187 -17.69 -98.03 -32.54
C LEU N 187 -18.75 -98.49 -33.54
N LEU N 188 -19.10 -97.62 -34.50
CA LEU N 188 -20.10 -98.00 -35.51
C LEU N 188 -19.62 -99.16 -36.36
N GLU N 189 -18.34 -99.15 -36.73
CA GLU N 189 -17.79 -100.27 -37.48
C GLU N 189 -17.85 -101.56 -36.68
N LYS N 190 -17.57 -101.48 -35.37
CA LYS N 190 -17.72 -102.66 -34.53
C LYS N 190 -19.16 -103.16 -34.52
N LEU N 191 -20.12 -102.23 -34.40
CA LEU N 191 -21.53 -102.62 -34.37
C LEU N 191 -21.97 -103.21 -35.71
N GLY N 192 -21.52 -102.64 -36.82
CA GLY N 192 -21.86 -103.16 -38.13
C GLY N 192 -22.91 -102.35 -38.87
N PHE N 193 -22.85 -101.03 -38.73
CA PHE N 193 -23.77 -100.11 -39.39
C PHE N 193 -22.95 -99.31 -40.42
N ASP N 194 -22.88 -99.86 -41.64
CA ASP N 194 -21.99 -99.29 -42.65
C ASP N 194 -22.48 -97.94 -43.15
N TYR N 195 -23.80 -97.81 -43.37
CA TYR N 195 -24.32 -96.56 -43.91
C TYR N 195 -24.09 -95.40 -42.95
N LEU N 196 -24.30 -95.62 -41.66
CA LEU N 196 -23.99 -94.60 -40.67
C LEU N 196 -22.51 -94.28 -40.66
N VAL N 197 -21.67 -95.28 -40.93
CA VAL N 197 -20.23 -95.03 -41.04
C VAL N 197 -19.96 -94.06 -42.18
N GLU N 198 -20.55 -94.32 -43.36
CA GLU N 198 -20.33 -93.47 -44.52
C GLU N 198 -20.81 -92.04 -44.27
N LEU N 199 -21.99 -91.89 -43.67
CA LEU N 199 -22.45 -90.56 -43.30
C LEU N 199 -21.49 -89.90 -42.32
N LEU N 200 -20.85 -90.70 -41.46
CA LEU N 200 -19.89 -90.13 -40.52
C LEU N 200 -18.63 -89.63 -41.22
N ASP N 201 -18.13 -90.38 -42.22
CA ASP N 201 -17.01 -89.83 -42.98
C ASP N 201 -17.41 -88.55 -43.70
N ARG N 202 -18.62 -88.51 -44.25
CA ARG N 202 -19.07 -87.28 -44.91
C ARG N 202 -19.07 -86.10 -43.94
N ALA N 203 -19.61 -86.31 -42.74
CA ALA N 203 -19.65 -85.25 -41.74
C ALA N 203 -18.24 -84.85 -41.30
N ILE N 204 -17.34 -85.82 -41.15
CA ILE N 204 -15.97 -85.51 -40.75
C ILE N 204 -15.27 -84.68 -41.82
N GLU N 205 -15.46 -85.04 -43.09
CA GLU N 205 -14.89 -84.26 -44.18
C GLU N 205 -15.44 -82.84 -44.18
N TYR N 206 -16.75 -82.69 -43.96
CA TYR N 206 -17.34 -81.36 -43.94
C TYR N 206 -16.79 -80.53 -42.79
N ILE N 207 -16.61 -81.15 -41.61
CA ILE N 207 -16.01 -80.44 -40.48
C ILE N 207 -14.59 -80.02 -40.80
N LEU N 208 -13.81 -80.92 -41.41
CA LEU N 208 -12.41 -80.64 -41.68
C LEU N 208 -12.25 -79.55 -42.72
N LYS N 209 -13.11 -79.53 -43.74
CA LYS N 209 -13.03 -78.51 -44.78
C LYS N 209 -13.54 -77.15 -44.33
N GLY N 210 -14.15 -77.05 -43.16
CA GLY N 210 -14.62 -75.79 -42.62
C GLY N 210 -16.11 -75.56 -42.73
N ARG N 211 -16.83 -76.41 -43.46
CA ARG N 211 -18.27 -76.26 -43.65
C ARG N 211 -18.98 -76.78 -42.41
N SER N 212 -19.36 -75.88 -41.51
CA SER N 212 -19.84 -76.26 -40.20
C SER N 212 -21.34 -76.54 -40.16
N GLU N 213 -22.15 -75.67 -40.78
CA GLU N 213 -23.59 -75.81 -40.70
C GLU N 213 -24.07 -77.08 -41.42
N LEU N 214 -23.48 -77.38 -42.57
CA LEU N 214 -23.82 -78.63 -43.25
C LEU N 214 -23.47 -79.83 -42.38
N ALA N 215 -22.32 -79.76 -41.70
CA ALA N 215 -21.93 -80.84 -40.80
C ALA N 215 -22.90 -80.99 -39.64
N VAL N 216 -23.38 -79.86 -39.11
CA VAL N 216 -24.33 -79.92 -38.01
C VAL N 216 -25.65 -80.56 -38.46
N HIS N 217 -26.12 -80.20 -39.65
CA HIS N 217 -27.34 -80.82 -40.16
C HIS N 217 -27.14 -82.32 -40.40
N LEU N 218 -25.99 -82.69 -40.96
CA LEU N 218 -25.67 -84.10 -41.15
C LEU N 218 -25.63 -84.84 -39.83
N LEU N 219 -25.06 -84.22 -38.80
CA LEU N 219 -24.99 -84.85 -37.48
C LEU N 219 -26.37 -84.99 -36.86
N ASP N 220 -27.26 -84.02 -37.11
CA ASP N 220 -28.64 -84.15 -36.66
C ASP N 220 -29.32 -85.35 -37.32
N ASP N 221 -29.13 -85.52 -38.62
CA ASP N 221 -29.72 -86.67 -39.30
C ASP N 221 -29.13 -87.97 -38.79
N ILE N 222 -27.82 -87.99 -38.53
CA ILE N 222 -27.17 -89.18 -37.99
C ILE N 222 -27.72 -89.51 -36.60
N ILE N 223 -27.94 -88.48 -35.78
CA ILE N 223 -28.48 -88.69 -34.44
C ILE N 223 -29.89 -89.27 -34.51
N ARG N 224 -30.71 -88.75 -35.44
CA ARG N 224 -32.04 -89.32 -35.62
C ARG N 224 -31.98 -90.79 -36.03
N ARG N 225 -31.08 -91.12 -36.96
CA ARG N 225 -30.95 -92.51 -37.38
C ARG N 225 -30.48 -93.41 -36.23
N VAL N 226 -29.55 -92.91 -35.42
CA VAL N 226 -29.05 -93.69 -34.28
C VAL N 226 -30.16 -93.94 -33.27
N HIS N 227 -30.97 -92.90 -33.00
CA HIS N 227 -32.10 -93.08 -32.08
C HIS N 227 -33.11 -94.07 -32.64
N GLU N 228 -33.33 -94.04 -33.95
CA GLU N 228 -34.22 -95.03 -34.57
C GLU N 228 -33.67 -96.44 -34.38
N GLU N 229 -32.36 -96.63 -34.55
CA GLU N 229 -31.77 -97.94 -34.35
C GLU N 229 -31.90 -98.40 -32.91
N ILE N 230 -31.67 -97.49 -31.95
CA ILE N 230 -31.80 -97.83 -30.55
C ILE N 230 -33.24 -98.24 -30.23
N GLU N 231 -34.21 -97.48 -30.73
CA GLU N 231 -35.61 -97.83 -30.52
C GLU N 231 -35.96 -99.16 -31.15
N ARG N 232 -35.37 -99.49 -32.30
CA ARG N 232 -35.59 -100.79 -32.90
C ARG N 232 -35.04 -101.91 -32.03
N TYR N 233 -33.89 -101.69 -31.39
CA TYR N 233 -33.30 -102.75 -30.57
C TYR N 233 -34.18 -103.11 -29.38
N GLY N 234 -34.76 -102.12 -28.73
CA GLY N 234 -35.72 -102.37 -27.65
C GLY N 234 -35.03 -102.45 -26.30
N ASP N 235 -35.14 -103.61 -25.64
CA ASP N 235 -34.57 -103.80 -24.31
C ASP N 235 -33.19 -104.44 -24.34
N ASP N 236 -32.74 -104.92 -25.49
CA ASP N 236 -31.45 -105.61 -25.62
C ASP N 236 -30.40 -104.72 -26.27
N VAL N 237 -30.43 -103.43 -26.00
CA VAL N 237 -29.51 -102.48 -26.63
C VAL N 237 -28.09 -102.71 -26.12
N PRO N 238 -27.13 -102.97 -27.00
CA PRO N 238 -25.74 -103.05 -26.57
C PRO N 238 -25.22 -101.69 -26.09
N GLU N 239 -24.26 -101.74 -25.16
CA GLU N 239 -23.71 -100.52 -24.58
C GLU N 239 -22.95 -99.69 -25.60
N GLU N 240 -22.42 -100.31 -26.66
CA GLU N 240 -21.71 -99.57 -27.67
C GLU N 240 -22.62 -98.58 -28.38
N LEU N 241 -23.88 -98.96 -28.59
CA LEU N 241 -24.82 -98.05 -29.23
C LEU N 241 -25.09 -96.82 -28.37
N LEU N 242 -25.23 -97.00 -27.05
CA LEU N 242 -25.47 -95.86 -26.18
C LEU N 242 -24.24 -94.96 -26.08
N LEU N 243 -23.06 -95.57 -26.00
CA LEU N 243 -21.83 -94.77 -25.98
C LEU N 243 -21.67 -93.99 -27.29
N LEU N 244 -21.99 -94.64 -28.42
CA LEU N 244 -21.96 -93.96 -29.71
C LEU N 244 -22.94 -92.80 -29.76
N ASP N 245 -24.14 -93.00 -29.22
CA ASP N 245 -25.12 -91.93 -29.14
C ASP N 245 -24.56 -90.74 -28.38
N LEU N 246 -23.99 -90.98 -27.21
CA LEU N 246 -23.43 -89.89 -26.41
C LEU N 246 -22.29 -89.19 -27.15
N LEU N 247 -21.42 -89.98 -27.79
CA LEU N 247 -20.28 -89.40 -28.50
C LEU N 247 -20.74 -88.51 -29.65
N VAL N 248 -21.69 -88.99 -30.44
CA VAL N 248 -22.18 -88.21 -31.58
C VAL N 248 -22.88 -86.95 -31.09
N GLN N 249 -23.62 -87.04 -29.98
CA GLN N 249 -24.27 -85.85 -29.45
C GLN N 249 -23.26 -84.80 -29.01
N LYS N 250 -22.21 -85.21 -28.28
CA LYS N 250 -21.23 -84.23 -27.85
C LYS N 250 -20.41 -83.68 -29.02
N ALA N 251 -20.17 -84.50 -30.05
CA ALA N 251 -19.50 -84.02 -31.24
C ALA N 251 -20.36 -82.99 -31.98
N ARG N 252 -21.67 -83.23 -32.03
CA ARG N 252 -22.56 -82.25 -32.64
C ARG N 252 -22.58 -80.94 -31.86
N ASP N 253 -22.56 -81.04 -30.52
CA ASP N 253 -22.49 -79.83 -29.71
C ASP N 253 -21.21 -79.05 -30.00
N LEU N 254 -20.07 -79.75 -30.09
CA LEU N 254 -18.81 -79.07 -30.40
C LEU N 254 -18.84 -78.45 -31.78
N ALA N 255 -19.40 -79.16 -32.76
CA ALA N 255 -19.48 -78.61 -34.12
C ALA N 255 -20.37 -77.38 -34.17
N ALA N 256 -21.46 -77.38 -33.40
CA ALA N 256 -22.28 -76.18 -33.29
C ALA N 256 -21.50 -75.03 -32.67
N ARG N 257 -20.70 -75.32 -31.64
CA ARG N 257 -19.93 -74.28 -30.97
C ARG N 257 -18.76 -73.76 -31.81
N ILE N 258 -18.45 -74.40 -32.94
CA ILE N 258 -17.33 -73.99 -33.79
C ILE N 258 -17.51 -72.54 -34.23
N MET O 25 -20.32 -82.61 18.28
CA MET O 25 -21.72 -82.40 17.97
C MET O 25 -22.64 -83.36 18.74
N GLU O 26 -22.28 -83.65 19.98
CA GLU O 26 -23.04 -84.62 20.76
C GLU O 26 -24.44 -84.12 21.10
N LYS O 27 -24.67 -82.80 21.03
CA LYS O 27 -26.00 -82.27 21.26
C LYS O 27 -26.99 -82.78 20.23
N LEU O 28 -26.56 -82.88 18.97
CA LEU O 28 -27.43 -83.37 17.91
C LEU O 28 -27.68 -84.87 18.04
N GLU O 29 -26.69 -85.63 18.51
CA GLU O 29 -26.94 -87.04 18.81
C GLU O 29 -27.93 -87.20 19.95
N VAL O 30 -27.84 -86.34 20.96
CA VAL O 30 -28.82 -86.36 22.04
C VAL O 30 -30.21 -86.03 21.50
N ALA O 31 -30.28 -85.07 20.57
CA ALA O 31 -31.56 -84.75 19.93
C ALA O 31 -32.11 -85.94 19.15
N VAL O 32 -31.24 -86.66 18.44
CA VAL O 32 -31.68 -87.83 17.69
C VAL O 32 -32.21 -88.91 18.63
N GLU O 33 -31.52 -89.13 19.75
CA GLU O 33 -31.99 -90.10 20.74
C GLU O 33 -33.33 -89.67 21.33
N HIS O 34 -33.48 -88.40 21.62
CA HIS O 34 -34.76 -87.90 22.04
C HIS O 34 -35.85 -88.16 21.02
N LEU O 35 -35.57 -87.89 19.73
CA LEU O 35 -36.56 -88.13 18.68
C LEU O 35 -36.97 -89.59 18.62
N LYS O 36 -36.01 -90.51 18.78
CA LYS O 36 -36.36 -91.93 18.88
C LYS O 36 -37.27 -92.19 20.07
N GLU O 37 -36.94 -91.57 21.21
CA GLU O 37 -37.79 -91.71 22.39
C GLU O 37 -39.20 -91.18 22.14
N ALA O 38 -39.30 -90.06 21.42
CA ALA O 38 -40.62 -89.50 21.09
C ALA O 38 -41.42 -90.45 20.21
N ILE O 39 -40.77 -91.06 19.21
CA ILE O 39 -41.46 -92.04 18.37
C ILE O 39 -41.96 -93.20 19.21
N GLU O 40 -41.11 -93.70 20.11
CA GLU O 40 -41.51 -94.81 20.97
C GLU O 40 -42.67 -94.42 21.89
N LEU O 41 -42.66 -93.17 22.38
CA LEU O 41 -43.73 -92.71 23.26
C LEU O 41 -45.05 -92.58 22.51
N ILE O 42 -45.02 -92.04 21.29
CA ILE O 42 -46.23 -91.98 20.47
C ILE O 42 -46.75 -93.39 20.22
N GLU O 43 -45.84 -94.34 19.98
CA GLU O 43 -46.27 -95.72 19.79
C GLU O 43 -46.93 -96.28 21.05
N LYS O 44 -46.38 -95.97 22.21
CA LYS O 44 -46.94 -96.49 23.46
C LYS O 44 -48.31 -95.91 23.74
N GLY O 45 -48.44 -94.58 23.65
CA GLY O 45 -49.73 -93.95 23.88
C GLY O 45 -49.68 -92.73 24.79
N GLU O 46 -48.50 -92.34 25.21
CA GLU O 46 -48.33 -91.15 26.06
C GLU O 46 -48.10 -89.95 25.17
N TYR O 47 -49.15 -89.16 24.95
CA TYR O 47 -49.07 -88.01 24.06
C TYR O 47 -48.61 -86.74 24.76
N VAL O 48 -48.90 -86.59 26.05
CA VAL O 48 -48.40 -85.46 26.80
C VAL O 48 -46.88 -85.50 26.90
N LYS O 49 -46.33 -86.68 27.21
CA LYS O 49 -44.90 -86.83 27.28
C LYS O 49 -44.25 -86.62 25.91
N ALA O 50 -44.95 -87.04 24.85
CA ALA O 50 -44.44 -86.80 23.50
C ALA O 50 -44.39 -85.31 23.18
N ASP O 51 -45.43 -84.57 23.55
CA ASP O 51 -45.45 -83.12 23.33
C ASP O 51 -44.32 -82.44 24.10
N LEU O 52 -44.12 -82.84 25.35
CA LEU O 52 -43.05 -82.27 26.17
C LEU O 52 -41.67 -82.62 25.61
N ILE O 53 -41.50 -83.85 25.11
CA ILE O 53 -40.24 -84.24 24.48
C ILE O 53 -39.98 -83.41 23.24
N LEU O 54 -41.03 -83.13 22.47
CA LEU O 54 -40.85 -82.29 21.28
C LEU O 54 -40.39 -80.90 21.67
N THR O 55 -40.94 -80.36 22.76
CA THR O 55 -40.46 -79.06 23.24
C THR O 55 -38.99 -79.13 23.67
N ASP O 56 -38.60 -80.22 24.34
CA ASP O 56 -37.21 -80.39 24.73
C ASP O 56 -36.29 -80.48 23.51
N ILE O 57 -36.72 -81.20 22.48
CA ILE O 57 -35.93 -81.31 21.26
C ILE O 57 -35.78 -79.95 20.59
N LEU O 58 -36.85 -79.16 20.58
CA LEU O 58 -36.76 -77.81 20.03
C LEU O 58 -35.74 -76.98 20.82
N ARG O 59 -35.75 -77.10 22.14
CA ARG O 59 -34.78 -76.37 22.95
C ARG O 59 -33.36 -76.79 22.63
N LEU O 60 -33.13 -78.10 22.48
CA LEU O 60 -31.79 -78.58 22.13
C LEU O 60 -31.34 -78.04 20.77
N LEU O 61 -32.21 -78.12 19.77
CA LEU O 61 -31.84 -77.66 18.43
C LEU O 61 -31.58 -76.16 18.42
N GLU O 62 -32.39 -75.39 19.15
CA GLU O 62 -32.13 -73.96 19.24
C GLU O 62 -30.82 -73.69 19.97
N GLU O 63 -30.45 -74.53 20.94
CA GLU O 63 -29.15 -74.41 21.57
C GLU O 63 -28.03 -74.63 20.57
N GLU O 64 -28.19 -75.62 19.68
CA GLU O 64 -27.16 -75.85 18.66
C GLU O 64 -27.09 -74.69 17.68
N GLY O 65 -28.23 -74.29 17.12
CA GLY O 65 -28.27 -73.11 16.27
C GLY O 65 -28.34 -73.36 14.77
N VAL O 66 -29.18 -74.30 14.33
CA VAL O 66 -29.42 -74.54 12.90
C VAL O 66 -30.83 -74.08 12.58
N LYS O 67 -30.95 -73.08 11.71
CA LYS O 67 -32.23 -72.39 11.54
C LYS O 67 -33.29 -73.30 10.93
N SER O 68 -32.93 -74.03 9.89
CA SER O 68 -33.91 -74.91 9.24
C SER O 68 -34.42 -75.97 10.20
N LEU O 69 -33.52 -76.58 10.97
CA LEU O 69 -33.92 -77.55 11.98
C LEU O 69 -34.82 -76.90 13.02
N ILE O 70 -34.54 -75.64 13.37
CA ILE O 70 -35.33 -74.97 14.41
C ILE O 70 -36.76 -74.75 13.94
N LYS O 71 -36.93 -74.20 12.73
CA LYS O 71 -38.29 -73.97 12.23
C LYS O 71 -39.02 -75.29 12.01
N GLN O 72 -38.30 -76.32 11.54
CA GLN O 72 -38.91 -77.63 11.38
C GLN O 72 -39.38 -78.19 12.72
N ALA O 73 -38.60 -77.96 13.78
CA ALA O 73 -38.97 -78.48 15.10
C ALA O 73 -40.18 -77.74 15.67
N LYS O 74 -40.24 -76.43 15.47
CA LYS O 74 -41.41 -75.68 15.97
C LYS O 74 -42.68 -76.12 15.25
N GLU O 75 -42.63 -76.18 13.91
CA GLU O 75 -43.81 -76.61 13.18
C GLU O 75 -44.15 -78.06 13.50
N LEU O 76 -43.14 -78.88 13.80
CA LEU O 76 -43.40 -80.25 14.21
C LEU O 76 -44.16 -80.29 15.53
N HIS O 77 -43.76 -79.47 16.49
CA HIS O 77 -44.47 -79.43 17.76
C HIS O 77 -45.94 -79.08 17.55
N ILE O 78 -46.19 -78.00 16.80
CA ILE O 78 -47.57 -77.57 16.60
C ILE O 78 -48.39 -78.64 15.88
N GLU O 79 -47.86 -79.15 14.76
CA GLU O 79 -48.63 -80.08 13.95
C GLU O 79 -48.81 -81.43 14.61
N VAL O 80 -47.82 -81.89 15.37
CA VAL O 80 -47.97 -83.16 16.08
C VAL O 80 -48.99 -83.02 17.19
N PHE O 81 -49.01 -81.87 17.88
CA PHE O 81 -50.05 -81.66 18.89
C PHE O 81 -51.44 -81.74 18.25
N LYS O 82 -51.62 -81.05 17.12
CA LYS O 82 -52.91 -81.08 16.43
C LYS O 82 -53.28 -82.50 15.99
N LEU O 83 -52.33 -83.21 15.38
CA LEU O 83 -52.62 -84.55 14.88
C LEU O 83 -52.93 -85.53 16.01
N LEU O 84 -52.19 -85.45 17.12
CA LEU O 84 -52.47 -86.32 18.24
C LEU O 84 -53.82 -85.98 18.87
N LYS O 85 -54.23 -84.71 18.83
CA LYS O 85 -55.60 -84.38 19.20
C LYS O 85 -56.61 -85.07 18.29
N GLU O 86 -56.38 -85.01 16.98
CA GLU O 86 -57.32 -85.62 16.04
C GLU O 86 -57.26 -87.13 16.08
N GLY O 87 -56.09 -87.71 16.34
CA GLY O 87 -55.93 -89.15 16.34
C GLY O 87 -55.09 -89.71 15.20
N GLU O 88 -54.43 -88.86 14.42
CA GLU O 88 -53.60 -89.30 13.30
C GLU O 88 -52.21 -89.64 13.82
N TYR O 89 -52.11 -90.84 14.41
CA TYR O 89 -50.84 -91.27 14.99
C TYR O 89 -49.77 -91.47 13.93
N LYS O 90 -50.14 -92.08 12.80
CA LYS O 90 -49.17 -92.38 11.76
C LYS O 90 -48.59 -91.12 11.14
N GLU O 91 -49.42 -90.10 10.93
CA GLU O 91 -48.91 -88.84 10.37
C GLU O 91 -47.92 -88.17 11.32
N ALA O 92 -48.22 -88.17 12.62
CA ALA O 92 -47.31 -87.60 13.60
C ALA O 92 -46.00 -88.37 13.65
N LYS O 93 -46.09 -89.70 13.64
CA LYS O 93 -44.88 -90.52 13.60
C LYS O 93 -44.06 -90.24 12.36
N ALA O 94 -44.73 -90.06 11.22
CA ALA O 94 -44.01 -89.75 9.98
C ALA O 94 -43.30 -88.41 10.08
N LEU O 95 -43.95 -87.40 10.66
CA LEU O 95 -43.31 -86.10 10.79
C LEU O 95 -42.10 -86.16 11.72
N VAL O 96 -42.23 -86.90 12.83
CA VAL O 96 -41.09 -87.05 13.75
C VAL O 96 -39.94 -87.79 13.06
N GLU O 97 -40.26 -88.83 12.30
CA GLU O 97 -39.23 -89.57 11.58
C GLU O 97 -38.56 -88.69 10.53
N ALA O 98 -39.32 -87.83 9.87
CA ALA O 98 -38.74 -86.91 8.89
C ALA O 98 -37.77 -85.96 9.56
N LEU O 99 -38.14 -85.40 10.72
CA LEU O 99 -37.22 -84.51 11.43
C LEU O 99 -35.97 -85.27 11.89
N ARG O 100 -36.15 -86.51 12.34
CA ARG O 100 -35.00 -87.32 12.76
C ARG O 100 -34.03 -87.54 11.60
N VAL O 101 -34.58 -87.90 10.43
CA VAL O 101 -33.74 -88.14 9.26
C VAL O 101 -33.05 -86.85 8.85
N SER O 102 -33.74 -85.71 8.94
CA SER O 102 -33.12 -84.44 8.58
C SER O 102 -31.95 -84.12 9.51
N VAL O 103 -32.11 -84.34 10.82
CA VAL O 103 -31.03 -84.05 11.75
C VAL O 103 -29.85 -84.99 11.52
N GLU O 104 -30.11 -86.28 11.33
CA GLU O 104 -29.02 -87.22 11.05
C GLU O 104 -28.30 -86.86 9.76
N LEU O 105 -29.05 -86.44 8.74
CA LEU O 105 -28.43 -86.04 7.47
C LEU O 105 -27.57 -84.80 7.65
N TYR O 106 -28.00 -83.84 8.47
CA TYR O 106 -27.15 -82.69 8.75
C TYR O 106 -25.86 -83.13 9.44
N ILE O 107 -25.97 -84.04 10.40
CA ILE O 107 -24.78 -84.54 11.09
C ILE O 107 -23.82 -85.16 10.09
N LEU O 108 -24.34 -86.02 9.21
CA LEU O 108 -23.48 -86.71 8.26
C LEU O 108 -22.87 -85.74 7.25
N ILE O 109 -23.62 -84.73 6.83
CA ILE O 109 -23.08 -83.73 5.91
C ILE O 109 -21.93 -82.97 6.57
N LYS O 110 -22.10 -82.59 7.84
CA LYS O 110 -21.04 -81.87 8.53
C LYS O 110 -19.80 -82.74 8.68
N ARG O 111 -19.98 -84.00 9.05
CA ARG O 111 -18.85 -84.91 9.18
C ARG O 111 -18.14 -85.11 7.85
N GLY O 112 -18.91 -85.26 6.77
CA GLY O 112 -18.28 -85.46 5.47
C GLY O 112 -17.52 -84.24 5.00
N VAL O 113 -18.10 -83.05 5.19
CA VAL O 113 -17.43 -81.83 4.73
C VAL O 113 -16.17 -81.57 5.54
N ARG O 114 -16.25 -81.74 6.86
CA ARG O 114 -15.08 -81.50 7.70
C ARG O 114 -13.94 -82.46 7.35
N GLU O 115 -14.24 -83.76 7.26
CA GLU O 115 -13.27 -84.79 6.92
C GLU O 115 -12.78 -84.71 5.49
N GLY O 116 -13.25 -83.75 4.70
CA GLY O 116 -12.85 -83.67 3.30
C GLY O 116 -13.27 -84.86 2.48
N ARG O 117 -14.40 -85.48 2.82
CA ARG O 117 -14.88 -86.64 2.06
C ARG O 117 -15.30 -86.20 0.66
N PRO O 118 -15.18 -87.10 -0.32
CA PRO O 118 -15.62 -86.77 -1.68
C PRO O 118 -17.13 -86.56 -1.73
N ILE O 119 -17.56 -85.68 -2.64
CA ILE O 119 -18.97 -85.42 -2.85
C ILE O 119 -19.71 -86.69 -3.24
N GLU O 120 -19.02 -87.59 -3.96
CA GLU O 120 -19.66 -88.80 -4.46
C GLU O 120 -20.25 -89.64 -3.33
N GLU O 121 -19.43 -89.95 -2.32
CA GLU O 121 -19.91 -90.83 -1.26
C GLU O 121 -20.91 -90.13 -0.35
N ILE O 122 -20.78 -88.81 -0.18
CA ILE O 122 -21.79 -88.04 0.55
C ILE O 122 -23.14 -88.17 -0.13
N ALA O 123 -23.15 -88.00 -1.47
CA ALA O 123 -24.39 -88.12 -2.22
C ALA O 123 -24.98 -89.52 -2.12
N ARG O 124 -24.13 -90.55 -2.21
CA ARG O 124 -24.62 -91.92 -2.07
C ARG O 124 -25.23 -92.16 -0.69
N GLU O 125 -24.59 -91.63 0.36
CA GLU O 125 -25.11 -91.79 1.71
C GLU O 125 -26.46 -91.09 1.86
N VAL O 126 -26.58 -89.88 1.31
CA VAL O 126 -27.85 -89.15 1.40
C VAL O 126 -28.95 -89.93 0.70
N GLY O 127 -28.66 -90.45 -0.50
CA GLY O 127 -29.65 -91.24 -1.20
C GLY O 127 -30.05 -92.49 -0.44
N ARG O 128 -29.08 -93.18 0.17
CA ARG O 128 -29.39 -94.38 0.95
C ARG O 128 -30.28 -94.05 2.13
N LYS O 129 -30.00 -92.95 2.83
CA LYS O 129 -30.82 -92.55 3.97
C LYS O 129 -32.24 -92.22 3.53
N LEU O 130 -32.38 -91.48 2.43
CA LEU O 130 -33.72 -91.14 1.94
C LEU O 130 -34.50 -92.39 1.53
N VAL O 131 -33.83 -93.36 0.90
CA VAL O 131 -34.51 -94.57 0.50
C VAL O 131 -34.94 -95.38 1.72
N GLU O 132 -34.09 -95.42 2.75
CA GLU O 132 -34.46 -96.14 3.97
C GLU O 132 -35.66 -95.49 4.65
N LEU O 133 -35.68 -94.15 4.70
CA LEU O 133 -36.84 -93.46 5.25
C LEU O 133 -38.10 -93.77 4.45
N ALA O 134 -38.00 -93.77 3.11
CA ALA O 134 -39.16 -94.05 2.28
C ALA O 134 -39.67 -95.47 2.52
N LYS O 135 -38.75 -96.43 2.64
CA LYS O 135 -39.16 -97.81 2.92
C LYS O 135 -39.85 -97.91 4.27
N ARG O 136 -39.32 -97.22 5.28
CA ARG O 136 -39.96 -97.22 6.59
C ARG O 136 -41.38 -96.67 6.52
N LEU O 137 -41.53 -95.51 5.88
CA LEU O 137 -42.85 -94.89 5.79
C LEU O 137 -43.82 -95.76 4.99
N GLU O 138 -43.33 -96.41 3.94
CA GLU O 138 -44.18 -97.32 3.19
C GLU O 138 -44.62 -98.50 4.04
N LYS O 139 -43.73 -99.00 4.89
CA LYS O 139 -44.12 -100.08 5.80
C LYS O 139 -45.17 -99.60 6.81
N GLU O 140 -45.04 -98.36 7.29
CA GLU O 140 -46.01 -97.84 8.25
C GLU O 140 -47.41 -97.77 7.64
N GLY O 141 -47.53 -97.31 6.41
CA GLY O 141 -48.82 -97.21 5.76
C GLY O 141 -49.10 -95.85 5.18
N ILE O 142 -48.09 -94.97 5.18
CA ILE O 142 -48.24 -93.65 4.61
C ILE O 142 -48.20 -93.76 3.08
N SER O 143 -49.11 -93.02 2.42
CA SER O 143 -49.19 -93.07 0.97
C SER O 143 -47.96 -92.43 0.33
N TRP O 144 -47.77 -92.73 -0.96
CA TRP O 144 -46.55 -92.33 -1.64
C TRP O 144 -46.51 -90.84 -1.94
N GLU O 145 -47.67 -90.19 -2.09
CA GLU O 145 -47.68 -88.75 -2.27
C GLU O 145 -47.15 -88.04 -1.03
N GLU O 146 -47.59 -88.47 0.15
CA GLU O 146 -47.07 -87.90 1.39
C GLU O 146 -45.59 -88.19 1.56
N ILE O 147 -45.16 -89.40 1.20
CA ILE O 147 -43.75 -89.76 1.28
C ILE O 147 -42.92 -88.84 0.40
N ILE O 148 -43.38 -88.61 -0.83
CA ILE O 148 -42.64 -87.75 -1.75
C ILE O 148 -42.59 -86.32 -1.23
N GLU O 149 -43.71 -85.81 -0.70
CA GLU O 149 -43.70 -84.45 -0.17
C GLU O 149 -42.75 -84.30 1.02
N LEU O 150 -42.75 -85.28 1.93
CA LEU O 150 -41.80 -85.26 3.04
C LEU O 150 -40.37 -85.28 2.54
N ILE O 151 -40.10 -86.12 1.52
CA ILE O 151 -38.75 -86.23 0.98
C ILE O 151 -38.31 -84.91 0.36
N GLU O 152 -39.20 -84.22 -0.36
CA GLU O 152 -38.83 -82.94 -0.95
C GLU O 152 -38.62 -81.87 0.12
N ARG O 153 -39.39 -81.89 1.21
CA ARG O 153 -39.10 -80.97 2.30
C ARG O 153 -37.72 -81.23 2.89
N ILE O 154 -37.37 -82.50 3.09
CA ILE O 154 -36.04 -82.84 3.58
C ILE O 154 -34.97 -82.39 2.59
N LEU O 155 -35.26 -82.50 1.29
CA LEU O 155 -34.30 -82.09 0.26
C LEU O 155 -34.08 -80.60 0.27
N GLU O 156 -35.14 -79.81 0.48
CA GLU O 156 -34.97 -78.37 0.61
C GLU O 156 -34.15 -78.01 1.84
N SER O 157 -34.37 -78.73 2.94
CA SER O 157 -33.55 -78.53 4.14
C SER O 157 -32.08 -78.85 3.84
N ILE O 158 -31.84 -79.94 3.11
CA ILE O 158 -30.48 -80.32 2.73
C ILE O 158 -29.85 -79.26 1.86
N ARG O 159 -30.62 -78.70 0.92
CA ARG O 159 -30.09 -77.64 0.06
C ARG O 159 -29.66 -76.44 0.88
N GLU O 160 -30.49 -76.03 1.85
CA GLU O 160 -30.10 -74.91 2.71
C GLU O 160 -28.86 -75.23 3.52
N ILE O 161 -28.78 -76.44 4.08
CA ILE O 161 -27.63 -76.83 4.88
C ILE O 161 -26.36 -76.82 4.05
N LEU O 162 -26.43 -77.38 2.84
CA LEU O 162 -25.26 -77.42 1.96
C LEU O 162 -24.84 -76.02 1.54
N LYS O 163 -25.80 -75.15 1.25
CA LYS O 163 -25.46 -73.76 0.94
C LYS O 163 -24.80 -73.07 2.12
N GLU O 164 -25.18 -73.45 3.34
CA GLU O 164 -24.54 -72.88 4.53
C GLU O 164 -23.06 -73.25 4.60
N GLU O 165 -22.72 -74.49 4.24
CA GLU O 165 -21.34 -74.95 4.32
C GLU O 165 -20.42 -74.31 3.28
N GLY O 166 -20.92 -73.39 2.47
CA GLY O 166 -20.09 -72.74 1.47
C GLY O 166 -19.84 -73.54 0.23
N LEU O 167 -20.55 -74.66 0.03
CA LEU O 167 -20.37 -75.44 -1.18
C LEU O 167 -20.94 -74.67 -2.38
N PRO O 168 -20.33 -74.78 -3.55
CA PRO O 168 -20.88 -74.13 -4.74
C PRO O 168 -22.10 -74.88 -5.27
N GLU O 169 -22.80 -74.22 -6.20
CA GLU O 169 -24.08 -74.72 -6.66
C GLU O 169 -23.96 -76.05 -7.40
N SER O 170 -22.84 -76.30 -8.07
CA SER O 170 -22.71 -77.49 -8.91
C SER O 170 -22.78 -78.76 -8.08
N GLU O 171 -21.99 -78.83 -7.00
CA GLU O 171 -22.00 -80.02 -6.16
C GLU O 171 -23.32 -80.19 -5.41
N ILE O 172 -23.93 -79.07 -5.00
CA ILE O 172 -25.23 -79.14 -4.34
C ILE O 172 -26.26 -79.76 -5.28
N ASN O 173 -26.29 -79.27 -6.53
CA ASN O 173 -27.23 -79.80 -7.51
C ASN O 173 -26.93 -81.26 -7.82
N ARG O 174 -25.64 -81.62 -7.86
CA ARG O 174 -25.27 -83.01 -8.10
C ARG O 174 -25.78 -83.93 -6.99
N ILE O 175 -25.59 -83.53 -5.73
CA ILE O 175 -26.04 -84.34 -4.61
C ILE O 175 -27.56 -84.48 -4.63
N LEU O 176 -28.26 -83.37 -4.85
CA LEU O 176 -29.72 -83.40 -4.86
C LEU O 176 -30.25 -84.27 -5.99
N ALA O 177 -29.66 -84.16 -7.18
CA ALA O 177 -30.08 -84.97 -8.31
C ALA O 177 -29.84 -86.44 -8.04
N VAL O 178 -28.70 -86.79 -7.43
CA VAL O 178 -28.41 -88.18 -7.13
C VAL O 178 -29.42 -88.74 -6.14
N SER O 179 -29.76 -87.97 -5.10
CA SER O 179 -30.74 -88.46 -4.12
C SER O 179 -32.11 -88.66 -4.75
N ILE O 180 -32.55 -87.69 -5.56
CA ILE O 180 -33.84 -87.83 -6.24
C ILE O 180 -33.83 -89.05 -7.15
N LEU O 181 -32.72 -89.27 -7.87
CA LEU O 181 -32.63 -90.40 -8.76
C LEU O 181 -32.60 -91.72 -8.00
N GLU O 182 -32.04 -91.75 -6.79
CA GLU O 182 -32.07 -92.97 -6.00
C GLU O 182 -33.49 -93.30 -5.54
N VAL O 183 -34.26 -92.28 -5.14
CA VAL O 183 -35.66 -92.52 -4.81
C VAL O 183 -36.42 -93.02 -6.03
N ALA O 184 -36.17 -92.40 -7.19
CA ALA O 184 -36.82 -92.84 -8.42
C ALA O 184 -36.43 -94.26 -8.78
N LYS O 185 -35.16 -94.63 -8.53
CA LYS O 185 -34.71 -96.00 -8.78
C LYS O 185 -35.43 -96.99 -7.90
N TYR O 186 -35.64 -96.64 -6.63
CA TYR O 186 -36.42 -97.52 -5.76
C TYR O 186 -37.85 -97.68 -6.29
N LEU O 187 -38.45 -96.57 -6.75
CA LEU O 187 -39.79 -96.67 -7.32
C LEU O 187 -39.81 -97.56 -8.56
N LEU O 188 -38.80 -97.43 -9.43
CA LEU O 188 -38.74 -98.26 -10.63
C LEU O 188 -38.58 -99.74 -10.27
N GLU O 189 -37.75 -100.03 -9.27
CA GLU O 189 -37.61 -101.41 -8.82
C GLU O 189 -38.94 -101.96 -8.29
N LYS O 190 -39.69 -101.14 -7.56
CA LYS O 190 -41.01 -101.56 -7.12
C LYS O 190 -41.93 -101.85 -8.30
N LEU O 191 -41.91 -100.98 -9.31
CA LEU O 191 -42.75 -101.19 -10.49
C LEU O 191 -42.34 -102.43 -11.27
N GLY O 192 -41.04 -102.67 -11.41
CA GLY O 192 -40.56 -103.84 -12.11
C GLY O 192 -40.03 -103.57 -13.51
N PHE O 193 -39.37 -102.43 -13.69
CA PHE O 193 -38.78 -102.03 -14.96
C PHE O 193 -37.26 -102.07 -14.80
N ASP O 194 -36.67 -103.23 -15.07
CA ASP O 194 -35.26 -103.44 -14.79
C ASP O 194 -34.36 -102.64 -15.72
N TYR O 195 -34.70 -102.58 -17.00
CA TYR O 195 -33.85 -101.87 -17.95
C TYR O 195 -33.77 -100.39 -17.62
N LEU O 196 -34.90 -99.77 -17.27
CA LEU O 196 -34.88 -98.38 -16.84
C LEU O 196 -34.07 -98.22 -15.56
N VAL O 197 -34.08 -99.23 -14.70
CA VAL O 197 -33.23 -99.18 -13.51
C VAL O 197 -31.77 -99.12 -13.91
N GLU O 198 -31.34 -99.99 -14.83
CA GLU O 198 -29.94 -100.02 -15.27
C GLU O 198 -29.53 -98.70 -15.90
N LEU O 199 -30.38 -98.15 -16.77
CA LEU O 199 -30.11 -96.83 -17.33
C LEU O 199 -29.99 -95.79 -16.22
N LEU O 200 -30.78 -95.94 -15.15
CA LEU O 200 -30.70 -94.98 -14.05
C LEU O 200 -29.38 -95.09 -13.30
N ASP O 201 -28.87 -96.31 -13.07
CA ASP O 201 -27.54 -96.41 -12.48
C ASP O 201 -26.49 -95.79 -13.39
N ARG O 202 -26.60 -96.00 -14.70
CA ARG O 202 -25.65 -95.38 -15.62
C ARG O 202 -25.67 -93.87 -15.50
N ALA O 203 -26.88 -93.29 -15.47
CA ALA O 203 -26.99 -91.83 -15.36
C ALA O 203 -26.47 -91.33 -14.01
N ILE O 204 -26.73 -92.08 -12.93
CA ILE O 204 -26.25 -91.68 -11.62
C ILE O 204 -24.72 -91.70 -11.58
N GLU O 205 -24.11 -92.74 -12.15
CA GLU O 205 -22.65 -92.80 -12.22
C GLU O 205 -22.09 -91.64 -13.03
N TYR O 206 -22.73 -91.31 -14.15
CA TYR O 206 -22.26 -90.18 -14.95
C TYR O 206 -22.38 -88.86 -14.20
N ILE O 207 -23.46 -88.67 -13.46
CA ILE O 207 -23.60 -87.46 -12.64
C ILE O 207 -22.52 -87.41 -11.56
N LEU O 208 -22.27 -88.55 -10.92
CA LEU O 208 -21.31 -88.58 -9.82
C LEU O 208 -19.88 -88.33 -10.31
N LYS O 209 -19.53 -88.87 -11.47
CA LYS O 209 -18.20 -88.69 -12.02
C LYS O 209 -17.97 -87.30 -12.60
N GLY O 210 -19.01 -86.48 -12.72
CA GLY O 210 -18.88 -85.12 -13.20
C GLY O 210 -19.31 -84.91 -14.63
N ARG O 211 -19.59 -85.98 -15.38
CA ARG O 211 -19.99 -85.87 -16.78
C ARG O 211 -21.48 -85.52 -16.83
N SER O 212 -21.77 -84.23 -17.01
CA SER O 212 -23.12 -83.71 -16.86
C SER O 212 -23.95 -83.81 -18.14
N GLU O 213 -23.38 -83.44 -19.28
CA GLU O 213 -24.14 -83.42 -20.53
C GLU O 213 -24.55 -84.82 -20.95
N LEU O 214 -23.66 -85.80 -20.81
CA LEU O 214 -24.02 -87.17 -21.10
C LEU O 214 -25.16 -87.64 -20.19
N ALA O 215 -25.11 -87.26 -18.92
CA ALA O 215 -26.16 -87.61 -17.99
C ALA O 215 -27.48 -86.96 -18.38
N VAL O 216 -27.45 -85.72 -18.85
CA VAL O 216 -28.67 -85.04 -19.27
C VAL O 216 -29.28 -85.74 -20.49
N HIS O 217 -28.44 -86.13 -21.44
CA HIS O 217 -28.96 -86.85 -22.60
C HIS O 217 -29.54 -88.21 -22.20
N LEU O 218 -28.86 -88.91 -21.29
CA LEU O 218 -29.37 -90.18 -20.78
C LEU O 218 -30.71 -89.98 -20.09
N LEU O 219 -30.84 -88.90 -19.32
CA LEU O 219 -32.08 -88.63 -18.61
C LEU O 219 -33.20 -88.27 -19.59
N ASP O 220 -32.87 -87.59 -20.69
CA ASP O 220 -33.87 -87.35 -21.73
C ASP O 220 -34.37 -88.65 -22.32
N ASP O 221 -33.46 -89.57 -22.62
CA ASP O 221 -33.88 -90.87 -23.17
C ASP O 221 -34.73 -91.64 -22.16
N ILE O 222 -34.35 -91.58 -20.88
CA ILE O 222 -35.11 -92.25 -19.83
C ILE O 222 -36.52 -91.65 -19.73
N ILE O 223 -36.61 -90.32 -19.82
CA ILE O 223 -37.90 -89.65 -19.76
C ILE O 223 -38.78 -90.08 -20.92
N ARG O 224 -38.21 -90.16 -22.12
CA ARG O 224 -38.98 -90.63 -23.27
C ARG O 224 -39.48 -92.06 -23.06
N ARG O 225 -38.62 -92.93 -22.53
CA ARG O 225 -39.05 -94.31 -22.27
C ARG O 225 -40.16 -94.37 -21.22
N VAL O 226 -40.06 -93.54 -20.18
CA VAL O 226 -41.07 -93.52 -19.13
C VAL O 226 -42.41 -93.04 -19.69
N HIS O 227 -42.37 -92.00 -20.52
CA HIS O 227 -43.60 -91.52 -21.15
C HIS O 227 -44.20 -92.57 -22.06
N GLU O 228 -43.37 -93.33 -22.77
CA GLU O 228 -43.87 -94.43 -23.59
C GLU O 228 -44.56 -95.48 -22.72
N GLU O 229 -43.96 -95.81 -21.57
CA GLU O 229 -44.59 -96.79 -20.68
C GLU O 229 -45.93 -96.27 -20.16
N ILE O 230 -45.98 -95.00 -19.77
CA ILE O 230 -47.23 -94.42 -19.28
C ILE O 230 -48.30 -94.46 -20.36
N GLU O 231 -47.94 -94.10 -21.58
CA GLU O 231 -48.90 -94.15 -22.68
C GLU O 231 -49.36 -95.58 -22.96
N ARG O 232 -48.47 -96.56 -22.79
CA ARG O 232 -48.87 -97.95 -22.95
C ARG O 232 -49.88 -98.36 -21.89
N TYR O 233 -49.70 -97.87 -20.65
CA TYR O 233 -50.61 -98.26 -19.57
C TYR O 233 -52.04 -97.78 -19.83
N GLY O 234 -52.19 -96.57 -20.32
CA GLY O 234 -53.52 -96.07 -20.71
C GLY O 234 -54.21 -95.36 -19.56
N ASP O 235 -55.37 -95.89 -19.15
CA ASP O 235 -56.17 -95.28 -18.09
C ASP O 235 -55.91 -95.90 -16.73
N ASP O 236 -55.17 -97.01 -16.66
CA ASP O 236 -54.91 -97.71 -15.41
C ASP O 236 -53.49 -97.46 -14.90
N VAL O 237 -52.97 -96.26 -15.09
CA VAL O 237 -51.60 -95.94 -14.72
C VAL O 237 -51.48 -95.91 -13.20
N PRO O 238 -50.57 -96.70 -12.62
CA PRO O 238 -50.32 -96.59 -11.17
C PRO O 238 -49.68 -95.26 -10.83
N GLU O 239 -49.93 -94.80 -9.60
CA GLU O 239 -49.42 -93.52 -9.15
C GLU O 239 -47.89 -93.51 -9.03
N GLU O 240 -47.28 -94.68 -8.82
CA GLU O 240 -45.83 -94.74 -8.73
C GLU O 240 -45.18 -94.30 -10.04
N LEU O 241 -45.79 -94.66 -11.17
CA LEU O 241 -45.25 -94.25 -12.46
C LEU O 241 -45.27 -92.73 -12.63
N LEU O 242 -46.36 -92.09 -12.21
CA LEU O 242 -46.44 -90.64 -12.34
C LEU O 242 -45.47 -89.94 -11.39
N LEU O 243 -45.34 -90.45 -10.16
CA LEU O 243 -44.38 -89.89 -9.23
C LEU O 243 -42.96 -90.06 -9.75
N LEU O 244 -42.66 -91.23 -10.33
CA LEU O 244 -41.36 -91.46 -10.94
C LEU O 244 -41.10 -90.49 -12.09
N ASP O 245 -42.11 -90.26 -12.93
CA ASP O 245 -42.00 -89.28 -14.01
C ASP O 245 -41.61 -87.92 -13.47
N LEU O 246 -42.34 -87.45 -12.45
CA LEU O 246 -42.03 -86.14 -11.88
C LEU O 246 -40.64 -86.09 -11.28
N LEU O 247 -40.24 -87.16 -10.59
CA LEU O 247 -38.92 -87.20 -9.96
C LEU O 247 -37.82 -87.14 -10.99
N VAL O 248 -37.93 -87.94 -12.06
CA VAL O 248 -36.91 -87.96 -13.10
C VAL O 248 -36.84 -86.62 -13.81
N GLN O 249 -38.00 -85.99 -14.02
CA GLN O 249 -38.00 -84.67 -14.67
C GLN O 249 -37.28 -83.63 -13.82
N LYS O 250 -37.56 -83.60 -12.51
CA LYS O 250 -36.89 -82.62 -11.66
C LYS O 250 -35.40 -82.93 -11.51
N ALA O 251 -35.04 -84.21 -11.49
CA ALA O 251 -33.62 -84.57 -11.45
C ALA O 251 -32.91 -84.15 -12.73
N ARG O 252 -33.57 -84.28 -13.88
CA ARG O 252 -32.98 -83.81 -15.13
C ARG O 252 -32.82 -82.30 -15.13
N ASP O 253 -33.79 -81.58 -14.58
CA ASP O 253 -33.65 -80.12 -14.46
C ASP O 253 -32.46 -79.76 -13.58
N LEU O 254 -32.29 -80.43 -12.45
CA LEU O 254 -31.15 -80.17 -11.58
C LEU O 254 -29.84 -80.50 -12.28
N ALA O 255 -29.79 -81.62 -13.01
CA ALA O 255 -28.56 -81.99 -13.71
C ALA O 255 -28.22 -80.97 -14.78
N ALA O 256 -29.24 -80.44 -15.47
CA ALA O 256 -28.98 -79.36 -16.43
C ALA O 256 -28.44 -78.12 -15.72
N ARG O 257 -28.99 -77.79 -14.56
CA ARG O 257 -28.53 -76.61 -13.83
C ARG O 257 -27.14 -76.77 -13.22
N ILE O 258 -26.58 -77.98 -13.24
CA ILE O 258 -25.27 -78.22 -12.65
C ILE O 258 -24.21 -77.32 -13.28
N MET P 25 -85.95 -4.83 12.67
CA MET P 25 -86.16 -3.49 12.16
C MET P 25 -87.40 -2.84 12.76
N GLU P 26 -87.68 -3.12 14.04
CA GLU P 26 -88.88 -2.60 14.67
C GLU P 26 -88.86 -1.09 14.81
N LYS P 27 -87.68 -0.46 14.75
CA LYS P 27 -87.61 1.00 14.80
C LYS P 27 -88.34 1.62 13.61
N LEU P 28 -88.19 1.02 12.42
CA LEU P 28 -88.85 1.55 11.24
C LEU P 28 -90.35 1.32 11.29
N GLU P 29 -90.81 0.21 11.88
CA GLU P 29 -92.24 0.03 12.08
C GLU P 29 -92.79 1.05 13.08
N VAL P 30 -92.02 1.38 14.12
CA VAL P 30 -92.43 2.44 15.04
C VAL P 30 -92.51 3.77 14.30
N ALA P 31 -91.55 4.03 13.41
CA ALA P 31 -91.59 5.24 12.60
C ALA P 31 -92.83 5.28 11.71
N VAL P 32 -93.20 4.14 11.11
CA VAL P 32 -94.40 4.08 10.27
C VAL P 32 -95.65 4.36 11.10
N GLU P 33 -95.72 3.78 12.30
CA GLU P 33 -96.86 4.05 13.18
C GLU P 33 -96.91 5.52 13.56
N HIS P 34 -95.78 6.10 13.87
CA HIS P 34 -95.73 7.53 14.11
C HIS P 34 -96.25 8.33 12.93
N LEU P 35 -95.81 7.98 11.72
CA LEU P 35 -96.27 8.70 10.53
C LEU P 35 -97.78 8.62 10.36
N LYS P 36 -98.36 7.44 10.63
CA LYS P 36 -99.81 7.33 10.64
C LYS P 36 -100.42 8.25 11.69
N GLU P 37 -99.83 8.30 12.87
CA GLU P 37 -100.32 9.20 13.91
C GLU P 37 -100.23 10.65 13.47
N ALA P 38 -99.16 11.02 12.78
CA ALA P 38 -99.01 12.38 12.27
C ALA P 38 -100.09 12.72 11.25
N ILE P 39 -100.40 11.79 10.35
CA ILE P 39 -101.47 12.01 9.39
C ILE P 39 -102.79 12.22 10.11
N GLU P 40 -103.07 11.38 11.10
CA GLU P 40 -104.31 11.52 11.87
C GLU P 40 -104.36 12.85 12.62
N LEU P 41 -103.22 13.30 13.15
CA LEU P 41 -103.18 14.57 13.86
C LEU P 41 -103.41 15.75 12.93
N ILE P 42 -102.79 15.73 11.75
CA ILE P 42 -103.07 16.78 10.76
C ILE P 42 -104.53 16.79 10.40
N GLU P 43 -105.14 15.59 10.26
CA GLU P 43 -106.56 15.53 9.97
C GLU P 43 -107.39 16.14 11.11
N LYS P 44 -107.01 15.87 12.35
CA LYS P 44 -107.77 16.39 13.49
C LYS P 44 -107.67 17.92 13.58
N GLY P 45 -106.45 18.44 13.51
CA GLY P 45 -106.27 19.89 13.57
C GLY P 45 -105.17 20.35 14.51
N GLU P 46 -104.45 19.41 15.11
CA GLU P 46 -103.35 19.75 16.01
C GLU P 46 -102.05 19.79 15.20
N TYR P 47 -101.63 21.00 14.84
CA TYR P 47 -100.45 21.19 14.00
C TYR P 47 -99.16 21.25 14.80
N VAL P 48 -99.21 21.73 16.04
CA VAL P 48 -98.02 21.73 16.89
C VAL P 48 -97.60 20.29 17.20
N LYS P 49 -98.57 19.46 17.57
CA LYS P 49 -98.26 18.06 17.84
C LYS P 49 -97.76 17.35 16.58
N ALA P 50 -98.30 17.72 15.42
CA ALA P 50 -97.81 17.15 14.18
C ALA P 50 -96.37 17.53 13.90
N ASP P 51 -96.01 18.80 14.14
CA ASP P 51 -94.63 19.25 13.96
C ASP P 51 -93.69 18.50 14.91
N LEU P 52 -94.11 18.35 16.17
CA LEU P 52 -93.29 17.64 17.14
C LEU P 52 -93.15 16.16 16.78
N ILE P 53 -94.23 15.54 16.28
CA ILE P 53 -94.16 14.16 15.83
C ILE P 53 -93.20 14.02 14.66
N LEU P 54 -93.20 14.98 13.75
CA LEU P 54 -92.27 14.92 12.64
C LEU P 54 -90.83 14.99 13.13
N THR P 55 -90.57 15.83 14.13
CA THR P 55 -89.22 15.85 14.73
C THR P 55 -88.87 14.50 15.35
N ASP P 56 -89.83 13.88 16.05
CA ASP P 56 -89.58 12.56 16.63
C ASP P 56 -89.29 11.52 15.57
N ILE P 57 -90.03 11.55 14.45
CA ILE P 57 -89.79 10.61 13.36
C ILE P 57 -88.42 10.82 12.77
N LEU P 58 -88.00 12.08 12.62
CA LEU P 58 -86.65 12.36 12.13
C LEU P 58 -85.61 11.77 13.08
N ARG P 59 -85.82 11.92 14.39
CA ARG P 59 -84.88 11.35 15.35
C ARG P 59 -84.81 9.83 15.23
N LEU P 60 -85.97 9.17 15.08
CA LEU P 60 -86.00 7.72 14.91
C LEU P 60 -85.23 7.29 13.66
N LEU P 61 -85.51 7.95 12.53
CA LEU P 61 -84.86 7.57 11.27
C LEU P 61 -83.36 7.81 11.34
N GLU P 62 -82.93 8.91 11.96
CA GLU P 62 -81.50 9.13 12.14
C GLU P 62 -80.88 8.08 13.06
N GLU P 63 -81.64 7.60 14.04
CA GLU P 63 -81.17 6.50 14.86
C GLU P 63 -80.95 5.24 14.03
N GLU P 64 -81.87 4.96 13.11
CA GLU P 64 -81.70 3.79 12.24
C GLU P 64 -80.51 3.97 11.31
N GLY P 65 -80.45 5.10 10.60
CA GLY P 65 -79.29 5.40 9.78
C GLY P 65 -79.42 5.18 8.29
N VAL P 66 -80.54 5.62 7.70
CA VAL P 66 -80.74 5.58 6.25
C VAL P 66 -80.73 7.02 5.74
N LYS P 67 -79.74 7.33 4.90
CA LYS P 67 -79.47 8.72 4.55
C LYS P 67 -80.62 9.36 3.78
N SER P 68 -81.14 8.65 2.77
CA SER P 68 -82.22 9.20 1.96
C SER P 68 -83.45 9.46 2.81
N LEU P 69 -83.80 8.52 3.68
CA LEU P 69 -84.92 8.73 4.59
C LEU P 69 -84.66 9.92 5.51
N ILE P 70 -83.41 10.10 5.94
CA ILE P 70 -83.10 11.18 6.86
C ILE P 70 -83.31 12.54 6.19
N LYS P 71 -82.75 12.72 4.99
CA LYS P 71 -82.92 14.00 4.30
C LYS P 71 -84.38 14.24 3.95
N GLN P 72 -85.09 13.17 3.55
CA GLN P 72 -86.51 13.32 3.26
C GLN P 72 -87.28 13.75 4.51
N ALA P 73 -86.91 13.22 5.67
CA ALA P 73 -87.61 13.57 6.91
C ALA P 73 -87.34 15.01 7.31
N LYS P 74 -86.09 15.47 7.16
CA LYS P 74 -85.79 16.87 7.48
C LYS P 74 -86.54 17.84 6.58
N GLU P 75 -86.48 17.60 5.26
CA GLU P 75 -87.21 18.46 4.35
C GLU P 75 -88.71 18.36 4.58
N LEU P 76 -89.19 17.19 5.00
CA LEU P 76 -90.61 17.05 5.33
C LEU P 76 -90.97 17.93 6.52
N HIS P 77 -90.15 17.93 7.56
CA HIS P 77 -90.42 18.78 8.71
C HIS P 77 -90.53 20.25 8.28
N ILE P 78 -89.53 20.73 7.54
CA ILE P 78 -89.54 22.15 7.15
C ILE P 78 -90.76 22.47 6.29
N GLU P 79 -90.99 21.66 5.25
CA GLU P 79 -92.04 21.98 4.30
C GLU P 79 -93.43 21.81 4.90
N VAL P 80 -93.62 20.83 5.77
CA VAL P 80 -94.92 20.66 6.42
C VAL P 80 -95.19 21.80 7.37
N PHE P 81 -94.16 22.28 8.09
CA PHE P 81 -94.36 23.45 8.93
C PHE P 81 -94.82 24.65 8.09
N LYS P 82 -94.13 24.89 6.97
CA LYS P 82 -94.52 26.01 6.10
C LYS P 82 -95.94 25.84 5.57
N LEU P 83 -96.28 24.64 5.09
CA LEU P 83 -97.61 24.42 4.51
C LEU P 83 -98.71 24.55 5.55
N LEU P 84 -98.49 24.02 6.75
CA LEU P 84 -99.48 24.16 7.80
C LEU P 84 -99.63 25.61 8.24
N LYS P 85 -98.55 26.39 8.17
CA LYS P 85 -98.69 27.84 8.36
C LYS P 85 -99.59 28.44 7.29
N GLU P 86 -99.36 28.08 6.02
CA GLU P 86 -100.15 28.64 4.94
C GLU P 86 -101.58 28.12 4.94
N GLY P 87 -101.79 26.87 5.36
CA GLY P 87 -103.10 26.26 5.33
C GLY P 87 -103.28 25.14 4.32
N GLU P 88 -102.20 24.69 3.66
CA GLU P 88 -102.28 23.62 2.67
C GLU P 88 -102.22 22.27 3.38
N TYR P 89 -103.36 21.88 3.94
CA TYR P 89 -103.42 20.62 4.69
C TYR P 89 -103.20 19.42 3.79
N LYS P 90 -103.80 19.43 2.60
CA LYS P 90 -103.72 18.28 1.70
C LYS P 90 -102.29 18.05 1.21
N GLU P 91 -101.56 19.13 0.92
CA GLU P 91 -100.17 18.99 0.48
C GLU P 91 -99.30 18.40 1.58
N ALA P 92 -99.50 18.85 2.83
CA ALA P 92 -98.73 18.30 3.94
C ALA P 92 -99.07 16.83 4.16
N LYS P 93 -100.35 16.49 4.09
CA LYS P 93 -100.75 15.08 4.22
C LYS P 93 -100.13 14.24 3.12
N ALA P 94 -100.09 14.78 1.89
CA ALA P 94 -99.48 14.04 0.78
C ALA P 94 -98.00 13.81 1.02
N LEU P 95 -97.29 14.83 1.52
CA LEU P 95 -95.86 14.66 1.79
C LEU P 95 -95.62 13.62 2.89
N VAL P 96 -96.44 13.65 3.94
CA VAL P 96 -96.28 12.66 5.01
C VAL P 96 -96.58 11.26 4.49
N GLU P 97 -97.61 11.12 3.66
CA GLU P 97 -97.93 9.81 3.07
C GLU P 97 -96.82 9.33 2.15
N ALA P 98 -96.19 10.25 1.42
CA ALA P 98 -95.07 9.87 0.56
C ALA P 98 -93.90 9.34 1.39
N LEU P 99 -93.59 10.02 2.50
CA LEU P 99 -92.51 9.53 3.36
C LEU P 99 -92.87 8.18 3.98
N ARG P 100 -94.13 8.00 4.36
CA ARG P 100 -94.57 6.73 4.93
C ARG P 100 -94.39 5.59 3.91
N VAL P 101 -94.83 5.83 2.67
CA VAL P 101 -94.70 4.83 1.62
C VAL P 101 -93.23 4.53 1.35
N SER P 102 -92.38 5.55 1.38
CA SER P 102 -90.96 5.34 1.15
C SER P 102 -90.35 4.46 2.25
N VAL P 103 -90.71 4.71 3.51
CA VAL P 103 -90.17 3.91 4.61
C VAL P 103 -90.67 2.46 4.53
N GLU P 104 -91.95 2.27 4.26
CA GLU P 104 -92.49 0.92 4.11
C GLU P 104 -91.83 0.19 2.95
N LEU P 105 -91.58 0.90 1.84
CA LEU P 105 -90.92 0.29 0.70
C LEU P 105 -89.50 -0.12 1.04
N TYR P 106 -88.79 0.70 1.81
CA TYR P 106 -87.44 0.31 2.24
C TYR P 106 -87.50 -0.95 3.10
N ILE P 107 -88.48 -1.01 4.01
CA ILE P 107 -88.62 -2.20 4.85
C ILE P 107 -88.84 -3.43 3.99
N LEU P 108 -89.75 -3.33 3.02
CA LEU P 108 -90.07 -4.48 2.18
C LEU P 108 -88.89 -4.88 1.30
N ILE P 109 -88.13 -3.90 0.80
CA ILE P 109 -86.95 -4.20 0.00
C ILE P 109 -85.93 -4.96 0.84
N LYS P 110 -85.71 -4.52 2.08
CA LYS P 110 -84.74 -5.19 2.94
C LYS P 110 -85.20 -6.62 3.25
N ARG P 111 -86.48 -6.80 3.56
CA ARG P 111 -86.99 -8.13 3.83
C ARG P 111 -86.87 -9.04 2.61
N GLY P 112 -87.17 -8.51 1.42
CA GLY P 112 -87.06 -9.32 0.22
C GLY P 112 -85.63 -9.71 -0.10
N VAL P 113 -84.70 -8.77 0.04
CA VAL P 113 -83.30 -9.06 -0.28
C VAL P 113 -82.72 -10.05 0.72
N ARG P 114 -83.01 -9.87 2.01
CA ARG P 114 -82.48 -10.78 3.02
C ARG P 114 -83.01 -12.20 2.81
N GLU P 115 -84.32 -12.34 2.64
CA GLU P 115 -84.97 -13.63 2.42
C GLU P 115 -84.63 -14.24 1.07
N GLY P 116 -83.82 -13.60 0.25
CA GLY P 116 -83.51 -14.13 -1.08
C GLY P 116 -84.72 -14.23 -1.98
N ARG P 117 -85.68 -13.32 -1.83
CA ARG P 117 -86.86 -13.34 -2.67
C ARG P 117 -86.49 -12.99 -4.12
N PRO P 118 -87.22 -13.52 -5.09
CA PRO P 118 -86.95 -13.17 -6.49
C PRO P 118 -87.21 -11.69 -6.75
N ILE P 119 -86.44 -11.14 -7.69
CA ILE P 119 -86.62 -9.74 -8.10
C ILE P 119 -88.03 -9.51 -8.63
N GLU P 120 -88.61 -10.54 -9.27
CA GLU P 120 -89.93 -10.40 -9.89
C GLU P 120 -90.99 -9.96 -8.88
N GLU P 121 -91.10 -10.69 -7.77
CA GLU P 121 -92.16 -10.39 -6.82
C GLU P 121 -91.87 -9.10 -6.05
N ILE P 122 -90.59 -8.79 -5.83
CA ILE P 122 -90.24 -7.51 -5.23
C ILE P 122 -90.72 -6.36 -6.11
N ALA P 123 -90.48 -6.47 -7.42
CA ALA P 123 -90.92 -5.44 -8.36
C ALA P 123 -92.44 -5.32 -8.37
N ARG P 124 -93.13 -6.46 -8.36
CA ARG P 124 -94.60 -6.41 -8.36
C ARG P 124 -95.11 -5.75 -7.08
N GLU P 125 -94.49 -6.04 -5.94
CA GLU P 125 -94.90 -5.42 -4.69
C GLU P 125 -94.67 -3.91 -4.71
N VAL P 126 -93.53 -3.48 -5.23
CA VAL P 126 -93.24 -2.06 -5.31
C VAL P 126 -94.27 -1.35 -6.19
N GLY P 127 -94.58 -1.96 -7.34
CA GLY P 127 -95.59 -1.37 -8.21
C GLY P 127 -96.95 -1.29 -7.55
N ARG P 128 -97.35 -2.34 -6.83
CA ARG P 128 -98.63 -2.34 -6.14
C ARG P 128 -98.69 -1.23 -5.09
N LYS P 129 -97.61 -1.07 -4.32
CA LYS P 129 -97.58 -0.02 -3.31
C LYS P 129 -97.67 1.37 -3.93
N LEU P 130 -96.93 1.60 -5.03
CA LEU P 130 -97.00 2.89 -5.69
C LEU P 130 -98.39 3.17 -6.25
N VAL P 131 -99.05 2.15 -6.81
CA VAL P 131 -100.39 2.36 -7.34
C VAL P 131 -101.37 2.66 -6.21
N GLU P 132 -101.23 1.99 -5.08
CA GLU P 132 -102.11 2.26 -3.95
C GLU P 132 -101.92 3.68 -3.43
N LEU P 133 -100.66 4.14 -3.35
CA LEU P 133 -100.41 5.52 -2.96
C LEU P 133 -101.04 6.49 -3.94
N ALA P 134 -100.90 6.23 -5.24
CA ALA P 134 -101.47 7.12 -6.25
C ALA P 134 -102.99 7.18 -6.12
N LYS P 135 -103.63 6.03 -5.90
CA LYS P 135 -105.08 6.01 -5.72
C LYS P 135 -105.49 6.79 -4.49
N ARG P 136 -104.75 6.65 -3.39
CA ARG P 136 -105.04 7.41 -2.18
C ARG P 136 -104.96 8.92 -2.46
N LEU P 137 -103.86 9.35 -3.07
CA LEU P 137 -103.68 10.78 -3.34
C LEU P 137 -104.74 11.30 -4.30
N GLU P 138 -105.13 10.50 -5.28
CA GLU P 138 -106.20 10.90 -6.18
C GLU P 138 -107.51 11.06 -5.43
N LYS P 139 -107.78 10.17 -4.48
CA LYS P 139 -108.98 10.31 -3.66
C LYS P 139 -108.94 11.58 -2.81
N GLU P 140 -107.75 11.91 -2.28
CA GLU P 140 -107.63 13.12 -1.46
C GLU P 140 -107.97 14.37 -2.25
N GLY P 141 -107.47 14.47 -3.49
CA GLY P 141 -107.73 15.63 -4.32
C GLY P 141 -106.48 16.25 -4.90
N ILE P 142 -105.35 15.58 -4.72
CA ILE P 142 -104.10 16.07 -5.27
C ILE P 142 -104.06 15.81 -6.77
N SER P 143 -103.61 16.80 -7.54
CA SER P 143 -103.58 16.68 -8.98
C SER P 143 -102.54 15.64 -9.42
N TRP P 144 -102.67 15.20 -10.67
CA TRP P 144 -101.85 14.08 -11.16
C TRP P 144 -100.41 14.50 -11.41
N GLU P 145 -100.15 15.76 -11.70
CA GLU P 145 -98.77 16.21 -11.84
C GLU P 145 -98.02 16.11 -10.52
N GLU P 146 -98.66 16.53 -9.43
CA GLU P 146 -98.04 16.40 -8.11
C GLU P 146 -97.87 14.93 -7.73
N ILE P 147 -98.86 14.09 -8.06
CA ILE P 147 -98.76 12.66 -7.78
C ILE P 147 -97.56 12.06 -8.51
N ILE P 148 -97.41 12.41 -9.78
CA ILE P 148 -96.28 11.87 -10.56
C ILE P 148 -94.96 12.35 -9.99
N GLU P 149 -94.86 13.63 -9.62
CA GLU P 149 -93.61 14.12 -9.06
C GLU P 149 -93.27 13.43 -7.74
N LEU P 150 -94.26 13.24 -6.87
CA LEU P 150 -94.03 12.50 -5.62
C LEU P 150 -93.56 11.08 -5.92
N ILE P 151 -94.19 10.43 -6.90
CA ILE P 151 -93.83 9.06 -7.24
C ILE P 151 -92.40 8.99 -7.75
N GLU P 152 -91.98 9.95 -8.58
CA GLU P 152 -90.60 9.93 -9.06
C GLU P 152 -89.60 10.21 -7.95
N ARG P 153 -89.95 11.07 -6.99
CA ARG P 153 -89.06 11.24 -5.84
C ARG P 153 -88.91 9.93 -5.06
N ILE P 154 -90.02 9.23 -4.85
CA ILE P 154 -89.98 7.93 -4.18
C ILE P 154 -89.15 6.95 -5.00
N LEU P 155 -89.24 7.02 -6.32
CA LEU P 155 -88.49 6.11 -7.18
C LEU P 155 -86.99 6.38 -7.10
N GLU P 156 -86.59 7.65 -7.02
CA GLU P 156 -85.19 7.97 -6.83
C GLU P 156 -84.69 7.47 -5.48
N SER P 157 -85.51 7.61 -4.44
CA SER P 157 -85.15 7.04 -3.14
C SER P 157 -84.98 5.53 -3.22
N ILE P 158 -85.89 4.86 -3.94
CA ILE P 158 -85.80 3.41 -4.13
C ILE P 158 -84.53 3.05 -4.87
N ARG P 159 -84.16 3.82 -5.88
CA ARG P 159 -82.94 3.56 -6.63
C ARG P 159 -81.73 3.63 -5.72
N GLU P 160 -81.66 4.66 -4.88
CA GLU P 160 -80.55 4.78 -3.95
C GLU P 160 -80.52 3.61 -2.96
N ILE P 161 -81.69 3.23 -2.43
CA ILE P 161 -81.76 2.13 -1.48
C ILE P 161 -81.29 0.83 -2.12
N LEU P 162 -81.75 0.56 -3.34
CA LEU P 162 -81.36 -0.66 -4.04
C LEU P 162 -79.87 -0.67 -4.34
N LYS P 163 -79.32 0.47 -4.75
CA LYS P 163 -77.88 0.55 -4.98
C LYS P 163 -77.11 0.31 -3.69
N GLU P 164 -77.68 0.70 -2.55
CA GLU P 164 -77.03 0.44 -1.27
C GLU P 164 -76.92 -1.05 -0.99
N GLU P 165 -77.95 -1.82 -1.33
CA GLU P 165 -77.97 -3.25 -1.06
C GLU P 165 -77.00 -4.05 -1.93
N GLY P 166 -76.22 -3.39 -2.79
CA GLY P 166 -75.28 -4.09 -3.62
C GLY P 166 -75.87 -4.74 -4.85
N LEU P 167 -77.13 -4.47 -5.18
CA LEU P 167 -77.72 -5.03 -6.38
C LEU P 167 -77.08 -4.41 -7.61
N PRO P 168 -76.91 -5.18 -8.69
CA PRO P 168 -76.38 -4.61 -9.93
C PRO P 168 -77.43 -3.76 -10.64
N GLU P 169 -76.96 -3.03 -11.65
CA GLU P 169 -77.80 -2.03 -12.32
C GLU P 169 -78.96 -2.66 -13.07
N SER P 170 -78.80 -3.89 -13.57
CA SER P 170 -79.82 -4.49 -14.41
C SER P 170 -81.11 -4.73 -13.64
N GLU P 171 -81.01 -5.34 -12.46
CA GLU P 171 -82.21 -5.61 -11.66
C GLU P 171 -82.83 -4.33 -11.13
N ILE P 172 -82.00 -3.35 -10.77
CA ILE P 172 -82.52 -2.06 -10.32
C ILE P 172 -83.35 -1.41 -11.41
N ASN P 173 -82.80 -1.39 -12.64
CA ASN P 173 -83.53 -0.82 -13.77
C ASN P 173 -84.80 -1.60 -14.06
N ARG P 174 -84.74 -2.93 -13.93
CA ARG P 174 -85.92 -3.75 -14.15
C ARG P 174 -87.03 -3.42 -13.16
N ILE P 175 -86.68 -3.31 -11.88
CA ILE P 175 -87.68 -2.99 -10.86
C ILE P 175 -88.28 -1.62 -11.10
N LEU P 176 -87.42 -0.63 -11.39
CA LEU P 176 -87.91 0.72 -11.60
C LEU P 176 -88.82 0.80 -12.83
N ALA P 177 -88.43 0.13 -13.91
CA ALA P 177 -89.26 0.11 -15.11
C ALA P 177 -90.60 -0.55 -14.86
N VAL P 178 -90.61 -1.65 -14.10
CA VAL P 178 -91.86 -2.33 -13.80
C VAL P 178 -92.78 -1.43 -12.99
N SER P 179 -92.23 -0.73 -11.99
CA SER P 179 -93.07 0.17 -11.17
C SER P 179 -93.65 1.30 -12.01
N ILE P 180 -92.81 1.92 -12.84
CA ILE P 180 -93.30 3.00 -13.71
C ILE P 180 -94.38 2.48 -14.64
N LEU P 181 -94.18 1.28 -15.20
CA LEU P 181 -95.17 0.72 -16.10
C LEU P 181 -96.46 0.36 -15.38
N GLU P 182 -96.39 -0.01 -14.10
CA GLU P 182 -97.62 -0.27 -13.35
C GLU P 182 -98.41 1.02 -13.12
N VAL P 183 -97.71 2.11 -12.81
CA VAL P 183 -98.41 3.40 -12.69
C VAL P 183 -99.02 3.79 -14.03
N ALA P 184 -98.28 3.60 -15.12
CA ALA P 184 -98.81 3.92 -16.45
C ALA P 184 -100.00 3.04 -16.79
N LYS P 185 -99.97 1.77 -16.36
CA LYS P 185 -101.11 0.88 -16.59
C LYS P 185 -102.35 1.36 -15.85
N TYR P 186 -102.18 1.82 -14.61
CA TYR P 186 -103.31 2.40 -13.89
C TYR P 186 -103.86 3.61 -14.63
N LEU P 187 -102.98 4.47 -15.13
CA LEU P 187 -103.44 5.63 -15.91
C LEU P 187 -104.20 5.20 -17.16
N LEU P 188 -103.69 4.19 -17.87
CA LEU P 188 -104.37 3.70 -19.07
C LEU P 188 -105.74 3.13 -18.74
N GLU P 189 -105.84 2.39 -17.63
CA GLU P 189 -107.14 1.87 -17.21
C GLU P 189 -108.10 3.00 -16.90
N LYS P 190 -107.61 4.07 -16.25
CA LYS P 190 -108.47 5.24 -16.02
C LYS P 190 -108.94 5.85 -17.34
N LEU P 191 -108.03 5.98 -18.31
CA LEU P 191 -108.41 6.55 -19.60
C LEU P 191 -109.39 5.67 -20.35
N GLY P 192 -109.21 4.35 -20.31
CA GLY P 192 -110.12 3.43 -20.96
C GLY P 192 -109.59 2.84 -22.26
N PHE P 193 -108.30 2.56 -22.30
CA PHE P 193 -107.64 1.97 -23.47
C PHE P 193 -107.21 0.56 -23.08
N ASP P 194 -108.11 -0.41 -23.30
CA ASP P 194 -107.89 -1.76 -22.82
C ASP P 194 -106.78 -2.48 -23.58
N TYR P 195 -106.73 -2.30 -24.90
CA TYR P 195 -105.73 -3.00 -25.70
C TYR P 195 -104.31 -2.56 -25.31
N LEU P 196 -104.12 -1.25 -25.12
CA LEU P 196 -102.83 -0.77 -24.64
C LEU P 196 -102.51 -1.32 -23.26
N VAL P 197 -103.54 -1.52 -22.43
CA VAL P 197 -103.33 -2.14 -21.13
C VAL P 197 -102.77 -3.55 -21.31
N GLU P 198 -103.40 -4.34 -22.19
CA GLU P 198 -102.96 -5.72 -22.41
C GLU P 198 -101.53 -5.77 -22.94
N LEU P 199 -101.20 -4.91 -23.91
CA LEU P 199 -99.83 -4.82 -24.38
C LEU P 199 -98.88 -4.44 -23.24
N LEU P 200 -99.36 -3.62 -22.30
CA LEU P 200 -98.51 -3.25 -21.17
C LEU P 200 -98.25 -4.42 -20.24
N ASP P 201 -99.27 -5.26 -19.98
CA ASP P 201 -98.99 -6.46 -19.19
C ASP P 201 -98.01 -7.37 -19.92
N ARG P 202 -98.14 -7.50 -21.24
CA ARG P 202 -97.20 -8.32 -21.99
C ARG P 202 -95.78 -7.79 -21.84
N ALA P 203 -95.60 -6.48 -21.97
CA ALA P 203 -94.27 -5.89 -21.83
C ALA P 203 -93.73 -6.04 -20.41
N ILE P 204 -94.61 -5.91 -19.40
CA ILE P 204 -94.18 -6.06 -18.02
C ILE P 204 -93.72 -7.48 -17.76
N GLU P 205 -94.47 -8.47 -18.26
CA GLU P 205 -94.06 -9.86 -18.12
C GLU P 205 -92.73 -10.13 -18.81
N TYR P 206 -92.53 -9.57 -20.00
CA TYR P 206 -91.26 -9.77 -20.69
C TYR P 206 -90.11 -9.14 -19.92
N ILE P 207 -90.32 -7.96 -19.34
CA ILE P 207 -89.28 -7.32 -18.52
C ILE P 207 -88.98 -8.19 -17.30
N LEU P 208 -90.02 -8.71 -16.66
CA LEU P 208 -89.83 -9.48 -15.43
C LEU P 208 -89.11 -10.79 -15.69
N LYS P 209 -89.43 -11.45 -16.81
CA LYS P 209 -88.80 -12.72 -17.16
C LYS P 209 -87.37 -12.56 -17.65
N GLY P 210 -86.91 -11.33 -17.90
CA GLY P 210 -85.55 -11.08 -18.32
C GLY P 210 -85.38 -10.80 -19.79
N ARG P 211 -86.41 -10.98 -20.60
CA ARG P 211 -86.34 -10.75 -22.04
C ARG P 211 -86.46 -9.25 -22.30
N SER P 212 -85.32 -8.59 -22.48
CA SER P 212 -85.26 -7.13 -22.51
C SER P 212 -85.52 -6.55 -23.91
N GLU P 213 -84.91 -7.12 -24.94
CA GLU P 213 -85.03 -6.56 -26.28
C GLU P 213 -86.46 -6.67 -26.80
N LEU P 214 -87.11 -7.80 -26.56
CA LEU P 214 -88.52 -7.95 -26.93
C LEU P 214 -89.38 -6.91 -26.22
N ALA P 215 -89.09 -6.67 -24.95
CA ALA P 215 -89.82 -5.66 -24.19
C ALA P 215 -89.59 -4.27 -24.75
N VAL P 216 -88.36 -3.97 -25.18
CA VAL P 216 -88.07 -2.65 -25.76
C VAL P 216 -88.83 -2.47 -27.06
N HIS P 217 -88.88 -3.51 -27.90
CA HIS P 217 -89.63 -3.40 -29.15
C HIS P 217 -91.13 -3.23 -28.87
N LEU P 218 -91.65 -3.98 -27.89
CA LEU P 218 -93.05 -3.83 -27.50
C LEU P 218 -93.33 -2.43 -27.01
N LEU P 219 -92.41 -1.86 -26.22
CA LEU P 219 -92.58 -0.51 -25.70
C LEU P 219 -92.53 0.53 -26.82
N ASP P 220 -91.70 0.28 -27.83
CA ASP P 220 -91.69 1.16 -29.00
C ASP P 220 -93.04 1.14 -29.72
N ASP P 221 -93.61 -0.05 -29.90
CA ASP P 221 -94.92 -0.13 -30.54
C ASP P 221 -96.00 0.54 -29.68
N ILE P 222 -95.92 0.37 -28.36
CA ILE P 222 -96.87 1.02 -27.46
C ILE P 222 -96.74 2.53 -27.54
N ILE P 223 -95.50 3.04 -27.61
CA ILE P 223 -95.28 4.48 -27.72
C ILE P 223 -95.87 5.01 -29.01
N ARG P 224 -95.69 4.29 -30.12
CA ARG P 224 -96.29 4.71 -31.38
C ARG P 224 -97.81 4.76 -31.28
N ARG P 225 -98.41 3.74 -30.66
CA ARG P 225 -99.86 3.74 -30.50
C ARG P 225 -100.34 4.89 -29.63
N VAL P 226 -99.60 5.20 -28.56
CA VAL P 226 -99.98 6.30 -27.68
C VAL P 226 -99.89 7.63 -28.42
N HIS P 227 -98.84 7.82 -29.20
CA HIS P 227 -98.72 9.05 -29.99
C HIS P 227 -99.85 9.16 -31.01
N GLU P 228 -100.24 8.03 -31.62
CA GLU P 228 -101.38 8.05 -32.52
C GLU P 228 -102.65 8.48 -31.80
N GLU P 229 -102.87 7.96 -30.59
CA GLU P 229 -104.05 8.35 -29.82
C GLU P 229 -104.03 9.85 -29.49
N ILE P 230 -102.87 10.35 -29.08
CA ILE P 230 -102.74 11.77 -28.76
C ILE P 230 -103.04 12.62 -29.98
N GLU P 231 -102.49 12.24 -31.13
CA GLU P 231 -102.76 12.98 -32.37
C GLU P 231 -104.23 12.91 -32.74
N ARG P 232 -104.89 11.79 -32.47
CA ARG P 232 -106.32 11.71 -32.73
C ARG P 232 -107.11 12.66 -31.83
N TYR P 233 -106.67 12.81 -30.58
CA TYR P 233 -107.42 13.68 -29.66
C TYR P 233 -107.38 15.14 -30.11
N GLY P 234 -106.25 15.62 -30.57
CA GLY P 234 -106.16 16.96 -31.13
C GLY P 234 -105.79 17.99 -30.08
N ASP P 235 -106.67 18.97 -29.87
CA ASP P 235 -106.43 20.04 -28.92
C ASP P 235 -107.04 19.78 -27.54
N ASP P 236 -107.85 18.73 -27.40
CA ASP P 236 -108.54 18.43 -26.15
C ASP P 236 -107.90 17.25 -25.42
N VAL P 237 -106.58 17.12 -25.52
CA VAL P 237 -105.88 15.97 -24.93
C VAL P 237 -105.93 16.06 -23.41
N PRO P 238 -106.44 15.05 -22.73
CA PRO P 238 -106.36 15.03 -21.26
C PRO P 238 -104.93 14.90 -20.78
N GLU P 239 -104.66 15.44 -19.59
CA GLU P 239 -103.32 15.42 -19.04
C GLU P 239 -102.84 14.02 -18.69
N GLU P 240 -103.77 13.10 -18.44
CA GLU P 240 -103.38 11.72 -18.13
C GLU P 240 -102.68 11.08 -19.32
N LEU P 241 -103.11 11.39 -20.53
CA LEU P 241 -102.46 10.84 -21.72
C LEU P 241 -101.03 11.34 -21.85
N LEU P 242 -100.78 12.62 -21.58
CA LEU P 242 -99.42 13.14 -21.67
C LEU P 242 -98.54 12.57 -20.57
N LEU P 243 -99.07 12.46 -19.36
CA LEU P 243 -98.30 11.84 -18.27
C LEU P 243 -97.98 10.39 -18.58
N LEU P 244 -98.95 9.67 -19.15
CA LEU P 244 -98.72 8.29 -19.57
C LEU P 244 -97.64 8.20 -20.64
N ASP P 245 -97.67 9.12 -21.61
CA ASP P 245 -96.64 9.18 -22.63
C ASP P 245 -95.26 9.33 -22.00
N LEU P 246 -95.12 10.29 -21.08
CA LEU P 246 -93.83 10.50 -20.44
C LEU P 246 -93.39 9.28 -19.64
N LEU P 247 -94.32 8.66 -18.92
CA LEU P 247 -93.99 7.49 -18.12
C LEU P 247 -93.52 6.34 -18.98
N VAL P 248 -94.24 6.06 -20.06
CA VAL P 248 -93.87 4.95 -20.94
C VAL P 248 -92.52 5.23 -21.60
N GLN P 249 -92.26 6.48 -21.97
CA GLN P 249 -90.96 6.81 -22.56
C GLN P 249 -89.82 6.58 -21.59
N LYS P 250 -89.98 7.03 -20.33
CA LYS P 250 -88.91 6.82 -19.37
C LYS P 250 -88.75 5.34 -19.00
N ALA P 251 -89.84 4.59 -18.98
CA ALA P 251 -89.76 3.16 -18.74
C ALA P 251 -89.02 2.45 -19.88
N ARG P 252 -89.28 2.88 -21.12
CA ARG P 252 -88.56 2.32 -22.26
C ARG P 252 -87.07 2.64 -22.18
N ASP P 253 -86.73 3.87 -21.76
CA ASP P 253 -85.33 4.21 -21.58
C ASP P 253 -84.67 3.32 -20.53
N LEU P 254 -85.34 3.10 -19.41
CA LEU P 254 -84.80 2.23 -18.38
C LEU P 254 -84.65 0.79 -18.88
N ALA P 255 -85.64 0.29 -19.63
CA ALA P 255 -85.56 -1.06 -20.16
C ALA P 255 -84.41 -1.20 -21.13
N ALA P 256 -84.17 -0.17 -21.94
CA ALA P 256 -83.01 -0.18 -22.82
C ALA P 256 -81.71 -0.21 -22.02
N ARG P 257 -81.66 0.57 -20.93
CA ARG P 257 -80.45 0.61 -20.11
C ARG P 257 -80.21 -0.66 -19.31
N ILE P 258 -81.17 -1.58 -19.27
CA ILE P 258 -81.04 -2.82 -18.50
C ILE P 258 -79.81 -3.60 -18.96
N MET Q 25 -72.65 47.60 -5.16
CA MET Q 25 -72.55 47.68 -6.62
C MET Q 25 -73.22 48.95 -7.14
N GLU Q 26 -73.11 50.05 -6.41
CA GLU Q 26 -73.78 51.29 -6.80
C GLU Q 26 -73.21 51.87 -8.09
N LYS Q 27 -71.98 51.48 -8.46
CA LYS Q 27 -71.41 51.96 -9.72
C LYS Q 27 -72.24 51.49 -10.91
N LEU Q 28 -72.73 50.24 -10.86
CA LEU Q 28 -73.54 49.71 -11.95
C LEU Q 28 -74.93 50.35 -11.99
N GLU Q 29 -75.48 50.70 -10.82
CA GLU Q 29 -76.73 51.46 -10.82
C GLU Q 29 -76.53 52.85 -11.41
N VAL Q 30 -75.39 53.48 -11.12
CA VAL Q 30 -75.07 54.77 -11.73
C VAL Q 30 -74.94 54.61 -13.24
N ALA Q 31 -74.33 53.51 -13.69
CA ALA Q 31 -74.24 53.24 -15.11
C ALA Q 31 -75.62 53.05 -15.75
N VAL Q 32 -76.52 52.37 -15.06
CA VAL Q 32 -77.88 52.18 -15.57
C VAL Q 32 -78.60 53.51 -15.68
N GLU Q 33 -78.44 54.37 -14.67
CA GLU Q 33 -79.06 55.70 -14.74
C GLU Q 33 -78.47 56.52 -15.88
N HIS Q 34 -77.18 56.45 -16.07
CA HIS Q 34 -76.58 57.08 -17.22
C HIS Q 34 -77.16 56.58 -18.53
N LEU Q 35 -77.31 55.25 -18.66
CA LEU Q 35 -77.88 54.68 -19.88
C LEU Q 35 -79.29 55.20 -20.14
N LYS Q 36 -80.10 55.31 -19.08
CA LYS Q 36 -81.40 55.93 -19.24
C LYS Q 36 -81.29 57.38 -19.71
N GLU Q 37 -80.33 58.12 -19.15
CA GLU Q 37 -80.10 59.49 -19.58
C GLU Q 37 -79.69 59.54 -21.05
N ALA Q 38 -78.86 58.59 -21.48
CA ALA Q 38 -78.45 58.54 -22.88
C ALA Q 38 -79.63 58.27 -23.81
N ILE Q 39 -80.52 57.36 -23.41
CA ILE Q 39 -81.72 57.11 -24.21
C ILE Q 39 -82.57 58.38 -24.32
N GLU Q 40 -82.74 59.07 -23.19
CA GLU Q 40 -83.52 60.31 -23.21
C GLU Q 40 -82.86 61.36 -24.08
N LEU Q 41 -81.53 61.45 -24.06
CA LEU Q 41 -80.82 62.42 -24.86
C LEU Q 41 -80.95 62.12 -26.35
N ILE Q 42 -80.82 60.85 -26.73
CA ILE Q 42 -81.05 60.47 -28.13
C ILE Q 42 -82.46 60.83 -28.55
N GLU Q 43 -83.43 60.62 -27.66
CA GLU Q 43 -84.81 60.99 -27.96
C GLU Q 43 -84.94 62.50 -28.17
N LYS Q 44 -84.26 63.28 -27.34
CA LYS Q 44 -84.36 64.74 -27.45
C LYS Q 44 -83.73 65.26 -28.73
N GLY Q 45 -82.51 64.81 -29.04
CA GLY Q 45 -81.85 65.23 -30.25
C GLY Q 45 -80.41 65.67 -30.08
N GLU Q 46 -79.89 65.56 -28.85
CA GLU Q 46 -78.49 65.92 -28.58
C GLU Q 46 -77.63 64.68 -28.74
N TYR Q 47 -76.97 64.57 -29.89
CA TYR Q 47 -76.16 63.40 -30.21
C TYR Q 47 -74.73 63.51 -29.70
N VAL Q 48 -74.18 64.72 -29.61
CA VAL Q 48 -72.86 64.89 -29.03
C VAL Q 48 -72.85 64.52 -27.56
N LYS Q 49 -73.87 64.99 -26.83
CA LYS Q 49 -73.97 64.64 -25.42
C LYS Q 49 -74.20 63.15 -25.23
N ALA Q 50 -74.95 62.54 -26.15
CA ALA Q 50 -75.15 61.09 -26.09
C ALA Q 50 -73.84 60.33 -26.30
N ASP Q 51 -73.03 60.77 -27.27
CA ASP Q 51 -71.73 60.14 -27.49
C ASP Q 51 -70.82 60.29 -26.28
N LEU Q 52 -70.81 61.47 -25.67
CA LEU Q 52 -69.99 61.70 -24.48
C LEU Q 52 -70.49 60.86 -23.30
N ILE Q 53 -71.82 60.74 -23.15
CA ILE Q 53 -72.37 59.90 -22.10
C ILE Q 53 -71.98 58.44 -22.31
N LEU Q 54 -71.97 57.99 -23.56
CA LEU Q 54 -71.55 56.61 -23.82
C LEU Q 54 -70.10 56.40 -23.42
N THR Q 55 -69.25 57.39 -23.68
CA THR Q 55 -67.86 57.29 -23.22
C THR Q 55 -67.78 57.23 -21.69
N ASP Q 56 -68.60 58.04 -21.01
CA ASP Q 56 -68.62 58.01 -19.55
C ASP Q 56 -69.08 56.64 -19.02
N ILE Q 57 -70.10 56.07 -19.66
CA ILE Q 57 -70.59 54.76 -19.26
C ILE Q 57 -69.51 53.71 -19.45
N LEU Q 58 -68.78 53.80 -20.56
CA LEU Q 58 -67.67 52.87 -20.78
C LEU Q 58 -66.62 53.00 -19.68
N ARG Q 59 -66.32 54.24 -19.28
CA ARG Q 59 -65.36 54.45 -18.20
C ARG Q 59 -65.85 53.83 -16.89
N LEU Q 60 -67.13 54.02 -16.58
CA LEU Q 60 -67.69 53.44 -15.36
C LEU Q 60 -67.61 51.92 -15.39
N LEU Q 61 -68.02 51.30 -16.51
CA LEU Q 61 -68.00 49.85 -16.59
C LEU Q 61 -66.58 49.30 -16.51
N GLU Q 62 -65.62 49.97 -17.14
CA GLU Q 62 -64.23 49.56 -17.02
C GLU Q 62 -63.73 49.71 -15.59
N GLU Q 63 -64.22 50.73 -14.87
CA GLU Q 63 -63.89 50.86 -13.46
C GLU Q 63 -64.41 49.67 -12.67
N GLU Q 64 -65.63 49.22 -12.97
CA GLU Q 64 -66.16 48.05 -12.27
C GLU Q 64 -65.38 46.78 -12.62
N GLY Q 65 -65.19 46.52 -13.91
CA GLY Q 65 -64.35 45.41 -14.33
C GLY Q 65 -65.06 44.15 -14.80
N VAL Q 66 -66.09 44.31 -15.63
CA VAL Q 66 -66.78 43.17 -16.25
C VAL Q 66 -66.47 43.18 -17.73
N LYS Q 67 -65.79 42.13 -18.21
CA LYS Q 67 -65.19 42.16 -19.54
C LYS Q 67 -66.26 42.24 -20.63
N SER Q 68 -67.29 41.39 -20.53
CA SER Q 68 -68.34 41.38 -21.54
C SER Q 68 -69.04 42.72 -21.63
N LEU Q 69 -69.36 43.31 -20.49
CA LEU Q 69 -69.96 44.64 -20.48
C LEU Q 69 -69.03 45.67 -21.09
N ILE Q 70 -67.72 45.53 -20.86
CA ILE Q 70 -66.76 46.49 -21.37
C ILE Q 70 -66.71 46.45 -22.90
N LYS Q 71 -66.58 45.25 -23.47
CA LYS Q 71 -66.53 45.16 -24.93
C LYS Q 71 -67.86 45.59 -25.54
N GLN Q 72 -68.98 45.24 -24.90
CA GLN Q 72 -70.27 45.69 -25.38
C GLN Q 72 -70.37 47.20 -25.38
N ALA Q 73 -69.83 47.85 -24.34
CA ALA Q 73 -69.90 49.31 -24.25
C ALA Q 73 -69.03 49.97 -25.31
N LYS Q 74 -67.84 49.43 -25.58
CA LYS Q 74 -66.99 50.01 -26.62
C LYS Q 74 -67.63 49.89 -27.99
N GLU Q 75 -68.12 48.69 -28.33
CA GLU Q 75 -68.78 48.52 -29.62
C GLU Q 75 -70.05 49.36 -29.68
N LEU Q 76 -70.73 49.55 -28.55
CA LEU Q 76 -71.90 50.43 -28.53
C LEU Q 76 -71.52 51.85 -28.87
N HIS Q 77 -70.43 52.36 -28.28
CA HIS Q 77 -69.99 53.71 -28.60
C HIS Q 77 -69.74 53.87 -30.09
N ILE Q 78 -68.96 52.96 -30.67
CA ILE Q 78 -68.61 53.07 -32.09
C ILE Q 78 -69.87 53.00 -32.96
N GLU Q 79 -70.70 51.98 -32.73
CA GLU Q 79 -71.85 51.76 -33.60
C GLU Q 79 -72.92 52.83 -33.43
N VAL Q 80 -73.12 53.34 -32.21
CA VAL Q 80 -74.09 54.40 -32.02
C VAL Q 80 -73.62 55.69 -32.67
N PHE Q 81 -72.31 55.97 -32.62
CA PHE Q 81 -71.80 57.13 -33.33
C PHE Q 81 -72.08 57.01 -34.83
N LYS Q 82 -71.79 55.84 -35.40
CA LYS Q 82 -72.05 55.65 -36.83
C LYS Q 82 -73.54 55.79 -37.16
N LEU Q 83 -74.40 55.15 -36.36
CA LEU Q 83 -75.84 55.19 -36.64
C LEU Q 83 -76.41 56.60 -36.50
N LEU Q 84 -75.97 57.34 -35.48
CA LEU Q 84 -76.43 58.71 -35.33
C LEU Q 84 -75.92 59.59 -36.46
N LYS Q 85 -74.74 59.30 -37.00
CA LYS Q 85 -74.31 59.97 -38.21
C LYS Q 85 -75.27 59.67 -39.37
N GLU Q 86 -75.63 58.40 -39.54
CA GLU Q 86 -76.51 58.03 -40.64
C GLU Q 86 -77.94 58.50 -40.43
N GLY Q 87 -78.39 58.54 -39.18
CA GLY Q 87 -79.76 58.92 -38.86
C GLY Q 87 -80.64 57.80 -38.35
N GLU Q 88 -80.08 56.64 -38.04
CA GLU Q 88 -80.84 55.50 -37.52
C GLU Q 88 -80.98 55.65 -36.01
N TYR Q 89 -81.94 56.49 -35.62
CA TYR Q 89 -82.16 56.76 -34.20
C TYR Q 89 -82.67 55.53 -33.48
N LYS Q 90 -83.60 54.80 -34.09
CA LYS Q 90 -84.22 53.66 -33.44
C LYS Q 90 -83.22 52.54 -33.21
N GLU Q 91 -82.32 52.30 -34.16
CA GLU Q 91 -81.31 51.27 -33.98
C GLU Q 91 -80.35 51.61 -32.84
N ALA Q 92 -79.95 52.87 -32.74
CA ALA Q 92 -79.08 53.30 -31.64
C ALA Q 92 -79.79 53.17 -30.30
N LYS Q 93 -81.06 53.58 -30.24
CA LYS Q 93 -81.83 53.43 -29.02
C LYS Q 93 -81.96 51.95 -28.63
N ALA Q 94 -82.16 51.09 -29.62
CA ALA Q 94 -82.25 49.65 -29.35
C ALA Q 94 -80.94 49.12 -28.78
N LEU Q 95 -79.81 49.54 -29.34
CA LEU Q 95 -78.53 49.08 -28.83
C LEU Q 95 -78.28 49.56 -27.39
N VAL Q 96 -78.63 50.81 -27.11
CA VAL Q 96 -78.47 51.32 -25.75
C VAL Q 96 -79.37 50.58 -24.78
N GLU Q 97 -80.61 50.30 -25.19
CA GLU Q 97 -81.53 49.54 -24.34
C GLU Q 97 -81.03 48.13 -24.10
N ALA Q 98 -80.43 47.52 -25.13
CA ALA Q 98 -79.87 46.18 -24.95
C ALA Q 98 -78.73 46.18 -23.95
N LEU Q 99 -77.84 47.18 -24.01
CA LEU Q 99 -76.77 47.27 -23.02
C LEU Q 99 -77.33 47.52 -21.62
N ARG Q 100 -78.36 48.35 -21.52
CA ARG Q 100 -78.98 48.62 -20.23
C ARG Q 100 -79.56 47.34 -19.63
N VAL Q 101 -80.28 46.57 -20.44
CA VAL Q 101 -80.86 45.32 -19.97
C VAL Q 101 -79.77 44.33 -19.56
N SER Q 102 -78.67 44.30 -20.33
CA SER Q 102 -77.58 43.41 -19.97
C SER Q 102 -76.97 43.77 -18.63
N VAL Q 103 -76.76 45.07 -18.37
CA VAL Q 103 -76.18 45.49 -17.10
C VAL Q 103 -77.12 45.19 -15.94
N GLU Q 104 -78.42 45.48 -16.10
CA GLU Q 104 -79.39 45.17 -15.06
C GLU Q 104 -79.46 43.68 -14.79
N LEU Q 105 -79.39 42.87 -15.85
CA LEU Q 105 -79.40 41.42 -15.68
C LEU Q 105 -78.17 40.94 -14.93
N TYR Q 106 -77.00 41.52 -15.21
CA TYR Q 106 -75.82 41.16 -14.45
C TYR Q 106 -76.00 41.51 -12.97
N ILE Q 107 -76.56 42.69 -12.69
CA ILE Q 107 -76.80 43.09 -11.30
C ILE Q 107 -77.70 42.07 -10.61
N LEU Q 108 -78.79 41.70 -11.28
CA LEU Q 108 -79.74 40.78 -10.67
C LEU Q 108 -79.15 39.39 -10.48
N ILE Q 109 -78.33 38.94 -11.43
CA ILE Q 109 -77.66 37.65 -11.29
C ILE Q 109 -76.73 37.65 -10.09
N LYS Q 110 -75.97 38.73 -9.92
CA LYS Q 110 -75.05 38.80 -8.79
C LYS Q 110 -75.82 38.82 -7.47
N ARG Q 111 -76.90 39.60 -7.40
CA ARG Q 111 -77.71 39.63 -6.18
C ARG Q 111 -78.32 38.27 -5.89
N GLY Q 112 -78.82 37.58 -6.91
CA GLY Q 112 -79.41 36.27 -6.68
C GLY Q 112 -78.39 35.24 -6.23
N VAL Q 113 -77.21 35.24 -6.84
CA VAL Q 113 -76.20 34.25 -6.48
C VAL Q 113 -75.67 34.51 -5.08
N ARG Q 114 -75.43 35.77 -4.74
CA ARG Q 114 -74.92 36.09 -3.40
C ARG Q 114 -75.93 35.71 -2.33
N GLU Q 115 -77.19 36.12 -2.50
CA GLU Q 115 -78.27 35.81 -1.56
C GLU Q 115 -78.65 34.34 -1.52
N GLY Q 116 -77.99 33.49 -2.31
CA GLY Q 116 -78.36 32.08 -2.35
C GLY Q 116 -79.76 31.83 -2.86
N ARG Q 117 -80.25 32.67 -3.77
CA ARG Q 117 -81.58 32.49 -4.32
C ARG Q 117 -81.63 31.24 -5.18
N PRO Q 118 -82.79 30.58 -5.26
CA PRO Q 118 -82.90 29.40 -6.11
C PRO Q 118 -82.74 29.76 -7.58
N ILE Q 119 -82.20 28.80 -8.35
CA ILE Q 119 -82.02 28.98 -9.78
C ILE Q 119 -83.36 29.22 -10.46
N GLU Q 120 -84.43 28.65 -9.92
CA GLU Q 120 -85.75 28.76 -10.55
C GLU Q 120 -86.19 30.21 -10.68
N GLU Q 121 -86.16 30.96 -9.58
CA GLU Q 121 -86.65 32.33 -9.63
C GLU Q 121 -85.71 33.25 -10.38
N ILE Q 122 -84.41 32.96 -10.35
CA ILE Q 122 -83.46 33.71 -11.17
C ILE Q 122 -83.80 33.55 -12.65
N ALA Q 123 -84.07 32.30 -13.07
CA ALA Q 123 -84.43 32.04 -14.46
C ALA Q 123 -85.73 32.75 -14.83
N ARG Q 124 -86.73 32.70 -13.94
CA ARG Q 124 -87.98 33.39 -14.23
C ARG Q 124 -87.78 34.89 -14.37
N GLU Q 125 -86.94 35.48 -13.51
CA GLU Q 125 -86.66 36.91 -13.60
C GLU Q 125 -85.96 37.26 -14.90
N VAL Q 126 -84.98 36.45 -15.31
CA VAL Q 126 -84.29 36.70 -16.56
C VAL Q 126 -85.25 36.64 -17.74
N GLY Q 127 -86.13 35.63 -17.76
CA GLY Q 127 -87.11 35.54 -18.81
C GLY Q 127 -88.05 36.73 -18.85
N ARG Q 128 -88.51 37.17 -17.67
CA ARG Q 128 -89.39 38.33 -17.60
C ARG Q 128 -88.71 39.58 -18.14
N LYS Q 129 -87.44 39.80 -17.78
CA LYS Q 129 -86.71 40.95 -18.27
C LYS Q 129 -86.55 40.91 -19.79
N LEU Q 130 -86.21 39.73 -20.32
CA LEU Q 130 -86.05 39.61 -21.77
C LEU Q 130 -87.37 39.87 -22.49
N VAL Q 131 -88.48 39.37 -21.94
CA VAL Q 131 -89.77 39.59 -22.59
C VAL Q 131 -90.14 41.07 -22.54
N GLU Q 132 -89.85 41.75 -21.43
CA GLU Q 132 -90.15 43.17 -21.35
C GLU Q 132 -89.32 43.97 -22.36
N LEU Q 133 -88.04 43.61 -22.51
CA LEU Q 133 -87.22 44.26 -23.53
C LEU Q 133 -87.78 44.03 -24.92
N ALA Q 134 -88.19 42.79 -25.21
CA ALA Q 134 -88.74 42.49 -26.53
C ALA Q 134 -90.01 43.29 -26.80
N LYS Q 135 -90.88 43.41 -25.79
CA LYS Q 135 -92.10 44.20 -25.94
C LYS Q 135 -91.78 45.66 -26.19
N ARG Q 136 -90.79 46.20 -25.46
CA ARG Q 136 -90.37 47.58 -25.68
C ARG Q 136 -89.89 47.79 -27.11
N LEU Q 137 -89.00 46.91 -27.58
CA LEU Q 137 -88.45 47.06 -28.92
C LEU Q 137 -89.52 46.91 -29.98
N GLU Q 138 -90.48 46.00 -29.75
CA GLU Q 138 -91.59 45.85 -30.69
C GLU Q 138 -92.44 47.12 -30.73
N LYS Q 139 -92.64 47.76 -29.58
CA LYS Q 139 -93.36 49.03 -29.56
C LYS Q 139 -92.60 50.12 -30.31
N GLU Q 140 -91.28 50.14 -30.19
CA GLU Q 140 -90.49 51.14 -30.88
C GLU Q 140 -90.63 51.02 -32.40
N GLY Q 141 -90.59 49.80 -32.91
CA GLY Q 141 -90.71 49.59 -34.35
C GLY Q 141 -89.61 48.74 -34.93
N ILE Q 142 -88.77 48.17 -34.06
CA ILE Q 142 -87.69 47.30 -34.52
C ILE Q 142 -88.27 45.95 -34.92
N SER Q 143 -87.80 45.41 -36.05
CA SER Q 143 -88.31 44.14 -36.55
C SER Q 143 -87.90 42.99 -35.64
N TRP Q 144 -88.60 41.86 -35.80
CA TRP Q 144 -88.42 40.74 -34.87
C TRP Q 144 -87.11 40.01 -35.09
N GLU Q 145 -86.55 40.05 -36.31
CA GLU Q 145 -85.24 39.45 -36.53
C GLU Q 145 -84.16 40.20 -35.74
N GLU Q 146 -84.20 41.53 -35.76
CA GLU Q 146 -83.25 42.31 -34.97
C GLU Q 146 -83.46 42.08 -33.48
N ILE Q 147 -84.73 41.99 -33.05
CA ILE Q 147 -85.03 41.74 -31.64
C ILE Q 147 -84.43 40.40 -31.21
N ILE Q 148 -84.61 39.37 -32.04
CA ILE Q 148 -84.08 38.05 -31.70
C ILE Q 148 -82.56 38.09 -31.65
N GLU Q 149 -81.91 38.76 -32.61
CA GLU Q 149 -80.46 38.81 -32.59
C GLU Q 149 -79.93 39.54 -31.35
N LEU Q 150 -80.57 40.66 -30.98
CA LEU Q 150 -80.18 41.36 -29.76
C LEU Q 150 -80.36 40.46 -28.54
N ILE Q 151 -81.47 39.72 -28.49
CA ILE Q 151 -81.74 38.84 -27.36
C ILE Q 151 -80.68 37.75 -27.26
N GLU Q 152 -80.27 37.17 -28.40
CA GLU Q 152 -79.23 36.14 -28.35
C GLU Q 152 -77.88 36.71 -27.96
N ARG Q 153 -77.56 37.94 -28.37
CA ARG Q 153 -76.34 38.56 -27.87
C ARG Q 153 -76.38 38.73 -26.35
N ILE Q 154 -77.52 39.19 -25.84
CA ILE Q 154 -77.68 39.31 -24.39
C ILE Q 154 -77.55 37.96 -23.71
N LEU Q 155 -78.08 36.91 -24.36
CA LEU Q 155 -78.01 35.57 -23.79
C LEU Q 155 -76.58 35.05 -23.73
N GLU Q 156 -75.79 35.33 -24.76
CA GLU Q 156 -74.37 34.96 -24.72
C GLU Q 156 -73.64 35.71 -23.61
N SER Q 157 -73.96 37.00 -23.43
CA SER Q 157 -73.39 37.75 -22.31
C SER Q 157 -73.78 37.13 -20.97
N ILE Q 158 -75.05 36.72 -20.84
CA ILE Q 158 -75.52 36.07 -19.62
C ILE Q 158 -74.78 34.76 -19.39
N ARG Q 159 -74.56 33.99 -20.46
CA ARG Q 159 -73.83 32.73 -20.32
C ARG Q 159 -72.41 32.98 -19.80
N GLU Q 160 -71.73 33.98 -20.35
CA GLU Q 160 -70.39 34.29 -19.85
C GLU Q 160 -70.42 34.74 -18.39
N ILE Q 161 -71.39 35.58 -18.03
CA ILE Q 161 -71.49 36.07 -16.66
C ILE Q 161 -71.74 34.92 -15.70
N LEU Q 162 -72.66 34.02 -16.06
CA LEU Q 162 -72.97 32.87 -15.20
C LEU Q 162 -71.77 31.95 -15.06
N LYS Q 163 -71.04 31.72 -16.16
CA LYS Q 163 -69.83 30.91 -16.08
C LYS Q 163 -68.79 31.56 -15.18
N GLU Q 164 -68.77 32.90 -15.14
CA GLU Q 164 -67.84 33.59 -14.25
C GLU Q 164 -68.15 33.31 -12.78
N GLU Q 165 -69.44 33.25 -12.42
CA GLU Q 165 -69.84 33.03 -11.05
C GLU Q 165 -69.56 31.62 -10.54
N GLY Q 166 -68.94 30.77 -11.36
CA GLY Q 166 -68.64 29.41 -10.93
C GLY Q 166 -69.80 28.45 -10.97
N LEU Q 167 -70.92 28.83 -11.58
CA LEU Q 167 -72.05 27.91 -11.69
C LEU Q 167 -71.70 26.79 -12.66
N PRO Q 168 -72.18 25.57 -12.41
CA PRO Q 168 -71.94 24.47 -13.35
C PRO Q 168 -72.83 24.61 -14.59
N GLU Q 169 -72.51 23.79 -15.59
CA GLU Q 169 -73.15 23.92 -16.90
C GLU Q 169 -74.64 23.62 -16.86
N SER Q 170 -75.08 22.73 -15.96
CA SER Q 170 -76.47 22.30 -15.96
C SER Q 170 -77.41 23.45 -15.64
N GLU Q 171 -77.12 24.20 -14.57
CA GLU Q 171 -78.00 25.32 -14.21
C GLU Q 171 -77.92 26.45 -15.22
N ILE Q 172 -76.74 26.68 -15.80
CA ILE Q 172 -76.61 27.70 -16.84
C ILE Q 172 -77.50 27.36 -18.03
N ASN Q 173 -77.43 26.09 -18.48
CA ASN Q 173 -78.26 25.66 -19.59
C ASN Q 173 -79.74 25.74 -19.23
N ARG Q 174 -80.08 25.40 -17.99
CA ARG Q 174 -81.47 25.48 -17.56
C ARG Q 174 -81.99 26.92 -17.63
N ILE Q 175 -81.21 27.87 -17.11
CA ILE Q 175 -81.63 29.27 -17.12
C ILE Q 175 -81.78 29.77 -18.56
N LEU Q 176 -80.79 29.46 -19.41
CA LEU Q 176 -80.85 29.91 -20.80
C LEU Q 176 -82.04 29.32 -21.53
N ALA Q 177 -82.29 28.03 -21.34
CA ALA Q 177 -83.44 27.38 -21.98
C ALA Q 177 -84.74 28.00 -21.51
N VAL Q 178 -84.86 28.29 -20.22
CA VAL Q 178 -86.09 28.89 -19.71
C VAL Q 178 -86.32 30.27 -20.31
N SER Q 179 -85.25 31.08 -20.41
CA SER Q 179 -85.40 32.41 -21.00
C SER Q 179 -85.82 32.33 -22.47
N ILE Q 180 -85.16 31.45 -23.23
CA ILE Q 180 -85.52 31.28 -24.64
C ILE Q 180 -86.97 30.83 -24.76
N LEU Q 181 -87.38 29.90 -23.91
CA LEU Q 181 -88.75 29.41 -23.96
C LEU Q 181 -89.76 30.48 -23.56
N GLU Q 182 -89.38 31.39 -22.68
CA GLU Q 182 -90.30 32.49 -22.34
C GLU Q 182 -90.47 33.44 -23.52
N VAL Q 183 -89.38 33.75 -24.24
CA VAL Q 183 -89.51 34.55 -25.45
C VAL Q 183 -90.39 33.83 -26.48
N ALA Q 184 -90.17 32.53 -26.64
CA ALA Q 184 -90.99 31.76 -27.58
C ALA Q 184 -92.44 31.73 -27.16
N LYS Q 185 -92.71 31.68 -25.84
CA LYS Q 185 -94.08 31.71 -25.34
C LYS Q 185 -94.74 33.03 -25.67
N TYR Q 186 -94.01 34.15 -25.52
CA TYR Q 186 -94.57 35.43 -25.92
C TYR Q 186 -94.90 35.45 -27.40
N LEU Q 187 -94.00 34.89 -28.23
CA LEU Q 187 -94.29 34.82 -29.67
C LEU Q 187 -95.53 33.99 -29.96
N LEU Q 188 -95.67 32.83 -29.27
CA LEU Q 188 -96.84 31.99 -29.47
C LEU Q 188 -98.12 32.70 -29.06
N GLU Q 189 -98.08 33.44 -27.94
CA GLU Q 189 -99.25 34.21 -27.53
C GLU Q 189 -99.60 35.26 -28.57
N LYS Q 190 -98.59 35.92 -29.17
CA LYS Q 190 -98.87 36.85 -30.25
C LYS Q 190 -99.52 36.16 -31.43
N LEU Q 191 -99.02 34.98 -31.81
CA LEU Q 191 -99.60 34.25 -32.93
C LEU Q 191 -101.03 33.78 -32.63
N GLY Q 192 -101.29 33.33 -31.41
CA GLY Q 192 -102.62 32.89 -31.03
C GLY Q 192 -102.80 31.40 -30.98
N PHE Q 193 -101.77 30.69 -30.52
CA PHE Q 193 -101.80 29.23 -30.38
C PHE Q 193 -101.76 28.92 -28.88
N ASP Q 194 -102.95 28.83 -28.27
CA ASP Q 194 -103.05 28.71 -26.83
C ASP Q 194 -102.58 27.35 -26.33
N TYR Q 195 -102.94 26.28 -27.04
CA TYR Q 195 -102.56 24.94 -26.59
C TYR Q 195 -101.04 24.77 -26.56
N LEU Q 196 -100.36 25.25 -27.61
CA LEU Q 196 -98.91 25.23 -27.61
C LEU Q 196 -98.34 26.06 -26.47
N VAL Q 197 -99.01 27.16 -26.14
CA VAL Q 197 -98.59 27.96 -24.98
C VAL Q 197 -98.63 27.11 -23.71
N GLU Q 198 -99.76 26.41 -23.49
CA GLU Q 198 -99.91 25.59 -22.29
C GLU Q 198 -98.86 24.50 -22.22
N LEU Q 199 -98.63 23.81 -23.34
CA LEU Q 199 -97.54 22.83 -23.38
C LEU Q 199 -96.20 23.47 -23.07
N LEU Q 200 -96.02 24.73 -23.47
CA LEU Q 200 -94.76 25.41 -23.19
C LEU Q 200 -94.61 25.71 -21.70
N ASP Q 201 -95.69 26.12 -21.02
CA ASP Q 201 -95.58 26.28 -19.56
C ASP Q 201 -95.27 24.94 -18.90
N ARG Q 202 -95.89 23.86 -19.38
CA ARG Q 202 -95.60 22.55 -18.80
C ARG Q 202 -94.11 22.20 -18.96
N ALA Q 203 -93.56 22.42 -20.15
CA ALA Q 203 -92.16 22.14 -20.38
C ALA Q 203 -91.25 23.03 -19.54
N ILE Q 204 -91.62 24.30 -19.39
CA ILE Q 204 -90.82 25.23 -18.59
C ILE Q 204 -90.81 24.79 -17.13
N GLU Q 205 -91.97 24.40 -16.61
CA GLU Q 205 -92.04 23.90 -15.24
C GLU Q 205 -91.19 22.64 -15.06
N TYR Q 206 -91.24 21.73 -16.04
CA TYR Q 206 -90.43 20.52 -15.93
C TYR Q 206 -88.94 20.84 -15.97
N ILE Q 207 -88.53 21.79 -16.81
CA ILE Q 207 -87.12 22.20 -16.83
C ILE Q 207 -86.73 22.83 -15.50
N LEU Q 208 -87.60 23.67 -14.94
CA LEU Q 208 -87.26 24.37 -13.71
C LEU Q 208 -87.17 23.41 -12.53
N LYS Q 209 -88.06 22.42 -12.46
CA LYS Q 209 -88.04 21.45 -11.38
C LYS Q 209 -86.91 20.44 -11.48
N GLY Q 210 -86.18 20.41 -12.60
CA GLY Q 210 -85.05 19.53 -12.76
C GLY Q 210 -85.30 18.30 -13.62
N ARG Q 211 -86.56 18.04 -13.98
CA ARG Q 211 -86.91 16.88 -14.79
C ARG Q 211 -86.60 17.18 -16.25
N SER Q 212 -85.44 16.73 -16.72
CA SER Q 212 -84.91 17.13 -18.02
C SER Q 212 -85.42 16.27 -19.17
N GLU Q 213 -85.43 14.94 -18.99
CA GLU Q 213 -85.81 14.05 -20.09
C GLU Q 213 -87.28 14.22 -20.46
N LEU Q 214 -88.15 14.36 -19.46
CA LEU Q 214 -89.55 14.63 -19.74
C LEU Q 214 -89.71 15.94 -20.50
N ALA Q 215 -88.93 16.95 -20.12
CA ALA Q 215 -88.98 18.23 -20.82
C ALA Q 215 -88.51 18.09 -22.25
N VAL Q 216 -87.47 17.28 -22.49
CA VAL Q 216 -86.98 17.08 -23.85
C VAL Q 216 -88.03 16.40 -24.71
N HIS Q 217 -88.71 15.38 -24.16
CA HIS Q 217 -89.77 14.71 -24.92
C HIS Q 217 -90.93 15.67 -25.20
N LEU Q 218 -91.30 16.48 -24.21
CA LEU Q 218 -92.34 17.48 -24.42
C LEU Q 218 -91.94 18.48 -25.51
N LEU Q 219 -90.68 18.88 -25.51
CA LEU Q 219 -90.20 19.83 -26.51
C LEU Q 219 -90.19 19.19 -27.91
N ASP Q 220 -89.88 17.89 -27.99
CA ASP Q 220 -89.99 17.19 -29.26
C ASP Q 220 -91.43 17.20 -29.78
N ASP Q 221 -92.39 16.93 -28.90
CA ASP Q 221 -93.78 16.95 -29.32
C ASP Q 221 -94.20 18.35 -29.74
N ILE Q 222 -93.74 19.37 -29.01
CA ILE Q 222 -94.05 20.76 -29.37
C ILE Q 222 -93.45 21.11 -30.73
N ILE Q 223 -92.22 20.65 -30.99
CA ILE Q 223 -91.58 20.92 -32.27
C ILE Q 223 -92.36 20.27 -33.41
N ARG Q 224 -92.82 19.03 -33.20
CA ARG Q 224 -93.64 18.38 -34.22
C ARG Q 224 -94.92 19.16 -34.49
N ARG Q 225 -95.59 19.63 -33.42
CA ARG Q 225 -96.80 20.41 -33.60
C ARG Q 225 -96.54 21.72 -34.34
N VAL Q 226 -95.42 22.37 -34.03
CA VAL Q 226 -95.08 23.63 -34.68
C VAL Q 226 -94.80 23.40 -36.16
N HIS Q 227 -94.09 22.32 -36.49
CA HIS Q 227 -93.84 22.00 -37.89
C HIS Q 227 -95.14 21.68 -38.62
N GLU Q 228 -96.07 21.00 -37.95
CA GLU Q 228 -97.38 20.75 -38.55
C GLU Q 228 -98.11 22.07 -38.84
N GLU Q 229 -98.06 23.02 -37.91
CA GLU Q 229 -98.69 24.31 -38.13
C GLU Q 229 -98.06 25.05 -39.31
N ILE Q 230 -96.72 25.02 -39.38
CA ILE Q 230 -96.02 25.68 -40.49
C ILE Q 230 -96.42 25.07 -41.81
N GLU Q 231 -96.46 23.73 -41.87
CA GLU Q 231 -96.87 23.05 -43.09
C GLU Q 231 -98.31 23.38 -43.46
N ARG Q 232 -99.18 23.55 -42.45
CA ARG Q 232 -100.56 23.95 -42.74
C ARG Q 232 -100.61 25.35 -43.35
N TYR Q 233 -99.76 26.26 -42.87
CA TYR Q 233 -99.79 27.63 -43.38
C TYR Q 233 -99.43 27.70 -44.85
N GLY Q 234 -98.44 26.95 -45.28
CA GLY Q 234 -98.10 26.85 -46.69
C GLY Q 234 -97.06 27.90 -47.10
N ASP Q 235 -97.44 28.78 -48.03
CA ASP Q 235 -96.54 29.81 -48.54
C ASP Q 235 -96.69 31.14 -47.82
N ASP Q 236 -97.70 31.30 -46.98
CA ASP Q 236 -97.97 32.56 -46.29
C ASP Q 236 -97.56 32.51 -44.82
N VAL Q 237 -96.48 31.80 -44.51
CA VAL Q 237 -96.05 31.61 -43.13
C VAL Q 237 -95.54 32.93 -42.57
N PRO Q 238 -96.09 33.42 -41.46
CA PRO Q 238 -95.53 34.61 -40.81
C PRO Q 238 -94.16 34.32 -40.23
N GLU Q 239 -93.33 35.37 -40.17
CA GLU Q 239 -91.96 35.22 -39.69
C GLU Q 239 -91.90 34.86 -38.21
N GLU Q 240 -92.93 35.20 -37.44
CA GLU Q 240 -92.96 34.85 -36.03
C GLU Q 240 -92.96 33.34 -35.84
N LEU Q 241 -93.66 32.62 -36.71
CA LEU Q 241 -93.68 31.15 -36.61
C LEU Q 241 -92.30 30.56 -36.85
N LEU Q 242 -91.56 31.08 -37.84
CA LEU Q 242 -90.22 30.57 -38.10
C LEU Q 242 -89.25 30.90 -36.98
N LEU Q 243 -89.34 32.12 -36.45
CA LEU Q 243 -88.50 32.49 -35.32
C LEU Q 243 -88.82 31.63 -34.09
N LEU Q 244 -90.10 31.37 -33.86
CA LEU Q 244 -90.51 30.47 -32.77
C LEU Q 244 -89.96 29.07 -32.98
N ASP Q 245 -90.01 28.56 -34.21
CA ASP Q 245 -89.44 27.26 -34.51
C ASP Q 245 -87.96 27.21 -34.14
N LEU Q 246 -87.19 28.22 -34.57
CA LEU Q 246 -85.78 28.25 -34.26
C LEU Q 246 -85.53 28.33 -32.77
N LEU Q 247 -86.32 29.16 -32.07
CA LEU Q 247 -86.14 29.33 -30.63
C LEU Q 247 -86.41 28.02 -29.88
N VAL Q 248 -87.51 27.35 -30.23
CA VAL Q 248 -87.85 26.10 -29.56
C VAL Q 248 -86.80 25.04 -29.85
N GLN Q 249 -86.28 25.01 -31.08
CA GLN Q 249 -85.24 24.04 -31.40
C GLN Q 249 -83.98 24.26 -30.58
N LYS Q 250 -83.54 25.52 -30.47
CA LYS Q 250 -82.33 25.78 -29.69
C LYS Q 250 -82.56 25.55 -28.19
N ALA Q 251 -83.77 25.83 -27.70
CA ALA Q 251 -84.09 25.54 -26.31
C ALA Q 251 -84.08 24.03 -26.06
N ARG Q 252 -84.58 23.24 -27.00
CA ARG Q 252 -84.53 21.80 -26.86
C ARG Q 252 -83.09 21.29 -26.87
N ASP Q 253 -82.24 21.88 -27.71
CA ASP Q 253 -80.83 21.50 -27.69
C ASP Q 253 -80.19 21.80 -26.35
N LEU Q 254 -80.48 22.98 -25.78
CA LEU Q 254 -79.94 23.33 -24.47
C LEU Q 254 -80.45 22.39 -23.39
N ALA Q 255 -81.74 22.05 -23.44
CA ALA Q 255 -82.31 21.15 -22.44
C ALA Q 255 -81.69 19.76 -22.54
N ALA Q 256 -81.41 19.30 -23.76
CA ALA Q 256 -80.69 18.04 -23.92
C ALA Q 256 -79.30 18.13 -23.33
N ARG Q 257 -78.61 19.25 -23.55
CA ARG Q 257 -77.26 19.41 -23.02
C ARG Q 257 -77.21 19.58 -21.51
N ILE Q 258 -78.35 19.76 -20.84
CA ILE Q 258 -78.38 19.95 -19.40
C ILE Q 258 -77.72 18.77 -18.68
N MET R 25 -49.48 43.19 -57.04
CA MET R 25 -49.87 41.96 -57.71
C MET R 25 -50.21 42.21 -59.18
N GLU R 26 -49.49 43.14 -59.83
CA GLU R 26 -49.80 43.49 -61.21
C GLU R 26 -49.54 42.35 -62.17
N LYS R 27 -48.73 41.36 -61.78
CA LYS R 27 -48.50 40.19 -62.63
C LYS R 27 -49.80 39.44 -62.86
N LEU R 28 -50.62 39.29 -61.82
CA LEU R 28 -51.88 38.58 -61.96
C LEU R 28 -52.90 39.38 -62.78
N GLU R 29 -52.87 40.70 -62.69
CA GLU R 29 -53.71 41.51 -63.58
C GLU R 29 -53.27 41.37 -65.04
N VAL R 30 -51.95 41.29 -65.27
CA VAL R 30 -51.46 41.04 -66.62
C VAL R 30 -51.92 39.67 -67.11
N ALA R 31 -51.90 38.67 -66.21
CA ALA R 31 -52.40 37.35 -66.56
C ALA R 31 -53.89 37.39 -66.91
N VAL R 32 -54.68 38.16 -66.15
CA VAL R 32 -56.11 38.28 -66.45
C VAL R 32 -56.33 38.93 -67.80
N GLU R 33 -55.56 39.97 -68.11
CA GLU R 33 -55.67 40.61 -69.42
C GLU R 33 -55.28 39.66 -70.54
N HIS R 34 -54.23 38.89 -70.32
CA HIS R 34 -53.89 37.86 -71.27
C HIS R 34 -55.02 36.87 -71.49
N LEU R 35 -55.65 36.41 -70.39
CA LEU R 35 -56.75 35.46 -70.51
C LEU R 35 -57.90 36.05 -71.32
N LYS R 36 -58.21 37.33 -71.11
CA LYS R 36 -59.20 37.99 -71.95
C LYS R 36 -58.77 37.98 -73.41
N GLU R 37 -57.49 38.26 -73.67
CA GLU R 37 -56.97 38.23 -75.03
C GLU R 37 -57.11 36.83 -75.63
N ALA R 38 -56.85 35.79 -74.83
CA ALA R 38 -56.99 34.42 -75.31
C ALA R 38 -58.43 34.10 -75.67
N ILE R 39 -59.38 34.54 -74.84
CA ILE R 39 -60.80 34.32 -75.17
C ILE R 39 -61.14 35.02 -76.49
N GLU R 40 -60.68 36.26 -76.66
CA GLU R 40 -60.96 36.99 -77.90
C GLU R 40 -60.32 36.29 -79.10
N LEU R 41 -59.11 35.74 -78.91
CA LEU R 41 -58.45 35.04 -80.01
C LEU R 41 -59.17 33.77 -80.40
N ILE R 42 -59.62 32.99 -79.42
CA ILE R 42 -60.42 31.81 -79.71
C ILE R 42 -61.69 32.20 -80.45
N GLU R 43 -62.30 33.32 -80.05
CA GLU R 43 -63.49 33.79 -80.75
C GLU R 43 -63.17 34.16 -82.20
N LYS R 44 -62.02 34.80 -82.43
CA LYS R 44 -61.66 35.21 -83.78
C LYS R 44 -61.37 34.01 -84.68
N GLY R 45 -60.56 33.08 -84.21
CA GLY R 45 -60.26 31.89 -84.98
C GLY R 45 -58.79 31.53 -85.05
N GLU R 46 -57.94 32.29 -84.34
CA GLU R 46 -56.51 32.00 -84.29
C GLU R 46 -56.22 31.08 -83.11
N TYR R 47 -56.08 29.79 -83.40
CA TYR R 47 -55.87 28.79 -82.36
C TYR R 47 -54.40 28.61 -81.98
N VAL R 48 -53.49 28.82 -82.93
CA VAL R 48 -52.07 28.76 -82.60
C VAL R 48 -51.68 29.88 -81.64
N LYS R 49 -52.16 31.09 -81.92
CA LYS R 49 -51.89 32.21 -81.03
C LYS R 49 -52.53 32.00 -79.67
N ALA R 50 -53.71 31.37 -79.65
CA ALA R 50 -54.34 31.05 -78.37
C ALA R 50 -53.52 30.05 -77.56
N ASP R 51 -52.99 29.03 -78.23
CA ASP R 51 -52.15 28.05 -77.53
C ASP R 51 -50.88 28.71 -76.99
N LEU R 52 -50.26 29.58 -77.79
CA LEU R 52 -49.07 30.28 -77.33
C LEU R 52 -49.37 31.23 -76.18
N ILE R 53 -50.53 31.91 -76.23
CA ILE R 53 -50.94 32.78 -75.13
C ILE R 53 -51.16 31.97 -73.86
N LEU R 54 -51.73 30.78 -73.98
CA LEU R 54 -51.91 29.93 -72.80
C LEU R 54 -50.57 29.55 -72.19
N THR R 55 -49.58 29.26 -73.04
CA THR R 55 -48.25 28.99 -72.51
C THR R 55 -47.66 30.22 -71.81
N ASP R 56 -47.88 31.41 -72.37
CA ASP R 56 -47.40 32.63 -71.73
C ASP R 56 -48.08 32.85 -70.37
N ILE R 57 -49.39 32.60 -70.30
CA ILE R 57 -50.13 32.74 -69.05
C ILE R 57 -49.60 31.76 -68.01
N LEU R 58 -49.30 30.53 -68.43
CA LEU R 58 -48.72 29.56 -67.51
C LEU R 58 -47.38 30.06 -66.99
N ARG R 59 -46.55 30.63 -67.86
CA ARG R 59 -45.27 31.16 -67.42
C ARG R 59 -45.46 32.29 -66.40
N LEU R 60 -46.41 33.19 -66.65
CA LEU R 60 -46.69 34.28 -65.71
C LEU R 60 -47.13 33.74 -64.35
N LEU R 61 -48.08 32.79 -64.35
CA LEU R 61 -48.59 32.25 -63.11
C LEU R 61 -47.49 31.52 -62.34
N GLU R 62 -46.65 30.77 -63.04
CA GLU R 62 -45.52 30.11 -62.37
C GLU R 62 -44.55 31.14 -61.82
N GLU R 63 -44.39 32.27 -62.49
CA GLU R 63 -43.56 33.35 -61.95
C GLU R 63 -44.14 33.87 -60.65
N GLU R 64 -45.47 34.03 -60.59
CA GLU R 64 -46.09 34.48 -59.34
C GLU R 64 -45.95 33.44 -58.23
N GLY R 65 -46.32 32.20 -58.51
CA GLY R 65 -46.10 31.12 -57.57
C GLY R 65 -47.30 30.65 -56.78
N VAL R 66 -48.45 30.46 -57.43
CA VAL R 66 -49.64 29.90 -56.81
C VAL R 66 -49.87 28.52 -57.41
N LYS R 67 -49.79 27.48 -56.56
CA LYS R 67 -49.73 26.11 -57.05
C LYS R 67 -51.01 25.70 -57.77
N SER R 68 -52.16 25.99 -57.16
CA SER R 68 -53.43 25.60 -57.75
C SER R 68 -53.62 26.26 -59.11
N LEU R 69 -53.32 27.56 -59.20
CA LEU R 69 -53.39 28.25 -60.48
C LEU R 69 -52.43 27.64 -61.49
N ILE R 70 -51.26 27.20 -61.04
CA ILE R 70 -50.26 26.65 -61.95
C ILE R 70 -50.76 25.33 -62.55
N LYS R 71 -51.25 24.43 -61.71
CA LYS R 71 -51.74 23.15 -62.24
C LYS R 71 -52.97 23.37 -63.11
N GLN R 72 -53.84 24.30 -62.72
CA GLN R 72 -55.00 24.62 -63.55
C GLN R 72 -54.58 25.14 -64.91
N ALA R 73 -53.52 25.97 -64.95
CA ALA R 73 -53.07 26.53 -66.22
C ALA R 73 -52.44 25.46 -67.12
N LYS R 74 -51.67 24.54 -66.54
CA LYS R 74 -51.09 23.47 -67.35
C LYS R 74 -52.18 22.57 -67.94
N GLU R 75 -53.11 22.13 -67.10
CA GLU R 75 -54.19 21.30 -67.62
C GLU R 75 -55.05 22.08 -68.61
N LEU R 76 -55.18 23.39 -68.42
CA LEU R 76 -55.91 24.21 -69.38
C LEU R 76 -55.22 24.20 -70.74
N HIS R 77 -53.89 24.35 -70.75
CA HIS R 77 -53.16 24.32 -72.00
C HIS R 77 -53.41 23.02 -72.74
N ILE R 78 -53.22 21.89 -72.04
CA ILE R 78 -53.37 20.59 -72.69
C ILE R 78 -54.80 20.41 -73.21
N GLU R 79 -55.79 20.65 -72.35
CA GLU R 79 -57.17 20.36 -72.72
C GLU R 79 -57.68 21.32 -73.78
N VAL R 80 -57.27 22.59 -73.76
CA VAL R 80 -57.70 23.53 -74.78
C VAL R 80 -57.08 23.16 -76.12
N PHE R 81 -55.82 22.72 -76.12
CA PHE R 81 -55.23 22.26 -77.37
C PHE R 81 -56.03 21.09 -77.95
N LYS R 82 -56.37 20.12 -77.11
CA LYS R 82 -57.15 18.97 -77.58
C LYS R 82 -58.52 19.42 -78.11
N LEU R 83 -59.22 20.26 -77.35
CA LEU R 83 -60.56 20.69 -77.75
C LEU R 83 -60.54 21.51 -79.04
N LEU R 84 -59.56 22.40 -79.19
CA LEU R 84 -59.45 23.16 -80.42
C LEU R 84 -59.10 22.26 -81.60
N LYS R 85 -58.33 21.19 -81.36
CA LYS R 85 -58.16 20.18 -82.41
C LYS R 85 -59.50 19.56 -82.79
N GLU R 86 -60.30 19.17 -81.80
CA GLU R 86 -61.57 18.53 -82.10
C GLU R 86 -62.59 19.51 -82.67
N GLY R 87 -62.54 20.77 -82.25
CA GLY R 87 -63.51 21.77 -82.69
C GLY R 87 -64.48 22.25 -81.63
N GLU R 88 -64.27 21.88 -80.37
CA GLU R 88 -65.15 22.29 -79.27
C GLU R 88 -64.71 23.68 -78.78
N TYR R 89 -65.11 24.70 -79.53
CA TYR R 89 -64.73 26.06 -79.20
C TYR R 89 -65.34 26.51 -77.88
N LYS R 90 -66.63 26.19 -77.67
CA LYS R 90 -67.32 26.65 -76.48
C LYS R 90 -66.73 26.04 -75.21
N GLU R 91 -66.36 24.76 -75.25
CA GLU R 91 -65.76 24.14 -74.08
C GLU R 91 -64.41 24.78 -73.74
N ALA R 92 -63.60 25.07 -74.74
CA ALA R 92 -62.32 25.73 -74.50
C ALA R 92 -62.52 27.13 -73.94
N LYS R 93 -63.47 27.88 -74.49
CA LYS R 93 -63.78 29.20 -73.97
C LYS R 93 -64.25 29.12 -72.53
N ALA R 94 -65.07 28.10 -72.20
CA ALA R 94 -65.53 27.93 -70.84
C ALA R 94 -64.37 27.65 -69.89
N LEU R 95 -63.43 26.80 -70.31
CA LEU R 95 -62.28 26.50 -69.46
C LEU R 95 -61.42 27.75 -69.23
N VAL R 96 -61.20 28.54 -70.28
CA VAL R 96 -60.41 29.75 -70.13
C VAL R 96 -61.13 30.74 -69.21
N GLU R 97 -62.45 30.87 -69.36
CA GLU R 97 -63.21 31.75 -68.48
C GLU R 97 -63.17 31.28 -67.04
N ALA R 98 -63.20 29.97 -66.82
CA ALA R 98 -63.10 29.43 -65.47
C ALA R 98 -61.75 29.78 -64.84
N LEU R 99 -60.67 29.63 -65.60
CA LEU R 99 -59.36 30.01 -65.08
C LEU R 99 -59.27 31.51 -64.79
N ARG R 100 -59.86 32.32 -65.67
CA ARG R 100 -59.87 33.76 -65.45
C ARG R 100 -60.61 34.11 -64.16
N VAL R 101 -61.78 33.52 -63.96
CA VAL R 101 -62.55 33.78 -62.75
C VAL R 101 -61.78 33.33 -61.51
N SER R 102 -61.10 32.19 -61.62
CA SER R 102 -60.31 31.70 -60.49
C SER R 102 -59.19 32.67 -60.12
N VAL R 103 -58.49 33.20 -61.13
CA VAL R 103 -57.40 34.13 -60.87
C VAL R 103 -57.93 35.44 -60.26
N GLU R 104 -59.02 35.97 -60.82
CA GLU R 104 -59.61 37.18 -60.27
C GLU R 104 -60.08 36.96 -58.84
N LEU R 105 -60.65 35.79 -58.56
CA LEU R 105 -61.09 35.49 -57.20
C LEU R 105 -59.92 35.41 -56.24
N TYR R 106 -58.80 34.84 -56.68
CA TYR R 106 -57.62 34.83 -55.82
C TYR R 106 -57.15 36.25 -55.53
N ILE R 107 -57.15 37.10 -56.56
CA ILE R 107 -56.75 38.50 -56.36
C ILE R 107 -57.64 39.16 -55.33
N LEU R 108 -58.95 38.98 -55.46
CA LEU R 108 -59.89 39.64 -54.55
C LEU R 108 -59.77 39.08 -53.15
N ILE R 109 -59.52 37.78 -53.01
CA ILE R 109 -59.33 37.19 -51.68
C ILE R 109 -58.10 37.77 -51.01
N LYS R 110 -57.01 37.91 -51.76
CA LYS R 110 -55.79 38.48 -51.19
C LYS R 110 -56.01 39.93 -50.77
N ARG R 111 -56.67 40.71 -51.62
CA ARG R 111 -56.95 42.11 -51.27
C ARG R 111 -57.84 42.20 -50.04
N GLY R 112 -58.86 41.35 -49.95
CA GLY R 112 -59.73 41.40 -48.79
C GLY R 112 -59.04 41.00 -47.51
N VAL R 113 -58.22 39.95 -47.56
CA VAL R 113 -57.54 39.49 -46.36
C VAL R 113 -56.51 40.51 -45.89
N ARG R 114 -55.74 41.08 -46.83
CA ARG R 114 -54.73 42.07 -46.46
C ARG R 114 -55.37 43.30 -45.84
N GLU R 115 -56.41 43.85 -46.49
CA GLU R 115 -57.13 45.02 -46.01
C GLU R 115 -57.94 44.76 -44.75
N GLY R 116 -57.93 43.54 -44.21
CA GLY R 116 -58.74 43.23 -43.05
C GLY R 116 -60.22 43.35 -43.28
N ARG R 117 -60.68 43.07 -44.50
CA ARG R 117 -62.09 43.16 -44.80
C ARG R 117 -62.86 42.07 -44.06
N PRO R 118 -64.12 42.32 -43.72
CA PRO R 118 -64.92 41.28 -43.05
C PRO R 118 -65.15 40.09 -43.97
N ILE R 119 -65.27 38.91 -43.36
CA ILE R 119 -65.55 37.69 -44.09
C ILE R 119 -66.88 37.80 -44.84
N GLU R 120 -67.82 38.54 -44.28
CA GLU R 120 -69.15 38.66 -44.87
C GLU R 120 -69.10 39.19 -46.29
N GLU R 121 -68.44 40.33 -46.49
CA GLU R 121 -68.43 40.94 -47.80
C GLU R 121 -67.55 40.18 -48.78
N ILE R 122 -66.49 39.53 -48.29
CA ILE R 122 -65.70 38.65 -49.14
C ILE R 122 -66.57 37.52 -49.68
N ALA R 123 -67.36 36.90 -48.80
CA ALA R 123 -68.24 35.82 -49.23
C ALA R 123 -69.27 36.31 -50.23
N ARG R 124 -69.85 37.49 -49.99
CA ARG R 124 -70.82 38.03 -50.93
C ARG R 124 -70.18 38.29 -52.29
N GLU R 125 -68.95 38.82 -52.30
CA GLU R 125 -68.26 39.07 -53.56
C GLU R 125 -67.98 37.77 -54.31
N VAL R 126 -67.54 36.73 -53.59
CA VAL R 126 -67.26 35.45 -54.23
C VAL R 126 -68.54 34.89 -54.85
N GLY R 127 -69.65 34.96 -54.11
CA GLY R 127 -70.91 34.48 -54.65
C GLY R 127 -71.35 35.25 -55.89
N ARG R 128 -71.19 36.58 -55.85
CA ARG R 128 -71.56 37.39 -57.01
C ARG R 128 -70.73 37.03 -58.23
N LYS R 129 -69.42 36.83 -58.04
CA LYS R 129 -68.56 36.46 -59.15
C LYS R 129 -68.95 35.11 -59.73
N LEU R 130 -69.22 34.13 -58.87
CA LEU R 130 -69.63 32.81 -59.34
C LEU R 130 -70.94 32.87 -60.11
N VAL R 131 -71.90 33.68 -59.63
CA VAL R 131 -73.18 33.79 -60.31
C VAL R 131 -73.00 34.46 -61.67
N GLU R 132 -72.13 35.47 -61.75
CA GLU R 132 -71.88 36.12 -63.03
C GLU R 132 -71.24 35.16 -64.03
N LEU R 133 -70.29 34.34 -63.56
CA LEU R 133 -69.69 33.33 -64.43
C LEU R 133 -70.74 32.34 -64.91
N ALA R 134 -71.62 31.90 -64.00
CA ALA R 134 -72.66 30.94 -64.39
C ALA R 134 -73.60 31.54 -65.44
N LYS R 135 -73.98 32.81 -65.26
CA LYS R 135 -74.83 33.48 -66.23
C LYS R 135 -74.13 33.59 -67.59
N ARG R 136 -72.84 33.92 -67.59
CA ARG R 136 -72.09 33.98 -68.84
C ARG R 136 -72.09 32.64 -69.55
N LEU R 137 -71.75 31.57 -68.82
CA LEU R 137 -71.69 30.25 -69.42
C LEU R 137 -73.06 29.80 -69.92
N GLU R 138 -74.12 30.14 -69.19
CA GLU R 138 -75.46 29.81 -69.65
C GLU R 138 -75.79 30.54 -70.94
N LYS R 139 -75.36 31.80 -71.06
CA LYS R 139 -75.56 32.54 -72.30
C LYS R 139 -74.78 31.91 -73.44
N GLU R 140 -73.57 31.43 -73.18
CA GLU R 140 -72.77 30.80 -74.24
C GLU R 140 -73.46 29.56 -74.80
N GLY R 141 -74.02 28.73 -73.93
CA GLY R 141 -74.69 27.53 -74.38
C GLY R 141 -74.21 26.27 -73.67
N ILE R 142 -73.37 26.44 -72.66
CA ILE R 142 -72.88 25.30 -71.89
C ILE R 142 -73.98 24.80 -70.96
N SER R 143 -74.13 23.48 -70.88
CA SER R 143 -75.18 22.89 -70.06
C SER R 143 -74.89 23.10 -68.58
N TRP R 144 -75.94 22.92 -67.77
CA TRP R 144 -75.84 23.27 -66.35
C TRP R 144 -75.01 22.26 -65.56
N GLU R 145 -74.92 21.01 -66.02
CA GLU R 145 -74.05 20.05 -65.36
C GLU R 145 -72.58 20.47 -65.49
N GLU R 146 -72.18 20.88 -66.69
CA GLU R 146 -70.82 21.37 -66.89
C GLU R 146 -70.57 22.63 -66.09
N ILE R 147 -71.55 23.53 -66.04
CA ILE R 147 -71.42 24.76 -65.27
C ILE R 147 -71.20 24.44 -63.80
N ILE R 148 -71.99 23.50 -63.26
CA ILE R 148 -71.85 23.13 -61.85
C ILE R 148 -70.49 22.50 -61.59
N GLU R 149 -70.02 21.62 -62.49
CA GLU R 149 -68.72 21.00 -62.29
C GLU R 149 -67.58 22.03 -62.32
N LEU R 150 -67.65 22.98 -63.26
CA LEU R 150 -66.66 24.04 -63.29
C LEU R 150 -66.69 24.85 -62.01
N ILE R 151 -67.89 25.17 -61.52
CA ILE R 151 -68.03 25.96 -60.30
C ILE R 151 -67.44 25.21 -59.11
N GLU R 152 -67.66 23.90 -59.01
CA GLU R 152 -67.08 23.15 -57.89
C GLU R 152 -65.56 23.06 -58.00
N ARG R 153 -65.02 22.96 -59.21
CA ARG R 153 -63.56 23.02 -59.33
C ARG R 153 -63.03 24.36 -58.85
N ILE R 154 -63.69 25.45 -59.23
CA ILE R 154 -63.29 26.77 -58.75
C ILE R 154 -63.41 26.85 -57.24
N LEU R 155 -64.43 26.22 -56.67
CA LEU R 155 -64.64 26.24 -55.23
C LEU R 155 -63.54 25.48 -54.50
N GLU R 156 -63.10 24.35 -55.05
CA GLU R 156 -61.97 23.63 -54.46
C GLU R 156 -60.69 24.47 -54.52
N SER R 157 -60.48 25.17 -55.64
CA SER R 157 -59.34 26.09 -55.73
C SER R 157 -59.44 27.18 -54.67
N ILE R 158 -60.63 27.74 -54.47
CA ILE R 158 -60.85 28.77 -53.46
C ILE R 158 -60.55 28.21 -52.07
N ARG R 159 -60.98 26.99 -51.80
CA ARG R 159 -60.72 26.36 -50.52
C ARG R 159 -59.23 26.25 -50.25
N GLU R 160 -58.48 25.80 -51.27
CA GLU R 160 -57.02 25.71 -51.10
C GLU R 160 -56.41 27.09 -50.88
N ILE R 161 -56.85 28.09 -51.64
CA ILE R 161 -56.30 29.44 -51.50
C ILE R 161 -56.57 29.99 -50.10
N LEU R 162 -57.80 29.81 -49.62
CA LEU R 162 -58.17 30.30 -48.30
C LEU R 162 -57.37 29.60 -47.21
N LYS R 163 -57.20 28.28 -47.35
CA LYS R 163 -56.38 27.55 -46.38
C LYS R 163 -54.93 28.04 -46.41
N GLU R 164 -54.45 28.49 -47.57
CA GLU R 164 -53.10 29.03 -47.65
C GLU R 164 -52.96 30.30 -46.82
N GLU R 165 -53.99 31.16 -46.84
CA GLU R 165 -53.94 32.43 -46.13
C GLU R 165 -53.99 32.28 -44.61
N GLY R 166 -54.02 31.05 -44.09
CA GLY R 166 -54.06 30.85 -42.65
C GLY R 166 -55.42 31.04 -42.01
N LEU R 167 -56.48 31.15 -42.81
CA LEU R 167 -57.81 31.27 -42.24
C LEU R 167 -58.23 29.95 -41.59
N PRO R 168 -58.97 30.00 -40.48
CA PRO R 168 -59.46 28.76 -39.88
C PRO R 168 -60.60 28.16 -40.68
N GLU R 169 -60.95 26.92 -40.32
CA GLU R 169 -61.92 26.15 -41.11
C GLU R 169 -63.31 26.77 -41.08
N SER R 170 -63.68 27.44 -39.98
CA SER R 170 -65.05 27.93 -39.84
C SER R 170 -65.38 28.97 -40.89
N GLU R 171 -64.51 29.98 -41.05
CA GLU R 171 -64.77 31.02 -42.03
C GLU R 171 -64.67 30.49 -43.46
N ILE R 172 -63.76 29.55 -43.72
CA ILE R 172 -63.66 28.95 -45.03
C ILE R 172 -64.97 28.25 -45.39
N ASN R 173 -65.48 27.45 -44.45
CA ASN R 173 -66.74 26.75 -44.68
C ASN R 173 -67.89 27.73 -44.85
N ARG R 174 -67.87 28.82 -44.08
CA ARG R 174 -68.92 29.84 -44.22
C ARG R 174 -68.91 30.46 -45.61
N ILE R 175 -67.73 30.83 -46.10
CA ILE R 175 -67.64 31.46 -47.42
C ILE R 175 -68.09 30.48 -48.50
N LEU R 176 -67.63 29.22 -48.41
CA LEU R 176 -67.99 28.24 -49.42
C LEU R 176 -69.49 27.97 -49.41
N ALA R 177 -70.08 27.84 -48.23
CA ALA R 177 -71.52 27.61 -48.13
C ALA R 177 -72.31 28.78 -48.70
N VAL R 178 -71.86 30.01 -48.43
CA VAL R 178 -72.55 31.18 -48.95
C VAL R 178 -72.50 31.20 -50.47
N SER R 179 -71.33 30.90 -51.05
CA SER R 179 -71.22 30.90 -52.51
C SER R 179 -72.11 29.83 -53.14
N ILE R 180 -72.10 28.62 -52.57
CA ILE R 180 -72.95 27.55 -53.09
C ILE R 180 -74.42 27.95 -52.98
N LEU R 181 -74.80 28.57 -51.86
CA LEU R 181 -76.19 28.98 -51.68
C LEU R 181 -76.57 30.10 -52.64
N GLU R 182 -75.62 30.96 -53.01
CA GLU R 182 -75.94 32.00 -54.00
C GLU R 182 -76.19 31.39 -55.38
N VAL R 183 -75.37 30.40 -55.76
CA VAL R 183 -75.64 29.69 -57.02
C VAL R 183 -77.00 29.01 -56.98
N ALA R 184 -77.30 28.35 -55.85
CA ALA R 184 -78.59 27.70 -55.70
C ALA R 184 -79.74 28.70 -55.75
N LYS R 185 -79.53 29.90 -55.19
CA LYS R 185 -80.54 30.94 -55.24
C LYS R 185 -80.80 31.38 -56.67
N TYR R 186 -79.74 31.52 -57.46
CA TYR R 186 -79.93 31.85 -58.87
C TYR R 186 -80.72 30.76 -59.59
N LEU R 187 -80.42 29.50 -59.29
CA LEU R 187 -81.18 28.39 -59.88
C LEU R 187 -82.65 28.45 -59.48
N LEU R 188 -82.93 28.73 -58.20
CA LEU R 188 -84.31 28.81 -57.73
C LEU R 188 -85.04 29.96 -58.40
N GLU R 189 -84.38 31.10 -58.58
CA GLU R 189 -85.00 32.21 -59.29
C GLU R 189 -85.31 31.83 -60.73
N LYS R 190 -84.42 31.10 -61.38
CA LYS R 190 -84.71 30.61 -62.73
C LYS R 190 -85.93 29.70 -62.73
N LEU R 191 -86.01 28.78 -61.75
CA LEU R 191 -87.16 27.88 -61.69
C LEU R 191 -88.46 28.62 -61.39
N GLY R 192 -88.43 29.61 -60.51
CA GLY R 192 -89.61 30.39 -60.20
C GLY R 192 -90.24 30.05 -58.87
N PHE R 193 -89.42 29.74 -57.87
CA PHE R 193 -89.89 29.42 -56.52
C PHE R 193 -89.45 30.55 -55.60
N ASP R 194 -90.31 31.57 -55.48
CA ASP R 194 -89.94 32.79 -54.76
C ASP R 194 -89.81 32.56 -53.27
N TYR R 195 -90.72 31.79 -52.67
CA TYR R 195 -90.68 31.58 -51.23
C TYR R 195 -89.41 30.86 -50.81
N LEU R 196 -89.01 29.83 -51.57
CA LEU R 196 -87.75 29.17 -51.29
C LEU R 196 -86.58 30.12 -51.45
N VAL R 197 -86.68 31.06 -52.39
CA VAL R 197 -85.65 32.08 -52.53
C VAL R 197 -85.53 32.90 -51.26
N GLU R 198 -86.67 33.37 -50.73
CA GLU R 198 -86.67 34.19 -49.52
C GLU R 198 -86.09 33.43 -48.33
N LEU R 199 -86.51 32.17 -48.16
CA LEU R 199 -85.91 31.35 -47.12
C LEU R 199 -84.40 31.21 -47.33
N LEU R 200 -83.96 31.17 -48.58
CA LEU R 200 -82.53 31.07 -48.85
C LEU R 200 -81.78 32.34 -48.45
N ASP R 201 -82.36 33.52 -48.71
CA ASP R 201 -81.71 34.74 -48.21
C ASP R 201 -81.66 34.73 -46.69
N ARG R 202 -82.73 34.28 -46.04
CA ARG R 202 -82.72 34.21 -44.58
C ARG R 202 -81.59 33.31 -44.09
N ALA R 203 -81.44 32.13 -44.69
CA ALA R 203 -80.38 31.21 -44.29
C ALA R 203 -79.00 31.79 -44.58
N ILE R 204 -78.84 32.48 -45.70
CA ILE R 204 -77.55 33.08 -46.04
C ILE R 204 -77.18 34.17 -45.03
N GLU R 205 -78.16 35.00 -44.66
CA GLU R 205 -77.92 36.02 -43.64
C GLU R 205 -77.53 35.40 -42.31
N TYR R 206 -78.22 34.30 -41.92
CA TYR R 206 -77.87 33.65 -40.66
C TYR R 206 -76.48 33.06 -40.71
N ILE R 207 -76.08 32.47 -41.84
CA ILE R 207 -74.72 31.95 -41.97
C ILE R 207 -73.70 33.08 -41.88
N LEU R 208 -73.99 34.21 -42.54
CA LEU R 208 -73.04 35.31 -42.58
C LEU R 208 -72.87 35.95 -41.21
N LYS R 209 -73.96 36.08 -40.46
CA LYS R 209 -73.91 36.68 -39.13
C LYS R 209 -73.29 35.77 -38.08
N GLY R 210 -73.04 34.51 -38.41
CA GLY R 210 -72.40 33.58 -37.50
C GLY R 210 -73.33 32.59 -36.83
N ARG R 211 -74.65 32.76 -36.96
CA ARG R 211 -75.62 31.88 -36.33
C ARG R 211 -75.74 30.62 -37.17
N SER R 212 -75.04 29.56 -36.76
CA SER R 212 -74.90 28.37 -37.58
C SER R 212 -76.03 27.36 -37.40
N GLU R 213 -76.42 27.09 -36.15
CA GLU R 213 -77.43 26.07 -35.89
C GLU R 213 -78.79 26.47 -36.46
N LEU R 214 -79.16 27.74 -36.30
CA LEU R 214 -80.40 28.22 -36.91
C LEU R 214 -80.36 28.07 -38.42
N ALA R 215 -79.21 28.35 -39.02
CA ALA R 215 -79.06 28.19 -40.47
C ALA R 215 -79.19 26.74 -40.88
N VAL R 216 -78.63 25.83 -40.08
CA VAL R 216 -78.74 24.40 -40.39
C VAL R 216 -80.19 23.94 -40.33
N HIS R 217 -80.93 24.38 -39.32
CA HIS R 217 -82.34 24.01 -39.23
C HIS R 217 -83.13 24.60 -40.39
N LEU R 218 -82.84 25.85 -40.76
CA LEU R 218 -83.50 26.46 -41.92
C LEU R 218 -83.19 25.68 -43.19
N LEU R 219 -81.94 25.24 -43.34
CA LEU R 219 -81.55 24.47 -44.52
C LEU R 219 -82.23 23.11 -44.55
N ASP R 220 -82.43 22.51 -43.38
CA ASP R 220 -83.19 21.26 -43.32
C ASP R 220 -84.63 21.48 -43.78
N ASP R 221 -85.26 22.56 -43.34
CA ASP R 221 -86.63 22.84 -43.79
C ASP R 221 -86.67 23.12 -45.29
N ILE R 222 -85.67 23.84 -45.80
CA ILE R 222 -85.59 24.11 -47.23
C ILE R 222 -85.42 22.82 -48.02
N ILE R 223 -84.59 21.90 -47.52
CA ILE R 223 -84.37 20.63 -48.18
C ILE R 223 -85.67 19.82 -48.22
N ARG R 224 -86.41 19.82 -47.12
CA ARG R 224 -87.70 19.13 -47.12
C ARG R 224 -88.65 19.73 -48.15
N ARG R 225 -88.71 21.06 -48.23
CA ARG R 225 -89.58 21.70 -49.20
C ARG R 225 -89.16 21.38 -50.64
N VAL R 226 -87.85 21.35 -50.89
CA VAL R 226 -87.35 21.04 -52.23
C VAL R 226 -87.71 19.60 -52.60
N HIS R 227 -87.56 18.66 -51.67
CA HIS R 227 -87.93 17.28 -51.93
C HIS R 227 -89.43 17.16 -52.18
N GLU R 228 -90.25 17.92 -51.46
CA GLU R 228 -91.68 17.93 -51.73
C GLU R 228 -91.98 18.43 -53.13
N GLU R 229 -91.28 19.49 -53.57
CA GLU R 229 -91.49 19.99 -54.92
C GLU R 229 -91.09 18.95 -55.97
N ILE R 230 -89.95 18.29 -55.75
CA ILE R 230 -89.49 17.26 -56.68
C ILE R 230 -90.51 16.13 -56.77
N GLU R 231 -91.01 15.68 -55.62
CA GLU R 231 -92.03 14.63 -55.62
C GLU R 231 -93.30 15.07 -56.31
N ARG R 232 -93.66 16.35 -56.18
CA ARG R 232 -94.83 16.86 -56.89
C ARG R 232 -94.62 16.81 -58.40
N TYR R 233 -93.40 17.11 -58.86
CA TYR R 233 -93.14 17.15 -60.30
C TYR R 233 -93.31 15.76 -60.93
N GLY R 234 -92.84 14.73 -60.28
CA GLY R 234 -93.05 13.36 -60.74
C GLY R 234 -91.94 12.89 -61.66
N ASP R 235 -92.30 12.56 -62.90
CA ASP R 235 -91.33 12.05 -63.87
C ASP R 235 -90.77 13.13 -64.78
N ASP R 236 -91.32 14.35 -64.74
CA ASP R 236 -90.89 15.44 -65.61
C ASP R 236 -90.04 16.47 -64.86
N VAL R 237 -89.23 16.01 -63.91
CA VAL R 237 -88.43 16.92 -63.09
C VAL R 237 -87.35 17.57 -63.94
N PRO R 238 -87.29 18.90 -63.99
CA PRO R 238 -86.17 19.57 -64.66
C PRO R 238 -84.87 19.34 -63.92
N GLU R 239 -83.78 19.35 -64.68
CA GLU R 239 -82.45 19.11 -64.12
C GLU R 239 -82.02 20.20 -63.15
N GLU R 240 -82.54 21.41 -63.31
CA GLU R 240 -82.19 22.49 -62.39
C GLU R 240 -82.63 22.17 -60.98
N LEU R 241 -83.79 21.52 -60.82
CA LEU R 241 -84.27 21.17 -59.50
C LEU R 241 -83.33 20.15 -58.82
N LEU R 242 -82.86 19.17 -59.58
CA LEU R 242 -81.95 18.17 -59.00
C LEU R 242 -80.61 18.79 -58.65
N LEU R 243 -80.08 19.66 -59.53
CA LEU R 243 -78.84 20.35 -59.22
C LEU R 243 -78.99 21.24 -58.00
N LEU R 244 -80.12 21.93 -57.88
CA LEU R 244 -80.40 22.73 -56.70
C LEU R 244 -80.45 21.89 -55.44
N ASP R 245 -81.10 20.71 -55.53
CA ASP R 245 -81.14 19.79 -54.40
C ASP R 245 -79.73 19.43 -53.95
N LEU R 246 -78.88 19.03 -54.89
CA LEU R 246 -77.51 18.66 -54.54
C LEU R 246 -76.75 19.84 -53.93
N LEU R 247 -76.92 21.03 -54.50
CA LEU R 247 -76.21 22.20 -54.01
C LEU R 247 -76.64 22.54 -52.59
N VAL R 248 -77.93 22.54 -52.31
CA VAL R 248 -78.43 22.85 -50.99
C VAL R 248 -77.97 21.80 -49.98
N GLN R 249 -77.94 20.54 -50.39
CA GLN R 249 -77.47 19.49 -49.48
C GLN R 249 -76.01 19.68 -49.12
N LYS R 250 -75.16 19.97 -50.11
CA LYS R 250 -73.75 20.17 -49.80
C LYS R 250 -73.51 21.45 -49.00
N ALA R 251 -74.31 22.49 -49.25
CA ALA R 251 -74.21 23.70 -48.45
C ALA R 251 -74.62 23.44 -47.01
N ARG R 252 -75.65 22.62 -46.79
CA ARG R 252 -76.03 22.26 -45.44
C ARG R 252 -74.95 21.46 -44.74
N ASP R 253 -74.29 20.56 -45.48
CA ASP R 253 -73.18 19.82 -44.89
C ASP R 253 -72.06 20.76 -44.47
N LEU R 254 -71.71 21.72 -45.33
CA LEU R 254 -70.67 22.68 -44.98
C LEU R 254 -71.07 23.52 -43.78
N ALA R 255 -72.34 23.96 -43.73
CA ALA R 255 -72.80 24.77 -42.60
C ALA R 255 -72.75 23.97 -41.30
N ALA R 256 -73.07 22.68 -41.36
CA ALA R 256 -72.93 21.82 -40.19
C ALA R 256 -71.47 21.72 -39.78
N ARG R 257 -70.56 21.58 -40.75
CA ARG R 257 -69.14 21.46 -40.43
C ARG R 257 -68.52 22.75 -39.92
N ILE R 258 -69.23 23.87 -39.99
CA ILE R 258 -68.70 25.16 -39.55
C ILE R 258 -68.27 25.09 -38.08
N MET S 25 -48.47 -11.98 -71.27
CA MET S 25 -49.46 -12.76 -70.53
C MET S 25 -50.18 -13.76 -71.43
N GLU S 26 -49.46 -14.33 -72.40
CA GLU S 26 -50.08 -15.24 -73.36
C GLU S 26 -50.58 -16.53 -72.71
N LYS S 27 -50.05 -16.86 -71.53
CA LYS S 27 -50.55 -18.04 -70.82
C LYS S 27 -52.02 -17.90 -70.47
N LEU S 28 -52.43 -16.70 -70.04
CA LEU S 28 -53.83 -16.47 -69.68
C LEU S 28 -54.72 -16.46 -70.91
N GLU S 29 -54.23 -15.97 -72.06
CA GLU S 29 -55.00 -16.10 -73.28
C GLU S 29 -55.16 -17.56 -73.70
N VAL S 30 -54.11 -18.36 -73.51
CA VAL S 30 -54.23 -19.80 -73.78
C VAL S 30 -55.26 -20.42 -72.85
N ALA S 31 -55.27 -19.99 -71.58
CA ALA S 31 -56.27 -20.48 -70.64
C ALA S 31 -57.68 -20.09 -71.08
N VAL S 32 -57.85 -18.87 -71.57
CA VAL S 32 -59.16 -18.43 -72.05
C VAL S 32 -59.62 -19.26 -73.25
N GLU S 33 -58.69 -19.54 -74.18
CA GLU S 33 -59.03 -20.38 -75.32
C GLU S 33 -59.39 -21.79 -74.88
N HIS S 34 -58.66 -22.33 -73.93
CA HIS S 34 -59.03 -23.60 -73.35
C HIS S 34 -60.42 -23.57 -72.76
N LEU S 35 -60.75 -22.53 -72.00
CA LEU S 35 -62.08 -22.43 -71.39
C LEU S 35 -63.17 -22.40 -72.46
N LYS S 36 -62.94 -21.69 -73.55
CA LYS S 36 -63.87 -21.74 -74.67
C LYS S 36 -64.01 -23.15 -75.22
N GLU S 37 -62.88 -23.85 -75.35
CA GLU S 37 -62.91 -25.24 -75.81
C GLU S 37 -63.70 -26.12 -74.85
N ALA S 38 -63.55 -25.89 -73.54
CA ALA S 38 -64.29 -26.66 -72.54
C ALA S 38 -65.79 -26.42 -72.67
N ILE S 39 -66.20 -25.17 -72.87
CA ILE S 39 -67.61 -24.88 -73.06
C ILE S 39 -68.13 -25.59 -74.30
N GLU S 40 -67.37 -25.55 -75.39
CA GLU S 40 -67.79 -26.24 -76.61
C GLU S 40 -67.88 -27.75 -76.40
N LEU S 41 -66.96 -28.31 -75.63
CA LEU S 41 -66.97 -29.75 -75.37
C LEU S 41 -68.17 -30.15 -74.51
N ILE S 42 -68.48 -29.36 -73.48
CA ILE S 42 -69.69 -29.63 -72.70
C ILE S 42 -70.93 -29.55 -73.59
N GLU S 43 -70.95 -28.59 -74.50
CA GLU S 43 -72.07 -28.50 -75.43
C GLU S 43 -72.16 -29.73 -76.33
N LYS S 44 -71.02 -30.24 -76.79
CA LYS S 44 -71.04 -31.41 -77.67
C LYS S 44 -71.49 -32.66 -76.93
N GLY S 45 -70.93 -32.93 -75.76
CA GLY S 45 -71.32 -34.08 -74.99
C GLY S 45 -70.18 -34.91 -74.44
N GLU S 46 -68.95 -34.45 -74.66
CA GLU S 46 -67.77 -35.15 -74.14
C GLU S 46 -67.42 -34.59 -72.78
N TYR S 47 -67.82 -35.30 -71.72
CA TYR S 47 -67.62 -34.82 -70.36
C TYR S 47 -66.27 -35.23 -69.80
N VAL S 48 -65.72 -36.37 -70.22
CA VAL S 48 -64.38 -36.76 -69.79
C VAL S 48 -63.34 -35.76 -70.31
N LYS S 49 -63.45 -35.41 -71.58
CA LYS S 49 -62.52 -34.44 -72.15
C LYS S 49 -62.68 -33.08 -71.49
N ALA S 50 -63.92 -32.72 -71.13
CA ALA S 50 -64.15 -31.47 -70.41
C ALA S 50 -63.48 -31.47 -69.03
N ASP S 51 -63.59 -32.59 -68.31
CA ASP S 51 -62.94 -32.71 -67.00
C ASP S 51 -61.43 -32.60 -67.14
N LEU S 52 -60.86 -33.27 -68.14
CA LEU S 52 -59.43 -33.21 -68.38
C LEU S 52 -58.98 -31.80 -68.78
N ILE S 53 -59.78 -31.12 -69.60
CA ILE S 53 -59.47 -29.75 -69.98
C ILE S 53 -59.49 -28.84 -68.76
N LEU S 54 -60.44 -29.06 -67.84
CA LEU S 54 -60.48 -28.25 -66.63
C LEU S 54 -59.22 -28.47 -65.80
N THR S 55 -58.74 -29.70 -65.73
CA THR S 55 -57.48 -29.95 -65.04
C THR S 55 -56.32 -29.23 -65.71
N ASP S 56 -56.29 -29.23 -67.05
CA ASP S 56 -55.25 -28.52 -67.78
C ASP S 56 -55.31 -27.02 -67.51
N ILE S 57 -56.51 -26.45 -67.49
CA ILE S 57 -56.67 -25.03 -67.21
C ILE S 57 -56.18 -24.71 -65.81
N LEU S 58 -56.48 -25.57 -64.84
CA LEU S 58 -55.98 -25.37 -63.49
C LEU S 58 -54.46 -25.38 -63.47
N ARG S 59 -53.84 -26.30 -64.21
CA ARG S 59 -52.39 -26.34 -64.28
C ARG S 59 -51.82 -25.04 -64.88
N LEU S 60 -52.45 -24.55 -65.95
CA LEU S 60 -52.00 -23.30 -66.56
C LEU S 60 -52.10 -22.13 -65.58
N LEU S 61 -53.24 -22.01 -64.90
CA LEU S 61 -53.44 -20.89 -63.98
C LEU S 61 -52.47 -20.97 -62.81
N GLU S 62 -52.22 -22.18 -62.30
CA GLU S 62 -51.22 -22.33 -61.24
C GLU S 62 -49.83 -21.99 -61.74
N GLU S 63 -49.55 -22.27 -63.01
CA GLU S 63 -48.28 -21.84 -63.60
C GLU S 63 -48.17 -20.32 -63.60
N GLU S 64 -49.25 -19.63 -63.94
CA GLU S 64 -49.22 -18.17 -63.93
C GLU S 64 -49.06 -17.63 -62.51
N GLY S 65 -49.90 -18.10 -61.58
CA GLY S 65 -49.74 -17.73 -60.18
C GLY S 65 -50.68 -16.68 -59.64
N VAL S 66 -51.97 -16.78 -59.95
CA VAL S 66 -53.00 -15.90 -59.39
C VAL S 66 -53.87 -16.73 -58.46
N LYS S 67 -53.86 -16.38 -57.16
CA LYS S 67 -54.42 -17.25 -56.14
C LYS S 67 -55.93 -17.40 -56.30
N SER S 68 -56.63 -16.29 -56.50
CA SER S 68 -58.08 -16.34 -56.63
C SER S 68 -58.50 -17.18 -57.82
N LEU S 69 -57.82 -16.99 -58.96
CA LEU S 69 -58.09 -17.81 -60.14
C LEU S 69 -57.82 -19.27 -59.85
N ILE S 70 -56.77 -19.56 -59.07
CA ILE S 70 -56.41 -20.95 -58.80
C ILE S 70 -57.49 -21.64 -57.97
N LYS S 71 -57.93 -21.00 -56.89
CA LYS S 71 -58.96 -21.62 -56.08
C LYS S 71 -60.27 -21.73 -56.85
N GLN S 72 -60.60 -20.72 -57.66
CA GLN S 72 -61.79 -20.80 -58.49
C GLN S 72 -61.70 -21.96 -59.47
N ALA S 73 -60.52 -22.21 -60.03
CA ALA S 73 -60.37 -23.30 -61.00
C ALA S 73 -60.49 -24.66 -60.33
N LYS S 74 -59.92 -24.81 -59.13
CA LYS S 74 -60.05 -26.09 -58.42
C LYS S 74 -61.51 -26.39 -58.06
N GLU S 75 -62.19 -25.39 -57.47
CA GLU S 75 -63.59 -25.60 -57.14
C GLU S 75 -64.42 -25.81 -58.40
N LEU S 76 -64.03 -25.18 -59.51
CA LEU S 76 -64.73 -25.40 -60.76
C LEU S 76 -64.59 -26.84 -61.23
N HIS S 77 -63.37 -27.40 -61.14
CA HIS S 77 -63.17 -28.78 -61.52
C HIS S 77 -64.09 -29.70 -60.71
N ILE S 78 -64.06 -29.55 -59.38
CA ILE S 78 -64.85 -30.44 -58.52
C ILE S 78 -66.35 -30.29 -58.83
N GLU S 79 -66.84 -29.05 -58.85
CA GLU S 79 -68.27 -28.83 -59.00
C GLU S 79 -68.77 -29.19 -60.39
N VAL S 80 -67.97 -28.95 -61.43
CA VAL S 80 -68.39 -29.32 -62.77
C VAL S 80 -68.42 -30.84 -62.92
N PHE S 81 -67.46 -31.54 -62.30
CA PHE S 81 -67.53 -33.00 -62.32
C PHE S 81 -68.82 -33.49 -61.68
N LYS S 82 -69.15 -32.94 -60.51
CA LYS S 82 -70.39 -33.34 -59.82
C LYS S 82 -71.63 -33.03 -60.68
N LEU S 83 -71.69 -31.82 -61.24
CA LEU S 83 -72.86 -31.42 -62.02
C LEU S 83 -73.01 -32.25 -63.28
N LEU S 84 -71.91 -32.54 -63.97
CA LEU S 84 -71.98 -33.38 -65.16
C LEU S 84 -72.37 -34.80 -64.81
N LYS S 85 -71.99 -35.28 -63.62
CA LYS S 85 -72.53 -36.55 -63.14
C LYS S 85 -74.04 -36.48 -62.99
N GLU S 86 -74.54 -35.40 -62.35
CA GLU S 86 -75.97 -35.28 -62.12
C GLU S 86 -76.74 -35.00 -63.41
N GLY S 87 -76.12 -34.27 -64.34
CA GLY S 87 -76.79 -33.89 -65.58
C GLY S 87 -77.12 -32.42 -65.72
N GLU S 88 -76.62 -31.57 -64.82
CA GLU S 88 -76.87 -30.13 -64.87
C GLU S 88 -75.85 -29.49 -65.81
N TYR S 89 -76.12 -29.61 -67.11
CA TYR S 89 -75.21 -29.07 -68.12
C TYR S 89 -75.16 -27.55 -68.06
N LYS S 90 -76.31 -26.90 -67.90
CA LYS S 90 -76.37 -25.45 -67.92
C LYS S 90 -75.61 -24.84 -66.75
N GLU S 91 -75.72 -25.45 -65.57
CA GLU S 91 -75.00 -24.93 -64.40
C GLU S 91 -73.49 -25.04 -64.59
N ALA S 92 -73.03 -26.17 -65.15
CA ALA S 92 -71.59 -26.33 -65.41
C ALA S 92 -71.11 -25.33 -66.45
N LYS S 93 -71.89 -25.13 -67.51
CA LYS S 93 -71.54 -24.14 -68.51
C LYS S 93 -71.48 -22.74 -67.91
N ALA S 94 -72.42 -22.42 -67.01
CA ALA S 94 -72.41 -21.13 -66.36
C ALA S 94 -71.16 -20.94 -65.50
N LEU S 95 -70.77 -21.98 -64.77
CA LEU S 95 -69.57 -21.88 -63.95
C LEU S 95 -68.32 -21.69 -64.80
N VAL S 96 -68.23 -22.41 -65.91
CA VAL S 96 -67.07 -22.26 -66.80
C VAL S 96 -67.05 -20.86 -67.39
N GLU S 97 -68.22 -20.35 -67.80
CA GLU S 97 -68.29 -19.00 -68.35
C GLU S 97 -67.91 -17.95 -67.30
N ALA S 98 -68.30 -18.17 -66.05
CA ALA S 98 -67.93 -17.26 -64.99
C ALA S 98 -66.42 -17.22 -64.79
N LEU S 99 -65.77 -18.40 -64.79
CA LEU S 99 -64.32 -18.42 -64.68
C LEU S 99 -63.65 -17.75 -65.88
N ARG S 100 -64.20 -17.97 -67.08
CA ARG S 100 -63.64 -17.33 -68.26
C ARG S 100 -63.72 -15.81 -68.16
N VAL S 101 -64.88 -15.29 -67.74
CA VAL S 101 -65.06 -13.85 -67.59
C VAL S 101 -64.11 -13.31 -66.53
N SER S 102 -63.92 -14.07 -65.45
CA SER S 102 -63.01 -13.63 -64.39
C SER S 102 -61.57 -13.52 -64.91
N VAL S 103 -61.13 -14.51 -65.69
CA VAL S 103 -59.77 -14.48 -66.21
C VAL S 103 -59.59 -13.34 -67.21
N GLU S 104 -60.56 -13.15 -68.10
CA GLU S 104 -60.48 -12.03 -69.06
C GLU S 104 -60.48 -10.70 -68.33
N LEU S 105 -61.28 -10.57 -67.26
CA LEU S 105 -61.30 -9.33 -66.50
C LEU S 105 -59.96 -9.08 -65.82
N TYR S 106 -59.33 -10.13 -65.30
CA TYR S 106 -57.99 -9.95 -64.72
C TYR S 106 -57.01 -9.48 -65.78
N ILE S 107 -57.08 -10.06 -66.98
CA ILE S 107 -56.18 -9.63 -68.06
C ILE S 107 -56.39 -8.15 -68.36
N LEU S 108 -57.65 -7.74 -68.49
CA LEU S 108 -57.94 -6.35 -68.85
C LEU S 108 -57.53 -5.40 -67.73
N ILE S 109 -57.71 -5.81 -66.46
CA ILE S 109 -57.29 -4.97 -65.36
C ILE S 109 -55.77 -4.78 -65.37
N LYS S 110 -55.03 -5.86 -65.62
CA LYS S 110 -53.58 -5.74 -65.68
C LYS S 110 -53.13 -4.83 -66.82
N ARG S 111 -53.75 -5.00 -67.99
CA ARG S 111 -53.41 -4.15 -69.14
C ARG S 111 -53.72 -2.69 -68.85
N GLY S 112 -54.87 -2.42 -68.22
CA GLY S 112 -55.24 -1.05 -67.92
C GLY S 112 -54.32 -0.41 -66.91
N VAL S 113 -53.96 -1.15 -65.86
CA VAL S 113 -53.10 -0.59 -64.81
C VAL S 113 -51.70 -0.36 -65.35
N ARG S 114 -51.16 -1.31 -66.12
CA ARG S 114 -49.82 -1.13 -66.66
C ARG S 114 -49.75 0.07 -67.61
N GLU S 115 -50.70 0.16 -68.54
CA GLU S 115 -50.77 1.25 -69.50
C GLU S 115 -51.14 2.59 -68.87
N GLY S 116 -51.35 2.64 -67.56
CA GLY S 116 -51.76 3.89 -66.93
C GLY S 116 -53.11 4.40 -67.40
N ARG S 117 -54.02 3.49 -67.75
CA ARG S 117 -55.34 3.90 -68.20
C ARG S 117 -56.12 4.52 -67.04
N PRO S 118 -57.02 5.45 -67.34
CA PRO S 118 -57.85 6.04 -66.27
C PRO S 118 -58.76 5.01 -65.64
N ILE S 119 -59.04 5.20 -64.35
CA ILE S 119 -59.95 4.32 -63.62
C ILE S 119 -61.33 4.33 -64.27
N GLU S 120 -61.72 5.46 -64.86
CA GLU S 120 -63.06 5.60 -65.44
C GLU S 120 -63.32 4.55 -66.51
N GLU S 121 -62.43 4.45 -67.50
CA GLU S 121 -62.67 3.53 -68.60
C GLU S 121 -62.49 2.08 -68.18
N ILE S 122 -61.60 1.82 -67.21
CA ILE S 122 -61.50 0.47 -66.66
C ILE S 122 -62.82 0.05 -66.04
N ALA S 123 -63.43 0.95 -65.24
CA ALA S 123 -64.70 0.64 -64.62
C ALA S 123 -65.80 0.42 -65.67
N ARG S 124 -65.82 1.26 -66.71
CA ARG S 124 -66.82 1.07 -67.77
C ARG S 124 -66.64 -0.27 -68.46
N GLU S 125 -65.39 -0.67 -68.72
CA GLU S 125 -65.13 -1.95 -69.36
C GLU S 125 -65.58 -3.11 -68.48
N VAL S 126 -65.28 -3.03 -67.18
CA VAL S 126 -65.70 -4.09 -66.26
C VAL S 126 -67.23 -4.22 -66.24
N GLY S 127 -67.92 -3.08 -66.17
CA GLY S 127 -69.37 -3.12 -66.20
C GLY S 127 -69.92 -3.71 -67.49
N ARG S 128 -69.32 -3.33 -68.62
CA ARG S 128 -69.77 -3.88 -69.90
C ARG S 128 -69.59 -5.39 -69.96
N LYS S 129 -68.44 -5.88 -69.47
CA LYS S 129 -68.19 -7.32 -69.48
C LYS S 129 -69.19 -8.06 -68.58
N LEU S 130 -69.46 -7.51 -67.40
CA LEU S 130 -70.42 -8.15 -66.50
C LEU S 130 -71.81 -8.16 -67.11
N VAL S 131 -72.22 -7.09 -67.78
CA VAL S 131 -73.54 -7.05 -68.39
C VAL S 131 -73.63 -8.06 -69.54
N GLU S 132 -72.55 -8.19 -70.32
CA GLU S 132 -72.55 -9.17 -71.40
C GLU S 132 -72.65 -10.60 -70.85
N LEU S 133 -71.93 -10.89 -69.77
CA LEU S 133 -72.06 -12.19 -69.14
C LEU S 133 -73.47 -12.45 -68.64
N ALA S 134 -74.08 -11.44 -68.01
CA ALA S 134 -75.44 -11.60 -67.51
C ALA S 134 -76.43 -11.86 -68.65
N LYS S 135 -76.26 -11.14 -69.77
CA LYS S 135 -77.13 -11.37 -70.92
C LYS S 135 -76.96 -12.78 -71.47
N ARG S 136 -75.70 -13.25 -71.55
CA ARG S 136 -75.45 -14.62 -72.01
C ARG S 136 -76.14 -15.63 -71.12
N LEU S 137 -75.96 -15.50 -69.80
CA LEU S 137 -76.55 -16.46 -68.87
C LEU S 137 -78.08 -16.40 -68.92
N GLU S 138 -78.64 -15.20 -69.09
CA GLU S 138 -80.09 -15.09 -69.23
C GLU S 138 -80.58 -15.79 -70.49
N LYS S 139 -79.81 -15.68 -71.57
CA LYS S 139 -80.17 -16.40 -72.80
C LYS S 139 -80.10 -17.91 -72.60
N GLU S 140 -79.10 -18.38 -71.84
CA GLU S 140 -78.98 -19.82 -71.61
C GLU S 140 -80.19 -20.38 -70.86
N GLY S 141 -80.66 -19.66 -69.85
CA GLY S 141 -81.81 -20.11 -69.08
C GLY S 141 -81.56 -20.14 -67.59
N ILE S 142 -80.42 -19.60 -67.16
CA ILE S 142 -80.10 -19.55 -65.73
C ILE S 142 -80.92 -18.43 -65.09
N SER S 143 -81.47 -18.71 -63.91
CA SER S 143 -82.31 -17.74 -63.21
C SER S 143 -81.47 -16.56 -62.72
N TRP S 144 -82.16 -15.47 -62.40
CA TRP S 144 -81.48 -14.22 -62.08
C TRP S 144 -80.81 -14.25 -60.71
N GLU S 145 -81.31 -15.06 -59.78
CA GLU S 145 -80.64 -15.21 -58.50
C GLU S 145 -79.27 -15.85 -58.66
N GLU S 146 -79.18 -16.90 -59.47
CA GLU S 146 -77.89 -17.52 -59.76
C GLU S 146 -76.98 -16.56 -60.50
N ILE S 147 -77.52 -15.80 -61.44
CA ILE S 147 -76.72 -14.82 -62.19
C ILE S 147 -76.13 -13.79 -61.23
N ILE S 148 -76.95 -13.28 -60.31
CA ILE S 148 -76.48 -12.29 -59.35
C ILE S 148 -75.40 -12.88 -58.46
N GLU S 149 -75.60 -14.11 -57.97
CA GLU S 149 -74.59 -14.73 -57.10
C GLU S 149 -73.26 -14.93 -57.84
N LEU S 150 -73.32 -15.40 -59.09
CA LEU S 150 -72.11 -15.53 -59.88
C LEU S 150 -71.42 -14.19 -60.07
N ILE S 151 -72.21 -13.14 -60.33
CA ILE S 151 -71.65 -11.81 -60.54
C ILE S 151 -70.96 -11.31 -59.28
N GLU S 152 -71.56 -11.54 -58.11
CA GLU S 152 -70.92 -11.10 -56.86
C GLU S 152 -69.66 -11.90 -56.56
N ARG S 153 -69.63 -13.19 -56.89
CA ARG S 153 -68.38 -13.93 -56.75
C ARG S 153 -67.29 -13.34 -57.65
N ILE S 154 -67.64 -13.02 -58.89
CA ILE S 154 -66.68 -12.38 -59.79
C ILE S 154 -66.23 -11.05 -59.23
N LEU S 155 -67.15 -10.30 -58.61
CA LEU S 155 -66.83 -9.00 -58.05
C LEU S 155 -65.87 -9.11 -56.87
N GLU S 156 -66.05 -10.14 -56.04
CA GLU S 156 -65.09 -10.38 -54.95
C GLU S 156 -63.72 -10.74 -55.50
N SER S 157 -63.68 -11.54 -56.56
CA SER S 157 -62.41 -11.85 -57.21
C SER S 157 -61.76 -10.57 -57.76
N ILE S 158 -62.55 -9.69 -58.37
CA ILE S 158 -62.05 -8.43 -58.88
C ILE S 158 -61.50 -7.57 -57.76
N ARG S 159 -62.20 -7.54 -56.63
CA ARG S 159 -61.73 -6.77 -55.48
C ARG S 159 -60.37 -7.27 -55.00
N GLU S 160 -60.20 -8.59 -54.91
CA GLU S 160 -58.91 -9.13 -54.51
C GLU S 160 -57.82 -8.78 -55.53
N ILE S 161 -58.14 -8.91 -56.82
CA ILE S 161 -57.15 -8.62 -57.86
C ILE S 161 -56.74 -7.16 -57.81
N LEU S 162 -57.71 -6.25 -57.66
CA LEU S 162 -57.41 -4.83 -57.59
C LEU S 162 -56.58 -4.50 -56.36
N LYS S 163 -56.90 -5.10 -55.23
CA LYS S 163 -56.09 -4.89 -54.02
C LYS S 163 -54.68 -5.40 -54.22
N GLU S 164 -54.50 -6.45 -55.03
CA GLU S 164 -53.16 -6.95 -55.31
C GLU S 164 -52.33 -5.93 -56.07
N GLU S 165 -52.95 -5.21 -57.01
CA GLU S 165 -52.23 -4.23 -57.83
C GLU S 165 -51.81 -2.99 -57.06
N GLY S 166 -52.07 -2.93 -55.75
CA GLY S 166 -51.68 -1.77 -54.97
C GLY S 166 -52.59 -0.57 -55.09
N LEU S 167 -53.75 -0.72 -55.72
CA LEU S 167 -54.68 0.40 -55.81
C LEU S 167 -55.27 0.70 -54.44
N PRO S 168 -55.53 1.97 -54.12
CA PRO S 168 -56.16 2.31 -52.85
C PRO S 168 -57.64 1.98 -52.86
N GLU S 169 -58.24 2.03 -51.67
CA GLU S 169 -59.61 1.57 -51.49
C GLU S 169 -60.62 2.41 -52.26
N SER S 170 -60.34 3.71 -52.45
CA SER S 170 -61.33 4.59 -53.05
C SER S 170 -61.63 4.19 -54.50
N GLU S 171 -60.58 3.98 -55.30
CA GLU S 171 -60.80 3.60 -56.70
C GLU S 171 -61.38 2.20 -56.82
N ILE S 172 -60.98 1.29 -55.94
CA ILE S 172 -61.55 -0.06 -55.94
C ILE S 172 -63.06 0.01 -55.70
N ASN S 173 -63.46 0.77 -54.67
CA ASN S 173 -64.87 0.93 -54.37
C ASN S 173 -65.61 1.60 -55.51
N ARG S 174 -64.97 2.58 -56.15
CA ARG S 174 -65.58 3.26 -57.29
C ARG S 174 -65.85 2.30 -58.44
N ILE S 175 -64.86 1.48 -58.78
CA ILE S 175 -65.02 0.52 -59.87
C ILE S 175 -66.12 -0.49 -59.54
N LEU S 176 -66.10 -1.02 -58.31
CA LEU S 176 -67.10 -2.01 -57.93
C LEU S 176 -68.51 -1.41 -57.95
N ALA S 177 -68.66 -0.20 -57.43
CA ALA S 177 -69.96 0.45 -57.43
C ALA S 177 -70.45 0.70 -58.84
N VAL S 178 -69.56 1.12 -59.75
CA VAL S 178 -69.96 1.36 -61.13
C VAL S 178 -70.43 0.07 -61.79
N SER S 179 -69.70 -1.04 -61.56
CA SER S 179 -70.10 -2.32 -62.16
C SER S 179 -71.47 -2.77 -61.64
N ILE S 180 -71.66 -2.68 -60.32
CA ILE S 180 -72.94 -3.06 -59.73
C ILE S 180 -74.06 -2.20 -60.30
N LEU S 181 -73.80 -0.90 -60.44
CA LEU S 181 -74.81 0.01 -60.96
C LEU S 181 -75.11 -0.27 -62.43
N GLU S 182 -74.12 -0.74 -63.20
CA GLU S 182 -74.38 -1.10 -64.59
C GLU S 182 -75.28 -2.33 -64.68
N VAL S 183 -75.03 -3.32 -63.82
CA VAL S 183 -75.93 -4.49 -63.78
C VAL S 183 -77.34 -4.05 -63.38
N ALA S 184 -77.44 -3.18 -62.37
CA ALA S 184 -78.75 -2.68 -61.95
C ALA S 184 -79.43 -1.89 -63.06
N LYS S 185 -78.65 -1.15 -63.84
CA LYS S 185 -79.21 -0.40 -64.98
C LYS S 185 -79.78 -1.34 -66.02
N TYR S 186 -79.07 -2.43 -66.30
CA TYR S 186 -79.61 -3.43 -67.22
C TYR S 186 -80.92 -4.01 -66.69
N LEU S 187 -80.98 -4.30 -65.39
CA LEU S 187 -82.22 -4.79 -64.80
C LEU S 187 -83.35 -3.77 -64.93
N LEU S 188 -83.05 -2.50 -64.67
CA LEU S 188 -84.07 -1.46 -64.80
C LEU S 188 -84.57 -1.33 -66.23
N GLU S 189 -83.66 -1.43 -67.20
CA GLU S 189 -84.07 -1.39 -68.60
C GLU S 189 -84.98 -2.57 -68.93
N LYS S 190 -84.66 -3.75 -68.40
CA LYS S 190 -85.55 -4.90 -68.59
C LYS S 190 -86.93 -4.64 -67.99
N LEU S 191 -86.97 -4.07 -66.77
CA LEU S 191 -88.25 -3.78 -66.13
C LEU S 191 -89.04 -2.73 -66.90
N GLY S 192 -88.37 -1.70 -67.39
CA GLY S 192 -89.04 -0.66 -68.16
C GLY S 192 -89.26 0.63 -67.40
N PHE S 193 -88.30 1.01 -66.56
CA PHE S 193 -88.35 2.24 -65.77
C PHE S 193 -87.27 3.17 -66.32
N ASP S 194 -87.65 3.98 -67.31
CA ASP S 194 -86.66 4.79 -68.02
C ASP S 194 -86.11 5.92 -67.17
N TYR S 195 -86.97 6.58 -66.38
CA TYR S 195 -86.51 7.71 -65.57
C TYR S 195 -85.48 7.26 -64.54
N LEU S 196 -85.73 6.13 -63.88
CA LEU S 196 -84.75 5.59 -62.95
C LEU S 196 -83.47 5.22 -63.67
N VAL S 197 -83.56 4.78 -64.93
CA VAL S 197 -82.36 4.52 -65.72
C VAL S 197 -81.56 5.80 -65.87
N GLU S 198 -82.21 6.89 -66.27
CA GLU S 198 -81.52 8.17 -66.48
C GLU S 198 -80.86 8.65 -65.19
N LEU S 199 -81.58 8.58 -64.08
CA LEU S 199 -80.98 8.93 -62.79
C LEU S 199 -79.78 8.04 -62.50
N LEU S 200 -79.83 6.78 -62.93
CA LEU S 200 -78.70 5.88 -62.71
C LEU S 200 -77.48 6.28 -63.53
N ASP S 201 -77.69 6.69 -64.80
CA ASP S 201 -76.54 7.20 -65.55
C ASP S 201 -75.97 8.45 -64.89
N ARG S 202 -76.84 9.33 -64.39
CA ARG S 202 -76.35 10.52 -63.71
C ARG S 202 -75.48 10.15 -62.50
N ALA S 203 -75.96 9.20 -61.70
CA ALA S 203 -75.20 8.78 -60.52
C ALA S 203 -73.89 8.09 -60.92
N ILE S 204 -73.91 7.30 -61.98
CA ILE S 204 -72.69 6.63 -62.45
C ILE S 204 -71.67 7.65 -62.91
N GLU S 205 -72.11 8.66 -63.66
CA GLU S 205 -71.20 9.72 -64.08
C GLU S 205 -70.62 10.47 -62.90
N TYR S 206 -71.45 10.76 -61.88
CA TYR S 206 -70.95 11.45 -60.71
C TYR S 206 -69.92 10.61 -59.96
N ILE S 207 -70.17 9.30 -59.85
CA ILE S 207 -69.19 8.41 -59.21
C ILE S 207 -67.90 8.38 -60.00
N LEU S 208 -67.99 8.31 -61.33
CA LEU S 208 -66.81 8.20 -62.16
C LEU S 208 -65.98 9.48 -62.13
N LYS S 209 -66.62 10.64 -62.11
CA LYS S 209 -65.91 11.91 -62.07
C LYS S 209 -65.31 12.22 -60.70
N GLY S 210 -65.64 11.44 -59.67
CA GLY S 210 -65.08 11.62 -58.35
C GLY S 210 -65.99 12.29 -57.34
N ARG S 211 -67.12 12.82 -57.79
CA ARG S 211 -68.07 13.51 -56.90
C ARG S 211 -68.89 12.46 -56.16
N SER S 212 -68.49 12.16 -54.92
CA SER S 212 -69.04 11.02 -54.19
C SER S 212 -70.30 11.38 -53.41
N GLU S 213 -70.31 12.51 -52.71
CA GLU S 213 -71.45 12.85 -51.86
C GLU S 213 -72.70 13.12 -52.69
N LEU S 214 -72.55 13.81 -53.83
CA LEU S 214 -73.68 14.02 -54.73
C LEU S 214 -74.22 12.69 -55.22
N ALA S 215 -73.32 11.75 -55.54
CA ALA S 215 -73.74 10.43 -55.99
C ALA S 215 -74.48 9.69 -54.88
N VAL S 216 -74.03 9.83 -53.64
CA VAL S 216 -74.70 9.16 -52.53
C VAL S 216 -76.11 9.72 -52.33
N HIS S 217 -76.26 11.04 -52.43
CA HIS S 217 -77.59 11.63 -52.31
C HIS S 217 -78.50 11.19 -53.46
N LEU S 218 -77.95 11.15 -54.67
CA LEU S 218 -78.71 10.66 -55.82
C LEU S 218 -79.14 9.22 -55.62
N LEU S 219 -78.24 8.39 -55.07
CA LEU S 219 -78.57 6.99 -54.83
C LEU S 219 -79.62 6.85 -53.76
N ASP S 220 -79.60 7.72 -52.75
CA ASP S 220 -80.67 7.73 -51.76
C ASP S 220 -82.02 8.03 -52.39
N ASP S 221 -82.06 9.04 -53.27
CA ASP S 221 -83.31 9.36 -53.94
C ASP S 221 -83.77 8.22 -54.84
N ILE S 222 -82.84 7.57 -55.52
CA ILE S 222 -83.17 6.42 -56.37
C ILE S 222 -83.72 5.28 -55.53
N ILE S 223 -83.12 5.04 -54.36
CA ILE S 223 -83.59 3.98 -53.47
C ILE S 223 -85.02 4.28 -52.99
N ARG S 224 -85.29 5.54 -52.65
CA ARG S 224 -86.65 5.89 -52.26
C ARG S 224 -87.64 5.65 -53.39
N ARG S 225 -87.27 6.02 -54.62
CA ARG S 225 -88.15 5.81 -55.76
C ARG S 225 -88.38 4.31 -56.00
N VAL S 226 -87.33 3.50 -55.86
CA VAL S 226 -87.46 2.07 -56.07
C VAL S 226 -88.39 1.45 -55.02
N HIS S 227 -88.24 1.88 -53.75
CA HIS S 227 -89.12 1.39 -52.71
C HIS S 227 -90.57 1.81 -52.96
N GLU S 228 -90.77 3.02 -53.47
CA GLU S 228 -92.12 3.44 -53.85
C GLU S 228 -92.70 2.56 -54.93
N GLU S 229 -91.89 2.21 -55.94
CA GLU S 229 -92.37 1.33 -57.00
C GLU S 229 -92.72 -0.05 -56.46
N ILE S 230 -91.88 -0.59 -55.57
CA ILE S 230 -92.14 -1.90 -54.97
C ILE S 230 -93.43 -1.87 -54.19
N GLU S 231 -93.64 -0.82 -53.38
CA GLU S 231 -94.87 -0.70 -52.62
C GLU S 231 -96.09 -0.56 -53.53
N ARG S 232 -95.93 0.11 -54.68
CA ARG S 232 -97.02 0.20 -55.63
C ARG S 232 -97.37 -1.18 -56.20
N TYR S 233 -96.36 -2.01 -56.45
CA TYR S 233 -96.62 -3.32 -57.04
C TYR S 233 -97.45 -4.20 -56.12
N GLY S 234 -97.15 -4.19 -54.84
CA GLY S 234 -97.96 -4.92 -53.85
C GLY S 234 -97.46 -6.33 -53.64
N ASP S 235 -98.31 -7.32 -53.93
CA ASP S 235 -97.98 -8.71 -53.73
C ASP S 235 -97.42 -9.40 -54.98
N ASP S 236 -97.48 -8.73 -56.13
CA ASP S 236 -97.05 -9.30 -57.41
C ASP S 236 -95.70 -8.74 -57.85
N VAL S 237 -94.81 -8.45 -56.90
CA VAL S 237 -93.53 -7.83 -57.22
C VAL S 237 -92.65 -8.82 -57.98
N PRO S 238 -92.17 -8.48 -59.17
CA PRO S 238 -91.20 -9.33 -59.86
C PRO S 238 -89.88 -9.37 -59.11
N GLU S 239 -89.17 -10.50 -59.26
CA GLU S 239 -87.91 -10.69 -58.56
C GLU S 239 -86.82 -9.73 -59.05
N GLU S 240 -86.93 -9.25 -60.29
CA GLU S 240 -85.94 -8.30 -60.80
C GLU S 240 -85.95 -7.02 -59.99
N LEU S 241 -87.13 -6.58 -59.55
CA LEU S 241 -87.21 -5.37 -58.74
C LEU S 241 -86.51 -5.54 -57.40
N LEU S 242 -86.68 -6.69 -56.76
CA LEU S 242 -86.01 -6.93 -55.47
C LEU S 242 -84.50 -7.04 -55.64
N LEU S 243 -84.06 -7.73 -56.70
CA LEU S 243 -82.63 -7.83 -56.96
C LEU S 243 -82.04 -6.45 -57.26
N LEU S 244 -82.76 -5.63 -58.02
CA LEU S 244 -82.33 -4.27 -58.28
C LEU S 244 -82.24 -3.46 -57.00
N ASP S 245 -83.22 -3.61 -56.10
CA ASP S 245 -83.18 -2.94 -54.81
C ASP S 245 -81.90 -3.30 -54.06
N LEU S 246 -81.62 -4.61 -53.96
CA LEU S 246 -80.42 -5.03 -53.24
C LEU S 246 -79.15 -4.50 -53.90
N LEU S 247 -79.10 -4.52 -55.23
CA LEU S 247 -77.92 -4.06 -55.94
C LEU S 247 -77.68 -2.57 -55.71
N VAL S 248 -78.74 -1.76 -55.82
CA VAL S 248 -78.59 -0.33 -55.62
C VAL S 248 -78.20 -0.02 -54.18
N GLN S 249 -78.74 -0.78 -53.22
CA GLN S 249 -78.37 -0.56 -51.82
C GLN S 249 -76.89 -0.85 -51.58
N LYS S 250 -76.39 -1.98 -52.12
CA LYS S 250 -74.98 -2.29 -51.91
C LYS S 250 -74.08 -1.32 -52.67
N ALA S 251 -74.51 -0.84 -53.84
CA ALA S 251 -73.74 0.17 -54.56
C ALA S 251 -73.68 1.48 -53.78
N ARG S 252 -74.79 1.86 -53.15
CA ARG S 252 -74.79 3.05 -52.31
C ARG S 252 -73.86 2.89 -51.12
N ASP S 253 -73.85 1.71 -50.51
CA ASP S 253 -72.92 1.46 -49.42
C ASP S 253 -71.47 1.60 -49.88
N LEU S 254 -71.14 1.03 -51.04
CA LEU S 254 -69.79 1.16 -51.56
C LEU S 254 -69.44 2.61 -51.87
N ALA S 255 -70.39 3.35 -52.45
CA ALA S 255 -70.13 4.76 -52.77
C ALA S 255 -69.91 5.58 -51.50
N ALA S 256 -70.66 5.26 -50.43
CA ALA S 256 -70.40 5.92 -49.15
C ALA S 256 -69.01 5.57 -48.62
N ARG S 257 -68.60 4.31 -48.76
CA ARG S 257 -67.29 3.89 -48.28
C ARG S 257 -66.14 4.45 -49.10
N ILE S 258 -66.41 5.07 -50.25
CA ILE S 258 -65.35 5.60 -51.12
C ILE S 258 -64.50 6.61 -50.35
N MET T 25 -71.03 -41.68 -28.15
CA MET T 25 -71.91 -40.87 -27.32
C MET T 25 -73.19 -41.61 -26.95
N GLU T 26 -73.08 -42.92 -26.72
CA GLU T 26 -74.26 -43.72 -26.43
C GLU T 26 -74.90 -43.36 -25.10
N LYS T 27 -74.16 -42.71 -24.20
CA LYS T 27 -74.74 -42.27 -22.94
C LYS T 27 -75.86 -41.28 -23.17
N LEU T 28 -75.66 -40.35 -24.13
CA LEU T 28 -76.69 -39.36 -24.42
C LEU T 28 -77.90 -39.98 -25.11
N GLU T 29 -77.69 -41.00 -25.94
CA GLU T 29 -78.84 -41.72 -26.49
C GLU T 29 -79.61 -42.47 -25.41
N VAL T 30 -78.89 -43.02 -24.42
CA VAL T 30 -79.57 -43.65 -23.28
C VAL T 30 -80.36 -42.60 -22.50
N ALA T 31 -79.79 -41.41 -22.34
CA ALA T 31 -80.51 -40.32 -21.69
C ALA T 31 -81.77 -39.93 -22.47
N VAL T 32 -81.69 -39.89 -23.80
CA VAL T 32 -82.85 -39.56 -24.61
C VAL T 32 -83.93 -40.62 -24.46
N GLU T 33 -83.53 -41.89 -24.45
CA GLU T 33 -84.50 -42.97 -24.25
C GLU T 33 -85.14 -42.87 -22.88
N HIS T 34 -84.35 -42.58 -21.87
CA HIS T 34 -84.91 -42.33 -20.56
C HIS T 34 -85.92 -41.21 -20.57
N LEU T 35 -85.60 -40.09 -21.22
CA LEU T 35 -86.52 -38.96 -21.29
C LEU T 35 -87.83 -39.35 -21.94
N LYS T 36 -87.77 -40.15 -23.02
CA LYS T 36 -89.00 -40.68 -23.60
C LYS T 36 -89.77 -41.52 -22.60
N GLU T 37 -89.05 -42.36 -21.84
CA GLU T 37 -89.71 -43.16 -20.82
C GLU T 37 -90.37 -42.28 -19.76
N ALA T 38 -89.71 -41.19 -19.38
CA ALA T 38 -90.27 -40.27 -18.41
C ALA T 38 -91.55 -39.61 -18.92
N ILE T 39 -91.55 -39.21 -20.20
CA ILE T 39 -92.77 -38.64 -20.79
C ILE T 39 -93.90 -39.67 -20.76
N GLU T 40 -93.59 -40.91 -21.14
CA GLU T 40 -94.60 -41.96 -21.12
C GLU T 40 -95.12 -42.21 -19.70
N LEU T 41 -94.22 -42.17 -18.71
CA LEU T 41 -94.64 -42.38 -17.32
C LEU T 41 -95.53 -41.27 -16.81
N ILE T 42 -95.19 -40.01 -17.12
CA ILE T 42 -96.06 -38.89 -16.76
C ILE T 42 -97.42 -39.06 -17.42
N GLU T 43 -97.44 -39.52 -18.68
CA GLU T 43 -98.71 -39.76 -19.35
C GLU T 43 -99.51 -40.85 -18.64
N LYS T 44 -98.84 -41.92 -18.19
CA LYS T 44 -99.55 -43.01 -17.53
C LYS T 44 -100.12 -42.59 -16.19
N GLY T 45 -99.31 -41.94 -15.36
CA GLY T 45 -99.79 -41.48 -14.07
C GLY T 45 -98.86 -41.79 -12.91
N GLU T 46 -97.71 -42.39 -13.19
CA GLU T 46 -96.73 -42.71 -12.14
C GLU T 46 -95.76 -41.53 -12.00
N TYR T 47 -95.99 -40.70 -11.00
CA TYR T 47 -95.19 -39.50 -10.79
C TYR T 47 -93.94 -39.76 -9.97
N VAL T 48 -93.99 -40.73 -9.04
CA VAL T 48 -92.79 -41.08 -8.28
C VAL T 48 -91.73 -41.68 -9.19
N LYS T 49 -92.14 -42.58 -10.08
CA LYS T 49 -91.20 -43.16 -11.02
C LYS T 49 -90.66 -42.11 -11.98
N ALA T 50 -91.50 -41.13 -12.35
CA ALA T 50 -91.04 -40.05 -13.20
C ALA T 50 -89.98 -39.20 -12.49
N ASP T 51 -90.20 -38.89 -11.21
CA ASP T 51 -89.22 -38.13 -10.45
C ASP T 51 -87.90 -38.89 -10.33
N LEU T 52 -87.98 -40.19 -10.07
CA LEU T 52 -86.78 -41.01 -9.96
C LEU T 52 -86.05 -41.11 -11.31
N ILE T 53 -86.80 -41.23 -12.41
CA ILE T 53 -86.20 -41.24 -13.73
C ILE T 53 -85.50 -39.93 -14.02
N LEU T 54 -86.10 -38.80 -13.61
CA LEU T 54 -85.44 -37.52 -13.81
C LEU T 54 -84.12 -37.45 -13.05
N THR T 55 -84.09 -38.00 -11.83
CA THR T 55 -82.82 -38.06 -11.10
C THR T 55 -81.80 -38.93 -11.83
N ASP T 56 -82.24 -40.07 -12.39
CA ASP T 56 -81.33 -40.92 -13.16
C ASP T 56 -80.78 -40.19 -14.38
N ILE T 57 -81.65 -39.45 -15.09
CA ILE T 57 -81.21 -38.70 -16.26
C ILE T 57 -80.19 -37.64 -15.86
N LEU T 58 -80.42 -36.97 -14.73
CA LEU T 58 -79.44 -36.00 -14.25
C LEU T 58 -78.10 -36.67 -13.97
N ARG T 59 -78.13 -37.87 -13.36
CA ARG T 59 -76.88 -38.59 -13.11
C ARG T 59 -76.16 -38.93 -14.40
N LEU T 60 -76.91 -39.39 -15.41
CA LEU T 60 -76.31 -39.70 -16.71
C LEU T 60 -75.67 -38.47 -17.34
N LEU T 61 -76.40 -37.36 -17.37
CA LEU T 61 -75.88 -36.15 -18.00
C LEU T 61 -74.66 -35.63 -17.26
N GLU T 62 -74.66 -35.70 -15.93
CA GLU T 62 -73.48 -35.31 -15.17
C GLU T 62 -72.31 -36.24 -15.45
N GLU T 63 -72.59 -37.52 -15.69
CA GLU T 63 -71.54 -38.44 -16.09
C GLU T 63 -70.93 -38.02 -17.43
N GLU T 64 -71.77 -37.60 -18.38
CA GLU T 64 -71.25 -37.15 -19.65
C GLU T 64 -70.44 -35.86 -19.51
N GLY T 65 -71.01 -34.85 -18.84
CA GLY T 65 -70.27 -33.64 -18.54
C GLY T 65 -70.55 -32.43 -19.41
N VAL T 66 -71.83 -32.14 -19.67
CA VAL T 66 -72.23 -30.94 -20.40
C VAL T 66 -72.96 -30.03 -19.41
N LYS T 67 -72.38 -28.85 -19.17
CA LYS T 67 -72.82 -28.01 -18.05
C LYS T 67 -74.25 -27.51 -18.25
N SER T 68 -74.55 -27.01 -19.45
CA SER T 68 -75.89 -26.49 -19.71
C SER T 68 -76.95 -27.56 -19.54
N LEU T 69 -76.68 -28.75 -20.09
CA LEU T 69 -77.60 -29.87 -19.91
C LEU T 69 -77.75 -30.23 -18.44
N ILE T 70 -76.66 -30.13 -17.67
CA ILE T 70 -76.72 -30.50 -16.26
C ILE T 70 -77.61 -29.55 -15.48
N LYS T 71 -77.42 -28.24 -15.65
CA LYS T 71 -78.25 -27.29 -14.94
C LYS T 71 -79.70 -27.37 -15.39
N GLN T 72 -79.92 -27.60 -16.69
CA GLN T 72 -81.28 -27.78 -17.19
C GLN T 72 -81.93 -29.00 -16.56
N ALA T 73 -81.17 -30.09 -16.37
CA ALA T 73 -81.73 -31.30 -15.79
C ALA T 73 -82.07 -31.12 -14.32
N LYS T 74 -81.21 -30.41 -13.57
CA LYS T 74 -81.51 -30.16 -12.15
C LYS T 74 -82.76 -29.30 -12.00
N GLU T 75 -82.82 -28.18 -12.74
CA GLU T 75 -84.01 -27.35 -12.65
C GLU T 75 -85.24 -28.10 -13.15
N LEU T 76 -85.07 -29.00 -14.12
CA LEU T 76 -86.18 -29.81 -14.58
C LEU T 76 -86.70 -30.71 -13.47
N HIS T 77 -85.79 -31.35 -12.73
CA HIS T 77 -86.22 -32.20 -11.62
C HIS T 77 -87.04 -31.40 -10.62
N ILE T 78 -86.52 -30.25 -10.19
CA ILE T 78 -87.22 -29.46 -9.18
C ILE T 78 -88.58 -29.00 -9.69
N GLU T 79 -88.61 -28.40 -10.89
CA GLU T 79 -89.84 -27.82 -11.38
C GLU T 79 -90.87 -28.88 -11.75
N VAL T 80 -90.45 -30.02 -12.27
CA VAL T 80 -91.40 -31.08 -12.58
C VAL T 80 -91.99 -31.67 -11.30
N PHE T 81 -91.18 -31.79 -10.25
CA PHE T 81 -91.73 -32.24 -8.98
C PHE T 81 -92.80 -31.27 -8.49
N LYS T 82 -92.51 -29.97 -8.54
CA LYS T 82 -93.49 -28.98 -8.11
C LYS T 82 -94.76 -29.04 -8.95
N LEU T 83 -94.62 -29.10 -10.28
CA LEU T 83 -95.77 -29.10 -11.17
C LEU T 83 -96.61 -30.36 -11.00
N LEU T 84 -95.98 -31.52 -10.84
CA LEU T 84 -96.74 -32.74 -10.61
C LEU T 84 -97.43 -32.71 -9.27
N LYS T 85 -96.86 -32.04 -8.27
CA LYS T 85 -97.59 -31.80 -7.03
C LYS T 85 -98.83 -30.96 -7.30
N GLU T 86 -98.69 -29.88 -8.07
CA GLU T 86 -99.82 -29.01 -8.33
C GLU T 86 -100.85 -29.66 -9.26
N GLY T 87 -100.39 -30.48 -10.20
CA GLY T 87 -101.27 -31.10 -11.18
C GLY T 87 -101.10 -30.61 -12.60
N GLU T 88 -100.08 -29.81 -12.89
CA GLU T 88 -99.83 -29.29 -14.23
C GLU T 88 -99.05 -30.32 -15.03
N TYR T 89 -99.77 -31.33 -15.52
CA TYR T 89 -99.14 -32.42 -16.26
C TYR T 89 -98.56 -31.91 -17.58
N LYS T 90 -99.31 -31.06 -18.29
CA LYS T 90 -98.86 -30.60 -19.61
C LYS T 90 -97.60 -29.76 -19.51
N GLU T 91 -97.49 -28.91 -18.48
CA GLU T 91 -96.29 -28.10 -18.32
C GLU T 91 -95.07 -28.97 -18.05
N ALA T 92 -95.22 -29.99 -17.19
CA ALA T 92 -94.12 -30.91 -16.92
C ALA T 92 -93.71 -31.68 -18.17
N LYS T 93 -94.70 -32.16 -18.93
CA LYS T 93 -94.40 -32.85 -20.18
C LYS T 93 -93.67 -31.93 -21.15
N ALA T 94 -94.08 -30.65 -21.21
CA ALA T 94 -93.41 -29.69 -22.08
C ALA T 94 -91.96 -29.49 -21.66
N LEU T 95 -91.71 -29.37 -20.36
CA LEU T 95 -90.34 -29.19 -19.89
C LEU T 95 -89.47 -30.41 -20.22
N VAL T 96 -90.01 -31.61 -20.03
CA VAL T 96 -89.26 -32.81 -20.34
C VAL T 96 -88.98 -32.90 -21.84
N GLU T 97 -89.97 -32.54 -22.66
CA GLU T 97 -89.77 -32.55 -24.11
C GLU T 97 -88.72 -31.51 -24.52
N ALA T 98 -88.71 -30.35 -23.86
CA ALA T 98 -87.71 -29.35 -24.17
C ALA T 98 -86.31 -29.85 -23.85
N LEU T 99 -86.15 -30.52 -22.70
CA LEU T 99 -84.83 -31.07 -22.37
C LEU T 99 -84.43 -32.17 -23.36
N ARG T 100 -85.40 -32.99 -23.77
CA ARG T 100 -85.10 -34.03 -24.76
C ARG T 100 -84.63 -33.44 -26.07
N VAL T 101 -85.32 -32.41 -26.55
CA VAL T 101 -84.95 -31.74 -27.79
C VAL T 101 -83.56 -31.12 -27.66
N SER T 102 -83.27 -30.52 -26.49
CA SER T 102 -81.97 -29.92 -26.28
C SER T 102 -80.85 -30.96 -26.34
N VAL T 103 -81.06 -32.13 -25.72
CA VAL T 103 -80.04 -33.17 -25.74
C VAL T 103 -79.85 -33.72 -27.14
N GLU T 104 -80.94 -33.98 -27.86
CA GLU T 104 -80.83 -34.45 -29.24
C GLU T 104 -80.12 -33.42 -30.13
N LEU T 105 -80.41 -32.14 -29.92
CA LEU T 105 -79.76 -31.09 -30.69
C LEU T 105 -78.26 -31.04 -30.40
N TYR T 106 -77.88 -31.23 -29.13
CA TYR T 106 -76.45 -31.29 -28.82
C TYR T 106 -75.79 -32.47 -29.53
N ILE T 107 -76.46 -33.62 -29.53
CA ILE T 107 -75.92 -34.79 -30.21
C ILE T 107 -75.69 -34.49 -31.68
N LEU T 108 -76.70 -33.90 -32.33
CA LEU T 108 -76.62 -33.64 -33.76
C LEU T 108 -75.55 -32.58 -34.06
N ILE T 109 -75.41 -31.57 -33.19
CA ILE T 109 -74.37 -30.57 -33.39
C ILE T 109 -73.00 -31.21 -33.30
N LYS T 110 -72.79 -32.08 -32.32
CA LYS T 110 -71.49 -32.75 -32.20
C LYS T 110 -71.20 -33.62 -33.41
N ARG T 111 -72.19 -34.38 -33.88
CA ARG T 111 -71.99 -35.22 -35.05
C ARG T 111 -71.69 -34.37 -36.28
N GLY T 112 -72.40 -33.25 -36.46
CA GLY T 112 -72.14 -32.41 -37.60
C GLY T 112 -70.77 -31.77 -37.58
N VAL T 113 -70.35 -31.29 -36.41
CA VAL T 113 -69.05 -30.62 -36.32
C VAL T 113 -67.92 -31.62 -36.51
N ARG T 114 -68.03 -32.80 -35.91
CA ARG T 114 -66.99 -33.81 -36.06
C ARG T 114 -66.85 -34.26 -37.52
N GLU T 115 -67.98 -34.59 -38.16
CA GLU T 115 -68.01 -35.02 -39.55
C GLU T 115 -67.66 -33.90 -40.53
N GLY T 116 -67.38 -32.69 -40.07
CA GLY T 116 -67.09 -31.59 -40.96
C GLY T 116 -68.27 -31.22 -41.85
N ARG T 117 -69.50 -31.39 -41.36
CA ARG T 117 -70.66 -31.04 -42.14
C ARG T 117 -70.75 -29.52 -42.33
N PRO T 118 -71.33 -29.07 -43.44
CA PRO T 118 -71.48 -27.63 -43.65
C PRO T 118 -72.42 -27.01 -42.62
N ILE T 119 -72.15 -25.75 -42.30
CA ILE T 119 -73.00 -25.01 -41.36
C ILE T 119 -74.43 -24.93 -41.88
N GLU T 120 -74.60 -24.90 -43.21
CA GLU T 120 -75.92 -24.73 -43.81
C GLU T 120 -76.87 -25.85 -43.38
N GLU T 121 -76.46 -27.09 -43.56
CA GLU T 121 -77.36 -28.21 -43.25
C GLU T 121 -77.55 -28.39 -41.76
N ILE T 122 -76.53 -28.06 -40.96
CA ILE T 122 -76.69 -28.06 -39.50
C ILE T 122 -77.78 -27.09 -39.10
N ALA T 123 -77.73 -25.87 -39.66
CA ALA T 123 -78.75 -24.86 -39.34
C ALA T 123 -80.13 -25.32 -39.78
N ARG T 124 -80.24 -25.92 -40.97
CA ARG T 124 -81.53 -26.42 -41.42
C ARG T 124 -82.07 -27.49 -40.50
N GLU T 125 -81.20 -28.40 -40.05
CA GLU T 125 -81.62 -29.46 -39.13
C GLU T 125 -82.10 -28.88 -37.80
N VAL T 126 -81.37 -27.90 -37.27
CA VAL T 126 -81.78 -27.27 -36.01
C VAL T 126 -83.14 -26.62 -36.15
N GLY T 127 -83.35 -25.89 -37.25
CA GLY T 127 -84.65 -25.28 -37.48
C GLY T 127 -85.76 -26.29 -37.60
N ARG T 128 -85.51 -27.39 -38.31
CA ARG T 128 -86.52 -28.44 -38.45
C ARG T 128 -86.89 -29.04 -37.10
N LYS T 129 -85.88 -29.30 -36.27
CA LYS T 129 -86.15 -29.87 -34.95
C LYS T 129 -86.96 -28.90 -34.08
N LEU T 130 -86.60 -27.61 -34.11
CA LEU T 130 -87.35 -26.64 -33.33
C LEU T 130 -88.79 -26.52 -33.81
N VAL T 131 -89.02 -26.56 -35.13
CA VAL T 131 -90.37 -26.48 -35.65
C VAL T 131 -91.18 -27.71 -35.25
N GLU T 132 -90.55 -28.89 -35.28
CA GLU T 132 -91.26 -30.10 -34.86
C GLU T 132 -91.63 -30.04 -33.39
N LEU T 133 -90.72 -29.56 -32.54
CA LEU T 133 -91.05 -29.38 -31.14
C LEU T 133 -92.21 -28.41 -30.95
N ALA T 134 -92.19 -27.29 -31.68
CA ALA T 134 -93.27 -26.32 -31.57
C ALA T 134 -94.60 -26.91 -31.98
N LYS T 135 -94.61 -27.68 -33.07
CA LYS T 135 -95.84 -28.34 -33.51
C LYS T 135 -96.35 -29.32 -32.46
N ARG T 136 -95.44 -30.09 -31.86
CA ARG T 136 -95.84 -31.03 -30.81
C ARG T 136 -96.47 -30.28 -29.64
N LEU T 137 -95.81 -29.23 -29.16
CA LEU T 137 -96.34 -28.48 -28.01
C LEU T 137 -97.67 -27.83 -28.35
N GLU T 138 -97.83 -27.34 -29.58
CA GLU T 138 -99.10 -26.77 -29.99
C GLU T 138 -100.20 -27.82 -30.00
N LYS T 139 -99.87 -29.04 -30.42
CA LYS T 139 -100.84 -30.13 -30.37
C LYS T 139 -101.21 -30.46 -28.93
N GLU T 140 -100.24 -30.43 -28.01
CA GLU T 140 -100.54 -30.73 -26.62
C GLU T 140 -101.52 -29.74 -26.02
N GLY T 141 -101.34 -28.46 -26.31
CA GLY T 141 -102.24 -27.44 -25.77
C GLY T 141 -101.52 -26.31 -25.07
N ILE T 142 -100.19 -26.29 -25.16
CA ILE T 142 -99.41 -25.23 -24.56
C ILE T 142 -99.53 -23.97 -25.41
N SER T 143 -99.69 -22.83 -24.75
CA SER T 143 -99.86 -21.57 -25.46
C SER T 143 -98.56 -21.16 -26.15
N TRP T 144 -98.69 -20.23 -27.11
CA TRP T 144 -97.56 -19.89 -27.96
C TRP T 144 -96.52 -19.06 -27.24
N GLU T 145 -96.92 -18.30 -26.21
CA GLU T 145 -95.93 -17.57 -25.42
C GLU T 145 -95.00 -18.52 -24.69
N GLU T 146 -95.56 -19.58 -24.08
CA GLU T 146 -94.73 -20.58 -23.42
C GLU T 146 -93.86 -21.32 -24.43
N ILE T 147 -94.41 -21.63 -25.61
CA ILE T 147 -93.64 -22.29 -26.65
C ILE T 147 -92.45 -21.43 -27.06
N ILE T 148 -92.67 -20.14 -27.26
CA ILE T 148 -91.59 -19.25 -27.65
C ILE T 148 -90.54 -19.16 -26.55
N GLU T 149 -90.96 -19.06 -25.29
CA GLU T 149 -89.99 -18.97 -24.20
C GLU T 149 -89.15 -20.25 -24.10
N LEU T 150 -89.78 -21.41 -24.23
CA LEU T 150 -89.03 -22.67 -24.24
C LEU T 150 -88.05 -22.70 -25.40
N ILE T 151 -88.47 -22.25 -26.57
CA ILE T 151 -87.60 -22.25 -27.74
C ILE T 151 -86.40 -21.34 -27.53
N GLU T 152 -86.61 -20.17 -26.94
CA GLU T 152 -85.47 -19.28 -26.68
C GLU T 152 -84.53 -19.83 -25.63
N ARG T 153 -85.06 -20.54 -24.61
CA ARG T 153 -84.15 -21.21 -23.69
C ARG T 153 -83.30 -22.26 -24.40
N ILE T 154 -83.93 -23.05 -25.27
CA ILE T 154 -83.19 -24.03 -26.06
C ILE T 154 -82.15 -23.34 -26.94
N LEU T 155 -82.50 -22.18 -27.49
CA LEU T 155 -81.58 -21.44 -28.35
C LEU T 155 -80.38 -20.93 -27.58
N GLU T 156 -80.59 -20.47 -26.34
CA GLU T 156 -79.46 -20.06 -25.51
C GLU T 156 -78.56 -21.25 -25.18
N SER T 157 -79.17 -22.41 -24.90
CA SER T 157 -78.38 -23.62 -24.70
C SER T 157 -77.56 -23.97 -25.95
N ILE T 158 -78.18 -23.85 -27.12
CA ILE T 158 -77.49 -24.11 -28.38
C ILE T 158 -76.33 -23.14 -28.57
N ARG T 159 -76.55 -21.87 -28.23
CA ARG T 159 -75.48 -20.88 -28.35
C ARG T 159 -74.29 -21.26 -27.48
N GLU T 160 -74.55 -21.65 -26.23
CA GLU T 160 -73.46 -22.07 -25.36
C GLU T 160 -72.75 -23.31 -25.90
N ILE T 161 -73.51 -24.28 -26.40
CA ILE T 161 -72.91 -25.52 -26.93
C ILE T 161 -72.03 -25.19 -28.13
N LEU T 162 -72.52 -24.35 -29.04
CA LEU T 162 -71.76 -23.98 -30.22
C LEU T 162 -70.49 -23.22 -29.85
N LYS T 163 -70.60 -22.30 -28.89
CA LYS T 163 -69.41 -21.60 -28.42
C LYS T 163 -68.40 -22.56 -27.80
N GLU T 164 -68.88 -23.64 -27.19
CA GLU T 164 -67.97 -24.64 -26.63
C GLU T 164 -67.16 -25.32 -27.72
N GLU T 165 -67.78 -25.61 -28.87
CA GLU T 165 -67.11 -26.31 -29.96
C GLU T 165 -66.06 -25.46 -30.66
N GLY T 166 -65.81 -24.23 -30.21
CA GLY T 166 -64.82 -23.39 -30.83
C GLY T 166 -65.25 -22.71 -32.10
N LEU T 167 -66.53 -22.76 -32.44
CA LEU T 167 -67.01 -22.07 -33.63
C LEU T 167 -66.94 -20.56 -33.42
N PRO T 168 -66.63 -19.79 -34.46
CA PRO T 168 -66.63 -18.32 -34.33
C PRO T 168 -68.05 -17.78 -34.28
N GLU T 169 -68.15 -16.49 -33.94
CA GLU T 169 -69.45 -15.88 -33.69
C GLU T 169 -70.31 -15.81 -34.94
N SER T 170 -69.71 -15.68 -36.12
CA SER T 170 -70.48 -15.47 -37.33
C SER T 170 -71.37 -16.66 -37.65
N GLU T 171 -70.81 -17.88 -37.62
CA GLU T 171 -71.60 -19.07 -37.92
C GLU T 171 -72.62 -19.35 -36.82
N ILE T 172 -72.28 -19.07 -35.57
CA ILE T 172 -73.23 -19.24 -34.47
C ILE T 172 -74.44 -18.34 -34.69
N ASN T 173 -74.18 -17.06 -35.00
CA ASN T 173 -75.27 -16.12 -35.25
C ASN T 173 -76.07 -16.54 -36.47
N ARG T 174 -75.41 -17.06 -37.50
CA ARG T 174 -76.11 -17.52 -38.69
C ARG T 174 -77.07 -18.66 -38.37
N ILE T 175 -76.59 -19.64 -37.61
CA ILE T 175 -77.43 -20.80 -37.26
C ILE T 175 -78.62 -20.34 -36.42
N LEU T 176 -78.36 -19.49 -35.42
CA LEU T 176 -79.43 -19.02 -34.55
C LEU T 176 -80.48 -18.23 -35.33
N ALA T 177 -80.02 -17.34 -36.22
CA ALA T 177 -80.94 -16.55 -37.02
C ALA T 177 -81.77 -17.44 -37.92
N VAL T 178 -81.16 -18.46 -38.53
CA VAL T 178 -81.90 -19.37 -39.40
C VAL T 178 -82.98 -20.12 -38.61
N SER T 179 -82.64 -20.60 -37.41
CA SER T 179 -83.62 -21.31 -36.61
C SER T 179 -84.79 -20.41 -36.21
N ILE T 180 -84.48 -19.19 -35.75
CA ILE T 180 -85.53 -18.25 -35.40
C ILE T 180 -86.40 -17.95 -36.60
N LEU T 181 -85.80 -17.77 -37.77
CA LEU T 181 -86.57 -17.47 -38.97
C LEU T 181 -87.42 -18.66 -39.39
N GLU T 182 -86.97 -19.88 -39.14
CA GLU T 182 -87.81 -21.04 -39.45
C GLU T 182 -89.03 -21.10 -38.55
N VAL T 183 -88.86 -20.81 -37.26
CA VAL T 183 -90.01 -20.74 -36.37
C VAL T 183 -90.97 -19.63 -36.83
N ALA T 184 -90.42 -18.48 -37.19
CA ALA T 184 -91.25 -17.38 -37.69
C ALA T 184 -91.96 -17.75 -38.98
N LYS T 185 -91.31 -18.53 -39.84
CA LYS T 185 -91.93 -18.98 -41.07
C LYS T 185 -93.10 -19.90 -40.79
N TYR T 186 -92.95 -20.80 -39.80
CA TYR T 186 -94.08 -21.63 -39.40
C TYR T 186 -95.24 -20.79 -38.90
N LEU T 187 -94.94 -19.77 -38.09
CA LEU T 187 -95.98 -18.87 -37.62
C LEU T 187 -96.69 -18.14 -38.77
N LEU T 188 -95.91 -17.67 -39.75
CA LEU T 188 -96.49 -16.99 -40.90
C LEU T 188 -97.38 -17.92 -41.70
N GLU T 189 -96.95 -19.17 -41.88
CA GLU T 189 -97.78 -20.15 -42.59
C GLU T 189 -99.08 -20.39 -41.83
N LYS T 190 -99.02 -20.45 -40.50
CA LYS T 190 -100.24 -20.58 -39.72
C LYS T 190 -101.15 -19.37 -39.93
N LEU T 191 -100.59 -18.16 -39.92
CA LEU T 191 -101.40 -16.96 -40.12
C LEU T 191 -102.00 -16.91 -41.52
N GLY T 192 -101.23 -17.30 -42.55
CA GLY T 192 -101.74 -17.32 -43.91
C GLY T 192 -101.24 -16.18 -44.76
N PHE T 193 -99.98 -15.78 -44.57
CA PHE T 193 -99.33 -14.72 -45.34
C PHE T 193 -98.26 -15.37 -46.22
N ASP T 194 -98.66 -15.77 -47.42
CA ASP T 194 -97.78 -16.57 -48.27
C ASP T 194 -96.62 -15.74 -48.82
N TYR T 195 -96.88 -14.49 -49.22
CA TYR T 195 -95.81 -13.67 -49.79
C TYR T 195 -94.71 -13.40 -48.78
N LEU T 196 -95.09 -13.10 -47.53
CA LEU T 196 -94.09 -12.92 -46.48
C LEU T 196 -93.33 -14.22 -46.25
N VAL T 197 -94.00 -15.36 -46.40
CA VAL T 197 -93.30 -16.64 -46.31
C VAL T 197 -92.22 -16.74 -47.36
N GLU T 198 -92.56 -16.42 -48.62
CA GLU T 198 -91.60 -16.52 -49.72
C GLU T 198 -90.41 -15.58 -49.50
N LEU T 199 -90.68 -14.35 -49.08
CA LEU T 199 -89.60 -13.44 -48.73
C LEU T 199 -88.74 -14.01 -47.61
N LEU T 200 -89.36 -14.74 -46.68
CA LEU T 200 -88.60 -15.34 -45.59
C LEU T 200 -87.69 -16.45 -46.09
N ASP T 201 -88.15 -17.30 -47.03
CA ASP T 201 -87.23 -18.27 -47.60
C ASP T 201 -86.09 -17.58 -48.34
N ARG T 202 -86.38 -16.50 -49.05
CA ARG T 202 -85.32 -15.78 -49.74
C ARG T 202 -84.28 -15.28 -48.74
N ALA T 203 -84.73 -14.67 -47.64
CA ALA T 203 -83.81 -14.18 -46.63
C ALA T 203 -83.02 -15.30 -45.98
N ILE T 204 -83.68 -16.44 -45.72
CA ILE T 204 -82.99 -17.58 -45.11
C ILE T 204 -81.91 -18.11 -46.04
N GLU T 205 -82.21 -18.22 -47.34
CA GLU T 205 -81.21 -18.66 -48.30
C GLU T 205 -80.03 -17.67 -48.36
N TYR T 206 -80.32 -16.37 -48.33
CA TYR T 206 -79.24 -15.39 -48.35
C TYR T 206 -78.37 -15.49 -47.10
N ILE T 207 -78.99 -15.71 -45.94
CA ILE T 207 -78.21 -15.88 -44.70
C ILE T 207 -77.35 -17.14 -44.80
N LEU T 208 -77.92 -18.22 -45.32
CA LEU T 208 -77.20 -19.50 -45.37
C LEU T 208 -76.03 -19.44 -46.34
N LYS T 209 -76.20 -18.76 -47.48
CA LYS T 209 -75.15 -18.64 -48.47
C LYS T 209 -74.04 -17.67 -48.05
N GLY T 210 -74.23 -16.92 -46.98
CA GLY T 210 -73.23 -16.01 -46.48
C GLY T 210 -73.46 -14.54 -46.81
N ARG T 211 -74.43 -14.24 -47.66
CA ARG T 211 -74.71 -12.86 -48.06
C ARG T 211 -75.53 -12.19 -46.96
N SER T 212 -74.86 -11.45 -46.09
CA SER T 212 -75.47 -10.93 -44.87
C SER T 212 -76.19 -9.61 -45.07
N GLU T 213 -75.57 -8.66 -45.77
CA GLU T 213 -76.17 -7.34 -45.92
C GLU T 213 -77.46 -7.38 -46.73
N LEU T 214 -77.48 -8.18 -47.80
CA LEU T 214 -78.72 -8.36 -48.55
C LEU T 214 -79.81 -8.96 -47.68
N ALA T 215 -79.44 -9.91 -46.83
CA ALA T 215 -80.40 -10.51 -45.91
C ALA T 215 -80.93 -9.49 -44.92
N VAL T 216 -80.05 -8.61 -44.43
CA VAL T 216 -80.49 -7.59 -43.48
C VAL T 216 -81.46 -6.63 -44.14
N HIS T 217 -81.19 -6.21 -45.38
CA HIS T 217 -82.12 -5.34 -46.08
C HIS T 217 -83.45 -6.03 -46.33
N LEU T 218 -83.40 -7.30 -46.72
CA LEU T 218 -84.63 -8.07 -46.91
C LEU T 218 -85.42 -8.17 -45.62
N LEU T 219 -84.73 -8.37 -44.50
CA LEU T 219 -85.40 -8.47 -43.21
C LEU T 219 -86.01 -7.13 -42.80
N ASP T 220 -85.35 -6.03 -43.15
CA ASP T 220 -85.94 -4.71 -42.91
C ASP T 220 -87.23 -4.54 -43.69
N ASP T 221 -87.23 -4.94 -44.96
CA ASP T 221 -88.46 -4.85 -45.75
C ASP T 221 -89.55 -5.74 -45.20
N ILE T 222 -89.18 -6.95 -44.74
CA ILE T 222 -90.15 -7.86 -44.14
C ILE T 222 -90.73 -7.27 -42.87
N ILE T 223 -89.88 -6.64 -42.06
CA ILE T 223 -90.35 -6.01 -40.82
C ILE T 223 -91.33 -4.89 -41.13
N ARG T 224 -91.04 -4.08 -42.14
CA ARG T 224 -91.97 -3.03 -42.53
C ARG T 224 -93.31 -3.61 -42.97
N ARG T 225 -93.27 -4.68 -43.76
CA ARG T 225 -94.53 -5.31 -44.21
C ARG T 225 -95.31 -5.88 -43.03
N VAL T 226 -94.61 -6.49 -42.06
CA VAL T 226 -95.27 -7.05 -40.89
C VAL T 226 -95.93 -5.95 -40.07
N HIS T 227 -95.23 -4.83 -39.88
CA HIS T 227 -95.81 -3.71 -39.15
C HIS T 227 -97.02 -3.15 -39.88
N GLU T 228 -96.96 -3.09 -41.22
CA GLU T 228 -98.13 -2.66 -41.98
C GLU T 228 -99.32 -3.60 -41.76
N GLU T 229 -99.06 -4.91 -41.73
CA GLU T 229 -100.15 -5.86 -41.49
C GLU T 229 -100.73 -5.69 -40.09
N ILE T 230 -99.87 -5.49 -39.09
CA ILE T 230 -100.34 -5.29 -37.72
C ILE T 230 -101.20 -4.03 -37.63
N GLU T 231 -100.74 -2.94 -38.26
CA GLU T 231 -101.52 -1.72 -38.26
C GLU T 231 -102.84 -1.89 -38.98
N ARG T 232 -102.87 -2.70 -40.03
CA ARG T 232 -104.14 -2.99 -40.70
C ARG T 232 -105.10 -3.74 -39.79
N TYR T 233 -104.57 -4.66 -38.98
CA TYR T 233 -105.45 -5.46 -38.11
C TYR T 233 -106.15 -4.59 -37.08
N GLY T 234 -105.45 -3.64 -36.49
CA GLY T 234 -106.07 -2.68 -35.57
C GLY T 234 -106.03 -3.17 -34.14
N ASP T 235 -107.20 -3.35 -33.53
CA ASP T 235 -107.31 -3.77 -32.14
C ASP T 235 -107.49 -5.28 -31.98
N ASP T 236 -107.71 -6.01 -33.08
CA ASP T 236 -107.95 -7.44 -33.03
C ASP T 236 -106.75 -8.25 -33.49
N VAL T 237 -105.54 -7.76 -33.18
CA VAL T 237 -104.32 -8.41 -33.64
C VAL T 237 -104.14 -9.75 -32.94
N PRO T 238 -104.02 -10.84 -33.68
CA PRO T 238 -103.69 -12.13 -33.04
C PRO T 238 -102.28 -12.11 -32.46
N GLU T 239 -102.09 -12.90 -31.40
CA GLU T 239 -100.81 -12.96 -30.71
C GLU T 239 -99.71 -13.54 -31.58
N GLU T 240 -100.06 -14.38 -32.56
CA GLU T 240 -99.05 -14.95 -33.44
C GLU T 240 -98.35 -13.87 -34.24
N LEU T 241 -99.08 -12.83 -34.65
CA LEU T 241 -98.48 -11.73 -35.40
C LEU T 241 -97.45 -10.99 -34.55
N LEU T 242 -97.77 -10.74 -33.27
CA LEU T 242 -96.83 -10.04 -32.41
C LEU T 242 -95.60 -10.89 -32.11
N LEU T 243 -95.81 -12.19 -31.87
CA LEU T 243 -94.67 -13.07 -31.66
C LEU T 243 -93.79 -13.16 -32.90
N LEU T 244 -94.42 -13.21 -34.08
CA LEU T 244 -93.67 -13.20 -35.33
C LEU T 244 -92.88 -11.91 -35.49
N ASP T 245 -93.48 -10.78 -35.14
CA ASP T 245 -92.77 -9.50 -35.17
C ASP T 245 -91.52 -9.55 -34.31
N LEU T 246 -91.67 -10.01 -33.07
CA LEU T 246 -90.51 -10.08 -32.17
C LEU T 246 -89.44 -11.03 -32.71
N LEU T 247 -89.87 -12.17 -33.24
CA LEU T 247 -88.92 -13.15 -33.75
C LEU T 247 -88.13 -12.59 -34.93
N VAL T 248 -88.83 -11.96 -35.88
CA VAL T 248 -88.15 -11.40 -37.04
C VAL T 248 -87.20 -10.28 -36.63
N GLN T 249 -87.60 -9.47 -35.65
CA GLN T 249 -86.72 -8.41 -35.18
C GLN T 249 -85.45 -8.97 -34.57
N LYS T 250 -85.57 -9.98 -33.71
CA LYS T 250 -84.36 -10.54 -33.10
C LYS T 250 -83.50 -11.28 -34.13
N ALA T 251 -84.12 -11.91 -35.12
CA ALA T 251 -83.36 -12.54 -36.19
C ALA T 251 -82.61 -11.51 -37.01
N ARG T 252 -83.23 -10.36 -37.28
CA ARG T 252 -82.55 -9.29 -37.98
C ARG T 252 -81.37 -8.75 -37.17
N ASP T 253 -81.55 -8.63 -35.85
CA ASP T 253 -80.44 -8.20 -35.00
C ASP T 253 -79.29 -9.19 -35.08
N LEU T 254 -79.59 -10.50 -35.01
CA LEU T 254 -78.54 -11.50 -35.12
C LEU T 254 -77.85 -11.46 -36.47
N ALA T 255 -78.63 -11.28 -37.55
CA ALA T 255 -78.03 -11.21 -38.89
C ALA T 255 -77.13 -10.00 -39.02
N ALA T 256 -77.53 -8.88 -38.42
CA ALA T 256 -76.65 -7.71 -38.41
C ALA T 256 -75.37 -8.00 -37.65
N ARG T 257 -75.47 -8.70 -36.52
CA ARG T 257 -74.29 -9.01 -35.72
C ARG T 257 -73.38 -10.04 -36.36
N ILE T 258 -73.81 -10.69 -37.44
CA ILE T 258 -73.00 -11.72 -38.10
C ILE T 258 -71.66 -11.15 -38.52
N MET U 25 -64.56 14.87 56.38
CA MET U 25 -63.80 15.90 57.07
C MET U 25 -64.22 16.05 58.52
N GLU U 26 -64.54 14.93 59.17
CA GLU U 26 -65.03 14.97 60.55
C GLU U 26 -63.95 15.44 61.52
N LYS U 27 -62.68 15.35 61.14
CA LYS U 27 -61.61 15.87 62.01
C LYS U 27 -61.75 17.36 62.22
N LEU U 28 -62.12 18.10 61.17
CA LEU U 28 -62.29 19.55 61.31
C LEU U 28 -63.53 19.90 62.12
N GLU U 29 -64.59 19.10 62.02
CA GLU U 29 -65.74 19.31 62.90
C GLU U 29 -65.38 19.04 64.35
N VAL U 30 -64.55 18.02 64.61
CA VAL U 30 -64.07 17.78 65.97
C VAL U 30 -63.24 18.95 66.45
N ALA U 31 -62.41 19.52 65.56
CA ALA U 31 -61.64 20.71 65.91
C ALA U 31 -62.55 21.89 66.24
N VAL U 32 -63.62 22.07 65.48
CA VAL U 32 -64.56 23.16 65.75
C VAL U 32 -65.24 22.96 67.11
N GLU U 33 -65.63 21.72 67.42
CA GLU U 33 -66.22 21.44 68.72
C GLU U 33 -65.23 21.70 69.85
N HIS U 34 -63.99 21.29 69.65
CA HIS U 34 -62.96 21.63 70.61
C HIS U 34 -62.83 23.13 70.81
N LEU U 35 -62.81 23.91 69.71
CA LEU U 35 -62.70 25.36 69.83
C LEU U 35 -63.86 25.94 70.62
N LYS U 36 -65.07 25.44 70.40
CA LYS U 36 -66.20 25.86 71.23
C LYS U 36 -65.96 25.52 72.70
N GLU U 37 -65.43 24.32 72.96
CA GLU U 37 -65.11 23.94 74.33
C GLU U 37 -64.06 24.86 74.94
N ALA U 38 -63.07 25.26 74.15
CA ALA U 38 -62.04 26.18 74.63
C ALA U 38 -62.63 27.53 74.98
N ILE U 39 -63.53 28.05 74.15
CA ILE U 39 -64.20 29.31 74.46
C ILE U 39 -64.97 29.20 75.77
N GLU U 40 -65.72 28.09 75.93
CA GLU U 40 -66.47 27.90 77.17
C GLU U 40 -65.54 27.80 78.38
N LEU U 41 -64.39 27.15 78.21
CA LEU U 41 -63.45 27.01 79.33
C LEU U 41 -62.84 28.35 79.70
N ILE U 42 -62.46 29.17 78.72
CA ILE U 42 -61.98 30.52 79.01
C ILE U 42 -63.06 31.31 79.74
N GLU U 43 -64.32 31.15 79.33
CA GLU U 43 -65.41 31.84 80.02
C GLU U 43 -65.53 31.36 81.46
N LYS U 44 -65.37 30.06 81.70
CA LYS U 44 -65.50 29.54 83.06
C LYS U 44 -64.37 30.01 83.96
N GLY U 45 -63.13 29.90 83.50
CA GLY U 45 -62.00 30.36 84.29
C GLY U 45 -60.85 29.38 84.36
N GLU U 46 -60.95 28.25 83.66
CA GLU U 46 -59.89 27.26 83.63
C GLU U 46 -58.96 27.56 82.46
N TYR U 47 -57.83 28.20 82.74
CA TYR U 47 -56.90 28.61 81.71
C TYR U 47 -55.88 27.53 81.36
N VAL U 48 -55.53 26.67 82.31
CA VAL U 48 -54.64 25.55 82.00
C VAL U 48 -55.31 24.59 81.03
N LYS U 49 -56.58 24.26 81.31
CA LYS U 49 -57.31 23.38 80.41
C LYS U 49 -57.50 24.02 79.05
N ALA U 50 -57.68 25.33 79.01
CA ALA U 50 -57.79 26.03 77.73
C ALA U 50 -56.49 25.95 76.93
N ASP U 51 -55.35 26.13 77.61
CA ASP U 51 -54.06 26.01 76.93
C ASP U 51 -53.84 24.61 76.39
N LEU U 52 -54.20 23.60 77.19
CA LEU U 52 -54.06 22.21 76.75
C LEU U 52 -54.99 21.90 75.59
N ILE U 53 -56.22 22.43 75.62
CA ILE U 53 -57.15 22.24 74.51
C ILE U 53 -56.62 22.89 73.25
N LEU U 54 -55.99 24.07 73.38
CA LEU U 54 -55.41 24.70 72.20
C LEU U 54 -54.31 23.84 71.60
N THR U 55 -53.50 23.21 72.46
CA THR U 55 -52.49 22.28 71.95
C THR U 55 -53.13 21.09 71.23
N ASP U 56 -54.22 20.57 71.79
CA ASP U 56 -54.93 19.46 71.13
C ASP U 56 -55.49 19.88 69.77
N ILE U 57 -56.06 21.08 69.70
CA ILE U 57 -56.59 21.58 68.43
C ILE U 57 -55.48 21.73 67.41
N LEU U 58 -54.32 22.22 67.84
CA LEU U 58 -53.18 22.31 66.93
C LEU U 58 -52.78 20.94 66.41
N ARG U 59 -52.77 19.93 67.30
CA ARG U 59 -52.46 18.57 66.86
C ARG U 59 -53.47 18.06 65.83
N LEU U 60 -54.75 18.31 66.07
CA LEU U 60 -55.78 17.89 65.13
C LEU U 60 -55.60 18.55 63.77
N LEU U 61 -55.39 19.87 63.77
CA LEU U 61 -55.24 20.60 62.50
C LEU U 61 -53.99 20.15 61.75
N GLU U 62 -52.90 19.90 62.47
CA GLU U 62 -51.71 19.38 61.82
C GLU U 62 -51.95 17.98 61.26
N GLU U 63 -52.78 17.19 61.94
CA GLU U 63 -53.16 15.89 61.40
C GLU U 63 -53.92 16.05 60.08
N GLU U 64 -54.82 17.02 60.01
CA GLU U 64 -55.55 17.26 58.77
C GLU U 64 -54.61 17.75 57.66
N GLY U 65 -53.81 18.78 57.95
CA GLY U 65 -52.81 19.23 57.00
C GLY U 65 -53.13 20.48 56.20
N VAL U 66 -53.65 21.51 56.85
CA VAL U 66 -53.90 22.81 56.22
C VAL U 66 -52.93 23.81 56.83
N LYS U 67 -52.03 24.35 55.99
CA LYS U 67 -50.89 25.11 56.48
C LYS U 67 -51.31 26.39 57.19
N SER U 68 -52.22 27.15 56.56
CA SER U 68 -52.66 28.41 57.15
C SER U 68 -53.32 28.18 58.50
N LEU U 69 -54.19 27.17 58.58
CA LEU U 69 -54.80 26.83 59.86
C LEU U 69 -53.75 26.42 60.88
N ILE U 70 -52.70 25.73 60.45
CA ILE U 70 -51.68 25.25 61.37
C ILE U 70 -50.92 26.43 61.97
N LYS U 71 -50.46 27.35 61.13
CA LYS U 71 -49.72 28.50 61.66
C LYS U 71 -50.62 29.37 62.53
N GLN U 72 -51.89 29.53 62.12
CA GLN U 72 -52.83 30.28 62.94
C GLN U 72 -53.03 29.63 64.30
N ALA U 73 -53.07 28.30 64.35
CA ALA U 73 -53.27 27.61 65.61
C ALA U 73 -52.06 27.73 66.53
N LYS U 74 -50.85 27.64 65.96
CA LYS U 74 -49.65 27.81 66.77
C LYS U 74 -49.56 29.22 67.37
N GLU U 75 -49.75 30.24 66.51
CA GLU U 75 -49.72 31.60 67.03
C GLU U 75 -50.85 31.84 68.01
N LEU U 76 -51.99 31.18 67.81
CA LEU U 76 -53.08 31.28 68.76
C LEU U 76 -52.70 30.73 70.12
N HIS U 77 -52.04 29.56 70.14
CA HIS U 77 -51.59 29.00 71.40
C HIS U 77 -50.69 29.98 72.15
N ILE U 78 -49.66 30.49 71.45
CA ILE U 78 -48.71 31.38 72.10
C ILE U 78 -49.39 32.64 72.62
N GLU U 79 -50.17 33.30 71.75
CA GLU U 79 -50.75 34.58 72.11
C GLU U 79 -51.84 34.44 73.16
N VAL U 80 -52.62 33.36 73.13
CA VAL U 80 -53.64 33.16 74.15
C VAL U 80 -52.99 32.87 75.49
N PHE U 81 -51.89 32.12 75.50
CA PHE U 81 -51.18 31.92 76.76
C PHE U 81 -50.72 33.25 77.34
N LYS U 82 -50.12 34.09 76.50
CA LYS U 82 -49.66 35.40 76.97
C LYS U 82 -50.82 36.26 77.49
N LEU U 83 -51.92 36.31 76.73
CA LEU U 83 -53.06 37.15 77.11
C LEU U 83 -53.71 36.66 78.39
N LEU U 84 -53.86 35.34 78.55
CA LEU U 84 -54.42 34.81 79.78
C LEU U 84 -53.50 35.06 80.96
N LYS U 85 -52.19 35.08 80.74
CA LYS U 85 -51.28 35.52 81.78
C LYS U 85 -51.56 36.98 82.17
N GLU U 86 -51.71 37.84 81.16
CA GLU U 86 -51.94 39.26 81.45
C GLU U 86 -53.33 39.51 82.01
N GLY U 87 -54.33 38.73 81.59
CA GLY U 87 -55.70 38.93 82.02
C GLY U 87 -56.65 39.42 80.94
N GLU U 88 -56.22 39.46 79.68
CA GLU U 88 -57.06 39.93 78.58
C GLU U 88 -57.91 38.76 78.09
N TYR U 89 -58.98 38.49 78.83
CA TYR U 89 -59.86 37.37 78.49
C TYR U 89 -60.58 37.61 77.16
N LYS U 90 -61.07 38.83 76.94
CA LYS U 90 -61.84 39.12 75.74
C LYS U 90 -60.99 38.99 74.48
N GLU U 91 -59.73 39.43 74.54
CA GLU U 91 -58.86 39.31 73.37
C GLU U 91 -58.58 37.85 73.03
N ALA U 92 -58.35 37.02 74.06
CA ALA U 92 -58.13 35.61 73.82
C ALA U 92 -59.38 34.94 73.25
N LYS U 93 -60.55 35.27 73.80
CA LYS U 93 -61.79 34.75 73.25
C LYS U 93 -61.99 35.17 71.81
N ALA U 94 -61.65 36.42 71.48
CA ALA U 94 -61.77 36.88 70.11
C ALA U 94 -60.85 36.12 69.17
N LEU U 95 -59.62 35.84 69.60
CA LEU U 95 -58.70 35.08 68.77
C LEU U 95 -59.19 33.66 68.54
N VAL U 96 -59.71 33.03 69.59
CA VAL U 96 -60.23 31.67 69.45
C VAL U 96 -61.45 31.66 68.51
N GLU U 97 -62.32 32.67 68.65
CA GLU U 97 -63.48 32.75 67.76
C GLU U 97 -63.06 33.00 66.31
N ALA U 98 -62.01 33.79 66.11
CA ALA U 98 -61.51 34.01 64.76
C ALA U 98 -60.99 32.71 64.14
N LEU U 99 -60.25 31.93 64.92
CA LEU U 99 -59.77 30.64 64.39
C LEU U 99 -60.94 29.70 64.11
N ARG U 100 -61.95 29.70 64.97
CA ARG U 100 -63.11 28.86 64.75
C ARG U 100 -63.82 29.23 63.46
N VAL U 101 -64.03 30.53 63.23
CA VAL U 101 -64.68 31.00 62.02
C VAL U 101 -63.85 30.64 60.80
N SER U 102 -62.52 30.76 60.91
CA SER U 102 -61.66 30.40 59.79
C SER U 102 -61.77 28.92 59.44
N VAL U 103 -61.81 28.04 60.44
CA VAL U 103 -61.92 26.61 60.19
C VAL U 103 -63.28 26.27 59.58
N GLU U 104 -64.35 26.85 60.12
CA GLU U 104 -65.68 26.61 59.56
C GLU U 104 -65.77 27.11 58.12
N LEU U 105 -65.15 28.26 57.84
CA LEU U 105 -65.15 28.79 56.49
C LEU U 105 -64.39 27.88 55.54
N TYR U 106 -63.27 27.31 55.99
CA TYR U 106 -62.56 26.36 55.14
C TYR U 106 -63.44 25.14 54.85
N ILE U 107 -64.14 24.65 55.87
CA ILE U 107 -65.03 23.50 55.67
C ILE U 107 -66.08 23.83 54.61
N LEU U 108 -66.71 25.00 54.75
CA LEU U 108 -67.78 25.37 53.83
C LEU U 108 -67.24 25.59 52.42
N ILE U 109 -66.04 26.16 52.29
CA ILE U 109 -65.45 26.34 50.97
C ILE U 109 -65.20 25.00 50.30
N LYS U 110 -64.66 24.04 51.07
CA LYS U 110 -64.40 22.72 50.50
C LYS U 110 -65.70 22.04 50.07
N ARG U 111 -66.74 22.12 50.92
CA ARG U 111 -68.02 21.52 50.55
C ARG U 111 -68.60 22.17 49.32
N GLY U 112 -68.52 23.50 49.22
CA GLY U 112 -69.06 24.19 48.06
C GLY U 112 -68.32 23.85 46.79
N VAL U 113 -66.98 23.80 46.85
CA VAL U 113 -66.21 23.51 45.65
C VAL U 113 -66.42 22.07 45.19
N ARG U 114 -66.44 21.13 46.13
CA ARG U 114 -66.65 19.73 45.77
C ARG U 114 -68.01 19.52 45.14
N GLU U 115 -69.07 20.04 45.77
CA GLU U 115 -70.44 19.92 45.27
C GLU U 115 -70.68 20.73 44.02
N GLY U 116 -69.68 21.44 43.49
CA GLY U 116 -69.90 22.27 42.32
C GLY U 116 -70.88 23.41 42.54
N ARG U 117 -70.93 23.94 43.75
CA ARG U 117 -71.83 25.04 44.04
C ARG U 117 -71.39 26.30 43.29
N PRO U 118 -72.33 27.17 42.93
CA PRO U 118 -71.96 28.42 42.27
C PRO U 118 -71.13 29.31 43.19
N ILE U 119 -70.24 30.09 42.58
CA ILE U 119 -69.42 31.05 43.32
C ILE U 119 -70.31 32.05 44.06
N GLU U 120 -71.46 32.38 43.48
CA GLU U 120 -72.34 33.40 44.06
C GLU U 120 -72.75 33.04 45.48
N GLU U 121 -73.29 31.83 45.68
CA GLU U 121 -73.80 31.47 46.99
C GLU U 121 -72.66 31.22 47.98
N ILE U 122 -71.52 30.75 47.50
CA ILE U 122 -70.34 30.62 48.36
C ILE U 122 -69.95 31.99 48.90
N ALA U 123 -69.90 32.99 48.01
CA ALA U 123 -69.55 34.34 48.44
C ALA U 123 -70.56 34.89 49.43
N ARG U 124 -71.85 34.67 49.18
CA ARG U 124 -72.87 35.14 50.11
C ARG U 124 -72.72 34.48 51.49
N GLU U 125 -72.43 33.17 51.51
CA GLU U 125 -72.23 32.47 52.76
C GLU U 125 -71.02 33.01 53.52
N VAL U 126 -69.92 33.26 52.81
CA VAL U 126 -68.73 33.80 53.45
C VAL U 126 -69.03 35.16 54.06
N GLY U 127 -69.72 36.02 53.31
CA GLY U 127 -70.09 37.32 53.85
C GLY U 127 -70.98 37.22 55.07
N ARG U 128 -71.96 36.32 55.04
CA ARG U 128 -72.84 36.14 56.19
C ARG U 128 -72.07 35.69 57.42
N LYS U 129 -71.14 34.75 57.24
CA LYS U 129 -70.34 34.27 58.37
C LYS U 129 -69.48 35.38 58.95
N LEU U 130 -68.84 36.18 58.08
CA LEU U 130 -68.03 37.28 58.57
C LEU U 130 -68.86 38.31 59.31
N VAL U 131 -70.06 38.61 58.82
CA VAL U 131 -70.91 39.58 59.50
C VAL U 131 -71.36 39.05 60.85
N GLU U 132 -71.67 37.75 60.93
CA GLU U 132 -72.06 37.18 62.22
C GLU U 132 -70.91 37.23 63.21
N LEU U 133 -69.69 36.93 62.77
CA LEU U 133 -68.53 37.05 63.64
C LEU U 133 -68.35 38.49 64.12
N ALA U 134 -68.49 39.46 63.21
CA ALA U 134 -68.34 40.86 63.59
C ALA U 134 -69.38 41.27 64.62
N LYS U 135 -70.63 40.82 64.44
CA LYS U 135 -71.67 41.13 65.41
C LYS U 135 -71.37 40.51 66.77
N ARG U 136 -70.88 39.27 66.78
CA ARG U 136 -70.51 38.62 68.03
C ARG U 136 -69.42 39.41 68.75
N LEU U 137 -68.35 39.77 68.02
CA LEU U 137 -67.24 40.50 68.63
C LEU U 137 -67.70 41.87 69.12
N GLU U 138 -68.58 42.53 68.38
CA GLU U 138 -69.11 43.82 68.83
C GLU U 138 -69.92 43.65 70.11
N LYS U 139 -70.67 42.56 70.22
CA LYS U 139 -71.41 42.30 71.46
C LYS U 139 -70.45 42.05 72.62
N GLU U 140 -69.35 41.34 72.36
CA GLU U 140 -68.39 41.08 73.43
C GLU U 140 -67.79 42.36 74.00
N GLY U 141 -67.43 43.30 73.13
CA GLY U 141 -66.85 44.56 73.57
C GLY U 141 -65.55 44.90 72.88
N ILE U 142 -65.18 44.11 71.87
CA ILE U 142 -63.97 44.38 71.12
C ILE U 142 -64.21 45.56 70.18
N SER U 143 -63.23 46.46 70.11
CA SER U 143 -63.35 47.65 69.28
C SER U 143 -63.34 47.29 67.80
N TRP U 144 -63.81 48.23 66.98
CA TRP U 144 -64.01 47.94 65.56
C TRP U 144 -62.70 47.85 64.79
N GLU U 145 -61.65 48.53 65.25
CA GLU U 145 -60.35 48.38 64.60
C GLU U 145 -59.83 46.96 64.74
N GLU U 146 -59.94 46.39 65.94
CA GLU U 146 -59.53 45.00 66.15
C GLU U 146 -60.40 44.04 65.35
N ILE U 147 -61.71 44.32 65.28
CA ILE U 147 -62.62 43.48 64.50
C ILE U 147 -62.21 43.49 63.04
N ILE U 148 -61.91 44.67 62.50
CA ILE U 148 -61.51 44.78 61.10
C ILE U 148 -60.21 44.04 60.86
N GLU U 149 -59.23 44.19 61.76
CA GLU U 149 -57.96 43.49 61.57
C GLU U 149 -58.13 41.99 61.60
N LEU U 150 -58.93 41.47 62.54
CA LEU U 150 -59.21 40.05 62.58
C LEU U 150 -59.89 39.58 61.28
N ILE U 151 -60.84 40.38 60.79
CA ILE U 151 -61.54 40.03 59.56
C ILE U 151 -60.59 39.97 58.38
N GLU U 152 -59.66 40.93 58.28
CA GLU U 152 -58.70 40.90 57.18
C GLU U 152 -57.73 39.72 57.29
N ARG U 153 -57.34 39.34 58.50
CA ARG U 153 -56.53 38.13 58.65
C ARG U 153 -57.29 36.91 58.16
N ILE U 154 -58.58 36.80 58.53
CA ILE U 154 -59.41 35.70 58.05
C ILE U 154 -59.52 35.74 56.54
N LEU U 155 -59.61 36.95 55.97
CA LEU U 155 -59.74 37.08 54.52
C LEU U 155 -58.47 36.64 53.80
N GLU U 156 -57.30 36.94 54.37
CA GLU U 156 -56.05 36.46 53.79
C GLU U 156 -55.98 34.93 53.85
N SER U 157 -56.43 34.36 54.98
CA SER U 157 -56.50 32.90 55.07
C SER U 157 -57.43 32.32 54.01
N ILE U 158 -58.58 32.97 53.80
CA ILE U 158 -59.53 32.53 52.78
C ILE U 158 -58.91 32.61 51.39
N ARG U 159 -58.16 33.68 51.13
CA ARG U 159 -57.49 33.83 49.84
C ARG U 159 -56.52 32.68 49.60
N GLU U 160 -55.73 32.34 50.61
CA GLU U 160 -54.80 31.22 50.47
C GLU U 160 -55.54 29.91 50.24
N ILE U 161 -56.63 29.68 50.99
CA ILE U 161 -57.39 28.45 50.85
C ILE U 161 -57.98 28.33 49.45
N LEU U 162 -58.56 29.43 48.96
CA LEU U 162 -59.15 29.43 47.63
C LEU U 162 -58.11 29.20 46.55
N LYS U 163 -56.94 29.83 46.70
CA LYS U 163 -55.87 29.59 45.74
C LYS U 163 -55.41 28.14 45.78
N GLU U 164 -55.50 27.49 46.94
CA GLU U 164 -55.14 26.08 47.02
C GLU U 164 -56.09 25.21 46.20
N GLU U 165 -57.38 25.54 46.21
CA GLU U 165 -58.37 24.75 45.48
C GLU U 165 -58.27 24.87 43.97
N GLY U 166 -57.29 25.62 43.45
CA GLY U 166 -57.14 25.77 42.02
C GLY U 166 -58.08 26.75 41.37
N LEU U 167 -58.80 27.55 42.15
CA LEU U 167 -59.68 28.55 41.56
C LEU U 167 -58.85 29.66 40.92
N PRO U 168 -59.31 30.23 39.81
CA PRO U 168 -58.59 31.34 39.20
C PRO U 168 -58.79 32.63 40.00
N GLU U 169 -57.99 33.64 39.64
CA GLU U 169 -57.94 34.87 40.43
C GLU U 169 -59.26 35.64 40.38
N SER U 170 -60.00 35.54 39.28
CA SER U 170 -61.21 36.36 39.12
C SER U 170 -62.25 36.01 40.17
N GLU U 171 -62.56 34.72 40.33
CA GLU U 171 -63.56 34.32 41.31
C GLU U 171 -63.09 34.57 42.73
N ILE U 172 -61.79 34.37 43.00
CA ILE U 172 -61.27 34.66 44.32
C ILE U 172 -61.47 36.13 44.66
N ASN U 173 -61.10 37.01 43.73
CA ASN U 173 -61.29 38.44 43.95
C ASN U 173 -62.76 38.80 44.11
N ARG U 174 -63.63 38.14 43.34
CA ARG U 174 -65.06 38.39 43.45
C ARG U 174 -65.57 38.02 44.83
N ILE U 175 -65.19 36.84 45.34
CA ILE U 175 -65.65 36.41 46.66
C ILE U 175 -65.13 37.36 47.74
N LEU U 176 -63.85 37.72 47.67
CA LEU U 176 -63.27 38.59 48.68
C LEU U 176 -63.93 39.97 48.65
N ALA U 177 -64.17 40.52 47.46
CA ALA U 177 -64.83 41.81 47.36
C ALA U 177 -66.24 41.77 47.91
N VAL U 178 -66.97 40.69 47.63
CA VAL U 178 -68.33 40.56 48.15
C VAL U 178 -68.32 40.51 49.67
N SER U 179 -67.40 39.75 50.26
CA SER U 179 -67.35 39.66 51.72
C SER U 179 -67.01 41.02 52.35
N ILE U 180 -66.02 41.70 51.79
CA ILE U 180 -65.66 43.03 52.29
C ILE U 180 -66.85 43.98 52.17
N LEU U 181 -67.57 43.93 51.05
CA LEU U 181 -68.71 44.80 50.86
C LEU U 181 -69.85 44.46 51.81
N GLU U 182 -70.00 43.19 52.19
CA GLU U 182 -71.02 42.84 53.17
C GLU U 182 -70.69 43.40 54.55
N VAL U 183 -69.41 43.33 54.94
CA VAL U 183 -69.01 43.96 56.20
C VAL U 183 -69.25 45.46 56.14
N ALA U 184 -68.89 46.09 55.01
CA ALA U 184 -69.12 47.52 54.86
C ALA U 184 -70.60 47.87 54.89
N LYS U 185 -71.44 46.99 54.33
CA LYS U 185 -72.89 47.20 54.37
C LYS U 185 -73.41 47.14 55.79
N TYR U 186 -72.90 46.20 56.60
CA TYR U 186 -73.29 46.18 58.01
C TYR U 186 -72.88 47.47 58.71
N LEU U 187 -71.68 47.96 58.42
CA LEU U 187 -71.25 49.22 59.01
C LEU U 187 -72.14 50.38 58.59
N LEU U 188 -72.52 50.44 57.31
CA LEU U 188 -73.41 51.49 56.83
C LEU U 188 -74.77 51.43 57.50
N GLU U 189 -75.30 50.21 57.67
CA GLU U 189 -76.57 50.06 58.37
C GLU U 189 -76.47 50.55 59.80
N LYS U 190 -75.35 50.26 60.47
CA LYS U 190 -75.14 50.79 61.82
C LYS U 190 -75.11 52.32 61.81
N LEU U 191 -74.41 52.91 60.84
CA LEU U 191 -74.35 54.37 60.77
C LEU U 191 -75.71 54.98 60.46
N GLY U 192 -76.48 54.37 59.57
CA GLY U 192 -77.81 54.87 59.25
C GLY U 192 -77.90 55.58 57.91
N PHE U 193 -77.16 55.09 56.92
CA PHE U 193 -77.15 55.65 55.57
C PHE U 193 -77.81 54.63 54.65
N ASP U 194 -79.14 54.73 54.51
CA ASP U 194 -79.89 53.71 53.80
C ASP U 194 -79.63 53.72 52.30
N TYR U 195 -79.53 54.92 51.71
CA TYR U 195 -79.33 55.01 50.26
C TYR U 195 -77.99 54.39 49.85
N LEU U 196 -76.93 54.67 50.62
CA LEU U 196 -75.65 54.04 50.35
C LEU U 196 -75.74 52.54 50.53
N VAL U 197 -76.57 52.07 51.46
CA VAL U 197 -76.79 50.63 51.61
C VAL U 197 -77.37 50.06 50.33
N GLU U 198 -78.42 50.70 49.79
CA GLU U 198 -79.06 50.21 48.57
C GLU U 198 -78.10 50.19 47.40
N LEU U 199 -77.32 51.26 47.23
CA LEU U 199 -76.29 51.25 46.20
C LEU U 199 -75.30 50.12 46.42
N LEU U 200 -75.02 49.79 47.68
CA LEU U 200 -74.10 48.69 47.96
C LEU U 200 -74.69 47.34 47.56
N ASP U 201 -75.98 47.11 47.81
CA ASP U 201 -76.58 45.87 47.31
C ASP U 201 -76.54 45.83 45.79
N ARG U 202 -76.79 46.96 45.13
CA ARG U 202 -76.71 46.98 43.67
C ARG U 202 -75.31 46.60 43.19
N ALA U 203 -74.28 47.17 43.81
CA ALA U 203 -72.91 46.85 43.42
C ALA U 203 -72.56 45.39 43.71
N ILE U 204 -73.05 44.86 44.84
CA ILE U 204 -72.78 43.46 45.19
C ILE U 204 -73.43 42.53 44.17
N GLU U 205 -74.68 42.83 43.79
CA GLU U 205 -75.35 42.03 42.77
C GLU U 205 -74.60 42.09 41.44
N TYR U 206 -74.12 43.27 41.05
CA TYR U 206 -73.38 43.38 39.80
C TYR U 206 -72.08 42.59 39.86
N ILE U 207 -71.38 42.62 40.99
CA ILE U 207 -70.16 41.83 41.15
C ILE U 207 -70.48 40.35 41.06
N LEU U 208 -71.56 39.92 41.71
CA LEU U 208 -71.89 38.50 41.76
C LEU U 208 -72.31 37.98 40.38
N LYS U 209 -73.05 38.79 39.62
CA LYS U 209 -73.49 38.38 38.29
C LYS U 209 -72.37 38.41 37.25
N GLY U 210 -71.20 38.96 37.58
CA GLY U 210 -70.07 38.98 36.69
C GLY U 210 -69.81 40.31 36.01
N ARG U 211 -70.73 41.26 36.13
CA ARG U 211 -70.58 42.57 35.50
C ARG U 211 -69.64 43.42 36.35
N SER U 212 -68.38 43.47 35.94
CA SER U 212 -67.32 44.05 36.77
C SER U 212 -67.18 45.55 36.58
N GLU U 213 -67.17 46.03 35.33
CA GLU U 213 -66.93 47.45 35.08
C GLU U 213 -68.07 48.32 35.62
N LEU U 214 -69.31 47.87 35.47
CA LEU U 214 -70.44 48.59 36.05
C LEU U 214 -70.30 48.66 37.57
N ALA U 215 -69.87 47.55 38.18
CA ALA U 215 -69.66 47.54 39.62
C ALA U 215 -68.56 48.51 40.04
N VAL U 216 -67.49 48.59 39.25
CA VAL U 216 -66.40 49.50 39.56
C VAL U 216 -66.88 50.95 39.49
N HIS U 217 -67.66 51.28 38.47
CA HIS U 217 -68.20 52.64 38.36
C HIS U 217 -69.14 52.95 39.53
N LEU U 218 -69.99 51.97 39.89
CA LEU U 218 -70.87 52.16 41.04
C LEU U 218 -70.08 52.36 42.32
N LEU U 219 -68.99 51.62 42.48
CA LEU U 219 -68.15 51.75 43.67
C LEU U 219 -67.46 53.11 43.70
N ASP U 220 -67.06 53.62 42.53
CA ASP U 220 -66.50 54.97 42.47
C ASP U 220 -67.52 56.01 42.93
N ASP U 221 -68.77 55.89 42.46
CA ASP U 221 -69.80 56.82 42.90
C ASP U 221 -70.06 56.70 44.39
N ILE U 222 -70.07 55.47 44.91
CA ILE U 222 -70.25 55.25 46.35
C ILE U 222 -69.11 55.87 47.14
N ILE U 223 -67.88 55.74 46.65
CA ILE U 223 -66.73 56.32 47.32
C ILE U 223 -66.83 57.84 47.36
N ARG U 224 -67.26 58.44 46.25
CA ARG U 224 -67.47 59.89 46.24
C ARG U 224 -68.52 60.31 47.25
N ARG U 225 -69.63 59.57 47.33
CA ARG U 225 -70.68 59.91 48.30
C ARG U 225 -70.18 59.77 49.73
N VAL U 226 -69.38 58.72 50.00
CA VAL U 226 -68.84 58.52 51.35
C VAL U 226 -67.90 59.64 51.72
N HIS U 227 -67.04 60.06 50.79
CA HIS U 227 -66.15 61.18 51.06
C HIS U 227 -66.93 62.47 51.30
N GLU U 228 -68.02 62.67 50.56
CA GLU U 228 -68.87 63.84 50.81
C GLU U 228 -69.46 63.78 52.22
N GLU U 229 -69.92 62.61 52.66
CA GLU U 229 -70.46 62.48 54.00
C GLU U 229 -69.39 62.77 55.06
N ILE U 230 -68.18 62.24 54.85
CA ILE U 230 -67.08 62.48 55.80
C ILE U 230 -66.77 63.97 55.88
N GLU U 231 -66.69 64.64 54.73
CA GLU U 231 -66.44 66.07 54.72
C GLU U 231 -67.55 66.85 55.40
N ARG U 232 -68.80 66.38 55.26
CA ARG U 232 -69.90 67.03 55.96
C ARG U 232 -69.75 66.89 57.47
N TYR U 233 -69.29 65.73 57.94
CA TYR U 233 -69.17 65.52 59.38
C TYR U 233 -68.16 66.46 60.02
N GLY U 234 -67.04 66.69 59.36
CA GLY U 234 -66.07 67.67 59.83
C GLY U 234 -65.04 67.06 60.77
N ASP U 235 -64.99 67.54 62.00
CA ASP U 235 -64.02 67.06 62.99
C ASP U 235 -64.57 65.98 63.90
N ASP U 236 -65.88 65.70 63.85
CA ASP U 236 -66.52 64.73 64.71
C ASP U 236 -66.85 63.43 63.97
N VAL U 237 -65.99 63.03 63.04
CA VAL U 237 -66.25 61.85 62.21
C VAL U 237 -66.15 60.59 63.07
N PRO U 238 -67.19 59.77 63.11
CA PRO U 238 -67.08 58.48 63.79
C PRO U 238 -66.12 57.55 63.07
N GLU U 239 -65.50 56.65 63.84
CA GLU U 239 -64.52 55.73 63.28
C GLU U 239 -65.13 54.73 62.32
N GLU U 240 -66.43 54.45 62.46
CA GLU U 240 -67.08 53.53 61.55
C GLU U 240 -67.07 54.06 60.13
N LEU U 241 -67.23 55.38 59.96
CA LEU U 241 -67.20 55.97 58.63
C LEU U 241 -65.84 55.81 57.98
N LEU U 242 -64.75 56.00 58.74
CA LEU U 242 -63.42 55.85 58.18
C LEU U 242 -63.12 54.40 57.84
N LEU U 243 -63.53 53.47 58.71
CA LEU U 243 -63.35 52.05 58.41
C LEU U 243 -64.14 51.65 57.18
N LEU U 244 -65.37 52.16 57.05
CA LEU U 244 -66.18 51.91 55.87
C LEU U 244 -65.51 52.45 54.61
N ASP U 245 -64.94 53.66 54.70
CA ASP U 245 -64.20 54.23 53.58
C ASP U 245 -63.09 53.29 53.13
N LEU U 246 -62.27 52.84 54.09
CA LEU U 246 -61.16 51.95 53.76
C LEU U 246 -61.66 50.64 53.15
N LEU U 247 -62.73 50.08 53.71
CA LEU U 247 -63.26 48.82 53.22
C LEU U 247 -63.76 48.96 51.79
N VAL U 248 -64.53 50.02 51.51
CA VAL U 248 -65.06 50.22 50.17
C VAL U 248 -63.93 50.45 49.17
N GLN U 249 -62.90 51.18 49.59
CA GLN U 249 -61.77 51.41 48.69
C GLN U 249 -61.06 50.11 48.35
N LYS U 250 -60.80 49.25 49.33
CA LYS U 250 -60.12 48.00 49.05
C LYS U 250 -61.02 47.05 48.24
N ALA U 251 -62.33 47.09 48.47
CA ALA U 251 -63.25 46.29 47.67
C ALA U 251 -63.26 46.76 46.22
N ARG U 252 -63.21 48.08 46.00
CA ARG U 252 -63.13 48.60 44.65
C ARG U 252 -61.83 48.19 43.97
N ASP U 253 -60.72 48.20 44.71
CA ASP U 253 -59.46 47.73 44.13
C ASP U 253 -59.56 46.26 43.72
N LEU U 254 -60.15 45.42 44.59
CA LEU U 254 -60.31 44.02 44.24
C LEU U 254 -61.21 43.84 43.03
N ALA U 255 -62.31 44.60 42.96
CA ALA U 255 -63.22 44.50 41.83
C ALA U 255 -62.54 44.93 40.53
N ALA U 256 -61.69 45.95 40.60
CA ALA U 256 -60.89 46.32 39.43
C ALA U 256 -59.95 45.20 39.03
N ARG U 257 -59.31 44.55 40.01
CA ARG U 257 -58.37 43.47 39.70
C ARG U 257 -59.06 42.21 39.20
N ILE U 258 -60.39 42.13 39.25
CA ILE U 258 -61.11 40.93 38.81
C ILE U 258 -60.78 40.62 37.36
N MET V 25 -19.50 46.55 70.86
CA MET V 25 -19.43 47.81 70.12
C MET V 25 -19.07 48.98 71.03
N GLU V 26 -18.19 48.74 72.01
CA GLU V 26 -17.83 49.79 72.96
C GLU V 26 -17.07 50.93 72.32
N LYS V 27 -16.48 50.71 71.14
CA LYS V 27 -15.80 51.80 70.43
C LYS V 27 -16.79 52.90 70.06
N LEU V 28 -17.99 52.52 69.63
CA LEU V 28 -18.99 53.51 69.25
C LEU V 28 -19.55 54.24 70.48
N GLU V 29 -19.66 53.56 71.62
CA GLU V 29 -20.03 54.26 72.85
C GLU V 29 -18.94 55.25 73.27
N VAL V 30 -17.67 54.87 73.09
CA VAL V 30 -16.59 55.81 73.36
C VAL V 30 -16.67 57.01 72.43
N ALA V 31 -17.00 56.76 71.16
CA ALA V 31 -17.20 57.85 70.21
C ALA V 31 -18.35 58.77 70.64
N VAL V 32 -19.45 58.20 71.12
CA VAL V 32 -20.58 59.00 71.59
C VAL V 32 -20.17 59.85 72.78
N GLU V 33 -19.42 59.27 73.72
CA GLU V 33 -18.94 60.04 74.87
C GLU V 33 -18.01 61.17 74.42
N HIS V 34 -17.14 60.88 73.49
CA HIS V 34 -16.33 61.93 72.91
C HIS V 34 -17.15 63.04 72.31
N LEU V 35 -18.19 62.69 71.53
CA LEU V 35 -19.05 63.70 70.92
C LEU V 35 -19.71 64.58 71.98
N LYS V 36 -20.17 63.97 73.07
CA LYS V 36 -20.69 64.77 74.18
C LYS V 36 -19.62 65.70 74.73
N GLU V 37 -18.39 65.20 74.88
CA GLU V 37 -17.30 66.04 75.34
C GLU V 37 -17.04 67.19 74.38
N ALA V 38 -17.13 66.93 73.07
CA ALA V 38 -16.93 67.98 72.08
C ALA V 38 -18.01 69.05 72.18
N ILE V 39 -19.26 68.65 72.38
CA ILE V 39 -20.34 69.63 72.56
C ILE V 39 -20.07 70.48 73.80
N GLU V 40 -19.67 69.84 74.90
CA GLU V 40 -19.37 70.59 76.11
C GLU V 40 -18.20 71.55 75.90
N LEU V 41 -17.19 71.13 75.15
CA LEU V 41 -16.03 71.98 74.89
C LEU V 41 -16.41 73.18 74.03
N ILE V 42 -17.21 72.98 72.99
CA ILE V 42 -17.70 74.10 72.20
C ILE V 42 -18.49 75.06 73.07
N GLU V 43 -19.30 74.52 73.99
CA GLU V 43 -20.04 75.38 74.90
C GLU V 43 -19.11 76.18 75.80
N LYS V 44 -18.02 75.56 76.28
CA LYS V 44 -17.10 76.25 77.16
C LYS V 44 -16.35 77.36 76.44
N GLY V 45 -15.79 77.05 75.27
CA GLY V 45 -15.08 78.05 74.50
C GLY V 45 -13.74 77.61 73.96
N GLU V 46 -13.38 76.35 74.19
CA GLU V 46 -12.11 75.80 73.69
C GLU V 46 -12.36 75.18 72.32
N TYR V 47 -12.01 75.92 71.27
CA TYR V 47 -12.26 75.47 69.91
C TYR V 47 -11.14 74.61 69.35
N VAL V 48 -9.89 74.83 69.79
CA VAL V 48 -8.79 73.98 69.37
C VAL V 48 -8.99 72.56 69.89
N LYS V 49 -9.35 72.43 71.17
CA LYS V 49 -9.59 71.12 71.73
C LYS V 49 -10.79 70.46 71.07
N ALA V 50 -11.80 71.24 70.69
CA ALA V 50 -12.94 70.69 69.97
C ALA V 50 -12.53 70.15 68.60
N ASP V 51 -11.68 70.89 67.88
CA ASP V 51 -11.20 70.42 66.58
C ASP V 51 -10.39 69.13 66.72
N LEU V 52 -9.53 69.08 67.74
CA LEU V 52 -8.74 67.88 67.98
C LEU V 52 -9.61 66.70 68.39
N ILE V 53 -10.64 66.95 69.19
CA ILE V 53 -11.58 65.88 69.57
C ILE V 53 -12.31 65.37 68.34
N LEU V 54 -12.68 66.26 67.42
CA LEU V 54 -13.35 65.82 66.20
C LEU V 54 -12.43 64.92 65.38
N THR V 55 -11.14 65.26 65.32
CA THR V 55 -10.19 64.38 64.64
C THR V 55 -10.10 63.02 65.33
N ASP V 56 -10.10 63.00 66.67
CA ASP V 56 -10.06 61.74 67.40
C ASP V 56 -11.31 60.91 67.13
N ILE V 57 -12.48 61.55 67.09
CA ILE V 57 -13.72 60.84 66.80
C ILE V 57 -13.69 60.25 65.40
N LEU V 58 -13.15 61.01 64.44
CA LEU V 58 -13.01 60.47 63.09
C LEU V 58 -12.11 59.24 63.08
N ARG V 59 -11.01 59.29 63.84
CA ARG V 59 -10.12 58.13 63.91
C ARG V 59 -10.84 56.92 64.51
N LEU V 60 -11.61 57.14 65.57
CA LEU V 60 -12.37 56.05 66.18
C LEU V 60 -13.37 55.43 65.20
N LEU V 61 -14.14 56.28 64.51
CA LEU V 61 -15.14 55.78 63.58
C LEU V 61 -14.49 55.05 62.41
N GLU V 62 -13.37 55.54 61.92
CA GLU V 62 -12.65 54.83 60.87
C GLU V 62 -12.12 53.50 61.38
N GLU V 63 -11.73 53.44 62.65
CA GLU V 63 -11.33 52.16 63.24
C GLU V 63 -12.50 51.18 63.25
N GLU V 64 -13.70 51.65 63.57
CA GLU V 64 -14.85 50.77 63.55
C GLU V 64 -15.19 50.32 62.12
N GLY V 65 -15.29 51.26 61.20
CA GLY V 65 -15.48 50.92 59.80
C GLY V 65 -16.89 51.07 59.24
N VAL V 66 -17.56 52.17 59.54
CA VAL V 66 -18.88 52.46 58.97
C VAL V 66 -18.70 53.66 58.03
N LYS V 67 -18.96 53.43 56.74
CA LYS V 67 -18.59 54.40 55.72
C LYS V 67 -19.36 55.71 55.87
N SER V 68 -20.67 55.63 56.05
CA SER V 68 -21.49 56.83 56.17
C SER V 68 -21.05 57.67 57.37
N LEU V 69 -20.83 57.01 58.50
CA LEU V 69 -20.35 57.71 59.68
C LEU V 69 -18.98 58.35 59.41
N ILE V 70 -18.13 57.66 58.64
CA ILE V 70 -16.79 58.19 58.37
C ILE V 70 -16.87 59.47 57.55
N LYS V 71 -17.63 59.44 56.45
CA LYS V 71 -17.73 60.65 55.63
C LYS V 71 -18.41 61.78 56.39
N GLN V 72 -19.43 61.44 57.19
CA GLN V 72 -20.07 62.46 58.02
C GLN V 72 -19.09 63.08 59.00
N ALA V 73 -18.20 62.26 59.58
CA ALA V 73 -17.24 62.79 60.55
C ALA V 73 -16.20 63.68 59.88
N LYS V 74 -15.73 63.30 58.69
CA LYS V 74 -14.77 64.16 57.98
C LYS V 74 -15.39 65.50 57.62
N GLU V 75 -16.58 65.48 57.02
CA GLU V 75 -17.23 66.74 56.67
C GLU V 75 -17.57 67.54 57.93
N LEU V 76 -17.87 66.86 59.03
CA LEU V 76 -18.10 67.54 60.28
C LEU V 76 -16.86 68.28 60.75
N HIS V 77 -15.70 67.63 60.68
CA HIS V 77 -14.45 68.28 61.07
C HIS V 77 -14.24 69.56 60.26
N ILE V 78 -14.34 69.44 58.92
CA ILE V 78 -14.08 70.61 58.07
C ILE V 78 -15.08 71.73 58.36
N GLU V 79 -16.37 71.39 58.37
CA GLU V 79 -17.39 72.43 58.51
C GLU V 79 -17.40 73.05 59.90
N VAL V 80 -17.13 72.26 60.94
CA VAL V 80 -17.09 72.83 62.29
C VAL V 80 -15.88 73.74 62.43
N PHE V 81 -14.75 73.38 61.83
CA PHE V 81 -13.62 74.29 61.85
C PHE V 81 -13.97 75.62 61.20
N LYS V 82 -14.60 75.56 60.03
CA LYS V 82 -14.99 76.79 59.34
C LYS V 82 -15.98 77.61 60.17
N LEU V 83 -17.00 76.97 60.73
CA LEU V 83 -18.02 77.67 61.50
C LEU V 83 -17.45 78.29 62.77
N LEU V 84 -16.57 77.57 63.46
CA LEU V 84 -15.94 78.12 64.65
C LEU V 84 -15.02 79.28 64.31
N LYS V 85 -14.40 79.24 63.12
CA LYS V 85 -13.69 80.43 62.65
C LYS V 85 -14.63 81.60 62.47
N GLU V 86 -15.79 81.37 61.83
CA GLU V 86 -16.72 82.46 61.59
C GLU V 86 -17.41 82.92 62.88
N GLY V 87 -17.66 82.00 63.82
CA GLY V 87 -18.36 82.32 65.04
C GLY V 87 -19.75 81.72 65.16
N GLU V 88 -20.13 80.81 64.27
CA GLU V 88 -21.45 80.17 64.31
C GLU V 88 -21.38 78.98 65.26
N TYR V 89 -21.45 79.27 66.55
CA TYR V 89 -21.36 78.22 67.56
C TYR V 89 -22.56 77.28 67.50
N LYS V 90 -23.76 77.83 67.33
CA LYS V 90 -24.97 77.02 67.35
C LYS V 90 -25.01 76.05 66.17
N GLU V 91 -24.56 76.49 64.99
CA GLU V 91 -24.55 75.60 63.83
C GLU V 91 -23.58 74.45 64.04
N ALA V 92 -22.39 74.73 64.60
CA ALA V 92 -21.43 73.67 64.87
C ALA V 92 -21.96 72.69 65.91
N LYS V 93 -22.59 73.21 66.97
CA LYS V 93 -23.19 72.35 67.97
C LYS V 93 -24.29 71.48 67.35
N ALA V 94 -25.08 72.05 66.45
CA ALA V 94 -26.13 71.28 65.79
C ALA V 94 -25.53 70.16 64.94
N LEU V 95 -24.45 70.44 64.22
CA LEU V 95 -23.82 69.41 63.41
C LEU V 95 -23.25 68.28 64.27
N VAL V 96 -22.61 68.65 65.39
CA VAL V 96 -22.07 67.63 66.28
C VAL V 96 -23.19 66.79 66.88
N GLU V 97 -24.30 67.44 67.26
CA GLU V 97 -25.45 66.70 67.81
C GLU V 97 -26.06 65.78 66.76
N ALA V 98 -26.10 66.22 65.50
CA ALA V 98 -26.61 65.37 64.44
C ALA V 98 -25.74 64.13 64.26
N LEU V 99 -24.42 64.30 64.28
CA LEU V 99 -23.54 63.13 64.17
C LEU V 99 -23.70 62.21 65.38
N ARG V 100 -23.86 62.78 66.56
CA ARG V 100 -24.06 61.96 67.76
C ARG V 100 -25.34 61.12 67.64
N VAL V 101 -26.43 61.76 67.21
CA VAL V 101 -27.69 61.06 67.05
C VAL V 101 -27.56 59.98 66.00
N SER V 102 -26.84 60.26 64.91
CA SER V 102 -26.65 59.25 63.88
C SER V 102 -25.90 58.03 64.39
N VAL V 103 -24.84 58.26 65.19
CA VAL V 103 -24.06 57.14 65.73
C VAL V 103 -24.90 56.33 66.72
N GLU V 104 -25.63 57.01 67.61
CA GLU V 104 -26.50 56.29 68.54
C GLU V 104 -27.57 55.50 67.82
N LEU V 105 -28.12 56.07 66.75
CA LEU V 105 -29.13 55.36 65.97
C LEU V 105 -28.55 54.12 65.30
N TYR V 106 -27.32 54.22 64.79
CA TYR V 106 -26.68 53.03 64.22
C TYR V 106 -26.50 51.96 65.29
N ILE V 107 -26.07 52.37 66.50
CA ILE V 107 -25.90 51.40 67.58
C ILE V 107 -27.21 50.71 67.87
N LEU V 108 -28.30 51.48 67.99
CA LEU V 108 -29.59 50.90 68.33
C LEU V 108 -30.11 50.00 67.22
N ILE V 109 -29.88 50.38 65.96
CA ILE V 109 -30.30 49.54 64.84
C ILE V 109 -29.56 48.21 64.87
N LYS V 110 -28.26 48.24 65.13
CA LYS V 110 -27.49 46.99 65.20
C LYS V 110 -27.97 46.11 66.34
N ARG V 111 -28.21 46.71 67.52
CA ARG V 111 -28.70 45.93 68.65
C ARG V 111 -30.08 45.33 68.35
N GLY V 112 -30.97 46.11 67.72
CA GLY V 112 -32.28 45.59 67.41
C GLY V 112 -32.25 44.46 66.39
N VAL V 113 -31.42 44.61 65.35
CA VAL V 113 -31.37 43.58 64.31
C VAL V 113 -30.75 42.30 64.86
N ARG V 114 -29.67 42.43 65.65
CA ARG V 114 -29.02 41.25 66.20
C ARG V 114 -29.96 40.50 67.14
N GLU V 115 -30.60 41.21 68.06
CA GLU V 115 -31.53 40.63 69.03
C GLU V 115 -32.83 40.15 68.39
N GLY V 116 -32.98 40.27 67.07
CA GLY V 116 -34.23 39.87 66.43
C GLY V 116 -35.43 40.66 66.88
N ARG V 117 -35.24 41.93 67.23
CA ARG V 117 -36.35 42.76 67.66
C ARG V 117 -37.31 43.03 66.50
N PRO V 118 -38.59 43.21 66.78
CA PRO V 118 -39.54 43.52 65.70
C PRO V 118 -39.24 44.87 65.06
N ILE V 119 -39.55 44.98 63.77
CA ILE V 119 -39.36 46.24 63.05
C ILE V 119 -40.19 47.34 63.68
N GLU V 120 -41.34 47.00 64.26
CA GLU V 120 -42.24 48.00 64.82
C GLU V 120 -41.55 48.83 65.90
N GLU V 121 -40.96 48.17 66.89
CA GLU V 121 -40.37 48.91 68.01
C GLU V 121 -39.09 49.62 67.59
N ILE V 122 -38.35 49.05 66.64
CA ILE V 122 -37.19 49.76 66.09
C ILE V 122 -37.62 51.07 65.45
N ALA V 123 -38.69 51.03 64.66
CA ALA V 123 -39.19 52.24 64.01
C ALA V 123 -39.66 53.26 65.05
N ARG V 124 -40.36 52.79 66.09
CA ARG V 124 -40.81 53.71 67.13
C ARG V 124 -39.62 54.36 67.84
N GLU V 125 -38.58 53.58 68.11
CA GLU V 125 -37.38 54.13 68.76
C GLU V 125 -36.71 55.16 67.89
N VAL V 126 -36.58 54.89 66.59
CA VAL V 126 -35.97 55.84 65.67
C VAL V 126 -36.76 57.14 65.64
N GLY V 127 -38.09 57.03 65.56
CA GLY V 127 -38.91 58.23 65.58
C GLY V 127 -38.76 59.03 66.86
N ARG V 128 -38.72 58.34 68.00
CA ARG V 128 -38.56 59.02 69.28
C ARG V 128 -37.22 59.76 69.34
N LYS V 129 -36.15 59.12 68.87
CA LYS V 129 -34.84 59.76 68.88
C LYS V 129 -34.83 61.00 67.98
N LEU V 130 -35.42 60.89 66.79
CA LEU V 130 -35.46 62.03 65.89
C LEU V 130 -36.26 63.18 66.49
N VAL V 131 -37.38 62.87 67.15
CA VAL V 131 -38.19 63.92 67.75
C VAL V 131 -37.43 64.59 68.89
N GLU V 132 -36.70 63.81 69.69
CA GLU V 132 -35.92 64.39 70.77
C GLU V 132 -34.82 65.31 70.23
N LEU V 133 -34.16 64.89 69.16
CA LEU V 133 -33.16 65.75 68.53
C LEU V 133 -33.79 67.04 68.02
N ALA V 134 -34.96 66.94 67.39
CA ALA V 134 -35.62 68.13 66.88
C ALA V 134 -36.00 69.08 68.01
N LYS V 135 -36.50 68.54 69.12
CA LYS V 135 -36.83 69.38 70.26
C LYS V 135 -35.59 70.06 70.82
N ARG V 136 -34.47 69.33 70.91
CA ARG V 136 -33.23 69.93 71.39
C ARG V 136 -32.81 71.09 70.49
N LEU V 137 -32.79 70.86 69.18
CA LEU V 137 -32.35 71.89 68.24
C LEU V 137 -33.30 73.10 68.29
N GLU V 138 -34.60 72.86 68.44
CA GLU V 138 -35.54 73.96 68.56
C GLU V 138 -35.28 74.77 69.82
N LYS V 139 -34.92 74.09 70.91
CA LYS V 139 -34.57 74.80 72.14
C LYS V 139 -33.30 75.63 71.95
N GLU V 140 -32.32 75.11 71.20
CA GLU V 140 -31.09 75.84 70.97
C GLU V 140 -31.35 77.14 70.22
N GLY V 141 -32.20 77.10 69.19
CA GLY V 141 -32.50 78.29 68.42
C GLY V 141 -32.31 78.11 66.93
N ILE V 142 -32.06 76.87 66.51
CA ILE V 142 -31.92 76.57 65.10
C ILE V 142 -33.29 76.57 64.44
N SER V 143 -33.38 77.18 63.25
CA SER V 143 -34.64 77.28 62.55
C SER V 143 -35.10 75.90 62.04
N TRP V 144 -36.39 75.83 61.72
CA TRP V 144 -37.00 74.53 61.40
C TRP V 144 -36.57 74.00 60.04
N GLU V 145 -36.21 74.89 59.11
CA GLU V 145 -35.68 74.42 57.83
C GLU V 145 -34.36 73.69 58.01
N GLU V 146 -33.46 74.24 58.83
CA GLU V 146 -32.21 73.57 59.12
C GLU V 146 -32.44 72.25 59.87
N ILE V 147 -33.39 72.26 60.81
CA ILE V 147 -33.72 71.04 61.55
C ILE V 147 -34.20 69.96 60.59
N ILE V 148 -35.07 70.32 59.67
CA ILE V 148 -35.59 69.34 58.71
C ILE V 148 -34.48 68.81 57.82
N GLU V 149 -33.60 69.70 57.35
CA GLU V 149 -32.50 69.24 56.49
C GLU V 149 -31.56 68.29 57.23
N LEU V 150 -31.23 68.62 58.49
CA LEU V 150 -30.41 67.72 59.29
C LEU V 150 -31.10 66.37 59.48
N ILE V 151 -32.40 66.39 59.73
CA ILE V 151 -33.15 65.15 59.93
C ILE V 151 -33.14 64.31 58.67
N GLU V 152 -33.30 64.92 57.50
CA GLU V 152 -33.27 64.14 56.27
C GLU V 152 -31.89 63.59 55.98
N ARG V 153 -30.82 64.33 56.31
CA ARG V 153 -29.49 63.74 56.18
C ARG V 153 -29.33 62.52 57.08
N ILE V 154 -29.80 62.62 58.32
CA ILE V 154 -29.76 61.48 59.23
C ILE V 154 -30.59 60.32 58.67
N LEU V 155 -31.72 60.64 58.03
CA LEU V 155 -32.57 59.60 57.48
C LEU V 155 -31.91 58.89 56.31
N GLU V 156 -31.18 59.62 55.47
CA GLU V 156 -30.42 58.99 54.40
C GLU V 156 -29.32 58.09 54.96
N SER V 157 -28.65 58.54 56.02
CA SER V 157 -27.67 57.69 56.69
C SER V 157 -28.32 56.42 57.23
N ILE V 158 -29.50 56.56 57.84
CA ILE V 158 -30.24 55.40 58.35
C ILE V 158 -30.60 54.45 57.22
N ARG V 159 -31.02 54.99 56.07
CA ARG V 159 -31.36 54.16 54.94
C ARG V 159 -30.16 53.33 54.48
N GLU V 160 -28.99 53.99 54.39
CA GLU V 160 -27.79 53.25 54.00
C GLU V 160 -27.44 52.18 55.04
N ILE V 161 -27.53 52.51 56.32
CA ILE V 161 -27.20 51.55 57.38
C ILE V 161 -28.13 50.34 57.31
N LEU V 162 -29.43 50.60 57.15
CA LEU V 162 -30.41 49.52 57.07
C LEU V 162 -30.18 48.65 55.85
N LYS V 163 -29.87 49.26 54.71
CA LYS V 163 -29.55 48.48 53.52
C LYS V 163 -28.31 47.63 53.73
N GLU V 164 -27.36 48.12 54.54
CA GLU V 164 -26.17 47.32 54.84
C GLU V 164 -26.53 46.06 55.60
N GLU V 165 -27.47 46.14 56.54
CA GLU V 165 -27.85 44.99 57.36
C GLU V 165 -28.61 43.91 56.58
N GLY V 166 -28.80 44.08 55.27
CA GLY V 166 -29.49 43.08 54.49
C GLY V 166 -31.00 43.12 54.60
N LEU V 167 -31.57 44.15 55.21
CA LEU V 167 -33.02 44.24 55.30
C LEU V 167 -33.60 44.53 53.91
N PRO V 168 -34.78 43.98 53.60
CA PRO V 168 -35.41 44.29 52.31
C PRO V 168 -36.01 45.70 52.31
N GLU V 169 -36.39 46.14 51.12
CA GLU V 169 -36.82 47.52 50.93
C GLU V 169 -38.11 47.84 51.68
N SER V 170 -38.99 46.86 51.87
CA SER V 170 -40.30 47.14 52.46
C SER V 170 -40.15 47.62 53.91
N GLU V 171 -39.39 46.90 54.72
CA GLU V 171 -39.22 47.30 56.12
C GLU V 171 -38.42 48.60 56.24
N ILE V 172 -37.44 48.82 55.36
CA ILE V 172 -36.69 50.06 55.37
C ILE V 172 -37.62 51.24 55.11
N ASN V 173 -38.47 51.11 54.08
CA ASN V 173 -39.42 52.16 53.76
C ASN V 173 -40.42 52.36 54.90
N ARG V 174 -40.83 51.27 55.54
CA ARG V 174 -41.76 51.38 56.66
C ARG V 174 -41.14 52.17 57.82
N ILE V 175 -39.90 51.85 58.17
CA ILE V 175 -39.23 52.55 59.26
C ILE V 175 -39.06 54.03 58.93
N LEU V 176 -38.61 54.33 57.70
CA LEU V 176 -38.39 55.71 57.31
C LEU V 176 -39.69 56.50 57.32
N ALA V 177 -40.77 55.90 56.80
CA ALA V 177 -42.06 56.57 56.78
C ALA V 177 -42.56 56.83 58.20
N VAL V 178 -42.38 55.86 59.09
CA VAL V 178 -42.83 56.05 60.48
C VAL V 178 -42.05 57.20 61.14
N SER V 179 -40.74 57.26 60.92
CA SER V 179 -39.95 58.34 61.52
C SER V 179 -40.37 59.70 60.99
N ILE V 180 -40.54 59.80 59.67
CA ILE V 180 -40.99 61.06 59.07
C ILE V 180 -42.35 61.45 59.63
N LEU V 181 -43.26 60.48 59.76
CA LEU V 181 -44.58 60.77 60.28
C LEU V 181 -44.54 61.18 61.74
N GLU V 182 -43.59 60.66 62.52
CA GLU V 182 -43.47 61.10 63.91
C GLU V 182 -43.00 62.54 63.99
N VAL V 183 -42.04 62.93 63.15
CA VAL V 183 -41.63 64.33 63.10
C VAL V 183 -42.80 65.21 62.68
N ALA V 184 -43.56 64.78 61.68
CA ALA V 184 -44.73 65.54 61.24
C ALA V 184 -45.78 65.63 62.34
N LYS V 185 -45.94 64.57 63.12
CA LYS V 185 -46.87 64.59 64.24
C LYS V 185 -46.46 65.60 65.30
N TYR V 186 -45.15 65.68 65.59
CA TYR V 186 -44.67 66.71 66.51
C TYR V 186 -44.98 68.11 65.97
N LEU V 187 -44.76 68.31 64.66
CA LEU V 187 -45.08 69.61 64.07
C LEU V 187 -46.58 69.92 64.18
N LEU V 188 -47.43 68.93 63.92
CA LEU V 188 -48.87 69.14 64.03
C LEU V 188 -49.28 69.48 65.45
N GLU V 189 -48.68 68.80 66.43
CA GLU V 189 -48.97 69.12 67.83
C GLU V 189 -48.54 70.55 68.15
N LYS V 190 -47.39 70.99 67.64
CA LYS V 190 -47.00 72.38 67.83
C LYS V 190 -48.01 73.34 67.21
N LEU V 191 -48.48 73.03 65.99
CA LEU V 191 -49.46 73.89 65.35
C LEU V 191 -50.79 73.91 66.09
N GLY V 192 -51.23 72.77 66.59
CA GLY V 192 -52.48 72.71 67.34
C GLY V 192 -53.64 72.12 66.57
N PHE V 193 -53.37 71.12 65.75
CA PHE V 193 -54.39 70.43 64.95
C PHE V 193 -54.52 69.02 65.51
N ASP V 194 -55.40 68.84 66.49
CA ASP V 194 -55.48 67.58 67.21
C ASP V 194 -56.06 66.46 66.35
N TYR V 195 -57.10 66.76 65.56
CA TYR V 195 -57.73 65.73 64.74
C TYR V 195 -56.76 65.16 63.72
N LEU V 196 -55.98 66.03 63.07
CA LEU V 196 -54.95 65.54 62.15
C LEU V 196 -53.91 64.72 62.89
N VAL V 197 -53.62 65.07 64.14
CA VAL V 197 -52.72 64.26 64.94
C VAL V 197 -53.27 62.85 65.09
N GLU V 198 -54.55 62.74 65.48
CA GLU V 198 -55.17 61.43 65.69
C GLU V 198 -55.17 60.61 64.41
N LEU V 199 -55.52 61.23 63.29
CA LEU V 199 -55.44 60.52 62.00
C LEU V 199 -54.01 60.08 61.73
N LEU V 200 -53.02 60.86 62.16
CA LEU V 200 -51.64 60.48 61.96
C LEU V 200 -51.25 59.27 62.79
N ASP V 201 -51.70 59.18 64.05
CA ASP V 201 -51.45 57.96 64.80
C ASP V 201 -52.13 56.77 64.15
N ARG V 202 -53.35 56.95 63.64
CA ARG V 202 -54.02 55.85 62.95
C ARG V 202 -53.20 55.36 61.76
N ALA V 203 -52.70 56.30 60.95
CA ALA V 203 -51.90 55.93 59.78
C ALA V 203 -50.59 55.28 60.20
N ILE V 204 -49.96 55.76 61.27
CA ILE V 204 -48.71 55.17 61.74
C ILE V 204 -48.94 53.75 62.21
N GLU V 205 -50.03 53.51 62.95
CA GLU V 205 -50.35 52.16 63.38
C GLU V 205 -50.60 51.24 62.19
N TYR V 206 -51.31 51.74 61.17
CA TYR V 206 -51.56 50.92 59.99
C TYR V 206 -50.28 50.59 59.25
N ILE V 207 -49.36 51.55 59.15
CA ILE V 207 -48.06 51.28 58.53
C ILE V 207 -47.29 50.25 59.33
N LEU V 208 -47.29 50.38 60.66
CA LEU V 208 -46.52 49.49 61.50
C LEU V 208 -47.06 48.06 61.46
N LYS V 209 -48.38 47.91 61.44
CA LYS V 209 -48.99 46.59 61.39
C LYS V 209 -48.88 45.91 60.03
N GLY V 210 -48.43 46.62 59.01
CA GLY V 210 -48.23 46.06 57.69
C GLY V 210 -49.30 46.40 56.67
N ARG V 211 -50.41 47.01 57.10
CA ARG V 211 -51.50 47.37 56.20
C ARG V 211 -51.13 48.64 55.46
N SER V 212 -50.64 48.49 54.23
CA SER V 212 -50.04 49.60 53.50
C SER V 212 -51.06 50.41 52.71
N GLU V 213 -51.98 49.74 52.00
CA GLU V 213 -52.92 50.47 51.14
C GLU V 213 -53.88 51.32 51.95
N LEU V 214 -54.36 50.80 53.09
CA LEU V 214 -55.20 51.60 53.98
C LEU V 214 -54.44 52.82 54.47
N ALA V 215 -53.16 52.64 54.80
CA ALA V 215 -52.35 53.76 55.25
C ALA V 215 -52.17 54.79 54.16
N VAL V 216 -52.00 54.34 52.90
CA VAL V 216 -51.85 55.27 51.79
C VAL V 216 -53.12 56.08 51.59
N HIS V 217 -54.28 55.42 51.68
CA HIS V 217 -55.54 56.15 51.54
C HIS V 217 -55.72 57.15 52.68
N LEU V 218 -55.38 56.73 53.91
CA LEU V 218 -55.44 57.64 55.05
C LEU V 218 -54.53 58.84 54.85
N LEU V 219 -53.33 58.60 54.32
CA LEU V 219 -52.38 59.68 54.09
C LEU V 219 -52.88 60.63 52.99
N ASP V 220 -53.56 60.09 51.97
CA ASP V 220 -54.19 60.94 50.97
C ASP V 220 -55.24 61.85 51.60
N ASP V 221 -56.08 61.30 52.47
CA ASP V 221 -57.09 62.12 53.13
C ASP V 221 -56.43 63.17 54.03
N ILE V 222 -55.36 62.80 54.72
CA ILE V 222 -54.63 63.74 55.57
C ILE V 222 -54.04 64.85 54.73
N ILE V 223 -53.48 64.51 53.57
CA ILE V 223 -52.88 65.51 52.68
C ILE V 223 -53.95 66.48 52.19
N ARG V 224 -55.14 65.97 51.84
CA ARG V 224 -56.23 66.85 51.44
C ARG V 224 -56.61 67.80 52.56
N ARG V 225 -56.71 67.29 53.78
CA ARG V 225 -57.06 68.14 54.92
C ARG V 225 -56.00 69.21 55.17
N VAL V 226 -54.73 68.83 55.04
CA VAL V 226 -53.63 69.78 55.25
C VAL V 226 -53.67 70.88 54.20
N HIS V 227 -53.92 70.50 52.94
CA HIS V 227 -54.04 71.51 51.89
C HIS V 227 -55.23 72.43 52.13
N GLU V 228 -56.34 71.88 52.62
CA GLU V 228 -57.48 72.73 52.98
C GLU V 228 -57.11 73.73 54.08
N GLU V 229 -56.36 73.28 55.08
CA GLU V 229 -55.93 74.18 56.14
C GLU V 229 -55.02 75.28 55.61
N ILE V 230 -54.09 74.91 54.74
CA ILE V 230 -53.17 75.88 54.14
C ILE V 230 -53.95 76.92 53.35
N GLU V 231 -54.91 76.46 52.54
CA GLU V 231 -55.73 77.38 51.76
C GLU V 231 -56.56 78.29 52.66
N ARG V 232 -57.02 77.76 53.80
CA ARG V 232 -57.74 78.61 54.74
C ARG V 232 -56.84 79.70 55.32
N TYR V 233 -55.57 79.37 55.58
CA TYR V 233 -54.67 80.36 56.18
C TYR V 233 -54.43 81.54 55.24
N GLY V 234 -54.26 81.29 53.97
CA GLY V 234 -54.15 82.37 52.99
C GLY V 234 -52.69 82.80 52.79
N ASP V 235 -52.40 84.06 53.07
CA ASP V 235 -51.07 84.61 52.88
C ASP V 235 -50.21 84.57 54.14
N ASP V 236 -50.80 84.23 55.29
CA ASP V 236 -50.08 84.22 56.56
C ASP V 236 -49.75 82.80 57.02
N VAL V 237 -49.45 81.91 56.09
CA VAL V 237 -49.20 80.51 56.40
C VAL V 237 -47.90 80.38 57.18
N PRO V 238 -47.91 79.80 58.37
CA PRO V 238 -46.65 79.52 59.07
C PRO V 238 -45.83 78.46 58.34
N GLU V 239 -44.51 78.56 58.49
CA GLU V 239 -43.60 77.64 57.82
C GLU V 239 -43.74 76.21 58.30
N GLU V 240 -44.21 76.02 59.54
CA GLU V 240 -44.40 74.66 60.05
C GLU V 240 -45.44 73.90 59.24
N LEU V 241 -46.48 74.60 58.78
CA LEU V 241 -47.51 73.95 57.97
C LEU V 241 -46.94 73.48 56.64
N LEU V 242 -46.10 74.29 56.00
CA LEU V 242 -45.51 73.89 54.72
C LEU V 242 -44.53 72.73 54.91
N LEU V 243 -43.72 72.79 55.96
CA LEU V 243 -42.80 71.69 56.24
C LEU V 243 -43.56 70.41 56.54
N LEU V 244 -44.67 70.52 57.28
CA LEU V 244 -45.52 69.36 57.55
C LEU V 244 -46.11 68.80 56.26
N ASP V 245 -46.56 69.68 55.37
CA ASP V 245 -47.06 69.26 54.06
C ASP V 245 -46.02 68.43 53.32
N LEU V 246 -44.78 68.96 53.23
CA LEU V 246 -43.73 68.25 52.53
C LEU V 246 -43.43 66.90 53.20
N LEU V 247 -43.38 66.89 54.53
CA LEU V 247 -43.07 65.65 55.24
C LEU V 247 -44.13 64.59 55.00
N VAL V 248 -45.40 64.97 55.10
CA VAL V 248 -46.49 64.00 54.89
C VAL V 248 -46.48 63.50 53.45
N GLN V 249 -46.19 64.39 52.50
CA GLN V 249 -46.13 63.95 51.11
C GLN V 249 -45.02 62.93 50.88
N LYS V 250 -43.83 63.18 51.43
CA LYS V 250 -42.74 62.23 51.23
C LYS V 250 -42.99 60.92 52.00
N ALA V 251 -43.65 61.00 53.15
CA ALA V 251 -44.02 59.79 53.88
C ALA V 251 -45.04 58.96 53.09
N ARG V 252 -46.00 59.64 52.45
CA ARG V 252 -46.96 58.93 51.61
C ARG V 252 -46.27 58.27 50.42
N ASP V 253 -45.29 58.95 49.82
CA ASP V 253 -44.54 58.34 48.73
C ASP V 253 -43.80 57.09 49.21
N LEU V 254 -43.16 57.17 50.37
CA LEU V 254 -42.47 55.99 50.92
C LEU V 254 -43.46 54.86 51.22
N ALA V 255 -44.61 55.19 51.78
CA ALA V 255 -45.61 54.16 52.09
C ALA V 255 -46.12 53.50 50.82
N ALA V 256 -46.29 54.28 49.75
CA ALA V 256 -46.66 53.69 48.47
C ALA V 256 -45.56 52.76 47.96
N ARG V 257 -44.30 53.17 48.11
CA ARG V 257 -43.19 52.34 47.63
C ARG V 257 -42.97 51.09 48.46
N ILE V 258 -43.64 50.95 49.61
CA ILE V 258 -43.46 49.80 50.48
C ILE V 258 -43.77 48.50 49.73
N MET W 25 -8.34 82.05 27.71
CA MET W 25 -9.50 82.27 26.86
C MET W 25 -9.65 83.74 26.48
N GLU W 26 -8.52 84.43 26.26
CA GLU W 26 -8.56 85.86 25.97
C GLU W 26 -9.22 86.16 24.63
N LYS W 27 -9.29 85.17 23.74
CA LYS W 27 -9.98 85.37 22.46
C LYS W 27 -11.46 85.70 22.68
N LEU W 28 -12.09 85.00 23.63
CA LEU W 28 -13.50 85.25 23.91
C LEU W 28 -13.72 86.59 24.60
N GLU W 29 -12.77 87.03 25.43
CA GLU W 29 -12.86 88.39 25.97
C GLU W 29 -12.71 89.44 24.88
N VAL W 30 -11.83 89.19 23.92
CA VAL W 30 -11.70 90.09 22.77
C VAL W 30 -13.01 90.12 21.98
N ALA W 31 -13.65 88.96 21.83
CA ALA W 31 -14.94 88.90 21.16
C ALA W 31 -16.00 89.69 21.92
N VAL W 32 -16.01 89.60 23.25
CA VAL W 32 -16.96 90.35 24.06
C VAL W 32 -16.73 91.85 23.90
N GLU W 33 -15.47 92.27 23.90
CA GLU W 33 -15.16 93.69 23.69
C GLU W 33 -15.61 94.15 22.30
N HIS W 34 -15.36 93.33 21.30
CA HIS W 34 -15.88 93.63 19.99
C HIS W 34 -17.39 93.79 19.99
N LEU W 35 -18.11 92.88 20.64
CA LEU W 35 -19.57 92.95 20.69
C LEU W 35 -20.03 94.25 21.34
N LYS W 36 -19.35 94.67 22.42
CA LYS W 36 -19.66 95.98 23.00
C LYS W 36 -19.41 97.09 21.99
N GLU W 37 -18.31 97.01 21.25
CA GLU W 37 -18.03 98.01 20.21
C GLU W 37 -19.12 98.01 19.15
N ALA W 38 -19.62 96.84 18.77
CA ALA W 38 -20.69 96.75 17.78
C ALA W 38 -21.96 97.40 18.29
N ILE W 39 -22.31 97.17 19.56
CA ILE W 39 -23.49 97.82 20.13
C ILE W 39 -23.32 99.34 20.10
N GLU W 40 -22.14 99.83 20.49
CA GLU W 40 -21.89 101.27 20.47
C GLU W 40 -21.97 101.83 19.05
N LEU W 41 -21.48 101.07 18.06
CA LEU W 41 -21.53 101.52 16.68
C LEU W 41 -22.95 101.59 16.16
N ILE W 42 -23.77 100.58 16.46
CA ILE W 42 -25.17 100.62 16.08
C ILE W 42 -25.85 101.82 16.74
N GLU W 43 -25.50 102.11 17.99
CA GLU W 43 -26.06 103.29 18.65
C GLU W 43 -25.64 104.57 17.95
N LYS W 44 -24.39 104.65 17.50
CA LYS W 44 -23.90 105.86 16.85
C LYS W 44 -24.57 106.08 15.50
N GLY W 45 -24.61 105.03 14.67
CA GLY W 45 -25.25 105.14 13.37
C GLY W 45 -24.44 104.58 12.22
N GLU W 46 -23.29 104.00 12.51
CA GLU W 46 -22.44 103.38 11.48
C GLU W 46 -22.82 101.92 11.34
N TYR W 47 -23.62 101.61 10.33
CA TYR W 47 -24.12 100.25 10.13
C TYR W 47 -23.17 99.39 9.30
N VAL W 48 -22.41 99.99 8.39
CA VAL W 48 -21.41 99.24 7.63
C VAL W 48 -20.32 98.72 8.57
N LYS W 49 -19.84 99.59 9.45
CA LYS W 49 -18.82 99.18 10.41
C LYS W 49 -19.37 98.13 11.36
N ALA W 50 -20.65 98.23 11.72
CA ALA W 50 -21.26 97.22 12.57
C ALA W 50 -21.33 95.86 11.87
N ASP W 51 -21.69 95.86 10.59
CA ASP W 51 -21.73 94.62 9.82
C ASP W 51 -20.33 93.98 9.72
N LEU W 52 -19.32 94.82 9.46
CA LEU W 52 -17.95 94.32 9.38
C LEU W 52 -17.46 93.80 10.72
N ILE W 53 -17.82 94.48 11.82
CA ILE W 53 -17.47 94.00 13.15
C ILE W 53 -18.12 92.66 13.44
N LEU W 54 -19.37 92.49 13.02
CA LEU W 54 -20.02 91.20 13.21
C LEU W 54 -19.30 90.10 12.47
N THR W 55 -18.83 90.39 11.26
CA THR W 55 -18.02 89.40 10.52
C THR W 55 -16.73 89.08 11.28
N ASP W 56 -16.08 90.10 11.84
CA ASP W 56 -14.86 89.88 12.61
C ASP W 56 -15.14 89.02 13.85
N ILE W 57 -16.25 89.28 14.54
CA ILE W 57 -16.61 88.50 15.70
C ILE W 57 -16.87 87.05 15.31
N LEU W 58 -17.53 86.83 14.18
CA LEU W 58 -17.74 85.46 13.70
C LEU W 58 -16.41 84.78 13.44
N ARG W 59 -15.46 85.49 12.84
CA ARG W 59 -14.14 84.91 12.60
C ARG W 59 -13.44 84.53 13.90
N LEU W 60 -13.53 85.41 14.90
CA LEU W 60 -12.92 85.11 16.21
C LEU W 60 -13.55 83.88 16.84
N LEU W 61 -14.89 83.81 16.85
CA LEU W 61 -15.56 82.68 17.47
C LEU W 61 -15.26 81.38 16.75
N GLU W 62 -15.20 81.42 15.41
CA GLU W 62 -14.82 80.23 14.66
C GLU W 62 -13.37 79.83 14.96
N GLU W 63 -12.50 80.82 15.20
CA GLU W 63 -11.15 80.51 15.62
C GLU W 63 -11.14 79.78 16.96
N GLU W 64 -11.98 80.21 17.90
CA GLU W 64 -12.06 79.52 19.19
C GLU W 64 -12.62 78.11 19.04
N GLY W 65 -13.76 77.98 18.36
CA GLY W 65 -14.30 76.67 18.05
C GLY W 65 -15.46 76.19 18.91
N VAL W 66 -16.44 77.05 19.17
CA VAL W 66 -17.66 76.68 19.88
C VAL W 66 -18.82 76.73 18.89
N LYS W 67 -19.43 75.57 18.65
CA LYS W 67 -20.36 75.42 17.53
C LYS W 67 -21.60 76.28 17.70
N SER W 68 -22.19 76.25 18.90
CA SER W 68 -23.41 77.03 19.14
C SER W 68 -23.16 78.51 18.97
N LEU W 69 -22.04 78.99 19.52
CA LEU W 69 -21.67 80.40 19.34
C LEU W 69 -21.46 80.72 17.87
N ILE W 70 -20.89 79.78 17.11
CA ILE W 70 -20.60 80.03 15.70
C ILE W 70 -21.90 80.20 14.91
N LYS W 71 -22.84 79.27 15.08
CA LYS W 71 -24.11 79.38 14.35
C LYS W 71 -24.88 80.62 14.79
N GLN W 72 -24.84 80.93 16.10
CA GLN W 72 -25.50 82.13 16.57
C GLN W 72 -24.89 83.37 15.95
N ALA W 73 -23.56 83.40 15.78
CA ALA W 73 -22.90 84.56 15.20
C ALA W 73 -23.24 84.72 13.72
N LYS W 74 -23.29 83.61 12.97
CA LYS W 74 -23.66 83.70 11.56
C LYS W 74 -25.09 84.20 11.38
N GLU W 75 -26.03 83.61 12.12
CA GLU W 75 -27.41 84.08 12.02
C GLU W 75 -27.53 85.51 12.51
N LEU W 76 -26.71 85.91 13.49
CA LEU W 76 -26.71 87.29 13.94
C LEU W 76 -26.28 88.23 12.83
N HIS W 77 -25.22 87.87 12.11
CA HIS W 77 -24.78 88.71 11.00
C HIS W 77 -25.90 88.91 9.98
N ILE W 78 -26.51 87.80 9.55
CA ILE W 78 -27.55 87.89 8.52
C ILE W 78 -28.73 88.74 9.02
N GLU W 79 -29.23 88.41 10.22
CA GLU W 79 -30.44 89.06 10.71
C GLU W 79 -30.20 90.53 11.07
N VAL W 80 -29.02 90.86 11.59
CA VAL W 80 -28.73 92.25 11.91
C VAL W 80 -28.59 93.06 10.63
N PHE W 81 -27.99 92.48 9.57
CA PHE W 81 -27.95 93.18 8.30
C PHE W 81 -29.36 93.48 7.80
N LYS W 82 -30.25 92.48 7.84
CA LYS W 82 -31.62 92.70 7.40
C LYS W 82 -32.32 93.76 8.23
N LEU W 83 -32.19 93.68 9.56
CA LEU W 83 -32.88 94.62 10.45
C LEU W 83 -32.36 96.04 10.27
N LEU W 84 -31.05 96.20 10.12
CA LEU W 84 -30.50 97.53 9.91
C LEU W 84 -30.93 98.07 8.55
N LYS W 85 -31.12 97.21 7.56
CA LYS W 85 -31.73 97.65 6.30
C LYS W 85 -33.15 98.18 6.55
N GLU W 86 -33.94 97.43 7.32
CA GLU W 86 -35.32 97.83 7.57
C GLU W 86 -35.40 99.04 8.50
N GLY W 87 -34.48 99.16 9.44
CA GLY W 87 -34.50 100.23 10.41
C GLY W 87 -34.81 99.83 11.83
N GLU W 88 -34.86 98.52 12.12
CA GLU W 88 -35.15 98.03 13.47
C GLU W 88 -33.85 98.01 14.28
N TYR W 89 -33.47 99.18 14.77
CA TYR W 89 -32.24 99.31 15.53
C TYR W 89 -32.31 98.55 16.84
N LYS W 90 -33.44 98.66 17.54
CA LYS W 90 -33.57 98.03 18.86
C LYS W 90 -33.50 96.52 18.77
N GLU W 91 -34.12 95.92 17.74
CA GLU W 91 -34.06 94.48 17.58
C GLU W 91 -32.63 93.99 17.32
N ALA W 92 -31.89 94.72 16.48
CA ALA W 92 -30.51 94.36 16.22
C ALA W 92 -29.66 94.49 17.47
N LYS W 93 -29.85 95.57 18.23
CA LYS W 93 -29.14 95.74 19.48
C LYS W 93 -29.46 94.61 20.45
N ALA W 94 -30.73 94.21 20.51
CA ALA W 94 -31.12 93.10 21.38
C ALA W 94 -30.44 91.80 20.97
N LEU W 95 -30.37 91.53 19.67
CA LEU W 95 -29.71 90.31 19.22
C LEU W 95 -28.21 90.32 19.55
N VAL W 96 -27.56 91.47 19.36
CA VAL W 96 -26.14 91.57 19.69
C VAL W 96 -25.93 91.39 21.18
N GLU W 97 -26.80 91.98 22.01
CA GLU W 97 -26.69 91.83 23.45
C GLU W 97 -26.92 90.38 23.87
N ALA W 98 -27.84 89.69 23.21
CA ALA W 98 -28.07 88.29 23.50
C ALA W 98 -26.84 87.45 23.21
N LEU W 99 -26.19 87.70 22.06
CA LEU W 99 -24.96 86.96 21.74
C LEU W 99 -23.85 87.28 22.74
N ARG W 100 -23.75 88.55 23.16
CA ARG W 100 -22.76 88.94 24.14
C ARG W 100 -22.97 88.20 25.46
N VAL W 101 -24.22 88.17 25.93
CA VAL W 101 -24.53 87.47 27.17
C VAL W 101 -24.24 85.99 27.04
N SER W 102 -24.54 85.40 25.88
CA SER W 102 -24.26 83.99 25.67
C SER W 102 -22.77 83.70 25.75
N VAL W 103 -21.94 84.55 25.13
CA VAL W 103 -20.49 84.34 25.16
C VAL W 103 -19.95 84.50 26.58
N GLU W 104 -20.39 85.54 27.29
CA GLU W 104 -19.95 85.73 28.67
C GLU W 104 -20.37 84.56 29.55
N LEU W 105 -21.57 84.04 29.34
CA LEU W 105 -22.04 82.90 30.11
C LEU W 105 -21.20 81.67 29.83
N TYR W 106 -20.81 81.45 28.57
CA TYR W 106 -19.93 80.33 28.27
C TYR W 106 -18.60 80.49 28.99
N ILE W 107 -18.06 81.71 28.99
CA ILE W 107 -16.79 81.97 29.68
C ILE W 107 -16.92 81.61 31.15
N LEU W 108 -18.00 82.09 31.79
CA LEU W 108 -18.18 81.86 33.22
C LEU W 108 -18.41 80.38 33.52
N ILE W 109 -19.13 79.68 32.64
CA ILE W 109 -19.34 78.25 32.85
C ILE W 109 -18.01 77.50 32.79
N LYS W 110 -17.16 77.85 31.81
CA LYS W 110 -15.87 77.19 31.70
C LYS W 110 -15.01 77.47 32.92
N ARG W 111 -14.97 78.72 33.37
CA ARG W 111 -14.19 79.05 34.55
C ARG W 111 -14.71 78.32 35.79
N GLY W 112 -16.03 78.24 35.95
CA GLY W 112 -16.58 77.54 37.10
C GLY W 112 -16.29 76.05 37.08
N VAL W 113 -16.42 75.42 35.92
CA VAL W 113 -16.19 73.98 35.83
C VAL W 113 -14.73 73.65 36.04
N ARG W 114 -13.83 74.44 35.45
CA ARG W 114 -12.40 74.18 35.61
C ARG W 114 -11.97 74.34 37.07
N GLU W 115 -12.37 75.45 37.69
CA GLU W 115 -12.05 75.72 39.10
C GLU W 115 -12.77 74.80 40.07
N GLY W 116 -13.57 73.86 39.60
CA GLY W 116 -14.31 72.99 40.50
C GLY W 116 -15.31 73.72 41.37
N ARG W 117 -15.89 74.81 40.87
CA ARG W 117 -16.86 75.56 41.63
C ARG W 117 -18.13 74.73 41.82
N PRO W 118 -18.85 74.94 42.93
CA PRO W 118 -20.11 74.22 43.13
C PRO W 118 -21.15 74.62 42.08
N ILE W 119 -22.02 73.66 41.75
CA ILE W 119 -23.10 73.90 40.81
C ILE W 119 -24.01 75.01 41.32
N GLU W 120 -24.15 75.13 42.64
CA GLU W 120 -25.07 76.11 43.23
C GLU W 120 -24.72 77.53 42.80
N GLU W 121 -23.46 77.93 42.98
CA GLU W 121 -23.09 79.31 42.68
C GLU W 121 -23.04 79.57 41.18
N ILE W 122 -22.71 78.54 40.39
CA ILE W 122 -22.78 78.67 38.94
C ILE W 122 -24.21 78.98 38.51
N ALA W 123 -25.17 78.24 39.07
CA ALA W 123 -26.58 78.46 38.74
C ALA W 123 -27.02 79.86 39.16
N ARG W 124 -26.61 80.29 40.36
CA ARG W 124 -26.98 81.63 40.80
C ARG W 124 -26.41 82.70 39.88
N GLU W 125 -25.15 82.52 39.44
CA GLU W 125 -24.55 83.48 38.53
C GLU W 125 -25.28 83.52 37.20
N VAL W 126 -25.64 82.35 36.65
CA VAL W 126 -26.37 82.31 35.39
C VAL W 126 -27.71 83.03 35.52
N GLY W 127 -28.42 82.78 36.62
CA GLY W 127 -29.69 83.47 36.84
C GLY W 127 -29.52 84.97 36.95
N ARG W 128 -28.49 85.42 37.67
CA ARG W 128 -28.24 86.85 37.80
C ARG W 128 -27.95 87.49 36.45
N LYS W 129 -27.14 86.83 35.62
CA LYS W 129 -26.83 87.37 34.30
C LYS W 129 -28.07 87.46 33.43
N LEU W 130 -28.92 86.41 33.46
CA LEU W 130 -30.15 86.44 32.66
C LEU W 130 -31.08 87.55 33.13
N VAL W 131 -31.18 87.75 34.44
CA VAL W 131 -32.06 88.81 34.95
C VAL W 131 -31.53 90.18 34.56
N GLU W 132 -30.21 90.36 34.60
CA GLU W 132 -29.64 91.64 34.18
C GLU W 132 -29.89 91.91 32.70
N LEU W 133 -29.75 90.88 31.86
CA LEU W 133 -30.07 91.04 30.45
C LEU W 133 -31.53 91.41 30.25
N ALA W 134 -32.43 90.74 30.98
CA ALA W 134 -33.86 91.04 30.84
C ALA W 134 -34.16 92.47 31.26
N LYS W 135 -33.54 92.94 32.35
CA LYS W 135 -33.75 94.31 32.78
C LYS W 135 -33.23 95.30 31.74
N ARG W 136 -32.07 95.01 31.14
CA ARG W 136 -31.54 95.87 30.08
C ARG W 136 -32.51 95.95 28.91
N LEU W 137 -32.98 94.80 28.43
CA LEU W 137 -33.88 94.77 27.29
C LEU W 137 -35.19 95.48 27.60
N GLU W 138 -35.69 95.32 28.83
CA GLU W 138 -36.90 96.01 29.23
C GLU W 138 -36.69 97.52 29.22
N LYS W 139 -35.52 97.97 29.66
CA LYS W 139 -35.21 99.39 29.60
C LYS W 139 -35.14 99.89 28.16
N GLU W 140 -34.60 99.08 27.26
CA GLU W 140 -34.50 99.49 25.86
C GLU W 140 -35.88 99.71 25.25
N GLY W 141 -36.82 98.81 25.52
CA GLY W 141 -38.16 98.94 24.98
C GLY W 141 -38.65 97.69 24.28
N ILE W 142 -37.87 96.61 24.38
CA ILE W 142 -38.28 95.34 23.78
C ILE W 142 -39.37 94.70 24.62
N SER W 143 -40.39 94.17 23.96
CA SER W 143 -41.51 93.56 24.65
C SER W 143 -41.09 92.28 25.37
N TRP W 144 -41.93 91.85 26.31
CA TRP W 144 -41.55 90.73 27.17
C TRP W 144 -41.61 89.38 26.45
N GLU W 145 -42.44 89.27 25.42
CA GLU W 145 -42.45 88.04 24.63
C GLU W 145 -41.12 87.84 23.92
N GLU W 146 -40.59 88.90 23.31
CA GLU W 146 -39.28 88.82 22.66
C GLU W 146 -38.18 88.56 23.68
N ILE W 147 -38.26 89.18 24.85
CA ILE W 147 -37.28 88.96 25.90
C ILE W 147 -37.28 87.49 26.32
N ILE W 148 -38.47 86.91 26.51
CA ILE W 148 -38.56 85.51 26.91
C ILE W 148 -38.00 84.60 25.83
N GLU W 149 -38.32 84.88 24.56
CA GLU W 149 -37.81 84.04 23.47
C GLU W 149 -36.29 84.10 23.39
N LEU W 150 -35.71 85.31 23.51
CA LEU W 150 -34.26 85.43 23.54
C LEU W 150 -33.66 84.66 24.70
N ILE W 151 -34.29 84.75 25.87
CA ILE W 151 -33.78 84.05 27.05
C ILE W 151 -33.82 82.55 26.85
N GLU W 152 -34.89 82.02 26.24
CA GLU W 152 -34.94 80.58 26.00
C GLU W 152 -33.92 80.13 24.95
N ARG W 153 -33.64 80.96 23.95
CA ARG W 153 -32.56 80.63 23.02
C ARG W 153 -31.22 80.57 23.74
N ILE W 154 -30.96 81.54 24.62
CA ILE W 154 -29.74 81.52 25.41
C ILE W 154 -29.70 80.28 26.30
N LEU W 155 -30.85 79.87 26.84
CA LEU W 155 -30.91 78.70 27.71
C LEU W 155 -30.62 77.42 26.94
N GLU W 156 -31.10 77.32 25.71
CA GLU W 156 -30.75 76.16 24.88
C GLU W 156 -29.26 76.14 24.56
N SER W 157 -28.68 77.30 24.29
CA SER W 157 -27.23 77.37 24.10
C SER W 157 -26.49 76.93 25.35
N ILE W 158 -26.95 77.35 26.53
CA ILE W 158 -26.34 76.95 27.79
C ILE W 158 -26.45 75.45 27.98
N ARG W 159 -27.61 74.88 27.63
CA ARG W 159 -27.78 73.44 27.75
C ARG W 159 -26.78 72.69 26.90
N GLU W 160 -26.59 73.13 25.65
CA GLU W 160 -25.60 72.49 24.79
C GLU W 160 -24.19 72.64 25.34
N ILE W 161 -23.85 73.84 25.84
CA ILE W 161 -22.52 74.07 26.39
C ILE W 161 -22.27 73.17 27.59
N LEU W 162 -23.25 73.08 28.49
CA LEU W 162 -23.11 72.25 29.68
C LEU W 162 -22.98 70.78 29.31
N LYS W 163 -23.77 70.32 28.35
CA LYS W 163 -23.63 68.94 27.89
C LYS W 163 -22.27 68.69 27.28
N GLU W 164 -21.67 69.71 26.66
CA GLU W 164 -20.31 69.55 26.11
C GLU W 164 -19.29 69.30 27.23
N GLU W 165 -19.43 69.98 28.37
CA GLU W 165 -18.49 69.86 29.46
C GLU W 165 -18.56 68.51 30.17
N GLY W 166 -19.40 67.59 29.71
CA GLY W 166 -19.51 66.28 30.34
C GLY W 166 -20.33 66.24 31.61
N LEU W 167 -21.05 67.31 31.93
CA LEU W 167 -21.89 67.30 33.11
C LEU W 167 -23.08 66.35 32.90
N PRO W 168 -23.53 65.66 33.94
CA PRO W 168 -24.71 64.80 33.80
C PRO W 168 -25.99 65.62 33.75
N GLU W 169 -27.08 64.95 33.39
CA GLU W 169 -28.34 65.63 33.12
C GLU W 169 -28.92 66.29 34.36
N SER W 170 -28.67 65.73 35.55
CA SER W 170 -29.31 66.24 36.76
C SER W 170 -28.87 67.67 37.06
N GLU W 171 -27.56 67.92 37.05
CA GLU W 171 -27.06 69.27 37.34
C GLU W 171 -27.43 70.25 36.25
N ILE W 172 -27.43 69.81 34.99
CA ILE W 172 -27.84 70.67 33.90
C ILE W 172 -29.29 71.12 34.10
N ASN W 173 -30.16 70.16 34.40
CA ASN W 173 -31.57 70.50 34.64
C ASN W 173 -31.72 71.40 35.86
N ARG W 174 -30.92 71.17 36.89
CA ARG W 174 -30.97 72.01 38.08
C ARG W 174 -30.60 73.45 37.76
N ILE W 175 -29.52 73.64 37.00
CA ILE W 175 -29.08 74.99 36.65
C ILE W 175 -30.14 75.69 35.79
N LEU W 176 -30.66 74.97 34.79
CA LEU W 176 -31.66 75.57 33.91
C LEU W 176 -32.92 75.94 34.68
N ALA W 177 -33.38 75.06 35.57
CA ALA W 177 -34.57 75.35 36.36
C ALA W 177 -34.35 76.55 37.26
N VAL W 178 -33.17 76.65 37.87
CA VAL W 178 -32.88 77.79 38.74
C VAL W 178 -32.90 79.09 37.94
N SER W 179 -32.29 79.09 36.75
CA SER W 179 -32.29 80.32 35.94
C SER W 179 -33.70 80.73 35.53
N ILE W 180 -34.50 79.75 35.08
CA ILE W 180 -35.88 80.05 34.70
C ILE W 180 -36.65 80.59 35.90
N LEU W 181 -36.45 79.99 37.07
CA LEU W 181 -37.14 80.45 38.26
C LEU W 181 -36.70 81.84 38.69
N GLU W 182 -35.43 82.19 38.44
CA GLU W 182 -34.99 83.55 38.75
C GLU W 182 -35.65 84.58 37.85
N VAL W 183 -35.77 84.26 36.56
CA VAL W 183 -36.50 85.15 35.65
C VAL W 183 -37.96 85.27 36.10
N ALA W 184 -38.58 84.15 36.46
CA ALA W 184 -39.96 84.18 36.94
C ALA W 184 -40.09 84.98 38.23
N LYS W 185 -39.09 84.90 39.10
CA LYS W 185 -39.10 85.68 40.33
C LYS W 185 -39.04 87.17 40.03
N TYR W 186 -38.22 87.57 39.06
CA TYR W 186 -38.20 88.97 38.66
C TYR W 186 -39.56 89.42 38.14
N LEU W 187 -40.20 88.56 37.32
CA LEU W 187 -41.53 88.89 36.83
C LEU W 187 -42.54 89.04 37.98
N LEU W 188 -42.48 88.13 38.96
CA LEU W 188 -43.39 88.20 40.10
C LEU W 188 -43.16 89.47 40.90
N GLU W 189 -41.90 89.86 41.10
CA GLU W 189 -41.61 91.11 41.79
C GLU W 189 -42.16 92.30 41.03
N LYS W 190 -42.06 92.28 39.70
CA LYS W 190 -42.68 93.35 38.91
C LYS W 190 -44.19 93.38 39.10
N LEU W 191 -44.83 92.21 39.10
CA LEU W 191 -46.28 92.15 39.29
C LEU W 191 -46.69 92.62 40.69
N GLY W 192 -45.93 92.24 41.71
CA GLY W 192 -46.23 92.66 43.06
C GLY W 192 -46.86 91.58 43.92
N PHE W 193 -46.44 90.33 43.74
CA PHE W 193 -46.94 89.20 44.51
C PHE W 193 -45.78 88.71 45.40
N ASP W 194 -45.70 89.27 46.60
CA ASP W 194 -44.55 89.03 47.46
C ASP W 194 -44.54 87.60 48.02
N TYR W 195 -45.71 87.08 48.41
CA TYR W 195 -45.76 85.74 48.98
C TYR W 195 -45.32 84.69 47.98
N LEU W 196 -45.77 84.80 46.73
CA LEU W 196 -45.31 83.90 45.69
C LEU W 196 -43.82 84.04 45.46
N VAL W 197 -43.29 85.25 45.62
CA VAL W 197 -41.84 85.45 45.53
C VAL W 197 -41.14 84.63 46.60
N GLU W 198 -41.60 84.73 47.85
CA GLU W 198 -40.97 84.00 48.96
C GLU W 198 -41.03 82.49 48.75
N LEU W 199 -42.19 81.99 48.32
CA LEU W 199 -42.28 80.57 47.98
C LEU W 199 -41.31 80.22 46.87
N LEU W 200 -41.07 81.14 45.93
CA LEU W 200 -40.13 80.87 44.86
C LEU W 200 -38.70 80.78 45.37
N ASP W 201 -38.30 81.66 46.31
CA ASP W 201 -36.96 81.49 46.90
C ASP W 201 -36.86 80.17 47.64
N ARG W 202 -37.92 79.77 48.34
CA ARG W 202 -37.89 78.48 49.03
C ARG W 202 -37.67 77.34 48.04
N ALA W 203 -38.41 77.35 46.93
CA ALA W 203 -38.26 76.30 45.92
C ALA W 203 -36.88 76.33 45.28
N ILE W 204 -36.34 77.53 45.04
CA ILE W 204 -35.01 77.64 44.43
C ILE W 204 -33.96 77.08 45.38
N GLU W 205 -34.06 77.39 46.67
CA GLU W 205 -33.14 76.84 47.65
C GLU W 205 -33.23 75.32 47.70
N TYR W 206 -34.45 74.79 47.66
CA TYR W 206 -34.61 73.33 47.69
C TYR W 206 -34.01 72.69 46.45
N ILE W 207 -34.19 73.30 45.28
CA ILE W 207 -33.58 72.78 44.06
C ILE W 207 -32.06 72.81 44.17
N LEU W 208 -31.52 73.92 44.69
CA LEU W 208 -30.07 74.08 44.75
C LEU W 208 -29.44 73.10 45.73
N LYS W 209 -30.10 72.85 46.87
CA LYS W 209 -29.57 71.93 47.86
C LYS W 209 -29.71 70.46 47.46
N GLY W 210 -30.43 70.17 46.38
CA GLY W 210 -30.58 68.82 45.89
C GLY W 210 -31.89 68.15 46.20
N ARG W 211 -32.72 68.75 47.04
CA ARG W 211 -34.01 68.18 47.43
C ARG W 211 -35.01 68.45 46.32
N SER W 212 -35.21 67.45 45.46
CA SER W 212 -35.97 67.65 44.22
C SER W 212 -37.48 67.45 44.40
N GLU W 213 -37.89 66.40 45.12
CA GLU W 213 -39.31 66.10 45.25
C GLU W 213 -40.04 67.18 46.05
N LEU W 214 -39.42 67.67 47.12
CA LEU W 214 -40.00 68.78 47.87
C LEU W 214 -40.15 70.01 46.98
N ALA W 215 -39.15 70.27 46.15
CA ALA W 215 -39.23 71.40 45.23
C ALA W 215 -40.35 71.23 44.22
N VAL W 216 -40.55 70.00 43.73
CA VAL W 216 -41.63 69.74 42.77
C VAL W 216 -42.98 69.97 43.42
N HIS W 217 -43.16 69.51 44.66
CA HIS W 217 -44.42 69.75 45.35
C HIS W 217 -44.64 71.23 45.60
N LEU W 218 -43.59 71.95 45.99
CA LEU W 218 -43.69 73.39 46.17
C LEU W 218 -44.07 74.09 44.88
N LEU W 219 -43.49 73.64 43.75
CA LEU W 219 -43.79 74.24 42.46
C LEU W 219 -45.22 73.94 42.04
N ASP W 220 -45.73 72.76 42.39
CA ASP W 220 -47.14 72.46 42.14
C ASP W 220 -48.05 73.41 42.92
N ASP W 221 -47.74 73.65 44.18
CA ASP W 221 -48.54 74.60 44.97
C ASP W 221 -48.45 76.00 44.41
N ILE W 222 -47.25 76.40 43.96
CA ILE W 222 -47.07 77.72 43.36
C ILE W 222 -47.89 77.84 42.07
N ILE W 223 -47.89 76.79 41.27
CA ILE W 223 -48.66 76.79 40.02
C ILE W 223 -50.14 76.92 40.31
N ARG W 224 -50.64 76.21 41.33
CA ARG W 224 -52.05 76.36 41.71
C ARG W 224 -52.37 77.78 42.13
N ARG W 225 -51.48 78.39 42.94
CA ARG W 225 -51.71 79.76 43.36
C ARG W 225 -51.70 80.73 42.19
N VAL W 226 -50.80 80.52 41.22
CA VAL W 226 -50.72 81.39 40.06
C VAL W 226 -51.98 81.26 39.22
N HIS W 227 -52.47 80.04 39.04
CA HIS W 227 -53.71 79.85 38.30
C HIS W 227 -54.89 80.50 39.01
N GLU W 228 -54.91 80.43 40.34
CA GLU W 228 -55.95 81.12 41.10
C GLU W 228 -55.89 82.63 40.86
N GLU W 229 -54.69 83.20 40.86
CA GLU W 229 -54.54 84.63 40.60
C GLU W 229 -55.02 84.99 39.20
N ILE W 230 -54.65 84.19 38.21
CA ILE W 230 -55.08 84.43 36.84
C ILE W 230 -56.60 84.39 36.74
N GLU W 231 -57.22 83.39 37.35
CA GLU W 231 -58.68 83.29 37.35
C GLU W 231 -59.32 84.48 38.05
N ARG W 232 -58.69 84.99 39.11
CA ARG W 232 -59.21 86.17 39.77
C ARG W 232 -59.15 87.39 38.85
N TYR W 233 -58.09 87.51 38.05
CA TYR W 233 -57.96 88.68 37.18
C TYR W 233 -59.07 88.74 36.14
N GLY W 234 -59.41 87.60 35.55
CA GLY W 234 -60.53 87.54 34.63
C GLY W 234 -60.11 87.78 33.19
N ASP W 235 -60.65 88.84 32.58
CA ASP W 235 -60.35 89.16 31.19
C ASP W 235 -59.24 90.19 31.04
N ASP W 236 -58.79 90.81 32.12
CA ASP W 236 -57.77 91.85 32.08
C ASP W 236 -56.41 91.34 32.56
N VAL W 237 -56.10 90.08 32.27
CA VAL W 237 -54.85 89.48 32.74
C VAL W 237 -53.66 90.11 32.04
N PRO W 238 -52.71 90.66 32.79
CA PRO W 238 -51.47 91.14 32.16
C PRO W 238 -50.65 90.00 31.59
N GLU W 239 -49.90 90.30 30.53
CA GLU W 239 -49.09 89.30 29.86
C GLU W 239 -47.98 88.75 30.74
N GLU W 240 -47.52 89.53 31.72
CA GLU W 240 -46.47 89.05 32.62
C GLU W 240 -46.94 87.85 33.42
N LEU W 241 -48.21 87.84 33.81
CA LEU W 241 -48.75 86.70 34.56
C LEU W 241 -48.75 85.43 33.71
N LEU W 242 -49.12 85.53 32.43
CA LEU W 242 -49.13 84.36 31.58
C LEU W 242 -47.71 83.87 31.30
N LEU W 243 -46.79 84.80 31.06
CA LEU W 243 -45.40 84.39 30.86
C LEU W 243 -44.82 83.75 32.11
N LEU W 244 -45.16 84.28 33.29
CA LEU W 244 -44.75 83.67 34.54
C LEU W 244 -45.32 82.27 34.70
N ASP W 245 -46.60 82.09 34.35
CA ASP W 245 -47.21 80.77 34.38
C ASP W 245 -46.42 79.79 33.52
N LEU W 246 -46.13 80.18 32.28
CA LEU W 246 -45.39 79.27 31.39
C LEU W 246 -44.00 78.97 31.94
N LEU W 247 -43.32 79.99 32.48
CA LEU W 247 -41.98 79.80 33.01
C LEU W 247 -41.98 78.84 34.19
N VAL W 248 -42.90 79.03 35.12
CA VAL W 248 -42.97 78.16 36.29
C VAL W 248 -43.33 76.74 35.89
N GLN W 249 -44.20 76.58 34.90
CA GLN W 249 -44.55 75.23 34.43
C GLN W 249 -43.34 74.53 33.82
N LYS W 250 -42.57 75.22 32.98
CA LYS W 250 -41.41 74.58 32.38
C LYS W 250 -40.32 74.31 33.42
N ALA W 251 -40.18 75.19 34.42
CA ALA W 251 -39.23 74.95 35.49
C ALA W 251 -39.64 73.74 36.31
N ARG W 252 -40.93 73.56 36.56
CA ARG W 252 -41.41 72.38 37.27
C ARG W 252 -41.15 71.12 36.46
N ASP W 253 -41.33 71.18 35.15
CA ASP W 253 -41.01 70.03 34.30
C ASP W 253 -39.53 69.67 34.39
N LEU W 254 -38.66 70.69 34.33
CA LEU W 254 -37.23 70.42 34.45
C LEU W 254 -36.88 69.85 35.82
N ALA W 255 -37.48 70.38 36.88
CA ALA W 255 -37.21 69.87 38.21
C ALA W 255 -37.66 68.42 38.37
N ALA W 256 -38.79 68.08 37.76
CA ALA W 256 -39.22 66.68 37.74
C ALA W 256 -38.23 65.82 36.99
N ARG W 257 -37.71 66.31 35.86
CA ARG W 257 -36.76 65.53 35.07
C ARG W 257 -35.39 65.41 35.73
N ILE W 258 -35.13 66.14 36.81
CA ILE W 258 -33.84 66.08 37.48
C ILE W 258 -33.50 64.66 37.92
N MET X 25 -46.53 72.29 -13.46
CA MET X 25 -47.74 71.67 -12.96
C MET X 25 -49.00 72.29 -13.57
N GLU X 26 -48.92 72.67 -14.85
CA GLU X 26 -50.04 73.34 -15.49
C GLU X 26 -51.26 72.42 -15.64
N LYS X 27 -51.07 71.11 -15.56
CA LYS X 27 -52.20 70.20 -15.62
C LYS X 27 -53.15 70.42 -14.45
N LEU X 28 -52.59 70.65 -13.25
CA LEU X 28 -53.41 70.89 -12.08
C LEU X 28 -54.11 72.24 -12.13
N GLU X 29 -53.47 73.26 -12.72
CA GLU X 29 -54.17 74.52 -12.95
C GLU X 29 -55.31 74.36 -13.94
N VAL X 30 -55.12 73.53 -14.98
CA VAL X 30 -56.20 73.24 -15.90
C VAL X 30 -57.34 72.53 -15.18
N ALA X 31 -56.99 71.60 -14.28
CA ALA X 31 -58.00 70.92 -13.47
C ALA X 31 -58.77 71.91 -12.60
N VAL X 32 -58.07 72.88 -12.00
CA VAL X 32 -58.73 73.88 -11.17
C VAL X 32 -59.68 74.73 -12.00
N GLU X 33 -59.25 75.12 -13.21
CA GLU X 33 -60.13 75.88 -14.09
C GLU X 33 -61.35 75.06 -14.49
N HIS X 34 -61.15 73.80 -14.79
CA HIS X 34 -62.27 72.93 -15.04
C HIS X 34 -63.23 72.88 -13.87
N LEU X 35 -62.70 72.73 -12.64
CA LEU X 35 -63.56 72.68 -11.46
C LEU X 35 -64.38 73.95 -11.31
N LYS X 36 -63.77 75.11 -11.58
CA LYS X 36 -64.54 76.35 -11.59
C LYS X 36 -65.63 76.31 -12.65
N GLU X 37 -65.31 75.78 -13.84
CA GLU X 37 -66.32 75.65 -14.88
C GLU X 37 -67.44 74.73 -14.44
N ALA X 38 -67.11 73.64 -13.74
CA ALA X 38 -68.13 72.73 -13.25
C ALA X 38 -69.06 73.40 -12.23
N ILE X 39 -68.49 74.20 -11.34
CA ILE X 39 -69.31 74.95 -10.37
C ILE X 39 -70.25 75.88 -11.11
N GLU X 40 -69.73 76.60 -12.11
CA GLU X 40 -70.56 77.52 -12.89
C GLU X 40 -71.66 76.77 -13.64
N LEU X 41 -71.35 75.58 -14.16
CA LEU X 41 -72.35 74.80 -14.88
C LEU X 41 -73.45 74.30 -13.96
N ILE X 42 -73.08 73.82 -12.77
CA ILE X 42 -74.09 73.43 -11.79
C ILE X 42 -74.97 74.61 -11.44
N GLU X 43 -74.36 75.80 -11.31
CA GLU X 43 -75.14 76.99 -11.02
C GLU X 43 -76.12 77.30 -12.16
N LYS X 44 -75.67 77.14 -13.41
CA LYS X 44 -76.52 77.44 -14.55
C LYS X 44 -77.69 76.47 -14.65
N GLY X 45 -77.41 75.17 -14.57
CA GLY X 45 -78.46 74.18 -14.63
C GLY X 45 -78.18 73.01 -15.56
N GLU X 46 -77.00 72.98 -16.16
CA GLU X 46 -76.61 71.88 -17.04
C GLU X 46 -75.90 70.82 -16.22
N TYR X 47 -76.63 69.76 -15.88
CA TYR X 47 -76.09 68.70 -15.02
C TYR X 47 -75.37 67.61 -15.81
N VAL X 48 -75.78 67.36 -17.05
CA VAL X 48 -75.07 66.40 -17.90
C VAL X 48 -73.66 66.90 -18.19
N LYS X 49 -73.55 68.18 -18.56
CA LYS X 49 -72.24 68.75 -18.83
C LYS X 49 -71.39 68.77 -17.58
N ALA X 50 -72.01 69.00 -16.41
CA ALA X 50 -71.27 68.95 -15.15
C ALA X 50 -70.73 67.55 -14.87
N ASP X 51 -71.55 66.52 -15.11
CA ASP X 51 -71.10 65.14 -14.92
C ASP X 51 -69.94 64.81 -15.86
N LEU X 52 -70.05 65.23 -17.12
CA LEU X 52 -68.98 64.99 -18.09
C LEU X 52 -67.70 65.74 -17.71
N ILE X 53 -67.85 66.98 -17.23
CA ILE X 53 -66.69 67.74 -16.77
C ILE X 53 -66.02 67.06 -15.59
N LEU X 54 -66.81 66.49 -14.68
CA LEU X 54 -66.22 65.77 -13.55
C LEU X 54 -65.43 64.57 -14.03
N THR X 55 -65.94 63.86 -15.05
CA THR X 55 -65.17 62.77 -15.63
C THR X 55 -63.86 63.26 -16.26
N ASP X 56 -63.91 64.40 -16.94
CA ASP X 56 -62.70 64.98 -17.52
C ASP X 56 -61.69 65.35 -16.44
N ILE X 57 -62.17 65.94 -15.35
CA ILE X 57 -61.28 66.32 -14.24
C ILE X 57 -60.64 65.07 -13.64
N LEU X 58 -61.42 64.00 -13.50
CA LEU X 58 -60.84 62.75 -12.99
C LEU X 58 -59.76 62.24 -13.93
N ARG X 59 -59.99 62.32 -15.24
CA ARG X 59 -58.97 61.90 -16.19
C ARG X 59 -57.70 62.73 -16.06
N LEU X 60 -57.85 64.05 -15.92
CA LEU X 60 -56.69 64.93 -15.75
C LEU X 60 -55.91 64.58 -14.49
N LEU X 61 -56.61 64.41 -13.36
CA LEU X 61 -55.94 64.12 -12.10
C LEU X 61 -55.24 62.77 -12.16
N GLU X 62 -55.87 61.77 -12.78
CA GLU X 62 -55.22 60.48 -12.95
C GLU X 62 -53.99 60.60 -13.85
N GLU X 63 -54.04 61.49 -14.84
CA GLU X 63 -52.86 61.75 -15.66
C GLU X 63 -51.73 62.31 -14.82
N GLU X 64 -52.05 63.23 -13.90
CA GLU X 64 -51.00 63.78 -13.03
C GLU X 64 -50.46 62.72 -12.08
N GLY X 65 -51.34 62.00 -11.38
CA GLY X 65 -50.91 60.90 -10.56
C GLY X 65 -50.83 61.14 -9.06
N VAL X 66 -51.84 61.79 -8.49
CA VAL X 66 -51.94 61.98 -7.04
C VAL X 66 -53.10 61.13 -6.53
N LYS X 67 -52.78 60.15 -5.68
CA LYS X 67 -53.74 59.11 -5.34
C LYS X 67 -54.94 59.68 -4.57
N SER X 68 -54.68 60.51 -3.57
CA SER X 68 -55.77 61.07 -2.78
C SER X 68 -56.71 61.90 -3.63
N LEU X 69 -56.14 62.74 -4.50
CA LEU X 69 -56.96 63.52 -5.43
C LEU X 69 -57.75 62.61 -6.34
N ILE X 70 -57.17 61.48 -6.76
CA ILE X 70 -57.85 60.59 -7.69
C ILE X 70 -59.08 59.96 -7.03
N LYS X 71 -58.90 59.41 -5.82
CA LYS X 71 -60.04 58.80 -5.14
C LYS X 71 -61.10 59.84 -4.80
N GLN X 72 -60.66 61.04 -4.41
CA GLN X 72 -61.62 62.11 -4.13
C GLN X 72 -62.40 62.47 -5.38
N ALA X 73 -61.75 62.48 -6.54
CA ALA X 73 -62.44 62.83 -7.78
C ALA X 73 -63.44 61.76 -8.20
N LYS X 74 -63.09 60.48 -8.03
CA LYS X 74 -64.02 59.42 -8.37
C LYS X 74 -65.26 59.46 -7.46
N GLU X 75 -65.04 59.56 -6.14
CA GLU X 75 -66.18 59.64 -5.24
C GLU X 75 -66.98 60.92 -5.49
N LEU X 76 -66.31 61.99 -5.91
CA LEU X 76 -67.02 63.21 -6.26
C LEU X 76 -67.94 62.99 -7.44
N HIS X 77 -67.45 62.31 -8.48
CA HIS X 77 -68.29 62.03 -9.63
C HIS X 77 -69.54 61.26 -9.22
N ILE X 78 -69.35 60.17 -8.47
CA ILE X 78 -70.50 59.34 -8.08
C ILE X 78 -71.49 60.15 -7.23
N GLU X 79 -70.99 60.81 -6.19
CA GLU X 79 -71.88 61.48 -5.25
C GLU X 79 -72.54 62.70 -5.86
N VAL X 80 -71.85 63.43 -6.74
CA VAL X 80 -72.48 64.57 -7.38
C VAL X 80 -73.55 64.12 -8.35
N PHE X 81 -73.32 63.00 -9.06
CA PHE X 81 -74.38 62.47 -9.91
C PHE X 81 -75.62 62.14 -9.08
N LYS X 82 -75.42 61.45 -7.95
CA LYS X 82 -76.56 61.11 -7.09
C LYS X 82 -77.27 62.35 -6.58
N LEU X 83 -76.51 63.34 -6.09
CA LEU X 83 -77.11 64.54 -5.52
C LEU X 83 -77.85 65.35 -6.56
N LEU X 84 -77.29 65.48 -7.76
CA LEU X 84 -77.98 66.20 -8.83
C LEU X 84 -79.23 65.45 -9.27
N LYS X 85 -79.23 64.12 -9.20
CA LYS X 85 -80.48 63.38 -9.38
C LYS X 85 -81.51 63.76 -8.33
N GLU X 86 -81.09 63.80 -7.06
CA GLU X 86 -82.02 64.11 -5.99
C GLU X 86 -82.43 65.59 -6.00
N GLY X 87 -81.55 66.48 -6.41
CA GLY X 87 -81.82 67.90 -6.39
C GLY X 87 -81.03 68.71 -5.37
N GLU X 88 -80.05 68.11 -4.71
CA GLU X 88 -79.23 68.80 -3.71
C GLU X 88 -78.10 69.53 -4.42
N TYR X 89 -78.44 70.69 -4.99
CA TYR X 89 -77.46 71.48 -5.74
C TYR X 89 -76.36 72.00 -4.82
N LYS X 90 -76.74 72.50 -3.65
CA LYS X 90 -75.76 73.11 -2.74
C LYS X 90 -74.75 72.09 -2.24
N GLU X 91 -75.20 70.87 -1.94
CA GLU X 91 -74.26 69.84 -1.49
C GLU X 91 -73.26 69.47 -2.58
N ALA X 92 -73.73 69.35 -3.82
CA ALA X 92 -72.83 69.05 -4.93
C ALA X 92 -71.83 70.19 -5.16
N LYS X 93 -72.31 71.43 -5.09
CA LYS X 93 -71.41 72.57 -5.21
C LYS X 93 -70.38 72.58 -4.10
N ALA X 94 -70.80 72.24 -2.88
CA ALA X 94 -69.86 72.17 -1.76
C ALA X 94 -68.79 71.11 -1.99
N LEU X 95 -69.19 69.95 -2.49
CA LEU X 95 -68.21 68.89 -2.76
C LEU X 95 -67.23 69.30 -3.84
N VAL X 96 -67.72 69.94 -4.90
CA VAL X 96 -66.82 70.39 -5.96
C VAL X 96 -65.86 71.46 -5.44
N GLU X 97 -66.37 72.38 -4.60
CA GLU X 97 -65.51 73.40 -4.02
C GLU X 97 -64.47 72.79 -3.10
N ALA X 98 -64.84 71.75 -2.36
CA ALA X 98 -63.88 71.07 -1.49
C ALA X 98 -62.77 70.44 -2.31
N LEU X 99 -63.12 69.78 -3.41
CA LEU X 99 -62.08 69.19 -4.26
C LEU X 99 -61.20 70.28 -4.88
N ARG X 100 -61.79 71.39 -5.28
CA ARG X 100 -61.01 72.50 -5.83
C ARG X 100 -60.00 73.02 -4.81
N VAL X 101 -60.46 73.24 -3.58
CA VAL X 101 -59.58 73.73 -2.52
C VAL X 101 -58.48 72.73 -2.24
N SER X 102 -58.81 71.44 -2.26
CA SER X 102 -57.80 70.41 -2.03
C SER X 102 -56.72 70.43 -3.11
N VAL X 103 -57.13 70.57 -4.37
CA VAL X 103 -56.16 70.60 -5.46
C VAL X 103 -55.28 71.85 -5.38
N GLU X 104 -55.88 73.00 -5.12
CA GLU X 104 -55.11 74.23 -4.98
C GLU X 104 -54.14 74.13 -3.81
N LEU X 105 -54.57 73.53 -2.70
CA LEU X 105 -53.70 73.36 -1.55
C LEU X 105 -52.53 72.44 -1.88
N TYR X 106 -52.77 71.37 -2.65
CA TYR X 106 -51.66 70.52 -3.06
C TYR X 106 -50.67 71.31 -3.91
N ILE X 107 -51.18 72.13 -4.84
CA ILE X 107 -50.30 72.94 -5.68
C ILE X 107 -49.44 73.85 -4.81
N LEU X 108 -50.06 74.53 -3.84
CA LEU X 108 -49.32 75.47 -3.00
C LEU X 108 -48.33 74.75 -2.11
N ILE X 109 -48.67 73.56 -1.61
CA ILE X 109 -47.74 72.80 -0.80
C ILE X 109 -46.52 72.40 -1.63
N LYS X 110 -46.73 71.96 -2.87
CA LYS X 110 -45.61 71.57 -3.72
C LYS X 110 -44.72 72.77 -4.02
N ARG X 111 -45.33 73.91 -4.34
CA ARG X 111 -44.55 75.12 -4.62
C ARG X 111 -43.75 75.55 -3.39
N GLY X 112 -44.37 75.50 -2.20
CA GLY X 112 -43.66 75.89 -1.00
C GLY X 112 -42.50 74.96 -0.66
N VAL X 113 -42.72 73.65 -0.80
CA VAL X 113 -41.66 72.70 -0.46
C VAL X 113 -40.51 72.80 -1.46
N ARG X 114 -40.82 72.93 -2.75
CA ARG X 114 -39.76 73.03 -3.75
C ARG X 114 -38.92 74.29 -3.54
N GLU X 115 -39.60 75.43 -3.39
CA GLU X 115 -38.93 76.72 -3.16
C GLU X 115 -38.25 76.82 -1.80
N GLY X 116 -38.29 75.78 -0.98
CA GLY X 116 -37.70 75.85 0.35
C GLY X 116 -38.33 76.89 1.24
N ARG X 117 -39.63 77.13 1.08
CA ARG X 117 -40.31 78.10 1.91
C ARG X 117 -40.40 77.60 3.36
N PRO X 118 -40.41 78.52 4.33
CA PRO X 118 -40.54 78.09 5.73
C PRO X 118 -41.89 77.43 5.98
N ILE X 119 -41.89 76.49 6.93
CA ILE X 119 -43.13 75.81 7.32
C ILE X 119 -44.15 76.82 7.86
N GLU X 120 -43.67 77.90 8.48
CA GLU X 120 -44.56 78.88 9.09
C GLU X 120 -45.53 79.47 8.07
N GLU X 121 -45.00 80.00 6.97
CA GLU X 121 -45.86 80.67 6.00
C GLU X 121 -46.72 79.67 5.23
N ILE X 122 -46.22 78.46 5.02
CA ILE X 122 -47.05 77.41 4.42
C ILE X 122 -48.26 77.14 5.29
N ALA X 123 -48.04 77.00 6.60
CA ALA X 123 -49.15 76.76 7.53
C ALA X 123 -50.13 77.93 7.53
N ARG X 124 -49.62 79.16 7.53
CA ARG X 124 -50.52 80.30 7.50
C ARG X 124 -51.35 80.33 6.22
N GLU X 125 -50.74 80.00 5.08
CA GLU X 125 -51.47 79.96 3.82
C GLU X 125 -52.55 78.89 3.85
N VAL X 126 -52.23 77.70 4.36
CA VAL X 126 -53.22 76.63 4.45
C VAL X 126 -54.39 77.06 5.32
N GLY X 127 -54.11 77.67 6.47
CA GLY X 127 -55.18 78.15 7.32
C GLY X 127 -56.04 79.20 6.65
N ARG X 128 -55.41 80.13 5.93
CA ARG X 128 -56.18 81.16 5.23
C ARG X 128 -57.08 80.55 4.18
N LYS X 129 -56.58 79.58 3.42
CA LYS X 129 -57.40 78.94 2.40
C LYS X 129 -58.58 78.20 3.03
N LEU X 130 -58.34 77.47 4.12
CA LEU X 130 -59.43 76.76 4.78
C LEU X 130 -60.48 77.73 5.32
N VAL X 131 -60.05 78.86 5.88
CA VAL X 131 -61.01 79.83 6.40
C VAL X 131 -61.83 80.44 5.26
N GLU X 132 -61.18 80.72 4.12
CA GLU X 132 -61.92 81.26 2.99
C GLU X 132 -62.95 80.27 2.47
N LEU X 133 -62.57 78.99 2.40
CA LEU X 133 -63.54 77.97 2.00
C LEU X 133 -64.72 77.90 2.97
N ALA X 134 -64.42 77.96 4.28
CA ALA X 134 -65.48 77.90 5.27
C ALA X 134 -66.43 79.09 5.14
N LYS X 135 -65.86 80.28 4.92
CA LYS X 135 -66.70 81.47 4.72
C LYS X 135 -67.57 81.33 3.48
N ARG X 136 -67.01 80.81 2.39
CA ARG X 136 -67.80 80.59 1.18
C ARG X 136 -68.96 79.64 1.44
N LEU X 137 -68.67 78.50 2.07
CA LEU X 137 -69.71 77.51 2.33
C LEU X 137 -70.78 78.07 3.28
N GLU X 138 -70.36 78.87 4.27
CA GLU X 138 -71.34 79.50 5.15
C GLU X 138 -72.22 80.46 4.39
N LYS X 139 -71.65 81.20 3.44
CA LYS X 139 -72.47 82.08 2.61
C LYS X 139 -73.45 81.29 1.75
N GLU X 140 -73.03 80.14 1.24
CA GLU X 140 -73.93 79.32 0.41
C GLU X 140 -75.14 78.86 1.20
N GLY X 141 -74.94 78.42 2.44
CA GLY X 141 -76.03 77.95 3.26
C GLY X 141 -75.81 76.57 3.84
N ILE X 142 -74.60 76.04 3.67
CA ILE X 142 -74.26 74.75 4.24
C ILE X 142 -74.04 74.89 5.74
N SER X 143 -74.58 73.93 6.51
CA SER X 143 -74.47 73.99 7.95
C SER X 143 -73.03 73.75 8.40
N TRP X 144 -72.76 74.13 9.66
CA TRP X 144 -71.38 74.12 10.15
C TRP X 144 -70.86 72.72 10.41
N GLU X 145 -71.75 71.76 10.70
CA GLU X 145 -71.30 70.38 10.85
C GLU X 145 -70.76 69.84 9.54
N GLU X 146 -71.46 70.09 8.44
CA GLU X 146 -70.99 69.68 7.12
C GLU X 146 -69.69 70.40 6.76
N ILE X 147 -69.61 71.68 7.09
CA ILE X 147 -68.39 72.45 6.81
C ILE X 147 -67.20 71.84 7.55
N ILE X 148 -67.40 71.51 8.82
CA ILE X 148 -66.32 70.93 9.61
C ILE X 148 -65.91 69.57 9.05
N GLU X 149 -66.89 68.75 8.67
CA GLU X 149 -66.55 67.43 8.12
C GLU X 149 -65.77 67.55 6.81
N LEU X 150 -66.20 68.46 5.93
CA LEU X 150 -65.45 68.70 4.70
C LEU X 150 -64.03 69.17 5.00
N ILE X 151 -63.89 70.06 5.98
CA ILE X 151 -62.57 70.59 6.33
C ILE X 151 -61.67 69.47 6.85
N GLU X 152 -62.21 68.56 7.68
CA GLU X 152 -61.39 67.47 8.17
C GLU X 152 -61.02 66.48 7.08
N ARG X 153 -61.91 66.26 6.10
CA ARG X 153 -61.51 65.43 4.96
C ARG X 153 -60.37 66.09 4.19
N ILE X 154 -60.46 67.40 3.97
CA ILE X 154 -59.37 68.12 3.31
C ILE X 154 -58.08 68.02 4.13
N LEU X 155 -58.21 68.07 5.45
CA LEU X 155 -57.04 67.99 6.33
C LEU X 155 -56.38 66.62 6.26
N GLU X 156 -57.17 65.56 6.17
CA GLU X 156 -56.59 64.23 6.00
C GLU X 156 -55.88 64.11 4.65
N SER X 157 -56.47 64.70 3.61
CA SER X 157 -55.79 64.73 2.31
C SER X 157 -54.47 65.48 2.41
N ILE X 158 -54.47 66.62 3.12
CA ILE X 158 -53.25 67.40 3.30
C ILE X 158 -52.21 66.59 4.06
N ARG X 159 -52.64 65.85 5.08
CA ARG X 159 -51.71 65.02 5.84
C ARG X 159 -51.05 63.97 4.94
N GLU X 160 -51.84 63.32 4.09
CA GLU X 160 -51.26 62.34 3.17
C GLU X 160 -50.30 63.01 2.19
N ILE X 161 -50.67 64.17 1.65
CA ILE X 161 -49.81 64.87 0.69
C ILE X 161 -48.50 65.26 1.35
N LEU X 162 -48.55 65.80 2.57
CA LEU X 162 -47.35 66.21 3.28
C LEU X 162 -46.46 65.01 3.59
N LYS X 163 -47.07 63.89 4.00
CA LYS X 163 -46.29 62.68 4.24
C LYS X 163 -45.63 62.19 2.95
N GLU X 164 -46.27 62.42 1.81
CA GLU X 164 -45.66 62.03 0.54
C GLU X 164 -44.38 62.82 0.27
N GLU X 165 -44.38 64.11 0.60
CA GLU X 165 -43.23 64.98 0.33
C GLU X 165 -42.02 64.66 1.22
N GLY X 166 -42.11 63.64 2.07
CA GLY X 166 -40.99 63.30 2.92
C GLY X 166 -40.82 64.17 4.15
N LEU X 167 -41.79 65.02 4.46
CA LEU X 167 -41.69 65.84 5.66
C LEU X 167 -41.83 64.97 6.91
N PRO X 168 -41.11 65.29 7.98
CA PRO X 168 -41.28 64.53 9.22
C PRO X 168 -42.58 64.88 9.93
N GLU X 169 -42.91 64.07 10.93
CA GLU X 169 -44.21 64.17 11.59
C GLU X 169 -44.39 65.49 12.32
N SER X 170 -43.31 66.07 12.84
CA SER X 170 -43.43 67.26 13.68
C SER X 170 -43.99 68.44 12.89
N GLU X 171 -43.42 68.72 11.71
CA GLU X 171 -43.91 69.84 10.91
C GLU X 171 -45.31 69.58 10.36
N ILE X 172 -45.61 68.34 10.01
CA ILE X 172 -46.95 68.00 9.54
C ILE X 172 -47.97 68.29 10.64
N ASN X 173 -47.68 67.84 11.86
CA ASN X 173 -48.58 68.10 12.98
C ASN X 173 -48.69 69.58 13.27
N ARG X 174 -47.58 70.31 13.14
CA ARG X 174 -47.62 71.76 13.36
C ARG X 174 -48.53 72.45 12.36
N ILE X 175 -48.40 72.10 11.07
CA ILE X 175 -49.23 72.72 10.05
C ILE X 175 -50.71 72.40 10.28
N LEU X 176 -51.00 71.12 10.56
CA LEU X 176 -52.39 70.72 10.78
C LEU X 176 -52.99 71.42 11.99
N ALA X 177 -52.22 71.50 13.08
CA ALA X 177 -52.71 72.19 14.28
C ALA X 177 -52.96 73.66 14.02
N VAL X 178 -52.07 74.31 13.26
CA VAL X 178 -52.26 75.73 12.95
C VAL X 178 -53.52 75.93 12.13
N SER X 179 -53.76 75.07 11.13
CA SER X 179 -54.96 75.22 10.31
C SER X 179 -56.22 75.02 11.13
N ILE X 180 -56.25 73.98 11.96
CA ILE X 180 -57.41 73.74 12.82
C ILE X 180 -57.63 74.93 13.75
N LEU X 181 -56.55 75.47 14.31
CA LEU X 181 -56.68 76.61 15.21
C LEU X 181 -57.15 77.86 14.48
N GLU X 182 -56.80 78.02 13.20
CA GLU X 182 -57.32 79.16 12.45
C GLU X 182 -58.82 79.04 12.21
N VAL X 183 -59.28 77.83 11.88
CA VAL X 183 -60.73 77.63 11.76
C VAL X 183 -61.43 77.91 13.09
N ALA X 184 -60.85 77.42 14.18
CA ALA X 184 -61.42 77.68 15.51
C ALA X 184 -61.41 79.15 15.85
N LYS X 185 -60.38 79.88 15.42
CA LYS X 185 -60.32 81.32 15.65
C LYS X 185 -61.43 82.03 14.89
N TYR X 186 -61.69 81.62 13.65
CA TYR X 186 -62.81 82.20 12.92
C TYR X 186 -64.13 81.94 13.65
N LEU X 187 -64.31 80.71 14.16
CA LEU X 187 -65.52 80.41 14.93
C LEU X 187 -65.63 81.28 16.17
N LEU X 188 -64.52 81.47 16.89
CA LEU X 188 -64.54 82.32 18.08
C LEU X 188 -64.88 83.76 17.75
N GLU X 189 -64.33 84.27 16.64
CA GLU X 189 -64.67 85.62 16.21
C GLU X 189 -66.16 85.73 15.88
N LYS X 190 -66.72 84.71 15.25
CA LYS X 190 -68.16 84.71 15.00
C LYS X 190 -68.94 84.73 16.31
N LEU X 191 -68.52 83.93 17.29
CA LEU X 191 -69.22 83.90 18.58
C LEU X 191 -69.10 85.23 19.32
N GLY X 192 -67.92 85.84 19.28
CA GLY X 192 -67.71 87.13 19.93
C GLY X 192 -66.95 87.05 21.23
N PHE X 193 -65.95 86.17 21.29
CA PHE X 193 -65.10 85.99 22.46
C PHE X 193 -63.70 86.47 22.09
N ASP X 194 -63.46 87.77 22.31
CA ASP X 194 -62.22 88.39 21.82
C ASP X 194 -61.01 87.92 22.60
N TYR X 195 -61.12 87.78 23.92
CA TYR X 195 -59.98 87.38 24.73
C TYR X 195 -59.49 85.98 24.35
N LEU X 196 -60.43 85.05 24.16
CA LEU X 196 -60.07 83.72 23.69
C LEU X 196 -59.41 83.78 22.31
N VAL X 197 -59.86 84.71 21.48
CA VAL X 197 -59.22 84.91 20.18
C VAL X 197 -57.75 85.29 20.37
N GLU X 198 -57.48 86.27 21.24
CA GLU X 198 -56.11 86.72 21.48
C GLU X 198 -55.23 85.60 22.02
N LEU X 199 -55.76 84.85 22.99
CA LEU X 199 -55.01 83.68 23.47
C LEU X 199 -54.76 82.69 22.35
N LEU X 200 -55.70 82.59 21.39
CA LEU X 200 -55.49 81.67 20.27
C LEU X 200 -54.38 82.15 19.35
N ASP X 201 -54.29 83.46 19.07
CA ASP X 201 -53.16 83.94 18.30
C ASP X 201 -51.85 83.69 19.04
N ARG X 202 -51.84 83.88 20.36
CA ARG X 202 -50.63 83.60 21.12
C ARG X 202 -50.21 82.14 20.97
N ALA X 203 -51.17 81.22 21.11
CA ALA X 203 -50.86 79.80 20.97
C ALA X 203 -50.40 79.46 19.56
N ILE X 204 -51.03 80.07 18.54
CA ILE X 204 -50.64 79.81 17.17
C ILE X 204 -49.21 80.28 16.91
N GLU X 205 -48.86 81.47 17.41
CA GLU X 205 -47.50 81.96 17.29
C GLU X 205 -46.50 81.04 17.98
N TYR X 206 -46.86 80.55 19.18
CA TYR X 206 -45.96 79.65 19.87
C TYR X 206 -45.77 78.34 19.12
N ILE X 207 -46.85 77.81 18.53
CA ILE X 207 -46.74 76.60 17.72
C ILE X 207 -45.85 76.85 16.51
N LEU X 208 -46.05 77.99 15.84
CA LEU X 208 -45.30 78.29 14.63
C LEU X 208 -43.82 78.49 14.91
N LYS X 209 -43.48 79.14 16.03
CA LYS X 209 -42.08 79.37 16.37
C LYS X 209 -41.38 78.13 16.88
N GLY X 210 -42.10 77.03 17.13
CA GLY X 210 -41.50 75.79 17.56
C GLY X 210 -41.64 75.48 19.04
N ARG X 211 -42.12 76.43 19.83
CA ARG X 211 -42.28 76.25 21.27
C ARG X 211 -43.56 75.46 21.52
N SER X 212 -43.42 74.15 21.71
CA SER X 212 -44.57 73.25 21.75
C SER X 212 -45.19 73.12 23.12
N GLU X 213 -44.38 72.97 24.17
CA GLU X 213 -44.92 72.75 25.51
C GLU X 213 -45.68 73.96 26.03
N LEU X 214 -45.14 75.16 25.77
CA LEU X 214 -45.86 76.37 26.14
C LEU X 214 -47.20 76.46 25.41
N ALA X 215 -47.21 76.08 24.14
CA ALA X 215 -48.45 76.08 23.37
C ALA X 215 -49.44 75.07 23.94
N VAL X 216 -48.97 73.91 24.36
CA VAL X 216 -49.85 72.90 24.94
C VAL X 216 -50.47 73.42 26.24
N HIS X 217 -49.67 74.06 27.09
CA HIS X 217 -50.21 74.62 28.33
C HIS X 217 -51.22 75.73 28.03
N LEU X 218 -50.92 76.59 27.05
CA LEU X 218 -51.85 77.63 26.65
C LEU X 218 -53.15 77.03 26.14
N LEU X 219 -53.06 75.94 25.37
CA LEU X 219 -54.25 75.29 24.84
C LEU X 219 -55.06 74.65 25.95
N ASP X 220 -54.40 74.11 26.97
CA ASP X 220 -55.11 73.60 28.15
C ASP X 220 -55.90 74.70 28.84
N ASP X 221 -55.27 75.87 29.02
CA ASP X 221 -55.98 76.98 29.65
C ASP X 221 -57.15 77.44 28.79
N ILE X 222 -56.95 77.48 27.46
CA ILE X 222 -58.02 77.86 26.55
C ILE X 222 -59.17 76.86 26.63
N ILE X 223 -58.86 75.57 26.71
CA ILE X 223 -59.88 74.54 26.81
C ILE X 223 -60.68 74.71 28.10
N ARG X 224 -59.99 74.99 29.21
CA ARG X 224 -60.70 75.24 30.46
C ARG X 224 -61.64 76.44 30.35
N ARG X 225 -61.17 77.52 29.72
CA ARG X 225 -62.01 78.70 29.56
C ARG X 225 -63.23 78.40 28.68
N VAL X 226 -63.03 77.62 27.61
CA VAL X 226 -64.13 77.28 26.72
C VAL X 226 -65.16 76.43 27.45
N HIS X 227 -64.70 75.46 28.25
CA HIS X 227 -65.62 74.65 29.04
C HIS X 227 -66.39 75.50 30.04
N GLU X 228 -65.72 76.48 30.65
CA GLU X 228 -66.41 77.40 31.54
C GLU X 228 -67.50 78.18 30.82
N GLU X 229 -67.19 78.65 29.60
CA GLU X 229 -68.20 79.36 28.82
C GLU X 229 -69.39 78.47 28.48
N ILE X 230 -69.11 77.22 28.08
CA ILE X 230 -70.18 76.28 27.75
C ILE X 230 -71.06 76.04 28.97
N GLU X 231 -70.43 75.82 30.14
CA GLU X 231 -71.20 75.61 31.36
C GLU X 231 -72.03 76.83 31.72
N ARG X 232 -71.50 78.03 31.45
CA ARG X 232 -72.28 79.25 31.70
C ARG X 232 -73.50 79.30 30.79
N TYR X 233 -73.36 78.87 29.54
CA TYR X 233 -74.49 78.95 28.60
C TYR X 233 -75.66 78.07 29.05
N GLY X 234 -75.37 76.88 29.52
CA GLY X 234 -76.41 76.01 30.08
C GLY X 234 -77.01 75.10 29.03
N ASP X 235 -78.33 75.24 28.80
CA ASP X 235 -79.04 74.40 27.85
C ASP X 235 -79.18 75.05 26.48
N ASP X 236 -78.82 76.32 26.33
CA ASP X 236 -78.96 77.04 25.07
C ASP X 236 -77.62 77.22 24.36
N VAL X 237 -76.74 76.23 24.46
CA VAL X 237 -75.40 76.33 23.89
C VAL X 237 -75.48 76.31 22.37
N PRO X 238 -74.96 77.32 21.68
CA PRO X 238 -74.89 77.26 20.21
C PRO X 238 -73.93 76.18 19.75
N GLU X 239 -74.21 75.64 18.56
CA GLU X 239 -73.40 74.56 18.01
C GLU X 239 -71.98 75.00 17.69
N GLU X 240 -71.78 76.30 17.42
CA GLU X 240 -70.44 76.79 17.13
C GLU X 240 -69.51 76.60 18.32
N LEU X 241 -70.04 76.78 19.53
CA LEU X 241 -69.21 76.58 20.72
C LEU X 241 -68.76 75.13 20.86
N LEU X 242 -69.66 74.17 20.59
CA LEU X 242 -69.28 72.76 20.69
C LEU X 242 -68.29 72.38 19.60
N LEU X 243 -68.49 72.87 18.38
CA LEU X 243 -67.54 72.59 17.31
C LEU X 243 -66.19 73.21 17.63
N LEU X 244 -66.17 74.41 18.19
CA LEU X 244 -64.93 75.04 18.61
C LEU X 244 -64.24 74.22 19.69
N ASP X 245 -65.01 73.71 20.66
CA ASP X 245 -64.45 72.85 21.69
C ASP X 245 -63.75 71.64 21.07
N LEU X 246 -64.44 70.96 20.15
CA LEU X 246 -63.84 69.79 19.52
C LEU X 246 -62.59 70.15 18.74
N LEU X 247 -62.63 71.27 18.01
CA LEU X 247 -61.49 71.69 17.20
C LEU X 247 -60.29 71.99 18.08
N VAL X 248 -60.49 72.74 19.16
CA VAL X 248 -59.38 73.09 20.04
C VAL X 248 -58.81 71.84 20.71
N GLN X 249 -59.69 70.89 21.07
CA GLN X 249 -59.20 69.67 21.68
C GLN X 249 -58.33 68.86 20.72
N LYS X 250 -58.77 68.73 19.46
CA LYS X 250 -57.96 67.97 18.51
C LYS X 250 -56.67 68.71 18.15
N ALA X 251 -56.72 70.04 18.12
CA ALA X 251 -55.49 70.81 17.89
C ALA X 251 -54.51 70.64 19.03
N ARG X 252 -55.01 70.60 20.28
CA ARG X 252 -54.14 70.35 21.42
C ARG X 252 -53.53 68.96 21.35
N ASP X 253 -54.32 67.97 20.93
CA ASP X 253 -53.76 66.62 20.77
C ASP X 253 -52.65 66.61 19.72
N LEU X 254 -52.86 67.29 18.59
CA LEU X 254 -51.83 67.35 17.57
C LEU X 254 -50.58 68.07 18.08
N ALA X 255 -50.77 69.17 18.82
CA ALA X 255 -49.63 69.91 19.35
C ALA X 255 -48.85 69.07 20.35
N ALA X 256 -49.55 68.27 21.16
CA ALA X 256 -48.86 67.34 22.04
C ALA X 256 -48.07 66.31 21.25
N ARG X 257 -48.65 65.79 20.16
CA ARG X 257 -47.96 64.79 19.35
C ARG X 257 -46.80 65.35 18.56
N ILE X 258 -46.62 66.66 18.51
CA ILE X 258 -45.53 67.29 17.75
C ILE X 258 -44.18 66.75 18.22
N MET Y 25 -81.29 30.76 4.29
CA MET Y 25 -81.32 30.63 5.74
C MET Y 25 -82.74 30.43 6.27
N GLU Y 26 -83.57 29.69 5.52
CA GLU Y 26 -84.96 29.51 5.90
C GLU Y 26 -85.11 28.70 7.20
N LYS Y 27 -84.07 27.95 7.58
CA LYS Y 27 -84.13 27.22 8.85
C LYS Y 27 -84.24 28.18 10.02
N LEU Y 28 -83.52 29.30 9.98
CA LEU Y 28 -83.59 30.27 11.06
C LEU Y 28 -84.91 31.01 11.08
N GLU Y 29 -85.52 31.25 9.91
CA GLU Y 29 -86.86 31.81 9.90
C GLU Y 29 -87.88 30.83 10.48
N VAL Y 30 -87.71 29.54 10.19
CA VAL Y 30 -88.57 28.54 10.82
C VAL Y 30 -88.38 28.54 12.32
N ALA Y 31 -87.14 28.68 12.78
CA ALA Y 31 -86.87 28.77 14.21
C ALA Y 31 -87.55 30.00 14.83
N VAL Y 32 -87.51 31.14 14.12
CA VAL Y 32 -88.16 32.34 14.63
C VAL Y 32 -89.67 32.15 14.74
N GLU Y 33 -90.26 31.51 13.73
CA GLU Y 33 -91.70 31.22 13.77
C GLU Y 33 -92.04 30.28 14.92
N HIS Y 34 -91.21 29.27 15.12
CA HIS Y 34 -91.38 28.41 16.28
C HIS Y 34 -91.32 29.19 17.57
N LEU Y 35 -90.34 30.10 17.72
CA LEU Y 35 -90.23 30.90 18.94
C LEU Y 35 -91.48 31.73 19.17
N LYS Y 36 -92.03 32.32 18.11
CA LYS Y 36 -93.30 33.01 18.25
C LYS Y 36 -94.40 32.06 18.72
N GLU Y 37 -94.44 30.86 18.16
CA GLU Y 37 -95.42 29.86 18.60
C GLU Y 37 -95.23 29.51 20.07
N ALA Y 38 -93.97 29.41 20.51
CA ALA Y 38 -93.69 29.11 21.92
C ALA Y 38 -94.19 30.22 22.83
N ILE Y 39 -93.97 31.48 22.44
CA ILE Y 39 -94.48 32.59 23.23
C ILE Y 39 -96.00 32.53 23.32
N GLU Y 40 -96.66 32.27 22.19
CA GLU Y 40 -98.11 32.18 22.19
C GLU Y 40 -98.59 31.02 23.07
N LEU Y 41 -97.87 29.89 23.05
CA LEU Y 41 -98.25 28.74 23.86
C LEU Y 41 -98.10 29.04 25.36
N ILE Y 42 -96.99 29.69 25.74
CA ILE Y 42 -96.83 30.09 27.14
C ILE Y 42 -97.95 31.03 27.54
N GLU Y 43 -98.35 31.94 26.64
CA GLU Y 43 -99.46 32.83 26.93
C GLU Y 43 -100.76 32.06 27.13
N LYS Y 44 -100.99 31.03 26.31
CA LYS Y 44 -102.23 30.26 26.41
C LYS Y 44 -102.28 29.46 27.70
N GLY Y 45 -101.22 28.73 28.01
CA GLY Y 45 -101.18 27.95 29.23
C GLY Y 45 -100.68 26.54 29.06
N GLU Y 46 -100.27 26.16 27.85
CA GLU Y 46 -99.74 24.83 27.58
C GLU Y 46 -98.22 24.86 27.76
N TYR Y 47 -97.76 24.39 28.92
CA TYR Y 47 -96.34 24.43 29.25
C TYR Y 47 -95.58 23.21 28.75
N VAL Y 48 -96.24 22.05 28.66
CA VAL Y 48 -95.59 20.87 28.09
C VAL Y 48 -95.29 21.09 26.63
N LYS Y 49 -96.26 21.62 25.88
CA LYS Y 49 -96.03 21.90 24.47
C LYS Y 49 -94.96 22.97 24.30
N ALA Y 50 -94.90 23.94 25.20
CA ALA Y 50 -93.85 24.95 25.15
C ALA Y 50 -92.47 24.34 25.37
N ASP Y 51 -92.35 23.42 26.34
CA ASP Y 51 -91.08 22.75 26.59
C ASP Y 51 -90.65 21.92 25.37
N LEU Y 52 -91.60 21.21 24.76
CA LEU Y 52 -91.30 20.42 23.58
C LEU Y 52 -90.91 21.30 22.40
N ILE Y 53 -91.58 22.45 22.23
CA ILE Y 53 -91.22 23.39 21.18
C ILE Y 53 -89.82 23.93 21.40
N LEU Y 54 -89.45 24.20 22.65
CA LEU Y 54 -88.10 24.67 22.92
C LEU Y 54 -87.07 23.61 22.54
N THR Y 55 -87.37 22.34 22.80
CA THR Y 55 -86.47 21.28 22.36
C THR Y 55 -86.37 21.23 20.83
N ASP Y 56 -87.49 21.42 20.14
CA ASP Y 56 -87.47 21.45 18.67
C ASP Y 56 -86.63 22.62 18.15
N ILE Y 57 -86.77 23.79 18.77
CA ILE Y 57 -85.99 24.96 18.37
C ILE Y 57 -84.51 24.70 18.58
N LEU Y 58 -84.16 24.06 19.70
CA LEU Y 58 -82.76 23.71 19.93
C LEU Y 58 -82.25 22.79 18.84
N ARG Y 59 -83.06 21.80 18.44
CA ARG Y 59 -82.65 20.90 17.37
C ARG Y 59 -82.43 21.64 16.06
N LEU Y 60 -83.34 22.57 15.73
CA LEU Y 60 -83.19 23.37 14.52
C LEU Y 60 -81.90 24.20 14.54
N LEU Y 61 -81.65 24.89 15.66
CA LEU Y 61 -80.47 25.74 15.75
C LEU Y 61 -79.19 24.91 15.68
N GLU Y 62 -79.19 23.73 16.32
CA GLU Y 62 -78.03 22.86 16.22
C GLU Y 62 -77.85 22.35 14.79
N GLU Y 63 -78.94 22.16 14.07
CA GLU Y 63 -78.84 21.80 12.65
C GLU Y 63 -78.19 22.92 11.86
N GLU Y 64 -78.54 24.17 12.16
CA GLU Y 64 -77.90 25.29 11.46
C GLU Y 64 -76.42 25.41 11.81
N GLY Y 65 -76.11 25.41 13.11
CA GLY Y 65 -74.72 25.38 13.53
C GLY Y 65 -74.13 26.70 14.00
N VAL Y 66 -74.86 27.45 14.82
CA VAL Y 66 -74.35 28.68 15.44
C VAL Y 66 -74.20 28.42 16.93
N LYS Y 67 -72.95 28.49 17.42
CA LYS Y 67 -72.63 28.00 18.76
C LYS Y 67 -73.33 28.83 19.84
N SER Y 68 -73.26 30.15 19.72
CA SER Y 68 -73.86 31.01 20.73
C SER Y 68 -75.37 30.79 20.81
N LEU Y 69 -76.02 30.70 19.65
CA LEU Y 69 -77.45 30.41 19.63
C LEU Y 69 -77.73 29.04 20.25
N ILE Y 70 -76.85 28.07 20.03
CA ILE Y 70 -77.07 26.73 20.55
C ILE Y 70 -77.02 26.72 22.07
N LYS Y 71 -75.98 27.32 22.66
CA LYS Y 71 -75.88 27.35 24.11
C LYS Y 71 -77.02 28.17 24.72
N GLN Y 72 -77.39 29.27 24.06
CA GLN Y 72 -78.51 30.07 24.54
C GLN Y 72 -79.81 29.25 24.52
N ALA Y 73 -80.00 28.43 23.49
CA ALA Y 73 -81.21 27.63 23.40
C ALA Y 73 -81.25 26.53 24.46
N LYS Y 74 -80.12 25.90 24.74
CA LYS Y 74 -80.10 24.87 25.78
C LYS Y 74 -80.39 25.48 27.15
N GLU Y 75 -79.70 26.58 27.49
CA GLU Y 75 -79.97 27.21 28.77
C GLU Y 75 -81.40 27.74 28.83
N LEU Y 76 -81.94 28.17 27.69
CA LEU Y 76 -83.33 28.60 27.65
C LEU Y 76 -84.26 27.45 27.99
N HIS Y 77 -84.03 26.28 27.41
CA HIS Y 77 -84.87 25.13 27.72
C HIS Y 77 -84.87 24.85 29.23
N ILE Y 78 -83.66 24.75 29.81
CA ILE Y 78 -83.57 24.42 31.23
C ILE Y 78 -84.26 25.48 32.09
N GLU Y 79 -83.92 26.75 31.86
CA GLU Y 79 -84.43 27.81 32.71
C GLU Y 79 -85.92 28.04 32.53
N VAL Y 80 -86.43 27.89 31.32
CA VAL Y 80 -87.87 28.06 31.10
C VAL Y 80 -88.63 26.92 31.76
N PHE Y 81 -88.09 25.70 31.72
CA PHE Y 81 -88.74 24.61 32.43
C PHE Y 81 -88.82 24.91 33.92
N LYS Y 82 -87.71 25.36 34.51
CA LYS Y 82 -87.71 25.70 35.93
C LYS Y 82 -88.70 26.82 36.24
N LEU Y 83 -88.70 27.89 35.44
CA LEU Y 83 -89.57 29.03 35.70
C LEU Y 83 -91.04 28.66 35.56
N LEU Y 84 -91.38 27.87 34.54
CA LEU Y 84 -92.76 27.43 34.38
C LEU Y 84 -93.18 26.52 35.51
N LYS Y 85 -92.25 25.72 36.06
CA LYS Y 85 -92.55 24.99 37.28
C LYS Y 85 -92.88 25.95 38.43
N GLU Y 86 -92.07 26.99 38.60
CA GLU Y 86 -92.29 27.92 39.70
C GLU Y 86 -93.51 28.81 39.46
N GLY Y 87 -93.81 29.14 38.21
CA GLY Y 87 -94.91 30.02 37.89
C GLY Y 87 -94.52 31.39 37.37
N GLU Y 88 -93.25 31.62 37.07
CA GLU Y 88 -92.77 32.90 36.55
C GLU Y 88 -92.97 32.93 35.03
N TYR Y 89 -94.20 33.19 34.63
CA TYR Y 89 -94.53 33.20 33.21
C TYR Y 89 -93.84 34.35 32.48
N LYS Y 90 -93.81 35.53 33.09
CA LYS Y 90 -93.23 36.71 32.44
C LYS Y 90 -91.74 36.54 32.21
N GLU Y 91 -91.02 35.96 33.18
CA GLU Y 91 -89.59 35.75 33.02
C GLU Y 91 -89.30 34.77 31.87
N ALA Y 92 -90.08 33.69 31.78
CA ALA Y 92 -89.90 32.74 30.69
C ALA Y 92 -90.21 33.38 29.34
N LYS Y 93 -91.28 34.17 29.27
CA LYS Y 93 -91.60 34.88 28.04
C LYS Y 93 -90.49 35.84 27.66
N ALA Y 94 -89.91 36.53 28.65
CA ALA Y 94 -88.80 37.44 28.38
C ALA Y 94 -87.60 36.70 27.83
N LEU Y 95 -87.27 35.52 28.39
CA LEU Y 95 -86.14 34.76 27.89
C LEU Y 95 -86.37 34.28 26.46
N VAL Y 96 -87.59 33.82 26.17
CA VAL Y 96 -87.90 33.37 24.82
C VAL Y 96 -87.82 34.55 23.84
N GLU Y 97 -88.32 35.71 24.24
CA GLU Y 97 -88.25 36.89 23.38
C GLU Y 97 -86.80 37.32 23.15
N ALA Y 98 -85.96 37.20 24.18
CA ALA Y 98 -84.55 37.53 24.02
C ALA Y 98 -83.88 36.61 23.01
N LEU Y 99 -84.18 35.31 23.09
CA LEU Y 99 -83.60 34.38 22.11
C LEU Y 99 -84.12 34.67 20.71
N ARG Y 100 -85.41 35.01 20.59
CA ARG Y 100 -85.96 35.36 19.29
C ARG Y 100 -85.27 36.58 18.69
N VAL Y 101 -85.08 37.62 19.50
CA VAL Y 101 -84.40 38.82 19.04
C VAL Y 101 -82.97 38.51 18.64
N SER Y 102 -82.30 37.65 19.40
CA SER Y 102 -80.93 37.28 19.07
C SER Y 102 -80.84 36.56 17.72
N VAL Y 103 -81.77 35.64 17.46
CA VAL Y 103 -81.76 34.92 16.21
C VAL Y 103 -82.07 35.85 15.04
N GLU Y 104 -83.07 36.72 15.18
CA GLU Y 104 -83.39 37.68 14.13
C GLU Y 104 -82.21 38.62 13.87
N LEU Y 105 -81.52 39.04 14.93
CA LEU Y 105 -80.36 39.91 14.77
C LEU Y 105 -79.23 39.19 14.03
N TYR Y 106 -79.03 37.90 14.32
CA TYR Y 106 -78.03 37.16 13.57
C TYR Y 106 -78.40 37.08 12.09
N ILE Y 107 -79.68 36.85 11.80
CA ILE Y 107 -80.14 36.79 10.41
C ILE Y 107 -79.84 38.12 9.72
N LEU Y 108 -80.18 39.23 10.36
CA LEU Y 108 -80.00 40.54 9.75
C LEU Y 108 -78.53 40.87 9.58
N ILE Y 109 -77.68 40.47 10.54
CA ILE Y 109 -76.25 40.70 10.41
C ILE Y 109 -75.70 39.94 9.22
N LYS Y 110 -76.12 38.68 9.06
CA LYS Y 110 -75.63 37.89 7.92
C LYS Y 110 -76.07 38.50 6.60
N ARG Y 111 -77.34 38.92 6.52
CA ARG Y 111 -77.84 39.55 5.29
C ARG Y 111 -77.09 40.84 4.99
N GLY Y 112 -76.83 41.65 6.02
CA GLY Y 112 -76.12 42.89 5.79
C GLY Y 112 -74.69 42.69 5.35
N VAL Y 113 -73.99 41.73 5.97
CA VAL Y 113 -72.60 41.49 5.62
C VAL Y 113 -72.49 40.90 4.22
N ARG Y 114 -73.36 39.96 3.88
CA ARG Y 114 -73.31 39.35 2.55
C ARG Y 114 -73.59 40.39 1.46
N GLU Y 115 -74.65 41.17 1.63
CA GLU Y 115 -75.05 42.21 0.68
C GLU Y 115 -74.07 43.39 0.65
N GLY Y 116 -73.01 43.37 1.44
CA GLY Y 116 -72.08 44.49 1.48
C GLY Y 116 -72.71 45.77 1.98
N ARG Y 117 -73.69 45.67 2.89
CA ARG Y 117 -74.33 46.86 3.42
C ARG Y 117 -73.34 47.64 4.28
N PRO Y 118 -73.50 48.96 4.35
CA PRO Y 118 -72.62 49.76 5.21
C PRO Y 118 -72.81 49.42 6.68
N ILE Y 119 -71.73 49.55 7.45
CA ILE Y 119 -71.78 49.31 8.89
C ILE Y 119 -72.78 50.25 9.56
N GLU Y 120 -72.94 51.46 9.00
CA GLU Y 120 -73.81 52.47 9.62
C GLU Y 120 -75.25 51.97 9.75
N GLU Y 121 -75.82 51.49 8.64
CA GLU Y 121 -77.23 51.09 8.68
C GLU Y 121 -77.42 49.78 9.45
N ILE Y 122 -76.42 48.90 9.42
CA ILE Y 122 -76.47 47.71 10.25
C ILE Y 122 -76.55 48.08 11.73
N ALA Y 123 -75.70 49.03 12.14
CA ALA Y 123 -75.72 49.49 13.54
C ALA Y 123 -77.06 50.13 13.89
N ARG Y 124 -77.60 50.95 12.99
CA ARG Y 124 -78.89 51.56 13.26
C ARG Y 124 -79.99 50.51 13.40
N GLU Y 125 -79.97 49.49 12.55
CA GLU Y 125 -80.96 48.42 12.64
C GLU Y 125 -80.85 47.66 13.95
N VAL Y 126 -79.62 47.35 14.37
CA VAL Y 126 -79.41 46.64 15.63
C VAL Y 126 -79.94 47.46 16.79
N GLY Y 127 -79.65 48.77 16.80
CA GLY Y 127 -80.16 49.61 17.86
C GLY Y 127 -81.68 49.68 17.87
N ARG Y 128 -82.30 49.77 16.69
CA ARG Y 128 -83.75 49.81 16.62
C ARG Y 128 -84.36 48.53 17.16
N LYS Y 129 -83.79 47.38 16.80
CA LYS Y 129 -84.30 46.11 17.30
C LYS Y 129 -84.18 46.01 18.81
N LEU Y 130 -83.04 46.42 19.36
CA LEU Y 130 -82.86 46.38 20.80
C LEU Y 130 -83.84 47.30 21.51
N VAL Y 131 -84.09 48.48 20.96
CA VAL Y 131 -85.03 49.40 21.59
C VAL Y 131 -86.45 48.84 21.53
N GLU Y 132 -86.81 48.20 20.43
CA GLU Y 132 -88.14 47.59 20.34
C GLU Y 132 -88.31 46.46 21.35
N LEU Y 133 -87.26 45.64 21.51
CA LEU Y 133 -87.32 44.59 22.53
C LEU Y 133 -87.47 45.19 23.93
N ALA Y 134 -86.72 46.26 24.21
CA ALA Y 134 -86.80 46.89 25.53
C ALA Y 134 -88.20 47.45 25.78
N LYS Y 135 -88.79 48.08 24.77
CA LYS Y 135 -90.15 48.59 24.91
C LYS Y 135 -91.15 47.47 25.16
N ARG Y 136 -91.00 46.36 24.43
CA ARG Y 136 -91.88 45.21 24.65
C ARG Y 136 -91.77 44.70 26.09
N LEU Y 137 -90.55 44.48 26.56
CA LEU Y 137 -90.35 43.97 27.91
C LEU Y 137 -90.87 44.94 28.96
N GLU Y 138 -90.70 46.25 28.73
CA GLU Y 138 -91.23 47.23 29.65
C GLU Y 138 -92.75 47.17 29.68
N LYS Y 139 -93.38 46.96 28.53
CA LYS Y 139 -94.83 46.80 28.50
C LYS Y 139 -95.27 45.55 29.25
N GLU Y 140 -94.50 44.46 29.13
CA GLU Y 140 -94.86 43.23 29.84
C GLU Y 140 -94.85 43.42 31.35
N GLY Y 141 -93.86 44.11 31.87
CA GLY Y 141 -93.77 44.34 33.31
C GLY Y 141 -92.44 43.95 33.91
N ILE Y 142 -91.47 43.60 33.05
CA ILE Y 142 -90.14 43.25 33.52
C ILE Y 142 -89.40 44.51 33.92
N SER Y 143 -88.69 44.46 35.04
CA SER Y 143 -87.97 45.62 35.55
C SER Y 143 -86.79 45.96 34.64
N TRP Y 144 -86.29 47.18 34.80
CA TRP Y 144 -85.28 47.70 33.89
C TRP Y 144 -83.90 47.06 34.12
N GLU Y 145 -83.62 46.60 35.34
CA GLU Y 145 -82.37 45.88 35.57
C GLU Y 145 -82.33 44.58 34.79
N GLU Y 146 -83.43 43.83 34.81
CA GLU Y 146 -83.51 42.59 34.01
C GLU Y 146 -83.44 42.89 32.53
N ILE Y 147 -84.09 43.96 32.09
CA ILE Y 147 -84.05 44.36 30.67
C ILE Y 147 -82.61 44.65 30.26
N ILE Y 148 -81.89 45.41 31.08
CA ILE Y 148 -80.52 45.75 30.76
C ILE Y 148 -79.65 44.50 30.72
N GLU Y 149 -79.82 43.60 31.68
CA GLU Y 149 -79.02 42.38 31.68
C GLU Y 149 -79.28 41.52 30.44
N LEU Y 150 -80.55 41.37 30.07
CA LEU Y 150 -80.88 40.65 28.84
C LEU Y 150 -80.25 41.31 27.63
N ILE Y 151 -80.30 42.65 27.56
CA ILE Y 151 -79.74 43.37 26.44
C ILE Y 151 -78.23 43.15 26.36
N GLU Y 152 -77.53 43.17 27.50
CA GLU Y 152 -76.09 42.93 27.46
C GLU Y 152 -75.76 41.51 27.07
N ARG Y 153 -76.57 40.52 27.48
CA ARG Y 153 -76.34 39.17 26.99
C ARG Y 153 -76.49 39.10 25.47
N ILE Y 154 -77.53 39.74 24.94
CA ILE Y 154 -77.72 39.79 23.49
C ILE Y 154 -76.53 40.49 22.84
N LEU Y 155 -76.00 41.53 23.47
CA LEU Y 155 -74.88 42.26 22.91
C LEU Y 155 -73.61 41.42 22.87
N GLU Y 156 -73.38 40.60 23.90
CA GLU Y 156 -72.26 39.68 23.88
C GLU Y 156 -72.42 38.64 22.76
N SER Y 157 -73.65 38.15 22.58
CA SER Y 157 -73.90 37.24 21.46
C SER Y 157 -73.62 37.91 20.13
N ILE Y 158 -74.03 39.17 19.99
CA ILE Y 158 -73.78 39.93 18.77
C ILE Y 158 -72.28 40.10 18.54
N ARG Y 159 -71.53 40.37 19.62
CA ARG Y 159 -70.10 40.53 19.49
C ARG Y 159 -69.46 39.24 18.98
N GLU Y 160 -69.87 38.10 19.52
CA GLU Y 160 -69.32 36.83 19.05
C GLU Y 160 -69.70 36.58 17.58
N ILE Y 161 -70.95 36.88 17.21
CA ILE Y 161 -71.39 36.66 15.83
C ILE Y 161 -70.59 37.54 14.88
N LEU Y 162 -70.40 38.81 15.23
CA LEU Y 162 -69.65 39.73 14.38
C LEU Y 162 -68.20 39.30 14.25
N LYS Y 163 -67.59 38.85 15.35
CA LYS Y 163 -66.23 38.35 15.28
C LYS Y 163 -66.14 37.12 14.40
N GLU Y 164 -67.21 36.31 14.36
CA GLU Y 164 -67.22 35.15 13.46
C GLU Y 164 -67.15 35.56 12.00
N GLU Y 165 -67.86 36.63 11.63
CA GLU Y 165 -67.91 37.08 10.25
C GLU Y 165 -66.60 37.68 9.76
N GLY Y 166 -65.55 37.69 10.58
CA GLY Y 166 -64.27 38.24 10.16
C GLY Y 166 -64.18 39.74 10.19
N LEU Y 167 -65.15 40.43 10.79
CA LEU Y 167 -65.07 41.88 10.89
C LEU Y 167 -63.97 42.27 11.87
N PRO Y 168 -63.26 43.37 11.61
CA PRO Y 168 -62.24 43.83 12.57
C PRO Y 168 -62.89 44.47 13.79
N GLU Y 169 -62.04 44.70 14.80
CA GLU Y 169 -62.53 45.14 16.11
C GLU Y 169 -63.17 46.53 16.05
N SER Y 170 -62.70 47.40 15.15
CA SER Y 170 -63.17 48.79 15.14
C SER Y 170 -64.65 48.87 14.81
N GLU Y 171 -65.08 48.19 13.74
CA GLU Y 171 -66.49 48.23 13.36
C GLU Y 171 -67.38 47.51 14.38
N ILE Y 172 -66.87 46.42 14.97
CA ILE Y 172 -67.63 45.72 16.00
C ILE Y 172 -67.88 46.66 17.18
N ASN Y 173 -66.83 47.34 17.63
CA ASN Y 173 -66.97 48.27 18.75
C ASN Y 173 -67.90 49.42 18.38
N ARG Y 174 -67.83 49.89 17.13
CA ARG Y 174 -68.70 50.96 16.69
C ARG Y 174 -70.17 50.54 16.74
N ILE Y 175 -70.48 49.34 16.24
CA ILE Y 175 -71.85 48.86 16.24
C ILE Y 175 -72.35 48.69 17.67
N LEU Y 176 -71.53 48.09 18.53
CA LEU Y 176 -71.94 47.87 19.91
C LEU Y 176 -72.17 49.19 20.64
N ALA Y 177 -71.28 50.15 20.45
CA ALA Y 177 -71.43 51.45 21.09
C ALA Y 177 -72.69 52.16 20.60
N VAL Y 178 -72.99 52.06 19.30
CA VAL Y 178 -74.19 52.71 18.78
C VAL Y 178 -75.44 52.08 19.38
N SER Y 179 -75.47 50.75 19.49
CA SER Y 179 -76.64 50.09 20.07
C SER Y 179 -76.84 50.48 21.53
N ILE Y 180 -75.75 50.46 22.30
CA ILE Y 180 -75.83 50.86 23.70
C ILE Y 180 -76.31 52.30 23.81
N LEU Y 181 -75.80 53.19 22.96
CA LEU Y 181 -76.21 54.58 23.01
C LEU Y 181 -77.66 54.75 22.60
N GLU Y 182 -78.18 53.91 21.72
CA GLU Y 182 -79.60 54.00 21.36
C GLU Y 182 -80.47 53.59 22.54
N VAL Y 183 -80.09 52.54 23.26
CA VAL Y 183 -80.83 52.17 24.47
C VAL Y 183 -80.77 53.31 25.49
N ALA Y 184 -79.59 53.90 25.67
CA ALA Y 184 -79.45 55.02 26.60
C ALA Y 184 -80.28 56.21 26.15
N LYS Y 185 -80.38 56.44 24.85
CA LYS Y 185 -81.22 57.53 24.33
C LYS Y 185 -82.68 57.30 24.64
N TYR Y 186 -83.15 56.05 24.51
CA TYR Y 186 -84.52 55.75 24.89
C TYR Y 186 -84.74 56.01 26.38
N LEU Y 187 -83.78 55.62 27.22
CA LEU Y 187 -83.89 55.90 28.65
C LEU Y 187 -83.94 57.40 28.93
N LEU Y 188 -83.10 58.18 28.25
CA LEU Y 188 -83.10 59.63 28.43
C LEU Y 188 -84.42 60.24 28.00
N GLU Y 189 -84.99 59.77 26.90
CA GLU Y 189 -86.30 60.25 26.47
C GLU Y 189 -87.36 59.93 27.50
N LYS Y 190 -87.31 58.74 28.10
CA LYS Y 190 -88.24 58.41 29.17
C LYS Y 190 -88.06 59.36 30.36
N LEU Y 191 -86.82 59.65 30.74
CA LEU Y 191 -86.58 60.56 31.86
C LEU Y 191 -87.04 61.98 31.55
N GLY Y 192 -86.81 62.45 30.34
CA GLY Y 192 -87.24 63.77 29.94
C GLY Y 192 -86.14 64.80 29.89
N PHE Y 193 -84.95 64.39 29.44
CA PHE Y 193 -83.78 65.26 29.31
C PHE Y 193 -83.51 65.42 27.82
N ASP Y 194 -84.13 66.42 27.20
CA ASP Y 194 -84.08 66.57 25.75
C ASP Y 194 -82.70 66.98 25.26
N TYR Y 195 -82.04 67.90 25.97
CA TYR Y 195 -80.73 68.38 25.53
C TYR Y 195 -79.71 67.25 25.53
N LEU Y 196 -79.71 66.43 26.57
CA LEU Y 196 -78.83 65.26 26.59
C LEU Y 196 -79.17 64.31 25.45
N VAL Y 197 -80.45 64.21 25.09
CA VAL Y 197 -80.83 63.39 23.94
C VAL Y 197 -80.16 63.92 22.68
N GLU Y 198 -80.26 65.24 22.45
CA GLU Y 198 -79.67 65.84 21.25
C GLU Y 198 -78.17 65.63 21.20
N LEU Y 199 -77.48 65.84 22.32
CA LEU Y 199 -76.05 65.56 22.37
C LEU Y 199 -75.78 64.09 22.07
N LEU Y 200 -76.69 63.20 22.48
CA LEU Y 200 -76.51 61.78 22.20
C LEU Y 200 -76.64 61.47 20.71
N ASP Y 201 -77.61 62.10 20.02
CA ASP Y 201 -77.66 61.92 18.56
C ASP Y 201 -76.40 62.45 17.90
N ARG Y 202 -75.89 63.59 18.38
CA ARG Y 202 -74.64 64.12 17.81
C ARG Y 202 -73.50 63.12 17.99
N ALA Y 203 -73.36 62.56 19.18
CA ALA Y 203 -72.30 61.58 19.42
C ALA Y 203 -72.49 60.32 18.59
N ILE Y 204 -73.73 59.87 18.43
CA ILE Y 204 -74.00 58.68 17.63
C ILE Y 204 -73.63 58.92 16.18
N GLU Y 205 -73.99 60.09 15.64
CA GLU Y 205 -73.61 60.43 14.28
C GLU Y 205 -72.10 60.49 14.12
N TYR Y 206 -71.39 61.06 15.09
CA TYR Y 206 -69.94 61.12 15.00
C TYR Y 206 -69.32 59.73 15.04
N ILE Y 207 -69.86 58.84 15.88
CA ILE Y 207 -69.37 57.46 15.92
C ILE Y 207 -69.62 56.76 14.58
N LEU Y 208 -70.81 56.97 14.02
CA LEU Y 208 -71.18 56.28 12.78
C LEU Y 208 -70.33 56.77 11.61
N LYS Y 209 -70.05 58.07 11.55
CA LYS Y 209 -69.25 58.62 10.46
C LYS Y 209 -67.77 58.29 10.58
N GLY Y 210 -67.33 57.73 11.70
CA GLY Y 210 -65.95 57.33 11.88
C GLY Y 210 -65.12 58.27 12.74
N ARG Y 211 -65.65 59.43 13.09
CA ARG Y 211 -64.92 60.41 13.90
C ARG Y 211 -64.99 59.98 15.36
N SER Y 212 -63.94 59.32 15.84
CA SER Y 212 -63.97 58.66 17.14
C SER Y 212 -63.58 59.58 18.29
N GLU Y 213 -62.52 60.37 18.12
CA GLU Y 213 -62.03 61.21 19.21
C GLU Y 213 -63.02 62.30 19.57
N LEU Y 214 -63.65 62.91 18.57
CA LEU Y 214 -64.70 63.89 18.83
C LEU Y 214 -65.85 63.26 19.59
N ALA Y 215 -66.21 62.03 19.21
CA ALA Y 215 -67.28 61.32 19.90
C ALA Y 215 -66.91 61.03 21.35
N VAL Y 216 -65.64 60.67 21.60
CA VAL Y 216 -65.19 60.39 22.96
C VAL Y 216 -65.26 61.66 23.81
N HIS Y 217 -64.84 62.79 23.25
CA HIS Y 217 -64.93 64.05 24.00
C HIS Y 217 -66.39 64.42 24.28
N LEU Y 218 -67.25 64.24 23.28
CA LEU Y 218 -68.68 64.49 23.47
C LEU Y 218 -69.25 63.60 24.56
N LEU Y 219 -68.84 62.33 24.58
CA LEU Y 219 -69.33 61.39 25.58
C LEU Y 219 -68.83 61.76 26.98
N ASP Y 220 -67.60 62.28 27.06
CA ASP Y 220 -67.10 62.79 28.34
C ASP Y 220 -67.95 63.95 28.85
N ASP Y 221 -68.29 64.88 27.95
CA ASP Y 221 -69.14 66.00 28.37
C ASP Y 221 -70.52 65.52 28.78
N ILE Y 222 -71.06 64.54 28.06
CA ILE Y 222 -72.37 63.97 28.40
C ILE Y 222 -72.32 63.29 29.76
N ILE Y 223 -71.23 62.57 30.04
CA ILE Y 223 -71.07 61.90 31.33
C ILE Y 223 -71.01 62.91 32.45
N ARG Y 224 -70.28 64.01 32.25
CA ARG Y 224 -70.25 65.07 33.26
C ARG Y 224 -71.64 65.64 33.51
N ARG Y 225 -72.40 65.90 32.44
CA ARG Y 225 -73.74 66.43 32.61
C ARG Y 225 -74.65 65.44 33.34
N VAL Y 226 -74.53 64.15 33.04
CA VAL Y 226 -75.34 63.14 33.69
C VAL Y 226 -75.01 63.07 35.18
N HIS Y 227 -73.72 63.12 35.52
CA HIS Y 227 -73.33 63.12 36.92
C HIS Y 227 -73.84 64.37 37.64
N GLU Y 228 -73.82 65.51 36.96
CA GLU Y 228 -74.40 66.72 37.55
C GLU Y 228 -75.90 66.54 37.83
N GLU Y 229 -76.62 65.93 36.89
CA GLU Y 229 -78.05 65.68 37.11
C GLU Y 229 -78.28 64.74 38.28
N ILE Y 230 -77.48 63.68 38.38
CA ILE Y 230 -77.60 62.72 39.47
C ILE Y 230 -77.35 63.42 40.80
N GLU Y 231 -76.30 64.24 40.87
CA GLU Y 231 -76.01 64.98 42.09
C GLU Y 231 -77.12 65.95 42.44
N ARG Y 232 -77.76 66.55 41.43
CA ARG Y 232 -78.89 67.42 41.70
C ARG Y 232 -80.06 66.65 42.30
N TYR Y 233 -80.29 65.42 41.83
CA TYR Y 233 -81.43 64.65 42.33
C TYR Y 233 -81.28 64.32 43.81
N GLY Y 234 -80.09 63.96 44.24
CA GLY Y 234 -79.83 63.75 45.67
C GLY Y 234 -80.06 62.30 46.08
N ASP Y 235 -81.01 62.10 47.00
CA ASP Y 235 -81.31 60.76 47.51
C ASP Y 235 -82.47 60.09 46.79
N ASP Y 236 -83.19 60.82 45.93
CA ASP Y 236 -84.37 60.29 45.24
C ASP Y 236 -84.06 59.98 43.78
N VAL Y 237 -82.86 59.52 43.48
CA VAL Y 237 -82.44 59.27 42.11
C VAL Y 237 -83.21 58.08 41.54
N PRO Y 238 -83.91 58.24 40.43
CA PRO Y 238 -84.53 57.09 39.77
C PRO Y 238 -83.49 56.14 39.22
N GLU Y 239 -83.86 54.86 39.15
CA GLU Y 239 -82.93 53.83 38.68
C GLU Y 239 -82.59 53.99 37.20
N GLU Y 240 -83.47 54.61 36.43
CA GLU Y 240 -83.18 54.84 35.01
C GLU Y 240 -81.96 55.72 34.83
N LEU Y 241 -81.79 56.71 35.70
CA LEU Y 241 -80.62 57.59 35.61
C LEU Y 241 -79.33 56.83 35.86
N LEU Y 242 -79.32 55.93 36.85
CA LEU Y 242 -78.12 55.16 37.13
C LEU Y 242 -77.81 54.17 36.01
N LEU Y 243 -78.86 53.52 35.47
CA LEU Y 243 -78.65 52.62 34.35
C LEU Y 243 -78.13 53.38 33.13
N LEU Y 244 -78.67 54.57 32.88
CA LEU Y 244 -78.18 55.42 31.80
C LEU Y 244 -76.72 55.80 32.02
N ASP Y 245 -76.36 56.14 33.25
CA ASP Y 245 -74.96 56.45 33.57
C ASP Y 245 -74.06 55.28 33.20
N LEU Y 246 -74.42 54.07 33.64
CA LEU Y 246 -73.60 52.90 33.34
C LEU Y 246 -73.52 52.65 31.84
N LEU Y 247 -74.65 52.79 31.14
CA LEU Y 247 -74.66 52.54 29.70
C LEU Y 247 -73.76 53.53 28.96
N VAL Y 248 -73.86 54.81 29.29
CA VAL Y 248 -73.05 55.82 28.62
C VAL Y 248 -71.58 55.60 28.93
N GLN Y 249 -71.25 55.20 30.16
CA GLN Y 249 -69.86 54.94 30.50
C GLN Y 249 -69.30 53.77 29.69
N LYS Y 250 -70.05 52.67 29.58
CA LYS Y 250 -69.55 51.54 28.80
C LYS Y 250 -69.48 51.86 27.31
N ALA Y 251 -70.42 52.67 26.81
CA ALA Y 251 -70.36 53.10 25.42
C ALA Y 251 -69.13 53.96 25.16
N ARG Y 252 -68.79 54.84 26.11
CA ARG Y 252 -67.59 55.65 25.98
C ARG Y 252 -66.34 54.79 25.99
N ASP Y 253 -66.32 53.76 26.84
CA ASP Y 253 -65.19 52.84 26.84
C ASP Y 253 -65.04 52.14 25.50
N LEU Y 254 -66.16 51.67 24.93
CA LEU Y 254 -66.11 51.02 23.62
C LEU Y 254 -65.65 51.99 22.54
N ALA Y 255 -66.13 53.23 22.57
CA ALA Y 255 -65.73 54.23 21.58
C ALA Y 255 -64.25 54.53 21.69
N ALA Y 256 -63.72 54.58 22.92
CA ALA Y 256 -62.28 54.74 23.08
C ALA Y 256 -61.52 53.56 22.50
N ARG Y 257 -62.03 52.35 22.73
CA ARG Y 257 -61.36 51.16 22.21
C ARG Y 257 -61.45 51.00 20.70
N ILE Y 258 -62.26 51.82 20.02
CA ILE Y 258 -62.42 51.73 18.57
C ILE Y 258 -61.08 51.88 17.87
N MET Z 25 -33.46 -21.94 77.25
CA MET Z 25 -32.16 -22.37 77.75
C MET Z 25 -32.30 -23.43 78.84
N GLU Z 26 -33.28 -24.33 78.69
CA GLU Z 26 -33.53 -25.35 79.70
C GLU Z 26 -32.39 -26.35 79.82
N LYS Z 27 -31.53 -26.46 78.79
CA LYS Z 27 -30.38 -27.34 78.88
C LYS Z 27 -29.44 -26.90 79.99
N LEU Z 28 -29.23 -25.58 80.13
CA LEU Z 28 -28.35 -25.08 81.17
C LEU Z 28 -28.97 -25.23 82.56
N GLU Z 29 -30.28 -25.13 82.68
CA GLU Z 29 -30.92 -25.43 83.96
C GLU Z 29 -30.78 -26.91 84.31
N VAL Z 30 -30.88 -27.79 83.32
CA VAL Z 30 -30.63 -29.20 83.55
C VAL Z 30 -29.20 -29.44 84.00
N ALA Z 31 -28.26 -28.72 83.39
CA ALA Z 31 -26.86 -28.80 83.81
C ALA Z 31 -26.68 -28.32 85.24
N VAL Z 32 -27.37 -27.24 85.63
CA VAL Z 32 -27.27 -26.76 87.01
C VAL Z 32 -27.82 -27.78 87.99
N GLU Z 33 -28.95 -28.41 87.63
CA GLU Z 33 -29.52 -29.46 88.49
C GLU Z 33 -28.56 -30.65 88.61
N HIS Z 34 -27.97 -31.02 87.50
CA HIS Z 34 -26.95 -32.05 87.56
C HIS Z 34 -25.81 -31.68 88.47
N LEU Z 35 -25.31 -30.44 88.39
CA LEU Z 35 -24.22 -30.00 89.25
C LEU Z 35 -24.60 -30.08 90.72
N LYS Z 36 -25.83 -29.71 91.05
CA LYS Z 36 -26.31 -29.88 92.41
C LYS Z 36 -26.30 -31.36 92.80
N GLU Z 37 -26.74 -32.23 91.89
CA GLU Z 37 -26.72 -33.67 92.15
C GLU Z 37 -25.29 -34.16 92.38
N ALA Z 38 -24.35 -33.63 91.61
CA ALA Z 38 -22.95 -34.02 91.77
C ALA Z 38 -22.40 -33.60 93.13
N ILE Z 39 -22.75 -32.39 93.57
CA ILE Z 39 -22.33 -31.95 94.90
C ILE Z 39 -22.91 -32.87 95.97
N GLU Z 40 -24.20 -33.21 95.85
CA GLU Z 40 -24.82 -34.11 96.81
C GLU Z 40 -24.17 -35.49 96.80
N LEU Z 41 -23.80 -35.97 95.61
CA LEU Z 41 -23.16 -37.28 95.50
C LEU Z 41 -21.77 -37.28 96.14
N ILE Z 42 -20.99 -36.24 95.91
CA ILE Z 42 -19.69 -36.12 96.56
C ILE Z 42 -19.88 -36.08 98.07
N GLU Z 43 -20.92 -35.39 98.55
CA GLU Z 43 -21.19 -35.36 99.98
C GLU Z 43 -21.53 -36.75 100.51
N LYS Z 44 -22.32 -37.52 99.74
CA LYS Z 44 -22.72 -38.86 100.19
C LYS Z 44 -21.52 -39.80 100.24
N GLY Z 45 -20.73 -39.85 99.18
CA GLY Z 45 -19.56 -40.71 99.15
C GLY Z 45 -19.41 -41.53 97.89
N GLU Z 46 -20.30 -41.33 96.91
CA GLU Z 46 -20.22 -42.05 95.64
C GLU Z 46 -19.40 -41.22 94.66
N TYR Z 47 -18.13 -41.58 94.50
CA TYR Z 47 -17.22 -40.83 93.65
C TYR Z 47 -17.26 -41.26 92.20
N VAL Z 48 -17.55 -42.54 91.94
CA VAL Z 48 -17.70 -43.00 90.56
C VAL Z 48 -18.90 -42.33 89.91
N LYS Z 49 -20.03 -42.30 90.62
CA LYS Z 49 -21.21 -41.63 90.08
C LYS Z 49 -20.97 -40.14 89.90
N ALA Z 50 -20.19 -39.53 90.79
CA ALA Z 50 -19.84 -38.12 90.64
C ALA Z 50 -19.00 -37.88 89.38
N ASP Z 51 -18.02 -38.76 89.12
CA ASP Z 51 -17.20 -38.64 87.92
C ASP Z 51 -18.05 -38.80 86.66
N LEU Z 52 -18.97 -39.77 86.67
CA LEU Z 52 -19.85 -39.97 85.52
C LEU Z 52 -20.80 -38.80 85.33
N ILE Z 53 -21.31 -38.22 86.42
CA ILE Z 53 -22.16 -37.04 86.32
C ILE Z 53 -21.38 -35.87 85.74
N LEU Z 54 -20.12 -35.72 86.13
CA LEU Z 54 -19.31 -34.65 85.56
C LEU Z 54 -19.14 -34.82 84.06
N THR Z 55 -18.96 -36.07 83.61
CA THR Z 55 -18.89 -36.32 82.18
C THR Z 55 -20.21 -35.97 81.48
N ASP Z 56 -21.34 -36.30 82.13
CA ASP Z 56 -22.65 -35.95 81.56
C ASP Z 56 -22.83 -34.43 81.47
N ILE Z 57 -22.41 -33.71 82.50
CA ILE Z 57 -22.50 -32.25 82.50
C ILE Z 57 -21.65 -31.67 81.39
N LEU Z 58 -20.45 -32.22 81.18
CA LEU Z 58 -19.61 -31.77 80.08
C LEU Z 58 -20.31 -31.98 78.74
N ARG Z 59 -20.96 -33.14 78.58
CA ARG Z 59 -21.68 -33.41 77.33
C ARG Z 59 -22.81 -32.40 77.13
N LEU Z 60 -23.56 -32.10 78.20
CA LEU Z 60 -24.64 -31.11 78.10
C LEU Z 60 -24.11 -29.74 77.70
N LEU Z 61 -23.04 -29.29 78.37
CA LEU Z 61 -22.50 -27.96 78.07
C LEU Z 61 -21.94 -27.90 76.66
N GLU Z 62 -21.29 -28.96 76.19
CA GLU Z 62 -20.83 -28.99 74.81
C GLU Z 62 -22.00 -28.98 73.84
N GLU Z 63 -23.11 -29.61 74.21
CA GLU Z 63 -24.31 -29.53 73.38
C GLU Z 63 -24.81 -28.10 73.29
N GLU Z 64 -24.79 -27.35 74.40
CA GLU Z 64 -25.21 -25.96 74.34
C GLU Z 64 -24.24 -25.11 73.52
N GLY Z 65 -22.95 -25.22 73.80
CA GLY Z 65 -21.96 -24.54 72.97
C GLY Z 65 -21.35 -23.26 73.52
N VAL Z 66 -20.99 -23.25 74.79
CA VAL Z 66 -20.30 -22.12 75.40
C VAL Z 66 -18.87 -22.56 75.71
N LYS Z 67 -17.90 -21.91 75.07
CA LYS Z 67 -16.52 -22.41 75.06
C LYS Z 67 -15.91 -22.37 76.46
N SER Z 68 -16.06 -21.25 77.17
CA SER Z 68 -15.48 -21.12 78.50
C SER Z 68 -16.04 -22.16 79.44
N LEU Z 69 -17.36 -22.35 79.41
CA LEU Z 69 -17.99 -23.38 80.22
C LEU Z 69 -17.47 -24.76 79.86
N ILE Z 70 -17.22 -24.99 78.57
CA ILE Z 70 -16.76 -26.31 78.13
C ILE Z 70 -15.37 -26.61 78.68
N LYS Z 71 -14.43 -25.67 78.52
CA LYS Z 71 -13.09 -25.91 79.03
C LYS Z 71 -13.09 -26.02 80.54
N GLN Z 72 -13.91 -25.21 81.21
CA GLN Z 72 -14.02 -25.31 82.66
C GLN Z 72 -14.56 -26.67 83.07
N ALA Z 73 -15.51 -27.23 82.32
CA ALA Z 73 -16.07 -28.52 82.67
C ALA Z 73 -15.07 -29.65 82.46
N LYS Z 74 -14.28 -29.58 81.38
CA LYS Z 74 -13.27 -30.62 81.15
C LYS Z 74 -12.20 -30.59 82.24
N GLU Z 75 -11.68 -29.41 82.54
CA GLU Z 75 -10.68 -29.32 83.61
C GLU Z 75 -11.28 -29.70 84.95
N LEU Z 76 -12.58 -29.43 85.15
CA LEU Z 76 -13.24 -29.85 86.37
C LEU Z 76 -13.28 -31.36 86.48
N HIS Z 77 -13.61 -32.04 85.39
CA HIS Z 77 -13.63 -33.51 85.41
C HIS Z 77 -12.26 -34.05 85.82
N ILE Z 78 -11.21 -33.58 85.14
CA ILE Z 78 -9.87 -34.11 85.41
C ILE Z 78 -9.46 -33.82 86.87
N GLU Z 79 -9.61 -32.57 87.30
CA GLU Z 79 -9.12 -32.19 88.62
C GLU Z 79 -9.95 -32.80 89.74
N VAL Z 80 -11.26 -32.94 89.54
CA VAL Z 80 -12.09 -33.57 90.57
C VAL Z 80 -11.76 -35.05 90.68
N PHE Z 81 -11.49 -35.72 89.55
CA PHE Z 81 -11.06 -37.11 89.63
C PHE Z 81 -9.77 -37.24 90.44
N LYS Z 82 -8.79 -36.37 90.16
CA LYS Z 82 -7.54 -36.41 90.90
C LYS Z 82 -7.76 -36.14 92.40
N LEU Z 83 -8.55 -35.11 92.72
CA LEU Z 83 -8.76 -34.74 94.12
C LEU Z 83 -9.51 -35.83 94.88
N LEU Z 84 -10.53 -36.43 94.25
CA LEU Z 84 -11.24 -37.52 94.90
C LEU Z 84 -10.35 -38.74 95.08
N LYS Z 85 -9.40 -38.96 94.17
CA LYS Z 85 -8.39 -39.98 94.41
C LYS Z 85 -7.57 -39.65 95.65
N GLU Z 86 -7.12 -38.40 95.77
CA GLU Z 86 -6.29 -38.02 96.90
C GLU Z 86 -7.09 -37.95 98.19
N GLY Z 87 -8.37 -37.56 98.12
CA GLY Z 87 -9.20 -37.42 99.30
C GLY Z 87 -9.58 -36.00 99.65
N GLU Z 88 -9.31 -35.03 98.76
CA GLU Z 88 -9.65 -33.63 99.01
C GLU Z 88 -11.09 -33.39 98.57
N TYR Z 89 -12.02 -33.78 99.44
CA TYR Z 89 -13.44 -33.65 99.14
C TYR Z 89 -13.86 -32.19 99.06
N LYS Z 90 -13.37 -31.36 99.98
CA LYS Z 90 -13.77 -29.96 100.02
C LYS Z 90 -13.32 -29.20 98.78
N GLU Z 91 -12.11 -29.47 98.31
CA GLU Z 91 -11.61 -28.81 97.11
C GLU Z 91 -12.45 -29.18 95.88
N ALA Z 92 -12.81 -30.45 95.75
CA ALA Z 92 -13.65 -30.88 94.64
C ALA Z 92 -15.03 -30.25 94.72
N LYS Z 93 -15.60 -30.21 95.92
CA LYS Z 93 -16.90 -29.56 96.10
C LYS Z 93 -16.82 -28.08 95.74
N ALA Z 94 -15.72 -27.42 96.12
CA ALA Z 94 -15.54 -26.01 95.78
C ALA Z 94 -15.46 -25.81 94.27
N LEU Z 95 -14.74 -26.68 93.58
CA LEU Z 95 -14.64 -26.55 92.12
C LEU Z 95 -15.99 -26.76 91.45
N VAL Z 96 -16.76 -27.75 91.92
CA VAL Z 96 -18.08 -27.99 91.35
C VAL Z 96 -19.00 -26.80 91.61
N GLU Z 97 -18.94 -26.23 92.83
CA GLU Z 97 -19.75 -25.06 93.15
C GLU Z 97 -19.35 -23.86 92.30
N ALA Z 98 -18.05 -23.70 92.03
CA ALA Z 98 -17.60 -22.61 91.18
C ALA Z 98 -18.15 -22.76 89.77
N LEU Z 99 -18.13 -23.98 89.21
CA LEU Z 99 -18.70 -24.19 87.89
C LEU Z 99 -20.20 -23.93 87.89
N ARG Z 100 -20.89 -24.36 88.95
CA ARG Z 100 -22.33 -24.12 89.05
C ARG Z 100 -22.64 -22.63 89.05
N VAL Z 101 -21.89 -21.86 89.86
CA VAL Z 101 -22.10 -20.42 89.92
C VAL Z 101 -21.80 -19.78 88.57
N SER Z 102 -20.77 -20.25 87.89
CA SER Z 102 -20.45 -19.70 86.57
C SER Z 102 -21.57 -19.95 85.57
N VAL Z 103 -22.15 -21.15 85.58
CA VAL Z 103 -23.24 -21.46 84.65
C VAL Z 103 -24.48 -20.62 84.97
N GLU Z 104 -24.83 -20.52 86.25
CA GLU Z 104 -25.97 -19.71 86.64
C GLU Z 104 -25.76 -18.23 86.27
N LEU Z 105 -24.53 -17.74 86.44
CA LEU Z 105 -24.23 -16.36 86.08
C LEU Z 105 -24.36 -16.15 84.59
N TYR Z 106 -23.92 -17.12 83.78
CA TYR Z 106 -24.12 -17.00 82.34
C TYR Z 106 -25.60 -16.94 81.99
N ILE Z 107 -26.41 -17.79 82.64
CA ILE Z 107 -27.84 -17.78 82.40
C ILE Z 107 -28.42 -16.41 82.71
N LEU Z 108 -28.07 -15.86 83.87
CA LEU Z 108 -28.62 -14.57 84.29
C LEU Z 108 -28.14 -13.45 83.38
N ILE Z 109 -26.89 -13.50 82.91
CA ILE Z 109 -26.39 -12.48 82.00
C ILE Z 109 -27.18 -12.53 80.69
N LYS Z 110 -27.42 -13.73 80.17
CA LYS Z 110 -28.18 -13.84 78.92
C LYS Z 110 -29.60 -13.33 79.09
N ARG Z 111 -30.26 -13.68 80.20
CA ARG Z 111 -31.61 -13.20 80.45
C ARG Z 111 -31.64 -11.68 80.58
N GLY Z 112 -30.66 -11.10 81.29
CA GLY Z 112 -30.63 -9.66 81.44
C GLY Z 112 -30.39 -8.93 80.13
N VAL Z 113 -29.47 -9.44 79.32
CA VAL Z 113 -29.15 -8.77 78.06
C VAL Z 113 -30.33 -8.88 77.09
N ARG Z 114 -30.95 -10.05 77.00
CA ARG Z 114 -32.10 -10.22 76.10
C ARG Z 114 -33.25 -9.31 76.50
N GLU Z 115 -33.61 -9.32 77.78
CA GLU Z 115 -34.70 -8.50 78.30
C GLU Z 115 -34.38 -7.01 78.32
N GLY Z 116 -33.21 -6.60 77.86
CA GLY Z 116 -32.83 -5.19 77.89
C GLY Z 116 -32.74 -4.63 79.29
N ARG Z 117 -32.35 -5.44 80.26
CA ARG Z 117 -32.23 -4.97 81.63
C ARG Z 117 -31.07 -3.98 81.74
N PRO Z 118 -31.16 -3.02 82.67
CA PRO Z 118 -30.05 -2.08 82.85
C PRO Z 118 -28.80 -2.78 83.36
N ILE Z 119 -27.65 -2.24 82.97
CA ILE Z 119 -26.36 -2.77 83.41
C ILE Z 119 -26.26 -2.72 84.93
N GLU Z 120 -26.90 -1.72 85.56
CA GLU Z 120 -26.79 -1.54 87.00
C GLU Z 120 -27.27 -2.77 87.77
N GLU Z 121 -28.49 -3.24 87.46
CA GLU Z 121 -29.03 -4.35 88.22
C GLU Z 121 -28.35 -5.66 87.87
N ILE Z 122 -27.87 -5.81 86.63
CA ILE Z 122 -27.08 -6.98 86.27
C ILE Z 122 -25.81 -7.03 87.12
N ALA Z 123 -25.13 -5.90 87.26
CA ALA Z 123 -23.92 -5.85 88.07
C ALA Z 123 -24.22 -6.16 89.53
N ARG Z 124 -25.32 -5.62 90.06
CA ARG Z 124 -25.69 -5.90 91.45
C ARG Z 124 -25.97 -7.39 91.64
N GLU Z 125 -26.66 -8.01 90.68
CA GLU Z 125 -26.94 -9.44 90.78
C GLU Z 125 -25.66 -10.26 90.75
N VAL Z 126 -24.74 -9.91 89.85
CA VAL Z 126 -23.47 -10.64 89.77
C VAL Z 126 -22.72 -10.53 91.09
N GLY Z 127 -22.66 -9.32 91.66
CA GLY Z 127 -21.99 -9.16 92.94
C GLY Z 127 -22.64 -9.96 94.04
N ARG Z 128 -23.97 -9.98 94.08
CA ARG Z 128 -24.68 -10.75 95.10
C ARG Z 128 -24.38 -12.24 94.97
N LYS Z 129 -24.37 -12.75 93.74
CA LYS Z 129 -24.08 -14.17 93.54
C LYS Z 129 -22.65 -14.51 93.97
N LEU Z 130 -21.69 -13.64 93.62
CA LEU Z 130 -20.31 -13.90 94.03
C LEU Z 130 -20.16 -13.87 95.54
N VAL Z 131 -20.85 -12.94 96.22
CA VAL Z 131 -20.75 -12.87 97.67
C VAL Z 131 -21.37 -14.10 98.31
N GLU Z 132 -22.49 -14.57 97.75
CA GLU Z 132 -23.11 -15.79 98.29
C GLU Z 132 -22.20 -16.99 98.12
N LEU Z 133 -21.55 -17.12 96.96
CA LEU Z 133 -20.59 -18.19 96.77
C LEU Z 133 -19.45 -18.10 97.77
N ALA Z 134 -18.92 -16.89 97.99
CA ALA Z 134 -17.82 -16.72 98.93
C ALA Z 134 -18.24 -17.11 100.33
N LYS Z 135 -19.46 -16.73 100.74
CA LYS Z 135 -19.95 -17.10 102.06
C LYS Z 135 -20.10 -18.62 102.19
N ARG Z 136 -20.60 -19.27 101.14
CA ARG Z 136 -20.72 -20.72 101.16
C ARG Z 136 -19.36 -21.37 101.33
N LEU Z 137 -18.37 -20.96 100.52
CA LEU Z 137 -17.05 -21.56 100.59
C LEU Z 137 -16.39 -21.29 101.94
N GLU Z 138 -16.62 -20.11 102.51
CA GLU Z 138 -16.08 -19.82 103.84
C GLU Z 138 -16.70 -20.73 104.88
N LYS Z 139 -18.01 -21.00 104.75
CA LYS Z 139 -18.65 -21.94 105.66
C LYS Z 139 -18.09 -23.34 105.52
N GLU Z 140 -17.79 -23.76 104.28
CA GLU Z 140 -17.23 -25.09 104.07
C GLU Z 140 -15.89 -25.26 104.77
N GLY Z 141 -15.03 -24.26 104.68
CA GLY Z 141 -13.72 -24.34 105.29
C GLY Z 141 -12.58 -24.03 104.35
N ILE Z 142 -12.91 -23.59 103.14
CA ILE Z 142 -11.88 -23.22 102.17
C ILE Z 142 -11.28 -21.88 102.56
N SER Z 143 -9.95 -21.77 102.46
CA SER Z 143 -9.26 -20.56 102.84
C SER Z 143 -9.58 -19.42 101.86
N TRP Z 144 -9.29 -18.19 102.30
CA TRP Z 144 -9.71 -17.02 101.55
C TRP Z 144 -8.87 -16.81 100.29
N GLU Z 145 -7.62 -17.29 100.28
CA GLU Z 145 -6.81 -17.20 99.07
C GLU Z 145 -7.41 -18.05 97.95
N GLU Z 146 -7.83 -19.28 98.29
CA GLU Z 146 -8.49 -20.13 97.30
C GLU Z 146 -9.82 -19.53 96.86
N ILE Z 147 -10.57 -18.95 97.79
CA ILE Z 147 -11.84 -18.31 97.46
C ILE Z 147 -11.61 -17.18 96.46
N ILE Z 148 -10.61 -16.35 96.72
CA ILE Z 148 -10.32 -15.23 95.83
C ILE Z 148 -9.89 -15.73 94.46
N GLU Z 149 -9.05 -16.76 94.41
CA GLU Z 149 -8.62 -17.28 93.11
C GLU Z 149 -9.79 -17.85 92.32
N LEU Z 150 -10.68 -18.60 92.98
CA LEU Z 150 -11.87 -19.10 92.31
C LEU Z 150 -12.73 -17.95 91.79
N ILE Z 151 -12.89 -16.91 92.60
CA ILE Z 151 -13.70 -15.77 92.20
C ILE Z 151 -13.10 -15.07 90.98
N GLU Z 152 -11.78 -14.92 90.94
CA GLU Z 152 -11.17 -14.29 89.78
C GLU Z 152 -11.27 -15.16 88.52
N ARG Z 153 -11.21 -16.48 88.67
CA ARG Z 153 -11.45 -17.34 87.51
C ARG Z 153 -12.88 -17.15 87.00
N ILE Z 154 -13.85 -17.10 87.91
CA ILE Z 154 -15.23 -16.85 87.51
C ILE Z 154 -15.36 -15.49 86.84
N LEU Z 155 -14.61 -14.50 87.34
CA LEU Z 155 -14.68 -13.16 86.77
C LEU Z 155 -14.11 -13.13 85.35
N GLU Z 156 -13.04 -13.87 85.10
CA GLU Z 156 -12.50 -13.96 83.74
C GLU Z 156 -13.50 -14.65 82.82
N SER Z 157 -14.17 -15.69 83.31
CA SER Z 157 -15.23 -16.32 82.52
C SER Z 157 -16.35 -15.34 82.21
N ILE Z 158 -16.74 -14.53 83.20
CA ILE Z 158 -17.78 -13.52 83.00
C ILE Z 158 -17.33 -12.49 81.97
N ARG Z 159 -16.06 -12.09 82.02
CA ARG Z 159 -15.55 -11.13 81.04
C ARG Z 159 -15.65 -11.69 79.63
N GLU Z 160 -15.27 -12.95 79.45
CA GLU Z 160 -15.38 -13.56 78.13
C GLU Z 160 -16.85 -13.64 77.68
N ILE Z 161 -17.73 -14.04 78.59
CA ILE Z 161 -19.15 -14.15 78.24
C ILE Z 161 -19.72 -12.80 77.84
N LEU Z 162 -19.40 -11.76 78.61
CA LEU Z 162 -19.89 -10.42 78.30
C LEU Z 162 -19.35 -9.92 76.97
N LYS Z 163 -18.06 -10.17 76.70
CA LYS Z 163 -17.50 -9.80 75.41
C LYS Z 163 -18.18 -10.54 74.27
N GLU Z 164 -18.64 -11.77 74.52
CA GLU Z 164 -19.36 -12.51 73.50
C GLU Z 164 -20.68 -11.84 73.13
N GLU Z 165 -21.38 -11.30 74.13
CA GLU Z 165 -22.68 -10.66 73.90
C GLU Z 165 -22.58 -9.34 73.15
N GLY Z 166 -21.39 -8.93 72.72
CA GLY Z 166 -21.25 -7.68 72.00
C GLY Z 166 -21.27 -6.43 72.84
N LEU Z 167 -21.21 -6.55 74.17
CA LEU Z 167 -21.16 -5.38 75.01
C LEU Z 167 -19.84 -4.65 74.85
N PRO Z 168 -19.82 -3.33 74.91
CA PRO Z 168 -18.55 -2.60 74.84
C PRO Z 168 -17.77 -2.70 76.14
N GLU Z 169 -16.52 -2.27 76.08
CA GLU Z 169 -15.59 -2.47 77.19
C GLU Z 169 -16.00 -1.70 78.44
N SER Z 170 -16.66 -0.56 78.29
CA SER Z 170 -16.96 0.29 79.43
C SER Z 170 -17.91 -0.41 80.40
N GLU Z 171 -19.02 -0.96 79.89
CA GLU Z 171 -19.97 -1.63 80.77
C GLU Z 171 -19.40 -2.92 81.34
N ILE Z 172 -18.59 -3.63 80.56
CA ILE Z 172 -17.94 -4.84 81.08
C ILE Z 172 -17.05 -4.50 82.26
N ASN Z 173 -16.23 -3.46 82.11
CA ASN Z 173 -15.35 -3.03 83.19
C ASN Z 173 -16.15 -2.55 84.38
N ARG Z 174 -17.27 -1.87 84.14
CA ARG Z 174 -18.13 -1.40 85.23
C ARG Z 174 -18.68 -2.57 86.02
N ILE Z 175 -19.20 -3.60 85.34
CA ILE Z 175 -19.76 -4.75 86.02
C ILE Z 175 -18.69 -5.48 86.82
N LEU Z 176 -17.52 -5.69 86.20
CA LEU Z 176 -16.45 -6.39 86.89
C LEU Z 176 -15.98 -5.62 88.12
N ALA Z 177 -15.82 -4.31 88.00
CA ALA Z 177 -15.40 -3.49 89.13
C ALA Z 177 -16.42 -3.54 90.24
N VAL Z 178 -17.71 -3.48 89.91
CA VAL Z 178 -18.75 -3.54 90.93
C VAL Z 178 -18.72 -4.87 91.67
N SER Z 179 -18.55 -5.98 90.94
CA SER Z 179 -18.49 -7.28 91.58
C SER Z 179 -17.29 -7.40 92.52
N ILE Z 180 -16.13 -6.97 92.05
CA ILE Z 180 -14.92 -7.00 92.88
C ILE Z 180 -15.13 -6.14 94.12
N LEU Z 181 -15.73 -4.97 93.96
CA LEU Z 181 -15.95 -4.09 95.10
C LEU Z 181 -16.97 -4.67 96.07
N GLU Z 182 -17.93 -5.45 95.59
CA GLU Z 182 -18.87 -6.10 96.50
C GLU Z 182 -18.18 -7.17 97.34
N VAL Z 183 -17.29 -7.95 96.71
CA VAL Z 183 -16.51 -8.92 97.48
C VAL Z 183 -15.63 -8.20 98.51
N ALA Z 184 -15.00 -7.10 98.10
CA ALA Z 184 -14.18 -6.33 99.02
C ALA Z 184 -15.01 -5.74 100.16
N LYS Z 185 -16.24 -5.33 99.86
CA LYS Z 185 -17.14 -4.82 100.89
C LYS Z 185 -17.48 -5.90 101.90
N TYR Z 186 -17.73 -7.12 101.43
CA TYR Z 186 -17.96 -8.22 102.36
C TYR Z 186 -16.74 -8.45 103.25
N LEU Z 187 -15.54 -8.40 102.67
CA LEU Z 187 -14.32 -8.55 103.46
C LEU Z 187 -14.20 -7.45 104.49
N LEU Z 188 -14.49 -6.20 104.11
CA LEU Z 188 -14.41 -5.08 105.05
C LEU Z 188 -15.41 -5.25 106.19
N GLU Z 189 -16.63 -5.70 105.87
CA GLU Z 189 -17.61 -5.95 106.92
C GLU Z 189 -17.13 -7.03 107.87
N LYS Z 190 -16.49 -8.09 107.35
CA LYS Z 190 -15.90 -9.10 108.22
C LYS Z 190 -14.83 -8.51 109.12
N LEU Z 191 -13.96 -7.66 108.56
CA LEU Z 191 -12.91 -7.03 109.37
C LEU Z 191 -13.48 -6.09 110.42
N GLY Z 192 -14.51 -5.32 110.07
CA GLY Z 192 -15.12 -4.43 111.03
C GLY Z 192 -14.75 -2.96 110.84
N PHE Z 193 -14.62 -2.54 109.58
CA PHE Z 193 -14.29 -1.16 109.24
C PHE Z 193 -15.51 -0.56 108.55
N ASP Z 194 -16.40 0.03 109.36
CA ASP Z 194 -17.69 0.48 108.86
C ASP Z 194 -17.55 1.70 107.94
N TYR Z 195 -16.69 2.65 108.31
CA TYR Z 195 -16.55 3.86 107.50
C TYR Z 195 -16.03 3.54 106.10
N LEU Z 196 -15.04 2.65 106.00
CA LEU Z 196 -14.57 2.22 104.70
C LEU Z 196 -15.67 1.51 103.93
N VAL Z 197 -16.54 0.79 104.63
CA VAL Z 197 -17.69 0.16 103.97
C VAL Z 197 -18.56 1.23 103.34
N GLU Z 198 -18.90 2.28 104.10
CA GLU Z 198 -19.76 3.35 103.58
C GLU Z 198 -19.14 4.05 102.38
N LEU Z 199 -17.84 4.35 102.46
CA LEU Z 199 -17.16 4.91 101.31
C LEU Z 199 -17.22 3.96 100.12
N LEU Z 200 -17.19 2.65 100.39
CA LEU Z 200 -17.27 1.67 99.30
C LEU Z 200 -18.65 1.68 98.64
N ASP Z 201 -19.72 1.79 99.43
CA ASP Z 201 -21.04 1.93 98.79
C ASP Z 201 -21.11 3.20 97.97
N ARG Z 202 -20.54 4.30 98.48
CA ARG Z 202 -20.54 5.53 97.70
C ARG Z 202 -19.82 5.35 96.36
N ALA Z 203 -18.66 4.72 96.39
CA ALA Z 203 -17.91 4.48 95.15
C ALA Z 203 -18.66 3.55 94.21
N ILE Z 204 -19.32 2.52 94.76
CA ILE Z 204 -20.08 1.59 93.93
C ILE Z 204 -21.23 2.30 93.25
N GLU Z 205 -21.95 3.15 94.00
CA GLU Z 205 -23.04 3.94 93.41
C GLU Z 205 -22.52 4.86 92.32
N TYR Z 206 -21.37 5.50 92.54
CA TYR Z 206 -20.82 6.38 91.51
C TYR Z 206 -20.43 5.60 90.26
N ILE Z 207 -19.85 4.41 90.44
CA ILE Z 207 -19.51 3.57 89.28
C ILE Z 207 -20.78 3.17 88.53
N LEU Z 208 -21.82 2.79 89.27
CA LEU Z 208 -23.05 2.31 88.65
C LEU Z 208 -23.77 3.42 87.89
N LYS Z 209 -23.77 4.63 88.45
CA LYS Z 209 -24.44 5.75 87.80
C LYS Z 209 -23.66 6.30 86.60
N GLY Z 210 -22.43 5.85 86.39
CA GLY Z 210 -21.64 6.27 85.25
C GLY Z 210 -20.57 7.29 85.55
N ARG Z 211 -20.55 7.87 86.75
CA ARG Z 211 -19.58 8.87 87.13
C ARG Z 211 -18.27 8.17 87.50
N SER Z 212 -17.34 8.13 86.54
CA SER Z 212 -16.14 7.31 86.67
C SER Z 212 -15.00 8.01 87.39
N GLU Z 213 -14.73 9.27 87.04
CA GLU Z 213 -13.59 9.98 87.62
C GLU Z 213 -13.78 10.22 89.12
N LEU Z 214 -15.00 10.57 89.54
CA LEU Z 214 -15.27 10.71 90.95
C LEU Z 214 -15.06 9.39 91.68
N ALA Z 215 -15.48 8.29 91.06
CA ALA Z 215 -15.27 6.97 91.64
C ALA Z 215 -13.79 6.64 91.76
N VAL Z 216 -13.00 7.00 90.75
CA VAL Z 216 -11.57 6.75 90.81
C VAL Z 216 -10.92 7.54 91.93
N HIS Z 217 -11.29 8.80 92.09
CA HIS Z 217 -10.75 9.59 93.20
C HIS Z 217 -11.16 9.02 94.55
N LEU Z 218 -12.42 8.59 94.67
CA LEU Z 218 -12.88 7.96 95.90
C LEU Z 218 -12.10 6.69 96.19
N LEU Z 219 -11.82 5.89 95.15
CA LEU Z 219 -11.07 4.67 95.32
C LEU Z 219 -9.63 4.95 95.72
N ASP Z 220 -9.05 6.02 95.20
CA ASP Z 220 -7.72 6.43 95.64
C ASP Z 220 -7.71 6.77 97.13
N ASP Z 221 -8.71 7.52 97.58
CA ASP Z 221 -8.79 7.85 99.01
C ASP Z 221 -8.99 6.59 99.86
N ILE Z 222 -9.82 5.67 99.37
CA ILE Z 222 -10.04 4.41 100.07
C ILE Z 222 -8.75 3.60 100.16
N ILE Z 223 -7.98 3.58 99.07
CA ILE Z 223 -6.71 2.85 99.05
C ILE Z 223 -5.74 3.45 100.06
N ARG Z 224 -5.68 4.78 100.12
CA ARG Z 224 -4.82 5.43 101.12
C ARG Z 224 -5.24 5.06 102.53
N ARG Z 225 -6.54 5.06 102.80
CA ARG Z 225 -7.02 4.70 104.14
C ARG Z 225 -6.69 3.24 104.47
N VAL Z 226 -6.82 2.34 103.49
CA VAL Z 226 -6.53 0.93 103.71
C VAL Z 226 -5.05 0.74 104.00
N HIS Z 227 -4.18 1.44 103.26
CA HIS Z 227 -2.75 1.35 103.52
C HIS Z 227 -2.41 1.90 104.90
N GLU Z 228 -3.09 2.98 105.32
CA GLU Z 228 -2.88 3.48 106.67
C GLU Z 228 -3.28 2.44 107.71
N GLU Z 229 -4.39 1.75 107.51
CA GLU Z 229 -4.81 0.71 108.45
C GLU Z 229 -3.79 -0.42 108.49
N ILE Z 230 -3.29 -0.84 107.33
CA ILE Z 230 -2.30 -1.92 107.28
C ILE Z 230 -1.04 -1.50 108.03
N GLU Z 231 -0.58 -0.28 107.80
CA GLU Z 231 0.60 0.22 108.50
C GLU Z 231 0.36 0.30 110.00
N ARG Z 232 -0.85 0.63 110.42
CA ARG Z 232 -1.17 0.64 111.85
C ARG Z 232 -1.08 -0.77 112.44
N TYR Z 233 -1.53 -1.77 111.68
CA TYR Z 233 -1.53 -3.14 112.21
C TYR Z 233 -0.12 -3.63 112.48
N GLY Z 234 0.82 -3.35 111.60
CA GLY Z 234 2.23 -3.68 111.83
C GLY Z 234 2.57 -5.06 111.29
N ASP Z 235 3.01 -5.95 112.18
CA ASP Z 235 3.42 -7.29 111.80
C ASP Z 235 2.31 -8.33 111.95
N ASP Z 236 1.19 -7.97 112.55
CA ASP Z 236 0.08 -8.89 112.80
C ASP Z 236 -1.08 -8.66 111.84
N VAL Z 237 -0.79 -8.29 110.60
CA VAL Z 237 -1.83 -7.95 109.63
C VAL Z 237 -2.59 -9.21 109.24
N PRO Z 238 -3.92 -9.25 109.41
CA PRO Z 238 -4.69 -10.38 108.90
C PRO Z 238 -4.68 -10.42 107.38
N GLU Z 239 -4.82 -11.64 106.85
CA GLU Z 239 -4.77 -11.84 105.40
C GLU Z 239 -5.95 -11.20 104.69
N GLU Z 240 -7.08 -11.02 105.39
CA GLU Z 240 -8.23 -10.38 104.78
C GLU Z 240 -7.93 -8.95 104.37
N LEU Z 241 -7.13 -8.25 105.18
CA LEU Z 241 -6.76 -6.87 104.85
C LEU Z 241 -5.92 -6.82 103.58
N LEU Z 242 -4.98 -7.75 103.42
CA LEU Z 242 -4.15 -7.75 102.22
C LEU Z 242 -4.96 -8.13 100.98
N LEU Z 243 -5.85 -9.11 101.12
CA LEU Z 243 -6.71 -9.47 100.00
C LEU Z 243 -7.63 -8.32 99.62
N LEU Z 244 -8.16 -7.60 100.62
CA LEU Z 244 -8.97 -6.42 100.36
C LEU Z 244 -8.18 -5.35 99.64
N ASP Z 245 -6.93 -5.13 100.08
CA ASP Z 245 -6.05 -4.17 99.39
C ASP Z 245 -5.91 -4.53 97.92
N LEU Z 246 -5.60 -5.79 97.62
CA LEU Z 246 -5.43 -6.20 96.23
C LEU Z 246 -6.73 -6.02 95.44
N LEU Z 247 -7.86 -6.39 96.05
CA LEU Z 247 -9.14 -6.30 95.36
C LEU Z 247 -9.48 -4.85 95.03
N VAL Z 248 -9.31 -3.94 96.00
CA VAL Z 248 -9.62 -2.54 95.77
C VAL Z 248 -8.68 -1.95 94.72
N GLN Z 249 -7.41 -2.36 94.73
CA GLN Z 249 -6.49 -1.86 93.73
C GLN Z 249 -6.89 -2.30 92.32
N LYS Z 250 -7.25 -3.58 92.15
CA LYS Z 250 -7.65 -4.03 90.82
C LYS Z 250 -8.98 -3.42 90.39
N ALA Z 251 -9.89 -3.18 91.35
CA ALA Z 251 -11.15 -2.51 91.02
C ALA Z 251 -10.89 -1.07 90.58
N ARG Z 252 -9.96 -0.39 91.24
CA ARG Z 252 -9.60 0.97 90.81
C ARG Z 252 -8.99 0.97 89.43
N ASP Z 253 -8.15 -0.02 89.12
CA ASP Z 253 -7.59 -0.12 87.78
C ASP Z 253 -8.70 -0.32 86.74
N LEU Z 254 -9.66 -1.20 87.03
CA LEU Z 254 -10.77 -1.39 86.10
C LEU Z 254 -11.61 -0.13 85.94
N ALA Z 255 -11.86 0.58 87.04
CA ALA Z 255 -12.64 1.81 86.97
C ALA Z 255 -11.92 2.86 86.15
N ALA Z 256 -10.60 2.94 86.27
CA ALA Z 256 -9.82 3.84 85.42
C ALA Z 256 -9.93 3.44 83.96
N ARG Z 257 -9.89 2.14 83.67
CA ARG Z 257 -9.98 1.68 82.29
C ARG Z 257 -11.37 1.83 81.69
N ILE Z 258 -12.38 2.18 82.48
CA ILE Z 258 -13.74 2.32 81.99
C ILE Z 258 -13.79 3.35 80.86
N MET AA 25 21.59 -36.48 75.98
CA MET AA 25 22.48 -35.37 76.33
C MET AA 25 23.59 -35.80 77.27
N GLU AA 26 24.11 -37.02 77.08
CA GLU AA 26 25.13 -37.55 77.96
C GLU AA 26 26.45 -36.79 77.87
N LYS AA 27 26.67 -36.05 76.77
CA LYS AA 27 27.86 -35.23 76.65
C LYS AA 27 27.91 -34.16 77.74
N LEU AA 28 26.76 -33.55 78.04
CA LEU AA 28 26.72 -32.52 79.06
C LEU AA 28 26.87 -33.10 80.46
N GLU AA 29 26.38 -34.32 80.70
CA GLU AA 29 26.66 -34.99 81.97
C GLU AA 29 28.14 -35.32 82.11
N VAL AA 30 28.79 -35.71 81.01
CA VAL AA 30 30.24 -35.93 81.05
C VAL AA 30 30.95 -34.63 81.36
N ALA AA 31 30.48 -33.52 80.77
CA ALA AA 31 31.05 -32.21 81.07
C ALA AA 31 30.88 -31.85 82.54
N VAL AA 32 29.72 -32.14 83.12
CA VAL AA 32 29.49 -31.87 84.53
C VAL AA 32 30.43 -32.69 85.41
N GLU AA 33 30.61 -33.97 85.07
CA GLU AA 33 31.54 -34.80 85.81
C GLU AA 33 32.96 -34.28 85.70
N HIS AA 34 33.35 -33.86 84.51
CA HIS AA 34 34.63 -33.23 84.35
C HIS AA 34 34.78 -32.00 85.23
N LEU AA 35 33.76 -31.14 85.27
CA LEU AA 35 33.82 -29.94 86.10
C LEU AA 35 33.99 -30.29 87.56
N LYS AA 36 33.30 -31.32 88.04
CA LYS AA 36 33.53 -31.79 89.40
C LYS AA 36 34.97 -32.24 89.58
N GLU AA 37 35.51 -32.97 88.60
CA GLU AA 37 36.91 -33.38 88.68
C GLU AA 37 37.84 -32.19 88.72
N ALA AA 38 37.53 -31.14 87.96
CA ALA AA 38 38.35 -29.93 87.97
C ALA AA 38 38.34 -29.25 89.33
N ILE AA 39 37.15 -29.18 89.95
CA ILE AA 39 37.07 -28.60 91.29
C ILE AA 39 37.91 -29.41 92.27
N GLU AA 40 37.81 -30.75 92.19
CA GLU AA 40 38.60 -31.59 93.09
C GLU AA 40 40.10 -31.42 92.84
N LEU AA 41 40.49 -31.25 91.57
CA LEU AA 41 41.91 -31.06 91.24
C LEU AA 41 42.43 -29.73 91.77
N ILE AA 42 41.66 -28.66 91.62
CA ILE AA 42 42.05 -27.38 92.19
C ILE AA 42 42.18 -27.50 93.70
N GLU AA 43 41.27 -28.25 94.34
CA GLU AA 43 41.38 -28.46 95.77
C GLU AA 43 42.65 -29.22 96.14
N LYS AA 44 43.02 -30.22 95.34
CA LYS AA 44 44.21 -31.01 95.64
C LYS AA 44 45.48 -30.19 95.48
N GLY AA 45 45.61 -29.48 94.36
CA GLY AA 45 46.78 -28.65 94.14
C GLY AA 45 47.41 -28.80 92.77
N GLU AA 46 46.81 -29.61 91.90
CA GLU AA 46 47.31 -29.80 90.54
C GLU AA 46 46.64 -28.78 89.62
N TYR AA 47 47.36 -27.70 89.32
CA TYR AA 47 46.81 -26.62 88.51
C TYR AA 47 46.99 -26.84 87.02
N VAL AA 48 48.06 -27.53 86.61
CA VAL AA 48 48.24 -27.86 85.20
C VAL AA 48 47.15 -28.80 84.74
N LYS AA 49 46.86 -29.84 85.53
CA LYS AA 49 45.79 -30.76 85.17
C LYS AA 49 44.44 -30.07 85.16
N ALA AA 50 44.24 -29.10 86.07
CA ALA AA 50 43.00 -28.33 86.07
C ALA AA 50 42.86 -27.50 84.81
N ASP AA 51 43.95 -26.85 84.36
CA ASP AA 51 43.91 -26.09 83.13
C ASP AA 51 43.61 -26.97 81.92
N LEU AA 52 44.24 -28.15 81.88
CA LEU AA 52 43.99 -29.08 80.78
C LEU AA 52 42.55 -29.61 80.81
N ILE AA 53 42.02 -29.88 82.01
CA ILE AA 53 40.64 -30.32 82.13
C ILE AA 53 39.68 -29.23 81.65
N LEU AA 54 40.00 -27.96 81.95
CA LEU AA 54 39.16 -26.88 81.48
C LEU AA 54 39.15 -26.82 79.96
N THR AA 55 40.32 -27.04 79.34
CA THR AA 55 40.35 -27.11 77.87
C THR AA 55 39.51 -28.27 77.35
N ASP AA 56 39.57 -29.43 78.01
CA ASP AA 56 38.75 -30.57 77.60
C ASP AA 56 37.26 -30.26 77.73
N ILE AA 57 36.86 -29.60 78.81
CA ILE AA 57 35.46 -29.22 79.01
C ILE AA 57 35.01 -28.26 77.92
N LEU AA 58 35.88 -27.31 77.56
CA LEU AA 58 35.54 -26.41 76.46
C LEU AA 58 35.35 -27.17 75.16
N ARG AA 59 36.20 -28.16 74.90
CA ARG AA 59 36.04 -28.97 73.69
C ARG AA 59 34.71 -29.72 73.70
N LEU AA 60 34.36 -30.30 74.85
CA LEU AA 60 33.07 -31.02 74.97
C LEU AA 60 31.90 -30.08 74.70
N LEU AA 61 31.90 -28.91 75.34
CA LEU AA 61 30.79 -27.98 75.19
C LEU AA 61 30.69 -27.48 73.76
N GLU AA 62 31.82 -27.22 73.11
CA GLU AA 62 31.79 -26.83 71.71
C GLU AA 62 31.28 -27.95 70.83
N GLU AA 63 31.57 -29.20 71.20
CA GLU AA 63 30.99 -30.34 70.49
C GLU AA 63 29.48 -30.36 70.61
N GLU AA 64 28.96 -30.07 71.80
CA GLU AA 64 27.51 -30.02 71.97
C GLU AA 64 26.89 -28.86 71.19
N GLY AA 65 27.43 -27.66 71.35
CA GLY AA 65 26.99 -26.53 70.55
C GLY AA 65 26.05 -25.54 71.21
N VAL AA 66 26.34 -25.15 72.45
CA VAL AA 66 25.59 -24.11 73.15
C VAL AA 66 26.49 -22.89 73.30
N LYS AA 67 26.09 -21.78 72.67
CA LYS AA 67 26.97 -20.64 72.50
C LYS AA 67 27.34 -20.01 73.84
N SER AA 68 26.34 -19.78 74.69
CA SER AA 68 26.60 -19.14 75.99
C SER AA 68 27.54 -19.99 76.82
N LEU AA 69 27.30 -21.29 76.86
CA LEU AA 69 28.20 -22.19 77.59
C LEU AA 69 29.60 -22.14 77.00
N ILE AA 70 29.71 -22.02 75.67
CA ILE AA 70 31.01 -22.02 75.03
C ILE AA 70 31.81 -20.79 75.43
N LYS AA 71 31.20 -19.60 75.33
CA LYS AA 71 31.92 -18.39 75.70
C LYS AA 71 32.25 -18.38 77.19
N GLN AA 72 31.33 -18.88 78.02
CA GLN AA 72 31.60 -18.97 79.44
C GLN AA 72 32.78 -19.90 79.71
N ALA AA 73 32.88 -21.00 78.97
CA ALA AA 73 33.99 -21.94 79.18
C ALA AA 73 35.33 -21.35 78.75
N LYS AA 74 35.35 -20.62 77.63
CA LYS AA 74 36.60 -20.00 77.20
C LYS AA 74 37.07 -18.95 78.20
N GLU AA 75 36.16 -18.05 78.61
CA GLU AA 75 36.55 -17.05 79.61
C GLU AA 75 36.92 -17.71 80.93
N LEU AA 76 36.29 -18.84 81.26
CA LEU AA 76 36.66 -19.57 82.46
C LEU AA 76 38.08 -20.08 82.37
N HIS AA 77 38.46 -20.65 81.23
CA HIS AA 77 39.83 -21.13 81.05
C HIS AA 77 40.82 -19.99 81.28
N ILE AA 78 40.61 -18.86 80.60
CA ILE AA 78 41.56 -17.75 80.71
C ILE AA 78 41.63 -17.24 82.15
N GLU AA 79 40.48 -16.97 82.75
CA GLU AA 79 40.47 -16.35 84.06
C GLU AA 79 40.95 -17.30 85.16
N VAL AA 80 40.65 -18.59 85.04
CA VAL AA 80 41.13 -19.54 86.04
C VAL AA 80 42.64 -19.69 85.92
N PHE AA 81 43.18 -19.69 84.69
CA PHE AA 81 44.63 -19.71 84.56
C PHE AA 81 45.27 -18.51 85.26
N LYS AA 82 44.71 -17.32 85.01
CA LYS AA 82 45.26 -16.13 85.65
C LYS AA 82 45.16 -16.20 87.18
N LEU AA 83 44.00 -16.61 87.69
CA LEU AA 83 43.79 -16.66 89.14
C LEU AA 83 44.69 -17.69 89.80
N LEU AA 84 44.85 -18.86 89.18
CA LEU AA 84 45.74 -19.87 89.73
C LEU AA 84 47.19 -19.41 89.69
N LYS AA 85 47.56 -18.61 88.68
CA LYS AA 85 48.88 -17.97 88.72
C LYS AA 85 48.99 -17.05 89.92
N GLU AA 86 47.98 -16.22 90.17
CA GLU AA 86 48.04 -15.28 91.28
C GLU AA 86 47.92 -15.98 92.63
N GLY AA 87 47.16 -17.07 92.70
CA GLY AA 87 46.93 -17.77 93.94
C GLY AA 87 45.53 -17.68 94.50
N GLU AA 88 44.57 -17.13 93.73
CA GLU AA 88 43.19 -17.00 94.18
C GLU AA 88 42.46 -18.31 93.89
N TYR AA 89 42.67 -19.28 94.78
CA TYR AA 89 42.06 -20.59 94.59
C TYR AA 89 40.55 -20.52 94.73
N LYS AA 90 40.05 -19.77 95.72
CA LYS AA 90 38.61 -19.72 95.98
C LYS AA 90 37.86 -19.07 94.82
N GLU AA 91 38.43 -18.02 94.23
CA GLU AA 91 37.77 -17.38 93.09
C GLU AA 91 37.68 -18.32 91.90
N ALA AA 92 38.75 -19.08 91.62
CA ALA AA 92 38.73 -20.04 90.53
C ALA AA 92 37.72 -21.15 90.79
N LYS AA 93 37.67 -21.65 92.02
CA LYS AA 93 36.69 -22.66 92.39
C LYS AA 93 35.27 -22.12 92.22
N ALA AA 94 35.05 -20.86 92.60
CA ALA AA 94 33.73 -20.26 92.43
C ALA AA 94 33.35 -20.16 90.97
N LEU AA 95 34.28 -19.77 90.10
CA LEU AA 95 33.98 -19.67 88.68
C LEU AA 95 33.65 -21.05 88.09
N VAL AA 96 34.41 -22.07 88.48
CA VAL AA 96 34.13 -23.42 87.98
C VAL AA 96 32.77 -23.90 88.47
N GLU AA 97 32.45 -23.63 89.74
CA GLU AA 97 31.14 -24.01 90.27
C GLU AA 97 30.01 -23.27 89.56
N ALA AA 98 30.23 -22.01 89.21
CA ALA AA 98 29.22 -21.26 88.47
C ALA AA 98 28.98 -21.87 87.10
N LEU AA 99 30.05 -22.25 86.41
CA LEU AA 99 29.87 -22.89 85.10
C LEU AA 99 29.17 -24.24 85.25
N ARG AA 100 29.51 -25.00 86.29
CA ARG AA 100 28.85 -26.28 86.54
C ARG AA 100 27.35 -26.09 86.75
N VAL AA 101 26.98 -25.12 87.59
CA VAL AA 101 25.58 -24.85 87.87
C VAL AA 101 24.87 -24.42 86.59
N SER AA 102 25.54 -23.61 85.77
CA SER AA 102 24.93 -23.17 84.52
C SER AA 102 24.65 -24.34 83.58
N VAL AA 103 25.60 -25.27 83.47
CA VAL AA 103 25.41 -26.43 82.60
C VAL AA 103 24.29 -27.32 83.12
N GLU AA 104 24.28 -27.58 84.42
CA GLU AA 104 23.21 -28.40 85.00
C GLU AA 104 21.85 -27.74 84.81
N LEU AA 105 21.79 -26.41 84.96
CA LEU AA 105 20.54 -25.69 84.76
C LEU AA 105 20.07 -25.79 83.31
N TYR AA 106 21.00 -25.72 82.35
CA TYR AA 106 20.62 -25.90 80.96
C TYR AA 106 20.06 -27.30 80.74
N ILE AA 107 20.69 -28.31 81.33
CA ILE AA 107 20.20 -29.68 81.19
C ILE AA 107 18.78 -29.78 81.73
N LEU AA 108 18.54 -29.23 82.92
CA LEU AA 108 17.23 -29.34 83.54
C LEU AA 108 16.19 -28.56 82.76
N ILE AA 109 16.56 -27.41 82.20
CA ILE AA 109 15.62 -26.64 81.38
C ILE AA 109 15.23 -27.43 80.15
N LYS AA 110 16.20 -28.07 79.49
CA LYS AA 110 15.88 -28.85 78.30
C LYS AA 110 14.98 -30.03 78.65
N ARG AA 111 15.28 -30.73 79.74
CA ARG AA 111 14.44 -31.84 80.15
C ARG AA 111 13.03 -31.38 80.49
N GLY AA 112 12.90 -30.25 81.18
CA GLY AA 112 11.57 -29.76 81.52
C GLY AA 112 10.76 -29.34 80.31
N VAL AA 113 11.41 -28.66 79.36
CA VAL AA 113 10.70 -28.19 78.18
C VAL AA 113 10.27 -29.35 77.30
N ARG AA 114 11.18 -30.33 77.11
CA ARG AA 114 10.85 -31.48 76.28
C ARG AA 114 9.69 -32.28 76.88
N GLU AA 115 9.78 -32.59 78.18
CA GLU AA 115 8.75 -33.34 78.88
C GLU AA 115 7.45 -32.57 79.06
N GLY AA 116 7.37 -31.34 78.57
CA GLY AA 116 6.16 -30.54 78.77
C GLY AA 116 5.87 -30.22 80.22
N ARG AA 117 6.90 -30.09 81.04
CA ARG AA 117 6.70 -29.78 82.44
C ARG AA 117 6.14 -28.36 82.60
N PRO AA 118 5.36 -28.12 83.65
CA PRO AA 118 4.84 -26.77 83.87
C PRO AA 118 5.96 -25.79 84.19
N ILE AA 119 5.76 -24.53 83.79
CA ILE AA 119 6.72 -23.47 84.06
C ILE AA 119 6.93 -23.31 85.56
N GLU AA 120 5.89 -23.58 86.35
CA GLU AA 120 5.96 -23.39 87.80
C GLU AA 120 7.08 -24.21 88.43
N GLU AA 121 7.10 -25.51 88.16
CA GLU AA 121 8.09 -26.37 88.80
C GLU AA 121 9.49 -26.14 88.24
N ILE AA 122 9.58 -25.78 86.95
CA ILE AA 122 10.87 -25.41 86.38
C ILE AA 122 11.44 -24.20 87.12
N ALA AA 123 10.61 -23.19 87.36
CA ALA AA 123 11.06 -22.00 88.07
C ALA AA 123 11.46 -22.34 89.50
N ARG AA 124 10.69 -23.19 90.18
CA ARG AA 124 11.05 -23.59 91.54
C ARG AA 124 12.40 -24.32 91.56
N GLU AA 125 12.62 -25.21 90.58
CA GLU AA 125 13.89 -25.93 90.50
C GLU AA 125 15.05 -24.98 90.28
N VAL AA 126 14.89 -24.02 89.37
CA VAL AA 126 15.95 -23.05 89.10
C VAL AA 126 16.27 -22.27 90.36
N GLY AA 127 15.25 -21.81 91.08
CA GLY AA 127 15.48 -21.09 92.31
C GLY AA 127 16.20 -21.92 93.35
N ARG AA 128 15.80 -23.19 93.49
CA ARG AA 128 16.46 -24.07 94.44
C ARG AA 128 17.93 -24.27 94.11
N LYS AA 129 18.24 -24.46 92.82
CA LYS AA 129 19.63 -24.63 92.40
C LYS AA 129 20.45 -23.39 92.69
N LEU AA 130 19.89 -22.21 92.38
CA LEU AA 130 20.62 -20.97 92.65
C LEU AA 130 20.86 -20.77 94.14
N VAL AA 131 19.88 -21.10 94.97
CA VAL AA 131 20.05 -20.95 96.42
C VAL AA 131 21.11 -21.92 96.93
N GLU AA 132 21.13 -23.15 96.40
CA GLU AA 132 22.15 -24.10 96.82
C GLU AA 132 23.55 -23.63 96.43
N LEU AA 133 23.69 -23.09 95.21
CA LEU AA 133 24.97 -22.53 94.81
C LEU AA 133 25.39 -21.38 95.73
N ALA AA 134 24.45 -20.49 96.06
CA ALA AA 134 24.77 -19.37 96.93
C ALA AA 134 25.21 -19.85 98.31
N LYS AA 135 24.53 -20.86 98.85
CA LYS AA 135 24.92 -21.41 100.15
C LYS AA 135 26.32 -22.02 100.07
N ARG AA 136 26.62 -22.74 99.00
CA ARG AA 136 27.95 -23.32 98.83
C ARG AA 136 29.01 -22.23 98.81
N LEU AA 137 28.80 -21.20 98.00
CA LEU AA 137 29.79 -20.12 97.89
C LEU AA 137 29.95 -19.38 99.21
N GLU AA 138 28.85 -19.19 99.94
CA GLU AA 138 28.95 -18.56 101.25
C GLU AA 138 29.76 -19.41 102.21
N LYS AA 139 29.59 -20.74 102.14
CA LYS AA 139 30.41 -21.62 102.97
C LYS AA 139 31.88 -21.54 102.60
N GLU AA 140 32.18 -21.42 101.30
CA GLU AA 140 33.57 -21.33 100.87
C GLU AA 140 34.25 -20.09 101.44
N GLY AA 141 33.56 -18.95 101.41
CA GLY AA 141 34.14 -17.71 101.92
C GLY AA 141 34.06 -16.56 100.94
N ILE AA 142 33.37 -16.77 99.84
CA ILE AA 142 33.19 -15.72 98.85
C ILE AA 142 32.18 -14.70 99.36
N SER AA 143 32.48 -13.42 99.18
CA SER AA 143 31.61 -12.36 99.66
C SER AA 143 30.31 -12.32 98.87
N TRP AA 144 29.30 -11.66 99.44
CA TRP AA 144 27.96 -11.70 98.87
C TRP AA 144 27.84 -10.87 97.61
N GLU AA 145 28.67 -9.84 97.44
CA GLU AA 145 28.66 -9.09 96.19
C GLU AA 145 29.11 -9.96 95.02
N GLU AA 146 30.17 -10.73 95.22
CA GLU AA 146 30.63 -11.66 94.18
C GLU AA 146 29.59 -12.74 93.92
N ILE AA 147 28.95 -13.24 94.98
CA ILE AA 147 27.91 -14.25 94.82
C ILE AA 147 26.77 -13.70 93.97
N ILE AA 148 26.34 -12.47 94.27
CA ILE AA 148 25.24 -11.87 93.51
C ILE AA 148 25.63 -11.67 92.05
N GLU AA 149 26.86 -11.20 91.80
CA GLU AA 149 27.30 -10.99 90.43
C GLU AA 149 27.35 -12.31 89.65
N LEU AA 150 27.88 -13.37 90.27
CA LEU AA 150 27.87 -14.68 89.63
C LEU AA 150 26.45 -15.15 89.34
N ILE AA 151 25.54 -14.94 90.28
CA ILE AA 151 24.15 -15.35 90.10
C ILE AA 151 23.51 -14.60 88.94
N GLU AA 152 23.77 -13.30 88.82
CA GLU AA 152 23.19 -12.55 87.70
C GLU AA 152 23.79 -12.97 86.37
N ARG AA 153 25.08 -13.32 86.33
CA ARG AA 153 25.63 -13.86 85.09
C ARG AA 153 24.94 -15.17 84.71
N ILE AA 154 24.73 -16.04 85.69
CA ILE AA 154 24.00 -17.29 85.44
C ILE AA 154 22.59 -17.00 84.97
N LEU AA 155 21.96 -15.96 85.53
CA LEU AA 155 20.60 -15.60 85.14
C LEU AA 155 20.53 -15.10 83.71
N GLU AA 156 21.53 -14.32 83.28
CA GLU AA 156 21.59 -13.89 81.89
C GLU AA 156 21.78 -15.08 80.96
N SER AA 157 22.62 -16.04 81.36
CA SER AA 157 22.77 -17.26 80.57
C SER AA 157 21.45 -18.02 80.48
N ILE AA 158 20.72 -18.10 81.59
CA ILE AA 158 19.42 -18.77 81.60
C ILE AA 158 18.44 -18.05 80.69
N ARG AA 159 18.46 -16.72 80.70
CA ARG AA 159 17.58 -15.95 79.81
C ARG AA 159 17.86 -16.27 78.36
N GLU AA 160 19.14 -16.31 77.98
CA GLU AA 160 19.48 -16.66 76.60
C GLU AA 160 19.04 -18.07 76.26
N ILE AA 161 19.26 -19.02 77.17
CA ILE AA 161 18.89 -20.42 76.91
C ILE AA 161 17.37 -20.53 76.73
N LEU AA 162 16.61 -19.87 77.61
CA LEU AA 162 15.15 -19.92 77.51
C LEU AA 162 14.66 -19.29 76.23
N LYS AA 163 15.26 -18.16 75.84
CA LYS AA 163 14.89 -17.54 74.56
C LYS AA 163 15.20 -18.46 73.39
N GLU AA 164 16.26 -19.27 73.51
CA GLU AA 164 16.58 -20.22 72.46
C GLU AA 164 15.48 -21.27 72.29
N GLU AA 165 14.90 -21.73 73.39
CA GLU AA 165 13.87 -22.76 73.35
C GLU AA 165 12.55 -22.28 72.76
N GLY AA 166 12.46 -21.03 72.32
CA GLY AA 166 11.23 -20.52 71.76
C GLY AA 166 10.17 -20.12 72.75
N LEU AA 167 10.51 -20.06 74.04
CA LEU AA 167 9.54 -19.62 75.03
C LEU AA 167 9.25 -18.13 74.86
N PRO AA 168 8.01 -17.70 75.09
CA PRO AA 168 7.71 -16.26 75.02
C PRO AA 168 8.26 -15.52 76.24
N GLU AA 169 8.23 -14.19 76.14
CA GLU AA 169 8.87 -13.34 77.14
C GLU AA 169 8.20 -13.45 78.51
N SER AA 170 6.90 -13.72 78.56
CA SER AA 170 6.18 -13.71 79.83
C SER AA 170 6.69 -14.80 80.77
N GLU AA 171 6.78 -16.03 80.27
CA GLU AA 171 7.24 -17.13 81.11
C GLU AA 171 8.72 -16.98 81.47
N ILE AA 172 9.52 -16.45 80.55
CA ILE AA 172 10.94 -16.22 80.85
C ILE AA 172 11.06 -15.23 82.00
N ASN AA 173 10.32 -14.12 81.93
CA ASN AA 173 10.35 -13.13 82.98
C ASN AA 173 9.83 -13.71 84.29
N ARG AA 174 8.80 -14.55 84.21
CA ARG AA 174 8.26 -15.18 85.41
C ARG AA 174 9.31 -16.06 86.10
N ILE AA 175 10.01 -16.89 85.32
CA ILE AA 175 11.02 -17.78 85.88
C ILE AA 175 12.14 -16.96 86.50
N LEU AA 176 12.62 -15.94 85.78
CA LEU AA 176 13.72 -15.13 86.29
C LEU AA 176 13.33 -14.40 87.57
N ALA AA 177 12.11 -13.84 87.60
CA ALA AA 177 11.65 -13.14 88.80
C ALA AA 177 11.54 -14.10 89.98
N VAL AA 178 11.04 -15.31 89.74
CA VAL AA 178 10.92 -16.28 90.82
C VAL AA 178 12.28 -16.65 91.38
N SER AA 179 13.27 -16.87 90.50
CA SER AA 179 14.62 -17.22 90.97
C SER AA 179 15.23 -16.09 91.78
N ILE AA 180 15.11 -14.86 91.28
CA ILE AA 180 15.64 -13.70 92.02
C ILE AA 180 14.96 -13.58 93.37
N LEU AA 181 13.64 -13.79 93.41
CA LEU AA 181 12.92 -13.69 94.66
C LEU AA 181 13.29 -14.81 95.62
N GLU AA 182 13.66 -15.98 95.11
CA GLU AA 182 14.11 -17.05 96.01
C GLU AA 182 15.45 -16.71 96.63
N VAL AA 183 16.36 -16.13 95.85
CA VAL AA 183 17.63 -15.68 96.43
C VAL AA 183 17.39 -14.59 97.47
N ALA AA 184 16.49 -13.66 97.16
CA ALA AA 184 16.15 -12.60 98.12
C ALA AA 184 15.52 -13.17 99.38
N LYS AA 185 14.70 -14.22 99.23
CA LYS AA 185 14.10 -14.88 100.38
C LYS AA 185 15.16 -15.51 101.27
N TYR AA 186 16.16 -16.15 100.67
CA TYR AA 186 17.25 -16.69 101.46
C TYR AA 186 17.98 -15.58 102.21
N LEU AA 187 18.22 -14.45 101.54
CA LEU AA 187 18.86 -13.33 102.22
C LEU AA 187 18.01 -12.82 103.39
N LEU AA 188 16.69 -12.71 103.18
CA LEU AA 188 15.80 -12.26 104.25
C LEU AA 188 15.81 -13.21 105.43
N GLU AA 189 15.82 -14.53 105.15
CA GLU AA 189 15.91 -15.50 106.22
C GLU AA 189 17.21 -15.37 106.99
N LYS AA 190 18.32 -15.11 106.29
CA LYS AA 190 19.58 -14.85 106.97
C LYS AA 190 19.48 -13.62 107.87
N LEU AA 191 18.88 -12.54 107.36
CA LEU AA 191 18.74 -11.33 108.16
C LEU AA 191 17.84 -11.53 109.36
N GLY AA 192 16.74 -12.28 109.20
CA GLY AA 192 15.84 -12.55 110.30
C GLY AA 192 14.57 -11.74 110.28
N PHE AA 193 14.03 -11.50 109.09
CA PHE AA 193 12.78 -10.77 108.90
C PHE AA 193 11.74 -11.75 108.39
N ASP AA 194 11.02 -12.38 109.34
CA ASP AA 194 10.12 -13.47 109.00
C ASP AA 194 8.89 -12.99 108.24
N TYR AA 195 8.32 -11.85 108.65
CA TYR AA 195 7.11 -11.36 108.01
C TYR AA 195 7.36 -11.01 106.54
N LEU AA 196 8.49 -10.36 106.26
CA LEU AA 196 8.85 -10.09 104.88
C LEU AA 196 9.06 -11.38 104.11
N VAL AA 197 9.58 -12.42 104.77
CA VAL AA 197 9.70 -13.72 104.13
C VAL AA 197 8.33 -14.23 103.70
N GLU AA 198 7.35 -14.19 104.62
CA GLU AA 198 6.01 -14.69 104.31
C GLU AA 198 5.38 -13.91 103.16
N LEU AA 199 5.50 -12.58 103.20
CA LEU AA 199 5.01 -11.78 102.07
C LEU AA 199 5.72 -12.17 100.77
N LEU AA 200 6.99 -12.56 100.86
CA LEU AA 200 7.71 -12.98 99.67
C LEU AA 200 7.19 -14.29 99.12
N ASP AA 201 6.87 -15.27 100.00
CA ASP AA 201 6.24 -16.49 99.48
C ASP AA 201 4.89 -16.17 98.84
N ARG AA 202 4.12 -15.26 99.45
CA ARG AA 202 2.84 -14.89 98.84
C ARG AA 202 3.04 -14.32 97.44
N ALA AA 203 4.01 -13.41 97.29
CA ALA AA 203 4.28 -12.81 95.99
C ALA AA 203 4.78 -13.85 94.99
N ILE AA 204 5.62 -14.78 95.45
CA ILE AA 204 6.14 -15.82 94.56
C ILE AA 204 5.00 -16.72 94.07
N GLU AA 205 4.09 -17.09 94.97
CA GLU AA 205 2.94 -17.90 94.58
C GLU AA 205 2.07 -17.14 93.58
N TYR AA 206 1.86 -15.84 93.80
CA TYR AA 206 1.05 -15.07 92.86
C TYR AA 206 1.71 -14.98 91.49
N ILE AA 207 3.04 -14.81 91.46
CA ILE AA 207 3.76 -14.80 90.18
C ILE AA 207 3.63 -16.14 89.49
N LEU AA 208 3.78 -17.23 90.24
CA LEU AA 208 3.76 -18.56 89.65
C LEU AA 208 2.37 -18.91 89.10
N LYS AA 209 1.32 -18.52 89.81
CA LYS AA 209 -0.04 -18.81 89.36
C LYS AA 209 -0.49 -17.93 88.20
N GLY AA 210 0.28 -16.92 87.83
CA GLY AA 210 -0.03 -16.07 86.71
C GLY AA 210 -0.61 -14.71 87.06
N ARG AA 211 -0.96 -14.49 88.32
CA ARG AA 211 -1.56 -13.23 88.75
C ARG AA 211 -0.44 -12.20 88.92
N SER AA 212 -0.25 -11.36 87.91
CA SER AA 212 0.92 -10.48 87.84
C SER AA 212 0.71 -9.16 88.56
N GLU AA 213 -0.44 -8.51 88.36
CA GLU AA 213 -0.66 -7.19 88.94
C GLU AA 213 -0.72 -7.24 90.47
N LEU AA 214 -1.37 -8.27 91.01
CA LEU AA 214 -1.38 -8.45 92.46
C LEU AA 214 0.04 -8.64 92.99
N ALA AA 215 0.84 -9.41 92.26
CA ALA AA 215 2.23 -9.63 92.65
C ALA AA 215 3.02 -8.32 92.61
N VAL AA 216 2.78 -7.49 91.61
CA VAL AA 216 3.48 -6.21 91.51
C VAL AA 216 3.11 -5.31 92.68
N HIS AA 217 1.82 -5.26 93.05
CA HIS AA 217 1.41 -4.45 94.19
C HIS AA 217 2.03 -4.99 95.49
N LEU AA 218 2.05 -6.31 95.65
CA LEU AA 218 2.68 -6.92 96.81
C LEU AA 218 4.17 -6.58 96.87
N LEU AA 219 4.84 -6.59 95.72
CA LEU AA 219 6.26 -6.28 95.67
C LEU AA 219 6.50 -4.81 95.99
N ASP AA 220 5.58 -3.92 95.58
CA ASP AA 220 5.68 -2.52 95.97
C ASP AA 220 5.58 -2.36 97.48
N ASP AA 221 4.64 -3.06 98.10
CA ASP AA 221 4.52 -2.98 99.56
C ASP AA 221 5.76 -3.55 100.25
N ILE AA 222 6.31 -4.64 99.71
CA ILE AA 222 7.52 -5.23 100.26
C ILE AA 222 8.68 -4.26 100.14
N ILE AA 223 8.79 -3.58 99.00
CA ILE AA 223 9.86 -2.61 98.79
C ILE AA 223 9.75 -1.47 99.79
N ARG AA 224 8.52 -0.98 100.03
CA ARG AA 224 8.34 0.07 101.03
C ARG AA 224 8.76 -0.41 102.42
N ARG AA 225 8.40 -1.63 102.78
CA ARG AA 225 8.79 -2.16 104.09
C ARG AA 225 10.31 -2.30 104.20
N VAL AA 226 10.96 -2.74 103.12
CA VAL AA 226 12.40 -2.91 103.13
C VAL AA 226 13.09 -1.55 103.29
N HIS AA 227 12.60 -0.54 102.58
CA HIS AA 227 13.16 0.80 102.72
C HIS AA 227 12.96 1.34 104.13
N GLU AA 228 11.80 1.05 104.73
CA GLU AA 228 11.58 1.45 106.13
C GLU AA 228 12.60 0.78 107.05
N GLU AA 229 12.86 -0.52 106.83
CA GLU AA 229 13.85 -1.21 107.66
C GLU AA 229 15.24 -0.61 107.48
N ILE AA 230 15.62 -0.31 106.25
CA ILE AA 230 16.92 0.29 105.98
C ILE AA 230 17.04 1.64 106.68
N GLU AA 231 15.99 2.47 106.58
CA GLU AA 231 16.00 3.77 107.25
C GLU AA 231 16.08 3.61 108.76
N ARG AA 232 15.44 2.57 109.30
CA ARG AA 232 15.56 2.32 110.74
C ARG AA 232 16.99 1.96 111.13
N TYR AA 233 17.68 1.21 110.28
CA TYR AA 233 19.04 0.79 110.64
C TYR AA 233 19.99 1.97 110.73
N GLY AA 234 19.88 2.93 109.83
CA GLY AA 234 20.66 4.15 109.91
C GLY AA 234 21.99 4.03 109.17
N ASP AA 235 23.09 4.18 109.89
CA ASP AA 235 24.42 4.14 109.32
C ASP AA 235 25.07 2.76 109.40
N ASP AA 236 24.48 1.82 110.13
CA ASP AA 236 25.03 0.49 110.34
C ASP AA 236 24.31 -0.56 109.51
N VAL AA 237 23.87 -0.21 108.31
CA VAL AA 237 23.09 -1.12 107.47
C VAL AA 237 23.97 -2.25 106.98
N PRO AA 238 23.62 -3.51 107.24
CA PRO AA 238 24.37 -4.62 106.65
C PRO AA 238 24.19 -4.66 105.14
N GLU AA 239 25.21 -5.19 104.46
CA GLU AA 239 25.19 -5.26 103.01
C GLU AA 239 24.12 -6.20 102.47
N GLU AA 240 23.72 -7.19 103.26
CA GLU AA 240 22.67 -8.10 102.82
C GLU AA 240 21.36 -7.36 102.60
N LEU AA 241 21.06 -6.36 103.43
CA LEU AA 241 19.83 -5.58 103.25
C LEU AA 241 19.85 -4.80 101.94
N LEU AA 242 20.99 -4.20 101.59
CA LEU AA 242 21.08 -3.46 100.34
C LEU AA 242 21.00 -4.38 99.14
N LEU AA 243 21.67 -5.54 99.21
CA LEU AA 243 21.57 -6.50 98.12
C LEU AA 243 20.14 -7.01 97.97
N LEU AA 244 19.46 -7.26 99.08
CA LEU AA 244 18.07 -7.66 99.04
C LEU AA 244 17.19 -6.58 98.42
N ASP AA 245 17.44 -5.32 98.77
CA ASP AA 245 16.71 -4.22 98.17
C ASP AA 245 16.87 -4.23 96.65
N LEU AA 246 18.11 -4.34 96.17
CA LEU AA 246 18.34 -4.36 94.73
C LEU AA 246 17.66 -5.56 94.06
N LEU AA 247 17.74 -6.72 94.70
CA LEU AA 247 17.14 -7.93 94.13
C LEU AA 247 15.63 -7.80 94.02
N VAL AA 248 14.99 -7.31 95.08
CA VAL AA 248 13.53 -7.17 95.07
C VAL AA 248 13.11 -6.13 94.03
N GLN AA 249 13.89 -5.06 93.89
CA GLN AA 249 13.56 -4.05 92.90
C GLN AA 249 13.64 -4.62 91.48
N LYS AA 250 14.71 -5.37 91.17
CA LYS AA 250 14.82 -5.93 89.83
C LYS AA 250 13.76 -7.01 89.58
N ALA AA 251 13.39 -7.77 90.62
CA ALA AA 251 12.33 -8.75 90.48
C ALA AA 251 11.00 -8.06 90.21
N ARG AA 252 10.74 -6.93 90.89
CA ARG AA 252 9.52 -6.18 90.62
C ARG AA 252 9.49 -5.64 89.20
N ASP AA 253 10.65 -5.18 88.71
CA ASP AA 253 10.72 -4.72 87.32
C ASP AA 253 10.40 -5.85 86.36
N LEU AA 254 10.96 -7.03 86.60
CA LEU AA 254 10.67 -8.19 85.74
C LEU AA 254 9.20 -8.57 85.80
N ALA AA 255 8.62 -8.56 87.00
CA ALA AA 255 7.20 -8.91 87.15
C ALA AA 255 6.32 -7.91 86.43
N ALA AA 256 6.68 -6.63 86.47
CA ALA AA 256 5.95 -5.63 85.69
C ALA AA 256 6.08 -5.90 84.19
N ARG AA 257 7.27 -6.29 83.74
CA ARG AA 257 7.47 -6.56 82.32
C ARG AA 257 6.81 -7.85 81.84
N ILE AA 258 6.28 -8.67 82.75
CA ILE AA 258 5.64 -9.93 82.38
C ILE AA 258 4.50 -9.69 81.41
N MET BA 25 52.18 11.04 68.72
CA MET BA 25 51.47 12.25 69.15
C MET BA 25 52.36 13.19 69.93
N GLU BA 26 53.64 13.29 69.55
CA GLU BA 26 54.58 14.11 70.28
C GLU BA 26 54.26 15.60 70.19
N LYS BA 27 53.47 16.00 69.19
CA LYS BA 27 53.06 17.40 69.09
C LYS BA 27 52.24 17.81 70.30
N LEU BA 28 51.35 16.93 70.76
CA LEU BA 28 50.51 17.24 71.92
C LEU BA 28 51.33 17.24 73.21
N GLU BA 29 52.35 16.39 73.31
CA GLU BA 29 53.25 16.48 74.46
C GLU BA 29 54.03 17.78 74.45
N VAL BA 30 54.45 18.24 73.26
CA VAL BA 30 55.11 19.55 73.16
C VAL BA 30 54.15 20.66 73.59
N ALA BA 31 52.88 20.54 73.19
CA ALA BA 31 51.87 21.51 73.61
C ALA BA 31 51.70 21.51 75.14
N VAL BA 32 51.69 20.32 75.74
CA VAL BA 32 51.57 20.23 77.20
C VAL BA 32 52.77 20.88 77.88
N GLU BA 33 53.97 20.64 77.36
CA GLU BA 33 55.16 21.28 77.93
C GLU BA 33 55.10 22.80 77.78
N HIS BA 34 54.65 23.26 76.63
CA HIS BA 34 54.43 24.68 76.47
C HIS BA 34 53.46 25.23 77.48
N LEU BA 35 52.33 24.53 77.70
CA LEU BA 35 51.34 24.98 78.68
C LEU BA 35 51.94 25.09 80.07
N LYS BA 36 52.77 24.11 80.46
CA LYS BA 36 53.48 24.22 81.73
C LYS BA 36 54.38 25.45 81.74
N GLU BA 37 55.08 25.71 80.64
CA GLU BA 37 55.93 26.89 80.54
C GLU BA 37 55.10 28.17 80.68
N ALA BA 38 53.91 28.19 80.08
CA ALA BA 38 53.03 29.35 80.19
C ALA BA 38 52.59 29.59 81.63
N ILE BA 39 52.24 28.51 82.35
CA ILE BA 39 51.87 28.65 83.75
C ILE BA 39 53.04 29.22 84.55
N GLU BA 40 54.25 28.70 84.31
CA GLU BA 40 55.42 29.20 85.01
C GLU BA 40 55.68 30.66 84.68
N LEU BA 41 55.47 31.05 83.43
CA LEU BA 41 55.69 32.45 83.03
C LEU BA 41 54.68 33.38 83.68
N ILE BA 42 53.40 32.98 83.73
CA ILE BA 42 52.41 33.78 84.43
C ILE BA 42 52.79 33.91 85.90
N GLU BA 43 53.30 32.83 86.50
CA GLU BA 43 53.75 32.90 87.89
C GLU BA 43 54.90 33.87 88.05
N LYS BA 44 55.84 33.89 87.10
CA LYS BA 44 57.00 34.77 87.21
C LYS BA 44 56.59 36.24 87.06
N GLY BA 45 55.81 36.56 86.04
CA GLY BA 45 55.36 37.91 85.84
C GLY BA 45 55.49 38.42 84.41
N GLU BA 46 55.93 37.58 83.50
CA GLU BA 46 56.07 37.96 82.09
C GLU BA 46 54.77 37.62 81.36
N TYR BA 47 53.93 38.63 81.16
CA TYR BA 47 52.63 38.42 80.55
C TYR BA 47 52.67 38.49 79.03
N VAL BA 48 53.59 39.26 78.45
CA VAL BA 48 53.75 39.30 77.00
C VAL BA 48 54.22 37.95 76.50
N LYS BA 49 55.22 37.37 77.16
CA LYS BA 49 55.71 36.05 76.77
C LYS BA 49 54.63 34.99 76.96
N ALA BA 50 53.80 35.14 77.99
CA ALA BA 50 52.69 34.21 78.19
C ALA BA 50 51.68 34.31 77.05
N ASP BA 51 51.35 35.52 76.62
CA ASP BA 51 50.42 35.70 75.50
C ASP BA 51 50.99 35.09 74.23
N LEU BA 52 52.27 35.31 73.97
CA LEU BA 52 52.92 34.75 72.79
C LEU BA 52 52.97 33.22 72.85
N ILE BA 53 53.24 32.67 74.04
CA ILE BA 53 53.23 31.22 74.20
C ILE BA 53 51.84 30.66 73.94
N LEU BA 54 50.80 31.36 74.39
CA LEU BA 54 49.44 30.90 74.12
C LEU BA 54 49.16 30.87 72.62
N THR BA 55 49.64 31.87 71.90
CA THR BA 55 49.50 31.85 70.44
C THR BA 55 50.25 30.67 69.83
N ASP BA 56 51.45 30.38 70.33
CA ASP BA 56 52.21 29.22 69.83
C ASP BA 56 51.47 27.91 70.11
N ILE BA 57 50.89 27.78 71.30
CA ILE BA 57 50.13 26.58 71.64
C ILE BA 57 48.93 26.43 70.72
N LEU BA 58 48.25 27.54 70.42
CA LEU BA 58 47.13 27.49 69.49
C LEU BA 58 47.59 27.01 68.12
N ARG BA 59 48.75 27.50 67.66
CA ARG BA 59 49.29 27.06 66.37
C ARG BA 59 49.58 25.55 66.39
N LEU BA 60 50.18 25.06 67.48
CA LEU BA 60 50.47 23.63 67.59
C LEU BA 60 49.20 22.80 67.54
N LEU BA 61 48.19 23.19 68.33
CA LEU BA 61 46.95 22.43 68.38
C LEU BA 61 46.23 22.45 67.04
N GLU BA 62 46.24 23.60 66.35
CA GLU BA 62 45.66 23.65 65.02
C GLU BA 62 46.43 22.78 64.04
N GLU BA 63 47.75 22.67 64.22
CA GLU BA 63 48.53 21.75 63.40
C GLU BA 63 48.09 20.32 63.63
N GLU BA 64 47.83 19.94 64.89
CA GLU BA 64 47.36 18.59 65.17
C GLU BA 64 45.97 18.35 64.60
N GLY BA 65 45.03 19.24 64.88
CA GLY BA 65 43.72 19.17 64.27
C GLY BA 65 42.59 18.61 65.12
N VAL BA 66 42.50 19.05 66.37
CA VAL BA 66 41.39 18.68 67.26
C VAL BA 66 40.55 19.93 67.50
N LYS BA 67 39.29 19.87 67.05
CA LYS BA 67 38.47 21.09 66.97
C LYS BA 67 38.19 21.67 68.34
N SER BA 68 37.79 20.82 69.29
CA SER BA 68 37.46 21.31 70.63
C SER BA 68 38.67 21.95 71.29
N LEU BA 69 39.83 21.31 71.17
CA LEU BA 69 41.05 21.89 71.70
C LEU BA 69 41.37 23.22 71.02
N ILE BA 70 41.09 23.33 69.73
CA ILE BA 70 41.39 24.54 68.99
C ILE BA 70 40.54 25.71 69.48
N LYS BA 71 39.23 25.50 69.59
CA LYS BA 71 38.37 26.58 70.07
C LYS BA 71 38.68 26.93 71.51
N GLN BA 72 38.99 25.93 72.33
CA GLN BA 72 39.38 26.20 73.71
C GLN BA 72 40.66 27.02 73.77
N ALA BA 73 41.61 26.75 72.88
CA ALA BA 73 42.86 27.50 72.88
C ALA BA 73 42.67 28.94 72.43
N LYS BA 74 41.82 29.17 71.43
CA LYS BA 74 41.56 30.54 70.99
C LYS BA 74 40.86 31.35 72.08
N GLU BA 75 39.80 30.78 72.67
CA GLU BA 75 39.13 31.50 73.76
C GLU BA 75 40.06 31.67 74.95
N LEU BA 76 40.98 30.73 75.17
CA LEU BA 76 41.95 30.88 76.23
C LEU BA 76 42.87 32.06 75.97
N HIS BA 77 43.34 32.21 74.74
CA HIS BA 77 44.19 33.35 74.41
C HIS BA 77 43.47 34.66 74.71
N ILE BA 78 42.25 34.81 74.20
CA ILE BA 78 41.52 36.06 74.38
C ILE BA 78 41.27 36.33 75.87
N GLU BA 79 40.74 35.33 76.58
CA GLU BA 79 40.35 35.56 77.96
C GLU BA 79 41.56 35.76 78.88
N VAL BA 80 42.66 35.05 78.63
CA VAL BA 80 43.85 35.23 79.44
C VAL BA 80 44.45 36.61 79.20
N PHE BA 81 44.43 37.09 77.95
CA PHE BA 81 44.89 38.46 77.71
C PHE BA 81 44.05 39.46 78.50
N LYS BA 82 42.73 39.31 78.46
CA LYS BA 82 41.86 40.22 79.21
C LYS BA 82 42.14 40.14 80.72
N LEU BA 83 42.23 38.92 81.26
CA LEU BA 83 42.43 38.76 82.69
C LEU BA 83 43.78 39.30 83.15
N LEU BA 84 44.84 39.06 82.36
CA LEU BA 84 46.14 39.60 82.72
C LEU BA 84 46.15 41.12 82.63
N LYS BA 85 45.37 41.70 81.71
CA LYS BA 85 45.18 43.15 81.73
C LYS BA 85 44.53 43.59 83.04
N GLU BA 86 43.47 42.90 83.46
CA GLU BA 86 42.77 43.29 84.68
C GLU BA 86 43.60 42.99 85.93
N GLY BA 87 44.39 41.92 85.92
CA GLY BA 87 45.16 41.52 87.06
C GLY BA 87 44.72 40.23 87.73
N GLU BA 88 43.80 39.49 87.12
CA GLU BA 88 43.31 38.22 87.68
C GLU BA 88 44.27 37.10 87.28
N TYR BA 89 45.38 37.02 88.01
CA TYR BA 89 46.39 36.02 87.70
C TYR BA 89 45.88 34.61 87.95
N LYS BA 90 45.17 34.41 89.07
CA LYS BA 90 44.70 33.08 89.44
C LYS BA 90 43.70 32.53 88.44
N GLU BA 91 42.80 33.38 87.94
CA GLU BA 91 41.82 32.94 86.95
C GLU BA 91 42.50 32.52 85.65
N ALA BA 92 43.50 33.29 85.20
CA ALA BA 92 44.23 32.93 84.00
C ALA BA 92 44.99 31.62 84.19
N LYS BA 93 45.64 31.45 85.35
CA LYS BA 93 46.33 30.20 85.64
C LYS BA 93 45.37 29.03 85.65
N ALA BA 94 44.17 29.23 86.21
CA ALA BA 94 43.17 28.17 86.23
C ALA BA 94 42.74 27.80 84.82
N LEU BA 95 42.54 28.79 83.95
CA LEU BA 95 42.14 28.48 82.58
C LEU BA 95 43.24 27.72 81.83
N VAL BA 96 44.50 28.13 82.03
CA VAL BA 96 45.61 27.43 81.38
C VAL BA 96 45.70 26.00 81.90
N GLU BA 97 45.52 25.81 83.21
CA GLU BA 97 45.57 24.47 83.78
C GLU BA 97 44.42 23.61 83.26
N ALA BA 98 43.24 24.21 83.07
CA ALA BA 98 42.12 23.47 82.51
C ALA BA 98 42.42 23.00 81.10
N LEU BA 99 43.00 23.88 80.27
CA LEU BA 99 43.35 23.47 78.92
C LEU BA 99 44.43 22.37 78.93
N ARG BA 100 45.40 22.49 79.84
CA ARG BA 100 46.43 21.46 79.96
C ARG BA 100 45.82 20.11 80.31
N VAL BA 101 44.92 20.09 81.29
CA VAL BA 101 44.27 18.86 81.70
C VAL BA 101 43.45 18.29 80.55
N SER BA 102 42.77 19.16 79.80
CA SER BA 102 41.98 18.68 78.67
C SER BA 102 42.86 18.02 77.61
N VAL BA 103 44.02 18.62 77.30
CA VAL BA 103 44.91 18.05 76.30
C VAL BA 103 45.49 16.72 76.78
N GLU BA 104 45.92 16.66 78.05
CA GLU BA 104 46.44 15.41 78.58
C GLU BA 104 45.37 14.32 78.59
N LEU BA 105 44.13 14.69 78.91
CA LEU BA 105 43.04 13.72 78.89
C LEU BA 105 42.76 13.21 77.49
N TYR BA 106 42.85 14.09 76.49
CA TYR BA 106 42.69 13.62 75.11
C TYR BA 106 43.80 12.64 74.74
N ILE BA 107 45.03 12.94 75.15
CA ILE BA 107 46.14 12.03 74.87
C ILE BA 107 45.87 10.66 75.49
N LEU BA 108 45.46 10.66 76.76
CA LEU BA 108 45.25 9.40 77.46
C LEU BA 108 44.06 8.63 76.86
N ILE BA 109 43.01 9.33 76.44
CA ILE BA 109 41.88 8.66 75.80
C ILE BA 109 42.32 8.00 74.50
N LYS BA 110 43.12 8.71 73.70
CA LYS BA 110 43.59 8.13 72.44
C LYS BA 110 44.46 6.91 72.69
N ARG BA 111 45.37 6.99 73.67
CA ARG BA 111 46.23 5.85 73.99
C ARG BA 111 45.41 4.68 74.48
N GLY BA 112 44.40 4.92 75.33
CA GLY BA 112 43.58 3.84 75.82
C GLY BA 112 42.76 3.18 74.74
N VAL BA 113 42.17 3.98 73.85
CA VAL BA 113 41.33 3.41 72.80
C VAL BA 113 42.17 2.62 71.80
N ARG BA 114 43.34 3.17 71.42
CA ARG BA 114 44.19 2.45 70.47
C ARG BA 114 44.68 1.13 71.04
N GLU BA 115 45.18 1.15 72.27
CA GLU BA 115 45.67 -0.05 72.96
C GLU BA 115 44.57 -1.03 73.33
N GLY BA 116 43.31 -0.73 73.02
CA GLY BA 116 42.22 -1.61 73.40
C GLY BA 116 42.04 -1.75 74.89
N ARG BA 117 42.36 -0.70 75.65
CA ARG BA 117 42.22 -0.76 77.09
C ARG BA 117 40.74 -0.83 77.47
N PRO BA 118 40.42 -1.47 78.60
CA PRO BA 118 39.02 -1.52 79.03
C PRO BA 118 38.50 -0.14 79.39
N ILE BA 119 37.20 0.05 79.18
CA ILE BA 119 36.54 1.32 79.53
C ILE BA 119 36.68 1.61 81.01
N GLU BA 120 36.73 0.56 81.84
CA GLU BA 120 36.78 0.73 83.29
C GLU BA 120 37.99 1.55 83.72
N GLU BA 121 39.18 1.14 83.27
CA GLU BA 121 40.39 1.82 83.73
C GLU BA 121 40.53 3.21 83.09
N ILE BA 122 40.03 3.38 81.87
CA ILE BA 122 40.00 4.70 81.26
C ILE BA 122 39.15 5.64 82.11
N ALA BA 123 37.98 5.19 82.53
CA ALA BA 123 37.11 6.01 83.37
C ALA BA 123 37.76 6.33 84.70
N ARG BA 124 38.43 5.35 85.31
CA ARG BA 124 39.12 5.60 86.57
C ARG BA 124 40.22 6.63 86.40
N GLU BA 125 40.98 6.54 85.30
CA GLU BA 125 42.04 7.51 85.04
C GLU BA 125 41.47 8.91 84.85
N VAL BA 126 40.38 9.03 84.09
CA VAL BA 126 39.76 10.34 83.87
C VAL BA 126 39.31 10.94 85.20
N GLY BA 127 38.68 10.12 86.04
CA GLY BA 127 38.25 10.62 87.34
C GLY BA 127 39.42 11.06 88.20
N ARG BA 128 40.50 10.28 88.21
CA ARG BA 128 41.68 10.65 88.99
C ARG BA 128 42.27 11.98 88.52
N LYS BA 129 42.35 12.17 87.19
CA LYS BA 129 42.89 13.41 86.66
C LYS BA 129 42.01 14.60 87.04
N LEU BA 130 40.69 14.44 86.94
CA LEU BA 130 39.79 15.53 87.31
C LEU BA 130 39.91 15.86 88.79
N VAL BA 131 40.03 14.85 89.65
CA VAL BA 131 40.16 15.11 91.07
C VAL BA 131 41.47 15.82 91.38
N GLU BA 132 42.55 15.43 90.70
CA GLU BA 132 43.83 16.10 90.91
C GLU BA 132 43.75 17.56 90.48
N LEU BA 133 43.11 17.84 89.35
CA LEU BA 133 42.93 19.22 88.93
C LEU BA 133 42.12 20.01 89.95
N ALA BA 134 41.04 19.41 90.47
CA ALA BA 134 40.22 20.10 91.45
C ALA BA 134 41.00 20.40 92.72
N LYS BA 135 41.83 19.45 93.17
CA LYS BA 135 42.66 19.68 94.34
C LYS BA 135 43.65 20.81 94.10
N ARG BA 136 44.27 20.83 92.91
CA ARG BA 136 45.19 21.91 92.57
C ARG BA 136 44.50 23.26 92.62
N LEU BA 137 43.34 23.37 91.96
CA LEU BA 137 42.62 24.64 91.93
C LEU BA 137 42.17 25.06 93.31
N GLU BA 138 41.77 24.11 94.15
CA GLU BA 138 41.39 24.43 95.52
C GLU BA 138 42.59 24.95 96.30
N LYS BA 139 43.77 24.38 96.06
CA LYS BA 139 44.98 24.88 96.70
C LYS BA 139 45.30 26.30 96.24
N GLU BA 140 45.09 26.58 94.95
CA GLU BA 140 45.38 27.92 94.44
C GLU BA 140 44.51 28.97 95.11
N GLY BA 141 43.21 28.69 95.29
CA GLY BA 141 42.32 29.63 95.91
C GLY BA 141 41.07 29.90 95.10
N ILE BA 142 40.88 29.15 94.02
CA ILE BA 142 39.68 29.29 93.19
C ILE BA 142 38.49 28.67 93.91
N SER BA 143 37.36 29.36 93.88
CA SER BA 143 36.16 28.88 94.57
C SER BA 143 35.61 27.63 93.88
N TRP BA 144 34.76 26.92 94.62
CA TRP BA 144 34.29 25.61 94.15
C TRP BA 144 33.29 25.73 93.01
N GLU BA 145 32.56 26.84 92.92
CA GLU BA 145 31.66 27.04 91.78
C GLU BA 145 32.44 27.14 90.47
N GLU BA 146 33.53 27.91 90.50
CA GLU BA 146 34.39 28.03 89.31
C GLU BA 146 35.04 26.69 88.99
N ILE BA 147 35.48 25.94 90.02
CA ILE BA 147 36.07 24.63 89.80
C ILE BA 147 35.08 23.70 89.12
N ILE BA 148 33.82 23.70 89.60
CA ILE BA 148 32.81 22.83 89.02
C ILE BA 148 32.53 23.22 87.58
N GLU BA 149 32.43 24.54 87.30
CA GLU BA 149 32.18 24.97 85.93
C GLU BA 149 33.32 24.57 84.99
N LEU BA 150 34.56 24.75 85.43
CA LEU BA 150 35.69 24.32 84.62
C LEU BA 150 35.64 22.81 84.37
N ILE BA 151 35.31 22.04 85.41
CA ILE BA 151 35.25 20.60 85.27
C ILE BA 151 34.17 20.19 84.27
N GLU BA 152 33.01 20.85 84.31
CA GLU BA 152 31.96 20.51 83.34
C GLU BA 152 32.34 20.91 81.92
N ARG BA 153 33.06 22.02 81.74
CA ARG BA 153 33.56 22.33 80.40
C ARG BA 153 34.52 21.25 79.91
N ILE BA 154 35.42 20.80 80.78
CA ILE BA 154 36.32 19.71 80.42
C ILE BA 154 35.53 18.44 80.09
N LEU BA 155 34.46 18.19 80.83
CA LEU BA 155 33.64 17.00 80.59
C LEU BA 155 32.92 17.06 79.26
N GLU BA 156 32.45 18.24 78.86
CA GLU BA 156 31.85 18.39 77.54
C GLU BA 156 32.89 18.17 76.44
N SER BA 157 34.11 18.67 76.65
CA SER BA 157 35.19 18.41 75.71
C SER BA 157 35.47 16.91 75.61
N ILE BA 158 35.49 16.22 76.76
CA ILE BA 158 35.71 14.78 76.78
C ILE BA 158 34.59 14.06 76.03
N ARG BA 159 33.35 14.50 76.22
CA ARG BA 159 32.23 13.88 75.52
C ARG BA 159 32.40 14.01 74.01
N GLU BA 160 32.79 15.19 73.53
CA GLU BA 160 33.01 15.37 72.10
C GLU BA 160 34.16 14.49 71.61
N ILE BA 161 35.25 14.42 72.37
CA ILE BA 161 36.40 13.61 71.96
C ILE BA 161 36.01 12.14 71.88
N LEU BA 162 35.28 11.66 72.88
CA LEU BA 162 34.87 10.25 72.89
C LEU BA 162 33.92 9.95 71.74
N LYS BA 163 32.99 10.86 71.45
CA LYS BA 163 32.11 10.67 70.31
C LYS BA 163 32.90 10.65 69.01
N GLU BA 164 34.01 11.39 68.94
CA GLU BA 164 34.84 11.36 67.74
C GLU BA 164 35.45 9.98 67.53
N GLU BA 165 35.87 9.32 68.60
CA GLU BA 165 36.51 8.01 68.49
C GLU BA 165 35.56 6.90 68.08
N GLY BA 166 34.30 7.20 67.81
CA GLY BA 166 33.35 6.18 67.41
C GLY BA 166 32.79 5.33 68.53
N LEU BA 167 33.03 5.71 69.78
CA LEU BA 167 32.47 4.95 70.89
C LEU BA 167 30.95 5.16 70.95
N PRO BA 168 30.20 4.13 71.33
CA PRO BA 168 28.75 4.30 71.47
C PRO BA 168 28.40 5.08 72.73
N GLU BA 169 27.12 5.47 72.80
CA GLU BA 169 26.67 6.38 73.85
C GLU BA 169 26.78 5.76 75.24
N SER BA 170 26.63 4.44 75.35
CA SER BA 170 26.58 3.80 76.66
C SER BA 170 27.91 3.95 77.41
N GLU BA 171 29.01 3.64 76.75
CA GLU BA 171 30.31 3.75 77.41
C GLU BA 171 30.68 5.20 77.67
N ILE BA 172 30.31 6.12 76.76
CA ILE BA 172 30.57 7.53 76.99
C ILE BA 172 29.85 8.00 78.25
N ASN BA 173 28.57 7.65 78.37
CA ASN BA 173 27.80 8.02 79.55
C ASN BA 173 28.37 7.38 80.81
N ARG BA 174 28.84 6.14 80.70
CA ARG BA 174 29.44 5.46 81.84
C ARG BA 174 30.69 6.19 82.32
N ILE BA 175 31.57 6.56 81.39
CA ILE BA 175 32.80 7.25 81.76
C ILE BA 175 32.49 8.60 82.39
N LEU BA 176 31.57 9.35 81.77
CA LEU BA 176 31.22 10.67 82.31
C LEU BA 176 30.61 10.57 83.70
N ALA BA 177 29.70 9.60 83.89
CA ALA BA 177 29.09 9.41 85.20
C ALA BA 177 30.11 9.04 86.25
N VAL BA 178 31.07 8.17 85.89
CA VAL BA 178 32.11 7.78 86.85
C VAL BA 178 32.95 8.98 87.24
N SER BA 179 33.33 9.81 86.27
CA SER BA 179 34.15 10.99 86.58
C SER BA 179 33.40 11.95 87.49
N ILE BA 180 32.13 12.23 87.17
CA ILE BA 180 31.33 13.11 88.01
C ILE BA 180 31.20 12.54 89.42
N LEU BA 181 30.99 11.23 89.53
CA LEU BA 181 30.86 10.61 90.82
C LEU BA 181 32.17 10.64 91.60
N GLU BA 182 33.31 10.58 90.93
CA GLU BA 182 34.59 10.70 91.63
C GLU BA 182 34.78 12.10 92.20
N VAL BA 183 34.40 13.13 91.43
CA VAL BA 183 34.45 14.50 91.96
C VAL BA 183 33.51 14.63 93.16
N ALA BA 184 32.30 14.07 93.04
CA ALA BA 184 31.36 14.13 94.15
C ALA BA 184 31.88 13.37 95.37
N LYS BA 185 32.59 12.26 95.14
CA LYS BA 185 33.18 11.51 96.24
C LYS BA 185 34.25 12.33 96.96
N TYR BA 186 35.07 13.06 96.20
CA TYR BA 186 36.03 13.96 96.83
C TYR BA 186 35.33 15.01 97.67
N LEU BA 187 34.24 15.58 97.14
CA LEU BA 187 33.49 16.57 97.91
C LEU BA 187 32.92 15.96 99.20
N LEU BA 188 32.38 14.74 99.11
CA LEU BA 188 31.83 14.08 100.29
C LEU BA 188 32.91 13.81 101.33
N GLU BA 189 34.10 13.39 100.87
CA GLU BA 189 35.21 13.19 101.80
C GLU BA 189 35.60 14.49 102.49
N LYS BA 190 35.60 15.60 101.73
CA LYS BA 190 35.86 16.90 102.35
C LYS BA 190 34.80 17.23 103.41
N LEU BA 191 33.53 16.98 103.10
CA LEU BA 191 32.45 17.27 104.05
C LEU BA 191 32.55 16.37 105.29
N GLY BA 192 32.88 15.09 105.10
CA GLY BA 192 33.02 14.19 106.23
C GLY BA 192 31.86 13.23 106.40
N PHE BA 193 31.29 12.77 105.30
CA PHE BA 193 30.18 11.81 105.30
C PHE BA 193 30.71 10.50 104.75
N ASP BA 194 31.22 9.65 105.65
CA ASP BA 194 31.91 8.44 105.23
C ASP BA 194 30.96 7.40 104.64
N TYR BA 195 29.78 7.24 105.24
CA TYR BA 195 28.84 6.22 104.75
C TYR BA 195 28.38 6.53 103.34
N LEU BA 196 28.07 7.80 103.06
CA LEU BA 196 27.73 8.20 101.71
C LEU BA 196 28.89 7.96 100.75
N VAL BA 197 30.12 8.13 101.24
CA VAL BA 197 31.29 7.82 100.42
C VAL BA 197 31.28 6.35 100.04
N GLU BA 198 31.07 5.46 101.01
CA GLU BA 198 31.07 4.03 100.75
C GLU BA 198 29.98 3.63 99.77
N LEU BA 199 28.77 4.18 99.96
CA LEU BA 199 27.71 3.94 98.99
C LEU BA 199 28.10 4.45 97.60
N LEU BA 200 28.88 5.53 97.55
CA LEU BA 200 29.32 6.05 96.26
C LEU BA 200 30.31 5.11 95.58
N ASP BA 201 31.25 4.52 96.34
CA ASP BA 201 32.12 3.52 95.72
C ASP BA 201 31.31 2.33 95.23
N ARG BA 202 30.32 1.91 96.00
CA ARG BA 202 29.47 0.80 95.55
C ARG BA 202 28.79 1.13 94.22
N ALA BA 203 28.22 2.33 94.13
CA ALA BA 203 27.54 2.73 92.90
C ALA BA 203 28.52 2.85 91.74
N ILE BA 204 29.73 3.37 92.00
CA ILE BA 204 30.73 3.49 90.95
C ILE BA 204 31.15 2.13 90.43
N GLU BA 205 31.36 1.17 91.34
CA GLU BA 205 31.68 -0.19 90.93
C GLU BA 205 30.56 -0.81 90.10
N TYR BA 206 29.31 -0.58 90.51
CA TYR BA 206 28.20 -1.13 89.75
C TYR BA 206 28.12 -0.51 88.36
N ILE BA 207 28.37 0.79 88.25
CA ILE BA 207 28.38 1.45 86.94
C ILE BA 207 29.50 0.88 86.08
N LEU BA 208 30.68 0.69 86.67
CA LEU BA 208 31.84 0.23 85.91
C LEU BA 208 31.66 -1.20 85.43
N LYS BA 209 31.07 -2.06 86.25
CA LYS BA 209 30.85 -3.45 85.88
C LYS BA 209 29.72 -3.63 84.87
N GLY BA 210 28.95 -2.58 84.59
CA GLY BA 210 27.88 -2.64 83.62
C GLY BA 210 26.49 -2.76 84.19
N ARG BA 211 26.35 -2.98 85.48
CA ARG BA 211 25.04 -3.13 86.12
C ARG BA 211 24.46 -1.74 86.34
N SER BA 212 23.58 -1.32 85.43
CA SER BA 212 23.11 0.06 85.39
C SER BA 212 21.91 0.31 86.30
N GLU BA 213 20.91 -0.58 86.28
CA GLU BA 213 19.69 -0.35 87.03
C GLU BA 213 19.95 -0.39 88.54
N LEU BA 214 20.79 -1.31 88.99
CA LEU BA 214 21.17 -1.34 90.40
C LEU BA 214 21.87 -0.04 90.79
N ALA BA 215 22.73 0.46 89.91
CA ALA BA 215 23.42 1.72 90.17
C ALA BA 215 22.44 2.88 90.25
N VAL BA 216 21.43 2.89 89.37
CA VAL BA 216 20.43 3.95 89.40
C VAL BA 216 19.64 3.93 90.70
N HIS BA 217 19.26 2.73 91.16
CA HIS BA 217 18.54 2.64 92.43
C HIS BA 217 19.42 3.08 93.60
N LEU BA 218 20.70 2.68 93.57
CA LEU BA 218 21.64 3.13 94.60
C LEU BA 218 21.79 4.65 94.59
N LEU BA 219 21.84 5.24 93.40
CA LEU BA 219 21.98 6.69 93.29
C LEU BA 219 20.72 7.39 93.78
N ASP BA 220 19.55 6.79 93.56
CA ASP BA 220 18.32 7.34 94.13
C ASP BA 220 18.36 7.35 95.65
N ASP BA 221 18.81 6.24 96.25
CA ASP BA 221 18.92 6.19 97.70
C ASP BA 221 19.94 7.22 98.22
N ILE BA 222 21.05 7.37 97.50
CA ILE BA 222 22.07 8.35 97.88
C ILE BA 222 21.51 9.76 97.80
N ILE BA 223 20.73 10.04 96.75
CA ILE BA 223 20.13 11.36 96.60
C ILE BA 223 19.16 11.64 97.74
N ARG BA 224 18.36 10.65 98.13
CA ARG BA 224 17.47 10.83 99.27
C ARG BA 224 18.25 11.13 100.55
N ARG BA 225 19.34 10.39 100.77
CA ARG BA 225 20.15 10.64 101.97
C ARG BA 225 20.78 12.03 101.95
N VAL BA 226 21.23 12.48 100.78
CA VAL BA 226 21.83 13.80 100.67
C VAL BA 226 20.80 14.88 100.94
N HIS BA 227 19.59 14.72 100.42
CA HIS BA 227 18.53 15.68 100.69
C HIS BA 227 18.17 15.70 102.16
N GLU BA 228 18.17 14.53 102.81
CA GLU BA 228 17.94 14.48 104.26
C GLU BA 228 19.02 15.26 105.01
N GLU BA 229 20.28 15.10 104.61
CA GLU BA 229 21.36 15.83 105.26
C GLU BA 229 21.21 17.34 105.05
N ILE BA 230 20.85 17.75 103.84
CA ILE BA 230 20.65 19.17 103.56
C ILE BA 230 19.53 19.74 104.42
N GLU BA 231 18.41 19.01 104.51
CA GLU BA 231 17.30 19.45 105.34
C GLU BA 231 17.69 19.51 106.81
N ARG BA 232 18.55 18.59 107.26
CA ARG BA 232 19.03 18.66 108.64
C ARG BA 232 19.87 19.91 108.87
N TYR BA 233 20.68 20.30 107.88
CA TYR BA 233 21.55 21.46 108.07
C TYR BA 233 20.73 22.75 108.25
N GLY BA 234 19.68 22.92 107.49
CA GLY BA 234 18.78 24.05 107.68
C GLY BA 234 19.20 25.26 106.83
N ASP BA 235 19.50 26.37 107.49
CA ASP BA 235 19.88 27.61 106.81
C ASP BA 235 21.38 27.78 106.66
N ASP BA 236 22.18 26.94 107.31
CA ASP BA 236 23.64 27.05 107.29
C ASP BA 236 24.29 26.00 106.39
N VAL BA 237 23.63 25.66 105.28
CA VAL BA 237 24.11 24.61 104.39
C VAL BA 237 25.38 25.07 103.69
N PRO BA 238 26.49 24.35 103.81
CA PRO BA 238 27.67 24.69 103.03
C PRO BA 238 27.45 24.46 101.54
N GLU BA 239 28.16 25.24 100.72
CA GLU BA 239 28.00 25.16 99.28
C GLU BA 239 28.47 23.83 98.70
N GLU BA 240 29.38 23.15 99.40
CA GLU BA 240 29.85 21.85 98.92
C GLU BA 240 28.72 20.84 98.88
N LEU BA 241 27.81 20.91 99.87
CA LEU BA 241 26.67 19.98 99.88
C LEU BA 241 25.76 20.22 98.69
N LEU BA 242 25.50 21.48 98.33
CA LEU BA 242 24.63 21.76 97.19
C LEU BA 242 25.30 21.35 95.88
N LEU BA 243 26.60 21.62 95.75
CA LEU BA 243 27.32 21.20 94.55
C LEU BA 243 27.33 19.67 94.44
N LEU BA 244 27.52 18.98 95.56
CA LEU BA 244 27.45 17.53 95.57
C LEU BA 244 26.08 17.03 95.16
N ASP BA 245 25.02 17.67 95.66
CA ASP BA 245 23.66 17.33 95.26
C ASP BA 245 23.50 17.42 93.75
N LEU BA 246 23.92 18.54 93.16
CA LEU BA 246 23.79 18.72 91.72
C LEU BA 246 24.61 17.67 90.96
N LEU BA 247 25.83 17.40 91.42
CA LEU BA 247 26.69 16.43 90.75
C LEU BA 247 26.08 15.04 90.77
N VAL BA 248 25.58 14.61 91.94
CA VAL BA 248 24.99 13.27 92.04
C VAL BA 248 23.73 13.19 91.19
N GLN BA 249 22.94 14.27 91.13
CA GLN BA 249 21.74 14.24 90.31
C GLN BA 249 22.09 14.09 88.82
N LYS BA 250 23.08 14.85 88.34
CA LYS BA 250 23.45 14.74 86.93
C LYS BA 250 24.10 13.39 86.63
N ALA BA 251 24.86 12.83 87.58
CA ALA BA 251 25.41 11.51 87.39
C ALA BA 251 24.32 10.45 87.32
N ARG BA 252 23.29 10.58 88.14
CA ARG BA 252 22.16 9.66 88.08
C ARG BA 252 21.43 9.78 86.74
N ASP BA 253 21.28 11.00 86.24
CA ASP BA 253 20.67 11.17 84.91
C ASP BA 253 21.49 10.48 83.84
N LEU BA 254 22.82 10.64 83.87
CA LEU BA 254 23.67 9.97 82.90
C LEU BA 254 23.59 8.47 83.02
N ALA BA 255 23.57 7.95 84.25
CA ALA BA 255 23.49 6.50 84.46
C ALA BA 255 22.16 5.96 83.93
N ALA BA 256 21.08 6.71 84.12
CA ALA BA 256 19.80 6.31 83.54
C ALA BA 256 19.88 6.30 82.01
N ARG BA 257 20.54 7.30 81.42
CA ARG BA 257 20.65 7.36 79.97
C ARG BA 257 21.58 6.31 79.38
N ILE BA 258 22.32 5.58 80.21
CA ILE BA 258 23.25 4.57 79.72
C ILE BA 258 22.52 3.52 78.88
N MET CA 25 16.02 54.97 65.51
CA MET CA 25 14.73 54.69 66.14
C MET CA 25 14.24 55.86 66.98
N GLU CA 26 14.48 57.08 66.51
CA GLU CA 26 14.11 58.26 67.28
C GLU CA 26 12.61 58.42 67.40
N LYS CA 27 11.83 57.78 66.53
CA LYS CA 27 10.38 57.83 66.65
C LYS CA 27 9.91 57.21 67.95
N LEU CA 28 10.53 56.10 68.36
CA LEU CA 28 10.15 55.45 69.60
C LEU CA 28 10.59 56.25 70.82
N GLU CA 29 11.72 56.95 70.74
CA GLU CA 29 12.09 57.87 71.82
C GLU CA 29 11.10 59.03 71.92
N VAL CA 30 10.63 59.53 70.78
CA VAL CA 30 9.60 60.56 70.80
C VAL CA 30 8.32 60.02 71.44
N ALA CA 31 7.98 58.78 71.12
CA ALA CA 31 6.82 58.14 71.74
C ALA CA 31 6.99 58.01 73.25
N VAL CA 32 8.19 57.66 73.71
CA VAL CA 32 8.45 57.55 75.14
C VAL CA 32 8.31 58.91 75.82
N GLU CA 33 8.83 59.96 75.18
CA GLU CA 33 8.69 61.31 75.74
C GLU CA 33 7.23 61.72 75.79
N HIS CA 34 6.48 61.42 74.75
CA HIS CA 34 5.05 61.65 74.79
C HIS CA 34 4.39 60.93 75.94
N LEU CA 35 4.72 59.65 76.15
CA LEU CA 35 4.13 58.89 77.24
C LEU CA 35 4.43 59.53 78.59
N LYS CA 36 5.66 60.01 78.77
CA LYS CA 36 5.97 60.75 80.00
C LYS CA 36 5.09 62.00 80.11
N GLU CA 37 4.91 62.71 79.00
CA GLU CA 37 4.04 63.89 79.00
C GLU CA 37 2.61 63.51 79.37
N ALA CA 38 2.13 62.37 78.86
CA ALA CA 38 0.79 61.92 79.19
C ALA CA 38 0.64 61.61 80.67
N ILE CA 39 1.64 60.96 81.26
CA ILE CA 39 1.60 60.70 82.70
C ILE CA 39 1.55 62.00 83.48
N GLU CA 40 2.38 62.97 83.08
CA GLU CA 40 2.38 64.26 83.76
C GLU CA 40 1.03 64.98 83.61
N LEU CA 41 0.42 64.86 82.43
CA LEU CA 41 -0.89 65.49 82.20
C LEU CA 41 -1.98 64.86 83.04
N ILE CA 42 -2.00 63.52 83.12
CA ILE CA 42 -2.94 62.85 84.00
C ILE CA 42 -2.74 63.30 85.45
N GLU CA 43 -1.47 63.46 85.85
CA GLU CA 43 -1.20 63.94 87.20
C GLU CA 43 -1.74 65.35 87.41
N LYS CA 44 -1.59 66.22 86.40
CA LYS CA 44 -2.04 67.60 86.54
C LYS CA 44 -3.56 67.67 86.61
N GLY CA 45 -4.25 67.00 85.70
CA GLY CA 45 -5.70 67.01 85.72
C GLY CA 45 -6.36 67.26 84.37
N GLU CA 46 -5.55 67.38 83.32
CA GLU CA 46 -6.07 67.58 81.97
C GLU CA 46 -6.27 66.23 81.30
N TYR CA 47 -7.50 65.75 81.29
CA TYR CA 47 -7.82 64.43 80.74
C TYR CA 47 -8.08 64.45 79.25
N VAL CA 48 -8.61 65.56 78.73
CA VAL CA 48 -8.81 65.67 77.28
C VAL CA 48 -7.46 65.67 76.57
N LYS CA 49 -6.51 66.45 77.08
CA LYS CA 49 -5.19 66.49 76.49
C LYS CA 49 -4.49 65.14 76.61
N ALA CA 50 -4.74 64.42 77.71
CA ALA CA 50 -4.19 63.08 77.87
C ALA CA 50 -4.75 62.12 76.83
N ASP CA 51 -6.07 62.18 76.59
CA ASP CA 51 -6.69 61.33 75.58
C ASP CA 51 -6.13 61.64 74.19
N LEU CA 52 -5.97 62.93 73.87
CA LEU CA 52 -5.42 63.32 72.59
C LEU CA 52 -3.96 62.88 72.44
N ILE CA 53 -3.18 62.99 73.52
CA ILE CA 53 -1.80 62.53 73.50
C ILE CA 53 -1.74 61.02 73.27
N LEU CA 54 -2.65 60.27 73.88
CA LEU CA 54 -2.68 58.84 73.65
C LEU CA 54 -2.96 58.52 72.19
N THR CA 55 -3.86 59.28 71.57
CA THR CA 55 -4.10 59.10 70.13
C THR CA 55 -2.85 59.41 69.32
N ASP CA 56 -2.12 60.47 69.68
CA ASP CA 56 -0.89 60.80 68.99
C ASP CA 56 0.16 59.70 69.14
N ILE CA 57 0.28 59.13 70.34
CA ILE CA 57 1.22 58.05 70.58
C ILE CA 57 0.86 56.83 69.75
N LEU CA 58 -0.44 56.53 69.65
CA LEU CA 58 -0.88 55.43 68.79
C LEU CA 58 -0.49 55.68 67.34
N ARG CA 59 -0.65 56.92 66.87
CA ARG CA 59 -0.26 57.24 65.51
C ARG CA 59 1.23 57.05 65.29
N LEU CA 60 2.04 57.50 66.26
CA LEU CA 60 3.50 57.32 66.16
C LEU CA 60 3.87 55.84 66.11
N LEU CA 61 3.30 55.04 67.01
CA LEU CA 61 3.64 53.62 67.05
C LEU CA 61 3.21 52.90 65.78
N GLU CA 62 2.04 53.27 65.25
CA GLU CA 62 1.61 52.69 63.97
C GLU CA 62 2.51 53.12 62.84
N GLU CA 63 3.05 54.33 62.90
CA GLU CA 63 4.04 54.76 61.93
C GLU CA 63 5.29 53.90 62.00
N GLU CA 64 5.75 53.57 63.21
CA GLU CA 64 6.92 52.70 63.35
C GLU CA 64 6.62 51.28 62.85
N GLY CA 65 5.52 50.69 63.31
CA GLY CA 65 5.10 49.40 62.79
C GLY CA 65 5.40 48.18 63.65
N VAL CA 66 5.15 48.27 64.95
CA VAL CA 66 5.28 47.13 65.86
C VAL CA 66 3.88 46.74 66.31
N LYS CA 67 3.47 45.52 65.96
CA LYS CA 67 2.07 45.11 66.10
C LYS CA 67 1.63 45.08 67.56
N SER CA 68 2.45 44.45 68.42
CA SER CA 68 2.09 44.33 69.83
C SER CA 68 1.96 45.70 70.47
N LEU CA 69 2.91 46.60 70.19
CA LEU CA 69 2.81 47.96 70.70
C LEU CA 69 1.56 48.66 70.17
N ILE CA 70 1.19 48.39 68.92
CA ILE CA 70 0.03 49.04 68.34
C ILE CA 70 -1.25 48.63 69.04
N LYS CA 71 -1.45 47.31 69.22
CA LYS CA 71 -2.66 46.86 69.89
C LYS CA 71 -2.69 47.31 71.34
N GLN CA 72 -1.52 47.30 72.00
CA GLN CA 72 -1.45 47.80 73.37
C GLN CA 72 -1.83 49.27 73.44
N ALA CA 73 -1.41 50.06 72.45
CA ALA CA 73 -1.72 51.49 72.47
C ALA CA 73 -3.20 51.74 72.22
N LYS CA 74 -3.83 50.98 71.32
CA LYS CA 74 -5.26 51.15 71.08
C LYS CA 74 -6.07 50.79 72.32
N GLU CA 75 -5.78 49.63 72.91
CA GLU CA 75 -6.50 49.25 74.13
C GLU CA 75 -6.20 50.22 75.26
N LEU CA 76 -5.00 50.79 75.29
CA LEU CA 76 -4.68 51.80 76.29
C LEU CA 76 -5.55 53.03 76.12
N HIS CA 77 -5.72 53.49 74.88
CA HIS CA 77 -6.58 54.65 74.65
C HIS CA 77 -7.98 54.39 75.16
N ILE CA 78 -8.58 53.26 74.76
CA ILE CA 78 -9.95 52.97 75.17
C ILE CA 78 -10.07 52.87 76.69
N GLU CA 79 -9.19 52.07 77.31
CA GLU CA 79 -9.32 51.81 78.73
C GLU CA 79 -8.98 53.03 79.57
N VAL CA 80 -8.02 53.85 79.15
CA VAL CA 80 -7.71 55.06 79.89
C VAL CA 80 -8.85 56.06 79.79
N PHE CA 81 -9.49 56.16 78.63
CA PHE CA 81 -10.67 57.02 78.52
C PHE CA 81 -11.75 56.58 79.50
N LYS CA 82 -12.03 55.28 79.54
CA LYS CA 82 -13.04 54.76 80.47
C LYS CA 82 -12.66 55.04 81.92
N LEU CA 83 -11.41 54.76 82.28
CA LEU CA 83 -10.98 54.93 83.67
C LEU CA 83 -11.00 56.40 84.09
N LEU CA 84 -10.57 57.30 83.21
CA LEU CA 84 -10.62 58.72 83.53
C LEU CA 84 -12.05 59.21 83.64
N LYS CA 85 -12.97 58.62 82.86
CA LYS CA 85 -14.39 58.90 83.09
C LYS CA 85 -14.81 58.47 84.48
N GLU CA 86 -14.42 57.26 84.89
CA GLU CA 86 -14.83 56.76 86.20
C GLU CA 86 -14.11 57.48 87.33
N GLY CA 87 -12.87 57.89 87.12
CA GLY CA 87 -12.08 58.53 88.16
C GLY CA 87 -10.91 57.71 88.68
N GLU CA 88 -10.58 56.59 88.04
CA GLU CA 88 -9.47 55.75 88.46
C GLU CA 88 -8.17 56.27 87.86
N TYR CA 89 -7.65 57.33 88.48
CA TYR CA 89 -6.44 57.96 87.98
C TYR CA 89 -5.23 57.03 88.08
N LYS CA 90 -5.10 56.33 89.21
CA LYS CA 90 -3.94 55.47 89.43
C LYS CA 90 -3.89 54.32 88.44
N GLU CA 91 -5.04 53.73 88.13
CA GLU CA 91 -5.07 52.63 87.16
C GLU CA 91 -4.66 53.10 85.77
N ALA CA 92 -5.13 54.27 85.36
CA ALA CA 92 -4.74 54.82 84.07
C ALA CA 92 -3.25 55.14 84.02
N LYS CA 93 -2.73 55.73 85.10
CA LYS CA 93 -1.30 55.99 85.17
C LYS CA 93 -0.50 54.71 85.10
N ALA CA 94 -0.97 53.65 85.77
CA ALA CA 94 -0.29 52.37 85.73
C ALA CA 94 -0.27 51.80 84.31
N LEU CA 95 -1.40 51.90 83.59
CA LEU CA 95 -1.44 51.39 82.23
C LEU CA 95 -0.50 52.18 81.31
N VAL CA 96 -0.45 53.50 81.47
CA VAL CA 96 0.46 54.30 80.66
C VAL CA 96 1.91 53.95 80.97
N GLU CA 97 2.22 53.77 82.26
CA GLU CA 97 3.58 53.40 82.64
C GLU CA 97 3.95 52.02 82.10
N ALA CA 98 2.99 51.09 82.09
CA ALA CA 98 3.26 49.77 81.51
C ALA CA 98 3.57 49.86 80.03
N LEU CA 99 2.81 50.68 79.28
CA LEU CA 99 3.11 50.84 77.86
C LEU CA 99 4.47 51.51 77.66
N ARG CA 100 4.80 52.49 78.50
CA ARG CA 100 6.10 53.14 78.41
C ARG CA 100 7.23 52.15 78.62
N VAL CA 101 7.11 51.32 79.66
CA VAL CA 101 8.14 50.32 79.95
C VAL CA 101 8.25 49.33 78.80
N SER CA 102 7.11 48.95 78.22
CA SER CA 102 7.14 48.02 77.10
C SER CA 102 7.88 48.60 75.89
N VAL CA 103 7.63 49.88 75.59
CA VAL CA 103 8.30 50.52 74.45
C VAL CA 103 9.80 50.65 74.71
N GLU CA 104 10.18 51.09 75.92
CA GLU CA 104 11.59 51.19 76.26
C GLU CA 104 12.28 49.82 76.19
N LEU CA 105 11.59 48.78 76.66
CA LEU CA 105 12.16 47.44 76.60
C LEU CA 105 12.35 46.98 75.16
N TYR CA 106 11.40 47.30 74.27
CA TYR CA 106 11.58 46.96 72.87
C TYR CA 106 12.80 47.70 72.30
N ILE CA 107 12.96 48.98 72.65
CA ILE CA 107 14.12 49.74 72.16
C ILE CA 107 15.41 49.07 72.62
N LEU CA 108 15.48 48.71 73.90
CA LEU CA 108 16.69 48.11 74.44
C LEU CA 108 16.97 46.74 73.84
N ILE CA 109 15.91 45.96 73.59
CA ILE CA 109 16.10 44.65 72.96
C ILE CA 109 16.66 44.82 71.56
N LYS CA 110 16.13 45.78 70.80
CA LYS CA 110 16.64 46.00 69.44
C LYS CA 110 18.09 46.45 69.46
N ARG CA 111 18.43 47.37 70.37
CA ARG CA 111 19.81 47.83 70.47
C ARG CA 111 20.75 46.68 70.88
N GLY CA 112 20.31 45.84 71.81
CA GLY CA 112 21.16 44.73 72.22
C GLY CA 112 21.37 43.70 71.13
N VAL CA 113 20.30 43.38 70.40
CA VAL CA 113 20.41 42.37 69.34
C VAL CA 113 21.27 42.89 68.19
N ARG CA 114 21.07 44.15 67.80
CA ARG CA 114 21.85 44.71 66.70
C ARG CA 114 23.33 44.76 67.06
N GLU CA 115 23.66 45.29 68.24
CA GLU CA 115 25.03 45.39 68.72
C GLU CA 115 25.67 44.05 69.05
N GLY CA 116 24.95 42.94 68.87
CA GLY CA 116 25.49 41.64 69.21
C GLY CA 116 25.79 41.47 70.68
N ARG CA 117 25.02 42.13 71.55
CA ARG CA 117 25.24 42.01 72.98
C ARG CA 117 24.90 40.60 73.45
N PRO CA 118 25.56 40.13 74.50
CA PRO CA 118 25.25 38.80 75.03
C PRO CA 118 23.83 38.75 75.60
N ILE CA 119 23.22 37.57 75.51
CA ILE CA 119 21.88 37.36 76.07
C ILE CA 119 21.88 37.63 77.57
N GLU CA 120 22.99 37.36 78.24
CA GLU CA 120 23.05 37.50 79.70
C GLU CA 120 22.73 38.93 80.13
N GLU CA 121 23.42 39.91 79.56
CA GLU CA 121 23.22 41.29 80.01
C GLU CA 121 21.88 41.84 79.55
N ILE CA 122 21.38 41.38 78.40
CA ILE CA 122 20.03 41.75 77.97
C ILE CA 122 19.01 41.28 78.99
N ALA CA 123 19.14 40.03 79.44
CA ALA CA 123 18.23 39.49 80.43
C ALA CA 123 18.31 40.26 81.75
N ARG CA 124 19.54 40.59 82.18
CA ARG CA 124 19.70 41.35 83.41
C ARG CA 124 19.05 42.73 83.29
N GLU CA 125 19.21 43.39 82.14
CA GLU CA 125 18.59 44.69 81.93
C GLU CA 125 17.07 44.60 81.97
N VAL CA 126 16.50 43.58 81.31
CA VAL CA 126 15.06 43.40 81.31
C VAL CA 126 14.54 43.20 82.74
N GLY CA 127 15.23 42.36 83.50
CA GLY CA 127 14.83 42.16 84.89
C GLY CA 127 14.91 43.43 85.71
N ARG CA 128 15.97 44.21 85.53
CA ARG CA 128 16.11 45.47 86.27
C ARG CA 128 14.98 46.43 85.93
N LYS CA 129 14.63 46.53 84.64
CA LYS CA 129 13.55 47.42 84.24
C LYS CA 129 12.22 46.98 84.84
N LEU CA 130 11.94 45.67 84.81
CA LEU CA 130 10.70 45.17 85.39
C LEU CA 130 10.63 45.43 86.89
N VAL CA 131 11.76 45.25 87.59
CA VAL CA 131 11.76 45.49 89.03
C VAL CA 131 11.55 46.97 89.32
N GLU CA 132 12.15 47.85 88.52
CA GLU CA 132 11.94 49.29 88.73
C GLU CA 132 10.48 49.67 88.49
N LEU CA 133 9.86 49.11 87.46
CA LEU CA 133 8.44 49.37 87.24
C LEU CA 133 7.61 48.88 88.41
N ALA CA 134 7.91 47.68 88.92
CA ALA CA 134 7.15 47.14 90.05
C ALA CA 134 7.30 48.03 91.28
N LYS CA 135 8.51 48.52 91.54
CA LYS CA 135 8.72 49.42 92.67
C LYS CA 135 7.94 50.71 92.50
N ARG CA 136 7.93 51.26 91.29
CA ARG CA 136 7.16 52.48 91.03
C ARG CA 136 5.68 52.25 91.30
N LEU CA 137 5.12 51.16 90.75
CA LEU CA 137 3.70 50.89 90.93
C LEU CA 137 3.37 50.64 92.40
N GLU CA 138 4.27 49.97 93.13
CA GLU CA 138 4.05 49.75 94.55
C GLU CA 138 4.04 51.08 95.30
N LYS CA 139 4.91 52.01 94.90
CA LYS CA 139 4.91 53.33 95.52
C LYS CA 139 3.60 54.07 95.22
N GLU CA 140 3.09 53.93 94.00
CA GLU CA 140 1.85 54.61 93.65
C GLU CA 140 0.68 54.15 94.51
N GLY CA 141 0.58 52.84 94.74
CA GLY CA 141 -0.50 52.30 95.55
C GLY CA 141 -1.26 51.18 94.87
N ILE CA 142 -0.76 50.72 93.72
CA ILE CA 142 -1.40 49.63 93.02
C ILE CA 142 -1.07 48.32 93.73
N SER CA 143 -2.08 47.46 93.88
CA SER CA 143 -1.90 46.19 94.57
C SER CA 143 -1.00 45.25 93.78
N TRP CA 144 -0.48 44.23 94.47
CA TRP CA 144 0.52 43.37 93.87
C TRP CA 144 -0.07 42.42 92.83
N GLU CA 145 -1.34 42.07 92.94
CA GLU CA 145 -1.97 41.26 91.92
C GLU CA 145 -2.03 42.01 90.58
N GLU CA 146 -2.41 43.28 90.61
CA GLU CA 146 -2.42 44.09 89.40
C GLU CA 146 -1.00 44.27 88.86
N ILE CA 147 -0.03 44.48 89.75
CA ILE CA 147 1.36 44.61 89.32
C ILE CA 147 1.83 43.36 88.60
N ILE CA 148 1.51 42.19 89.17
CA ILE CA 148 1.92 40.93 88.55
C ILE CA 148 1.24 40.75 87.20
N GLU CA 149 -0.05 41.07 87.09
CA GLU CA 149 -0.74 40.92 85.82
C GLU CA 149 -0.16 41.85 84.76
N LEU CA 150 0.12 43.10 85.12
CA LEU CA 150 0.78 44.01 84.18
C LEU CA 150 2.13 43.48 83.74
N ILE CA 151 2.91 42.95 84.69
CA ILE CA 151 4.22 42.42 84.37
C ILE CA 151 4.12 41.24 83.41
N GLU CA 152 3.15 40.35 83.61
CA GLU CA 152 3.00 39.22 82.69
C GLU CA 152 2.54 39.68 81.31
N ARG CA 153 1.69 40.71 81.23
CA ARG CA 153 1.35 41.24 79.91
C ARG CA 153 2.60 41.78 79.21
N ILE CA 154 3.43 42.52 79.94
CA ILE CA 154 4.68 43.03 79.37
C ILE CA 154 5.57 41.87 78.94
N LEU CA 155 5.58 40.78 79.72
CA LEU CA 155 6.41 39.63 79.40
C LEU CA 155 5.93 38.93 78.13
N GLU CA 156 4.62 38.84 77.93
CA GLU CA 156 4.10 38.29 76.68
C GLU CA 156 4.47 39.17 75.50
N SER CA 157 4.40 40.49 75.67
CA SER CA 157 4.85 41.40 74.63
C SER CA 157 6.33 41.19 74.32
N ILE CA 158 7.15 41.02 75.36
CA ILE CA 158 8.58 40.77 75.18
C ILE CA 158 8.81 39.47 74.42
N ARG CA 159 8.03 38.44 74.75
CA ARG CA 159 8.15 37.15 74.06
C ARG CA 159 7.87 37.31 72.58
N GLU CA 160 6.80 38.04 72.23
CA GLU CA 160 6.50 38.26 70.83
C GLU CA 160 7.61 39.06 70.14
N ILE CA 161 8.12 40.10 70.81
CA ILE CA 161 9.18 40.92 70.22
C ILE CA 161 10.43 40.09 69.96
N LEU CA 162 10.81 39.27 70.95
CA LEU CA 162 11.99 38.43 70.80
C LEU CA 162 11.82 37.40 69.70
N LYS CA 163 10.62 36.80 69.60
CA LYS CA 163 10.36 35.87 68.51
C LYS CA 163 10.43 36.57 67.16
N GLU CA 164 10.08 37.86 67.11
CA GLU CA 164 10.19 38.60 65.86
C GLU CA 164 11.63 38.74 65.42
N GLU CA 165 12.55 38.96 66.36
CA GLU CA 165 13.97 39.15 66.04
C GLU CA 165 14.65 37.88 65.55
N GLY CA 166 13.93 36.77 65.42
CA GLY CA 166 14.54 35.54 64.96
C GLY CA 166 15.32 34.78 66.00
N LEU CA 167 15.23 35.15 67.27
CA LEU CA 167 15.93 34.41 68.31
C LEU CA 167 15.28 33.04 68.50
N PRO CA 168 16.06 32.00 68.80
CA PRO CA 168 15.47 30.69 69.06
C PRO CA 168 14.82 30.64 70.44
N GLU CA 169 14.07 29.57 70.66
CA GLU CA 169 13.23 29.46 71.85
C GLU CA 169 14.05 29.40 73.14
N SER CA 170 15.26 28.84 73.08
CA SER CA 170 16.04 28.63 74.29
C SER CA 170 16.41 29.94 74.96
N GLU CA 171 16.96 30.89 74.18
CA GLU CA 171 17.35 32.17 74.75
C GLU CA 171 16.14 32.99 75.17
N ILE CA 172 15.03 32.90 74.43
CA ILE CA 172 13.82 33.60 74.82
C ILE CA 172 13.34 33.11 76.18
N ASN CA 173 13.30 31.78 76.34
CA ASN CA 173 12.88 31.21 77.61
C ASN CA 173 13.85 31.58 78.72
N ARG CA 174 15.14 31.62 78.42
CA ARG CA 174 16.13 32.01 79.42
C ARG CA 174 15.91 33.44 79.90
N ILE CA 175 15.69 34.37 78.96
CA ILE CA 175 15.47 35.77 79.33
C ILE CA 175 14.20 35.91 80.15
N LEU CA 176 13.13 35.26 79.72
CA LEU CA 176 11.85 35.36 80.44
C LEU CA 176 11.96 34.79 81.85
N ALA CA 177 12.63 33.63 81.97
CA ALA CA 177 12.81 33.02 83.29
C ALA CA 177 13.63 33.91 84.20
N VAL CA 178 14.69 34.53 83.66
CA VAL CA 178 15.52 35.41 84.48
C VAL CA 178 14.72 36.62 84.96
N SER CA 179 13.90 37.21 84.08
CA SER CA 179 13.10 38.37 84.50
C SER CA 179 12.09 37.99 85.58
N ILE CA 180 11.39 36.87 85.38
CA ILE CA 180 10.44 36.41 86.38
C ILE CA 180 11.14 36.15 87.71
N LEU CA 181 12.33 35.53 87.66
CA LEU CA 181 13.06 35.25 88.88
C LEU CA 181 13.55 36.52 89.55
N GLU CA 182 13.85 37.57 88.79
CA GLU CA 182 14.24 38.82 89.41
C GLU CA 182 13.07 39.47 90.14
N VAL CA 183 11.88 39.43 89.54
CA VAL CA 183 10.69 39.92 90.24
C VAL CA 183 10.44 39.11 91.51
N ALA CA 184 10.58 37.78 91.41
CA ALA CA 184 10.40 36.93 92.59
C ALA CA 184 11.46 37.23 93.65
N LYS CA 185 12.68 37.54 93.23
CA LYS CA 185 13.73 37.89 94.18
C LYS CA 185 13.40 39.18 94.91
N TYR CA 186 12.86 40.16 94.20
CA TYR CA 186 12.42 41.38 94.87
C TYR CA 186 11.32 41.09 95.89
N LEU CA 187 10.37 40.21 95.52
CA LEU CA 187 9.32 39.83 96.47
C LEU CA 187 9.90 39.14 97.69
N LEU CA 188 10.87 38.23 97.49
CA LEU CA 188 11.50 37.54 98.61
C LEU CA 188 12.24 38.51 99.52
N GLU CA 189 12.93 39.48 98.94
CA GLU CA 189 13.60 40.50 99.75
C GLU CA 189 12.60 41.30 100.56
N LYS CA 190 11.45 41.63 99.97
CA LYS CA 190 10.40 42.31 100.73
C LYS CA 190 9.92 41.44 101.89
N LEU CA 191 9.71 40.14 101.64
CA LEU CA 191 9.25 39.25 102.71
C LEU CA 191 10.30 39.09 103.79
N GLY CA 192 11.58 38.99 103.43
CA GLY CA 192 12.63 38.87 104.41
C GLY CA 192 13.19 37.47 104.55
N PHE CA 193 13.30 36.75 103.43
CA PHE CA 193 13.85 35.40 103.39
C PHE CA 193 15.17 35.46 102.64
N ASP CA 194 16.26 35.70 103.38
CA ASP CA 194 17.55 35.97 102.76
C ASP CA 194 18.14 34.71 102.10
N TYR CA 195 18.02 33.56 102.77
CA TYR CA 195 18.60 32.34 102.23
C TYR CA 195 17.96 31.96 100.90
N LEU CA 196 16.63 32.06 100.82
CA LEU CA 196 15.95 31.82 99.55
C LEU CA 196 16.39 32.82 98.49
N VAL CA 197 16.69 34.06 98.90
CA VAL CA 197 17.23 35.04 97.96
C VAL CA 197 18.55 34.55 97.39
N GLU CA 198 19.47 34.10 98.26
CA GLU CA 198 20.77 33.64 97.81
C GLU CA 198 20.65 32.45 96.87
N LEU CA 199 19.79 31.48 97.21
CA LEU CA 199 19.54 30.38 96.31
C LEU CA 199 19.00 30.87 94.98
N LEU CA 200 18.20 31.95 95.00
CA LEU CA 200 17.66 32.49 93.76
C LEU CA 200 18.75 33.11 92.90
N ASP CA 201 19.71 33.84 93.51
CA ASP CA 201 20.82 34.33 92.69
C ASP CA 201 21.62 33.18 92.11
N ARG CA 202 21.82 32.11 92.89
CA ARG CA 202 22.54 30.95 92.36
C ARG CA 202 21.82 30.37 91.15
N ALA CA 203 20.50 30.21 91.25
CA ALA CA 203 19.73 29.66 90.13
C ALA CA 203 19.75 30.60 88.93
N ILE CA 204 19.68 31.91 89.17
CA ILE CA 204 19.71 32.87 88.08
C ILE CA 204 21.06 32.81 87.36
N GLU CA 205 22.15 32.74 88.11
CA GLU CA 205 23.47 32.60 87.50
C GLU CA 205 23.58 31.32 86.69
N TYR CA 206 23.04 30.21 87.21
CA TYR CA 206 23.10 28.96 86.47
C TYR CA 206 22.28 29.04 85.18
N ILE CA 207 21.12 29.69 85.23
CA ILE CA 207 20.32 29.88 84.02
C ILE CA 207 21.07 30.73 83.00
N LEU CA 208 21.70 31.82 83.48
CA LEU CA 208 22.38 32.74 82.59
C LEU CA 208 23.60 32.10 81.94
N LYS CA 209 24.34 31.29 82.69
CA LYS CA 209 25.53 30.63 82.15
C LYS CA 209 25.20 29.47 81.21
N GLY CA 210 23.93 29.06 81.13
CA GLY CA 210 23.51 28.01 80.22
C GLY CA 210 23.27 26.66 80.88
N ARG CA 211 23.63 26.50 82.14
CA ARG CA 211 23.46 25.23 82.86
C ARG CA 211 22.00 25.13 83.30
N SER CA 212 21.20 24.41 82.52
CA SER CA 212 19.76 24.40 82.69
C SER CA 212 19.28 23.37 83.71
N GLU CA 213 19.81 22.13 83.64
CA GLU CA 213 19.32 21.06 84.51
C GLU CA 213 19.65 21.35 85.97
N LEU CA 214 20.85 21.87 86.24
CA LEU CA 214 21.20 22.26 87.61
C LEU CA 214 20.26 23.34 88.11
N ALA CA 215 19.93 24.30 87.24
CA ALA CA 215 19.00 25.35 87.61
C ALA CA 215 17.62 24.80 87.91
N VAL CA 216 17.16 23.81 87.13
CA VAL CA 216 15.85 23.21 87.36
C VAL CA 216 15.83 22.49 88.71
N HIS CA 217 16.90 21.75 89.03
CA HIS CA 217 16.96 21.08 90.33
C HIS CA 217 16.98 22.09 91.47
N LEU CA 218 17.75 23.18 91.31
CA LEU CA 218 17.78 24.23 92.30
C LEU CA 218 16.40 24.86 92.49
N LEU CA 219 15.67 25.07 91.38
CA LEU CA 219 14.34 25.65 91.45
C LEU CA 219 13.36 24.69 92.13
N ASP CA 220 13.53 23.39 91.91
CA ASP CA 220 12.72 22.42 92.64
C ASP CA 220 12.94 22.50 94.13
N ASP CA 221 14.22 22.60 94.55
CA ASP CA 221 14.50 22.73 95.98
C ASP CA 221 13.95 24.03 96.54
N ILE CA 222 14.05 25.11 95.77
CA ILE CA 222 13.50 26.40 96.20
C ILE CA 222 11.98 26.31 96.34
N ILE CA 223 11.31 25.63 95.40
CA ILE CA 223 9.87 25.47 95.47
C ILE CA 223 9.47 24.68 96.71
N ARG CA 224 10.22 23.62 97.02
CA ARG CA 224 9.94 22.87 98.23
C ARG CA 224 10.09 23.73 99.48
N ARG CA 225 11.15 24.54 99.53
CA ARG CA 225 11.35 25.42 100.68
C ARG CA 225 10.23 26.46 100.80
N VAL CA 226 9.78 27.00 99.67
CA VAL CA 226 8.70 27.99 99.68
C VAL CA 226 7.41 27.36 100.18
N HIS CA 227 7.11 26.15 99.72
CA HIS CA 227 5.92 25.45 100.20
C HIS CA 227 6.01 25.16 101.68
N GLU CA 228 7.20 24.81 102.17
CA GLU CA 228 7.38 24.62 103.61
C GLU CA 228 7.10 25.91 104.37
N GLU CA 229 7.59 27.04 103.86
CA GLU CA 229 7.33 28.32 104.52
C GLU CA 229 5.83 28.64 104.53
N ILE CA 230 5.16 28.40 103.41
CA ILE CA 230 3.72 28.66 103.33
C ILE CA 230 2.97 27.80 104.34
N GLU CA 231 3.32 26.51 104.42
CA GLU CA 231 2.68 25.62 105.38
C GLU CA 231 2.97 26.05 106.81
N ARG CA 232 4.16 26.59 107.07
CA ARG CA 232 4.45 27.10 108.41
C ARG CA 232 3.57 28.30 108.74
N TYR CA 233 3.31 29.16 107.76
CA TYR CA 233 2.51 30.36 108.03
C TYR CA 233 1.08 30.01 108.44
N GLY CA 234 0.48 29.03 107.78
CA GLY CA 234 -0.84 28.55 108.18
C GLY CA 234 -1.96 29.31 107.47
N ASP CA 235 -2.81 29.97 108.25
CA ASP CA 235 -3.95 30.69 107.71
C ASP CA 235 -3.67 32.18 107.48
N ASP CA 236 -2.53 32.69 107.95
CA ASP CA 236 -2.20 34.10 107.84
C ASP CA 236 -1.15 34.35 106.76
N VAL CA 237 -1.19 33.59 105.68
CA VAL CA 237 -0.19 33.69 104.61
C VAL CA 237 -0.33 35.02 103.89
N PRO CA 238 0.71 35.84 103.83
CA PRO CA 238 0.66 37.06 103.02
C PRO CA 238 0.57 36.72 101.53
N GLU CA 239 -0.06 37.62 100.78
CA GLU CA 239 -0.25 37.41 99.34
C GLU CA 239 1.06 37.41 98.58
N GLU CA 240 2.08 38.08 99.10
CA GLU CA 240 3.38 38.09 98.43
C GLU CA 240 3.97 36.70 98.34
N LEU CA 241 3.77 35.89 99.38
CA LEU CA 241 4.29 34.52 99.36
C LEU CA 241 3.60 33.69 98.27
N LEU CA 242 2.29 33.83 98.12
CA LEU CA 242 1.59 33.07 97.08
C LEU CA 242 1.99 33.54 95.68
N LEU CA 243 2.12 34.85 95.50
CA LEU CA 243 2.57 35.36 94.21
C LEU CA 243 3.98 34.89 93.90
N LEU CA 244 4.86 34.88 94.90
CA LEU CA 244 6.21 34.35 94.73
C LEU CA 244 6.18 32.88 94.35
N ASP CA 245 5.33 32.10 95.01
CA ASP CA 245 5.18 30.68 94.67
C ASP CA 245 4.81 30.52 93.20
N LEU CA 246 3.80 31.26 92.73
CA LEU CA 246 3.38 31.15 91.34
C LEU CA 246 4.50 31.58 90.39
N LEU CA 247 5.22 32.65 90.73
CA LEU CA 247 6.29 33.14 89.87
C LEU CA 247 7.40 32.12 89.75
N VAL CA 248 7.82 31.55 90.88
CA VAL CA 248 8.91 30.56 90.85
C VAL CA 248 8.47 29.32 90.10
N GLN CA 249 7.22 28.91 90.24
CA GLN CA 249 6.74 27.75 89.50
C GLN CA 249 6.76 27.99 87.99
N LYS CA 250 6.30 29.16 87.55
CA LYS CA 250 6.30 29.43 86.11
C LYS CA 250 7.73 29.61 85.58
N ALA CA 251 8.62 30.17 86.40
CA ALA CA 251 10.02 30.28 85.99
C ALA CA 251 10.66 28.91 85.87
N ARG CA 252 10.34 27.98 86.78
CA ARG CA 252 10.84 26.62 86.67
C ARG CA 252 10.31 25.93 85.42
N ASP CA 253 9.04 26.16 85.09
CA ASP CA 253 8.50 25.60 83.86
C ASP CA 253 9.24 26.13 82.64
N LEU CA 254 9.50 27.43 82.61
CA LEU CA 254 10.25 28.00 81.49
C LEU CA 254 11.66 27.46 81.42
N ALA CA 255 12.33 27.31 82.57
CA ALA CA 255 13.68 26.77 82.58
C ALA CA 255 13.71 25.33 82.09
N ALA CA 256 12.69 24.55 82.46
CA ALA CA 256 12.58 23.19 81.91
C ALA CA 256 12.39 23.22 80.41
N ARG CA 257 11.57 24.15 79.90
CA ARG CA 257 11.33 24.23 78.46
C ARG CA 257 12.52 24.76 77.68
N ILE CA 258 13.56 25.25 78.35
CA ILE CA 258 14.73 25.80 77.66
C ILE CA 258 15.35 24.75 76.75
N MET DA 25 -36.95 34.56 70.79
CA MET DA 25 -36.98 33.27 71.48
C MET DA 25 -38.11 33.20 72.50
N GLU DA 26 -39.26 33.81 72.18
CA GLU DA 26 -40.36 33.86 73.12
C GLU DA 26 -40.97 32.48 73.38
N LYS DA 27 -40.74 31.52 72.48
CA LYS DA 27 -41.22 30.16 72.71
C LYS DA 27 -40.58 29.56 73.96
N LEU DA 28 -39.29 29.80 74.16
CA LEU DA 28 -38.61 29.28 75.33
C LEU DA 28 -39.04 29.98 76.61
N GLU DA 29 -39.37 31.27 76.54
CA GLU DA 29 -39.96 31.94 77.70
C GLU DA 29 -41.34 31.38 78.03
N VAL DA 30 -42.12 31.06 77.00
CA VAL DA 30 -43.41 30.41 77.24
C VAL DA 30 -43.20 29.04 77.89
N ALA DA 31 -42.19 28.31 77.43
CA ALA DA 31 -41.86 27.03 78.05
C ALA DA 31 -41.47 27.20 79.52
N VAL DA 32 -40.68 28.23 79.83
CA VAL DA 32 -40.30 28.48 81.22
C VAL DA 32 -41.51 28.81 82.08
N GLU DA 33 -42.43 29.62 81.54
CA GLU DA 33 -43.66 29.92 82.28
C GLU DA 33 -44.49 28.67 82.50
N HIS DA 34 -44.59 27.84 81.49
CA HIS DA 34 -45.24 26.56 81.66
C HIS DA 34 -44.61 25.74 82.75
N LEU DA 35 -43.28 25.65 82.76
CA LEU DA 35 -42.58 24.88 83.79
C LEU DA 35 -42.88 25.40 85.18
N LYS DA 36 -42.93 26.72 85.34
CA LYS DA 36 -43.35 27.29 86.61
C LYS DA 36 -44.78 26.86 86.96
N GLU DA 37 -45.67 26.89 85.97
CA GLU DA 37 -47.05 26.44 86.19
C GLU DA 37 -47.08 24.96 86.60
N ALA DA 38 -46.24 24.14 86.00
CA ALA DA 38 -46.18 22.73 86.35
C ALA DA 38 -45.72 22.53 87.79
N ILE DA 39 -44.70 23.30 88.21
CA ILE DA 39 -44.25 23.22 89.60
C ILE DA 39 -45.39 23.60 90.55
N GLU DA 40 -46.10 24.69 90.22
CA GLU DA 40 -47.22 25.11 91.06
C GLU DA 40 -48.32 24.06 91.10
N LEU DA 41 -48.58 23.40 89.97
CA LEU DA 41 -49.61 22.37 89.92
C LEU DA 41 -49.23 21.16 90.76
N ILE DA 42 -47.97 20.72 90.66
CA ILE DA 42 -47.51 19.63 91.52
C ILE DA 42 -47.64 20.01 92.98
N GLU DA 43 -47.33 21.27 93.32
CA GLU DA 43 -47.51 21.72 94.69
C GLU DA 43 -48.97 21.67 95.12
N LYS DA 44 -49.89 22.06 94.23
CA LYS DA 44 -51.30 22.07 94.58
C LYS DA 44 -51.84 20.65 94.77
N GLY DA 45 -51.56 19.75 93.83
CA GLY DA 45 -52.01 18.38 93.97
C GLY DA 45 -52.64 17.81 92.71
N GLU DA 46 -52.66 18.58 91.63
CA GLU DA 46 -53.22 18.11 90.36
C GLU DA 46 -52.10 17.47 89.54
N TYR DA 47 -52.03 16.15 89.55
CA TYR DA 47 -50.97 15.42 88.87
C TYR DA 47 -51.30 15.13 87.41
N VAL DA 48 -52.58 14.96 87.07
CA VAL DA 48 -52.96 14.77 85.67
C VAL DA 48 -52.65 16.04 84.87
N LYS DA 49 -53.01 17.20 85.40
CA LYS DA 49 -52.72 18.45 84.73
C LYS DA 49 -51.23 18.67 84.62
N ALA DA 50 -50.46 18.25 85.63
CA ALA DA 50 -49.01 18.35 85.57
C ALA DA 50 -48.44 17.48 84.47
N ASP DA 51 -48.93 16.25 84.33
CA ASP DA 51 -48.48 15.36 83.27
C ASP DA 51 -48.80 15.94 81.88
N LEU DA 52 -50.00 16.50 81.73
CA LEU DA 52 -50.39 17.11 80.46
C LEU DA 52 -49.55 18.34 80.16
N ILE DA 53 -49.25 19.15 81.19
CA ILE DA 53 -48.39 20.31 81.00
C ILE DA 53 -47.00 19.88 80.57
N LEU DA 54 -46.48 18.79 81.15
CA LEU DA 54 -45.17 18.31 80.74
C LEU DA 54 -45.18 17.90 79.27
N THR DA 55 -46.26 17.26 78.82
CA THR DA 55 -46.38 16.94 77.39
C THR DA 55 -46.40 18.20 76.54
N ASP DA 56 -47.13 19.23 76.99
CA ASP DA 56 -47.15 20.50 76.26
C ASP DA 56 -45.77 21.14 76.18
N ILE DA 57 -45.03 21.11 77.29
CA ILE DA 57 -43.68 21.67 77.31
C ILE DA 57 -42.78 20.91 76.35
N LEU DA 58 -42.92 19.58 76.31
CA LEU DA 58 -42.15 18.79 75.35
C LEU DA 58 -42.46 19.20 73.92
N ARG DA 59 -43.76 19.42 73.63
CA ARG DA 59 -44.14 19.86 72.29
C ARG DA 59 -43.53 21.21 71.95
N LEU DA 60 -43.54 22.15 72.90
CA LEU DA 60 -42.94 23.46 72.68
C LEU DA 60 -41.45 23.34 72.39
N LEU DA 61 -40.73 22.58 73.23
CA LEU DA 61 -39.29 22.46 73.06
C LEU DA 61 -38.94 21.77 71.74
N GLU DA 62 -39.73 20.76 71.35
CA GLU DA 62 -39.50 20.13 70.05
C GLU DA 62 -39.78 21.10 68.90
N GLU DA 63 -40.76 22.00 69.09
CA GLU DA 63 -40.99 23.04 68.11
C GLU DA 63 -39.79 23.96 67.97
N GLU DA 64 -39.16 24.31 69.10
CA GLU DA 64 -37.96 25.15 69.03
C GLU DA 64 -36.80 24.40 68.37
N GLY DA 65 -36.51 23.19 68.83
CA GLY DA 65 -35.51 22.37 68.18
C GLY DA 65 -34.14 22.28 68.85
N VAL DA 66 -34.11 22.11 70.17
CA VAL DA 66 -32.86 21.91 70.90
C VAL DA 66 -32.86 20.47 71.42
N LYS DA 67 -31.89 19.68 70.93
CA LYS DA 67 -31.94 18.23 71.12
C LYS DA 67 -31.81 17.84 72.58
N SER DA 68 -30.85 18.45 73.29
CA SER DA 68 -30.65 18.11 74.69
C SER DA 68 -31.87 18.43 75.52
N LEU DA 69 -32.47 19.61 75.30
CA LEU DA 69 -33.70 19.97 75.98
C LEU DA 69 -34.81 18.99 75.65
N ILE DA 70 -34.86 18.52 74.40
CA ILE DA 70 -35.93 17.60 73.99
C ILE DA 70 -35.83 16.28 74.73
N LYS DA 71 -34.63 15.68 74.74
CA LYS DA 71 -34.48 14.40 75.44
C LYS DA 71 -34.69 14.57 76.94
N GLN DA 72 -34.23 15.68 77.50
CA GLN DA 72 -34.47 15.95 78.91
C GLN DA 72 -35.96 16.07 79.20
N ALA DA 73 -36.72 16.69 78.30
CA ALA DA 73 -38.16 16.84 78.52
C ALA DA 73 -38.89 15.52 78.43
N LYS DA 74 -38.50 14.66 77.48
CA LYS DA 74 -39.15 13.35 77.38
C LYS DA 74 -38.87 12.50 78.61
N GLU DA 75 -37.60 12.42 79.03
CA GLU DA 75 -37.29 11.65 80.23
C GLU DA 75 -37.95 12.27 81.45
N LEU DA 76 -38.10 13.59 81.47
CA LEU DA 76 -38.80 14.24 82.57
C LEU DA 76 -40.25 13.81 82.62
N HIS DA 77 -40.93 13.77 81.48
CA HIS DA 77 -42.31 13.31 81.45
C HIS DA 77 -42.43 11.91 82.03
N ILE DA 78 -41.61 10.99 81.54
CA ILE DA 78 -41.71 9.59 82.00
C ILE DA 78 -41.42 9.50 83.50
N GLU DA 79 -40.31 10.09 83.94
CA GLU DA 79 -39.89 9.93 85.33
C GLU DA 79 -40.82 10.65 86.30
N VAL DA 80 -41.35 11.82 85.91
CA VAL DA 80 -42.27 12.52 86.78
C VAL DA 80 -43.58 11.75 86.89
N PHE DA 81 -44.04 11.14 85.80
CA PHE DA 81 -45.23 10.30 85.90
C PHE DA 81 -45.01 9.16 86.89
N LYS DA 82 -43.86 8.48 86.78
CA LYS DA 82 -43.56 7.39 87.71
C LYS DA 82 -43.49 7.88 89.14
N LEU DA 83 -42.78 8.99 89.39
CA LEU DA 83 -42.61 9.49 90.74
C LEU DA 83 -43.92 9.95 91.35
N LEU DA 84 -44.76 10.62 90.56
CA LEU DA 84 -46.07 11.03 91.07
C LEU DA 84 -46.96 9.83 91.35
N LYS DA 85 -46.81 8.75 90.58
CA LYS DA 85 -47.47 7.51 90.93
C LYS DA 85 -47.00 7.00 92.30
N GLU DA 86 -45.68 7.00 92.51
CA GLU DA 86 -45.14 6.49 93.77
C GLU DA 86 -45.43 7.44 94.93
N GLY DA 87 -45.45 8.74 94.68
CA GLY DA 87 -45.66 9.72 95.73
C GLY DA 87 -44.45 10.59 96.05
N GLU DA 88 -43.39 10.52 95.25
CA GLU DA 88 -42.18 11.31 95.48
C GLU DA 88 -42.38 12.69 94.84
N TYR DA 89 -43.11 13.55 95.56
CA TYR DA 89 -43.40 14.88 95.05
C TYR DA 89 -42.14 15.73 94.95
N LYS DA 90 -41.28 15.65 95.96
CA LYS DA 90 -40.08 16.50 95.98
C LYS DA 90 -39.12 16.14 94.84
N GLU DA 91 -38.97 14.85 94.55
CA GLU DA 91 -38.10 14.45 93.46
C GLU DA 91 -38.62 14.96 92.11
N ALA DA 92 -39.93 14.87 91.89
CA ALA DA 92 -40.51 15.38 90.65
C ALA DA 92 -40.35 16.89 90.55
N LYS DA 93 -40.58 17.60 91.65
CA LYS DA 93 -40.38 19.04 91.65
C LYS DA 93 -38.93 19.39 91.35
N ALA DA 94 -37.99 18.62 91.91
CA ALA DA 94 -36.57 18.86 91.64
C ALA DA 94 -36.24 18.65 90.17
N LEU DA 95 -36.79 17.60 89.56
CA LEU DA 95 -36.54 17.36 88.14
C LEU DA 95 -37.11 18.48 87.27
N VAL DA 96 -38.31 18.95 87.60
CA VAL DA 96 -38.91 20.04 86.83
C VAL DA 96 -38.09 21.31 86.99
N GLU DA 97 -37.63 21.59 88.21
CA GLU DA 97 -36.79 22.76 88.45
C GLU DA 97 -35.47 22.67 87.70
N ALA DA 98 -34.89 21.46 87.63
CA ALA DA 98 -33.66 21.28 86.88
C ALA DA 98 -33.87 21.56 85.40
N LEU DA 99 -34.98 21.08 84.83
CA LEU DA 99 -35.24 21.38 83.43
C LEU DA 99 -35.48 22.87 83.21
N ARG DA 100 -36.17 23.52 84.14
CA ARG DA 100 -36.40 24.96 84.04
C ARG DA 100 -35.09 25.72 84.04
N VAL DA 101 -34.19 25.37 84.97
CA VAL DA 101 -32.89 26.03 85.05
C VAL DA 101 -32.10 25.79 83.77
N SER DA 102 -32.17 24.57 83.23
CA SER DA 102 -31.45 24.27 81.99
C SER DA 102 -31.96 25.12 80.83
N VAL DA 103 -33.28 25.29 80.72
CA VAL DA 103 -33.84 26.09 79.63
C VAL DA 103 -33.46 27.56 79.79
N GLU DA 104 -33.57 28.09 81.02
CA GLU DA 104 -33.18 29.48 81.25
C GLU DA 104 -31.70 29.69 80.95
N LEU DA 105 -30.86 28.72 81.33
CA LEU DA 105 -29.43 28.82 81.05
C LEU DA 105 -29.16 28.82 79.55
N TYR DA 106 -29.89 28.00 78.79
CA TYR DA 106 -29.72 28.03 77.35
C TYR DA 106 -30.11 29.40 76.79
N ILE DA 107 -31.21 29.96 77.29
CA ILE DA 107 -31.63 31.29 76.83
C ILE DA 107 -30.53 32.31 77.09
N LEU DA 108 -29.99 32.29 78.31
CA LEU DA 108 -28.98 33.29 78.67
C LEU DA 108 -27.69 33.08 77.88
N ILE DA 109 -27.32 31.82 77.61
CA ILE DA 109 -26.13 31.57 76.80
C ILE DA 109 -26.32 32.12 75.39
N LYS DA 110 -27.50 31.90 74.80
CA LYS DA 110 -27.75 32.42 73.46
C LYS DA 110 -27.71 33.94 73.43
N ARG DA 111 -28.34 34.57 74.42
CA ARG DA 111 -28.33 36.04 74.48
C ARG DA 111 -26.90 36.56 74.65
N GLY DA 112 -26.10 35.91 75.51
CA GLY DA 112 -24.74 36.37 75.71
C GLY DA 112 -23.88 36.21 74.47
N VAL DA 113 -24.01 35.07 73.78
CA VAL DA 113 -23.18 34.83 72.61
C VAL DA 113 -23.58 35.78 71.47
N ARG DA 114 -24.88 35.98 71.26
CA ARG DA 114 -25.33 36.87 70.19
C ARG DA 114 -24.86 38.30 70.44
N GLU DA 115 -25.08 38.81 71.66
CA GLU DA 115 -24.67 40.16 72.04
C GLU DA 115 -23.17 40.33 72.14
N GLY DA 116 -22.38 39.30 71.87
CA GLY DA 116 -20.94 39.41 72.00
C GLY DA 116 -20.47 39.68 73.42
N ARG DA 117 -21.20 39.18 74.41
CA ARG DA 117 -20.81 39.40 75.79
C ARG DA 117 -19.52 38.64 76.10
N PRO DA 118 -18.71 39.15 77.03
CA PRO DA 118 -17.49 38.44 77.41
C PRO DA 118 -17.79 37.11 78.06
N ILE DA 119 -16.89 36.15 77.87
CA ILE DA 119 -17.02 34.83 78.49
C ILE DA 119 -17.06 34.95 80.00
N GLU DA 120 -16.36 35.94 80.55
CA GLU DA 120 -16.25 36.09 82.01
C GLU DA 120 -17.63 36.24 82.65
N GLU DA 121 -18.43 37.19 82.16
CA GLU DA 121 -19.71 37.46 82.80
C GLU DA 121 -20.72 36.35 82.51
N ILE DA 122 -20.61 35.70 81.35
CA ILE DA 122 -21.45 34.53 81.09
C ILE DA 122 -21.17 33.43 82.11
N ALA DA 123 -19.89 33.18 82.38
CA ALA DA 123 -19.52 32.16 83.36
C ALA DA 123 -20.01 32.54 84.75
N ARG DA 124 -19.89 33.81 85.13
CA ARG DA 124 -20.38 34.24 86.43
C ARG DA 124 -21.88 34.05 86.54
N GLU DA 125 -22.62 34.38 85.47
CA GLU DA 125 -24.07 34.21 85.49
C GLU DA 125 -24.44 32.74 85.62
N VAL DA 126 -23.76 31.86 84.88
CA VAL DA 126 -24.04 30.43 84.97
C VAL DA 126 -23.81 29.92 86.38
N GLY DA 127 -22.68 30.33 86.99
CA GLY DA 127 -22.42 29.92 88.36
C GLY DA 127 -23.46 30.42 89.33
N ARG DA 128 -23.89 31.68 89.17
CA ARG DA 128 -24.91 32.22 90.06
C ARG DA 128 -26.22 31.45 89.94
N LYS DA 129 -26.62 31.12 88.71
CA LYS DA 129 -27.85 30.36 88.50
C LYS DA 129 -27.77 28.98 89.14
N LEU DA 130 -26.62 28.30 88.96
CA LEU DA 130 -26.46 26.98 89.54
C LEU DA 130 -26.50 27.04 91.07
N VAL DA 131 -25.88 28.07 91.66
CA VAL DA 131 -25.89 28.19 93.12
C VAL DA 131 -27.30 28.47 93.61
N GLU DA 132 -28.06 29.29 92.89
CA GLU DA 132 -29.43 29.56 93.30
C GLU DA 132 -30.29 28.30 93.23
N LEU DA 133 -30.11 27.50 92.18
CA LEU DA 133 -30.82 26.23 92.11
C LEU DA 133 -30.45 25.30 93.26
N ALA DA 134 -29.16 25.24 93.59
CA ALA DA 134 -28.73 24.38 94.68
C ALA DA 134 -29.32 24.84 96.00
N LYS DA 135 -29.36 26.15 96.24
CA LYS DA 135 -29.97 26.66 97.46
C LYS DA 135 -31.46 26.33 97.52
N ARG DA 136 -32.16 26.47 96.39
CA ARG DA 136 -33.58 26.11 96.35
C ARG DA 136 -33.78 24.65 96.70
N LEU DA 137 -33.02 23.75 96.06
CA LEU DA 137 -33.18 22.32 96.30
C LEU DA 137 -32.83 21.97 97.75
N GLU DA 138 -31.81 22.63 98.31
CA GLU DA 138 -31.48 22.40 99.71
C GLU DA 138 -32.61 22.83 100.62
N LYS DA 139 -33.26 23.95 100.29
CA LYS DA 139 -34.42 24.37 101.07
C LYS DA 139 -35.56 23.38 100.97
N GLU DA 140 -35.77 22.80 99.78
CA GLU DA 140 -36.85 21.82 99.61
C GLU DA 140 -36.64 20.60 100.49
N GLY DA 141 -35.41 20.09 100.55
CA GLY DA 141 -35.13 18.92 101.37
C GLY DA 141 -34.41 17.83 100.61
N ILE DA 142 -34.00 18.12 99.38
CA ILE DA 142 -33.26 17.15 98.58
C ILE DA 142 -31.83 17.06 99.09
N SER DA 143 -31.31 15.84 99.19
CA SER DA 143 -29.97 15.63 99.70
C SER DA 143 -28.92 16.16 98.73
N TRP DA 144 -27.70 16.34 99.23
CA TRP DA 144 -26.67 17.00 98.45
C TRP DA 144 -26.11 16.12 97.35
N GLU DA 145 -26.17 14.79 97.51
CA GLU DA 145 -25.76 13.91 96.43
C GLU DA 145 -26.67 14.06 95.22
N GLU DA 146 -27.98 14.10 95.45
CA GLU DA 146 -28.92 14.32 94.35
C GLU DA 146 -28.73 15.70 93.73
N ILE DA 147 -28.48 16.71 94.56
CA ILE DA 147 -28.25 18.07 94.06
C ILE DA 147 -27.03 18.08 93.14
N ILE DA 148 -25.95 17.43 93.58
CA ILE DA 148 -24.73 17.41 92.77
C ILE DA 148 -24.98 16.67 91.45
N GLU DA 149 -25.69 15.54 91.50
CA GLU DA 149 -25.95 14.80 90.27
C GLU DA 149 -26.80 15.62 89.29
N LEU DA 150 -27.83 16.29 89.80
CA LEU DA 150 -28.63 17.17 88.94
C LEU DA 150 -27.78 18.27 88.34
N ILE DA 151 -26.89 18.87 89.15
CA ILE DA 151 -26.03 19.94 88.66
C ILE DA 151 -25.10 19.44 87.56
N GLU DA 152 -24.54 18.24 87.72
CA GLU DA 152 -23.66 17.72 86.68
C GLU DA 152 -24.43 17.38 85.41
N ARG DA 153 -25.67 16.90 85.52
CA ARG DA 153 -26.48 16.72 84.32
C ARG DA 153 -26.70 18.04 83.60
N ILE DA 154 -27.02 19.09 84.36
CA ILE DA 154 -27.20 20.41 83.77
C ILE DA 154 -25.90 20.88 83.13
N LEU DA 155 -24.76 20.56 83.75
CA LEU DA 155 -23.47 20.98 83.22
C LEU DA 155 -23.15 20.27 81.91
N GLU DA 156 -23.50 18.99 81.80
CA GLU DA 156 -23.33 18.29 80.53
C GLU DA 156 -24.22 18.88 79.44
N SER DA 157 -25.45 19.24 79.81
CA SER DA 157 -26.32 19.93 78.85
C SER DA 157 -25.71 21.25 78.41
N ILE DA 158 -25.15 22.01 79.35
CA ILE DA 158 -24.49 23.27 79.04
C ILE DA 158 -23.31 23.05 78.11
N ARG DA 159 -22.53 22.00 78.35
CA ARG DA 159 -21.40 21.70 77.49
C ARG DA 159 -21.85 21.43 76.07
N GLU DA 160 -22.91 20.64 75.91
CA GLU DA 160 -23.43 20.38 74.57
C GLU DA 160 -23.94 21.66 73.91
N ILE DA 161 -24.65 22.50 74.67
CA ILE DA 161 -25.18 23.74 74.11
C ILE DA 161 -24.04 24.66 73.66
N LEU DA 162 -23.01 24.80 74.49
CA LEU DA 162 -21.88 25.64 74.15
C LEU DA 162 -21.13 25.12 72.94
N LYS DA 163 -20.95 23.80 72.86
CA LYS DA 163 -20.32 23.22 71.68
C LYS DA 163 -21.16 23.47 70.42
N GLU DA 164 -22.48 23.54 70.57
CA GLU DA 164 -23.34 23.84 69.43
C GLU DA 164 -23.08 25.25 68.90
N GLU DA 165 -22.86 26.21 69.79
CA GLU DA 165 -22.64 27.60 69.39
C GLU DA 165 -21.31 27.84 68.70
N GLY DA 166 -20.52 26.80 68.47
CA GLY DA 166 -19.24 26.96 67.81
C GLY DA 166 -18.12 27.49 68.68
N LEU DA 167 -18.31 27.57 69.99
CA LEU DA 167 -17.26 28.02 70.87
C LEU DA 167 -16.14 26.98 70.92
N PRO DA 168 -14.89 27.40 71.03
CA PRO DA 168 -13.78 26.43 71.16
C PRO DA 168 -13.75 25.83 72.56
N GLU DA 169 -12.93 24.78 72.69
CA GLU DA 169 -12.91 24.00 73.93
C GLU DA 169 -12.41 24.79 75.12
N SER DA 170 -11.52 25.76 74.91
CA SER DA 170 -10.90 26.46 76.02
C SER DA 170 -11.93 27.26 76.82
N GLU DA 171 -12.75 28.05 76.13
CA GLU DA 171 -13.76 28.85 76.84
C GLU DA 171 -14.84 27.97 77.45
N ILE DA 172 -15.21 26.87 76.79
CA ILE DA 172 -16.18 25.96 77.35
C ILE DA 172 -15.67 25.39 78.67
N ASN DA 173 -14.42 24.93 78.66
CA ASN DA 173 -13.82 24.38 79.88
C ASN DA 173 -13.70 25.45 80.96
N ARG DA 174 -13.39 26.68 80.56
CA ARG DA 174 -13.29 27.77 81.53
C ARG DA 174 -14.64 28.02 82.20
N ILE DA 175 -15.71 28.09 81.41
CA ILE DA 175 -17.04 28.33 81.97
C ILE DA 175 -17.45 27.21 82.90
N LEU DA 176 -17.23 25.95 82.47
CA LEU DA 176 -17.62 24.81 83.28
C LEU DA 176 -16.84 24.78 84.59
N ALA DA 177 -15.53 25.04 84.52
CA ALA DA 177 -14.71 25.05 85.73
C ALA DA 177 -15.15 26.14 86.68
N VAL DA 178 -15.48 27.33 86.15
CA VAL DA 178 -15.94 28.42 87.02
C VAL DA 178 -17.24 28.06 87.71
N SER DA 179 -18.18 27.44 86.98
CA SER DA 179 -19.45 27.06 87.60
C SER DA 179 -19.25 26.03 88.69
N ILE DA 180 -18.44 25.00 88.40
CA ILE DA 180 -18.16 23.97 89.41
C ILE DA 180 -17.50 24.60 90.63
N LEU DA 181 -16.56 25.52 90.41
CA LEU DA 181 -15.89 26.16 91.53
C LEU DA 181 -16.83 27.05 92.33
N GLU DA 182 -17.83 27.65 91.68
CA GLU DA 182 -18.80 28.44 92.44
C GLU DA 182 -19.67 27.55 93.33
N VAL DA 183 -20.08 26.39 92.81
CA VAL DA 183 -20.81 25.45 93.66
C VAL DA 183 -19.93 24.99 94.83
N ALA DA 184 -18.66 24.69 94.55
CA ALA DA 184 -17.75 24.29 95.61
C ALA DA 184 -17.53 25.40 96.62
N LYS DA 185 -17.51 26.66 96.16
CA LYS DA 185 -17.38 27.79 97.06
C LYS DA 185 -18.58 27.90 97.99
N TYR DA 186 -19.78 27.68 97.45
CA TYR DA 186 -20.97 27.68 98.30
C TYR DA 186 -20.87 26.57 99.36
N LEU DA 187 -20.41 25.38 98.95
CA LEU DA 187 -20.23 24.29 99.91
C LEU DA 187 -19.21 24.66 100.99
N LEU DA 188 -18.10 25.29 100.60
CA LEU DA 188 -17.09 25.69 101.56
C LEU DA 188 -17.63 26.73 102.54
N GLU DA 189 -18.42 27.68 102.04
CA GLU DA 189 -19.04 28.66 102.92
C GLU DA 189 -19.99 27.98 103.91
N LYS DA 190 -20.74 26.99 103.44
CA LYS DA 190 -21.58 26.23 104.37
C LYS DA 190 -20.76 25.53 105.44
N LEU DA 191 -19.64 24.91 105.04
CA LEU DA 191 -18.78 24.23 106.00
C LEU DA 191 -18.15 25.19 106.99
N GLY DA 192 -17.71 26.36 106.52
CA GLY DA 192 -17.13 27.36 107.40
C GLY DA 192 -15.62 27.45 107.30
N PHE DA 193 -15.07 27.29 106.10
CA PHE DA 193 -13.64 27.37 105.85
C PHE DA 193 -13.40 28.63 105.00
N ASP DA 194 -13.18 29.76 105.68
CA ASP DA 194 -13.11 31.04 105.00
C ASP DA 194 -11.85 31.18 104.16
N TYR DA 195 -10.71 30.72 104.67
CA TYR DA 195 -9.46 30.87 103.93
C TYR DA 195 -9.50 30.10 102.61
N LEU DA 196 -10.03 28.88 102.64
CA LEU DA 196 -10.19 28.12 101.41
C LEU DA 196 -11.15 28.83 100.46
N VAL DA 197 -12.16 29.52 101.01
CA VAL DA 197 -13.05 30.31 100.18
C VAL DA 197 -12.27 31.38 99.45
N GLU DA 198 -11.44 32.13 100.18
CA GLU DA 198 -10.66 33.22 99.58
C GLU DA 198 -9.72 32.70 98.50
N LEU DA 199 -9.03 31.59 98.78
CA LEU DA 199 -8.20 30.97 97.75
C LEU DA 199 -9.03 30.57 96.54
N LEU DA 200 -10.28 30.16 96.77
CA LEU DA 200 -11.15 29.79 95.66
C LEU DA 200 -11.53 31.00 94.81
N ASP DA 201 -11.81 32.15 95.43
CA ASP DA 201 -12.05 33.34 94.61
C ASP DA 201 -10.80 33.71 93.82
N ARG DA 202 -9.62 33.58 94.44
CA ARG DA 202 -8.39 33.88 93.70
C ARG DA 202 -8.25 32.97 92.48
N ALA DA 203 -8.49 31.68 92.66
CA ALA DA 203 -8.39 30.74 91.55
C ALA DA 203 -9.43 31.02 90.48
N ILE DA 204 -10.66 31.39 90.89
CA ILE DA 204 -11.72 31.69 89.93
C ILE DA 204 -11.35 32.92 89.11
N GLU DA 205 -10.82 33.96 89.77
CA GLU DA 205 -10.38 35.15 89.05
C GLU DA 205 -9.26 34.82 88.07
N TYR DA 206 -8.31 33.98 88.48
CA TYR DA 206 -7.22 33.60 87.57
C TYR DA 206 -7.75 32.82 86.37
N ILE DA 207 -8.71 31.92 86.59
CA ILE DA 207 -9.31 31.19 85.47
C ILE DA 207 -10.04 32.16 84.54
N LEU DA 208 -10.78 33.10 85.10
CA LEU DA 208 -11.57 34.02 84.28
C LEU DA 208 -10.69 34.95 83.47
N LYS DA 209 -9.58 35.42 84.05
CA LYS DA 209 -8.68 36.32 83.35
C LYS DA 209 -7.83 35.61 82.29
N GLY DA 210 -7.85 34.28 82.25
CA GLY DA 210 -7.13 33.53 81.25
C GLY DA 210 -5.85 32.88 81.73
N ARG DA 211 -5.40 33.21 82.95
CA ARG DA 211 -4.16 32.66 83.49
C ARG DA 211 -4.44 31.26 84.02
N SER DA 212 -4.12 30.24 83.21
CA SER DA 212 -4.53 28.88 83.49
C SER DA 212 -3.56 28.12 84.39
N GLU DA 213 -2.26 28.23 84.12
CA GLU DA 213 -1.27 27.46 84.89
C GLU DA 213 -1.22 27.90 86.34
N LEU DA 214 -1.29 29.22 86.59
CA LEU DA 214 -1.35 29.71 87.96
C LEU DA 214 -2.58 29.18 88.67
N ALA DA 215 -3.71 29.14 87.96
CA ALA DA 215 -4.94 28.60 88.54
C ALA DA 215 -4.81 27.13 88.86
N VAL DA 216 -4.14 26.37 87.99
CA VAL DA 216 -3.94 24.94 88.24
C VAL DA 216 -3.08 24.73 89.48
N HIS DA 217 -2.01 25.51 89.62
CA HIS DA 217 -1.16 25.39 90.81
C HIS DA 217 -1.94 25.77 92.07
N LEU DA 218 -2.74 26.84 91.99
CA LEU DA 218 -3.57 27.23 93.13
C LEU DA 218 -4.56 26.13 93.48
N LEU DA 219 -5.15 25.48 92.48
CA LEU DA 219 -6.10 24.40 92.72
C LEU DA 219 -5.41 23.19 93.33
N ASP DA 220 -4.16 22.92 92.94
CA ASP DA 220 -3.39 21.86 93.58
C ASP DA 220 -3.18 22.16 95.06
N ASP DA 221 -2.82 23.39 95.39
CA ASP DA 221 -2.63 23.76 96.79
C ASP DA 221 -3.95 23.65 97.56
N ILE DA 222 -5.05 24.07 96.93
CA ILE DA 222 -6.36 23.97 97.57
C ILE DA 222 -6.73 22.51 97.82
N ILE DA 223 -6.44 21.64 96.85
CA ILE DA 223 -6.72 20.22 97.00
C ILE DA 223 -5.93 19.63 98.15
N ARG DA 224 -4.65 20.01 98.26
CA ARG DA 224 -3.85 19.53 99.38
C ARG DA 224 -4.43 19.99 100.71
N ARG DA 225 -4.85 21.26 100.79
CA ARG DA 225 -5.45 21.76 102.03
C ARG DA 225 -6.74 21.03 102.37
N VAL DA 226 -7.56 20.74 101.35
CA VAL DA 226 -8.83 20.03 101.58
C VAL DA 226 -8.57 18.63 102.08
N HIS DA 227 -7.58 17.94 101.48
CA HIS DA 227 -7.24 16.60 101.96
C HIS DA 227 -6.71 16.64 103.39
N GLU DA 228 -5.94 17.67 103.73
CA GLU DA 228 -5.49 17.82 105.12
C GLU DA 228 -6.68 17.99 106.07
N GLU DA 229 -7.66 18.80 105.67
CA GLU DA 229 -8.85 18.97 106.50
C GLU DA 229 -9.62 17.66 106.67
N ILE DA 230 -9.77 16.92 105.58
CA ILE DA 230 -10.47 15.63 105.64
C ILE DA 230 -9.74 14.68 106.58
N GLU DA 231 -8.41 14.61 106.46
CA GLU DA 231 -7.63 13.75 107.35
C GLU DA 231 -7.74 14.19 108.79
N ARG DA 232 -7.83 15.50 109.04
CA ARG DA 232 -8.03 15.97 110.40
C ARG DA 232 -9.37 15.53 110.95
N TYR DA 233 -10.42 15.52 110.12
CA TYR DA 233 -11.75 15.16 110.60
C TYR DA 233 -11.80 13.71 111.07
N GLY DA 234 -11.17 12.80 110.33
CA GLY DA 234 -11.06 11.42 110.77
C GLY DA 234 -12.22 10.57 110.24
N ASP DA 235 -13.00 10.00 111.17
CA ASP DA 235 -14.11 9.14 110.80
C ASP DA 235 -15.45 9.86 110.75
N ASP DA 236 -15.50 11.11 111.20
CA ASP DA 236 -16.74 11.89 111.26
C ASP DA 236 -16.81 12.93 110.14
N VAL DA 237 -16.28 12.61 108.97
CA VAL DA 237 -16.21 13.57 107.87
C VAL DA 237 -17.62 13.83 107.34
N PRO DA 238 -18.07 15.08 107.30
CA PRO DA 238 -19.35 15.39 106.65
C PRO DA 238 -19.28 15.16 105.16
N GLU DA 239 -20.44 14.82 104.57
CA GLU DA 239 -20.51 14.54 103.15
C GLU DA 239 -20.21 15.76 102.29
N GLU DA 240 -20.45 16.96 102.81
CA GLU DA 240 -20.16 18.17 102.06
C GLU DA 240 -18.67 18.28 101.74
N LEU DA 241 -17.82 17.87 102.68
CA LEU DA 241 -16.38 17.91 102.45
C LEU DA 241 -15.97 16.98 101.31
N LEU DA 242 -16.54 15.77 101.27
CA LEU DA 242 -16.19 14.84 100.20
C LEU DA 242 -16.72 15.32 98.85
N LEU DA 243 -17.94 15.86 98.83
CA LEU DA 243 -18.46 16.41 97.58
C LEU DA 243 -17.63 17.59 97.11
N LEU DA 244 -17.20 18.44 98.04
CA LEU DA 244 -16.31 19.55 97.70
C LEU DA 244 -14.98 19.05 97.14
N ASP DA 245 -14.42 18.00 97.75
CA ASP DA 245 -13.20 17.40 97.23
C ASP DA 245 -13.37 16.96 95.78
N LEU DA 246 -14.45 16.23 95.50
CA LEU DA 246 -14.68 15.77 94.14
C LEU DA 246 -14.87 16.93 93.17
N LEU DA 247 -15.62 17.95 93.60
CA LEU DA 247 -15.87 19.10 92.73
C LEU DA 247 -14.58 19.83 92.40
N VAL DA 248 -13.74 20.08 93.40
CA VAL DA 248 -12.49 20.80 93.18
C VAL DA 248 -11.57 19.97 92.29
N GLN DA 249 -11.56 18.64 92.48
CA GLN DA 249 -10.72 17.80 91.63
C GLN DA 249 -11.16 17.86 90.17
N LYS DA 250 -12.47 17.77 89.92
CA LYS DA 250 -12.92 17.83 88.53
C LYS DA 250 -12.74 19.22 87.92
N ALA DA 251 -12.86 20.27 88.74
CA ALA DA 251 -12.60 21.62 88.25
C ALA DA 251 -11.12 21.78 87.89
N ARG DA 252 -10.23 21.21 88.70
CA ARG DA 252 -8.81 21.25 88.38
C ARG DA 252 -8.51 20.49 87.09
N ASP DA 253 -9.17 19.35 86.89
CA ASP DA 253 -8.99 18.63 85.63
C ASP DA 253 -9.43 19.47 84.44
N LEU DA 254 -10.58 20.13 84.56
CA LEU DA 254 -11.06 20.99 83.48
C LEU DA 254 -10.11 22.15 83.22
N ALA DA 255 -9.60 22.76 84.30
CA ALA DA 255 -8.67 23.87 84.15
C ALA DA 255 -7.38 23.43 83.47
N ALA DA 256 -6.90 22.22 83.80
CA ALA DA 256 -5.75 21.68 83.10
C ALA DA 256 -6.06 21.46 81.62
N ARG DA 257 -7.25 20.96 81.31
CA ARG DA 257 -7.62 20.72 79.92
C ARG DA 257 -7.86 21.99 79.12
N ILE DA 258 -7.91 23.16 79.76
CA ILE DA 258 -8.16 24.42 79.07
C ILE DA 258 -7.12 24.65 77.99
N MET EA 25 45.30 -8.32 73.80
CA MET EA 25 45.97 -9.52 73.32
C MET EA 25 46.41 -10.43 74.47
N GLU EA 26 45.58 -10.50 75.51
CA GLU EA 26 45.93 -11.30 76.69
C GLU EA 26 45.99 -12.79 76.39
N LYS EA 27 45.35 -13.23 75.30
CA LYS EA 27 45.44 -14.64 74.92
C LYS EA 27 46.87 -15.03 74.60
N LEU EA 28 47.60 -14.16 73.91
CA LEU EA 28 48.98 -14.45 73.57
C LEU EA 28 49.90 -14.41 74.79
N GLU EA 29 49.61 -13.54 75.76
CA GLU EA 29 50.37 -13.59 77.02
C GLU EA 29 50.08 -14.87 77.78
N VAL EA 30 48.83 -15.35 77.75
CA VAL EA 30 48.53 -16.64 78.36
C VAL EA 30 49.29 -17.76 77.65
N ALA EA 31 49.37 -17.68 76.32
CA ALA EA 31 50.15 -18.65 75.56
C ALA EA 31 51.63 -18.61 75.94
N VAL EA 32 52.18 -17.41 76.14
CA VAL EA 32 53.58 -17.28 76.54
C VAL EA 32 53.80 -17.90 77.93
N GLU EA 33 52.87 -17.65 78.85
CA GLU EA 33 52.98 -18.25 80.18
C GLU EA 33 52.88 -19.77 80.10
N HIS EA 34 51.99 -20.27 79.29
CA HIS EA 34 51.94 -21.70 79.06
C HIS EA 34 53.25 -22.24 78.53
N LEU EA 35 53.86 -21.56 77.55
CA LEU EA 35 55.13 -22.01 76.99
C LEU EA 35 56.21 -22.06 78.05
N LYS EA 36 56.24 -21.06 78.93
CA LYS EA 36 57.18 -21.12 80.06
C LYS EA 36 56.89 -22.33 80.94
N GLU EA 37 55.60 -22.60 81.20
CA GLU EA 37 55.24 -23.78 81.98
C GLU EA 37 55.68 -25.06 81.30
N ALA EA 38 55.56 -25.12 79.97
CA ALA EA 38 56.00 -26.29 79.22
C ALA EA 38 57.51 -26.50 79.33
N ILE EA 39 58.28 -25.42 79.25
CA ILE EA 39 59.73 -25.53 79.42
C ILE EA 39 60.05 -26.05 80.81
N GLU EA 40 59.38 -25.51 81.83
CA GLU EA 40 59.62 -25.98 83.19
C GLU EA 40 59.24 -27.45 83.35
N LEU EA 41 58.16 -27.88 82.71
CA LEU EA 41 57.74 -29.27 82.81
C LEU EA 41 58.73 -30.21 82.13
N ILE EA 42 59.22 -29.83 80.94
CA ILE EA 42 60.26 -30.63 80.29
C ILE EA 42 61.50 -30.71 81.18
N GLU EA 43 61.84 -29.61 81.85
CA GLU EA 43 62.98 -29.63 82.76
C GLU EA 43 62.72 -30.59 83.92
N LYS EA 44 61.50 -30.60 84.46
CA LYS EA 44 61.19 -31.46 85.59
C LYS EA 44 61.23 -32.94 85.21
N GLY EA 45 60.57 -33.29 84.11
CA GLY EA 45 60.57 -34.67 83.66
C GLY EA 45 59.21 -35.21 83.29
N GLU EA 46 58.17 -34.38 83.34
CA GLU EA 46 56.83 -34.80 82.97
C GLU EA 46 56.61 -34.49 81.49
N TYR EA 47 56.74 -35.53 80.65
CA TYR EA 47 56.63 -35.36 79.21
C TYR EA 47 55.20 -35.47 78.70
N VAL EA 48 54.36 -36.25 79.37
CA VAL EA 48 52.94 -36.31 79.00
C VAL EA 48 52.27 -34.96 79.22
N LYS EA 49 52.53 -34.35 80.38
CA LYS EA 49 51.97 -33.04 80.66
C LYS EA 49 52.51 -31.99 79.70
N ALA EA 50 53.78 -32.13 79.30
CA ALA EA 50 54.34 -31.21 78.31
C ALA EA 50 53.66 -31.35 76.95
N ASP EA 51 53.40 -32.59 76.52
CA ASP EA 51 52.70 -32.82 75.26
C ASP EA 51 51.28 -32.23 75.31
N LEU EA 52 50.58 -32.44 76.42
CA LEU EA 52 49.24 -31.89 76.58
C LEU EA 52 49.25 -30.36 76.61
N ILE EA 53 50.25 -29.77 77.27
CA ILE EA 53 50.39 -28.32 77.29
C ILE EA 53 50.64 -27.79 75.89
N LEU EA 54 51.44 -28.49 75.09
CA LEU EA 54 51.67 -28.06 73.72
C LEU EA 54 50.38 -28.08 72.92
N THR EA 55 49.55 -29.09 73.13
CA THR EA 55 48.24 -29.11 72.48
C THR EA 55 47.37 -27.93 72.92
N ASP EA 56 47.40 -27.60 74.21
CA ASP EA 56 46.65 -26.46 74.70
C ASP EA 56 47.15 -25.15 74.08
N ILE EA 57 48.47 -25.00 73.96
CA ILE EA 57 49.04 -23.80 73.35
C ILE EA 57 48.61 -23.70 71.90
N LEU EA 58 48.60 -24.83 71.18
CA LEU EA 58 48.14 -24.82 69.80
C LEU EA 58 46.68 -24.37 69.73
N ARG EA 59 45.84 -24.85 70.65
CA ARG EA 59 44.45 -24.43 70.67
C ARG EA 59 44.32 -22.93 70.91
N LEU EA 60 45.10 -22.40 71.86
CA LEU EA 60 45.08 -20.96 72.13
C LEU EA 60 45.49 -20.15 70.90
N LEU EA 61 46.60 -20.54 70.26
CA LEU EA 61 47.08 -19.81 69.10
C LEU EA 61 46.08 -19.87 67.94
N GLU EA 62 45.47 -21.03 67.74
CA GLU EA 62 44.43 -21.13 66.71
C GLU EA 62 43.23 -20.27 67.06
N GLU EA 63 42.92 -20.13 68.34
CA GLU EA 63 41.86 -19.22 68.75
C GLU EA 63 42.20 -17.78 68.39
N GLU EA 64 43.46 -17.39 68.59
CA GLU EA 64 43.87 -16.03 68.23
C GLU EA 64 43.83 -15.84 66.71
N GLY EA 65 44.45 -16.74 65.96
CA GLY EA 65 44.36 -16.70 64.51
C GLY EA 65 45.55 -16.14 63.76
N VAL EA 66 46.77 -16.55 64.14
CA VAL EA 66 47.99 -16.18 63.42
C VAL EA 66 48.53 -17.43 62.75
N LYS EA 67 48.57 -17.42 61.42
CA LYS EA 67 48.81 -18.64 60.65
C LYS EA 67 50.21 -19.19 60.91
N SER EA 68 51.23 -18.33 60.85
CA SER EA 68 52.60 -18.79 61.05
C SER EA 68 52.78 -19.39 62.42
N LEU EA 69 52.25 -18.73 63.45
CA LEU EA 69 52.30 -19.28 64.80
C LEU EA 69 51.58 -20.62 64.87
N ILE EA 70 50.47 -20.76 64.14
CA ILE EA 70 49.69 -22.00 64.20
C ILE EA 70 50.49 -23.16 63.62
N LYS EA 71 51.06 -22.98 62.42
CA LYS EA 71 51.83 -24.06 61.82
C LYS EA 71 53.07 -24.37 62.66
N GLN EA 72 53.71 -23.33 63.21
CA GLN EA 72 54.85 -23.56 64.07
C GLN EA 72 54.46 -24.37 65.30
N ALA EA 73 53.28 -24.10 65.87
CA ALA EA 73 52.85 -24.82 67.06
C ALA EA 73 52.52 -26.28 66.74
N LYS EA 74 51.89 -26.54 65.60
CA LYS EA 74 51.60 -27.93 65.23
C LYS EA 74 52.89 -28.73 65.00
N GLU EA 75 53.82 -28.16 64.21
CA GLU EA 75 55.08 -28.85 64.00
C GLU EA 75 55.86 -28.99 65.30
N LEU EA 76 55.72 -28.02 66.21
CA LEU EA 76 56.35 -28.13 67.51
C LEU EA 76 55.80 -29.30 68.30
N HIS EA 77 54.48 -29.47 68.30
CA HIS EA 77 53.89 -30.61 69.00
C HIS EA 77 54.45 -31.91 68.47
N ILE EA 78 54.42 -32.10 67.15
CA ILE EA 78 54.88 -33.36 66.57
C ILE EA 78 56.36 -33.60 66.89
N GLU EA 79 57.20 -32.60 66.63
CA GLU EA 79 58.63 -32.79 66.77
C GLU EA 79 59.05 -32.94 68.22
N VAL EA 80 58.40 -32.22 69.14
CA VAL EA 80 58.74 -32.37 70.55
C VAL EA 80 58.32 -33.73 71.06
N PHE EA 81 57.18 -34.25 70.59
CA PHE EA 81 56.81 -35.61 70.97
C PHE EA 81 57.86 -36.60 70.51
N LYS EA 82 58.30 -36.49 69.26
CA LYS EA 82 59.33 -37.39 68.75
C LYS EA 82 60.63 -37.27 69.55
N LEU EA 83 61.08 -36.03 69.80
CA LEU EA 83 62.34 -35.82 70.50
C LEU EA 83 62.28 -36.33 71.94
N LEU EA 84 61.17 -36.10 72.63
CA LEU EA 84 61.03 -36.61 73.98
C LEU EA 84 60.97 -38.12 74.01
N LYS EA 85 60.41 -38.74 72.95
CA LYS EA 85 60.53 -40.18 72.82
C LYS EA 85 61.99 -40.61 72.71
N GLU EA 86 62.75 -39.92 71.85
CA GLU EA 86 64.15 -40.29 71.66
C GLU EA 86 65.01 -39.95 72.87
N GLY EA 87 64.69 -38.86 73.57
CA GLY EA 87 65.47 -38.42 74.71
C GLY EA 87 66.23 -37.13 74.50
N GLU EA 88 65.98 -36.42 73.40
CA GLU EA 88 66.66 -35.15 73.11
C GLU EA 88 65.92 -34.02 73.83
N TYR EA 89 66.20 -33.89 75.13
CA TYR EA 89 65.52 -32.88 75.94
C TYR EA 89 65.92 -31.48 75.51
N LYS EA 90 67.22 -31.26 75.24
CA LYS EA 90 67.70 -29.93 74.91
C LYS EA 90 67.12 -29.43 73.59
N GLU EA 91 67.00 -30.31 72.60
CA GLU EA 91 66.42 -29.91 71.33
C GLU EA 91 64.96 -29.51 71.48
N ALA EA 92 64.20 -30.27 72.27
CA ALA EA 92 62.81 -29.92 72.50
C ALA EA 92 62.68 -28.60 73.25
N LYS EA 93 63.52 -28.40 74.26
CA LYS EA 93 63.52 -27.13 74.97
C LYS EA 93 63.86 -25.98 74.05
N ALA EA 94 64.82 -26.19 73.15
CA ALA EA 94 65.18 -25.14 72.19
C ALA EA 94 64.02 -24.81 71.26
N LEU EA 95 63.30 -25.82 70.79
CA LEU EA 95 62.15 -25.56 69.92
C LEU EA 95 61.05 -24.81 70.66
N VAL EA 96 60.78 -25.19 71.91
CA VAL EA 96 59.77 -24.48 72.69
C VAL EA 96 60.19 -23.03 72.93
N GLU EA 97 61.47 -22.82 73.23
CA GLU EA 97 61.96 -21.46 73.45
C GLU EA 97 61.87 -20.64 72.16
N ALA EA 98 62.14 -21.26 71.01
CA ALA EA 98 62.02 -20.55 69.75
C ALA EA 98 60.58 -20.12 69.50
N LEU EA 99 59.62 -21.00 69.76
CA LEU EA 99 58.22 -20.62 69.59
C LEU EA 99 57.82 -19.52 70.56
N ARG EA 100 58.33 -19.58 71.80
CA ARG EA 100 58.04 -18.55 72.78
C ARG EA 100 58.56 -17.19 72.31
N VAL EA 101 59.80 -17.16 71.82
CA VAL EA 101 60.40 -15.93 71.33
C VAL EA 101 59.62 -15.40 70.14
N SER EA 102 59.18 -16.30 69.26
CA SER EA 102 58.40 -15.88 68.10
C SER EA 102 57.08 -15.23 68.52
N VAL EA 103 56.39 -15.81 69.51
CA VAL EA 103 55.12 -15.25 69.96
C VAL EA 103 55.34 -13.90 70.62
N GLU EA 104 56.35 -13.80 71.49
CA GLU EA 104 56.64 -12.52 72.14
C GLU EA 104 57.01 -11.45 71.11
N LEU EA 105 57.77 -11.84 70.08
CA LEU EA 105 58.14 -10.89 69.03
C LEU EA 105 56.92 -10.42 68.26
N TYR EA 106 55.97 -11.33 67.99
CA TYR EA 106 54.74 -10.90 67.34
C TYR EA 106 53.98 -9.90 68.21
N ILE EA 107 53.92 -10.17 69.52
CA ILE EA 107 53.24 -9.25 70.43
C ILE EA 107 53.88 -7.87 70.36
N LEU EA 108 55.22 -7.84 70.44
CA LEU EA 108 55.93 -6.57 70.45
C LEU EA 108 55.78 -5.84 69.12
N ILE EA 109 55.78 -6.57 68.01
CA ILE EA 109 55.59 -5.94 66.70
C ILE EA 109 54.21 -5.31 66.63
N LYS EA 110 53.18 -6.01 67.10
CA LYS EA 110 51.83 -5.45 67.07
C LYS EA 110 51.72 -4.21 67.94
N ARG EA 111 52.30 -4.26 69.14
CA ARG EA 111 52.27 -3.10 70.03
C ARG EA 111 53.01 -1.92 69.40
N GLY EA 112 54.16 -2.16 68.79
CA GLY EA 112 54.91 -1.09 68.17
C GLY EA 112 54.18 -0.46 67.00
N VAL EA 113 53.58 -1.30 66.14
CA VAL EA 113 52.89 -0.78 64.97
C VAL EA 113 51.65 0.00 65.37
N ARG EA 114 50.88 -0.53 66.33
CA ARG EA 114 49.67 0.17 66.77
C ARG EA 114 50.00 1.52 67.38
N GLU EA 115 50.97 1.54 68.31
CA GLU EA 115 51.40 2.77 68.98
C GLU EA 115 52.14 3.74 68.06
N GLY EA 116 52.31 3.41 66.78
CA GLY EA 116 53.04 4.27 65.89
C GLY EA 116 54.49 4.45 66.26
N ARG EA 117 55.11 3.43 66.85
CA ARG EA 117 56.50 3.52 67.24
C ARG EA 117 57.39 3.58 66.00
N PRO EA 118 58.55 4.23 66.09
CA PRO EA 118 59.46 4.27 64.95
C PRO EA 118 60.00 2.89 64.63
N ILE EA 119 60.28 2.67 63.33
CA ILE EA 119 60.86 1.40 62.89
C ILE EA 119 62.20 1.16 63.56
N GLU EA 120 62.94 2.23 63.87
CA GLU EA 120 64.27 2.09 64.45
C GLU EA 120 64.24 1.31 65.76
N GLU EA 121 63.39 1.73 66.71
CA GLU EA 121 63.40 1.08 68.01
C GLU EA 121 62.77 -0.31 67.94
N ILE EA 122 61.82 -0.52 67.04
CA ILE EA 122 61.28 -1.87 66.82
C ILE EA 122 62.40 -2.81 66.37
N ALA EA 123 63.21 -2.35 65.41
CA ALA EA 123 64.32 -3.17 64.93
C ALA EA 123 65.33 -3.44 66.03
N ARG EA 124 65.64 -2.44 66.85
CA ARG EA 124 66.57 -2.65 67.94
C ARG EA 124 66.03 -3.66 68.94
N GLU EA 125 64.73 -3.58 69.24
CA GLU EA 125 64.13 -4.54 70.17
C GLU EA 125 64.16 -5.96 69.61
N VAL EA 126 63.86 -6.11 68.32
CA VAL EA 126 63.91 -7.44 67.70
C VAL EA 126 65.31 -8.01 67.78
N GLY EA 127 66.32 -7.19 67.46
CA GLY EA 127 67.69 -7.65 67.56
C GLY EA 127 68.08 -8.06 68.96
N ARG EA 128 67.67 -7.26 69.95
CA ARG EA 128 67.99 -7.59 71.35
C ARG EA 128 67.35 -8.91 71.75
N LYS EA 129 66.10 -9.13 71.36
CA LYS EA 129 65.42 -10.38 71.70
C LYS EA 129 66.12 -11.58 71.06
N LEU EA 130 66.50 -11.44 69.78
CA LEU EA 130 67.19 -12.54 69.10
C LEU EA 130 68.53 -12.83 69.75
N VAL EA 131 69.27 -11.79 70.15
CA VAL EA 131 70.56 -12.01 70.79
C VAL EA 131 70.37 -12.68 72.14
N GLU EA 132 69.34 -12.30 72.89
CA GLU EA 132 69.09 -12.95 74.18
C GLU EA 132 68.75 -14.41 74.00
N LEU EA 133 67.92 -14.73 72.99
CA LEU EA 133 67.63 -16.13 72.71
C LEU EA 133 68.89 -16.90 72.34
N ALA EA 134 69.74 -16.30 71.51
CA ALA EA 134 70.97 -16.98 71.11
C ALA EA 134 71.87 -17.24 72.32
N LYS EA 135 71.98 -16.27 73.22
CA LYS EA 135 72.78 -16.46 74.43
C LYS EA 135 72.21 -17.56 75.30
N ARG EA 136 70.88 -17.61 75.44
CA ARG EA 136 70.24 -18.68 76.21
C ARG EA 136 70.56 -20.04 75.61
N LEU EA 137 70.37 -20.19 74.30
CA LEU EA 137 70.62 -21.48 73.65
C LEU EA 137 72.09 -21.87 73.74
N GLU EA 138 73.00 -20.89 73.65
CA GLU EA 138 74.41 -21.19 73.80
C GLU EA 138 74.71 -21.67 75.21
N LYS EA 139 74.06 -21.08 76.22
CA LYS EA 139 74.23 -21.55 77.59
C LYS EA 139 73.71 -22.97 77.76
N GLU EA 140 72.58 -23.29 77.10
CA GLU EA 140 72.03 -24.64 77.22
C GLU EA 140 72.98 -25.69 76.67
N GLY EA 141 73.61 -25.42 75.53
CA GLY EA 141 74.54 -26.37 74.94
C GLY EA 141 74.25 -26.68 73.50
N ILE EA 142 73.29 -25.95 72.90
CA ILE EA 142 72.95 -26.14 71.50
C ILE EA 142 74.04 -25.52 70.63
N SER EA 143 74.44 -26.23 69.59
CA SER EA 143 75.50 -25.76 68.70
C SER EA 143 75.04 -24.54 67.91
N TRP EA 144 76.03 -23.82 67.35
CA TRP EA 144 75.73 -22.54 66.72
C TRP EA 144 75.03 -22.70 65.37
N GLU EA 145 75.24 -23.83 64.68
CA GLU EA 145 74.50 -24.07 63.44
C GLU EA 145 73.01 -24.19 63.71
N GLU EA 146 72.65 -24.95 64.75
CA GLU EA 146 71.24 -25.07 65.13
C GLU EA 146 70.67 -23.73 65.58
N ILE EA 147 71.47 -22.96 66.33
CA ILE EA 147 71.02 -21.64 66.78
C ILE EA 147 70.74 -20.74 65.58
N ILE EA 148 71.63 -20.75 64.60
CA ILE EA 148 71.45 -19.92 63.41
C ILE EA 148 70.20 -20.36 62.65
N GLU EA 149 70.01 -21.67 62.49
CA GLU EA 149 68.83 -22.15 61.75
C GLU EA 149 67.53 -21.76 62.46
N LEU EA 150 67.49 -21.90 63.79
CA LEU EA 150 66.32 -21.47 64.55
C LEU EA 150 66.09 -19.97 64.37
N ILE EA 151 67.16 -19.18 64.41
CA ILE EA 151 67.03 -17.73 64.26
C ILE EA 151 66.48 -17.37 62.89
N GLU EA 152 66.95 -18.05 61.84
CA GLU EA 152 66.42 -17.76 60.50
C GLU EA 152 64.96 -18.19 60.35
N ARG EA 153 64.56 -19.29 60.99
CA ARG EA 153 63.14 -19.63 60.98
C ARG EA 153 62.31 -18.54 61.66
N ILE EA 154 62.79 -18.05 62.80
CA ILE EA 154 62.10 -16.95 63.48
C ILE EA 154 62.06 -15.71 62.60
N LEU EA 155 63.13 -15.47 61.85
CA LEU EA 155 63.19 -14.30 60.98
C LEU EA 155 62.20 -14.41 59.83
N GLU EA 156 62.03 -15.60 59.27
CA GLU EA 156 61.01 -15.80 58.25
C GLU EA 156 59.61 -15.59 58.81
N SER EA 157 59.38 -16.06 60.04
CA SER EA 157 58.10 -15.80 60.69
C SER EA 157 57.88 -14.30 60.88
N ILE EA 158 58.92 -13.58 61.29
CA ILE EA 158 58.84 -12.13 61.46
C ILE EA 158 58.53 -11.45 60.15
N ARG EA 159 59.16 -11.91 59.06
CA ARG EA 159 58.91 -11.33 57.75
C ARG EA 159 57.44 -11.49 57.36
N GLU EA 160 56.89 -12.69 57.58
CA GLU EA 160 55.47 -12.89 57.28
C GLU EA 160 54.59 -12.00 58.14
N ILE EA 161 54.90 -11.90 59.43
CA ILE EA 161 54.09 -11.09 60.33
C ILE EA 161 54.12 -9.62 59.91
N LEU EA 162 55.31 -9.12 59.58
CA LEU EA 162 55.45 -7.73 59.16
C LEU EA 162 54.71 -7.47 57.85
N LYS EA 163 54.80 -8.41 56.90
CA LYS EA 163 54.05 -8.26 55.67
C LYS EA 163 52.55 -8.26 55.92
N GLU EA 164 52.10 -8.98 56.95
CA GLU EA 164 50.68 -8.97 57.29
C GLU EA 164 50.23 -7.59 57.75
N GLU EA 165 51.06 -6.88 58.51
CA GLU EA 165 50.71 -5.57 59.04
C GLU EA 165 50.66 -4.49 57.97
N GLY EA 166 50.87 -4.82 56.71
CA GLY EA 166 50.81 -3.83 55.65
C GLY EA 166 52.05 -2.96 55.52
N LEU EA 167 53.13 -3.30 56.20
CA LEU EA 167 54.36 -2.53 56.05
C LEU EA 167 54.96 -2.76 54.68
N PRO EA 168 55.57 -1.73 54.07
CA PRO EA 168 56.23 -1.92 52.78
C PRO EA 168 57.54 -2.68 52.93
N GLU EA 169 58.09 -3.09 51.78
CA GLU EA 169 59.25 -3.97 51.77
C GLU EA 169 60.49 -3.31 52.36
N SER EA 170 60.63 -1.99 52.21
CA SER EA 170 61.85 -1.32 52.64
C SER EA 170 62.07 -1.43 54.13
N GLU EA 171 61.04 -1.11 54.93
CA GLU EA 171 61.19 -1.19 56.38
C GLU EA 171 61.33 -2.63 56.86
N ILE EA 172 60.63 -3.57 56.20
CA ILE EA 172 60.77 -4.98 56.57
C ILE EA 172 62.22 -5.42 56.36
N ASN EA 173 62.79 -5.09 55.20
CA ASN EA 173 64.18 -5.44 54.93
C ASN EA 173 65.12 -4.76 55.90
N ARG EA 174 64.83 -3.52 56.26
CA ARG EA 174 65.67 -2.80 57.21
C ARG EA 174 65.67 -3.49 58.57
N ILE EA 175 64.50 -3.87 59.07
CA ILE EA 175 64.40 -4.54 60.36
C ILE EA 175 65.13 -5.88 60.34
N LEU EA 176 64.91 -6.65 59.27
CA LEU EA 176 65.55 -7.97 59.17
C LEU EA 176 67.07 -7.84 59.10
N ALA EA 177 67.56 -6.88 58.31
CA ALA EA 177 68.99 -6.67 58.20
C ALA EA 177 69.59 -6.25 59.53
N VAL EA 178 68.89 -5.37 60.27
CA VAL EA 178 69.41 -4.94 61.57
C VAL EA 178 69.49 -6.11 62.54
N SER EA 179 68.46 -6.97 62.56
CA SER EA 179 68.48 -8.11 63.46
C SER EA 179 69.62 -9.07 63.12
N ILE EA 180 69.78 -9.38 61.84
CA ILE EA 180 70.87 -10.26 61.41
C ILE EA 180 72.21 -9.65 61.79
N LEU EA 181 72.37 -8.33 61.59
CA LEU EA 181 73.62 -7.69 61.93
C LEU EA 181 73.87 -7.67 63.42
N GLU EA 182 72.82 -7.63 64.24
CA GLU EA 182 73.02 -7.69 65.69
C GLU EA 182 73.50 -9.07 66.11
N VAL EA 183 72.94 -10.13 65.51
CA VAL EA 183 73.44 -11.47 65.78
C VAL EA 183 74.90 -11.60 65.35
N ALA EA 184 75.22 -11.07 64.17
CA ALA EA 184 76.60 -11.10 63.68
C ALA EA 184 77.53 -10.31 64.59
N LYS EA 185 77.04 -9.19 65.14
CA LYS EA 185 77.84 -8.41 66.08
C LYS EA 185 78.13 -9.19 67.34
N TYR EA 186 77.14 -9.93 67.86
CA TYR EA 186 77.39 -10.79 69.01
C TYR EA 186 78.45 -11.83 68.69
N LEU EA 187 78.36 -12.44 67.50
CA LEU EA 187 79.37 -13.41 67.09
C LEU EA 187 80.76 -12.78 67.01
N LEU EA 188 80.86 -11.57 66.45
CA LEU EA 188 82.15 -10.89 66.35
C LEU EA 188 82.71 -10.58 67.72
N GLU EA 189 81.85 -10.15 68.65
CA GLU EA 189 82.31 -9.90 70.02
C GLU EA 189 82.83 -11.18 70.66
N LYS EA 190 82.15 -12.31 70.42
CA LYS EA 190 82.66 -13.58 70.92
C LYS EA 190 84.03 -13.91 70.32
N LEU EA 191 84.19 -13.69 69.01
CA LEU EA 191 85.48 -13.97 68.38
C LEU EA 191 86.58 -13.05 68.89
N GLY EA 192 86.27 -11.77 69.09
CA GLY EA 192 87.25 -10.83 69.61
C GLY EA 192 87.82 -9.89 68.56
N PHE EA 193 86.99 -9.46 67.62
CA PHE EA 193 87.38 -8.53 66.57
C PHE EA 193 86.64 -7.21 66.82
N ASP EA 194 87.29 -6.34 67.60
CA ASP EA 194 86.61 -5.12 68.06
C ASP EA 194 86.40 -4.12 66.93
N TYR EA 195 87.38 -3.96 66.05
CA TYR EA 195 87.25 -2.98 64.97
C TYR EA 195 86.11 -3.34 64.04
N LEU EA 196 85.99 -4.61 63.69
CA LEU EA 196 84.85 -5.05 62.88
C LEU EA 196 83.54 -4.82 63.62
N VAL EA 197 83.54 -4.95 64.95
CA VAL EA 197 82.35 -4.64 65.73
C VAL EA 197 81.97 -3.18 65.54
N GLU EA 198 82.94 -2.27 65.68
CA GLU EA 198 82.67 -0.85 65.54
C GLU EA 198 82.15 -0.50 64.16
N LEU EA 199 82.77 -1.05 63.12
CA LEU EA 199 82.25 -0.87 61.77
C LEU EA 199 80.83 -1.40 61.65
N LEU EA 200 80.51 -2.47 62.38
CA LEU EA 200 79.16 -3.02 62.34
C LEU EA 200 78.15 -2.08 63.00
N ASP EA 201 78.51 -1.45 64.13
CA ASP EA 201 77.60 -0.46 64.68
C ASP EA 201 77.41 0.70 63.73
N ARG EA 202 78.48 1.14 63.06
CA ARG EA 202 78.34 2.21 62.09
C ARG EA 202 77.37 1.84 60.98
N ALA EA 203 77.51 0.63 60.44
CA ALA EA 203 76.61 0.18 59.38
C ALA EA 203 75.17 0.04 59.88
N ILE EA 204 74.99 -0.44 61.11
CA ILE EA 204 73.65 -0.58 61.66
C ILE EA 204 73.00 0.78 61.83
N GLU EA 205 73.75 1.76 62.33
CA GLU EA 205 73.22 3.12 62.45
C GLU EA 205 72.85 3.70 61.09
N TYR EA 206 73.68 3.46 60.07
CA TYR EA 206 73.37 3.97 58.74
C TYR EA 206 72.11 3.31 58.18
N ILE EA 207 71.94 2.00 58.40
CA ILE EA 207 70.73 1.33 57.97
C ILE EA 207 69.51 1.89 58.69
N LEU EA 208 69.64 2.11 60.00
CA LEU EA 208 68.50 2.57 60.80
C LEU EA 208 68.09 3.98 60.41
N LYS EA 209 69.06 4.86 60.13
CA LYS EA 209 68.76 6.24 59.76
C LYS EA 209 68.24 6.37 58.33
N GLY EA 210 68.27 5.30 57.54
CA GLY EA 210 67.74 5.32 56.20
C GLY EA 210 68.77 5.42 55.10
N ARG EA 211 70.03 5.68 55.43
CA ARG EA 211 71.10 5.81 54.45
C ARG EA 211 71.54 4.42 54.01
N SER EA 212 71.02 3.96 52.87
CA SER EA 212 71.18 2.57 52.46
C SER EA 212 72.46 2.33 51.68
N GLU EA 213 72.78 3.20 50.71
CA GLU EA 213 73.94 2.97 49.86
C GLU EA 213 75.25 3.04 50.64
N LEU EA 214 75.35 4.00 51.57
CA LEU EA 214 76.52 4.06 52.43
C LEU EA 214 76.65 2.80 53.26
N ALA EA 215 75.53 2.29 53.76
CA ALA EA 215 75.54 1.05 54.53
C ALA EA 215 75.99 -0.13 53.66
N VAL EA 216 75.55 -0.18 52.41
CA VAL EA 216 75.95 -1.26 51.51
C VAL EA 216 77.45 -1.21 51.25
N HIS EA 217 78.00 -0.01 51.03
CA HIS EA 217 79.44 0.09 50.82
C HIS EA 217 80.21 -0.30 52.08
N LEU EA 218 79.72 0.12 53.25
CA LEU EA 218 80.35 -0.27 54.51
C LEU EA 218 80.31 -1.79 54.68
N LEU EA 219 79.20 -2.42 54.31
CA LEU EA 219 79.06 -3.87 54.44
C LEU EA 219 80.00 -4.58 53.46
N ASP EA 220 80.20 -4.01 52.28
CA ASP EA 220 81.18 -4.57 51.35
C ASP EA 220 82.59 -4.53 51.94
N ASP EA 221 82.95 -3.41 52.55
CA ASP EA 221 84.27 -3.32 53.18
C ASP EA 221 84.40 -4.30 54.34
N ILE EA 222 83.33 -4.44 55.12
CA ILE EA 222 83.33 -5.40 56.23
C ILE EA 222 83.49 -6.83 55.71
N ILE EA 223 82.81 -7.15 54.61
CA ILE EA 223 82.90 -8.49 54.03
C ILE EA 223 84.32 -8.76 53.55
N ARG EA 224 84.95 -7.76 52.92
CA ARG EA 224 86.35 -7.93 52.51
C ARG EA 224 87.25 -8.17 53.71
N ARG EA 225 87.06 -7.42 54.79
CA ARG EA 225 87.88 -7.61 55.98
C ARG EA 225 87.67 -9.00 56.59
N VAL EA 226 86.41 -9.46 56.61
CA VAL EA 226 86.11 -10.79 57.16
C VAL EA 226 86.77 -11.87 56.32
N HIS EA 227 86.71 -11.75 55.00
CA HIS EA 227 87.37 -12.72 54.13
C HIS EA 227 88.87 -12.71 54.33
N GLU EA 228 89.45 -11.52 54.54
CA GLU EA 228 90.88 -11.45 54.85
C GLU EA 228 91.20 -12.18 56.14
N GLU EA 229 90.37 -12.01 57.18
CA GLU EA 229 90.60 -12.71 58.43
C GLU EA 229 90.50 -14.22 58.26
N ILE EA 230 89.50 -14.68 57.50
CA ILE EA 230 89.33 -16.11 57.25
C ILE EA 230 90.55 -16.66 56.53
N GLU EA 231 91.03 -15.95 55.50
CA GLU EA 231 92.21 -16.39 54.78
C GLU EA 231 93.44 -16.41 55.68
N ARG EA 232 93.53 -15.47 56.62
CA ARG EA 232 94.65 -15.49 57.56
C ARG EA 232 94.58 -16.72 58.46
N TYR EA 233 93.37 -17.12 58.87
CA TYR EA 233 93.26 -18.27 59.78
C TYR EA 233 93.74 -19.56 59.12
N GLY EA 234 93.42 -19.76 57.86
CA GLY EA 234 93.94 -20.91 57.12
C GLY EA 234 93.02 -22.12 57.24
N ASP EA 235 93.54 -23.21 57.79
CA ASP EA 235 92.79 -24.45 57.92
C ASP EA 235 92.12 -24.61 59.28
N ASP EA 236 92.42 -23.73 60.23
CA ASP EA 236 91.87 -23.82 61.59
C ASP EA 236 90.78 -22.79 61.84
N VAL EA 237 89.98 -22.49 60.81
CA VAL EA 237 88.95 -21.45 60.92
C VAL EA 237 87.84 -21.91 61.87
N PRO EA 238 87.54 -21.16 62.92
CA PRO EA 238 86.38 -21.50 63.75
C PRO EA 238 85.08 -21.32 62.98
N GLU EA 239 84.08 -22.11 63.37
CA GLU EA 239 82.79 -22.07 62.70
C GLU EA 239 82.06 -20.75 62.90
N GLU EA 240 82.36 -20.03 63.98
CA GLU EA 240 81.72 -18.74 64.21
C GLU EA 240 82.09 -17.75 63.11
N LEU EA 241 83.33 -17.80 62.62
CA LEU EA 241 83.74 -16.91 61.55
C LEU EA 241 82.96 -17.18 60.27
N LEU EA 242 82.75 -18.46 59.93
CA LEU EA 242 82.00 -18.78 58.72
C LEU EA 242 80.53 -18.40 58.86
N LEU EA 243 79.94 -18.64 60.03
CA LEU EA 243 78.57 -18.23 60.25
C LEU EA 243 78.42 -16.72 60.18
N LEU EA 244 79.39 -15.99 60.75
CA LEU EA 244 79.40 -14.54 60.65
C LEU EA 244 79.50 -14.08 59.20
N ASP EA 245 80.37 -14.73 58.42
CA ASP EA 245 80.48 -14.41 57.00
C ASP EA 245 79.13 -14.55 56.31
N LEU EA 246 78.45 -15.68 56.51
CA LEU EA 246 77.16 -15.90 55.88
C LEU EA 246 76.13 -14.86 56.34
N LEU EA 247 76.12 -14.54 57.63
CA LEU EA 247 75.16 -13.59 58.17
C LEU EA 247 75.38 -12.20 57.57
N VAL EA 248 76.63 -11.75 57.52
CA VAL EA 248 76.92 -10.43 56.96
C VAL EA 248 76.58 -10.38 55.48
N GLN EA 249 76.84 -11.48 54.76
CA GLN EA 249 76.50 -11.50 53.34
C GLN EA 249 75.00 -11.38 53.12
N LYS EA 250 74.20 -12.14 53.89
CA LYS EA 250 72.75 -12.05 53.71
C LYS EA 250 72.21 -10.70 54.18
N ALA EA 251 72.81 -10.10 55.21
CA ALA EA 251 72.41 -8.77 55.64
C ALA EA 251 72.71 -7.74 54.56
N ARG EA 252 73.86 -7.88 53.90
CA ARG EA 252 74.19 -6.97 52.79
C ARG EA 252 73.22 -7.14 51.64
N ASP EA 253 72.82 -8.37 51.34
CA ASP EA 253 71.82 -8.58 50.31
C ASP EA 253 70.51 -7.90 50.66
N LEU EA 254 70.06 -8.05 51.92
CA LEU EA 254 68.83 -7.40 52.34
C LEU EA 254 68.94 -5.88 52.27
N ALA EA 255 70.09 -5.33 52.68
CA ALA EA 255 70.28 -3.88 52.64
C ALA EA 255 70.27 -3.38 51.21
N ALA EA 256 70.84 -4.15 50.28
CA ALA EA 256 70.75 -3.78 48.87
C ALA EA 256 69.30 -3.81 48.39
N ARG EA 257 68.54 -4.81 48.81
CA ARG EA 257 67.14 -4.92 48.39
C ARG EA 257 66.24 -3.86 49.02
N ILE EA 258 66.73 -3.09 49.99
CA ILE EA 258 65.92 -2.07 50.66
C ILE EA 258 65.38 -1.07 49.64
N MET FA 25 56.23 -52.92 40.10
CA MET FA 25 57.27 -52.64 39.12
C MET FA 25 58.25 -53.80 39.00
N GLU FA 26 57.75 -55.02 39.10
CA GLU FA 26 58.62 -56.20 39.06
C GLU FA 26 59.28 -56.38 37.70
N LYS FA 27 58.73 -55.78 36.65
CA LYS FA 27 59.37 -55.86 35.33
C LYS FA 27 60.75 -55.21 35.35
N LEU FA 28 60.88 -54.08 36.05
CA LEU FA 28 62.16 -53.40 36.13
C LEU FA 28 63.16 -54.16 37.00
N GLU FA 29 62.69 -54.84 38.05
CA GLU FA 29 63.58 -55.72 38.80
C GLU FA 29 64.05 -56.90 37.95
N VAL FA 30 63.16 -57.44 37.11
CA VAL FA 30 63.57 -58.50 36.18
C VAL FA 30 64.62 -57.96 35.21
N ALA FA 31 64.43 -56.72 34.75
CA ALA FA 31 65.42 -56.10 33.87
C ALA FA 31 66.76 -55.93 34.58
N VAL FA 32 66.74 -55.54 35.85
CA VAL FA 32 67.98 -55.39 36.61
C VAL FA 32 68.69 -56.73 36.75
N GLU FA 33 67.93 -57.79 37.04
CA GLU FA 33 68.52 -59.12 37.15
C GLU FA 33 69.11 -59.56 35.80
N HIS FA 34 68.40 -59.30 34.73
CA HIS FA 34 68.95 -59.55 33.43
C HIS FA 34 70.26 -58.82 33.20
N LEU FA 35 70.31 -57.52 33.55
CA LEU FA 35 71.53 -56.75 33.38
C LEU FA 35 72.69 -57.34 34.16
N LYS FA 36 72.43 -57.80 35.39
CA LYS FA 36 73.46 -58.51 36.13
C LYS FA 36 73.91 -59.77 35.39
N GLU FA 37 72.95 -60.51 34.84
CA GLU FA 37 73.29 -61.71 34.07
C GLU FA 37 74.14 -61.35 32.85
N ALA FA 38 73.83 -60.22 32.20
CA ALA FA 38 74.61 -59.78 31.04
C ALA FA 38 76.04 -59.45 31.44
N ILE FA 39 76.21 -58.76 32.58
CA ILE FA 39 77.56 -58.46 33.06
C ILE FA 39 78.33 -59.75 33.32
N GLU FA 40 77.67 -60.71 33.97
CA GLU FA 40 78.34 -62.00 34.25
C GLU FA 40 78.69 -62.73 32.96
N LEU FA 41 77.82 -62.65 31.95
CA LEU FA 41 78.09 -63.31 30.68
C LEU FA 41 79.26 -62.67 29.95
N ILE FA 42 79.32 -61.34 29.93
CA ILE FA 42 80.47 -60.66 29.34
C ILE FA 42 81.74 -61.06 30.07
N GLU FA 43 81.67 -61.19 31.40
CA GLU FA 43 82.84 -61.64 32.16
C GLU FA 43 83.25 -63.05 31.77
N LYS FA 44 82.27 -63.94 31.56
CA LYS FA 44 82.59 -65.32 31.22
C LYS FA 44 83.21 -65.43 29.84
N GLY FA 45 82.60 -64.79 28.84
CA GLY FA 45 83.14 -64.82 27.50
C GLY FA 45 82.13 -65.12 26.41
N GLU FA 46 80.85 -65.25 26.78
CA GLU FA 46 79.79 -65.50 25.82
C GLU FA 46 79.22 -64.17 25.36
N TYR FA 47 79.65 -63.71 24.19
CA TYR FA 47 79.23 -62.41 23.67
C TYR FA 47 77.93 -62.47 22.87
N VAL FA 48 77.65 -63.61 22.22
CA VAL FA 48 76.38 -63.76 21.52
C VAL FA 48 75.22 -63.76 22.51
N LYS FA 49 75.38 -64.51 23.61
CA LYS FA 49 74.34 -64.53 24.63
C LYS FA 49 74.19 -63.17 25.28
N ALA FA 50 75.28 -62.43 25.43
CA ALA FA 50 75.20 -61.07 25.97
C ALA FA 50 74.43 -60.15 25.04
N ASP FA 51 74.68 -60.24 23.73
CA ASP FA 51 73.94 -59.43 22.77
C ASP FA 51 72.46 -59.76 22.79
N LEU FA 52 72.13 -61.06 22.85
CA LEU FA 52 70.73 -61.46 22.91
C LEU FA 52 70.06 -61.01 24.21
N ILE FA 53 70.78 -61.08 25.33
CA ILE FA 53 70.25 -60.59 26.59
C ILE FA 53 70.00 -59.10 26.53
N LEU FA 54 70.88 -58.34 25.88
CA LEU FA 54 70.65 -56.91 25.74
C LEU FA 54 69.39 -56.64 24.93
N THR FA 55 69.15 -57.42 23.89
CA THR FA 55 67.90 -57.28 23.14
C THR FA 55 66.68 -57.60 24.03
N ASP FA 56 66.79 -58.64 24.85
CA ASP FA 56 65.69 -58.97 25.77
C ASP FA 56 65.44 -57.84 26.77
N ILE FA 57 66.51 -57.24 27.31
CA ILE FA 57 66.37 -56.13 28.24
C ILE FA 57 65.70 -54.95 27.55
N LEU FA 58 66.07 -54.68 26.30
CA LEU FA 58 65.42 -53.60 25.57
C LEU FA 58 63.93 -53.88 25.41
N ARG FA 59 63.57 -55.13 25.11
CA ARG FA 59 62.16 -55.49 24.99
C ARG FA 59 61.42 -55.27 26.31
N LEU FA 60 62.03 -55.68 27.42
CA LEU FA 60 61.41 -55.48 28.73
C LEU FA 60 61.19 -54.00 29.03
N LEU FA 61 62.23 -53.18 28.80
CA LEU FA 61 62.12 -51.75 29.10
C LEU FA 61 61.08 -51.08 28.21
N GLU FA 62 61.02 -51.47 26.93
CA GLU FA 62 59.98 -50.94 26.06
C GLU FA 62 58.60 -51.37 26.50
N GLU FA 63 58.49 -52.58 27.06
CA GLU FA 63 57.22 -53.02 27.64
C GLU FA 63 56.82 -52.13 28.81
N GLU FA 64 57.78 -51.76 29.66
CA GLU FA 64 57.47 -50.87 30.78
C GLU FA 64 57.08 -49.48 30.28
N GLY FA 65 57.90 -48.88 29.41
CA GLY FA 65 57.54 -47.61 28.80
C GLY FA 65 58.21 -46.37 29.35
N VAL FA 66 59.53 -46.43 29.59
CA VAL FA 66 60.30 -45.27 30.02
C VAL FA 66 61.23 -44.89 28.87
N LYS FA 67 61.03 -43.68 28.33
CA LYS FA 67 61.65 -43.31 27.06
C LYS FA 67 63.17 -43.23 27.18
N SER FA 68 63.66 -42.58 28.24
CA SER FA 68 65.10 -42.43 28.41
C SER FA 68 65.78 -43.78 28.55
N LEU FA 69 65.18 -44.67 29.36
CA LEU FA 69 65.72 -46.02 29.49
C LEU FA 69 65.70 -46.75 28.15
N ILE FA 70 64.66 -46.51 27.35
CA ILE FA 70 64.55 -47.22 26.07
C ILE FA 70 65.66 -46.80 25.12
N LYS FA 71 65.88 -45.49 24.96
CA LYS FA 71 66.94 -45.03 24.06
C LYS FA 71 68.30 -45.45 24.58
N GLN FA 72 68.50 -45.40 25.91
CA GLN FA 72 69.76 -45.86 26.49
C GLN FA 72 69.98 -47.33 26.19
N ALA FA 73 68.93 -48.16 26.25
CA ALA FA 73 69.08 -49.58 26.01
C ALA FA 73 69.39 -49.87 24.54
N LYS FA 74 68.76 -49.14 23.62
CA LYS FA 74 69.06 -49.35 22.19
C LYS FA 74 70.51 -48.97 21.88
N GLU FA 75 70.93 -47.79 22.34
CA GLU FA 75 72.31 -47.39 22.09
C GLU FA 75 73.28 -48.32 22.80
N LEU FA 76 72.88 -48.87 23.96
CA LEU FA 76 73.72 -49.84 24.64
C LEU FA 76 73.89 -51.09 23.80
N HIS FA 77 72.81 -51.60 23.21
CA HIS FA 77 72.92 -52.77 22.35
C HIS FA 77 73.90 -52.53 21.22
N ILE FA 78 73.73 -51.42 20.51
CA ILE FA 78 74.60 -51.15 19.35
C ILE FA 78 76.06 -51.01 19.79
N GLU FA 79 76.30 -50.17 20.81
CA GLU FA 79 77.67 -49.88 21.20
C GLU FA 79 78.36 -51.08 21.85
N VAL FA 80 77.63 -51.89 22.62
CA VAL FA 80 78.23 -53.07 23.21
C VAL FA 80 78.56 -54.10 22.14
N PHE FA 81 77.71 -54.24 21.12
CA PHE FA 81 78.06 -55.11 20.01
C PHE FA 81 79.35 -54.67 19.35
N LYS FA 82 79.47 -53.37 19.06
CA LYS FA 82 80.69 -52.86 18.44
C LYS FA 82 81.91 -53.08 19.33
N LEU FA 83 81.80 -52.77 20.62
CA LEU FA 83 82.93 -52.90 21.53
C LEU FA 83 83.36 -54.35 21.70
N LEU FA 84 82.39 -55.27 21.81
CA LEU FA 84 82.74 -56.68 21.92
C LEU FA 84 83.37 -57.20 20.63
N LYS FA 85 82.97 -56.65 19.48
CA LYS FA 85 83.69 -56.95 18.25
C LYS FA 85 85.15 -56.49 18.34
N GLU FA 86 85.36 -55.26 18.82
CA GLU FA 86 86.73 -54.73 18.91
C GLU FA 86 87.53 -55.41 20.01
N GLY FA 87 86.89 -55.80 21.09
CA GLY FA 87 87.57 -56.40 22.22
C GLY FA 87 87.62 -55.56 23.48
N GLU FA 88 86.89 -54.44 23.53
CA GLU FA 88 86.86 -53.55 24.70
C GLU FA 88 85.84 -54.08 25.69
N TYR FA 89 86.24 -55.11 26.43
CA TYR FA 89 85.34 -55.73 27.39
C TYR FA 89 84.99 -54.78 28.53
N LYS FA 90 85.98 -54.04 29.04
CA LYS FA 90 85.75 -53.16 30.18
C LYS FA 90 84.79 -52.03 29.84
N GLU FA 91 84.91 -51.47 28.63
CA GLU FA 91 84.00 -50.41 28.23
C GLU FA 91 82.56 -50.91 28.13
N ALA FA 92 82.37 -52.10 27.57
CA ALA FA 92 81.03 -52.67 27.48
C ALA FA 92 80.47 -52.96 28.86
N LYS FA 93 81.29 -53.51 29.75
CA LYS FA 93 80.84 -53.75 31.12
C LYS FA 93 80.46 -52.45 31.81
N ALA FA 94 81.24 -51.38 31.58
CA ALA FA 94 80.92 -50.09 32.16
C ALA FA 94 79.59 -49.56 31.65
N LEU FA 95 79.33 -49.70 30.34
CA LEU FA 95 78.06 -49.22 29.80
C LEU FA 95 76.89 -50.02 30.37
N VAL FA 96 77.04 -51.34 30.50
CA VAL FA 96 75.96 -52.14 31.08
C VAL FA 96 75.73 -51.76 32.53
N GLU FA 97 76.80 -51.54 33.28
CA GLU FA 97 76.67 -51.13 34.68
C GLU FA 97 76.00 -49.76 34.79
N ALA FA 98 76.31 -48.85 33.87
CA ALA FA 98 75.67 -47.54 33.88
C ALA FA 98 74.17 -47.67 33.63
N LEU FA 99 73.77 -48.51 32.67
CA LEU FA 99 72.34 -48.70 32.44
C LEU FA 99 71.67 -49.35 33.65
N ARG FA 100 72.36 -50.30 34.29
CA ARG FA 100 71.80 -50.94 35.49
C ARG FA 100 71.58 -49.93 36.60
N VAL FA 101 72.57 -49.06 36.83
CA VAL FA 101 72.45 -48.05 37.87
C VAL FA 101 71.32 -47.08 37.53
N SER FA 102 71.18 -46.73 36.25
CA SER FA 102 70.11 -45.83 35.85
C SER FA 102 68.74 -46.43 36.11
N VAL FA 103 68.57 -47.72 35.81
CA VAL FA 103 67.27 -48.38 36.04
C VAL FA 103 66.97 -48.48 37.53
N GLU FA 104 67.97 -48.87 38.33
CA GLU FA 104 67.77 -48.94 39.77
C GLU FA 104 67.44 -47.57 40.35
N LEU FA 105 68.10 -46.52 39.86
CA LEU FA 105 67.81 -45.17 40.32
C LEU FA 105 66.40 -44.75 39.96
N TYR FA 106 65.92 -45.11 38.77
CA TYR FA 106 64.53 -44.81 38.43
C TYR FA 106 63.58 -45.53 39.37
N ILE FA 107 63.87 -46.80 39.68
CA ILE FA 107 63.02 -47.54 40.61
C ILE FA 107 62.96 -46.85 41.95
N LEU FA 108 64.13 -46.44 42.47
CA LEU FA 108 64.17 -45.82 43.79
C LEU FA 108 63.50 -44.46 43.78
N ILE FA 109 63.63 -43.71 42.69
CA ILE FA 109 62.95 -42.41 42.60
C ILE FA 109 61.44 -42.61 42.62
N LYS FA 110 60.94 -43.60 41.88
CA LYS FA 110 59.50 -43.84 41.87
C LYS FA 110 58.99 -44.26 43.24
N ARG FA 111 59.74 -45.15 43.91
CA ARG FA 111 59.34 -45.58 45.25
C ARG FA 111 59.36 -44.41 46.23
N GLY FA 112 60.37 -43.55 46.15
CA GLY FA 112 60.43 -42.41 47.05
C GLY FA 112 59.31 -41.42 46.82
N VAL FA 113 59.01 -41.12 45.55
CA VAL FA 113 57.98 -40.15 45.25
C VAL FA 113 56.60 -40.68 45.65
N ARG FA 114 56.33 -41.95 45.35
CA ARG FA 114 55.03 -42.53 45.70
C ARG FA 114 54.83 -42.55 47.22
N GLU FA 115 55.82 -43.03 47.96
CA GLU FA 115 55.77 -43.10 49.41
C GLU FA 115 55.82 -41.73 50.08
N GLY FA 116 55.89 -40.64 49.32
CA GLY FA 116 56.00 -39.32 49.92
C GLY FA 116 57.26 -39.11 50.72
N ARG FA 117 58.36 -39.77 50.34
CA ARG FA 117 59.60 -39.60 51.06
C ARG FA 117 60.14 -38.18 50.88
N PRO FA 118 60.88 -37.68 51.87
CA PRO FA 118 61.46 -36.34 51.72
C PRO FA 118 62.50 -36.31 50.61
N ILE FA 119 62.62 -35.13 49.98
CA ILE FA 119 63.62 -34.94 48.93
C ILE FA 119 65.02 -35.17 49.47
N GLU FA 120 65.24 -34.86 50.74
CA GLU FA 120 66.58 -34.97 51.34
C GLU FA 120 67.13 -36.38 51.24
N GLU FA 121 66.36 -37.37 51.70
CA GLU FA 121 66.87 -38.73 51.71
C GLU FA 121 66.94 -39.32 50.30
N ILE FA 122 66.04 -38.91 49.41
CA ILE FA 122 66.14 -39.31 48.01
C ILE FA 122 67.46 -38.84 47.42
N ALA FA 123 67.81 -37.57 47.66
CA ALA FA 123 69.06 -37.03 47.16
C ALA FA 123 70.26 -37.75 47.74
N ARG FA 124 70.22 -38.05 49.04
CA ARG FA 124 71.32 -38.78 49.65
C ARG FA 124 71.47 -40.17 49.04
N GLU FA 125 70.35 -40.85 48.79
CA GLU FA 125 70.40 -42.17 48.17
C GLU FA 125 70.99 -42.11 46.77
N VAL FA 126 70.57 -41.11 45.98
CA VAL FA 126 71.08 -40.97 44.63
C VAL FA 126 72.59 -40.74 44.66
N GLY FA 127 73.05 -39.86 45.56
CA GLY FA 127 74.48 -39.63 45.68
C GLY FA 127 75.24 -40.88 46.08
N ARG FA 128 74.70 -41.64 47.03
CA ARG FA 128 75.36 -42.87 47.46
C ARG FA 128 75.47 -43.87 46.31
N LYS FA 129 74.40 -44.01 45.52
CA LYS FA 129 74.44 -44.94 44.39
C LYS FA 129 75.46 -44.50 43.36
N LEU FA 130 75.51 -43.19 43.05
CA LEU FA 130 76.50 -42.71 42.09
C LEU FA 130 77.92 -42.93 42.58
N VAL FA 131 78.17 -42.71 43.87
CA VAL FA 131 79.50 -42.91 44.41
C VAL FA 131 79.89 -44.39 44.35
N GLU FA 132 78.94 -45.28 44.65
CA GLU FA 132 79.23 -46.70 44.57
C GLU FA 132 79.55 -47.13 43.14
N LEU FA 133 78.80 -46.61 42.17
CA LEU FA 133 79.11 -46.89 40.77
C LEU FA 133 80.50 -46.39 40.40
N ALA FA 134 80.84 -45.17 40.83
CA ALA FA 134 82.16 -44.62 40.52
C ALA FA 134 83.27 -45.47 41.12
N LYS FA 135 83.09 -45.93 42.37
CA LYS FA 135 84.08 -46.79 43.00
C LYS FA 135 84.23 -48.10 42.25
N ARG FA 136 83.10 -48.69 41.82
CA ARG FA 136 83.16 -49.92 41.02
C ARG FA 136 83.95 -49.71 39.74
N LEU FA 137 83.62 -48.66 39.00
CA LEU FA 137 84.30 -48.40 37.73
C LEU FA 137 85.79 -48.13 37.94
N GLU FA 138 86.12 -47.41 39.03
CA GLU FA 138 87.53 -47.18 39.33
C GLU FA 138 88.25 -48.47 39.63
N LYS FA 139 87.59 -49.40 40.33
CA LYS FA 139 88.18 -50.70 40.58
C LYS FA 139 88.39 -51.48 39.28
N GLU FA 140 87.43 -51.38 38.35
CA GLU FA 140 87.57 -52.09 37.07
C GLU FA 140 88.79 -51.62 36.30
N GLY FA 141 89.02 -50.31 36.26
CA GLY FA 141 90.16 -49.78 35.53
C GLY FA 141 89.79 -48.68 34.54
N ILE FA 142 88.52 -48.25 34.57
CA ILE FA 142 88.07 -47.18 33.70
C ILE FA 142 88.59 -45.85 34.23
N SER FA 143 89.08 -45.00 33.32
CA SER FA 143 89.65 -43.72 33.70
C SER FA 143 88.56 -42.78 34.23
N TRP FA 144 88.99 -41.73 34.93
CA TRP FA 144 88.06 -40.87 35.63
C TRP FA 144 87.28 -39.96 34.69
N GLU FA 145 87.85 -39.63 33.52
CA GLU FA 145 87.11 -38.86 32.54
C GLU FA 145 85.89 -39.64 32.02
N GLU FA 146 86.09 -40.92 31.72
CA GLU FA 146 84.98 -41.76 31.29
C GLU FA 146 83.96 -41.93 32.42
N ILE FA 147 84.44 -42.09 33.65
CA ILE FA 147 83.54 -42.22 34.80
C ILE FA 147 82.68 -40.97 34.94
N ILE FA 148 83.30 -39.79 34.82
CA ILE FA 148 82.55 -38.55 34.94
C ILE FA 148 81.53 -38.43 33.83
N GLU FA 149 81.91 -38.76 32.59
CA GLU FA 149 80.98 -38.66 31.47
C GLU FA 149 79.78 -39.60 31.65
N LEU FA 150 80.05 -40.84 32.09
CA LEU FA 150 78.95 -41.76 32.37
C LEU FA 150 78.04 -41.21 33.47
N ILE FA 151 78.63 -40.64 34.52
CA ILE FA 151 77.85 -40.11 35.62
C ILE FA 151 76.97 -38.96 35.15
N GLU FA 152 77.50 -38.08 34.29
CA GLU FA 152 76.67 -36.98 33.78
C GLU FA 152 75.57 -37.46 32.86
N ARG FA 153 75.81 -38.51 32.07
CA ARG FA 153 74.72 -39.09 31.30
C ARG FA 153 73.62 -39.63 32.21
N ILE FA 154 74.02 -40.33 33.28
CA ILE FA 154 73.04 -40.82 34.25
C ILE FA 154 72.30 -39.66 34.89
N LEU FA 155 73.00 -38.56 35.16
CA LEU FA 155 72.38 -37.40 35.77
C LEU FA 155 71.35 -36.74 34.86
N GLU FA 156 71.64 -36.69 33.55
CA GLU FA 156 70.66 -36.17 32.61
C GLU FA 156 69.44 -37.08 32.54
N SER FA 157 69.65 -38.40 32.58
CA SER FA 157 68.52 -39.32 32.65
C SER FA 157 67.70 -39.09 33.91
N ILE FA 158 68.36 -38.89 35.04
CA ILE FA 158 67.67 -38.61 36.30
C ILE FA 158 66.87 -37.32 36.20
N ARG FA 159 67.45 -36.29 35.57
CA ARG FA 159 66.73 -35.04 35.41
C ARG FA 159 65.45 -35.23 34.60
N GLU FA 160 65.53 -35.99 33.51
CA GLU FA 160 64.33 -36.26 32.72
C GLU FA 160 63.31 -37.05 33.53
N ILE FA 161 63.76 -38.06 34.27
CA ILE FA 161 62.84 -38.88 35.06
C ILE FA 161 62.14 -38.02 36.11
N LEU FA 162 62.90 -37.17 36.81
CA LEU FA 162 62.32 -36.32 37.84
C LEU FA 162 61.33 -35.33 37.24
N LYS FA 163 61.67 -34.75 36.08
CA LYS FA 163 60.73 -33.86 35.42
C LYS FA 163 59.46 -34.59 35.02
N GLU FA 164 59.57 -35.88 34.70
CA GLU FA 164 58.38 -36.65 34.36
C GLU FA 164 57.44 -36.77 35.57
N GLU FA 165 57.99 -36.96 36.77
CA GLU FA 165 57.18 -37.13 37.96
C GLU FA 165 56.46 -35.86 38.40
N GLY FA 166 56.58 -34.77 37.65
CA GLY FA 166 55.91 -33.53 38.01
C GLY FA 166 56.57 -32.73 39.10
N LEU FA 167 57.80 -33.08 39.48
CA LEU FA 167 58.50 -32.30 40.50
C LEU FA 167 58.89 -30.94 39.92
N PRO FA 168 58.87 -29.88 40.73
CA PRO FA 168 59.30 -28.57 40.24
C PRO FA 168 60.82 -28.49 40.12
N GLU FA 169 61.28 -27.43 39.48
CA GLU FA 169 62.69 -27.31 39.14
C GLU FA 169 63.59 -27.20 40.36
N SER FA 170 63.08 -26.62 41.46
CA SER FA 170 63.94 -26.36 42.61
C SER FA 170 64.44 -27.66 43.24
N GLU FA 171 63.53 -28.60 43.48
CA GLU FA 171 63.95 -29.87 44.09
C GLU FA 171 64.79 -30.70 43.15
N ILE FA 172 64.49 -30.65 41.85
CA ILE FA 172 65.31 -31.36 40.86
C ILE FA 172 66.75 -30.84 40.90
N ASN FA 173 66.89 -29.51 40.88
CA ASN FA 173 68.22 -28.91 40.93
C ASN FA 173 68.91 -29.24 42.25
N ARG FA 174 68.16 -29.26 43.35
CA ARG FA 174 68.74 -29.60 44.64
C ARG FA 174 69.29 -31.03 44.65
N ILE FA 175 68.51 -31.99 44.13
CA ILE FA 175 68.95 -33.38 44.09
C ILE FA 175 70.19 -33.52 43.22
N LEU FA 176 70.16 -32.90 42.03
CA LEU FA 176 71.29 -33.01 41.12
C LEU FA 176 72.55 -32.39 41.71
N ALA FA 177 72.42 -31.23 42.34
CA ALA FA 177 73.56 -30.58 42.97
C ALA FA 177 74.13 -31.43 44.10
N VAL FA 178 73.26 -32.05 44.90
CA VAL FA 178 73.73 -32.89 45.99
C VAL FA 178 74.50 -34.09 45.45
N SER FA 179 73.98 -34.73 44.39
CA SER FA 179 74.68 -35.89 43.82
C SER FA 179 76.04 -35.50 43.26
N ILE FA 180 76.09 -34.39 42.52
CA ILE FA 180 77.36 -33.92 41.98
C ILE FA 180 78.34 -33.62 43.11
N LEU FA 181 77.85 -32.99 44.17
CA LEU FA 181 78.72 -32.65 45.29
C LEU FA 181 79.19 -33.90 46.03
N GLU FA 182 78.39 -34.96 46.06
CA GLU FA 182 78.85 -36.21 46.68
C GLU FA 182 79.96 -36.84 45.87
N VAL FA 183 79.83 -36.83 44.54
CA VAL FA 183 80.93 -37.34 43.71
C VAL FA 183 82.19 -36.50 43.91
N ALA FA 184 82.02 -35.17 43.96
CA ALA FA 184 83.16 -34.29 44.21
C ALA FA 184 83.78 -34.53 45.57
N LYS FA 185 82.95 -34.84 46.57
CA LYS FA 185 83.46 -35.15 47.91
C LYS FA 185 84.29 -36.42 47.89
N TYR FA 186 83.84 -37.44 47.15
CA TYR FA 186 84.64 -38.64 47.02
C TYR FA 186 85.98 -38.33 46.36
N LEU FA 187 85.97 -37.50 45.32
CA LEU FA 187 87.22 -37.10 44.69
C LEU FA 187 88.15 -36.37 45.65
N LEU FA 188 87.59 -35.46 46.45
CA LEU FA 188 88.39 -34.72 47.42
C LEU FA 188 88.99 -35.65 48.47
N GLU FA 189 88.22 -36.63 48.93
CA GLU FA 189 88.74 -37.62 49.88
C GLU FA 189 89.87 -38.41 49.26
N LYS FA 190 89.75 -38.78 47.98
CA LYS FA 190 90.86 -39.45 47.30
C LYS FA 190 92.08 -38.56 47.25
N LEU FA 191 91.91 -37.28 46.92
CA LEU FA 191 93.05 -36.37 46.86
C LEU FA 191 93.69 -36.16 48.23
N GLY FA 192 92.89 -36.04 49.28
CA GLY FA 192 93.42 -35.88 50.62
C GLY FA 192 93.31 -34.46 51.16
N PHE FA 193 92.22 -33.78 50.83
CA PHE FA 193 91.96 -32.41 51.29
C PHE FA 193 90.78 -32.48 52.25
N ASP FA 194 91.07 -32.68 53.54
CA ASP FA 194 90.03 -32.93 54.52
C ASP FA 194 89.20 -31.68 54.80
N TYR FA 195 89.83 -30.51 54.90
CA TYR FA 195 89.09 -29.30 55.21
C TYR FA 195 88.08 -28.97 54.12
N LEU FA 196 88.48 -29.09 52.86
CA LEU FA 196 87.54 -28.90 51.76
C LEU FA 196 86.43 -29.92 51.82
N VAL FA 197 86.72 -31.14 52.28
CA VAL FA 197 85.67 -32.14 52.46
C VAL FA 197 84.65 -31.64 53.47
N GLU FA 198 85.12 -31.15 54.63
CA GLU FA 198 84.21 -30.68 55.67
C GLU FA 198 83.36 -29.51 55.18
N LEU FA 199 83.97 -28.55 54.49
CA LEU FA 199 83.19 -27.47 53.90
C LEU FA 199 82.17 -28.01 52.91
N LEU FA 200 82.50 -29.10 52.22
CA LEU FA 200 81.55 -29.69 51.28
C LEU FA 200 80.36 -30.32 51.99
N ASP FA 201 80.60 -31.00 53.12
CA ASP FA 201 79.44 -31.49 53.88
C ASP FA 201 78.59 -30.34 54.38
N ARG FA 202 79.23 -29.25 54.83
CA ARG FA 202 78.45 -28.10 55.28
C ARG FA 202 77.57 -27.56 54.15
N ALA FA 203 78.15 -27.41 52.95
CA ALA FA 203 77.37 -26.92 51.81
C ALA FA 203 76.26 -27.88 51.42
N ILE FA 204 76.53 -29.19 51.48
CA ILE FA 204 75.51 -30.17 51.14
C ILE FA 204 74.36 -30.12 52.13
N GLU FA 205 74.66 -30.00 53.42
CA GLU FA 205 73.62 -29.86 54.42
C GLU FA 205 72.80 -28.60 54.19
N TYR FA 206 73.46 -27.49 53.85
CA TYR FA 206 72.72 -26.25 53.61
C TYR FA 206 71.82 -26.38 52.38
N ILE FA 207 72.29 -27.05 51.33
CA ILE FA 207 71.45 -27.29 50.16
C ILE FA 207 70.26 -28.15 50.52
N LEU FA 208 70.50 -29.20 51.30
CA LEU FA 208 69.43 -30.15 51.63
C LEU FA 208 68.37 -29.49 52.51
N LYS FA 209 68.79 -28.64 53.46
CA LYS FA 209 67.85 -27.98 54.35
C LYS FA 209 67.08 -26.86 53.67
N GLY FA 210 67.45 -26.47 52.45
CA GLY FA 210 66.74 -25.45 51.71
C GLY FA 210 67.41 -24.10 51.68
N ARG FA 211 68.46 -23.90 52.48
CA ARG FA 211 69.16 -22.61 52.54
C ARG FA 211 70.10 -22.53 51.33
N SER FA 212 69.65 -21.83 50.29
CA SER FA 212 70.34 -21.85 49.00
C SER FA 212 71.43 -20.79 48.90
N GLU FA 213 71.16 -19.56 49.33
CA GLU FA 213 72.13 -18.48 49.17
C GLU FA 213 73.38 -18.71 50.02
N LEU FA 214 73.21 -19.20 51.25
CA LEU FA 214 74.35 -19.56 52.07
C LEU FA 214 75.17 -20.64 51.41
N ALA FA 215 74.51 -21.62 50.81
CA ALA FA 215 75.21 -22.69 50.11
C ALA FA 215 75.98 -22.15 48.90
N VAL FA 216 75.39 -21.20 48.19
CA VAL FA 216 76.08 -20.61 47.02
C VAL FA 216 77.32 -19.85 47.47
N HIS FA 217 77.22 -19.09 48.56
CA HIS FA 217 78.41 -18.39 49.07
C HIS FA 217 79.48 -19.37 49.54
N LEU FA 218 79.06 -20.44 50.22
CA LEU FA 218 80.00 -21.48 50.64
C LEU FA 218 80.69 -22.11 49.44
N LEU FA 219 79.93 -22.37 48.37
CA LEU FA 219 80.48 -22.97 47.18
C LEU FA 219 81.45 -22.03 46.47
N ASP FA 220 81.17 -20.72 46.51
CA ASP FA 220 82.12 -19.74 45.99
C ASP FA 220 83.43 -19.78 46.76
N ASP FA 221 83.36 -19.85 48.09
CA ASP FA 221 84.58 -19.93 48.88
C ASP FA 221 85.34 -21.23 48.60
N ILE FA 222 84.60 -22.33 48.44
CA ILE FA 222 85.22 -23.61 48.12
C ILE FA 222 85.91 -23.55 46.76
N ILE FA 223 85.27 -22.91 45.78
CA ILE FA 223 85.84 -22.77 44.45
C ILE FA 223 87.13 -21.96 44.51
N ARG FA 224 87.13 -20.88 45.29
CA ARG FA 224 88.35 -20.09 45.44
C ARG FA 224 89.47 -20.93 46.06
N ARG FA 225 89.15 -21.71 47.09
CA ARG FA 225 90.17 -22.56 47.72
C ARG FA 225 90.69 -23.61 46.75
N VAL FA 226 89.82 -24.19 45.93
CA VAL FA 226 90.23 -25.20 44.96
C VAL FA 226 91.16 -24.58 43.92
N HIS FA 227 90.82 -23.39 43.44
CA HIS FA 227 91.68 -22.70 42.48
C HIS FA 227 93.03 -22.37 43.10
N GLU FA 228 93.05 -21.98 44.37
CA GLU FA 228 94.32 -21.75 45.06
C GLU FA 228 95.15 -23.02 45.11
N GLU FA 229 94.53 -24.17 45.40
CA GLU FA 229 95.25 -25.43 45.43
C GLU FA 229 95.81 -25.78 44.06
N ILE FA 230 95.01 -25.58 43.01
CA ILE FA 230 95.46 -25.87 41.66
C ILE FA 230 96.66 -25.00 41.30
N GLU FA 231 96.57 -23.70 41.61
CA GLU FA 231 97.68 -22.79 41.35
C GLU FA 231 98.93 -23.19 42.14
N ARG FA 232 98.75 -23.69 43.36
CA ARG FA 232 99.89 -24.16 44.13
C ARG FA 232 100.55 -25.37 43.46
N TYR FA 233 99.74 -26.27 42.88
CA TYR FA 233 100.31 -27.47 42.27
C TYR FA 233 101.20 -27.14 41.08
N GLY FA 234 100.79 -26.19 40.25
CA GLY FA 234 101.63 -25.72 39.16
C GLY FA 234 101.39 -26.50 37.88
N ASP FA 235 102.43 -27.17 37.39
CA ASP FA 235 102.36 -27.92 36.15
C ASP FA 235 102.07 -29.41 36.36
N ASP FA 236 102.10 -29.88 37.60
CA ASP FA 236 101.90 -31.29 37.92
C ASP FA 236 100.51 -31.55 38.51
N VAL FA 237 99.51 -30.82 38.06
CA VAL FA 237 98.16 -30.93 38.61
C VAL FA 237 97.56 -32.28 38.25
N PRO FA 238 97.14 -33.08 39.22
CA PRO FA 238 96.43 -34.32 38.91
C PRO FA 238 95.07 -34.03 38.28
N GLU FA 239 94.60 -34.96 37.44
CA GLU FA 239 93.34 -34.78 36.74
C GLU FA 239 92.15 -34.79 37.68
N GLU FA 240 92.27 -35.42 38.85
CA GLU FA 240 91.17 -35.43 39.80
C GLU FA 240 90.86 -34.03 40.29
N LEU FA 241 91.89 -33.19 40.46
CA LEU FA 241 91.66 -31.82 40.90
C LEU FA 241 90.88 -31.03 39.85
N LEU FA 242 91.20 -31.20 38.57
CA LEU FA 242 90.49 -30.48 37.52
C LEU FA 242 89.05 -30.97 37.39
N LEU FA 243 88.85 -32.29 37.49
CA LEU FA 243 87.49 -32.82 37.45
C LEU FA 243 86.68 -32.33 38.64
N LEU FA 244 87.30 -32.28 39.82
CA LEU FA 244 86.64 -31.73 41.00
C LEU FA 244 86.27 -30.27 40.81
N ASP FA 245 87.18 -29.49 40.23
CA ASP FA 245 86.89 -28.09 39.92
C ASP FA 245 85.66 -27.97 39.05
N LEU FA 246 85.60 -28.74 37.96
CA LEU FA 246 84.46 -28.68 37.06
C LEU FA 246 83.17 -29.10 37.77
N LEU FA 247 83.24 -30.16 38.58
CA LEU FA 247 82.07 -30.65 39.28
C LEU FA 247 81.53 -29.61 40.26
N VAL FA 248 82.42 -29.00 41.05
CA VAL FA 248 81.99 -28.00 42.02
C VAL FA 248 81.41 -26.79 41.31
N GLN FA 249 82.00 -26.40 40.17
CA GLN FA 249 81.46 -25.26 39.43
C GLN FA 249 80.06 -25.54 38.92
N LYS FA 250 79.83 -26.73 38.34
CA LYS FA 250 78.49 -27.02 37.84
C LYS FA 250 77.49 -27.20 38.98
N ALA FA 251 77.93 -27.72 40.13
CA ALA FA 251 77.05 -27.82 41.29
C ALA FA 251 76.67 -26.43 41.80
N ARG FA 252 77.62 -25.50 41.79
CA ARG FA 252 77.32 -24.13 42.20
C ARG FA 252 76.34 -23.48 41.24
N ASP FA 253 76.50 -23.74 39.94
CA ASP FA 253 75.52 -23.23 38.97
C ASP FA 253 74.13 -23.77 39.23
N LEU FA 254 74.02 -25.08 39.50
CA LEU FA 254 72.73 -25.67 39.80
C LEU FA 254 72.13 -25.08 41.09
N ALA FA 255 72.97 -24.89 42.11
CA ALA FA 255 72.47 -24.33 43.37
C ALA FA 255 71.98 -22.90 43.18
N ALA FA 256 72.68 -22.13 42.33
CA ALA FA 256 72.19 -20.80 42.01
C ALA FA 256 70.85 -20.87 41.28
N ARG FA 257 70.70 -21.82 40.36
CA ARG FA 257 69.45 -21.94 39.62
C ARG FA 257 68.29 -22.47 40.46
N ILE FA 258 68.54 -22.93 41.68
CA ILE FA 258 67.49 -23.48 42.53
C ILE FA 258 66.40 -22.44 42.76
N MET GA 25 79.97 -33.35 -7.85
CA MET GA 25 80.59 -32.04 -7.68
C MET GA 25 81.95 -31.96 -8.36
N GLU GA 26 82.07 -32.60 -9.52
CA GLU GA 26 83.36 -32.64 -10.22
C GLU GA 26 83.79 -31.27 -10.73
N LYS GA 27 82.85 -30.33 -10.86
CA LYS GA 27 83.23 -28.98 -11.26
C LYS GA 27 84.14 -28.33 -10.23
N LEU GA 28 83.87 -28.55 -8.95
CA LEU GA 28 84.71 -27.97 -7.90
C LEU GA 28 86.07 -28.66 -7.83
N GLU GA 29 86.15 -29.96 -8.12
CA GLU GA 29 87.45 -30.60 -8.22
C GLU GA 29 88.24 -30.06 -9.41
N VAL GA 30 87.56 -29.78 -10.53
CA VAL GA 30 88.24 -29.16 -11.66
C VAL GA 30 88.75 -27.77 -11.27
N ALA GA 31 87.95 -27.03 -10.50
CA ALA GA 31 88.38 -25.73 -10.00
C ALA GA 31 89.60 -25.85 -9.10
N VAL GA 32 89.63 -26.86 -8.24
CA VAL GA 32 90.79 -27.07 -7.36
C VAL GA 32 92.04 -27.38 -8.18
N GLU GA 33 91.89 -28.23 -9.21
CA GLU GA 33 93.02 -28.54 -10.07
C GLU GA 33 93.51 -27.29 -10.81
N HIS GA 34 92.58 -26.49 -11.29
CA HIS GA 34 92.96 -25.23 -11.88
C HIS GA 34 93.74 -24.35 -10.90
N LEU GA 35 93.26 -24.25 -9.66
CA LEU GA 35 93.95 -23.43 -8.65
C LEU GA 35 95.37 -23.93 -8.42
N LYS GA 36 95.56 -25.25 -8.38
CA LYS GA 36 96.91 -25.80 -8.29
C LYS GA 36 97.74 -25.38 -9.51
N GLU GA 37 97.14 -25.45 -10.70
CA GLU GA 37 97.83 -25.01 -11.91
C GLU GA 37 98.21 -23.54 -11.84
N ALA GA 38 97.32 -22.72 -11.28
CA ALA GA 38 97.61 -21.29 -11.14
C ALA GA 38 98.78 -21.05 -10.19
N ILE GA 39 98.82 -21.79 -9.08
CA ILE GA 39 99.95 -21.67 -8.17
C ILE GA 39 101.25 -22.05 -8.86
N GLU GA 40 101.22 -23.15 -9.61
CA GLU GA 40 102.41 -23.58 -10.34
C GLU GA 40 102.84 -22.54 -11.39
N LEU GA 41 101.86 -21.92 -12.05
CA LEU GA 41 102.18 -20.91 -13.06
C LEU GA 41 102.79 -19.66 -12.42
N ILE GA 42 102.25 -19.21 -11.30
CA ILE GA 42 102.85 -18.08 -10.59
C ILE GA 42 104.27 -18.43 -10.18
N GLU GA 43 104.49 -19.68 -9.74
CA GLU GA 43 105.84 -20.10 -9.39
C GLU GA 43 106.77 -20.07 -10.59
N LYS GA 44 106.28 -20.49 -11.76
CA LYS GA 44 107.12 -20.52 -12.96
C LYS GA 44 107.47 -19.11 -13.42
N GLY GA 45 106.48 -18.23 -13.52
CA GLY GA 45 106.74 -16.87 -13.93
C GLY GA 45 105.80 -16.33 -14.99
N GLU GA 46 104.79 -17.13 -15.39
CA GLU GA 46 103.80 -16.70 -16.38
C GLU GA 46 102.62 -16.08 -15.65
N TYR GA 47 102.59 -14.75 -15.62
CA TYR GA 47 101.56 -14.02 -14.89
C TYR GA 47 100.31 -13.76 -15.73
N VAL GA 48 100.46 -13.63 -17.05
CA VAL GA 48 99.30 -13.49 -17.92
C VAL GA 48 98.45 -14.76 -17.89
N LYS GA 49 99.11 -15.91 -18.00
CA LYS GA 49 98.39 -17.17 -17.94
C LYS GA 49 97.75 -17.38 -16.58
N ALA GA 50 98.41 -16.92 -15.51
CA ALA GA 50 97.83 -16.99 -14.18
C ALA GA 50 96.58 -16.14 -14.07
N ASP GA 51 96.62 -14.92 -14.62
CA ASP GA 51 95.44 -14.05 -14.60
C ASP GA 51 94.28 -14.67 -15.38
N LEU GA 52 94.58 -15.25 -16.55
CA LEU GA 52 93.56 -15.90 -17.35
C LEU GA 52 92.99 -17.13 -16.64
N ILE GA 53 93.84 -17.90 -15.97
CA ILE GA 53 93.38 -19.06 -15.20
C ILE GA 53 92.47 -18.61 -14.07
N LEU GA 54 92.80 -17.50 -13.42
CA LEU GA 54 91.93 -17.00 -12.36
C LEU GA 54 90.56 -16.62 -12.90
N THR GA 55 90.52 -16.02 -14.10
CA THR GA 55 89.24 -15.74 -14.72
C THR GA 55 88.46 -17.03 -15.02
N ASP GA 56 89.16 -18.06 -15.51
CA ASP GA 56 88.51 -19.34 -15.77
C ASP GA 56 87.95 -19.96 -14.48
N ILE GA 57 88.72 -19.89 -13.39
CA ILE GA 57 88.25 -20.41 -12.11
C ILE GA 57 87.02 -19.66 -11.64
N LEU GA 58 87.01 -18.34 -11.82
CA LEU GA 58 85.83 -17.56 -11.47
C LEU GA 58 84.62 -18.01 -12.28
N ARG GA 59 84.81 -18.26 -13.57
CA ARG GA 59 83.72 -18.74 -14.41
C ARG GA 59 83.20 -20.09 -13.92
N LEU GA 60 84.11 -21.00 -13.57
CA LEU GA 60 83.70 -22.31 -13.06
C LEU GA 60 82.90 -22.18 -11.77
N LEU GA 61 83.40 -21.38 -10.83
CA LEU GA 61 82.72 -21.23 -9.54
C LEU GA 61 81.35 -20.57 -9.72
N GLU GA 62 81.25 -19.58 -10.61
CA GLU GA 62 79.95 -18.99 -10.89
C GLU GA 62 79.01 -19.98 -11.54
N GLU GA 63 79.56 -20.90 -12.36
CA GLU GA 63 78.74 -21.97 -12.90
C GLU GA 63 78.19 -22.87 -11.80
N GLU GA 64 79.02 -23.18 -10.80
CA GLU GA 64 78.53 -24.00 -9.69
C GLU GA 64 77.48 -23.25 -8.87
N GLY GA 65 77.79 -22.03 -8.45
CA GLY GA 65 76.80 -21.19 -7.78
C GLY GA 65 76.93 -21.07 -6.28
N VAL GA 66 78.14 -20.86 -5.77
CA VAL GA 66 78.38 -20.61 -4.35
C VAL GA 66 78.82 -19.16 -4.20
N LYS GA 67 78.01 -18.37 -3.49
CA LYS GA 67 78.17 -16.91 -3.51
C LYS GA 67 79.49 -16.49 -2.87
N SER GA 68 79.81 -17.05 -1.70
CA SER GA 68 81.04 -16.68 -1.00
C SER GA 68 82.26 -17.01 -1.85
N LEU GA 69 82.28 -18.19 -2.45
CA LEU GA 69 83.37 -18.56 -3.34
C LEU GA 69 83.45 -17.61 -4.52
N ILE GA 70 82.30 -17.17 -5.03
CA ILE GA 70 82.29 -16.30 -6.21
C ILE GA 70 82.92 -14.94 -5.87
N LYS GA 71 82.49 -14.33 -4.78
CA LYS GA 71 83.05 -13.03 -4.41
C LYS GA 71 84.54 -13.16 -4.07
N GLN GA 72 84.91 -14.26 -3.39
CA GLN GA 72 86.32 -14.49 -3.10
C GLN GA 72 87.13 -14.62 -4.38
N ALA GA 73 86.58 -15.29 -5.40
CA ALA GA 73 87.31 -15.46 -6.65
C ALA GA 73 87.46 -14.15 -7.41
N LYS GA 74 86.42 -13.30 -7.41
CA LYS GA 74 86.54 -12.01 -8.09
C LYS GA 74 87.58 -11.13 -7.41
N GLU GA 75 87.50 -11.02 -6.08
CA GLU GA 75 88.49 -10.21 -5.37
C GLU GA 75 89.88 -10.81 -5.52
N LEU GA 76 89.97 -12.14 -5.62
CA LEU GA 76 91.26 -12.78 -5.87
C LEU GA 76 91.84 -12.37 -7.20
N HIS GA 77 91.00 -12.36 -8.25
CA HIS GA 77 91.48 -11.94 -9.55
C HIS GA 77 92.05 -10.52 -9.50
N ILE GA 78 91.27 -9.59 -8.94
CA ILE GA 78 91.71 -8.20 -8.90
C ILE GA 78 93.00 -8.05 -8.09
N GLU GA 79 93.02 -8.61 -6.88
CA GLU GA 79 94.16 -8.41 -5.99
C GLU GA 79 95.41 -9.13 -6.48
N VAL GA 80 95.26 -10.31 -7.09
CA VAL GA 80 96.42 -11.00 -7.62
C VAL GA 80 96.99 -10.26 -8.81
N PHE GA 81 96.12 -9.69 -9.66
CA PHE GA 81 96.63 -8.86 -10.75
C PHE GA 81 97.45 -7.70 -10.22
N LYS GA 82 96.92 -7.00 -9.21
CA LYS GA 82 97.65 -5.88 -8.62
C LYS GA 82 98.98 -6.33 -8.03
N LEU GA 83 98.96 -7.41 -7.24
CA LEU GA 83 100.18 -7.88 -6.58
C LEU GA 83 101.23 -8.34 -7.58
N LEU GA 84 100.82 -9.06 -8.63
CA LEU GA 84 101.77 -9.48 -9.64
C LEU GA 84 102.33 -8.29 -10.40
N LYS GA 85 101.53 -7.22 -10.57
CA LYS GA 85 102.10 -5.98 -11.10
C LYS GA 85 103.17 -5.44 -10.17
N GLU GA 86 102.90 -5.40 -8.87
CA GLU GA 86 103.87 -4.86 -7.92
C GLU GA 86 105.08 -5.77 -7.74
N GLY GA 87 104.88 -7.08 -7.83
CA GLY GA 87 105.93 -8.04 -7.61
C GLY GA 87 105.82 -8.87 -6.35
N GLU GA 88 104.68 -8.81 -5.65
CA GLU GA 88 104.47 -9.58 -4.43
C GLU GA 88 103.97 -10.98 -4.79
N TYR GA 89 104.93 -11.82 -5.19
CA TYR GA 89 104.58 -13.18 -5.61
C TYR GA 89 104.04 -14.00 -4.46
N LYS GA 90 104.66 -13.89 -3.28
CA LYS GA 90 104.26 -14.71 -2.14
C LYS GA 90 102.86 -14.37 -1.67
N GLU GA 91 102.50 -13.08 -1.67
CA GLU GA 91 101.16 -12.69 -1.26
C GLU GA 91 100.10 -13.24 -2.22
N ALA GA 92 100.38 -13.18 -3.52
CA ALA GA 92 99.44 -13.73 -4.50
C ALA GA 92 99.31 -15.23 -4.35
N LYS GA 93 100.43 -15.93 -4.15
CA LYS GA 93 100.39 -17.36 -3.92
C LYS GA 93 99.58 -17.69 -2.66
N ALA GA 94 99.75 -16.90 -1.60
CA ALA GA 94 98.99 -17.11 -0.38
C ALA GA 94 97.50 -16.94 -0.61
N LEU GA 95 97.11 -15.92 -1.38
CA LEU GA 95 95.69 -15.71 -1.65
C LEU GA 95 95.11 -16.86 -2.47
N VAL GA 96 95.85 -17.34 -3.47
CA VAL GA 96 95.37 -18.45 -4.27
C VAL GA 96 95.24 -19.70 -3.41
N GLU GA 97 96.23 -19.94 -2.53
CA GLU GA 97 96.16 -21.11 -1.64
C GLU GA 97 94.98 -21.00 -0.67
N ALA GA 98 94.69 -19.78 -0.20
CA ALA GA 98 93.55 -19.59 0.67
C ALA GA 98 92.24 -19.93 -0.05
N LEU GA 99 92.10 -19.47 -1.29
CA LEU GA 99 90.90 -19.81 -2.05
C LEU GA 99 90.81 -21.31 -2.31
N ARG GA 100 91.94 -21.95 -2.60
CA ARG GA 100 91.95 -23.39 -2.81
C ARG GA 100 91.49 -24.13 -1.56
N VAL GA 101 92.02 -23.74 -0.41
CA VAL GA 101 91.63 -24.38 0.85
C VAL GA 101 90.15 -24.16 1.13
N SER GA 102 89.65 -22.95 0.82
CA SER GA 102 88.23 -22.67 1.05
C SER GA 102 87.36 -23.56 0.17
N VAL GA 103 87.73 -23.75 -1.09
CA VAL GA 103 86.92 -24.59 -1.99
C VAL GA 103 86.97 -26.06 -1.54
N GLU GA 104 88.16 -26.55 -1.18
CA GLU GA 104 88.26 -27.92 -0.70
C GLU GA 104 87.45 -28.12 0.58
N LEU GA 105 87.47 -27.13 1.47
CA LEU GA 105 86.70 -27.21 2.71
C LEU GA 105 85.21 -27.24 2.42
N TYR GA 106 84.75 -26.45 1.44
CA TYR GA 106 83.34 -26.52 1.07
C TYR GA 106 82.98 -27.90 0.55
N ILE GA 107 83.86 -28.47 -0.28
CA ILE GA 107 83.61 -29.81 -0.81
C ILE GA 107 83.48 -30.81 0.34
N LEU GA 108 84.41 -30.76 1.29
CA LEU GA 108 84.40 -31.72 2.39
C LEU GA 108 83.19 -31.51 3.29
N ILE GA 109 82.78 -30.25 3.51
CA ILE GA 109 81.59 -29.99 4.31
C ILE GA 109 80.36 -30.59 3.65
N LYS GA 110 80.23 -30.41 2.33
CA LYS GA 110 79.08 -30.95 1.63
C LYS GA 110 79.07 -32.48 1.68
N ARG GA 111 80.23 -33.10 1.48
CA ARG GA 111 80.31 -34.56 1.56
C ARG GA 111 79.96 -35.06 2.96
N GLY GA 112 80.46 -34.38 3.99
CA GLY GA 112 80.15 -34.80 5.35
C GLY GA 112 78.68 -34.65 5.70
N VAL GA 113 78.07 -33.54 5.30
CA VAL GA 113 76.67 -33.31 5.63
C VAL GA 113 75.78 -34.28 4.88
N ARG GA 114 76.06 -34.51 3.59
CA ARG GA 114 75.24 -35.44 2.81
C ARG GA 114 75.33 -36.86 3.38
N GLU GA 115 76.54 -37.34 3.63
CA GLU GA 115 76.78 -38.67 4.18
C GLU GA 115 76.33 -38.82 5.63
N GLY GA 116 75.77 -37.78 6.24
CA GLY GA 116 75.37 -37.85 7.64
C GLY GA 116 76.52 -38.08 8.59
N ARG GA 117 77.71 -37.58 8.25
CA ARG GA 117 78.86 -37.75 9.12
C ARG GA 117 78.66 -36.97 10.42
N PRO GA 118 79.25 -37.43 11.52
CA PRO GA 118 79.15 -36.69 12.78
C PRO GA 118 79.84 -35.34 12.69
N ILE GA 119 79.31 -34.38 13.44
CA ILE GA 119 79.92 -33.04 13.50
C ILE GA 119 81.34 -33.12 14.02
N GLU GA 120 81.63 -34.09 14.89
CA GLU GA 120 82.94 -34.21 15.52
C GLU GA 120 84.04 -34.37 14.48
N GLU GA 121 83.90 -35.34 13.59
CA GLU GA 121 84.95 -35.61 12.62
C GLU GA 121 85.04 -34.53 11.55
N ILE GA 122 83.91 -33.91 11.21
CA ILE GA 122 83.94 -32.76 10.31
C ILE GA 122 84.77 -31.64 10.91
N ALA GA 123 84.55 -31.35 12.20
CA ALA GA 123 85.32 -30.31 12.87
C ALA GA 123 86.80 -30.64 12.92
N ARG GA 124 87.12 -31.91 13.21
CA ARG GA 124 88.53 -32.31 13.24
C ARG GA 124 89.17 -32.15 11.87
N GLU GA 125 88.45 -32.52 10.80
CA GLU GA 125 88.98 -32.37 9.45
C GLU GA 125 89.22 -30.91 9.10
N VAL GA 126 88.28 -30.03 9.46
CA VAL GA 126 88.43 -28.61 9.18
C VAL GA 126 89.66 -28.07 9.91
N GLY GA 127 89.82 -28.43 11.18
CA GLY GA 127 90.99 -27.99 11.92
C GLY GA 127 92.29 -28.48 11.31
N ARG GA 128 92.32 -29.74 10.89
CA ARG GA 128 93.52 -30.29 10.26
C ARG GA 128 93.87 -29.55 8.98
N LYS GA 129 92.86 -29.25 8.16
CA LYS GA 129 93.10 -28.52 6.92
C LYS GA 129 93.64 -27.12 7.19
N LEU GA 130 93.04 -26.43 8.17
CA LEU GA 130 93.52 -25.09 8.50
C LEU GA 130 94.95 -25.12 9.02
N VAL GA 131 95.29 -26.12 9.84
CA VAL GA 131 96.65 -26.21 10.36
C VAL GA 131 97.63 -26.49 9.23
N GLU GA 132 97.25 -27.35 8.29
CA GLU GA 132 98.14 -27.64 7.16
C GLU GA 132 98.36 -26.39 6.30
N LEU GA 133 97.30 -25.61 6.06
CA LEU GA 133 97.46 -24.36 5.34
C LEU GA 133 98.39 -23.40 6.08
N ALA GA 134 98.22 -23.29 7.40
CA ALA GA 134 99.07 -22.40 8.18
C ALA GA 134 100.53 -22.83 8.12
N LYS GA 135 100.79 -24.15 8.19
CA LYS GA 135 102.15 -24.64 8.08
C LYS GA 135 102.74 -24.34 6.71
N ARG GA 136 101.95 -24.51 5.64
CA ARG GA 136 102.41 -24.18 4.31
C ARG GA 136 102.79 -22.71 4.20
N LEU GA 137 101.90 -21.82 4.65
CA LEU GA 137 102.17 -20.40 4.56
C LEU GA 137 103.37 -20.00 5.40
N GLU GA 138 103.54 -20.62 6.56
CA GLU GA 138 104.72 -20.34 7.39
C GLU GA 138 105.99 -20.78 6.67
N LYS GA 139 105.93 -21.91 5.96
CA LYS GA 139 107.09 -22.34 5.19
C LYS GA 139 107.39 -21.37 4.05
N GLU GA 140 106.35 -20.83 3.42
CA GLU GA 140 106.57 -19.88 2.32
C GLU GA 140 107.29 -18.63 2.80
N GLY GA 141 106.90 -18.10 3.96
CA GLY GA 141 107.53 -16.91 4.49
C GLY GA 141 106.54 -15.81 4.86
N ILE GA 142 105.25 -16.13 4.79
CA ILE GA 142 104.22 -15.16 5.17
C ILE GA 142 104.18 -15.04 6.69
N SER GA 143 104.07 -13.80 7.18
CA SER GA 143 104.05 -13.55 8.60
C SER GA 143 102.77 -14.09 9.24
N TRP GA 144 102.81 -14.24 10.57
CA TRP GA 144 101.71 -14.90 11.26
C TRP GA 144 100.47 -14.03 11.36
N GLU GA 145 100.62 -12.71 11.33
CA GLU GA 145 99.45 -11.84 11.30
C GLU GA 145 98.64 -12.04 10.02
N GLU GA 146 99.34 -12.10 8.88
CA GLU GA 146 98.66 -12.36 7.61
C GLU GA 146 98.05 -13.76 7.60
N ILE GA 147 98.74 -14.74 8.15
CA ILE GA 147 98.22 -16.10 8.22
C ILE GA 147 96.92 -16.12 9.03
N ILE GA 148 96.92 -15.44 10.18
CA ILE GA 148 95.73 -15.41 11.02
C ILE GA 148 94.58 -14.72 10.29
N GLU GA 149 94.86 -13.59 9.62
CA GLU GA 149 93.80 -12.90 8.91
C GLU GA 149 93.20 -13.75 7.80
N LEU GA 150 94.06 -14.43 7.03
CA LEU GA 150 93.57 -15.34 6.00
C LEU GA 150 92.72 -16.45 6.61
N ILE GA 151 93.16 -17.00 7.74
CA ILE GA 151 92.42 -18.07 8.39
C ILE GA 151 91.05 -17.58 8.85
N GLU GA 152 90.97 -16.37 9.40
CA GLU GA 152 89.66 -15.86 9.82
C GLU GA 152 88.75 -15.56 8.64
N ARG GA 153 89.30 -15.11 7.52
CA ARG GA 153 88.46 -14.97 6.32
C ARG GA 153 87.91 -16.32 5.88
N ILE GA 154 88.75 -17.35 5.88
CA ILE GA 154 88.28 -18.69 5.55
C ILE GA 154 87.23 -19.15 6.54
N LEU GA 155 87.39 -18.80 7.82
CA LEU GA 155 86.43 -19.20 8.85
C LEU GA 155 85.08 -18.52 8.65
N GLU GA 156 85.09 -17.25 8.25
CA GLU GA 156 83.83 -16.57 7.93
C GLU GA 156 83.15 -17.21 6.72
N SER GA 157 83.94 -17.59 5.71
CA SER GA 157 83.38 -18.32 4.57
C SER GA 157 82.77 -19.64 5.01
N ILE GA 158 83.45 -20.36 5.91
CA ILE GA 158 82.94 -21.62 6.43
C ILE GA 158 81.65 -21.40 7.19
N ARG GA 159 81.58 -20.33 7.98
CA ARG GA 159 80.36 -20.02 8.72
C ARG GA 159 79.19 -19.80 7.78
N GLU GA 160 79.41 -19.03 6.70
CA GLU GA 160 78.34 -18.83 5.73
C GLU GA 160 77.93 -20.13 5.06
N ILE GA 161 78.91 -20.96 4.68
CA ILE GA 161 78.60 -22.23 4.02
C ILE GA 161 77.79 -23.13 4.95
N LEU GA 162 78.20 -23.23 6.21
CA LEU GA 162 77.49 -24.06 7.17
C LEU GA 162 76.07 -23.56 7.41
N LYS GA 163 75.90 -22.23 7.51
CA LYS GA 163 74.57 -21.68 7.65
C LYS GA 163 73.72 -21.97 6.43
N GLU GA 164 74.33 -22.06 5.25
CA GLU GA 164 73.58 -22.41 4.05
C GLU GA 164 73.01 -23.82 4.14
N GLU GA 165 73.79 -24.77 4.69
CA GLU GA 165 73.36 -26.15 4.77
C GLU GA 165 72.23 -26.39 5.77
N GLY GA 166 71.72 -25.34 6.41
CA GLY GA 166 70.65 -25.49 7.37
C GLY GA 166 71.05 -25.98 8.73
N LEU GA 167 72.35 -26.03 9.02
CA LEU GA 167 72.79 -26.43 10.35
C LEU GA 167 72.42 -25.37 11.39
N PRO GA 168 72.06 -25.77 12.60
CA PRO GA 168 71.78 -24.78 13.64
C PRO GA 168 73.06 -24.14 14.17
N GLU GA 169 72.87 -23.08 14.95
CA GLU GA 169 73.99 -22.26 15.39
C GLU GA 169 74.95 -23.01 16.31
N SER GA 170 74.43 -23.96 17.09
CA SER GA 170 75.26 -24.63 18.10
C SER GA 170 76.40 -25.43 17.44
N GLU GA 171 76.06 -26.25 16.45
CA GLU GA 171 77.09 -27.05 15.79
C GLU GA 171 78.05 -26.18 14.98
N ILE GA 172 77.54 -25.10 14.36
CA ILE GA 172 78.41 -24.18 13.64
C ILE GA 172 79.43 -23.57 14.58
N ASN GA 173 78.96 -23.09 15.73
CA ASN GA 173 79.88 -22.51 16.72
C ASN GA 173 80.86 -23.54 17.24
N ARG GA 174 80.39 -24.78 17.42
CA ARG GA 174 81.28 -25.85 17.89
C ARG GA 174 82.40 -26.10 16.89
N ILE GA 175 82.05 -26.21 15.60
CA ILE GA 175 83.06 -26.47 14.58
C ILE GA 175 84.06 -25.32 14.50
N LEU GA 176 83.55 -24.09 14.51
CA LEU GA 176 84.43 -22.92 14.41
C LEU GA 176 85.37 -22.84 15.62
N ALA GA 177 84.83 -23.08 16.82
CA ALA GA 177 85.67 -23.04 18.02
C ALA GA 177 86.73 -24.12 17.98
N VAL GA 178 86.38 -25.32 17.51
CA VAL GA 178 87.36 -26.39 17.43
C VAL GA 178 88.48 -26.04 16.46
N SER GA 179 88.13 -25.47 15.30
CA SER GA 179 89.16 -25.10 14.33
C SER GA 179 90.08 -24.02 14.88
N ILE GA 180 89.50 -22.99 15.51
CA ILE GA 180 90.32 -21.94 16.11
C ILE GA 180 91.24 -22.52 17.18
N LEU GA 181 90.71 -23.43 18.00
CA LEU GA 181 91.51 -24.03 19.05
C LEU GA 181 92.61 -24.91 18.48
N GLU GA 182 92.39 -25.54 17.33
CA GLU GA 182 93.45 -26.34 16.71
C GLU GA 182 94.58 -25.44 16.22
N VAL GA 183 94.24 -24.30 15.61
CA VAL GA 183 95.27 -23.35 15.21
C VAL GA 183 96.04 -22.85 16.44
N ALA GA 184 95.31 -22.53 17.52
CA ALA GA 184 95.96 -22.08 18.75
C ALA GA 184 96.85 -23.17 19.33
N LYS GA 185 96.43 -24.43 19.22
CA LYS GA 185 97.24 -25.55 19.70
C LYS GA 185 98.54 -25.65 18.92
N TYR GA 186 98.47 -25.47 17.59
CA TYR GA 186 99.70 -25.46 16.81
C TYR GA 186 100.62 -24.33 17.25
N LEU GA 187 100.05 -23.15 17.50
CA LEU GA 187 100.87 -22.03 17.98
C LEU GA 187 101.51 -22.36 19.33
N LEU GA 188 100.75 -22.97 20.25
CA LEU GA 188 101.29 -23.33 21.55
C LEU GA 188 102.42 -24.35 21.42
N GLU GA 189 102.25 -25.32 20.53
CA GLU GA 189 103.31 -26.30 20.29
C GLU GA 189 104.56 -25.61 19.75
N LYS GA 190 104.40 -24.64 18.86
CA LYS GA 190 105.54 -23.87 18.38
C LYS GA 190 106.23 -23.13 19.53
N LEU GA 191 105.44 -22.51 20.41
CA LEU GA 191 106.01 -21.78 21.53
C LEU GA 191 106.73 -22.71 22.51
N GLY GA 192 106.14 -23.88 22.78
CA GLY GA 192 106.76 -24.85 23.67
C GLY GA 192 106.13 -24.91 25.04
N PHE GA 193 104.82 -24.77 25.11
CA PHE GA 193 104.05 -24.83 26.35
C PHE GA 193 103.21 -26.11 26.31
N ASP GA 194 103.78 -27.21 26.79
CA ASP GA 194 103.15 -28.51 26.63
C ASP GA 194 101.91 -28.65 27.52
N TYR GA 195 101.96 -28.15 28.75
CA TYR GA 195 100.82 -28.30 29.65
C TYR GA 195 99.59 -27.57 29.12
N LEU GA 196 99.80 -26.35 28.61
CA LEU GA 196 98.69 -25.63 27.98
C LEU GA 196 98.18 -26.38 26.76
N VAL GA 197 99.06 -27.07 26.04
CA VAL GA 197 98.62 -27.90 24.93
C VAL GA 197 97.67 -28.98 25.42
N GLU GA 198 98.07 -29.70 26.48
CA GLU GA 198 97.24 -30.78 27.02
C GLU GA 198 95.89 -30.27 27.49
N LEU GA 199 95.88 -29.15 28.21
CA LEU GA 199 94.60 -28.53 28.59
C LEU GA 199 93.78 -28.18 27.36
N LEU GA 200 94.43 -27.79 26.27
CA LEU GA 200 93.70 -27.46 25.06
C LEU GA 200 93.07 -28.69 24.42
N ASP GA 201 93.77 -29.83 24.41
CA ASP GA 201 93.11 -31.05 23.93
C ASP GA 201 91.93 -31.41 24.82
N ARG GA 202 92.08 -31.26 26.13
CA ARG GA 202 90.96 -31.54 27.02
C ARG GA 202 89.75 -30.67 26.70
N ALA GA 203 89.99 -29.37 26.50
CA ALA GA 203 88.89 -28.47 26.16
C ALA GA 203 88.28 -28.79 24.81
N ILE GA 204 89.11 -29.17 23.83
CA ILE GA 204 88.60 -29.51 22.51
C ILE GA 204 87.73 -30.75 22.58
N GLU GA 205 88.17 -31.77 23.34
CA GLU GA 205 87.36 -32.97 23.53
C GLU GA 205 86.03 -32.64 24.21
N TYR GA 206 86.06 -31.77 25.22
CA TYR GA 206 84.82 -31.41 25.89
C TYR GA 206 83.87 -30.67 24.94
N ILE GA 207 84.41 -29.79 24.11
CA ILE GA 207 83.57 -29.09 23.12
C ILE GA 207 82.98 -30.09 22.13
N LEU GA 208 83.80 -31.03 21.67
CA LEU GA 208 83.33 -31.98 20.66
C LEU GA 208 82.27 -32.91 21.21
N LYS GA 209 82.42 -33.35 22.46
CA LYS GA 209 81.44 -34.25 23.08
C LYS GA 209 80.14 -33.55 23.47
N GLY GA 210 80.09 -32.23 23.40
CA GLY GA 210 78.89 -31.49 23.69
C GLY GA 210 78.86 -30.81 25.04
N ARG GA 211 79.83 -31.09 25.91
CA ARG GA 211 79.88 -30.51 27.25
C ARG GA 211 80.45 -29.10 27.14
N SER GA 212 79.57 -28.11 27.12
CA SER GA 212 79.96 -26.73 26.79
C SER GA 212 80.44 -25.94 28.00
N GLU GA 213 79.71 -26.03 29.13
CA GLU GA 213 80.05 -25.22 30.29
C GLU GA 213 81.40 -25.63 30.89
N LEU GA 214 81.67 -26.94 30.94
CA LEU GA 214 82.97 -27.39 31.40
C LEU GA 214 84.07 -26.87 30.49
N ALA GA 215 83.83 -26.87 29.18
CA ALA GA 215 84.80 -26.34 28.23
C ALA GA 215 85.03 -24.85 28.44
N VAL GA 216 83.96 -24.10 28.73
CA VAL GA 216 84.10 -22.67 28.96
C VAL GA 216 84.93 -22.41 30.20
N HIS GA 217 84.70 -23.17 31.28
CA HIS GA 217 85.50 -23.00 32.48
C HIS GA 217 86.96 -23.37 32.24
N LEU GA 218 87.19 -24.45 31.49
CA LEU GA 218 88.55 -24.83 31.12
C LEU GA 218 89.23 -23.73 30.31
N LEU GA 219 88.49 -23.12 29.39
CA LEU GA 219 89.05 -22.05 28.56
C LEU GA 219 89.35 -20.82 29.38
N ASP GA 220 88.52 -20.54 30.40
CA ASP GA 220 88.82 -19.44 31.32
C ASP GA 220 90.13 -19.70 32.07
N ASP GA 221 90.33 -20.93 32.55
CA ASP GA 221 91.57 -21.24 33.24
C ASP GA 221 92.77 -21.15 32.29
N ILE GA 222 92.59 -21.60 31.05
CA ILE GA 222 93.65 -21.51 30.06
C ILE GA 222 93.99 -20.05 29.76
N ILE GA 223 92.98 -19.20 29.66
CA ILE GA 223 93.19 -17.78 29.40
C ILE GA 223 93.96 -17.15 30.55
N ARG GA 224 93.61 -17.49 31.79
CA ARG GA 224 94.36 -16.98 32.93
C ARG GA 224 95.83 -17.42 32.88
N ARG GA 225 96.07 -18.68 32.55
CA ARG GA 225 97.44 -19.16 32.46
C ARG GA 225 98.22 -18.45 31.35
N VAL GA 226 97.56 -18.20 30.21
CA VAL GA 226 98.22 -17.52 29.10
C VAL GA 226 98.57 -16.09 29.49
N HIS GA 227 97.65 -15.41 30.17
CA HIS GA 227 97.93 -14.06 30.64
C HIS GA 227 99.08 -14.04 31.64
N GLU GA 228 99.14 -15.05 32.51
CA GLU GA 228 100.26 -15.15 33.44
C GLU GA 228 101.58 -15.32 32.68
N GLU GA 229 101.59 -16.15 31.64
CA GLU GA 229 102.79 -16.34 30.84
C GLU GA 229 103.21 -15.03 30.15
N ILE GA 230 102.24 -14.31 29.59
CA ILE GA 230 102.53 -13.04 28.93
C ILE GA 230 103.12 -12.05 29.92
N GLU GA 231 102.52 -11.96 31.11
CA GLU GA 231 103.05 -11.06 32.13
C GLU GA 231 104.45 -11.47 32.57
N ARG GA 232 104.74 -12.77 32.61
CA ARG GA 232 106.08 -13.22 32.93
C ARG GA 232 107.08 -12.78 31.87
N TYR GA 233 106.67 -12.82 30.59
CA TYR GA 233 107.60 -12.47 29.51
C TYR GA 233 108.03 -11.01 29.59
N GLY GA 234 107.10 -10.12 29.90
CA GLY GA 234 107.44 -8.71 30.11
C GLY GA 234 107.36 -7.91 28.83
N ASP GA 235 108.49 -7.32 28.41
CA ASP GA 235 108.55 -6.48 27.22
C ASP GA 235 108.99 -7.24 25.98
N ASP GA 236 109.45 -8.48 26.13
CA ASP GA 236 109.96 -9.27 25.01
C ASP GA 236 108.97 -10.35 24.57
N VAL GA 237 107.68 -10.06 24.64
CA VAL GA 237 106.65 -11.03 24.33
C VAL GA 237 106.66 -11.34 22.83
N PRO GA 238 106.81 -12.59 22.43
CA PRO GA 238 106.68 -12.94 21.01
C PRO GA 238 105.26 -12.74 20.53
N GLU GA 239 105.13 -12.45 19.23
CA GLU GA 239 103.82 -12.20 18.64
C GLU GA 239 102.92 -13.44 18.63
N GLU GA 240 103.52 -14.63 18.64
CA GLU GA 240 102.74 -15.85 18.66
C GLU GA 240 101.91 -15.94 19.94
N LEU GA 241 102.46 -15.49 21.06
CA LEU GA 241 101.73 -15.52 22.32
C LEU GA 241 100.51 -14.61 22.27
N LEU GA 242 100.65 -13.40 21.69
CA LEU GA 242 99.51 -12.50 21.61
C LEU GA 242 98.45 -13.02 20.64
N LEU GA 243 98.88 -13.58 19.50
CA LEU GA 243 97.92 -14.17 18.58
C LEU GA 243 97.19 -15.34 19.22
N LEU GA 244 97.92 -16.17 19.98
CA LEU GA 244 97.31 -17.27 20.71
C LEU GA 244 96.30 -16.76 21.73
N ASP GA 245 96.64 -15.69 22.45
CA ASP GA 245 95.71 -15.08 23.39
C ASP GA 245 94.41 -14.68 22.68
N LEU GA 246 94.53 -13.97 21.56
CA LEU GA 246 93.34 -13.54 20.83
C LEU GA 246 92.53 -14.73 20.34
N LEU GA 247 93.21 -15.77 19.83
CA LEU GA 247 92.51 -16.94 19.31
C LEU GA 247 91.74 -17.65 20.41
N VAL GA 248 92.39 -17.87 21.56
CA VAL GA 248 91.72 -18.56 22.67
C VAL GA 248 90.56 -17.74 23.19
N GLN GA 249 90.70 -16.42 23.23
CA GLN GA 249 89.59 -15.58 23.69
C GLN GA 249 88.39 -15.68 22.74
N LYS GA 250 88.63 -15.62 21.42
CA LYS GA 250 87.50 -15.72 20.50
C LYS GA 250 86.90 -17.12 20.50
N ALA GA 251 87.71 -18.16 20.69
CA ALA GA 251 87.19 -19.50 20.81
C ALA GA 251 86.33 -19.66 22.06
N ARG GA 252 86.74 -19.05 23.17
CA ARG GA 252 85.93 -19.07 24.37
C ARG GA 252 84.61 -18.33 24.17
N ASP GA 253 84.64 -17.21 23.45
CA ASP GA 253 83.40 -16.51 23.14
C ASP GA 253 82.46 -17.39 22.33
N LEU GA 254 83.00 -18.08 21.31
CA LEU GA 254 82.17 -18.97 20.49
C LEU GA 254 81.62 -20.12 21.33
N ALA GA 255 82.44 -20.70 22.21
CA ALA GA 255 81.97 -21.80 23.04
C ALA GA 255 80.87 -21.34 23.99
N ALA GA 256 80.99 -20.12 24.52
CA ALA GA 256 79.91 -19.57 25.32
C ALA GA 256 78.63 -19.40 24.50
N ARG GA 257 78.78 -18.93 23.26
CA ARG GA 257 77.60 -18.73 22.41
C ARG GA 257 76.97 -20.03 21.93
N ILE GA 258 77.61 -21.17 22.15
CA ILE GA 258 77.08 -22.46 21.70
C ILE GA 258 75.70 -22.70 22.28
N MET HA 25 83.73 23.38 -3.78
CA MET HA 25 83.72 23.84 -2.39
C MET HA 25 84.75 24.93 -2.16
N GLU HA 26 84.95 25.80 -3.15
CA GLU HA 26 85.98 26.84 -3.04
C GLU HA 26 85.65 27.87 -1.95
N LYS HA 27 84.38 27.96 -1.55
CA LYS HA 27 84.04 28.87 -0.46
C LYS HA 27 84.73 28.47 0.83
N LEU HA 28 84.81 27.17 1.10
CA LEU HA 28 85.46 26.70 2.32
C LEU HA 28 86.97 26.88 2.26
N GLU HA 29 87.58 26.76 1.07
CA GLU HA 29 89.00 27.08 0.93
C GLU HA 29 89.24 28.57 1.15
N VAL HA 30 88.33 29.42 0.67
CA VAL HA 30 88.44 30.85 0.95
C VAL HA 30 88.33 31.12 2.44
N ALA HA 31 87.43 30.39 3.12
CA ALA HA 31 87.31 30.51 4.57
C ALA HA 31 88.60 30.08 5.27
N VAL HA 32 89.22 29.01 4.81
CA VAL HA 32 90.48 28.55 5.39
C VAL HA 32 91.58 29.60 5.21
N GLU HA 33 91.64 30.19 4.02
CA GLU HA 33 92.63 31.25 3.78
C GLU HA 33 92.37 32.45 4.67
N HIS HA 34 91.11 32.82 4.82
CA HIS HA 34 90.78 33.86 5.77
C HIS HA 34 91.23 33.53 7.17
N LEU HA 35 90.98 32.30 7.63
CA LEU HA 35 91.40 31.90 8.98
C LEU HA 35 92.91 32.02 9.15
N LYS HA 36 93.67 31.63 8.13
CA LYS HA 36 95.12 31.83 8.17
C LYS HA 36 95.44 33.32 8.29
N GLU HA 37 94.73 34.15 7.52
CA GLU HA 37 94.94 35.60 7.60
C GLU HA 37 94.63 36.12 9.00
N ALA HA 38 93.57 35.59 9.62
CA ALA HA 38 93.22 36.01 10.97
C ALA HA 38 94.29 35.63 11.97
N ILE HA 39 94.85 34.43 11.85
CA ILE HA 39 95.95 34.04 12.74
C ILE HA 39 97.14 34.98 12.56
N GLU HA 40 97.48 35.29 11.31
CA GLU HA 40 98.59 36.20 11.06
C GLU HA 40 98.31 37.59 11.62
N LEU HA 41 97.07 38.05 11.52
CA LEU HA 41 96.71 39.37 12.05
C LEU HA 41 96.80 39.41 13.57
N ILE HA 42 96.31 38.37 14.24
CA ILE HA 42 96.46 38.29 15.70
C ILE HA 42 97.94 38.29 16.06
N GLU HA 43 98.76 37.59 15.29
CA GLU HA 43 100.20 37.60 15.55
C GLU HA 43 100.79 38.99 15.39
N LYS HA 44 100.34 39.73 14.36
CA LYS HA 44 100.89 41.06 14.12
C LYS HA 44 100.49 42.03 15.22
N GLY HA 45 99.21 42.07 15.58
CA GLY HA 45 98.74 42.95 16.63
C GLY HA 45 97.49 43.74 16.29
N GLU HA 46 96.91 43.51 15.12
CA GLU HA 46 95.68 44.18 14.71
C GLU HA 46 94.50 43.34 15.14
N TYR HA 47 93.87 43.72 16.25
CA TYR HA 47 92.77 42.96 16.81
C TYR HA 47 91.42 43.36 16.24
N VAL HA 48 91.25 44.63 15.84
CA VAL HA 48 90.03 45.05 15.19
C VAL HA 48 89.86 44.34 13.85
N LYS HA 49 90.93 44.29 13.06
CA LYS HA 49 90.87 43.60 11.78
C LYS HA 49 90.64 42.11 11.98
N ALA HA 50 91.20 41.54 13.05
CA ALA HA 50 90.96 40.13 13.34
C ALA HA 50 89.49 39.88 13.68
N ASP HA 51 88.88 40.77 14.47
CA ASP HA 51 87.46 40.63 14.80
C ASP HA 51 86.60 40.74 13.55
N LEU HA 52 86.91 41.70 12.68
CA LEU HA 52 86.17 41.86 11.44
C LEU HA 52 86.35 40.65 10.51
N ILE HA 53 87.57 40.10 10.45
CA ILE HA 53 87.80 38.91 9.65
C ILE HA 53 87.00 37.74 10.19
N LEU HA 54 86.90 37.61 11.52
CA LEU HA 54 86.10 36.54 12.09
C LEU HA 54 84.63 36.68 11.70
N THR HA 55 84.13 37.91 11.67
CA THR HA 55 82.76 38.13 11.20
C THR HA 55 82.61 37.73 9.73
N ASP HA 56 83.61 38.07 8.90
CA ASP HA 56 83.57 37.68 7.49
C ASP HA 56 83.57 36.16 7.33
N ILE HA 57 84.40 35.46 8.12
CA ILE HA 57 84.45 34.01 8.07
C ILE HA 57 83.11 33.41 8.47
N LEU HA 58 82.48 33.98 9.50
CA LEU HA 58 81.16 33.51 9.89
C LEU HA 58 80.15 33.69 8.76
N ARG HA 59 80.22 34.82 8.06
CA ARG HA 59 79.33 35.05 6.93
C ARG HA 59 79.56 34.01 5.83
N LEU HA 60 80.83 33.73 5.52
CA LEU HA 60 81.14 32.72 4.51
C LEU HA 60 80.61 31.35 4.90
N LEU HA 61 80.85 30.93 6.13
CA LEU HA 61 80.40 29.61 6.58
C LEU HA 61 78.89 29.51 6.57
N GLU HA 62 78.19 30.58 6.99
CA GLU HA 62 76.74 30.58 6.92
C GLU HA 62 76.26 30.54 5.48
N GLU HA 63 77.00 31.14 4.56
CA GLU HA 63 76.67 31.03 3.15
C GLU HA 63 76.78 29.58 2.68
N GLU HA 64 77.82 28.86 3.12
CA GLU HA 64 77.95 27.46 2.76
C GLU HA 64 76.84 26.61 3.37
N GLY HA 65 76.63 26.74 4.68
CA GLY HA 65 75.51 26.07 5.32
C GLY HA 65 75.82 24.81 6.10
N VAL HA 66 76.88 24.84 6.91
CA VAL HA 66 77.22 23.73 7.81
C VAL HA 66 76.99 24.21 9.25
N LYS HA 67 76.04 23.56 9.92
CA LYS HA 67 75.53 24.08 11.20
C LYS HA 67 76.61 24.09 12.27
N SER HA 68 77.33 22.99 12.41
CA SER HA 68 78.37 22.89 13.44
C SER HA 68 79.45 23.95 13.23
N LEU HA 69 79.89 24.12 11.99
CA LEU HA 69 80.86 25.16 11.67
C LEU HA 69 80.29 26.54 11.99
N ILE HA 70 79.00 26.75 11.75
CA ILE HA 70 78.40 28.05 11.98
C ILE HA 70 78.39 28.40 13.46
N LYS HA 71 77.93 27.47 14.31
CA LYS HA 71 77.91 27.75 15.74
C LYS HA 71 79.32 27.89 16.28
N GLN HA 72 80.26 27.08 15.78
CA GLN HA 72 81.65 27.22 16.19
C GLN HA 72 82.20 28.59 15.83
N ALA HA 73 81.84 29.10 14.65
CA ALA HA 73 82.34 30.40 14.21
C ALA HA 73 81.75 31.53 15.04
N LYS HA 74 80.46 31.45 15.38
CA LYS HA 74 79.87 32.49 16.22
C LYS HA 74 80.50 32.51 17.61
N GLU HA 75 80.61 31.35 18.25
CA GLU HA 75 81.24 31.31 19.56
C GLU HA 75 82.71 31.72 19.47
N LEU HA 76 83.36 31.42 18.35
CA LEU HA 76 84.74 31.87 18.16
C LEU HA 76 84.83 33.39 18.13
N HIS HA 77 83.91 34.03 17.40
CA HIS HA 77 83.92 35.49 17.36
C HIS HA 77 83.79 36.07 18.76
N ILE HA 78 82.78 35.60 19.51
CA ILE HA 78 82.55 36.16 20.85
C ILE HA 78 83.75 35.91 21.75
N GLU HA 79 84.24 34.67 21.82
CA GLU HA 79 85.30 34.33 22.75
C GLU HA 79 86.62 34.96 22.38
N VAL HA 80 86.92 35.08 21.07
CA VAL HA 80 88.16 35.71 20.67
C VAL HA 80 88.12 37.20 20.97
N PHE HA 81 86.96 37.85 20.80
CA PHE HA 81 86.85 39.24 21.19
C PHE HA 81 87.14 39.41 22.68
N LYS HA 82 86.53 38.56 23.51
CA LYS HA 82 86.77 38.64 24.95
C LYS HA 82 88.24 38.41 25.29
N LEU HA 83 88.85 37.37 24.70
CA LEU HA 83 90.24 37.04 25.02
C LEU HA 83 91.19 38.13 24.56
N LEU HA 84 90.97 38.70 23.38
CA LEU HA 84 91.81 39.79 22.92
C LEU HA 84 91.64 41.03 23.79
N LYS HA 85 90.44 41.24 24.33
CA LYS HA 85 90.28 42.29 25.34
C LYS HA 85 91.15 42.01 26.56
N GLU HA 86 91.11 40.76 27.05
CA GLU HA 86 91.88 40.42 28.25
C GLU HA 86 93.38 40.38 27.97
N GLY HA 87 93.78 39.97 26.77
CA GLY HA 87 95.17 39.84 26.43
C GLY HA 87 95.66 38.42 26.22
N GLU HA 88 94.76 37.43 26.18
CA GLU HA 88 95.13 36.04 26.00
C GLU HA 88 95.26 35.76 24.50
N TYR HA 89 96.40 36.16 23.95
CA TYR HA 89 96.63 35.99 22.51
C TYR HA 89 96.73 34.53 22.13
N LYS HA 90 97.43 33.73 22.94
CA LYS HA 90 97.65 32.32 22.61
C LYS HA 90 96.34 31.54 22.61
N GLU HA 91 95.45 31.82 23.56
CA GLU HA 91 94.16 31.13 23.59
C GLU HA 91 93.32 31.46 22.37
N ALA HA 92 93.31 32.73 21.96
CA ALA HA 92 92.57 33.10 20.76
C ALA HA 92 93.16 32.45 19.52
N LYS HA 93 94.49 32.44 19.41
CA LYS HA 93 95.13 31.76 18.29
C LYS HA 93 94.79 30.28 18.28
N ALA HA 94 94.76 29.65 19.44
CA ALA HA 94 94.41 28.24 19.53
C ALA HA 94 92.98 28.00 19.06
N LEU HA 95 92.04 28.87 19.46
CA LEU HA 95 90.67 28.70 19.03
C LEU HA 95 90.52 28.86 17.51
N VAL HA 96 91.22 29.85 16.95
CA VAL HA 96 91.17 30.05 15.50
C VAL HA 96 91.77 28.85 14.78
N GLU HA 97 92.88 28.33 15.29
CA GLU HA 97 93.50 27.15 14.68
C GLU HA 97 92.58 25.93 14.78
N ALA HA 98 91.87 25.79 15.88
CA ALA HA 98 90.93 24.69 16.02
C ALA HA 98 89.81 24.79 14.99
N LEU HA 99 89.27 25.99 14.79
CA LEU HA 99 88.23 26.15 13.78
C LEU HA 99 88.78 25.88 12.38
N ARG HA 100 90.02 26.32 12.12
CA ARG HA 100 90.63 26.05 10.82
C ARG HA 100 90.77 24.56 10.57
N VAL HA 101 91.26 23.83 11.57
CA VAL HA 101 91.43 22.38 11.44
C VAL HA 101 90.09 21.71 11.24
N SER HA 102 89.05 22.19 11.94
CA SER HA 102 87.73 21.61 11.78
C SER HA 102 87.20 21.81 10.37
N VAL HA 103 87.39 23.00 9.79
CA VAL HA 103 86.91 23.26 8.44
C VAL HA 103 87.68 22.41 7.42
N GLU HA 104 89.00 22.34 7.55
CA GLU HA 104 89.79 21.51 6.66
C GLU HA 104 89.40 20.04 6.77
N LEU HA 105 89.12 19.57 7.98
CA LEU HA 105 88.70 18.19 8.17
C LEU HA 105 87.35 17.94 7.51
N TYR HA 106 86.43 18.90 7.60
CA TYR HA 106 85.16 18.73 6.89
C TYR HA 106 85.38 18.64 5.38
N ILE HA 107 86.26 19.49 4.85
CA ILE HA 107 86.55 19.45 3.42
C ILE HA 107 87.08 18.08 3.03
N LEU HA 108 88.04 17.56 3.80
CA LEU HA 108 88.66 16.28 3.46
C LEU HA 108 87.66 15.13 3.61
N ILE HA 109 86.77 15.21 4.61
CA ILE HA 109 85.75 14.17 4.76
C ILE HA 109 84.82 14.16 3.56
N LYS HA 110 84.40 15.35 3.10
CA LYS HA 110 83.51 15.41 1.95
C LYS HA 110 84.20 14.88 0.70
N ARG HA 111 85.46 15.26 0.48
CA ARG HA 111 86.19 14.75 -0.67
C ARG HA 111 86.35 13.25 -0.61
N GLY HA 112 86.67 12.70 0.57
CA GLY HA 112 86.83 11.26 0.69
C GLY HA 112 85.53 10.50 0.46
N VAL HA 113 84.42 11.01 1.01
CA VAL HA 113 83.15 10.31 0.86
C VAL HA 113 82.67 10.36 -0.59
N ARG HA 114 82.80 11.53 -1.23
CA ARG HA 114 82.37 11.65 -2.62
C ARG HA 114 83.17 10.74 -3.53
N GLU HA 115 84.50 10.78 -3.41
CA GLU HA 115 85.41 9.95 -4.21
C GLU HA 115 85.31 8.46 -3.88
N GLY HA 116 84.47 8.06 -2.93
CA GLY HA 116 84.40 6.67 -2.54
C GLY HA 116 85.67 6.13 -1.93
N ARG HA 117 86.43 6.99 -1.24
CA ARG HA 117 87.66 6.55 -0.61
C ARG HA 117 87.37 5.59 0.53
N PRO HA 118 88.28 4.65 0.81
CA PRO HA 118 88.07 3.73 1.93
C PRO HA 118 88.07 4.47 3.26
N ILE HA 119 87.30 3.94 4.21
CA ILE HA 119 87.24 4.50 5.56
C ILE HA 119 88.62 4.49 6.20
N GLU HA 120 89.44 3.50 5.86
CA GLU HA 120 90.76 3.36 6.49
C GLU HA 120 91.62 4.59 6.28
N GLU HA 121 91.76 5.03 5.03
CA GLU HA 121 92.66 6.16 4.77
C GLU HA 121 92.05 7.47 5.25
N ILE HA 122 90.72 7.59 5.23
CA ILE HA 122 90.08 8.76 5.81
C ILE HA 122 90.41 8.87 7.30
N ALA HA 123 90.31 7.75 8.02
CA ALA HA 123 90.63 7.74 9.44
C ALA HA 123 92.10 8.07 9.68
N ARG HA 124 93.00 7.53 8.86
CA ARG HA 124 94.41 7.85 9.02
C ARG HA 124 94.67 9.33 8.79
N GLU HA 125 94.02 9.92 7.78
CA GLU HA 125 94.19 11.34 7.51
C GLU HA 125 93.68 12.20 8.67
N VAL HA 126 92.51 11.84 9.22
CA VAL HA 126 91.97 12.58 10.35
C VAL HA 126 92.92 12.52 11.55
N GLY HA 127 93.44 11.33 11.83
CA GLY HA 127 94.41 11.20 12.92
C GLY HA 127 95.65 12.03 12.69
N ARG HA 128 96.17 12.02 11.47
CA ARG HA 128 97.37 12.80 11.16
C ARG HA 128 97.11 14.30 11.35
N LYS HA 129 95.96 14.78 10.90
CA LYS HA 129 95.63 16.19 11.06
C LYS HA 129 95.51 16.56 12.54
N LEU HA 130 94.85 15.72 13.34
CA LEU HA 130 94.72 16.00 14.76
C LEU HA 130 96.08 16.01 15.45
N VAL HA 131 96.97 15.09 15.09
CA VAL HA 131 98.29 15.06 15.69
C VAL HA 131 99.09 16.30 15.32
N GLU HA 132 98.98 16.75 14.06
CA GLU HA 132 99.69 17.95 13.65
C GLU HA 132 99.17 19.17 14.40
N LEU HA 133 97.86 19.27 14.58
CA LEU HA 133 97.31 20.37 15.38
C LEU HA 133 97.82 20.32 16.82
N ALA HA 134 97.85 19.12 17.41
CA ALA HA 134 98.33 19.00 18.78
C ALA HA 134 99.79 19.41 18.89
N LYS HA 135 100.62 19.02 17.92
CA LYS HA 135 102.02 19.42 17.93
C LYS HA 135 102.16 20.93 17.80
N ARG HA 136 101.36 21.54 16.93
CA ARG HA 136 101.39 23.00 16.79
C ARG HA 136 101.04 23.68 18.11
N LEU HA 137 99.95 23.25 18.74
CA LEU HA 137 99.51 23.88 19.99
C LEU HA 137 100.54 23.67 21.09
N GLU HA 138 101.17 22.50 21.12
CA GLU HA 138 102.22 22.25 22.10
C GLU HA 138 103.40 23.17 21.88
N LYS HA 139 103.75 23.43 20.62
CA LYS HA 139 104.82 24.37 20.32
C LYS HA 139 104.45 25.78 20.75
N GLU HA 140 103.18 26.17 20.58
CA GLU HA 140 102.76 27.51 20.98
C GLU HA 140 102.92 27.72 22.48
N GLY HA 141 102.53 26.73 23.28
CA GLY HA 141 102.64 26.85 24.73
C GLY HA 141 101.35 26.53 25.46
N ILE HA 142 100.35 26.05 24.72
CA ILE HA 142 99.09 25.68 25.33
C ILE HA 142 99.24 24.36 26.06
N SER HA 143 98.68 24.27 27.26
CA SER HA 143 98.79 23.08 28.08
C SER HA 143 98.03 21.91 27.46
N TRP HA 144 98.36 20.71 27.92
CA TRP HA 144 97.82 19.50 27.28
C TRP HA 144 96.34 19.28 27.62
N GLU HA 145 95.87 19.77 28.77
CA GLU HA 145 94.45 19.67 29.07
C GLU HA 145 93.63 20.48 28.09
N GLU HA 146 94.06 21.71 27.79
CA GLU HA 146 93.37 22.52 26.80
C GLU HA 146 93.45 21.89 25.42
N ILE HA 147 94.61 21.32 25.07
CA ILE HA 147 94.76 20.66 23.78
C ILE HA 147 93.77 19.49 23.66
N ILE HA 148 93.66 18.69 24.72
CA ILE HA 148 92.75 17.55 24.69
C ILE HA 148 91.31 18.02 24.57
N GLU HA 149 90.93 19.07 25.31
CA GLU HA 149 89.56 19.56 25.23
C GLU HA 149 89.24 20.09 23.84
N LEU HA 150 90.16 20.84 23.23
CA LEU HA 150 89.96 21.31 21.86
C LEU HA 150 89.81 20.13 20.91
N ILE HA 151 90.64 19.10 21.07
CA ILE HA 151 90.59 17.94 20.20
C ILE HA 151 89.24 17.22 20.33
N GLU HA 152 88.73 17.09 21.55
CA GLU HA 152 87.43 16.44 21.72
C GLU HA 152 86.29 17.27 21.14
N ARG HA 153 86.38 18.60 21.24
CA ARG HA 153 85.37 19.42 20.56
C ARG HA 153 85.42 19.20 19.05
N ILE HA 154 86.62 19.16 18.48
CA ILE HA 154 86.75 18.87 17.04
C ILE HA 154 86.20 17.49 16.72
N LEU HA 155 86.41 16.53 17.62
CA LEU HA 155 85.93 15.17 17.39
C LEU HA 155 84.40 15.10 17.41
N GLU HA 156 83.77 15.87 18.30
CA GLU HA 156 82.31 15.94 18.30
C GLU HA 156 81.79 16.58 17.01
N SER HA 157 82.48 17.62 16.54
CA SER HA 157 82.12 18.22 15.26
C SER HA 157 82.26 17.20 14.12
N ILE HA 158 83.33 16.41 14.14
CA ILE HA 158 83.54 15.38 13.13
C ILE HA 158 82.43 14.34 13.19
N ARG HA 159 82.03 13.95 14.41
CA ARG HA 159 80.95 12.98 14.56
C ARG HA 159 79.66 13.49 13.94
N GLU HA 160 79.33 14.77 14.20
CA GLU HA 160 78.13 15.34 13.59
C GLU HA 160 78.24 15.38 12.07
N ILE HA 161 79.40 15.78 11.55
CA ILE HA 161 79.59 15.87 10.10
C ILE HA 161 79.44 14.50 9.46
N LEU HA 162 80.06 13.48 10.07
CA LEU HA 162 79.98 12.12 9.53
C LEU HA 162 78.55 11.60 9.56
N LYS HA 163 77.84 11.87 10.66
CA LYS HA 163 76.43 11.47 10.73
C LYS HA 163 75.61 12.17 9.66
N GLU HA 164 75.98 13.40 9.30
CA GLU HA 164 75.27 14.10 8.24
C GLU HA 164 75.43 13.39 6.89
N GLU HA 165 76.62 12.86 6.61
CA GLU HA 165 76.89 12.20 5.34
C GLU HA 165 76.18 10.86 5.18
N GLY HA 166 75.37 10.46 6.16
CA GLY HA 166 74.66 9.20 6.06
C GLY HA 166 75.47 7.97 6.37
N LEU HA 167 76.68 8.13 6.91
CA LEU HA 167 77.48 6.97 7.29
C LEU HA 167 76.85 6.27 8.48
N PRO HA 168 76.93 4.95 8.55
CA PRO HA 168 76.41 4.24 9.73
C PRO HA 168 77.34 4.40 10.92
N GLU HA 169 76.83 3.97 12.08
CA GLU HA 169 77.53 4.22 13.34
C GLU HA 169 78.86 3.49 13.43
N SER HA 170 78.97 2.32 12.79
CA SER HA 170 80.17 1.50 12.94
C SER HA 170 81.40 2.20 12.39
N GLU HA 171 81.31 2.72 11.17
CA GLU HA 171 82.47 3.40 10.58
C GLU HA 171 82.77 4.71 11.29
N ILE HA 172 81.74 5.42 11.74
CA ILE HA 172 81.96 6.66 12.51
C ILE HA 172 82.75 6.36 13.77
N ASN HA 173 82.32 5.33 14.51
CA ASN HA 173 83.02 4.93 15.72
C ASN HA 173 84.44 4.48 15.42
N ARG HA 174 84.63 3.77 14.31
CA ARG HA 174 85.96 3.32 13.92
C ARG HA 174 86.88 4.50 13.66
N ILE HA 175 86.41 5.49 12.90
CA ILE HA 175 87.23 6.66 12.60
C ILE HA 175 87.57 7.42 13.86
N LEU HA 176 86.58 7.63 14.73
CA LEU HA 176 86.81 8.39 15.97
C LEU HA 176 87.80 7.66 16.86
N ALA HA 177 87.64 6.34 17.00
CA ALA HA 177 88.56 5.56 17.83
C ALA HA 177 89.97 5.61 17.27
N VAL HA 178 90.12 5.53 15.95
CA VAL HA 178 91.46 5.60 15.35
C VAL HA 178 92.10 6.94 15.62
N SER HA 179 91.35 8.03 15.48
CA SER HA 179 91.91 9.37 15.73
C SER HA 179 92.34 9.52 17.19
N ILE HA 180 91.48 9.09 18.12
CA ILE HA 180 91.82 9.17 19.54
C ILE HA 180 93.06 8.34 19.82
N LEU HA 181 93.15 7.15 19.23
CA LEU HA 181 94.32 6.30 19.46
C LEU HA 181 95.57 6.89 18.85
N GLU HA 182 95.47 7.64 17.75
CA GLU HA 182 96.64 8.30 17.20
C GLU HA 182 97.15 9.40 18.12
N VAL HA 183 96.23 10.18 18.70
CA VAL HA 183 96.64 11.18 19.68
C VAL HA 183 97.30 10.50 20.88
N ALA HA 184 96.70 9.40 21.36
CA ALA HA 184 97.28 8.67 22.48
C ALA HA 184 98.66 8.10 22.13
N LYS HA 185 98.83 7.66 20.88
CA LYS HA 185 100.13 7.16 20.44
C LYS HA 185 101.18 8.26 20.45
N TYR HA 186 100.81 9.47 20.02
CA TYR HA 186 101.74 10.59 20.12
C TYR HA 186 102.11 10.86 21.57
N LEU HA 187 101.13 10.82 22.48
CA LEU HA 187 101.43 11.01 23.89
C LEU HA 187 102.37 9.93 24.42
N LEU HA 188 102.13 8.67 24.04
CA LEU HA 188 103.00 7.58 24.48
C LEU HA 188 104.42 7.76 23.96
N GLU HA 189 104.57 8.18 22.70
CA GLU HA 189 105.89 8.44 22.15
C GLU HA 189 106.58 9.55 22.92
N LYS HA 190 105.84 10.60 23.30
CA LYS HA 190 106.43 11.65 24.13
C LYS HA 190 106.89 11.09 25.48
N LEU HA 191 106.07 10.25 26.10
CA LEU HA 191 106.44 9.66 27.39
C LEU HA 191 107.65 8.74 27.27
N GLY HA 192 107.72 7.95 26.20
CA GLY HA 192 108.84 7.06 26.00
C GLY HA 192 108.56 5.61 26.31
N PHE HA 193 107.35 5.16 26.00
CA PHE HA 193 106.93 3.77 26.22
C PHE HA 193 106.75 3.13 24.84
N ASP HA 194 107.84 2.55 24.32
CA ASP HA 194 107.84 2.06 22.95
C ASP HA 194 106.97 0.82 22.78
N TYR HA 195 107.00 -0.11 23.73
CA TYR HA 195 106.22 -1.33 23.60
C TYR HA 195 104.73 -1.04 23.57
N LEU HA 196 104.26 -0.13 24.44
CA LEU HA 196 102.87 0.28 24.39
C LEU HA 196 102.54 0.95 23.07
N VAL HA 197 103.50 1.67 22.49
CA VAL HA 197 103.29 2.25 21.17
C VAL HA 197 103.03 1.15 20.15
N GLU HA 198 103.88 0.11 20.14
CA GLU HA 198 103.74 -0.97 19.18
C GLU HA 198 102.40 -1.69 19.34
N LEU HA 199 102.02 -1.98 20.58
CA LEU HA 199 100.69 -2.55 20.82
C LEU HA 199 99.60 -1.63 20.31
N LEU HA 200 99.81 -0.32 20.39
CA LEU HA 200 98.82 0.62 19.90
C LEU HA 200 98.70 0.58 18.38
N ASP HA 201 99.82 0.47 17.66
CA ASP HA 201 99.72 0.29 16.21
C ASP HA 201 98.99 -1.01 15.88
N ARG HA 202 99.28 -2.07 16.62
CA ARG HA 202 98.58 -3.33 16.37
C ARG HA 202 97.07 -3.17 16.55
N ALA HA 203 96.66 -2.51 17.63
CA ALA HA 203 95.24 -2.30 17.87
C ALA HA 203 94.61 -1.40 16.81
N ILE HA 204 95.34 -0.37 16.36
CA ILE HA 204 94.82 0.53 15.34
C ILE HA 204 94.63 -0.23 14.03
N GLU HA 205 95.59 -1.07 13.66
CA GLU HA 205 95.46 -1.88 12.46
C GLU HA 205 94.27 -2.83 12.55
N TYR HA 206 94.08 -3.44 13.72
CA TYR HA 206 92.94 -4.34 13.89
C TYR HA 206 91.61 -3.59 13.78
N ILE HA 207 91.54 -2.39 14.35
CA ILE HA 207 90.32 -1.57 14.23
C ILE HA 207 90.08 -1.21 12.76
N LEU HA 208 91.14 -0.82 12.06
CA LEU HA 208 91.00 -0.38 10.67
C LEU HA 208 90.57 -1.53 9.76
N LYS HA 209 91.12 -2.72 9.98
CA LYS HA 209 90.77 -3.87 9.15
C LYS HA 209 89.39 -4.44 9.46
N GLY HA 210 88.73 -3.97 10.51
CA GLY HA 210 87.39 -4.41 10.85
C GLY HA 210 87.31 -5.41 11.98
N ARG HA 211 88.43 -5.94 12.44
CA ARG HA 211 88.44 -6.93 13.52
C ARG HA 211 88.29 -6.19 14.85
N SER HA 212 87.07 -6.15 15.38
CA SER HA 212 86.74 -5.31 16.51
C SER HA 212 87.01 -5.98 17.86
N GLU HA 213 86.61 -7.25 18.01
CA GLU HA 213 86.74 -7.92 19.30
C GLU HA 213 88.21 -8.12 19.68
N LEU HA 214 89.05 -8.48 18.70
CA LEU HA 214 90.47 -8.60 18.97
C LEU HA 214 91.05 -7.25 19.40
N ALA HA 215 90.60 -6.17 18.75
CA ALA HA 215 91.05 -4.84 19.12
C ALA HA 215 90.62 -4.48 20.53
N VAL HA 216 89.40 -4.85 20.91
CA VAL HA 216 88.91 -4.56 22.26
C VAL HA 216 89.74 -5.31 23.30
N HIS HA 217 90.06 -6.58 23.04
CA HIS HA 217 90.89 -7.33 23.97
C HIS HA 217 92.30 -6.73 24.06
N LEU HA 218 92.86 -6.32 22.92
CA LEU HA 218 94.16 -5.67 22.92
C LEU HA 218 94.12 -4.37 23.72
N LEU HA 219 93.04 -3.61 23.58
CA LEU HA 219 92.90 -2.36 24.31
C LEU HA 219 92.76 -2.60 25.80
N ASP HA 220 92.09 -3.69 26.18
CA ASP HA 220 92.02 -4.06 27.59
C ASP HA 220 93.41 -4.36 28.15
N ASP HA 221 94.21 -5.11 27.40
CA ASP HA 221 95.57 -5.41 27.86
C ASP HA 221 96.40 -4.13 27.95
N ILE HA 222 96.24 -3.23 26.97
CA ILE HA 222 96.96 -1.95 26.99
C ILE HA 222 96.55 -1.14 28.20
N ILE HA 223 95.26 -1.12 28.52
CA ILE HA 223 94.77 -0.37 29.67
C ILE HA 223 95.35 -0.93 30.96
N ARG HA 224 95.42 -2.26 31.07
CA ARG HA 224 96.04 -2.86 32.25
C ARG HA 224 97.51 -2.46 32.36
N ARG HA 225 98.24 -2.49 31.25
CA ARG HA 225 99.64 -2.09 31.28
C ARG HA 225 99.81 -0.62 31.68
N VAL HA 226 98.93 0.25 31.17
CA VAL HA 226 99.01 1.66 31.49
C VAL HA 226 98.73 1.89 32.97
N HIS HA 227 97.74 1.19 33.52
CA HIS HA 227 97.46 1.30 34.95
C HIS HA 227 98.63 0.80 35.78
N GLU HA 228 99.29 -0.27 35.33
CA GLU HA 228 100.49 -0.74 36.02
C GLU HA 228 101.58 0.31 36.01
N GLU HA 229 101.78 0.98 34.88
CA GLU HA 229 102.78 2.04 34.80
C GLU HA 229 102.45 3.19 35.74
N ILE HA 230 101.17 3.59 35.77
CA ILE HA 230 100.74 4.68 36.65
C ILE HA 230 100.99 4.31 38.11
N GLU HA 231 100.62 3.08 38.48
CA GLU HA 231 100.86 2.63 39.85
C GLU HA 231 102.35 2.58 40.18
N ARG HA 232 103.19 2.24 39.20
CA ARG HA 232 104.62 2.26 39.43
C ARG HA 232 105.12 3.68 39.68
N TYR HA 233 104.56 4.66 38.97
CA TYR HA 233 105.03 6.04 39.13
C TYR HA 233 104.77 6.57 40.53
N GLY HA 234 103.61 6.28 41.08
CA GLY HA 234 103.31 6.64 42.47
C GLY HA 234 102.65 8.02 42.57
N ASP HA 235 103.30 8.94 43.28
CA ASP HA 235 102.78 10.27 43.48
C ASP HA 235 103.30 11.30 42.47
N ASP HA 236 104.28 10.93 41.65
CA ASP HA 236 104.89 11.84 40.69
C ASP HA 236 104.42 11.56 39.26
N VAL HA 237 103.16 11.16 39.09
CA VAL HA 237 102.65 10.78 37.78
C VAL HA 237 102.54 12.02 36.90
N PRO HA 238 103.17 12.03 35.73
CA PRO HA 238 102.97 13.14 34.79
C PRO HA 238 101.54 13.15 34.25
N GLU HA 239 101.08 14.35 33.90
CA GLU HA 239 99.71 14.51 33.42
C GLU HA 239 99.49 13.83 32.07
N GLU HA 240 100.55 13.65 31.28
CA GLU HA 240 100.41 12.98 30.00
C GLU HA 240 99.95 11.55 30.17
N LEU HA 241 100.43 10.87 31.23
CA LEU HA 241 100.01 9.50 31.48
C LEU HA 241 98.52 9.42 31.81
N LEU HA 242 98.01 10.36 32.61
CA LEU HA 242 96.59 10.35 32.95
C LEU HA 242 95.73 10.67 31.73
N LEU HA 243 96.17 11.65 30.92
CA LEU HA 243 95.42 11.96 29.71
C LEU HA 243 95.42 10.79 28.74
N LEU HA 244 96.57 10.10 28.63
CA LEU HA 244 96.64 8.89 27.81
C LEU HA 244 95.71 7.81 28.32
N ASP HA 245 95.65 7.63 29.65
CA ASP HA 245 94.72 6.67 30.24
C ASP HA 245 93.29 6.98 29.82
N LEU HA 246 92.87 8.24 29.97
CA LEU HA 246 91.51 8.62 29.61
C LEU HA 246 91.25 8.41 28.13
N LEU HA 247 92.22 8.77 27.28
CA LEU HA 247 92.05 8.62 25.84
C LEU HA 247 91.89 7.16 25.45
N VAL HA 248 92.74 6.29 25.98
CA VAL HA 248 92.67 4.87 25.64
C VAL HA 248 91.36 4.28 26.14
N GLN HA 249 90.90 4.71 27.32
CA GLN HA 249 89.63 4.19 27.83
C GLN HA 249 88.47 4.60 26.93
N LYS HA 250 88.41 5.86 26.50
CA LYS HA 250 87.32 6.28 25.64
C LYS HA 250 87.41 5.63 24.26
N ALA HA 251 88.63 5.41 23.76
CA ALA HA 251 88.80 4.70 22.49
C ALA HA 251 88.32 3.26 22.61
N ARG HA 252 88.60 2.60 23.73
CA ARG HA 252 88.11 1.25 23.95
C ARG HA 252 86.58 1.22 24.02
N ASP HA 253 85.98 2.21 24.66
CA ASP HA 253 84.53 2.30 24.69
C ASP HA 253 83.96 2.44 23.28
N LEU HA 254 84.57 3.30 22.46
CA LEU HA 254 84.10 3.47 21.09
C LEU HA 254 84.28 2.18 20.28
N ALA HA 255 85.40 1.49 20.47
CA ALA HA 255 85.64 0.25 19.74
C ALA HA 255 84.63 -0.82 20.14
N ALA HA 256 84.28 -0.87 21.43
CA ALA HA 256 83.22 -1.77 21.86
C ALA HA 256 81.89 -1.41 21.22
N ARG HA 257 81.58 -0.12 21.13
CA ARG HA 257 80.32 0.31 20.53
C ARG HA 257 80.27 0.11 19.01
N ILE HA 258 81.38 -0.23 18.37
CA ILE HA 258 81.41 -0.41 16.93
C ILE HA 258 80.40 -1.47 16.49
N MET IA 25 62.30 38.84 46.72
CA MET IA 25 62.32 37.76 47.69
C MET IA 25 62.78 38.24 49.07
N GLU IA 26 62.39 39.45 49.44
CA GLU IA 26 62.84 40.02 50.71
C GLU IA 26 62.28 39.28 51.91
N LYS IA 27 61.20 38.52 51.74
CA LYS IA 27 60.67 37.72 52.83
C LYS IA 27 61.69 36.68 53.30
N LEU IA 28 62.38 36.06 52.35
CA LEU IA 28 63.38 35.05 52.70
C LEU IA 28 64.61 35.68 53.35
N GLU IA 29 64.99 36.89 52.93
CA GLU IA 29 66.06 37.59 53.65
C GLU IA 29 65.65 37.95 55.06
N VAL IA 30 64.38 38.33 55.26
CA VAL IA 30 63.89 38.58 56.61
C VAL IA 30 63.94 37.29 57.43
N ALA IA 31 63.58 36.16 56.81
CA ALA IA 31 63.68 34.86 57.48
C ALA IA 31 65.11 34.54 57.86
N VAL IA 32 66.07 34.83 56.98
CA VAL IA 32 67.48 34.58 57.28
C VAL IA 32 67.94 35.44 58.46
N GLU IA 33 67.53 36.71 58.47
CA GLU IA 33 67.87 37.59 59.59
C GLU IA 33 67.26 37.09 60.89
N HIS IA 34 66.03 36.65 60.83
CA HIS IA 34 65.43 36.03 61.98
C HIS IA 34 66.22 34.83 62.47
N LEU IA 35 66.63 33.95 61.54
CA LEU IA 35 67.41 32.77 61.93
C LEU IA 35 68.71 33.16 62.61
N LYS IA 36 69.37 34.20 62.12
CA LYS IA 36 70.55 34.71 62.81
C LYS IA 36 70.19 35.19 64.22
N GLU IA 37 69.07 35.90 64.34
CA GLU IA 37 68.62 36.34 65.66
C GLU IA 37 68.35 35.16 66.58
N ALA IA 38 67.77 34.09 66.05
CA ALA IA 38 67.50 32.89 66.83
C ALA IA 38 68.78 32.25 67.33
N ILE IA 39 69.80 32.17 66.46
CA ILE IA 39 71.09 31.63 66.88
C ILE IA 39 71.68 32.48 68.00
N GLU IA 40 71.62 33.81 67.84
CA GLU IA 40 72.15 34.69 68.88
C GLU IA 40 71.38 34.53 70.19
N LEU IA 41 70.06 34.34 70.10
CA LEU IA 41 69.25 34.17 71.31
C LEU IA 41 69.57 32.87 72.02
N ILE IA 42 69.73 31.78 71.27
CA ILE IA 42 70.14 30.51 71.87
C ILE IA 42 71.50 30.68 72.54
N GLU IA 43 72.41 31.42 71.90
CA GLU IA 43 73.71 31.68 72.52
C GLU IA 43 73.57 32.46 73.82
N LYS IA 44 72.67 33.45 73.85
CA LYS IA 44 72.51 34.27 75.05
C LYS IA 44 71.91 33.46 76.19
N GLY IA 45 70.83 32.73 75.93
CA GLY IA 45 70.21 31.91 76.96
C GLY IA 45 68.71 32.04 77.04
N GLU IA 46 68.10 32.81 76.15
CA GLU IA 46 66.65 32.97 76.13
C GLU IA 46 66.05 31.93 75.20
N TYR IA 47 65.53 30.84 75.77
CA TYR IA 47 65.00 29.74 74.99
C TYR IA 47 63.54 29.92 74.62
N VAL IA 48 62.76 30.62 75.44
CA VAL IA 48 61.37 30.91 75.10
C VAL IA 48 61.32 31.83 73.89
N LYS IA 49 62.14 32.88 73.88
CA LYS IA 49 62.18 33.77 72.74
C LYS IA 49 62.68 33.06 71.49
N ALA IA 50 63.61 32.12 71.66
CA ALA IA 50 64.07 31.33 70.52
C ALA IA 50 62.96 30.45 69.96
N ASP IA 51 62.17 29.82 70.82
CA ASP IA 51 61.04 29.01 70.36
C ASP IA 51 60.02 29.87 69.62
N LEU IA 52 59.72 31.05 70.15
CA LEU IA 52 58.78 31.95 69.51
C LEU IA 52 59.31 32.46 68.16
N ILE IA 53 60.61 32.75 68.10
CA ILE IA 53 61.23 33.16 66.84
C ILE IA 53 61.15 32.05 65.81
N LEU IA 54 61.34 30.79 66.24
CA LEU IA 54 61.22 29.69 65.31
C LEU IA 54 59.81 29.58 64.76
N THR IA 55 58.80 29.82 65.61
CA THR IA 55 57.43 29.85 65.12
C THR IA 55 57.21 30.98 64.10
N ASP IA 56 57.79 32.15 64.37
CA ASP IA 56 57.69 33.26 63.44
C ASP IA 56 58.35 32.93 62.10
N ILE IA 57 59.51 32.30 62.14
CA ILE IA 57 60.22 31.90 60.92
C ILE IA 57 59.38 30.91 60.12
N LEU IA 58 58.74 29.96 60.82
CA LEU IA 58 57.86 29.02 60.15
C LEU IA 58 56.71 29.75 59.46
N ARG IA 59 56.13 30.74 60.14
CA ARG IA 59 55.05 31.52 59.53
C ARG IA 59 55.53 32.26 58.28
N LEU IA 60 56.72 32.85 58.35
CA LEU IA 60 57.28 33.55 57.18
C LEU IA 60 57.48 32.59 56.01
N LEU IA 61 58.09 31.44 56.28
CA LEU IA 61 58.38 30.48 55.20
C LEU IA 61 57.09 29.94 54.61
N GLU IA 62 56.07 29.68 55.44
CA GLU IA 62 54.79 29.25 54.90
C GLU IA 62 54.14 30.35 54.09
N GLU IA 63 54.36 31.61 54.46
CA GLU IA 63 53.87 32.72 53.64
C GLU IA 63 54.54 32.72 52.27
N GLU IA 64 55.85 32.45 52.22
CA GLU IA 64 56.53 32.38 50.94
C GLU IA 64 56.04 31.20 50.11
N GLY IA 65 56.03 30.00 50.70
CA GLY IA 65 55.45 28.85 50.02
C GLY IA 65 56.43 27.86 49.41
N VAL IA 66 57.49 27.51 50.14
CA VAL IA 66 58.44 26.47 49.72
C VAL IA 66 58.26 25.27 50.64
N LYS IA 67 57.85 24.14 50.06
CA LYS IA 67 57.38 23.02 50.87
C LYS IA 67 58.51 22.41 51.71
N SER IA 68 59.67 22.19 51.09
CA SER IA 68 60.79 21.60 51.82
C SER IA 68 61.23 22.48 52.98
N LEU IA 69 61.32 23.79 52.74
CA LEU IA 69 61.65 24.72 53.81
C LEU IA 69 60.59 24.67 54.91
N ILE IA 70 59.33 24.52 54.53
CA ILE IA 70 58.24 24.53 55.51
C ILE IA 70 58.36 23.31 56.43
N LYS IA 71 58.51 22.12 55.86
CA LYS IA 71 58.61 20.93 56.69
C LYS IA 71 59.88 20.96 57.54
N GLN IA 72 60.98 21.47 56.97
CA GLN IA 72 62.20 21.61 57.74
C GLN IA 72 62.01 22.55 58.91
N ALA IA 73 61.26 23.64 58.71
CA ALA IA 73 61.05 24.60 59.79
C ALA IA 73 60.16 24.02 60.89
N LYS IA 74 59.13 23.26 60.52
CA LYS IA 74 58.28 22.65 61.55
C LYS IA 74 59.06 21.64 62.38
N GLU IA 75 59.79 20.74 61.70
CA GLU IA 75 60.60 19.77 62.45
C GLU IA 75 61.68 20.47 63.25
N LEU IA 76 62.19 21.60 62.76
CA LEU IA 76 63.16 22.37 63.52
C LEU IA 76 62.56 22.90 64.81
N HIS IA 77 61.34 23.44 64.73
CA HIS IA 77 60.68 23.93 65.93
C HIS IA 77 60.55 22.83 66.96
N ILE IA 78 60.01 21.68 66.55
CA ILE IA 78 59.79 20.58 67.50
C ILE IA 78 61.11 20.12 68.10
N GLU IA 79 62.10 19.83 67.25
CA GLU IA 79 63.34 19.24 67.73
C GLU IA 79 64.16 20.23 68.55
N VAL IA 80 64.15 21.52 68.20
CA VAL IA 80 64.88 22.50 68.99
C VAL IA 80 64.22 22.68 70.35
N PHE IA 81 62.89 22.65 70.41
CA PHE IA 81 62.23 22.70 71.72
C PHE IA 81 62.67 21.52 72.59
N LYS IA 82 62.67 20.31 72.02
CA LYS IA 82 63.08 19.14 72.78
C LYS IA 82 64.54 19.27 73.24
N LEU IA 83 65.44 19.66 72.33
CA LEU IA 83 66.86 19.74 72.66
C LEU IA 83 67.12 20.81 73.72
N LEU IA 84 66.47 21.96 73.61
CA LEU IA 84 66.65 23.01 74.61
C LEU IA 84 66.08 22.57 75.96
N LYS IA 85 65.03 21.74 75.96
CA LYS IA 85 64.60 21.13 77.21
C LYS IA 85 65.69 20.24 77.78
N GLU IA 86 66.31 19.40 76.95
CA GLU IA 86 67.33 18.50 77.44
C GLU IA 86 68.63 19.23 77.79
N GLY IA 87 68.95 20.30 77.08
CA GLY IA 87 70.18 21.03 77.30
C GLY IA 87 71.20 20.93 76.20
N GLU IA 88 70.85 20.36 75.05
CA GLU IA 88 71.77 20.21 73.91
C GLU IA 88 71.74 21.49 73.10
N TYR IA 89 72.47 22.50 73.60
CA TYR IA 89 72.50 23.79 72.92
C TYR IA 89 73.18 23.70 71.56
N LYS IA 90 74.29 22.97 71.49
CA LYS IA 90 75.05 22.89 70.24
C LYS IA 90 74.26 22.21 69.14
N GLU IA 91 73.51 21.16 69.47
CA GLU IA 91 72.71 20.47 68.47
C GLU IA 91 71.61 21.38 67.92
N ALA IA 92 70.96 22.14 68.80
CA ALA IA 92 69.93 23.08 68.36
C ALA IA 92 70.52 24.17 67.48
N LYS IA 93 71.68 24.71 67.89
CA LYS IA 93 72.35 25.71 67.07
C LYS IA 93 72.72 25.15 65.71
N ALA IA 94 73.18 23.89 65.66
CA ALA IA 94 73.51 23.26 64.40
C ALA IA 94 72.29 23.12 63.51
N LEU IA 95 71.15 22.73 64.08
CA LEU IA 95 69.94 22.59 63.28
C LEU IA 95 69.48 23.94 62.72
N VAL IA 96 69.55 24.98 63.55
CA VAL IA 96 69.16 26.31 63.08
C VAL IA 96 70.10 26.78 61.97
N GLU IA 97 71.41 26.53 62.14
CA GLU IA 97 72.37 26.91 61.10
C GLU IA 97 72.13 26.14 59.81
N ALA IA 98 71.75 24.86 59.92
CA ALA IA 98 71.45 24.08 58.73
C ALA IA 98 70.24 24.66 57.99
N LEU IA 99 69.19 25.03 58.73
CA LEU IA 99 68.04 25.64 58.07
C LEU IA 99 68.40 26.98 57.44
N ARG IA 100 69.24 27.76 58.12
CA ARG IA 100 69.68 29.04 57.56
C ARG IA 100 70.42 28.84 56.25
N VAL IA 101 71.36 27.88 56.23
CA VAL IA 101 72.13 27.60 55.03
C VAL IA 101 71.21 27.11 53.92
N SER IA 102 70.22 26.29 54.26
CA SER IA 102 69.28 25.81 53.25
C SER IA 102 68.48 26.96 52.63
N VAL IA 103 68.02 27.90 53.45
CA VAL IA 103 67.25 29.03 52.92
C VAL IA 103 68.13 29.92 52.04
N GLU IA 104 69.35 30.22 52.51
CA GLU IA 104 70.25 31.03 51.69
C GLU IA 104 70.59 30.35 50.37
N LEU IA 105 70.77 29.02 50.41
CA LEU IA 105 71.04 28.28 49.18
C LEU IA 105 69.87 28.32 48.23
N TYR IA 106 68.64 28.25 48.75
CA TYR IA 106 67.48 28.38 47.88
C TYR IA 106 67.46 29.77 47.23
N ILE IA 107 67.75 30.80 48.02
CA ILE IA 107 67.79 32.16 47.48
C ILE IA 107 68.79 32.25 46.35
N LEU IA 108 70.00 31.73 46.58
CA LEU IA 108 71.05 31.83 45.57
C LEU IA 108 70.72 31.01 44.33
N ILE IA 109 70.08 29.85 44.50
CA ILE IA 109 69.67 29.04 43.36
C ILE IA 109 68.65 29.79 42.52
N LYS IA 110 67.68 30.43 43.17
CA LYS IA 110 66.67 31.18 42.43
C LYS IA 110 67.29 32.36 41.67
N ARG IA 111 68.19 33.08 42.34
CA ARG IA 111 68.87 34.20 41.68
C ARG IA 111 69.70 33.72 40.50
N GLY IA 112 70.41 32.61 40.64
CA GLY IA 112 71.22 32.10 39.55
C GLY IA 112 70.38 31.64 38.38
N VAL IA 113 69.28 30.94 38.64
CA VAL IA 113 68.45 30.43 37.56
C VAL IA 113 67.75 31.57 36.83
N ARG IA 114 67.23 32.54 37.57
CA ARG IA 114 66.56 33.67 36.93
C ARG IA 114 67.53 34.46 36.06
N GLU IA 115 68.69 34.81 36.60
CA GLU IA 115 69.72 35.57 35.88
C GLU IA 115 70.37 34.78 34.75
N GLY IA 116 69.96 33.53 34.53
CA GLY IA 116 70.59 32.72 33.50
C GLY IA 116 72.05 32.43 33.76
N ARG IA 117 72.45 32.34 35.02
CA ARG IA 117 73.84 32.06 35.34
C ARG IA 117 74.21 30.65 34.92
N PRO IA 118 75.48 30.42 34.58
CA PRO IA 118 75.90 29.06 34.21
C PRO IA 118 75.80 28.11 35.40
N ILE IA 119 75.53 26.84 35.08
CA ILE IA 119 75.45 25.80 36.11
C ILE IA 119 76.78 25.68 36.85
N GLU IA 120 77.89 25.96 36.17
CA GLU IA 120 79.21 25.80 36.76
C GLU IA 120 79.37 26.66 38.01
N GLU IA 121 79.10 27.95 37.89
CA GLU IA 121 79.32 28.84 39.03
C GLU IA 121 78.29 28.62 40.13
N ILE IA 122 77.07 28.24 39.77
CA ILE IA 122 76.08 27.87 40.77
C ILE IA 122 76.58 26.69 41.61
N ALA IA 123 77.12 25.66 40.93
CA ALA IA 123 77.65 24.51 41.64
C ALA IA 123 78.82 24.89 42.54
N ARG IA 124 79.72 25.74 42.04
CA ARG IA 124 80.84 26.19 42.86
C ARG IA 124 80.37 26.94 44.09
N GLU IA 125 79.36 27.80 43.93
CA GLU IA 125 78.82 28.55 45.07
C GLU IA 125 78.19 27.61 46.09
N VAL IA 126 77.42 26.62 45.63
CA VAL IA 126 76.80 25.66 46.54
C VAL IA 126 77.87 24.91 47.33
N GLY IA 127 78.92 24.46 46.64
CA GLY IA 127 80.00 23.78 47.32
C GLY IA 127 80.69 24.66 48.35
N ARG IA 128 80.95 25.92 48.00
CA ARG IA 128 81.58 26.84 48.93
C ARG IA 128 80.73 27.05 50.17
N LYS IA 129 79.41 27.21 49.99
CA LYS IA 129 78.52 27.40 51.12
C LYS IA 129 78.50 26.17 52.03
N LEU IA 130 78.45 24.97 51.43
CA LEU IA 130 78.45 23.75 52.23
C LEU IA 130 79.76 23.60 53.01
N VAL IA 131 80.89 23.94 52.38
CA VAL IA 131 82.17 23.83 53.07
C VAL IA 131 82.25 24.83 54.22
N GLU IA 132 81.73 26.03 54.02
CA GLU IA 132 81.74 27.02 55.10
C GLU IA 132 80.87 26.56 56.26
N LEU IA 133 79.70 25.99 55.97
CA LEU IA 133 78.87 25.45 57.04
C LEU IA 133 79.59 24.33 57.78
N ALA IA 134 80.25 23.43 57.05
CA ALA IA 134 80.97 22.34 57.70
C ALA IA 134 82.09 22.86 58.59
N LYS IA 135 82.82 23.88 58.13
CA LYS IA 135 83.87 24.47 58.95
C LYS IA 135 83.29 25.10 60.21
N ARG IA 136 82.17 25.80 60.08
CA ARG IA 136 81.51 26.38 61.25
C ARG IA 136 81.13 25.32 62.26
N LEU IA 137 80.46 24.26 61.79
CA LEU IA 137 80.03 23.20 62.70
C LEU IA 137 81.21 22.50 63.35
N GLU IA 138 82.30 22.31 62.59
CA GLU IA 138 83.50 21.72 63.17
C GLU IA 138 84.08 22.60 64.25
N LYS IA 139 84.05 23.92 64.04
CA LYS IA 139 84.51 24.84 65.08
C LYS IA 139 83.63 24.77 66.32
N GLU IA 140 82.32 24.63 66.13
CA GLU IA 140 81.41 24.55 67.28
C GLU IA 140 81.71 23.33 68.14
N GLY IA 141 81.96 22.18 67.53
CA GLY IA 141 82.26 20.98 68.27
C GLY IA 141 81.39 19.79 67.88
N ILE IA 142 80.60 19.96 66.82
CA ILE IA 142 79.76 18.87 66.33
C ILE IA 142 80.63 17.86 65.60
N SER IA 143 80.37 16.58 65.84
CA SER IA 143 81.15 15.52 65.22
C SER IA 143 80.89 15.45 63.73
N TRP IA 144 81.81 14.77 63.02
CA TRP IA 144 81.76 14.77 61.56
C TRP IA 144 80.64 13.91 61.01
N GLU IA 145 80.20 12.89 61.75
CA GLU IA 145 79.05 12.10 61.31
C GLU IA 145 77.78 12.96 61.28
N GLU IA 146 77.56 13.75 62.33
CA GLU IA 146 76.42 14.66 62.35
C GLU IA 146 76.53 15.72 61.26
N ILE IA 147 77.75 16.23 61.03
CA ILE IA 147 77.96 17.22 59.98
C ILE IA 147 77.59 16.63 58.63
N ILE IA 148 78.04 15.40 58.36
CA ILE IA 148 77.75 14.77 57.09
C ILE IA 148 76.25 14.53 56.93
N GLU IA 149 75.59 14.08 57.99
CA GLU IA 149 74.15 13.84 57.90
C GLU IA 149 73.38 15.14 57.63
N LEU IA 150 73.75 16.22 58.32
CA LEU IA 150 73.12 17.52 58.06
C LEU IA 150 73.36 17.95 56.61
N ILE IA 151 74.58 17.75 56.11
CA ILE IA 151 74.91 18.14 54.75
C ILE IA 151 74.07 17.35 53.74
N GLU IA 152 73.89 16.04 53.98
CA GLU IA 152 73.07 15.26 53.06
C GLU IA 152 71.59 15.66 53.12
N ARG IA 153 71.09 16.03 54.29
CA ARG IA 153 69.73 16.54 54.35
C ARG IA 153 69.59 17.83 53.53
N ILE IA 154 70.57 18.73 53.67
CA ILE IA 154 70.58 19.95 52.87
C ILE IA 154 70.65 19.62 51.39
N LEU IA 155 71.42 18.59 51.03
CA LEU IA 155 71.57 18.20 49.63
C LEU IA 155 70.27 17.66 49.07
N GLU IA 156 69.52 16.89 49.86
CA GLU IA 156 68.20 16.42 49.41
C GLU IA 156 67.25 17.59 49.22
N SER IA 157 67.30 18.56 50.14
CA SER IA 157 66.49 19.78 49.96
C SER IA 157 66.87 20.51 48.67
N ILE IA 158 68.17 20.61 48.40
CA ILE IA 158 68.65 21.24 47.17
C ILE IA 158 68.16 20.49 45.95
N ARG IA 159 68.18 19.16 46.00
CA ARG IA 159 67.70 18.36 44.88
C ARG IA 159 66.22 18.65 44.61
N GLU IA 160 65.41 18.70 45.66
CA GLU IA 160 64.00 19.01 45.47
C GLU IA 160 63.81 20.41 44.90
N ILE IA 161 64.56 21.39 45.41
CA ILE IA 161 64.44 22.76 44.93
C ILE IA 161 64.81 22.86 43.46
N LEU IA 162 65.92 22.21 43.08
CA LEU IA 162 66.36 22.23 41.69
C LEU IA 162 65.36 21.55 40.78
N LYS IA 163 64.79 20.43 41.21
CA LYS IA 163 63.75 19.77 40.42
C LYS IA 163 62.53 20.65 40.28
N GLU IA 164 62.25 21.50 41.28
CA GLU IA 164 61.12 22.42 41.17
C GLU IA 164 61.35 23.44 40.06
N GLU IA 165 62.58 23.93 39.91
CA GLU IA 165 62.89 24.94 38.91
C GLU IA 165 62.84 24.42 37.48
N GLY IA 166 62.48 23.15 37.26
CA GLY IA 166 62.40 22.60 35.93
C GLY IA 166 63.72 22.22 35.32
N LEU IA 167 64.81 22.20 36.09
CA LEU IA 167 66.08 21.77 35.56
C LEU IA 167 66.07 20.26 35.27
N PRO IA 168 66.73 19.81 34.21
CA PRO IA 168 66.80 18.38 33.94
C PRO IA 168 67.75 17.68 34.90
N GLU IA 169 67.70 16.35 34.87
CA GLU IA 169 68.41 15.53 35.86
C GLU IA 169 69.92 15.68 35.73
N SER IA 170 70.44 15.92 34.52
CA SER IA 170 71.88 15.92 34.32
C SER IA 170 72.56 17.04 35.09
N GLU IA 171 72.04 18.27 34.98
CA GLU IA 171 72.63 19.40 35.70
C GLU IA 171 72.44 19.28 37.19
N ILE IA 172 71.29 18.74 37.63
CA ILE IA 172 71.06 18.54 39.06
C ILE IA 172 72.11 17.58 39.62
N ASN IA 173 72.33 16.46 38.92
CA ASN IA 173 73.32 15.49 39.37
C ASN IA 173 74.72 16.10 39.34
N ARG IA 174 75.00 16.92 38.33
CA ARG IA 174 76.31 17.57 38.25
C ARG IA 174 76.55 18.49 39.45
N ILE IA 175 75.55 19.31 39.79
CA ILE IA 175 75.69 20.23 40.92
C ILE IA 175 75.88 19.46 42.21
N LEU IA 176 75.06 18.42 42.42
CA LEU IA 176 75.15 17.64 43.65
C LEU IA 176 76.49 16.94 43.77
N ALA IA 177 76.98 16.36 42.66
CA ALA IA 177 78.27 15.69 42.68
C ALA IA 177 79.39 16.66 42.97
N VAL IA 178 79.33 17.87 42.39
CA VAL IA 178 80.36 18.87 42.65
C VAL IA 178 80.38 19.27 44.12
N SER IA 179 79.19 19.48 44.71
CA SER IA 179 79.13 19.86 46.12
C SER IA 179 79.69 18.76 47.02
N ILE IA 180 79.29 17.51 46.77
CA ILE IA 180 79.80 16.39 47.55
C ILE IA 180 81.32 16.30 47.42
N LEU IA 181 81.83 16.48 46.19
CA LEU IA 181 83.25 16.40 45.97
C LEU IA 181 84.00 17.55 46.64
N GLU IA 182 83.37 18.72 46.76
CA GLU IA 182 84.02 19.82 47.49
C GLU IA 182 84.12 19.51 48.98
N VAL IA 183 83.06 18.94 49.55
CA VAL IA 183 83.15 18.51 50.96
C VAL IA 183 84.24 17.45 51.13
N ALA IA 184 84.29 16.49 50.21
CA ALA IA 184 85.33 15.45 50.27
C ALA IA 184 86.71 16.05 50.11
N LYS IA 185 86.86 17.08 49.28
CA LYS IA 185 88.14 17.75 49.12
C LYS IA 185 88.57 18.43 50.40
N TYR IA 186 87.63 19.07 51.10
CA TYR IA 186 87.97 19.66 52.40
C TYR IA 186 88.42 18.59 53.37
N LEU IA 187 87.73 17.44 53.39
CA LEU IA 187 88.16 16.34 54.25
C LEU IA 187 89.55 15.85 53.90
N LEU IA 188 89.85 15.71 52.61
CA LEU IA 188 91.17 15.26 52.17
C LEU IA 188 92.25 16.26 52.59
N GLU IA 189 91.97 17.55 52.45
CA GLU IA 189 92.92 18.57 52.90
C GLU IA 189 93.16 18.47 54.40
N LYS IA 190 92.10 18.22 55.18
CA LYS IA 190 92.30 18.00 56.61
C LYS IA 190 93.18 16.79 56.88
N LEU IA 191 92.95 15.69 56.16
CA LEU IA 191 93.75 14.49 56.35
C LEU IA 191 95.21 14.72 55.94
N GLY IA 192 95.44 15.43 54.84
CA GLY IA 192 96.79 15.71 54.40
C GLY IA 192 97.25 14.89 53.21
N PHE IA 193 96.33 14.61 52.28
CA PHE IA 193 96.63 13.84 51.08
C PHE IA 193 96.52 14.80 49.89
N ASP IA 194 97.64 15.44 49.56
CA ASP IA 194 97.63 16.52 48.57
C ASP IA 194 97.38 15.98 47.16
N TYR IA 195 98.00 14.85 46.80
CA TYR IA 195 97.84 14.32 45.46
C TYR IA 195 96.40 13.94 45.16
N LEU IA 196 95.74 13.30 46.13
CA LEU IA 196 94.32 13.00 45.97
C LEU IA 196 93.50 14.28 45.86
N VAL IA 197 93.91 15.33 46.56
CA VAL IA 197 93.24 16.63 46.41
C VAL IA 197 93.33 17.10 44.96
N GLU IA 198 94.54 17.07 44.38
CA GLU IA 198 94.74 17.52 43.01
C GLU IA 198 93.92 16.72 42.02
N LEU IA 199 93.92 15.39 42.18
CA LEU IA 199 93.06 14.55 41.34
C LEU IA 199 91.59 14.93 41.52
N LEU IA 200 91.21 15.34 42.73
CA LEU IA 200 89.83 15.73 42.96
C LEU IA 200 89.48 17.03 42.23
N ASP IA 201 90.39 18.02 42.23
CA ASP IA 201 90.12 19.20 41.43
C ASP IA 201 90.02 18.85 39.94
N ARG IA 202 90.88 17.96 39.47
CA ARG IA 202 90.78 17.55 38.07
C ARG IA 202 89.42 16.94 37.77
N ALA IA 203 88.95 16.04 38.63
CA ALA IA 203 87.65 15.41 38.42
C ALA IA 203 86.51 16.44 38.51
N ILE IA 204 86.62 17.39 39.43
CA ILE IA 204 85.58 18.42 39.56
C ILE IA 204 85.52 19.28 38.31
N GLU IA 205 86.68 19.66 37.78
CA GLU IA 205 86.72 20.43 36.54
C GLU IA 205 86.12 19.64 35.38
N TYR IA 206 86.43 18.35 35.30
CA TYR IA 206 85.86 17.54 34.22
C TYR IA 206 84.35 17.42 34.35
N ILE IA 207 83.84 17.28 35.58
CA ILE IA 207 82.39 17.24 35.78
C ILE IA 207 81.76 18.56 35.38
N LEU IA 208 82.40 19.67 35.76
CA LEU IA 208 81.83 20.99 35.50
C LEU IA 208 81.82 21.30 34.01
N LYS IA 209 82.86 20.90 33.29
CA LYS IA 209 82.94 21.17 31.85
C LYS IA 209 82.03 20.26 31.04
N GLY IA 210 81.43 19.24 31.64
CA GLY IA 210 80.50 18.36 30.97
C GLY IA 210 81.06 17.00 30.58
N ARG IA 211 82.37 16.80 30.72
CA ARG IA 211 83.02 15.55 30.36
C ARG IA 211 82.79 14.54 31.49
N SER IA 212 81.78 13.68 31.32
CA SER IA 212 81.31 12.82 32.40
C SER IA 212 82.08 11.51 32.51
N GLU IA 213 82.33 10.84 31.37
CA GLU IA 213 82.98 9.53 31.42
C GLU IA 213 84.41 9.62 31.91
N LEU IA 214 85.14 10.66 31.47
CA LEU IA 214 86.48 10.87 31.99
C LEU IA 214 86.47 11.10 33.49
N ALA IA 215 85.48 11.87 33.96
CA ALA IA 215 85.34 12.11 35.39
C ALA IA 215 85.04 10.82 36.15
N VAL IA 216 84.21 9.95 35.57
CA VAL IA 216 83.88 8.68 36.23
C VAL IA 216 85.13 7.80 36.32
N HIS IA 217 85.93 7.75 35.27
CA HIS IA 217 87.16 6.97 35.32
C HIS IA 217 88.14 7.54 36.34
N LEU IA 218 88.25 8.87 36.39
CA LEU IA 218 89.09 9.52 37.39
C LEU IA 218 88.62 9.20 38.80
N LEU IA 219 87.30 9.20 39.00
CA LEU IA 219 86.74 8.90 40.32
C LEU IA 219 86.98 7.45 40.70
N ASP IA 220 86.95 6.55 39.72
CA ASP IA 220 87.30 5.15 39.98
C ASP IA 220 88.75 5.03 40.45
N ASP IA 221 89.66 5.73 39.77
CA ASP IA 221 91.06 5.69 40.19
C ASP IA 221 91.24 6.29 41.57
N ILE IA 222 90.53 7.38 41.86
CA ILE IA 222 90.59 8.01 43.19
C ILE IA 222 90.07 7.05 44.25
N ILE IA 223 88.98 6.34 43.96
CA ILE IA 223 88.42 5.38 44.90
C ILE IA 223 89.40 4.27 45.19
N ARG IA 224 90.07 3.77 44.14
CA ARG IA 224 91.10 2.75 44.36
C ARG IA 224 92.23 3.26 45.24
N ARG IA 225 92.68 4.49 45.00
CA ARG IA 225 93.74 5.06 45.83
C ARG IA 225 93.30 5.23 47.28
N VAL IA 226 92.05 5.66 47.49
CA VAL IA 226 91.53 5.84 48.84
C VAL IA 226 91.45 4.50 49.56
N HIS IA 227 90.99 3.46 48.87
CA HIS IA 227 90.95 2.13 49.48
C HIS IA 227 92.34 1.63 49.82
N GLU IA 228 93.31 1.91 48.95
CA GLU IA 228 94.70 1.55 49.26
C GLU IA 228 95.18 2.26 50.52
N GLU IA 229 94.86 3.55 50.67
CA GLU IA 229 95.25 4.28 51.87
C GLU IA 229 94.60 3.69 53.11
N ILE IA 230 93.31 3.37 53.02
CA ILE IA 230 92.59 2.78 54.16
C ILE IA 230 93.23 1.46 54.55
N GLU IA 231 93.53 0.62 53.57
CA GLU IA 231 94.18 -0.66 53.85
C GLU IA 231 95.56 -0.46 54.46
N ARG IA 232 96.28 0.57 54.04
CA ARG IA 232 97.57 0.87 54.66
C ARG IA 232 97.41 1.25 56.12
N TYR IA 233 96.36 2.00 56.45
CA TYR IA 233 96.18 2.46 57.83
C TYR IA 233 95.95 1.28 58.77
N GLY IA 234 95.16 0.31 58.37
CA GLY IA 234 94.98 -0.90 59.16
C GLY IA 234 93.81 -0.78 60.12
N ASP IA 235 94.08 -0.89 61.42
CA ASP IA 235 93.05 -0.84 62.45
C ASP IA 235 92.88 0.55 63.04
N ASP IA 236 93.77 1.50 62.73
CA ASP IA 236 93.72 2.84 63.29
C ASP IA 236 93.20 3.86 62.29
N VAL IA 237 92.25 3.47 61.46
CA VAL IA 237 91.73 4.34 60.40
C VAL IA 237 90.93 5.47 61.02
N PRO IA 238 91.28 6.72 60.75
CA PRO IA 238 90.44 7.84 61.21
C PRO IA 238 89.10 7.85 60.50
N GLU IA 239 88.08 8.38 61.19
CA GLU IA 239 86.73 8.40 60.65
C GLU IA 239 86.60 9.30 59.43
N GLU IA 240 87.47 10.31 59.31
CA GLU IA 240 87.44 11.20 58.15
C GLU IA 240 87.71 10.42 56.86
N LEU IA 241 88.61 9.44 56.92
CA LEU IA 241 88.90 8.64 55.73
C LEU IA 241 87.69 7.82 55.30
N LEU IA 242 86.95 7.24 56.25
CA LEU IA 242 85.77 6.46 55.89
C LEU IA 242 84.66 7.36 55.35
N LEU IA 243 84.47 8.52 55.97
CA LEU IA 243 83.47 9.45 55.47
C LEU IA 243 83.83 9.94 54.07
N LEU IA 244 85.13 10.20 53.84
CA LEU IA 244 85.58 10.59 52.50
C LEU IA 244 85.33 9.47 51.50
N ASP IA 245 85.60 8.22 51.88
CA ASP IA 245 85.31 7.08 51.02
C ASP IA 245 83.84 7.07 50.61
N LEU IA 246 82.95 7.19 51.58
CA LEU IA 246 81.52 7.17 51.28
C LEU IA 246 81.13 8.34 50.38
N LEU IA 247 81.67 9.52 50.65
CA LEU IA 247 81.33 10.70 49.86
C LEU IA 247 81.78 10.54 48.42
N VAL IA 248 83.01 10.07 48.21
CA VAL IA 248 83.53 9.90 46.86
C VAL IA 248 82.74 8.84 46.12
N GLN IA 249 82.35 7.77 46.83
CA GLN IA 249 81.55 6.73 46.17
C GLN IA 249 80.19 7.26 45.72
N LYS IA 250 79.51 8.02 46.59
CA LYS IA 250 78.20 8.55 46.19
C LYS IA 250 78.35 9.61 45.09
N ALA IA 251 79.42 10.39 45.11
CA ALA IA 251 79.66 11.34 44.04
C ALA IA 251 79.91 10.64 42.72
N ARG IA 252 80.64 9.52 42.74
CA ARG IA 252 80.86 8.74 41.53
C ARG IA 252 79.55 8.15 41.01
N ASP IA 253 78.69 7.70 41.91
CA ASP IA 253 77.38 7.21 41.48
C ASP IA 253 76.58 8.32 40.81
N LEU IA 254 76.57 9.51 41.40
CA LEU IA 254 75.86 10.63 40.79
C LEU IA 254 76.44 11.00 39.43
N ALA IA 255 77.77 11.01 39.32
CA ALA IA 255 78.42 11.34 38.05
C ALA IA 255 78.08 10.30 36.98
N ALA IA 256 78.01 9.03 37.37
CA ALA IA 256 77.57 8.01 36.43
C ALA IA 256 76.12 8.24 36.00
N ARG IA 257 75.26 8.62 36.94
CA ARG IA 257 73.86 8.86 36.61
C ARG IA 257 73.64 10.13 35.78
N ILE IA 258 74.66 10.97 35.60
CA ILE IA 258 74.51 12.21 34.84
C ILE IA 258 74.03 11.92 33.43
N MET JA 25 30.32 -81.41 4.43
CA MET JA 25 29.96 -81.68 3.04
C MET JA 25 29.68 -83.16 2.81
N GLU JA 26 29.09 -83.83 3.80
CA GLU JA 26 28.85 -85.27 3.70
C GLU JA 26 27.84 -85.62 2.60
N LYS JA 27 27.02 -84.65 2.18
CA LYS JA 27 26.08 -84.91 1.08
C LYS JA 27 26.83 -85.24 -0.20
N LEU JA 28 27.93 -84.54 -0.47
CA LEU JA 28 28.71 -84.81 -1.67
C LEU JA 28 29.46 -86.13 -1.59
N GLU JA 29 29.90 -86.54 -0.40
CA GLU JA 29 30.46 -87.88 -0.24
C GLU JA 29 29.41 -88.95 -0.47
N VAL JA 30 28.17 -88.72 -0.01
CA VAL JA 30 27.09 -89.65 -0.29
C VAL JA 30 26.83 -89.72 -1.79
N ALA JA 31 26.89 -88.57 -2.46
CA ALA JA 31 26.73 -88.55 -3.92
C ALA JA 31 27.84 -89.34 -4.61
N VAL JA 32 29.08 -89.21 -4.13
CA VAL JA 32 30.19 -89.97 -4.71
C VAL JA 32 29.99 -91.47 -4.52
N GLU JA 33 29.54 -91.87 -3.33
CA GLU JA 33 29.25 -93.28 -3.08
C GLU JA 33 28.13 -93.79 -3.98
N HIS JA 34 27.10 -92.99 -4.14
CA HIS JA 34 26.08 -93.34 -5.09
C HIS JA 34 26.61 -93.52 -6.49
N LEU JA 35 27.47 -92.60 -6.95
CA LEU JA 35 28.05 -92.70 -8.29
C LEU JA 35 28.84 -93.99 -8.45
N LYS JA 36 29.61 -94.37 -7.42
CA LYS JA 36 30.28 -95.66 -7.45
C LYS JA 36 29.27 -96.81 -7.56
N GLU JA 37 28.18 -96.72 -6.81
CA GLU JA 37 27.14 -97.74 -6.90
C GLU JA 37 26.54 -97.80 -8.30
N ALA JA 38 26.35 -96.64 -8.93
CA ALA JA 38 25.81 -96.60 -10.28
C ALA JA 38 26.76 -97.26 -11.28
N ILE JA 39 28.06 -97.00 -11.14
CA ILE JA 39 29.03 -97.66 -12.01
C ILE JA 39 28.97 -99.17 -11.83
N GLU JA 40 28.91 -99.62 -10.57
CA GLU JA 40 28.83 -101.05 -10.31
C GLU JA 40 27.54 -101.66 -10.88
N LEU JA 41 26.44 -100.91 -10.80
CA LEU JA 41 25.16 -101.41 -11.34
C LEU JA 41 25.20 -101.51 -12.86
N ILE JA 42 25.76 -100.50 -13.52
CA ILE JA 42 25.92 -100.59 -14.98
C ILE JA 42 26.79 -101.78 -15.34
N GLU JA 43 27.84 -102.04 -14.55
CA GLU JA 43 28.68 -103.20 -14.80
C GLU JA 43 27.90 -104.50 -14.64
N LYS JA 44 27.03 -104.57 -13.62
CA LYS JA 44 26.26 -105.79 -13.38
C LYS JA 44 25.26 -106.05 -14.49
N GLY JA 45 24.47 -105.03 -14.85
CA GLY JA 45 23.50 -105.18 -15.91
C GLY JA 45 22.13 -104.63 -15.59
N GLU JA 46 21.97 -104.02 -14.42
CA GLU JA 46 20.69 -103.42 -14.03
C GLU JA 46 20.67 -101.96 -14.47
N TYR JA 47 20.01 -101.70 -15.58
CA TYR JA 47 19.98 -100.35 -16.16
C TYR JA 47 18.86 -99.49 -15.60
N VAL JA 48 17.74 -100.11 -15.20
CA VAL JA 48 16.66 -99.35 -14.56
C VAL JA 48 17.13 -98.80 -13.23
N LYS JA 49 17.79 -99.64 -12.42
CA LYS JA 49 18.30 -99.18 -11.15
C LYS JA 49 19.37 -98.11 -11.33
N ALA JA 50 20.17 -98.23 -12.39
CA ALA JA 50 21.17 -97.21 -12.70
C ALA JA 50 20.51 -95.87 -13.04
N ASP JA 51 19.45 -95.90 -13.84
CA ASP JA 51 18.73 -94.68 -14.18
C ASP JA 51 18.12 -94.04 -12.95
N LEU JA 52 17.53 -94.85 -12.07
CA LEU JA 52 16.95 -94.33 -10.83
C LEU JA 52 18.01 -93.77 -9.91
N ILE JA 53 19.17 -94.43 -9.83
CA ILE JA 53 20.28 -93.91 -9.03
C ILE JA 53 20.75 -92.58 -9.57
N LEU JA 54 20.81 -92.44 -10.89
CA LEU JA 54 21.22 -91.15 -11.47
C LEU JA 54 20.23 -90.06 -11.09
N THR JA 55 18.93 -90.37 -11.09
CA THR JA 55 17.95 -89.38 -10.62
C THR JA 55 18.18 -89.03 -9.15
N ASP JA 56 18.48 -90.02 -8.31
CA ASP JA 56 18.76 -89.75 -6.90
C ASP JA 56 19.99 -88.86 -6.74
N ILE JA 57 21.04 -89.13 -7.52
CA ILE JA 57 22.26 -88.32 -7.46
C ILE JA 57 21.96 -86.89 -7.87
N LEU JA 58 21.12 -86.72 -8.91
CA LEU JA 58 20.74 -85.38 -9.31
C LEU JA 58 20.00 -84.66 -8.18
N ARG JA 59 19.10 -85.37 -7.49
CA ARG JA 59 18.39 -84.77 -6.37
C ARG JA 59 19.35 -84.35 -5.26
N LEU JA 60 20.33 -85.21 -4.95
CA LEU JA 60 21.32 -84.87 -3.92
C LEU JA 60 22.12 -83.63 -4.31
N LEU JA 61 22.61 -83.59 -5.55
CA LEU JA 61 23.42 -82.45 -5.98
C LEU JA 61 22.61 -81.16 -6.00
N GLU JA 62 21.34 -81.23 -6.42
CA GLU JA 62 20.48 -80.06 -6.37
C GLU JA 62 20.23 -79.62 -4.94
N GLU JA 63 20.16 -80.58 -4.01
CA GLU JA 63 20.05 -80.24 -2.60
C GLU JA 63 21.28 -79.48 -2.12
N GLU JA 64 22.47 -79.90 -2.56
CA GLU JA 64 23.68 -79.18 -2.19
C GLU JA 64 23.72 -77.79 -2.80
N GLY JA 65 23.50 -77.70 -4.12
CA GLY JA 65 23.39 -76.40 -4.76
C GLY JA 65 24.60 -75.92 -5.54
N VAL JA 66 25.21 -76.80 -6.34
CA VAL JA 66 26.31 -76.42 -7.23
C VAL JA 66 25.80 -76.52 -8.66
N LYS JA 67 25.78 -75.37 -9.36
CA LYS JA 67 25.07 -75.27 -10.63
C LYS JA 67 25.70 -76.16 -11.70
N SER JA 68 27.03 -76.11 -11.82
CA SER JA 68 27.71 -76.89 -12.85
C SER JA 68 27.49 -78.38 -12.63
N LEU JA 69 27.60 -78.83 -11.38
CA LEU JA 69 27.33 -80.23 -11.07
C LEU JA 69 25.88 -80.58 -11.39
N ILE JA 70 24.95 -79.65 -11.16
CA ILE JA 70 23.54 -79.94 -11.40
C ILE JA 70 23.28 -80.15 -12.89
N LYS JA 71 23.77 -79.23 -13.73
CA LYS JA 71 23.54 -79.38 -15.16
C LYS JA 71 24.26 -80.62 -15.69
N GLN JA 72 25.46 -80.90 -15.18
CA GLN JA 72 26.17 -82.10 -15.59
C GLN JA 72 25.38 -83.35 -15.21
N ALA JA 73 24.75 -83.35 -14.04
CA ALA JA 73 23.99 -84.52 -13.60
C ALA JA 73 22.73 -84.72 -14.45
N LYS JA 74 22.04 -83.63 -14.80
CA LYS JA 74 20.85 -83.77 -15.65
C LYS JA 74 21.22 -84.30 -17.03
N GLU JA 75 22.24 -83.70 -17.66
CA GLU JA 75 22.64 -84.19 -18.96
C GLU JA 75 23.18 -85.62 -18.86
N LEU JA 76 23.80 -85.97 -17.74
CA LEU JA 76 24.24 -87.34 -17.54
C LEU JA 76 23.07 -88.30 -17.51
N HIS JA 77 22.00 -87.94 -16.79
CA HIS JA 77 20.82 -88.81 -16.76
C HIS JA 77 20.29 -89.04 -18.17
N ILE JA 78 20.08 -87.96 -18.93
CA ILE JA 78 19.51 -88.10 -20.27
C ILE JA 78 20.42 -88.95 -21.16
N GLU JA 79 21.71 -88.61 -21.20
CA GLU JA 79 22.61 -89.27 -22.13
C GLU JA 79 22.88 -90.72 -21.74
N VAL JA 80 22.95 -91.01 -20.44
CA VAL JA 80 23.16 -92.39 -20.02
C VAL JA 80 21.93 -93.24 -20.34
N PHE JA 81 20.73 -92.67 -20.18
CA PHE JA 81 19.54 -93.41 -20.58
C PHE JA 81 19.59 -93.75 -22.06
N LYS JA 82 19.93 -92.76 -22.89
CA LYS JA 82 20.02 -93.01 -24.33
C LYS JA 82 21.08 -94.06 -24.66
N LEU JA 83 22.27 -93.94 -24.06
CA LEU JA 83 23.35 -94.87 -24.36
C LEU JA 83 23.03 -96.29 -23.91
N LEU JA 84 22.42 -96.43 -22.73
CA LEU JA 84 22.04 -97.76 -22.25
C LEU JA 84 20.94 -98.35 -23.13
N LYS JA 85 20.07 -97.51 -23.69
CA LYS JA 85 19.13 -97.99 -24.70
C LYS JA 85 19.88 -98.53 -25.92
N GLU JA 86 20.87 -97.78 -26.40
CA GLU JA 86 21.61 -98.21 -27.58
C GLU JA 86 22.52 -99.39 -27.29
N GLY JA 87 23.08 -99.47 -26.08
CA GLY JA 87 24.01 -100.52 -25.73
C GLY JA 87 25.43 -100.08 -25.52
N GLU JA 88 25.70 -98.77 -25.48
CA GLU JA 88 27.05 -98.24 -25.29
C GLU JA 88 27.33 -98.17 -23.79
N TYR JA 89 27.68 -99.34 -23.23
CA TYR JA 89 27.93 -99.42 -21.79
C TYR JA 89 29.18 -98.63 -21.41
N LYS JA 90 30.24 -98.73 -22.20
CA LYS JA 90 31.50 -98.08 -21.86
C LYS JA 90 31.36 -96.57 -21.88
N GLU JA 91 30.62 -96.01 -22.83
CA GLU JA 91 30.42 -94.57 -22.88
C GLU JA 91 29.65 -94.07 -21.67
N ALA JA 92 28.62 -94.81 -21.26
CA ALA JA 92 27.87 -94.42 -20.07
C ALA JA 92 28.73 -94.51 -18.81
N LYS JA 93 29.52 -95.57 -18.70
CA LYS JA 93 30.43 -95.69 -17.57
C LYS JA 93 31.44 -94.54 -17.55
N ALA JA 94 31.94 -94.15 -18.72
CA ALA JA 94 32.88 -93.04 -18.79
C ALA JA 94 32.22 -91.75 -18.35
N LEU JA 95 30.98 -91.50 -18.75
CA LEU JA 95 30.29 -90.28 -18.33
C LEU JA 95 30.07 -90.26 -16.82
N VAL JA 96 29.67 -91.39 -16.25
CA VAL JA 96 29.46 -91.47 -14.81
C VAL JA 96 30.78 -91.25 -14.07
N GLU JA 97 31.87 -91.83 -14.58
CA GLU JA 97 33.18 -91.63 -13.95
C GLU JA 97 33.62 -90.18 -14.06
N ALA JA 98 33.33 -89.52 -15.17
CA ALA JA 98 33.67 -88.12 -15.32
C ALA JA 98 32.92 -87.27 -14.30
N LEU JA 99 31.63 -87.53 -14.10
CA LEU JA 99 30.89 -86.79 -13.09
C LEU JA 99 31.41 -87.06 -11.69
N ARG JA 100 31.78 -88.31 -11.41
CA ARG JA 100 32.34 -88.66 -10.11
C ARG JA 100 33.64 -87.89 -9.86
N VAL JA 101 34.53 -87.86 -10.86
CA VAL JA 101 35.79 -87.14 -10.71
C VAL JA 101 35.53 -85.66 -10.52
N SER JA 102 34.55 -85.11 -11.24
CA SER JA 102 34.24 -83.70 -11.10
C SER JA 102 33.75 -83.37 -9.68
N VAL JA 103 32.90 -84.23 -9.11
CA VAL JA 103 32.39 -83.99 -7.76
C VAL JA 103 33.52 -84.11 -6.73
N GLU JA 104 34.36 -85.14 -6.86
CA GLU JA 104 35.49 -85.28 -5.94
C GLU JA 104 36.45 -84.10 -6.05
N LEU JA 105 36.68 -83.60 -7.27
CA LEU JA 105 37.54 -82.45 -7.45
C LEU JA 105 36.95 -81.21 -6.80
N TYR JA 106 35.64 -81.02 -6.90
CA TYR JA 106 35.02 -79.90 -6.22
C TYR JA 106 35.21 -80.02 -4.71
N ILE JA 107 35.03 -81.23 -4.17
CA ILE JA 107 35.22 -81.43 -2.73
C ILE JA 107 36.64 -81.04 -2.33
N LEU JA 108 37.62 -81.52 -3.10
CA LEU JA 108 39.02 -81.26 -2.75
C LEU JA 108 39.36 -79.79 -2.90
N ILE JA 109 38.80 -79.12 -3.91
CA ILE JA 109 39.03 -77.68 -4.07
C ILE JA 109 38.48 -76.92 -2.87
N LYS JA 110 37.27 -77.28 -2.43
CA LYS JA 110 36.69 -76.59 -1.28
C LYS JA 110 37.51 -76.82 -0.02
N ARG JA 111 37.95 -78.06 0.21
CA ARG JA 111 38.78 -78.35 1.37
C ARG JA 111 40.10 -77.60 1.32
N GLY JA 112 40.72 -77.53 0.14
CA GLY JA 112 41.98 -76.82 0.03
C GLY JA 112 41.83 -75.33 0.25
N VAL JA 113 40.78 -74.73 -0.31
CA VAL JA 113 40.59 -73.29 -0.17
C VAL JA 113 40.25 -72.93 1.27
N ARG JA 114 39.38 -73.71 1.91
CA ARG JA 114 39.02 -73.42 3.30
C ARG JA 114 40.22 -73.54 4.23
N GLU JA 115 40.98 -74.63 4.11
CA GLU JA 115 42.17 -74.86 4.92
C GLU JA 115 43.32 -73.93 4.59
N GLY JA 116 43.15 -73.01 3.64
CA GLY JA 116 44.24 -72.14 3.25
C GLY JA 116 45.43 -72.86 2.66
N ARG JA 117 45.19 -73.97 1.96
CA ARG JA 117 46.28 -74.71 1.36
C ARG JA 117 46.89 -73.91 0.21
N PRO JA 118 48.18 -74.11 -0.05
CA PRO JA 118 48.81 -73.40 -1.17
C PRO JA 118 48.23 -73.84 -2.50
N ILE JA 119 48.22 -72.91 -3.46
CA ILE JA 119 47.74 -73.19 -4.81
C ILE JA 119 48.56 -74.31 -5.44
N GLU JA 120 49.84 -74.40 -5.09
CA GLU JA 120 50.74 -75.38 -5.70
C GLU JA 120 50.23 -76.81 -5.50
N GLU JA 121 49.97 -77.18 -4.24
CA GLU JA 121 49.57 -78.55 -3.98
C GLU JA 121 48.16 -78.84 -4.46
N ILE JA 122 47.28 -77.84 -4.46
CA ILE JA 122 45.96 -78.01 -5.05
C ILE JA 122 46.09 -78.35 -6.54
N ALA JA 123 46.94 -77.61 -7.25
CA ALA JA 123 47.15 -77.87 -8.67
C ALA JA 123 47.73 -79.26 -8.89
N ARG JA 124 48.70 -79.66 -8.07
CA ARG JA 124 49.27 -80.99 -8.22
C ARG JA 124 48.22 -82.08 -7.99
N GLU JA 125 47.36 -81.89 -6.99
CA GLU JA 125 46.30 -82.86 -6.72
C GLU JA 125 45.33 -82.95 -7.89
N VAL JA 126 44.94 -81.80 -8.45
CA VAL JA 126 44.03 -81.81 -9.59
C VAL JA 126 44.64 -82.55 -10.76
N GLY JA 127 45.92 -82.28 -11.04
CA GLY JA 127 46.59 -82.99 -12.12
C GLY JA 127 46.66 -84.48 -11.89
N ARG JA 128 46.96 -84.89 -10.65
CA ARG JA 128 47.03 -86.31 -10.35
C ARG JA 128 45.68 -86.99 -10.54
N LYS JA 129 44.59 -86.33 -10.10
CA LYS JA 129 43.26 -86.89 -10.27
C LYS JA 129 42.91 -87.03 -11.75
N LEU JA 130 43.21 -86.00 -12.56
CA LEU JA 130 42.91 -86.07 -13.98
C LEU JA 130 43.71 -87.18 -14.66
N VAL JA 131 44.98 -87.35 -14.28
CA VAL JA 131 45.79 -88.41 -14.87
C VAL JA 131 45.25 -89.78 -14.50
N GLU JA 132 44.81 -89.95 -13.24
CA GLU JA 132 44.25 -91.23 -12.83
C GLU JA 132 42.96 -91.53 -13.59
N LEU JA 133 42.10 -90.52 -13.79
CA LEU JA 133 40.91 -90.73 -14.59
C LEU JA 133 41.26 -91.12 -16.02
N ALA JA 134 42.25 -90.45 -16.61
CA ALA JA 134 42.65 -90.78 -17.98
C ALA JA 134 43.18 -92.20 -18.08
N LYS JA 135 43.98 -92.63 -17.10
CA LYS JA 135 44.47 -94.00 -17.10
C LYS JA 135 43.33 -95.00 -16.97
N ARG JA 136 42.35 -94.71 -16.11
CA ARG JA 136 41.20 -95.59 -15.97
C ARG JA 136 40.45 -95.72 -17.30
N LEU JA 137 40.15 -94.59 -17.94
CA LEU JA 137 39.40 -94.61 -19.19
C LEU JA 137 40.19 -95.32 -20.28
N GLU JA 138 41.51 -95.14 -20.31
CA GLU JA 138 42.33 -95.85 -21.28
C GLU JA 138 42.28 -97.35 -21.04
N LYS JA 139 42.27 -97.77 -19.78
CA LYS JA 139 42.13 -99.19 -19.47
C LYS JA 139 40.78 -99.72 -19.91
N GLU JA 140 39.71 -98.92 -19.75
CA GLU JA 140 38.38 -99.37 -20.16
C GLU JA 140 38.32 -99.63 -21.66
N GLY JA 141 38.91 -98.74 -22.46
CA GLY JA 141 38.88 -98.90 -23.91
C GLY JA 141 38.39 -97.69 -24.65
N ILE JA 142 38.18 -96.59 -23.92
CA ILE JA 142 37.75 -95.35 -24.54
C ILE JA 142 38.92 -94.71 -25.27
N SER JA 143 38.66 -94.20 -26.48
CA SER JA 143 39.71 -93.61 -27.29
C SER JA 143 40.19 -92.29 -26.68
N TRP JA 144 41.36 -91.85 -27.12
CA TRP JA 144 42.01 -90.70 -26.49
C TRP JA 144 41.34 -89.38 -26.84
N GLU JA 145 40.67 -89.31 -27.99
CA GLU JA 145 39.92 -88.09 -28.31
C GLU JA 145 38.76 -87.89 -27.34
N GLU JA 146 38.02 -88.96 -27.04
CA GLU JA 146 36.96 -88.88 -26.06
C GLU JA 146 37.49 -88.56 -24.66
N ILE JA 147 38.64 -89.16 -24.31
CA ILE JA 147 39.26 -88.89 -23.01
C ILE JA 147 39.60 -87.41 -22.90
N ILE JA 148 40.20 -86.85 -23.96
CA ILE JA 148 40.59 -85.44 -23.93
C ILE JA 148 39.36 -84.55 -23.83
N GLU JA 149 38.30 -84.88 -24.59
CA GLU JA 149 37.09 -84.05 -24.52
C GLU JA 149 36.46 -84.09 -23.12
N LEU JA 150 36.39 -85.27 -22.52
CA LEU JA 150 35.89 -85.38 -21.15
C LEU JA 150 36.74 -84.57 -20.18
N ILE JA 151 38.06 -84.63 -20.35
CA ILE JA 151 38.97 -83.89 -19.47
C ILE JA 151 38.75 -82.39 -19.61
N GLU JA 152 38.57 -81.90 -20.84
CA GLU JA 152 38.34 -80.47 -21.02
C GLU JA 152 36.99 -80.04 -20.46
N ARG JA 153 35.96 -80.89 -20.55
CA ARG JA 153 34.71 -80.56 -19.88
C ARG JA 153 34.89 -80.45 -18.37
N ILE JA 154 35.63 -81.40 -17.79
CA ILE JA 154 35.92 -81.33 -16.35
C ILE JA 154 36.72 -80.07 -16.03
N LEU JA 155 37.63 -79.68 -16.92
CA LEU JA 155 38.44 -78.49 -16.69
C LEU JA 155 37.60 -77.22 -16.73
N GLU JA 156 36.62 -77.15 -17.63
CA GLU JA 156 35.70 -76.01 -17.64
C GLU JA 156 34.86 -75.97 -16.37
N SER JA 157 34.42 -77.13 -15.89
CA SER JA 157 33.72 -77.18 -14.61
C SER JA 157 34.60 -76.69 -13.47
N ILE JA 158 35.87 -77.09 -13.47
CA ILE JA 158 36.83 -76.65 -12.46
C ILE JA 158 37.02 -75.14 -12.53
N ARG JA 159 37.10 -74.60 -13.74
CA ARG JA 159 37.25 -73.15 -13.89
C ARG JA 159 36.08 -72.41 -13.29
N GLU JA 160 34.86 -72.89 -13.56
CA GLU JA 160 33.68 -72.25 -12.96
C GLU JA 160 33.70 -72.36 -11.45
N ILE JA 161 34.06 -73.53 -10.92
CA ILE JA 161 34.08 -73.73 -9.47
C ILE JA 161 35.10 -72.80 -8.82
N LEU JA 162 36.29 -72.70 -9.43
CA LEU JA 162 37.33 -71.84 -8.87
C LEU JA 162 36.92 -70.38 -8.93
N LYS JA 163 36.29 -69.96 -10.03
CA LYS JA 163 35.80 -68.59 -10.10
C LYS JA 163 34.73 -68.33 -9.05
N GLU JA 164 33.95 -69.35 -8.69
CA GLU JA 164 32.96 -69.19 -7.64
C GLU JA 164 33.62 -68.89 -6.28
N GLU JA 165 34.74 -69.54 -5.99
CA GLU JA 165 35.42 -69.37 -4.72
C GLU JA 165 36.08 -68.00 -4.56
N GLY JA 166 35.94 -67.10 -5.54
CA GLY JA 166 36.54 -65.80 -5.44
C GLY JA 166 38.02 -65.74 -5.75
N LEU JA 167 38.60 -66.81 -6.27
CA LEU JA 167 40.01 -66.77 -6.63
C LEU JA 167 40.22 -65.86 -7.85
N PRO JA 168 41.34 -65.14 -7.91
CA PRO JA 168 41.63 -64.31 -9.07
C PRO JA 168 42.05 -65.16 -10.26
N GLU JA 169 42.10 -64.52 -11.43
CA GLU JA 169 42.32 -65.23 -12.69
C GLU JA 169 43.70 -65.87 -12.76
N SER JA 170 44.70 -65.28 -12.11
CA SER JA 170 46.07 -65.76 -12.25
C SER JA 170 46.22 -67.17 -11.69
N GLU JA 171 45.74 -67.40 -10.47
CA GLU JA 171 45.86 -68.72 -9.87
C GLU JA 171 44.98 -69.75 -10.58
N ILE JA 172 43.81 -69.33 -11.05
CA ILE JA 172 42.95 -70.24 -11.81
C ILE JA 172 43.67 -70.71 -13.07
N ASN JA 173 44.25 -69.76 -13.81
CA ASN JA 173 44.99 -70.11 -15.02
C ASN JA 173 46.19 -70.98 -14.70
N ARG JA 174 46.86 -70.71 -13.58
CA ARG JA 174 48.01 -71.52 -13.18
C ARG JA 174 47.60 -72.97 -12.92
N ILE JA 175 46.51 -73.16 -12.16
CA ILE JA 175 46.04 -74.51 -11.85
C ILE JA 175 45.64 -75.24 -13.12
N LEU JA 176 44.89 -74.56 -14.00
CA LEU JA 176 44.43 -75.20 -15.23
C LEU JA 176 45.61 -75.58 -16.13
N ALA JA 177 46.59 -74.68 -16.25
CA ALA JA 177 47.76 -74.96 -17.06
C ALA JA 177 48.55 -76.14 -16.50
N VAL JA 178 48.69 -76.20 -15.17
CA VAL JA 178 49.42 -77.31 -14.57
C VAL JA 178 48.71 -78.64 -14.84
N SER JA 179 47.38 -78.66 -14.71
CA SER JA 179 46.64 -79.90 -14.96
C SER JA 179 46.78 -80.35 -16.41
N ILE JA 180 46.62 -79.40 -17.35
CA ILE JA 180 46.78 -79.73 -18.76
C ILE JA 180 48.19 -80.26 -19.03
N LEU JA 181 49.19 -79.62 -18.43
CA LEU JA 181 50.57 -80.06 -18.64
C LEU JA 181 50.82 -81.43 -18.02
N GLU JA 182 50.14 -81.77 -16.94
CA GLU JA 182 50.30 -83.11 -16.37
C GLU JA 182 49.71 -84.17 -17.29
N VAL JA 183 48.54 -83.89 -17.88
CA VAL JA 183 47.99 -84.81 -18.87
C VAL JA 183 48.93 -84.95 -20.06
N ALA JA 184 49.47 -83.84 -20.53
CA ALA JA 184 50.42 -83.88 -21.65
C ALA JA 184 51.68 -84.65 -21.28
N LYS JA 185 52.13 -84.53 -20.03
CA LYS JA 185 53.29 -85.28 -19.57
C LYS JA 185 53.01 -86.78 -19.59
N TYR JA 186 51.82 -87.18 -19.16
CA TYR JA 186 51.46 -88.60 -19.26
C TYR JA 186 51.48 -89.07 -20.70
N LEU JA 187 50.95 -88.25 -21.61
CA LEU JA 187 50.98 -88.61 -23.03
C LEU JA 187 52.40 -88.75 -23.54
N LEU JA 188 53.28 -87.81 -23.15
CA LEU JA 188 54.68 -87.87 -23.58
C LEU JA 188 55.37 -89.12 -23.05
N GLU JA 189 55.10 -89.47 -21.80
CA GLU JA 189 55.66 -90.70 -21.23
C GLU JA 189 55.18 -91.92 -22.01
N LYS JA 190 53.89 -91.94 -22.39
CA LYS JA 190 53.40 -93.03 -23.22
C LYS JA 190 54.14 -93.09 -24.56
N LEU JA 191 54.34 -91.93 -25.19
CA LEU JA 191 55.04 -91.90 -26.47
C LEU JA 191 56.50 -92.34 -26.34
N GLY JA 192 57.17 -91.91 -25.27
CA GLY JA 192 58.54 -92.30 -25.05
C GLY JA 192 59.56 -91.21 -25.36
N PHE JA 193 59.22 -89.97 -25.05
CA PHE JA 193 60.09 -88.82 -25.27
C PHE JA 193 60.49 -88.29 -23.89
N ASP JA 194 61.60 -88.82 -23.36
CA ASP JA 194 61.98 -88.53 -21.98
C ASP JA 194 62.46 -87.09 -21.82
N TYR JA 195 63.24 -86.58 -22.77
CA TYR JA 195 63.77 -85.23 -22.65
C TYR JA 195 62.66 -84.19 -22.63
N LEU JA 196 61.66 -84.35 -23.50
CA LEU JA 196 60.51 -83.47 -23.47
C LEU JA 196 59.76 -83.58 -22.16
N VAL JA 197 59.74 -84.79 -21.57
CA VAL JA 197 59.14 -84.96 -20.25
C VAL JA 197 59.86 -84.09 -19.23
N GLU JA 198 61.20 -84.17 -19.22
CA GLU JA 198 61.99 -83.40 -18.24
C GLU JA 198 61.78 -81.90 -18.42
N LEU JA 199 61.79 -81.43 -19.67
CA LEU JA 199 61.49 -80.03 -19.91
C LEU JA 199 60.09 -79.67 -19.42
N LEU JA 200 59.15 -80.62 -19.50
CA LEU JA 200 57.81 -80.36 -19.02
C LEU JA 200 57.76 -80.24 -17.50
N ASP JA 201 58.51 -81.08 -16.78
CA ASP JA 201 58.57 -80.87 -15.32
C ASP JA 201 59.19 -79.53 -14.99
N ARG JA 202 60.23 -79.14 -15.74
CA ARG JA 202 60.84 -77.83 -15.48
C ARG JA 202 59.82 -76.71 -15.68
N ALA JA 203 59.05 -76.77 -16.77
CA ALA JA 203 58.04 -75.74 -17.02
C ALA JA 203 56.94 -75.76 -15.97
N ILE JA 204 56.53 -76.95 -15.53
CA ILE JA 204 55.49 -77.05 -14.50
C ILE JA 204 55.98 -76.45 -13.19
N GLU JA 205 57.23 -76.73 -12.80
CA GLU JA 205 57.79 -76.14 -11.61
C GLU JA 205 57.86 -74.62 -11.71
N TYR JA 206 58.25 -74.11 -12.88
CA TYR JA 206 58.31 -72.66 -13.05
C TYR JA 206 56.93 -72.03 -12.96
N ILE JA 207 55.91 -72.68 -13.54
CA ILE JA 207 54.55 -72.18 -13.42
C ILE JA 207 54.09 -72.19 -11.97
N LEU JA 208 54.39 -73.27 -11.25
CA LEU JA 208 53.94 -73.40 -9.86
C LEU JA 208 54.61 -72.38 -8.95
N LYS JA 209 55.90 -72.11 -9.16
CA LYS JA 209 56.62 -71.15 -8.34
C LYS JA 209 56.26 -69.70 -8.65
N GLY JA 210 55.51 -69.45 -9.72
CA GLY JA 210 55.08 -68.12 -10.06
C GLY JA 210 55.84 -67.46 -11.20
N ARG JA 211 56.94 -68.06 -11.65
CA ARG JA 211 57.76 -67.51 -12.72
C ARG JA 211 57.08 -67.82 -14.05
N SER JA 212 56.34 -66.85 -14.58
CA SER JA 212 55.47 -67.09 -15.73
C SER JA 212 56.18 -66.92 -17.07
N GLU JA 213 56.98 -65.86 -17.22
CA GLU JA 213 57.60 -65.58 -18.51
C GLU JA 213 58.63 -66.65 -18.87
N LEU JA 214 59.41 -67.10 -17.89
CA LEU JA 214 60.35 -68.20 -18.13
C LEU JA 214 59.60 -69.46 -18.56
N ALA JA 215 58.46 -69.72 -17.92
CA ALA JA 215 57.65 -70.88 -18.30
C ALA JA 215 57.11 -70.74 -19.71
N VAL JA 216 56.71 -69.53 -20.11
CA VAL JA 216 56.20 -69.32 -21.46
C VAL JA 216 57.30 -69.56 -22.49
N HIS JA 217 58.51 -69.07 -22.22
CA HIS JA 217 59.62 -69.31 -23.14
C HIS JA 217 59.95 -70.80 -23.22
N LEU JA 218 59.95 -71.49 -22.08
CA LEU JA 218 60.18 -72.92 -22.07
C LEU JA 218 59.12 -73.66 -22.87
N LEU JA 219 57.87 -73.22 -22.74
CA LEU JA 219 56.78 -73.86 -23.48
C LEU JA 219 56.90 -73.61 -24.97
N ASP JA 220 57.38 -72.43 -25.36
CA ASP JA 220 57.67 -72.16 -26.76
C ASP JA 220 58.73 -73.10 -27.31
N ASP JA 221 59.80 -73.31 -26.55
CA ASP JA 221 60.84 -74.23 -26.99
C ASP JA 221 60.30 -75.66 -27.07
N ILE JA 222 59.47 -76.06 -26.10
CA ILE JA 222 58.86 -77.38 -26.12
C ILE JA 222 57.97 -77.55 -27.34
N ILE JA 223 57.20 -76.51 -27.68
CA ILE JA 223 56.31 -76.57 -28.83
C ILE JA 223 57.12 -76.73 -30.11
N ARG JA 224 58.24 -75.99 -30.22
CA ARG JA 224 59.10 -76.14 -31.39
C ARG JA 224 59.64 -77.57 -31.49
N ARG JA 225 60.07 -78.14 -30.36
CA ARG JA 225 60.59 -79.51 -30.39
C ARG JA 225 59.49 -80.51 -30.78
N VAL JA 226 58.28 -80.31 -30.29
CA VAL JA 226 57.17 -81.20 -30.61
C VAL JA 226 56.85 -81.12 -32.11
N HIS JA 227 56.83 -79.91 -32.65
CA HIS JA 227 56.59 -79.75 -34.09
C HIS JA 227 57.69 -80.42 -34.90
N GLU JA 228 58.95 -80.32 -34.45
CA GLU JA 228 60.04 -81.01 -35.12
C GLU JA 228 59.83 -82.51 -35.11
N GLU JA 229 59.38 -83.06 -33.97
CA GLU JA 229 59.12 -84.50 -33.90
C GLU JA 229 57.99 -84.91 -34.83
N ILE JA 230 56.92 -84.11 -34.88
CA ILE JA 230 55.80 -84.41 -35.77
C ILE JA 230 56.26 -84.39 -37.22
N GLU JA 231 57.05 -83.38 -37.60
CA GLU JA 231 57.56 -83.31 -38.96
C GLU JA 231 58.47 -84.49 -39.28
N ARG JA 232 59.24 -84.96 -38.29
CA ARG JA 232 60.07 -86.14 -38.51
C ARG JA 232 59.21 -87.38 -38.75
N TYR JA 233 58.08 -87.50 -38.05
CA TYR JA 233 57.25 -88.69 -38.21
C TYR JA 233 56.68 -88.80 -39.61
N GLY JA 234 56.23 -87.68 -40.18
CA GLY JA 234 55.78 -87.66 -41.57
C GLY JA 234 54.28 -87.95 -41.68
N ASP JA 235 53.93 -89.02 -42.38
CA ASP JA 235 52.53 -89.38 -42.60
C ASP JA 235 52.01 -90.39 -41.59
N ASP JA 236 52.87 -90.96 -40.76
CA ASP JA 236 52.49 -91.99 -39.80
C ASP JA 236 52.43 -91.45 -38.37
N VAL JA 237 52.01 -90.19 -38.21
CA VAL JA 237 52.00 -89.54 -36.91
C VAL JA 237 50.93 -90.18 -36.03
N PRO JA 238 51.28 -90.69 -34.86
CA PRO JA 238 50.25 -91.17 -33.92
C PRO JA 238 49.41 -90.02 -33.40
N GLU JA 239 48.16 -90.34 -33.06
CA GLU JA 239 47.21 -89.33 -32.58
C GLU JA 239 47.63 -88.75 -31.23
N GLU JA 240 48.39 -89.50 -30.43
CA GLU JA 240 48.84 -88.98 -29.15
C GLU JA 240 49.73 -87.76 -29.33
N LEU JA 241 50.56 -87.76 -30.37
CA LEU JA 241 51.43 -86.62 -30.63
C LEU JA 241 50.63 -85.37 -30.97
N LEU JA 242 49.56 -85.52 -31.78
CA LEU JA 242 48.75 -84.36 -32.13
C LEU JA 242 47.96 -83.85 -30.92
N LEU JA 243 47.42 -84.77 -30.12
CA LEU JA 243 46.72 -84.35 -28.90
C LEU JA 243 47.68 -83.65 -27.94
N LEU JA 244 48.90 -84.17 -27.82
CA LEU JA 244 49.91 -83.52 -26.98
C LEU JA 244 50.23 -82.12 -27.51
N ASP JA 245 50.37 -81.98 -28.82
CA ASP JA 245 50.60 -80.67 -29.42
C ASP JA 245 49.50 -79.69 -29.02
N LEU JA 246 48.24 -80.10 -29.18
CA LEU JA 246 47.13 -79.22 -28.84
C LEU JA 246 47.13 -78.87 -27.36
N LEU JA 247 47.40 -79.87 -26.50
CA LEU JA 247 47.41 -79.63 -25.06
C LEU JA 247 48.49 -78.65 -24.66
N VAL JA 248 49.70 -78.83 -25.18
CA VAL JA 248 50.80 -77.92 -24.84
C VAL JA 248 50.52 -76.52 -25.35
N GLN JA 249 49.92 -76.41 -26.54
CA GLN JA 249 49.59 -75.09 -27.06
C GLN JA 249 48.56 -74.37 -26.18
N LYS JA 250 47.52 -75.07 -25.75
CA LYS JA 250 46.52 -74.43 -24.90
C LYS JA 250 47.09 -74.11 -23.51
N ALA JA 251 47.98 -74.96 -23.00
CA ALA JA 251 48.64 -74.68 -21.73
C ALA JA 251 49.53 -73.45 -21.84
N ARG JA 252 50.23 -73.29 -22.96
CA ARG JA 252 51.04 -72.10 -23.18
C ARG JA 252 50.17 -70.86 -23.26
N ASP JA 253 49.01 -70.96 -23.92
CA ASP JA 253 48.09 -69.82 -23.96
C ASP JA 253 47.64 -69.44 -22.55
N LEU JA 254 47.27 -70.43 -21.73
CA LEU JA 254 46.86 -70.15 -20.36
C LEU JA 254 48.00 -69.53 -19.55
N ALA JA 255 49.23 -70.04 -19.72
CA ALA JA 255 50.36 -69.49 -18.98
C ALA JA 255 50.64 -68.05 -19.40
N ALA JA 256 50.47 -67.74 -20.69
CA ALA JA 256 50.58 -66.36 -21.12
C ALA JA 256 49.51 -65.48 -20.50
N ARG JA 257 48.28 -65.99 -20.41
CA ARG JA 257 47.19 -65.22 -19.83
C ARG JA 257 47.30 -65.06 -18.32
N ILE JA 258 48.23 -65.76 -17.66
CA ILE JA 258 48.38 -65.66 -16.22
C ILE JA 258 48.64 -64.22 -15.79
N MET KA 25 5.67 -73.43 -46.30
CA MET KA 25 6.57 -72.82 -47.27
C MET KA 25 6.46 -73.48 -48.64
N GLU KA 26 5.25 -73.89 -49.02
CA GLU KA 26 5.06 -74.59 -50.28
C GLU KA 26 5.34 -73.71 -51.48
N LYS KA 27 5.32 -72.39 -51.32
CA LYS KA 27 5.66 -71.49 -52.42
C LYS KA 27 7.11 -71.71 -52.87
N LEU KA 28 8.02 -71.91 -51.91
CA LEU KA 28 9.41 -72.12 -52.25
C LEU KA 28 9.64 -73.48 -52.89
N GLU KA 29 8.87 -74.51 -52.48
CA GLU KA 29 8.95 -75.79 -53.18
C GLU KA 29 8.42 -75.67 -54.60
N VAL KA 30 7.37 -74.87 -54.81
CA VAL KA 30 6.90 -74.62 -56.17
C VAL KA 30 7.97 -73.91 -56.99
N ALA KA 31 8.67 -72.96 -56.36
CA ALA KA 31 9.77 -72.28 -57.03
C ALA KA 31 10.89 -73.26 -57.39
N VAL KA 32 11.21 -74.19 -56.51
CA VAL KA 32 12.25 -75.19 -56.79
C VAL KA 32 11.82 -76.07 -57.97
N GLU KA 33 10.56 -76.49 -57.99
CA GLU KA 33 10.06 -77.29 -59.11
C GLU KA 33 10.12 -76.49 -60.42
N HIS KA 34 9.75 -75.25 -60.36
CA HIS KA 34 9.91 -74.39 -61.52
C HIS KA 34 11.34 -74.33 -61.99
N LEU KA 35 12.29 -74.15 -61.06
CA LEU KA 35 13.70 -74.08 -61.44
C LEU KA 35 14.16 -75.37 -62.11
N LYS KA 36 13.71 -76.52 -61.61
CA LYS KA 36 13.99 -77.77 -62.30
C LYS KA 36 13.40 -77.78 -63.71
N GLU KA 37 12.17 -77.28 -63.84
CA GLU KA 37 11.56 -77.19 -65.17
C GLU KA 37 12.36 -76.27 -66.08
N ALA KA 38 12.88 -75.17 -65.55
CA ALA KA 38 13.69 -74.25 -66.35
C ALA KA 38 14.98 -74.92 -66.82
N ILE KA 39 15.63 -75.69 -65.94
CA ILE KA 39 16.83 -76.42 -66.35
C ILE KA 39 16.50 -77.40 -67.47
N GLU KA 40 15.39 -78.13 -67.31
CA GLU KA 40 14.99 -79.09 -68.35
C GLU KA 40 14.68 -78.38 -69.67
N LEU KA 41 14.05 -77.19 -69.60
CA LEU KA 41 13.73 -76.45 -70.81
C LEU KA 41 14.98 -75.95 -71.51
N ILE KA 42 15.95 -75.43 -70.75
CA ILE KA 42 17.21 -75.03 -71.35
C ILE KA 42 17.89 -76.21 -72.01
N GLU KA 43 17.81 -77.39 -71.36
CA GLU KA 43 18.38 -78.59 -71.97
C GLU KA 43 17.67 -78.95 -73.27
N LYS KA 44 16.35 -78.81 -73.31
CA LYS KA 44 15.59 -79.15 -74.52
C LYS KA 44 15.90 -78.21 -75.66
N GLY KA 45 15.86 -76.90 -75.40
CA GLY KA 45 16.16 -75.93 -76.44
C GLY KA 45 15.18 -74.79 -76.53
N GLU KA 46 14.19 -74.75 -75.65
CA GLU KA 46 13.21 -73.67 -75.63
C GLU KA 46 13.70 -72.56 -74.70
N TYR KA 47 14.27 -71.51 -75.29
CA TYR KA 47 14.85 -70.43 -74.51
C TYR KA 47 13.83 -69.35 -74.16
N VAL KA 48 12.82 -69.14 -74.99
CA VAL KA 48 11.76 -68.19 -74.65
C VAL KA 48 10.98 -68.67 -73.44
N LYS KA 49 10.62 -69.96 -73.44
CA LYS KA 49 9.91 -70.51 -72.30
C LYS KA 49 10.77 -70.49 -71.04
N ALA KA 50 12.08 -70.68 -71.20
CA ALA KA 50 12.98 -70.58 -70.06
C ALA KA 50 13.03 -69.18 -69.49
N ASP KA 51 13.08 -68.16 -70.36
CA ASP KA 51 13.07 -66.77 -69.91
C ASP KA 51 11.77 -66.44 -69.18
N LEU KA 52 10.64 -66.90 -69.73
CA LEU KA 52 9.35 -66.66 -69.09
C LEU KA 52 9.25 -67.39 -67.74
N ILE KA 53 9.78 -68.61 -67.66
CA ILE KA 53 9.80 -69.34 -66.40
C ILE KA 53 10.64 -68.61 -65.37
N LEU KA 54 11.77 -68.04 -65.80
CA LEU KA 54 12.58 -67.28 -64.86
C LEU KA 54 11.83 -66.08 -64.33
N THR KA 55 11.06 -65.41 -65.19
CA THR KA 55 10.22 -64.31 -64.70
C THR KA 55 9.18 -64.80 -63.70
N ASP KA 56 8.57 -65.96 -63.97
CA ASP KA 56 7.60 -66.53 -63.03
C ASP KA 56 8.24 -66.86 -61.69
N ILE KA 57 9.45 -67.42 -61.72
CA ILE KA 57 10.16 -67.75 -60.49
C ILE KA 57 10.47 -66.49 -59.70
N LEU KA 58 10.87 -65.42 -60.41
CA LEU KA 58 11.11 -64.14 -59.73
C LEU KA 58 9.83 -63.65 -59.06
N ARG KA 59 8.70 -63.77 -59.74
CA ARG KA 59 7.43 -63.34 -59.15
C ARG KA 59 7.11 -64.16 -57.90
N LEU KA 60 7.33 -65.47 -57.95
CA LEU KA 60 7.08 -66.33 -56.79
C LEU KA 60 7.97 -65.93 -55.61
N LEU KA 61 9.26 -65.74 -55.87
CA LEU KA 61 10.19 -65.40 -54.79
C LEU KA 61 9.86 -64.04 -54.20
N GLU KA 62 9.49 -63.07 -55.04
CA GLU KA 62 9.07 -61.77 -54.51
C GLU KA 62 7.79 -61.89 -53.71
N GLU KA 63 6.90 -62.81 -54.08
CA GLU KA 63 5.72 -63.07 -53.28
C GLU KA 63 6.11 -63.59 -51.90
N GLU KA 64 7.09 -64.49 -51.84
CA GLU KA 64 7.54 -65.00 -50.54
C GLU KA 64 8.20 -63.90 -49.72
N GLY KA 65 9.16 -63.19 -50.30
CA GLY KA 65 9.75 -62.05 -49.63
C GLY KA 65 11.12 -62.25 -49.01
N VAL KA 66 12.04 -62.90 -49.73
CA VAL KA 66 13.42 -63.06 -49.29
C VAL KA 66 14.29 -62.22 -50.21
N LYS KA 67 14.96 -61.21 -49.63
CA LYS KA 67 15.61 -60.18 -50.44
C LYS KA 67 16.76 -60.75 -51.27
N SER KA 68 17.62 -61.55 -50.63
CA SER KA 68 18.77 -62.11 -51.34
C SER KA 68 18.32 -62.98 -52.50
N LEU KA 69 17.31 -63.82 -52.27
CA LEU KA 69 16.77 -64.65 -53.34
C LEU KA 69 16.18 -63.78 -54.44
N ILE KA 70 15.56 -62.65 -54.08
CA ILE KA 70 14.93 -61.79 -55.08
C ILE KA 70 15.98 -61.17 -56.00
N LYS KA 71 17.03 -60.59 -55.40
CA LYS KA 71 18.06 -59.97 -56.24
C LYS KA 71 18.79 -61.03 -57.07
N GLN KA 72 19.02 -62.21 -56.49
CA GLN KA 72 19.64 -63.29 -57.25
C GLN KA 72 18.77 -63.70 -58.44
N ALA KA 73 17.45 -63.73 -58.24
CA ALA KA 73 16.54 -64.12 -59.32
C ALA KA 73 16.51 -63.08 -60.44
N LYS KA 74 16.51 -61.79 -60.07
CA LYS KA 74 16.52 -60.75 -61.10
C LYS KA 74 17.81 -60.79 -61.92
N GLU KA 75 18.95 -60.85 -61.24
CA GLU KA 75 20.21 -60.94 -61.98
C GLU KA 75 20.29 -62.23 -62.78
N LEU KA 76 19.68 -63.30 -62.27
CA LEU KA 76 19.64 -64.55 -63.03
C LEU KA 76 18.86 -64.37 -64.32
N HIS KA 77 17.71 -63.71 -64.26
CA HIS KA 77 16.93 -63.48 -65.47
C HIS KA 77 17.76 -62.72 -66.50
N ILE KA 78 18.36 -61.60 -66.09
CA ILE KA 78 19.12 -60.79 -67.04
C ILE KA 78 20.29 -61.59 -67.62
N GLU KA 79 21.09 -62.22 -66.76
CA GLU KA 79 22.29 -62.88 -67.23
C GLU KA 79 21.99 -64.12 -68.05
N VAL KA 80 20.94 -64.86 -67.70
CA VAL KA 80 20.58 -66.04 -68.48
C VAL KA 80 20.06 -65.62 -69.85
N PHE KA 81 19.30 -64.53 -69.92
CA PHE KA 81 18.88 -64.04 -71.23
C PHE KA 81 20.10 -63.70 -72.10
N LYS KA 82 21.06 -62.98 -71.52
CA LYS KA 82 22.27 -62.64 -72.28
C LYS KA 82 23.03 -63.88 -72.73
N LEU KA 83 23.23 -64.84 -71.81
CA LEU KA 83 24.00 -66.04 -72.13
C LEU KA 83 23.30 -66.89 -73.18
N LEU KA 84 21.98 -67.04 -73.09
CA LEU KA 84 21.26 -67.79 -74.09
C LEU KA 84 21.29 -67.09 -75.44
N LYS KA 85 21.33 -65.76 -75.45
CA LYS KA 85 21.59 -65.05 -76.70
C LYS KA 85 22.95 -65.42 -77.27
N GLU KA 86 23.99 -65.41 -76.42
CA GLU KA 86 25.33 -65.71 -76.89
C GLU KA 86 25.50 -67.19 -77.24
N GLY KA 87 24.82 -68.08 -76.53
CA GLY KA 87 24.95 -69.51 -76.75
C GLY KA 87 25.63 -70.27 -75.62
N GLU KA 88 25.88 -69.64 -74.48
CA GLU KA 88 26.52 -70.29 -73.35
C GLU KA 88 25.47 -71.02 -72.52
N TYR KA 89 25.09 -72.20 -73.02
CA TYR KA 89 24.05 -72.99 -72.35
C TYR KA 89 24.51 -73.47 -70.99
N LYS KA 90 25.75 -73.93 -70.89
CA LYS KA 90 26.26 -74.51 -69.64
C LYS KA 90 26.34 -73.45 -68.54
N GLU KA 91 26.75 -72.24 -68.88
CA GLU KA 91 26.82 -71.18 -67.88
C GLU KA 91 25.44 -70.82 -67.36
N ALA KA 92 24.44 -70.74 -68.25
CA ALA KA 92 23.08 -70.46 -67.81
C ALA KA 92 22.53 -71.58 -66.94
N LYS KA 93 22.78 -72.84 -67.32
CA LYS KA 93 22.36 -73.96 -66.50
C LYS KA 93 23.02 -73.91 -65.13
N ALA KA 94 24.31 -73.55 -65.08
CA ALA KA 94 25.00 -73.44 -63.81
C ALA KA 94 24.39 -72.36 -62.93
N LEU KA 95 24.05 -71.21 -63.52
CA LEU KA 95 23.44 -70.15 -62.73
C LEU KA 95 22.07 -70.57 -62.18
N VAL KA 96 21.27 -71.25 -63.01
CA VAL KA 96 19.97 -71.71 -62.55
C VAL KA 96 20.13 -72.74 -61.44
N GLU KA 97 21.10 -73.65 -61.58
CA GLU KA 97 21.35 -74.65 -60.54
C GLU KA 97 21.83 -73.99 -59.25
N ALA KA 98 22.63 -72.94 -59.36
CA ALA KA 98 23.07 -72.23 -58.17
C ALA KA 98 21.90 -71.58 -57.45
N LEU KA 99 20.99 -70.96 -58.19
CA LEU KA 99 19.81 -70.38 -57.54
C LEU KA 99 18.94 -71.46 -56.92
N ARG KA 100 18.80 -72.61 -57.59
CA ARG KA 100 18.02 -73.71 -57.03
C ARG KA 100 18.61 -74.19 -55.71
N VAL KA 101 19.93 -74.38 -55.69
CA VAL KA 101 20.61 -74.83 -54.47
C VAL KA 101 20.45 -73.79 -53.37
N SER KA 102 20.53 -72.51 -53.72
CA SER KA 102 20.37 -71.46 -52.71
C SER KA 102 18.96 -71.49 -52.10
N VAL KA 103 17.94 -71.67 -52.93
CA VAL KA 103 16.56 -71.71 -52.42
C VAL KA 103 16.35 -72.94 -51.54
N GLU KA 104 16.83 -74.11 -51.98
CA GLU KA 104 16.70 -75.31 -51.17
C GLU KA 104 17.44 -75.16 -49.84
N LEU KA 105 18.62 -74.54 -49.87
CA LEU KA 105 19.38 -74.31 -48.65
C LEU KA 105 18.63 -73.38 -47.70
N TYR KA 106 17.99 -72.35 -48.23
CA TYR KA 106 17.18 -71.49 -47.36
C TYR KA 106 16.04 -72.27 -46.73
N ILE KA 107 15.38 -73.13 -47.52
CA ILE KA 107 14.30 -73.95 -46.98
C ILE KA 107 14.81 -74.81 -45.83
N LEU KA 108 15.94 -75.48 -46.05
CA LEU KA 108 16.48 -76.39 -45.04
C LEU KA 108 16.93 -75.63 -43.80
N ILE KA 109 17.50 -74.44 -43.98
CA ILE KA 109 17.90 -73.63 -42.82
C ILE KA 109 16.69 -73.24 -42.00
N LYS KA 110 15.60 -72.82 -42.67
CA LYS KA 110 14.40 -72.45 -41.93
C LYS KA 110 13.81 -73.64 -41.19
N ARG KA 111 13.76 -74.80 -41.84
CA ARG KA 111 13.24 -75.99 -41.17
C ARG KA 111 14.10 -76.38 -39.99
N GLY KA 112 15.42 -76.30 -40.13
CA GLY KA 112 16.29 -76.65 -39.02
C GLY KA 112 16.17 -75.70 -37.85
N VAL KA 113 16.10 -74.40 -38.13
CA VAL KA 113 16.02 -73.42 -37.06
C VAL KA 113 14.68 -73.52 -36.33
N ARG KA 114 13.58 -73.68 -37.09
CA ARG KA 114 12.27 -73.80 -36.46
C ARG KA 114 12.19 -75.03 -35.58
N GLU KA 115 12.60 -76.19 -36.10
CA GLU KA 115 12.58 -77.45 -35.37
C GLU KA 115 13.60 -77.50 -34.24
N GLY KA 116 14.37 -76.45 -34.01
CA GLY KA 116 15.39 -76.48 -32.98
C GLY KA 116 16.48 -77.49 -33.22
N ARG KA 117 16.80 -77.77 -34.48
CA ARG KA 117 17.85 -78.73 -34.79
C ARG KA 117 19.20 -78.19 -34.36
N PRO KA 118 20.14 -79.08 -34.00
CA PRO KA 118 21.47 -78.62 -33.63
C PRO KA 118 22.19 -77.98 -34.81
N ILE KA 119 23.06 -77.02 -34.50
CA ILE KA 119 23.86 -76.35 -35.52
C ILE KA 119 24.74 -77.36 -36.25
N GLU KA 120 25.17 -78.41 -35.55
CA GLU KA 120 26.08 -79.40 -36.14
C GLU KA 120 25.50 -80.04 -37.38
N GLU KA 121 24.28 -80.58 -37.28
CA GLU KA 121 23.70 -81.29 -38.42
C GLU KA 121 23.28 -80.33 -39.53
N ILE KA 122 22.87 -79.11 -39.17
CA ILE KA 122 22.60 -78.09 -40.18
C ILE KA 122 23.85 -77.82 -41.01
N ALA KA 123 24.99 -77.65 -40.33
CA ALA KA 123 26.25 -77.40 -41.03
C ALA KA 123 26.63 -78.57 -41.92
N ARG KA 124 26.46 -79.81 -41.41
CA ARG KA 124 26.77 -80.97 -42.23
C ARG KA 124 25.89 -81.04 -43.46
N GLU KA 125 24.60 -80.73 -43.31
CA GLU KA 125 23.69 -80.73 -44.45
C GLU KA 125 24.09 -79.69 -45.48
N VAL KA 126 24.43 -78.48 -45.02
CA VAL KA 126 24.85 -77.42 -45.94
C VAL KA 126 26.09 -77.85 -46.72
N GLY KA 127 27.07 -78.43 -46.01
CA GLY KA 127 28.26 -78.90 -46.68
C GLY KA 127 27.97 -79.98 -47.71
N ARG KA 128 27.09 -80.92 -47.36
CA ARG KA 128 26.74 -81.99 -48.29
C ARG KA 128 26.07 -81.43 -49.55
N LYS KA 129 25.16 -80.46 -49.37
CA LYS KA 129 24.50 -79.85 -50.51
C LYS KA 129 25.49 -79.13 -51.41
N LEU KA 130 26.42 -78.37 -50.82
CA LEU KA 130 27.41 -77.66 -51.61
C LEU KA 130 28.31 -78.63 -52.36
N VAL KA 131 28.69 -79.74 -51.73
CA VAL KA 131 29.55 -80.71 -52.42
C VAL KA 131 28.79 -81.37 -53.57
N GLU KA 132 27.50 -81.66 -53.36
CA GLU KA 132 26.73 -82.25 -54.45
C GLU KA 132 26.59 -81.29 -55.63
N LEU KA 133 26.36 -80.00 -55.34
CA LEU KA 133 26.33 -79.01 -56.41
C LEU KA 133 27.66 -78.94 -57.15
N ALA KA 134 28.77 -78.96 -56.40
CA ALA KA 134 30.08 -78.90 -57.04
C ALA KA 134 30.32 -80.11 -57.93
N LYS KA 135 29.93 -81.30 -57.47
CA LYS KA 135 30.08 -82.50 -58.28
C LYS KA 135 29.23 -82.41 -59.55
N ARG KA 136 28.00 -81.91 -59.43
CA ARG KA 136 27.15 -81.73 -60.60
C ARG KA 136 27.81 -80.80 -61.61
N LEU KA 137 28.26 -79.64 -61.15
CA LEU KA 137 28.87 -78.66 -62.06
C LEU KA 137 30.14 -79.21 -62.69
N GLU KA 138 30.92 -79.97 -61.93
CA GLU KA 138 32.12 -80.60 -62.49
C GLU KA 138 31.75 -81.61 -63.57
N LYS KA 139 30.66 -82.35 -63.37
CA LYS KA 139 30.20 -83.27 -64.40
C LYS KA 139 29.75 -82.53 -65.64
N GLU KA 140 29.09 -81.37 -65.47
CA GLU KA 140 28.63 -80.60 -66.63
C GLU KA 140 29.80 -80.14 -67.49
N GLY KA 141 30.88 -79.67 -66.86
CA GLY KA 141 32.03 -79.19 -67.61
C GLY KA 141 32.47 -77.80 -67.21
N ILE KA 142 31.86 -77.25 -66.16
CA ILE KA 142 32.24 -75.93 -65.67
C ILE KA 142 33.57 -76.03 -64.93
N SER KA 143 34.46 -75.07 -65.18
CA SER KA 143 35.77 -75.08 -64.55
C SER KA 143 35.67 -74.81 -63.05
N TRP KA 144 36.73 -75.15 -62.33
CA TRP KA 144 36.69 -75.11 -60.88
C TRP KA 144 36.72 -73.69 -60.33
N GLU KA 145 37.31 -72.74 -61.08
CA GLU KA 145 37.25 -71.34 -60.64
C GLU KA 145 35.82 -70.82 -60.63
N GLU KA 146 35.06 -71.12 -61.68
CA GLU KA 146 33.66 -70.73 -61.71
C GLU KA 146 32.86 -71.43 -60.62
N ILE KA 147 33.15 -72.72 -60.39
CA ILE KA 147 32.47 -73.46 -59.34
C ILE KA 147 32.72 -72.82 -57.99
N ILE KA 148 33.97 -72.45 -57.71
CA ILE KA 148 34.31 -71.83 -56.44
C ILE KA 148 33.61 -70.48 -56.30
N GLU KA 149 33.60 -69.68 -57.36
CA GLU KA 149 32.94 -68.37 -57.28
C GLU KA 149 31.44 -68.52 -57.02
N LEU KA 150 30.78 -69.46 -57.72
CA LEU KA 150 29.37 -69.72 -57.46
C LEU KA 150 29.15 -70.15 -56.02
N ILE KA 151 30.03 -71.01 -55.51
CA ILE KA 151 29.89 -71.50 -54.13
C ILE KA 151 30.03 -70.36 -53.14
N GLU KA 152 30.97 -69.45 -53.37
CA GLU KA 152 31.12 -68.32 -52.45
C GLU KA 152 29.94 -67.35 -52.53
N ARG KA 153 29.35 -67.17 -53.71
CA ARG KA 153 28.13 -66.37 -53.77
C ARG KA 153 27.01 -67.03 -52.97
N ILE KA 154 26.86 -68.34 -53.10
CA ILE KA 154 25.86 -69.05 -52.31
C ILE KA 154 26.16 -68.92 -50.82
N LEU KA 155 27.44 -68.93 -50.45
CA LEU KA 155 27.83 -68.81 -49.05
C LEU KA 155 27.51 -67.43 -48.50
N GLU KA 156 27.69 -66.39 -49.30
CA GLU KA 156 27.29 -65.05 -48.86
C GLU KA 156 25.78 -64.96 -48.68
N SER KA 157 25.03 -65.58 -49.60
CA SER KA 157 23.58 -65.63 -49.43
C SER KA 157 23.20 -66.36 -48.15
N ILE KA 158 23.88 -67.47 -47.85
CA ILE KA 158 23.64 -68.23 -46.63
C ILE KA 158 23.94 -67.38 -45.40
N ARG KA 159 25.03 -66.62 -45.45
CA ARG KA 159 25.39 -65.75 -44.34
C ARG KA 159 24.29 -64.73 -44.08
N GLU KA 160 23.78 -64.11 -45.14
CA GLU KA 160 22.69 -63.14 -44.96
C GLU KA 160 21.44 -63.81 -44.40
N ILE KA 161 21.10 -65.00 -44.90
CA ILE KA 161 19.91 -65.70 -44.44
C ILE KA 161 20.04 -66.05 -42.96
N LEU KA 162 21.22 -66.56 -42.56
CA LEU KA 162 21.45 -66.93 -41.17
C LEU KA 162 21.39 -65.71 -40.26
N LYS KA 163 21.98 -64.59 -40.71
CA LYS KA 163 21.90 -63.36 -39.92
C LYS KA 163 20.46 -62.89 -39.79
N GLU KA 164 19.62 -63.17 -40.80
CA GLU KA 164 18.21 -62.80 -40.70
C GLU KA 164 17.50 -63.58 -39.59
N GLU KA 165 17.84 -64.86 -39.44
CA GLU KA 165 17.19 -65.70 -38.43
C GLU KA 165 17.58 -65.34 -37.00
N GLY KA 166 18.39 -64.30 -36.79
CA GLY KA 166 18.77 -63.92 -35.45
C GLY KA 166 19.86 -64.75 -34.82
N LEU KA 167 20.52 -65.62 -35.59
CA LEU KA 167 21.62 -66.40 -35.05
C LEU KA 167 22.81 -65.50 -34.76
N PRO KA 168 23.55 -65.78 -33.69
CA PRO KA 168 24.76 -64.99 -33.41
C PRO KA 168 25.89 -65.34 -34.36
N GLU KA 169 26.93 -64.51 -34.32
CA GLU KA 169 28.02 -64.62 -35.30
C GLU KA 169 28.80 -65.93 -35.16
N SER KA 170 28.90 -66.47 -33.95
CA SER KA 170 29.74 -67.64 -33.72
C SER KA 170 29.24 -68.85 -34.51
N GLU KA 171 27.93 -69.15 -34.40
CA GLU KA 171 27.39 -70.30 -35.10
C GLU KA 171 27.37 -70.09 -36.61
N ILE KA 172 27.13 -68.84 -37.06
CA ILE KA 172 27.18 -68.55 -38.49
C ILE KA 172 28.57 -68.84 -39.03
N ASN KA 173 29.60 -68.35 -38.33
CA ASN KA 173 30.98 -68.58 -38.76
C ASN KA 173 31.31 -70.07 -38.72
N ARG KA 174 30.79 -70.78 -37.71
CA ARG KA 174 31.04 -72.22 -37.63
C ARG KA 174 30.45 -72.95 -38.82
N ILE KA 175 29.20 -72.63 -39.18
CA ILE KA 175 28.55 -73.29 -40.30
C ILE KA 175 29.30 -72.99 -41.60
N LEU KA 176 29.65 -71.72 -41.81
CA LEU KA 176 30.34 -71.33 -43.03
C LEU KA 176 31.71 -72.02 -43.14
N ALA KA 177 32.45 -72.06 -42.02
CA ALA KA 177 33.75 -72.71 -42.03
C ALA KA 177 33.62 -74.20 -42.32
N VAL KA 178 32.61 -74.85 -41.74
CA VAL KA 178 32.42 -76.28 -42.00
C VAL KA 178 32.10 -76.53 -43.47
N SER KA 179 31.24 -75.71 -44.06
CA SER KA 179 30.91 -75.89 -45.48
C SER KA 179 32.13 -75.70 -46.38
N ILE KA 180 32.91 -74.63 -46.12
CA ILE KA 180 34.12 -74.39 -46.89
C ILE KA 180 35.09 -75.56 -46.74
N LEU KA 181 35.22 -76.08 -45.51
CA LEU KA 181 36.13 -77.19 -45.28
C LEU KA 181 35.64 -78.47 -45.95
N GLU KA 182 34.33 -78.65 -46.08
CA GLU KA 182 33.83 -79.82 -46.80
C GLU KA 182 34.15 -79.74 -48.28
N VAL KA 183 34.00 -78.54 -48.88
CA VAL KA 183 34.40 -78.38 -50.27
C VAL KA 183 35.90 -78.63 -50.43
N ALA KA 184 36.71 -78.10 -49.50
CA ALA KA 184 38.14 -78.33 -49.56
C ALA KA 184 38.48 -79.80 -49.39
N LYS KA 185 37.73 -80.52 -48.56
CA LYS KA 185 37.93 -81.95 -48.38
C LYS KA 185 37.65 -82.70 -49.67
N TYR KA 186 36.59 -82.32 -50.38
CA TYR KA 186 36.33 -82.94 -51.67
C TYR KA 186 37.47 -82.68 -52.64
N LEU KA 187 37.99 -81.45 -52.65
CA LEU KA 187 39.13 -81.16 -53.51
C LEU KA 187 40.35 -82.00 -53.14
N LEU KA 188 40.62 -82.15 -51.84
CA LEU KA 188 41.75 -82.96 -51.40
C LEU KA 188 41.59 -84.42 -51.81
N GLU KA 189 40.37 -84.95 -51.69
CA GLU KA 189 40.11 -86.32 -52.13
C GLU KA 189 40.35 -86.46 -53.62
N LYS KA 190 39.94 -85.46 -54.41
CA LYS KA 190 40.24 -85.50 -55.84
C LYS KA 190 41.74 -85.50 -56.10
N LEU KA 191 42.49 -84.66 -55.37
CA LEU KA 191 43.94 -84.62 -55.55
C LEU KA 191 44.61 -85.92 -55.13
N GLY KA 192 44.15 -86.52 -54.03
CA GLY KA 192 44.71 -87.78 -53.58
C GLY KA 192 45.64 -87.65 -52.39
N PHE KA 193 45.33 -86.75 -51.47
CA PHE KA 193 46.10 -86.53 -50.24
C PHE KA 193 45.25 -87.00 -49.07
N ASP KA 194 45.40 -88.28 -48.73
CA ASP KA 194 44.52 -88.89 -47.74
C ASP KA 194 44.78 -88.37 -46.33
N TYR KA 195 46.06 -88.21 -45.97
CA TYR KA 195 46.38 -87.76 -44.62
C TYR KA 195 45.84 -86.36 -44.35
N LEU KA 196 45.98 -85.46 -45.32
CA LEU KA 196 45.39 -84.13 -45.17
C LEU KA 196 43.88 -84.22 -45.06
N VAL KA 197 43.27 -85.18 -45.76
CA VAL KA 197 41.83 -85.40 -45.62
C VAL KA 197 41.49 -85.74 -44.17
N GLU KA 198 42.22 -86.70 -43.59
CA GLU KA 198 41.95 -87.12 -42.21
C GLU KA 198 42.11 -85.97 -41.23
N LEU KA 199 43.19 -85.19 -41.38
CA LEU KA 199 43.35 -84.01 -40.56
C LEU KA 199 42.19 -83.04 -40.75
N LEU KA 200 41.64 -82.97 -41.96
CA LEU KA 200 40.51 -82.09 -42.21
C LEU KA 200 39.26 -82.58 -41.49
N ASP KA 201 38.99 -83.89 -41.48
CA ASP KA 201 37.87 -84.37 -40.68
C ASP KA 201 38.07 -84.07 -39.21
N ARG KA 202 39.31 -84.23 -38.71
CA ARG KA 202 39.57 -83.91 -37.31
C ARG KA 202 39.26 -82.44 -37.01
N ALA KA 203 39.71 -81.55 -37.88
CA ALA KA 203 39.45 -80.12 -37.69
C ALA KA 203 37.96 -79.81 -37.78
N ILE KA 204 37.25 -80.45 -38.71
CA ILE KA 204 35.82 -80.22 -38.85
C ILE KA 204 35.08 -80.67 -37.60
N GLU KA 205 35.45 -81.83 -37.07
CA GLU KA 205 34.84 -82.31 -35.83
C GLU KA 205 35.11 -81.35 -34.67
N TYR KA 206 36.34 -80.84 -34.58
CA TYR KA 206 36.65 -79.90 -33.52
C TYR KA 206 35.85 -78.60 -33.65
N ILE KA 207 35.69 -78.11 -34.88
CA ILE KA 207 34.87 -76.92 -35.10
C ILE KA 207 33.42 -77.20 -34.71
N LEU KA 208 32.90 -78.36 -35.09
CA LEU KA 208 31.50 -78.67 -34.84
C LEU KA 208 31.22 -78.83 -33.35
N LYS KA 209 32.15 -79.45 -32.61
CA LYS KA 209 31.97 -79.65 -31.18
C LYS KA 209 32.17 -78.38 -30.37
N GLY KA 210 32.65 -77.29 -30.98
CA GLY KA 210 32.81 -76.03 -30.30
C GLY KA 210 34.23 -75.68 -29.91
N ARG KA 211 35.16 -76.63 -30.04
CA ARG KA 211 36.56 -76.40 -29.67
C ARG KA 211 37.24 -75.64 -30.79
N SER KA 212 37.35 -74.32 -30.63
CA SER KA 212 37.77 -73.44 -31.72
C SER KA 212 39.29 -73.29 -31.81
N GLU KA 213 39.97 -73.09 -30.67
CA GLU KA 213 41.41 -72.84 -30.70
C GLU KA 213 42.18 -74.06 -31.18
N LEU KA 214 41.78 -75.25 -30.74
CA LEU KA 214 42.39 -76.47 -31.24
C LEU KA 214 42.20 -76.59 -32.75
N ALA KA 215 41.01 -76.25 -33.24
CA ALA KA 215 40.75 -76.28 -34.66
C ALA KA 215 41.62 -75.29 -35.42
N VAL KA 216 41.82 -74.10 -34.85
CA VAL KA 216 42.66 -73.10 -35.50
C VAL KA 216 44.11 -73.60 -35.59
N HIS KA 217 44.62 -74.20 -34.52
CA HIS KA 217 45.97 -74.74 -34.56
C HIS KA 217 46.09 -75.88 -35.58
N LEU KA 218 45.08 -76.75 -35.62
CA LEU KA 218 45.06 -77.81 -36.61
C LEU KA 218 45.05 -77.25 -38.03
N LEU KA 219 44.28 -76.18 -38.25
CA LEU KA 219 44.20 -75.57 -39.56
C LEU KA 219 45.52 -74.91 -39.94
N ASP KA 220 46.22 -74.34 -38.96
CA ASP KA 220 47.56 -73.81 -39.22
C ASP KA 220 48.51 -74.91 -39.66
N ASP KA 221 48.49 -76.06 -38.98
CA ASP KA 221 49.34 -77.16 -39.38
C ASP KA 221 48.97 -77.68 -40.78
N ILE KA 222 47.67 -77.73 -41.07
CA ILE KA 222 47.21 -78.16 -42.40
C ILE KA 222 47.69 -77.18 -43.47
N ILE KA 223 47.62 -75.90 -43.17
CA ILE KA 223 48.07 -74.88 -44.12
C ILE KA 223 49.56 -75.02 -44.40
N ARG KA 224 50.35 -75.26 -43.35
CA ARG KA 224 51.78 -75.49 -43.55
C ARG KA 224 52.03 -76.71 -44.43
N ARG KA 225 51.30 -77.80 -44.19
CA ARG KA 225 51.48 -79.00 -45.00
C ARG KA 225 51.09 -78.74 -46.46
N VAL KA 226 50.01 -77.99 -46.68
CA VAL KA 226 49.56 -77.68 -48.03
C VAL KA 226 50.61 -76.84 -48.76
N HIS KA 227 51.17 -75.84 -48.06
CA HIS KA 227 52.22 -75.03 -48.67
C HIS KA 227 53.45 -75.86 -48.99
N GLU KA 228 53.80 -76.82 -48.11
CA GLU KA 228 54.90 -77.73 -48.41
C GLU KA 228 54.62 -78.54 -49.67
N GLU KA 229 53.39 -79.04 -49.83
CA GLU KA 229 53.04 -79.80 -51.03
C GLU KA 229 53.13 -78.93 -52.27
N ILE KA 230 52.64 -77.69 -52.19
CA ILE KA 230 52.70 -76.78 -53.33
C ILE KA 230 54.16 -76.52 -53.72
N GLU KA 231 55.01 -76.26 -52.73
CA GLU KA 231 56.42 -76.03 -52.99
C GLU KA 231 57.08 -77.26 -53.60
N ARG KA 232 56.65 -78.45 -53.18
CA ARG KA 232 57.18 -79.68 -53.78
C ARG KA 232 56.79 -79.78 -55.25
N TYR KA 233 55.57 -79.37 -55.58
CA TYR KA 233 55.11 -79.50 -56.97
C TYR KA 233 55.92 -78.63 -57.92
N GLY KA 234 56.25 -77.42 -57.51
CA GLY KA 234 57.13 -76.57 -58.30
C GLY KA 234 56.34 -75.69 -59.27
N ASP KA 235 56.62 -75.86 -60.57
CA ASP KA 235 55.98 -75.06 -61.60
C ASP KA 235 54.75 -75.74 -62.21
N ASP KA 236 54.50 -77.01 -61.90
CA ASP KA 236 53.40 -77.77 -62.46
C ASP KA 236 52.25 -77.94 -61.47
N VAL KA 237 52.00 -76.94 -60.63
CA VAL KA 237 50.99 -77.02 -59.59
C VAL KA 237 49.61 -77.04 -60.23
N PRO KA 238 48.79 -78.06 -59.95
CA PRO KA 238 47.40 -78.05 -60.42
C PRO KA 238 46.61 -76.95 -59.72
N GLU KA 239 45.58 -76.45 -60.43
CA GLU KA 239 44.77 -75.37 -59.90
C GLU KA 239 43.95 -75.79 -58.68
N GLU KA 240 43.66 -77.09 -58.56
CA GLU KA 240 42.90 -77.57 -57.41
C GLU KA 240 43.68 -77.33 -56.12
N LEU KA 241 45.00 -77.48 -56.16
CA LEU KA 241 45.81 -77.24 -54.96
C LEU KA 241 45.76 -75.78 -54.53
N LEU KA 242 45.81 -74.85 -55.49
CA LEU KA 242 45.73 -73.43 -55.14
C LEU KA 242 44.36 -73.06 -54.61
N LEU KA 243 43.30 -73.58 -55.24
CA LEU KA 243 41.95 -73.32 -54.75
C LEU KA 243 41.77 -73.89 -53.35
N LEU KA 244 42.30 -75.10 -53.11
CA LEU KA 244 42.26 -75.69 -51.77
C LEU KA 244 43.01 -74.82 -50.76
N ASP KA 245 44.17 -74.31 -51.14
CA ASP KA 245 44.91 -73.40 -50.27
C ASP KA 245 44.07 -72.20 -49.87
N LEU KA 246 43.45 -71.55 -50.86
CA LEU KA 246 42.62 -70.38 -50.57
C LEU KA 246 41.44 -70.74 -49.68
N LEU KA 247 40.80 -71.89 -49.95
CA LEU KA 247 39.64 -72.31 -49.17
C LEU KA 247 40.03 -72.56 -47.71
N VAL KA 248 41.12 -73.29 -47.50
CA VAL KA 248 41.55 -73.59 -46.13
C VAL KA 248 41.95 -72.32 -45.41
N GLN KA 249 42.58 -71.38 -46.11
CA GLN KA 249 42.95 -70.12 -45.46
C GLN KA 249 41.72 -69.33 -45.03
N LYS KA 250 40.71 -69.23 -45.90
CA LYS KA 250 39.51 -68.49 -45.51
C LYS KA 250 38.73 -69.21 -44.42
N ALA KA 251 38.74 -70.55 -44.43
CA ALA KA 251 38.09 -71.30 -43.35
C ALA KA 251 38.80 -71.08 -42.03
N ARG KA 252 40.14 -71.01 -42.05
CA ARG KA 252 40.88 -70.72 -40.83
C ARG KA 252 40.58 -69.32 -40.33
N ASP KA 253 40.46 -68.35 -41.24
CA ASP KA 253 40.08 -67.01 -40.82
C ASP KA 253 38.71 -67.00 -40.15
N LEU KA 254 37.74 -67.71 -40.74
CA LEU KA 254 36.40 -67.78 -40.14
C LEU KA 254 36.44 -68.47 -38.78
N ALA KA 255 37.22 -69.54 -38.66
CA ALA KA 255 37.32 -70.25 -37.39
C ALA KA 255 37.95 -69.37 -36.31
N ALA KA 256 38.94 -68.56 -36.70
CA ALA KA 256 39.50 -67.59 -35.76
C ALA KA 256 38.46 -66.57 -35.35
N ARG KA 257 37.65 -66.10 -36.29
CA ARG KA 257 36.63 -65.10 -35.97
C ARG KA 257 35.47 -65.67 -35.16
N ILE KA 258 35.38 -66.98 -34.97
CA ILE KA 258 34.30 -67.59 -34.22
C ILE KA 258 34.24 -67.02 -32.80
N MET LA 25 34.04 -32.09 -73.35
CA MET LA 25 35.40 -31.94 -72.86
C MET LA 25 36.39 -31.75 -74.00
N GLU LA 26 35.98 -31.04 -75.05
CA GLU LA 26 36.85 -30.86 -76.22
C GLU LA 26 38.08 -30.04 -75.91
N LYS LA 27 38.06 -29.25 -74.83
CA LYS LA 27 39.25 -28.49 -74.44
C LYS LA 27 40.40 -29.41 -74.10
N LEU LA 28 40.12 -30.52 -73.42
CA LEU LA 28 41.16 -31.46 -73.06
C LEU LA 28 41.68 -32.24 -74.27
N GLU LA 29 40.81 -32.52 -75.24
CA GLU LA 29 41.30 -33.10 -76.49
C GLU LA 29 42.19 -32.12 -77.26
N VAL LA 30 41.84 -30.84 -77.23
CA VAL LA 30 42.71 -29.83 -77.84
C VAL LA 30 44.05 -29.78 -77.12
N ALA LA 31 44.03 -29.90 -75.79
CA ALA LA 31 45.26 -29.95 -75.02
C ALA LA 31 46.10 -31.17 -75.39
N VAL LA 32 45.47 -32.32 -75.59
CA VAL LA 32 46.19 -33.53 -75.97
C VAL LA 32 46.83 -33.36 -77.35
N GLU LA 33 46.09 -32.76 -78.29
CA GLU LA 33 46.64 -32.49 -79.61
C GLU LA 33 47.82 -31.53 -79.54
N HIS LA 34 47.69 -30.51 -78.72
CA HIS LA 34 48.81 -29.63 -78.49
C HIS LA 34 50.02 -30.37 -77.95
N LEU LA 35 49.82 -31.24 -76.96
CA LEU LA 35 50.92 -32.01 -76.38
C LEU LA 35 51.61 -32.86 -77.44
N LYS LA 36 50.83 -33.48 -78.33
CA LYS LA 36 51.43 -34.20 -79.45
C LYS LA 36 52.25 -33.26 -80.33
N GLU LA 37 51.72 -32.06 -80.59
CA GLU LA 37 52.46 -31.08 -81.38
C GLU LA 37 53.76 -30.68 -80.68
N ALA LA 38 53.71 -30.54 -79.35
CA ALA LA 38 54.92 -30.21 -78.59
C ALA LA 38 55.97 -31.30 -78.69
N ILE LA 39 55.54 -32.57 -78.60
CA ILE LA 39 56.48 -33.68 -78.76
C ILE LA 39 57.12 -33.64 -80.15
N GLU LA 40 56.30 -33.42 -81.18
CA GLU LA 40 56.83 -33.34 -82.54
C GLU LA 40 57.80 -32.18 -82.70
N LEU LA 41 57.50 -31.04 -82.06
CA LEU LA 41 58.38 -29.88 -82.15
C LEU LA 41 59.72 -30.13 -81.46
N ILE LA 42 59.69 -30.75 -80.27
CA ILE LA 42 60.94 -31.11 -79.61
C ILE LA 42 61.74 -32.06 -80.49
N GLU LA 43 61.05 -33.00 -81.15
CA GLU LA 43 61.76 -33.90 -82.06
C GLU LA 43 62.39 -33.15 -83.23
N LYS LA 44 61.69 -32.15 -83.76
CA LYS LA 44 62.21 -31.40 -84.90
C LYS LA 44 63.42 -30.56 -84.50
N GLY LA 45 63.31 -29.81 -83.41
CA GLY LA 45 64.43 -29.00 -82.96
C GLY LA 45 64.06 -27.57 -82.59
N GLU LA 46 62.77 -27.23 -82.65
CA GLU LA 46 62.31 -25.90 -82.29
C GLU LA 46 61.94 -25.89 -80.82
N TYR LA 47 62.83 -25.38 -79.98
CA TYR LA 47 62.63 -25.40 -78.54
C TYR LA 47 61.87 -24.17 -78.04
N VAL LA 48 62.00 -23.03 -78.72
CA VAL LA 48 61.23 -21.85 -78.35
C VAL LA 48 59.74 -22.10 -78.59
N LYS LA 49 59.41 -22.67 -79.75
CA LYS LA 49 58.02 -22.98 -80.04
C LYS LA 49 57.48 -24.04 -79.07
N ALA LA 50 58.33 -24.98 -78.66
CA ALA LA 50 57.92 -25.97 -77.67
C ALA LA 50 57.61 -25.33 -76.33
N ASP LA 51 58.46 -24.39 -75.89
CA ASP LA 51 58.22 -23.68 -74.64
C ASP LA 51 56.92 -22.88 -74.70
N LEU LA 52 56.68 -22.20 -75.82
CA LEU LA 52 55.45 -21.44 -76.00
C LEU LA 52 54.22 -22.34 -76.03
N ILE LA 53 54.33 -23.51 -76.68
CA ILE LA 53 53.24 -24.46 -76.70
C ILE LA 53 52.94 -24.97 -75.30
N LEU LA 54 53.98 -25.20 -74.49
CA LEU LA 54 53.75 -25.64 -73.13
C LEU LA 54 53.01 -24.58 -72.33
N THR LA 55 53.34 -23.31 -72.55
CA THR LA 55 52.58 -22.24 -71.91
C THR LA 55 51.12 -22.24 -72.36
N ASP LA 56 50.88 -22.45 -73.65
CA ASP LA 56 49.52 -22.53 -74.16
C ASP LA 56 48.75 -23.69 -73.54
N ILE LA 57 49.39 -24.84 -73.41
CA ILE LA 57 48.76 -26.01 -72.81
C ILE LA 57 48.42 -25.73 -71.35
N LEU LA 58 49.32 -25.05 -70.64
CA LEU LA 58 49.02 -24.67 -69.26
C LEU LA 58 47.80 -23.75 -69.20
N ARG LA 59 47.71 -22.80 -70.12
CA ARG LA 59 46.55 -21.91 -70.16
C ARG LA 59 45.26 -22.69 -70.41
N LEU LA 60 45.30 -23.65 -71.35
CA LEU LA 60 44.12 -24.48 -71.62
C LEU LA 60 43.70 -25.28 -70.39
N LEU LA 61 44.66 -25.94 -69.74
CA LEU LA 61 44.33 -26.76 -68.58
C LEU LA 61 43.80 -25.92 -67.44
N GLU LA 62 44.37 -24.72 -67.22
CA GLU LA 62 43.83 -23.83 -66.21
C GLU LA 62 42.43 -23.36 -66.57
N GLU LA 63 42.15 -23.20 -67.86
CA GLU LA 63 40.79 -22.88 -68.29
C GLU LA 63 39.83 -24.00 -67.93
N GLU LA 64 40.25 -25.25 -68.12
CA GLU LA 64 39.40 -26.38 -67.75
C GLU LA 64 39.19 -26.45 -66.24
N GLY LA 65 40.29 -26.42 -65.47
CA GLY LA 65 40.18 -26.36 -64.03
C GLY LA 65 40.43 -27.65 -63.27
N VAL LA 66 41.48 -28.40 -63.64
CA VAL LA 66 41.89 -29.59 -62.91
C VAL LA 66 43.22 -29.30 -62.23
N LYS LA 67 43.22 -29.33 -60.90
CA LYS LA 67 44.34 -28.80 -60.13
C LYS LA 67 45.61 -29.61 -60.36
N SER LA 68 45.51 -30.94 -60.31
CA SER LA 68 46.68 -31.79 -60.49
C SER LA 68 47.30 -31.58 -61.86
N LEU LA 69 46.46 -31.54 -62.90
CA LEU LA 69 46.95 -31.27 -64.24
C LEU LA 69 47.60 -29.90 -64.31
N ILE LA 70 47.06 -28.91 -63.59
CA ILE LA 70 47.60 -27.56 -63.65
C ILE LA 70 49.00 -27.52 -63.06
N LYS LA 71 49.17 -28.09 -61.86
CA LYS LA 71 50.50 -28.07 -61.24
C LYS LA 71 51.50 -28.89 -62.06
N GLN LA 72 51.03 -30.02 -62.61
CA GLN LA 72 51.89 -30.81 -63.47
C GLN LA 72 52.33 -30.03 -64.70
N ALA LA 73 51.43 -29.23 -65.28
CA ALA LA 73 51.77 -28.46 -66.46
C ALA LA 73 52.76 -27.34 -66.15
N LYS LA 74 52.58 -26.68 -65.01
CA LYS LA 74 53.53 -25.63 -64.63
C LYS LA 74 54.93 -26.20 -64.39
N GLU LA 75 55.02 -27.28 -63.60
CA GLU LA 75 56.32 -27.88 -63.38
C GLU LA 75 56.90 -28.44 -64.66
N LEU LA 76 56.04 -28.90 -65.58
CA LEU LA 76 56.52 -29.36 -66.87
C LEU LA 76 57.15 -28.23 -67.66
N HIS LA 77 56.50 -27.06 -67.67
CA HIS LA 77 57.07 -25.92 -68.38
C HIS LA 77 58.46 -25.60 -67.84
N ILE LA 78 58.58 -25.46 -66.51
CA ILE LA 78 59.86 -25.09 -65.92
C ILE LA 78 60.92 -26.14 -66.23
N GLU LA 79 60.61 -27.42 -65.96
CA GLU LA 79 61.62 -28.46 -66.09
C GLU LA 79 61.99 -28.72 -67.54
N VAL LA 80 61.04 -28.62 -68.47
CA VAL LA 80 61.37 -28.82 -69.87
C VAL LA 80 62.23 -27.68 -70.38
N PHE LA 81 61.97 -26.44 -69.93
CA PHE LA 81 62.85 -25.34 -70.30
C PHE LA 81 64.27 -25.61 -69.83
N LYS LA 82 64.43 -26.03 -68.57
CA LYS LA 82 65.76 -26.33 -68.04
C LYS LA 82 66.44 -27.46 -68.84
N LEU LA 83 65.70 -28.54 -69.08
CA LEU LA 83 66.29 -29.69 -69.77
C LEU LA 83 66.67 -29.36 -71.21
N LEU LA 84 65.83 -28.60 -71.91
CA LEU LA 84 66.17 -28.20 -73.26
C LEU LA 84 67.36 -27.25 -73.28
N LYS LA 85 67.52 -26.43 -72.23
CA LYS LA 85 68.77 -25.67 -72.09
C LYS LA 85 69.96 -26.60 -71.96
N GLU LA 86 69.85 -27.62 -71.11
CA GLU LA 86 70.97 -28.53 -70.90
C GLU LA 86 71.20 -29.44 -72.10
N GLY LA 87 70.16 -29.82 -72.81
CA GLY LA 87 70.26 -30.72 -73.93
C GLY LA 87 69.66 -32.10 -73.73
N GLU LA 88 68.92 -32.31 -72.64
CA GLU LA 88 68.30 -33.60 -72.35
C GLU LA 88 66.95 -33.66 -73.07
N TYR LA 89 67.03 -33.97 -74.37
CA TYR LA 89 65.82 -34.02 -75.19
C TYR LA 89 64.91 -35.17 -74.77
N LYS LA 90 65.50 -36.33 -74.49
CA LYS LA 90 64.70 -37.51 -74.17
C LYS LA 90 63.95 -37.33 -72.85
N GLU LA 91 64.58 -36.71 -71.86
CA GLU LA 91 63.90 -36.48 -70.59
C GLU LA 91 62.71 -35.53 -70.75
N ALA LA 92 62.89 -34.47 -71.54
CA ALA LA 92 61.79 -33.54 -71.80
C ALA LA 92 60.66 -34.22 -72.55
N LYS LA 93 61.01 -35.03 -73.55
CA LYS LA 93 59.98 -35.78 -74.28
C LYS LA 93 59.23 -36.73 -73.35
N ALA LA 94 59.96 -37.38 -72.43
CA ALA LA 94 59.32 -38.27 -71.48
C ALA LA 94 58.36 -37.53 -70.57
N LEU LA 95 58.76 -36.34 -70.10
CA LEU LA 95 57.86 -35.56 -69.24
C LEU LA 95 56.61 -35.12 -69.99
N VAL LA 96 56.77 -34.70 -71.24
CA VAL LA 96 55.60 -34.29 -72.03
C VAL LA 96 54.69 -35.49 -72.28
N GLU LA 97 55.27 -36.65 -72.58
CA GLU LA 97 54.46 -37.85 -72.78
C GLU LA 97 53.74 -38.26 -71.51
N ALA LA 98 54.39 -38.10 -70.35
CA ALA LA 98 53.73 -38.40 -69.09
C ALA LA 98 52.53 -37.49 -68.85
N LEU LA 99 52.69 -36.19 -69.13
CA LEU LA 99 51.55 -35.28 -68.98
C LEU LA 99 50.43 -35.63 -69.95
N ARG LA 100 50.80 -36.00 -71.19
CA ARG LA 100 49.79 -36.38 -72.17
C ARG LA 100 49.00 -37.60 -71.71
N VAL LA 101 49.71 -38.62 -71.21
CA VAL LA 101 49.05 -39.82 -70.72
C VAL LA 101 48.16 -39.50 -69.53
N SER LA 102 48.61 -38.61 -68.65
CA SER LA 102 47.81 -38.23 -67.50
C SER LA 102 46.51 -37.54 -67.93
N VAL LA 103 46.59 -36.64 -68.91
CA VAL LA 103 45.39 -35.95 -69.39
C VAL LA 103 44.43 -36.92 -70.06
N GLU LA 104 44.95 -37.80 -70.91
CA GLU LA 104 44.09 -38.79 -71.56
C GLU LA 104 43.44 -39.71 -70.54
N LEU LA 105 44.19 -40.10 -69.50
CA LEU LA 105 43.63 -40.94 -68.46
C LEU LA 105 42.52 -40.22 -67.70
N TYR LA 106 42.69 -38.93 -67.43
CA TYR LA 106 41.61 -38.18 -66.79
C TYR LA 106 40.38 -38.16 -67.68
N ILE LA 107 40.57 -37.96 -68.98
CA ILE LA 107 39.43 -37.95 -69.90
C ILE LA 107 38.70 -39.28 -69.85
N LEU LA 108 39.45 -40.38 -69.91
CA LEU LA 108 38.83 -41.70 -69.92
C LEU LA 108 38.16 -42.01 -68.60
N ILE LA 109 38.74 -41.57 -67.48
CA ILE LA 109 38.10 -41.78 -66.17
C ILE LA 109 36.77 -41.04 -66.11
N LYS LA 110 36.74 -39.80 -66.59
CA LYS LA 110 35.50 -39.03 -66.57
C LYS LA 110 34.44 -39.68 -67.45
N ARG LA 111 34.84 -40.12 -68.65
CA ARG LA 111 33.88 -40.78 -69.53
C ARG LA 111 33.35 -42.08 -68.91
N GLY LA 112 34.23 -42.86 -68.28
CA GLY LA 112 33.79 -44.10 -67.67
C GLY LA 112 32.85 -43.86 -66.50
N VAL LA 113 33.16 -42.89 -65.65
CA VAL LA 113 32.32 -42.63 -64.48
C VAL LA 113 30.97 -42.08 -64.90
N ARG LA 114 30.95 -41.15 -65.86
CA ARG LA 114 29.68 -40.58 -66.32
C ARG LA 114 28.79 -41.65 -66.94
N GLU LA 115 29.34 -42.45 -67.85
CA GLU LA 115 28.61 -43.52 -68.52
C GLU LA 115 28.26 -44.68 -67.60
N GLY LA 116 28.61 -44.61 -66.32
CA GLY LA 116 28.34 -45.72 -65.41
C GLY LA 116 29.05 -47.00 -65.78
N ARG LA 117 30.24 -46.90 -66.38
CA ARG LA 117 30.99 -48.09 -66.75
C ARG LA 117 31.46 -48.83 -65.49
N PRO LA 118 31.61 -50.15 -65.58
CA PRO LA 118 32.10 -50.91 -64.42
C PRO LA 118 33.54 -50.53 -64.10
N ILE LA 119 33.86 -50.62 -62.80
CA ILE LA 119 35.22 -50.34 -62.34
C ILE LA 119 36.22 -51.29 -63.00
N GLU LA 120 35.79 -52.51 -63.31
CA GLU LA 120 36.68 -53.51 -63.88
C GLU LA 120 37.31 -53.04 -65.18
N GLU LA 121 36.49 -52.60 -66.14
CA GLU LA 121 37.03 -52.22 -67.43
C GLU LA 121 37.78 -50.90 -67.37
N ILE LA 122 37.38 -50.01 -66.48
CA ILE LA 122 38.15 -48.78 -66.25
C ILE LA 122 39.56 -49.13 -65.79
N ALA LA 123 39.67 -50.05 -64.82
CA ALA LA 123 40.98 -50.46 -64.33
C ALA LA 123 41.80 -51.12 -65.42
N ARG LA 124 41.17 -51.98 -66.23
CA ARG LA 124 41.91 -52.61 -67.33
C ARG LA 124 42.41 -51.57 -68.33
N GLU LA 125 41.59 -50.57 -68.64
CA GLU LA 125 42.01 -49.52 -69.56
C GLU LA 125 43.18 -48.73 -69.00
N VAL LA 126 43.12 -48.38 -67.71
CA VAL LA 126 44.20 -47.63 -67.09
C VAL LA 126 45.50 -48.44 -67.14
N GLY LA 127 45.43 -49.72 -66.82
CA GLY LA 127 46.61 -50.57 -66.91
C GLY LA 127 47.17 -50.66 -68.31
N ARG LA 128 46.30 -50.80 -69.30
CA ARG LA 128 46.76 -50.87 -70.69
C ARG LA 128 47.46 -49.58 -71.11
N LYS LA 129 46.90 -48.43 -70.71
CA LYS LA 129 47.53 -47.15 -71.06
C LYS LA 129 48.89 -47.00 -70.40
N LEU LA 130 48.99 -47.38 -69.12
CA LEU LA 130 50.27 -47.30 -68.43
C LEU LA 130 51.31 -48.22 -69.07
N VAL LA 131 50.90 -49.43 -69.47
CA VAL LA 131 51.84 -50.34 -70.10
C VAL LA 131 52.30 -49.80 -71.45
N GLU LA 132 51.39 -49.20 -72.22
CA GLU LA 132 51.77 -48.63 -73.50
C GLU LA 132 52.76 -47.47 -73.32
N LEU LA 133 52.52 -46.62 -72.31
CA LEU LA 133 53.47 -45.55 -72.02
C LEU LA 133 54.83 -46.12 -71.64
N ALA LA 134 54.85 -47.16 -70.81
CA ALA LA 134 56.12 -47.76 -70.40
C ALA LA 134 56.86 -48.34 -71.58
N LYS LA 135 56.15 -49.00 -72.50
CA LYS LA 135 56.78 -49.54 -73.70
C LYS LA 135 57.35 -48.43 -74.56
N ARG LA 136 56.60 -47.33 -74.72
CA ARG LA 136 57.10 -46.20 -75.48
C ARG LA 136 58.39 -45.65 -74.88
N LEU LA 137 58.38 -45.40 -73.57
CA LEU LA 137 59.56 -44.84 -72.91
C LEU LA 137 60.75 -45.80 -73.00
N GLU LA 138 60.49 -47.11 -72.89
CA GLU LA 138 61.57 -48.08 -73.03
C GLU LA 138 62.15 -48.04 -74.44
N LYS LA 139 61.29 -47.87 -75.45
CA LYS LA 139 61.79 -47.73 -76.81
C LYS LA 139 62.62 -46.47 -76.98
N GLU LA 140 62.22 -45.38 -76.34
CA GLU LA 140 62.98 -44.13 -76.45
C GLU LA 140 64.39 -44.28 -75.89
N GLY LA 141 64.53 -44.95 -74.75
CA GLY LA 141 65.84 -45.14 -74.15
C GLY LA 141 65.91 -44.71 -72.70
N ILE LA 142 64.75 -44.37 -72.12
CA ILE LA 142 64.70 -43.97 -70.72
C ILE LA 142 64.82 -45.22 -69.85
N SER LA 143 65.63 -45.12 -68.79
CA SER LA 143 65.85 -46.25 -67.90
C SER LA 143 64.59 -46.59 -67.12
N TRP LA 144 64.58 -47.81 -66.56
CA TRP LA 144 63.36 -48.32 -65.93
C TRP LA 144 63.07 -47.65 -64.59
N GLU LA 145 64.10 -47.16 -63.90
CA GLU LA 145 63.85 -46.42 -62.66
C GLU LA 145 63.09 -45.12 -62.95
N GLU LA 146 63.49 -44.40 -63.99
CA GLU LA 146 62.76 -43.19 -64.37
C GLU LA 146 61.35 -43.52 -64.83
N ILE LA 147 61.19 -44.62 -65.58
CA ILE LA 147 59.88 -45.04 -66.03
C ILE LA 147 58.97 -45.33 -64.85
N ILE LA 148 59.49 -46.04 -63.85
CA ILE LA 148 58.69 -46.37 -62.67
C ILE LA 148 58.32 -45.11 -61.92
N GLU LA 149 59.26 -44.18 -61.76
CA GLU LA 149 58.95 -42.95 -61.03
C GLU LA 149 57.88 -42.12 -61.75
N LEU LA 150 57.98 -42.02 -63.08
CA LEU LA 150 56.95 -41.33 -63.85
C LEU LA 150 55.60 -42.01 -63.68
N ILE LA 151 55.59 -43.34 -63.71
CA ILE LA 151 54.34 -44.09 -63.58
C ILE LA 151 53.72 -43.85 -62.21
N GLU LA 152 54.53 -43.82 -61.14
CA GLU LA 152 53.97 -43.57 -59.81
C GLU LA 152 53.46 -42.14 -59.68
N ARG LA 153 54.12 -41.17 -60.31
CA ARG LA 153 53.56 -39.82 -60.32
C ARG LA 153 52.20 -39.79 -61.01
N ILE LA 154 52.09 -40.47 -62.15
CA ILE LA 154 50.80 -40.55 -62.84
C ILE LA 154 49.77 -41.25 -61.97
N LEU LA 155 50.20 -42.26 -61.21
CA LEU LA 155 49.28 -42.99 -60.34
C LEU LA 155 48.77 -42.12 -59.20
N GLU LA 156 49.64 -41.28 -58.64
CA GLU LA 156 49.19 -40.33 -57.61
C GLU LA 156 48.19 -39.33 -58.20
N SER LA 157 48.46 -38.86 -59.42
CA SER LA 157 47.49 -37.99 -60.09
C SER LA 157 46.16 -38.69 -60.29
N ILE LA 158 46.19 -39.97 -60.69
CA ILE LA 158 44.97 -40.75 -60.88
C ILE LA 158 44.23 -40.89 -59.56
N ARG LA 159 44.96 -41.13 -58.47
CA ARG LA 159 44.33 -41.25 -57.16
C ARG LA 159 43.61 -39.98 -56.79
N GLU LA 160 44.24 -38.83 -57.01
CA GLU LA 160 43.57 -37.55 -56.71
C GLU LA 160 42.34 -37.36 -57.59
N ILE LA 161 42.45 -37.68 -58.88
CA ILE LA 161 41.32 -37.51 -59.79
C ILE LA 161 40.15 -38.39 -59.37
N LEU LA 162 40.44 -39.66 -59.03
CA LEU LA 162 39.40 -40.58 -58.62
C LEU LA 162 38.74 -40.14 -57.32
N LYS LA 163 39.55 -39.65 -56.37
CA LYS LA 163 38.98 -39.11 -55.14
C LYS LA 163 38.09 -37.91 -55.41
N GLU LA 164 38.42 -37.13 -56.44
CA GLU LA 164 37.58 -35.99 -56.79
C GLU LA 164 36.20 -36.43 -57.25
N GLU LA 165 36.13 -37.54 -58.02
CA GLU LA 165 34.87 -38.02 -58.56
C GLU LA 165 33.94 -38.60 -57.49
N GLY LA 166 34.33 -38.57 -56.22
CA GLY LA 166 33.49 -39.11 -55.17
C GLY LA 166 33.52 -40.61 -55.02
N LEU LA 167 34.42 -41.30 -55.70
CA LEU LA 167 34.53 -42.74 -55.55
C LEU LA 167 35.05 -43.09 -54.16
N PRO LA 168 34.58 -44.18 -53.56
CA PRO LA 168 35.10 -44.60 -52.26
C PRO LA 168 36.48 -45.21 -52.40
N GLU LA 169 37.13 -45.40 -51.24
CA GLU LA 169 38.53 -45.82 -51.22
C GLU LA 169 38.73 -47.22 -51.79
N SER LA 170 37.74 -48.11 -51.66
CA SER LA 170 37.92 -49.50 -52.06
C SER LA 170 38.15 -49.61 -53.57
N GLU LA 171 37.30 -48.97 -54.37
CA GLU LA 171 37.46 -49.05 -55.82
C GLU LA 171 38.71 -48.32 -56.30
N ILE LA 172 39.05 -47.21 -55.64
CA ILE LA 172 40.28 -46.50 -55.99
C ILE LA 172 41.49 -47.40 -55.78
N ASN LA 173 41.54 -48.05 -54.61
CA ASN LA 173 42.65 -48.96 -54.33
C ASN LA 173 42.66 -50.13 -55.28
N ARG LA 174 41.48 -50.63 -55.65
CA ARG LA 174 41.40 -51.73 -56.61
C ARG LA 174 41.98 -51.34 -57.96
N ILE LA 175 41.60 -50.16 -58.46
CA ILE LA 175 42.09 -49.70 -59.76
C ILE LA 175 43.60 -49.51 -59.72
N LEU LA 176 44.09 -48.86 -58.66
CA LEU LA 176 45.52 -48.61 -58.54
C LEU LA 176 46.32 -49.92 -58.46
N ALA LA 177 45.82 -50.87 -57.67
CA ALA LA 177 46.50 -52.16 -57.55
C ALA LA 177 46.51 -52.90 -58.88
N VAL LA 178 45.41 -52.85 -59.62
CA VAL LA 178 45.37 -53.52 -60.92
C VAL LA 178 46.37 -52.90 -61.88
N SER LA 179 46.46 -51.57 -61.91
CA SER LA 179 47.41 -50.92 -62.80
C SER LA 179 48.85 -51.27 -62.45
N ILE LA 180 49.17 -51.22 -61.15
CA ILE LA 180 50.52 -51.58 -60.72
C ILE LA 180 50.83 -53.02 -61.09
N LEU LA 181 49.85 -53.92 -60.90
CA LEU LA 181 50.07 -55.32 -61.22
C LEU LA 181 50.22 -55.54 -62.73
N GLU LA 182 49.56 -54.72 -63.55
CA GLU LA 182 49.76 -54.84 -64.99
C GLU LA 182 51.17 -54.42 -65.40
N VAL LA 183 51.67 -53.34 -64.81
CA VAL LA 183 53.07 -52.96 -65.06
C VAL LA 183 54.02 -54.07 -64.61
N ALA LA 184 53.77 -54.63 -63.43
CA ALA LA 184 54.60 -55.72 -62.94
C ALA LA 184 54.51 -56.94 -63.84
N LYS LA 185 53.33 -57.21 -64.41
CA LYS LA 185 53.17 -58.32 -65.33
C LYS LA 185 53.98 -58.11 -66.59
N TYR LA 186 54.00 -56.87 -67.11
CA TYR LA 186 54.86 -56.59 -68.26
C TYR LA 186 56.33 -56.82 -67.92
N LEU LA 187 56.75 -56.38 -66.73
CA LEU LA 187 58.13 -56.63 -66.31
C LEU LA 187 58.43 -58.12 -66.23
N LEU LA 188 57.51 -58.90 -65.66
CA LEU LA 188 57.71 -60.35 -65.55
C LEU LA 188 57.80 -61.00 -66.93
N GLU LA 189 56.96 -60.56 -67.87
CA GLU LA 189 57.04 -61.08 -69.23
C GLU LA 189 58.38 -60.75 -69.86
N LYS LA 190 58.90 -59.55 -69.62
CA LYS LA 190 60.24 -59.21 -70.11
C LYS LA 190 61.30 -60.12 -69.50
N LEU LA 191 61.21 -60.37 -68.19
CA LEU LA 191 62.18 -61.25 -67.54
C LEU LA 191 62.08 -62.68 -68.04
N GLY LA 192 60.88 -63.19 -68.26
CA GLY LA 192 60.69 -64.53 -68.76
C GLY LA 192 60.26 -65.54 -67.72
N PHE LA 193 59.41 -65.12 -66.79
CA PHE LA 193 58.88 -65.97 -65.73
C PHE LA 193 57.39 -66.16 -66.01
N ASP LA 194 57.05 -67.19 -66.78
CA ASP LA 194 55.69 -67.37 -67.26
C ASP LA 194 54.74 -67.78 -66.13
N TYR LA 195 55.18 -68.67 -65.24
CA TYR LA 195 54.30 -69.13 -64.17
C TYR LA 195 53.90 -67.98 -63.24
N LEU LA 196 54.86 -67.13 -62.89
CA LEU LA 196 54.55 -65.96 -62.09
C LEU LA 196 53.60 -65.03 -62.84
N VAL LA 197 53.72 -64.96 -64.16
CA VAL LA 197 52.78 -64.19 -64.97
C VAL LA 197 51.36 -64.73 -64.78
N GLU LA 198 51.20 -66.06 -64.92
CA GLU LA 198 49.89 -66.68 -64.79
C GLU LA 198 49.28 -66.45 -63.41
N LEU LA 199 50.09 -66.62 -62.36
CA LEU LA 199 49.61 -66.30 -61.02
C LEU LA 199 49.22 -64.84 -60.91
N LEU LA 200 49.91 -63.96 -61.64
CA LEU LA 200 49.55 -62.55 -61.61
C LEU LA 200 48.21 -62.29 -62.27
N ASP LA 201 47.92 -62.95 -63.41
CA ASP LA 201 46.58 -62.80 -63.99
C ASP LA 201 45.52 -63.33 -63.03
N ARG LA 202 45.80 -64.44 -62.36
CA ARG LA 202 44.84 -64.97 -61.39
C ARG LA 202 44.56 -63.94 -60.29
N ALA LA 203 45.62 -63.34 -59.74
CA ALA LA 203 45.44 -62.34 -58.69
C ALA LA 203 44.71 -61.10 -59.20
N ILE LA 204 45.01 -60.68 -60.42
CA ILE LA 204 44.34 -59.51 -61.00
C ILE LA 204 42.85 -59.79 -61.17
N GLU LA 205 42.51 -60.98 -61.67
CA GLU LA 205 41.09 -61.35 -61.80
C GLU LA 205 40.41 -61.38 -60.45
N TYR LA 206 41.07 -61.92 -59.43
CA TYR LA 206 40.46 -61.95 -58.10
C TYR LA 206 40.25 -60.55 -57.54
N ILE LA 207 41.21 -59.64 -57.76
CA ILE LA 207 41.04 -58.26 -57.33
C ILE LA 207 39.87 -57.60 -58.07
N LEU LA 208 39.79 -57.85 -59.38
CA LEU LA 208 38.76 -57.20 -60.18
C LEU LA 208 37.36 -57.70 -59.81
N LYS LA 209 37.22 -59.00 -59.53
CA LYS LA 209 35.94 -59.56 -59.17
C LYS LA 209 35.50 -59.21 -57.74
N GLY LA 210 36.38 -58.61 -56.94
CA GLY LA 210 36.04 -58.18 -55.61
C GLY LA 210 36.55 -59.07 -54.50
N ARG LA 211 37.10 -60.24 -54.83
CA ARG LA 211 37.60 -61.18 -53.83
C ARG LA 211 38.98 -60.72 -53.39
N SER LA 212 39.04 -60.02 -52.26
CA SER LA 212 40.25 -59.33 -51.82
C SER LA 212 41.19 -60.22 -51.03
N GLU LA 213 40.67 -60.98 -50.07
CA GLU LA 213 41.54 -61.79 -49.20
C GLU LA 213 42.25 -62.89 -49.97
N LEU LA 214 41.54 -63.54 -50.90
CA LEU LA 214 42.18 -64.53 -51.75
C LEU LA 214 43.29 -63.90 -52.58
N ALA LA 215 43.06 -62.69 -53.08
CA ALA LA 215 44.07 -61.98 -53.84
C ALA LA 215 45.28 -61.64 -52.98
N VAL LA 216 45.04 -61.25 -51.72
CA VAL LA 216 46.15 -60.94 -50.83
C VAL LA 216 46.99 -62.17 -50.55
N HIS LA 217 46.34 -63.32 -50.32
CA HIS LA 217 47.09 -64.55 -50.10
C HIS LA 217 47.88 -64.95 -51.36
N LEU LA 218 47.26 -64.81 -52.52
CA LEU LA 218 47.96 -65.08 -53.77
C LEU LA 218 49.17 -64.17 -53.95
N LEU LA 219 49.02 -62.89 -53.59
CA LEU LA 219 50.11 -61.94 -53.70
C LEU LA 219 51.23 -62.26 -52.73
N ASP LA 220 50.88 -62.76 -51.53
CA ASP LA 220 51.89 -63.22 -50.59
C ASP LA 220 52.70 -64.38 -51.17
N ASP LA 221 52.00 -65.34 -51.79
CA ASP LA 221 52.72 -66.47 -52.40
C ASP LA 221 53.60 -66.00 -53.55
N ILE LA 222 53.10 -65.05 -54.35
CA ILE LA 222 53.88 -64.50 -55.45
C ILE LA 222 55.12 -63.79 -54.93
N ILE LA 223 54.97 -63.03 -53.83
CA ILE LA 223 56.10 -62.32 -53.24
C ILE LA 223 57.15 -63.31 -52.75
N ARG LA 224 56.71 -64.41 -52.12
CA ARG LA 224 57.66 -65.42 -51.69
C ARG LA 224 58.41 -66.03 -52.88
N ARG LA 225 57.69 -66.32 -53.97
CA ARG LA 225 58.34 -66.87 -55.15
C ARG LA 225 59.34 -65.88 -55.76
N VAL LA 226 58.98 -64.60 -55.78
CA VAL LA 226 59.87 -63.58 -56.34
C VAL LA 226 61.14 -63.47 -55.49
N HIS LA 227 60.99 -63.48 -54.16
CA HIS LA 227 62.15 -63.44 -53.29
C HIS LA 227 63.03 -64.68 -53.47
N GLU LA 228 62.41 -65.84 -53.68
CA GLU LA 228 63.19 -67.04 -53.98
C GLU LA 228 63.99 -66.88 -55.27
N GLU LA 229 63.37 -66.31 -56.30
CA GLU LA 229 64.07 -66.08 -57.56
C GLU LA 229 65.25 -65.11 -57.38
N ILE LA 230 65.01 -64.03 -56.62
CA ILE LA 230 66.08 -63.05 -56.37
C ILE LA 230 67.24 -63.71 -55.64
N GLU LA 231 66.93 -64.51 -54.61
CA GLU LA 231 67.97 -65.21 -53.87
C GLU LA 231 68.72 -66.20 -54.76
N ARG LA 232 68.03 -66.82 -55.70
CA ARG LA 232 68.69 -67.72 -56.64
C ARG LA 232 69.67 -66.95 -57.53
N TYR LA 233 69.29 -65.74 -57.95
CA TYR LA 233 70.15 -64.97 -58.85
C TYR LA 233 71.47 -64.60 -58.19
N GLY LA 234 71.44 -64.22 -56.93
CA GLY LA 234 72.66 -63.96 -56.17
C GLY LA 234 73.11 -62.50 -56.30
N ASP LA 235 74.30 -62.29 -56.84
CA ASP LA 235 74.87 -60.95 -56.98
C ASP LA 235 74.60 -60.32 -58.34
N ASP LA 236 74.08 -61.08 -59.30
CA ASP LA 236 73.85 -60.59 -60.65
C ASP LA 236 72.37 -60.32 -60.91
N VAL LA 237 71.65 -59.84 -59.90
CA VAL LA 237 70.21 -59.63 -60.02
C VAL LA 237 69.94 -58.46 -60.97
N PRO LA 238 69.16 -58.67 -62.02
CA PRO LA 238 68.76 -57.53 -62.87
C PRO LA 238 67.85 -56.59 -62.12
N GLU LA 239 67.90 -55.31 -62.52
CA GLU LA 239 67.10 -54.29 -61.85
C GLU LA 239 65.60 -54.48 -62.06
N GLU LA 240 65.21 -55.14 -63.14
CA GLU LA 240 63.80 -55.39 -63.39
C GLU LA 240 63.19 -56.26 -62.29
N LEU LA 241 63.96 -57.22 -61.79
CA LEU LA 241 63.47 -58.08 -60.71
C LEU LA 241 63.23 -57.29 -59.44
N LEU LA 242 64.13 -56.37 -59.10
CA LEU LA 242 63.94 -55.56 -57.89
C LEU LA 242 62.76 -54.60 -58.04
N LEU LA 243 62.63 -53.98 -59.22
CA LEU LA 243 61.49 -53.11 -59.45
C LEU LA 243 60.18 -53.89 -59.40
N LEU LA 244 60.17 -55.10 -59.95
CA LEU LA 244 59.00 -55.96 -59.86
C LEU LA 244 58.67 -56.32 -58.42
N ASP LA 245 59.70 -56.62 -57.62
CA ASP LA 245 59.50 -56.89 -56.21
C ASP LA 245 58.81 -55.72 -55.52
N LEU LA 246 59.33 -54.50 -55.73
CA LEU LA 246 58.73 -53.32 -55.11
C LEU LA 246 57.30 -53.11 -55.59
N LEU LA 247 57.05 -53.29 -56.88
CA LEU LA 247 55.72 -53.09 -57.43
C LEU LA 247 54.72 -54.06 -56.82
N VAL LA 248 55.09 -55.34 -56.77
CA VAL LA 248 54.19 -56.36 -56.22
C VAL LA 248 53.93 -56.10 -54.74
N GLN LA 249 54.96 -55.66 -54.01
CA GLN LA 249 54.77 -55.37 -52.59
C GLN LA 249 53.79 -54.22 -52.39
N LYS LA 250 53.93 -53.13 -53.17
CA LYS LA 250 53.01 -52.01 -53.00
C LYS LA 250 51.60 -52.36 -53.48
N ALA LA 251 51.49 -53.21 -54.51
CA ALA LA 251 50.17 -53.67 -54.94
C ALA LA 251 49.51 -54.52 -53.86
N ARG LA 252 50.29 -55.37 -53.19
CA ARG LA 252 49.74 -56.16 -52.09
C ARG LA 252 49.29 -55.27 -50.94
N ASP LA 253 50.06 -54.22 -50.65
CA ASP LA 253 49.64 -53.28 -49.62
C ASP LA 253 48.31 -52.61 -49.98
N LEU LA 254 48.18 -52.18 -51.24
CA LEU LA 254 46.93 -51.57 -51.68
C LEU LA 254 45.77 -52.56 -51.62
N ALA LA 255 46.00 -53.81 -52.03
CA ALA LA 255 44.95 -54.81 -51.98
C ALA LA 255 44.51 -55.09 -50.55
N ALA LA 256 45.47 -55.10 -49.62
CA ALA LA 256 45.11 -55.23 -48.21
C ALA LA 256 44.28 -54.05 -47.75
N ARG LA 257 44.64 -52.83 -48.17
CA ARG LA 257 43.90 -51.64 -47.76
C ARG LA 257 42.52 -51.54 -48.40
N ILE LA 258 42.19 -52.39 -49.37
CA ILE LA 258 40.90 -52.33 -50.04
C ILE LA 258 39.77 -52.48 -49.05
N MET MA 25 76.25 -14.52 -39.34
CA MET MA 25 76.63 -15.52 -38.36
C MET MA 25 78.15 -15.63 -38.22
N GLU MA 26 78.85 -14.50 -38.32
CA GLU MA 26 80.31 -14.52 -38.26
C GLU MA 26 80.84 -14.94 -36.90
N LYS MA 27 80.02 -14.85 -35.85
CA LYS MA 27 80.44 -15.32 -34.54
C LYS MA 27 80.73 -16.81 -34.55
N LEU MA 28 79.89 -17.59 -35.25
CA LEU MA 28 80.10 -19.03 -35.31
C LEU MA 28 81.31 -19.38 -36.18
N GLU MA 29 81.59 -18.60 -37.22
CA GLU MA 29 82.84 -18.81 -37.96
C GLU MA 29 84.06 -18.50 -37.11
N VAL MA 30 83.97 -17.46 -36.27
CA VAL MA 30 85.05 -17.17 -35.34
C VAL MA 30 85.22 -18.32 -34.36
N ALA MA 31 84.11 -18.89 -33.90
CA ALA MA 31 84.17 -20.05 -33.02
C ALA MA 31 84.83 -21.25 -33.71
N VAL MA 32 84.52 -21.47 -34.98
CA VAL MA 32 85.13 -22.56 -35.73
C VAL MA 32 86.64 -22.35 -35.87
N GLU MA 33 87.05 -21.11 -36.15
CA GLU MA 33 88.47 -20.80 -36.24
C GLU MA 33 89.16 -21.02 -34.91
N HIS MA 34 88.52 -20.59 -33.83
CA HIS MA 34 89.04 -20.89 -32.52
C HIS MA 34 89.22 -22.38 -32.29
N LEU MA 35 88.20 -23.18 -32.65
CA LEU MA 35 88.28 -24.63 -32.46
C LEU MA 35 89.46 -25.21 -33.23
N LYS MA 36 89.69 -24.74 -34.46
CA LYS MA 36 90.87 -25.16 -35.19
C LYS MA 36 92.15 -24.77 -34.45
N GLU MA 37 92.18 -23.56 -33.90
CA GLU MA 37 93.33 -23.13 -33.11
C GLU MA 37 93.54 -24.03 -31.90
N ALA MA 38 92.44 -24.43 -31.24
CA ALA MA 38 92.53 -25.32 -30.09
C ALA MA 38 93.09 -26.67 -30.47
N ILE MA 39 92.66 -27.22 -31.60
CA ILE MA 39 93.22 -28.49 -32.08
C ILE MA 39 94.71 -28.35 -32.33
N GLU MA 40 95.11 -27.26 -32.99
CA GLU MA 40 96.53 -27.05 -33.25
C GLU MA 40 97.32 -26.90 -31.95
N LEU MA 41 96.74 -26.23 -30.95
CA LEU MA 41 97.43 -26.05 -29.67
C LEU MA 41 97.59 -27.37 -28.94
N ILE MA 42 96.55 -28.20 -28.93
CA ILE MA 42 96.67 -29.53 -28.33
C ILE MA 42 97.75 -30.33 -29.04
N GLU MA 43 97.83 -30.20 -30.37
CA GLU MA 43 98.87 -30.88 -31.11
C GLU MA 43 100.25 -30.38 -30.72
N LYS MA 44 100.40 -29.08 -30.52
CA LYS MA 44 101.70 -28.51 -30.17
C LYS MA 44 102.14 -28.95 -28.78
N GLY MA 45 101.26 -28.82 -27.79
CA GLY MA 45 101.59 -29.24 -26.44
C GLY MA 45 101.22 -28.24 -25.36
N GLU MA 46 100.59 -27.13 -25.74
CA GLU MA 46 100.16 -26.12 -24.78
C GLU MA 46 98.73 -26.43 -24.34
N TYR MA 47 98.60 -27.05 -23.16
CA TYR MA 47 97.30 -27.47 -22.66
C TYR MA 47 96.59 -26.38 -21.88
N VAL MA 48 97.33 -25.49 -21.22
CA VAL MA 48 96.70 -24.36 -20.53
C VAL MA 48 96.03 -23.44 -21.53
N LYS MA 49 96.74 -23.12 -22.62
CA LYS MA 49 96.15 -22.27 -23.65
C LYS MA 49 94.96 -22.96 -24.31
N ALA MA 50 95.02 -24.28 -24.46
CA ALA MA 50 93.88 -25.01 -25.01
C ALA MA 50 92.67 -24.92 -24.08
N ASP MA 51 92.87 -25.06 -22.78
CA ASP MA 51 91.78 -24.95 -21.82
C ASP MA 51 91.18 -23.54 -21.85
N LEU MA 52 92.03 -22.52 -21.91
CA LEU MA 52 91.54 -21.15 -21.98
C LEU MA 52 90.79 -20.88 -23.29
N ILE MA 53 91.28 -21.43 -24.40
CA ILE MA 53 90.59 -21.29 -25.68
C ILE MA 53 89.22 -21.97 -25.62
N LEU MA 54 89.13 -23.12 -24.96
CA LEU MA 54 87.83 -23.78 -24.82
C LEU MA 54 86.86 -22.91 -24.04
N THR MA 55 87.35 -22.25 -22.99
CA THR MA 55 86.49 -21.32 -22.26
C THR MA 55 86.04 -20.15 -23.15
N ASP MA 56 86.95 -19.63 -23.98
CA ASP MA 56 86.58 -18.55 -24.90
C ASP MA 56 85.53 -19.02 -25.90
N ILE MA 57 85.68 -20.24 -26.43
CA ILE MA 57 84.71 -20.78 -27.38
C ILE MA 57 83.35 -20.93 -26.71
N LEU MA 58 83.34 -21.39 -25.45
CA LEU MA 58 82.08 -21.48 -24.72
C LEU MA 58 81.43 -20.11 -24.57
N ARG MA 59 82.23 -19.08 -24.28
CA ARG MA 59 81.68 -17.74 -24.17
C ARG MA 59 81.09 -17.26 -25.49
N LEU MA 60 81.79 -17.53 -26.61
CA LEU MA 60 81.27 -17.16 -27.92
C LEU MA 60 79.95 -17.86 -28.22
N LEU MA 61 79.89 -19.16 -27.99
CA LEU MA 61 78.68 -19.92 -28.29
C LEU MA 61 77.51 -19.47 -27.41
N GLU MA 62 77.78 -19.18 -26.14
CA GLU MA 62 76.73 -18.66 -25.28
C GLU MA 62 76.28 -17.27 -25.74
N GLU MA 63 77.19 -16.48 -26.29
CA GLU MA 63 76.81 -15.20 -26.88
C GLU MA 63 75.87 -15.41 -28.05
N GLU MA 64 76.14 -16.40 -28.90
CA GLU MA 64 75.24 -16.68 -30.02
C GLU MA 64 73.88 -17.18 -29.53
N GLY MA 65 73.88 -18.19 -28.66
CA GLY MA 65 72.64 -18.65 -28.06
C GLY MA 65 72.04 -19.93 -28.62
N VAL MA 66 72.85 -20.95 -28.84
CA VAL MA 66 72.38 -22.27 -29.26
C VAL MA 66 72.60 -23.23 -28.10
N LYS MA 67 71.50 -23.78 -27.56
CA LYS MA 67 71.55 -24.49 -26.29
C LYS MA 67 72.39 -25.76 -26.41
N SER MA 68 72.15 -26.56 -27.46
CA SER MA 68 72.88 -27.81 -27.62
C SER MA 68 74.38 -27.56 -27.75
N LEU MA 69 74.75 -26.57 -28.56
CA LEU MA 69 76.16 -26.20 -28.68
C LEU MA 69 76.72 -25.75 -27.34
N ILE MA 70 75.92 -25.04 -26.54
CA ILE MA 70 76.40 -24.54 -25.27
C ILE MA 70 76.71 -25.68 -24.30
N LYS MA 71 75.78 -26.62 -24.16
CA LYS MA 71 76.03 -27.74 -23.25
C LYS MA 71 77.17 -28.60 -23.76
N GLN MA 72 77.26 -28.79 -25.07
CA GLN MA 72 78.37 -29.55 -25.64
C GLN MA 72 79.70 -28.86 -25.34
N ALA MA 73 79.73 -27.52 -25.40
CA ALA MA 73 80.97 -26.81 -25.14
C ALA MA 73 81.38 -26.88 -23.68
N LYS MA 74 80.41 -26.79 -22.76
CA LYS MA 74 80.75 -26.92 -21.34
C LYS MA 74 81.29 -28.31 -21.01
N GLU MA 75 80.59 -29.35 -21.46
CA GLU MA 75 81.08 -30.70 -21.21
C GLU MA 75 82.40 -30.93 -21.91
N LEU MA 76 82.62 -30.30 -23.06
CA LEU MA 76 83.90 -30.40 -23.74
C LEU MA 76 85.02 -29.81 -22.89
N HIS MA 77 84.78 -28.63 -22.31
CA HIS MA 77 85.79 -28.03 -21.45
C HIS MA 77 86.16 -28.97 -20.31
N ILE MA 78 85.15 -29.46 -19.59
CA ILE MA 78 85.43 -30.33 -18.44
C ILE MA 78 86.18 -31.59 -18.87
N GLU MA 79 85.67 -32.29 -19.88
CA GLU MA 79 86.23 -33.57 -20.26
C GLU MA 79 87.61 -33.42 -20.90
N VAL MA 80 87.84 -32.35 -21.66
CA VAL MA 80 89.16 -32.15 -22.26
C VAL MA 80 90.17 -31.81 -21.17
N PHE MA 81 89.77 -31.04 -20.16
CA PHE MA 81 90.68 -30.79 -19.05
C PHE MA 81 91.07 -32.10 -18.37
N LYS MA 82 90.08 -32.96 -18.09
CA LYS MA 82 90.39 -34.25 -17.46
C LYS MA 82 91.30 -35.10 -18.34
N LEU MA 83 90.98 -35.20 -19.63
CA LEU MA 83 91.77 -36.05 -20.53
C LEU MA 83 93.19 -35.54 -20.69
N LEU MA 84 93.37 -34.22 -20.80
CA LEU MA 84 94.71 -33.66 -20.90
C LEU MA 84 95.49 -33.87 -19.61
N LYS MA 85 94.80 -33.86 -18.46
CA LYS MA 85 95.46 -34.27 -17.22
C LYS MA 85 95.94 -35.72 -17.31
N GLU MA 86 95.07 -36.62 -17.79
CA GLU MA 86 95.44 -38.03 -17.86
C GLU MA 86 96.48 -38.29 -18.95
N GLY MA 87 96.43 -37.54 -20.04
CA GLY MA 87 97.33 -37.75 -21.17
C GLY MA 87 96.69 -38.29 -22.43
N GLU MA 88 95.35 -38.36 -22.48
CA GLU MA 88 94.64 -38.86 -23.65
C GLU MA 88 94.47 -37.72 -24.66
N TYR MA 89 95.54 -37.45 -25.40
CA TYR MA 89 95.53 -36.36 -26.37
C TYR MA 89 94.56 -36.64 -27.51
N LYS MA 90 94.55 -37.88 -28.01
CA LYS MA 90 93.71 -38.22 -29.16
C LYS MA 90 92.24 -38.10 -28.82
N GLU MA 91 91.83 -38.52 -27.63
CA GLU MA 91 90.43 -38.41 -27.23
C GLU MA 91 89.99 -36.96 -27.14
N ALA MA 92 90.84 -36.10 -26.57
CA ALA MA 92 90.52 -34.68 -26.49
C ALA MA 92 90.43 -34.05 -27.88
N LYS MA 93 91.37 -34.39 -28.76
CA LYS MA 93 91.31 -33.90 -30.13
C LYS MA 93 90.04 -34.36 -30.83
N ALA MA 94 89.64 -35.61 -30.60
CA ALA MA 94 88.40 -36.12 -31.19
C ALA MA 94 87.20 -35.36 -30.70
N LEU MA 95 87.14 -35.05 -29.39
CA LEU MA 95 86.01 -34.31 -28.86
C LEU MA 95 85.95 -32.89 -29.44
N VAL MA 96 87.11 -32.24 -29.56
CA VAL MA 96 87.15 -30.90 -30.14
C VAL MA 96 86.71 -30.94 -31.60
N GLU MA 97 87.17 -31.95 -32.35
CA GLU MA 97 86.76 -32.08 -33.74
C GLU MA 97 85.27 -32.35 -33.87
N ALA MA 98 84.71 -33.14 -32.94
CA ALA MA 98 83.28 -33.38 -32.96
C ALA MA 98 82.50 -32.10 -32.73
N LEU MA 99 82.92 -31.27 -31.78
CA LEU MA 99 82.25 -29.99 -31.56
C LEU MA 99 82.39 -29.08 -32.77
N ARG MA 100 83.56 -29.07 -33.40
CA ARG MA 100 83.77 -28.26 -34.60
C ARG MA 100 82.82 -28.69 -35.71
N VAL MA 101 82.71 -29.99 -35.95
CA VAL MA 101 81.83 -30.50 -36.99
C VAL MA 101 80.38 -30.16 -36.67
N SER MA 102 80.00 -30.24 -35.38
CA SER MA 102 78.64 -29.90 -34.99
C SER MA 102 78.33 -28.43 -35.27
N VAL MA 103 79.27 -27.53 -34.96
CA VAL MA 103 79.04 -26.11 -35.20
C VAL MA 103 78.96 -25.81 -36.69
N GLU MA 104 79.87 -26.39 -37.48
CA GLU MA 104 79.82 -26.19 -38.93
C GLU MA 104 78.52 -26.74 -39.51
N LEU MA 105 78.05 -27.88 -39.02
CA LEU MA 105 76.81 -28.45 -39.49
C LEU MA 105 75.63 -27.55 -39.15
N TYR MA 106 75.63 -26.95 -37.96
CA TYR MA 106 74.57 -26.00 -37.64
C TYR MA 106 74.60 -24.81 -38.58
N ILE MA 107 75.80 -24.30 -38.88
CA ILE MA 107 75.91 -23.17 -39.81
C ILE MA 107 75.31 -23.55 -41.17
N LEU MA 108 75.68 -24.72 -41.67
CA LEU MA 108 75.22 -25.14 -42.99
C LEU MA 108 73.72 -25.39 -43.00
N ILE MA 109 73.17 -25.94 -41.91
CA ILE MA 109 71.73 -26.15 -41.83
C ILE MA 109 71.00 -24.81 -41.86
N LYS MA 110 71.50 -23.82 -41.12
CA LYS MA 110 70.85 -22.51 -41.12
C LYS MA 110 70.91 -21.86 -42.50
N ARG MA 111 72.07 -21.94 -43.16
CA ARG MA 111 72.20 -21.37 -44.50
C ARG MA 111 71.26 -22.08 -45.48
N GLY MA 112 71.17 -23.40 -45.40
CA GLY MA 112 70.29 -24.12 -46.31
C GLY MA 112 68.83 -23.80 -46.09
N VAL MA 113 68.40 -23.73 -44.83
CA VAL MA 113 67.00 -23.46 -44.54
C VAL MA 113 66.63 -22.04 -44.94
N ARG MA 114 67.50 -21.07 -44.64
CA ARG MA 114 67.21 -19.69 -45.00
C ARG MA 114 67.11 -19.52 -46.52
N GLU MA 115 68.09 -20.04 -47.25
CA GLU MA 115 68.13 -19.96 -48.71
C GLU MA 115 67.06 -20.81 -49.38
N GLY MA 116 66.21 -21.50 -48.62
CA GLY MA 116 65.21 -22.37 -49.23
C GLY MA 116 65.79 -23.52 -50.02
N ARG MA 117 66.95 -24.03 -49.62
CA ARG MA 117 67.57 -25.13 -50.33
C ARG MA 117 66.74 -26.40 -50.15
N PRO MA 118 66.76 -27.29 -51.14
CA PRO MA 118 66.02 -28.55 -50.99
C PRO MA 118 66.60 -29.41 -49.87
N ILE MA 119 65.72 -30.19 -49.24
CA ILE MA 119 66.13 -31.11 -48.18
C ILE MA 119 67.15 -32.11 -48.71
N GLU MA 120 67.04 -32.47 -49.99
CA GLU MA 120 67.91 -33.50 -50.57
C GLU MA 120 69.38 -33.11 -50.45
N GLU MA 121 69.74 -31.91 -50.91
CA GLU MA 121 71.14 -31.53 -50.92
C GLU MA 121 71.64 -31.23 -49.51
N ILE MA 122 70.78 -30.74 -48.63
CA ILE MA 122 71.15 -30.56 -47.23
C ILE MA 122 71.53 -31.92 -46.62
N ALA MA 123 70.71 -32.94 -46.88
CA ALA MA 123 71.00 -34.27 -46.36
C ALA MA 123 72.30 -34.82 -46.93
N ARG MA 124 72.53 -34.62 -48.23
CA ARG MA 124 73.78 -35.09 -48.82
C ARG MA 124 74.98 -34.39 -48.21
N GLU MA 125 74.87 -33.08 -47.96
CA GLU MA 125 75.97 -32.35 -47.33
C GLU MA 125 76.25 -32.84 -45.93
N VAL MA 126 75.19 -33.08 -45.15
CA VAL MA 126 75.36 -33.59 -43.79
C VAL MA 126 76.06 -34.94 -43.81
N GLY MA 127 75.63 -35.82 -44.71
CA GLY MA 127 76.29 -37.12 -44.82
C GLY MA 127 77.75 -37.01 -45.20
N ARG MA 128 78.06 -36.12 -46.16
CA ARG MA 128 79.44 -35.94 -46.57
C ARG MA 128 80.30 -35.44 -45.42
N LYS MA 129 79.78 -34.48 -44.64
CA LYS MA 129 80.53 -33.96 -43.51
C LYS MA 129 80.78 -35.05 -42.46
N LEU MA 130 79.76 -35.85 -42.17
CA LEU MA 130 79.92 -36.93 -41.19
C LEU MA 130 80.95 -37.95 -41.67
N VAL MA 131 80.93 -38.28 -42.96
CA VAL MA 131 81.88 -39.26 -43.48
C VAL MA 131 83.30 -38.70 -43.42
N GLU MA 132 83.47 -37.41 -43.71
CA GLU MA 132 84.79 -36.80 -43.63
C GLU MA 132 85.31 -36.80 -42.19
N LEU MA 133 84.44 -36.50 -41.23
CA LEU MA 133 84.83 -36.57 -39.83
C LEU MA 133 85.24 -37.99 -39.45
N ALA MA 134 84.46 -38.99 -39.89
CA ALA MA 134 84.79 -40.38 -39.57
C ALA MA 134 86.13 -40.78 -40.16
N LYS MA 135 86.40 -40.36 -41.40
CA LYS MA 135 87.69 -40.66 -42.01
C LYS MA 135 88.84 -40.01 -41.25
N ARG MA 136 88.65 -38.75 -40.83
CA ARG MA 136 89.67 -38.07 -40.04
C ARG MA 136 89.96 -38.83 -38.75
N LEU MA 137 88.90 -39.18 -38.01
CA LEU MA 137 89.08 -39.87 -36.74
C LEU MA 137 89.72 -41.24 -36.94
N GLU MA 138 89.36 -41.94 -38.02
CA GLU MA 138 90.00 -43.21 -38.31
C GLU MA 138 91.48 -43.03 -38.60
N LYS MA 139 91.84 -41.96 -39.30
CA LYS MA 139 93.25 -41.68 -39.54
C LYS MA 139 93.99 -41.38 -38.24
N GLU MA 140 93.34 -40.66 -37.31
CA GLU MA 140 93.98 -40.35 -36.04
C GLU MA 140 94.30 -41.61 -35.24
N GLY MA 141 93.38 -42.56 -35.21
CA GLY MA 141 93.61 -43.79 -34.47
C GLY MA 141 92.50 -44.13 -33.50
N ILE MA 142 91.41 -43.36 -33.54
CA ILE MA 142 90.27 -43.62 -32.68
C ILE MA 142 89.50 -44.83 -33.20
N SER MA 143 89.09 -45.72 -32.30
CA SER MA 143 88.39 -46.94 -32.68
C SER MA 143 87.00 -46.61 -33.22
N TRP MA 144 86.42 -47.58 -33.93
CA TRP MA 144 85.17 -47.33 -34.64
C TRP MA 144 83.97 -47.24 -33.70
N GLU MA 145 84.03 -47.88 -32.54
CA GLU MA 145 82.96 -47.73 -31.57
C GLU MA 145 82.87 -46.29 -31.06
N GLU MA 146 84.02 -45.69 -30.74
CA GLU MA 146 84.05 -44.29 -30.32
C GLU MA 146 83.60 -43.38 -31.46
N ILE MA 147 84.01 -43.67 -32.69
CA ILE MA 147 83.60 -42.88 -33.84
C ILE MA 147 82.09 -42.91 -33.99
N ILE MA 148 81.50 -44.11 -33.87
CA ILE MA 148 80.06 -44.24 -34.01
C ILE MA 148 79.34 -43.48 -32.90
N GLU MA 149 79.83 -43.58 -31.67
CA GLU MA 149 79.18 -42.89 -30.56
C GLU MA 149 79.24 -41.37 -30.75
N LEU MA 150 80.40 -40.85 -31.17
CA LEU MA 150 80.51 -39.43 -31.46
C LEU MA 150 79.55 -39.01 -32.57
N ILE MA 151 79.44 -39.84 -33.61
CA ILE MA 151 78.55 -39.52 -34.73
C ILE MA 151 77.10 -39.48 -34.26
N GLU MA 152 76.69 -40.42 -33.41
CA GLU MA 152 75.32 -40.40 -32.91
C GLU MA 152 75.05 -39.21 -32.00
N ARG MA 153 76.03 -38.79 -31.20
CA ARG MA 153 75.85 -37.57 -30.43
C ARG MA 153 75.66 -36.36 -31.36
N ILE MA 154 76.46 -36.28 -32.41
CA ILE MA 154 76.29 -35.20 -33.39
C ILE MA 154 74.93 -35.28 -34.05
N LEU MA 155 74.45 -36.51 -34.31
CA LEU MA 155 73.14 -36.68 -34.94
C LEU MA 155 72.02 -36.24 -34.03
N GLU MA 156 72.12 -36.50 -32.74
CA GLU MA 156 71.12 -36.01 -31.79
C GLU MA 156 71.14 -34.48 -31.74
N SER MA 157 72.33 -33.87 -31.77
CA SER MA 157 72.42 -32.42 -31.84
C SER MA 157 71.76 -31.90 -33.11
N ILE MA 158 71.99 -32.56 -34.24
CA ILE MA 158 71.37 -32.17 -35.50
C ILE MA 158 69.86 -32.27 -35.42
N ARG MA 159 69.36 -33.34 -34.79
CA ARG MA 159 67.92 -33.51 -34.63
C ARG MA 159 67.32 -32.35 -33.85
N GLU MA 160 67.97 -31.97 -32.74
CA GLU MA 160 67.48 -30.84 -31.97
C GLU MA 160 67.51 -29.54 -32.77
N ILE MA 161 68.61 -29.31 -33.51
CA ILE MA 161 68.74 -28.09 -34.31
C ILE MA 161 67.65 -28.03 -35.37
N LEU MA 162 67.41 -29.15 -36.07
CA LEU MA 162 66.38 -29.19 -37.09
C LEU MA 162 65.00 -28.98 -36.52
N LYS MA 163 64.72 -29.58 -35.37
CA LYS MA 163 63.44 -29.34 -34.71
C LYS MA 163 63.28 -27.88 -34.32
N GLU MA 164 64.39 -27.21 -33.99
CA GLU MA 164 64.31 -25.79 -33.66
C GLU MA 164 63.86 -24.96 -34.87
N GLU MA 165 64.35 -25.31 -36.07
CA GLU MA 165 64.02 -24.56 -37.28
C GLU MA 165 62.58 -24.72 -37.72
N GLY MA 166 61.76 -25.45 -36.98
CA GLY MA 166 60.37 -25.64 -37.35
C GLY MA 166 60.12 -26.66 -38.43
N LEU MA 167 61.12 -27.44 -38.80
CA LEU MA 167 60.91 -28.48 -39.81
C LEU MA 167 60.03 -29.59 -39.24
N PRO MA 168 59.17 -30.19 -40.05
CA PRO MA 168 58.37 -31.32 -39.57
C PRO MA 168 59.20 -32.59 -39.44
N GLU MA 169 58.59 -33.58 -38.79
CA GLU MA 169 59.32 -34.79 -38.44
C GLU MA 169 59.77 -35.58 -39.66
N SER MA 170 59.01 -35.54 -40.75
CA SER MA 170 59.32 -36.38 -41.90
C SER MA 170 60.67 -36.02 -42.52
N GLU MA 171 60.90 -34.73 -42.77
CA GLU MA 171 62.18 -34.33 -43.37
C GLU MA 171 63.34 -34.52 -42.40
N ILE MA 172 63.11 -34.31 -41.11
CA ILE MA 172 64.16 -34.55 -40.12
C ILE MA 172 64.58 -36.01 -40.15
N ASN MA 173 63.59 -36.91 -40.13
CA ASN MA 173 63.89 -38.33 -40.18
C ASN MA 173 64.57 -38.71 -41.48
N ARG MA 174 64.16 -38.09 -42.59
CA ARG MA 174 64.79 -38.36 -43.88
C ARG MA 174 66.27 -37.97 -43.87
N ILE MA 175 66.57 -36.78 -43.36
CA ILE MA 175 67.96 -36.32 -43.31
C ILE MA 175 68.79 -37.23 -42.42
N LEU MA 176 68.27 -37.56 -41.24
CA LEU MA 176 69.01 -38.40 -40.31
C LEU MA 176 69.26 -39.79 -40.90
N ALA MA 177 68.24 -40.37 -41.54
CA ALA MA 177 68.40 -41.69 -42.16
C ALA MA 177 69.43 -41.65 -43.28
N VAL MA 178 69.42 -40.58 -44.08
CA VAL MA 178 70.39 -40.48 -45.17
C VAL MA 178 71.81 -40.39 -44.61
N SER MA 179 72.01 -39.59 -43.55
CA SER MA 179 73.35 -39.47 -42.98
C SER MA 179 73.84 -40.80 -42.41
N ILE MA 180 72.96 -41.49 -41.67
CA ILE MA 180 73.33 -42.79 -41.11
C ILE MA 180 73.67 -43.76 -42.23
N LEU MA 181 72.88 -43.74 -43.31
CA LEU MA 181 73.13 -44.65 -44.42
C LEU MA 181 74.41 -44.31 -45.15
N GLU MA 182 74.80 -43.03 -45.18
CA GLU MA 182 76.08 -42.68 -45.80
C GLU MA 182 77.25 -43.19 -44.97
N VAL MA 183 77.16 -43.09 -43.65
CA VAL MA 183 78.20 -43.68 -42.79
C VAL MA 183 78.26 -45.19 -43.00
N ALA MA 184 77.09 -45.84 -43.05
CA ALA MA 184 77.05 -47.29 -43.28
C ALA MA 184 77.62 -47.64 -44.65
N LYS MA 185 77.39 -46.80 -45.65
CA LYS MA 185 77.96 -47.03 -46.98
C LYS MA 185 79.47 -46.95 -46.95
N TYR MA 186 80.02 -45.99 -46.22
CA TYR MA 186 81.48 -45.93 -46.07
C TYR MA 186 82.00 -47.19 -45.40
N LEU MA 187 81.31 -47.67 -44.36
CA LEU MA 187 81.72 -48.91 -43.71
C LEU MA 187 81.68 -50.10 -44.68
N LEU MA 188 80.62 -50.19 -45.48
CA LEU MA 188 80.51 -51.27 -46.46
C LEU MA 188 81.62 -51.21 -47.49
N GLU MA 189 81.96 -50.01 -47.96
CA GLU MA 189 83.07 -49.87 -48.89
C GLU MA 189 84.38 -50.32 -48.25
N LYS MA 190 84.59 -49.98 -46.98
CA LYS MA 190 85.77 -50.48 -46.28
C LYS MA 190 85.78 -52.00 -46.22
N LEU MA 191 84.64 -52.61 -45.91
CA LEU MA 191 84.56 -54.07 -45.84
C LEU MA 191 84.79 -54.72 -47.20
N GLY MA 192 84.23 -54.13 -48.26
CA GLY MA 192 84.41 -54.66 -49.60
C GLY MA 192 83.22 -55.41 -50.15
N PHE MA 193 82.02 -54.94 -49.83
CA PHE MA 193 80.76 -55.53 -50.30
C PHE MA 193 80.12 -54.54 -51.27
N ASP MA 194 80.48 -54.67 -52.55
CA ASP MA 194 80.08 -53.68 -53.55
C ASP MA 194 78.59 -53.74 -53.84
N TYR MA 195 78.02 -54.94 -53.94
CA TYR MA 195 76.60 -55.05 -54.26
C TYR MA 195 75.72 -54.44 -53.18
N LEU MA 196 76.05 -54.68 -51.92
CA LEU MA 196 75.33 -54.03 -50.83
C LEU MA 196 75.50 -52.52 -50.89
N VAL MA 197 76.66 -52.05 -51.33
CA VAL MA 197 76.86 -50.61 -51.53
C VAL MA 197 75.86 -50.08 -52.55
N GLU MA 198 75.75 -50.76 -53.71
CA GLU MA 198 74.85 -50.31 -54.76
C GLU MA 198 73.40 -50.29 -54.29
N LEU MA 199 72.98 -51.35 -53.60
CA LEU MA 199 71.65 -51.36 -53.01
C LEU MA 199 71.47 -50.20 -52.03
N LEU MA 200 72.54 -49.83 -51.33
CA LEU MA 200 72.45 -48.71 -50.40
C LEU MA 200 72.27 -47.38 -51.12
N ASP MA 201 72.96 -47.17 -52.25
CA ASP MA 201 72.70 -45.96 -53.01
C ASP MA 201 71.26 -45.95 -53.52
N ARG MA 202 70.76 -47.10 -53.97
CA ARG MA 202 69.37 -47.16 -54.42
C ARG MA 202 68.41 -46.76 -53.31
N ALA MA 203 68.62 -47.30 -52.11
CA ALA MA 203 67.76 -46.96 -50.99
C ALA MA 203 67.88 -45.50 -50.59
N ILE MA 204 69.09 -44.95 -50.65
CA ILE MA 204 69.29 -43.53 -50.31
C ILE MA 204 68.58 -42.64 -51.30
N GLU MA 205 68.67 -42.97 -52.59
CA GLU MA 205 67.95 -42.21 -53.61
C GLU MA 205 66.44 -42.29 -53.40
N TYR MA 206 65.93 -43.47 -53.06
CA TYR MA 206 64.50 -43.59 -52.82
C TYR MA 206 64.07 -42.79 -51.60
N ILE MA 207 64.87 -42.78 -50.55
CA ILE MA 207 64.55 -41.96 -49.38
C ILE MA 207 64.56 -40.48 -49.74
N LEU MA 208 65.56 -40.05 -50.52
CA LEU MA 208 65.69 -38.64 -50.86
C LEU MA 208 64.56 -38.16 -51.75
N LYS MA 209 64.12 -39.01 -52.70
CA LYS MA 209 63.04 -38.64 -53.60
C LYS MA 209 61.67 -38.68 -52.93
N GLY MA 210 61.56 -39.19 -51.71
CA GLY MA 210 60.32 -39.21 -50.99
C GLY MA 210 59.62 -40.55 -50.95
N ARG MA 211 60.08 -41.53 -51.73
CA ARG MA 211 59.45 -42.84 -51.80
C ARG MA 211 59.92 -43.66 -50.60
N SER MA 212 59.09 -43.69 -49.55
CA SER MA 212 59.49 -44.24 -48.26
C SER MA 212 59.28 -45.74 -48.15
N GLU MA 213 58.13 -46.25 -48.59
CA GLU MA 213 57.83 -47.67 -48.43
C GLU MA 213 58.75 -48.54 -49.26
N LEU MA 214 59.05 -48.12 -50.48
CA LEU MA 214 60.02 -48.84 -51.30
C LEU MA 214 61.38 -48.87 -50.62
N ALA MA 215 61.78 -47.75 -50.02
CA ALA MA 215 63.05 -47.69 -49.31
C ALA MA 215 63.05 -48.63 -48.11
N VAL MA 216 61.92 -48.70 -47.40
CA VAL MA 216 61.84 -49.60 -46.24
C VAL MA 216 61.97 -51.05 -46.67
N HIS MA 217 61.31 -51.43 -47.77
CA HIS MA 217 61.44 -52.79 -48.27
C HIS MA 217 62.86 -53.10 -48.72
N LEU MA 218 63.50 -52.13 -49.40
CA LEU MA 218 64.89 -52.29 -49.81
C LEU MA 218 65.79 -52.45 -48.59
N LEU MA 219 65.54 -51.68 -47.54
CA LEU MA 219 66.34 -51.78 -46.33
C LEU MA 219 66.14 -53.12 -45.64
N ASP MA 220 64.92 -53.66 -45.68
CA ASP MA 220 64.68 -54.99 -45.15
C ASP MA 220 65.50 -56.03 -45.90
N ASP MA 221 65.52 -55.94 -47.23
CA ASP MA 221 66.31 -56.89 -48.01
C ASP MA 221 67.80 -56.74 -47.72
N ILE MA 222 68.26 -55.50 -47.56
CA ILE MA 222 69.66 -55.24 -47.22
C ILE MA 222 70.00 -55.82 -45.87
N ILE MA 223 69.10 -55.68 -44.89
CA ILE MA 223 69.32 -56.22 -43.56
C ILE MA 223 69.42 -57.74 -43.61
N ARG MA 224 68.54 -58.38 -44.39
CA ARG MA 224 68.63 -59.83 -44.54
C ARG MA 224 69.97 -60.24 -45.15
N ARG MA 225 70.42 -59.52 -46.17
CA ARG MA 225 71.70 -59.85 -46.79
C ARG MA 225 72.86 -59.66 -45.80
N VAL MA 226 72.81 -58.60 -45.00
CA VAL MA 226 73.86 -58.35 -44.02
C VAL MA 226 73.89 -59.45 -42.97
N HIS MA 227 72.72 -59.88 -42.50
CA HIS MA 227 72.66 -60.98 -41.54
C HIS MA 227 73.19 -62.26 -42.14
N GLU MA 228 72.90 -62.51 -43.42
CA GLU MA 228 73.47 -63.68 -44.09
C GLU MA 228 74.99 -63.60 -44.13
N GLU MA 229 75.55 -62.42 -44.43
CA GLU MA 229 76.99 -62.27 -44.45
C GLU MA 229 77.60 -62.51 -43.07
N ILE MA 230 76.95 -61.97 -42.02
CA ILE MA 230 77.44 -62.17 -40.66
C ILE MA 230 77.43 -63.64 -40.30
N GLU MA 231 76.34 -64.35 -40.62
CA GLU MA 231 76.26 -65.77 -40.35
C GLU MA 231 77.32 -66.55 -41.13
N ARG MA 232 77.63 -66.11 -42.35
CA ARG MA 232 78.69 -66.77 -43.10
C ARG MA 232 80.05 -66.58 -42.43
N TYR MA 233 80.29 -65.40 -41.84
CA TYR MA 233 81.59 -65.15 -41.23
C TYR MA 233 81.82 -66.06 -40.03
N GLY MA 234 80.82 -66.29 -39.21
CA GLY MA 234 80.93 -67.24 -38.11
C GLY MA 234 81.40 -66.57 -36.82
N ASP MA 235 82.56 -67.02 -36.32
CA ASP MA 235 83.10 -66.50 -35.07
C ASP MA 235 84.14 -65.41 -35.29
N ASP MA 236 84.56 -65.16 -36.54
CA ASP MA 236 85.58 -64.17 -36.83
C ASP MA 236 84.98 -62.90 -37.45
N VAL MA 237 83.80 -62.51 -37.00
CA VAL MA 237 83.10 -61.36 -37.57
C VAL MA 237 83.83 -60.08 -37.20
N PRO MA 238 84.25 -59.27 -38.18
CA PRO MA 238 84.82 -57.96 -37.86
C PRO MA 238 83.78 -57.03 -37.25
N GLU MA 239 84.25 -56.11 -36.42
CA GLU MA 239 83.37 -55.19 -35.73
C GLU MA 239 82.66 -54.23 -36.68
N GLU MA 240 83.27 -53.95 -37.84
CA GLU MA 240 82.65 -53.07 -38.81
C GLU MA 240 81.32 -53.64 -39.30
N LEU MA 241 81.26 -54.96 -39.46
CA LEU MA 241 80.01 -55.59 -39.91
C LEU MA 241 78.91 -55.42 -38.88
N LEU MA 242 79.23 -55.57 -37.59
CA LEU MA 242 78.21 -55.41 -36.55
C LEU MA 242 77.76 -53.96 -36.44
N LEU MA 243 78.71 -53.02 -36.53
CA LEU MA 243 78.34 -51.62 -36.49
C LEU MA 243 77.48 -51.25 -37.70
N LEU MA 244 77.81 -51.79 -38.88
CA LEU MA 244 77.00 -51.58 -40.06
C LEU MA 244 75.60 -52.14 -39.88
N ASP MA 245 75.49 -53.34 -39.29
CA ASP MA 245 74.18 -53.92 -38.99
C ASP MA 245 73.35 -52.98 -38.13
N LEU MA 246 73.94 -52.48 -37.04
CA LEU MA 246 73.21 -51.59 -36.16
C LEU MA 246 72.79 -50.30 -36.88
N LEU MA 247 73.70 -49.75 -37.69
CA LEU MA 247 73.41 -48.51 -38.39
C LEU MA 247 72.27 -48.68 -39.38
N VAL MA 248 72.31 -49.76 -40.16
CA VAL MA 248 71.25 -50.01 -41.13
C VAL MA 248 69.92 -50.26 -40.44
N GLN MA 249 69.95 -50.96 -39.31
CA GLN MA 249 68.70 -51.18 -38.57
C GLN MA 249 68.10 -49.88 -38.06
N LYS MA 250 68.92 -49.00 -37.49
CA LYS MA 250 68.37 -47.74 -37.00
C LYS MA 250 67.93 -46.82 -38.15
N ALA MA 251 68.63 -46.89 -39.29
CA ALA MA 251 68.20 -46.12 -40.45
C ALA MA 251 66.86 -46.63 -40.98
N ARG MA 252 66.66 -47.95 -40.97
CA ARG MA 252 65.37 -48.51 -41.38
C ARG MA 252 64.27 -48.09 -40.43
N ASP MA 253 64.56 -48.07 -39.12
CA ASP MA 253 63.57 -47.58 -38.17
C ASP MA 253 63.19 -46.13 -38.44
N LEU MA 254 64.19 -45.28 -38.70
CA LEU MA 254 63.90 -43.87 -39.02
C LEU MA 254 63.09 -43.76 -40.31
N ALA MA 255 63.44 -44.54 -41.33
CA ALA MA 255 62.71 -44.48 -42.60
C ALA MA 255 61.27 -44.93 -42.41
N ALA MA 256 61.04 -45.93 -41.57
CA ALA MA 256 59.67 -46.32 -41.25
C ALA MA 256 58.93 -45.19 -40.54
N ARG MA 257 59.60 -44.51 -39.61
CA ARG MA 257 58.96 -43.42 -38.88
C ARG MA 257 58.71 -42.18 -39.73
N ILE MA 258 59.24 -42.12 -40.95
CA ILE MA 258 59.08 -40.96 -41.81
C ILE MA 258 57.60 -40.67 -42.05
N MET NA 25 73.95 -45.03 8.75
CA MET NA 25 73.26 -46.30 8.57
C MET NA 25 74.00 -47.45 9.27
N GLU NA 26 74.58 -47.16 10.43
CA GLU NA 26 75.35 -48.17 11.14
C GLU NA 26 74.49 -49.32 11.64
N LYS NA 27 73.18 -49.13 11.77
CA LYS NA 27 72.30 -50.21 12.16
C LYS NA 27 72.33 -51.35 11.14
N LEU NA 28 72.36 -50.99 9.85
CA LEU NA 28 72.39 -52.02 8.82
C LEU NA 28 73.74 -52.72 8.75
N GLU NA 29 74.83 -52.02 9.05
CA GLU NA 29 76.13 -52.69 9.17
C GLU NA 29 76.14 -53.64 10.36
N VAL NA 30 75.51 -53.26 11.47
CA VAL NA 30 75.39 -54.16 12.61
C VAL NA 30 74.57 -55.39 12.21
N ALA NA 31 73.50 -55.19 11.44
CA ALA NA 31 72.71 -56.30 10.93
C ALA NA 31 73.54 -57.23 10.04
N VAL NA 32 74.38 -56.66 9.19
CA VAL NA 32 75.23 -57.47 8.32
C VAL NA 32 76.22 -58.29 9.16
N GLU NA 33 76.80 -57.67 10.18
CA GLU NA 33 77.72 -58.40 11.07
C GLU NA 33 76.98 -59.52 11.80
N HIS NA 34 75.78 -59.24 12.27
CA HIS NA 34 74.98 -60.28 12.84
C HIS NA 34 74.73 -61.43 11.88
N LEU NA 35 74.38 -61.12 10.62
CA LEU NA 35 74.13 -62.16 9.63
C LEU NA 35 75.38 -63.02 9.41
N LYS NA 36 76.56 -62.39 9.37
CA LYS NA 36 77.79 -63.17 9.30
C LYS NA 36 77.93 -64.07 10.53
N GLU NA 37 77.61 -63.55 11.71
CA GLU NA 37 77.67 -64.36 12.92
C GLU NA 37 76.69 -65.53 12.84
N ALA NA 38 75.51 -65.29 12.28
CA ALA NA 38 74.53 -66.37 12.14
C ALA NA 38 75.03 -67.46 11.19
N ILE NA 39 75.66 -67.07 10.08
CA ILE NA 39 76.23 -68.06 9.17
C ILE NA 39 77.30 -68.88 9.90
N GLU NA 40 78.17 -68.21 10.65
CA GLU NA 40 79.21 -68.92 11.38
C GLU NA 40 78.61 -69.86 12.43
N LEU NA 41 77.53 -69.43 13.08
CA LEU NA 41 76.88 -70.28 14.09
C LEU NA 41 76.24 -71.52 13.46
N ILE NA 42 75.56 -71.34 12.32
CA ILE NA 42 75.01 -72.49 11.61
C ILE NA 42 76.13 -73.44 11.21
N GLU NA 43 77.27 -72.89 10.79
CA GLU NA 43 78.42 -73.74 10.44
C GLU NA 43 78.92 -74.51 11.66
N LYS NA 44 78.96 -73.86 12.82
CA LYS NA 44 79.46 -74.51 14.02
C LYS NA 44 78.53 -75.62 14.49
N GLY NA 45 77.24 -75.34 14.57
CA GLY NA 45 76.28 -76.34 14.99
C GLY NA 45 75.29 -75.89 16.03
N GLU NA 46 75.34 -74.62 16.42
CA GLU NA 46 74.41 -74.06 17.39
C GLU NA 46 73.21 -73.47 16.66
N TYR NA 47 72.12 -74.23 16.62
CA TYR NA 47 70.93 -73.82 15.89
C TYR NA 47 69.99 -72.96 16.72
N VAL NA 48 69.96 -73.15 18.03
CA VAL NA 48 69.14 -72.28 18.88
C VAL NA 48 69.67 -70.87 18.85
N LYS NA 49 71.00 -70.71 18.98
CA LYS NA 49 71.59 -69.39 18.92
C LYS NA 49 71.40 -68.76 17.55
N ALA NA 50 71.42 -69.58 16.49
CA ALA NA 50 71.16 -69.06 15.15
C ALA NA 50 69.72 -68.55 15.03
N ASP NA 51 68.76 -69.29 15.57
CA ASP NA 51 67.36 -68.85 15.54
C ASP NA 51 67.18 -67.54 16.30
N LEU NA 52 67.81 -67.45 17.48
CA LEU NA 52 67.73 -66.23 18.28
C LEU NA 52 68.40 -65.05 17.57
N ILE NA 53 69.54 -65.29 16.92
CA ILE NA 53 70.20 -64.24 16.15
C ILE NA 53 69.32 -63.77 15.01
N LEU NA 54 68.62 -64.69 14.35
CA LEU NA 54 67.71 -64.29 13.28
C LEU NA 54 66.60 -63.40 13.82
N THR NA 55 66.08 -63.72 15.00
CA THR NA 55 65.09 -62.83 15.62
C THR NA 55 65.67 -61.46 15.92
N ASP NA 56 66.91 -61.41 16.41
CA ASP NA 56 67.57 -60.13 16.67
C ASP NA 56 67.75 -59.32 15.38
N ILE NA 57 68.14 -59.98 14.30
CA ILE NA 57 68.32 -59.31 13.02
C ILE NA 57 66.99 -58.76 12.53
N LEU NA 58 65.91 -59.53 12.70
CA LEU NA 58 64.60 -59.02 12.33
C LEU NA 58 64.24 -57.78 13.14
N ARG NA 59 64.55 -57.79 14.43
CA ARG NA 59 64.27 -56.61 15.26
C ARG NA 59 65.07 -55.40 14.77
N LEU NA 60 66.35 -55.60 14.44
CA LEU NA 60 67.17 -54.51 13.93
C LEU NA 60 66.60 -53.94 12.63
N LEU NA 61 66.25 -54.82 11.70
CA LEU NA 61 65.74 -54.36 10.40
C LEU NA 61 64.42 -53.63 10.56
N GLU NA 62 63.54 -54.13 11.45
CA GLU NA 62 62.30 -53.43 11.72
C GLU NA 62 62.55 -52.08 12.36
N GLU NA 63 63.60 -51.98 13.18
CA GLU NA 63 63.99 -50.68 13.74
C GLU NA 63 64.40 -49.72 12.63
N GLU NA 64 65.14 -50.20 11.64
CA GLU NA 64 65.53 -49.34 10.52
C GLU NA 64 64.32 -48.94 9.69
N GLY NA 65 63.50 -49.91 9.27
CA GLY NA 65 62.26 -49.60 8.59
C GLY NA 65 62.25 -49.78 7.08
N VAL NA 66 62.80 -50.89 6.59
CA VAL NA 66 62.74 -51.23 5.17
C VAL NA 66 61.83 -52.44 5.02
N LYS NA 67 60.73 -52.26 4.29
CA LYS NA 67 59.64 -53.24 4.31
C LYS NA 67 60.08 -54.56 3.68
N SER NA 68 60.73 -54.49 2.51
CA SER NA 68 61.15 -55.71 1.83
C SER NA 68 62.14 -56.50 2.68
N LEU NA 69 63.10 -55.81 3.30
CA LEU NA 69 64.03 -56.48 4.20
C LEU NA 69 63.30 -57.10 5.37
N ILE NA 70 62.26 -56.42 5.87
CA ILE NA 70 61.54 -56.93 7.04
C ILE NA 70 60.81 -58.23 6.71
N LYS NA 71 60.07 -58.25 5.59
CA LYS NA 71 59.35 -59.47 5.23
C LYS NA 71 60.33 -60.59 4.91
N GLN NA 72 61.45 -60.26 4.24
CA GLN NA 72 62.47 -61.26 3.96
C GLN NA 72 63.05 -61.84 5.25
N ALA NA 73 63.24 -60.99 6.27
CA ALA NA 73 63.80 -61.47 7.52
C ALA NA 73 62.82 -62.37 8.28
N LYS NA 74 61.54 -62.02 8.27
CA LYS NA 74 60.55 -62.86 8.93
C LYS NA 74 60.45 -64.24 8.26
N GLU NA 75 60.32 -64.24 6.93
CA GLU NA 75 60.26 -65.52 6.23
C GLU NA 75 61.56 -66.29 6.39
N LEU NA 76 62.69 -65.59 6.50
CA LEU NA 76 63.96 -66.25 6.75
C LEU NA 76 63.95 -66.96 8.10
N HIS NA 77 63.45 -66.29 9.13
CA HIS NA 77 63.37 -66.92 10.45
C HIS NA 77 62.56 -68.20 10.39
N ILE NA 78 61.35 -68.12 9.82
CA ILE NA 78 60.49 -69.29 9.78
C ILE NA 78 61.13 -70.43 8.98
N GLU NA 79 61.62 -70.12 7.77
CA GLU NA 79 62.12 -71.17 6.90
C GLU NA 79 63.43 -71.75 7.40
N VAL NA 80 64.29 -70.93 8.01
CA VAL NA 80 65.54 -71.47 8.55
C VAL NA 80 65.26 -72.36 9.75
N PHE NA 81 64.28 -71.98 10.59
CA PHE NA 81 63.91 -72.87 11.67
C PHE NA 81 63.45 -74.23 11.14
N LYS NA 82 62.58 -74.22 10.12
CA LYS NA 82 62.10 -75.47 9.54
C LYS NA 82 63.25 -76.29 8.95
N LEU NA 83 64.13 -75.63 8.18
CA LEU NA 83 65.23 -76.35 7.53
C LEU NA 83 66.21 -76.92 8.54
N LEU NA 84 66.53 -76.16 9.58
CA LEU NA 84 67.43 -76.68 10.62
C LEU NA 84 66.78 -77.83 11.38
N LYS NA 85 65.46 -77.81 11.53
CA LYS NA 85 64.78 -78.99 12.05
C LYS NA 85 64.97 -80.19 11.13
N GLU NA 86 64.79 -79.99 9.83
CA GLU NA 86 64.93 -81.10 8.89
C GLU NA 86 66.38 -81.54 8.73
N GLY NA 87 67.33 -80.61 8.81
CA GLY NA 87 68.73 -80.90 8.61
C GLY NA 87 69.34 -80.32 7.35
N GLU NA 88 68.63 -79.45 6.65
CA GLU NA 88 69.14 -78.83 5.42
C GLU NA 88 69.97 -77.61 5.79
N TYR NA 89 71.21 -77.88 6.21
CA TYR NA 89 72.10 -76.80 6.63
C TYR NA 89 72.46 -75.88 5.47
N LYS NA 90 72.75 -76.45 4.30
CA LYS NA 90 73.18 -75.66 3.16
C LYS NA 90 72.09 -74.72 2.67
N GLU NA 91 70.84 -75.19 2.67
CA GLU NA 91 69.74 -74.33 2.24
C GLU NA 91 69.55 -73.15 3.19
N ALA NA 92 69.66 -73.40 4.50
CA ALA NA 92 69.54 -72.32 5.47
C ALA NA 92 70.68 -71.32 5.33
N LYS NA 93 71.90 -71.83 5.14
CA LYS NA 93 73.04 -70.95 4.92
C LYS NA 93 72.85 -70.12 3.66
N ALA NA 94 72.31 -70.72 2.60
CA ALA NA 94 72.06 -69.98 1.37
C ALA NA 94 71.03 -68.88 1.58
N LEU NA 95 69.97 -69.16 2.34
CA LEU NA 95 68.97 -68.13 2.60
C LEU NA 95 69.54 -66.99 3.42
N VAL NA 96 70.36 -67.30 4.42
CA VAL NA 96 70.98 -66.25 5.23
C VAL NA 96 71.93 -65.42 4.37
N GLU NA 97 72.70 -66.08 3.50
CA GLU NA 97 73.61 -65.34 2.62
C GLU NA 97 72.84 -64.47 1.65
N ALA NA 98 71.70 -64.94 1.16
CA ALA NA 98 70.87 -64.12 0.28
C ALA NA 98 70.37 -62.87 0.98
N LEU NA 99 69.91 -63.02 2.23
CA LEU NA 99 69.48 -61.84 2.98
C LEU NA 99 70.63 -60.89 3.24
N ARG NA 100 71.81 -61.43 3.54
CA ARG NA 100 72.98 -60.59 3.76
C ARG NA 100 73.32 -59.79 2.52
N VAL NA 101 73.33 -60.44 1.36
CA VAL NA 101 73.62 -59.77 0.10
C VAL NA 101 72.58 -58.71 -0.19
N SER NA 102 71.31 -59.00 0.11
CA SER NA 102 70.25 -58.02 -0.12
C SER NA 102 70.45 -56.77 0.74
N VAL NA 103 70.80 -56.96 2.01
CA VAL NA 103 71.01 -55.83 2.90
C VAL NA 103 72.22 -55.00 2.46
N GLU NA 104 73.32 -55.67 2.13
CA GLU NA 104 74.50 -54.95 1.64
C GLU NA 104 74.20 -54.19 0.35
N LEU NA 105 73.42 -54.79 -0.54
CA LEU NA 105 73.04 -54.12 -1.77
C LEU NA 105 72.18 -52.90 -1.51
N TYR NA 106 71.27 -52.98 -0.54
CA TYR NA 106 70.49 -51.80 -0.18
C TYR NA 106 71.40 -50.69 0.35
N ILE NA 107 72.37 -51.07 1.18
CA ILE NA 107 73.30 -50.08 1.72
C ILE NA 107 74.04 -49.38 0.58
N LEU NA 108 74.55 -50.18 -0.36
CA LEU NA 108 75.33 -49.61 -1.46
C LEU NA 108 74.46 -48.76 -2.38
N ILE NA 109 73.21 -49.16 -2.60
CA ILE NA 109 72.31 -48.36 -3.42
C ILE NA 109 72.06 -47.01 -2.76
N LYS NA 110 71.83 -47.02 -1.44
CA LYS NA 110 71.58 -45.75 -0.74
C LYS NA 110 72.82 -44.85 -0.80
N ARG NA 111 74.00 -45.42 -0.58
CA ARG NA 111 75.22 -44.62 -0.66
C ARG NA 111 75.44 -44.06 -2.05
N GLY NA 112 75.18 -44.87 -3.09
CA GLY NA 112 75.36 -44.38 -4.44
C GLY NA 112 74.39 -43.28 -4.80
N VAL NA 113 73.12 -43.44 -4.42
CA VAL NA 113 72.12 -42.43 -4.76
C VAL NA 113 72.38 -41.13 -4.02
N ARG NA 114 72.71 -41.22 -2.73
CA ARG NA 114 72.97 -40.01 -1.95
C ARG NA 114 74.17 -39.25 -2.51
N GLU NA 115 75.29 -39.95 -2.75
CA GLU NA 115 76.51 -39.37 -3.29
C GLU NA 115 76.37 -38.92 -4.74
N GLY NA 116 75.21 -39.08 -5.36
CA GLY NA 116 75.05 -38.72 -6.76
C GLY NA 116 75.92 -39.53 -7.70
N ARG NA 117 76.20 -40.79 -7.36
CA ARG NA 117 77.03 -41.61 -8.21
C ARG NA 117 76.28 -41.92 -9.52
N PRO NA 118 77.01 -42.13 -10.61
CA PRO NA 118 76.36 -42.48 -11.87
C PRO NA 118 75.68 -43.84 -11.79
N ILE NA 119 74.59 -43.99 -12.54
CA ILE NA 119 73.87 -45.26 -12.60
C ILE NA 119 74.78 -46.37 -13.11
N GLU NA 120 75.74 -46.03 -13.98
CA GLU NA 120 76.61 -47.02 -14.59
C GLU NA 120 77.38 -47.83 -13.54
N GLU NA 121 78.07 -47.12 -12.65
CA GLU NA 121 78.90 -47.82 -11.67
C GLU NA 121 78.06 -48.52 -10.60
N ILE NA 122 76.89 -47.97 -10.28
CA ILE NA 122 75.97 -48.67 -9.38
C ILE NA 122 75.57 -50.00 -9.98
N ALA NA 123 75.21 -49.99 -11.27
CA ALA NA 123 74.82 -51.23 -11.94
C ALA NA 123 75.97 -52.23 -11.98
N ARG NA 124 77.18 -51.76 -12.26
CA ARG NA 124 78.34 -52.65 -12.27
C ARG NA 124 78.58 -53.26 -10.90
N GLU NA 125 78.44 -52.46 -9.84
CA GLU NA 125 78.62 -52.97 -8.49
C GLU NA 125 77.57 -54.02 -8.15
N VAL NA 126 76.31 -53.77 -8.50
CA VAL NA 126 75.26 -54.73 -8.24
C VAL NA 126 75.53 -56.04 -8.95
N GLY NA 127 75.94 -55.96 -10.22
CA GLY NA 127 76.28 -57.18 -10.96
C GLY NA 127 77.42 -57.93 -10.33
N ARG NA 128 78.47 -57.21 -9.90
CA ARG NA 128 79.61 -57.87 -9.27
C ARG NA 128 79.20 -58.58 -7.98
N LYS NA 129 78.36 -57.93 -7.17
CA LYS NA 129 77.90 -58.55 -5.92
C LYS NA 129 77.08 -59.80 -6.21
N LEU NA 130 76.19 -59.74 -7.20
CA LEU NA 130 75.38 -60.91 -7.53
C LEU NA 130 76.25 -62.06 -8.03
N VAL NA 131 77.26 -61.75 -8.84
CA VAL NA 131 78.14 -62.80 -9.35
C VAL NA 131 78.94 -63.42 -8.21
N GLU NA 132 79.40 -62.61 -7.26
CA GLU NA 132 80.14 -63.15 -6.13
C GLU NA 132 79.25 -64.06 -5.28
N LEU NA 133 78.00 -63.66 -5.06
CA LEU NA 133 77.07 -64.52 -4.33
C LEU NA 133 76.85 -65.83 -5.06
N ALA NA 134 76.68 -65.77 -6.40
CA ALA NA 134 76.46 -66.98 -7.18
C ALA NA 134 77.67 -67.91 -7.09
N LYS NA 135 78.87 -67.35 -7.16
CA LYS NA 135 80.08 -68.16 -7.03
C LYS NA 135 80.17 -68.81 -5.65
N ARG NA 136 79.83 -68.06 -4.60
CA ARG NA 136 79.83 -68.63 -3.26
C ARG NA 136 78.86 -69.80 -3.16
N LEU NA 137 77.62 -69.60 -3.62
CA LEU NA 137 76.61 -70.65 -3.54
C LEU NA 137 77.01 -71.86 -4.36
N GLU NA 138 77.63 -71.64 -5.52
CA GLU NA 138 78.11 -72.76 -6.33
C GLU NA 138 79.20 -73.52 -5.61
N LYS NA 139 80.08 -72.82 -4.90
CA LYS NA 139 81.10 -73.49 -4.10
C LYS NA 139 80.47 -74.31 -2.98
N GLU NA 140 79.41 -73.78 -2.35
CA GLU NA 140 78.76 -74.51 -1.25
C GLU NA 140 78.18 -75.83 -1.74
N GLY NA 141 77.54 -75.82 -2.90
CA GLY NA 141 76.95 -77.04 -3.43
C GLY NA 141 75.49 -76.88 -3.81
N ILE NA 142 74.99 -75.66 -3.76
CA ILE NA 142 73.60 -75.40 -4.15
C ILE NA 142 73.48 -75.44 -5.67
N SER NA 143 72.43 -76.08 -6.16
CA SER NA 143 72.23 -76.21 -7.60
C SER NA 143 71.91 -74.86 -8.24
N TRP NA 144 72.07 -74.82 -9.56
CA TRP NA 144 71.98 -73.54 -10.27
C TRP NA 144 70.53 -73.04 -10.37
N GLU NA 145 69.56 -73.94 -10.35
CA GLU NA 145 68.16 -73.50 -10.33
C GLU NA 145 67.84 -72.73 -9.06
N GLU NA 146 68.29 -73.25 -7.91
CA GLU NA 146 68.09 -72.55 -6.65
C GLU NA 146 68.85 -71.23 -6.64
N ILE NA 147 70.07 -71.22 -7.19
CA ILE NA 147 70.86 -69.99 -7.25
C ILE NA 147 70.13 -68.94 -8.07
N ILE NA 148 69.58 -69.34 -9.22
CA ILE NA 148 68.86 -68.40 -10.07
C ILE NA 148 67.62 -67.87 -9.36
N GLU NA 149 66.88 -68.75 -8.69
CA GLU NA 149 65.67 -68.30 -7.99
C GLU NA 149 66.01 -67.32 -6.87
N LEU NA 150 67.06 -67.60 -6.10
CA LEU NA 150 67.50 -66.67 -5.07
C LEU NA 150 67.90 -65.33 -5.68
N ILE NA 151 68.61 -65.36 -6.81
CA ILE NA 151 69.05 -64.14 -7.46
C ILE NA 151 67.86 -63.32 -7.93
N GLU NA 152 66.83 -63.98 -8.49
CA GLU NA 152 65.65 -63.22 -8.92
C GLU NA 152 64.87 -62.65 -7.75
N ARG NA 153 64.81 -63.35 -6.62
CA ARG NA 153 64.20 -62.75 -5.44
C ARG NA 153 64.96 -61.51 -5.00
N ILE NA 154 66.29 -61.58 -4.99
CA ILE NA 154 67.10 -60.42 -4.66
C ILE NA 154 66.86 -59.29 -5.65
N LEU NA 155 66.68 -59.65 -6.93
CA LEU NA 155 66.45 -58.63 -7.96
C LEU NA 155 65.11 -57.94 -7.78
N GLU NA 156 64.08 -58.69 -7.38
CA GLU NA 156 62.79 -58.06 -7.08
C GLU NA 156 62.90 -57.13 -5.88
N SER NA 157 63.66 -57.55 -4.86
CA SER NA 157 63.91 -56.67 -3.72
C SER NA 157 64.63 -55.40 -4.16
N ILE NA 158 65.62 -55.53 -5.05
CA ILE NA 158 66.35 -54.38 -5.57
C ILE NA 158 65.41 -53.46 -6.33
N ARG NA 159 64.51 -54.04 -7.13
CA ARG NA 159 63.56 -53.23 -7.89
C ARG NA 159 62.68 -52.42 -6.95
N GLU NA 160 62.18 -53.04 -5.88
CA GLU NA 160 61.37 -52.29 -4.91
C GLU NA 160 62.19 -51.19 -4.24
N ILE NA 161 63.43 -51.49 -3.86
CA ILE NA 161 64.27 -50.50 -3.19
C ILE NA 161 64.52 -49.32 -4.11
N LEU NA 162 64.85 -49.60 -5.38
CA LEU NA 162 65.12 -48.53 -6.34
C LEU NA 162 63.88 -47.69 -6.59
N LYS NA 163 62.72 -48.33 -6.71
CA LYS NA 163 61.48 -47.57 -6.86
C LYS NA 163 61.21 -46.70 -5.65
N GLU NA 164 61.63 -47.14 -4.46
CA GLU NA 164 61.46 -46.32 -3.26
C GLU NA 164 62.28 -45.05 -3.35
N GLU NA 165 63.50 -45.12 -3.89
CA GLU NA 165 64.38 -43.96 -3.98
C GLU NA 165 63.91 -42.91 -4.98
N GLY NA 166 62.76 -43.11 -5.63
CA GLY NA 166 62.26 -42.15 -6.59
C GLY NA 166 62.91 -42.20 -7.94
N LEU NA 167 63.71 -43.23 -8.23
CA LEU NA 167 64.31 -43.35 -9.55
C LEU NA 167 63.25 -43.68 -10.59
N PRO NA 168 63.37 -43.16 -11.80
CA PRO NA 168 62.41 -43.52 -12.86
C PRO NA 168 62.65 -44.93 -13.38
N GLU NA 169 61.68 -45.41 -14.16
CA GLU NA 169 61.68 -46.80 -14.60
C GLU NA 169 62.85 -47.13 -15.51
N SER NA 170 63.34 -46.16 -16.28
CA SER NA 170 64.38 -46.45 -17.28
C SER NA 170 65.67 -46.89 -16.61
N GLU NA 171 66.14 -46.14 -15.62
CA GLU NA 171 67.38 -46.51 -14.95
C GLU NA 171 67.23 -47.78 -14.14
N ILE NA 172 66.06 -48.00 -13.53
CA ILE NA 172 65.82 -49.23 -12.80
C ILE NA 172 65.94 -50.43 -13.73
N ASN NA 173 65.28 -50.34 -14.90
CA ASN NA 173 65.35 -51.42 -15.88
C ASN NA 173 66.77 -51.62 -16.38
N ARG NA 174 67.50 -50.51 -16.56
CA ARG NA 174 68.89 -50.61 -17.02
C ARG NA 174 69.75 -51.36 -16.01
N ILE NA 175 69.63 -51.01 -14.72
CA ILE NA 175 70.41 -51.66 -13.68
C ILE NA 175 70.07 -53.14 -13.61
N LEU NA 176 68.77 -53.46 -13.62
CA LEU NA 176 68.35 -54.86 -13.53
C LEU NA 176 68.83 -55.67 -14.72
N ALA NA 177 68.73 -55.10 -15.93
CA ALA NA 177 69.20 -55.79 -17.12
C ALA NA 177 70.70 -56.03 -17.07
N VAL NA 178 71.46 -55.04 -16.59
CA VAL NA 178 72.90 -55.20 -16.50
C VAL NA 178 73.27 -56.31 -15.52
N SER NA 179 72.59 -56.35 -14.37
CA SER NA 179 72.88 -57.40 -13.39
C SER NA 179 72.56 -58.79 -13.94
N ILE NA 180 71.39 -58.93 -14.57
CA ILE NA 180 71.02 -60.21 -15.18
C ILE NA 180 72.03 -60.61 -16.23
N LEU NA 181 72.47 -59.65 -17.05
CA LEU NA 181 73.44 -59.96 -18.09
C LEU NA 181 74.80 -60.33 -17.52
N GLU NA 182 75.16 -59.77 -16.36
CA GLU NA 182 76.42 -60.16 -15.74
C GLU NA 182 76.36 -61.60 -15.23
N VAL NA 183 75.22 -61.99 -14.63
CA VAL NA 183 75.06 -63.38 -14.23
C VAL NA 183 75.11 -64.30 -15.45
N ALA NA 184 74.44 -63.90 -16.54
CA ALA NA 184 74.47 -64.69 -17.76
C ALA NA 184 75.88 -64.78 -18.34
N LYS NA 185 76.65 -63.70 -18.23
CA LYS NA 185 78.03 -63.70 -18.70
C LYS NA 185 78.87 -64.69 -17.90
N TYR NA 186 78.68 -64.73 -16.58
CA TYR NA 186 79.38 -65.73 -15.77
C TYR NA 186 79.01 -67.14 -16.22
N LEU NA 187 77.72 -67.38 -16.47
CA LEU NA 187 77.31 -68.69 -16.96
C LEU NA 187 77.95 -69.03 -18.30
N LEU NA 188 78.01 -68.07 -19.21
CA LEU NA 188 78.63 -68.29 -20.52
C LEU NA 188 80.12 -68.61 -20.37
N GLU NA 189 80.81 -67.90 -19.48
CA GLU NA 189 82.22 -68.18 -19.23
C GLU NA 189 82.39 -69.59 -18.69
N LYS NA 190 81.49 -70.02 -17.79
CA LYS NA 190 81.54 -71.40 -17.31
C LYS NA 190 81.36 -72.39 -18.46
N LEU NA 191 80.39 -72.13 -19.34
CA LEU NA 191 80.16 -73.02 -20.46
C LEU NA 191 81.33 -73.05 -21.43
N GLY NA 192 81.94 -71.90 -21.70
CA GLY NA 192 83.10 -71.84 -22.58
C GLY NA 192 82.79 -71.30 -23.96
N PHE NA 193 81.90 -70.32 -24.04
CA PHE NA 193 81.52 -69.66 -25.29
C PHE NA 193 82.05 -68.24 -25.24
N ASP NA 194 83.29 -68.05 -25.71
CA ASP NA 194 83.98 -66.77 -25.56
C ASP NA 194 83.36 -65.70 -26.44
N TYR NA 195 83.01 -66.03 -27.68
CA TYR NA 195 82.46 -65.03 -28.59
C TYR NA 195 81.14 -64.46 -28.08
N LEU NA 196 80.26 -65.34 -27.57
CA LEU NA 196 79.04 -64.86 -26.96
C LEU NA 196 79.31 -64.00 -25.74
N VAL NA 197 80.39 -64.31 -25.01
CA VAL NA 197 80.80 -63.46 -23.89
C VAL NA 197 81.12 -62.06 -24.39
N GLU NA 198 81.93 -61.96 -25.44
CA GLU NA 198 82.33 -60.66 -25.99
C GLU NA 198 81.13 -59.86 -26.47
N LEU NA 199 80.22 -60.52 -27.20
CA LEU NA 199 78.99 -59.86 -27.59
C LEU NA 199 78.20 -59.39 -26.37
N LEU NA 200 78.27 -60.14 -25.27
CA LEU NA 200 77.56 -59.74 -24.06
C LEU NA 200 78.18 -58.50 -23.44
N ASP NA 201 79.51 -58.40 -23.41
CA ASP NA 201 80.10 -57.15 -22.93
C ASP NA 201 79.72 -55.99 -23.82
N ARG NA 202 79.69 -56.20 -25.14
CA ARG NA 202 79.27 -55.12 -26.04
C ARG NA 202 77.85 -54.66 -25.72
N ALA NA 203 76.94 -55.61 -25.53
CA ALA NA 203 75.55 -55.26 -25.22
C ALA NA 203 75.45 -54.56 -23.86
N ILE NA 204 76.23 -55.02 -22.87
CA ILE NA 204 76.21 -54.39 -21.56
C ILE NA 204 76.70 -52.96 -21.63
N GLU NA 205 77.78 -52.72 -22.38
CA GLU NA 205 78.27 -51.36 -22.57
C GLU NA 205 77.25 -50.49 -23.26
N TYR NA 206 76.57 -51.02 -24.27
CA TYR NA 206 75.54 -50.23 -24.96
C TYR NA 206 74.38 -49.90 -24.03
N ILE NA 207 73.97 -50.85 -23.18
CA ILE NA 207 72.91 -50.58 -22.21
C ILE NA 207 73.36 -49.50 -21.23
N LEU NA 208 74.60 -49.60 -20.76
CA LEU NA 208 75.09 -48.67 -19.74
C LEU NA 208 75.23 -47.26 -20.29
N LYS NA 209 75.68 -47.13 -21.54
CA LYS NA 209 75.84 -45.82 -22.16
C LYS NA 209 74.52 -45.18 -22.57
N GLY NA 210 73.41 -45.91 -22.51
CA GLY NA 210 72.10 -45.38 -22.81
C GLY NA 210 71.55 -45.76 -24.17
N ARG NA 211 72.36 -46.38 -25.03
CA ARG NA 211 71.92 -46.77 -26.37
C ARG NA 211 71.13 -48.06 -26.25
N SER NA 212 69.80 -47.93 -26.25
CA SER NA 212 68.92 -49.05 -25.93
C SER NA 212 68.57 -49.90 -27.14
N GLU NA 213 68.22 -49.27 -28.27
CA GLU NA 213 67.78 -50.02 -29.44
C GLU NA 213 68.91 -50.88 -30.02
N LEU NA 214 70.12 -50.34 -30.06
CA LEU NA 214 71.26 -51.12 -30.50
C LEU NA 214 71.47 -52.32 -29.59
N ALA NA 215 71.32 -52.11 -28.28
CA ALA NA 215 71.46 -53.21 -27.33
C ALA NA 215 70.38 -54.26 -27.54
N VAL NA 216 69.16 -53.84 -27.83
CA VAL NA 216 68.08 -54.80 -28.08
C VAL NA 216 68.36 -55.63 -29.32
N HIS NA 217 68.85 -54.99 -30.39
CA HIS NA 217 69.20 -55.75 -31.59
C HIS NA 217 70.35 -56.72 -31.33
N LEU NA 218 71.35 -56.27 -30.57
CA LEU NA 218 72.46 -57.14 -30.19
C LEU NA 218 71.96 -58.33 -29.37
N LEU NA 219 71.02 -58.08 -28.46
CA LEU NA 219 70.48 -59.16 -27.63
C LEU NA 219 69.67 -60.14 -28.47
N ASP NA 220 68.96 -59.63 -29.49
CA ASP NA 220 68.26 -60.52 -30.41
C ASP NA 220 69.24 -61.44 -31.14
N ASP NA 221 70.35 -60.87 -31.62
CA ASP NA 221 71.34 -61.70 -32.30
C ASP NA 221 71.97 -62.72 -31.34
N ILE NA 222 72.21 -62.30 -30.10
CA ILE NA 222 72.75 -63.22 -29.09
C ILE NA 222 71.77 -64.34 -28.81
N ILE NA 223 70.48 -64.02 -28.71
CA ILE NA 223 69.46 -65.03 -28.47
C ILE NA 223 69.41 -66.03 -29.62
N ARG NA 224 69.50 -65.55 -30.85
CA ARG NA 224 69.53 -66.46 -31.99
C ARG NA 224 70.74 -67.39 -31.92
N ARG NA 225 71.90 -66.84 -31.58
CA ARG NA 225 73.11 -67.68 -31.48
C ARG NA 225 72.97 -68.71 -30.37
N VAL NA 226 72.38 -68.32 -29.24
CA VAL NA 226 72.20 -69.25 -28.13
C VAL NA 226 71.25 -70.37 -28.51
N HIS NA 227 70.16 -70.03 -29.21
CA HIS NA 227 69.24 -71.07 -29.68
C HIS NA 227 69.91 -71.99 -30.67
N GLU NA 228 70.77 -71.46 -31.54
CA GLU NA 228 71.53 -72.32 -32.44
C GLU NA 228 72.42 -73.27 -31.68
N GLU NA 229 73.09 -72.79 -30.63
CA GLU NA 229 73.95 -73.66 -29.82
C GLU NA 229 73.12 -74.75 -29.14
N ILE NA 230 71.97 -74.38 -28.59
CA ILE NA 230 71.10 -75.36 -27.93
C ILE NA 230 70.66 -76.44 -28.92
N GLU NA 231 70.24 -76.01 -30.12
CA GLU NA 231 69.84 -76.96 -31.14
C GLU NA 231 70.99 -77.86 -31.56
N ARG NA 232 72.21 -77.32 -31.59
CA ARG NA 232 73.36 -78.15 -31.90
C ARG NA 232 73.59 -79.21 -30.83
N TYR NA 233 73.38 -78.85 -29.55
CA TYR NA 233 73.62 -79.81 -28.48
C TYR NA 233 72.69 -81.02 -28.57
N GLY NA 234 71.42 -80.79 -28.87
CA GLY NA 234 70.49 -81.89 -29.09
C GLY NA 234 69.78 -82.30 -27.81
N ASP NA 235 69.97 -83.55 -27.39
CA ASP NA 235 69.31 -84.08 -26.21
C ASP NA 235 70.17 -83.99 -24.95
N ASP NA 236 71.45 -83.64 -25.09
CA ASP NA 236 72.38 -83.58 -23.96
C ASP NA 236 72.66 -82.14 -23.53
N VAL NA 237 71.67 -81.28 -23.61
CA VAL NA 237 71.85 -79.85 -23.30
C VAL NA 237 72.09 -79.69 -21.80
N PRO NA 238 73.19 -79.08 -21.40
CA PRO NA 238 73.39 -78.75 -19.98
C PRO NA 238 72.39 -77.71 -19.52
N GLU NA 239 72.06 -77.77 -18.22
CA GLU NA 239 71.08 -76.86 -17.64
C GLU NA 239 71.56 -75.41 -17.63
N GLU NA 240 72.88 -75.20 -17.62
CA GLU NA 240 73.41 -73.84 -17.65
C GLU NA 240 73.01 -73.12 -18.93
N LEU NA 241 72.98 -73.85 -20.05
CA LEU NA 241 72.58 -73.23 -21.31
C LEU NA 241 71.12 -72.78 -21.29
N LEU NA 242 70.23 -73.60 -20.71
CA LEU NA 242 68.82 -73.22 -20.63
C LEU NA 242 68.62 -72.05 -19.68
N LEU NA 243 69.31 -72.05 -18.54
CA LEU NA 243 69.23 -70.93 -17.62
C LEU NA 243 69.75 -69.66 -18.26
N LEU NA 244 70.85 -69.77 -19.02
CA LEU NA 244 71.38 -68.62 -19.74
C LEU NA 244 70.39 -68.11 -20.77
N ASP NA 245 69.74 -69.02 -21.49
CA ASP NA 245 68.69 -68.63 -22.44
C ASP NA 245 67.61 -67.81 -21.76
N LEU NA 246 67.09 -68.32 -20.63
CA LEU NA 246 66.04 -67.60 -19.92
C LEU NA 246 66.52 -66.24 -19.43
N LEU NA 247 67.75 -66.19 -18.90
CA LEU NA 247 68.28 -64.93 -18.39
C LEU NA 247 68.43 -63.89 -19.49
N VAL NA 248 68.99 -64.29 -20.64
CA VAL NA 248 69.17 -63.36 -21.74
C VAL NA 248 67.82 -62.89 -22.27
N GLN NA 249 66.84 -63.79 -22.32
CA GLN NA 249 65.52 -63.38 -22.78
C GLN NA 249 64.88 -62.34 -21.86
N LYS NA 250 64.96 -62.57 -20.54
CA LYS NA 250 64.37 -61.59 -19.62
C LYS NA 250 65.15 -60.28 -19.62
N ALA NA 251 66.47 -60.34 -19.81
CA ALA NA 251 67.26 -59.12 -19.92
C ALA NA 251 66.88 -58.34 -21.18
N ARG NA 252 66.64 -59.04 -22.28
CA ARG NA 252 66.19 -58.38 -23.50
C ARG NA 252 64.83 -57.73 -23.31
N ASP NA 253 63.93 -58.41 -22.60
CA ASP NA 253 62.62 -57.82 -22.30
C ASP NA 253 62.78 -56.54 -21.48
N LEU NA 254 63.64 -56.57 -20.46
CA LEU NA 254 63.87 -55.38 -19.65
C LEU NA 254 64.49 -54.25 -20.47
N ALA NA 255 65.44 -54.59 -21.35
CA ALA NA 255 66.07 -53.56 -22.18
C ALA NA 255 65.07 -52.95 -23.14
N ALA NA 256 64.15 -53.76 -23.68
CA ALA NA 256 63.07 -53.20 -24.50
C ALA NA 256 62.17 -52.27 -23.68
N ARG NA 257 61.87 -52.66 -22.44
CA ARG NA 257 61.01 -51.83 -21.61
C ARG NA 257 61.69 -50.55 -21.12
N ILE NA 258 63.00 -50.39 -21.33
CA ILE NA 258 63.72 -49.20 -20.88
C ILE NA 258 63.11 -47.94 -21.48
N MET OA 25 -34.43 -45.57 -65.63
CA MET OA 25 -34.95 -44.37 -66.26
C MET OA 25 -36.18 -44.66 -67.11
N GLU OA 26 -37.03 -45.58 -66.65
CA GLU OA 26 -38.20 -45.98 -67.42
C GLU OA 26 -39.22 -44.85 -67.56
N LYS OA 27 -39.16 -43.85 -66.69
CA LYS OA 27 -40.06 -42.70 -66.82
C LYS OA 27 -39.82 -41.96 -68.13
N LEU OA 28 -38.55 -41.81 -68.52
CA LEU OA 28 -38.24 -41.13 -69.77
C LEU OA 28 -38.61 -41.96 -70.99
N GLU OA 29 -38.53 -43.29 -70.90
CA GLU OA 29 -39.03 -44.12 -71.99
C GLU OA 29 -40.55 -44.02 -72.10
N VAL OA 30 -41.25 -43.93 -70.97
CA VAL OA 30 -42.69 -43.70 -71.00
C VAL OA 30 -42.99 -42.35 -71.64
N ALA OA 31 -42.19 -41.34 -71.32
CA ALA OA 31 -42.35 -40.03 -71.96
C ALA OA 31 -42.14 -40.11 -73.46
N VAL OA 32 -41.15 -40.87 -73.91
CA VAL OA 32 -40.89 -41.02 -75.34
C VAL OA 32 -42.06 -41.71 -76.02
N GLU OA 33 -42.61 -42.75 -75.38
CA GLU OA 33 -43.78 -43.43 -75.94
C GLU OA 33 -44.97 -42.49 -76.02
N HIS OA 34 -45.17 -41.70 -74.98
CA HIS OA 34 -46.21 -40.69 -75.03
C HIS OA 34 -46.00 -39.73 -76.18
N LEU OA 35 -44.77 -39.24 -76.38
CA LEU OA 35 -44.50 -38.32 -77.48
C LEU OA 35 -44.82 -38.94 -78.83
N LYS OA 36 -44.49 -40.22 -79.01
CA LYS OA 36 -44.90 -40.93 -80.22
C LYS OA 36 -46.42 -40.95 -80.36
N GLU OA 37 -47.12 -41.21 -79.24
CA GLU OA 37 -48.57 -41.20 -79.26
C GLU OA 37 -49.11 -39.82 -79.64
N ALA OA 38 -48.47 -38.76 -79.14
CA ALA OA 38 -48.90 -37.41 -79.46
C ALA OA 38 -48.72 -37.12 -80.95
N ILE OA 39 -47.60 -37.55 -81.53
CA ILE OA 39 -47.39 -37.38 -82.96
C ILE OA 39 -48.48 -38.11 -83.75
N GLU OA 40 -48.78 -39.35 -83.35
CA GLU OA 40 -49.82 -40.11 -84.03
C GLU OA 40 -51.19 -39.44 -83.89
N LEU OA 41 -51.47 -38.86 -82.72
CA LEU OA 41 -52.74 -38.19 -82.51
C LEU OA 41 -52.87 -36.93 -83.37
N ILE OA 42 -51.80 -36.13 -83.44
CA ILE OA 42 -51.81 -34.97 -84.33
C ILE OA 42 -52.03 -35.41 -85.76
N GLU OA 43 -51.41 -36.53 -86.16
CA GLU OA 43 -51.63 -37.04 -87.51
C GLU OA 43 -53.08 -37.44 -87.73
N LYS OA 44 -53.71 -38.06 -86.73
CA LYS OA 44 -55.09 -38.51 -86.87
C LYS OA 44 -56.05 -37.33 -86.96
N GLY OA 45 -55.92 -36.36 -86.06
CA GLY OA 45 -56.77 -35.19 -86.08
C GLY OA 45 -57.37 -34.81 -84.74
N GLU OA 46 -57.00 -35.52 -83.68
CA GLU OA 46 -57.49 -35.21 -82.33
C GLU OA 46 -56.51 -34.26 -81.66
N TYR OA 47 -56.85 -32.97 -81.66
CA TYR OA 47 -55.97 -31.94 -81.12
C TYR OA 47 -56.16 -31.73 -79.63
N VAL OA 48 -57.36 -31.95 -79.10
CA VAL OA 48 -57.59 -31.85 -77.67
C VAL OA 48 -56.81 -32.95 -76.94
N LYS OA 49 -56.87 -34.17 -77.45
CA LYS OA 49 -56.12 -35.26 -76.84
C LYS OA 49 -54.62 -35.02 -76.95
N ALA OA 50 -54.18 -34.42 -78.06
CA ALA OA 50 -52.77 -34.08 -78.20
C ALA OA 50 -52.34 -33.04 -77.16
N ASP OA 51 -53.16 -32.02 -76.94
CA ASP OA 51 -52.85 -31.01 -75.93
C ASP OA 51 -52.78 -31.64 -74.53
N LEU OA 52 -53.73 -32.51 -74.22
CA LEU OA 52 -53.73 -33.19 -72.93
C LEU OA 52 -52.52 -34.11 -72.78
N ILE OA 53 -52.15 -34.81 -73.84
CA ILE OA 53 -50.96 -35.66 -73.81
C ILE OA 53 -49.71 -34.82 -73.57
N LEU OA 54 -49.64 -33.64 -74.18
CA LEU OA 54 -48.48 -32.77 -73.95
C LEU OA 54 -48.41 -32.35 -72.50
N THR OA 55 -49.56 -32.06 -71.87
CA THR OA 55 -49.56 -31.75 -70.44
C THR OA 55 -49.09 -32.95 -69.62
N ASP OA 56 -49.52 -34.15 -69.98
CA ASP OA 56 -49.07 -35.35 -69.28
C ASP OA 56 -47.56 -35.55 -69.42
N ILE OA 57 -47.02 -35.33 -70.62
CA ILE OA 57 -45.59 -35.45 -70.85
C ILE OA 57 -44.83 -34.43 -70.01
N LEU OA 58 -45.35 -33.21 -69.92
CA LEU OA 58 -44.72 -32.20 -69.07
C LEU OA 58 -44.71 -32.65 -67.61
N ARG OA 59 -45.81 -33.24 -67.15
CA ARG OA 59 -45.86 -33.74 -65.77
C ARG OA 59 -44.82 -34.84 -65.55
N LEU OA 60 -44.69 -35.77 -66.51
CA LEU OA 60 -43.69 -36.83 -66.40
C LEU OA 60 -42.28 -36.27 -66.34
N LEU OA 61 -41.95 -35.34 -67.24
CA LEU OA 61 -40.61 -34.78 -67.28
C LEU OA 61 -40.30 -34.00 -66.00
N GLU OA 62 -41.28 -33.26 -65.48
CA GLU OA 62 -41.08 -32.57 -64.22
C GLU OA 62 -40.90 -33.55 -63.08
N GLU OA 63 -41.57 -34.71 -63.14
CA GLU OA 63 -41.34 -35.74 -62.15
C GLU OA 63 -39.90 -36.25 -62.20
N GLU OA 64 -39.37 -36.43 -63.42
CA GLU OA 64 -37.97 -36.87 -63.53
C GLU OA 64 -37.01 -35.79 -63.03
N GLY OA 65 -37.17 -34.55 -63.50
CA GLY OA 65 -36.38 -33.46 -62.98
C GLY OA 65 -35.21 -32.98 -63.83
N VAL OA 66 -35.41 -32.83 -65.13
CA VAL OA 66 -34.42 -32.28 -66.04
C VAL OA 66 -34.90 -30.92 -66.51
N LYS OA 67 -34.17 -29.86 -66.16
CA LYS OA 67 -34.67 -28.50 -66.30
C LYS OA 67 -34.88 -28.13 -67.76
N SER OA 68 -33.89 -28.43 -68.61
CA SER OA 68 -33.99 -28.07 -70.02
C SER OA 68 -35.17 -28.77 -70.68
N LEU OA 69 -35.34 -30.07 -70.39
CA LEU OA 69 -36.50 -30.80 -70.90
C LEU OA 69 -37.79 -30.19 -70.39
N ILE OA 70 -37.80 -29.72 -69.15
CA ILE OA 70 -39.03 -29.17 -68.57
C ILE OA 70 -39.44 -27.88 -69.29
N LYS OA 71 -38.49 -26.96 -69.46
CA LYS OA 71 -38.83 -25.70 -70.14
C LYS OA 71 -39.19 -25.97 -71.59
N GLN OA 72 -38.49 -26.91 -72.25
CA GLN OA 72 -38.84 -27.27 -73.61
C GLN OA 72 -40.25 -27.83 -73.70
N ALA OA 73 -40.65 -28.63 -72.70
CA ALA OA 73 -42.00 -29.22 -72.72
C ALA OA 73 -43.07 -28.17 -72.50
N LYS OA 74 -42.83 -27.21 -71.60
CA LYS OA 74 -43.82 -26.15 -71.38
C LYS OA 74 -43.99 -25.29 -72.62
N GLU OA 75 -42.88 -24.84 -73.21
CA GLU OA 75 -42.99 -24.05 -74.42
C GLU OA 75 -43.58 -24.86 -75.56
N LEU OA 76 -43.33 -26.17 -75.58
CA LEU OA 76 -43.95 -27.02 -76.58
C LEU OA 76 -45.46 -27.05 -76.42
N HIS OA 77 -45.95 -27.18 -75.19
CA HIS OA 77 -47.38 -27.17 -74.97
C HIS OA 77 -48.01 -25.88 -75.50
N ILE OA 78 -47.43 -24.73 -75.10
CA ILE OA 78 -48.01 -23.45 -75.51
C ILE OA 78 -47.99 -23.30 -77.03
N GLU OA 79 -46.82 -23.55 -77.64
CA GLU OA 79 -46.68 -23.29 -79.07
C GLU OA 79 -47.47 -24.29 -79.90
N VAL OA 80 -47.56 -25.54 -79.48
CA VAL OA 80 -48.34 -26.52 -80.23
C VAL OA 80 -49.83 -26.18 -80.14
N PHE OA 81 -50.29 -25.72 -78.97
CA PHE OA 81 -51.67 -25.27 -78.89
C PHE OA 81 -51.95 -24.14 -79.88
N LYS OA 82 -51.05 -23.14 -79.91
CA LYS OA 82 -51.24 -22.04 -80.84
C LYS OA 82 -51.22 -22.51 -82.30
N LEU OA 83 -50.25 -23.36 -82.65
CA LEU OA 83 -50.13 -23.81 -84.03
C LEU OA 83 -51.32 -24.66 -84.46
N LEU OA 84 -51.80 -25.53 -83.58
CA LEU OA 84 -52.98 -26.33 -83.90
C LEU OA 84 -54.22 -25.46 -84.02
N LYS OA 85 -54.29 -24.37 -83.26
CA LYS OA 85 -55.35 -23.39 -83.50
C LYS OA 85 -55.24 -22.80 -84.90
N GLU OA 86 -54.02 -22.40 -85.30
CA GLU OA 86 -53.84 -21.79 -86.61
C GLU OA 86 -54.00 -22.79 -87.74
N GLY OA 87 -53.60 -24.05 -87.51
CA GLY OA 87 -53.64 -25.07 -88.54
C GLY OA 87 -52.30 -25.53 -89.05
N GLU OA 88 -51.20 -25.13 -88.40
CA GLU OA 88 -49.86 -25.53 -88.81
C GLU OA 88 -49.53 -26.90 -88.19
N TYR OA 89 -50.06 -27.94 -88.82
CA TYR OA 89 -49.87 -29.29 -88.30
C TYR OA 89 -48.41 -29.71 -88.39
N LYS OA 90 -47.75 -29.42 -89.52
CA LYS OA 90 -46.37 -29.85 -89.73
C LYS OA 90 -45.42 -29.20 -88.73
N GLU OA 91 -45.63 -27.92 -88.43
CA GLU OA 91 -44.77 -27.25 -87.45
C GLU OA 91 -44.91 -27.85 -86.07
N ALA OA 92 -46.15 -28.16 -85.66
CA ALA OA 92 -46.37 -28.79 -84.37
C ALA OA 92 -45.75 -30.18 -84.31
N LYS OA 93 -45.91 -30.95 -85.39
CA LYS OA 93 -45.29 -32.27 -85.45
C LYS OA 93 -43.77 -32.16 -85.37
N ALA OA 94 -43.19 -31.16 -86.03
CA ALA OA 94 -41.74 -30.95 -85.98
C ALA OA 94 -41.30 -30.62 -84.56
N LEU OA 95 -42.05 -29.78 -83.86
CA LEU OA 95 -41.66 -29.45 -82.48
C LEU OA 95 -41.74 -30.66 -81.56
N VAL OA 96 -42.80 -31.47 -81.72
CA VAL OA 96 -42.92 -32.67 -80.91
C VAL OA 96 -41.78 -33.64 -81.21
N GLU OA 97 -41.44 -33.80 -82.49
CA GLU OA 97 -40.33 -34.67 -82.86
C GLU OA 97 -39.00 -34.16 -82.31
N ALA OA 98 -38.81 -32.84 -82.30
CA ALA OA 98 -37.60 -32.28 -81.73
C ALA OA 98 -37.50 -32.58 -80.24
N LEU OA 99 -38.61 -32.43 -79.50
CA LEU OA 99 -38.58 -32.77 -78.09
C LEU OA 99 -38.32 -34.26 -77.87
N ARG OA 100 -38.91 -35.11 -78.71
CA ARG OA 100 -38.68 -36.54 -78.60
C ARG OA 100 -37.21 -36.88 -78.81
N VAL OA 101 -36.60 -36.30 -79.85
CA VAL OA 101 -35.18 -36.53 -80.12
C VAL OA 101 -34.32 -36.04 -78.96
N SER OA 102 -34.69 -34.89 -78.39
CA SER OA 102 -33.93 -34.36 -77.27
C SER OA 102 -33.98 -35.29 -76.06
N VAL OA 103 -35.17 -35.84 -75.76
CA VAL OA 103 -35.30 -36.75 -74.62
C VAL OA 103 -34.52 -38.05 -74.87
N GLU OA 104 -34.64 -38.61 -76.07
CA GLU OA 104 -33.89 -39.82 -76.39
C GLU OA 104 -32.38 -39.58 -76.32
N LEU OA 105 -31.93 -38.41 -76.78
CA LEU OA 105 -30.52 -38.07 -76.71
C LEU OA 105 -30.05 -37.96 -75.27
N TYR OA 106 -30.88 -37.37 -74.40
CA TYR OA 106 -30.51 -37.32 -72.99
C TYR OA 106 -30.38 -38.72 -72.41
N ILE OA 107 -31.33 -39.61 -72.76
CA ILE OA 107 -31.26 -40.99 -72.28
C ILE OA 107 -29.95 -41.64 -72.72
N LEU OA 108 -29.61 -41.49 -74.00
CA LEU OA 108 -28.42 -42.13 -74.52
C LEU OA 108 -27.15 -41.54 -73.91
N ILE OA 109 -27.14 -40.22 -73.67
CA ILE OA 109 -25.98 -39.59 -73.03
C ILE OA 109 -25.79 -40.15 -71.63
N LYS OA 110 -26.88 -40.29 -70.87
CA LYS OA 110 -26.79 -40.81 -69.51
C LYS OA 110 -26.29 -42.26 -69.52
N ARG OA 111 -26.83 -43.08 -70.43
CA ARG OA 111 -26.38 -44.46 -70.53
C ARG OA 111 -24.90 -44.54 -70.91
N GLY OA 112 -24.46 -43.71 -71.85
CA GLY OA 112 -23.06 -43.73 -72.24
C GLY OA 112 -22.13 -43.29 -71.14
N VAL OA 113 -22.50 -42.23 -70.42
CA VAL OA 113 -21.63 -41.73 -69.36
C VAL OA 113 -21.56 -42.72 -68.20
N ARG OA 114 -22.70 -43.30 -67.82
CA ARG OA 114 -22.69 -44.26 -66.72
C ARG OA 114 -21.86 -45.49 -67.07
N GLU OA 115 -22.09 -46.07 -68.24
CA GLU OA 115 -21.35 -47.24 -68.71
C GLU OA 115 -19.89 -46.96 -69.03
N GLY OA 116 -19.43 -45.73 -68.85
CA GLY OA 116 -18.05 -45.40 -69.18
C GLY OA 116 -17.73 -45.56 -70.65
N ARG OA 117 -18.70 -45.32 -71.53
CA ARG OA 117 -18.47 -45.44 -72.95
C ARG OA 117 -17.52 -44.34 -73.43
N PRO OA 118 -16.73 -44.60 -74.47
CA PRO OA 118 -15.84 -43.56 -75.00
C PRO OA 118 -16.63 -42.40 -75.58
N ILE OA 119 -16.04 -41.21 -75.49
CA ILE OA 119 -16.65 -40.01 -76.05
C ILE OA 119 -16.86 -40.16 -77.55
N GLU OA 120 -15.98 -40.91 -78.21
CA GLU OA 120 -16.04 -41.05 -79.67
C GLU OA 120 -17.38 -41.63 -80.12
N GLU OA 121 -17.78 -42.77 -79.55
CA GLU OA 121 -19.01 -43.42 -80.00
C GLU OA 121 -20.24 -42.65 -79.55
N ILE OA 122 -20.18 -41.98 -78.40
CA ILE OA 122 -21.28 -41.10 -77.99
C ILE OA 122 -21.49 -40.01 -79.03
N ALA OA 123 -20.39 -39.37 -79.47
CA ALA OA 123 -20.50 -38.32 -80.47
C ALA OA 123 -21.05 -38.86 -81.78
N ARG OA 124 -20.59 -40.04 -82.20
CA ARG OA 124 -21.11 -40.62 -83.43
C ARG OA 124 -22.60 -40.91 -83.33
N GLU OA 125 -23.05 -41.41 -82.18
CA GLU OA 125 -24.47 -41.69 -81.98
C GLU OA 125 -25.29 -40.41 -82.02
N VAL OA 126 -24.80 -39.34 -81.38
CA VAL OA 126 -25.51 -38.07 -81.39
C VAL OA 126 -25.64 -37.54 -82.81
N GLY OA 127 -24.55 -37.61 -83.58
CA GLY OA 127 -24.60 -37.17 -84.97
C GLY OA 127 -25.58 -37.98 -85.79
N ARG OA 128 -25.59 -39.30 -85.60
CA ARG OA 128 -26.51 -40.16 -86.34
C ARG OA 128 -27.96 -39.81 -86.02
N LYS OA 129 -28.26 -39.58 -84.73
CA LYS OA 129 -29.62 -39.23 -84.34
C LYS OA 129 -30.04 -37.89 -84.95
N LEU OA 130 -29.14 -36.91 -84.92
CA LEU OA 130 -29.47 -35.60 -85.51
C LEU OA 130 -29.70 -35.71 -87.01
N VAL OA 131 -28.89 -36.51 -87.70
CA VAL OA 131 -29.07 -36.67 -89.14
C VAL OA 131 -30.39 -37.37 -89.44
N GLU OA 132 -30.76 -38.37 -88.64
CA GLU OA 132 -32.03 -39.04 -88.86
C GLU OA 132 -33.21 -38.10 -88.64
N LEU OA 133 -33.13 -37.26 -87.60
CA LEU OA 133 -34.17 -36.26 -87.40
C LEU OA 133 -34.26 -35.30 -88.58
N ALA OA 134 -33.11 -34.84 -89.08
CA ALA OA 134 -33.11 -33.93 -90.21
C ALA OA 134 -33.73 -34.57 -91.44
N LYS OA 135 -33.41 -35.84 -91.70
CA LYS OA 135 -33.99 -36.55 -92.83
C LYS OA 135 -35.50 -36.67 -92.67
N ARG OA 136 -35.97 -36.98 -91.46
CA ARG OA 136 -37.40 -37.07 -91.21
C ARG OA 136 -38.09 -35.74 -91.50
N LEU OA 137 -37.55 -34.65 -90.95
CA LEU OA 137 -38.16 -33.34 -91.14
C LEU OA 137 -38.13 -32.93 -92.60
N GLU OA 138 -37.07 -33.26 -93.32
CA GLU OA 138 -37.02 -32.97 -94.75
C GLU OA 138 -38.08 -33.75 -95.50
N LYS OA 139 -38.32 -35.00 -95.11
CA LYS OA 139 -39.38 -35.77 -95.73
C LYS OA 139 -40.75 -35.16 -95.44
N GLU OA 140 -40.95 -34.65 -94.23
CA GLU OA 140 -42.24 -34.05 -93.89
C GLU OA 140 -42.54 -32.83 -94.76
N GLY OA 141 -41.54 -31.98 -94.99
CA GLY OA 141 -41.73 -30.80 -95.80
C GLY OA 141 -41.28 -29.51 -95.14
N ILE OA 142 -40.64 -29.65 -93.98
CA ILE OA 142 -40.12 -28.49 -93.27
C ILE OA 142 -38.86 -27.99 -93.98
N SER OA 143 -38.76 -26.66 -94.12
CA SER OA 143 -37.63 -26.07 -94.81
C SER OA 143 -36.34 -26.23 -94.01
N TRP OA 144 -35.21 -26.06 -94.69
CA TRP OA 144 -33.92 -26.36 -94.08
C TRP OA 144 -33.51 -25.32 -93.04
N GLU OA 145 -33.98 -24.09 -93.16
CA GLU OA 145 -33.70 -23.09 -92.13
C GLU OA 145 -34.35 -23.48 -90.81
N GLU OA 146 -35.60 -23.92 -90.85
CA GLU OA 146 -36.28 -24.38 -89.64
C GLU OA 146 -35.60 -25.63 -89.09
N ILE OA 147 -35.18 -26.54 -89.96
CA ILE OA 147 -34.48 -27.75 -89.53
C ILE OA 147 -33.20 -27.37 -88.80
N ILE OA 148 -32.43 -26.45 -89.36
CA ILE OA 148 -31.18 -26.04 -88.73
C ILE OA 148 -31.45 -25.38 -87.38
N GLU OA 149 -32.46 -24.51 -87.30
CA GLU OA 149 -32.76 -23.86 -86.03
C GLU OA 149 -33.17 -24.87 -84.96
N LEU OA 150 -34.02 -25.84 -85.32
CA LEU OA 150 -34.38 -26.89 -84.39
C LEU OA 150 -33.17 -27.67 -83.94
N ILE OA 151 -32.26 -27.99 -84.87
CA ILE OA 151 -31.06 -28.75 -84.54
C ILE OA 151 -30.17 -27.97 -83.57
N GLU OA 152 -30.02 -26.66 -83.79
CA GLU OA 152 -29.22 -25.87 -82.86
C GLU OA 152 -29.86 -25.74 -81.49
N ARG OA 153 -31.19 -25.67 -81.42
CA ARG OA 153 -31.83 -25.71 -80.11
C ARG OA 153 -31.55 -27.03 -79.39
N ILE OA 154 -31.65 -28.14 -80.12
CA ILE OA 154 -31.33 -29.44 -79.54
C ILE OA 154 -29.87 -29.48 -79.10
N LEU OA 155 -28.98 -28.86 -79.88
CA LEU OA 155 -27.56 -28.84 -79.53
C LEU OA 155 -27.29 -28.04 -78.26
N GLU OA 156 -27.99 -26.92 -78.08
CA GLU OA 156 -27.86 -26.18 -76.84
C GLU OA 156 -28.37 -26.98 -75.65
N SER OA 157 -29.47 -27.72 -75.84
CA SER OA 157 -29.95 -28.61 -74.79
C SER OA 157 -28.91 -29.67 -74.46
N ILE OA 158 -28.29 -30.24 -75.49
CA ILE OA 158 -27.25 -31.25 -75.30
C ILE OA 158 -26.07 -30.66 -74.54
N ARG OA 159 -25.68 -29.43 -74.87
CA ARG OA 159 -24.58 -28.78 -74.18
C ARG OA 159 -24.89 -28.63 -72.69
N GLU OA 160 -26.11 -28.19 -72.37
CA GLU OA 160 -26.48 -28.07 -70.96
C GLU OA 160 -26.48 -29.43 -70.27
N ILE OA 161 -27.01 -30.46 -70.93
CA ILE OA 161 -27.06 -31.79 -70.33
C ILE OA 161 -25.65 -32.31 -70.06
N LEU OA 162 -24.76 -32.14 -71.05
CA LEU OA 162 -23.37 -32.61 -70.89
C LEU OA 162 -22.67 -31.86 -69.77
N LYS OA 163 -22.88 -30.54 -69.69
CA LYS OA 163 -22.30 -29.78 -68.60
C LYS OA 163 -22.83 -30.23 -67.25
N GLU OA 164 -24.08 -30.70 -67.21
CA GLU OA 164 -24.63 -31.22 -65.96
C GLU OA 164 -23.89 -32.48 -65.51
N GLU OA 165 -23.52 -33.35 -66.44
CA GLU OA 165 -22.85 -34.60 -66.10
C GLU OA 165 -21.41 -34.41 -65.61
N GLY OA 166 -20.95 -33.18 -65.48
CA GLY OA 166 -19.60 -32.93 -65.01
C GLY OA 166 -18.51 -33.13 -66.03
N LEU OA 167 -18.86 -33.28 -67.31
CA LEU OA 167 -17.84 -33.41 -68.34
C LEU OA 167 -17.11 -32.08 -68.53
N PRO OA 168 -15.81 -32.11 -68.82
CA PRO OA 168 -15.08 -30.86 -69.08
C PRO OA 168 -15.43 -30.31 -70.46
N GLU OA 169 -15.00 -29.07 -70.68
CA GLU OA 169 -15.39 -28.33 -71.89
C GLU OA 169 -14.85 -28.97 -73.16
N SER OA 170 -13.68 -29.62 -73.10
CA SER OA 170 -13.04 -30.13 -74.30
C SER OA 170 -13.88 -31.22 -74.96
N GLU OA 171 -14.33 -32.20 -74.19
CA GLU OA 171 -15.14 -33.28 -74.76
C GLU OA 171 -16.50 -32.79 -75.19
N ILE OA 172 -17.09 -31.83 -74.45
CA ILE OA 172 -18.37 -31.27 -74.86
C ILE OA 172 -18.24 -30.60 -76.23
N ASN OA 173 -17.19 -29.78 -76.39
CA ASN OA 173 -16.96 -29.11 -77.66
C ASN OA 173 -16.69 -30.12 -78.77
N ARG OA 174 -15.96 -31.19 -78.45
CA ARG OA 174 -15.68 -32.22 -79.44
C ARG OA 174 -16.97 -32.89 -79.92
N ILE OA 175 -17.85 -33.25 -78.99
CA ILE OA 175 -19.10 -33.90 -79.37
C ILE OA 175 -19.97 -32.96 -80.21
N LEU OA 176 -20.08 -31.70 -79.77
CA LEU OA 176 -20.90 -30.75 -80.50
C LEU OA 176 -20.36 -30.50 -81.91
N ALA OA 177 -19.04 -30.36 -82.03
CA ALA OA 177 -18.43 -30.15 -83.34
C ALA OA 177 -18.65 -31.35 -84.25
N VAL OA 178 -18.54 -32.56 -83.71
CA VAL OA 178 -18.76 -33.75 -84.51
C VAL OA 178 -20.19 -33.82 -85.02
N SER OA 179 -21.15 -33.50 -84.14
CA SER OA 179 -22.56 -33.54 -84.56
C SER OA 179 -22.84 -32.51 -85.65
N ILE OA 180 -22.34 -31.28 -85.47
CA ILE OA 180 -22.52 -30.24 -86.47
C ILE OA 180 -21.89 -30.67 -87.79
N LEU OA 181 -20.70 -31.26 -87.73
CA LEU OA 181 -20.02 -31.69 -88.93
C LEU OA 181 -20.76 -32.84 -89.61
N GLU OA 182 -21.43 -33.70 -88.85
CA GLU OA 182 -22.22 -34.76 -89.47
C GLU OA 182 -23.42 -34.19 -90.22
N VAL OA 183 -24.09 -33.20 -89.62
CA VAL OA 183 -25.18 -32.54 -90.34
C VAL OA 183 -24.65 -31.87 -91.61
N ALA OA 184 -23.51 -31.20 -91.50
CA ALA OA 184 -22.91 -30.56 -92.67
C ALA OA 184 -22.53 -31.58 -93.74
N LYS OA 185 -22.06 -32.75 -93.30
CA LYS OA 185 -21.72 -33.82 -94.24
C LYS OA 185 -22.96 -34.31 -94.98
N TYR OA 186 -24.07 -34.45 -94.28
CA TYR OA 186 -25.31 -34.81 -94.96
C TYR OA 186 -25.70 -33.76 -95.99
N LEU OA 187 -25.57 -32.48 -95.62
CA LEU OA 187 -25.86 -31.41 -96.58
C LEU OA 187 -24.95 -31.48 -97.80
N LEU OA 188 -23.65 -31.72 -97.58
CA LEU OA 188 -22.71 -31.83 -98.69
C LEU OA 188 -23.05 -33.00 -99.61
N GLU OA 189 -23.44 -34.13 -99.01
CA GLU OA 189 -23.86 -35.28 -99.81
C GLU OA 189 -25.09 -34.94 -100.65
N LYS OA 190 -26.04 -34.21 -100.07
CA LYS OA 190 -27.19 -33.76 -100.84
C LYS OA 190 -26.76 -32.86 -102.00
N LEU OA 191 -25.84 -31.94 -101.75
CA LEU OA 191 -25.38 -31.04 -102.81
C LEU OA 191 -24.62 -31.80 -103.89
N GLY OA 192 -23.79 -32.77 -103.52
CA GLY OA 192 -23.06 -33.57 -104.49
C GLY OA 192 -21.61 -33.20 -104.62
N PHE OA 193 -20.97 -32.85 -103.49
CA PHE OA 193 -19.55 -32.50 -103.45
C PHE OA 193 -18.84 -33.60 -102.68
N ASP OA 194 -18.38 -34.62 -103.41
CA ASP OA 194 -17.84 -35.82 -102.77
C ASP OA 194 -16.49 -35.55 -102.12
N TYR OA 195 -15.62 -34.78 -102.78
CA TYR OA 195 -14.30 -34.53 -102.22
C TYR OA 195 -14.37 -33.77 -100.89
N LEU OA 196 -15.24 -32.76 -100.82
CA LEU OA 196 -15.46 -32.08 -99.56
C LEU OA 196 -16.02 -33.01 -98.51
N VAL OA 197 -16.83 -33.98 -98.92
CA VAL OA 197 -17.33 -34.99 -97.98
C VAL OA 197 -16.15 -35.77 -97.40
N GLU OA 198 -15.25 -36.24 -98.25
CA GLU OA 198 -14.11 -37.03 -97.79
C GLU OA 198 -13.22 -36.22 -96.84
N LEU OA 199 -12.94 -34.97 -97.19
CA LEU OA 199 -12.20 -34.11 -96.28
C LEU OA 199 -12.94 -33.94 -94.96
N LEU OA 200 -14.27 -33.94 -95.00
CA LEU OA 200 -15.04 -33.82 -93.77
C LEU OA 200 -14.92 -35.07 -92.90
N ASP OA 201 -14.93 -36.27 -93.50
CA ASP OA 201 -14.68 -37.45 -92.68
C ASP OA 201 -13.28 -37.41 -92.08
N ARG OA 202 -12.29 -36.95 -92.86
CA ARG OA 202 -10.94 -36.85 -92.32
C ARG OA 202 -10.91 -35.92 -91.10
N ALA OA 203 -11.55 -34.75 -91.22
CA ALA OA 203 -11.58 -33.80 -90.10
C ALA OA 203 -12.33 -34.36 -88.91
N ILE OA 204 -13.43 -35.08 -89.15
CA ILE OA 204 -14.19 -35.68 -88.06
C ILE OA 204 -13.37 -36.72 -87.33
N GLU OA 205 -12.65 -37.56 -88.08
CA GLU OA 205 -11.77 -38.54 -87.46
C GLU OA 205 -10.68 -37.87 -86.64
N TYR OA 206 -10.09 -36.79 -87.16
CA TYR OA 206 -9.06 -36.10 -86.41
C TYR OA 206 -9.61 -35.48 -85.13
N ILE OA 207 -10.82 -34.92 -85.18
CA ILE OA 207 -11.45 -34.38 -83.98
C ILE OA 207 -11.71 -35.49 -82.98
N LEU OA 208 -12.21 -36.63 -83.44
CA LEU OA 208 -12.56 -37.72 -82.55
C LEU OA 208 -11.34 -38.32 -81.89
N LYS OA 209 -10.23 -38.46 -82.63
CA LYS OA 209 -9.01 -39.02 -82.08
C LYS OA 209 -8.28 -38.07 -81.14
N GLY OA 210 -8.69 -36.81 -81.06
CA GLY OA 210 -8.10 -35.84 -80.16
C GLY OA 210 -7.15 -34.86 -80.81
N ARG OA 211 -6.79 -35.07 -82.08
CA ARG OA 211 -5.86 -34.18 -82.78
C ARG OA 211 -6.63 -32.94 -83.24
N SER OA 212 -6.52 -31.86 -82.45
CA SER OA 212 -7.37 -30.69 -82.64
C SER OA 212 -6.80 -29.70 -83.66
N GLU OA 213 -5.50 -29.40 -83.58
CA GLU OA 213 -4.91 -28.39 -84.45
C GLU OA 213 -4.93 -28.82 -85.92
N LEU OA 214 -4.64 -30.10 -86.18
CA LEU OA 214 -4.74 -30.62 -87.54
C LEU OA 214 -6.16 -30.50 -88.05
N ALA OA 215 -7.14 -30.79 -87.19
CA ALA OA 215 -8.54 -30.67 -87.58
C ALA OA 215 -8.91 -29.22 -87.88
N VAL OA 216 -8.38 -28.28 -87.10
CA VAL OA 216 -8.65 -26.87 -87.35
C VAL OA 216 -8.08 -26.42 -88.69
N HIS OA 217 -6.86 -26.86 -89.00
CA HIS OA 217 -6.27 -26.52 -90.29
C HIS OA 217 -7.06 -27.14 -91.44
N LEU OA 218 -7.48 -28.39 -91.27
CA LEU OA 218 -8.32 -29.04 -92.28
C LEU OA 218 -9.62 -28.30 -92.47
N LEU OA 219 -10.23 -27.83 -91.38
CA LEU OA 219 -11.48 -27.10 -91.46
C LEU OA 219 -11.29 -25.75 -92.14
N ASP OA 220 -10.14 -25.11 -91.92
CA ASP OA 220 -9.82 -23.88 -92.64
C ASP OA 220 -9.74 -24.13 -94.15
N ASP OA 221 -9.07 -25.21 -94.54
CA ASP OA 221 -8.99 -25.53 -95.97
C ASP OA 221 -10.37 -25.85 -96.54
N ILE OA 222 -11.19 -26.56 -95.77
CA ILE OA 222 -12.55 -26.88 -96.22
C ILE OA 222 -13.37 -25.60 -96.38
N ILE OA 223 -13.22 -24.66 -95.45
CA ILE OA 223 -13.94 -23.40 -95.52
C ILE OA 223 -13.53 -22.62 -96.76
N ARG OA 224 -12.23 -22.60 -97.06
CA ARG OA 224 -11.77 -21.93 -98.27
C ARG OA 224 -12.37 -22.57 -99.52
N ARG OA 225 -12.40 -23.90 -99.56
CA ARG OA 225 -12.98 -24.59 -100.72
C ARG OA 225 -14.47 -24.29 -100.85
N VAL OA 226 -15.19 -24.25 -99.72
CA VAL OA 226 -16.62 -23.96 -99.76
C VAL OA 226 -16.87 -22.54 -100.25
N HIS OA 227 -16.07 -21.59 -99.79
CA HIS OA 227 -16.21 -20.21 -100.28
C HIS OA 227 -15.90 -20.12 -101.77
N GLU OA 228 -14.92 -20.88 -102.25
CA GLU OA 228 -14.65 -20.92 -103.68
C GLU OA 228 -15.84 -21.46 -104.45
N GLU OA 229 -16.48 -22.51 -103.94
CA GLU OA 229 -17.66 -23.06 -104.60
C GLU OA 229 -18.79 -22.04 -104.64
N ILE OA 230 -19.01 -21.34 -103.51
CA ILE OA 230 -20.07 -20.34 -103.45
C ILE OA 230 -19.80 -19.23 -104.47
N GLU OA 231 -18.55 -18.76 -104.53
CA GLU OA 231 -18.20 -17.72 -105.49
C GLU OA 231 -18.37 -18.21 -106.92
N ARG OA 232 -18.10 -19.49 -107.18
CA ARG OA 232 -18.34 -20.04 -108.51
C ARG OA 232 -19.82 -20.03 -108.86
N TYR OA 233 -20.68 -20.33 -107.88
CA TYR OA 233 -22.12 -20.38 -108.17
C TYR OA 233 -22.67 -19.03 -108.59
N GLY OA 234 -22.24 -17.97 -107.93
CA GLY OA 234 -22.62 -16.61 -108.34
C GLY OA 234 -23.89 -16.15 -107.65
N ASP OA 235 -24.92 -15.85 -108.43
CA ASP OA 235 -26.19 -15.35 -107.91
C ASP OA 235 -27.22 -16.45 -107.68
N ASP OA 236 -26.97 -17.67 -108.14
CA ASP OA 236 -27.90 -18.77 -108.04
C ASP OA 236 -27.50 -19.77 -106.95
N VAL OA 237 -26.93 -19.28 -105.86
CA VAL OA 237 -26.42 -20.15 -104.80
C VAL OA 237 -27.60 -20.81 -104.08
N PRO OA 238 -27.64 -22.14 -104.01
CA PRO OA 238 -28.67 -22.80 -103.19
C PRO OA 238 -28.45 -22.52 -101.71
N GLU OA 239 -29.56 -22.55 -100.97
CA GLU OA 239 -29.51 -22.26 -99.54
C GLU OA 239 -28.75 -23.31 -98.75
N GLU OA 240 -28.68 -24.54 -99.27
CA GLU OA 240 -27.94 -25.59 -98.59
C GLU OA 240 -26.47 -25.24 -98.49
N LEU OA 241 -25.92 -24.62 -99.53
CA LEU OA 241 -24.51 -24.22 -99.50
C LEU OA 241 -24.25 -23.18 -98.42
N LEU OA 242 -25.14 -22.20 -98.26
CA LEU OA 242 -24.95 -21.18 -97.24
C LEU OA 242 -25.10 -21.77 -95.85
N LEU OA 243 -26.08 -22.65 -95.66
CA LEU OA 243 -26.24 -23.30 -94.36
C LEU OA 243 -25.03 -24.16 -94.03
N LEU OA 244 -24.50 -24.87 -95.03
CA LEU OA 244 -23.28 -25.65 -94.85
C LEU OA 244 -22.10 -24.77 -94.46
N ASP OA 245 -21.97 -23.62 -95.13
CA ASP OA 245 -20.93 -22.66 -94.78
C ASP OA 245 -21.01 -22.27 -93.31
N LEU OA 246 -22.22 -21.88 -92.86
CA LEU OA 246 -22.39 -21.47 -91.47
C LEU OA 246 -22.08 -22.62 -90.52
N LEU OA 247 -22.53 -23.83 -90.85
CA LEU OA 247 -22.30 -24.98 -89.99
C LEU OA 247 -20.82 -25.29 -89.85
N VAL OA 248 -20.09 -25.30 -90.98
CA VAL OA 248 -18.67 -25.59 -90.94
C VAL OA 248 -17.91 -24.51 -90.17
N GLN OA 249 -18.33 -23.25 -90.32
CA GLN OA 249 -17.68 -22.17 -89.59
C GLN OA 249 -17.87 -22.32 -88.09
N LYS OA 250 -19.10 -22.63 -87.65
CA LYS OA 250 -19.31 -22.79 -86.22
C LYS OA 250 -18.63 -24.04 -85.67
N ALA OA 251 -18.55 -25.11 -86.48
CA ALA OA 251 -17.82 -26.30 -86.07
C ALA OA 251 -16.33 -26.00 -85.92
N ARG OA 252 -15.77 -25.21 -86.83
CA ARG OA 252 -14.37 -24.81 -86.71
C ARG OA 252 -14.14 -23.97 -85.47
N ASP OA 253 -15.07 -23.07 -85.16
CA ASP OA 253 -14.95 -22.30 -83.92
C ASP OA 253 -14.95 -23.21 -82.69
N LEU OA 254 -15.86 -24.19 -82.66
CA LEU OA 254 -15.89 -25.12 -81.54
C LEU OA 254 -14.61 -25.94 -81.46
N ALA OA 255 -14.09 -26.39 -82.60
CA ALA OA 255 -12.86 -27.17 -82.59
C ALA OA 255 -11.68 -26.34 -82.10
N ALA OA 256 -11.65 -25.06 -82.47
CA ALA OA 256 -10.62 -24.18 -81.93
C ALA OA 256 -10.77 -24.03 -80.42
N ARG OA 257 -12.00 -23.91 -79.93
CA ARG OA 257 -12.22 -23.76 -78.49
C ARG OA 257 -11.95 -25.03 -77.70
N ILE OA 258 -11.74 -26.16 -78.36
CA ILE OA 258 -11.50 -27.42 -77.67
C ILE OA 258 -10.29 -27.31 -76.74
N MET PA 25 -49.03 9.20 -71.29
CA MET PA 25 -48.00 9.99 -71.97
C MET PA 25 -48.60 10.93 -72.99
N GLU PA 26 -49.77 11.50 -72.68
CA GLU PA 26 -50.45 12.37 -73.63
C GLU PA 26 -49.69 13.67 -73.89
N LYS PA 27 -48.78 14.05 -72.99
CA LYS PA 27 -47.97 15.24 -73.22
C LYS PA 27 -47.10 15.07 -74.47
N LEU PA 28 -46.54 13.88 -74.65
CA LEU PA 28 -45.70 13.64 -75.82
C LEU PA 28 -46.51 13.57 -77.10
N GLU PA 29 -47.75 13.07 -77.04
CA GLU PA 29 -48.62 13.14 -78.21
C GLU PA 29 -48.97 14.59 -78.54
N VAL PA 30 -49.19 15.42 -77.53
CA VAL PA 30 -49.43 16.84 -77.77
C VAL PA 30 -48.19 17.47 -78.41
N ALA PA 31 -47.01 17.09 -77.95
CA ALA PA 31 -45.77 17.57 -78.56
C ALA PA 31 -45.66 17.15 -80.01
N VAL PA 32 -46.04 15.90 -80.32
CA VAL PA 32 -46.00 15.44 -81.71
C VAL PA 32 -46.96 16.23 -82.58
N GLU PA 33 -48.17 16.50 -82.07
CA GLU PA 33 -49.14 17.31 -82.81
C GLU PA 33 -48.61 18.72 -83.03
N HIS PA 34 -48.00 19.29 -82.01
CA HIS PA 34 -47.36 20.57 -82.19
C HIS PA 34 -46.30 20.54 -83.26
N LEU PA 35 -45.44 19.51 -83.27
CA LEU PA 35 -44.40 19.40 -84.29
C LEU PA 35 -45.00 19.33 -85.69
N LYS PA 36 -46.09 18.58 -85.85
CA LYS PA 36 -46.79 18.59 -87.13
C LYS PA 36 -47.28 19.99 -87.49
N GLU PA 37 -47.83 20.71 -86.50
CA GLU PA 37 -48.27 22.08 -86.73
C GLU PA 37 -47.11 22.97 -87.15
N ALA PA 38 -45.94 22.78 -86.52
CA ALA PA 38 -44.76 23.55 -86.88
C ALA PA 38 -44.32 23.29 -88.31
N ILE PA 39 -44.34 22.03 -88.72
CA ILE PA 39 -44.00 21.70 -90.11
C ILE PA 39 -44.98 22.38 -91.07
N GLU PA 40 -46.27 22.32 -90.75
CA GLU PA 40 -47.27 22.97 -91.60
C GLU PA 40 -47.06 24.48 -91.65
N LEU PA 41 -46.69 25.08 -90.52
CA LEU PA 41 -46.47 26.53 -90.47
C LEU PA 41 -45.25 26.92 -91.29
N ILE PA 42 -44.15 26.17 -91.19
CA ILE PA 42 -42.99 26.43 -92.03
C ILE PA 42 -43.37 26.31 -93.50
N GLU PA 43 -44.20 25.32 -93.84
CA GLU PA 43 -44.66 25.18 -95.22
C GLU PA 43 -45.47 26.39 -95.66
N LYS PA 44 -46.33 26.91 -94.78
CA LYS PA 44 -47.17 28.05 -95.14
C LYS PA 44 -46.35 29.31 -95.33
N GLY PA 45 -45.46 29.62 -94.39
CA GLY PA 45 -44.62 30.79 -94.52
C GLY PA 45 -44.54 31.65 -93.26
N GLU PA 46 -45.17 31.22 -92.18
CA GLU PA 46 -45.14 31.95 -90.91
C GLU PA 46 -43.98 31.42 -90.08
N TYR PA 47 -42.87 32.15 -90.09
CA TYR PA 47 -41.66 31.72 -89.40
C TYR PA 47 -41.63 32.16 -87.94
N VAL PA 48 -42.25 33.29 -87.62
CA VAL PA 48 -42.33 33.73 -86.22
C VAL PA 48 -43.18 32.74 -85.42
N LYS PA 49 -44.32 32.34 -85.97
CA LYS PA 49 -45.17 31.38 -85.29
C LYS PA 49 -44.47 30.03 -85.17
N ALA PA 50 -43.67 29.66 -86.17
CA ALA PA 50 -42.90 28.42 -86.10
C ALA PA 50 -41.87 28.48 -84.98
N ASP PA 51 -41.17 29.61 -84.84
CA ASP PA 51 -40.19 29.77 -83.77
C ASP PA 51 -40.86 29.69 -82.40
N LEU PA 52 -42.02 30.35 -82.26
CA LEU PA 52 -42.75 30.30 -81.00
C LEU PA 52 -43.26 28.90 -80.70
N ILE PA 53 -43.72 28.17 -81.72
CA ILE PA 53 -44.16 26.79 -81.53
C ILE PA 53 -43.00 25.93 -81.09
N LEU PA 54 -41.81 26.15 -81.65
CA LEU PA 54 -40.65 25.37 -81.23
C LEU PA 54 -40.33 25.63 -79.76
N THR PA 55 -40.46 26.88 -79.31
CA THR PA 55 -40.28 27.17 -77.89
C THR PA 55 -41.32 26.45 -77.04
N ASP PA 56 -42.58 26.42 -77.51
CA ASP PA 56 -43.62 25.71 -76.77
C ASP PA 56 -43.33 24.21 -76.69
N ILE PA 57 -42.86 23.62 -77.79
CA ILE PA 57 -42.51 22.20 -77.80
C ILE PA 57 -41.37 21.92 -76.83
N LEU PA 58 -40.38 22.82 -76.79
CA LEU PA 58 -39.30 22.66 -75.82
C LEU PA 58 -39.83 22.69 -74.40
N ARG PA 59 -40.77 23.60 -74.11
CA ARG PA 59 -41.36 23.66 -72.78
C ARG PA 59 -42.10 22.37 -72.44
N LEU PA 60 -42.86 21.84 -73.40
CA LEU PA 60 -43.57 20.57 -73.17
C LEU PA 60 -42.60 19.43 -72.88
N LEU PA 61 -41.55 19.30 -73.69
CA LEU PA 61 -40.60 18.21 -73.51
C LEU PA 61 -39.86 18.34 -72.19
N GLU PA 62 -39.50 19.57 -71.80
CA GLU PA 62 -38.87 19.76 -70.50
C GLU PA 62 -39.84 19.43 -69.37
N GLU PA 63 -41.13 19.68 -69.57
CA GLU PA 63 -42.13 19.26 -68.59
C GLU PA 63 -42.15 17.75 -68.45
N GLU PA 64 -42.06 17.02 -69.56
CA GLU PA 64 -42.03 15.56 -69.49
C GLU PA 64 -40.76 15.07 -68.82
N GLY PA 65 -39.60 15.55 -69.27
CA GLY PA 65 -38.34 15.22 -68.61
C GLY PA 65 -37.48 14.17 -69.27
N VAL PA 66 -37.30 14.24 -70.58
CA VAL PA 66 -36.39 13.35 -71.31
C VAL PA 66 -35.22 14.19 -71.81
N LYS PA 67 -34.02 13.88 -71.32
CA LYS PA 67 -32.87 14.77 -71.50
C LYS PA 67 -32.48 14.88 -72.97
N SER PA 68 -32.38 13.75 -73.66
CA SER PA 68 -31.98 13.77 -75.06
C SER PA 68 -32.97 14.57 -75.91
N LEU PA 69 -34.27 14.37 -75.68
CA LEU PA 69 -35.27 15.14 -76.38
C LEU PA 69 -35.14 16.63 -76.05
N ILE PA 70 -34.80 16.95 -74.81
CA ILE PA 70 -34.70 18.34 -74.40
C ILE PA 70 -33.55 19.04 -75.13
N LYS PA 71 -32.37 18.42 -75.13
CA LYS PA 71 -31.24 19.05 -75.83
C LYS PA 71 -31.49 19.12 -77.32
N GLN PA 72 -32.11 18.09 -77.89
CA GLN PA 72 -32.45 18.12 -79.31
C GLN PA 72 -33.42 19.25 -79.61
N ALA PA 73 -34.39 19.50 -78.72
CA ALA PA 73 -35.35 20.57 -78.95
C ALA PA 73 -34.71 21.95 -78.85
N LYS PA 74 -33.80 22.15 -77.90
CA LYS PA 74 -33.12 23.44 -77.79
C LYS PA 74 -32.26 23.71 -79.03
N GLU PA 75 -31.45 22.73 -79.43
CA GLU PA 75 -30.63 22.92 -80.62
C GLU PA 75 -31.50 23.08 -81.86
N LEU PA 76 -32.66 22.42 -81.88
CA LEU PA 76 -33.59 22.60 -82.99
C LEU PA 76 -34.10 24.03 -83.06
N HIS PA 77 -34.46 24.61 -81.91
CA HIS PA 77 -34.92 25.99 -81.91
C HIS PA 77 -33.85 26.92 -82.48
N ILE PA 78 -32.63 26.80 -81.97
CA ILE PA 78 -31.55 27.69 -82.43
C ILE PA 78 -31.29 27.52 -83.92
N GLU PA 79 -31.11 26.27 -84.36
CA GLU PA 79 -30.73 26.02 -85.75
C GLU PA 79 -31.85 26.33 -86.72
N VAL PA 80 -33.10 26.07 -86.34
CA VAL PA 80 -34.21 26.41 -87.23
C VAL PA 80 -34.36 27.91 -87.35
N PHE PA 81 -34.14 28.65 -86.26
CA PHE PA 81 -34.16 30.11 -86.37
C PHE PA 81 -33.10 30.59 -87.34
N LYS PA 82 -31.89 30.07 -87.22
CA LYS PA 82 -30.82 30.46 -88.13
C LYS PA 82 -31.15 30.12 -89.59
N LEU PA 83 -31.63 28.89 -89.82
CA LEU PA 83 -31.92 28.45 -91.17
C LEU PA 83 -33.06 29.24 -91.79
N LEU PA 84 -34.11 29.53 -91.02
CA LEU PA 84 -35.20 30.33 -91.54
C LEU PA 84 -34.76 31.75 -91.82
N LYS PA 85 -33.80 32.28 -91.04
CA LYS PA 85 -33.18 33.55 -91.41
C LYS PA 85 -32.48 33.45 -92.75
N GLU PA 86 -31.70 32.39 -92.96
CA GLU PA 86 -30.96 32.24 -94.21
C GLU PA 86 -31.89 31.91 -95.38
N GLY PA 87 -32.97 31.17 -95.14
CA GLY PA 87 -33.87 30.76 -96.19
C GLY PA 87 -33.85 29.27 -96.50
N GLU PA 88 -33.18 28.46 -95.70
CA GLU PA 88 -33.11 27.01 -95.91
C GLU PA 88 -34.34 26.36 -95.29
N TYR PA 89 -35.45 26.44 -96.01
CA TYR PA 89 -36.71 25.90 -95.52
C TYR PA 89 -36.65 24.38 -95.40
N LYS PA 90 -36.07 23.71 -96.40
CA LYS PA 90 -36.05 22.25 -96.42
C LYS PA 90 -35.21 21.69 -95.28
N GLU PA 91 -34.08 22.33 -94.97
CA GLU PA 91 -33.25 21.86 -93.86
C GLU PA 91 -33.98 21.99 -92.53
N ALA PA 92 -34.68 23.11 -92.32
CA ALA PA 92 -35.44 23.29 -91.10
C ALA PA 92 -36.58 22.27 -90.99
N LYS PA 93 -37.28 22.03 -92.09
CA LYS PA 93 -38.32 21.01 -92.11
C LYS PA 93 -37.75 19.64 -91.80
N ALA PA 94 -36.58 19.34 -92.34
CA ALA PA 94 -35.94 18.05 -92.06
C ALA PA 94 -35.59 17.92 -90.58
N LEU PA 95 -35.07 18.98 -89.97
CA LEU PA 95 -34.74 18.91 -88.56
C LEU PA 95 -35.98 18.72 -87.69
N VAL PA 96 -37.07 19.43 -88.03
CA VAL PA 96 -38.31 19.26 -87.27
C VAL PA 96 -38.85 17.85 -87.44
N GLU PA 97 -38.78 17.30 -88.66
CA GLU PA 97 -39.25 15.94 -88.89
C GLU PA 97 -38.40 14.93 -88.13
N ALA PA 98 -37.09 15.18 -88.05
CA ALA PA 98 -36.22 14.29 -87.28
C ALA PA 98 -36.58 14.30 -85.81
N LEU PA 99 -36.85 15.48 -85.24
CA LEU PA 99 -37.26 15.53 -83.85
C LEU PA 99 -38.61 14.85 -83.64
N ARG PA 100 -39.54 15.02 -84.58
CA ARG PA 100 -40.83 14.36 -84.49
C ARG PA 100 -40.67 12.84 -84.48
N VAL PA 101 -39.86 12.32 -85.40
CA VAL PA 101 -39.62 10.88 -85.46
C VAL PA 101 -38.97 10.39 -84.18
N SER PA 102 -38.03 11.16 -83.64
CA SER PA 102 -37.38 10.77 -82.39
C SER PA 102 -38.38 10.68 -81.24
N VAL PA 103 -39.29 11.65 -81.13
CA VAL PA 103 -40.27 11.64 -80.05
C VAL PA 103 -41.24 10.47 -80.22
N GLU PA 104 -41.72 10.24 -81.44
CA GLU PA 104 -42.61 9.10 -81.69
C GLU PA 104 -41.91 7.78 -81.38
N LEU PA 105 -40.63 7.67 -81.74
CA LEU PA 105 -39.89 6.46 -81.45
C LEU PA 105 -39.72 6.25 -79.95
N TYR PA 106 -39.50 7.32 -79.19
CA TYR PA 106 -39.44 7.17 -77.75
C TYR PA 106 -40.78 6.68 -77.19
N ILE PA 107 -41.88 7.24 -77.71
CA ILE PA 107 -43.20 6.81 -77.27
C ILE PA 107 -43.38 5.31 -77.52
N LEU PA 108 -43.04 4.87 -78.73
CA LEU PA 108 -43.23 3.47 -79.09
C LEU PA 108 -42.32 2.56 -78.28
N ILE PA 109 -41.09 3.00 -78.01
CA ILE PA 109 -40.19 2.20 -77.19
C ILE PA 109 -40.76 2.03 -75.78
N LYS PA 110 -41.28 3.11 -75.20
CA LYS PA 110 -41.85 3.02 -73.86
C LYS PA 110 -43.07 2.10 -73.84
N ARG PA 111 -43.94 2.22 -74.84
CA ARG PA 111 -45.11 1.34 -74.91
C ARG PA 111 -44.70 -0.12 -75.07
N GLY PA 112 -43.70 -0.39 -75.91
CA GLY PA 112 -43.26 -1.75 -76.10
C GLY PA 112 -42.63 -2.35 -74.85
N VAL PA 113 -41.80 -1.58 -74.17
CA VAL PA 113 -41.13 -2.09 -72.98
C VAL PA 113 -42.13 -2.32 -71.86
N ARG PA 114 -43.06 -1.38 -71.65
CA ARG PA 114 -44.06 -1.54 -70.59
C ARG PA 114 -44.94 -2.77 -70.85
N GLU PA 115 -45.46 -2.90 -72.07
CA GLU PA 115 -46.31 -4.01 -72.45
C GLU PA 115 -45.57 -5.34 -72.54
N GLY PA 116 -44.27 -5.37 -72.26
CA GLY PA 116 -43.50 -6.60 -72.38
C GLY PA 116 -43.44 -7.14 -73.79
N ARG PA 117 -43.47 -6.26 -74.79
CA ARG PA 117 -43.39 -6.71 -76.16
C ARG PA 117 -42.01 -7.32 -76.46
N PRO PA 118 -41.94 -8.27 -77.38
CA PRO PA 118 -40.64 -8.85 -77.75
C PRO PA 118 -39.75 -7.81 -78.41
N ILE PA 119 -38.44 -7.98 -78.19
CA ILE PA 119 -37.45 -7.09 -78.80
C ILE PA 119 -37.55 -7.14 -80.32
N GLU PA 120 -37.94 -8.30 -80.87
CA GLU PA 120 -37.99 -8.47 -82.32
C GLU PA 120 -38.91 -7.46 -82.97
N GLU PA 121 -40.16 -7.37 -82.50
CA GLU PA 121 -41.13 -6.49 -83.15
C GLU PA 121 -40.81 -5.02 -82.87
N ILE PA 122 -40.24 -4.72 -81.71
CA ILE PA 122 -39.79 -3.36 -81.44
C ILE PA 122 -38.73 -2.94 -82.46
N ALA PA 123 -37.76 -3.82 -82.71
CA ALA PA 123 -36.72 -3.53 -83.68
C ALA PA 123 -37.31 -3.35 -85.08
N ARG PA 124 -38.25 -4.22 -85.46
CA ARG PA 124 -38.87 -4.07 -86.78
C ARG PA 124 -39.61 -2.75 -86.89
N GLU PA 125 -40.32 -2.34 -85.84
CA GLU PA 125 -41.03 -1.07 -85.87
C GLU PA 125 -40.07 0.11 -86.00
N VAL PA 126 -38.96 0.07 -85.25
CA VAL PA 126 -37.97 1.14 -85.33
C VAL PA 126 -37.41 1.24 -86.74
N GLY PA 127 -37.07 0.09 -87.34
CA GLY PA 127 -36.58 0.10 -88.70
C GLY PA 127 -37.59 0.65 -89.69
N ARG PA 128 -38.86 0.27 -89.54
CA ARG PA 128 -39.89 0.76 -90.44
C ARG PA 128 -40.03 2.27 -90.32
N LYS PA 129 -40.02 2.80 -89.09
CA LYS PA 129 -40.12 4.25 -88.89
C LYS PA 129 -38.95 4.98 -89.52
N LEU PA 130 -37.73 4.46 -89.33
CA LEU PA 130 -36.57 5.11 -89.92
C LEU PA 130 -36.62 5.09 -91.44
N VAL PA 131 -37.08 3.98 -92.02
CA VAL PA 131 -37.18 3.91 -93.49
C VAL PA 131 -38.23 4.88 -94.00
N GLU PA 132 -39.35 5.02 -93.28
CA GLU PA 132 -40.37 5.97 -93.71
C GLU PA 132 -39.85 7.41 -93.64
N LEU PA 133 -39.11 7.73 -92.58
CA LEU PA 133 -38.50 9.06 -92.50
C LEU PA 133 -37.54 9.30 -93.65
N ALA PA 134 -36.70 8.30 -93.97
CA ALA PA 134 -35.75 8.44 -95.05
C ALA PA 134 -36.46 8.65 -96.39
N LYS PA 135 -37.55 7.91 -96.63
CA LYS PA 135 -38.31 8.10 -97.85
C LYS PA 135 -38.92 9.48 -97.92
N ARG PA 136 -39.45 9.98 -96.81
CA ARG PA 136 -39.99 11.33 -96.77
C ARG PA 136 -38.93 12.37 -97.12
N LEU PA 137 -37.76 12.28 -96.46
CA LEU PA 137 -36.70 13.24 -96.70
C LEU PA 137 -36.20 13.16 -98.14
N GLU PA 138 -36.13 11.96 -98.70
CA GLU PA 138 -35.72 11.80 -100.10
C GLU PA 138 -36.73 12.46 -101.03
N LYS PA 139 -38.03 12.34 -100.70
CA LYS PA 139 -39.04 13.01 -101.49
C LYS PA 139 -38.91 14.53 -101.40
N GLU PA 140 -38.58 15.04 -100.21
CA GLU PA 140 -38.43 16.49 -100.04
C GLU PA 140 -37.31 17.04 -100.91
N GLY PA 141 -36.18 16.34 -100.97
CA GLY PA 141 -35.05 16.80 -101.77
C GLY PA 141 -33.75 16.86 -101.01
N ILE PA 142 -33.75 16.37 -99.77
CA ILE PA 142 -32.55 16.35 -98.96
C ILE PA 142 -31.63 15.23 -99.46
N SER PA 143 -30.33 15.54 -99.55
CA SER PA 143 -29.37 14.57 -100.05
C SER PA 143 -29.19 13.43 -99.06
N TRP PA 144 -28.61 12.32 -99.57
CA TRP PA 144 -28.55 11.10 -98.78
C TRP PA 144 -27.52 11.18 -97.67
N GLU PA 145 -26.48 12.01 -97.82
CA GLU PA 145 -25.53 12.20 -96.73
C GLU PA 145 -26.19 12.85 -95.53
N GLU PA 146 -26.99 13.88 -95.77
CA GLU PA 146 -27.74 14.52 -94.69
C GLU PA 146 -28.75 13.56 -94.08
N ILE PA 147 -29.42 12.76 -94.90
CA ILE PA 147 -30.38 11.78 -94.40
C ILE PA 147 -29.68 10.79 -93.48
N ILE PA 148 -28.52 10.29 -93.90
CA ILE PA 148 -27.78 9.33 -93.08
C ILE PA 148 -27.35 9.96 -91.76
N GLU PA 149 -26.85 11.21 -91.81
CA GLU PA 149 -26.42 11.86 -90.58
C GLU PA 149 -27.58 12.07 -89.61
N LEU PA 150 -28.74 12.51 -90.13
CA LEU PA 150 -29.91 12.64 -89.29
C LEU PA 150 -30.31 11.29 -88.68
N ILE PA 151 -30.26 10.23 -89.49
CA ILE PA 151 -30.64 8.90 -89.00
C ILE PA 151 -29.69 8.45 -87.89
N GLU PA 152 -28.38 8.70 -88.04
CA GLU PA 152 -27.46 8.31 -86.98
C GLU PA 152 -27.64 9.13 -85.72
N ARG PA 153 -27.99 10.41 -85.84
CA ARG PA 153 -28.32 11.18 -84.64
C ARG PA 153 -29.54 10.59 -83.93
N ILE PA 154 -30.57 10.23 -84.70
CA ILE PA 154 -31.75 9.59 -84.11
C ILE PA 154 -31.36 8.26 -83.46
N LEU PA 155 -30.43 7.53 -84.08
CA LEU PA 155 -30.00 6.24 -83.54
C LEU PA 155 -29.26 6.41 -82.22
N GLU PA 156 -28.43 7.45 -82.10
CA GLU PA 156 -27.77 7.73 -80.83
C GLU PA 156 -28.79 8.10 -79.76
N SER PA 157 -29.81 8.88 -80.13
CA SER PA 157 -30.88 9.19 -79.19
C SER PA 157 -31.60 7.92 -78.74
N ILE PA 158 -31.86 7.01 -79.69
CA ILE PA 158 -32.50 5.74 -79.38
C ILE PA 158 -31.64 4.92 -78.42
N ARG PA 159 -30.33 4.91 -78.67
CA ARG PA 159 -29.42 4.17 -77.80
C ARG PA 159 -29.48 4.70 -76.37
N GLU PA 160 -29.47 6.03 -76.22
CA GLU PA 160 -29.58 6.61 -74.88
C GLU PA 160 -30.91 6.26 -74.23
N ILE PA 161 -32.01 6.34 -74.99
CA ILE PA 161 -33.33 6.04 -74.45
C ILE PA 161 -33.41 4.59 -74.00
N LEU PA 162 -32.90 3.67 -74.82
CA LEU PA 162 -32.92 2.25 -74.47
C LEU PA 162 -32.07 1.97 -73.25
N LYS PA 163 -30.89 2.60 -73.16
CA LYS PA 163 -30.07 2.43 -71.98
C LYS PA 163 -30.77 2.97 -70.73
N GLU PA 164 -31.60 4.00 -70.89
CA GLU PA 164 -32.37 4.51 -69.75
C GLU PA 164 -33.36 3.48 -69.23
N GLU PA 165 -34.00 2.73 -70.13
CA GLU PA 165 -34.99 1.75 -69.73
C GLU PA 165 -34.41 0.53 -69.02
N GLY PA 166 -33.10 0.50 -68.79
CA GLY PA 166 -32.49 -0.63 -68.11
C GLY PA 166 -32.25 -1.85 -68.98
N LEU PA 167 -32.42 -1.74 -70.29
CA LEU PA 167 -32.14 -2.87 -71.17
C LEU PA 167 -30.65 -3.15 -71.20
N PRO PA 168 -30.25 -4.42 -71.29
CA PRO PA 168 -28.82 -4.74 -71.42
C PRO PA 168 -28.30 -4.42 -72.81
N GLU PA 169 -26.97 -4.46 -72.93
CA GLU PA 169 -26.32 -4.02 -74.16
C GLU PA 169 -26.66 -4.90 -75.35
N SER PA 170 -26.91 -6.18 -75.13
CA SER PA 170 -27.10 -7.11 -76.25
C SER PA 170 -28.34 -6.74 -77.06
N GLU PA 171 -29.48 -6.55 -76.39
CA GLU PA 171 -30.70 -6.20 -77.11
C GLU PA 171 -30.63 -4.82 -77.72
N ILE PA 172 -29.97 -3.87 -77.06
CA ILE PA 172 -29.79 -2.54 -77.63
C ILE PA 172 -29.02 -2.64 -78.93
N ASN PA 173 -27.90 -3.37 -78.91
CA ASN PA 173 -27.11 -3.54 -80.13
C ASN PA 173 -27.90 -4.27 -81.20
N ARG PA 174 -28.70 -5.25 -80.81
CA ARG PA 174 -29.52 -5.97 -81.78
C ARG PA 174 -30.52 -5.04 -82.47
N ILE PA 175 -31.21 -4.21 -81.69
CA ILE PA 175 -32.18 -3.28 -82.26
C ILE PA 175 -31.50 -2.29 -83.19
N LEU PA 176 -30.37 -1.72 -82.75
CA LEU PA 176 -29.67 -0.75 -83.56
C LEU PA 176 -29.17 -1.36 -84.86
N ALA PA 177 -28.60 -2.57 -84.78
CA ALA PA 177 -28.13 -3.25 -85.98
C ALA PA 177 -29.26 -3.53 -86.95
N VAL PA 178 -30.41 -3.96 -86.42
CA VAL PA 178 -31.56 -4.25 -87.29
C VAL PA 178 -32.02 -2.98 -88.01
N SER PA 179 -32.10 -1.85 -87.27
CA SER PA 179 -32.53 -0.61 -87.90
C SER PA 179 -31.56 -0.15 -88.99
N ILE PA 180 -30.25 -0.21 -88.69
CA ILE PA 180 -29.25 0.16 -89.69
C ILE PA 180 -29.36 -0.74 -90.91
N LEU PA 181 -29.55 -2.04 -90.68
CA LEU PA 181 -29.66 -2.97 -91.80
C LEU PA 181 -30.93 -2.74 -92.61
N GLU PA 182 -32.01 -2.27 -91.98
CA GLU PA 182 -33.22 -1.96 -92.74
C GLU PA 182 -32.99 -0.75 -93.63
N VAL PA 183 -32.31 0.28 -93.12
CA VAL PA 183 -31.96 1.42 -93.97
C VAL PA 183 -31.07 0.97 -95.14
N ALA PA 184 -30.09 0.12 -94.84
CA ALA PA 184 -29.20 -0.38 -95.89
C ALA PA 184 -29.98 -1.22 -96.91
N LYS PA 185 -30.98 -1.97 -96.44
CA LYS PA 185 -31.82 -2.75 -97.35
C LYS PA 185 -32.60 -1.85 -98.29
N TYR PA 186 -33.14 -0.74 -97.75
CA TYR PA 186 -33.82 0.21 -98.63
C TYR PA 186 -32.86 0.78 -99.67
N LEU PA 187 -31.63 1.11 -99.25
CA LEU PA 187 -30.64 1.60 -100.21
C LEU PA 187 -30.34 0.55 -101.28
N LEU PA 188 -30.18 -0.71 -100.88
CA LEU PA 188 -29.91 -1.77 -101.84
C LEU PA 188 -31.06 -1.95 -102.83
N GLU PA 189 -32.29 -1.87 -102.33
CA GLU PA 189 -33.45 -1.94 -103.22
C GLU PA 189 -33.45 -0.78 -104.22
N LYS PA 190 -33.09 0.41 -103.76
CA LYS PA 190 -32.97 1.54 -104.69
C LYS PA 190 -31.90 1.27 -105.75
N LEU PA 191 -30.75 0.74 -105.33
CA LEU PA 191 -29.68 0.45 -106.28
C LEU PA 191 -30.08 -0.64 -107.27
N GLY PA 192 -30.77 -1.69 -106.80
CA GLY PA 192 -31.22 -2.75 -107.68
C GLY PA 192 -30.41 -4.02 -107.57
N PHE PA 193 -29.97 -4.36 -106.37
CA PHE PA 193 -29.20 -5.57 -106.09
C PHE PA 193 -30.07 -6.50 -105.26
N ASP PA 194 -30.86 -7.34 -105.95
CA ASP PA 194 -31.86 -8.15 -105.27
C ASP PA 194 -31.24 -9.25 -104.41
N TYR PA 195 -30.19 -9.90 -104.91
CA TYR PA 195 -29.58 -11.00 -104.16
C TYR PA 195 -29.00 -10.51 -102.84
N LEU PA 196 -28.31 -9.36 -102.87
CA LEU PA 196 -27.82 -8.77 -101.64
C LEU PA 196 -28.95 -8.41 -100.71
N VAL PA 197 -30.10 -8.00 -101.26
CA VAL PA 197 -31.28 -7.74 -100.44
C VAL PA 197 -31.69 -9.00 -99.70
N GLU PA 198 -31.79 -10.12 -100.44
CA GLU PA 198 -32.22 -11.38 -99.83
C GLU PA 198 -31.25 -11.83 -98.74
N LEU PA 199 -29.95 -11.75 -99.01
CA LEU PA 199 -28.98 -12.04 -97.97
C LEU PA 199 -29.15 -11.12 -96.77
N LEU PA 200 -29.55 -9.87 -97.01
CA LEU PA 200 -29.77 -8.96 -95.90
C LEU PA 200 -30.97 -9.36 -95.06
N ASP PA 201 -32.08 -9.81 -95.68
CA ASP PA 201 -33.18 -10.32 -94.87
C ASP PA 201 -32.75 -11.53 -94.07
N ARG PA 202 -31.96 -12.42 -94.68
CA ARG PA 202 -31.47 -13.58 -93.95
C ARG PA 202 -30.67 -13.16 -92.71
N ALA PA 203 -29.76 -12.20 -92.89
CA ALA PA 203 -28.95 -11.73 -91.76
C ALA PA 203 -29.81 -11.04 -90.71
N ILE PA 204 -30.81 -10.28 -91.14
CA ILE PA 204 -31.69 -9.60 -90.19
C ILE PA 204 -32.48 -10.61 -89.37
N GLU PA 205 -32.99 -11.65 -90.03
CA GLU PA 205 -33.70 -12.71 -89.31
C GLU PA 205 -32.79 -13.41 -88.32
N TYR PA 206 -31.54 -13.68 -88.72
CA TYR PA 206 -30.61 -14.33 -87.80
C TYR PA 206 -30.30 -13.45 -86.60
N ILE PA 207 -30.14 -12.15 -86.82
CA ILE PA 207 -29.91 -11.22 -85.71
C ILE PA 207 -31.12 -11.20 -84.78
N LEU PA 208 -32.33 -11.16 -85.36
CA LEU PA 208 -33.53 -11.05 -84.56
C LEU PA 208 -33.78 -12.32 -83.73
N LYS PA 209 -33.50 -13.49 -84.30
CA LYS PA 209 -33.70 -14.74 -83.60
C LYS PA 209 -32.64 -15.00 -82.54
N GLY PA 210 -31.58 -14.20 -82.48
CA GLY PA 210 -30.54 -14.34 -81.48
C GLY PA 210 -29.26 -15.01 -81.95
N ARG PA 211 -29.26 -15.57 -83.15
CA ARG PA 211 -28.07 -16.25 -83.69
C ARG PA 211 -27.11 -15.19 -84.21
N SER PA 212 -26.11 -14.85 -83.39
CA SER PA 212 -25.25 -13.71 -83.68
C SER PA 212 -24.06 -14.06 -84.57
N GLU PA 213 -23.38 -15.18 -84.28
CA GLU PA 213 -22.17 -15.52 -85.04
C GLU PA 213 -22.49 -15.83 -86.49
N LEU PA 214 -23.58 -16.54 -86.74
CA LEU PA 214 -24.01 -16.79 -88.12
C LEU PA 214 -24.29 -15.49 -88.84
N ALA PA 215 -24.93 -14.55 -88.14
CA ALA PA 215 -25.22 -13.24 -88.72
C ALA PA 215 -23.95 -12.49 -89.03
N VAL PA 216 -22.94 -12.58 -88.15
CA VAL PA 216 -21.67 -11.89 -88.40
C VAL PA 216 -20.98 -12.47 -89.62
N HIS PA 217 -20.99 -13.80 -89.77
CA HIS PA 217 -20.38 -14.41 -90.95
C HIS PA 217 -21.13 -14.02 -92.22
N LEU PA 218 -22.47 -14.00 -92.15
CA LEU PA 218 -23.27 -13.56 -93.28
C LEU PA 218 -22.95 -12.11 -93.66
N LEU PA 219 -22.79 -11.26 -92.65
CA LEU PA 219 -22.46 -9.86 -92.90
C LEU PA 219 -21.08 -9.70 -93.50
N ASP PA 220 -20.13 -10.55 -93.09
CA ASP PA 220 -18.81 -10.55 -93.72
C ASP PA 220 -18.92 -10.90 -95.20
N ASP PA 221 -19.70 -11.93 -95.53
CA ASP PA 221 -19.87 -12.29 -96.93
C ASP PA 221 -20.56 -11.18 -97.72
N ILE PA 222 -21.55 -10.52 -97.11
CA ILE PA 222 -22.23 -9.41 -97.75
C ILE PA 222 -21.27 -8.26 -97.99
N ILE PA 223 -20.40 -7.97 -97.01
CA ILE PA 223 -19.42 -6.91 -97.16
C ILE PA 223 -18.46 -7.21 -98.31
N ARG PA 224 -18.02 -8.46 -98.40
CA ARG PA 224 -17.16 -8.83 -99.52
C ARG PA 224 -17.86 -8.65 -100.86
N ARG PA 225 -19.12 -9.04 -100.95
CA ARG PA 225 -19.87 -8.87 -102.19
C ARG PA 225 -20.04 -7.39 -102.54
N VAL PA 226 -20.30 -6.55 -101.53
CA VAL PA 226 -20.48 -5.12 -101.76
C VAL PA 226 -19.17 -4.51 -102.25
N HIS PA 227 -18.05 -4.90 -101.65
CA HIS PA 227 -16.76 -4.39 -102.11
C HIS PA 227 -16.46 -4.84 -103.54
N GLU PA 228 -16.84 -6.07 -103.88
CA GLU PA 228 -16.69 -6.53 -105.26
C GLU PA 228 -17.51 -5.68 -106.21
N GLU PA 229 -18.75 -5.35 -105.84
CA GLU PA 229 -19.58 -4.50 -106.68
C GLU PA 229 -18.98 -3.11 -106.86
N ILE PA 230 -18.47 -2.54 -105.76
CA ILE PA 230 -17.84 -1.22 -105.82
C ILE PA 230 -16.63 -1.25 -106.76
N GLU PA 231 -15.79 -2.27 -106.62
CA GLU PA 231 -14.64 -2.41 -107.49
C GLU PA 231 -15.04 -2.58 -108.95
N ARG PA 232 -16.15 -3.28 -109.19
CA ARG PA 232 -16.64 -3.42 -110.56
C ARG PA 232 -17.07 -2.06 -111.12
N TYR PA 233 -17.69 -1.22 -110.29
CA TYR PA 233 -18.17 0.07 -110.79
C TYR PA 233 -17.02 0.96 -111.24
N GLY PA 234 -15.93 0.99 -110.51
CA GLY PA 234 -14.74 1.72 -110.93
C GLY PA 234 -14.74 3.15 -110.41
N ASP PA 235 -14.72 4.11 -111.34
CA ASP PA 235 -14.68 5.53 -110.98
C ASP PA 235 -16.06 6.18 -110.95
N ASP PA 236 -17.11 5.49 -111.40
CA ASP PA 236 -18.46 6.04 -111.46
C ASP PA 236 -19.35 5.48 -110.36
N VAL PA 237 -18.79 5.24 -109.19
CA VAL PA 237 -19.54 4.63 -108.08
C VAL PA 237 -20.58 5.62 -107.56
N PRO PA 238 -21.86 5.24 -107.54
CA PRO PA 238 -22.86 6.10 -106.91
C PRO PA 238 -22.65 6.19 -105.40
N GLU PA 239 -23.07 7.31 -104.83
CA GLU PA 239 -22.88 7.55 -103.40
C GLU PA 239 -23.70 6.61 -102.54
N GLU PA 240 -24.81 6.08 -103.09
CA GLU PA 240 -25.62 5.14 -102.32
C GLU PA 240 -24.85 3.88 -102.00
N LEU PA 241 -24.00 3.42 -102.93
CA LEU PA 241 -23.19 2.24 -102.69
C LEU PA 241 -22.20 2.46 -101.55
N LEU PA 242 -21.57 3.63 -101.50
CA LEU PA 242 -20.62 3.91 -100.43
C LEU PA 242 -21.32 4.05 -99.08
N LEU PA 243 -22.48 4.72 -99.07
CA LEU PA 243 -23.24 4.82 -97.84
C LEU PA 243 -23.71 3.45 -97.36
N LEU PA 244 -24.14 2.60 -98.29
CA LEU PA 244 -24.52 1.23 -97.95
C LEU PA 244 -23.34 0.46 -97.37
N ASP PA 245 -22.16 0.62 -97.97
CA ASP PA 245 -20.95 -0.01 -97.45
C ASP PA 245 -20.72 0.39 -95.99
N LEU PA 246 -20.76 1.69 -95.72
CA LEU PA 246 -20.53 2.17 -94.35
C LEU PA 246 -21.59 1.64 -93.40
N LEU PA 247 -22.85 1.63 -93.83
CA LEU PA 247 -23.94 1.17 -92.97
C LEU PA 247 -23.78 -0.31 -92.63
N VAL PA 248 -23.48 -1.14 -93.64
CA VAL PA 248 -23.31 -2.56 -93.39
C VAL PA 248 -22.11 -2.83 -92.49
N GLN PA 249 -21.03 -2.05 -92.68
CA GLN PA 249 -19.87 -2.23 -91.82
C GLN PA 249 -20.19 -1.90 -90.36
N LYS PA 250 -20.88 -0.79 -90.12
CA LYS PA 250 -21.21 -0.44 -88.74
C LYS PA 250 -22.22 -1.42 -88.14
N ALA PA 251 -23.15 -1.94 -88.96
CA ALA PA 251 -24.08 -2.95 -88.48
C ALA PA 251 -23.35 -4.23 -88.11
N ARG PA 252 -22.35 -4.62 -88.90
CA ARG PA 252 -21.55 -5.79 -88.57
C ARG PA 252 -20.78 -5.59 -87.27
N ASP PA 253 -20.24 -4.38 -87.07
CA ASP PA 253 -19.56 -4.08 -85.81
C ASP PA 253 -20.51 -4.22 -84.63
N LEU PA 254 -21.72 -3.67 -84.76
CA LEU PA 254 -22.70 -3.79 -83.69
C LEU PA 254 -23.09 -5.24 -83.44
N ALA PA 255 -23.27 -6.02 -84.51
CA ALA PA 255 -23.63 -7.43 -84.34
C ALA PA 255 -22.52 -8.20 -83.66
N ALA PA 256 -21.26 -7.88 -83.98
CA ALA PA 256 -20.14 -8.49 -83.26
C ALA PA 256 -20.16 -8.11 -81.78
N ARG PA 257 -20.47 -6.84 -81.48
CA ARG PA 257 -20.50 -6.40 -80.09
C ARG PA 257 -21.67 -6.95 -79.31
N ILE PA 258 -22.64 -7.60 -79.96
CA ILE PA 258 -23.81 -8.14 -79.27
C ILE PA 258 -23.40 -9.11 -78.17
N MET QA 25 -1.23 39.60 -77.45
CA MET QA 25 -0.11 38.80 -77.95
C MET QA 25 0.67 39.53 -79.03
N GLU QA 26 0.82 40.85 -78.88
CA GLU QA 26 1.50 41.63 -79.89
C GLU QA 26 2.99 41.30 -79.99
N LYS QA 27 3.56 40.69 -78.96
CA LYS QA 27 4.96 40.27 -79.03
C LYS QA 27 5.17 39.24 -80.14
N LEU QA 28 4.23 38.31 -80.28
CA LEU QA 28 4.35 37.29 -81.32
C LEU QA 28 4.12 37.87 -82.72
N GLU QA 29 3.26 38.87 -82.85
CA GLU QA 29 3.15 39.57 -84.13
C GLU QA 29 4.43 40.32 -84.47
N VAL QA 30 5.07 40.92 -83.46
CA VAL QA 30 6.36 41.55 -83.70
C VAL QA 30 7.39 40.52 -84.13
N ALA QA 31 7.37 39.34 -83.51
CA ALA QA 31 8.25 38.26 -83.92
C ALA QA 31 7.99 37.82 -85.36
N VAL QA 32 6.72 37.74 -85.76
CA VAL QA 32 6.39 37.38 -87.13
C VAL QA 32 6.90 38.43 -88.11
N GLU QA 33 6.75 39.71 -87.78
CA GLU QA 33 7.26 40.77 -88.62
C GLU QA 33 8.79 40.70 -88.73
N HIS QA 34 9.44 40.45 -87.62
CA HIS QA 34 10.86 40.23 -87.66
C HIS QA 34 11.25 39.08 -88.58
N LEU QA 35 10.54 37.95 -88.48
CA LEU QA 35 10.83 36.80 -89.33
C LEU QA 35 10.68 37.16 -90.81
N LYS QA 36 9.65 37.93 -91.15
CA LYS QA 36 9.53 38.41 -92.52
C LYS QA 36 10.73 39.28 -92.90
N GLU QA 37 11.16 40.15 -91.98
CA GLU QA 37 12.35 40.97 -92.24
C GLU QA 37 13.58 40.10 -92.45
N ALA QA 38 13.72 39.03 -91.67
CA ALA QA 38 14.85 38.12 -91.82
C ALA QA 38 14.84 37.44 -93.18
N ILE QA 39 13.66 37.00 -93.64
CA ILE QA 39 13.56 36.40 -94.97
C ILE QA 39 13.98 37.40 -96.04
N GLU QA 40 13.49 38.64 -95.92
CA GLU QA 40 13.86 39.67 -96.89
C GLU QA 40 15.36 39.96 -96.86
N LEU QA 41 15.97 39.95 -95.67
CA LEU QA 41 17.40 40.20 -95.55
C LEU QA 41 18.22 39.08 -96.17
N ILE QA 42 17.83 37.82 -95.93
CA ILE QA 42 18.50 36.70 -96.58
C ILE QA 42 18.38 36.83 -98.10
N GLU QA 43 17.21 37.25 -98.57
CA GLU QA 43 17.04 37.45 -100.01
C GLU QA 43 17.96 38.55 -100.54
N LYS QA 44 18.12 39.64 -99.78
CA LYS QA 44 18.96 40.74 -100.22
C LYS QA 44 20.44 40.33 -100.26
N GLY QA 45 20.93 39.73 -99.18
CA GLY QA 45 22.32 39.30 -99.15
C GLY QA 45 23.06 39.65 -97.88
N GLU QA 46 22.37 40.27 -96.92
CA GLU QA 46 22.98 40.62 -95.64
C GLU QA 46 22.78 39.47 -94.66
N TYR QA 47 23.82 38.66 -94.48
CA TYR QA 47 23.74 37.49 -93.63
C TYR QA 47 24.06 37.77 -92.17
N VAL QA 48 24.91 38.77 -91.91
CA VAL QA 48 25.18 39.17 -90.53
C VAL QA 48 23.93 39.75 -89.88
N LYS QA 49 23.25 40.63 -90.61
CA LYS QA 49 22.01 41.20 -90.09
C LYS QA 49 20.95 40.13 -89.91
N ALA QA 50 20.92 39.14 -90.80
CA ALA QA 50 19.99 38.03 -90.65
C ALA QA 50 20.27 37.22 -89.38
N ASP QA 51 21.55 36.94 -89.12
CA ASP QA 51 21.93 36.22 -87.91
C ASP QA 51 21.55 37.00 -86.66
N LEU QA 52 21.79 38.31 -86.67
CA LEU QA 52 21.43 39.16 -85.53
C LEU QA 52 19.92 39.22 -85.35
N ILE QA 53 19.17 39.30 -86.44
CA ILE QA 53 17.71 39.29 -86.37
C ILE QA 53 17.21 37.98 -85.78
N LEU QA 54 17.83 36.86 -86.15
CA LEU QA 54 17.43 35.58 -85.59
C LEU QA 54 17.67 35.56 -84.08
N THR QA 55 18.78 36.14 -83.62
CA THR QA 55 19.01 36.25 -82.18
C THR QA 55 17.94 37.11 -81.51
N ASP QA 56 17.55 38.21 -82.15
CA ASP QA 56 16.49 39.06 -81.61
C ASP QA 56 15.16 38.32 -81.53
N ILE QA 57 14.83 37.54 -82.56
CA ILE QA 57 13.60 36.76 -82.57
C ILE QA 57 13.62 35.74 -81.44
N LEU QA 58 14.77 35.10 -81.23
CA LEU QA 58 14.88 34.16 -80.12
C LEU QA 58 14.65 34.85 -78.79
N ARG QA 59 15.19 36.06 -78.62
CA ARG QA 59 14.97 36.81 -77.39
C ARG QA 59 13.49 37.14 -77.20
N LEU QA 60 12.81 37.55 -78.27
CA LEU QA 60 11.38 37.84 -78.19
C LEU QA 60 10.58 36.61 -77.79
N LEU QA 61 10.84 35.48 -78.45
CA LEU QA 61 10.10 34.26 -78.15
C LEU QA 61 10.35 33.78 -76.73
N GLU QA 62 11.59 33.89 -76.26
CA GLU QA 62 11.88 33.54 -74.88
C GLU QA 62 11.18 34.48 -73.91
N GLU QA 63 11.03 35.75 -74.29
CA GLU QA 63 10.26 36.68 -73.48
C GLU QA 63 8.80 36.23 -73.39
N GLU QA 64 8.22 35.78 -74.50
CA GLU QA 64 6.85 35.29 -74.46
C GLU QA 64 6.72 34.02 -73.62
N GLY QA 65 7.57 33.03 -73.89
CA GLY QA 65 7.61 31.84 -73.06
C GLY QA 65 6.92 30.61 -73.61
N VAL QA 66 7.14 30.28 -74.88
CA VAL QA 66 6.63 29.05 -75.49
C VAL QA 66 7.84 28.16 -75.79
N LYS QA 67 7.87 27.00 -75.14
CA LYS QA 67 9.08 26.17 -75.12
C LYS QA 67 9.43 25.66 -76.51
N SER QA 68 8.43 25.12 -77.21
CA SER QA 68 8.69 24.56 -78.54
C SER QA 68 9.19 25.63 -79.50
N LEU QA 69 8.58 26.80 -79.48
CA LEU QA 69 9.05 27.91 -80.30
C LEU QA 69 10.48 28.31 -79.91
N ILE QA 70 10.80 28.25 -78.62
CA ILE QA 70 12.12 28.65 -78.17
C ILE QA 70 13.19 27.70 -78.69
N LYS QA 71 12.98 26.39 -78.54
CA LYS QA 71 13.97 25.44 -79.04
C LYS QA 71 14.07 25.50 -80.56
N GLN QA 72 12.94 25.68 -81.24
CA GLN QA 72 12.96 25.83 -82.68
C GLN QA 72 13.76 27.06 -83.09
N ALA QA 73 13.64 28.16 -82.34
CA ALA QA 73 14.36 29.37 -82.70
C ALA QA 73 15.86 29.23 -82.46
N LYS QA 74 16.25 28.56 -81.38
CA LYS QA 74 17.68 28.34 -81.14
C LYS QA 74 18.30 27.47 -82.22
N GLU QA 75 17.66 26.33 -82.53
CA GLU QA 75 18.18 25.48 -83.57
C GLU QA 75 18.15 26.19 -84.92
N LEU QA 76 17.17 27.07 -85.14
CA LEU QA 76 17.13 27.85 -86.36
C LEU QA 76 18.33 28.77 -86.46
N HIS QA 77 18.68 29.45 -85.37
CA HIS QA 77 19.85 30.31 -85.39
C HIS QA 77 21.10 29.53 -85.77
N ILE QA 78 21.34 28.40 -85.09
CA ILE QA 78 22.55 27.63 -85.36
C ILE QA 78 22.56 27.13 -86.81
N GLU QA 79 21.47 26.50 -87.25
CA GLU QA 79 21.46 25.88 -88.56
C GLU QA 79 21.48 26.90 -89.69
N VAL QA 80 20.83 28.05 -89.51
CA VAL QA 80 20.86 29.08 -90.54
C VAL QA 80 22.25 29.69 -90.63
N PHE QA 81 22.93 29.86 -89.50
CA PHE QA 81 24.32 30.33 -89.57
C PHE QA 81 25.18 29.37 -90.37
N LYS QA 82 25.05 28.06 -90.08
CA LYS QA 82 25.82 27.07 -90.82
C LYS QA 82 25.49 27.09 -92.30
N LEU QA 83 24.20 27.11 -92.64
CA LEU QA 83 23.80 27.06 -94.05
C LEU QA 83 24.24 28.30 -94.80
N LEU QA 84 24.13 29.48 -94.19
CA LEU QA 84 24.59 30.70 -94.83
C LEU QA 84 26.10 30.70 -95.01
N LYS QA 85 26.83 30.06 -94.08
CA LYS QA 85 28.26 29.84 -94.31
C LYS QA 85 28.47 28.98 -95.55
N GLU QA 86 27.73 27.87 -95.66
CA GLU QA 86 27.91 26.98 -96.79
C GLU QA 86 27.40 27.58 -98.09
N GLY QA 87 26.35 28.39 -98.04
CA GLY QA 87 25.74 28.97 -99.23
C GLY QA 87 24.37 28.44 -99.58
N GLU QA 88 23.74 27.65 -98.70
CA GLU QA 88 22.41 27.10 -98.95
C GLU QA 88 21.37 28.13 -98.53
N TYR QA 89 21.15 29.11 -99.41
CA TYR QA 89 20.21 30.18 -99.11
C TYR QA 89 18.77 29.66 -99.04
N LYS QA 90 18.40 28.78 -99.96
CA LYS QA 90 17.03 28.28 -100.02
C LYS QA 90 16.67 27.47 -98.78
N GLU QA 91 17.61 26.65 -98.29
CA GLU QA 91 17.34 25.86 -97.09
C GLU QA 91 17.14 26.76 -95.87
N ALA QA 92 17.96 27.80 -95.74
CA ALA QA 92 17.80 28.74 -94.63
C ALA QA 92 16.48 29.49 -94.73
N LYS QA 93 16.12 29.93 -95.93
CA LYS QA 93 14.83 30.59 -96.12
C LYS QA 93 13.68 29.66 -95.77
N ALA QA 94 13.79 28.38 -96.15
CA ALA QA 94 12.76 27.41 -95.81
C ALA QA 94 12.63 27.24 -94.31
N LEU QA 95 13.75 27.16 -93.59
CA LEU QA 95 13.69 27.01 -92.14
C LEU QA 95 13.06 28.24 -91.48
N VAL QA 96 13.42 29.44 -91.96
CA VAL QA 96 12.82 30.64 -91.39
C VAL QA 96 11.33 30.69 -91.68
N GLU QA 97 10.91 30.30 -92.89
CA GLU QA 97 9.49 30.27 -93.22
C GLU QA 97 8.75 29.25 -92.37
N ALA QA 98 9.38 28.10 -92.09
CA ALA QA 98 8.76 27.10 -91.23
C ALA QA 98 8.54 27.64 -89.83
N LEU QA 99 9.54 28.33 -89.28
CA LEU QA 99 9.35 28.92 -87.95
C LEU QA 99 8.27 30.00 -87.97
N ARG QA 100 8.21 30.80 -89.03
CA ARG QA 100 7.18 31.81 -89.15
C ARG QA 100 5.79 31.19 -89.16
N VAL QA 101 5.62 30.13 -89.96
CA VAL QA 101 4.33 29.45 -90.03
C VAL QA 101 3.97 28.85 -88.69
N SER QA 102 4.96 28.29 -87.98
CA SER QA 102 4.69 27.72 -86.67
C SER QA 102 4.21 28.77 -85.68
N VAL QA 103 4.85 29.95 -85.69
CA VAL QA 103 4.45 31.01 -84.76
C VAL QA 103 3.05 31.52 -85.10
N GLU QA 104 2.77 31.74 -86.39
CA GLU QA 104 1.45 32.19 -86.79
C GLU QA 104 0.38 31.15 -86.43
N LEU QA 105 0.70 29.87 -86.59
CA LEU QA 105 -0.24 28.82 -86.23
C LEU QA 105 -0.50 28.79 -84.74
N TYR QA 106 0.53 29.02 -83.93
CA TYR QA 106 0.31 29.11 -82.48
C TYR QA 106 -0.61 30.28 -82.15
N ILE QA 107 -0.39 31.42 -82.80
CA ILE QA 107 -1.24 32.59 -82.56
C ILE QA 107 -2.69 32.25 -82.89
N LEU QA 108 -2.91 31.62 -84.05
CA LEU QA 108 -4.28 31.32 -84.48
C LEU QA 108 -4.92 30.28 -83.57
N ILE QA 109 -4.14 29.30 -83.10
CA ILE QA 109 -4.68 28.30 -82.18
C ILE QA 109 -5.13 28.96 -80.88
N LYS QA 110 -4.31 29.88 -80.36
CA LYS QA 110 -4.67 30.56 -79.12
C LYS QA 110 -5.92 31.41 -79.30
N ARG QA 111 -6.00 32.14 -80.42
CA ARG QA 111 -7.19 32.95 -80.68
C ARG QA 111 -8.43 32.08 -80.82
N GLY QA 112 -8.32 30.94 -81.52
CA GLY QA 112 -9.46 30.07 -81.67
C GLY QA 112 -9.92 29.46 -80.37
N VAL QA 113 -8.98 29.01 -79.54
CA VAL QA 113 -9.35 28.37 -78.28
C VAL QA 113 -9.97 29.39 -77.32
N ARG QA 114 -9.37 30.58 -77.25
CA ARG QA 114 -9.92 31.60 -76.35
C ARG QA 114 -11.33 32.01 -76.76
N GLU QA 115 -11.52 32.30 -78.04
CA GLU QA 115 -12.83 32.69 -78.58
C GLU QA 115 -13.84 31.56 -78.59
N GLY QA 116 -13.48 30.37 -78.13
CA GLY QA 116 -14.41 29.25 -78.17
C GLY QA 116 -14.80 28.83 -79.57
N ARG QA 117 -13.90 28.99 -80.53
CA ARG QA 117 -14.19 28.60 -81.90
C ARG QA 117 -14.32 27.09 -82.01
N PRO QA 118 -15.13 26.59 -82.94
CA PRO QA 118 -15.25 25.14 -83.12
C PRO QA 118 -13.93 24.54 -83.61
N ILE QA 119 -13.70 23.29 -83.21
CA ILE QA 119 -12.51 22.56 -83.64
C ILE QA 119 -12.48 22.44 -85.16
N GLU QA 120 -13.65 22.37 -85.79
CA GLU QA 120 -13.73 22.17 -87.24
C GLU QA 120 -13.01 23.27 -88.00
N GLU QA 121 -13.35 24.53 -87.71
CA GLU QA 121 -12.76 25.63 -88.46
C GLU QA 121 -11.30 25.85 -88.11
N ILE QA 122 -10.92 25.56 -86.86
CA ILE QA 122 -9.51 25.60 -86.49
C ILE QA 122 -8.70 24.61 -87.33
N ALA QA 123 -9.22 23.38 -87.46
CA ALA QA 123 -8.55 22.37 -88.27
C ALA QA 123 -8.47 22.79 -89.73
N ARG QA 124 -9.55 23.36 -90.27
CA ARG QA 124 -9.50 23.81 -91.65
C ARG QA 124 -8.47 24.91 -91.85
N GLU QA 125 -8.38 25.85 -90.89
CA GLU QA 125 -7.40 26.92 -90.99
C GLU QA 125 -5.98 26.37 -90.93
N VAL QA 126 -5.72 25.41 -90.03
CA VAL QA 126 -4.39 24.82 -89.94
C VAL QA 126 -4.02 24.13 -91.25
N GLY QA 127 -4.95 23.38 -91.82
CA GLY QA 127 -4.69 22.73 -93.10
C GLY QA 127 -4.41 23.73 -94.21
N ARG QA 128 -5.19 24.81 -94.26
CA ARG QA 128 -4.96 25.83 -95.28
C ARG QA 128 -3.59 26.47 -95.14
N LYS QA 129 -3.17 26.77 -93.91
CA LYS QA 129 -1.86 27.36 -93.70
C LYS QA 129 -0.75 26.41 -94.12
N LEU QA 130 -0.88 25.12 -93.76
CA LEU QA 130 0.13 24.15 -94.16
C LEU QA 130 0.22 24.01 -95.67
N VAL QA 131 -0.93 24.02 -96.35
CA VAL QA 131 -0.92 23.89 -97.80
C VAL QA 131 -0.29 25.12 -98.44
N GLU QA 132 -0.56 26.31 -97.90
CA GLU QA 132 0.06 27.51 -98.44
C GLU QA 132 1.57 27.49 -98.26
N LEU QA 133 2.03 27.04 -97.09
CA LEU QA 133 3.48 26.90 -96.88
C LEU QA 133 4.09 25.92 -97.87
N ALA QA 134 3.41 24.78 -98.09
CA ALA QA 134 3.93 23.78 -99.01
C ALA QA 134 4.01 24.35 -100.43
N LYS QA 135 2.99 25.09 -100.85
CA LYS QA 135 3.02 25.71 -102.18
C LYS QA 135 4.15 26.72 -102.29
N ARG QA 136 4.38 27.52 -101.25
CA ARG QA 136 5.48 28.47 -101.25
C ARG QA 136 6.81 27.74 -101.42
N LEU QA 137 7.04 26.71 -100.59
CA LEU QA 137 8.31 25.98 -100.66
C LEU QA 137 8.50 25.30 -102.00
N GLU QA 138 7.41 24.78 -102.57
CA GLU QA 138 7.50 24.17 -103.90
C GLU QA 138 7.87 25.20 -104.94
N LYS QA 139 7.34 26.42 -104.83
CA LYS QA 139 7.72 27.49 -105.74
C LYS QA 139 9.19 27.86 -105.58
N GLU QA 140 9.69 27.86 -104.34
CA GLU QA 140 11.09 28.20 -104.12
C GLU QA 140 12.03 27.21 -104.80
N GLY QA 141 11.73 25.92 -104.70
CA GLY QA 141 12.56 24.92 -105.32
C GLY QA 141 12.98 23.81 -104.37
N ILE QA 142 12.41 23.82 -103.16
CA ILE QA 142 12.71 22.78 -102.18
C ILE QA 142 11.97 21.51 -102.57
N SER QA 143 12.68 20.37 -102.46
CA SER QA 143 12.10 19.08 -102.84
C SER QA 143 10.99 18.68 -101.87
N TRP QA 144 10.16 17.73 -102.31
CA TRP QA 144 8.96 17.38 -101.56
C TRP QA 144 9.28 16.58 -100.30
N GLU QA 145 10.40 15.85 -100.28
CA GLU QA 145 10.79 15.16 -99.06
C GLU QA 145 11.12 16.15 -97.95
N GLU QA 146 11.86 17.20 -98.28
CA GLU QA 146 12.16 18.25 -97.30
C GLU QA 146 10.89 18.97 -96.86
N ILE QA 147 9.98 19.23 -97.81
CA ILE QA 147 8.72 19.88 -97.48
C ILE QA 147 7.93 19.04 -96.49
N ILE QA 148 7.86 17.73 -96.75
CA ILE QA 148 7.10 16.85 -95.87
C ILE QA 148 7.75 16.81 -94.49
N GLU QA 149 9.08 16.73 -94.42
CA GLU QA 149 9.74 16.69 -93.12
C GLU QA 149 9.51 17.98 -92.33
N LEU QA 150 9.59 19.14 -93.00
CA LEU QA 150 9.30 20.40 -92.34
C LEU QA 150 7.86 20.42 -91.83
N ILE QA 151 6.92 19.93 -92.65
CA ILE QA 151 5.52 19.91 -92.26
C ILE QA 151 5.30 19.03 -91.04
N GLU QA 152 5.95 17.87 -90.98
CA GLU QA 152 5.79 17.01 -89.81
C GLU QA 152 6.42 17.61 -88.57
N ARG QA 153 7.53 18.33 -88.71
CA ARG QA 153 8.07 19.04 -87.54
C ARG QA 153 7.08 20.09 -87.04
N ILE QA 154 6.48 20.84 -87.96
CA ILE QA 154 5.46 21.82 -87.57
C ILE QA 154 4.27 21.12 -86.91
N LEU QA 155 3.91 19.93 -87.41
CA LEU QA 155 2.79 19.19 -86.85
C LEU QA 155 3.09 18.72 -85.43
N GLU QA 156 4.32 18.29 -85.16
CA GLU QA 156 4.69 17.93 -83.81
C GLU QA 156 4.65 19.14 -82.88
N SER QA 157 5.10 20.29 -83.38
CA SER QA 157 4.99 21.52 -82.60
C SER QA 157 3.53 21.85 -82.30
N ILE QA 158 2.65 21.69 -83.29
CA ILE QA 158 1.23 21.93 -83.11
C ILE QA 158 0.65 20.97 -82.07
N ARG QA 159 1.06 19.71 -82.12
CA ARG QA 159 0.58 18.73 -81.14
C ARG QA 159 0.97 19.15 -79.73
N GLU QA 160 2.21 19.59 -79.54
CA GLU QA 160 2.62 20.05 -78.21
C GLU QA 160 1.83 21.27 -77.78
N ILE QA 161 1.62 22.22 -78.69
CA ILE QA 161 0.89 23.45 -78.36
C ILE QA 161 -0.54 23.11 -77.96
N LEU QA 162 -1.19 22.23 -78.73
CA LEU QA 162 -2.56 21.85 -78.44
C LEU QA 162 -2.67 21.12 -77.10
N LYS QA 163 -1.71 20.22 -76.82
CA LYS QA 163 -1.69 19.56 -75.53
C LYS QA 163 -1.50 20.54 -74.39
N GLU QA 164 -0.77 21.64 -74.64
CA GLU QA 164 -0.60 22.67 -73.61
C GLU QA 164 -1.93 23.33 -73.27
N GLU QA 165 -2.77 23.58 -74.28
CA GLU QA 165 -4.05 24.26 -74.06
C GLU QA 165 -5.06 23.41 -73.31
N GLY QA 166 -4.71 22.20 -72.88
CA GLY QA 166 -5.63 21.36 -72.16
C GLY QA 166 -6.65 20.64 -73.02
N LEU QA 167 -6.50 20.65 -74.33
CA LEU QA 167 -7.43 19.93 -75.19
C LEU QA 167 -7.22 18.42 -75.02
N PRO QA 168 -8.29 17.63 -75.08
CA PRO QA 168 -8.14 16.17 -75.00
C PRO QA 168 -7.58 15.61 -76.29
N GLU QA 169 -7.19 14.32 -76.22
CA GLU QA 169 -6.48 13.69 -77.33
C GLU QA 169 -7.33 13.57 -78.58
N SER QA 170 -8.65 13.43 -78.43
CA SER QA 170 -9.50 13.17 -79.60
C SER QA 170 -9.48 14.34 -80.57
N GLU QA 171 -9.69 15.57 -80.06
CA GLU QA 171 -9.70 16.73 -80.94
C GLU QA 171 -8.32 17.02 -81.51
N ILE QA 172 -7.26 16.79 -80.72
CA ILE QA 172 -5.91 16.97 -81.22
C ILE QA 172 -5.66 16.04 -82.40
N ASN QA 173 -6.02 14.77 -82.24
CA ASN QA 173 -5.83 13.80 -83.32
C ASN QA 173 -6.69 14.17 -84.53
N ARG QA 174 -7.89 14.67 -84.29
CA ARG QA 174 -8.77 15.08 -85.39
C ARG QA 174 -8.14 16.22 -86.19
N ILE QA 175 -7.63 17.24 -85.50
CA ILE QA 175 -7.01 18.38 -86.18
C ILE QA 175 -5.78 17.93 -86.97
N LEU QA 176 -4.94 17.10 -86.35
CA LEU QA 176 -3.72 16.65 -87.02
C LEU QA 176 -4.06 15.81 -88.25
N ALA QA 177 -5.03 14.91 -88.13
CA ALA QA 177 -5.44 14.09 -89.26
C ALA QA 177 -5.99 14.94 -90.39
N VAL QA 178 -6.79 15.95 -90.06
CA VAL QA 178 -7.35 16.82 -91.09
C VAL QA 178 -6.25 17.57 -91.82
N SER QA 179 -5.26 18.09 -91.08
CA SER QA 179 -4.16 18.81 -91.73
C SER QA 179 -3.36 17.90 -92.65
N ILE QA 180 -3.03 16.70 -92.17
CA ILE QA 180 -2.29 15.75 -92.99
C ILE QA 180 -3.09 15.40 -94.24
N LEU QA 181 -4.39 15.21 -94.08
CA LEU QA 181 -5.22 14.86 -95.22
C LEU QA 181 -5.34 16.02 -96.20
N GLU QA 182 -5.29 17.26 -95.73
CA GLU QA 182 -5.31 18.40 -96.65
C GLU QA 182 -4.02 18.46 -97.47
N VAL QA 183 -2.88 18.20 -96.84
CA VAL QA 183 -1.62 18.14 -97.59
C VAL QA 183 -1.68 17.00 -98.61
N ALA QA 184 -2.20 15.84 -98.21
CA ALA QA 184 -2.33 14.72 -99.13
C ALA QA 184 -3.29 15.05 -100.27
N LYS QA 185 -4.35 15.80 -99.98
CA LYS QA 185 -5.28 16.23 -101.03
C LYS QA 185 -4.60 17.13 -102.04
N TYR QA 186 -3.76 18.05 -101.57
CA TYR QA 186 -2.99 18.88 -102.50
C TYR QA 186 -2.08 18.02 -103.37
N LEU QA 187 -1.43 17.03 -102.77
CA LEU QA 187 -0.59 16.13 -103.55
C LEU QA 187 -1.40 15.37 -104.60
N LEU QA 188 -2.57 14.88 -104.22
CA LEU QA 188 -3.43 14.16 -105.16
C LEU QA 188 -3.88 15.05 -106.31
N GLU QA 189 -4.22 16.31 -106.00
CA GLU QA 189 -4.58 17.25 -107.05
C GLU QA 189 -3.42 17.49 -108.00
N LYS QA 190 -2.20 17.59 -107.47
CA LYS QA 190 -1.03 17.70 -108.32
C LYS QA 190 -0.88 16.48 -109.22
N LEU QA 191 -1.05 15.29 -108.66
CA LEU QA 191 -0.93 14.07 -109.46
C LEU QA 191 -2.02 13.97 -110.52
N GLY QA 192 -3.25 14.35 -110.18
CA GLY QA 192 -4.34 14.32 -111.15
C GLY QA 192 -5.29 13.16 -110.96
N PHE QA 193 -5.56 12.80 -109.71
CA PHE QA 193 -6.49 11.73 -109.36
C PHE QA 193 -7.70 12.37 -108.70
N ASP QA 194 -8.70 12.73 -109.51
CA ASP QA 194 -9.83 13.52 -109.02
C ASP QA 194 -10.73 12.70 -108.11
N TYR QA 195 -10.99 11.43 -108.47
CA TYR QA 195 -11.89 10.61 -107.67
C TYR QA 195 -11.35 10.39 -106.26
N LEU QA 196 -10.04 10.11 -106.16
CA LEU QA 196 -9.43 9.99 -104.84
C LEU QA 196 -9.51 11.31 -104.08
N VAL QA 197 -9.43 12.43 -104.79
CA VAL QA 197 -9.61 13.72 -104.14
C VAL QA 197 -11.00 13.81 -103.51
N GLU QA 198 -12.03 13.46 -104.29
CA GLU QA 198 -13.41 13.53 -103.79
C GLU QA 198 -13.61 12.63 -102.58
N LEU QA 199 -13.10 11.40 -102.65
CA LEU QA 199 -13.15 10.52 -101.49
C LEU QA 199 -12.43 11.13 -100.30
N LEU QA 200 -11.36 11.88 -100.56
CA LEU QA 200 -10.63 12.52 -99.47
C LEU QA 200 -11.45 13.63 -98.82
N ASP QA 201 -12.16 14.44 -99.62
CA ASP QA 201 -13.05 15.42 -98.99
C ASP QA 201 -14.13 14.74 -98.18
N ARG QA 202 -14.68 13.63 -98.68
CA ARG QA 202 -15.69 12.91 -97.91
C ARG QA 202 -15.12 12.44 -96.58
N ALA QA 203 -13.93 11.86 -96.58
CA ALA QA 203 -13.31 11.41 -95.34
C ALA QA 203 -13.00 12.57 -94.40
N ILE QA 204 -12.55 13.70 -94.95
CA ILE QA 204 -12.26 14.86 -94.12
C ILE QA 204 -13.52 15.39 -93.45
N GLU QA 205 -14.62 15.46 -94.22
CA GLU QA 205 -15.89 15.88 -93.64
C GLU QA 205 -16.35 14.92 -92.55
N TYR QA 206 -16.19 13.62 -92.77
CA TYR QA 206 -16.59 12.67 -91.74
C TYR QA 206 -15.74 12.80 -90.49
N ILE QA 207 -14.44 13.04 -90.64
CA ILE QA 207 -13.57 13.27 -89.48
C ILE QA 207 -14.00 14.53 -88.74
N LEU QA 208 -14.29 15.60 -89.49
CA LEU QA 208 -14.62 16.87 -88.87
C LEU QA 208 -15.96 16.81 -88.12
N LYS QA 209 -16.93 16.10 -88.69
CA LYS QA 209 -18.24 15.97 -88.05
C LYS QA 209 -18.24 15.03 -86.85
N GLY QA 210 -17.16 14.30 -86.62
CA GLY QA 210 -17.04 13.42 -85.48
C GLY QA 210 -17.23 11.95 -85.78
N ARG QA 211 -17.68 11.60 -86.98
CA ARG QA 211 -17.92 10.21 -87.35
C ARG QA 211 -16.57 9.57 -87.70
N SER QA 212 -16.00 8.84 -86.74
CA SER QA 212 -14.63 8.36 -86.86
C SER QA 212 -14.53 7.01 -87.56
N GLU QA 213 -15.39 6.06 -87.23
CA GLU QA 213 -15.28 4.71 -87.80
C GLU QA 213 -15.58 4.72 -89.30
N LEU QA 214 -16.58 5.49 -89.72
CA LEU QA 214 -16.84 5.64 -91.15
C LEU QA 214 -15.64 6.23 -91.87
N ALA QA 215 -15.00 7.22 -91.24
CA ALA QA 215 -13.81 7.83 -91.82
C ALA QA 215 -12.67 6.82 -91.93
N VAL QA 216 -12.51 5.97 -90.91
CA VAL QA 216 -11.45 4.96 -90.94
C VAL QA 216 -11.69 3.96 -92.07
N HIS QA 217 -12.94 3.53 -92.25
CA HIS QA 217 -13.24 2.62 -93.35
C HIS QA 217 -13.02 3.28 -94.70
N LEU QA 218 -13.41 4.55 -94.83
CA LEU QA 218 -13.16 5.29 -96.06
C LEU QA 218 -11.67 5.41 -96.33
N LEU QA 219 -10.88 5.65 -95.29
CA LEU QA 219 -9.44 5.77 -95.45
C LEU QA 219 -8.81 4.44 -95.83
N ASP QA 220 -9.35 3.33 -95.31
CA ASP QA 220 -8.89 2.01 -95.75
C ASP QA 220 -9.15 1.80 -97.23
N ASP QA 221 -10.34 2.17 -97.70
CA ASP QA 221 -10.64 2.03 -99.12
C ASP QA 221 -9.73 2.92 -99.97
N ILE QA 222 -9.47 4.14 -99.49
CA ILE QA 222 -8.58 5.05 -100.19
C ILE QA 222 -7.17 4.48 -100.26
N ILE QA 223 -6.71 3.89 -99.16
CA ILE QA 223 -5.37 3.29 -99.13
C ILE QA 223 -5.28 2.15 -100.13
N ARG QA 224 -6.32 1.31 -100.20
CA ARG QA 224 -6.33 0.23 -101.18
C ARG QA 224 -6.26 0.79 -102.60
N ARG QA 225 -7.04 1.84 -102.89
CA ARG QA 225 -7.00 2.43 -104.23
C ARG QA 225 -5.63 3.01 -104.55
N VAL QA 226 -4.99 3.66 -103.57
CA VAL QA 226 -3.68 4.24 -103.79
C VAL QA 226 -2.65 3.16 -104.06
N HIS QA 227 -2.71 2.05 -103.31
CA HIS QA 227 -1.79 0.94 -103.56
C HIS QA 227 -2.03 0.34 -104.94
N GLU QA 228 -3.29 0.25 -105.37
CA GLU QA 228 -3.57 -0.22 -106.72
C GLU QA 228 -2.94 0.71 -107.76
N GLU QA 229 -3.05 2.02 -107.56
CA GLU QA 229 -2.44 2.96 -108.50
C GLU QA 229 -0.92 2.81 -108.53
N ILE QA 230 -0.30 2.66 -107.36
CA ILE QA 230 1.15 2.49 -107.29
C ILE QA 230 1.56 1.22 -108.04
N GLU QA 231 0.84 0.12 -107.81
CA GLU QA 231 1.14 -1.13 -108.51
C GLU QA 231 0.95 -0.99 -110.01
N ARG QA 232 -0.04 -0.20 -110.43
CA ARG QA 232 -0.22 0.04 -111.86
C ARG QA 232 0.97 0.80 -112.45
N TYR QA 233 1.52 1.75 -111.69
CA TYR QA 233 2.63 2.55 -112.22
C TYR QA 233 3.87 1.70 -112.47
N GLY QA 234 4.17 0.78 -111.59
CA GLY QA 234 5.27 -0.17 -111.80
C GLY QA 234 6.59 0.37 -111.26
N ASP QA 235 7.58 0.54 -112.14
CA ASP QA 235 8.90 1.00 -111.74
C ASP QA 235 9.09 2.50 -111.89
N ASP QA 236 8.14 3.20 -112.52
CA ASP QA 236 8.24 4.63 -112.77
C ASP QA 236 7.35 5.45 -111.82
N VAL QA 237 7.22 4.99 -110.58
CA VAL QA 237 6.33 5.64 -109.61
C VAL QA 237 6.89 7.00 -109.23
N PRO QA 238 6.15 8.08 -109.41
CA PRO QA 238 6.60 9.39 -108.90
C PRO QA 238 6.63 9.41 -107.39
N GLU QA 239 7.53 10.23 -106.85
CA GLU QA 239 7.70 10.33 -105.40
C GLU QA 239 6.49 10.91 -104.71
N GLU QA 240 5.69 11.71 -105.41
CA GLU QA 240 4.49 12.28 -104.81
C GLU QA 240 3.51 11.18 -104.41
N LEU QA 241 3.42 10.13 -105.22
CA LEU QA 241 2.51 9.02 -104.89
C LEU QA 241 2.95 8.31 -103.61
N LEU QA 242 4.25 8.09 -103.44
CA LEU QA 242 4.74 7.43 -102.22
C LEU QA 242 4.55 8.31 -101.00
N LEU QA 243 4.83 9.61 -101.14
CA LEU QA 243 4.60 10.52 -100.03
C LEU QA 243 3.13 10.59 -99.66
N LEU QA 244 2.25 10.60 -100.67
CA LEU QA 244 0.81 10.56 -100.42
C LEU QA 244 0.40 9.29 -99.70
N ASP QA 245 0.97 8.15 -100.12
CA ASP QA 245 0.70 6.88 -99.44
C ASP QA 245 1.05 6.98 -97.95
N LEU QA 246 2.25 7.47 -97.65
CA LEU QA 246 2.67 7.58 -96.26
C LEU QA 246 1.77 8.54 -95.48
N LEU QA 247 1.40 9.66 -96.10
CA LEU QA 247 0.56 10.64 -95.43
C LEU QA 247 -0.80 10.07 -95.10
N VAL QA 248 -1.43 9.40 -96.08
CA VAL QA 248 -2.76 8.82 -95.85
C VAL QA 248 -2.68 7.73 -94.79
N GLN QA 249 -1.61 6.94 -94.80
CA GLN QA 249 -1.48 5.89 -93.78
C GLN QA 249 -1.37 6.49 -92.37
N LYS QA 250 -0.56 7.53 -92.21
CA LYS QA 250 -0.43 8.13 -90.88
C LYS QA 250 -1.71 8.85 -90.47
N ALA QA 251 -2.43 9.45 -91.43
CA ALA QA 251 -3.71 10.06 -91.12
C ALA QA 251 -4.73 9.02 -90.68
N ARG QA 252 -4.73 7.85 -91.33
CA ARG QA 252 -5.62 6.76 -90.91
C ARG QA 252 -5.27 6.28 -89.51
N ASP QA 253 -3.98 6.19 -89.21
CA ASP QA 253 -3.59 5.80 -87.85
C ASP QA 253 -4.08 6.81 -86.82
N LEU QA 254 -3.94 8.11 -87.12
CA LEU QA 254 -4.44 9.13 -86.20
C LEU QA 254 -5.96 9.06 -86.05
N ALA QA 255 -6.66 8.84 -87.16
CA ALA QA 255 -8.13 8.75 -87.09
C ALA QA 255 -8.56 7.55 -86.27
N ALA QA 256 -7.84 6.44 -86.39
CA ALA QA 256 -8.13 5.29 -85.54
C ALA QA 256 -7.88 5.62 -84.07
N ARG QA 257 -6.79 6.35 -83.78
CA ARG QA 257 -6.49 6.70 -82.40
C ARG QA 257 -7.43 7.73 -81.80
N ILE QA 258 -8.31 8.34 -82.61
CA ILE QA 258 -9.23 9.36 -82.12
C ILE QA 258 -10.10 8.80 -81.01
N MET RA 25 42.91 3.60 -75.61
CA MET RA 25 42.54 2.24 -75.96
C MET RA 25 43.56 1.59 -76.89
N GLU RA 26 44.84 1.89 -76.68
CA GLU RA 26 45.88 1.37 -77.56
C GLU RA 26 46.03 -0.15 -77.45
N LYS RA 27 45.55 -0.75 -76.36
CA LYS RA 27 45.60 -2.20 -76.24
C LYS RA 27 44.77 -2.86 -77.33
N LEU RA 28 43.60 -2.30 -77.63
CA LEU RA 28 42.75 -2.87 -78.67
C LEU RA 28 43.32 -2.67 -80.06
N GLU RA 29 44.02 -1.55 -80.30
CA GLU RA 29 44.73 -1.39 -81.56
C GLU RA 29 45.87 -2.40 -81.69
N VAL RA 30 46.57 -2.69 -80.58
CA VAL RA 30 47.59 -3.73 -80.61
C VAL RA 30 46.96 -5.07 -80.91
N ALA RA 31 45.79 -5.35 -80.33
CA ALA RA 31 45.06 -6.57 -80.63
C ALA RA 31 44.68 -6.65 -82.12
N VAL RA 32 44.25 -5.55 -82.70
CA VAL RA 32 43.89 -5.53 -84.12
C VAL RA 32 45.12 -5.81 -84.98
N GLU RA 33 46.26 -5.20 -84.63
CA GLU RA 33 47.49 -5.47 -85.37
C GLU RA 33 47.90 -6.93 -85.24
N HIS RA 34 47.79 -7.48 -84.06
CA HIS RA 34 48.02 -8.90 -83.89
C HIS RA 34 47.12 -9.74 -84.77
N LEU RA 35 45.82 -9.42 -84.81
CA LEU RA 35 44.89 -10.17 -85.65
C LEU RA 35 45.28 -10.12 -87.12
N LYS RA 36 45.73 -8.95 -87.58
CA LYS RA 36 46.24 -8.86 -88.94
C LYS RA 36 47.47 -9.76 -89.12
N GLU RA 37 48.35 -9.78 -88.12
CA GLU RA 37 49.52 -10.65 -88.18
C GLU RA 37 49.10 -12.12 -88.23
N ALA RA 38 48.07 -12.48 -87.47
CA ALA RA 38 47.57 -13.85 -87.48
C ALA RA 38 47.02 -14.24 -88.84
N ILE RA 39 46.27 -13.34 -89.47
CA ILE RA 39 45.77 -13.61 -90.83
C ILE RA 39 46.93 -13.82 -91.79
N GLU RA 40 47.95 -12.96 -91.71
CA GLU RA 40 49.10 -13.10 -92.58
C GLU RA 40 49.84 -14.41 -92.32
N LEU RA 41 49.93 -14.83 -91.06
CA LEU RA 41 50.61 -16.08 -90.72
C LEU RA 41 49.84 -17.28 -91.25
N ILE RA 42 48.52 -17.29 -91.10
CA ILE RA 42 47.71 -18.37 -91.69
C ILE RA 42 47.90 -18.41 -93.19
N GLU RA 43 47.98 -17.24 -93.82
CA GLU RA 43 48.22 -17.20 -95.26
C GLU RA 43 49.59 -17.79 -95.61
N LYS RA 44 50.60 -17.49 -94.81
CA LYS RA 44 51.95 -18.00 -95.09
C LYS RA 44 52.03 -19.51 -94.92
N GLY RA 45 51.52 -20.03 -93.80
CA GLY RA 45 51.54 -21.45 -93.58
C GLY RA 45 52.01 -21.87 -92.21
N GLU RA 46 52.31 -20.91 -91.33
CA GLU RA 46 52.74 -21.20 -89.97
C GLU RA 46 51.53 -21.24 -89.07
N TYR RA 47 51.07 -22.46 -88.76
CA TYR RA 47 49.86 -22.64 -87.96
C TYR RA 47 50.14 -22.66 -86.46
N VAL RA 48 51.32 -23.11 -86.04
CA VAL RA 48 51.68 -23.06 -84.64
C VAL RA 48 51.79 -21.61 -84.17
N LYS RA 49 52.47 -20.78 -84.96
CA LYS RA 49 52.59 -19.37 -84.61
C LYS RA 49 51.23 -18.69 -84.63
N ALA RA 50 50.34 -19.10 -85.53
CA ALA RA 50 48.99 -18.55 -85.55
C ALA RA 50 48.22 -18.91 -84.29
N ASP RA 51 48.34 -20.16 -83.84
CA ASP RA 51 47.68 -20.59 -82.61
C ASP RA 51 48.21 -19.82 -81.40
N LEU RA 52 49.53 -19.63 -81.34
CA LEU RA 52 50.14 -18.88 -80.25
C LEU RA 52 49.71 -17.41 -80.28
N ILE RA 53 49.63 -16.82 -81.48
CA ILE RA 53 49.17 -15.45 -81.62
C ILE RA 53 47.72 -15.32 -81.15
N LEU RA 54 46.89 -16.31 -81.46
CA LEU RA 54 45.51 -16.27 -80.99
C LEU RA 54 45.45 -16.29 -79.47
N THR RA 55 46.31 -17.09 -78.85
CA THR RA 55 46.37 -17.08 -77.38
C THR RA 55 46.81 -15.71 -76.86
N ASP RA 56 47.79 -15.08 -77.52
CA ASP RA 56 48.22 -13.75 -77.11
C ASP RA 56 47.10 -12.73 -77.24
N ILE RA 57 46.34 -12.80 -78.34
CA ILE RA 57 45.21 -11.89 -78.55
C ILE RA 57 44.16 -12.08 -77.46
N LEU RA 58 43.90 -13.34 -77.10
CA LEU RA 58 42.96 -13.61 -76.01
C LEU RA 58 43.46 -12.98 -74.71
N ARG RA 59 44.75 -13.09 -74.43
CA ARG RA 59 45.30 -12.48 -73.22
C ARG RA 59 45.14 -10.96 -73.25
N LEU RA 60 45.41 -10.33 -74.39
CA LEU RA 60 45.23 -8.89 -74.52
C LEU RA 60 43.78 -8.48 -74.27
N LEU RA 61 42.84 -9.17 -74.91
CA LEU RA 61 41.43 -8.81 -74.78
C LEU RA 61 40.96 -9.02 -73.35
N GLU RA 62 41.40 -10.10 -72.69
CA GLU RA 62 41.05 -10.29 -71.29
C GLU RA 62 41.66 -9.21 -70.42
N GLU RA 63 42.84 -8.71 -70.78
CA GLU RA 63 43.43 -7.58 -70.06
C GLU RA 63 42.55 -6.35 -70.20
N GLU RA 64 42.02 -6.11 -71.40
CA GLU RA 64 41.13 -4.95 -71.58
C GLU RA 64 39.82 -5.13 -70.81
N GLY RA 65 39.16 -6.27 -70.97
CA GLY RA 65 37.99 -6.57 -70.18
C GLY RA 65 36.64 -6.41 -70.85
N VAL RA 66 36.51 -6.88 -72.10
CA VAL RA 66 35.23 -6.88 -72.81
C VAL RA 66 34.77 -8.32 -72.95
N LYS RA 67 33.63 -8.65 -72.32
CA LYS RA 67 33.23 -10.04 -72.15
C LYS RA 67 32.94 -10.71 -73.49
N SER RA 68 32.18 -10.04 -74.36
CA SER RA 68 31.83 -10.63 -75.65
C SER RA 68 33.07 -10.90 -76.47
N LEU RA 69 33.99 -9.94 -76.52
CA LEU RA 69 35.25 -10.14 -77.23
C LEU RA 69 36.03 -11.30 -76.62
N ILE RA 70 35.98 -11.45 -75.29
CA ILE RA 70 36.75 -12.51 -74.64
C ILE RA 70 36.22 -13.88 -75.04
N LYS RA 71 34.90 -14.08 -74.95
CA LYS RA 71 34.34 -15.38 -75.32
C LYS RA 71 34.54 -15.65 -76.81
N GLN RA 72 34.41 -14.62 -77.64
CA GLN RA 72 34.67 -14.79 -79.06
C GLN RA 72 36.10 -15.21 -79.32
N ALA RA 73 37.05 -14.64 -78.57
CA ALA RA 73 38.46 -14.97 -78.77
C ALA RA 73 38.76 -16.40 -78.32
N LYS RA 74 38.18 -16.84 -77.21
CA LYS RA 74 38.40 -18.22 -76.76
C LYS RA 74 37.84 -19.22 -77.77
N GLU RA 75 36.59 -19.01 -78.19
CA GLU RA 75 36.02 -19.92 -79.19
C GLU RA 75 36.77 -19.84 -80.51
N LEU RA 76 37.32 -18.67 -80.83
CA LEU RA 76 38.14 -18.54 -82.03
C LEU RA 76 39.39 -19.40 -81.92
N HIS RA 77 40.06 -19.36 -80.78
CA HIS RA 77 41.25 -20.19 -80.60
C HIS RA 77 40.92 -21.67 -80.81
N ILE RA 78 39.88 -22.15 -80.13
CA ILE RA 78 39.54 -23.57 -80.24
C ILE RA 78 39.18 -23.94 -81.68
N GLU RA 79 38.28 -23.17 -82.29
CA GLU RA 79 37.79 -23.53 -83.61
C GLU RA 79 38.84 -23.37 -84.69
N VAL RA 80 39.72 -22.36 -84.58
CA VAL RA 80 40.78 -22.20 -85.56
C VAL RA 80 41.78 -23.32 -85.44
N PHE RA 81 42.08 -23.77 -84.21
CA PHE RA 81 42.96 -24.93 -84.06
C PHE RA 81 42.37 -26.15 -84.75
N LYS RA 82 41.08 -26.41 -84.52
CA LYS RA 82 40.43 -27.54 -85.16
C LYS RA 82 40.46 -27.42 -86.69
N LEU RA 83 40.10 -26.25 -87.21
CA LEU RA 83 40.03 -26.06 -88.65
C LEU RA 83 41.41 -26.19 -89.31
N LEU RA 84 42.44 -25.63 -88.68
CA LEU RA 84 43.78 -25.76 -89.22
C LEU RA 84 44.26 -27.20 -89.17
N LYS RA 85 43.82 -27.97 -88.16
CA LYS RA 85 44.07 -29.40 -88.18
C LYS RA 85 43.42 -30.04 -89.40
N GLU RA 86 42.15 -29.71 -89.65
CA GLU RA 86 41.43 -30.32 -90.77
C GLU RA 86 41.95 -29.82 -92.11
N GLY RA 87 42.38 -28.56 -92.18
CA GLY RA 87 42.82 -27.97 -93.43
C GLY RA 87 41.93 -26.89 -94.00
N GLU RA 88 40.92 -26.44 -93.25
CA GLU RA 88 40.00 -25.40 -93.70
C GLU RA 88 40.62 -24.03 -93.41
N TYR RA 89 41.54 -23.64 -94.30
CA TYR RA 89 42.24 -22.37 -94.12
C TYR RA 89 41.30 -21.18 -94.27
N LYS RA 90 40.41 -21.23 -95.26
CA LYS RA 90 39.53 -20.11 -95.53
C LYS RA 90 38.55 -19.87 -94.39
N GLU RA 91 38.03 -20.94 -93.78
CA GLU RA 91 37.11 -20.78 -92.66
C GLU RA 91 37.81 -20.15 -91.45
N ALA RA 92 39.05 -20.57 -91.17
CA ALA RA 92 39.80 -19.98 -90.07
C ALA RA 92 40.11 -18.51 -90.35
N LYS RA 93 40.50 -18.19 -91.58
CA LYS RA 93 40.74 -16.80 -91.94
C LYS RA 93 39.48 -15.96 -91.79
N ALA RA 94 38.33 -16.53 -92.18
CA ALA RA 94 37.06 -15.82 -92.03
C ALA RA 94 36.74 -15.56 -90.57
N LEU RA 95 36.98 -16.54 -89.70
CA LEU RA 95 36.70 -16.34 -88.28
C LEU RA 95 37.63 -15.27 -87.68
N VAL RA 96 38.90 -15.28 -88.06
CA VAL RA 96 39.82 -14.27 -87.56
C VAL RA 96 39.41 -12.89 -88.06
N GLU RA 97 39.01 -12.79 -89.33
CA GLU RA 97 38.56 -11.51 -89.87
C GLU RA 97 37.30 -11.02 -89.18
N ALA RA 98 36.39 -11.95 -88.83
CA ALA RA 98 35.19 -11.56 -88.11
C ALA RA 98 35.53 -11.00 -86.73
N LEU RA 99 36.46 -11.64 -86.02
CA LEU RA 99 36.87 -11.11 -84.72
C LEU RA 99 37.55 -9.75 -84.87
N ARG RA 100 38.36 -9.58 -85.91
CA ARG RA 100 39.02 -8.31 -86.14
C ARG RA 100 37.99 -7.21 -86.37
N VAL RA 101 37.00 -7.48 -87.23
CA VAL RA 101 35.95 -6.50 -87.51
C VAL RA 101 35.17 -6.17 -86.25
N SER RA 102 34.90 -7.19 -85.43
CA SER RA 102 34.17 -6.95 -84.19
C SER RA 102 34.95 -6.04 -83.24
N VAL RA 103 36.26 -6.25 -83.12
CA VAL RA 103 37.08 -5.42 -82.24
C VAL RA 103 37.15 -3.98 -82.76
N GLU RA 104 37.37 -3.83 -84.08
CA GLU RA 104 37.41 -2.49 -84.65
C GLU RA 104 36.07 -1.77 -84.48
N LEU RA 105 34.97 -2.51 -84.63
CA LEU RA 105 33.65 -1.91 -84.44
C LEU RA 105 33.44 -1.48 -83.00
N TYR RA 106 33.92 -2.26 -82.04
CA TYR RA 106 33.82 -1.84 -80.66
C TYR RA 106 34.62 -0.56 -80.42
N ILE RA 107 35.83 -0.49 -81.01
CA ILE RA 107 36.65 0.71 -80.87
C ILE RA 107 35.89 1.92 -81.41
N LEU RA 108 35.32 1.78 -82.61
CA LEU RA 108 34.64 2.91 -83.24
C LEU RA 108 33.38 3.30 -82.47
N ILE RA 109 32.66 2.32 -81.92
CA ILE RA 109 31.48 2.64 -81.12
C ILE RA 109 31.88 3.42 -79.87
N LYS RA 110 32.96 3.01 -79.21
CA LYS RA 110 33.40 3.74 -78.03
C LYS RA 110 33.83 5.15 -78.36
N ARG RA 111 34.58 5.32 -79.46
CA ARG RA 111 35.00 6.65 -79.87
C ARG RA 111 33.80 7.53 -80.23
N GLY RA 112 32.81 6.97 -80.92
CA GLY RA 112 31.64 7.75 -81.27
C GLY RA 112 30.82 8.16 -80.07
N VAL RA 113 30.63 7.23 -79.12
CA VAL RA 113 29.81 7.54 -77.95
C VAL RA 113 30.52 8.58 -77.07
N ARG RA 114 31.82 8.41 -76.87
CA ARG RA 114 32.56 9.37 -76.03
C ARG RA 114 32.53 10.76 -76.64
N GLU RA 115 32.85 10.88 -77.93
CA GLU RA 115 32.85 12.14 -78.64
C GLU RA 115 31.47 12.74 -78.84
N GLY RA 116 30.41 12.08 -78.35
CA GLY RA 116 29.07 12.59 -78.56
C GLY RA 116 28.65 12.63 -80.01
N ARG RA 117 29.16 11.72 -80.83
CA ARG RA 117 28.80 11.70 -82.24
C ARG RA 117 27.33 11.32 -82.41
N PRO RA 118 26.67 11.80 -83.46
CA PRO RA 118 25.27 11.42 -83.70
C PRO RA 118 25.16 9.94 -84.00
N ILE RA 119 24.01 9.37 -83.61
CA ILE RA 119 23.72 7.96 -83.88
C ILE RA 119 23.73 7.70 -85.38
N GLU RA 120 23.34 8.69 -86.19
CA GLU RA 120 23.24 8.51 -87.64
C GLU RA 120 24.57 8.09 -88.24
N GLU RA 121 25.63 8.84 -87.97
CA GLU RA 121 26.91 8.54 -88.60
C GLU RA 121 27.54 7.28 -88.02
N ILE RA 122 27.29 6.99 -86.74
CA ILE RA 122 27.74 5.73 -86.17
C ILE RA 122 27.12 4.56 -86.91
N ALA RA 123 25.81 4.64 -87.15
CA ALA RA 123 25.11 3.57 -87.87
C ALA RA 123 25.65 3.43 -89.29
N ARG RA 124 25.88 4.55 -89.97
CA ARG RA 124 26.43 4.49 -91.32
C ARG RA 124 27.81 3.84 -91.32
N GLU RA 125 28.65 4.18 -90.34
CA GLU RA 125 29.98 3.58 -90.26
C GLU RA 125 29.89 2.08 -90.01
N VAL RA 126 29.01 1.65 -89.12
CA VAL RA 126 28.84 0.23 -88.84
C VAL RA 126 28.41 -0.51 -90.10
N GLY RA 127 27.45 0.05 -90.82
CA GLY RA 127 27.01 -0.57 -92.07
C GLY RA 127 28.12 -0.66 -93.09
N ARG RA 128 28.91 0.40 -93.23
CA ARG RA 128 30.02 0.39 -94.18
C ARG RA 128 31.04 -0.69 -93.82
N LYS RA 129 31.36 -0.81 -92.53
CA LYS RA 129 32.32 -1.83 -92.11
C LYS RA 129 31.80 -3.24 -92.38
N LEU RA 130 30.51 -3.48 -92.09
CA LEU RA 130 29.93 -4.79 -92.36
C LEU RA 130 29.93 -5.11 -93.84
N VAL RA 131 29.63 -4.13 -94.68
CA VAL RA 131 29.62 -4.36 -96.12
C VAL RA 131 31.03 -4.65 -96.63
N GLU RA 132 32.03 -3.95 -96.10
CA GLU RA 132 33.40 -4.21 -96.51
C GLU RA 132 33.84 -5.62 -96.10
N LEU RA 133 33.47 -6.04 -94.89
CA LEU RA 133 33.77 -7.41 -94.48
C LEU RA 133 33.10 -8.43 -95.38
N ALA RA 134 31.83 -8.19 -95.74
CA ALA RA 134 31.12 -9.12 -96.61
C ALA RA 134 31.77 -9.19 -97.98
N LYS RA 135 32.20 -8.05 -98.53
CA LYS RA 135 32.90 -8.05 -99.82
C LYS RA 135 34.21 -8.82 -99.73
N ARG RA 136 34.96 -8.63 -98.64
CA ARG RA 136 36.20 -9.37 -98.46
C ARG RA 136 35.95 -10.87 -98.44
N LEU RA 137 34.98 -11.31 -97.62
CA LEU RA 137 34.69 -12.74 -97.52
C LEU RA 137 34.19 -13.31 -98.84
N GLU RA 138 33.40 -12.53 -99.58
CA GLU RA 138 32.95 -12.98 -100.90
C GLU RA 138 34.13 -13.15 -101.84
N LYS RA 139 35.10 -12.24 -101.77
CA LYS RA 139 36.30 -12.37 -102.59
C LYS RA 139 37.10 -13.62 -102.20
N GLU RA 140 37.17 -13.93 -100.91
CA GLU RA 140 37.91 -15.10 -100.47
C GLU RA 140 37.31 -16.38 -101.03
N GLY RA 141 35.99 -16.49 -101.01
CA GLY RA 141 35.33 -17.69 -101.53
C GLY RA 141 34.34 -18.29 -100.55
N ILE RA 142 34.09 -17.61 -99.44
CA ILE RA 142 33.13 -18.09 -98.46
C ILE RA 142 31.72 -17.86 -98.99
N SER RA 143 30.85 -18.86 -98.81
CA SER RA 143 29.49 -18.78 -99.30
C SER RA 143 28.69 -17.73 -98.53
N TRP RA 144 27.56 -17.33 -99.12
CA TRP RA 144 26.80 -16.20 -98.56
C TRP RA 144 26.05 -16.59 -97.28
N GLU RA 145 25.70 -17.87 -97.13
CA GLU RA 145 25.07 -18.30 -95.88
C GLU RA 145 26.04 -18.15 -94.70
N GLU RA 146 27.30 -18.56 -94.88
CA GLU RA 146 28.30 -18.37 -93.84
C GLU RA 146 28.56 -16.90 -93.59
N ILE RA 147 28.60 -16.08 -94.65
CA ILE RA 147 28.80 -14.65 -94.49
C ILE RA 147 27.68 -14.04 -93.66
N ILE RA 148 26.43 -14.42 -93.95
CA ILE RA 148 25.30 -13.88 -93.22
C ILE RA 148 25.36 -14.32 -91.76
N GLU RA 149 25.69 -15.59 -91.50
CA GLU RA 149 25.77 -16.04 -90.11
C GLU RA 149 26.86 -15.31 -89.34
N LEU RA 150 28.03 -15.12 -89.95
CA LEU RA 150 29.09 -14.34 -89.30
C LEU RA 150 28.63 -12.92 -89.02
N ILE RA 151 27.93 -12.31 -89.98
CA ILE RA 151 27.45 -10.94 -89.80
C ILE RA 151 26.46 -10.85 -88.65
N GLU RA 152 25.55 -11.83 -88.54
CA GLU RA 152 24.60 -11.79 -87.43
C GLU RA 152 25.27 -12.03 -86.08
N ARG RA 153 26.31 -12.87 -86.03
CA ARG RA 153 27.07 -12.99 -84.78
C ARG RA 153 27.71 -11.67 -84.41
N ILE RA 154 28.31 -10.98 -85.39
CA ILE RA 154 28.89 -9.66 -85.13
C ILE RA 154 27.81 -8.68 -84.67
N LEU RA 155 26.62 -8.79 -85.24
CA LEU RA 155 25.52 -7.89 -84.88
C LEU RA 155 25.05 -8.13 -83.44
N GLU RA 156 25.02 -9.39 -83.01
CA GLU RA 156 24.69 -9.68 -81.62
C GLU RA 156 25.76 -9.14 -80.68
N SER RA 157 27.02 -9.26 -81.07
CA SER RA 157 28.09 -8.66 -80.28
C SER RA 157 27.93 -7.14 -80.19
N ILE RA 158 27.58 -6.51 -81.31
CA ILE RA 158 27.35 -5.06 -81.33
C ILE RA 158 26.19 -4.69 -80.42
N ARG RA 159 25.13 -5.49 -80.44
CA ARG RA 159 23.98 -5.22 -79.57
C ARG RA 159 24.39 -5.26 -78.11
N GLU RA 160 25.17 -6.26 -77.73
CA GLU RA 160 25.64 -6.33 -76.34
C GLU RA 160 26.52 -5.14 -75.99
N ILE RA 161 27.43 -4.76 -76.90
CA ILE RA 161 28.33 -3.64 -76.64
C ILE RA 161 27.54 -2.35 -76.48
N LEU RA 162 26.57 -2.12 -77.36
CA LEU RA 162 25.76 -0.91 -77.28
C LEU RA 162 24.93 -0.88 -76.00
N LYS RA 163 24.37 -2.02 -75.60
CA LYS RA 163 23.64 -2.08 -74.35
C LYS RA 163 24.56 -1.80 -73.16
N GLU RA 164 25.83 -2.17 -73.27
CA GLU RA 164 26.78 -1.86 -72.20
C GLU RA 164 26.97 -0.36 -72.04
N GLU RA 165 27.02 0.37 -73.15
CA GLU RA 165 27.26 1.82 -73.11
C GLU RA 165 26.08 2.60 -72.54
N GLY RA 166 25.01 1.94 -72.10
CA GLY RA 166 23.88 2.63 -71.55
C GLY RA 166 22.94 3.25 -72.56
N LEU RA 167 23.10 2.94 -73.85
CA LEU RA 167 22.18 3.47 -74.85
C LEU RA 167 20.80 2.82 -74.69
N PRO RA 168 19.73 3.56 -74.93
CA PRO RA 168 18.39 2.97 -74.87
C PRO RA 168 18.12 2.09 -76.08
N GLU RA 169 17.02 1.34 -75.99
CA GLU RA 169 16.72 0.32 -76.99
C GLU RA 169 16.44 0.91 -78.36
N SER RA 170 15.88 2.12 -78.42
CA SER RA 170 15.46 2.68 -79.70
C SER RA 170 16.65 2.91 -80.63
N GLU RA 171 17.71 3.57 -80.12
CA GLU RA 171 18.87 3.83 -80.96
C GLU RA 171 19.62 2.55 -81.31
N ILE RA 172 19.67 1.59 -80.38
CA ILE RA 172 20.30 0.30 -80.67
C ILE RA 172 19.58 -0.38 -81.82
N ASN RA 173 18.25 -0.43 -81.75
CA ASN RA 173 17.47 -1.05 -82.82
C ASN RA 173 17.65 -0.30 -84.13
N ARG RA 174 17.72 1.04 -84.05
CA ARG RA 174 17.93 1.83 -85.26
C ARG RA 174 19.26 1.50 -85.93
N ILE RA 175 20.33 1.44 -85.13
CA ILE RA 175 21.66 1.13 -85.69
C ILE RA 175 21.67 -0.27 -86.30
N LEU RA 176 21.11 -1.24 -85.58
CA LEU RA 176 21.10 -2.61 -86.09
C LEU RA 176 20.30 -2.73 -87.37
N ALA RA 177 19.13 -2.08 -87.42
CA ALA RA 177 18.30 -2.11 -88.62
C ALA RA 177 19.02 -1.47 -89.80
N VAL RA 178 19.71 -0.35 -89.56
CA VAL RA 178 20.43 0.31 -90.64
C VAL RA 178 21.53 -0.58 -91.18
N SER RA 179 22.28 -1.25 -90.29
CA SER RA 179 23.36 -2.13 -90.74
C SER RA 179 22.81 -3.31 -91.56
N ILE RA 180 21.75 -3.93 -91.06
CA ILE RA 180 21.13 -5.03 -91.80
C ILE RA 180 20.65 -4.56 -93.16
N LEU RA 181 20.03 -3.37 -93.21
CA LEU RA 181 19.54 -2.85 -94.47
C LEU RA 181 20.67 -2.51 -95.42
N GLU RA 182 21.83 -2.10 -94.91
CA GLU RA 182 22.97 -1.85 -95.79
C GLU RA 182 23.49 -3.14 -96.41
N VAL RA 183 23.56 -4.21 -95.62
CA VAL RA 183 23.93 -5.51 -96.18
C VAL RA 183 22.92 -5.94 -97.24
N ALA RA 184 21.63 -5.77 -96.94
CA ALA RA 184 20.59 -6.13 -97.90
C ALA RA 184 20.69 -5.28 -99.16
N LYS RA 185 21.06 -4.01 -99.02
CA LYS RA 185 21.24 -3.14 -100.17
C LYS RA 185 22.38 -3.62 -101.05
N TYR RA 186 23.49 -4.05 -100.43
CA TYR RA 186 24.58 -4.63 -101.21
C TYR RA 186 24.11 -5.86 -101.96
N LEU RA 187 23.33 -6.72 -101.30
CA LEU RA 187 22.80 -7.91 -101.98
C LEU RA 187 21.90 -7.52 -103.15
N LEU RA 188 21.04 -6.52 -102.97
CA LEU RA 188 20.16 -6.07 -104.05
C LEU RA 188 20.96 -5.53 -105.22
N GLU RA 189 22.02 -4.76 -104.93
CA GLU RA 189 22.86 -4.26 -105.99
C GLU RA 189 23.52 -5.40 -106.75
N LYS RA 190 23.97 -6.43 -106.04
CA LYS RA 190 24.51 -7.62 -106.72
C LYS RA 190 23.46 -8.27 -107.62
N LEU RA 191 22.23 -8.41 -107.12
CA LEU RA 191 21.17 -9.01 -107.92
C LEU RA 191 20.82 -8.17 -109.13
N GLY RA 192 20.77 -6.84 -108.98
CA GLY RA 192 20.48 -5.97 -110.09
C GLY RA 192 19.06 -5.40 -110.08
N PHE RA 193 18.54 -5.10 -108.90
CA PHE RA 193 17.22 -4.53 -108.72
C PHE RA 193 17.39 -3.09 -108.22
N ASP RA 194 17.49 -2.16 -109.17
CA ASP RA 194 17.85 -0.78 -108.82
C ASP RA 194 16.72 -0.07 -108.08
N TYR RA 195 15.47 -0.27 -108.51
CA TYR RA 195 14.36 0.42 -107.87
C TYR RA 195 14.21 0.02 -106.41
N LEU RA 196 14.34 -1.28 -106.13
CA LEU RA 196 14.33 -1.73 -104.74
C LEU RA 196 15.49 -1.14 -103.96
N VAL RA 197 16.63 -0.94 -104.62
CA VAL RA 197 17.75 -0.27 -103.97
C VAL RA 197 17.36 1.14 -103.55
N GLU RA 198 16.76 1.90 -104.48
CA GLU RA 198 16.37 3.28 -104.17
C GLU RA 198 15.35 3.34 -103.04
N LEU RA 199 14.35 2.46 -103.07
CA LEU RA 199 13.42 2.38 -101.96
C LEU RA 199 14.14 2.06 -100.66
N LEU RA 200 15.20 1.25 -100.73
CA LEU RA 200 15.95 0.92 -99.53
C LEU RA 200 16.71 2.12 -98.99
N ASP RA 201 17.31 2.95 -99.86
CA ASP RA 201 17.92 4.18 -99.34
C ASP RA 201 16.87 5.08 -98.72
N ARG RA 202 15.68 5.17 -99.33
CA ARG RA 202 14.63 5.99 -98.73
C ARG RA 202 14.27 5.50 -97.34
N ALA RA 203 14.10 4.18 -97.18
CA ALA RA 203 13.76 3.62 -95.88
C ALA RA 203 14.89 3.82 -94.87
N ILE RA 204 16.14 3.69 -95.31
CA ILE RA 204 17.28 3.89 -94.42
C ILE RA 204 17.33 5.33 -93.93
N GLU RA 205 17.11 6.29 -94.85
CA GLU RA 205 17.08 7.70 -94.46
C GLU RA 205 15.95 7.96 -93.47
N TYR RA 206 14.78 7.37 -93.70
CA TYR RA 206 13.67 7.57 -92.77
C TYR RA 206 13.97 6.98 -91.40
N ILE RA 207 14.61 5.82 -91.35
CA ILE RA 207 15.02 5.23 -90.07
C ILE RA 207 16.02 6.13 -89.36
N LEU RA 208 17.00 6.64 -90.12
CA LEU RA 208 18.06 7.45 -89.53
C LEU RA 208 17.52 8.77 -88.99
N LYS RA 209 16.59 9.40 -89.70
CA LYS RA 209 16.02 10.66 -89.28
C LYS RA 209 15.04 10.52 -88.11
N GLY RA 210 14.67 9.30 -87.75
CA GLY RA 210 13.78 9.06 -86.62
C GLY RA 210 12.36 8.73 -86.99
N ARG RA 211 11.98 8.88 -88.25
CA ARG RA 211 10.61 8.61 -88.70
C ARG RA 211 10.44 7.11 -88.86
N SER RA 212 9.86 6.46 -87.85
CA SER RA 212 9.84 5.01 -87.77
C SER RA 212 8.65 4.39 -88.50
N GLU RA 213 7.45 4.95 -88.31
CA GLU RA 213 6.25 4.35 -88.90
C GLU RA 213 6.28 4.42 -90.42
N LEU RA 214 6.73 5.55 -90.98
CA LEU RA 214 6.88 5.65 -92.42
C LEU RA 214 7.87 4.62 -92.94
N ALA RA 215 8.96 4.41 -92.19
CA ALA RA 215 9.95 3.41 -92.58
C ALA RA 215 9.37 2.02 -92.54
N VAL RA 216 8.53 1.72 -91.53
CA VAL RA 216 7.91 0.41 -91.44
C VAL RA 216 6.97 0.17 -92.61
N HIS RA 217 6.19 1.18 -92.99
CA HIS RA 217 5.31 1.03 -94.14
C HIS RA 217 6.10 0.84 -95.43
N LEU RA 218 7.19 1.60 -95.58
CA LEU RA 218 8.07 1.45 -96.74
C LEU RA 218 8.67 0.04 -96.78
N LEU RA 219 9.05 -0.49 -95.63
CA LEU RA 219 9.63 -1.82 -95.56
C LEU RA 219 8.59 -2.88 -95.89
N ASP RA 220 7.34 -2.67 -95.49
CA ASP RA 220 6.26 -3.56 -95.88
C ASP RA 220 6.09 -3.59 -97.41
N ASP RA 221 6.11 -2.42 -98.03
CA ASP RA 221 5.98 -2.37 -99.49
C ASP RA 221 7.17 -3.04 -100.16
N ILE RA 222 8.38 -2.84 -99.62
CA ILE RA 222 9.57 -3.47 -100.15
C ILE RA 222 9.47 -4.99 -100.03
N ILE RA 223 8.97 -5.48 -98.89
CA ILE RA 223 8.82 -6.91 -98.68
C ILE RA 223 7.84 -7.50 -99.68
N ARG RA 224 6.72 -6.79 -99.92
CA ARG RA 224 5.78 -7.26 -100.94
C ARG RA 224 6.42 -7.33 -102.32
N ARG RA 225 7.20 -6.31 -102.68
CA ARG RA 225 7.87 -6.32 -103.98
C ARG RA 225 8.87 -7.47 -104.08
N VAL RA 226 9.61 -7.74 -103.00
CA VAL RA 226 10.59 -8.82 -102.99
C VAL RA 226 9.90 -10.16 -103.15
N HIS RA 227 8.78 -10.36 -102.45
CA HIS RA 227 8.02 -11.59 -102.59
C HIS RA 227 7.49 -11.76 -104.01
N GLU RA 228 7.04 -10.65 -104.62
CA GLU RA 228 6.62 -10.72 -106.02
C GLU RA 228 7.75 -11.15 -106.92
N GLU RA 229 8.95 -10.61 -106.70
CA GLU RA 229 10.10 -11.00 -107.51
C GLU RA 229 10.43 -12.47 -107.33
N ILE RA 230 10.39 -12.96 -106.08
CA ILE RA 230 10.68 -14.36 -105.81
C ILE RA 230 9.66 -15.25 -106.51
N GLU RA 231 8.38 -14.90 -106.43
CA GLU RA 231 7.34 -15.67 -107.10
C GLU RA 231 7.52 -15.64 -108.62
N ARG RA 232 8.00 -14.52 -109.16
CA ARG RA 232 8.27 -14.47 -110.59
C ARG RA 232 9.41 -15.41 -110.97
N TYR RA 233 10.43 -15.52 -110.11
CA TYR RA 233 11.57 -16.39 -110.45
C TYR RA 233 11.16 -17.85 -110.54
N GLY RA 234 10.32 -18.31 -109.64
CA GLY RA 234 9.79 -19.67 -109.73
C GLY RA 234 10.66 -20.67 -108.97
N ASP RA 235 11.19 -21.66 -109.70
CA ASP RA 235 12.01 -22.70 -109.09
C ASP RA 235 13.50 -22.42 -109.17
N ASP RA 236 13.92 -21.39 -109.91
CA ASP RA 236 15.32 -21.06 -110.09
C ASP RA 236 15.74 -19.85 -109.27
N VAL RA 237 15.18 -19.70 -108.07
CA VAL RA 237 15.45 -18.53 -107.23
C VAL RA 237 16.89 -18.58 -106.73
N PRO RA 238 17.69 -17.55 -106.99
CA PRO RA 238 19.03 -17.50 -106.39
C PRO RA 238 18.96 -17.33 -104.88
N GLU RA 239 19.98 -17.84 -104.20
CA GLU RA 239 20.00 -17.78 -102.74
C GLU RA 239 20.13 -16.35 -102.21
N GLU RA 240 20.69 -15.45 -103.01
CA GLU RA 240 20.81 -14.07 -102.57
C GLU RA 240 19.44 -13.44 -102.35
N LEU RA 241 18.47 -13.79 -103.20
CA LEU RA 241 17.12 -13.26 -103.04
C LEU RA 241 16.49 -13.71 -101.73
N LEU RA 242 16.67 -14.99 -101.37
CA LEU RA 242 16.11 -15.49 -100.12
C LEU RA 242 16.80 -14.87 -98.91
N LEU RA 243 18.12 -14.74 -98.98
CA LEU RA 243 18.83 -14.09 -97.88
C LEU RA 243 18.42 -12.64 -97.73
N LEU RA 244 18.22 -11.94 -98.86
CA LEU RA 244 17.72 -10.57 -98.83
C LEU RA 244 16.34 -10.50 -98.22
N ASP RA 245 15.46 -11.45 -98.58
CA ASP RA 245 14.14 -11.50 -97.98
C ASP RA 245 14.22 -11.61 -96.46
N LEU RA 246 15.04 -12.55 -95.97
CA LEU RA 246 15.17 -12.72 -94.53
C LEU RA 246 15.74 -11.47 -93.87
N LEU RA 247 16.74 -10.85 -94.49
CA LEU RA 247 17.36 -9.65 -93.93
C LEU RA 247 16.36 -8.51 -93.83
N VAL RA 248 15.60 -8.27 -94.89
CA VAL RA 248 14.62 -7.18 -94.89
C VAL RA 248 13.53 -7.45 -93.87
N GLN RA 249 13.12 -8.71 -93.73
CA GLN RA 249 12.10 -9.03 -92.73
C GLN RA 249 12.59 -8.76 -91.32
N LYS RA 250 13.82 -9.17 -91.00
CA LYS RA 250 14.33 -8.92 -89.65
C LYS RA 250 14.58 -7.44 -89.42
N ALA RA 251 14.99 -6.70 -90.45
CA ALA RA 251 15.16 -5.26 -90.31
C ALA RA 251 13.82 -4.57 -90.07
N ARG RA 252 12.77 -5.03 -90.74
CA ARG RA 252 11.43 -4.49 -90.49
C ARG RA 252 10.97 -4.79 -89.07
N ASP RA 253 11.27 -5.98 -88.58
CA ASP RA 253 10.92 -6.30 -87.19
C ASP RA 253 11.65 -5.37 -86.23
N LEU RA 254 12.94 -5.14 -86.45
CA LEU RA 254 13.69 -4.23 -85.59
C LEU RA 254 13.14 -2.81 -85.66
N ALA RA 255 12.80 -2.35 -86.87
CA ALA RA 255 12.25 -1.00 -87.03
C ALA RA 255 10.91 -0.86 -86.32
N ALA RA 256 10.09 -1.91 -86.36
CA ALA RA 256 8.85 -1.90 -85.60
C ALA RA 256 9.13 -1.83 -84.09
N ARG RA 257 10.14 -2.58 -83.63
CA ARG RA 257 10.46 -2.57 -82.20
C ARG RA 257 11.11 -1.28 -81.73
N ILE RA 258 11.48 -0.37 -82.64
CA ILE RA 258 12.12 0.88 -82.27
C ILE RA 258 11.24 1.67 -81.31
N MET SA 25 22.37 -49.06 -68.31
CA MET SA 25 20.98 -49.18 -68.74
C MET SA 25 20.75 -50.47 -69.53
N GLU SA 26 21.42 -51.55 -69.13
CA GLU SA 26 21.31 -52.81 -69.86
C GLU SA 26 19.92 -53.42 -69.78
N LYS SA 27 19.12 -53.02 -68.78
CA LYS SA 27 17.75 -53.51 -68.70
C LYS SA 27 16.94 -53.08 -69.91
N LEU SA 28 17.14 -51.84 -70.37
CA LEU SA 28 16.41 -51.36 -71.54
C LEU SA 28 16.88 -52.02 -72.83
N GLU SA 29 18.18 -52.35 -72.92
CA GLU SA 29 18.64 -53.13 -74.06
C GLU SA 29 18.05 -54.54 -74.05
N VAL SA 30 17.91 -55.14 -72.86
CA VAL SA 30 17.25 -56.44 -72.76
C VAL SA 30 15.79 -56.31 -73.19
N ALA SA 31 15.14 -55.21 -72.81
CA ALA SA 31 13.76 -54.98 -73.25
C ALA SA 31 13.68 -54.83 -74.76
N VAL SA 32 14.63 -54.14 -75.38
CA VAL SA 32 14.65 -54.00 -76.83
C VAL SA 32 14.83 -55.35 -77.51
N GLU SA 33 15.72 -56.18 -76.98
CA GLU SA 33 15.91 -57.52 -77.53
C GLU SA 33 14.65 -58.35 -77.38
N HIS SA 34 14.00 -58.26 -76.25
CA HIS SA 34 12.72 -58.92 -76.09
C HIS SA 34 11.71 -58.45 -77.12
N LEU SA 35 11.61 -57.13 -77.34
CA LEU SA 35 10.67 -56.60 -78.32
C LEU SA 35 10.96 -57.16 -79.72
N LYS SA 36 12.24 -57.26 -80.08
CA LYS SA 36 12.58 -57.90 -81.35
C LYS SA 36 12.11 -59.35 -81.37
N GLU SA 37 12.30 -60.07 -80.25
CA GLU SA 37 11.84 -61.44 -80.16
C GLU SA 37 10.32 -61.53 -80.31
N ALA SA 38 9.60 -60.57 -79.73
CA ALA SA 38 8.15 -60.54 -79.84
C ALA SA 38 7.71 -60.32 -81.29
N ILE SA 39 8.38 -59.42 -82.00
CA ILE SA 39 8.07 -59.21 -83.41
C ILE SA 39 8.30 -60.49 -84.21
N GLU SA 40 9.43 -61.16 -83.94
CA GLU SA 40 9.72 -62.41 -84.64
C GLU SA 40 8.68 -63.48 -84.32
N LEU SA 41 8.22 -63.53 -83.07
CA LEU SA 41 7.23 -64.52 -82.67
C LEU SA 41 5.88 -64.25 -83.33
N ILE SA 42 5.46 -63.00 -83.39
CA ILE SA 42 4.23 -62.66 -84.11
C ILE SA 42 4.35 -63.05 -85.58
N GLU SA 43 5.54 -62.83 -86.16
CA GLU SA 43 5.75 -63.24 -87.55
C GLU SA 43 5.64 -64.75 -87.71
N LYS SA 44 6.18 -65.51 -86.75
CA LYS SA 44 6.14 -66.96 -86.85
C LYS SA 44 4.73 -67.50 -86.72
N GLY SA 45 4.00 -67.04 -85.70
CA GLY SA 45 2.63 -67.48 -85.51
C GLY SA 45 2.28 -67.88 -84.08
N GLU SA 46 3.22 -67.73 -83.16
CA GLU SA 46 2.98 -68.06 -81.76
C GLU SA 46 2.49 -66.81 -81.04
N TYR SA 47 1.18 -66.73 -80.85
CA TYR SA 47 0.57 -65.55 -80.24
C TYR SA 47 0.53 -65.62 -78.72
N VAL SA 48 0.44 -66.82 -78.15
CA VAL SA 48 0.49 -66.95 -76.69
C VAL SA 48 1.86 -66.53 -76.18
N LYS SA 49 2.92 -67.00 -76.83
CA LYS SA 49 4.27 -66.63 -76.44
C LYS SA 49 4.49 -65.14 -76.62
N ALA SA 50 3.89 -64.56 -77.67
CA ALA SA 50 4.00 -63.11 -77.87
C ALA SA 50 3.32 -62.34 -76.74
N ASP SA 51 2.13 -62.79 -76.31
CA ASP SA 51 1.43 -62.14 -75.21
C ASP SA 51 2.25 -62.24 -73.92
N LEU SA 52 2.83 -63.41 -73.66
CA LEU SA 52 3.65 -63.59 -72.47
C LEU SA 52 4.92 -62.73 -72.52
N ILE SA 53 5.53 -62.63 -73.70
CA ILE SA 53 6.70 -61.77 -73.87
C ILE SA 53 6.34 -60.32 -73.61
N LEU SA 54 5.16 -59.88 -74.07
CA LEU SA 54 4.74 -58.52 -73.81
C LEU SA 54 4.59 -58.27 -72.32
N THR SA 55 4.05 -59.24 -71.59
CA THR SA 55 3.97 -59.12 -70.13
C THR SA 55 5.36 -59.02 -69.51
N ASP SA 56 6.31 -59.83 -70.00
CA ASP SA 56 7.68 -59.76 -69.50
C ASP SA 56 8.31 -58.40 -69.77
N ILE SA 57 8.09 -57.85 -70.96
CA ILE SA 57 8.62 -56.54 -71.31
C ILE SA 57 8.03 -55.47 -70.40
N LEU SA 58 6.72 -55.57 -70.11
CA LEU SA 58 6.11 -54.63 -69.19
C LEU SA 58 6.75 -54.72 -67.81
N ARG SA 59 7.03 -55.94 -67.35
CA ARG SA 59 7.69 -56.10 -66.05
C ARG SA 59 9.08 -55.47 -66.06
N LEU SA 60 9.84 -55.66 -67.13
CA LEU SA 60 11.16 -55.06 -67.24
C LEU SA 60 11.09 -53.54 -67.21
N LEU SA 61 10.19 -52.96 -68.00
CA LEU SA 61 10.08 -51.51 -68.06
C LEU SA 61 9.63 -50.93 -66.72
N GLU SA 62 8.70 -51.61 -66.04
CA GLU SA 62 8.30 -51.16 -64.71
C GLU SA 62 9.45 -51.28 -63.72
N GLU SA 63 10.32 -52.28 -63.89
CA GLU SA 63 11.52 -52.36 -63.07
C GLU SA 63 12.43 -51.17 -63.30
N GLU SA 64 12.58 -50.75 -64.55
CA GLU SA 64 13.40 -49.57 -64.83
C GLU SA 64 12.78 -48.30 -64.26
N GLY SA 65 11.50 -48.07 -64.55
CA GLY SA 65 10.79 -46.95 -63.96
C GLY SA 65 10.59 -45.73 -64.82
N VAL SA 66 10.19 -45.91 -66.08
CA VAL SA 66 9.84 -44.80 -66.97
C VAL SA 66 8.34 -44.86 -67.21
N LYS SA 67 7.63 -43.81 -66.78
CA LYS SA 67 6.17 -43.85 -66.71
C LYS SA 67 5.56 -43.97 -68.09
N SER SA 68 6.01 -43.15 -69.05
CA SER SA 68 5.44 -43.18 -70.39
C SER SA 68 5.63 -44.54 -71.03
N LEU SA 69 6.83 -45.10 -70.91
CA LEU SA 69 7.09 -46.44 -71.43
C LEU SA 69 6.19 -47.47 -70.75
N ILE SA 70 5.93 -47.29 -69.45
CA ILE SA 70 5.11 -48.26 -68.71
C ILE SA 70 3.67 -48.25 -69.23
N LYS SA 71 3.07 -47.06 -69.35
CA LYS SA 71 1.70 -47.00 -69.83
C LYS SA 71 1.60 -47.47 -71.28
N GLN SA 72 2.61 -47.14 -72.09
CA GLN SA 72 2.63 -47.61 -73.47
C GLN SA 72 2.70 -49.13 -73.52
N ALA SA 73 3.48 -49.75 -72.62
CA ALA SA 73 3.61 -51.20 -72.62
C ALA SA 73 2.32 -51.88 -72.17
N LYS SA 74 1.64 -51.32 -71.17
CA LYS SA 74 0.37 -51.91 -70.75
C LYS SA 74 -0.68 -51.83 -71.85
N GLU SA 75 -0.84 -50.65 -72.44
CA GLU SA 75 -1.80 -50.53 -73.54
C GLU SA 75 -1.40 -51.39 -74.72
N LEU SA 76 -0.09 -51.57 -74.94
CA LEU SA 76 0.37 -52.46 -75.99
C LEU SA 76 -0.06 -53.89 -75.72
N HIS SA 77 0.10 -54.36 -74.48
CA HIS SA 77 -0.32 -55.71 -74.16
C HIS SA 77 -1.81 -55.90 -74.47
N ILE SA 78 -2.64 -54.99 -73.97
CA ILE SA 78 -4.09 -55.13 -74.16
C ILE SA 78 -4.44 -55.11 -75.65
N GLU SA 79 -3.94 -54.10 -76.37
CA GLU SA 79 -4.34 -53.92 -77.76
C GLU SA 79 -3.78 -55.00 -78.66
N VAL SA 80 -2.57 -55.49 -78.39
CA VAL SA 80 -2.02 -56.56 -79.20
C VAL SA 80 -2.78 -57.85 -78.96
N PHE SA 81 -3.19 -58.11 -77.72
CA PHE SA 81 -4.03 -59.28 -77.47
C PHE SA 81 -5.32 -59.21 -78.27
N LYS SA 82 -5.98 -58.04 -78.24
CA LYS SA 82 -7.22 -57.88 -79.01
C LYS SA 82 -6.98 -58.07 -80.51
N LEU SA 83 -5.93 -57.43 -81.04
CA LEU SA 83 -5.67 -57.50 -82.48
C LEU SA 83 -5.31 -58.91 -82.92
N LEU SA 84 -4.51 -59.62 -82.13
CA LEU SA 84 -4.18 -61.00 -82.47
C LEU SA 84 -5.40 -61.90 -82.39
N LYS SA 85 -6.34 -61.60 -81.48
CA LYS SA 85 -7.62 -62.29 -81.50
C LYS SA 85 -8.34 -62.04 -82.82
N GLU SA 86 -8.41 -60.77 -83.25
CA GLU SA 86 -9.12 -60.44 -84.48
C GLU SA 86 -8.38 -60.94 -85.73
N GLY SA 87 -7.06 -60.95 -85.69
CA GLY SA 87 -6.27 -61.35 -86.84
C GLY SA 87 -5.48 -60.24 -87.51
N GLU SA 88 -5.42 -59.05 -86.89
CA GLU SA 88 -4.68 -57.92 -87.45
C GLU SA 88 -3.21 -58.03 -87.04
N TYR SA 89 -2.49 -58.89 -87.76
CA TYR SA 89 -1.08 -59.12 -87.44
C TYR SA 89 -0.24 -57.87 -87.69
N LYS SA 90 -0.49 -57.19 -88.81
CA LYS SA 90 0.32 -56.03 -89.17
C LYS SA 90 0.16 -54.89 -88.18
N GLU SA 91 -1.06 -54.67 -87.70
CA GLU SA 91 -1.28 -53.61 -86.71
C GLU SA 91 -0.55 -53.91 -85.41
N ALA SA 92 -0.59 -55.16 -84.96
CA ALA SA 92 0.12 -55.54 -83.75
C ALA SA 92 1.63 -55.39 -83.92
N LYS SA 93 2.15 -55.82 -85.07
CA LYS SA 93 3.57 -55.65 -85.35
C LYS SA 93 3.95 -54.17 -85.37
N ALA SA 94 3.09 -53.33 -85.94
CA ALA SA 94 3.36 -51.89 -85.96
C ALA SA 94 3.40 -51.33 -84.55
N LEU SA 95 2.47 -51.74 -83.68
CA LEU SA 95 2.48 -51.24 -82.32
C LEU SA 95 3.73 -51.67 -81.56
N VAL SA 96 4.14 -52.93 -81.75
CA VAL SA 96 5.35 -53.41 -81.09
C VAL SA 96 6.58 -52.65 -81.60
N GLU SA 97 6.64 -52.41 -82.91
CA GLU SA 97 7.75 -51.65 -83.48
C GLU SA 97 7.77 -50.22 -82.96
N ALA SA 98 6.59 -49.61 -82.79
CA ALA SA 98 6.52 -48.27 -82.24
C ALA SA 98 7.06 -48.23 -80.82
N LEU SA 99 6.68 -49.22 -79.99
CA LEU SA 99 7.22 -49.25 -78.62
C LEU SA 99 8.73 -49.48 -78.64
N ARG SA 100 9.22 -50.33 -79.53
CA ARG SA 100 10.65 -50.56 -79.64
C ARG SA 100 11.40 -49.29 -79.99
N VAL SA 101 10.89 -48.55 -80.98
CA VAL SA 101 11.52 -47.30 -81.39
C VAL SA 101 11.48 -46.30 -80.25
N SER SA 102 10.38 -46.25 -79.50
CA SER SA 102 10.29 -45.33 -78.37
C SER SA 102 11.33 -45.65 -77.30
N VAL SA 103 11.52 -46.93 -76.99
CA VAL SA 103 12.49 -47.32 -75.97
C VAL SA 103 13.92 -47.01 -76.45
N GLU SA 104 14.23 -47.33 -77.70
CA GLU SA 104 15.56 -47.01 -78.23
C GLU SA 104 15.80 -45.51 -78.25
N LEU SA 105 14.77 -44.73 -78.57
CA LEU SA 105 14.92 -43.27 -78.56
C LEU SA 105 15.16 -42.74 -77.16
N TYR SA 106 14.49 -43.32 -76.16
CA TYR SA 106 14.77 -42.92 -74.79
C TYR SA 106 16.20 -43.23 -74.41
N ILE SA 107 16.69 -44.41 -74.81
CA ILE SA 107 18.08 -44.78 -74.52
C ILE SA 107 19.03 -43.76 -75.13
N LEU SA 108 18.81 -43.42 -76.40
CA LEU SA 108 19.70 -42.52 -77.09
C LEU SA 108 19.63 -41.11 -76.51
N ILE SA 109 18.44 -40.67 -76.10
CA ILE SA 109 18.31 -39.36 -75.46
C ILE SA 109 19.09 -39.32 -74.16
N LYS SA 110 18.99 -40.38 -73.35
CA LYS SA 110 19.72 -40.41 -72.09
C LYS SA 110 21.22 -40.40 -72.33
N ARG SA 111 21.69 -41.19 -73.29
CA ARG SA 111 23.12 -41.22 -73.60
C ARG SA 111 23.60 -39.86 -74.10
N GLY SA 112 22.82 -39.20 -74.95
CA GLY SA 112 23.22 -37.89 -75.45
C GLY SA 112 23.25 -36.84 -74.37
N VAL SA 113 22.26 -36.83 -73.49
CA VAL SA 113 22.21 -35.81 -72.44
C VAL SA 113 23.33 -36.03 -71.44
N ARG SA 114 23.58 -37.28 -71.04
CA ARG SA 114 24.65 -37.56 -70.08
C ARG SA 114 26.01 -37.17 -70.65
N GLU SA 115 26.30 -37.60 -71.87
CA GLU SA 115 27.57 -37.30 -72.55
C GLU SA 115 27.71 -35.83 -72.92
N GLY SA 116 26.73 -34.98 -72.62
CA GLY SA 116 26.81 -33.58 -73.02
C GLY SA 116 26.83 -33.37 -74.51
N ARG SA 117 26.18 -34.25 -75.27
CA ARG SA 117 26.14 -34.10 -76.72
C ARG SA 117 25.34 -32.86 -77.11
N PRO SA 118 25.67 -32.24 -78.23
CA PRO SA 118 24.90 -31.07 -78.69
C PRO SA 118 23.48 -31.47 -79.04
N ILE SA 119 22.55 -30.52 -78.85
CA ILE SA 119 21.15 -30.74 -79.20
C ILE SA 119 21.01 -31.02 -80.69
N GLU SA 120 21.89 -30.45 -81.51
CA GLU SA 120 21.79 -30.60 -82.95
C GLU SA 120 21.84 -32.06 -83.38
N GLU SA 121 22.88 -32.78 -82.93
CA GLU SA 121 23.03 -34.17 -83.37
C GLU SA 121 21.99 -35.08 -82.75
N ILE SA 122 21.56 -34.78 -81.52
CA ILE SA 122 20.46 -35.52 -80.92
C ILE SA 122 19.20 -35.40 -81.78
N ALA SA 123 18.89 -34.17 -82.21
CA ALA SA 123 17.72 -33.96 -83.06
C ALA SA 123 17.86 -34.69 -84.38
N ARG SA 124 19.04 -34.65 -84.99
CA ARG SA 124 19.25 -35.36 -86.25
C ARG SA 124 19.06 -36.86 -86.07
N GLU SA 125 19.57 -37.42 -84.97
CA GLU SA 125 19.42 -38.84 -84.69
C GLU SA 125 17.95 -39.22 -84.51
N VAL SA 126 17.20 -38.39 -83.77
CA VAL SA 126 15.78 -38.66 -83.56
C VAL SA 126 15.03 -38.65 -84.89
N GLY SA 127 15.33 -37.66 -85.74
CA GLY SA 127 14.70 -37.62 -87.05
C GLY SA 127 15.02 -38.82 -87.90
N ARG SA 128 16.30 -39.24 -87.89
CA ARG SA 128 16.69 -40.41 -88.66
C ARG SA 128 15.96 -41.66 -88.18
N LYS SA 129 15.85 -41.84 -86.87
CA LYS SA 129 15.14 -43.01 -86.33
C LYS SA 129 13.67 -42.99 -86.72
N LEU SA 130 13.02 -41.83 -86.64
CA LEU SA 130 11.62 -41.74 -87.01
C LEU SA 130 11.43 -42.03 -88.50
N VAL SA 131 12.34 -41.55 -89.35
CA VAL SA 131 12.21 -41.80 -90.77
C VAL SA 131 12.41 -43.29 -91.08
N GLU SA 132 13.35 -43.93 -90.39
CA GLU SA 132 13.56 -45.36 -90.59
C GLU SA 132 12.33 -46.17 -90.17
N LEU SA 133 11.72 -45.79 -89.04
CA LEU SA 133 10.49 -46.46 -88.62
C LEU SA 133 9.38 -46.26 -89.65
N ALA SA 134 9.25 -45.04 -90.18
CA ALA SA 134 8.21 -44.78 -91.18
C ALA SA 134 8.44 -45.61 -92.44
N LYS SA 135 9.69 -45.71 -92.88
CA LYS SA 135 10.00 -46.53 -94.05
C LYS SA 135 9.67 -48.00 -93.79
N ARG SA 136 10.01 -48.50 -92.60
CA ARG SA 136 9.68 -49.88 -92.26
C ARG SA 136 8.17 -50.11 -92.32
N LEU SA 137 7.40 -49.24 -91.67
CA LEU SA 137 5.95 -49.41 -91.65
C LEU SA 137 5.35 -49.30 -93.05
N GLU SA 138 5.90 -48.40 -93.87
CA GLU SA 138 5.42 -48.30 -95.25
C GLU SA 138 5.71 -49.58 -96.02
N LYS SA 139 6.87 -50.20 -95.77
CA LYS SA 139 7.17 -51.47 -96.41
C LYS SA 139 6.22 -52.57 -95.95
N GLU SA 140 5.85 -52.56 -94.66
CA GLU SA 140 4.93 -53.58 -94.14
C GLU SA 140 3.57 -53.49 -94.83
N GLY SA 141 3.05 -52.28 -95.02
CA GLY SA 141 1.75 -52.11 -95.66
C GLY SA 141 0.80 -51.25 -94.85
N ILE SA 142 1.29 -50.65 -93.78
CA ILE SA 142 0.47 -49.77 -92.96
C ILE SA 142 0.28 -48.44 -93.69
N SER SA 143 -0.95 -47.92 -93.67
CA SER SA 143 -1.25 -46.68 -94.36
C SER SA 143 -0.58 -45.49 -93.68
N TRP SA 144 -0.49 -44.39 -94.41
CA TRP SA 144 0.29 -43.24 -93.94
C TRP SA 144 -0.41 -42.49 -92.81
N GLU SA 145 -1.73 -42.55 -92.74
CA GLU SA 145 -2.43 -41.94 -91.61
C GLU SA 145 -2.07 -42.64 -90.30
N GLU SA 146 -2.06 -43.97 -90.30
CA GLU SA 146 -1.64 -44.71 -89.12
C GLU SA 146 -0.18 -44.45 -88.79
N ILE SA 147 0.68 -44.37 -89.81
CA ILE SA 147 2.09 -44.09 -89.59
C ILE SA 147 2.26 -42.73 -88.91
N ILE SA 148 1.53 -41.72 -89.40
CA ILE SA 148 1.63 -40.39 -88.82
C ILE SA 148 1.13 -40.39 -87.38
N GLU SA 149 0.02 -41.08 -87.11
CA GLU SA 149 -0.51 -41.11 -85.75
C GLU SA 149 0.47 -41.80 -84.79
N LEU SA 150 1.06 -42.92 -85.22
CA LEU SA 150 2.08 -43.58 -84.40
C LEU SA 150 3.27 -42.65 -84.15
N ILE SA 151 3.70 -41.93 -85.18
CA ILE SA 151 4.84 -41.03 -85.04
C ILE SA 151 4.53 -39.92 -84.05
N GLU SA 152 3.31 -39.36 -84.09
CA GLU SA 152 2.96 -38.31 -83.14
C GLU SA 152 2.85 -38.84 -81.71
N ARG SA 153 2.37 -40.08 -81.54
CA ARG SA 153 2.40 -40.66 -80.20
C ARG SA 153 3.83 -40.80 -79.69
N ILE SA 154 4.73 -41.26 -80.55
CA ILE SA 154 6.14 -41.35 -80.17
C ILE SA 154 6.71 -39.98 -79.85
N LEU SA 155 6.27 -38.96 -80.59
CA LEU SA 155 6.76 -37.60 -80.37
C LEU SA 155 6.28 -37.05 -79.03
N GLU SA 156 5.04 -37.35 -78.65
CA GLU SA 156 4.57 -36.96 -77.33
C GLU SA 156 5.34 -37.66 -76.22
N SER SA 157 5.65 -38.95 -76.43
CA SER SA 157 6.50 -39.65 -75.46
C SER SA 157 7.87 -39.00 -75.36
N ILE SA 158 8.44 -38.62 -76.50
CA ILE SA 158 9.75 -37.96 -76.51
C ILE SA 158 9.67 -36.63 -75.77
N ARG SA 159 8.59 -35.88 -75.97
CA ARG SA 159 8.42 -34.60 -75.28
C ARG SA 159 8.41 -34.80 -73.77
N GLU SA 160 7.66 -35.81 -73.30
CA GLU SA 160 7.65 -36.09 -71.87
C GLU SA 160 9.03 -36.50 -71.36
N ILE SA 161 9.72 -37.35 -72.11
CA ILE SA 161 11.05 -37.81 -71.70
C ILE SA 161 12.01 -36.63 -71.60
N LEU SA 162 11.99 -35.75 -72.62
CA LEU SA 162 12.88 -34.60 -72.62
C LEU SA 162 12.56 -33.65 -71.48
N LYS SA 163 11.27 -33.43 -71.20
CA LYS SA 163 10.90 -32.60 -70.07
C LYS SA 163 11.36 -33.21 -68.76
N GLU SA 164 11.42 -34.54 -68.68
CA GLU SA 164 11.93 -35.20 -67.48
C GLU SA 164 13.40 -34.89 -67.25
N GLU SA 165 14.19 -34.84 -68.32
CA GLU SA 165 15.63 -34.60 -68.20
C GLU SA 165 15.96 -33.17 -67.79
N GLY SA 166 14.98 -32.32 -67.53
CA GLY SA 166 15.24 -30.96 -67.14
C GLY SA 166 15.60 -30.01 -68.25
N LEU SA 167 15.45 -30.43 -69.51
CA LEU SA 167 15.74 -29.54 -70.62
C LEU SA 167 14.70 -28.42 -70.69
N PRO SA 168 15.08 -27.22 -71.06
CA PRO SA 168 14.10 -26.13 -71.22
C PRO SA 168 13.27 -26.32 -72.49
N GLU SA 169 12.20 -25.52 -72.57
CA GLU SA 169 11.22 -25.69 -73.64
C GLU SA 169 11.80 -25.42 -75.03
N SER SA 170 12.78 -24.51 -75.13
CA SER SA 170 13.27 -24.11 -76.43
C SER SA 170 13.93 -25.28 -77.17
N GLU SA 171 14.83 -25.99 -76.49
CA GLU SA 171 15.51 -27.11 -77.14
C GLU SA 171 14.55 -28.27 -77.41
N ILE SA 172 13.59 -28.49 -76.52
CA ILE SA 172 12.59 -29.54 -76.75
C ILE SA 172 11.80 -29.23 -78.02
N ASN SA 173 11.34 -27.99 -78.14
CA ASN SA 173 10.59 -27.60 -79.33
C ASN SA 173 11.46 -27.69 -80.58
N ARG SA 174 12.74 -27.33 -80.46
CA ARG SA 174 13.65 -27.43 -81.59
C ARG SA 174 13.80 -28.87 -82.07
N ILE SA 175 14.01 -29.80 -81.13
CA ILE SA 175 14.17 -31.20 -81.49
C ILE SA 175 12.90 -31.74 -82.13
N LEU SA 176 11.75 -31.43 -81.52
CA LEU SA 176 10.48 -31.93 -82.06
C LEU SA 176 10.21 -31.38 -83.46
N ALA SA 177 10.47 -30.08 -83.66
CA ALA SA 177 10.27 -29.48 -84.98
C ALA SA 177 11.19 -30.10 -86.01
N VAL SA 178 12.45 -30.36 -85.64
CA VAL SA 178 13.38 -30.97 -86.58
C VAL SA 178 12.92 -32.37 -86.97
N SER SA 179 12.45 -33.15 -86.00
CA SER SA 179 11.98 -34.51 -86.33
C SER SA 179 10.76 -34.47 -87.24
N ILE SA 180 9.80 -33.61 -86.93
CA ILE SA 180 8.62 -33.47 -87.78
C ILE SA 180 9.02 -33.04 -89.18
N LEU SA 181 9.95 -32.10 -89.28
CA LEU SA 181 10.39 -31.64 -90.60
C LEU SA 181 11.14 -32.71 -91.36
N GLU SA 182 11.85 -33.61 -90.66
CA GLU SA 182 12.51 -34.72 -91.36
C GLU SA 182 11.49 -35.69 -91.93
N VAL SA 183 10.43 -35.99 -91.17
CA VAL SA 183 9.37 -36.83 -91.71
C VAL SA 183 8.71 -36.16 -92.92
N ALA SA 184 8.45 -34.85 -92.80
CA ALA SA 184 7.87 -34.12 -93.92
C ALA SA 184 8.79 -34.11 -95.13
N LYS SA 185 10.11 -34.03 -94.90
CA LYS SA 185 11.07 -34.08 -95.99
C LYS SA 185 11.03 -35.42 -96.70
N TYR SA 186 10.92 -36.51 -95.94
CA TYR SA 186 10.77 -37.82 -96.57
C TYR SA 186 9.50 -37.88 -97.41
N LEU SA 187 8.40 -37.34 -96.89
CA LEU SA 187 7.17 -37.30 -97.68
C LEU SA 187 7.34 -36.48 -98.96
N LEU SA 188 8.01 -35.33 -98.87
CA LEU SA 188 8.23 -34.51 -100.06
C LEU SA 188 9.09 -35.23 -101.08
N GLU SA 189 10.13 -35.94 -100.63
CA GLU SA 189 10.94 -36.72 -101.53
C GLU SA 189 10.13 -37.80 -102.23
N LYS SA 190 9.22 -38.46 -101.48
CA LYS SA 190 8.33 -39.43 -102.11
C LYS SA 190 7.45 -38.77 -103.16
N LEU SA 191 6.89 -37.60 -102.85
CA LEU SA 191 6.05 -36.90 -103.82
C LEU SA 191 6.83 -36.46 -105.05
N GLY SA 192 8.06 -35.97 -104.87
CA GLY SA 192 8.89 -35.55 -105.98
C GLY SA 192 8.98 -34.06 -106.17
N PHE SA 193 9.02 -33.31 -105.07
CA PHE SA 193 9.13 -31.86 -105.07
C PHE SA 193 10.51 -31.51 -104.51
N ASP SA 194 11.50 -31.43 -105.40
CA ASP SA 194 12.89 -31.28 -104.97
C ASP SA 194 13.16 -29.90 -104.39
N TYR SA 195 12.61 -28.84 -105.00
CA TYR SA 195 12.87 -27.49 -104.51
C TYR SA 195 12.34 -27.29 -103.11
N LEU SA 196 11.12 -27.80 -102.84
CA LEU SA 196 10.59 -27.74 -101.49
C LEU SA 196 11.46 -28.54 -100.53
N VAL SA 197 12.05 -29.64 -101.00
CA VAL SA 197 12.98 -30.39 -100.17
C VAL SA 197 14.16 -29.51 -99.78
N GLU SA 198 14.76 -28.84 -100.75
CA GLU SA 198 15.93 -27.99 -100.48
C GLU SA 198 15.60 -26.87 -99.51
N LEU SA 199 14.45 -26.21 -99.71
CA LEU SA 199 14.00 -25.21 -98.75
C LEU SA 199 13.82 -25.82 -97.36
N LEU SA 200 13.39 -27.09 -97.31
CA LEU SA 200 13.22 -27.74 -96.02
C LEU SA 200 14.56 -27.99 -95.33
N ASP SA 201 15.59 -28.41 -96.08
CA ASP SA 201 16.90 -28.52 -95.45
C ASP SA 201 17.39 -27.17 -94.96
N ARG SA 202 17.16 -26.11 -95.73
CA ARG SA 202 17.56 -24.77 -95.28
C ARG SA 202 16.87 -24.41 -93.97
N ALA SA 203 15.57 -24.65 -93.88
CA ALA SA 203 14.84 -24.34 -92.66
C ALA SA 203 15.30 -25.20 -91.49
N ILE SA 204 15.60 -26.48 -91.75
CA ILE SA 204 16.07 -27.36 -90.68
C ILE SA 204 17.42 -26.90 -90.16
N GLU SA 205 18.32 -26.51 -91.06
CA GLU SA 205 19.62 -25.97 -90.64
C GLU SA 205 19.45 -24.70 -89.82
N TYR SA 206 18.54 -23.81 -90.23
CA TYR SA 206 18.33 -22.58 -89.48
C TYR SA 206 17.76 -22.88 -88.10
N ILE SA 207 16.84 -23.84 -87.99
CA ILE SA 207 16.32 -24.23 -86.68
C ILE SA 207 17.43 -24.81 -85.81
N LEU SA 208 18.28 -25.66 -86.40
CA LEU SA 208 19.32 -26.32 -85.63
C LEU SA 208 20.37 -25.33 -85.13
N LYS SA 209 20.73 -24.35 -85.96
CA LYS SA 209 21.72 -23.35 -85.59
C LYS SA 209 21.20 -22.33 -84.59
N GLY SA 210 19.90 -22.32 -84.31
CA GLY SA 210 19.31 -21.42 -83.34
C GLY SA 210 18.59 -20.22 -83.92
N ARG SA 211 18.70 -19.99 -85.23
CA ARG SA 211 18.05 -18.85 -85.88
C ARG SA 211 16.59 -19.19 -86.11
N SER SA 212 15.73 -18.72 -85.20
CA SER SA 212 14.34 -19.15 -85.18
C SER SA 212 13.43 -18.32 -86.09
N GLU SA 213 13.57 -17.00 -86.07
CA GLU SA 213 12.67 -16.14 -86.85
C GLU SA 213 12.86 -16.35 -88.35
N LEU SA 214 14.11 -16.48 -88.79
CA LEU SA 214 14.37 -16.79 -90.19
C LEU SA 214 13.73 -18.11 -90.58
N ALA SA 215 13.83 -19.10 -89.70
CA ALA SA 215 13.21 -20.40 -89.96
C ALA SA 215 11.69 -20.29 -90.05
N VAL SA 216 11.09 -19.47 -89.19
CA VAL SA 216 9.64 -19.28 -89.22
C VAL SA 216 9.21 -18.64 -90.53
N HIS SA 217 9.96 -17.62 -90.99
CA HIS SA 217 9.62 -17.00 -92.26
C HIS SA 217 9.79 -17.98 -93.42
N LEU SA 218 10.86 -18.77 -93.39
CA LEU SA 218 11.06 -19.80 -94.41
C LEU SA 218 9.93 -20.81 -94.40
N LEU SA 219 9.46 -21.20 -93.22
CA LEU SA 219 8.37 -22.15 -93.11
C LEU SA 219 7.06 -21.56 -93.63
N ASP SA 220 6.86 -20.26 -93.41
CA ASP SA 220 5.69 -19.59 -93.98
C ASP SA 220 5.73 -19.63 -95.50
N ASP SA 221 6.89 -19.35 -96.10
CA ASP SA 221 7.01 -19.42 -97.54
C ASP SA 221 6.80 -20.83 -98.06
N ILE SA 222 7.31 -21.82 -97.33
CA ILE SA 222 7.13 -23.23 -97.70
C ILE SA 222 5.65 -23.60 -97.64
N ILE SA 223 4.95 -23.13 -96.60
CA ILE SA 223 3.52 -23.41 -96.46
C ILE SA 223 2.74 -22.81 -97.61
N ARG SA 224 3.08 -21.57 -98.00
CA ARG SA 224 2.42 -20.97 -99.14
C ARG SA 224 2.65 -21.78 -100.42
N ARG SA 225 3.88 -22.23 -100.63
CA ARG SA 225 4.17 -23.03 -101.82
C ARG SA 225 3.41 -24.36 -101.80
N VAL SA 226 3.31 -24.99 -100.63
CA VAL SA 226 2.59 -26.25 -100.51
C VAL SA 226 1.11 -26.05 -100.81
N HIS SA 227 0.53 -24.96 -100.29
CA HIS SA 227 -0.88 -24.68 -100.58
C HIS SA 227 -1.09 -24.41 -102.06
N GLU SA 228 -0.14 -23.72 -102.70
CA GLU SA 228 -0.22 -23.51 -104.14
C GLU SA 228 -0.21 -24.85 -104.89
N GLU SA 229 0.66 -25.77 -104.47
CA GLU SA 229 0.71 -27.09 -105.12
C GLU SA 229 -0.62 -27.84 -104.93
N ILE SA 230 -1.16 -27.79 -103.71
CA ILE SA 230 -2.43 -28.47 -103.44
C ILE SA 230 -3.53 -27.89 -104.32
N GLU SA 231 -3.61 -26.56 -104.41
CA GLU SA 231 -4.61 -25.92 -105.25
C GLU SA 231 -4.41 -26.28 -106.72
N ARG SA 232 -3.16 -26.44 -107.17
CA ARG SA 232 -2.92 -26.87 -108.53
C ARG SA 232 -3.44 -28.28 -108.77
N TYR SA 233 -3.29 -29.17 -107.78
CA TYR SA 233 -3.73 -30.55 -107.95
C TYR SA 233 -5.23 -30.66 -108.15
N GLY SA 234 -6.01 -29.89 -107.40
CA GLY SA 234 -7.45 -29.83 -107.60
C GLY SA 234 -8.18 -30.86 -106.76
N ASP SA 235 -8.90 -31.77 -107.42
CA ASP SA 235 -9.68 -32.79 -106.74
C ASP SA 235 -8.95 -34.12 -106.58
N ASP SA 236 -7.78 -34.28 -107.22
CA ASP SA 236 -7.02 -35.52 -107.18
C ASP SA 236 -5.80 -35.42 -106.28
N VAL SA 237 -5.92 -34.69 -105.18
CA VAL SA 237 -4.79 -34.46 -104.28
C VAL SA 237 -4.44 -35.76 -103.56
N PRO SA 238 -3.19 -36.23 -103.67
CA PRO SA 238 -2.77 -37.38 -102.88
C PRO SA 238 -2.74 -37.05 -101.39
N GLU SA 239 -2.96 -38.09 -100.57
CA GLU SA 239 -3.00 -37.92 -99.12
C GLU SA 239 -1.65 -37.51 -98.55
N GLU SA 240 -0.55 -37.85 -99.22
CA GLU SA 240 0.76 -37.46 -98.74
C GLU SA 240 0.92 -35.95 -98.71
N LEU SA 241 0.34 -35.26 -99.69
CA LEU SA 241 0.41 -33.80 -99.72
C LEU SA 241 -0.32 -33.19 -98.53
N LEU SA 242 -1.49 -33.71 -98.18
CA LEU SA 242 -2.23 -33.18 -97.05
C LEU SA 242 -1.52 -33.47 -95.73
N LEU SA 243 -0.98 -34.69 -95.59
CA LEU SA 243 -0.23 -34.99 -94.39
C LEU SA 243 1.01 -34.13 -94.26
N LEU SA 244 1.69 -33.87 -95.39
CA LEU SA 244 2.83 -32.96 -95.40
C LEU SA 244 2.42 -31.56 -94.99
N ASP SA 245 1.29 -31.08 -95.50
CA ASP SA 245 0.77 -29.77 -95.12
C ASP SA 245 0.58 -29.70 -93.60
N LEU SA 246 -0.08 -30.69 -93.02
CA LEU SA 246 -0.32 -30.69 -91.58
C LEU SA 246 1.00 -30.73 -90.80
N LEU SA 247 1.94 -31.55 -91.26
CA LEU SA 247 3.23 -31.68 -90.57
C LEU SA 247 3.99 -30.37 -90.59
N VAL SA 248 4.07 -29.72 -91.75
CA VAL SA 248 4.79 -28.47 -91.87
C VAL SA 248 4.13 -27.39 -91.03
N GLN SA 249 2.79 -27.38 -90.98
CA GLN SA 249 2.10 -26.40 -90.15
C GLN SA 249 2.41 -26.58 -88.67
N LYS SA 250 2.37 -27.83 -88.19
CA LYS SA 250 2.66 -28.05 -86.78
C LYS SA 250 4.13 -27.78 -86.45
N ALA SA 251 5.03 -28.07 -87.40
CA ALA SA 251 6.44 -27.75 -87.20
C ALA SA 251 6.65 -26.24 -87.14
N ARG SA 252 5.94 -25.48 -87.97
CA ARG SA 252 6.02 -24.03 -87.91
C ARG SA 252 5.49 -23.50 -86.58
N ASP SA 253 4.41 -24.09 -86.08
CA ASP SA 253 3.91 -23.69 -84.77
C ASP SA 253 4.94 -23.94 -83.68
N LEU SA 254 5.58 -25.12 -83.71
CA LEU SA 254 6.62 -25.42 -82.72
C LEU SA 254 7.80 -24.46 -82.84
N ALA SA 255 8.21 -24.15 -84.07
CA ALA SA 255 9.33 -23.23 -84.26
C ALA SA 255 8.99 -21.84 -83.76
N ALA SA 256 7.74 -21.41 -83.94
CA ALA SA 256 7.31 -20.14 -83.37
C ALA SA 256 7.35 -20.19 -81.84
N ARG SA 257 6.93 -21.30 -81.25
CA ARG SA 257 6.93 -21.42 -79.80
C ARG SA 257 8.32 -21.55 -79.20
N ILE SA 258 9.35 -21.73 -80.02
CA ILE SA 258 10.72 -21.88 -79.52
C ILE SA 258 11.13 -20.68 -78.68
N MET TA 25 -59.44 49.71 -39.54
CA MET TA 25 -59.02 50.90 -38.81
C MET TA 25 -60.15 51.91 -38.67
N GLU TA 26 -61.38 51.42 -38.47
CA GLU TA 26 -62.53 52.31 -38.38
C GLU TA 26 -62.49 53.19 -37.14
N LYS TA 27 -61.71 52.82 -36.13
CA LYS TA 27 -61.56 53.68 -34.95
C LYS TA 27 -60.94 55.01 -35.32
N LEU TA 28 -59.95 55.01 -36.20
CA LEU TA 28 -59.31 56.24 -36.62
C LEU TA 28 -60.21 57.09 -37.50
N GLU TA 29 -61.06 56.46 -38.32
CA GLU TA 29 -62.06 57.23 -39.06
C GLU TA 29 -63.09 57.86 -38.12
N VAL TA 30 -63.46 57.14 -37.05
CA VAL TA 30 -64.35 57.72 -36.05
C VAL TA 30 -63.67 58.91 -35.37
N ALA TA 31 -62.37 58.78 -35.09
CA ALA TA 31 -61.61 59.88 -34.52
C ALA TA 31 -61.57 61.09 -35.46
N VAL TA 32 -61.41 60.84 -36.75
CA VAL TA 32 -61.40 61.94 -37.73
C VAL TA 32 -62.75 62.63 -37.77
N GLU TA 33 -63.84 61.85 -37.74
CA GLU TA 33 -65.17 62.45 -37.71
C GLU TA 33 -65.39 63.26 -36.44
N HIS TA 34 -64.93 62.74 -35.33
CA HIS TA 34 -64.98 63.52 -34.10
C HIS TA 34 -64.22 64.83 -34.23
N LEU TA 35 -63.01 64.79 -34.80
CA LEU TA 35 -62.22 66.01 -34.97
C LEU TA 35 -62.95 67.03 -35.82
N LYS TA 36 -63.61 66.57 -36.89
CA LYS TA 36 -64.45 67.47 -37.67
C LYS TA 36 -65.57 68.07 -36.82
N GLU TA 37 -66.19 67.22 -35.99
CA GLU TA 37 -67.24 67.72 -35.10
C GLU TA 37 -66.69 68.76 -34.12
N ALA TA 38 -65.47 68.54 -33.62
CA ALA TA 38 -64.85 69.49 -32.71
C ALA TA 38 -64.59 70.82 -33.40
N ILE TA 39 -64.12 70.80 -34.64
CA ILE TA 39 -63.92 72.04 -35.39
C ILE TA 39 -65.24 72.78 -35.56
N GLU TA 40 -66.29 72.03 -35.92
CA GLU TA 40 -67.61 72.67 -36.08
C GLU TA 40 -68.11 73.25 -34.77
N LEU TA 41 -67.86 72.55 -33.65
CA LEU TA 41 -68.30 73.05 -32.35
C LEU TA 41 -67.56 74.31 -31.94
N ILE TA 42 -66.24 74.35 -32.16
CA ILE TA 42 -65.48 75.58 -31.90
C ILE TA 42 -66.01 76.71 -32.76
N GLU TA 43 -66.36 76.42 -34.01
CA GLU TA 43 -66.94 77.44 -34.87
C GLU TA 43 -68.27 77.94 -34.33
N LYS TA 44 -69.10 77.04 -33.82
CA LYS TA 44 -70.41 77.43 -33.30
C LYS TA 44 -70.29 78.29 -32.05
N GLY TA 45 -69.48 77.84 -31.09
CA GLY TA 45 -69.30 78.60 -29.87
C GLY TA 45 -69.40 77.78 -28.59
N GLU TA 46 -69.58 76.47 -28.71
CA GLU TA 46 -69.65 75.59 -27.55
C GLU TA 46 -68.25 75.08 -27.23
N TYR TA 47 -67.60 75.69 -26.24
CA TYR TA 47 -66.24 75.34 -25.89
C TYR TA 47 -66.15 74.19 -24.89
N VAL TA 48 -67.15 74.06 -24.02
CA VAL TA 48 -67.17 72.92 -23.10
C VAL TA 48 -67.33 71.62 -23.87
N LYS TA 49 -68.26 71.60 -24.82
CA LYS TA 49 -68.44 70.41 -25.63
C LYS TA 49 -67.21 70.11 -26.47
N ALA TA 50 -66.52 71.16 -26.93
CA ALA TA 50 -65.27 70.96 -27.67
C ALA TA 50 -64.19 70.33 -26.79
N ASP TA 51 -64.07 70.80 -25.55
CA ASP TA 51 -63.09 70.23 -24.62
C ASP TA 51 -63.41 68.76 -24.33
N LEU TA 52 -64.69 68.46 -24.12
CA LEU TA 52 -65.10 67.07 -23.87
C LEU TA 52 -64.86 66.19 -25.09
N ILE TA 53 -65.13 66.72 -26.30
CA ILE TA 53 -64.86 65.97 -27.52
C ILE TA 53 -63.36 65.69 -27.66
N LEU TA 54 -62.52 66.66 -27.30
CA LEU TA 54 -61.08 66.43 -27.37
C LEU TA 54 -60.67 65.32 -26.42
N THR TA 55 -61.27 65.27 -25.23
CA THR TA 55 -60.99 64.16 -24.32
C THR TA 55 -61.44 62.82 -24.92
N ASP TA 56 -62.60 62.81 -25.57
CA ASP TA 56 -63.07 61.58 -26.22
C ASP TA 56 -62.12 61.14 -27.32
N ILE TA 57 -61.64 62.09 -28.13
CA ILE TA 57 -60.70 61.77 -29.20
C ILE TA 57 -59.41 61.21 -28.63
N LEU TA 58 -58.94 61.78 -27.52
CA LEU TA 58 -57.75 61.24 -26.87
C LEU TA 58 -57.98 59.80 -26.41
N ARG TA 59 -59.17 59.53 -25.86
CA ARG TA 59 -59.47 58.16 -25.44
C ARG TA 59 -59.49 57.21 -26.63
N LEU TA 60 -60.08 57.63 -27.74
CA LEU TA 60 -60.10 56.79 -28.95
C LEU TA 60 -58.68 56.50 -29.44
N LEU TA 61 -57.85 57.54 -29.55
CA LEU TA 61 -56.49 57.36 -30.05
C LEU TA 61 -55.67 56.46 -29.13
N GLU TA 62 -55.84 56.63 -27.82
CA GLU TA 62 -55.16 55.74 -26.88
C GLU TA 62 -55.65 54.31 -27.01
N GLU TA 63 -56.93 54.13 -27.33
CA GLU TA 63 -57.44 52.79 -27.59
C GLU TA 63 -56.77 52.19 -28.82
N GLU TA 64 -56.55 52.99 -29.87
CA GLU TA 64 -55.87 52.47 -31.04
C GLU TA 64 -54.40 52.14 -30.73
N GLY TA 65 -53.69 53.09 -30.13
CA GLY TA 65 -52.32 52.81 -29.69
C GLY TA 65 -51.20 53.36 -30.55
N VAL TA 66 -51.30 54.61 -30.99
CA VAL TA 66 -50.24 55.28 -31.73
C VAL TA 66 -49.68 56.38 -30.84
N LYS TA 67 -48.40 56.25 -30.48
CA LYS TA 67 -47.82 57.07 -29.42
C LYS TA 67 -47.78 58.55 -29.81
N SER TA 68 -47.31 58.84 -31.03
CA SER TA 68 -47.22 60.24 -31.46
C SER TA 68 -48.58 60.90 -31.49
N LEU TA 69 -49.58 60.20 -32.02
CA LEU TA 69 -50.94 60.72 -32.01
C LEU TA 69 -51.44 60.94 -30.59
N ILE TA 70 -51.06 60.05 -29.67
CA ILE TA 70 -51.53 60.17 -28.29
C ILE TA 70 -50.97 61.43 -27.63
N LYS TA 71 -49.66 61.63 -27.73
CA LYS TA 71 -49.06 62.81 -27.12
C LYS TA 71 -49.57 64.09 -27.78
N GLN TA 72 -49.75 64.05 -29.11
CA GLN TA 72 -50.31 65.20 -29.80
C GLN TA 72 -51.72 65.50 -29.31
N ALA TA 73 -52.52 64.47 -29.05
CA ALA TA 73 -53.89 64.69 -28.60
C ALA TA 73 -53.93 65.25 -27.18
N LYS TA 74 -53.05 64.77 -26.29
CA LYS TA 74 -53.01 65.31 -24.94
C LYS TA 74 -52.60 66.78 -24.94
N GLU TA 75 -51.52 67.11 -25.65
CA GLU TA 75 -51.10 68.49 -25.72
C GLU TA 75 -52.15 69.35 -26.41
N LEU TA 76 -52.87 68.78 -27.37
CA LEU TA 76 -53.97 69.50 -28.02
C LEU TA 76 -55.05 69.84 -27.02
N HIS TA 77 -55.44 68.89 -26.18
CA HIS TA 77 -56.46 69.15 -25.17
C HIS TA 77 -56.03 70.32 -24.28
N ILE TA 78 -54.82 70.24 -23.74
CA ILE TA 78 -54.36 71.29 -22.82
C ILE TA 78 -54.31 72.65 -23.51
N GLU TA 79 -53.67 72.70 -24.69
CA GLU TA 79 -53.46 73.98 -25.35
C GLU TA 79 -54.75 74.57 -25.89
N VAL TA 80 -55.67 73.74 -26.36
CA VAL TA 80 -56.95 74.25 -26.85
C VAL TA 80 -57.77 74.78 -25.69
N PHE TA 81 -57.73 74.11 -24.53
CA PHE TA 81 -58.41 74.66 -23.37
C PHE TA 81 -57.87 76.04 -23.02
N LYS TA 82 -56.54 76.18 -22.98
CA LYS TA 82 -55.95 77.47 -22.67
C LYS TA 82 -56.34 78.54 -23.70
N LEU TA 83 -56.25 78.20 -24.99
CA LEU TA 83 -56.53 79.17 -26.04
C LEU TA 83 -58.00 79.58 -26.03
N LEU TA 84 -58.91 78.63 -25.82
CA LEU TA 84 -60.33 78.97 -25.75
C LEU TA 84 -60.62 79.82 -24.52
N LYS TA 85 -59.87 79.62 -23.42
CA LYS TA 85 -59.96 80.55 -22.30
C LYS TA 85 -59.55 81.95 -22.72
N GLU TA 86 -58.41 82.06 -23.43
CA GLU TA 86 -57.92 83.37 -23.83
C GLU TA 86 -58.79 84.00 -24.92
N GLY TA 87 -59.36 83.19 -25.81
CA GLY TA 87 -60.14 83.69 -26.92
C GLY TA 87 -59.52 83.50 -28.29
N GLU TA 88 -58.42 82.76 -28.39
CA GLU TA 88 -57.75 82.52 -29.68
C GLU TA 88 -58.43 81.35 -30.38
N TYR TA 89 -59.58 81.64 -31.00
CA TYR TA 89 -60.35 80.60 -31.68
C TYR TA 89 -59.59 80.05 -32.88
N LYS TA 90 -58.97 80.92 -33.67
CA LYS TA 90 -58.29 80.49 -34.88
C LYS TA 90 -57.10 79.58 -34.58
N GLU TA 91 -56.35 79.88 -33.52
CA GLU TA 91 -55.22 79.04 -33.15
C GLU TA 91 -55.68 77.65 -32.73
N ALA TA 92 -56.77 77.58 -31.95
CA ALA TA 92 -57.30 76.29 -31.54
C ALA TA 92 -57.81 75.50 -32.73
N LYS TA 93 -58.52 76.17 -33.64
CA LYS TA 93 -58.98 75.50 -34.86
C LYS TA 93 -57.80 74.99 -35.68
N ALA TA 94 -56.73 75.77 -35.76
CA ALA TA 94 -55.55 75.34 -36.50
C ALA TA 94 -54.93 74.10 -35.86
N LEU TA 95 -54.84 74.06 -34.53
CA LEU TA 95 -54.27 72.90 -33.87
C LEU TA 95 -55.13 71.65 -34.09
N VAL TA 96 -56.45 71.80 -34.01
CA VAL TA 96 -57.34 70.67 -34.26
C VAL TA 96 -57.21 70.19 -35.70
N GLU TA 97 -57.12 71.11 -36.65
CA GLU TA 97 -56.95 70.74 -38.05
C GLU TA 97 -55.62 70.03 -38.28
N ALA TA 98 -54.57 70.49 -37.59
CA ALA TA 98 -53.28 69.82 -37.70
C ALA TA 98 -53.34 68.39 -37.19
N LEU TA 99 -54.01 68.17 -36.05
CA LEU TA 99 -54.16 66.80 -35.55
C LEU TA 99 -54.98 65.95 -36.50
N ARG TA 100 -56.04 66.53 -37.08
CA ARG TA 100 -56.86 65.80 -38.04
C ARG TA 100 -56.05 65.37 -39.25
N VAL TA 101 -55.26 66.29 -39.80
CA VAL TA 101 -54.42 65.98 -40.95
C VAL TA 101 -53.40 64.91 -40.59
N SER TA 102 -52.83 64.98 -39.38
CA SER TA 102 -51.87 63.97 -38.97
C SER TA 102 -52.50 62.59 -38.88
N VAL TA 103 -53.71 62.49 -38.34
CA VAL TA 103 -54.39 61.20 -38.23
C VAL TA 103 -54.74 60.65 -39.61
N GLU TA 104 -55.27 61.51 -40.49
CA GLU TA 104 -55.58 61.06 -41.85
C GLU TA 104 -54.33 60.61 -42.59
N LEU TA 105 -53.22 61.33 -42.39
CA LEU TA 105 -51.97 60.94 -43.03
C LEU TA 105 -51.48 59.60 -42.52
N TYR TA 106 -51.63 59.34 -41.21
CA TYR TA 106 -51.26 58.03 -40.70
C TYR TA 106 -52.12 56.93 -41.32
N ILE TA 107 -53.41 57.19 -41.46
CA ILE TA 107 -54.30 56.21 -42.09
C ILE TA 107 -53.83 55.91 -43.51
N LEU TA 108 -53.54 56.97 -44.27
CA LEU TA 108 -53.16 56.78 -45.67
C LEU TA 108 -51.80 56.08 -45.77
N ILE TA 109 -50.88 56.38 -44.87
CA ILE TA 109 -49.58 55.71 -44.88
C ILE TA 109 -49.76 54.22 -44.61
N LYS TA 110 -50.60 53.87 -43.64
CA LYS TA 110 -50.83 52.47 -43.34
C LYS TA 110 -51.48 51.75 -44.52
N ARG TA 111 -52.47 52.38 -45.15
CA ARG TA 111 -53.12 51.76 -46.31
C ARG TA 111 -52.13 51.60 -47.46
N GLY TA 112 -51.28 52.60 -47.70
CA GLY TA 112 -50.31 52.47 -48.77
C GLY TA 112 -49.28 51.39 -48.53
N VAL TA 113 -48.78 51.31 -47.30
CA VAL TA 113 -47.75 50.31 -46.99
C VAL TA 113 -48.33 48.90 -47.06
N ARG TA 114 -49.54 48.71 -46.50
CA ARG TA 114 -50.16 47.39 -46.52
C ARG TA 114 -50.42 46.93 -47.96
N GLU TA 115 -51.03 47.79 -48.77
CA GLU TA 115 -51.35 47.50 -50.16
C GLU TA 115 -50.11 47.40 -51.05
N GLY TA 116 -48.91 47.59 -50.50
CA GLY TA 116 -47.71 47.56 -51.32
C GLY TA 116 -47.65 48.66 -52.35
N ARG TA 117 -48.24 49.82 -52.06
CA ARG TA 117 -48.22 50.93 -53.00
C ARG TA 117 -46.79 51.47 -53.16
N PRO TA 118 -46.46 52.01 -54.32
CA PRO TA 118 -45.13 52.59 -54.51
C PRO TA 118 -44.91 53.80 -53.61
N ILE TA 119 -43.66 53.99 -53.22
CA ILE TA 119 -43.29 55.15 -52.40
C ILE TA 119 -43.62 56.45 -53.12
N GLU TA 120 -43.54 56.44 -54.45
CA GLU TA 120 -43.76 57.66 -55.24
C GLU TA 120 -45.14 58.25 -54.99
N GLU TA 121 -46.18 57.43 -55.14
CA GLU TA 121 -47.54 57.97 -55.01
C GLU TA 121 -47.87 58.28 -53.56
N ILE TA 122 -47.32 57.53 -52.61
CA ILE TA 122 -47.48 57.88 -51.20
C ILE TA 122 -46.91 59.27 -50.93
N ALA TA 123 -45.71 59.54 -51.44
CA ALA TA 123 -45.10 60.85 -51.24
C ALA TA 123 -45.93 61.95 -51.90
N ARG TA 124 -46.44 61.69 -53.11
CA ARG TA 124 -47.27 62.70 -53.76
C ARG TA 124 -48.55 62.98 -52.95
N GLU TA 125 -49.16 61.93 -52.41
CA GLU TA 125 -50.36 62.11 -51.60
C GLU TA 125 -50.06 62.91 -50.34
N VAL TA 126 -48.94 62.62 -49.67
CA VAL TA 126 -48.57 63.36 -48.47
C VAL TA 126 -48.37 64.83 -48.80
N GLY TA 127 -47.66 65.12 -49.90
CA GLY TA 127 -47.47 66.50 -50.30
C GLY TA 127 -48.77 67.20 -50.61
N ARG TA 128 -49.68 66.52 -51.30
CA ARG TA 128 -50.98 67.13 -51.63
C ARG TA 128 -51.77 67.45 -50.36
N LYS TA 129 -51.76 66.53 -49.39
CA LYS TA 129 -52.48 66.78 -48.14
C LYS TA 129 -51.88 67.96 -47.38
N LEU TA 130 -50.55 68.03 -47.32
CA LEU TA 130 -49.91 69.15 -46.63
C LEU TA 130 -50.23 70.48 -47.32
N VAL TA 131 -50.24 70.49 -48.65
CA VAL TA 131 -50.54 71.72 -49.36
C VAL TA 131 -51.99 72.14 -49.13
N GLU TA 132 -52.90 71.18 -49.09
CA GLU TA 132 -54.30 71.50 -48.83
C GLU TA 132 -54.48 72.06 -47.43
N LEU TA 133 -53.79 71.48 -46.44
CA LEU TA 133 -53.84 72.03 -45.09
C LEU TA 133 -53.29 73.45 -45.05
N ALA TA 134 -52.17 73.69 -45.74
CA ALA TA 134 -51.59 75.03 -45.75
C ALA TA 134 -52.54 76.05 -46.38
N LYS TA 135 -53.20 75.66 -47.48
CA LYS TA 135 -54.17 76.55 -48.12
C LYS TA 135 -55.33 76.85 -47.19
N ARG TA 136 -55.82 75.82 -46.48
CA ARG TA 136 -56.90 76.04 -45.52
C ARG TA 136 -56.49 77.03 -44.44
N LEU TA 137 -55.33 76.81 -43.84
CA LEU TA 137 -54.86 77.69 -42.76
C LEU TA 137 -54.64 79.11 -43.27
N GLU TA 138 -54.13 79.25 -44.49
CA GLU TA 138 -53.95 80.57 -45.07
C GLU TA 138 -55.30 81.26 -45.27
N LYS TA 139 -56.31 80.51 -45.67
CA LYS TA 139 -57.65 81.08 -45.80
C LYS TA 139 -58.20 81.52 -44.45
N GLU TA 140 -57.93 80.73 -43.39
CA GLU TA 140 -58.42 81.09 -42.07
C GLU TA 140 -57.83 82.42 -41.59
N GLY TA 141 -56.53 82.62 -41.81
CA GLY TA 141 -55.89 83.86 -41.38
C GLY TA 141 -54.65 83.64 -40.55
N ILE TA 142 -54.22 82.38 -40.44
CA ILE TA 142 -53.01 82.07 -39.70
C ILE TA 142 -51.79 82.46 -40.53
N SER TA 143 -50.80 83.08 -39.86
CA SER TA 143 -49.61 83.54 -40.56
C SER TA 143 -48.76 82.37 -41.03
N TRP TA 144 -47.86 82.66 -41.97
CA TRP TA 144 -47.11 81.59 -42.64
C TRP TA 144 -46.05 80.98 -41.74
N GLU TA 145 -45.54 81.73 -40.76
CA GLU TA 145 -44.59 81.14 -39.81
C GLU TA 145 -45.27 80.05 -38.97
N GLU TA 146 -46.48 80.32 -38.49
CA GLU TA 146 -47.23 79.31 -37.76
C GLU TA 146 -47.57 78.12 -38.64
N ILE TA 147 -47.95 78.39 -39.89
CA ILE TA 147 -48.27 77.31 -40.83
C ILE TA 147 -47.05 76.42 -41.02
N ILE TA 148 -45.88 77.02 -41.22
CA ILE TA 148 -44.67 76.24 -41.43
C ILE TA 148 -44.34 75.42 -40.18
N GLU TA 149 -44.47 76.02 -39.00
CA GLU TA 149 -44.16 75.27 -37.78
C GLU TA 149 -45.11 74.09 -37.59
N LEU TA 150 -46.41 74.30 -37.84
CA LEU TA 150 -47.36 73.19 -37.77
C LEU TA 150 -47.00 72.10 -38.77
N ILE TA 151 -46.61 72.49 -39.99
CA ILE TA 151 -46.26 71.52 -41.01
C ILE TA 151 -45.04 70.71 -40.60
N GLU TA 152 -44.03 71.36 -40.01
CA GLU TA 152 -42.86 70.62 -39.56
C GLU TA 152 -43.17 69.68 -38.40
N ARG TA 153 -44.07 70.08 -37.50
CA ARG TA 153 -44.50 69.14 -36.47
C ARG TA 153 -45.18 67.92 -37.07
N ILE TA 154 -46.05 68.15 -38.05
CA ILE TA 154 -46.69 67.03 -38.74
C ILE TA 154 -45.66 66.16 -39.45
N LEU TA 155 -44.62 66.79 -40.01
CA LEU TA 155 -43.57 66.05 -40.70
C LEU TA 155 -42.77 65.18 -39.74
N GLU TA 156 -42.48 65.69 -38.53
CA GLU TA 156 -41.81 64.87 -37.53
C GLU TA 156 -42.68 63.69 -37.12
N SER TA 157 -43.99 63.92 -36.97
CA SER TA 157 -44.91 62.83 -36.68
C SER TA 157 -44.88 61.79 -37.81
N ILE TA 158 -44.87 62.25 -39.06
CA ILE TA 158 -44.82 61.35 -40.21
C ILE TA 158 -43.52 60.55 -40.19
N ARG TA 159 -42.41 61.20 -39.85
CA ARG TA 159 -41.13 60.51 -39.78
C ARG TA 159 -41.18 59.38 -38.75
N GLU TA 160 -41.74 59.66 -37.57
CA GLU TA 160 -41.86 58.63 -36.56
C GLU TA 160 -42.76 57.48 -37.03
N ILE TA 161 -43.88 57.82 -37.66
CA ILE TA 161 -44.81 56.80 -38.14
C ILE TA 161 -44.16 55.92 -39.18
N LEU TA 162 -43.44 56.53 -40.12
CA LEU TA 162 -42.77 55.78 -41.17
C LEU TA 162 -41.67 54.89 -40.60
N LYS TA 163 -40.91 55.39 -39.63
CA LYS TA 163 -39.92 54.56 -38.98
C LYS TA 163 -40.55 53.39 -38.24
N GLU TA 164 -41.77 53.58 -37.73
CA GLU TA 164 -42.47 52.47 -37.07
C GLU TA 164 -42.79 51.35 -38.06
N GLU TA 165 -43.17 51.70 -39.29
CA GLU TA 165 -43.54 50.70 -40.29
C GLU TA 165 -42.35 49.89 -40.80
N GLY TA 166 -41.15 50.11 -40.28
CA GLY TA 166 -39.99 49.37 -40.73
C GLY TA 166 -39.39 49.82 -42.03
N LEU TA 167 -39.80 50.97 -42.55
CA LEU TA 167 -39.22 51.48 -43.78
C LEU TA 167 -37.78 51.94 -43.52
N PRO TA 168 -36.88 51.75 -44.48
CA PRO TA 168 -35.51 52.24 -44.31
C PRO TA 168 -35.43 53.75 -44.46
N GLU TA 169 -34.27 54.29 -44.09
CA GLU TA 169 -34.11 55.73 -44.01
C GLU TA 169 -34.21 56.41 -45.38
N SER TA 170 -33.82 55.72 -46.45
CA SER TA 170 -33.77 56.36 -47.76
C SER TA 170 -35.17 56.78 -48.24
N GLU TA 171 -36.13 55.86 -48.17
CA GLU TA 171 -37.49 56.19 -48.61
C GLU TA 171 -38.15 57.20 -47.69
N ILE TA 172 -37.87 57.13 -46.38
CA ILE TA 172 -38.42 58.11 -45.46
C ILE TA 172 -37.92 59.51 -45.82
N ASN TA 173 -36.61 59.63 -46.05
CA ASN TA 173 -36.04 60.92 -46.44
C ASN TA 173 -36.59 61.38 -47.78
N ARG TA 174 -36.80 60.46 -48.71
CA ARG TA 174 -37.37 60.81 -50.01
C ARG TA 174 -38.77 61.39 -49.86
N ILE TA 175 -39.62 60.73 -49.07
CA ILE TA 175 -40.99 61.19 -48.88
C ILE TA 175 -40.99 62.56 -48.20
N LEU TA 176 -40.18 62.72 -47.15
CA LEU TA 176 -40.14 63.99 -46.44
C LEU TA 176 -39.65 65.12 -47.34
N ALA TA 177 -38.61 64.86 -48.12
CA ALA TA 177 -38.09 65.87 -49.03
C ALA TA 177 -39.12 66.25 -50.08
N VAL TA 178 -39.85 65.27 -50.61
CA VAL TA 178 -40.87 65.57 -51.60
C VAL TA 178 -41.98 66.43 -51.01
N SER TA 179 -42.41 66.13 -49.79
CA SER TA 179 -43.46 66.92 -49.16
C SER TA 179 -43.01 68.36 -48.91
N ILE TA 180 -41.79 68.52 -48.38
CA ILE TA 180 -41.24 69.85 -48.16
C ILE TA 180 -41.14 70.61 -49.47
N LEU TA 181 -40.70 69.94 -50.52
CA LEU TA 181 -40.57 70.60 -51.81
C LEU TA 181 -41.93 70.97 -52.40
N GLU TA 182 -42.96 70.19 -52.12
CA GLU TA 182 -44.30 70.56 -52.59
C GLU TA 182 -44.81 71.81 -51.88
N VAL TA 183 -44.57 71.91 -50.57
CA VAL TA 183 -44.93 73.14 -49.86
C VAL TA 183 -44.15 74.33 -50.42
N ALA TA 184 -42.85 74.13 -50.66
CA ALA TA 184 -42.04 75.19 -51.23
C ALA TA 184 -42.51 75.58 -52.63
N LYS TA 185 -42.98 74.60 -53.41
CA LYS TA 185 -43.51 74.88 -54.73
C LYS TA 185 -44.77 75.72 -54.65
N TYR TA 186 -45.65 75.42 -53.69
CA TYR TA 186 -46.82 76.26 -53.49
C TYR TA 186 -46.42 77.69 -53.14
N LEU TA 187 -45.41 77.84 -52.26
CA LEU TA 187 -44.93 79.17 -51.92
C LEU TA 187 -44.37 79.90 -53.14
N LEU TA 188 -43.61 79.20 -53.98
CA LEU TA 188 -43.06 79.82 -55.18
C LEU TA 188 -44.16 80.25 -56.13
N GLU TA 189 -45.20 79.42 -56.29
CA GLU TA 189 -46.33 79.80 -57.13
C GLU TA 189 -47.01 81.04 -56.59
N LYS TA 190 -47.16 81.13 -55.26
CA LYS TA 190 -47.71 82.35 -54.68
C LYS TA 190 -46.85 83.57 -54.98
N LEU TA 191 -45.53 83.42 -54.86
CA LEU TA 191 -44.63 84.53 -55.14
C LEU TA 191 -44.66 84.93 -56.62
N GLY TA 192 -44.72 83.95 -57.52
CA GLY TA 192 -44.78 84.24 -58.94
C GLY TA 192 -43.49 84.02 -59.69
N PHE TA 193 -42.74 82.99 -59.29
CA PHE TA 193 -41.47 82.63 -59.93
C PHE TA 193 -41.69 81.30 -60.65
N ASP TA 194 -42.10 81.38 -61.92
CA ASP TA 194 -42.51 80.19 -62.65
C ASP TA 194 -41.32 79.30 -62.99
N TYR TA 195 -40.19 79.89 -63.38
CA TYR TA 195 -39.04 79.09 -63.78
C TYR TA 195 -38.52 78.26 -62.60
N LEU TA 196 -38.43 78.87 -61.42
CA LEU TA 196 -38.05 78.13 -60.23
C LEU TA 196 -39.06 77.03 -59.92
N VAL TA 197 -40.33 77.27 -60.21
CA VAL TA 197 -41.34 76.23 -60.05
C VAL TA 197 -41.01 75.04 -60.93
N GLU TA 198 -40.73 75.30 -62.22
CA GLU TA 198 -40.43 74.23 -63.16
C GLU TA 198 -39.19 73.44 -62.74
N LEU TA 199 -38.14 74.15 -62.33
CA LEU TA 199 -36.96 73.46 -61.80
C LEU TA 199 -37.32 72.62 -60.58
N LEU TA 200 -38.28 73.10 -59.78
CA LEU TA 200 -38.69 72.33 -58.61
C LEU TA 200 -39.41 71.05 -59.00
N ASP TA 201 -40.29 71.10 -60.02
CA ASP TA 201 -40.89 69.84 -60.48
C ASP TA 201 -39.83 68.89 -61.01
N ARG TA 202 -38.84 69.43 -61.73
CA ARG TA 202 -37.76 68.57 -62.23
C ARG TA 202 -37.04 67.88 -61.08
N ALA TA 203 -36.69 68.63 -60.04
CA ALA TA 203 -36.00 68.06 -58.88
C ALA TA 203 -36.88 67.05 -58.16
N ILE TA 204 -38.18 67.33 -58.04
CA ILE TA 204 -39.09 66.40 -57.36
C ILE TA 204 -39.18 65.10 -58.13
N GLU TA 205 -39.29 65.18 -59.47
CA GLU TA 205 -39.31 63.98 -60.29
C GLU TA 205 -38.02 63.18 -60.14
N TYR TA 206 -36.88 63.87 -60.11
CA TYR TA 206 -35.61 63.16 -59.94
C TYR TA 206 -35.53 62.47 -58.58
N ILE TA 207 -36.01 63.14 -57.53
CA ILE TA 207 -36.03 62.52 -56.21
C ILE TA 207 -36.94 61.30 -56.21
N LEU TA 208 -38.11 61.41 -56.83
CA LEU TA 208 -39.08 60.33 -56.82
C LEU TA 208 -38.58 59.12 -57.61
N LYS TA 209 -37.91 59.35 -58.73
CA LYS TA 209 -37.40 58.26 -59.55
C LYS TA 209 -36.17 57.60 -58.95
N GLY TA 210 -35.59 58.15 -57.90
CA GLY TA 210 -34.45 57.56 -57.22
C GLY TA 210 -33.12 58.21 -57.54
N ARG TA 211 -33.06 59.10 -58.52
CA ARG TA 211 -31.81 59.76 -58.92
C ARG TA 211 -31.53 60.88 -57.93
N SER TA 212 -30.67 60.61 -56.95
CA SER TA 212 -30.47 61.50 -55.81
C SER TA 212 -29.43 62.58 -56.08
N GLU TA 213 -28.28 62.21 -56.66
CA GLU TA 213 -27.20 63.17 -56.85
C GLU TA 213 -27.58 64.26 -57.84
N LEU TA 214 -28.27 63.89 -58.92
CA LEU TA 214 -28.77 64.89 -59.86
C LEU TA 214 -29.74 65.84 -59.18
N ALA TA 215 -30.60 65.30 -58.32
CA ALA TA 215 -31.53 66.14 -57.57
C ALA TA 215 -30.80 67.09 -56.63
N VAL TA 216 -29.74 66.62 -55.99
CA VAL TA 216 -28.97 67.47 -55.08
C VAL TA 216 -28.31 68.61 -55.86
N HIS TA 217 -27.75 68.31 -57.02
CA HIS TA 217 -27.15 69.38 -57.84
C HIS TA 217 -28.20 70.37 -58.30
N LEU TA 218 -29.37 69.87 -58.72
CA LEU TA 218 -30.47 70.75 -59.11
C LEU TA 218 -30.91 71.64 -57.95
N LEU TA 219 -30.97 71.06 -56.74
CA LEU TA 219 -31.36 71.83 -55.57
C LEU TA 219 -30.32 72.89 -55.22
N ASP TA 220 -29.03 72.57 -55.43
CA ASP TA 220 -27.99 73.58 -55.25
C ASP TA 220 -28.18 74.74 -56.20
N ASP TA 221 -28.46 74.45 -57.48
CA ASP TA 221 -28.69 75.53 -58.43
C ASP TA 221 -29.93 76.34 -58.07
N ILE TA 222 -30.98 75.67 -57.61
CA ILE TA 222 -32.20 76.36 -57.19
C ILE TA 222 -31.91 77.26 -55.99
N ILE TA 223 -31.11 76.78 -55.04
CA ILE TA 223 -30.76 77.57 -53.87
C ILE TA 223 -29.98 78.81 -54.28
N ARG TA 224 -29.04 78.66 -55.22
CA ARG TA 224 -28.31 79.82 -55.71
C ARG TA 224 -29.24 80.84 -56.36
N ARG TA 225 -30.19 80.36 -57.18
CA ARG TA 225 -31.14 81.27 -57.81
C ARG TA 225 -32.01 81.98 -56.78
N VAL TA 226 -32.44 81.26 -55.74
CA VAL TA 226 -33.28 81.86 -54.71
C VAL TA 226 -32.49 82.93 -53.94
N HIS TA 227 -31.23 82.66 -53.63
CA HIS TA 227 -30.40 83.65 -52.96
C HIS TA 227 -30.19 84.87 -53.85
N GLU TA 228 -30.03 84.66 -55.16
CA GLU TA 228 -29.92 85.79 -56.07
C GLU TA 228 -31.20 86.63 -56.05
N GLU TA 229 -32.37 85.99 -56.04
CA GLU TA 229 -33.62 86.72 -55.98
C GLU TA 229 -33.74 87.52 -54.68
N ILE TA 230 -33.36 86.89 -53.55
CA ILE TA 230 -33.41 87.58 -52.26
C ILE TA 230 -32.51 88.80 -52.27
N GLU TA 231 -31.28 88.64 -52.79
CA GLU TA 231 -30.36 89.76 -52.87
C GLU TA 231 -30.89 90.86 -53.77
N ARG TA 232 -31.60 90.49 -54.84
CA ARG TA 232 -32.21 91.49 -55.71
C ARG TA 232 -33.28 92.28 -54.96
N TYR TA 233 -34.06 91.60 -54.12
CA TYR TA 233 -35.15 92.28 -53.41
C TYR TA 233 -34.62 93.35 -52.47
N GLY TA 234 -33.55 93.07 -51.76
CA GLY TA 234 -32.90 94.07 -50.92
C GLY TA 234 -33.47 94.07 -49.50
N ASP TA 235 -34.04 95.20 -49.09
CA ASP TA 235 -34.58 95.35 -47.74
C ASP TA 235 -36.07 95.05 -47.65
N ASP TA 236 -36.76 94.89 -48.79
CA ASP TA 236 -38.19 94.66 -48.82
C ASP TA 236 -38.54 93.21 -49.12
N VAL TA 237 -37.73 92.27 -48.62
CA VAL TA 237 -37.93 90.85 -48.92
C VAL TA 237 -39.19 90.35 -48.24
N PRO TA 238 -40.14 89.79 -48.97
CA PRO TA 238 -41.30 89.16 -48.33
C PRO TA 238 -40.89 87.92 -47.55
N GLU TA 239 -41.66 87.62 -46.50
CA GLU TA 239 -41.36 86.50 -45.63
C GLU TA 239 -41.51 85.16 -46.34
N GLU TA 240 -42.34 85.10 -47.38
CA GLU TA 240 -42.49 83.86 -48.13
C GLU TA 240 -41.19 83.43 -48.78
N LEU TA 241 -40.41 84.40 -49.27
CA LEU TA 241 -39.11 84.08 -49.89
C LEU TA 241 -38.15 83.47 -48.87
N LEU TA 242 -38.11 84.01 -47.65
CA LEU TA 242 -37.22 83.46 -46.63
C LEU TA 242 -37.66 82.08 -46.18
N LEU TA 243 -38.98 81.89 -46.02
CA LEU TA 243 -39.48 80.57 -45.65
C LEU TA 243 -39.19 79.57 -46.76
N LEU TA 244 -39.35 79.97 -48.02
CA LEU TA 244 -39.00 79.11 -49.14
C LEU TA 244 -37.53 78.76 -49.14
N ASP TA 245 -36.66 79.74 -48.86
CA ASP TA 245 -35.24 79.47 -48.75
C ASP TA 245 -34.95 78.40 -47.71
N LEU TA 246 -35.53 78.55 -46.52
CA LEU TA 246 -35.31 77.56 -45.46
C LEU TA 246 -35.83 76.19 -45.86
N LEU TA 247 -37.01 76.15 -46.49
CA LEU TA 247 -37.61 74.87 -46.89
C LEU TA 247 -36.74 74.16 -47.92
N VAL TA 248 -36.29 74.89 -48.94
CA VAL TA 248 -35.46 74.28 -49.97
C VAL TA 248 -34.13 73.81 -49.39
N GLN TA 249 -33.56 74.57 -48.45
CA GLN TA 249 -32.32 74.14 -47.84
C GLN TA 249 -32.49 72.85 -47.05
N LYS TA 250 -33.56 72.75 -46.25
CA LYS TA 250 -33.76 71.52 -45.49
C LYS TA 250 -34.11 70.35 -46.39
N ALA TA 251 -34.83 70.60 -47.50
CA ALA TA 251 -35.11 69.53 -48.46
C ALA TA 251 -33.83 69.05 -49.13
N ARG TA 252 -32.92 69.97 -49.44
CA ARG TA 252 -31.63 69.58 -50.01
C ARG TA 252 -30.82 68.75 -49.02
N ASP TA 253 -30.86 69.14 -47.73
CA ASP TA 253 -30.18 68.34 -46.72
C ASP TA 253 -30.74 66.92 -46.65
N LEU TA 254 -32.08 66.81 -46.67
CA LEU TA 254 -32.69 65.48 -46.64
C LEU TA 254 -32.33 64.67 -47.89
N ALA TA 255 -32.33 65.31 -49.06
CA ALA TA 255 -31.99 64.61 -50.29
C ALA TA 255 -30.54 64.14 -50.26
N ALA TA 256 -29.64 64.94 -49.68
CA ALA TA 256 -28.26 64.49 -49.51
C ALA TA 256 -28.20 63.29 -48.57
N ARG TA 257 -28.98 63.32 -47.49
CA ARG TA 257 -28.96 62.21 -46.53
C ARG TA 257 -29.62 60.94 -47.07
N ILE TA 258 -30.28 60.99 -48.22
CA ILE TA 258 -30.95 59.83 -48.78
C ILE TA 258 -29.95 58.68 -48.98
N MET UA 25 -32.26 80.81 -0.32
CA MET UA 25 -31.01 81.36 -0.82
C MET UA 25 -30.83 82.82 -0.39
N GLU UA 26 -31.27 83.15 0.82
CA GLU UA 26 -31.20 84.54 1.29
C GLU UA 26 -29.77 85.02 1.47
N LYS UA 27 -28.81 84.09 1.60
CA LYS UA 27 -27.41 84.50 1.70
C LYS UA 27 -26.95 85.23 0.44
N LEU UA 28 -27.39 84.74 -0.73
CA LEU UA 28 -27.00 85.38 -1.98
C LEU UA 28 -27.70 86.73 -2.17
N GLU UA 29 -28.93 86.87 -1.68
CA GLU UA 29 -29.56 88.19 -1.69
C GLU UA 29 -28.84 89.16 -0.76
N VAL UA 30 -28.36 88.68 0.39
CA VAL UA 30 -27.56 89.51 1.27
C VAL UA 30 -26.27 89.92 0.57
N ALA UA 31 -25.66 88.99 -0.17
CA ALA UA 31 -24.46 89.30 -0.94
C ALA UA 31 -24.75 90.36 -2.00
N VAL UA 32 -25.89 90.27 -2.68
CA VAL UA 32 -26.26 91.26 -3.69
C VAL UA 32 -26.44 92.63 -3.05
N GLU UA 33 -27.10 92.68 -1.89
CA GLU UA 33 -27.27 93.95 -1.19
C GLU UA 33 -25.92 94.52 -0.76
N HIS UA 34 -25.04 93.68 -0.28
CA HIS UA 34 -23.70 94.12 0.01
C HIS UA 34 -23.02 94.70 -1.20
N LEU UA 35 -23.11 94.02 -2.35
CA LEU UA 35 -22.48 94.52 -3.58
C LEU UA 35 -23.02 95.89 -3.96
N LYS UA 36 -24.33 96.10 -3.81
CA LYS UA 36 -24.89 97.42 -4.03
C LYS UA 36 -24.29 98.43 -3.06
N GLU UA 37 -24.14 98.04 -1.80
CA GLU UA 37 -23.52 98.93 -0.82
C GLU UA 37 -22.09 99.25 -1.20
N ALA UA 38 -21.35 98.27 -1.71
CA ALA UA 38 -19.98 98.50 -2.15
C ALA UA 38 -19.92 99.48 -3.30
N ILE UA 39 -20.83 99.36 -4.27
CA ILE UA 39 -20.88 100.32 -5.38
C ILE UA 39 -21.15 101.72 -4.85
N GLU UA 40 -22.10 101.84 -3.93
CA GLU UA 40 -22.42 103.15 -3.36
C GLU UA 40 -21.22 103.72 -2.59
N LEU UA 41 -20.48 102.86 -1.88
CA LEU UA 41 -19.32 103.32 -1.13
C LEU UA 41 -18.20 103.80 -2.05
N ILE UA 42 -17.94 103.05 -3.14
CA ILE UA 42 -16.96 103.51 -4.11
C ILE UA 42 -17.39 104.84 -4.70
N GLU UA 43 -18.69 105.02 -4.95
CA GLU UA 43 -19.18 106.30 -5.46
C GLU UA 43 -18.94 107.41 -4.44
N LYS UA 44 -19.16 107.14 -3.16
CA LYS UA 44 -18.99 108.16 -2.13
C LYS UA 44 -17.53 108.56 -1.98
N GLY UA 45 -16.64 107.58 -1.86
CA GLY UA 45 -15.23 107.88 -1.73
C GLY UA 45 -14.51 107.12 -0.64
N GLU UA 46 -15.23 106.22 0.05
CA GLU UA 46 -14.63 105.40 1.11
C GLU UA 46 -14.12 104.11 0.50
N TYR UA 47 -12.82 104.04 0.25
CA TYR UA 47 -12.21 102.88 -0.40
C TYR UA 47 -11.81 101.79 0.58
N VAL UA 48 -11.46 102.15 1.82
CA VAL UA 48 -11.16 101.15 2.83
C VAL UA 48 -12.41 100.34 3.16
N LYS UA 49 -13.53 101.03 3.35
CA LYS UA 49 -14.78 100.34 3.63
C LYS UA 49 -15.20 99.49 2.44
N ALA UA 50 -14.94 99.94 1.23
CA ALA UA 50 -15.23 99.14 0.03
C ALA UA 50 -14.39 97.88 0.00
N ASP UA 51 -13.11 97.98 0.32
CA ASP UA 51 -12.24 96.80 0.36
C ASP UA 51 -12.72 95.80 1.42
N LEU UA 52 -13.08 96.31 2.59
CA LEU UA 52 -13.59 95.44 3.66
C LEU UA 52 -14.91 94.79 3.27
N ILE UA 53 -15.79 95.54 2.61
CA ILE UA 53 -17.05 94.98 2.14
C ILE UA 53 -16.80 93.88 1.12
N LEU UA 54 -15.81 94.06 0.24
CA LEU UA 54 -15.50 93.03 -0.73
C LEU UA 54 -15.02 91.77 -0.02
N THR UA 55 -14.23 91.91 1.04
CA THR UA 55 -13.83 90.74 1.82
C THR UA 55 -15.05 90.06 2.46
N ASP UA 56 -15.98 90.85 2.98
CA ASP UA 56 -17.20 90.28 3.56
C ASP UA 56 -18.02 89.52 2.51
N ILE UA 57 -18.14 90.09 1.32
CA ILE UA 57 -18.87 89.43 0.24
C ILE UA 57 -18.20 88.12 -0.14
N LEU UA 58 -16.86 88.11 -0.19
CA LEU UA 58 -16.15 86.87 -0.46
C LEU UA 58 -16.44 85.82 0.61
N ARG UA 59 -16.48 86.25 1.88
CA ARG UA 59 -16.79 85.30 2.95
C ARG UA 59 -18.21 84.74 2.79
N LEU UA 60 -19.17 85.61 2.45
CA LEU UA 60 -20.54 85.14 2.24
C LEU UA 60 -20.62 84.13 1.10
N LEU UA 61 -20.00 84.45 -0.03
CA LEU UA 61 -20.06 83.55 -1.18
C LEU UA 61 -19.37 82.22 -0.89
N GLU UA 62 -18.25 82.26 -0.17
CA GLU UA 62 -17.61 81.01 0.21
C GLU UA 62 -18.47 80.22 1.18
N GLU UA 63 -19.23 80.90 2.03
CA GLU UA 63 -20.20 80.21 2.88
C GLU UA 63 -21.26 79.50 2.05
N GLU UA 64 -21.75 80.16 1.00
CA GLU UA 64 -22.74 79.51 0.13
C GLU UA 64 -22.13 78.32 -0.61
N GLY UA 65 -20.98 78.53 -1.27
CA GLY UA 65 -20.28 77.43 -1.89
C GLY UA 65 -20.41 77.30 -3.40
N VAL UA 66 -20.30 78.40 -4.13
CA VAL UA 66 -20.30 78.39 -5.59
C VAL UA 66 -18.90 78.77 -6.06
N LYS UA 67 -18.23 77.84 -6.75
CA LYS UA 67 -16.80 77.97 -7.00
C LYS UA 67 -16.50 79.16 -7.92
N SER UA 68 -17.24 79.28 -9.01
CA SER UA 68 -17.00 80.37 -9.95
C SER UA 68 -17.20 81.72 -9.29
N LEU UA 69 -18.27 81.86 -8.51
CA LEU UA 69 -18.50 83.10 -7.77
C LEU UA 69 -17.36 83.37 -6.79
N ILE UA 70 -16.83 82.30 -6.17
CA ILE UA 70 -15.77 82.47 -5.19
C ILE UA 70 -14.50 83.00 -5.84
N LYS UA 71 -14.06 82.38 -6.94
CA LYS UA 71 -12.85 82.86 -7.61
C LYS UA 71 -13.05 84.26 -8.17
N GLN UA 72 -14.25 84.54 -8.69
CA GLN UA 72 -14.54 85.88 -9.19
C GLN UA 72 -14.46 86.90 -8.06
N ALA UA 73 -14.93 86.54 -6.86
CA ALA UA 73 -14.91 87.47 -5.74
C ALA UA 73 -13.49 87.73 -5.25
N LYS UA 74 -12.65 86.68 -5.21
CA LYS UA 74 -11.26 86.89 -4.79
C LYS UA 74 -10.51 87.78 -5.78
N GLU UA 75 -10.62 87.48 -7.08
CA GLU UA 75 -9.96 88.32 -8.06
C GLU UA 75 -10.54 89.72 -8.06
N LEU UA 76 -11.83 89.87 -7.75
CA LEU UA 76 -12.43 91.18 -7.64
C LEU UA 76 -11.80 91.97 -6.50
N HIS UA 77 -11.61 91.33 -5.34
CA HIS UA 77 -10.97 92.01 -4.22
C HIS UA 77 -9.60 92.52 -4.61
N ILE UA 78 -8.77 91.64 -5.18
CA ILE UA 78 -7.40 92.04 -5.53
C ILE UA 78 -7.41 93.18 -6.56
N GLU UA 79 -8.17 93.01 -7.64
CA GLU UA 79 -8.12 93.97 -8.73
C GLU UA 79 -8.76 95.30 -8.33
N VAL UA 80 -9.82 95.28 -7.54
CA VAL UA 80 -10.44 96.53 -7.10
C VAL UA 80 -9.50 97.27 -6.16
N PHE UA 81 -8.79 96.55 -5.29
CA PHE UA 81 -7.80 97.22 -4.45
C PHE UA 81 -6.75 97.92 -5.31
N LYS UA 82 -6.22 97.21 -6.31
CA LYS UA 82 -5.22 97.81 -7.19
C LYS UA 82 -5.78 99.03 -7.93
N LEU UA 83 -6.98 98.91 -8.50
CA LEU UA 83 -7.56 99.99 -9.28
C LEU UA 83 -7.86 101.21 -8.41
N LEU UA 84 -8.37 100.99 -7.20
CA LEU UA 84 -8.63 102.11 -6.30
C LEU UA 84 -7.33 102.76 -5.85
N LYS UA 85 -6.25 101.99 -5.74
CA LYS UA 85 -4.94 102.60 -5.53
C LYS UA 85 -4.58 103.50 -6.71
N GLU UA 86 -4.75 103.01 -7.93
CA GLU UA 86 -4.39 103.79 -9.10
C GLU UA 86 -5.33 104.97 -9.33
N GLY UA 87 -6.61 104.81 -8.99
CA GLY UA 87 -7.59 105.84 -9.22
C GLY UA 87 -8.63 105.53 -10.28
N GLU UA 88 -8.68 104.30 -10.78
CA GLU UA 88 -9.63 103.89 -11.81
C GLU UA 88 -10.94 103.49 -11.13
N TYR UA 89 -11.72 104.51 -10.76
CA TYR UA 89 -12.98 104.27 -10.06
C TYR UA 89 -13.98 103.56 -10.96
N LYS UA 90 -14.08 103.97 -12.22
CA LYS UA 90 -15.07 103.41 -13.13
C LYS UA 90 -14.80 101.93 -13.41
N GLU UA 91 -13.54 101.55 -13.55
CA GLU UA 91 -13.21 100.16 -13.79
C GLU UA 91 -13.57 99.29 -12.60
N ALA UA 92 -13.30 99.77 -11.38
CA ALA UA 92 -13.66 99.03 -10.18
C ALA UA 92 -15.18 98.91 -10.05
N LYS UA 93 -15.90 99.99 -10.31
CA LYS UA 93 -17.36 99.93 -10.30
C LYS UA 93 -17.89 98.95 -11.32
N ALA UA 94 -17.28 98.91 -12.51
CA ALA UA 94 -17.70 97.96 -13.53
C ALA UA 94 -17.47 96.53 -13.08
N LEU UA 95 -16.33 96.25 -12.45
CA LEU UA 95 -16.07 94.90 -11.98
C LEU UA 95 -17.06 94.48 -10.89
N VAL UA 96 -17.37 95.39 -9.97
CA VAL UA 96 -18.33 95.08 -8.92
C VAL UA 96 -19.71 94.84 -9.52
N GLU UA 97 -20.10 95.66 -10.51
CA GLU UA 97 -21.39 95.46 -11.17
C GLU UA 97 -21.43 94.14 -11.92
N ALA UA 98 -20.32 93.75 -12.54
CA ALA UA 98 -20.27 92.46 -13.22
C ALA UA 98 -20.46 91.31 -12.24
N LEU UA 99 -19.81 91.37 -11.08
CA LEU UA 99 -20.00 90.32 -10.08
C LEU UA 99 -21.44 90.30 -9.57
N ARG UA 100 -22.03 91.49 -9.37
CA ARG UA 100 -23.42 91.57 -8.92
C ARG UA 100 -24.35 90.91 -9.94
N VAL UA 101 -24.17 91.23 -11.22
CA VAL UA 101 -25.01 90.65 -12.26
C VAL UA 101 -24.81 89.14 -12.31
N SER UA 102 -23.58 88.67 -12.14
CA SER UA 102 -23.33 87.24 -12.15
C SER UA 102 -24.05 86.53 -11.01
N VAL UA 103 -24.02 87.12 -9.81
CA VAL UA 103 -24.69 86.50 -8.66
C VAL UA 103 -26.21 86.48 -8.86
N GLU UA 104 -26.77 87.61 -9.33
CA GLU UA 104 -28.21 87.66 -9.59
C GLU UA 104 -28.61 86.66 -10.66
N LEU UA 105 -27.78 86.51 -11.69
CA LEU UA 105 -28.07 85.54 -12.75
C LEU UA 105 -28.03 84.11 -12.21
N TYR UA 106 -27.09 83.81 -11.32
CA TYR UA 106 -27.07 82.48 -10.71
C TYR UA 106 -28.35 82.25 -9.90
N ILE UA 107 -28.79 83.27 -9.15
CA ILE UA 107 -30.02 83.14 -8.38
C ILE UA 107 -31.18 82.83 -9.30
N LEU UA 108 -31.31 83.59 -10.38
CA LEU UA 108 -32.43 83.41 -11.29
C LEU UA 108 -32.38 82.06 -12.00
N ILE UA 109 -31.17 81.60 -12.34
CA ILE UA 109 -31.04 80.28 -12.97
C ILE UA 109 -31.50 79.19 -12.01
N LYS UA 110 -31.10 79.29 -10.74
CA LYS UA 110 -31.50 78.29 -9.77
C LYS UA 110 -33.02 78.29 -9.58
N ARG UA 111 -33.61 79.49 -9.47
CA ARG UA 111 -35.06 79.58 -9.31
C ARG UA 111 -35.79 79.01 -10.53
N GLY UA 112 -35.29 79.31 -11.72
CA GLY UA 112 -35.94 78.79 -12.93
C GLY UA 112 -35.83 77.28 -13.04
N VAL UA 113 -34.66 76.72 -12.73
CA VAL UA 113 -34.49 75.28 -12.86
C VAL UA 113 -35.31 74.55 -11.81
N ARG UA 114 -35.33 75.04 -10.57
CA ARG UA 114 -36.11 74.39 -9.53
C ARG UA 114 -37.59 74.40 -9.85
N GLU UA 115 -38.12 75.58 -10.22
CA GLU UA 115 -39.52 75.74 -10.56
C GLU UA 115 -39.91 75.05 -11.86
N GLY UA 116 -38.98 74.38 -12.54
CA GLY UA 116 -39.29 73.76 -13.82
C GLY UA 116 -39.69 74.74 -14.90
N ARG UA 117 -39.15 75.95 -14.87
CA ARG UA 117 -39.47 76.94 -15.88
C ARG UA 117 -38.91 76.52 -17.23
N PRO UA 118 -39.57 76.91 -18.32
CA PRO UA 118 -39.04 76.58 -19.65
C PRO UA 118 -37.71 77.26 -19.91
N ILE UA 119 -36.87 76.59 -20.71
CA ILE UA 119 -35.57 77.15 -21.09
C ILE UA 119 -35.76 78.47 -21.83
N GLU UA 120 -36.86 78.61 -22.57
CA GLU UA 120 -37.09 79.81 -23.38
C GLU UA 120 -37.09 81.08 -22.53
N GLU UA 121 -37.89 81.10 -21.47
CA GLU UA 121 -38.00 82.32 -20.67
C GLU UA 121 -36.75 82.56 -19.83
N ILE UA 122 -36.08 81.48 -19.40
CA ILE UA 122 -34.80 81.64 -18.73
C ILE UA 122 -33.80 82.34 -19.65
N ALA UA 123 -33.73 81.90 -20.90
CA ALA UA 123 -32.82 82.53 -21.86
C ALA UA 123 -33.18 83.98 -22.10
N ARG UA 124 -34.47 84.28 -22.23
CA ARG UA 124 -34.89 85.67 -22.43
C ARG UA 124 -34.51 86.53 -21.23
N GLU UA 125 -34.68 86.00 -20.01
CA GLU UA 125 -34.32 86.76 -18.82
C GLU UA 125 -32.81 87.01 -18.77
N VAL UA 126 -32.01 86.01 -19.10
CA VAL UA 126 -30.55 86.18 -19.10
C VAL UA 126 -30.15 87.25 -20.10
N GLY UA 127 -30.73 87.21 -21.30
CA GLY UA 127 -30.43 88.22 -22.29
C GLY UA 127 -30.83 89.62 -21.84
N ARG UA 128 -32.00 89.75 -21.21
CA ARG UA 128 -32.44 91.04 -20.73
C ARG UA 128 -31.49 91.59 -19.67
N LYS UA 129 -31.06 90.72 -18.74
CA LYS UA 129 -30.13 91.16 -17.70
C LYS UA 129 -28.80 91.61 -18.30
N LEU UA 130 -28.27 90.85 -19.26
CA LEU UA 130 -27.02 91.24 -19.89
C LEU UA 130 -27.15 92.56 -20.63
N VAL UA 131 -28.26 92.77 -21.31
CA VAL UA 131 -28.46 94.03 -22.04
C VAL UA 131 -28.56 95.20 -21.06
N GLU UA 132 -29.24 95.00 -19.93
CA GLU UA 132 -29.33 96.06 -18.94
C GLU UA 132 -27.96 96.40 -18.36
N LEU UA 133 -27.15 95.38 -18.08
CA LEU UA 133 -25.79 95.63 -17.61
C LEU UA 133 -24.99 96.40 -18.65
N ALA UA 134 -25.10 96.02 -19.92
CA ALA UA 134 -24.36 96.71 -20.98
C ALA UA 134 -24.79 98.17 -21.08
N LYS UA 135 -26.09 98.43 -20.98
CA LYS UA 135 -26.58 99.81 -21.02
C LYS UA 135 -26.05 100.61 -19.84
N ARG UA 136 -26.03 100.01 -18.65
CA ARG UA 136 -25.49 100.68 -17.48
C ARG UA 136 -24.02 101.05 -17.69
N LEU UA 137 -23.22 100.08 -18.12
CA LEU UA 137 -21.80 100.32 -18.32
C LEU UA 137 -21.56 101.36 -19.40
N GLU UA 138 -22.37 101.35 -20.46
CA GLU UA 138 -22.25 102.37 -21.50
C GLU UA 138 -22.57 103.75 -20.95
N LYS UA 139 -23.56 103.83 -20.07
CA LYS UA 139 -23.86 105.12 -19.43
C LYS UA 139 -22.71 105.58 -18.55
N GLU UA 140 -22.06 104.65 -17.85
CA GLU UA 140 -20.94 105.03 -16.98
C GLU UA 140 -19.80 105.64 -17.79
N GLY UA 141 -19.47 105.04 -18.93
CA GLY UA 141 -18.39 105.56 -19.75
C GLY UA 141 -17.37 104.49 -20.12
N ILE UA 142 -17.66 103.24 -19.79
CA ILE UA 142 -16.76 102.14 -20.14
C ILE UA 142 -16.89 101.84 -21.63
N SER UA 143 -15.76 101.62 -22.29
CA SER UA 143 -15.75 101.36 -23.72
C SER UA 143 -16.38 100.00 -24.02
N TRP UA 144 -16.75 99.82 -25.30
CA TRP UA 144 -17.51 98.63 -25.68
C TRP UA 144 -16.66 97.38 -25.71
N GLU UA 145 -15.35 97.50 -25.93
CA GLU UA 145 -14.48 96.33 -25.85
C GLU UA 145 -14.45 95.76 -24.43
N GLU UA 146 -14.32 96.64 -23.43
CA GLU UA 146 -14.37 96.20 -22.04
C GLU UA 146 -15.72 95.62 -21.69
N ILE UA 147 -16.81 96.23 -22.18
CA ILE UA 147 -18.15 95.73 -21.93
C ILE UA 147 -18.29 94.32 -22.49
N ILE UA 148 -17.82 94.11 -23.72
CA ILE UA 148 -17.92 92.79 -24.34
C ILE UA 148 -17.10 91.76 -23.56
N GLU UA 149 -15.89 92.13 -23.15
CA GLU UA 149 -15.07 91.19 -22.39
C GLU UA 149 -15.72 90.82 -21.06
N LEU UA 150 -16.27 91.80 -20.34
CA LEU UA 150 -16.98 91.50 -19.11
C LEU UA 150 -18.17 90.58 -19.37
N ILE UA 151 -18.91 90.85 -20.45
CA ILE UA 151 -20.07 90.03 -20.78
C ILE UA 151 -19.66 88.59 -21.07
N GLU UA 152 -18.55 88.39 -21.80
CA GLU UA 152 -18.11 87.02 -22.07
C GLU UA 152 -17.60 86.33 -20.82
N ARG UA 153 -16.98 87.05 -19.89
CA ARG UA 153 -16.63 86.42 -18.62
C ARG UA 153 -17.87 85.97 -17.87
N ILE UA 154 -18.91 86.82 -17.84
CA ILE UA 154 -20.16 86.44 -17.21
C ILE UA 154 -20.78 85.24 -17.92
N LEU UA 155 -20.65 85.18 -19.24
CA LEU UA 155 -21.21 84.07 -20.01
C LEU UA 155 -20.49 82.76 -19.70
N GLU UA 156 -19.17 82.80 -19.53
CA GLU UA 156 -18.44 81.60 -19.12
C GLU UA 156 -18.87 81.16 -17.72
N SER UA 157 -19.07 82.12 -16.81
CA SER UA 157 -19.59 81.76 -15.49
C SER UA 157 -20.97 81.11 -15.59
N ILE UA 158 -21.82 81.66 -16.45
CA ILE UA 158 -23.16 81.09 -16.67
C ILE UA 158 -23.05 79.67 -17.23
N ARG UA 159 -22.13 79.45 -18.16
CA ARG UA 159 -21.95 78.12 -18.72
C ARG UA 159 -21.56 77.13 -17.64
N GLU UA 160 -20.63 77.51 -16.77
CA GLU UA 160 -20.24 76.62 -15.67
C GLU UA 160 -21.41 76.35 -14.73
N ILE UA 161 -22.17 77.39 -14.40
CA ILE UA 161 -23.31 77.23 -13.49
C ILE UA 161 -24.34 76.30 -14.09
N LEU UA 162 -24.66 76.49 -15.38
CA LEU UA 162 -25.64 75.64 -16.04
C LEU UA 162 -25.16 74.20 -16.13
N LYS UA 163 -23.88 73.99 -16.42
CA LYS UA 163 -23.34 72.64 -16.42
C LYS UA 163 -23.42 72.00 -15.04
N GLU UA 164 -23.31 72.81 -13.99
CA GLU UA 164 -23.45 72.28 -12.64
C GLU UA 164 -24.86 71.74 -12.38
N GLU UA 165 -25.88 72.43 -12.90
CA GLU UA 165 -27.26 72.02 -12.67
C GLU UA 165 -27.65 70.74 -13.41
N GLY UA 166 -26.72 70.11 -14.12
CA GLY UA 166 -27.03 68.89 -14.84
C GLY UA 166 -27.74 69.08 -16.15
N LEU UA 167 -27.85 70.30 -16.65
CA LEU UA 167 -28.48 70.52 -17.94
C LEU UA 167 -27.59 69.97 -19.06
N PRO UA 168 -28.19 69.41 -20.12
CA PRO UA 168 -27.39 68.93 -21.24
C PRO UA 168 -26.87 70.09 -22.08
N GLU UA 169 -25.95 69.75 -22.98
CA GLU UA 169 -25.21 70.77 -23.74
C GLU UA 169 -26.13 71.57 -24.67
N SER UA 170 -27.19 70.95 -25.18
CA SER UA 170 -28.03 71.61 -26.18
C SER UA 170 -28.70 72.85 -25.61
N GLU UA 171 -29.35 72.71 -24.44
CA GLU UA 171 -30.03 73.86 -23.85
C GLU UA 171 -29.04 74.92 -23.37
N ILE UA 172 -27.88 74.50 -22.87
CA ILE UA 172 -26.86 75.46 -22.46
C ILE UA 172 -26.43 76.30 -23.66
N ASN UA 173 -26.14 75.63 -24.78
CA ASN UA 173 -25.74 76.35 -25.98
C ASN UA 173 -26.86 77.25 -26.48
N ARG UA 174 -28.10 76.79 -26.38
CA ARG UA 174 -29.24 77.61 -26.80
C ARG UA 174 -29.34 78.89 -25.98
N ILE UA 175 -29.22 78.76 -24.65
CA ILE UA 175 -29.31 79.93 -23.79
C ILE UA 175 -28.17 80.90 -24.07
N LEU UA 176 -26.95 80.38 -24.20
CA LEU UA 176 -25.81 81.24 -24.45
C LEU UA 176 -25.93 81.96 -25.79
N ALA UA 177 -26.36 81.23 -26.83
CA ALA UA 177 -26.54 81.84 -28.14
C ALA UA 177 -27.61 82.92 -28.10
N VAL UA 178 -28.71 82.68 -27.39
CA VAL UA 178 -29.76 83.69 -27.30
C VAL UA 178 -29.25 84.94 -26.60
N SER UA 179 -28.50 84.78 -25.52
CA SER UA 179 -27.97 85.95 -24.80
C SER UA 179 -27.01 86.75 -25.68
N ILE UA 180 -26.10 86.05 -26.36
CA ILE UA 180 -25.17 86.74 -27.26
C ILE UA 180 -25.93 87.47 -28.36
N LEU UA 181 -26.96 86.83 -28.91
CA LEU UA 181 -27.73 87.45 -29.97
C LEU UA 181 -28.52 88.66 -29.46
N GLU UA 182 -28.95 88.64 -28.20
CA GLU UA 182 -29.63 89.81 -27.65
C GLU UA 182 -28.68 90.99 -27.50
N VAL UA 183 -27.45 90.73 -27.05
CA VAL UA 183 -26.45 91.79 -27.00
C VAL UA 183 -26.17 92.33 -28.40
N ALA UA 184 -26.03 91.42 -29.37
CA ALA UA 184 -25.81 91.84 -30.75
C ALA UA 184 -26.99 92.64 -31.29
N LYS UA 185 -28.21 92.28 -30.91
CA LYS UA 185 -29.39 93.02 -31.32
C LYS UA 185 -29.38 94.44 -30.76
N TYR UA 186 -28.97 94.59 -29.50
CA TYR UA 186 -28.83 95.92 -28.94
C TYR UA 186 -27.81 96.74 -29.71
N LEU UA 187 -26.68 96.12 -30.06
CA LEU UA 187 -25.67 96.81 -30.85
C LEU UA 187 -26.22 97.23 -32.22
N LEU UA 188 -26.97 96.34 -32.87
CA LEU UA 188 -27.55 96.66 -34.18
C LEU UA 188 -28.54 97.81 -34.07
N GLU UA 189 -29.36 97.82 -33.01
CA GLU UA 189 -30.29 98.92 -32.80
C GLU UA 189 -29.53 100.23 -32.60
N LYS UA 190 -28.42 100.20 -31.87
CA LYS UA 190 -27.60 101.39 -31.73
C LYS UA 190 -27.07 101.85 -33.09
N LEU UA 191 -26.59 100.92 -33.91
CA LEU UA 191 -26.07 101.29 -35.22
C LEU UA 191 -27.15 101.83 -36.14
N GLY UA 192 -28.35 101.24 -36.10
CA GLY UA 192 -29.45 101.72 -36.90
C GLY UA 192 -29.75 100.87 -38.12
N PHE UA 193 -29.60 99.56 -37.98
CA PHE UA 193 -29.88 98.59 -39.06
C PHE UA 193 -31.12 97.80 -38.66
N ASP UA 194 -32.29 98.30 -39.03
CA ASP UA 194 -33.54 97.74 -38.56
C ASP UA 194 -33.81 96.37 -39.17
N TYR UA 195 -33.54 96.20 -40.47
CA TYR UA 195 -33.82 94.93 -41.12
C TYR UA 195 -33.00 93.79 -40.52
N LEU UA 196 -31.72 94.05 -40.26
CA LEU UA 196 -30.89 93.05 -39.59
C LEU UA 196 -31.42 92.76 -38.19
N VAL UA 197 -31.97 93.77 -37.53
CA VAL UA 197 -32.61 93.54 -36.23
C VAL UA 197 -33.75 92.55 -36.36
N GLU UA 198 -34.64 92.77 -37.35
CA GLU UA 198 -35.78 91.89 -37.54
C GLU UA 198 -35.35 90.46 -37.86
N LEU UA 199 -34.37 90.31 -38.75
CA LEU UA 199 -33.82 88.99 -38.99
C LEU UA 199 -33.25 88.37 -37.73
N LEU UA 200 -32.69 89.19 -36.85
CA LEU UA 200 -32.15 88.67 -35.60
C LEU UA 200 -33.26 88.17 -34.67
N ASP UA 201 -34.39 88.90 -34.59
CA ASP UA 201 -35.49 88.35 -33.80
C ASP UA 201 -36.00 87.05 -34.40
N ARG UA 202 -36.06 86.97 -35.73
CA ARG UA 202 -36.49 85.72 -36.36
C ARG UA 202 -35.56 84.57 -35.98
N ALA UA 203 -34.26 84.80 -36.05
CA ALA UA 203 -33.29 83.76 -35.69
C ALA UA 203 -33.38 83.39 -34.21
N ILE UA 204 -33.59 84.39 -33.34
CA ILE UA 204 -33.71 84.11 -31.91
C ILE UA 204 -34.94 83.27 -31.62
N GLU UA 205 -36.06 83.59 -32.27
CA GLU UA 205 -37.27 82.79 -32.11
C GLU UA 205 -37.06 81.37 -32.60
N TYR UA 206 -36.36 81.20 -33.73
CA TYR UA 206 -36.11 79.85 -34.23
C TYR UA 206 -35.21 79.07 -33.28
N ILE UA 207 -34.20 79.72 -32.71
CA ILE UA 207 -33.35 79.05 -31.73
C ILE UA 207 -34.15 78.65 -30.50
N LEU UA 208 -35.02 79.55 -30.02
CA LEU UA 208 -35.78 79.29 -28.81
C LEU UA 208 -36.79 78.16 -29.00
N LYS UA 209 -37.42 78.10 -30.17
CA LYS UA 209 -38.41 77.06 -30.45
C LYS UA 209 -37.77 75.71 -30.73
N GLY UA 210 -36.45 75.63 -30.87
CA GLY UA 210 -35.76 74.37 -31.08
C GLY UA 210 -35.32 74.12 -32.50
N ARG UA 211 -35.76 74.93 -33.46
CA ARG UA 211 -35.41 74.74 -34.87
C ARG UA 211 -34.01 75.30 -35.09
N SER UA 212 -33.02 74.41 -35.09
CA SER UA 212 -31.62 74.82 -35.07
C SER UA 212 -31.05 75.06 -36.46
N GLU UA 213 -31.31 74.17 -37.41
CA GLU UA 213 -30.72 74.29 -38.75
C GLU UA 213 -31.23 75.52 -39.48
N LEU UA 214 -32.53 75.81 -39.36
CA LEU UA 214 -33.08 77.03 -39.95
C LEU UA 214 -32.41 78.26 -39.34
N ALA UA 215 -32.19 78.23 -38.02
CA ALA UA 215 -31.52 79.34 -37.36
C ALA UA 215 -30.09 79.50 -37.85
N VAL UA 216 -29.39 78.38 -38.07
CA VAL UA 216 -28.01 78.45 -38.56
C VAL UA 216 -27.97 79.06 -39.96
N HIS UA 217 -28.90 78.66 -40.83
CA HIS UA 217 -28.94 79.25 -42.17
C HIS UA 217 -29.28 80.73 -42.11
N LEU UA 218 -30.22 81.11 -41.25
CA LEU UA 218 -30.54 82.52 -41.06
C LEU UA 218 -29.33 83.30 -40.56
N LEU UA 219 -28.56 82.72 -39.64
CA LEU UA 219 -27.38 83.38 -39.12
C LEU UA 219 -26.30 83.51 -40.18
N ASP UA 220 -26.19 82.53 -41.07
CA ASP UA 220 -25.27 82.64 -42.20
C ASP UA 220 -25.66 83.81 -43.10
N ASP UA 221 -26.95 83.95 -43.40
CA ASP UA 221 -27.39 85.06 -44.23
C ASP UA 221 -27.15 86.39 -43.53
N ILE UA 222 -27.38 86.44 -42.21
CA ILE UA 222 -27.13 87.66 -41.44
C ILE UA 222 -25.65 88.01 -41.46
N ILE UA 223 -24.78 87.01 -41.33
CA ILE UA 223 -23.35 87.23 -41.36
C ILE UA 223 -22.92 87.79 -42.72
N ARG UA 224 -23.47 87.24 -43.80
CA ARG UA 224 -23.17 87.77 -45.12
C ARG UA 224 -23.60 89.23 -45.25
N ARG UA 225 -24.80 89.56 -44.75
CA ARG UA 225 -25.27 90.94 -44.82
C ARG UA 225 -24.38 91.87 -44.00
N VAL UA 226 -23.94 91.41 -42.82
CA VAL UA 226 -23.08 92.23 -41.96
C VAL UA 226 -21.75 92.48 -42.64
N HIS UA 227 -21.18 91.44 -43.26
CA HIS UA 227 -19.92 91.63 -43.98
C HIS UA 227 -20.09 92.58 -45.16
N GLU UA 228 -21.23 92.51 -45.85
CA GLU UA 228 -21.50 93.47 -46.91
C GLU UA 228 -21.55 94.90 -46.38
N GLU UA 229 -22.20 95.10 -45.23
CA GLU UA 229 -22.25 96.43 -44.62
C GLU UA 229 -20.86 96.92 -44.25
N ILE UA 230 -20.04 96.05 -43.66
CA ILE UA 230 -18.68 96.42 -43.27
C ILE UA 230 -17.88 96.82 -44.51
N GLU UA 231 -17.97 96.03 -45.58
CA GLU UA 231 -17.27 96.35 -46.82
C GLU UA 231 -17.76 97.67 -47.41
N ARG UA 232 -19.05 97.96 -47.27
CA ARG UA 232 -19.56 99.24 -47.74
C ARG UA 232 -18.96 100.41 -46.95
N TYR UA 233 -18.78 100.22 -45.64
CA TYR UA 233 -18.26 101.30 -44.81
C TYR UA 233 -16.83 101.69 -45.20
N GLY UA 234 -15.99 100.71 -45.49
CA GLY UA 234 -14.65 100.98 -45.99
C GLY UA 234 -13.63 101.09 -44.86
N ASP UA 235 -13.00 102.26 -44.75
CA ASP UA 235 -11.98 102.51 -43.75
C ASP UA 235 -12.51 103.17 -42.49
N ASP UA 236 -13.77 103.62 -42.50
CA ASP UA 236 -14.36 104.32 -41.37
C ASP UA 236 -15.34 103.44 -40.59
N VAL UA 237 -15.04 102.16 -40.50
CA VAL UA 237 -15.95 101.21 -39.84
C VAL UA 237 -16.00 101.48 -38.35
N PRO UA 238 -17.17 101.73 -37.78
CA PRO UA 238 -17.27 101.85 -36.32
C PRO UA 238 -16.98 100.52 -35.63
N GLU UA 239 -16.47 100.61 -34.41
CA GLU UA 239 -16.11 99.40 -33.65
C GLU UA 239 -17.32 98.56 -33.29
N GLU UA 240 -18.51 99.18 -33.19
CA GLU UA 240 -19.70 98.42 -32.88
C GLU UA 240 -20.01 97.39 -33.96
N LEU UA 241 -19.76 97.74 -35.22
CA LEU UA 241 -19.99 96.79 -36.31
C LEU UA 241 -19.07 95.58 -36.22
N LEU UA 242 -17.79 95.80 -35.88
CA LEU UA 242 -16.87 94.67 -35.74
C LEU UA 242 -17.22 93.81 -34.55
N LEU UA 243 -17.59 94.43 -33.42
CA LEU UA 243 -18.00 93.65 -32.26
C LEU UA 243 -19.26 92.86 -32.56
N LEU UA 244 -20.21 93.46 -33.28
CA LEU UA 244 -21.41 92.75 -33.70
C LEU UA 244 -21.07 91.57 -34.61
N ASP UA 245 -20.14 91.76 -35.54
CA ASP UA 245 -19.69 90.68 -36.40
C ASP UA 245 -19.16 89.51 -35.57
N LEU UA 246 -18.28 89.80 -34.62
CA LEU UA 246 -17.72 88.74 -33.78
C LEU UA 246 -18.81 88.05 -32.96
N LEU UA 247 -19.74 88.82 -32.40
CA LEU UA 247 -20.80 88.25 -31.59
C LEU UA 247 -21.69 87.33 -32.40
N VAL UA 248 -22.10 87.76 -33.60
CA VAL UA 248 -22.96 86.95 -34.43
C VAL UA 248 -22.23 85.68 -34.88
N GLN UA 249 -20.93 85.79 -35.17
CA GLN UA 249 -20.17 84.61 -35.56
C GLN UA 249 -20.11 83.59 -34.43
N LYS UA 250 -19.83 84.04 -33.21
CA LYS UA 250 -19.76 83.09 -32.10
C LYS UA 250 -21.14 82.52 -31.76
N ALA UA 251 -22.19 83.32 -31.91
CA ALA UA 251 -23.54 82.81 -31.71
C ALA UA 251 -23.90 81.75 -32.75
N ARG UA 252 -23.48 81.95 -34.00
CA ARG UA 252 -23.70 80.95 -35.03
C ARG UA 252 -22.94 79.67 -34.73
N ASP UA 253 -21.71 79.80 -34.22
CA ASP UA 253 -20.96 78.61 -33.84
C ASP UA 253 -21.67 77.85 -32.73
N LEU UA 254 -22.18 78.56 -31.72
CA LEU UA 254 -22.91 77.90 -30.64
C LEU UA 254 -24.18 77.24 -31.16
N ALA UA 255 -24.91 77.91 -32.05
CA ALA UA 255 -26.13 77.34 -32.60
C ALA UA 255 -25.83 76.08 -33.42
N ALA UA 256 -24.72 76.07 -34.15
CA ALA UA 256 -24.31 74.86 -34.84
C ALA UA 256 -23.98 73.75 -33.85
N ARG UA 257 -23.31 74.09 -32.75
CA ARG UA 257 -22.96 73.07 -31.75
C ARG UA 257 -24.16 72.56 -30.96
N ILE UA 258 -25.33 73.18 -31.10
CA ILE UA 258 -26.52 72.76 -30.36
C ILE UA 258 -26.84 71.29 -30.64
N MET VA 25 22.90 82.68 -14.49
CA MET VA 25 23.12 82.43 -15.90
C MET VA 25 24.14 83.39 -16.49
N GLU VA 26 25.17 83.73 -15.72
CA GLU VA 26 26.17 84.70 -16.17
C GLU VA 26 27.00 84.18 -17.33
N LYS VA 27 27.03 82.86 -17.53
CA LYS VA 27 27.74 82.31 -18.69
C LYS VA 27 27.13 82.80 -19.99
N LEU VA 28 25.80 82.84 -20.05
CA LEU VA 28 25.13 83.30 -21.27
C LEU VA 28 25.30 84.80 -21.48
N GLU VA 29 25.37 85.59 -20.41
CA GLU VA 29 25.71 87.00 -20.57
C GLU VA 29 27.13 87.18 -21.08
N VAL VA 30 28.06 86.35 -20.60
CA VAL VA 30 29.42 86.37 -21.13
C VAL VA 30 29.42 86.01 -22.61
N ALA VA 31 28.61 85.03 -22.99
CA ALA VA 31 28.48 84.66 -24.40
C ALA VA 31 27.94 85.82 -25.23
N VAL VA 32 26.94 86.54 -24.70
CA VAL VA 32 26.38 87.68 -25.41
C VAL VA 32 27.43 88.78 -25.59
N GLU VA 33 28.22 89.04 -24.54
CA GLU VA 33 29.30 90.03 -24.65
C GLU VA 33 30.33 89.59 -25.68
N HIS VA 34 30.68 88.33 -25.67
CA HIS VA 34 31.55 87.81 -26.70
C HIS VA 34 30.99 88.03 -28.10
N LEU VA 35 29.70 87.74 -28.29
CA LEU VA 35 29.07 87.92 -29.61
C LEU VA 35 29.15 89.38 -30.04
N LYS VA 36 28.92 90.31 -29.11
CA LYS VA 36 29.11 91.72 -29.44
C LYS VA 36 30.55 92.00 -29.85
N GLU VA 37 31.51 91.41 -29.13
CA GLU VA 37 32.92 91.58 -29.49
C GLU VA 37 33.20 91.02 -30.88
N ALA VA 38 32.59 89.89 -31.21
CA ALA VA 38 32.76 89.29 -32.54
C ALA VA 38 32.22 90.20 -33.63
N ILE VA 39 31.05 90.80 -33.40
CA ILE VA 39 30.50 91.74 -34.38
C ILE VA 39 31.44 92.92 -34.57
N GLU VA 40 31.95 93.46 -33.46
CA GLU VA 40 32.89 94.58 -33.55
C GLU VA 40 34.16 94.19 -34.30
N LEU VA 41 34.65 92.97 -34.07
CA LEU VA 41 35.86 92.50 -34.74
C LEU VA 41 35.64 92.33 -36.24
N ILE VA 42 34.50 91.76 -36.64
CA ILE VA 42 34.18 91.66 -38.06
C ILE VA 42 34.10 93.06 -38.67
N GLU VA 43 33.54 94.01 -37.93
CA GLU VA 43 33.49 95.38 -38.44
C GLU VA 43 34.89 95.96 -38.60
N LYS VA 44 35.79 95.68 -37.66
CA LYS VA 44 37.14 96.23 -37.74
C LYS VA 44 37.92 95.63 -38.91
N GLY VA 45 37.90 94.30 -39.04
CA GLY VA 45 38.60 93.66 -40.13
C GLY VA 45 39.44 92.47 -39.73
N GLU VA 46 39.42 92.10 -38.45
CA GLU VA 46 40.16 90.94 -37.96
C GLU VA 46 39.27 89.71 -38.04
N TYR VA 47 39.46 88.91 -39.08
CA TYR VA 47 38.63 87.73 -39.31
C TYR VA 47 39.14 86.50 -38.60
N VAL VA 48 40.45 86.38 -38.38
CA VAL VA 48 40.99 85.27 -37.62
C VAL VA 48 40.52 85.34 -36.17
N LYS VA 49 40.60 86.54 -35.58
CA LYS VA 49 40.13 86.70 -34.21
C LYS VA 49 38.63 86.48 -34.11
N ALA VA 50 37.88 86.85 -35.15
CA ALA VA 50 36.45 86.59 -35.16
C ALA VA 50 36.16 85.10 -35.19
N ASP VA 51 36.90 84.34 -36.02
CA ASP VA 51 36.72 82.90 -36.07
C ASP VA 51 37.05 82.24 -34.72
N LEU VA 52 38.13 82.69 -34.09
CA LEU VA 52 38.51 82.16 -32.79
C LEU VA 52 37.48 82.51 -31.71
N ILE VA 53 36.94 83.73 -31.77
CA ILE VA 53 35.89 84.13 -30.83
C ILE VA 53 34.66 83.27 -31.02
N LEU VA 54 34.31 82.96 -32.27
CA LEU VA 54 33.16 82.09 -32.51
C LEU VA 54 33.38 80.71 -31.91
N THR VA 55 34.60 80.19 -32.01
CA THR VA 55 34.91 78.92 -31.35
C THR VA 55 34.77 79.02 -29.84
N ASP VA 56 35.23 80.13 -29.25
CA ASP VA 56 35.09 80.34 -27.81
C ASP VA 56 33.61 80.41 -27.41
N ILE VA 57 32.79 81.10 -28.19
CA ILE VA 57 31.37 81.19 -27.91
C ILE VA 57 30.72 79.82 -27.97
N LEU VA 58 31.11 79.01 -28.96
CA LEU VA 58 30.59 77.65 -29.04
C LEU VA 58 30.97 76.85 -27.80
N ARG VA 59 32.21 77.01 -27.32
CA ARG VA 59 32.63 76.31 -26.10
C ARG VA 59 31.79 76.75 -24.90
N LEU VA 60 31.55 78.06 -24.77
CA LEU VA 60 30.72 78.56 -23.68
C LEU VA 60 29.31 77.99 -23.73
N LEU VA 61 28.69 78.02 -24.90
CA LEU VA 61 27.32 77.54 -25.03
C LEU VA 61 27.24 76.04 -24.76
N GLU VA 62 28.22 75.28 -25.23
CA GLU VA 62 28.24 73.86 -24.91
C GLU VA 62 28.45 73.62 -23.42
N GLU VA 63 29.20 74.50 -22.75
CA GLU VA 63 29.32 74.41 -21.31
C GLU VA 63 27.98 74.62 -20.63
N GLU VA 64 27.19 75.58 -21.12
CA GLU VA 64 25.86 75.80 -20.54
C GLU VA 64 24.94 74.63 -20.81
N GLY VA 65 24.85 74.19 -22.07
CA GLY VA 65 24.08 72.99 -22.39
C GLY VA 65 22.71 73.20 -23.00
N VAL VA 66 22.58 74.10 -23.96
CA VAL VA 66 21.34 74.31 -24.71
C VAL VA 66 21.56 73.83 -26.13
N LYS VA 67 20.82 72.80 -26.53
CA LYS VA 67 21.13 72.07 -27.76
C LYS VA 67 20.94 72.96 -28.99
N SER VA 68 19.82 73.67 -29.06
CA SER VA 68 19.56 74.51 -30.23
C SER VA 68 20.62 75.58 -30.38
N LEU VA 69 20.99 76.23 -29.27
CA LEU VA 69 22.06 77.22 -29.31
C LEU VA 69 23.37 76.58 -29.75
N ILE VA 70 23.62 75.34 -29.34
CA ILE VA 70 24.89 74.68 -29.68
C ILE VA 70 24.97 74.42 -31.18
N LYS VA 71 23.91 73.85 -31.76
CA LYS VA 71 23.95 73.58 -33.20
C LYS VA 71 23.99 74.88 -33.98
N GLN VA 72 23.27 75.90 -33.53
CA GLN VA 72 23.32 77.20 -34.18
C GLN VA 72 24.73 77.78 -34.15
N ALA VA 73 25.43 77.60 -33.02
CA ALA VA 73 26.79 78.15 -32.91
C ALA VA 73 27.77 77.41 -33.80
N LYS VA 74 27.64 76.08 -33.91
CA LYS VA 74 28.54 75.33 -34.79
C LYS VA 74 28.32 75.73 -36.25
N GLU VA 75 27.05 75.74 -36.69
CA GLU VA 75 26.78 76.15 -38.06
C GLU VA 75 27.19 77.60 -38.29
N LEU VA 76 27.09 78.45 -37.27
CA LEU VA 76 27.54 79.82 -37.39
C LEU VA 76 29.04 79.88 -37.63
N HIS VA 77 29.81 79.09 -36.88
CA HIS VA 77 31.25 79.07 -37.09
C HIS VA 77 31.59 78.70 -38.52
N ILE VA 78 31.01 77.59 -39.01
CA ILE VA 78 31.33 77.12 -40.36
C ILE VA 78 30.93 78.17 -41.40
N GLU VA 79 29.69 78.65 -41.32
CA GLU VA 79 29.19 79.55 -42.36
C GLU VA 79 29.86 80.91 -42.31
N VAL VA 80 30.19 81.42 -41.14
CA VAL VA 80 30.88 82.70 -41.06
C VAL VA 80 32.29 82.58 -41.59
N PHE VA 81 32.96 81.45 -41.33
CA PHE VA 81 34.28 81.25 -41.94
C PHE VA 81 34.18 81.27 -43.46
N LYS VA 82 33.21 80.56 -44.02
CA LYS VA 82 33.05 80.55 -45.48
C LYS VA 82 32.75 81.95 -46.01
N LEU VA 83 31.82 82.66 -45.37
CA LEU VA 83 31.43 83.98 -45.85
C LEU VA 83 32.57 84.98 -45.76
N LEU VA 84 33.34 84.95 -44.67
CA LEU VA 84 34.49 85.84 -44.54
C LEU VA 84 35.56 85.49 -45.56
N LYS VA 85 35.69 84.21 -45.92
CA LYS VA 85 36.55 83.87 -47.05
C LYS VA 85 36.05 84.52 -48.33
N GLU VA 86 34.75 84.43 -48.60
CA GLU VA 86 34.20 85.00 -49.83
C GLU VA 86 34.19 86.51 -49.81
N GLY VA 87 33.99 87.12 -48.64
CA GLY VA 87 33.91 88.56 -48.52
C GLY VA 87 32.53 89.10 -48.18
N GLU VA 88 31.59 88.24 -47.82
CA GLU VA 88 30.23 88.66 -47.46
C GLU VA 88 30.21 89.05 -45.98
N TYR VA 89 30.69 90.26 -45.71
CA TYR VA 89 30.77 90.73 -44.32
C TYR VA 89 29.38 90.92 -43.73
N LYS VA 90 28.46 91.49 -44.49
CA LYS VA 90 27.13 91.79 -43.97
C LYS VA 90 26.37 90.52 -43.62
N GLU VA 91 26.49 89.48 -44.44
CA GLU VA 91 25.81 88.21 -44.14
C GLU VA 91 26.35 87.58 -42.86
N ALA VA 92 27.66 87.62 -42.67
CA ALA VA 92 28.25 87.08 -41.45
C ALA VA 92 27.81 87.88 -40.23
N LYS VA 93 27.81 89.21 -40.35
CA LYS VA 93 27.32 90.04 -39.26
C LYS VA 93 25.87 89.74 -38.93
N ALA VA 94 25.05 89.53 -39.97
CA ALA VA 94 23.65 89.19 -39.74
C ALA VA 94 23.50 87.87 -39.01
N LEU VA 95 24.30 86.86 -39.38
CA LEU VA 95 24.22 85.57 -38.70
C LEU VA 95 24.64 85.69 -37.24
N VAL VA 96 25.70 86.46 -36.97
CA VAL VA 96 26.14 86.64 -35.59
C VAL VA 96 25.08 87.38 -34.79
N GLU VA 97 24.46 88.40 -35.39
CA GLU VA 97 23.40 89.13 -34.70
C GLU VA 97 22.20 88.24 -34.43
N ALA VA 98 21.87 87.36 -35.37
CA ALA VA 98 20.77 86.42 -35.16
C ALA VA 98 21.05 85.49 -33.98
N LEU VA 99 22.28 84.97 -33.90
CA LEU VA 99 22.62 84.11 -32.76
C LEU VA 99 22.58 84.90 -31.45
N ARG VA 100 23.05 86.15 -31.47
CA ARG VA 100 23.01 86.99 -30.28
C ARG VA 100 21.57 87.19 -29.81
N VAL VA 101 20.68 87.52 -30.74
CA VAL VA 101 19.27 87.74 -30.40
C VAL VA 101 18.66 86.45 -29.87
N SER VA 102 19.01 85.31 -30.45
CA SER VA 102 18.48 84.03 -29.97
C SER VA 102 18.93 83.75 -28.53
N VAL VA 103 20.20 84.01 -28.22
CA VAL VA 103 20.69 83.77 -26.87
C VAL VA 103 20.02 84.71 -25.87
N GLU VA 104 19.91 85.99 -26.22
CA GLU VA 104 19.24 86.95 -25.33
C GLU VA 104 17.78 86.56 -25.12
N LEU VA 105 17.11 86.10 -26.18
CA LEU VA 105 15.72 85.68 -26.05
C LEU VA 105 15.59 84.46 -25.15
N TYR VA 106 16.53 83.52 -25.23
CA TYR VA 106 16.50 82.40 -24.31
C TYR VA 106 16.66 82.86 -22.87
N ILE VA 107 17.58 83.80 -22.65
CA ILE VA 107 17.79 84.34 -21.30
C ILE VA 107 16.49 84.95 -20.77
N LEU VA 108 15.85 85.77 -21.60
CA LEU VA 108 14.64 86.45 -21.17
C LEU VA 108 13.49 85.47 -20.94
N ILE VA 109 13.40 84.43 -21.77
CA ILE VA 109 12.36 83.42 -21.58
C ILE VA 109 12.57 82.71 -20.25
N LYS VA 110 13.81 82.35 -19.94
CA LYS VA 110 14.08 81.66 -18.67
C LYS VA 110 13.76 82.56 -17.49
N ARG VA 111 14.16 83.83 -17.55
CA ARG VA 111 13.85 84.76 -16.47
C ARG VA 111 12.34 84.94 -16.30
N GLY VA 112 11.61 85.06 -17.41
CA GLY VA 112 10.17 85.21 -17.31
C GLY VA 112 9.48 84.00 -16.74
N VAL VA 113 9.88 82.80 -17.17
CA VAL VA 113 9.23 81.59 -16.69
C VAL VA 113 9.55 81.37 -15.21
N ARG VA 114 10.80 81.57 -14.81
CA ARG VA 114 11.16 81.37 -13.40
C ARG VA 114 10.40 82.34 -12.50
N GLU VA 115 10.40 83.63 -12.85
CA GLU VA 115 9.72 84.67 -12.09
C GLU VA 115 8.20 84.56 -12.16
N GLY VA 116 7.65 83.57 -12.86
CA GLY VA 116 6.21 83.46 -12.99
C GLY VA 116 5.57 84.63 -13.71
N ARG VA 117 6.29 85.24 -14.66
CA ARG VA 117 5.74 86.36 -15.39
C ARG VA 117 4.60 85.89 -16.29
N PRO VA 118 3.62 86.76 -16.56
CA PRO VA 118 2.53 86.38 -17.46
C PRO VA 118 3.03 86.15 -18.87
N ILE VA 119 2.35 85.24 -19.57
CA ILE VA 119 2.68 84.95 -20.96
C ILE VA 119 2.55 86.19 -21.82
N GLU VA 120 1.63 87.08 -21.47
CA GLU VA 120 1.36 88.28 -22.28
C GLU VA 120 2.62 89.14 -22.44
N GLU VA 121 3.25 89.49 -21.32
CA GLU VA 121 4.40 90.38 -21.40
C GLU VA 121 5.62 89.68 -21.98
N ILE VA 122 5.76 88.38 -21.76
CA ILE VA 122 6.82 87.62 -22.42
C ILE VA 122 6.66 87.70 -23.93
N ALA VA 123 5.44 87.50 -24.43
CA ALA VA 123 5.18 87.57 -25.85
C ALA VA 123 5.46 88.97 -26.39
N ARG VA 124 5.05 90.01 -25.66
CA ARG VA 124 5.34 91.36 -26.11
C ARG VA 124 6.83 91.63 -26.18
N GLU VA 125 7.59 91.15 -25.19
CA GLU VA 125 9.03 91.33 -25.19
C GLU VA 125 9.67 90.61 -26.37
N VAL VA 126 9.25 89.38 -26.66
CA VAL VA 126 9.78 88.64 -27.79
C VAL VA 126 9.53 89.38 -29.09
N GLY VA 127 8.29 89.87 -29.26
CA GLY VA 127 7.98 90.64 -30.46
C GLY VA 127 8.82 91.89 -30.59
N ARG VA 128 9.01 92.62 -29.48
CA ARG VA 128 9.82 93.83 -29.52
C ARG VA 128 11.26 93.51 -29.92
N LYS VA 129 11.82 92.44 -29.36
CA LYS VA 129 13.20 92.06 -29.71
C LYS VA 129 13.32 91.69 -31.17
N LEU VA 130 12.36 90.92 -31.69
CA LEU VA 130 12.39 90.55 -33.11
C LEU VA 130 12.28 91.77 -34.01
N VAL VA 131 11.42 92.73 -33.64
CA VAL VA 131 11.28 93.93 -34.46
C VAL VA 131 12.55 94.75 -34.44
N GLU VA 132 13.20 94.84 -33.27
CA GLU VA 132 14.46 95.59 -33.19
C GLU VA 132 15.53 94.93 -34.04
N LEU VA 133 15.62 93.60 -34.01
CA LEU VA 133 16.57 92.90 -34.88
C LEU VA 133 16.27 93.17 -36.35
N ALA VA 134 14.99 93.12 -36.73
CA ALA VA 134 14.63 93.37 -38.12
C ALA VA 134 15.01 94.78 -38.56
N LYS VA 135 14.78 95.77 -37.68
CA LYS VA 135 15.16 97.14 -38.00
C LYS VA 135 16.67 97.27 -38.15
N ARG VA 136 17.43 96.62 -37.27
CA ARG VA 136 18.88 96.64 -37.39
C ARG VA 136 19.33 96.06 -38.72
N LEU VA 137 18.82 94.88 -39.07
CA LEU VA 137 19.23 94.24 -40.32
C LEU VA 137 18.83 95.07 -41.53
N GLU VA 138 17.66 95.70 -41.47
CA GLU VA 138 17.24 96.58 -42.56
C GLU VA 138 18.18 97.77 -42.69
N LYS VA 139 18.64 98.31 -41.57
CA LYS VA 139 19.61 99.40 -41.61
C LYS VA 139 20.93 98.93 -42.22
N GLU VA 140 21.35 97.70 -41.90
CA GLU VA 140 22.61 97.20 -42.44
C GLU VA 140 22.56 97.09 -43.96
N GLY VA 141 21.45 96.60 -44.51
CA GLY VA 141 21.32 96.46 -45.94
C GLY VA 141 20.91 95.07 -46.38
N ILE VA 142 20.56 94.22 -45.42
CA ILE VA 142 20.10 92.88 -45.73
C ILE VA 142 18.67 92.94 -46.26
N SER VA 143 18.39 92.18 -47.31
CA SER VA 143 17.07 92.19 -47.92
C SER VA 143 16.04 91.55 -46.99
N TRP VA 144 14.77 91.83 -47.29
CA TRP VA 144 13.69 91.42 -46.38
C TRP VA 144 13.43 89.93 -46.42
N GLU VA 145 13.73 89.26 -47.54
CA GLU VA 145 13.58 87.81 -47.58
C GLU VA 145 14.56 87.14 -46.62
N GLU VA 146 15.82 87.60 -46.61
CA GLU VA 146 16.79 87.06 -45.67
C GLU VA 146 16.41 87.39 -44.23
N ILE VA 147 15.89 88.59 -43.99
CA ILE VA 147 15.45 88.98 -42.65
C ILE VA 147 14.34 88.05 -42.18
N ILE VA 148 13.37 87.77 -43.05
CA ILE VA 148 12.26 86.90 -42.68
C ILE VA 148 12.75 85.50 -42.40
N GLU VA 149 13.66 84.98 -43.23
CA GLU VA 149 14.17 83.63 -43.00
C GLU VA 149 14.93 83.53 -41.69
N LEU VA 150 15.78 84.53 -41.38
CA LEU VA 150 16.46 84.56 -40.09
C LEU VA 150 15.47 84.60 -38.94
N ILE VA 151 14.42 85.41 -39.08
CA ILE VA 151 13.41 85.52 -38.02
C ILE VA 151 12.70 84.19 -37.80
N GLU VA 152 12.37 83.48 -38.87
CA GLU VA 152 11.71 82.18 -38.70
C GLU VA 152 12.64 81.14 -38.10
N ARG VA 153 13.93 81.19 -38.42
CA ARG VA 153 14.87 80.30 -37.73
C ARG VA 153 14.90 80.59 -36.23
N ILE VA 154 14.94 81.87 -35.88
CA ILE VA 154 14.91 82.25 -34.47
C ILE VA 154 13.61 81.80 -33.82
N LEU VA 155 12.50 81.86 -34.56
CA LEU VA 155 11.20 81.45 -34.03
C LEU VA 155 11.16 79.95 -33.79
N GLU VA 156 11.75 79.16 -34.67
CA GLU VA 156 11.84 77.72 -34.43
C GLU VA 156 12.70 77.41 -33.21
N SER VA 157 13.79 78.15 -33.04
CA SER VA 157 14.60 77.99 -31.84
C SER VA 157 13.79 78.34 -30.58
N ILE VA 158 13.00 79.42 -30.65
CA ILE VA 158 12.15 79.81 -29.53
C ILE VA 158 11.13 78.73 -29.23
N ARG VA 159 10.55 78.14 -30.27
CA ARG VA 159 9.57 77.07 -30.07
C ARG VA 159 10.20 75.89 -29.34
N GLU VA 160 11.41 75.50 -29.75
CA GLU VA 160 12.08 74.40 -29.06
C GLU VA 160 12.39 74.77 -27.61
N ILE VA 161 12.85 75.99 -27.36
CA ILE VA 161 13.19 76.42 -26.00
C ILE VA 161 11.94 76.41 -25.13
N LEU VA 162 10.83 76.94 -25.65
CA LEU VA 162 9.58 76.98 -24.88
C LEU VA 162 9.07 75.57 -24.59
N LYS VA 163 9.16 74.67 -25.58
CA LYS VA 163 8.76 73.29 -25.34
C LYS VA 163 9.65 72.63 -24.28
N GLU VA 164 10.92 73.05 -24.19
CA GLU VA 164 11.80 72.51 -23.17
C GLU VA 164 11.32 72.91 -21.77
N GLU VA 165 10.84 74.14 -21.61
CA GLU VA 165 10.40 74.63 -20.31
C GLU VA 165 9.11 73.98 -19.81
N GLY VA 166 8.56 73.02 -20.54
CA GLY VA 166 7.34 72.37 -20.12
C GLY VA 166 6.07 73.15 -20.36
N LEU VA 167 6.12 74.24 -21.11
CA LEU VA 167 4.92 74.99 -21.41
C LEU VA 167 4.02 74.18 -22.35
N PRO VA 168 2.71 74.27 -22.21
CA PRO VA 168 1.80 73.58 -23.14
C PRO VA 168 1.76 74.29 -24.49
N GLU VA 169 1.15 73.60 -25.46
CA GLU VA 169 1.18 74.07 -26.84
C GLU VA 169 0.42 75.38 -27.03
N SER VA 170 -0.62 75.62 -26.23
CA SER VA 170 -1.47 76.80 -26.44
C SER VA 170 -0.69 78.10 -26.24
N GLU VA 171 0.03 78.20 -25.12
CA GLU VA 171 0.79 79.42 -24.85
C GLU VA 171 1.96 79.58 -25.81
N ILE VA 172 2.59 78.46 -26.21
CA ILE VA 172 3.68 78.54 -27.19
C ILE VA 172 3.16 79.11 -28.50
N ASN VA 173 2.02 78.58 -28.96
CA ASN VA 173 1.43 79.07 -30.21
C ASN VA 173 1.01 80.53 -30.07
N ARG VA 174 0.50 80.91 -28.90
CA ARG VA 174 0.12 82.31 -28.68
C ARG VA 174 1.32 83.24 -28.78
N ILE VA 175 2.42 82.87 -28.14
CA ILE VA 175 3.62 83.71 -28.16
C ILE VA 175 4.15 83.82 -29.59
N LEU VA 176 4.22 82.68 -30.29
CA LEU VA 176 4.75 82.70 -31.66
C LEU VA 176 3.88 83.54 -32.58
N ALA VA 177 2.55 83.39 -32.46
CA ALA VA 177 1.64 84.17 -33.29
C ALA VA 177 1.77 85.66 -32.99
N VAL VA 178 1.91 86.03 -31.72
CA VAL VA 178 2.06 87.44 -31.38
C VAL VA 178 3.34 88.01 -31.98
N SER VA 179 4.45 87.26 -31.89
CA SER VA 179 5.71 87.75 -32.46
C SER VA 179 5.61 87.92 -33.97
N ILE VA 180 5.05 86.92 -34.66
CA ILE VA 180 4.87 87.02 -36.10
C ILE VA 180 4.00 88.22 -36.46
N LEU VA 181 2.93 88.43 -35.69
CA LEU VA 181 2.04 89.55 -35.96
C LEU VA 181 2.71 90.89 -35.69
N GLU VA 182 3.63 90.95 -34.73
CA GLU VA 182 4.37 92.19 -34.50
C GLU VA 182 5.29 92.51 -35.66
N VAL VA 183 5.98 91.49 -36.20
CA VAL VA 183 6.79 91.71 -37.39
C VAL VA 183 5.91 92.17 -38.57
N ALA VA 184 4.75 91.53 -38.74
CA ALA VA 184 3.84 91.92 -39.80
C ALA VA 184 3.33 93.34 -39.60
N LYS VA 185 3.10 93.73 -38.34
CA LYS VA 185 2.67 95.09 -38.05
C LYS VA 185 3.74 96.10 -38.42
N TYR VA 186 5.01 95.79 -38.15
CA TYR VA 186 6.09 96.67 -38.59
C TYR VA 186 6.10 96.79 -40.10
N LEU VA 187 5.92 95.68 -40.80
CA LEU VA 187 5.87 95.72 -42.26
C LEU VA 187 4.71 96.59 -42.75
N LEU VA 188 3.53 96.45 -42.14
CA LEU VA 188 2.38 97.25 -42.52
C LEU VA 188 2.62 98.73 -42.29
N GLU VA 189 3.25 99.07 -41.16
CA GLU VA 189 3.59 100.46 -40.89
C GLU VA 189 4.55 101.00 -41.95
N LYS VA 190 5.53 100.19 -42.37
CA LYS VA 190 6.41 100.60 -43.45
C LYS VA 190 5.63 100.84 -44.74
N LEU VA 191 4.70 99.95 -45.07
CA LEU VA 191 3.91 100.11 -46.28
C LEU VA 191 3.01 101.33 -46.22
N GLY VA 192 2.40 101.59 -45.06
CA GLY VA 192 1.56 102.76 -44.90
C GLY VA 192 0.07 102.45 -44.91
N PHE VA 193 -0.32 101.32 -44.33
CA PHE VA 193 -1.71 100.90 -44.23
C PHE VA 193 -2.11 100.97 -42.76
N ASP VA 194 -2.60 102.14 -42.34
CA ASP VA 194 -2.85 102.39 -40.92
C ASP VA 194 -4.03 101.57 -40.40
N TYR VA 195 -5.11 101.46 -41.18
CA TYR VA 195 -6.29 100.74 -40.72
C TYR VA 195 -5.98 99.27 -40.48
N LEU VA 196 -5.23 98.65 -41.40
CA LEU VA 196 -4.81 97.27 -41.19
C LEU VA 196 -3.92 97.16 -39.97
N VAL VA 197 -3.12 98.19 -39.68
CA VAL VA 197 -2.32 98.19 -38.46
C VAL VA 197 -3.23 98.13 -37.25
N GLU VA 198 -4.25 98.99 -37.20
CA GLU VA 198 -5.17 99.03 -36.07
C GLU VA 198 -5.88 97.70 -35.88
N LEU VA 199 -6.38 97.12 -36.97
CA LEU VA 199 -6.97 95.79 -36.87
C LEU VA 199 -5.97 94.77 -36.35
N LEU VA 200 -4.69 94.95 -36.69
CA LEU VA 200 -3.67 94.03 -36.20
C LEU VA 200 -3.46 94.17 -34.70
N ASP VA 201 -3.45 95.40 -34.17
CA ASP VA 201 -3.37 95.54 -32.72
C ASP VA 201 -4.60 94.91 -32.05
N ARG VA 202 -5.77 95.09 -32.64
CA ARG VA 202 -6.97 94.46 -32.07
C ARG VA 202 -6.83 92.94 -32.01
N ALA VA 203 -6.36 92.34 -33.11
CA ALA VA 203 -6.18 90.89 -33.13
C ALA VA 203 -5.10 90.44 -32.15
N ILE VA 204 -4.02 91.22 -32.01
CA ILE VA 204 -2.96 90.86 -31.08
C ILE VA 204 -3.48 90.90 -29.65
N GLU VA 205 -4.25 91.93 -29.31
CA GLU VA 205 -4.85 92.02 -27.99
C GLU VA 205 -5.79 90.84 -27.73
N TYR VA 206 -6.59 90.47 -28.72
CA TYR VA 206 -7.49 89.34 -28.54
C TYR VA 206 -6.73 88.04 -28.34
N ILE VA 207 -5.64 87.85 -29.07
CA ILE VA 207 -4.80 86.66 -28.89
C ILE VA 207 -4.19 86.66 -27.49
N LEU VA 208 -3.70 87.81 -27.03
CA LEU VA 208 -3.03 87.89 -25.75
C LEU VA 208 -3.99 87.65 -24.60
N LYS VA 209 -5.21 88.16 -24.70
CA LYS VA 209 -6.21 88.00 -23.65
C LYS VA 209 -6.81 86.59 -23.62
N GLY VA 210 -6.52 85.76 -24.61
CA GLY VA 210 -6.99 84.38 -24.64
C GLY VA 210 -8.16 84.13 -25.55
N ARG VA 211 -8.78 85.17 -26.11
CA ARG VA 211 -9.94 85.02 -26.98
C ARG VA 211 -9.44 84.64 -28.38
N SER VA 212 -9.48 83.34 -28.68
CA SER VA 212 -8.83 82.81 -29.87
C SER VA 212 -9.73 82.86 -31.11
N GLU VA 213 -11.00 82.47 -30.98
CA GLU VA 213 -11.87 82.40 -32.14
C GLU VA 213 -12.15 83.78 -32.72
N LEU VA 214 -12.35 84.78 -31.86
CA LEU VA 214 -12.52 86.15 -32.34
C LEU VA 214 -11.27 86.61 -33.08
N ALA VA 215 -10.10 86.25 -32.56
CA ALA VA 215 -8.85 86.62 -33.21
C ALA VA 215 -8.73 85.94 -34.57
N VAL VA 216 -9.15 84.68 -34.68
CA VAL VA 216 -9.10 83.97 -35.95
C VAL VA 216 -10.01 84.64 -36.98
N HIS VA 217 -11.22 85.02 -36.56
CA HIS VA 217 -12.13 85.70 -37.48
C HIS VA 217 -11.56 87.05 -37.90
N LEU VA 218 -10.98 87.79 -36.95
CA LEU VA 218 -10.34 89.06 -37.29
C LEU VA 218 -9.20 88.86 -38.27
N LEU VA 219 -8.41 87.80 -38.08
CA LEU VA 219 -7.30 87.52 -38.98
C LEU VA 219 -7.79 87.13 -40.36
N ASP VA 220 -8.92 86.42 -40.44
CA ASP VA 220 -9.52 86.12 -41.74
C ASP VA 220 -9.93 87.40 -42.46
N ASP VA 221 -10.55 88.34 -41.74
CA ASP VA 221 -10.93 89.61 -42.37
C ASP VA 221 -9.70 90.40 -42.80
N ILE VA 222 -8.64 90.37 -41.98
CA ILE VA 222 -7.39 91.05 -42.34
C ILE VA 222 -6.78 90.43 -43.59
N ILE VA 223 -6.82 89.10 -43.68
CA ILE VA 223 -6.27 88.42 -44.84
C ILE VA 223 -7.04 88.79 -46.09
N ARG VA 224 -8.36 88.85 -46.00
CA ARG VA 224 -9.17 89.28 -47.14
C ARG VA 224 -8.80 90.70 -47.57
N ARG VA 225 -8.64 91.61 -46.60
CA ARG VA 225 -8.28 92.99 -46.94
C ARG VA 225 -6.90 93.06 -47.60
N VAL VA 226 -5.95 92.26 -47.10
CA VAL VA 226 -4.61 92.25 -47.67
C VAL VA 226 -4.63 91.73 -49.09
N HIS VA 227 -5.41 90.67 -49.34
CA HIS VA 227 -5.54 90.15 -50.70
C HIS VA 227 -6.18 91.18 -51.62
N GLU VA 228 -7.17 91.92 -51.11
CA GLU VA 228 -7.76 92.99 -51.91
C GLU VA 228 -6.72 94.05 -52.27
N GLU VA 229 -5.88 94.43 -51.31
CA GLU VA 229 -4.83 95.41 -51.58
C GLU VA 229 -3.84 94.89 -52.63
N ILE VA 230 -3.45 93.62 -52.51
CA ILE VA 230 -2.52 93.03 -53.47
C ILE VA 230 -3.14 93.04 -54.87
N GLU VA 231 -4.41 92.64 -54.97
CA GLU VA 231 -5.09 92.66 -56.26
C GLU VA 231 -5.20 94.06 -56.82
N ARG VA 232 -5.39 95.06 -55.95
CA ARG VA 232 -5.41 96.44 -56.42
C ARG VA 232 -4.06 96.86 -56.99
N TYR VA 233 -2.97 96.41 -56.37
CA TYR VA 233 -1.64 96.82 -56.83
C TYR VA 233 -1.35 96.31 -58.24
N GLY VA 234 -1.72 95.08 -58.54
CA GLY VA 234 -1.60 94.54 -59.89
C GLY VA 234 -0.26 93.85 -60.11
N ASP VA 235 0.53 94.36 -61.06
CA ASP VA 235 1.81 93.78 -61.39
C ASP VA 235 2.98 94.43 -60.67
N ASP VA 236 2.76 95.55 -59.99
CA ASP VA 236 3.82 96.30 -59.30
C ASP VA 236 3.78 96.08 -57.80
N VAL VA 237 3.42 94.88 -57.36
CA VAL VA 237 3.28 94.60 -55.92
C VAL VA 237 4.65 94.61 -55.26
N PRO VA 238 4.85 95.44 -54.23
CA PRO VA 238 6.11 95.37 -53.47
C PRO VA 238 6.22 94.06 -52.71
N GLU VA 239 7.46 93.63 -52.49
CA GLU VA 239 7.72 92.37 -51.82
C GLU VA 239 7.28 92.38 -50.36
N GLU VA 240 7.23 93.56 -49.74
CA GLU VA 240 6.78 93.66 -48.35
C GLU VA 240 5.34 93.20 -48.21
N LEU VA 241 4.50 93.52 -49.20
CA LEU VA 241 3.11 93.08 -49.15
C LEU VA 241 2.99 91.56 -49.20
N LEU VA 242 3.78 90.90 -50.05
CA LEU VA 242 3.72 89.45 -50.13
C LEU VA 242 4.26 88.79 -48.86
N LEU VA 243 5.35 89.34 -48.31
CA LEU VA 243 5.88 88.82 -47.06
C LEU VA 243 4.88 89.00 -45.93
N LEU VA 244 4.20 90.15 -45.89
CA LEU VA 244 3.16 90.39 -44.91
C LEU VA 244 2.02 89.40 -45.07
N ASP VA 245 1.61 89.13 -46.30
CA ASP VA 245 0.58 88.13 -46.56
C ASP VA 245 0.96 86.78 -45.98
N LEU VA 246 2.18 86.33 -46.26
CA LEU VA 246 2.63 85.04 -45.74
C LEU VA 246 2.68 85.04 -44.22
N LEU VA 247 3.16 86.13 -43.63
CA LEU VA 247 3.28 86.20 -42.17
C LEU VA 247 1.90 86.14 -41.52
N VAL VA 248 0.95 86.91 -42.04
CA VAL VA 248 -0.39 86.92 -41.46
C VAL VA 248 -1.06 85.56 -41.62
N GLN VA 249 -0.84 84.90 -42.76
CA GLN VA 249 -1.40 83.57 -42.95
C GLN VA 249 -0.85 82.57 -41.95
N LYS VA 250 0.46 82.57 -41.74
CA LYS VA 250 1.03 81.62 -40.79
C LYS VA 250 0.63 81.96 -39.35
N ALA VA 251 0.48 83.25 -39.04
CA ALA VA 251 0.00 83.63 -37.71
C ALA VA 251 -1.44 83.18 -37.50
N ARG VA 252 -2.28 83.27 -38.53
CA ARG VA 252 -3.64 82.78 -38.43
C ARG VA 252 -3.67 81.27 -38.24
N ASP VA 253 -2.79 80.55 -38.93
CA ASP VA 253 -2.71 79.11 -38.72
C ASP VA 253 -2.32 78.78 -37.28
N LEU VA 254 -1.33 79.49 -36.74
CA LEU VA 254 -0.94 79.26 -35.35
C LEU VA 254 -2.07 79.60 -34.38
N ALA VA 255 -2.78 80.69 -34.63
CA ALA VA 255 -3.89 81.08 -33.76
C ALA VA 255 -5.01 80.04 -33.80
N ALA VA 256 -5.27 79.47 -34.98
CA ALA VA 256 -6.22 78.37 -35.07
C ALA VA 256 -5.74 77.16 -34.28
N ARG VA 257 -4.45 76.85 -34.36
CA ARG VA 257 -3.92 75.70 -33.64
C ARG VA 257 -3.86 75.90 -32.13
N ILE VA 258 -4.09 77.11 -31.63
CA ILE VA 258 -4.03 77.39 -30.20
C ILE VA 258 -4.99 76.49 -29.43
N MET WA 25 29.80 52.73 -62.48
CA MET WA 25 28.56 52.62 -63.24
C MET WA 25 28.81 52.83 -64.73
N GLU WA 26 29.95 52.36 -65.24
CA GLU WA 26 30.29 52.58 -66.64
C GLU WA 26 29.35 51.84 -67.59
N LYS WA 27 28.64 50.82 -67.11
CA LYS WA 27 27.67 50.13 -67.96
C LYS WA 27 26.56 51.07 -68.39
N LEU WA 28 26.10 51.93 -67.49
CA LEU WA 28 25.05 52.87 -67.83
C LEU WA 28 25.54 53.97 -68.77
N GLU WA 29 26.80 54.38 -68.64
CA GLU WA 29 27.36 55.30 -69.63
C GLU WA 29 27.47 54.65 -71.00
N VAL WA 30 27.83 53.37 -71.04
CA VAL WA 30 27.85 52.64 -72.31
C VAL WA 30 26.44 52.58 -72.89
N ALA WA 31 25.44 52.36 -72.04
CA ALA WA 31 24.06 52.37 -72.49
C ALA WA 31 23.65 53.73 -73.06
N VAL WA 32 24.08 54.82 -72.40
CA VAL WA 32 23.77 56.15 -72.90
C VAL WA 32 24.41 56.39 -74.26
N GLU WA 33 25.67 55.96 -74.41
CA GLU WA 33 26.34 56.09 -75.71
C GLU WA 33 25.63 55.27 -76.78
N HIS WA 34 25.22 54.08 -76.44
CA HIS WA 34 24.42 53.30 -77.36
C HIS WA 34 23.15 54.02 -77.76
N LEU WA 35 22.43 54.60 -76.79
CA LEU WA 35 21.20 55.33 -77.09
C LEU WA 35 21.46 56.49 -78.04
N LYS WA 36 22.56 57.20 -77.85
CA LYS WA 36 22.93 58.24 -78.81
C LYS WA 36 23.17 57.64 -80.19
N GLU WA 37 23.85 56.50 -80.24
CA GLU WA 37 24.08 55.83 -81.51
C GLU WA 37 22.76 55.43 -82.17
N ALA WA 38 21.80 54.96 -81.36
CA ALA WA 38 20.49 54.58 -81.90
C ALA WA 38 19.76 55.79 -82.48
N ILE WA 39 19.82 56.93 -81.79
CA ILE WA 39 19.21 58.15 -82.33
C ILE WA 39 19.84 58.52 -83.66
N GLU WA 40 21.18 58.46 -83.72
CA GLU WA 40 21.87 58.79 -84.97
C GLU WA 40 21.50 57.82 -86.08
N LEU WA 41 21.34 56.53 -85.74
CA LEU WA 41 20.97 55.53 -86.75
C LEU WA 41 19.56 55.76 -87.28
N ILE WA 42 18.62 56.06 -86.39
CA ILE WA 42 17.27 56.39 -86.83
C ILE WA 42 17.31 57.61 -87.74
N GLU WA 43 18.14 58.60 -87.40
CA GLU WA 43 18.27 59.77 -88.26
C GLU WA 43 18.83 59.40 -89.63
N LYS WA 44 19.81 58.49 -89.67
CA LYS WA 44 20.40 58.11 -90.94
C LYS WA 44 19.42 57.35 -91.82
N GLY WA 45 18.76 56.34 -91.26
CA GLY WA 45 17.79 55.58 -92.01
C GLY WA 45 17.91 54.08 -91.87
N GLU WA 46 18.83 53.62 -91.03
CA GLU WA 46 19.01 52.19 -90.78
C GLU WA 46 18.14 51.78 -89.60
N TYR WA 47 16.98 51.19 -89.89
CA TYR WA 47 16.03 50.82 -88.86
C TYR WA 47 16.29 49.43 -88.28
N VAL WA 48 16.84 48.52 -89.07
CA VAL WA 48 17.20 47.20 -88.55
C VAL WA 48 18.31 47.33 -87.51
N LYS WA 49 19.33 48.13 -87.82
CA LYS WA 49 20.41 48.34 -86.87
C LYS WA 49 19.90 49.05 -85.63
N ALA WA 50 18.94 49.96 -85.78
CA ALA WA 50 18.35 50.63 -84.63
C ALA WA 50 17.60 49.64 -83.74
N ASP WA 51 16.84 48.73 -84.34
CA ASP WA 51 16.13 47.71 -83.57
C ASP WA 51 17.11 46.81 -82.82
N LEU WA 52 18.19 46.40 -83.49
CA LEU WA 52 19.19 45.57 -82.85
C LEU WA 52 19.91 46.31 -81.73
N ILE WA 53 20.19 47.60 -81.93
CA ILE WA 53 20.80 48.41 -80.88
C ILE WA 53 19.88 48.51 -79.68
N LEU WA 54 18.58 48.66 -79.92
CA LEU WA 54 17.64 48.72 -78.80
C LEU WA 54 17.64 47.42 -78.01
N THR WA 55 17.74 46.29 -78.71
CA THR WA 55 17.86 45.01 -78.00
C THR WA 55 19.16 44.95 -77.18
N ASP WA 56 20.26 45.46 -77.73
CA ASP WA 56 21.52 45.49 -76.99
C ASP WA 56 21.41 46.37 -75.75
N ILE WA 57 20.76 47.53 -75.88
CA ILE WA 57 20.58 48.42 -74.74
C ILE WA 57 19.74 47.75 -73.67
N LEU WA 58 18.69 47.03 -74.08
CA LEU WA 58 17.89 46.29 -73.11
C LEU WA 58 18.74 45.26 -72.38
N ARG WA 59 19.61 44.56 -73.10
CA ARG WA 59 20.49 43.58 -72.47
C ARG WA 59 21.42 44.26 -71.45
N LEU WA 60 21.99 45.40 -71.82
CA LEU WA 60 22.86 46.13 -70.89
C LEU WA 60 22.11 46.55 -69.63
N LEU WA 61 20.92 47.13 -69.81
CA LEU WA 61 20.17 47.61 -68.66
C LEU WA 61 19.74 46.45 -67.75
N GLU WA 62 19.36 45.32 -68.35
CA GLU WA 62 19.04 44.15 -67.54
C GLU WA 62 20.27 43.62 -66.81
N GLU WA 63 21.44 43.75 -67.44
CA GLU WA 63 22.67 43.39 -66.74
C GLU WA 63 22.90 44.27 -65.52
N GLU WA 64 22.63 45.58 -65.66
CA GLU WA 64 22.78 46.47 -64.51
C GLU WA 64 21.75 46.15 -63.42
N GLY WA 65 20.48 46.06 -63.79
CA GLY WA 65 19.45 45.63 -62.84
C GLY WA 65 18.57 46.72 -62.26
N VAL WA 66 18.09 47.65 -63.08
CA VAL WA 66 17.14 48.67 -62.66
C VAL WA 66 15.80 48.37 -63.32
N LYS WA 67 14.79 48.08 -62.51
CA LYS WA 67 13.54 47.51 -63.01
C LYS WA 67 12.81 48.49 -63.92
N SER WA 68 12.68 49.74 -63.48
CA SER WA 68 11.96 50.73 -64.27
C SER WA 68 12.62 50.95 -65.62
N LEU WA 69 13.95 51.06 -65.63
CA LEU WA 69 14.68 51.18 -66.88
C LEU WA 69 14.47 49.96 -67.76
N ILE WA 70 14.39 48.78 -67.15
CA ILE WA 70 14.24 47.55 -67.92
C ILE WA 70 12.89 47.51 -68.63
N LYS WA 71 11.81 47.79 -67.89
CA LYS WA 71 10.48 47.78 -68.53
C LYS WA 71 10.37 48.88 -69.57
N GLN WA 72 10.96 50.05 -69.29
CA GLN WA 72 10.96 51.13 -70.25
C GLN WA 72 11.69 50.73 -71.53
N ALA WA 73 12.81 49.99 -71.39
CA ALA WA 73 13.57 49.58 -72.56
C ALA WA 73 12.83 48.54 -73.38
N LYS WA 74 12.15 47.60 -72.73
CA LYS WA 74 11.37 46.60 -73.47
C LYS WA 74 10.22 47.25 -74.23
N GLU WA 75 9.45 48.11 -73.56
CA GLU WA 75 8.36 48.78 -74.26
C GLU WA 75 8.90 49.70 -75.34
N LEU WA 76 10.10 50.27 -75.14
CA LEU WA 76 10.72 51.09 -76.17
C LEU WA 76 11.03 50.27 -77.40
N HIS WA 77 11.58 49.07 -77.21
CA HIS WA 77 11.88 48.20 -78.36
C HIS WA 77 10.61 47.92 -79.15
N ILE WA 78 9.56 47.49 -78.46
CA ILE WA 78 8.32 47.13 -79.16
C ILE WA 78 7.74 48.34 -79.90
N GLU WA 79 7.60 49.46 -79.19
CA GLU WA 79 6.93 50.61 -79.77
C GLU WA 79 7.76 51.26 -80.87
N VAL WA 80 9.08 51.28 -80.74
CA VAL WA 80 9.91 51.85 -81.80
C VAL WA 80 9.86 50.97 -83.03
N PHE WA 81 9.83 49.65 -82.86
CA PHE WA 81 9.67 48.78 -84.03
C PHE WA 81 8.36 49.09 -84.74
N LYS WA 82 7.26 49.20 -83.99
CA LYS WA 82 5.98 49.52 -84.60
C LYS WA 82 6.00 50.87 -85.31
N LEU WA 83 6.54 51.89 -84.65
CA LEU WA 83 6.56 53.23 -85.23
C LEU WA 83 7.42 53.30 -86.48
N LEU WA 84 8.59 52.65 -86.46
CA LEU WA 84 9.44 52.64 -87.63
C LEU WA 84 8.79 51.86 -88.78
N LYS WA 85 7.98 50.84 -88.46
CA LYS WA 85 7.16 50.21 -89.49
C LYS WA 85 6.19 51.22 -90.09
N GLU WA 86 5.50 51.98 -89.24
CA GLU WA 86 4.51 52.93 -89.73
C GLU WA 86 5.16 54.12 -90.43
N GLY WA 87 6.34 54.54 -89.97
CA GLY WA 87 7.01 55.70 -90.52
C GLY WA 87 7.09 56.90 -89.60
N GLU WA 88 6.71 56.76 -88.33
CA GLU WA 88 6.76 57.85 -87.36
C GLU WA 88 8.15 57.94 -86.78
N TYR WA 89 9.06 58.55 -87.55
CA TYR WA 89 10.45 58.68 -87.11
C TYR WA 89 10.58 59.57 -85.90
N LYS WA 90 9.86 60.69 -85.88
CA LYS WA 90 9.98 61.66 -84.80
C LYS WA 90 9.51 61.08 -83.48
N GLU WA 91 8.42 60.30 -83.50
CA GLU WA 91 7.93 59.70 -82.27
C GLU WA 91 8.92 58.69 -81.71
N ALA WA 92 9.53 57.89 -82.58
CA ALA WA 92 10.53 56.92 -82.14
C ALA WA 92 11.75 57.63 -81.57
N LYS WA 93 12.21 58.69 -82.24
CA LYS WA 93 13.32 59.47 -81.73
C LYS WA 93 12.99 60.07 -80.38
N ALA WA 94 11.76 60.57 -80.20
CA ALA WA 94 11.35 61.12 -78.92
C ALA WA 94 11.38 60.06 -77.83
N LEU WA 95 10.90 58.85 -78.12
CA LEU WA 95 10.92 57.79 -77.11
C LEU WA 95 12.34 57.41 -76.73
N VAL WA 96 13.24 57.32 -77.72
CA VAL WA 96 14.63 57.00 -77.41
C VAL WA 96 15.27 58.10 -76.58
N GLU WA 97 14.98 59.35 -76.92
CA GLU WA 97 15.52 60.48 -76.14
C GLU WA 97 14.98 60.47 -74.72
N ALA WA 98 13.72 60.11 -74.55
CA ALA WA 98 13.14 60.02 -73.21
C ALA WA 98 13.84 58.95 -72.38
N LEU WA 99 14.10 57.78 -72.98
CA LEU WA 99 14.82 56.74 -72.26
C LEU WA 99 16.24 57.19 -71.92
N ARG WA 100 16.89 57.88 -72.85
CA ARG WA 100 18.24 58.38 -72.60
C ARG WA 100 18.26 59.34 -71.43
N VAL WA 101 17.31 60.29 -71.41
CA VAL WA 101 17.22 61.25 -70.32
C VAL WA 101 16.94 60.54 -69.00
N SER WA 102 16.09 59.53 -69.03
CA SER WA 102 15.79 58.78 -67.81
C SER WA 102 17.03 58.08 -67.27
N VAL WA 103 17.82 57.47 -68.14
CA VAL WA 103 19.04 56.77 -67.69
C VAL WA 103 20.05 57.76 -67.14
N GLU WA 104 20.26 58.88 -67.84
CA GLU WA 104 21.19 59.90 -67.35
C GLU WA 104 20.73 60.46 -66.01
N LEU WA 105 19.41 60.66 -65.84
CA LEU WA 105 18.89 61.16 -64.57
C LEU WA 105 19.12 60.15 -63.45
N TYR WA 106 18.95 58.86 -63.74
CA TYR WA 106 19.25 57.87 -62.72
C TYR WA 106 20.72 57.91 -62.33
N ILE WA 107 21.61 58.05 -63.31
CA ILE WA 107 23.04 58.14 -63.02
C ILE WA 107 23.31 59.33 -62.10
N LEU WA 108 22.75 60.49 -62.44
CA LEU WA 108 23.01 61.69 -61.66
C LEU WA 108 22.41 61.59 -60.27
N ILE WA 109 21.24 60.96 -60.14
CA ILE WA 109 20.65 60.77 -58.80
C ILE WA 109 21.53 59.89 -57.95
N LYS WA 110 22.07 58.80 -58.53
CA LYS WA 110 22.94 57.92 -57.76
C LYS WA 110 24.21 58.64 -57.34
N ARG WA 111 24.81 59.40 -58.25
CA ARG WA 111 26.02 60.15 -57.91
C ARG WA 111 25.74 61.18 -56.83
N GLY WA 112 24.61 61.88 -56.91
CA GLY WA 112 24.29 62.87 -55.89
C GLY WA 112 24.04 62.25 -54.53
N VAL WA 113 23.31 61.14 -54.49
CA VAL WA 113 23.00 60.51 -53.21
C VAL WA 113 24.25 59.93 -52.58
N ARG WA 114 25.10 59.27 -53.37
CA ARG WA 114 26.32 58.69 -52.83
C ARG WA 114 27.25 59.77 -52.27
N GLU WA 115 27.49 60.82 -53.05
CA GLU WA 115 28.34 61.94 -52.65
C GLU WA 115 27.74 62.78 -51.54
N GLY WA 116 26.56 62.45 -51.04
CA GLY WA 116 25.92 63.26 -50.02
C GLY WA 116 25.59 64.67 -50.47
N ARG WA 117 25.28 64.85 -51.75
CA ARG WA 117 24.93 66.17 -52.24
C ARG WA 117 23.61 66.63 -51.66
N PRO WA 118 23.43 67.94 -51.50
CA PRO WA 118 22.15 68.45 -50.99
C PRO WA 118 21.02 68.16 -51.96
N ILE WA 119 19.82 67.98 -51.40
CA ILE WA 119 18.62 67.75 -52.20
C ILE WA 119 18.37 68.93 -53.13
N GLU WA 120 18.74 70.13 -52.71
CA GLU WA 120 18.47 71.34 -53.47
C GLU WA 120 19.11 71.28 -54.86
N GLU WA 121 20.40 71.00 -54.92
CA GLU WA 121 21.09 71.01 -56.22
C GLU WA 121 20.70 69.81 -57.07
N ILE WA 122 20.39 68.68 -56.44
CA ILE WA 122 19.86 67.54 -57.19
C ILE WA 122 18.57 67.92 -57.89
N ALA WA 123 17.66 68.58 -57.15
CA ALA WA 123 16.39 69.01 -57.73
C ALA WA 123 16.61 70.00 -58.86
N ARG WA 124 17.53 70.95 -58.68
CA ARG WA 124 17.81 71.92 -59.74
C ARG WA 124 18.35 71.22 -60.98
N GLU WA 125 19.23 70.23 -60.80
CA GLU WA 125 19.78 69.50 -61.94
C GLU WA 125 18.69 68.72 -62.68
N VAL WA 126 17.80 68.07 -61.93
CA VAL WA 126 16.72 67.33 -62.55
C VAL WA 126 15.83 68.27 -63.37
N GLY WA 127 15.48 69.42 -62.79
CA GLY WA 127 14.69 70.39 -63.53
C GLY WA 127 15.38 70.87 -64.79
N ARG WA 128 16.68 71.16 -64.71
CA ARG WA 128 17.42 71.60 -65.87
C ARG WA 128 17.42 70.55 -66.97
N LYS WA 129 17.63 69.29 -66.60
CA LYS WA 129 17.63 68.21 -67.58
C LYS WA 129 16.27 68.06 -68.25
N LEU WA 130 15.19 68.14 -67.46
CA LEU WA 130 13.85 68.03 -68.03
C LEU WA 130 13.56 69.19 -68.98
N VAL WA 131 13.99 70.40 -68.61
CA VAL WA 131 13.75 71.55 -69.48
C VAL WA 131 14.54 71.41 -70.78
N GLU WA 132 15.77 70.91 -70.70
CA GLU WA 132 16.56 70.72 -71.91
C GLU WA 132 15.91 69.68 -72.83
N LEU WA 133 15.41 68.59 -72.25
CA LEU WA 133 14.70 67.59 -73.05
C LEU WA 133 13.46 68.20 -73.70
N ALA WA 134 12.70 69.00 -72.96
CA ALA WA 134 11.51 69.62 -73.52
C ALA WA 134 11.86 70.56 -74.67
N LYS WA 135 12.93 71.34 -74.52
CA LYS WA 135 13.36 72.22 -75.60
C LYS WA 135 13.78 71.43 -76.82
N ARG WA 136 14.51 70.31 -76.62
CA ARG WA 136 14.90 69.47 -77.74
C ARG WA 136 13.67 68.95 -78.49
N LEU WA 137 12.71 68.38 -77.74
CA LEU WA 137 11.52 67.82 -78.36
C LEU WA 137 10.71 68.90 -79.08
N GLU WA 138 10.64 70.09 -78.50
CA GLU WA 138 9.95 71.20 -79.16
C GLU WA 138 10.64 71.57 -80.46
N LYS WA 139 11.97 71.55 -80.47
CA LYS WA 139 12.70 71.82 -81.71
C LYS WA 139 12.42 70.74 -82.76
N GLU WA 140 12.32 69.48 -82.33
CA GLU WA 140 12.07 68.39 -83.27
C GLU WA 140 10.71 68.57 -83.96
N GLY WA 141 9.69 68.94 -83.21
CA GLY WA 141 8.37 69.13 -83.79
C GLY WA 141 7.28 68.37 -83.06
N ILE WA 142 7.63 67.76 -81.92
CA ILE WA 142 6.65 67.04 -81.12
C ILE WA 142 5.76 68.04 -80.38
N SER WA 143 4.46 67.76 -80.37
CA SER WA 143 3.51 68.67 -79.72
C SER WA 143 3.69 68.66 -78.21
N TRP WA 144 3.14 69.69 -77.56
CA TRP WA 144 3.40 69.89 -76.14
C TRP WA 144 2.65 68.89 -75.27
N GLU WA 145 1.52 68.36 -75.74
CA GLU WA 145 0.83 67.31 -74.99
C GLU WA 145 1.68 66.06 -74.89
N GLU WA 146 2.29 65.66 -76.01
CA GLU WA 146 3.19 64.50 -75.98
C GLU WA 146 4.42 64.77 -75.12
N ILE WA 147 4.96 66.00 -75.19
CA ILE WA 147 6.11 66.37 -74.37
C ILE WA 147 5.76 66.25 -72.89
N ILE WA 148 4.59 66.76 -72.50
CA ILE WA 148 4.17 66.69 -71.11
C ILE WA 148 3.99 65.25 -70.67
N GLU WA 149 3.37 64.42 -71.51
CA GLU WA 149 3.17 63.02 -71.14
C GLU WA 149 4.49 62.28 -70.96
N LEU WA 150 5.44 62.51 -71.88
CA LEU WA 150 6.76 61.92 -71.74
C LEU WA 150 7.43 62.39 -70.45
N ILE WA 151 7.31 63.67 -70.14
CA ILE WA 151 7.93 64.21 -68.93
C ILE WA 151 7.33 63.58 -67.68
N GLU WA 152 6.00 63.38 -67.66
CA GLU WA 152 5.39 62.75 -66.49
C GLU WA 152 5.78 61.28 -66.37
N ARG WA 153 5.95 60.57 -67.48
CA ARG WA 153 6.47 59.21 -67.40
C ARG WA 153 7.86 59.20 -66.80
N ILE WA 154 8.72 60.12 -67.25
CA ILE WA 154 10.07 60.23 -66.67
C ILE WA 154 9.99 60.57 -65.19
N LEU WA 155 9.03 61.41 -64.81
CA LEU WA 155 8.89 61.79 -63.41
C LEU WA 155 8.45 60.62 -62.54
N GLU WA 156 7.56 59.76 -63.06
CA GLU WA 156 7.19 58.55 -62.32
C GLU WA 156 8.38 57.61 -62.18
N SER WA 157 9.20 57.49 -63.23
CA SER WA 157 10.42 56.71 -63.13
C SER WA 157 11.35 57.28 -62.06
N ILE WA 158 11.50 58.60 -62.03
CA ILE WA 158 12.33 59.26 -61.03
C ILE WA 158 11.79 59.00 -59.63
N ARG WA 159 10.47 59.05 -59.46
CA ARG WA 159 9.87 58.77 -58.16
C ARG WA 159 10.22 57.36 -57.69
N GLU WA 160 10.10 56.38 -58.59
CA GLU WA 160 10.45 55.02 -58.21
C GLU WA 160 11.93 54.90 -57.87
N ILE WA 161 12.80 55.53 -58.66
CA ILE WA 161 14.24 55.46 -58.41
C ILE WA 161 14.57 56.08 -57.05
N LEU WA 162 13.98 57.25 -56.75
CA LEU WA 162 14.25 57.92 -55.48
C LEU WA 162 13.74 57.09 -54.32
N LYS WA 163 12.55 56.49 -54.46
CA LYS WA 163 12.06 55.61 -53.40
C LYS WA 163 12.97 54.41 -53.20
N GLU WA 164 13.62 53.95 -54.26
CA GLU WA 164 14.56 52.83 -54.13
C GLU WA 164 15.75 53.23 -53.26
N GLU WA 165 16.25 54.46 -53.40
CA GLU WA 165 17.41 54.91 -52.65
C GLU WA 165 17.14 55.11 -51.16
N GLY WA 166 15.93 54.82 -50.69
CA GLY WA 166 15.63 54.98 -49.29
C GLY WA 166 15.33 56.39 -48.85
N LEU WA 167 15.17 57.33 -49.79
CA LEU WA 167 14.82 58.69 -49.41
C LEU WA 167 13.39 58.74 -48.88
N PRO WA 168 13.13 59.60 -47.89
CA PRO WA 168 11.75 59.74 -47.39
C PRO WA 168 10.89 60.52 -48.37
N GLU WA 169 9.58 60.50 -48.10
CA GLU WA 169 8.61 61.05 -49.04
C GLU WA 169 8.75 62.56 -49.21
N SER WA 170 9.19 63.27 -48.15
CA SER WA 170 9.22 64.73 -48.21
C SER WA 170 10.19 65.24 -49.26
N GLU WA 171 11.42 64.71 -49.26
CA GLU WA 171 12.40 65.16 -50.25
C GLU WA 171 12.03 64.72 -51.66
N ILE WA 172 11.45 63.53 -51.79
CA ILE WA 172 11.01 63.07 -53.11
C ILE WA 172 9.96 64.02 -53.67
N ASN WA 173 8.97 64.38 -52.84
CA ASN WA 173 7.93 65.30 -53.28
C ASN WA 173 8.52 66.67 -53.59
N ARG WA 174 9.50 67.11 -52.80
CA ARG WA 174 10.14 68.39 -53.04
C ARG WA 174 10.84 68.41 -54.40
N ILE WA 175 11.60 67.35 -54.71
CA ILE WA 175 12.31 67.28 -55.98
C ILE WA 175 11.33 67.26 -57.14
N LEU WA 176 10.28 66.43 -57.03
CA LEU WA 176 9.30 66.33 -58.10
C LEU WA 176 8.58 67.66 -58.33
N ALA WA 177 8.19 68.33 -57.25
CA ALA WA 177 7.52 69.61 -57.37
C ALA WA 177 8.42 70.64 -58.01
N VAL WA 178 9.70 70.66 -57.64
CA VAL WA 178 10.63 71.62 -58.23
C VAL WA 178 10.79 71.37 -59.72
N SER WA 179 10.90 70.11 -60.14
CA SER WA 179 11.04 69.81 -61.56
C SER WA 179 9.80 70.23 -62.35
N ILE WA 180 8.61 69.90 -61.82
CA ILE WA 180 7.38 70.30 -62.48
C ILE WA 180 7.29 71.81 -62.57
N LEU WA 181 7.67 72.52 -61.51
CA LEU WA 181 7.62 73.96 -61.53
C LEU WA 181 8.63 74.55 -62.50
N GLU WA 182 9.77 73.90 -62.71
CA GLU WA 182 10.72 74.39 -63.70
C GLU WA 182 10.17 74.24 -65.12
N VAL WA 183 9.51 73.12 -65.40
CA VAL WA 183 8.86 72.98 -66.71
C VAL WA 183 7.78 74.04 -66.88
N ALA WA 184 6.98 74.26 -65.83
CA ALA WA 184 5.94 75.29 -65.89
C ALA WA 184 6.55 76.68 -66.08
N LYS WA 185 7.70 76.94 -65.46
CA LYS WA 185 8.37 78.22 -65.63
C LYS WA 185 8.83 78.41 -67.08
N TYR WA 186 9.35 77.35 -67.70
CA TYR WA 186 9.70 77.46 -69.11
C TYR WA 186 8.46 77.76 -69.96
N LEU WA 187 7.34 77.10 -69.66
CA LEU WA 187 6.10 77.39 -70.39
C LEU WA 187 5.67 78.85 -70.20
N LEU WA 188 5.75 79.36 -68.97
CA LEU WA 188 5.38 80.74 -68.70
C LEU WA 188 6.28 81.71 -69.45
N GLU WA 189 7.58 81.43 -69.50
CA GLU WA 189 8.49 82.27 -70.26
C GLU WA 189 8.14 82.26 -71.74
N LYS WA 190 7.77 81.09 -72.27
CA LYS WA 190 7.31 81.04 -73.66
C LYS WA 190 6.06 81.89 -73.87
N LEU WA 191 5.11 81.80 -72.94
CA LEU WA 191 3.89 82.60 -73.06
C LEU WA 191 4.16 84.09 -72.95
N GLY WA 192 5.05 84.49 -72.04
CA GLY WA 192 5.39 85.89 -71.88
C GLY WA 192 4.77 86.56 -70.68
N PHE WA 193 4.67 85.83 -69.58
CA PHE WA 193 4.11 86.33 -68.32
C PHE WA 193 5.26 86.41 -67.32
N ASP WA 194 5.94 87.56 -67.29
CA ASP WA 194 7.16 87.68 -66.50
C ASP WA 194 6.88 87.69 -65.00
N TYR WA 195 5.81 88.38 -64.57
CA TYR WA 195 5.52 88.46 -63.14
C TYR WA 195 5.20 87.09 -62.56
N LEU WA 196 4.41 86.29 -63.28
CA LEU WA 196 4.16 84.92 -62.83
C LEU WA 196 5.44 84.12 -62.80
N VAL WA 197 6.37 84.39 -63.72
CA VAL WA 197 7.67 83.73 -63.68
C VAL WA 197 8.39 84.05 -62.37
N GLU WA 198 8.44 85.34 -62.01
CA GLU WA 198 9.12 85.75 -60.78
C GLU WA 198 8.49 85.13 -59.55
N LEU WA 199 7.16 85.12 -59.48
CA LEU WA 199 6.49 84.44 -58.39
C LEU WA 199 6.84 82.96 -58.37
N LEU WA 200 7.05 82.36 -59.54
CA LEU WA 200 7.41 80.95 -59.60
C LEU WA 200 8.82 80.71 -59.06
N ASP WA 201 9.77 81.59 -59.38
CA ASP WA 201 11.09 81.44 -58.75
C ASP WA 201 10.99 81.60 -57.24
N ARG WA 202 10.18 82.54 -56.77
CA ARG WA 202 10.01 82.69 -55.33
C ARG WA 202 9.47 81.40 -54.69
N ALA WA 203 8.45 80.82 -55.30
CA ALA WA 203 7.88 79.58 -54.77
C ALA WA 203 8.88 78.44 -54.83
N ILE WA 204 9.67 78.35 -55.91
CA ILE WA 204 10.67 77.29 -56.03
C ILE WA 204 11.73 77.43 -54.96
N GLU WA 205 12.19 78.66 -54.71
CA GLU WA 205 13.15 78.88 -53.63
C GLU WA 205 12.58 78.51 -52.28
N TYR WA 206 11.31 78.85 -52.02
CA TYR WA 206 10.70 78.49 -50.75
C TYR WA 206 10.58 76.97 -50.60
N ILE WA 207 10.23 76.27 -51.68
CA ILE WA 207 10.17 74.81 -51.63
C ILE WA 207 11.55 74.23 -51.35
N LEU WA 208 12.58 74.77 -52.02
CA LEU WA 208 13.92 74.22 -51.89
C LEU WA 208 14.48 74.45 -50.49
N LYS WA 209 14.21 75.62 -49.90
CA LYS WA 209 14.70 75.93 -48.56
C LYS WA 209 13.95 75.19 -47.46
N GLY WA 210 12.85 74.52 -47.78
CA GLY WA 210 12.11 73.73 -46.82
C GLY WA 210 10.84 74.39 -46.31
N ARG WA 211 10.60 75.65 -46.64
CA ARG WA 211 9.41 76.38 -46.18
C ARG WA 211 8.24 75.97 -47.07
N SER WA 212 7.43 75.03 -46.59
CA SER WA 212 6.40 74.40 -47.42
C SER WA 212 5.09 75.17 -47.43
N GLU WA 213 4.62 75.61 -46.26
CA GLU WA 213 3.31 76.27 -46.19
C GLU WA 213 3.31 77.61 -46.93
N LEU WA 214 4.38 78.37 -46.80
CA LEU WA 214 4.50 79.61 -47.57
C LEU WA 214 4.48 79.33 -49.05
N ALA WA 215 5.15 78.26 -49.48
CA ALA WA 215 5.16 77.88 -50.89
C ALA WA 215 3.77 77.49 -51.35
N VAL WA 216 3.01 76.77 -50.51
CA VAL WA 216 1.65 76.38 -50.87
C VAL WA 216 0.76 77.60 -51.03
N HIS WA 217 0.88 78.57 -50.12
CA HIS WA 217 0.08 79.79 -50.26
C HIS WA 217 0.47 80.57 -51.52
N LEU WA 218 1.77 80.65 -51.80
CA LEU WA 218 2.23 81.30 -53.02
C LEU WA 218 1.68 80.60 -54.25
N LEU WA 219 1.67 79.26 -54.24
CA LEU WA 219 1.15 78.50 -55.37
C LEU WA 219 -0.35 78.70 -55.53
N ASP WA 220 -1.08 78.84 -54.42
CA ASP WA 220 -2.50 79.18 -54.51
C ASP WA 220 -2.70 80.53 -55.18
N ASP WA 221 -1.92 81.52 -54.80
CA ASP WA 221 -2.03 82.84 -55.44
C ASP WA 221 -1.67 82.77 -56.91
N ILE WA 222 -0.64 81.99 -57.25
CA ILE WA 222 -0.25 81.82 -58.65
C ILE WA 222 -1.36 81.15 -59.44
N ILE WA 223 -2.02 80.14 -58.85
CA ILE WA 223 -3.10 79.44 -59.51
C ILE WA 223 -4.26 80.40 -59.77
N ARG WA 224 -4.59 81.24 -58.79
CA ARG WA 224 -5.65 82.23 -58.99
C ARG WA 224 -5.30 83.18 -60.13
N ARG WA 225 -4.04 83.65 -60.17
CA ARG WA 225 -3.64 84.54 -61.26
C ARG WA 225 -3.71 83.86 -62.61
N VAL WA 226 -3.31 82.59 -62.68
CA VAL WA 226 -3.36 81.85 -63.94
C VAL WA 226 -4.79 81.67 -64.41
N HIS WA 227 -5.70 81.35 -63.48
CA HIS WA 227 -7.11 81.22 -63.83
C HIS WA 227 -7.67 82.56 -64.31
N GLU WA 228 -7.26 83.66 -63.69
CA GLU WA 228 -7.68 84.98 -64.17
C GLU WA 228 -7.19 85.23 -65.59
N GLU WA 229 -5.95 84.86 -65.89
CA GLU WA 229 -5.43 85.03 -67.25
C GLU WA 229 -6.21 84.19 -68.25
N ILE WA 230 -6.51 82.94 -67.88
CA ILE WA 230 -7.27 82.06 -68.77
C ILE WA 230 -8.65 82.65 -69.03
N GLU WA 231 -9.32 83.12 -67.98
CA GLU WA 231 -10.63 83.74 -68.15
C GLU WA 231 -10.55 84.99 -69.02
N ARG WA 232 -9.46 85.75 -68.91
CA ARG WA 232 -9.30 86.91 -69.78
C ARG WA 232 -9.16 86.50 -71.23
N TYR WA 233 -8.46 85.39 -71.50
CA TYR WA 233 -8.25 84.98 -72.88
C TYR WA 233 -9.56 84.61 -73.57
N GLY WA 234 -10.44 83.92 -72.88
CA GLY WA 234 -11.78 83.63 -73.41
C GLY WA 234 -11.81 82.31 -74.17
N ASP WA 235 -12.15 82.38 -75.46
CA ASP WA 235 -12.24 81.18 -76.29
C ASP WA 235 -10.98 80.88 -77.07
N ASP WA 236 -10.00 81.78 -77.07
CA ASP WA 236 -8.77 81.62 -77.85
C ASP WA 236 -7.60 81.25 -76.95
N VAL WA 237 -7.84 80.46 -75.91
CA VAL WA 237 -6.79 80.12 -74.95
C VAL WA 237 -5.77 79.20 -75.61
N PRO WA 238 -4.49 79.56 -75.62
CA PRO WA 238 -3.46 78.64 -76.10
C PRO WA 238 -3.33 77.43 -75.18
N GLU WA 239 -2.91 76.31 -75.77
CA GLU WA 239 -2.78 75.07 -75.02
C GLU WA 239 -1.68 75.13 -73.97
N GLU WA 240 -0.68 75.99 -74.17
CA GLU WA 240 0.39 76.12 -73.19
C GLU WA 240 -0.16 76.62 -71.85
N LEU WA 241 -1.15 77.53 -71.89
CA LEU WA 241 -1.73 78.03 -70.67
C LEU WA 241 -2.45 76.93 -69.90
N LEU WA 242 -3.18 76.06 -70.59
CA LEU WA 242 -3.88 74.97 -69.92
C LEU WA 242 -2.90 73.95 -69.35
N LEU WA 243 -1.86 73.62 -70.12
CA LEU WA 243 -0.84 72.71 -69.61
C LEU WA 243 -0.13 73.30 -68.40
N LEU WA 244 0.16 74.60 -68.44
CA LEU WA 244 0.75 75.27 -67.29
C LEU WA 244 -0.17 75.22 -66.08
N ASP WA 245 -1.46 75.44 -66.29
CA ASP WA 245 -2.43 75.32 -65.21
C ASP WA 245 -2.38 73.95 -64.56
N LEU WA 246 -2.40 72.89 -65.38
CA LEU WA 246 -2.36 71.54 -64.83
C LEU WA 246 -1.06 71.28 -64.10
N LEU WA 247 0.07 71.75 -64.65
CA LEU WA 247 1.36 71.53 -64.02
C LEU WA 247 1.44 72.21 -62.67
N VAL WA 248 1.01 73.47 -62.60
CA VAL WA 248 1.06 74.21 -61.34
C VAL WA 248 0.14 73.57 -60.31
N GLN WA 249 -1.03 73.10 -60.75
CA GLN WA 249 -1.93 72.44 -59.81
C GLN WA 249 -1.32 71.16 -59.24
N LYS WA 250 -0.71 70.33 -60.07
CA LYS WA 250 -0.11 69.11 -59.56
C LYS WA 250 1.11 69.40 -58.69
N ALA WA 251 1.87 70.45 -59.02
CA ALA WA 251 3.00 70.85 -58.19
C ALA WA 251 2.51 71.33 -56.83
N ARG WA 252 1.41 72.08 -56.79
CA ARG WA 252 0.84 72.50 -55.51
C ARG WA 252 0.37 71.31 -54.70
N ASP WA 253 -0.24 70.32 -55.35
CA ASP WA 253 -0.63 69.11 -54.63
C ASP WA 253 0.58 68.41 -54.03
N LEU WA 254 1.67 68.28 -54.80
CA LEU WA 254 2.88 67.66 -54.27
C LEU WA 254 3.46 68.46 -53.12
N ALA WA 255 3.48 69.79 -53.24
CA ALA WA 255 4.01 70.62 -52.16
C ALA WA 255 3.17 70.50 -50.90
N ALA WA 256 1.85 70.39 -51.05
CA ALA WA 256 1.00 70.13 -49.89
C ALA WA 256 1.32 68.78 -49.26
N ARG WA 257 1.55 67.76 -50.09
CA ARG WA 257 1.86 66.43 -49.57
C ARG WA 257 3.25 66.33 -48.94
N ILE WA 258 4.09 67.35 -49.09
CA ILE WA 258 5.45 67.31 -48.53
C ILE WA 258 5.40 67.08 -47.04
N MET XA 25 -21.13 32.35 -77.97
CA MET XA 25 -22.24 33.13 -77.42
C MET XA 25 -23.33 33.38 -78.44
N GLU XA 26 -23.58 32.39 -79.30
CA GLU XA 26 -24.56 32.56 -80.37
C GLU XA 26 -25.99 32.69 -79.83
N LYS XA 27 -26.23 32.26 -78.60
CA LYS XA 27 -27.56 32.43 -78.01
C LYS XA 27 -27.90 33.91 -77.86
N LEU XA 28 -26.92 34.73 -77.47
CA LEU XA 28 -27.17 36.15 -77.32
C LEU XA 28 -27.34 36.85 -78.67
N GLU XA 29 -26.65 36.39 -79.71
CA GLU XA 29 -26.92 36.91 -81.05
C GLU XA 29 -28.31 36.54 -81.52
N VAL XA 30 -28.76 35.33 -81.20
CA VAL XA 30 -30.14 34.94 -81.53
C VAL XA 30 -31.12 35.83 -80.78
N ALA XA 31 -30.82 36.14 -79.51
CA ALA XA 31 -31.65 37.06 -78.74
C ALA XA 31 -31.69 38.45 -79.37
N VAL XA 32 -30.55 38.93 -79.86
CA VAL XA 32 -30.51 40.24 -80.51
C VAL XA 32 -31.35 40.24 -81.78
N GLU XA 33 -31.25 39.17 -82.57
CA GLU XA 33 -32.07 39.06 -83.77
C GLU XA 33 -33.56 39.01 -83.42
N HIS XA 34 -33.91 38.27 -82.39
CA HIS XA 34 -35.27 38.30 -81.92
C HIS XA 34 -35.72 39.69 -81.54
N LEU XA 35 -34.89 40.43 -80.80
CA LEU XA 35 -35.25 41.79 -80.40
C LEU XA 35 -35.50 42.68 -81.61
N LYS XA 36 -34.66 42.55 -82.65
CA LYS XA 36 -34.92 43.27 -83.89
C LYS XA 36 -36.26 42.87 -84.48
N GLU XA 37 -36.57 41.57 -84.47
CA GLU XA 37 -37.85 41.09 -84.96
C GLU XA 37 -39.01 41.68 -84.16
N ALA XA 38 -38.82 41.78 -82.84
CA ALA XA 38 -39.87 42.35 -81.99
C ALA XA 38 -40.10 43.83 -82.32
N ILE XA 39 -39.01 44.59 -82.54
CA ILE XA 39 -39.17 45.99 -82.94
C ILE XA 39 -39.93 46.08 -84.26
N GLU XA 40 -39.56 45.24 -85.23
CA GLU XA 40 -40.26 45.26 -86.51
C GLU XA 40 -41.73 44.89 -86.36
N LEU XA 41 -42.04 43.93 -85.47
CA LEU XA 41 -43.42 43.53 -85.26
C LEU XA 41 -44.23 44.64 -84.61
N ILE XA 42 -43.67 45.32 -83.61
CA ILE XA 42 -44.35 46.46 -83.02
C ILE XA 42 -44.60 47.53 -84.07
N GLU XA 43 -43.62 47.74 -84.97
CA GLU XA 43 -43.82 48.71 -86.05
C GLU XA 43 -44.96 48.29 -86.97
N LYS XA 44 -45.05 46.99 -87.28
CA LYS XA 44 -46.09 46.51 -88.18
C LYS XA 44 -47.48 46.64 -87.56
N GLY XA 45 -47.63 46.19 -86.32
CA GLY XA 45 -48.92 46.29 -85.65
C GLY XA 45 -49.37 45.02 -84.96
N GLU XA 46 -48.55 43.97 -84.99
CA GLU XA 46 -48.89 42.71 -84.33
C GLU XA 46 -48.33 42.75 -82.90
N TYR XA 47 -49.21 43.03 -81.94
CA TYR XA 47 -48.80 43.17 -80.55
C TYR XA 47 -48.80 41.85 -79.79
N VAL XA 48 -49.68 40.91 -80.18
CA VAL XA 48 -49.66 39.59 -79.56
C VAL XA 48 -48.37 38.87 -79.89
N LYS XA 49 -47.97 38.91 -81.16
CA LYS XA 49 -46.71 38.28 -81.56
C LYS XA 49 -45.53 38.95 -80.89
N ALA XA 50 -45.60 40.28 -80.69
CA ALA XA 50 -44.54 40.98 -79.99
C ALA XA 50 -44.44 40.54 -78.54
N ASP XA 51 -45.58 40.37 -77.86
CA ASP XA 51 -45.58 39.90 -76.48
C ASP XA 51 -45.00 38.49 -76.38
N LEU XA 52 -45.39 37.62 -77.32
CA LEU XA 52 -44.87 36.25 -77.34
C LEU XA 52 -43.36 36.23 -77.62
N ILE XA 53 -42.90 37.09 -78.53
CA ILE XA 53 -41.48 37.19 -78.82
C ILE XA 53 -40.72 37.66 -77.59
N LEU XA 54 -41.29 38.61 -76.84
CA LEU XA 54 -40.63 39.06 -75.62
C LEU XA 54 -40.49 37.91 -74.62
N THR XA 55 -41.52 37.08 -74.51
CA THR XA 55 -41.42 35.90 -73.65
C THR XA 55 -40.33 34.95 -74.12
N ASP XA 56 -40.23 34.75 -75.44
CA ASP XA 56 -39.16 33.91 -76.00
C ASP XA 56 -37.78 34.47 -75.69
N ILE XA 57 -37.62 35.80 -75.84
CA ILE XA 57 -36.34 36.43 -75.54
C ILE XA 57 -35.99 36.26 -74.07
N LEU XA 58 -36.98 36.40 -73.18
CA LEU XA 58 -36.73 36.16 -71.77
C LEU XA 58 -36.26 34.74 -71.53
N ARG XA 59 -36.89 33.76 -72.20
CA ARG XA 59 -36.47 32.38 -72.05
C ARG XA 59 -35.02 32.18 -72.51
N LEU XA 60 -34.67 32.78 -73.65
CA LEU XA 60 -33.30 32.69 -74.16
C LEU XA 60 -32.30 33.28 -73.18
N LEU XA 61 -32.58 34.48 -72.67
CA LEU XA 61 -31.66 35.14 -71.75
C LEU XA 61 -31.52 34.36 -70.46
N GLU XA 62 -32.62 33.80 -69.94
CA GLU XA 62 -32.54 32.96 -68.76
C GLU XA 62 -31.73 31.69 -69.03
N GLU XA 63 -31.82 31.17 -70.26
CA GLU XA 63 -30.98 30.04 -70.63
C GLU XA 63 -29.51 30.41 -70.58
N GLU XA 64 -29.16 31.62 -71.06
CA GLU XA 64 -27.77 32.04 -71.00
C GLU XA 64 -27.32 32.26 -69.56
N GLY XA 65 -28.09 33.01 -68.78
CA GLY XA 65 -27.79 33.16 -67.37
C GLY XA 65 -27.13 34.46 -66.93
N VAL XA 66 -27.60 35.59 -67.43
CA VAL XA 66 -27.13 36.91 -67.01
C VAL XA 66 -28.25 37.59 -66.24
N LYS XA 67 -28.02 37.85 -64.95
CA LYS XA 67 -29.10 38.24 -64.05
C LYS XA 67 -29.69 39.59 -64.43
N SER XA 68 -28.83 40.58 -64.69
CA SER XA 68 -29.33 41.91 -65.04
C SER XA 68 -30.17 41.88 -66.31
N LEU XA 69 -29.69 41.15 -67.33
CA LEU XA 69 -30.46 41.00 -68.55
C LEU XA 69 -31.78 40.30 -68.28
N ILE XA 70 -31.79 39.33 -67.36
CA ILE XA 70 -33.01 38.59 -67.07
C ILE XA 70 -34.06 39.49 -66.44
N LYS XA 71 -33.67 40.24 -65.41
CA LYS XA 71 -34.65 41.14 -64.77
C LYS XA 71 -35.11 42.22 -65.73
N GLN XA 72 -34.19 42.74 -66.56
CA GLN XA 72 -34.57 43.72 -67.56
C GLN XA 72 -35.58 43.14 -68.55
N ALA XA 73 -35.40 41.88 -68.94
CA ALA XA 73 -36.31 41.27 -69.89
C ALA XA 73 -37.69 41.03 -69.29
N LYS XA 74 -37.74 40.61 -68.02
CA LYS XA 74 -39.05 40.41 -67.38
C LYS XA 74 -39.80 41.73 -67.25
N GLU XA 75 -39.12 42.77 -66.73
CA GLU XA 75 -39.79 44.07 -66.62
C GLU XA 75 -40.15 44.62 -68.00
N LEU XA 76 -39.34 44.31 -69.01
CA LEU XA 76 -39.67 44.72 -70.37
C LEU XA 76 -40.97 44.06 -70.84
N HIS XA 77 -41.11 42.77 -70.59
CA HIS XA 77 -42.35 42.10 -70.98
C HIS XA 77 -43.56 42.76 -70.34
N ILE XA 78 -43.50 42.95 -69.02
CA ILE XA 78 -44.65 43.53 -68.32
C ILE XA 78 -44.95 44.94 -68.84
N GLU XA 79 -43.93 45.79 -68.90
CA GLU XA 79 -44.16 47.19 -69.24
C GLU XA 79 -44.55 47.36 -70.71
N VAL XA 80 -44.00 46.55 -71.61
CA VAL XA 80 -44.38 46.64 -73.01
C VAL XA 80 -45.82 46.18 -73.19
N PHE XA 81 -46.24 45.13 -72.46
CA PHE XA 81 -47.63 44.73 -72.54
C PHE XA 81 -48.55 45.87 -72.10
N LYS XA 82 -48.22 46.51 -70.98
CA LYS XA 82 -49.04 47.63 -70.50
C LYS XA 82 -49.07 48.78 -71.52
N LEU XA 83 -47.90 49.15 -72.05
CA LEU XA 83 -47.82 50.27 -72.98
C LEU XA 83 -48.56 49.99 -74.28
N LEU XA 84 -48.44 48.77 -74.80
CA LEU XA 84 -49.16 48.41 -76.01
C LEU XA 84 -50.67 48.38 -75.76
N LYS XA 85 -51.09 48.02 -74.54
CA LYS XA 85 -52.50 48.19 -74.18
C LYS XA 85 -52.91 49.65 -74.24
N GLU XA 86 -52.09 50.53 -73.67
CA GLU XA 86 -52.44 51.95 -73.65
C GLU XA 86 -52.31 52.59 -75.03
N GLY XA 87 -51.37 52.13 -75.84
CA GLY XA 87 -51.13 52.71 -77.15
C GLY XA 87 -49.82 53.46 -77.30
N GLU XA 88 -48.93 53.38 -76.31
CA GLU XA 88 -47.64 54.07 -76.36
C GLU XA 88 -46.63 53.20 -77.12
N TYR XA 89 -46.75 53.25 -78.44
CA TYR XA 89 -45.87 52.44 -79.29
C TYR XA 89 -44.42 52.87 -79.19
N LYS XA 90 -44.18 54.18 -79.18
CA LYS XA 90 -42.82 54.70 -79.17
C LYS XA 90 -42.09 54.33 -77.88
N GLU XA 91 -42.79 54.40 -76.74
CA GLU XA 91 -42.16 54.04 -75.47
C GLU XA 91 -41.79 52.56 -75.44
N ALA XA 92 -42.67 51.69 -75.95
CA ALA XA 92 -42.35 50.27 -76.00
C ALA XA 92 -41.18 50.00 -76.93
N LYS XA 93 -41.16 50.65 -78.09
CA LYS XA 93 -40.03 50.51 -79.00
C LYS XA 93 -38.73 50.97 -78.35
N ALA XA 94 -38.80 52.07 -77.60
CA ALA XA 94 -37.61 52.57 -76.91
C ALA XA 94 -37.11 51.56 -75.88
N LEU XA 95 -38.03 50.96 -75.11
CA LEU XA 95 -37.61 49.97 -74.13
C LEU XA 95 -36.97 48.74 -74.78
N VAL XA 96 -37.56 48.28 -75.89
CA VAL XA 96 -36.99 47.14 -76.59
C VAL XA 96 -35.61 47.48 -77.14
N GLU XA 97 -35.46 48.68 -77.69
CA GLU XA 97 -34.16 49.11 -78.21
C GLU XA 97 -33.14 49.22 -77.09
N ALA XA 98 -33.56 49.69 -75.92
CA ALA XA 98 -32.65 49.77 -74.78
C ALA XA 98 -32.16 48.39 -74.37
N LEU XA 99 -33.07 47.40 -74.32
CA LEU XA 99 -32.65 46.04 -73.98
C LEU XA 99 -31.72 45.47 -75.05
N ARG XA 100 -32.01 45.76 -76.32
CA ARG XA 100 -31.14 45.30 -77.39
C ARG XA 100 -29.74 45.86 -77.26
N VAL XA 101 -29.64 47.18 -77.00
CA VAL XA 101 -28.34 47.81 -76.84
C VAL XA 101 -27.61 47.24 -75.63
N SER XA 102 -28.34 46.97 -74.55
CA SER XA 102 -27.72 46.38 -73.37
C SER XA 102 -27.14 45.00 -73.66
N VAL XA 103 -27.88 44.17 -74.39
CA VAL XA 103 -27.39 42.83 -74.72
C VAL XA 103 -26.17 42.90 -75.64
N GLU XA 104 -26.24 43.75 -76.67
CA GLU XA 104 -25.09 43.90 -77.56
C GLU XA 104 -23.86 44.43 -76.81
N LEU XA 105 -24.07 45.36 -75.87
CA LEU XA 105 -22.97 45.86 -75.07
C LEU XA 105 -22.36 44.79 -74.20
N TYR XA 106 -23.19 43.91 -73.62
CA TYR XA 106 -22.65 42.81 -72.85
C TYR XA 106 -21.81 41.89 -73.74
N ILE XA 107 -22.30 41.61 -74.95
CA ILE XA 107 -21.55 40.77 -75.88
C ILE XA 107 -20.18 41.39 -76.17
N LEU XA 108 -20.17 42.69 -76.46
CA LEU XA 108 -18.92 43.36 -76.81
C LEU XA 108 -17.98 43.42 -75.63
N ILE XA 109 -18.52 43.62 -74.41
CA ILE XA 109 -17.67 43.65 -73.23
C ILE XA 109 -17.01 42.29 -73.02
N LYS XA 110 -17.78 41.21 -73.19
CA LYS XA 110 -17.22 39.87 -73.02
C LYS XA 110 -16.14 39.59 -74.06
N ARG XA 111 -16.40 39.96 -75.32
CA ARG XA 111 -15.40 39.76 -76.36
C ARG XA 111 -14.15 40.57 -76.09
N GLY XA 112 -14.30 41.81 -75.64
CA GLY XA 112 -13.12 42.62 -75.35
C GLY XA 112 -12.31 42.10 -74.19
N VAL XA 113 -12.98 41.67 -73.13
CA VAL XA 113 -12.26 41.17 -71.96
C VAL XA 113 -11.55 39.87 -72.27
N ARG XA 114 -12.22 38.96 -72.98
CA ARG XA 114 -11.60 37.68 -73.32
C ARG XA 114 -10.38 37.88 -74.20
N GLU XA 115 -10.53 38.66 -75.27
CA GLU XA 115 -9.44 38.96 -76.20
C GLU XA 115 -8.34 39.82 -75.60
N GLY XA 116 -8.44 40.20 -74.33
CA GLY XA 116 -7.44 41.07 -73.72
C GLY XA 116 -7.34 42.43 -74.36
N ARG XA 117 -8.45 42.96 -74.88
CA ARG XA 117 -8.45 44.26 -75.50
C ARG XA 117 -8.18 45.35 -74.46
N PRO XA 118 -7.56 46.45 -74.86
CA PRO XA 118 -7.34 47.55 -73.90
C PRO XA 118 -8.66 48.17 -73.45
N ILE XA 119 -8.65 48.65 -72.20
CA ILE XA 119 -9.82 49.33 -71.66
C ILE XA 119 -10.19 50.55 -72.49
N GLU XA 120 -9.20 51.19 -73.10
CA GLU XA 120 -9.45 52.42 -73.87
C GLU XA 120 -10.44 52.19 -75.00
N GLU XA 121 -10.18 51.18 -75.84
CA GLU XA 121 -11.04 50.97 -77.00
C GLU XA 121 -12.39 50.40 -76.59
N ILE XA 122 -12.44 49.61 -75.52
CA ILE XA 122 -13.72 49.16 -74.99
C ILE XA 122 -14.58 50.34 -74.58
N ALA XA 123 -13.98 51.30 -73.87
CA ALA XA 123 -14.71 52.50 -73.44
C ALA XA 123 -15.19 53.30 -74.64
N ARG XA 124 -14.32 53.46 -75.65
CA ARG XA 124 -14.73 54.19 -76.84
C ARG XA 124 -15.90 53.51 -77.55
N GLU XA 125 -15.86 52.18 -77.63
CA GLU XA 125 -16.95 51.44 -78.27
C GLU XA 125 -18.26 51.61 -77.49
N VAL XA 126 -18.19 51.53 -76.16
CA VAL XA 126 -19.38 51.71 -75.34
C VAL XA 126 -19.98 53.09 -75.55
N GLY XA 127 -19.12 54.12 -75.56
CA GLY XA 127 -19.60 55.46 -75.80
C GLY XA 127 -20.24 55.62 -77.17
N ARG XA 128 -19.63 55.03 -78.20
CA ARG XA 128 -20.18 55.12 -79.54
C ARG XA 128 -21.56 54.45 -79.61
N LYS XA 129 -21.70 53.28 -78.98
CA LYS XA 129 -22.98 52.59 -78.98
C LYS XA 129 -24.06 53.40 -78.27
N LEU XA 130 -23.71 53.99 -77.12
CA LEU XA 130 -24.68 54.81 -76.40
C LEU XA 130 -25.09 56.03 -77.20
N VAL XA 131 -24.14 56.66 -77.89
CA VAL XA 131 -24.48 57.83 -78.69
C VAL XA 131 -25.37 57.44 -79.87
N GLU XA 132 -25.11 56.29 -80.48
CA GLU XA 132 -25.96 55.84 -81.58
C GLU XA 132 -27.37 55.56 -81.09
N LEU XA 133 -27.51 54.93 -79.92
CA LEU XA 133 -28.83 54.71 -79.36
C LEU XA 133 -29.54 56.02 -79.09
N ALA XA 134 -28.82 57.00 -78.52
CA ALA XA 134 -29.43 58.29 -78.23
C ALA XA 134 -29.90 58.98 -79.51
N LYS XA 135 -29.09 58.92 -80.57
CA LYS XA 135 -29.50 59.50 -81.84
C LYS XA 135 -30.73 58.81 -82.41
N ARG XA 136 -30.78 57.48 -82.32
CA ARG XA 136 -31.96 56.75 -82.77
C ARG XA 136 -33.21 57.20 -82.01
N LEU XA 137 -33.13 57.23 -80.68
CA LEU XA 137 -34.29 57.61 -79.87
C LEU XA 137 -34.70 59.05 -80.15
N GLU XA 138 -33.74 59.94 -80.36
CA GLU XA 138 -34.07 61.31 -80.71
C GLU XA 138 -34.78 61.38 -82.05
N LYS XA 139 -34.37 60.56 -83.01
CA LYS XA 139 -35.06 60.50 -84.29
C LYS XA 139 -36.49 59.98 -84.12
N GLU XA 140 -36.68 59.00 -83.24
CA GLU XA 140 -38.02 58.45 -83.03
C GLU XA 140 -38.98 59.52 -82.49
N GLY XA 141 -38.52 60.32 -81.53
CA GLY XA 141 -39.37 61.35 -80.96
C GLY XA 141 -39.42 61.30 -79.45
N ILE XA 142 -38.60 60.46 -78.85
CA ILE XA 142 -38.54 60.37 -77.39
C ILE XA 142 -37.79 61.57 -76.83
N SER XA 143 -38.31 62.16 -75.76
CA SER XA 143 -37.71 63.33 -75.16
C SER XA 143 -36.36 63.00 -74.52
N TRP XA 144 -35.57 64.04 -74.28
CA TRP XA 144 -34.20 63.83 -73.83
C TRP XA 144 -34.12 63.38 -72.38
N GLU XA 145 -35.12 63.72 -71.56
CA GLU XA 145 -35.14 63.21 -70.19
C GLU XA 145 -35.30 61.69 -70.17
N GLU XA 146 -36.21 61.17 -70.99
CA GLU XA 146 -36.38 59.72 -71.09
C GLU XA 146 -35.13 59.06 -71.67
N ILE XA 147 -34.51 59.70 -72.66
CA ILE XA 147 -33.28 59.17 -73.24
C ILE XA 147 -32.19 59.06 -72.18
N ILE XA 148 -32.04 60.12 -71.38
CA ILE XA 148 -31.01 60.11 -70.34
C ILE XA 148 -31.31 59.03 -69.31
N GLU XA 149 -32.57 58.89 -68.89
CA GLU XA 149 -32.90 57.86 -67.91
C GLU XA 149 -32.63 56.45 -68.44
N LEU XA 150 -33.00 56.20 -69.70
CA LEU XA 150 -32.69 54.91 -70.31
C LEU XA 150 -31.19 54.67 -70.34
N ILE XA 151 -30.42 55.70 -70.70
CA ILE XA 151 -28.97 55.57 -70.78
C ILE XA 151 -28.38 55.26 -69.42
N GLU XA 152 -28.87 55.90 -68.36
CA GLU XA 152 -28.35 55.61 -67.03
C GLU XA 152 -28.73 54.21 -66.56
N ARG XA 153 -29.92 53.72 -66.92
CA ARG XA 153 -30.24 52.33 -66.62
C ARG XA 153 -29.28 51.37 -67.32
N ILE XA 154 -28.99 51.64 -68.60
CA ILE XA 154 -28.02 50.82 -69.32
C ILE XA 154 -26.65 50.91 -68.67
N LEU XA 155 -26.29 52.09 -68.17
CA LEU XA 155 -24.99 52.28 -67.53
C LEU XA 155 -24.89 51.49 -66.23
N GLU XA 156 -25.97 51.44 -65.45
CA GLU XA 156 -25.98 50.61 -64.25
C GLU XA 156 -25.86 49.14 -64.60
N SER XA 157 -26.54 48.71 -65.67
CA SER XA 157 -26.37 47.33 -66.13
C SER XA 157 -24.93 47.05 -66.54
N ILE XA 158 -24.30 48.00 -67.23
CA ILE XA 158 -22.91 47.85 -67.63
C ILE XA 158 -22.00 47.77 -66.41
N ARG XA 159 -22.28 48.58 -65.40
CA ARG XA 159 -21.48 48.54 -64.17
C ARG XA 159 -21.56 47.16 -63.53
N GLU XA 160 -22.77 46.60 -63.43
CA GLU XA 160 -22.90 45.26 -62.87
C GLU XA 160 -22.17 44.21 -63.70
N ILE XA 161 -22.29 44.30 -65.03
CA ILE XA 161 -21.64 43.34 -65.91
C ILE XA 161 -20.12 43.41 -65.75
N LEU XA 162 -19.58 44.63 -65.72
CA LEU XA 162 -18.14 44.81 -65.57
C LEU XA 162 -17.66 44.30 -64.22
N LYS XA 163 -18.41 44.57 -63.16
CA LYS XA 163 -18.05 44.03 -61.86
C LYS XA 163 -18.08 42.52 -61.84
N GLU XA 164 -18.97 41.91 -62.65
CA GLU XA 164 -19.01 40.45 -62.74
C GLU XA 164 -17.72 39.90 -63.34
N GLU XA 165 -17.15 40.58 -64.35
CA GLU XA 165 -15.95 40.12 -65.01
C GLU XA 165 -14.70 40.22 -64.16
N GLY XA 166 -14.82 40.65 -62.91
CA GLY XA 166 -13.66 40.75 -62.04
C GLY XA 166 -12.80 41.98 -62.26
N LEU XA 167 -13.26 42.94 -63.05
CA LEU XA 167 -12.47 44.16 -63.26
C LEU XA 167 -12.47 44.99 -61.97
N PRO XA 168 -11.37 45.67 -61.67
CA PRO XA 168 -11.33 46.54 -60.50
C PRO XA 168 -12.12 47.82 -60.73
N GLU XA 169 -12.33 48.56 -59.64
CA GLU XA 169 -13.22 49.72 -59.68
C GLU XA 169 -12.67 50.84 -60.57
N SER XA 170 -11.35 50.96 -60.68
CA SER XA 170 -10.78 52.09 -61.40
C SER XA 170 -11.14 52.06 -62.88
N GLU XA 171 -10.95 50.91 -63.53
CA GLU XA 171 -11.28 50.80 -64.95
C GLU XA 171 -12.77 50.89 -65.20
N ILE XA 172 -13.58 50.34 -64.29
CA ILE XA 172 -15.03 50.45 -64.42
C ILE XA 172 -15.45 51.91 -64.39
N ASN XA 173 -14.93 52.67 -63.42
CA ASN XA 173 -15.25 54.07 -63.32
C ASN XA 173 -14.75 54.83 -64.54
N ARG XA 174 -13.58 54.46 -65.05
CA ARG XA 174 -13.04 55.11 -66.25
C ARG XA 174 -13.96 54.90 -67.45
N ILE XA 175 -14.40 53.66 -67.67
CA ILE XA 175 -15.28 53.36 -68.79
C ILE XA 175 -16.60 54.12 -68.66
N LEU XA 176 -17.18 54.10 -67.45
CA LEU XA 176 -18.46 54.77 -67.25
C LEU XA 176 -18.34 56.27 -67.46
N ALA XA 177 -17.27 56.87 -66.94
CA ALA XA 177 -17.05 58.30 -67.12
C ALA XA 177 -16.87 58.66 -68.58
N VAL XA 178 -16.13 57.83 -69.32
CA VAL XA 178 -15.93 58.10 -70.74
C VAL XA 178 -17.24 58.04 -71.50
N SER XA 179 -18.08 57.04 -71.20
CA SER XA 179 -19.37 56.94 -71.89
C SER XA 179 -20.27 58.14 -71.59
N ILE XA 180 -20.34 58.52 -70.31
CA ILE XA 180 -21.15 59.68 -69.93
C ILE XA 180 -20.63 60.93 -70.63
N LEU XA 181 -19.31 61.09 -70.69
CA LEU XA 181 -18.73 62.25 -71.34
C LEU XA 181 -18.97 62.25 -72.84
N GLU XA 182 -19.05 61.08 -73.46
CA GLU XA 182 -19.38 61.03 -74.89
C GLU XA 182 -20.81 61.46 -75.14
N VAL XA 183 -21.74 61.03 -74.28
CA VAL XA 183 -23.12 61.50 -74.41
C VAL XA 183 -23.18 63.02 -74.21
N ALA XA 184 -22.46 63.52 -73.20
CA ALA XA 184 -22.42 64.96 -72.97
C ALA XA 184 -21.80 65.71 -74.14
N LYS XA 185 -20.79 65.12 -74.78
CA LYS XA 185 -20.18 65.72 -75.96
C LYS XA 185 -21.17 65.82 -77.10
N TYR XA 186 -21.98 64.77 -77.30
CA TYR XA 186 -23.02 64.85 -78.33
C TYR XA 186 -24.01 65.96 -78.02
N LEU XA 187 -24.40 66.08 -76.74
CA LEU XA 187 -25.30 67.18 -76.36
C LEU XA 187 -24.68 68.54 -76.62
N LEU XA 188 -23.39 68.70 -76.29
CA LEU XA 188 -22.72 69.98 -76.53
C LEU XA 188 -22.65 70.30 -78.02
N GLU XA 189 -22.37 69.29 -78.84
CA GLU XA 189 -22.37 69.51 -80.29
C GLU XA 189 -23.75 69.94 -80.78
N LYS XA 190 -24.81 69.33 -80.24
CA LYS XA 190 -26.15 69.77 -80.60
C LYS XA 190 -26.38 71.22 -80.20
N LEU XA 191 -25.94 71.60 -78.99
CA LEU XA 191 -26.12 72.98 -78.54
C LEU XA 191 -25.31 73.96 -79.38
N GLY XA 192 -24.09 73.60 -79.74
CA GLY XA 192 -23.25 74.46 -80.57
C GLY XA 192 -22.15 75.18 -79.81
N PHE XA 193 -21.56 74.50 -78.83
CA PHE XA 193 -20.47 75.05 -78.02
C PHE XA 193 -19.21 74.26 -78.38
N ASP XA 194 -18.48 74.74 -79.39
CA ASP XA 194 -17.36 73.97 -79.93
C ASP XA 194 -16.18 73.93 -78.97
N TYR XA 195 -15.88 75.05 -78.30
CA TYR XA 195 -14.73 75.08 -77.41
C TYR XA 195 -14.91 74.11 -76.24
N LEU XA 196 -16.11 74.08 -75.66
CA LEU XA 196 -16.40 73.11 -74.61
C LEU XA 196 -16.28 71.68 -75.15
N VAL XA 197 -16.64 71.48 -76.41
CA VAL XA 197 -16.46 70.16 -77.02
C VAL XA 197 -14.98 69.78 -77.02
N GLU XA 198 -14.12 70.70 -77.48
CA GLU XA 198 -12.68 70.43 -77.54
C GLU XA 198 -12.10 70.14 -76.16
N LEU XA 199 -12.48 70.94 -75.17
CA LEU XA 199 -12.06 70.65 -73.80
C LEU XA 199 -12.55 69.27 -73.36
N LEU XA 200 -13.74 68.86 -73.83
CA LEU XA 200 -14.25 67.55 -73.46
C LEU XA 200 -13.43 66.43 -74.09
N ASP XA 201 -13.01 66.57 -75.36
CA ASP XA 201 -12.11 65.57 -75.92
C ASP XA 201 -10.80 65.52 -75.15
N ARG XA 202 -10.27 66.68 -74.76
CA ARG XA 202 -9.04 66.69 -73.98
C ARG XA 202 -9.22 65.91 -72.67
N ALA XA 203 -10.32 66.17 -71.97
CA ALA XA 203 -10.57 65.47 -70.71
C ALA XA 203 -10.78 63.97 -70.93
N ILE XA 204 -11.46 63.60 -72.00
CA ILE XA 204 -11.68 62.18 -72.30
C ILE XA 204 -10.36 61.48 -72.58
N GLU XA 205 -9.48 62.11 -73.35
CA GLU XA 205 -8.17 61.55 -73.61
C GLU XA 205 -7.36 61.41 -72.33
N TYR XA 206 -7.42 62.41 -71.45
CA TYR XA 206 -6.70 62.30 -70.19
C TYR XA 206 -7.24 61.17 -69.31
N ILE XA 207 -8.56 60.99 -69.28
CA ILE XA 207 -9.15 59.88 -68.53
C ILE XA 207 -8.71 58.56 -69.12
N LEU XA 208 -8.71 58.45 -70.46
CA LEU XA 208 -8.38 57.19 -71.11
C LEU XA 208 -6.92 56.82 -70.91
N LYS XA 209 -6.02 57.81 -70.96
CA LYS XA 209 -4.60 57.54 -70.77
C LYS XA 209 -4.22 57.26 -69.32
N GLY XA 210 -5.14 57.46 -68.38
CA GLY XA 210 -4.89 57.15 -66.99
C GLY XA 210 -4.61 58.36 -66.11
N ARG XA 211 -4.42 59.53 -66.70
CA ARG XA 211 -4.13 60.76 -65.94
C ARG XA 211 -5.43 61.29 -65.36
N SER XA 212 -5.69 60.98 -64.09
CA SER XA 212 -6.99 61.23 -63.48
C SER XA 212 -7.10 62.63 -62.89
N GLU XA 213 -6.09 63.09 -62.15
CA GLU XA 213 -6.17 64.38 -61.48
C GLU XA 213 -6.24 65.54 -62.48
N LEU XA 214 -5.47 65.47 -63.55
CA LEU XA 214 -5.56 66.47 -64.60
C LEU XA 214 -6.95 66.49 -65.21
N ALA XA 215 -7.53 65.31 -65.42
CA ALA XA 215 -8.88 65.22 -65.96
C ALA XA 215 -9.90 65.82 -65.01
N VAL XA 216 -9.72 65.61 -63.70
CA VAL XA 216 -10.64 66.17 -62.72
C VAL XA 216 -10.56 67.69 -62.72
N HIS XA 217 -9.35 68.24 -62.80
CA HIS XA 217 -9.21 69.69 -62.86
C HIS XA 217 -9.83 70.26 -64.14
N LEU XA 218 -9.60 69.57 -65.27
CA LEU XA 218 -10.22 69.98 -66.52
C LEU XA 218 -11.74 69.95 -66.43
N LEU XA 219 -12.29 68.92 -65.78
CA LEU XA 219 -13.73 68.80 -65.63
C LEU XA 219 -14.28 69.89 -64.73
N ASP XA 220 -13.52 70.29 -63.71
CA ASP XA 220 -13.92 71.42 -62.87
C ASP XA 220 -13.99 72.71 -63.70
N ASP XA 221 -12.99 72.94 -64.55
CA ASP XA 221 -13.03 74.13 -65.39
C ASP XA 221 -14.18 74.09 -66.37
N ILE XA 222 -14.46 72.91 -66.93
CA ILE XA 222 -15.58 72.74 -67.84
C ILE XA 222 -16.90 73.01 -67.12
N ILE XA 223 -17.03 72.53 -65.89
CA ILE XA 223 -18.25 72.75 -65.10
C ILE XA 223 -18.45 74.24 -64.84
N ARG XA 224 -17.37 74.94 -64.50
CA ARG XA 224 -17.47 76.39 -64.31
C ARG XA 224 -17.93 77.09 -65.58
N ARG XA 225 -17.36 76.69 -66.73
CA ARG XA 225 -17.77 77.31 -67.99
C ARG XA 225 -19.23 77.03 -68.31
N VAL XA 226 -19.69 75.79 -68.04
CA VAL XA 226 -21.07 75.43 -68.30
C VAL XA 226 -22.02 76.24 -67.42
N HIS XA 227 -21.66 76.40 -66.14
CA HIS XA 227 -22.48 77.22 -65.25
C HIS XA 227 -22.51 78.67 -65.70
N GLU XA 228 -21.39 79.18 -66.20
CA GLU XA 228 -21.38 80.54 -66.75
C GLU XA 228 -22.32 80.65 -67.94
N GLU XA 229 -22.32 79.65 -68.82
CA GLU XA 229 -23.23 79.68 -69.97
C GLU XA 229 -24.68 79.64 -69.52
N ILE XA 230 -25.00 78.79 -68.53
CA ILE XA 230 -26.37 78.69 -68.03
C ILE XA 230 -26.80 80.03 -67.44
N GLU XA 231 -25.93 80.66 -66.65
CA GLU XA 231 -26.24 81.96 -66.06
C GLU XA 231 -26.43 83.02 -67.15
N ARG XA 232 -25.67 82.93 -68.23
CA ARG XA 232 -25.85 83.87 -69.34
C ARG XA 232 -27.22 83.68 -69.98
N TYR XA 233 -27.67 82.43 -70.11
CA TYR XA 233 -28.95 82.18 -70.77
C TYR XA 233 -30.12 82.80 -70.01
N GLY XA 234 -30.11 82.69 -68.69
CA GLY XA 234 -31.11 83.36 -67.86
C GLY XA 234 -32.32 82.46 -67.62
N ASP XA 235 -33.49 82.90 -68.06
CA ASP XA 235 -34.73 82.17 -67.85
C ASP XA 235 -35.12 81.27 -69.03
N ASP XA 236 -34.41 81.39 -70.16
CA ASP XA 236 -34.73 80.62 -71.36
C ASP XA 236 -33.75 79.49 -71.59
N VAL XA 237 -33.27 78.86 -70.52
CA VAL XA 237 -32.25 77.82 -70.62
C VAL XA 237 -32.86 76.58 -71.26
N PRO XA 238 -32.29 76.08 -72.36
CA PRO XA 238 -32.76 74.81 -72.93
C PRO XA 238 -32.44 73.66 -72.00
N GLU XA 239 -33.27 72.61 -72.07
CA GLU XA 239 -33.12 71.46 -71.21
C GLU XA 239 -31.83 70.68 -71.50
N GLU XA 240 -31.32 70.77 -72.72
CA GLU XA 240 -30.08 70.09 -73.06
C GLU XA 240 -28.92 70.60 -72.22
N LEU XA 241 -28.90 71.91 -71.94
CA LEU XA 241 -27.83 72.48 -71.11
C LEU XA 241 -27.88 71.94 -69.69
N LEU XA 242 -29.08 71.81 -69.11
CA LEU XA 242 -29.19 71.28 -67.76
C LEU XA 242 -28.82 69.80 -67.71
N LEU XA 243 -29.26 69.03 -68.71
CA LEU XA 243 -28.88 67.62 -68.76
C LEU XA 243 -27.37 67.47 -68.92
N LEU XA 244 -26.77 68.32 -69.75
CA LEU XA 244 -25.32 68.31 -69.92
C LEU XA 244 -24.61 68.65 -68.61
N ASP XA 245 -25.12 69.63 -67.88
CA ASP XA 245 -24.57 69.98 -66.58
C ASP XA 245 -24.58 68.77 -65.64
N LEU XA 246 -25.73 68.09 -65.55
CA LEU XA 246 -25.82 66.93 -64.67
C LEU XA 246 -24.87 65.81 -65.11
N LEU XA 247 -24.78 65.58 -66.42
CA LEU XA 247 -23.91 64.53 -66.95
C LEU XA 247 -22.45 64.81 -66.64
N VAL XA 248 -22.01 66.05 -66.87
CA VAL XA 248 -20.61 66.40 -66.61
C VAL XA 248 -20.31 66.32 -65.13
N GLN XA 249 -21.26 66.72 -64.28
CA GLN XA 249 -21.04 66.61 -62.84
C GLN XA 249 -20.88 65.16 -62.39
N LYS XA 250 -21.75 64.27 -62.88
CA LYS XA 250 -21.62 62.87 -62.48
C LYS XA 250 -20.36 62.22 -63.07
N ALA XA 251 -19.95 62.64 -64.27
CA ALA XA 251 -18.71 62.14 -64.83
C ALA XA 251 -17.52 62.60 -64.03
N ARG XA 252 -17.54 63.85 -63.54
CA ARG XA 252 -16.47 64.34 -62.69
C ARG XA 252 -16.42 63.58 -61.38
N ASP XA 253 -17.59 63.27 -60.81
CA ASP XA 253 -17.61 62.46 -59.59
C ASP XA 253 -17.00 61.08 -59.84
N LEU XA 254 -17.35 60.44 -60.95
CA LEU XA 254 -16.76 59.14 -61.27
C LEU XA 254 -15.26 59.23 -61.48
N ALA XA 255 -14.80 60.28 -62.17
CA ALA XA 255 -13.36 60.45 -62.40
C ALA XA 255 -12.62 60.67 -61.09
N ALA XA 256 -13.23 61.41 -60.16
CA ALA XA 256 -12.63 61.55 -58.84
C ALA XA 256 -12.56 60.20 -58.13
N ARG XA 257 -13.62 59.39 -58.24
CA ARG XA 257 -13.63 58.09 -57.57
C ARG XA 257 -12.69 57.08 -58.20
N ILE XA 258 -12.10 57.38 -59.36
CA ILE XA 258 -11.21 56.45 -60.05
C ILE XA 258 -10.05 56.07 -59.14
N MET YA 25 -10.18 72.74 46.63
CA MET YA 25 -9.01 72.45 47.45
C MET YA 25 -9.12 73.08 48.83
N GLU YA 26 -10.33 73.11 49.38
CA GLU YA 26 -10.54 73.75 50.68
C GLU YA 26 -9.84 73.03 51.81
N LYS YA 27 -9.48 71.75 51.62
CA LYS YA 27 -8.74 71.03 52.65
C LYS YA 27 -7.38 71.68 52.89
N LEU YA 28 -6.71 72.11 51.82
CA LEU YA 28 -5.41 72.74 51.97
C LEU YA 28 -5.52 74.13 52.59
N GLU YA 29 -6.60 74.87 52.32
CA GLU YA 29 -6.82 76.12 53.02
C GLU YA 29 -7.07 75.89 54.51
N VAL YA 30 -7.79 74.81 54.84
CA VAL YA 30 -7.98 74.46 56.25
C VAL YA 30 -6.64 74.13 56.89
N ALA YA 31 -5.78 73.41 56.15
CA ALA YA 31 -4.44 73.11 56.64
C ALA YA 31 -3.63 74.38 56.88
N VAL YA 32 -3.74 75.35 55.97
CA VAL YA 32 -3.02 76.62 56.13
C VAL YA 32 -3.51 77.36 57.36
N GLU YA 33 -4.84 77.37 57.57
CA GLU YA 33 -5.39 78.01 58.77
C GLU YA 33 -4.91 77.31 60.03
N HIS YA 34 -4.89 75.99 60.01
CA HIS YA 34 -4.33 75.26 61.12
C HIS YA 34 -2.88 75.64 61.38
N LEU YA 35 -2.06 75.74 60.33
CA LEU YA 35 -0.66 76.10 60.49
C LEU YA 35 -0.52 77.47 61.13
N LYS YA 36 -1.36 78.43 60.72
CA LYS YA 36 -1.37 79.73 61.39
C LYS YA 36 -1.72 79.58 62.86
N GLU YA 37 -2.72 78.75 63.16
CA GLU YA 37 -3.09 78.50 64.55
C GLU YA 37 -1.93 77.89 65.33
N ALA YA 38 -1.19 76.99 64.70
CA ALA YA 38 -0.03 76.37 65.36
C ALA YA 38 1.05 77.40 65.66
N ILE YA 39 1.31 78.31 64.72
CA ILE YA 39 2.28 79.37 64.96
C ILE YA 39 1.83 80.24 66.14
N GLU YA 40 0.55 80.60 66.16
CA GLU YA 40 0.03 81.41 67.27
C GLU YA 40 0.13 80.67 68.60
N LEU YA 41 -0.12 79.35 68.59
CA LEU YA 41 -0.03 78.57 69.82
C LEU YA 41 1.40 78.48 70.32
N ILE YA 42 2.37 78.26 69.43
CA ILE YA 42 3.77 78.27 69.83
C ILE YA 42 4.13 79.63 70.42
N GLU YA 43 3.62 80.71 69.81
CA GLU YA 43 3.88 82.04 70.36
C GLU YA 43 3.29 82.19 71.76
N LYS YA 44 2.09 81.66 71.97
CA LYS YA 44 1.44 81.80 73.27
C LYS YA 44 2.19 81.01 74.36
N GLY YA 45 2.49 79.74 74.07
CA GLY YA 45 3.22 78.93 75.04
C GLY YA 45 2.65 77.54 75.25
N GLU YA 46 1.60 77.19 74.51
CA GLU YA 46 0.99 75.87 74.61
C GLU YA 46 1.66 74.94 73.59
N TYR YA 47 2.59 74.12 74.07
CA TYR YA 47 3.35 73.25 73.20
C TYR YA 47 2.67 71.91 72.96
N VAL YA 48 1.89 71.42 73.93
CA VAL YA 48 1.13 70.18 73.73
C VAL YA 48 0.08 70.39 72.64
N LYS YA 49 -0.64 71.50 72.72
CA LYS YA 49 -1.65 71.80 71.70
C LYS YA 49 -0.99 72.00 70.34
N ALA YA 50 0.20 72.58 70.31
CA ALA YA 50 0.92 72.74 69.05
C ALA YA 50 1.31 71.40 68.46
N ASP YA 51 1.78 70.46 69.29
CA ASP YA 51 2.13 69.12 68.82
C ASP YA 51 0.90 68.41 68.26
N LEU YA 52 -0.23 68.52 68.98
CA LEU YA 52 -1.46 67.89 68.52
C LEU YA 52 -1.97 68.52 67.23
N ILE YA 53 -1.85 69.84 67.09
CA ILE YA 53 -2.23 70.52 65.86
C ILE YA 53 -1.35 70.05 64.70
N LEU YA 54 -0.06 69.86 64.95
CA LEU YA 54 0.81 69.36 63.89
C LEU YA 54 0.39 67.97 63.45
N THR YA 55 -0.02 67.12 64.39
CA THR YA 55 -0.55 65.81 64.00
C THR YA 55 -1.83 65.94 63.17
N ASP YA 56 -2.71 66.87 63.55
CA ASP YA 56 -3.93 67.10 62.76
C ASP YA 56 -3.61 67.58 61.36
N ILE YA 57 -2.63 68.48 61.23
CA ILE YA 57 -2.23 68.98 59.91
C ILE YA 57 -1.67 67.85 59.07
N LEU YA 58 -0.88 66.97 59.69
CA LEU YA 58 -0.37 65.81 58.95
C LEU YA 58 -1.51 64.94 58.46
N ARG YA 59 -2.53 64.72 59.30
CA ARG YA 59 -3.68 63.93 58.88
C ARG YA 59 -4.40 64.57 57.71
N LEU YA 60 -4.58 65.90 57.76
CA LEU YA 60 -5.23 66.61 56.66
C LEU YA 60 -4.44 66.48 55.36
N LEU YA 61 -3.13 66.69 55.42
CA LEU YA 61 -2.30 66.62 54.22
C LEU YA 61 -2.29 65.21 53.65
N GLU YA 62 -2.23 64.20 54.52
CA GLU YA 62 -2.31 62.82 54.03
C GLU YA 62 -3.67 62.53 53.41
N GLU YA 63 -4.73 63.15 53.93
CA GLU YA 63 -6.04 63.02 53.30
C GLU YA 63 -6.03 63.61 51.89
N GLU YA 64 -5.37 64.76 51.72
CA GLU YA 64 -5.29 65.35 50.38
C GLU YA 64 -4.45 64.48 49.45
N GLY YA 65 -3.25 64.11 49.88
CA GLY YA 65 -2.44 63.18 49.10
C GLY YA 65 -1.29 63.77 48.30
N VAL YA 66 -0.52 64.68 48.90
CA VAL YA 66 0.67 65.24 48.27
C VAL YA 66 1.88 64.72 49.05
N LYS YA 67 2.74 63.95 48.35
CA LYS YA 67 3.77 63.18 49.04
C LYS YA 67 4.80 64.08 49.71
N SER YA 68 5.28 65.09 48.98
CA SER YA 68 6.29 65.98 49.54
C SER YA 68 5.77 66.70 50.76
N LEU YA 69 4.54 67.20 50.69
CA LEU YA 69 3.93 67.85 51.85
C LEU YA 69 3.79 66.86 53.01
N ILE YA 70 3.49 65.60 52.70
CA ILE YA 70 3.30 64.61 53.76
C ILE YA 70 4.60 64.35 54.51
N LYS YA 71 5.69 64.10 53.77
CA LYS YA 71 6.96 63.85 54.43
C LYS YA 71 7.45 65.08 55.18
N GLN YA 72 7.22 66.26 54.59
CA GLN YA 72 7.59 67.49 55.29
C GLN YA 72 6.81 67.65 56.58
N ALA YA 73 5.53 67.28 56.59
CA ALA YA 73 4.72 67.41 57.79
C ALA YA 73 5.14 66.43 58.87
N LYS YA 74 5.49 65.19 58.48
CA LYS YA 74 5.95 64.22 59.48
C LYS YA 74 7.27 64.67 60.12
N GLU YA 75 8.24 65.05 59.28
CA GLU YA 75 9.50 65.53 59.83
C GLU YA 75 9.30 66.80 60.63
N LEU YA 76 8.33 67.63 60.25
CA LEU YA 76 8.02 68.83 61.03
C LEU YA 76 7.52 68.45 62.42
N HIS YA 77 6.62 67.47 62.50
CA HIS YA 77 6.14 67.04 63.80
C HIS YA 77 7.28 66.59 64.69
N ILE YA 78 8.13 65.70 64.17
CA ILE YA 78 9.23 65.17 64.99
C ILE YA 78 10.17 66.29 65.43
N GLU YA 79 10.62 67.12 64.47
CA GLU YA 79 11.63 68.12 64.79
C GLU YA 79 11.07 69.23 65.66
N VAL YA 80 9.82 69.62 65.47
CA VAL YA 80 9.23 70.64 66.33
C VAL YA 80 9.06 70.12 67.74
N PHE YA 81 8.68 68.85 67.91
CA PHE YA 81 8.62 68.29 69.24
C PHE YA 81 9.99 68.35 69.92
N LYS YA 82 11.04 67.94 69.20
CA LYS YA 82 12.39 67.99 69.78
C LYS YA 82 12.79 69.42 70.13
N LEU YA 83 12.56 70.38 69.22
CA LEU YA 83 12.97 71.75 69.46
C LEU YA 83 12.21 72.37 70.62
N LEU YA 84 10.90 72.12 70.71
CA LEU YA 84 10.13 72.65 71.83
C LEU YA 84 10.57 72.02 73.15
N LYS YA 85 11.00 70.76 73.11
CA LYS YA 85 11.63 70.18 74.30
C LYS YA 85 12.89 70.96 74.68
N GLU YA 86 13.75 71.24 73.69
CA GLU YA 86 14.99 71.95 73.98
C GLU YA 86 14.76 73.42 74.34
N GLY YA 87 13.75 74.04 73.75
CA GLY YA 87 13.48 75.45 73.97
C GLY YA 87 13.73 76.36 72.79
N GLU YA 88 13.99 75.80 71.60
CA GLU YA 88 14.25 76.59 70.40
C GLU YA 88 12.92 76.95 69.75
N TYR YA 89 12.28 77.97 70.32
CA TYR YA 89 10.97 78.40 69.82
C TYR YA 89 11.06 78.97 68.41
N LYS YA 90 12.08 79.79 68.16
CA LYS YA 90 12.21 80.45 66.87
C LYS YA 90 12.45 79.45 65.74
N GLU YA 91 13.25 78.42 65.99
CA GLU YA 91 13.50 77.41 64.97
C GLU YA 91 12.22 76.64 64.63
N ALA YA 92 11.44 76.29 65.65
CA ALA YA 92 10.18 75.60 65.40
C ALA YA 92 9.19 76.48 64.64
N LYS YA 93 9.11 77.75 65.02
CA LYS YA 93 8.26 78.69 64.29
C LYS YA 93 8.70 78.82 62.84
N ALA YA 94 10.02 78.85 62.61
CA ALA YA 94 10.54 78.93 61.24
C ALA YA 94 10.15 77.70 60.43
N LEU YA 95 10.26 76.51 61.04
CA LEU YA 95 9.88 75.29 60.31
C LEU YA 95 8.39 75.27 59.99
N VAL YA 96 7.55 75.70 60.93
CA VAL YA 96 6.12 75.75 60.67
C VAL YA 96 5.81 76.75 59.56
N GLU YA 97 6.48 77.91 59.59
CA GLU YA 97 6.26 78.91 58.54
C GLU YA 97 6.72 78.40 57.19
N ALA YA 98 7.82 77.64 57.16
CA ALA YA 98 8.29 77.07 55.91
C ALA YA 98 7.27 76.09 55.34
N LEU YA 99 6.69 75.24 56.19
CA LEU YA 99 5.66 74.31 55.71
C LEU YA 99 4.43 75.07 55.23
N ARG YA 100 4.05 76.13 55.93
CA ARG YA 100 2.90 76.94 55.52
C ARG YA 100 3.13 77.55 54.14
N VAL YA 101 4.32 78.13 53.94
CA VAL YA 101 4.65 78.73 52.65
C VAL YA 101 4.66 77.67 51.55
N SER YA 102 5.17 76.48 51.86
CA SER YA 102 5.19 75.41 50.87
C SER YA 102 3.77 75.00 50.46
N VAL YA 103 2.86 74.88 51.43
CA VAL YA 103 1.49 74.50 51.12
C VAL YA 103 0.80 75.59 50.30
N GLU YA 104 0.95 76.86 50.70
CA GLU YA 104 0.36 77.95 49.93
C GLU YA 104 0.92 78.00 48.52
N LEU YA 105 2.22 77.75 48.36
CA LEU YA 105 2.82 77.75 47.04
C LEU YA 105 2.27 76.62 46.19
N TYR YA 106 2.04 75.45 46.78
CA TYR YA 106 1.43 74.36 46.02
C TYR YA 106 0.02 74.76 45.57
N ILE YA 107 -0.74 75.40 46.47
CA ILE YA 107 -2.09 75.84 46.10
C ILE YA 107 -2.03 76.79 44.92
N LEU YA 108 -1.12 77.77 44.98
CA LEU YA 108 -1.04 78.77 43.92
C LEU YA 108 -0.55 78.16 42.62
N ILE YA 109 0.36 77.20 42.68
CA ILE YA 109 0.83 76.52 41.48
C ILE YA 109 -0.32 75.77 40.82
N LYS YA 110 -1.13 75.07 41.62
CA LYS YA 110 -2.25 74.32 41.06
C LYS YA 110 -3.27 75.27 40.43
N ARG YA 111 -3.58 76.37 41.10
CA ARG YA 111 -4.52 77.34 40.55
C ARG YA 111 -3.99 77.95 39.26
N GLY YA 112 -2.69 78.27 39.21
CA GLY YA 112 -2.13 78.84 38.00
C GLY YA 112 -2.12 77.87 36.84
N VAL YA 113 -1.77 76.62 37.10
CA VAL YA 113 -1.71 75.63 36.02
C VAL YA 113 -3.09 75.32 35.50
N ARG YA 114 -4.07 75.16 36.40
CA ARG YA 114 -5.43 74.85 35.96
C ARG YA 114 -6.02 75.99 35.13
N GLU YA 115 -5.90 77.22 35.62
CA GLU YA 115 -6.38 78.41 34.93
C GLU YA 115 -5.60 78.74 33.67
N GLY YA 116 -4.59 77.95 33.31
CA GLY YA 116 -3.78 78.27 32.14
C GLY YA 116 -3.02 79.58 32.25
N ARG YA 117 -2.63 79.96 33.46
CA ARG YA 117 -1.89 81.19 33.64
C ARG YA 117 -0.50 81.09 33.01
N PRO YA 118 0.05 82.19 32.54
CA PRO YA 118 1.41 82.16 31.97
C PRO YA 118 2.44 81.79 33.03
N ILE YA 119 3.50 81.12 32.58
CA ILE YA 119 4.60 80.75 33.46
C ILE YA 119 5.24 81.99 34.09
N GLU YA 120 5.22 83.11 33.35
CA GLU YA 120 5.87 84.33 33.83
C GLU YA 120 5.30 84.79 35.17
N GLU YA 121 3.98 84.94 35.23
CA GLU YA 121 3.38 85.47 36.46
C GLU YA 121 3.43 84.45 37.59
N ILE YA 122 3.36 83.16 37.27
CA ILE YA 122 3.54 82.13 38.29
C ILE YA 122 4.93 82.26 38.93
N ALA YA 123 5.96 82.43 38.09
CA ALA YA 123 7.31 82.58 38.60
C ALA YA 123 7.45 83.84 39.45
N ARG YA 124 6.85 84.94 39.00
CA ARG YA 124 6.91 86.18 39.79
C ARG YA 124 6.22 86.00 41.14
N GLU YA 125 5.08 85.31 41.16
CA GLU YA 125 4.38 85.07 42.42
C GLU YA 125 5.21 84.21 43.37
N VAL YA 126 5.84 83.16 42.83
CA VAL YA 126 6.67 82.30 43.66
C VAL YA 126 7.83 83.09 44.26
N GLY YA 127 8.49 83.92 43.44
CA GLY YA 127 9.56 84.74 43.95
C GLY YA 127 9.11 85.71 45.02
N ARG YA 128 7.94 86.34 44.83
CA ARG YA 128 7.41 87.27 45.82
C ARG YA 128 7.13 86.56 47.14
N LYS YA 129 6.55 85.36 47.07
CA LYS YA 129 6.26 84.61 48.29
C LYS YA 129 7.54 84.23 49.03
N LEU YA 130 8.56 83.77 48.28
CA LEU YA 130 9.82 83.42 48.91
C LEU YA 130 10.48 84.63 49.56
N VAL YA 131 10.42 85.78 48.90
CA VAL YA 131 11.03 86.98 49.48
C VAL YA 131 10.29 87.41 50.74
N GLU YA 132 8.96 87.29 50.73
CA GLU YA 132 8.19 87.64 51.93
C GLU YA 132 8.52 86.72 53.08
N LEU YA 133 8.66 85.41 52.81
CA LEU YA 133 9.07 84.48 53.85
C LEU YA 133 10.45 84.83 54.39
N ALA YA 134 11.39 85.16 53.51
CA ALA YA 134 12.74 85.51 53.94
C ALA YA 134 12.72 86.75 54.82
N LYS YA 135 11.93 87.75 54.44
CA LYS YA 135 11.82 88.97 55.25
C LYS YA 135 11.23 88.67 56.62
N ARG YA 136 10.20 87.81 56.66
CA ARG YA 136 9.62 87.41 57.94
C ARG YA 136 10.66 86.74 58.84
N LEU YA 137 11.37 85.76 58.29
CA LEU YA 137 12.36 85.03 59.08
C LEU YA 137 13.49 85.95 59.53
N GLU YA 138 13.89 86.90 58.69
CA GLU YA 138 14.91 87.86 59.09
C GLU YA 138 14.41 88.74 60.23
N LYS YA 139 13.14 89.12 60.20
CA LYS YA 139 12.56 89.88 61.30
C LYS YA 139 12.54 89.06 62.59
N GLU YA 140 12.24 87.76 62.48
CA GLU YA 140 12.20 86.91 63.67
C GLU YA 140 13.56 86.84 64.35
N GLY YA 141 14.63 86.69 63.58
CA GLY YA 141 15.96 86.61 64.13
C GLY YA 141 16.74 85.40 63.66
N ILE YA 142 16.19 84.67 62.68
CA ILE YA 142 16.87 83.52 62.13
C ILE YA 142 17.99 84.00 61.20
N SER YA 143 19.15 83.35 61.30
CA SER YA 143 20.30 83.74 60.50
C SER YA 143 20.07 83.42 59.02
N TRP YA 144 20.89 84.04 58.17
CA TRP YA 144 20.65 83.97 56.74
C TRP YA 144 21.03 82.61 56.16
N GLU YA 145 21.96 81.89 56.79
CA GLU YA 145 22.28 80.54 56.34
C GLU YA 145 21.08 79.61 56.51
N GLU YA 146 20.42 79.69 57.67
CA GLU YA 146 19.22 78.90 57.90
C GLU YA 146 18.10 79.30 56.94
N ILE YA 147 17.95 80.61 56.69
CA ILE YA 147 16.94 81.09 55.76
C ILE YA 147 17.18 80.53 54.37
N ILE YA 148 18.44 80.55 53.93
CA ILE YA 148 18.76 80.03 52.60
C ILE YA 148 18.48 78.53 52.53
N GLU YA 149 18.86 77.79 53.58
CA GLU YA 149 18.62 76.34 53.55
C GLU YA 149 17.12 76.02 53.52
N LEU YA 150 16.33 76.74 54.31
CA LEU YA 150 14.88 76.55 54.27
C LEU YA 150 14.34 76.87 52.88
N ILE YA 151 14.83 77.95 52.26
CA ILE YA 151 14.36 78.33 50.94
C ILE YA 151 14.69 77.26 49.91
N GLU YA 152 15.89 76.69 49.98
CA GLU YA 152 16.24 75.63 49.03
C GLU YA 152 15.42 74.36 49.25
N ARG YA 153 15.10 74.04 50.50
CA ARG YA 153 14.19 72.92 50.73
C ARG YA 153 12.83 73.18 50.10
N ILE YA 154 12.31 74.39 50.27
CA ILE YA 154 11.04 74.76 49.64
C ILE YA 154 11.16 74.68 48.12
N LEU YA 155 12.31 75.07 47.58
CA LEU YA 155 12.51 75.04 46.14
C LEU YA 155 12.54 73.62 45.60
N GLU YA 156 13.15 72.70 46.34
CA GLU YA 156 13.11 71.29 45.94
C GLU YA 156 11.69 70.75 45.98
N SER YA 157 10.91 71.13 47.00
CA SER YA 157 9.50 70.75 47.04
C SER YA 157 8.75 71.30 45.84
N ILE YA 158 9.02 72.55 45.48
CA ILE YA 158 8.38 73.17 44.31
C ILE YA 158 8.76 72.43 43.05
N ARG YA 159 10.03 72.04 42.93
CA ARG YA 159 10.47 71.29 41.75
C ARG YA 159 9.71 69.98 41.62
N GLU YA 160 9.55 69.25 42.73
CA GLU YA 160 8.79 68.01 42.69
C GLU YA 160 7.33 68.26 42.32
N ILE YA 161 6.73 69.30 42.90
CA ILE YA 161 5.32 69.61 42.61
C ILE YA 161 5.14 69.95 41.14
N LEU YA 162 6.04 70.77 40.59
CA LEU YA 162 5.95 71.15 39.19
C LEU YA 162 6.14 69.96 38.28
N LYS YA 163 7.09 69.09 38.60
CA LYS YA 163 7.26 67.87 37.81
C LYS YA 163 6.02 66.99 37.87
N GLU YA 164 5.30 67.01 38.99
CA GLU YA 164 4.06 66.25 39.09
C GLU YA 164 3.01 66.75 38.11
N GLU YA 165 2.92 68.06 37.93
CA GLU YA 165 1.91 68.66 37.05
C GLU YA 165 2.18 68.39 35.57
N GLY YA 166 3.22 67.65 35.23
CA GLY YA 166 3.52 67.36 33.84
C GLY YA 166 4.21 68.47 33.09
N LEU YA 167 4.68 69.51 33.77
CA LEU YA 167 5.40 70.57 33.09
C LEU YA 167 6.76 70.06 32.61
N PRO YA 168 7.23 70.53 31.46
CA PRO YA 168 8.57 70.13 30.99
C PRO YA 168 9.66 70.83 31.80
N GLU YA 169 10.89 70.35 31.59
CA GLU YA 169 12.02 70.80 32.40
C GLU YA 169 12.34 72.27 32.19
N SER YA 170 12.09 72.80 30.99
CA SER YA 170 12.51 74.17 30.67
C SER YA 170 11.77 75.18 31.54
N GLU YA 171 10.45 75.07 31.62
CA GLU YA 171 9.68 76.02 32.43
C GLU YA 171 9.95 75.84 33.92
N ILE YA 172 10.15 74.60 34.36
CA ILE YA 172 10.49 74.36 35.76
C ILE YA 172 11.80 75.06 36.11
N ASN YA 173 12.82 74.90 35.27
CA ASN YA 173 14.10 75.54 35.50
C ASN YA 173 13.96 77.06 35.45
N ARG YA 174 13.13 77.56 34.54
CA ARG YA 174 12.91 79.01 34.45
C ARG YA 174 12.31 79.56 35.73
N ILE YA 175 11.27 78.88 36.25
CA ILE YA 175 10.62 79.34 37.48
C ILE YA 175 11.59 79.31 38.65
N LEU YA 176 12.34 78.20 38.77
CA LEU YA 176 13.28 78.07 39.88
C LEU YA 176 14.37 79.13 39.81
N ALA YA 177 14.91 79.37 38.61
CA ALA YA 177 15.94 80.39 38.44
C ALA YA 177 15.41 81.77 38.78
N VAL YA 178 14.18 82.08 38.36
CA VAL YA 178 13.60 83.38 38.66
C VAL YA 178 13.44 83.56 40.17
N SER YA 179 12.97 82.53 40.87
CA SER YA 179 12.79 82.64 42.33
C SER YA 179 14.13 82.84 43.03
N ILE YA 180 15.14 82.06 42.64
CA ILE YA 180 16.47 82.21 43.23
C ILE YA 180 17.00 83.61 42.97
N LEU YA 181 16.82 84.11 41.75
CA LEU YA 181 17.30 85.44 41.42
C LEU YA 181 16.55 86.53 42.18
N GLU YA 182 15.27 86.32 42.49
CA GLU YA 182 14.55 87.30 43.30
C GLU YA 182 15.09 87.34 44.73
N VAL YA 183 15.39 86.18 45.30
CA VAL YA 183 16.01 86.16 46.63
C VAL YA 183 17.37 86.86 46.58
N ALA YA 184 18.16 86.57 45.53
CA ALA YA 184 19.46 87.22 45.39
C ALA YA 184 19.32 88.73 45.21
N LYS YA 185 18.26 89.17 44.51
CA LYS YA 185 18.01 90.59 44.33
C LYS YA 185 17.69 91.25 45.66
N TYR YA 186 16.90 90.59 46.50
CA TYR YA 186 16.65 91.12 47.84
C TYR YA 186 17.95 91.25 48.64
N LEU YA 187 18.81 90.22 48.55
CA LEU YA 187 20.10 90.31 49.24
C LEU YA 187 20.94 91.46 48.72
N LEU YA 188 20.98 91.66 47.39
CA LEU YA 188 21.74 92.77 46.82
C LEU YA 188 21.20 94.11 47.27
N GLU YA 189 19.88 94.25 47.33
CA GLU YA 189 19.28 95.49 47.83
C GLU YA 189 19.68 95.74 49.28
N LYS YA 190 19.70 94.68 50.10
CA LYS YA 190 20.17 94.83 51.48
C LYS YA 190 21.62 95.29 51.51
N LEU YA 191 22.47 94.70 50.67
CA LEU YA 191 23.88 95.09 50.65
C LEU YA 191 24.06 96.52 50.17
N GLY YA 192 23.31 96.93 49.15
CA GLY YA 192 23.38 98.30 48.65
C GLY YA 192 24.14 98.43 47.34
N PHE YA 193 23.97 97.45 46.45
CA PHE YA 193 24.61 97.44 45.14
C PHE YA 193 23.50 97.62 44.10
N ASP YA 194 23.20 98.87 43.77
CA ASP YA 194 22.04 99.17 42.93
C ASP YA 194 22.26 98.73 41.48
N TYR YA 195 23.47 98.94 40.95
CA TYR YA 195 23.72 98.58 39.55
C TYR YA 195 23.58 97.09 39.33
N LEU YA 196 24.12 96.28 40.24
CA LEU YA 196 23.94 94.84 40.16
C LEU YA 196 22.47 94.46 40.27
N VAL YA 197 21.71 95.22 41.06
CA VAL YA 197 20.27 94.99 41.13
C VAL YA 197 19.63 95.18 39.76
N GLU YA 198 19.96 96.30 39.09
CA GLU YA 198 19.38 96.59 37.78
C GLU YA 198 19.75 95.52 36.75
N LEU YA 199 21.01 95.11 36.74
CA LEU YA 199 21.41 94.00 35.87
C LEU YA 199 20.63 92.74 36.21
N LEU YA 200 20.30 92.54 37.48
CA LEU YA 200 19.52 91.37 37.86
C LEU YA 200 18.10 91.44 37.35
N ASP YA 201 17.46 92.61 37.39
CA ASP YA 201 16.13 92.70 36.77
C ASP YA 201 16.22 92.45 35.27
N ARG YA 202 17.26 92.97 34.62
CA ARG YA 202 17.41 92.70 33.19
C ARG YA 202 17.52 91.21 32.91
N ALA YA 203 18.34 90.50 33.69
CA ALA YA 203 18.49 89.06 33.49
C ALA YA 203 17.19 88.31 33.80
N ILE YA 204 16.46 88.75 34.82
CA ILE YA 204 15.20 88.10 35.16
C ILE YA 204 14.19 88.28 34.05
N GLU YA 205 14.10 89.49 33.48
CA GLU YA 205 13.21 89.73 32.36
C GLU YA 205 13.60 88.87 31.15
N TYR YA 206 14.90 88.75 30.87
CA TYR YA 206 15.33 87.92 29.75
C TYR YA 206 14.98 86.46 29.98
N ILE YA 207 15.14 85.96 31.20
CA ILE YA 207 14.76 84.58 31.52
C ILE YA 207 13.26 84.40 31.34
N LEU YA 208 12.46 85.36 31.81
CA LEU YA 208 11.01 85.24 31.76
C LEU YA 208 10.49 85.27 30.33
N LYS YA 209 11.08 86.13 29.48
CA LYS YA 209 10.66 86.24 28.10
C LYS YA 209 11.11 85.07 27.24
N GLY YA 210 11.97 84.18 27.76
CA GLY YA 210 12.41 83.01 27.04
C GLY YA 210 13.80 83.11 26.44
N ARG YA 211 14.41 84.29 26.45
CA ARG YA 211 15.74 84.48 25.88
C ARG YA 211 16.78 83.97 26.89
N SER YA 212 17.26 82.74 26.68
CA SER YA 212 18.07 82.06 27.67
C SER YA 212 19.56 82.38 27.55
N GLU YA 213 20.10 82.36 26.33
CA GLU YA 213 21.54 82.55 26.15
C GLU YA 213 21.97 83.96 26.55
N LEU YA 214 21.16 84.97 26.20
CA LEU YA 214 21.45 86.33 26.63
C LEU YA 214 21.45 86.42 28.15
N ALA YA 215 20.49 85.75 28.79
CA ALA YA 215 20.43 85.73 30.24
C ALA YA 215 21.66 85.06 30.85
N VAL YA 216 22.13 83.98 30.22
CA VAL YA 216 23.32 83.29 30.73
C VAL YA 216 24.54 84.19 30.63
N HIS YA 217 24.69 84.90 29.50
CA HIS YA 217 25.82 85.82 29.37
C HIS YA 217 25.73 86.96 30.38
N LEU YA 218 24.53 87.49 30.59
CA LEU YA 218 24.33 88.52 31.60
C LEU YA 218 24.68 88.02 32.98
N LEU YA 219 24.29 86.77 33.29
CA LEU YA 219 24.60 86.19 34.59
C LEU YA 219 26.10 85.97 34.76
N ASP YA 220 26.79 85.61 33.68
CA ASP YA 220 28.25 85.52 33.73
C ASP YA 220 28.88 86.86 34.06
N ASP YA 221 28.41 87.92 33.42
CA ASP YA 221 28.94 89.26 33.73
C ASP YA 221 28.64 89.66 35.17
N ILE YA 222 27.44 89.33 35.64
CA ILE YA 222 27.06 89.63 37.02
C ILE YA 222 27.94 88.87 37.99
N ILE YA 223 28.24 87.61 37.69
CA ILE YA 223 29.10 86.79 38.54
C ILE YA 223 30.50 87.38 38.61
N ARG YA 224 31.02 87.83 37.46
CA ARG YA 224 32.33 88.47 37.46
C ARG YA 224 32.33 89.73 38.32
N ARG YA 225 31.28 90.56 38.21
CA ARG YA 225 31.20 91.76 39.02
C ARG YA 225 31.11 91.44 40.51
N VAL YA 226 30.35 90.39 40.87
CA VAL YA 226 30.22 90.00 42.26
C VAL YA 226 31.56 89.53 42.82
N HIS YA 227 32.28 88.73 42.03
CA HIS YA 227 33.60 88.29 42.47
C HIS YA 227 34.56 89.45 42.63
N GLU YA 228 34.47 90.45 41.73
CA GLU YA 228 35.28 91.65 41.90
C GLU YA 228 34.95 92.37 43.20
N GLU YA 229 33.67 92.48 43.53
CA GLU YA 229 33.27 93.13 44.78
C GLU YA 229 33.81 92.35 45.99
N ILE YA 230 33.70 91.02 45.95
CA ILE YA 230 34.20 90.20 47.05
C ILE YA 230 35.69 90.39 47.22
N GLU YA 231 36.43 90.38 46.11
CA GLU YA 231 37.88 90.59 46.18
C GLU YA 231 38.22 91.98 46.71
N ARG YA 232 37.40 92.98 46.37
CA ARG YA 232 37.62 94.31 46.93
C ARG YA 232 37.42 94.33 48.43
N TYR YA 233 36.43 93.58 48.93
CA TYR YA 233 36.15 93.59 50.36
C TYR YA 233 37.32 93.03 51.18
N GLY YA 234 37.93 91.96 50.70
CA GLY YA 234 39.14 91.43 51.34
C GLY YA 234 38.79 90.38 52.39
N ASP YA 235 39.18 90.65 53.64
CA ASP YA 235 38.95 89.72 54.75
C ASP YA 235 37.68 90.01 55.53
N ASP YA 236 37.03 91.15 55.27
CA ASP YA 236 35.83 91.55 56.01
C ASP YA 236 34.56 91.34 55.19
N VAL YA 237 34.52 90.30 54.38
CA VAL YA 237 33.39 90.05 53.49
C VAL YA 237 32.15 89.68 54.31
N PRO YA 238 31.05 90.39 54.18
CA PRO YA 238 29.80 89.97 54.84
C PRO YA 238 29.28 88.68 54.24
N GLU YA 239 28.58 87.91 55.06
CA GLU YA 239 28.04 86.61 54.63
C GLU YA 239 26.98 86.75 53.56
N GLU YA 240 26.29 87.89 53.50
CA GLU YA 240 25.28 88.10 52.47
C GLU YA 240 25.90 88.07 51.08
N LEU YA 241 27.11 88.62 50.94
CA LEU YA 241 27.78 88.61 49.65
C LEU YA 241 28.10 87.19 49.20
N LEU YA 242 28.56 86.33 50.11
CA LEU YA 242 28.87 84.95 49.74
C LEU YA 242 27.61 84.17 49.41
N LEU YA 243 26.55 84.37 50.19
CA LEU YA 243 25.29 83.71 49.88
C LEU YA 243 24.74 84.17 48.54
N LEU YA 244 24.86 85.46 48.24
CA LEU YA 244 24.45 85.99 46.95
C LEU YA 244 25.27 85.37 45.82
N ASP YA 245 26.58 85.24 46.02
CA ASP YA 245 27.43 84.57 45.04
C ASP YA 245 26.94 83.17 44.75
N LEU YA 246 26.68 82.38 45.80
CA LEU YA 246 26.21 81.01 45.60
C LEU YA 246 24.86 80.99 44.89
N LEU YA 247 23.96 81.89 45.27
CA LEU YA 247 22.63 81.92 44.67
C LEU YA 247 22.71 82.25 43.19
N VAL YA 248 23.50 83.27 42.83
CA VAL YA 248 23.61 83.65 41.43
C VAL YA 248 24.27 82.55 40.62
N GLN YA 249 25.25 81.85 41.20
CA GLN YA 249 25.89 80.75 40.49
C GLN YA 249 24.90 79.62 40.21
N LYS YA 250 24.09 79.24 41.21
CA LYS YA 250 23.14 78.17 40.98
C LYS YA 250 22.03 78.59 40.02
N ALA YA 251 21.63 79.88 40.06
CA ALA YA 251 20.65 80.37 39.11
C ALA YA 251 21.20 80.35 37.69
N ARG YA 252 22.48 80.68 37.53
CA ARG YA 252 23.10 80.61 36.21
C ARG YA 252 23.17 79.17 35.71
N ASP YA 253 23.46 78.23 36.61
CA ASP YA 253 23.45 76.81 36.23
C ASP YA 253 22.07 76.38 35.76
N LEU YA 254 21.03 76.79 36.50
CA LEU YA 254 19.66 76.44 36.09
C LEU YA 254 19.30 77.08 34.76
N ALA YA 255 19.69 78.33 34.55
CA ALA YA 255 19.39 79.01 33.28
C ALA YA 255 20.11 78.33 32.12
N ALA YA 256 21.34 77.87 32.34
CA ALA YA 256 22.02 77.09 31.32
C ALA YA 256 21.29 75.79 31.03
N ARG YA 257 20.79 75.12 32.07
CA ARG YA 257 20.09 73.86 31.88
C ARG YA 257 18.71 74.03 31.24
N ILE YA 258 18.21 75.26 31.09
CA ILE YA 258 16.90 75.50 30.52
C ILE YA 258 16.81 74.90 29.12
N MET ZA 25 32.79 42.43 68.52
CA MET ZA 25 34.05 42.66 67.83
C MET ZA 25 35.20 42.82 68.82
N GLU ZA 26 35.18 42.04 69.90
CA GLU ZA 26 36.21 42.16 70.93
C GLU ZA 26 37.58 41.73 70.43
N LYS ZA 27 37.64 40.95 69.35
CA LYS ZA 27 38.93 40.57 68.79
C LYS ZA 27 39.70 41.79 68.31
N LEU ZA 28 39.00 42.75 67.68
CA LEU ZA 28 39.66 43.96 67.20
C LEU ZA 28 40.08 44.87 68.34
N GLU ZA 29 39.32 44.90 69.45
CA GLU ZA 29 39.78 45.64 70.62
C GLU ZA 29 41.02 44.99 71.23
N VAL ZA 30 41.07 43.66 71.23
CA VAL ZA 30 42.28 42.96 71.69
C VAL ZA 30 43.46 43.31 70.78
N ALA ZA 31 43.21 43.38 69.47
CA ALA ZA 31 44.25 43.78 68.54
C ALA ZA 31 44.73 45.21 68.82
N VAL ZA 32 43.81 46.11 69.12
CA VAL ZA 32 44.19 47.49 69.43
C VAL ZA 32 45.04 47.54 70.70
N GLU ZA 33 44.65 46.78 71.71
CA GLU ZA 33 45.44 46.72 72.94
C GLU ZA 33 46.83 46.15 72.68
N HIS ZA 34 46.90 45.11 71.88
CA HIS ZA 34 48.18 44.61 71.46
C HIS ZA 34 49.03 45.66 70.77
N LEU ZA 35 48.44 46.42 69.84
CA LEU ZA 35 49.17 47.47 69.14
C LEU ZA 35 49.71 48.51 70.10
N LYS ZA 36 48.92 48.88 71.11
CA LYS ZA 36 49.42 49.78 72.14
C LYS ZA 36 50.61 49.15 72.88
N GLU ZA 37 50.50 47.85 73.19
CA GLU ZA 37 51.60 47.16 73.84
C GLU ZA 37 52.85 47.15 72.95
N ALA ZA 38 52.67 46.98 71.64
CA ALA ZA 38 53.80 47.00 70.72
C ALA ZA 38 54.47 48.36 70.69
N ILE ZA 39 53.68 49.43 70.69
CA ILE ZA 39 54.26 50.78 70.74
C ILE ZA 39 55.06 50.96 72.02
N GLU ZA 40 54.49 50.52 73.14
CA GLU ZA 40 55.21 50.64 74.42
C GLU ZA 40 56.50 49.82 74.41
N LEU ZA 41 56.46 48.64 73.80
CA LEU ZA 41 57.66 47.79 73.74
C LEU ZA 41 58.75 48.41 72.88
N ILE ZA 42 58.37 48.97 71.72
CA ILE ZA 42 59.34 49.68 70.89
C ILE ZA 42 59.94 50.85 71.67
N GLU ZA 43 59.10 51.54 72.44
CA GLU ZA 43 59.62 52.64 73.26
C GLU ZA 43 60.61 52.13 74.31
N LYS ZA 44 60.32 50.99 74.92
CA LYS ZA 44 61.20 50.45 75.96
C LYS ZA 44 62.54 50.01 75.38
N GLY ZA 45 62.51 49.23 74.30
CA GLY ZA 45 63.74 48.78 73.68
C GLY ZA 45 63.77 47.31 73.34
N GLU ZA 46 62.67 46.60 73.57
CA GLU ZA 46 62.58 45.18 73.25
C GLU ZA 46 62.01 45.03 71.84
N TYR ZA 47 62.90 44.80 70.87
CA TYR ZA 47 62.50 44.71 69.48
C TYR ZA 47 62.08 43.30 69.07
N VAL ZA 48 62.64 42.27 69.70
CA VAL ZA 48 62.21 40.91 69.42
C VAL ZA 48 60.77 40.70 69.86
N LYS ZA 49 60.44 41.18 71.06
CA LYS ZA 49 59.07 41.06 71.55
C LYS ZA 49 58.13 41.88 70.70
N ALA ZA 50 58.58 43.03 70.20
CA ALA ZA 50 57.76 43.83 69.30
C ALA ZA 50 57.48 43.10 67.99
N ASP ZA 51 58.49 42.44 67.43
CA ASP ZA 51 58.30 41.67 66.20
C ASP ZA 51 57.32 40.52 66.43
N LEU ZA 52 57.46 39.83 67.55
CA LEU ZA 52 56.55 38.73 67.88
C LEU ZA 52 55.13 39.23 68.10
N ILE ZA 53 54.98 40.39 68.77
CA ILE ZA 53 53.66 40.97 68.96
C ILE ZA 53 53.04 41.34 67.62
N LEU ZA 54 53.83 41.85 66.69
CA LEU ZA 54 53.29 42.17 65.37
C LEU ZA 54 52.79 40.92 64.68
N THR ZA 55 53.51 39.81 64.81
CA THR ZA 55 53.03 38.55 64.25
C THR ZA 55 51.71 38.12 64.91
N ASP ZA 56 51.61 38.29 66.24
CA ASP ZA 56 50.36 37.95 66.93
C ASP ZA 56 49.20 38.82 66.45
N ILE ZA 57 49.45 40.12 66.26
CA ILE ZA 57 48.42 41.02 65.76
C ILE ZA 57 47.97 40.61 64.37
N LEU ZA 58 48.92 40.22 63.52
CA LEU ZA 58 48.57 39.74 62.19
C LEU ZA 58 47.68 38.50 62.28
N ARG ZA 59 48.01 37.59 63.20
CA ARG ZA 59 47.18 36.39 63.37
C ARG ZA 59 45.77 36.76 63.81
N LEU ZA 60 45.65 37.70 64.75
CA LEU ZA 60 44.34 38.14 65.22
C LEU ZA 60 43.52 38.75 64.08
N LEU ZA 61 44.14 39.66 63.31
CA LEU ZA 61 43.42 40.31 62.23
C LEU ZA 61 43.01 39.32 61.15
N GLU ZA 62 43.87 38.36 60.84
CA GLU ZA 62 43.49 37.32 59.89
C GLU ZA 62 42.36 36.46 60.43
N GLU ZA 63 42.33 36.24 61.75
CA GLU ZA 63 41.20 35.55 62.35
C GLU ZA 63 39.90 36.33 62.16
N GLU ZA 64 39.96 37.65 62.32
CA GLU ZA 64 38.76 38.45 62.09
C GLU ZA 64 38.34 38.44 60.63
N GLY ZA 65 39.27 38.71 59.72
CA GLY ZA 65 38.99 38.59 58.30
C GLY ZA 65 38.72 39.89 57.54
N VAL ZA 66 39.54 40.91 57.77
CA VAL ZA 66 39.46 42.16 57.02
C VAL ZA 66 40.71 42.26 56.15
N LYS ZA 67 40.51 42.27 54.84
CA LYS ZA 67 41.62 42.08 53.90
C LYS ZA 67 42.62 43.23 53.97
N SER ZA 68 42.11 44.48 53.96
CA SER ZA 68 43.00 45.64 53.99
C SER ZA 68 43.83 45.65 55.26
N LEU ZA 69 43.19 45.39 56.40
CA LEU ZA 69 43.92 45.30 57.66
C LEU ZA 69 44.96 44.19 57.61
N ILE ZA 70 44.65 43.08 56.96
CA ILE ZA 70 45.57 41.95 56.90
C ILE ZA 70 46.83 42.32 56.11
N LYS ZA 71 46.65 42.88 54.92
CA LYS ZA 71 47.82 43.25 54.12
C LYS ZA 71 48.62 44.36 54.81
N GLN ZA 72 47.93 45.31 55.45
CA GLN ZA 72 48.63 46.34 56.19
C GLN ZA 72 49.44 45.74 57.33
N ALA ZA 73 48.91 44.73 58.01
CA ALA ZA 73 49.63 44.12 59.12
C ALA ZA 73 50.85 43.34 58.64
N LYS ZA 74 50.74 42.62 57.52
CA LYS ZA 74 51.89 41.90 56.99
C LYS ZA 74 53.01 42.86 56.57
N GLU ZA 75 52.65 43.89 55.80
CA GLU ZA 75 53.67 44.86 55.41
C GLU ZA 75 54.22 45.59 56.62
N LEU ZA 76 53.40 45.79 57.65
CA LEU ZA 76 53.89 46.41 58.88
C LEU ZA 76 54.94 45.53 59.54
N HIS ZA 77 54.69 44.23 59.62
CA HIS ZA 77 55.67 43.33 60.21
C HIS ZA 77 57.00 43.42 59.47
N ILE ZA 78 56.96 43.30 58.15
CA ILE ZA 78 58.21 43.31 57.37
C ILE ZA 78 58.94 44.65 57.54
N GLU ZA 79 58.22 45.76 57.35
CA GLU ZA 79 58.88 47.06 57.36
C GLU ZA 79 59.35 47.45 58.74
N VAL ZA 80 58.61 47.09 59.80
CA VAL ZA 80 59.07 47.40 61.15
C VAL ZA 80 60.29 46.59 61.50
N PHE ZA 81 60.35 45.32 61.06
CA PHE ZA 81 61.57 44.55 61.28
C PHE ZA 81 62.76 45.22 60.62
N LYS ZA 82 62.60 45.64 59.36
CA LYS ZA 82 63.69 46.31 58.67
C LYS ZA 82 64.10 47.61 59.38
N LEU ZA 83 63.13 48.43 59.75
CA LEU ZA 83 63.42 49.71 60.37
C LEU ZA 83 64.09 49.54 61.73
N LEU ZA 84 63.63 48.58 62.53
CA LEU ZA 84 64.26 48.33 63.82
C LEU ZA 84 65.67 47.79 63.65
N LYS ZA 85 65.92 47.03 62.56
CA LYS ZA 85 67.29 46.67 62.23
C LYS ZA 85 68.12 47.92 61.95
N GLU ZA 86 67.60 48.84 61.14
CA GLU ZA 86 68.35 50.04 60.80
C GLU ZA 86 68.47 50.99 61.98
N GLY ZA 87 67.46 51.05 62.84
CA GLY ZA 87 67.46 51.98 63.96
C GLY ZA 87 66.45 53.11 63.86
N GLU ZA 88 65.53 53.06 62.90
CA GLU ZA 88 64.52 54.10 62.72
C GLU ZA 88 63.33 53.78 63.64
N TYR ZA 89 63.50 54.11 64.92
CA TYR ZA 89 62.46 53.83 65.90
C TYR ZA 89 61.20 54.63 65.63
N LYS ZA 90 61.36 55.92 65.30
CA LYS ZA 90 60.21 56.79 65.11
C LYS ZA 90 59.36 56.37 63.92
N GLU ZA 91 60.01 55.95 62.83
CA GLU ZA 91 59.25 55.49 61.66
C GLU ZA 91 58.45 54.23 61.97
N ALA ZA 92 59.04 53.30 62.72
CA ALA ZA 92 58.32 52.08 63.09
C ALA ZA 92 57.15 52.41 64.01
N LYS ZA 93 57.38 53.30 64.98
CA LYS ZA 93 56.29 53.73 65.86
C LYS ZA 93 55.18 54.40 65.06
N ALA ZA 94 55.54 55.21 64.07
CA ALA ZA 94 54.53 55.85 63.24
C ALA ZA 94 53.71 54.83 62.46
N LEU ZA 95 54.37 53.81 61.90
CA LEU ZA 95 53.64 52.78 61.17
C LEU ZA 95 52.70 52.00 62.07
N VAL ZA 96 53.16 51.66 63.28
CA VAL ZA 96 52.29 50.95 64.21
C VAL ZA 96 51.10 51.81 64.62
N GLU ZA 97 51.34 53.11 64.85
CA GLU ZA 97 50.25 54.02 65.20
C GLU ZA 97 49.27 54.17 64.05
N ALA ZA 98 49.76 54.18 62.82
CA ALA ZA 98 48.88 54.25 61.65
C ALA ZA 98 47.99 53.01 61.58
N LEU ZA 99 48.56 51.83 61.79
CA LEU ZA 99 47.73 50.62 61.78
C LEU ZA 99 46.72 50.63 62.92
N ARG ZA 100 47.12 51.12 64.09
CA ARG ZA 100 46.20 51.21 65.22
C ARG ZA 100 45.02 52.13 64.89
N VAL ZA 101 45.31 53.29 64.32
CA VAL ZA 101 44.26 54.24 63.96
C VAL ZA 101 43.35 53.63 62.90
N SER ZA 102 43.92 52.89 61.95
CA SER ZA 102 43.11 52.27 60.92
C SER ZA 102 42.15 51.23 61.51
N VAL ZA 103 42.64 50.42 62.46
CA VAL ZA 103 41.78 49.41 63.08
C VAL ZA 103 40.68 50.07 63.90
N GLU ZA 104 41.02 51.08 64.70
CA GLU ZA 104 40.01 51.79 65.47
C GLU ZA 104 38.98 52.45 64.57
N LEU ZA 105 39.42 53.01 63.44
CA LEU ZA 105 38.49 53.63 62.50
C LEU ZA 105 37.55 52.60 61.90
N TYR ZA 106 38.07 51.41 61.58
CA TYR ZA 106 37.18 50.36 61.08
C TYR ZA 106 36.15 49.98 62.13
N ILE ZA 107 36.57 49.87 63.40
CA ILE ZA 107 35.63 49.54 64.47
C ILE ZA 107 34.53 50.60 64.54
N LEU ZA 108 34.92 51.88 64.52
CA LEU ZA 108 33.94 52.95 64.64
C LEU ZA 108 33.03 53.01 63.44
N ILE ZA 109 33.55 52.74 62.24
CA ILE ZA 109 32.71 52.72 61.05
C ILE ZA 109 31.67 51.62 61.16
N LYS ZA 110 32.08 50.43 61.61
CA LYS ZA 110 31.13 49.33 61.75
C LYS ZA 110 30.06 49.64 62.78
N ARG ZA 111 30.47 50.22 63.92
CA ARG ZA 111 29.49 50.58 64.94
C ARG ZA 111 28.52 51.64 64.44
N GLY ZA 112 29.03 52.64 63.71
CA GLY ZA 112 28.15 53.66 63.18
C GLY ZA 112 27.17 53.15 62.15
N VAL ZA 113 27.63 52.29 61.25
CA VAL ZA 113 26.77 51.77 60.21
C VAL ZA 113 25.70 50.84 60.80
N ARG ZA 114 26.10 49.98 61.73
CA ARG ZA 114 25.14 49.06 62.34
C ARG ZA 114 24.06 49.83 63.11
N GLU ZA 115 24.48 50.78 63.95
CA GLU ZA 115 23.56 51.60 64.74
C GLU ZA 115 22.75 52.57 63.91
N GLY ZA 116 22.92 52.58 62.59
CA GLY ZA 116 22.20 53.54 61.76
C GLY ZA 116 22.55 54.99 62.05
N ARG ZA 117 23.78 55.26 62.46
CA ARG ZA 117 24.18 56.62 62.75
C ARG ZA 117 24.23 57.44 61.47
N PRO ZA 118 23.98 58.75 61.55
CA PRO ZA 118 24.06 59.59 60.36
C PRO ZA 118 25.48 59.66 59.82
N ILE ZA 119 25.58 59.81 58.50
CA ILE ZA 119 26.88 59.95 57.84
C ILE ZA 119 27.63 61.16 58.37
N GLU ZA 120 26.91 62.20 58.77
CA GLU ZA 120 27.53 63.45 59.22
C GLU ZA 120 28.45 63.21 60.41
N GLU ZA 121 27.93 62.56 61.47
CA GLU ZA 121 28.73 62.39 62.67
C GLU ZA 121 29.84 61.36 62.47
N ILE ZA 122 29.60 60.36 61.62
CA ILE ZA 122 30.67 59.43 61.27
C ILE ZA 122 31.83 60.17 60.62
N ALA ZA 123 31.51 61.05 59.68
CA ALA ZA 123 32.55 61.83 59.00
C ALA ZA 123 33.30 62.72 59.98
N ARG ZA 124 32.56 63.37 60.89
CA ARG ZA 124 33.21 64.22 61.89
C ARG ZA 124 34.14 63.41 62.78
N GLU ZA 125 33.71 62.20 63.18
CA GLU ZA 125 34.55 61.35 64.01
C GLU ZA 125 35.82 60.93 63.28
N VAL ZA 126 35.68 60.55 62.00
CA VAL ZA 126 36.85 60.15 61.22
C VAL ZA 126 37.84 61.31 61.11
N GLY ZA 127 37.33 62.52 60.83
CA GLY ZA 127 38.21 63.67 60.76
C GLY ZA 127 38.91 63.95 62.07
N ARG ZA 128 38.18 63.84 63.19
CA ARG ZA 128 38.79 64.08 64.49
C ARG ZA 128 39.90 63.07 64.77
N LYS ZA 129 39.66 61.79 64.45
CA LYS ZA 129 40.67 60.77 64.67
C LYS ZA 129 41.91 61.03 63.82
N LEU ZA 130 41.72 61.40 62.55
CA LEU ZA 130 42.86 61.69 61.68
C LEU ZA 130 43.65 62.89 62.19
N VAL ZA 131 42.96 63.93 62.67
CA VAL ZA 131 43.66 65.09 63.18
C VAL ZA 131 44.44 64.75 64.44
N GLU ZA 132 43.87 63.91 65.31
CA GLU ZA 132 44.58 63.51 66.52
C GLU ZA 132 45.83 62.70 66.17
N LEU ZA 133 45.73 61.80 65.19
CA LEU ZA 133 46.90 61.06 64.74
C LEU ZA 133 47.97 62.00 64.19
N ALA ZA 134 47.55 62.97 63.38
CA ALA ZA 134 48.51 63.91 62.81
C ALA ZA 134 49.21 64.72 63.91
N LYS ZA 135 48.46 65.16 64.92
CA LYS ZA 135 49.06 65.89 66.03
C LYS ZA 135 50.06 65.01 66.78
N ARG ZA 136 49.70 63.75 67.01
CA ARG ZA 136 50.63 62.83 67.67
C ARG ZA 136 51.92 62.68 66.89
N LEU ZA 137 51.81 62.42 65.59
CA LEU ZA 137 52.99 62.22 64.76
C LEU ZA 137 53.83 63.48 64.69
N GLU ZA 138 53.19 64.66 64.65
CA GLU ZA 138 53.93 65.91 64.66
C GLU ZA 138 54.69 66.08 65.97
N LYS ZA 139 54.07 65.68 67.09
CA LYS ZA 139 54.77 65.73 68.36
C LYS ZA 139 55.97 64.78 68.39
N GLU ZA 140 55.82 63.60 67.78
CA GLU ZA 140 56.92 62.65 67.76
C GLU ZA 140 58.13 63.21 67.01
N GLY ZA 141 57.91 63.85 65.88
CA GLY ZA 141 59.00 64.41 65.10
C GLY ZA 141 58.98 63.99 63.65
N ILE ZA 142 57.92 63.30 63.23
CA ILE ZA 142 57.78 62.88 61.85
C ILE ZA 142 57.41 64.09 60.99
N SER ZA 143 58.04 64.21 59.82
CA SER ZA 143 57.80 65.34 58.94
C SER ZA 143 56.39 65.26 58.35
N TRP ZA 144 55.94 66.41 57.82
CA TRP ZA 144 54.55 66.52 57.38
C TRP ZA 144 54.29 65.78 56.09
N GLU ZA 145 55.30 65.59 55.24
CA GLU ZA 145 55.13 64.78 54.04
C GLU ZA 145 54.82 63.33 54.40
N GLU ZA 146 55.56 62.77 55.36
CA GLU ZA 146 55.29 61.41 55.81
C GLU ZA 146 53.93 61.32 56.47
N ILE ZA 147 53.56 62.33 57.27
CA ILE ZA 147 52.26 62.35 57.91
C ILE ZA 147 51.15 62.33 56.86
N ILE ZA 148 51.28 63.14 55.82
CA ILE ZA 148 50.27 63.20 54.78
C ILE ZA 148 50.18 61.86 54.06
N GLU ZA 149 51.33 61.25 53.74
CA GLU ZA 149 51.31 59.97 53.04
C GLU ZA 149 50.64 58.89 53.89
N LEU ZA 150 50.96 58.84 55.19
CA LEU ZA 150 50.31 57.89 56.07
C LEU ZA 150 48.80 58.13 56.12
N ILE ZA 151 48.39 59.41 56.17
CA ILE ZA 151 46.98 59.73 56.23
C ILE ZA 151 46.26 59.29 54.96
N GLU ZA 152 46.89 59.49 53.79
CA GLU ZA 152 46.25 59.04 52.56
C GLU ZA 152 46.17 57.52 52.45
N ARG ZA 153 47.17 56.81 52.98
CA ARG ZA 153 47.06 55.36 53.03
C ARG ZA 153 45.88 54.93 53.90
N ILE ZA 154 45.73 55.57 55.06
CA ILE ZA 154 44.59 55.28 55.94
C ILE ZA 154 43.28 55.62 55.23
N LEU ZA 155 43.28 56.70 54.44
CA LEU ZA 155 42.07 57.10 53.73
C LEU ZA 155 41.69 56.09 52.65
N GLU ZA 156 42.68 55.53 51.95
CA GLU ZA 156 42.39 54.47 50.99
C GLU ZA 156 41.84 53.24 51.68
N SER ZA 157 42.40 52.89 52.84
CA SER ZA 157 41.85 51.78 53.62
C SER ZA 157 40.40 52.06 54.02
N ILE ZA 158 40.11 53.30 54.45
CA ILE ZA 158 38.75 53.68 54.81
C ILE ZA 158 37.82 53.57 53.61
N ARG ZA 159 38.29 53.99 52.44
CA ARG ZA 159 37.48 53.89 51.23
C ARG ZA 159 37.11 52.45 50.94
N GLU ZA 160 38.09 51.55 51.04
CA GLU ZA 160 37.80 50.13 50.82
C GLU ZA 160 36.81 49.60 51.85
N ILE ZA 161 37.01 49.96 53.13
CA ILE ZA 161 36.13 49.48 54.19
C ILE ZA 161 34.70 49.96 53.95
N LEU ZA 162 34.55 51.24 53.61
CA LEU ZA 162 33.22 51.80 53.36
C LEU ZA 162 32.56 51.15 52.16
N LYS ZA 163 33.32 50.90 51.09
CA LYS ZA 163 32.77 50.21 49.94
C LYS ZA 163 32.34 48.80 50.31
N GLU ZA 164 33.04 48.16 51.27
CA GLU ZA 164 32.62 46.83 51.71
C GLU ZA 164 31.26 46.86 52.38
N GLU ZA 165 30.97 47.90 53.16
CA GLU ZA 165 29.71 48.00 53.88
C GLU ZA 165 28.51 48.26 52.97
N GLY ZA 166 28.70 48.32 51.66
CA GLY ZA 166 27.60 48.56 50.75
C GLY ZA 166 27.15 49.99 50.64
N LEU ZA 167 27.91 50.94 51.19
CA LEU ZA 167 27.55 52.34 51.06
C LEU ZA 167 27.74 52.80 49.62
N PRO ZA 168 26.88 53.68 49.12
CA PRO ZA 168 27.07 54.21 47.76
C PRO ZA 168 28.21 55.22 47.72
N GLU ZA 169 28.60 55.56 46.49
CA GLU ZA 169 29.79 56.38 46.27
C GLU ZA 169 29.64 57.78 46.84
N SER ZA 170 28.42 58.33 46.87
CA SER ZA 170 28.23 59.72 47.27
C SER ZA 170 28.63 59.94 48.73
N GLU ZA 171 28.13 59.09 49.63
CA GLU ZA 171 28.46 59.24 51.04
C GLU ZA 171 29.93 58.93 51.32
N ILE ZA 172 30.49 57.95 50.61
CA ILE ZA 172 31.91 57.65 50.77
C ILE ZA 172 32.75 58.87 50.40
N ASN ZA 173 32.44 59.48 49.25
CA ASN ZA 173 33.17 60.68 48.83
C ASN ZA 173 32.96 61.82 49.81
N ARG ZA 174 31.75 61.95 50.35
CA ARG ZA 174 31.49 63.00 51.33
C ARG ZA 174 32.34 62.83 52.58
N ILE ZA 175 32.40 61.60 53.10
CA ILE ZA 175 33.19 61.34 54.31
C ILE ZA 175 34.66 61.60 54.04
N LEU ZA 176 35.17 61.11 52.91
CA LEU ZA 176 36.59 61.30 52.59
C LEU ZA 176 36.93 62.78 52.43
N ALA ZA 177 36.06 63.52 51.73
CA ALA ZA 177 36.30 64.95 51.55
C ALA ZA 177 36.29 65.69 52.88
N VAL ZA 178 35.37 65.33 53.77
CA VAL ZA 178 35.30 65.99 55.07
C VAL ZA 178 36.57 65.71 55.87
N SER ZA 179 37.06 64.47 55.86
CA SER ZA 179 38.28 64.15 56.60
C SER ZA 179 39.48 64.91 56.05
N ILE ZA 180 39.63 64.93 54.73
CA ILE ZA 180 40.72 65.68 54.10
C ILE ZA 180 40.63 67.15 54.47
N LEU ZA 181 39.42 67.71 54.43
CA LEU ZA 181 39.24 69.11 54.75
C LEU ZA 181 39.53 69.40 56.22
N GLU ZA 182 39.28 68.44 57.11
CA GLU ZA 182 39.63 68.65 58.51
C GLU ZA 182 41.13 68.68 58.71
N VAL ZA 183 41.86 67.79 58.03
CA VAL ZA 183 43.32 67.85 58.08
C VAL ZA 183 43.82 69.18 57.52
N ALA ZA 184 43.25 69.61 56.41
CA ALA ZA 184 43.64 70.89 55.82
C ALA ZA 184 43.32 72.06 56.75
N LYS ZA 185 42.21 71.96 57.48
CA LYS ZA 185 41.85 72.99 58.45
C LYS ZA 185 42.86 73.07 59.57
N TYR ZA 186 43.32 71.91 60.06
CA TYR ZA 186 44.37 71.92 61.07
C TYR ZA 186 45.64 72.56 60.53
N LEU ZA 187 46.01 72.26 59.28
CA LEU ZA 187 47.17 72.89 58.68
C LEU ZA 187 47.00 74.40 58.59
N LEU ZA 188 45.82 74.86 58.17
CA LEU ZA 188 45.56 76.30 58.07
C LEU ZA 188 45.64 76.97 59.43
N GLU ZA 189 45.12 76.33 60.47
CA GLU ZA 189 45.22 76.88 61.82
C GLU ZA 189 46.69 76.98 62.25
N LYS ZA 190 47.50 75.97 61.91
CA LYS ZA 190 48.93 76.06 62.20
C LYS ZA 190 49.56 77.24 61.46
N LEU ZA 191 49.22 77.43 60.19
CA LEU ZA 191 49.78 78.53 59.42
C LEU ZA 191 49.33 79.88 59.96
N GLY ZA 192 48.07 80.01 60.36
CA GLY ZA 192 47.57 81.25 60.92
C GLY ZA 192 46.71 82.06 59.97
N PHE ZA 193 45.91 81.37 59.16
CA PHE ZA 193 45.00 82.01 58.21
C PHE ZA 193 43.58 81.74 58.69
N ASP ZA 194 43.07 82.65 59.53
CA ASP ZA 194 41.78 82.43 60.19
C ASP ZA 194 40.62 82.51 59.22
N TYR ZA 195 40.64 83.46 58.29
CA TYR ZA 195 39.52 83.61 57.37
C TYR ZA 195 39.36 82.39 56.48
N LEU ZA 196 40.47 81.85 55.97
CA LEU ZA 196 40.40 80.62 55.21
C LEU ZA 196 39.89 79.47 56.07
N VAL ZA 197 40.22 79.47 57.35
CA VAL ZA 197 39.67 78.47 58.27
C VAL ZA 197 38.14 78.56 58.30
N GLU ZA 198 37.62 79.78 58.48
CA GLU ZA 198 36.17 79.97 58.56
C GLU ZA 198 35.48 79.54 57.26
N LEU ZA 199 36.04 79.93 56.12
CA LEU ZA 199 35.51 79.45 54.85
C LEU ZA 199 35.54 77.94 54.77
N LEU ZA 200 36.56 77.32 55.38
CA LEU ZA 200 36.64 75.86 55.36
C LEU ZA 200 35.55 75.22 56.21
N ASP ZA 201 35.24 75.79 57.39
CA ASP ZA 201 34.11 75.26 58.14
C ASP ZA 201 32.81 75.43 57.36
N ARG ZA 202 32.64 76.56 56.67
CA ARG ZA 202 31.44 76.75 55.87
C ARG ZA 202 31.33 75.67 54.79
N ALA ZA 203 32.43 75.40 54.09
CA ALA ZA 203 32.42 74.37 53.05
C ALA ZA 203 32.17 72.99 53.63
N ILE ZA 204 32.75 72.70 54.79
CA ILE ZA 204 32.55 71.39 55.43
C ILE ZA 204 31.09 71.22 55.82
N GLU ZA 205 30.47 72.26 56.38
CA GLU ZA 205 29.05 72.19 56.72
C GLU ZA 205 28.20 71.99 55.48
N TYR ZA 206 28.52 72.67 54.38
CA TYR ZA 206 27.75 72.50 53.16
C TYR ZA 206 27.89 71.08 52.60
N ILE ZA 207 29.10 70.51 52.67
CA ILE ZA 207 29.30 69.13 52.23
C ILE ZA 207 28.50 68.18 53.12
N LEU ZA 208 28.53 68.40 54.43
CA LEU ZA 208 27.85 67.50 55.35
C LEU ZA 208 26.34 67.55 55.19
N LYS ZA 209 25.79 68.73 54.96
CA LYS ZA 209 24.34 68.88 54.80
C LYS ZA 209 23.84 68.38 53.45
N GLY ZA 210 24.74 68.05 52.51
CA GLY ZA 210 24.35 67.52 51.23
C GLY ZA 210 24.42 68.50 50.08
N ARG ZA 211 24.62 69.78 50.35
CA ARG ZA 211 24.68 70.81 49.32
C ARG ZA 211 26.06 70.77 48.68
N SER ZA 212 26.16 70.09 47.53
CA SER ZA 212 27.46 69.79 46.92
C SER ZA 212 27.97 70.90 46.01
N GLU ZA 213 27.11 71.46 45.16
CA GLU ZA 213 27.56 72.46 44.19
C GLU ZA 213 28.01 73.74 44.88
N LEU ZA 214 27.28 74.17 45.91
CA LEU ZA 214 27.71 75.33 46.68
C LEU ZA 214 29.06 75.08 47.33
N ALA ZA 215 29.27 73.86 47.85
CA ALA ZA 215 30.55 73.51 48.43
C ALA ZA 215 31.67 73.52 47.40
N VAL ZA 216 31.39 73.06 46.18
CA VAL ZA 216 32.40 73.07 45.13
C VAL ZA 216 32.78 74.50 44.77
N HIS ZA 217 31.79 75.39 44.66
CA HIS ZA 217 32.10 76.79 44.36
C HIS ZA 217 32.90 77.42 45.50
N LEU ZA 218 32.53 77.13 46.74
CA LEU ZA 218 33.28 77.64 47.89
C LEU ZA 218 34.72 77.12 47.86
N LEU ZA 219 34.90 75.85 47.50
CA LEU ZA 219 36.24 75.28 47.45
C LEU ZA 219 37.06 75.90 46.32
N ASP ZA 220 36.42 76.24 45.20
CA ASP ZA 220 37.10 76.97 44.14
C ASP ZA 220 37.59 78.32 44.63
N ASP ZA 221 36.74 79.05 45.35
CA ASP ZA 221 37.16 80.34 45.88
C ASP ZA 221 38.30 80.19 46.89
N ILE ZA 222 38.22 79.15 47.73
CA ILE ZA 222 39.28 78.88 48.70
C ILE ZA 222 40.58 78.56 47.99
N ILE ZA 223 40.52 77.77 46.91
CA ILE ZA 223 41.71 77.42 46.15
C ILE ZA 223 42.34 78.67 45.54
N ARG ZA 224 41.51 79.57 45.00
CA ARG ZA 224 42.04 80.82 44.46
C ARG ZA 224 42.73 81.64 45.55
N ARG ZA 225 42.11 81.72 46.73
CA ARG ZA 225 42.74 82.48 47.82
C ARG ZA 225 44.05 81.84 48.26
N VAL ZA 226 44.11 80.51 48.31
CA VAL ZA 226 45.34 79.82 48.71
C VAL ZA 226 46.45 80.07 47.69
N HIS ZA 227 46.11 80.02 46.40
CA HIS ZA 227 47.09 80.31 45.37
C HIS ZA 227 47.58 81.75 45.46
N GLU ZA 228 46.69 82.68 45.77
CA GLU ZA 228 47.11 84.07 45.97
C GLU ZA 228 48.08 84.18 47.14
N GLU ZA 229 47.81 83.47 48.24
CA GLU ZA 229 48.73 83.50 49.38
C GLU ZA 229 50.09 82.92 49.01
N ILE ZA 230 50.09 81.80 48.27
CA ILE ZA 230 51.35 81.18 47.86
C ILE ZA 230 52.14 82.14 46.98
N GLU ZA 231 51.47 82.79 46.02
CA GLU ZA 231 52.15 83.75 45.16
C GLU ZA 231 52.67 84.93 45.96
N ARG ZA 232 51.96 85.35 47.00
CA ARG ZA 232 52.46 86.42 47.86
C ARG ZA 232 53.73 85.99 48.58
N TYR ZA 233 53.80 84.74 49.02
CA TYR ZA 233 54.97 84.28 49.78
C TYR ZA 233 56.23 84.32 48.92
N GLY ZA 234 56.14 83.90 47.68
CA GLY ZA 234 57.27 84.01 46.75
C GLY ZA 234 58.14 82.76 46.78
N ASP ZA 235 59.41 82.92 47.14
CA ASP ZA 235 60.36 81.82 47.17
C ASP ZA 235 60.49 81.17 48.54
N ASP ZA 236 59.91 81.76 49.58
CA ASP ZA 236 60.02 81.26 50.95
C ASP ZA 236 58.74 80.55 51.41
N VAL ZA 237 58.06 79.87 50.50
CA VAL ZA 237 56.79 79.23 50.81
C VAL ZA 237 57.02 78.06 51.77
N PRO ZA 238 56.37 78.04 52.92
CA PRO ZA 238 56.45 76.86 53.80
C PRO ZA 238 55.76 75.67 53.17
N GLU ZA 239 56.25 74.47 53.52
CA GLU ZA 239 55.71 73.24 52.96
C GLU ZA 239 54.27 72.98 53.37
N GLU ZA 240 53.86 73.52 54.52
CA GLU ZA 240 52.48 73.34 54.96
C GLU ZA 240 51.50 73.96 53.98
N LEU ZA 241 51.87 75.11 53.40
CA LEU ZA 241 50.99 75.76 52.41
C LEU ZA 241 50.81 74.89 51.17
N LEU ZA 242 51.90 74.28 50.69
CA LEU ZA 242 51.79 73.42 49.51
C LEU ZA 242 50.99 72.16 49.79
N LEU ZA 243 51.22 71.56 50.97
CA LEU ZA 243 50.44 70.38 51.34
C LEU ZA 243 48.96 70.74 51.48
N LEU ZA 244 48.66 71.90 52.06
CA LEU ZA 244 47.29 72.37 52.17
C LEU ZA 244 46.67 72.58 50.79
N ASP ZA 245 47.44 73.16 49.86
CA ASP ZA 245 46.97 73.32 48.49
C ASP ZA 245 46.57 71.98 47.88
N LEU ZA 246 47.45 70.99 47.99
CA LEU ZA 246 47.16 69.67 47.44
C LEU ZA 246 45.94 69.05 48.10
N LEU ZA 247 45.83 69.18 49.42
CA LEU ZA 247 44.70 68.59 50.14
C LEU ZA 247 43.39 69.22 49.71
N VAL ZA 248 43.34 70.54 49.63
CA VAL ZA 248 42.11 71.22 49.25
C VAL ZA 248 41.75 70.88 47.81
N GLN ZA 249 42.75 70.75 46.92
CA GLN ZA 249 42.44 70.38 45.55
C GLN ZA 249 41.84 68.98 45.46
N LYS ZA 250 42.42 68.01 46.18
CA LYS ZA 250 41.86 66.66 46.13
C LYS ZA 250 40.49 66.59 46.80
N ALA ZA 251 40.27 67.38 47.86
CA ALA ZA 251 38.96 67.44 48.48
C ALA ZA 251 37.92 68.02 47.54
N ARG ZA 252 38.30 69.05 46.77
CA ARG ZA 252 37.40 69.62 45.78
C ARG ZA 252 37.07 68.61 44.68
N ASP ZA 253 38.07 67.83 44.26
CA ASP ZA 253 37.81 66.79 43.28
C ASP ZA 253 36.81 65.76 43.81
N LEU ZA 254 37.00 65.34 45.07
CA LEU ZA 254 36.06 64.38 45.67
C LEU ZA 254 34.66 64.98 45.79
N ALA ZA 255 34.57 66.25 46.19
CA ALA ZA 255 33.27 66.89 46.32
C ALA ZA 255 32.57 67.00 44.96
N ALA ZA 256 33.34 67.27 43.90
CA ALA ZA 256 32.76 67.26 42.57
C ALA ZA 256 32.26 65.87 42.20
N ARG ZA 257 33.03 64.83 42.54
CA ARG ZA 257 32.62 63.47 42.21
C ARG ZA 257 31.44 62.97 43.04
N ILE ZA 258 31.02 63.70 44.07
CA ILE ZA 258 29.92 63.28 44.92
C ILE ZA 258 28.65 63.06 44.09
N MET AB 25 73.08 37.59 28.53
CA MET AB 25 73.00 38.64 27.52
C MET AB 25 74.38 39.20 27.17
N GLU AB 26 75.39 38.33 27.14
CA GLU AB 26 76.76 38.78 26.89
C GLU AB 26 76.94 39.31 25.47
N LYS AB 27 76.04 38.96 24.55
CA LYS AB 27 76.11 39.50 23.20
C LYS AB 27 75.94 41.01 23.20
N LEU AB 28 75.02 41.52 24.03
CA LEU AB 28 74.79 42.95 24.10
C LEU AB 28 75.95 43.68 24.79
N GLU AB 29 76.60 43.04 25.77
CA GLU AB 29 77.81 43.63 26.33
C GLU AB 29 78.94 43.67 25.30
N VAL AB 30 79.05 42.64 24.46
CA VAL AB 30 80.03 42.67 23.38
C VAL AB 30 79.71 43.79 22.41
N ALA AB 31 78.42 44.00 22.13
CA ALA AB 31 78.01 45.11 21.27
C ALA AB 31 78.37 46.46 21.90
N VAL AB 32 78.18 46.60 23.20
CA VAL AB 32 78.55 47.85 23.88
C VAL AB 32 80.04 48.10 23.80
N GLU AB 33 80.84 47.03 24.01
CA GLU AB 33 82.29 47.18 23.89
C GLU AB 33 82.70 47.55 22.46
N HIS AB 34 82.06 46.94 21.49
CA HIS AB 34 82.29 47.35 20.12
C HIS AB 34 81.98 48.81 19.90
N LEU AB 35 80.82 49.29 20.41
CA LEU AB 35 80.44 50.69 20.25
C LEU AB 35 81.49 51.62 20.86
N LYS AB 36 82.02 51.25 22.03
CA LYS AB 36 83.11 52.03 22.60
C LYS AB 36 84.33 52.03 21.67
N GLU AB 37 84.65 50.87 21.10
CA GLU AB 37 85.75 50.79 20.15
C GLU AB 37 85.50 51.67 18.93
N ALA AB 38 84.25 51.71 18.46
CA ALA AB 38 83.91 52.57 17.32
C ALA AB 38 84.10 54.04 17.65
N ILE AB 39 83.68 54.45 18.84
CA ILE AB 39 83.89 55.84 19.26
C ILE AB 39 85.38 56.17 19.29
N GLU AB 40 86.17 55.26 19.87
CA GLU AB 40 87.62 55.48 19.92
C GLU AB 40 88.23 55.54 18.52
N LEU AB 41 87.73 54.72 17.60
CA LEU AB 41 88.25 54.72 16.23
C LEU AB 41 87.91 56.01 15.51
N ILE AB 42 86.68 56.51 15.66
CA ILE AB 42 86.32 57.79 15.08
C ILE AB 42 87.19 58.89 15.66
N GLU AB 43 87.48 58.81 16.96
CA GLU AB 43 88.38 59.80 17.56
C GLU AB 43 89.78 59.73 16.97
N LYS AB 44 90.28 58.51 16.72
CA LYS AB 44 91.62 58.37 16.18
C LYS AB 44 91.71 58.88 14.75
N GLY AB 45 90.77 58.48 13.90
CA GLY AB 45 90.77 58.94 12.52
C GLY AB 45 90.58 57.85 11.49
N GLU AB 46 90.36 56.62 11.93
CA GLU AB 46 90.12 55.50 11.01
C GLU AB 46 88.62 55.36 10.79
N TYR AB 47 88.15 55.89 9.65
CA TYR AB 47 86.73 55.90 9.35
C TYR AB 47 86.27 54.62 8.65
N VAL AB 48 87.14 53.98 7.87
CA VAL AB 48 86.79 52.70 7.25
C VAL AB 48 86.57 51.64 8.32
N LYS AB 49 87.49 51.57 9.29
CA LYS AB 49 87.34 50.61 10.37
C LYS AB 49 86.10 50.91 11.20
N ALA AB 50 85.79 52.20 11.37
CA ALA AB 50 84.56 52.57 12.09
C ALA AB 50 83.31 52.10 11.35
N ASP AB 51 83.29 52.28 10.02
CA ASP AB 51 82.15 51.81 9.23
C ASP AB 51 82.00 50.29 9.31
N LEU AB 52 83.12 49.58 9.23
CA LEU AB 52 83.09 48.12 9.34
C LEU AB 52 82.64 47.67 10.73
N ILE AB 53 83.10 48.37 11.78
CA ILE AB 53 82.66 48.05 13.14
C ILE AB 53 81.16 48.29 13.28
N LEU AB 54 80.64 49.34 12.67
CA LEU AB 54 79.20 49.57 12.74
C LEU AB 54 78.43 48.45 12.07
N THR AB 55 78.95 47.94 10.95
CA THR AB 55 78.32 46.78 10.33
C THR AB 55 78.36 45.55 11.24
N ASP AB 56 79.49 45.34 11.93
CA ASP AB 56 79.60 44.23 12.86
C ASP AB 56 78.60 44.38 14.02
N ILE AB 57 78.45 45.59 14.55
CA ILE AB 57 77.51 45.84 15.63
C ILE AB 57 76.09 45.56 15.16
N LEU AB 58 75.76 45.97 13.93
CA LEU AB 58 74.44 45.67 13.38
C LEU AB 58 74.22 44.16 13.31
N ARG AB 59 75.24 43.42 12.87
CA ARG AB 59 75.11 41.96 12.81
C ARG AB 59 74.88 41.37 14.20
N LEU AB 60 75.61 41.85 15.20
CA LEU AB 60 75.42 41.37 16.57
C LEU AB 60 74.00 41.64 17.07
N LEU AB 61 73.52 42.88 16.88
CA LEU AB 61 72.20 43.23 17.37
C LEU AB 61 71.12 42.44 16.65
N GLU AB 62 71.27 42.22 15.34
CA GLU AB 62 70.32 41.38 14.62
C GLU AB 62 70.37 39.94 15.12
N GLU AB 63 71.55 39.47 15.52
CA GLU AB 63 71.65 38.15 16.13
C GLU AB 63 70.86 38.08 17.42
N GLU AB 64 70.94 39.14 18.24
CA GLU AB 64 70.17 39.15 19.48
C GLU AB 64 68.67 39.22 19.20
N GLY AB 65 68.24 40.16 18.37
CA GLY AB 65 66.85 40.21 17.95
C GLY AB 65 65.98 41.25 18.61
N VAL AB 66 66.46 42.49 18.75
CA VAL AB 66 65.68 43.61 19.26
C VAL AB 66 65.44 44.57 18.10
N LYS AB 67 64.17 44.75 17.74
CA LYS AB 67 63.83 45.43 16.49
C LYS AB 67 64.25 46.90 16.52
N SER AB 68 63.94 47.60 17.60
CA SER AB 68 64.27 49.02 17.68
C SER AB 68 65.78 49.23 17.60
N LEU AB 69 66.54 48.41 18.32
CA LEU AB 69 68.00 48.48 18.24
C LEU AB 69 68.48 48.19 16.83
N ILE AB 70 67.82 47.26 16.13
CA ILE AB 70 68.25 46.89 14.78
C ILE AB 70 68.06 48.06 13.82
N LYS AB 71 66.88 48.67 13.83
CA LYS AB 71 66.65 49.80 12.91
C LYS AB 71 67.54 50.98 13.28
N GLN AB 72 67.75 51.20 14.57
CA GLN AB 72 68.66 52.27 14.99
C GLN AB 72 70.07 52.01 14.50
N ALA AB 73 70.51 50.75 14.52
CA ALA AB 73 71.87 50.43 14.08
C ALA AB 73 72.02 50.59 12.57
N LYS AB 74 71.01 50.20 11.79
CA LYS AB 74 71.09 50.38 10.34
C LYS AB 74 71.13 51.86 9.98
N GLU AB 75 70.22 52.65 10.54
CA GLU AB 75 70.24 54.09 10.26
C GLU AB 75 71.53 54.72 10.77
N LEU AB 76 72.08 54.21 11.86
CA LEU AB 76 73.36 54.70 12.35
C LEU AB 76 74.47 54.45 11.34
N HIS AB 77 74.51 53.24 10.78
CA HIS AB 77 75.52 52.94 9.77
C HIS AB 77 75.44 53.93 8.61
N ILE AB 78 74.24 54.10 8.06
CA ILE AB 78 74.08 54.97 6.88
C ILE AB 78 74.46 56.41 7.24
N GLU AB 79 73.91 56.94 8.33
CA GLU AB 79 74.12 58.34 8.66
C GLU AB 79 75.55 58.63 9.09
N VAL AB 80 76.20 57.70 9.80
CA VAL AB 80 77.58 57.91 10.19
C VAL AB 80 78.49 57.87 8.96
N PHE AB 81 78.20 56.98 8.00
CA PHE AB 81 78.98 57.00 6.76
C PHE AB 81 78.86 58.36 6.07
N LYS AB 82 77.64 58.87 5.95
CA LYS AB 82 77.44 60.17 5.32
C LYS AB 82 78.18 61.29 6.07
N LEU AB 83 78.03 61.31 7.41
CA LEU AB 83 78.64 62.37 8.20
C LEU AB 83 80.17 62.32 8.14
N LEU AB 84 80.74 61.12 8.20
CA LEU AB 84 82.18 61.00 8.10
C LEU AB 84 82.67 61.38 6.72
N LYS AB 85 81.86 61.16 5.67
CA LYS AB 85 82.19 61.71 4.37
C LYS AB 85 82.22 63.24 4.42
N GLU AB 86 81.21 63.84 5.03
CA GLU AB 86 81.15 65.31 5.09
C GLU AB 86 82.20 65.89 6.02
N GLY AB 87 82.53 65.18 7.11
CA GLY AB 87 83.47 65.67 8.09
C GLY AB 87 82.87 66.02 9.44
N GLU AB 88 81.61 65.69 9.67
CA GLU AB 88 80.95 65.98 10.95
C GLU AB 88 81.26 64.86 11.94
N TYR AB 89 82.47 64.94 12.52
CA TYR AB 89 82.92 63.92 13.46
C TYR AB 89 82.08 63.93 14.72
N LYS AB 90 81.77 65.11 15.25
CA LYS AB 90 81.05 65.21 16.51
C LYS AB 90 79.63 64.65 16.39
N GLU AB 91 78.96 64.90 15.27
CA GLU AB 91 77.61 64.37 15.07
C GLU AB 91 77.62 62.85 15.01
N ALA AB 92 78.60 62.27 14.31
CA ALA AB 92 78.71 60.82 14.25
C ALA AB 92 79.01 60.23 15.62
N LYS AB 93 79.91 60.85 16.37
CA LYS AB 93 80.20 60.40 17.72
C LYS AB 93 78.96 60.47 18.59
N ALA AB 94 78.17 61.53 18.46
CA ALA AB 94 76.94 61.66 19.23
C ALA AB 94 75.96 60.56 18.88
N LEU AB 95 75.82 60.23 17.60
CA LEU AB 95 74.90 59.16 17.22
C LEU AB 95 75.35 57.81 17.76
N VAL AB 96 76.65 57.54 17.70
CA VAL AB 96 77.16 56.28 18.25
C VAL AB 96 76.96 56.22 19.75
N GLU AB 97 77.19 57.34 20.44
CA GLU AB 97 76.96 57.38 21.88
C GLU AB 97 75.50 57.18 22.23
N ALA AB 98 74.60 57.74 21.42
CA ALA AB 98 73.17 57.55 21.64
C ALA AB 98 72.78 56.08 21.50
N LEU AB 99 73.31 55.41 20.47
CA LEU AB 99 73.02 53.98 20.33
C LEU AB 99 73.59 53.17 21.48
N ARG AB 100 74.79 53.54 21.93
CA ARG AB 100 75.39 52.85 23.07
C ARG AB 100 74.53 52.99 24.32
N VAL AB 101 74.08 54.21 24.60
CA VAL AB 101 73.23 54.45 25.76
C VAL AB 101 71.92 53.69 25.64
N SER AB 102 71.36 53.63 24.43
CA SER AB 102 70.12 52.89 24.23
C SER AB 102 70.30 51.40 24.51
N VAL AB 103 71.42 50.82 24.05
CA VAL AB 103 71.66 49.40 24.29
C VAL AB 103 71.88 49.12 25.77
N GLU AB 104 72.67 49.96 26.44
CA GLU AB 104 72.90 49.79 27.87
C GLU AB 104 71.59 49.93 28.64
N LEU AB 105 70.74 50.87 28.25
CA LEU AB 105 69.45 51.04 28.90
C LEU AB 105 68.56 49.82 28.71
N TYR AB 106 68.58 49.23 27.52
CA TYR AB 106 67.82 48.00 27.32
C TYR AB 106 68.33 46.89 28.23
N ILE AB 107 69.65 46.77 28.35
CA ILE AB 107 70.23 45.76 29.23
C ILE AB 107 69.75 45.96 30.66
N LEU AB 108 69.82 47.20 31.14
CA LEU AB 108 69.44 47.49 32.51
C LEU AB 108 67.95 47.28 32.74
N ILE AB 109 67.12 47.62 31.75
CA ILE AB 109 65.69 47.38 31.87
C ILE AB 109 65.40 45.89 31.99
N LYS AB 110 66.06 45.08 31.16
CA LYS AB 110 65.84 43.64 31.22
C LYS AB 110 66.29 43.07 32.57
N ARG AB 111 67.46 43.50 33.05
CA ARG AB 111 67.93 43.03 34.35
C ARG AB 111 66.97 43.44 35.46
N GLY AB 112 66.47 44.67 35.43
CA GLY AB 112 65.56 45.12 36.46
C GLY AB 112 64.24 44.38 36.44
N VAL AB 113 63.68 44.15 35.25
CA VAL AB 113 62.40 43.47 35.17
C VAL AB 113 62.53 42.01 35.58
N ARG AB 114 63.60 41.33 35.14
CA ARG AB 114 63.79 39.93 35.51
C ARG AB 114 63.97 39.77 37.02
N GLU AB 115 64.84 40.58 37.61
CA GLU AB 115 65.10 40.56 39.05
C GLU AB 115 63.92 41.06 39.89
N GLY AB 116 62.81 41.45 39.27
CA GLY AB 116 61.70 41.99 40.03
C GLY AB 116 62.01 43.27 40.77
N ARG AB 117 62.90 44.09 40.22
CA ARG AB 117 63.25 45.35 40.85
C ARG AB 117 62.07 46.31 40.82
N PRO AB 118 61.96 47.19 41.81
CA PRO AB 118 60.86 48.17 41.80
C PRO AB 118 61.00 49.13 40.63
N ILE AB 119 59.84 49.60 40.15
CA ILE AB 119 59.81 50.58 39.06
C ILE AB 119 60.53 51.86 39.46
N GLU AB 120 60.51 52.19 40.76
CA GLU AB 120 61.11 53.43 41.22
C GLU AB 120 62.59 53.51 40.90
N GLU AB 121 63.36 52.48 41.28
CA GLU AB 121 64.80 52.53 41.07
C GLU AB 121 65.16 52.37 39.60
N ILE AB 122 64.36 51.62 38.84
CA ILE AB 122 64.57 51.55 37.39
C ILE AB 122 64.44 52.93 36.78
N ALA AB 123 63.39 53.67 37.16
CA ALA AB 123 63.20 55.01 36.64
C ALA AB 123 64.34 55.94 37.03
N ARG AB 124 64.80 55.84 38.28
CA ARG AB 124 65.92 56.68 38.71
C ARG AB 124 67.18 56.35 37.91
N GLU AB 125 67.43 55.07 37.66
CA GLU AB 125 68.60 54.68 36.87
C GLU AB 125 68.51 55.21 35.44
N VAL AB 126 67.33 55.10 34.83
CA VAL AB 126 67.16 55.61 33.47
C VAL AB 126 67.42 57.11 33.42
N GLY AB 127 66.87 57.85 34.39
CA GLY AB 127 67.12 59.28 34.44
C GLY AB 127 68.58 59.62 34.62
N ARG AB 128 69.27 58.88 35.49
CA ARG AB 128 70.70 59.13 35.70
C ARG AB 128 71.50 58.89 34.43
N LYS AB 129 71.18 57.81 33.72
CA LYS AB 129 71.88 57.51 32.47
C LYS AB 129 71.65 58.60 31.43
N LEU AB 130 70.40 59.05 31.30
CA LEU AB 130 70.10 60.11 30.33
C LEU AB 130 70.82 61.40 30.69
N VAL AB 131 70.88 61.74 31.97
CA VAL AB 131 71.57 62.96 32.38
C VAL AB 131 73.07 62.85 32.10
N GLU AB 132 73.66 61.68 32.34
CA GLU AB 132 75.07 61.49 32.05
C GLU AB 132 75.35 61.62 30.56
N LEU AB 133 74.49 61.04 29.73
CA LEU AB 133 74.65 61.21 28.28
C LEU AB 133 74.55 62.67 27.89
N ALA AB 134 73.59 63.40 28.45
CA ALA AB 134 73.43 64.82 28.12
C ALA AB 134 74.66 65.62 28.52
N LYS AB 135 75.21 65.33 29.70
CA LYS AB 135 76.43 66.01 30.14
C LYS AB 135 77.60 65.71 29.21
N ARG AB 136 77.74 64.45 28.78
CA ARG AB 136 78.79 64.09 27.85
C ARG AB 136 78.66 64.87 26.54
N LEU AB 137 77.45 64.87 25.98
CA LEU AB 137 77.23 65.56 24.70
C LEU AB 137 77.47 67.06 24.84
N GLU AB 138 77.06 67.64 25.98
CA GLU AB 138 77.32 69.05 26.21
C GLU AB 138 78.81 69.33 26.28
N LYS AB 139 79.57 68.44 26.90
CA LYS AB 139 81.02 68.59 26.93
C LYS AB 139 81.63 68.50 25.53
N GLU AB 140 81.10 67.60 24.69
CA GLU AB 140 81.62 67.47 23.33
C GLU AB 140 81.44 68.75 22.53
N GLY AB 141 80.28 69.38 22.64
CA GLY AB 141 80.02 70.60 21.91
C GLY AB 141 78.73 70.58 21.11
N ILE AB 142 77.95 69.52 21.29
CA ILE AB 142 76.66 69.42 20.60
C ILE AB 142 75.65 70.35 21.26
N SER AB 143 74.88 71.04 20.43
CA SER AB 143 73.91 72.00 20.94
C SER AB 143 72.76 71.28 21.66
N TRP AB 144 72.03 72.06 22.47
CA TRP AB 144 71.02 71.46 23.34
C TRP AB 144 69.79 71.00 22.58
N GLU AB 145 69.49 71.60 21.44
CA GLU AB 145 68.38 71.12 20.61
C GLU AB 145 68.66 69.70 20.10
N GLU AB 146 69.88 69.47 19.60
CA GLU AB 146 70.26 68.13 19.16
C GLU AB 146 70.27 67.16 20.32
N ILE AB 147 70.75 67.59 21.49
CA ILE AB 147 70.76 66.72 22.67
C ILE AB 147 69.34 66.31 23.03
N ILE AB 148 68.42 67.27 23.03
CA ILE AB 148 67.03 66.96 23.38
C ILE AB 148 66.42 66.01 22.35
N GLU AB 149 66.68 66.23 21.06
CA GLU AB 149 66.12 65.34 20.04
C GLU AB 149 66.67 63.91 20.18
N LEU AB 150 67.98 63.78 20.43
CA LEU AB 150 68.54 62.46 20.67
C LEU AB 150 67.91 61.80 21.89
N ILE AB 151 67.71 62.57 22.96
CA ILE AB 151 67.12 62.04 24.18
C ILE AB 151 65.70 61.55 23.93
N GLU AB 152 64.91 62.31 23.16
CA GLU AB 152 63.55 61.86 22.86
C GLU AB 152 63.52 60.63 21.97
N ARG AB 153 64.47 60.51 21.03
CA ARG AB 153 64.55 59.27 20.27
C ARG AB 153 64.86 58.08 21.19
N ILE AB 154 65.79 58.26 22.11
CA ILE AB 154 66.10 57.21 23.08
C ILE AB 154 64.87 56.89 23.92
N LEU AB 155 64.10 57.91 24.27
CA LEU AB 155 62.90 57.71 25.09
C LEU AB 155 61.83 56.93 24.34
N GLU AB 156 61.68 57.19 23.04
CA GLU AB 156 60.75 56.39 22.24
C GLU AB 156 61.21 54.94 22.16
N SER AB 157 62.52 54.73 22.01
CA SER AB 157 63.05 53.37 22.03
C SER AB 157 62.76 52.69 23.37
N ILE AB 158 62.94 53.42 24.47
CA ILE AB 158 62.65 52.89 25.80
C ILE AB 158 61.18 52.53 25.92
N ARG AB 159 60.30 53.38 25.40
CA ARG AB 159 58.87 53.11 25.46
C ARG AB 159 58.54 51.81 24.73
N GLU AB 160 59.12 51.62 23.54
CA GLU AB 160 58.88 50.37 22.81
C GLU AB 160 59.42 49.18 23.58
N ILE AB 161 60.62 49.30 24.15
CA ILE AB 161 61.21 48.19 24.90
C ILE AB 161 60.35 47.82 26.10
N LEU AB 162 59.89 48.84 26.84
CA LEU AB 162 59.06 48.60 28.02
C LEU AB 162 57.74 47.96 27.62
N LYS AB 163 57.13 48.42 26.54
CA LYS AB 163 55.90 47.81 26.06
C LYS AB 163 56.13 46.36 25.66
N GLU AB 164 57.33 46.03 25.17
CA GLU AB 164 57.64 44.65 24.83
C GLU AB 164 57.64 43.75 26.07
N GLU AB 165 58.16 44.26 27.18
CA GLU AB 165 58.25 43.47 28.42
C GLU AB 165 56.90 43.20 29.05
N GLY AB 166 55.79 43.64 28.45
CA GLY AB 166 54.48 43.40 29.02
C GLY AB 166 54.09 44.33 30.16
N LEU AB 167 54.86 45.39 30.40
CA LEU AB 167 54.50 46.33 31.44
C LEU AB 167 53.25 47.11 31.03
N PRO AB 168 52.37 47.45 31.97
CA PRO AB 168 51.20 48.26 31.63
C PRO AB 168 51.60 49.72 31.41
N GLU AB 169 50.64 50.49 30.88
CA GLU AB 169 50.91 51.86 30.45
C GLU AB 169 51.26 52.77 31.61
N SER AB 170 50.73 52.51 32.80
CA SER AB 170 50.92 53.44 33.92
C SER AB 170 52.39 53.51 34.33
N GLU AB 171 53.03 52.36 34.52
CA GLU AB 171 54.43 52.36 34.92
C GLU AB 171 55.34 52.88 33.81
N ILE AB 172 55.00 52.57 32.55
CA ILE AB 172 55.78 53.09 31.43
C ILE AB 172 55.74 54.62 31.43
N ASN AB 173 54.54 55.18 31.58
CA ASN AB 173 54.41 56.64 31.61
C ASN AB 173 55.12 57.23 32.81
N ARG AB 174 55.07 56.53 33.95
CA ARG AB 174 55.76 57.01 35.14
C ARG AB 174 57.27 57.07 34.92
N ILE AB 175 57.85 56.01 34.34
CA ILE AB 175 59.29 55.99 34.10
C ILE AB 175 59.68 57.09 33.12
N LEU AB 176 58.91 57.23 32.03
CA LEU AB 176 59.23 58.24 31.03
C LEU AB 176 59.14 59.65 31.60
N ALA AB 177 58.09 59.91 32.38
CA ALA AB 177 57.94 61.22 33.00
C ALA AB 177 59.08 61.51 33.98
N VAL AB 178 59.49 60.51 34.75
CA VAL AB 178 60.60 60.72 35.68
C VAL AB 178 61.89 61.05 34.94
N SER AB 179 62.17 60.33 33.84
CA SER AB 179 63.39 60.60 33.08
C SER AB 179 63.37 62.00 32.47
N ILE AB 180 62.23 62.38 31.88
CA ILE AB 180 62.11 63.73 31.31
C ILE AB 180 62.30 64.78 32.39
N LEU AB 181 61.71 64.55 33.57
CA LEU AB 181 61.83 65.51 34.65
C LEU AB 181 63.26 65.58 35.18
N GLU AB 182 64.00 64.48 35.13
CA GLU AB 182 65.40 64.54 35.55
C GLU AB 182 66.24 65.37 34.59
N VAL AB 183 65.99 65.21 33.28
CA VAL AB 183 66.68 66.07 32.31
C VAL AB 183 66.30 67.53 32.53
N ALA AB 184 65.02 67.80 32.78
CA ALA AB 184 64.59 69.16 33.04
C ALA AB 184 65.21 69.72 34.31
N LYS AB 185 65.38 68.86 35.33
CA LYS AB 185 66.03 69.28 36.56
C LYS AB 185 67.48 69.66 36.33
N TYR AB 186 68.19 68.88 35.49
CA TYR AB 186 69.56 69.26 35.14
C TYR AB 186 69.58 70.61 34.43
N LEU AB 187 68.64 70.83 33.52
CA LEU AB 187 68.57 72.13 32.84
C LEU AB 187 68.30 73.27 33.82
N LEU AB 188 67.39 73.06 34.78
CA LEU AB 188 67.10 74.08 35.78
C LEU AB 188 68.32 74.38 36.65
N GLU AB 189 69.05 73.34 37.03
CA GLU AB 189 70.28 73.55 37.79
C GLU AB 189 71.30 74.36 37.00
N LYS AB 190 71.41 74.08 35.70
CA LYS AB 190 72.29 74.89 34.85
C LYS AB 190 71.83 76.35 34.82
N LEU AB 191 70.52 76.58 34.69
CA LEU AB 191 70.01 77.94 34.67
C LEU AB 191 70.21 78.66 35.99
N GLY AB 192 70.01 77.96 37.11
CA GLY AB 192 70.21 78.55 38.42
C GLY AB 192 68.94 78.92 39.14
N PHE AB 193 67.90 78.09 38.98
CA PHE AB 193 66.61 78.30 39.64
C PHE AB 193 66.44 77.19 40.67
N ASP AB 194 66.91 77.45 41.89
CA ASP AB 194 66.98 76.40 42.91
C ASP AB 194 65.58 76.01 43.41
N TYR AB 195 64.70 76.99 43.61
CA TYR AB 195 63.37 76.68 44.14
C TYR AB 195 62.58 75.80 43.18
N LEU AB 196 62.64 76.11 41.88
CA LEU AB 196 62.01 75.25 40.90
C LEU AB 196 62.63 73.87 40.90
N VAL AB 197 63.93 73.77 41.17
CA VAL AB 197 64.57 72.46 41.30
C VAL AB 197 63.93 71.67 42.44
N GLU AB 198 63.79 72.32 43.60
CA GLU AB 198 63.21 71.64 44.77
C GLU AB 198 61.78 71.19 44.50
N LEU AB 199 60.97 72.06 43.90
CA LEU AB 199 59.63 71.65 43.51
C LEU AB 199 59.67 70.47 42.54
N LEU AB 200 60.70 70.42 41.69
CA LEU AB 200 60.81 69.31 40.75
C LEU AB 200 61.14 68.00 41.47
N ASP AB 201 62.02 68.04 42.48
CA ASP AB 201 62.23 66.81 43.25
C ASP AB 201 60.96 66.38 43.96
N ARG AB 202 60.20 67.34 44.49
CA ARG AB 202 58.94 66.99 45.14
C ARG AB 202 57.99 66.30 44.16
N ALA AB 203 57.86 66.85 42.96
CA ALA AB 203 56.99 66.25 41.96
C ALA AB 203 57.49 64.88 41.52
N ILE AB 204 58.81 64.72 41.39
CA ILE AB 204 59.38 63.42 41.00
C ILE AB 204 59.10 62.37 42.06
N GLU AB 205 59.27 62.75 43.33
CA GLU AB 205 58.96 61.82 44.43
C GLU AB 205 57.49 61.44 44.43
N TYR AB 206 56.61 62.42 44.19
CA TYR AB 206 55.17 62.10 44.15
C TYR AB 206 54.84 61.17 43.00
N ILE AB 207 55.46 61.38 41.84
CA ILE AB 207 55.24 60.48 40.70
C ILE AB 207 55.74 59.08 41.03
N LEU AB 208 56.91 58.99 41.65
CA LEU AB 208 57.52 57.69 41.93
C LEU AB 208 56.71 56.91 42.97
N LYS AB 209 56.18 57.60 43.98
CA LYS AB 209 55.39 56.95 45.02
C LYS AB 209 54.00 56.56 44.56
N GLY AB 210 53.57 57.00 43.38
CA GLY AB 210 52.29 56.63 42.83
C GLY AB 210 51.22 57.70 42.93
N ARG AB 211 51.47 58.78 43.66
CA ARG AB 211 50.50 59.86 43.83
C ARG AB 211 50.52 60.74 42.59
N SER AB 212 49.59 60.51 41.68
CA SER AB 212 49.62 61.11 40.35
C SER AB 212 48.96 62.50 40.31
N GLU AB 213 47.78 62.63 40.92
CA GLU AB 213 47.05 63.89 40.83
C GLU AB 213 47.78 65.02 41.54
N LEU AB 214 48.36 64.74 42.71
CA LEU AB 214 49.17 65.74 43.39
C LEU AB 214 50.35 66.16 42.54
N ALA AB 215 50.98 65.19 41.87
CA ALA AB 215 52.10 65.49 40.98
C ALA AB 215 51.65 66.36 39.80
N VAL AB 216 50.46 66.09 39.26
CA VAL AB 216 49.96 66.90 38.15
C VAL AB 216 49.70 68.33 38.59
N HIS AB 217 49.12 68.51 39.77
CA HIS AB 217 48.89 69.87 40.28
C HIS AB 217 50.22 70.58 40.54
N LEU AB 218 51.20 69.87 41.10
CA LEU AB 218 52.52 70.44 41.31
C LEU AB 218 53.16 70.85 39.98
N LEU AB 219 53.00 70.02 38.96
CA LEU AB 219 53.56 70.32 37.64
C LEU AB 219 52.88 71.52 37.02
N ASP AB 220 51.56 71.66 37.25
CA ASP AB 220 50.87 72.86 36.79
C ASP AB 220 51.43 74.12 37.45
N ASP AB 221 51.66 74.06 38.75
CA ASP AB 221 52.24 75.22 39.44
C ASP AB 221 53.65 75.51 38.93
N ILE AB 222 54.43 74.46 38.68
CA ILE AB 222 55.79 74.64 38.15
C ILE AB 222 55.74 75.26 36.77
N ILE AB 223 54.79 74.83 35.94
CA ILE AB 223 54.65 75.38 34.59
C ILE AB 223 54.30 76.87 34.66
N ARG AB 224 53.39 77.23 35.57
CA ARG AB 224 53.05 78.65 35.74
C ARG AB 224 54.28 79.45 36.16
N ARG AB 225 55.07 78.92 37.10
CA ARG AB 225 56.28 79.64 37.52
C ARG AB 225 57.28 79.78 36.39
N VAL AB 226 57.43 78.74 35.57
CA VAL AB 226 58.37 78.78 34.45
C VAL AB 226 57.92 79.82 33.43
N HIS AB 227 56.61 79.87 33.15
CA HIS AB 227 56.11 80.88 32.22
C HIS AB 227 56.31 82.29 32.78
N GLU AB 228 56.13 82.46 34.10
CA GLU AB 228 56.41 83.75 34.70
C GLU AB 228 57.88 84.15 34.53
N GLU AB 229 58.79 83.18 34.72
CA GLU AB 229 60.21 83.48 34.53
C GLU AB 229 60.51 83.86 33.08
N ILE AB 230 59.92 83.13 32.13
CA ILE AB 230 60.13 83.42 30.71
C ILE AB 230 59.64 84.83 30.39
N GLU AB 231 58.44 85.17 30.88
CA GLU AB 231 57.89 86.51 30.65
C GLU AB 231 58.77 87.58 31.29
N ARG AB 232 59.36 87.29 32.44
CA ARG AB 232 60.29 88.24 33.05
C ARG AB 232 61.52 88.46 32.19
N TYR AB 233 62.02 87.40 31.56
CA TYR AB 233 63.23 87.53 30.75
C TYR AB 233 63.02 88.44 29.55
N GLY AB 234 61.89 88.34 28.89
CA GLY AB 234 61.55 89.25 27.81
C GLY AB 234 62.02 88.74 26.46
N ASP AB 235 62.89 89.50 25.81
CA ASP AB 235 63.40 89.15 24.49
C ASP AB 235 64.72 88.41 24.52
N ASP AB 236 65.37 88.33 25.69
CA ASP AB 236 66.68 87.69 25.83
C ASP AB 236 66.58 86.32 26.49
N VAL AB 237 65.52 85.59 26.20
CA VAL AB 237 65.28 84.29 26.84
C VAL AB 237 66.31 83.28 26.35
N PRO AB 238 67.07 82.66 27.23
CA PRO AB 238 67.96 81.57 26.81
C PRO AB 238 67.17 80.36 26.33
N GLU AB 239 67.78 79.61 25.42
CA GLU AB 239 67.12 78.43 24.84
C GLU AB 239 66.89 77.33 25.86
N GLU AB 240 67.70 77.28 26.92
CA GLU AB 240 67.51 76.26 27.95
C GLU AB 240 66.15 76.43 28.63
N LEU AB 241 65.72 77.68 28.83
CA LEU AB 241 64.42 77.91 29.46
C LEU AB 241 63.28 77.39 28.59
N LEU AB 242 63.35 77.61 27.28
CA LEU AB 242 62.30 77.13 26.38
C LEU AB 242 62.29 75.61 26.31
N LEU AB 243 63.49 75.00 26.24
CA LEU AB 243 63.55 73.54 26.23
C LEU AB 243 63.01 72.97 27.53
N LEU AB 244 63.33 73.60 28.66
CA LEU AB 244 62.79 73.18 29.95
C LEU AB 244 61.27 73.29 29.98
N ASP AB 245 60.74 74.39 29.43
CA ASP AB 245 59.30 74.56 29.34
C ASP AB 245 58.66 73.39 28.58
N LEU AB 246 59.22 73.08 27.41
CA LEU AB 246 58.67 71.98 26.61
C LEU AB 246 58.76 70.65 27.36
N LEU AB 247 59.91 70.40 28.01
CA LEU AB 247 60.10 69.14 28.73
C LEU AB 247 59.10 69.00 29.87
N VAL AB 248 58.92 70.05 30.66
CA VAL AB 248 57.99 69.99 31.78
C VAL AB 248 56.57 69.82 31.28
N GLN AB 249 56.22 70.46 30.17
CA GLN AB 249 54.87 70.30 29.62
C GLN AB 249 54.62 68.86 29.18
N LYS AB 250 55.58 68.26 28.48
CA LYS AB 250 55.38 66.88 28.04
C LYS AB 250 55.39 65.90 29.22
N ALA AB 251 56.19 66.18 30.25
CA ALA AB 251 56.17 65.36 31.45
C ALA AB 251 54.83 65.45 32.16
N ARG AB 252 54.26 66.64 32.22
CA ARG AB 252 52.94 66.81 32.81
C ARG AB 252 51.88 66.06 32.01
N ASP AB 253 51.98 66.08 30.69
CA ASP AB 253 51.05 65.31 29.88
C ASP AB 253 51.17 63.81 30.17
N LEU AB 254 52.40 63.31 30.27
CA LEU AB 254 52.59 61.90 30.59
C LEU AB 254 52.05 61.56 31.97
N ALA AB 255 52.28 62.43 32.95
CA ALA AB 255 51.79 62.19 34.30
C ALA AB 255 50.27 62.18 34.34
N ALA AB 256 49.63 63.05 33.56
CA ALA AB 256 48.18 63.01 33.44
C ALA AB 256 47.72 61.69 32.82
N ARG AB 257 48.43 61.23 31.78
CA ARG AB 257 48.04 59.98 31.13
C ARG AB 257 48.31 58.74 31.98
N ILE AB 258 49.00 58.87 33.11
CA ILE AB 258 49.31 57.72 33.96
C ILE AB 258 48.03 57.02 34.40
N MET BB 25 55.03 64.94 -18.10
CA MET BB 25 54.02 65.96 -17.80
C MET BB 25 54.26 67.25 -18.57
N GLU BB 26 54.74 67.12 -19.81
CA GLU BB 26 55.07 68.31 -20.59
C GLU BB 26 53.84 69.13 -20.94
N LYS BB 27 52.64 68.55 -20.89
CA LYS BB 27 51.43 69.32 -21.14
C LYS BB 27 51.27 70.43 -20.10
N LEU BB 28 51.57 70.13 -18.83
CA LEU BB 28 51.44 71.14 -17.79
C LEU BB 28 52.52 72.21 -17.91
N GLU BB 29 53.71 71.86 -18.37
CA GLU BB 29 54.71 72.89 -18.65
C GLU BB 29 54.28 73.78 -19.81
N VAL BB 30 53.64 73.20 -20.84
CA VAL BB 30 53.10 74.00 -21.92
C VAL BB 30 52.01 74.93 -21.39
N ALA BB 31 51.18 74.43 -20.47
CA ALA BB 31 50.16 75.27 -19.85
C ALA BB 31 50.79 76.42 -19.06
N VAL BB 32 51.88 76.15 -18.34
CA VAL BB 32 52.56 77.20 -17.59
C VAL BB 32 53.13 78.26 -18.53
N GLU BB 33 53.73 77.82 -19.64
CA GLU BB 33 54.24 78.77 -20.63
C GLU BB 33 53.11 79.60 -21.23
N HIS BB 34 52.00 78.97 -21.53
CA HIS BB 34 50.84 79.71 -21.97
C HIS BB 34 50.41 80.75 -20.95
N LEU BB 35 50.34 80.37 -19.67
CA LEU BB 35 49.94 81.32 -18.62
C LEU BB 35 50.88 82.51 -18.57
N LYS BB 36 52.19 82.27 -18.70
CA LYS BB 36 53.12 83.38 -18.80
C LYS BB 36 52.82 84.26 -20.01
N GLU BB 37 52.52 83.64 -21.14
CA GLU BB 37 52.15 84.40 -22.33
C GLU BB 37 50.90 85.22 -22.10
N ALA BB 38 49.92 84.66 -21.38
CA ALA BB 38 48.69 85.39 -21.07
C ALA BB 38 48.97 86.61 -20.19
N ILE BB 39 49.84 86.44 -19.19
CA ILE BB 39 50.21 87.58 -18.35
C ILE BB 39 50.88 88.66 -19.19
N GLU BB 40 51.79 88.27 -20.07
CA GLU BB 40 52.46 89.25 -20.93
C GLU BB 40 51.46 89.94 -21.86
N LEU BB 41 50.48 89.20 -22.36
CA LEU BB 41 49.47 89.79 -23.24
C LEU BB 41 48.59 90.79 -22.51
N ILE BB 42 48.16 90.44 -21.29
CA ILE BB 42 47.39 91.39 -20.49
C ILE BB 42 48.22 92.64 -20.23
N GLU BB 43 49.52 92.47 -19.97
CA GLU BB 43 50.40 93.63 -19.79
C GLU BB 43 50.47 94.48 -21.05
N LYS BB 44 50.54 93.85 -22.22
CA LYS BB 44 50.65 94.60 -23.46
C LYS BB 44 49.37 95.37 -23.77
N GLY BB 45 48.22 94.71 -23.67
CA GLY BB 45 46.97 95.37 -23.92
C GLY BB 45 46.01 94.62 -24.83
N GLU BB 46 46.39 93.41 -25.24
CA GLU BB 46 45.54 92.58 -26.10
C GLU BB 46 44.69 91.68 -25.21
N TYR BB 47 43.44 92.08 -25.01
CA TYR BB 47 42.54 91.34 -24.12
C TYR BB 47 41.79 90.22 -24.82
N VAL BB 48 41.52 90.36 -26.12
CA VAL BB 48 40.90 89.28 -26.87
C VAL BB 48 41.83 88.08 -26.94
N LYS BB 49 43.10 88.33 -27.26
CA LYS BB 49 44.07 87.24 -27.31
C LYS BB 49 44.26 86.62 -25.94
N ALA BB 50 44.20 87.43 -24.88
CA ALA BB 50 44.29 86.88 -23.52
C ALA BB 50 43.10 85.97 -23.21
N ASP BB 51 41.89 86.37 -23.60
CA ASP BB 51 40.71 85.54 -23.38
C ASP BB 51 40.83 84.22 -24.14
N LEU BB 52 41.28 84.30 -25.40
CA LEU BB 52 41.46 83.09 -26.21
C LEU BB 52 42.55 82.18 -25.63
N ILE BB 53 43.64 82.77 -25.12
CA ILE BB 53 44.69 81.99 -24.48
C ILE BB 53 44.16 81.29 -23.23
N LEU BB 54 43.30 81.98 -22.47
CA LEU BB 54 42.73 81.35 -21.29
C LEU BB 54 41.87 80.15 -21.68
N THR BB 55 41.11 80.27 -22.78
CA THR BB 55 40.36 79.12 -23.27
C THR BB 55 41.28 77.97 -23.68
N ASP BB 56 42.40 78.30 -24.34
CA ASP BB 56 43.36 77.26 -24.72
C ASP BB 56 43.95 76.57 -23.49
N ILE BB 57 44.28 77.35 -22.46
CA ILE BB 57 44.83 76.78 -21.23
C ILE BB 57 43.81 75.87 -20.57
N LEU BB 58 42.54 76.27 -20.57
CA LEU BB 58 41.49 75.41 -20.03
C LEU BB 58 41.42 74.10 -20.80
N ARG BB 59 41.52 74.17 -22.13
CA ARG BB 59 41.51 72.94 -22.94
C ARG BB 59 42.69 72.04 -22.60
N LEU BB 60 43.88 72.62 -22.44
CA LEU BB 60 45.05 71.84 -22.07
C LEU BB 60 44.87 71.15 -20.72
N LEU BB 61 44.41 71.91 -19.71
CA LEU BB 61 44.25 71.35 -18.38
C LEU BB 61 43.19 70.26 -18.37
N GLU BB 62 42.09 70.45 -19.11
CA GLU BB 62 41.09 69.40 -19.22
C GLU BB 62 41.64 68.18 -19.92
N GLU BB 63 42.55 68.37 -20.89
CA GLU BB 63 43.22 67.24 -21.51
C GLU BB 63 44.05 66.46 -20.49
N GLU BB 64 44.75 67.18 -19.61
CA GLU BB 64 45.53 66.49 -18.58
C GLU BB 64 44.63 65.76 -17.59
N GLY BB 65 43.63 66.45 -17.05
CA GLY BB 65 42.64 65.80 -16.20
C GLY BB 65 42.79 66.01 -14.70
N VAL BB 66 43.04 67.23 -14.27
CA VAL BB 66 43.09 67.57 -12.85
C VAL BB 66 41.89 68.46 -12.53
N LYS BB 67 40.99 67.97 -11.68
CA LYS BB 67 39.68 68.58 -11.52
C LYS BB 67 39.78 69.98 -10.93
N SER BB 68 40.59 70.14 -9.87
CA SER BB 68 40.72 71.44 -9.23
C SER BB 68 41.28 72.47 -10.19
N LEU BB 69 42.32 72.10 -10.94
CA LEU BB 69 42.87 72.99 -11.94
C LEU BB 69 41.82 73.33 -13.00
N ILE BB 70 40.97 72.37 -13.36
CA ILE BB 70 39.98 72.60 -14.41
C ILE BB 70 38.95 73.64 -13.95
N LYS BB 71 38.41 73.46 -12.74
CA LYS BB 71 37.42 74.42 -12.26
C LYS BB 71 38.05 75.79 -12.04
N GLN BB 72 39.29 75.82 -11.56
CA GLN BB 72 39.99 77.09 -11.40
C GLN BB 72 40.18 77.78 -12.74
N ALA BB 73 40.48 77.01 -13.80
CA ALA BB 73 40.69 77.61 -15.11
C ALA BB 73 39.38 78.15 -15.70
N LYS BB 74 38.28 77.44 -15.52
CA LYS BB 74 37.00 77.94 -16.01
C LYS BB 74 36.59 79.22 -15.30
N GLU BB 75 36.66 79.22 -13.97
CA GLU BB 75 36.31 80.44 -13.24
C GLU BB 75 37.29 81.56 -13.56
N LEU BB 76 38.55 81.22 -13.85
CA LEU BB 76 39.51 82.24 -14.26
C LEU BB 76 39.10 82.87 -15.59
N HIS BB 77 38.69 82.06 -16.55
CA HIS BB 77 38.24 82.61 -17.83
C HIS BB 77 37.10 83.59 -17.62
N ILE BB 78 36.07 83.17 -16.89
CA ILE BB 78 34.89 84.03 -16.70
C ILE BB 78 35.29 85.32 -15.98
N GLU BB 79 35.99 85.20 -14.86
CA GLU BB 79 36.29 86.37 -14.04
C GLU BB 79 37.28 87.30 -14.72
N VAL BB 80 38.25 86.78 -15.45
CA VAL BB 80 39.19 87.64 -16.15
C VAL BB 80 38.48 88.38 -17.28
N PHE BB 81 37.55 87.72 -17.98
CA PHE BB 81 36.78 88.43 -18.99
C PHE BB 81 36.03 89.60 -18.36
N LYS BB 82 35.35 89.34 -17.23
CA LYS BB 82 34.61 90.41 -16.56
C LYS BB 82 35.53 91.54 -16.13
N LEU BB 83 36.66 91.20 -15.50
CA LEU BB 83 37.58 92.22 -14.99
C LEU BB 83 38.19 93.05 -16.11
N LEU BB 84 38.58 92.39 -17.21
CA LEU BB 84 39.12 93.14 -18.35
C LEU BB 84 38.06 94.02 -18.99
N LYS BB 85 36.79 93.61 -18.95
CA LYS BB 85 35.72 94.51 -19.35
C LYS BB 85 35.68 95.74 -18.45
N GLU BB 86 35.75 95.52 -17.13
CA GLU BB 86 35.68 96.65 -16.19
C GLU BB 86 36.94 97.49 -16.23
N GLY BB 87 38.10 96.89 -16.46
CA GLY BB 87 39.36 97.59 -16.46
C GLY BB 87 40.29 97.25 -15.31
N GLU BB 88 39.99 96.23 -14.53
CA GLU BB 88 40.82 95.81 -13.40
C GLU BB 88 41.92 94.89 -13.91
N TYR BB 89 42.95 95.50 -14.49
CA TYR BB 89 44.05 94.73 -15.05
C TYR BB 89 44.83 93.99 -13.97
N LYS BB 90 45.10 94.66 -12.85
CA LYS BB 90 45.91 94.05 -11.80
C LYS BB 90 45.21 92.84 -11.18
N GLU BB 91 43.90 92.91 -10.98
CA GLU BB 91 43.18 91.77 -10.43
C GLU BB 91 43.23 90.57 -11.37
N ALA BB 92 43.07 90.81 -12.68
CA ALA BB 92 43.14 89.72 -13.65
C ALA BB 92 44.54 89.12 -13.68
N LYS BB 93 45.57 89.97 -13.66
CA LYS BB 93 46.94 89.48 -13.62
C LYS BB 93 47.19 88.65 -12.36
N ALA BB 94 46.64 89.10 -11.22
CA ALA BB 94 46.79 88.34 -9.99
C ALA BB 94 46.13 86.97 -10.09
N LEU BB 95 44.93 86.91 -10.67
CA LEU BB 95 44.26 85.61 -10.81
C LEU BB 95 45.03 84.68 -11.74
N VAL BB 96 45.57 85.20 -12.84
CA VAL BB 96 46.36 84.37 -13.74
C VAL BB 96 47.62 83.88 -13.04
N GLU BB 97 48.27 84.75 -12.28
CA GLU BB 97 49.47 84.36 -11.54
C GLU BB 97 49.14 83.30 -10.49
N ALA BB 98 47.99 83.42 -9.84
CA ALA BB 98 47.58 82.41 -8.86
C ALA BB 98 47.39 81.06 -9.52
N LEU BB 99 46.73 81.03 -10.69
CA LEU BB 99 46.57 79.77 -11.40
C LEU BB 99 47.90 79.19 -11.84
N ARG BB 100 48.81 80.05 -12.30
CA ARG BB 100 50.14 79.60 -12.69
C ARG BB 100 50.88 78.96 -11.52
N VAL BB 101 50.86 79.62 -10.36
CA VAL BB 101 51.51 79.09 -9.18
C VAL BB 101 50.88 77.77 -8.76
N SER BB 102 49.56 77.67 -8.86
CA SER BB 102 48.89 76.42 -8.51
C SER BB 102 49.31 75.28 -9.42
N VAL BB 103 49.42 75.54 -10.73
CA VAL BB 103 49.83 74.48 -11.67
C VAL BB 103 51.28 74.07 -11.41
N GLU BB 104 52.17 75.05 -11.22
CA GLU BB 104 53.56 74.72 -10.93
C GLU BB 104 53.68 73.93 -9.62
N LEU BB 105 52.89 74.29 -8.62
CA LEU BB 105 52.91 73.57 -7.35
C LEU BB 105 52.44 72.14 -7.53
N TYR BB 106 51.41 71.92 -8.36
CA TYR BB 106 50.98 70.56 -8.62
C TYR BB 106 52.09 69.77 -9.30
N ILE BB 107 52.77 70.39 -10.26
CA ILE BB 107 53.89 69.71 -10.94
C ILE BB 107 54.95 69.29 -9.93
N LEU BB 108 55.32 70.22 -9.05
CA LEU BB 108 56.39 69.95 -8.09
C LEU BB 108 55.95 68.90 -7.08
N ILE BB 109 54.67 68.91 -6.66
CA ILE BB 109 54.18 67.89 -5.74
C ILE BB 109 54.25 66.51 -6.39
N LYS BB 110 53.85 66.42 -7.67
CA LYS BB 110 53.91 65.13 -8.35
C LYS BB 110 55.33 64.63 -8.48
N ARG BB 111 56.25 65.52 -8.86
CA ARG BB 111 57.65 65.13 -8.98
C ARG BB 111 58.23 64.69 -7.64
N GLY BB 112 57.89 65.41 -6.56
CA GLY BB 112 58.40 65.03 -5.25
C GLY BB 112 57.86 63.69 -4.78
N VAL BB 113 56.56 63.45 -4.98
CA VAL BB 113 55.95 62.21 -4.52
C VAL BB 113 56.48 61.03 -5.32
N ARG BB 114 56.60 61.19 -6.64
CA ARG BB 114 57.10 60.09 -7.48
C ARG BB 114 58.54 59.74 -7.11
N GLU BB 115 59.41 60.75 -7.01
CA GLU BB 115 60.81 60.56 -6.67
C GLU BB 115 61.02 60.13 -5.22
N GLY BB 116 59.96 59.95 -4.44
CA GLY BB 116 60.12 59.59 -3.04
C GLY BB 116 60.84 60.64 -2.21
N ARG BB 117 60.68 61.91 -2.57
CA ARG BB 117 61.32 62.98 -1.81
C ARG BB 117 60.71 63.08 -0.41
N PRO BB 118 61.50 63.51 0.57
CA PRO BB 118 60.95 63.68 1.93
C PRO BB 118 59.89 64.77 1.96
N ILE BB 119 58.93 64.60 2.86
CA ILE BB 119 57.88 65.60 3.05
C ILE BB 119 58.47 66.94 3.46
N GLU BB 120 59.60 66.92 4.17
CA GLU BB 120 60.20 68.15 4.68
C GLU BB 120 60.54 69.12 3.55
N GLU BB 121 61.29 68.64 2.55
CA GLU BB 121 61.72 69.54 1.48
C GLU BB 121 60.57 69.92 0.57
N ILE BB 122 59.59 69.04 0.39
CA ILE BB 122 58.39 69.41 -0.36
C ILE BB 122 57.68 70.57 0.32
N ALA BB 123 57.53 70.49 1.65
CA ALA BB 123 56.89 71.57 2.39
C ALA BB 123 57.67 72.86 2.29
N ARG BB 124 59.00 72.78 2.39
CA ARG BB 124 59.82 73.99 2.26
C ARG BB 124 59.68 74.60 0.88
N GLU BB 125 59.64 73.77 -0.17
CA GLU BB 125 59.46 74.29 -1.52
C GLU BB 125 58.12 74.97 -1.69
N VAL BB 126 57.05 74.35 -1.16
CA VAL BB 126 55.72 74.95 -1.25
C VAL BB 126 55.70 76.30 -0.57
N GLY BB 127 56.28 76.37 0.64
CA GLY BB 127 56.34 77.65 1.34
C GLY BB 127 57.11 78.70 0.58
N ARG BB 128 58.25 78.32 -0.01
CA ARG BB 128 59.04 79.27 -0.78
C ARG BB 128 58.26 79.80 -1.98
N LYS BB 129 57.55 78.91 -2.68
CA LYS BB 129 56.76 79.34 -3.84
C LYS BB 129 55.65 80.30 -3.42
N LEU BB 130 54.95 79.99 -2.31
CA LEU BB 130 53.90 80.87 -1.84
C LEU BB 130 54.44 82.23 -1.44
N VAL BB 131 55.60 82.26 -0.79
CA VAL BB 131 56.19 83.54 -0.39
C VAL BB 131 56.59 84.35 -1.62
N GLU BB 132 57.15 83.69 -2.63
CA GLU BB 132 57.52 84.40 -3.85
C GLU BB 132 56.29 84.98 -4.55
N LEU BB 133 55.20 84.22 -4.60
CA LEU BB 133 53.96 84.74 -5.17
C LEU BB 133 53.47 85.96 -4.38
N ALA BB 134 53.50 85.87 -3.04
CA ALA BB 134 53.05 86.98 -2.22
C ALA BB 134 53.89 88.22 -2.46
N LYS BB 135 55.21 88.05 -2.56
CA LYS BB 135 56.09 89.18 -2.84
C LYS BB 135 55.79 89.80 -4.20
N ARG BB 136 55.55 88.96 -5.21
CA ARG BB 136 55.18 89.47 -6.53
C ARG BB 136 53.90 90.29 -6.47
N LEU BB 137 52.87 89.74 -5.84
CA LEU BB 137 51.59 90.45 -5.76
C LEU BB 137 51.71 91.73 -4.97
N GLU BB 138 52.53 91.73 -3.91
CA GLU BB 138 52.75 92.96 -3.15
C GLU BB 138 53.45 94.01 -4.01
N LYS BB 139 54.39 93.58 -4.85
CA LYS BB 139 55.04 94.51 -5.77
C LYS BB 139 54.05 95.08 -6.77
N GLU BB 140 53.12 94.24 -7.26
CA GLU BB 140 52.14 94.71 -8.23
C GLU BB 140 51.26 95.81 -7.64
N GLY BB 141 50.81 95.64 -6.40
CA GLY BB 141 49.96 96.64 -5.77
C GLY BB 141 48.68 96.07 -5.20
N ILE BB 142 48.57 94.74 -5.20
CA ILE BB 142 47.41 94.08 -4.62
C ILE BB 142 47.50 94.12 -3.11
N SER BB 143 46.37 94.42 -2.46
CA SER BB 143 46.34 94.52 -1.01
C SER BB 143 46.54 93.16 -0.36
N TRP BB 144 46.89 93.19 0.93
CA TRP BB 144 47.28 91.96 1.61
C TRP BB 144 46.08 91.06 1.91
N GLU BB 145 44.89 91.62 2.05
CA GLU BB 145 43.70 90.78 2.23
C GLU BB 145 43.45 89.92 0.99
N GLU BB 146 43.56 90.53 -0.20
CA GLU BB 146 43.41 89.77 -1.43
C GLU BB 146 44.51 88.74 -1.59
N ILE BB 147 45.75 89.11 -1.22
CA ILE BB 147 46.86 88.17 -1.29
C ILE BB 147 46.61 86.96 -0.40
N ILE BB 148 46.13 87.21 0.83
CA ILE BB 148 45.86 86.11 1.75
C ILE BB 148 44.74 85.23 1.21
N GLU BB 149 43.69 85.82 0.67
CA GLU BB 149 42.58 85.02 0.13
C GLU BB 149 43.04 84.16 -1.04
N LEU BB 150 43.84 84.73 -1.95
CA LEU BB 150 44.39 83.94 -3.05
C LEU BB 150 45.25 82.80 -2.52
N ILE BB 151 46.07 83.08 -1.51
CA ILE BB 151 46.94 82.06 -0.95
C ILE BB 151 46.13 80.92 -0.34
N GLU BB 152 45.05 81.25 0.38
CA GLU BB 152 44.22 80.19 0.95
C GLU BB 152 43.49 79.39 -0.10
N ARG BB 153 43.07 80.02 -1.21
CA ARG BB 153 42.50 79.24 -2.30
C ARG BB 153 43.52 78.27 -2.87
N ILE BB 154 44.76 78.74 -3.07
CA ILE BB 154 45.83 77.86 -3.54
C ILE BB 154 46.07 76.74 -2.54
N LEU BB 155 45.98 77.04 -1.25
CA LEU BB 155 46.21 76.04 -0.21
C LEU BB 155 45.13 74.96 -0.22
N GLU BB 156 43.87 75.36 -0.46
CA GLU BB 156 42.81 74.38 -0.58
C GLU BB 156 43.02 73.50 -1.81
N SER BB 157 43.46 74.10 -2.92
CA SER BB 157 43.80 73.29 -4.09
C SER BB 157 44.92 72.31 -3.79
N ILE BB 158 45.94 72.76 -3.05
CA ILE BB 158 47.05 71.89 -2.66
C ILE BB 158 46.55 70.75 -1.79
N ARG BB 159 45.63 71.05 -0.86
CA ARG BB 159 45.08 70.02 0.01
C ARG BB 159 44.37 68.95 -0.82
N GLU BB 160 43.56 69.37 -1.80
CA GLU BB 160 42.89 68.40 -2.65
C GLU BB 160 43.89 67.58 -3.45
N ILE BB 161 44.92 68.23 -4.00
CA ILE BB 161 45.91 67.52 -4.80
C ILE BB 161 46.65 66.48 -3.96
N LEU BB 162 47.04 66.88 -2.74
CA LEU BB 162 47.76 65.96 -1.85
C LEU BB 162 46.87 64.79 -1.45
N LYS BB 163 45.59 65.06 -1.15
CA LYS BB 163 44.68 63.97 -0.84
C LYS BB 163 44.51 63.03 -2.02
N GLU BB 164 44.61 63.56 -3.25
CA GLU BB 164 44.53 62.70 -4.43
C GLU BB 164 45.70 61.71 -4.48
N GLU BB 165 46.90 62.17 -4.12
CA GLU BB 165 48.09 61.32 -4.19
C GLU BB 165 48.10 60.21 -3.15
N GLY BB 166 47.05 60.07 -2.34
CA GLY BB 166 47.01 59.03 -1.33
C GLY BB 166 47.80 59.30 -0.08
N LEU BB 167 48.28 60.53 0.11
CA LEU BB 167 49.00 60.85 1.34
C LEU BB 167 48.03 60.86 2.51
N PRO BB 168 48.47 60.44 3.70
CA PRO BB 168 47.61 60.52 4.88
C PRO BB 168 47.49 61.94 5.39
N GLU BB 169 46.55 62.12 6.31
CA GLU BB 169 46.19 63.46 6.77
C GLU BB 169 47.32 64.15 7.51
N SER BB 170 48.18 63.38 8.20
CA SER BB 170 49.21 63.98 9.04
C SER BB 170 50.21 64.79 8.22
N GLU BB 171 50.73 64.19 7.14
CA GLU BB 171 51.71 64.90 6.32
C GLU BB 171 51.07 66.05 5.55
N ILE BB 172 49.81 65.89 5.13
CA ILE BB 172 49.11 66.99 4.46
C ILE BB 172 48.99 68.18 5.39
N ASN BB 173 48.56 67.93 6.64
CA ASN BB 173 48.44 68.99 7.62
C ASN BB 173 49.80 69.61 7.93
N ARG BB 174 50.84 68.78 7.99
CA ARG BB 174 52.18 69.30 8.23
C ARG BB 174 52.63 70.25 7.13
N ILE BB 175 52.43 69.85 5.87
CA ILE BB 175 52.84 70.70 4.75
C ILE BB 175 52.06 72.01 4.76
N LEU BB 176 50.74 71.92 4.96
CA LEU BB 176 49.91 73.12 4.95
C LEU BB 176 50.30 74.06 6.08
N ALA BB 177 50.54 73.52 7.28
CA ALA BB 177 50.94 74.35 8.41
C ALA BB 177 52.28 75.02 8.16
N VAL BB 178 53.23 74.29 7.56
CA VAL BB 178 54.53 74.88 7.27
C VAL BB 178 54.40 76.02 6.27
N SER BB 179 53.58 75.84 5.22
CA SER BB 179 53.41 76.90 4.23
C SER BB 179 52.76 78.14 4.85
N ILE BB 180 51.72 77.94 5.65
CA ILE BB 180 51.06 79.06 6.32
C ILE BB 180 52.05 79.78 7.23
N LEU BB 181 52.86 79.01 7.96
CA LEU BB 181 53.83 79.61 8.87
C LEU BB 181 54.92 80.35 8.11
N GLU BB 182 55.28 79.91 6.91
CA GLU BB 182 56.25 80.64 6.12
C GLU BB 182 55.69 81.98 5.66
N VAL BB 183 54.43 82.00 5.23
CA VAL BB 183 53.79 83.27 4.89
C VAL BB 183 53.75 84.20 6.12
N ALA BB 184 53.38 83.64 7.26
CA ALA BB 184 53.33 84.42 8.49
C ALA BB 184 54.72 84.94 8.88
N LYS BB 185 55.76 84.13 8.63
CA LYS BB 185 57.12 84.57 8.89
C LYS BB 185 57.52 85.75 8.01
N TYR BB 186 57.13 85.70 6.74
CA TYR BB 186 57.39 86.84 5.86
C TYR BB 186 56.67 88.09 6.38
N LEU BB 187 55.42 87.93 6.82
CA LEU BB 187 54.70 89.08 7.39
C LEU BB 187 55.40 89.62 8.63
N LEU BB 188 55.87 88.73 9.51
CA LEU BB 188 56.58 89.18 10.72
C LEU BB 188 57.86 89.91 10.37
N GLU BB 189 58.60 89.42 9.38
CA GLU BB 189 59.80 90.11 8.94
C GLU BB 189 59.48 91.50 8.39
N LYS BB 190 58.37 91.61 7.65
CA LYS BB 190 57.94 92.94 7.20
C LYS BB 190 57.62 93.85 8.38
N LEU BB 191 56.93 93.33 9.39
CA LEU BB 191 56.59 94.14 10.56
C LEU BB 191 57.82 94.54 11.34
N GLY BB 192 58.79 93.63 11.50
CA GLY BB 192 60.01 93.93 12.21
C GLY BB 192 60.08 93.35 13.60
N PHE BB 193 59.55 92.15 13.79
CA PHE BB 193 59.56 91.45 15.06
C PHE BB 193 60.48 90.24 14.91
N ASP BB 194 61.77 90.45 15.21
CA ASP BB 194 62.78 89.43 14.93
C ASP BB 194 62.64 88.23 15.86
N TYR BB 195 62.38 88.48 17.15
CA TYR BB 195 62.30 87.37 18.10
C TYR BB 195 61.15 86.43 17.76
N LEU BB 196 60.00 86.99 17.40
CA LEU BB 196 58.89 86.15 16.96
C LEU BB 196 59.25 85.39 15.70
N VAL BB 197 60.05 85.99 14.83
CA VAL BB 197 60.54 85.27 13.65
C VAL BB 197 61.33 84.05 14.07
N GLU BB 198 62.29 84.23 14.99
CA GLU BB 198 63.12 83.11 15.45
C GLU BB 198 62.29 82.01 16.08
N LEU BB 199 61.34 82.38 16.93
CA LEU BB 199 60.43 81.38 17.48
C LEU BB 199 59.66 80.68 16.38
N LEU BB 200 59.34 81.39 15.30
CA LEU BB 200 58.62 80.77 14.19
C LEU BB 200 59.49 79.75 13.46
N ASP BB 201 60.77 80.06 13.25
CA ASP BB 201 61.64 79.03 12.66
C ASP BB 201 61.75 77.83 13.57
N ARG BB 202 61.84 78.05 14.89
CA ARG BB 202 61.89 76.92 15.81
C ARG BB 202 60.65 76.04 15.68
N ALA BB 203 59.47 76.67 15.64
CA ALA BB 203 58.23 75.91 15.52
C ALA BB 203 58.15 75.19 14.18
N ILE BB 204 58.62 75.84 13.10
CA ILE BB 204 58.59 75.21 11.78
C ILE BB 204 59.49 73.98 11.76
N GLU BB 205 60.69 74.10 12.34
CA GLU BB 205 61.60 72.96 12.43
C GLU BB 205 60.98 71.82 13.24
N TYR BB 206 60.32 72.16 14.35
CA TYR BB 206 59.70 71.11 15.16
C TYR BB 206 58.56 70.42 14.39
N ILE BB 207 57.77 71.19 13.64
CA ILE BB 207 56.72 70.59 12.81
C ILE BB 207 57.33 69.69 11.76
N LEU BB 208 58.40 70.14 11.12
CA LEU BB 208 59.00 69.38 10.02
C LEU BB 208 59.62 68.09 10.52
N LYS BB 209 60.27 68.12 11.69
CA LYS BB 209 60.90 66.93 12.25
C LYS BB 209 59.90 65.94 12.82
N GLY BB 210 58.62 66.30 12.93
CA GLY BB 210 57.59 65.40 13.41
C GLY BB 210 57.15 65.63 14.84
N ARG BB 211 57.86 66.48 15.59
CA ARG BB 211 57.52 66.77 16.98
C ARG BB 211 56.35 67.75 17.02
N SER BB 212 55.14 67.23 17.19
CA SER BB 212 53.93 68.01 17.02
C SER BB 212 53.51 68.75 18.29
N GLU BB 213 53.54 68.08 19.44
CA GLU BB 213 53.05 68.69 20.67
C GLU BB 213 53.94 69.85 21.12
N LEU BB 214 55.26 69.70 20.98
CA LEU BB 214 56.16 70.81 21.26
C LEU BB 214 55.88 71.99 20.36
N ALA BB 215 55.61 71.71 19.08
CA ALA BB 215 55.27 72.77 18.14
C ALA BB 215 53.98 73.47 18.52
N VAL BB 216 52.98 72.70 18.99
CA VAL BB 216 51.71 73.30 19.39
C VAL BB 216 51.91 74.20 20.60
N HIS BB 217 52.71 73.77 21.57
CA HIS BB 217 52.98 74.62 22.73
C HIS BB 217 53.74 75.88 22.32
N LEU BB 218 54.72 75.74 21.43
CA LEU BB 218 55.44 76.90 20.92
C LEU BB 218 54.51 77.86 20.21
N LEU BB 219 53.57 77.33 19.43
CA LEU BB 219 52.62 78.17 18.71
C LEU BB 219 51.67 78.87 19.67
N ASP BB 220 51.30 78.21 20.77
CA ASP BB 220 50.50 78.87 21.80
C ASP BB 220 51.25 80.05 22.40
N ASP BB 221 52.53 79.85 22.72
CA ASP BB 221 53.33 80.96 23.26
C ASP BB 221 53.46 82.08 22.25
N ILE BB 222 53.66 81.74 20.97
CA ILE BB 222 53.75 82.75 19.91
C ILE BB 222 52.44 83.53 19.80
N ILE BB 223 51.31 82.83 19.89
CA ILE BB 223 50.01 83.48 19.80
C ILE BB 223 49.82 84.44 20.96
N ARG BB 224 50.23 84.03 22.17
CA ARG BB 224 50.15 84.95 23.32
C ARG BB 224 50.99 86.19 23.09
N ARG BB 225 52.22 86.00 22.59
CA ARG BB 225 53.08 87.16 22.33
C ARG BB 225 52.49 88.08 21.27
N VAL BB 226 51.89 87.51 20.22
CA VAL BB 226 51.29 88.31 19.17
C VAL BB 226 50.11 89.11 19.72
N HIS BB 227 49.28 88.48 20.55
CA HIS BB 227 48.16 89.19 21.16
C HIS BB 227 48.65 90.31 22.07
N GLU BB 228 49.76 90.07 22.79
CA GLU BB 228 50.34 91.13 23.61
C GLU BB 228 50.79 92.30 22.74
N GLU BB 229 51.42 92.02 21.60
CA GLU BB 229 51.85 93.09 20.70
C GLU BB 229 50.65 93.87 20.17
N ILE BB 230 49.59 93.16 19.78
CA ILE BB 230 48.39 93.82 19.27
C ILE BB 230 47.79 94.73 20.33
N GLU BB 231 47.69 94.22 21.56
CA GLU BB 231 47.16 95.04 22.66
C GLU BB 231 48.04 96.24 22.93
N ARG BB 232 49.36 96.10 22.77
CA ARG BB 232 50.25 97.25 22.94
C ARG BB 232 49.99 98.30 21.87
N TYR BB 233 49.71 97.87 20.63
CA TYR BB 233 49.52 98.83 19.55
C TYR BB 233 48.29 99.69 19.79
N GLY BB 234 47.20 99.11 20.27
CA GLY BB 234 46.02 99.89 20.64
C GLY BB 234 45.05 100.03 19.48
N ASP BB 235 44.79 101.28 19.07
CA ASP BB 235 43.85 101.55 18.00
C ASP BB 235 44.51 101.71 16.63
N ASP BB 236 45.85 101.75 16.58
CA ASP BB 236 46.58 101.95 15.34
C ASP BB 236 47.21 100.65 14.83
N VAL BB 237 46.55 99.53 15.04
CA VAL BB 237 47.10 98.23 14.67
C VAL BB 237 47.17 98.10 13.16
N PRO BB 238 48.35 97.84 12.59
CA PRO BB 238 48.42 97.57 11.15
C PRO BB 238 47.72 96.26 10.80
N GLU BB 239 47.21 96.20 9.57
CA GLU BB 239 46.48 95.01 9.11
C GLU BB 239 47.36 93.78 9.01
N GLU BB 240 48.67 93.97 8.81
CA GLU BB 240 49.58 92.83 8.73
C GLU BB 240 49.59 92.06 10.04
N LEU BB 241 49.51 92.76 11.17
CA LEU BB 241 49.49 92.08 12.47
C LEU BB 241 48.24 91.22 12.63
N LEU BB 242 47.08 91.71 12.20
CA LEU BB 242 45.86 90.93 12.31
C LEU BB 242 45.89 89.73 11.37
N LEU BB 243 46.38 89.93 10.15
CA LEU BB 243 46.49 88.80 9.22
C LEU BB 243 47.47 87.76 9.76
N LEU BB 244 48.57 88.21 10.35
CA LEU BB 244 49.53 87.30 10.97
C LEU BB 244 48.89 86.53 12.12
N ASP BB 245 48.09 87.22 12.94
CA ASP BB 245 47.37 86.55 14.02
C ASP BB 245 46.49 85.43 13.48
N LEU BB 246 45.70 85.74 12.45
CA LEU BB 246 44.81 84.72 11.88
C LEU BB 246 45.61 83.56 11.29
N LEU BB 247 46.71 83.86 10.60
CA LEU BB 247 47.52 82.81 9.98
C LEU BB 247 48.12 81.89 11.03
N VAL BB 248 48.68 82.46 12.10
CA VAL BB 248 49.29 81.65 13.15
C VAL BB 248 48.23 80.81 13.86
N GLN BB 249 47.05 81.38 14.06
CA GLN BB 249 45.98 80.60 14.69
C GLN BB 249 45.57 79.41 13.84
N LYS BB 250 45.39 79.62 12.53
CA LYS BB 250 45.00 78.49 11.69
C LYS BB 250 46.13 77.46 11.55
N ALA BB 251 47.38 77.92 11.55
CA ALA BB 251 48.50 77.00 11.53
C ALA BB 251 48.56 76.17 12.80
N ARG BB 252 48.28 76.78 13.95
CA ARG BB 252 48.23 76.04 15.20
C ARG BB 252 47.11 75.02 15.19
N ASP BB 253 45.94 75.38 14.63
CA ASP BB 253 44.86 74.42 14.50
C ASP BB 253 45.27 73.23 13.64
N LEU BB 254 45.93 73.50 12.51
CA LEU BB 254 46.39 72.40 11.65
C LEU BB 254 47.43 71.54 12.36
N ALA BB 255 48.35 72.16 13.10
CA ALA BB 255 49.36 71.40 13.81
C ALA BB 255 48.73 70.53 14.89
N ALA BB 256 47.70 71.03 15.56
CA ALA BB 256 46.97 70.20 16.51
C ALA BB 256 46.29 69.03 15.81
N ARG BB 257 45.71 69.27 14.63
CA ARG BB 257 45.03 68.20 13.91
C ARG BB 257 45.99 67.17 13.31
N ILE BB 258 47.29 67.43 13.34
CA ILE BB 258 48.26 66.50 12.76
C ILE BB 258 48.15 65.13 13.41
N MET CB 25 3.54 86.68 -6.89
CA MET CB 25 3.31 86.86 -5.47
C MET CB 25 2.64 88.20 -5.16
N GLU CB 26 1.73 88.64 -6.04
CA GLU CB 26 1.09 89.94 -5.87
C GLU CB 26 0.20 89.99 -4.64
N LYS CB 27 -0.24 88.83 -4.12
CA LYS CB 27 -1.03 88.81 -2.91
C LYS CB 27 -0.25 89.39 -1.74
N LEU CB 28 1.03 89.05 -1.64
CA LEU CB 28 1.86 89.56 -0.55
C LEU CB 28 2.15 91.05 -0.70
N GLU CB 29 2.28 91.54 -1.94
CA GLU CB 29 2.39 92.98 -2.13
C GLU CB 29 1.10 93.70 -1.74
N VAL CB 30 -0.05 93.09 -2.03
CA VAL CB 30 -1.32 93.66 -1.58
C VAL CB 30 -1.37 93.68 -0.06
N ALA CB 31 -0.88 92.62 0.58
CA ALA CB 31 -0.81 92.59 2.03
C ALA CB 31 0.10 93.69 2.58
N VAL CB 32 1.23 93.93 1.93
CA VAL CB 32 2.14 94.99 2.37
C VAL CB 32 1.48 96.36 2.24
N GLU CB 33 0.76 96.58 1.13
CA GLU CB 33 0.04 97.84 0.95
C GLU CB 33 -1.05 98.00 2.02
N HIS CB 34 -1.76 96.94 2.31
CA HIS CB 34 -2.70 96.97 3.40
C HIS CB 34 -2.05 97.34 4.72
N LEU CB 35 -0.90 96.73 5.03
CA LEU CB 35 -0.19 97.03 6.27
C LEU CB 35 0.19 98.50 6.35
N LYS CB 36 0.64 99.07 5.23
CA LYS CB 36 0.91 100.51 5.20
C LYS CB 36 -0.37 101.29 5.48
N GLU CB 37 -1.49 100.87 4.88
CA GLU CB 37 -2.76 101.53 5.14
C GLU CB 37 -3.15 101.43 6.61
N ALA CB 38 -2.89 100.29 7.23
CA ALA CB 38 -3.19 100.11 8.65
C ALA CB 38 -2.36 101.05 9.52
N ILE CB 39 -1.07 101.19 9.19
CA ILE CB 39 -0.23 102.13 9.94
C ILE CB 39 -0.76 103.55 9.79
N GLU CB 40 -1.13 103.94 8.57
CA GLU CB 40 -1.68 105.27 8.35
C GLU CB 40 -2.99 105.47 9.12
N LEU CB 41 -3.82 104.43 9.17
CA LEU CB 41 -5.09 104.53 9.90
C LEU CB 41 -4.88 104.68 11.40
N ILE CB 42 -3.95 103.90 11.97
CA ILE CB 42 -3.62 104.05 13.38
C ILE CB 42 -3.11 105.46 13.64
N GLU CB 43 -2.31 106.00 12.72
CA GLU CB 43 -1.83 107.37 12.87
C GLU CB 43 -2.98 108.37 12.85
N LYS CB 44 -3.96 108.15 11.96
CA LYS CB 44 -5.09 109.08 11.86
C LYS CB 44 -5.97 109.05 13.11
N GLY CB 45 -6.34 107.85 13.55
CA GLY CB 45 -7.15 107.73 14.75
C GLY CB 45 -8.33 106.78 14.61
N GLU CB 46 -8.46 106.12 13.46
CA GLU CB 46 -9.55 105.16 13.24
C GLU CB 46 -9.06 103.78 13.64
N TYR CB 47 -9.44 103.35 14.84
CA TYR CB 47 -8.98 102.07 15.38
C TYR CB 47 -9.87 100.91 14.96
N VAL CB 48 -11.17 101.14 14.74
CA VAL CB 48 -12.05 100.08 14.25
C VAL CB 48 -11.63 99.67 12.84
N LYS CB 49 -11.38 100.65 11.98
CA LYS CB 49 -10.93 100.34 10.63
C LYS CB 49 -9.57 99.65 10.64
N ALA CB 50 -8.70 100.02 11.58
CA ALA CB 50 -7.41 99.36 11.71
C ALA CB 50 -7.58 97.89 12.11
N ASP CB 51 -8.49 97.62 13.06
CA ASP CB 51 -8.75 96.24 13.47
C ASP CB 51 -9.31 95.42 12.31
N LEU CB 52 -10.23 96.01 11.55
CA LEU CB 52 -10.80 95.31 10.40
C LEU CB 52 -9.75 95.07 9.32
N ILE CB 53 -8.87 96.05 9.09
CA ILE CB 53 -7.78 95.87 8.12
C ILE CB 53 -6.86 94.75 8.56
N LEU CB 54 -6.58 94.66 9.87
CA LEU CB 54 -5.74 93.57 10.35
C LEU CB 54 -6.38 92.22 10.09
N THR CB 55 -7.70 92.13 10.27
CA THR CB 55 -8.39 90.89 9.93
C THR CB 55 -8.28 90.58 8.44
N ASP CB 56 -8.42 91.61 7.60
CA ASP CB 56 -8.27 91.40 6.15
C ASP CB 56 -6.86 90.92 5.79
N ILE CB 57 -5.84 91.50 6.42
CA ILE CB 57 -4.47 91.09 6.17
C ILE CB 57 -4.26 89.64 6.59
N LEU CB 58 -4.84 89.26 7.73
CA LEU CB 58 -4.76 87.86 8.15
C LEU CB 58 -5.40 86.94 7.13
N ARG CB 59 -6.55 87.34 6.58
CA ARG CB 59 -7.21 86.53 5.55
C ARG CB 59 -6.32 86.39 4.32
N LEU CB 60 -5.70 87.50 3.88
CA LEU CB 60 -4.80 87.45 2.73
C LEU CB 60 -3.63 86.51 2.97
N LEU CB 61 -2.97 86.64 4.13
CA LEU CB 61 -1.81 85.81 4.41
C LEU CB 61 -2.20 84.34 4.52
N GLU CB 62 -3.35 84.04 5.11
CA GLU CB 62 -3.81 82.67 5.15
C GLU CB 62 -4.13 82.15 3.76
N GLU CB 63 -4.62 83.02 2.87
CA GLU CB 63 -4.81 82.63 1.49
C GLU CB 63 -3.49 82.26 0.83
N GLU CB 64 -2.43 83.03 1.10
CA GLU CB 64 -1.13 82.70 0.54
C GLU CB 64 -0.58 81.40 1.11
N GLY CB 65 -0.57 81.27 2.44
CA GLY CB 65 -0.19 80.01 3.07
C GLY CB 65 1.20 79.93 3.65
N VAL CB 66 1.62 80.97 4.39
CA VAL CB 66 2.89 80.96 5.10
C VAL CB 66 2.59 80.93 6.59
N LYS CB 67 3.01 79.85 7.26
CA LYS CB 67 2.55 79.57 8.61
C LYS CB 67 3.04 80.62 9.60
N SER CB 68 4.32 80.96 9.54
CA SER CB 68 4.87 81.94 10.47
C SER CB 68 4.19 83.29 10.32
N LEU CB 69 3.98 83.73 9.08
CA LEU CB 69 3.26 84.98 8.84
C LEU CB 69 1.83 84.89 9.37
N ILE CB 70 1.21 83.72 9.25
CA ILE CB 70 -0.18 83.57 9.70
C ILE CB 70 -0.28 83.72 11.21
N LYS CB 71 0.58 83.01 11.96
CA LYS CB 71 0.51 83.12 13.41
C LYS CB 71 0.90 84.52 13.87
N GLN CB 72 1.88 85.14 13.19
CA GLN CB 72 2.24 86.51 13.52
C GLN CB 72 1.07 87.45 13.29
N ALA CB 73 0.31 87.24 12.21
CA ALA CB 73 -0.82 88.12 11.92
C ALA CB 73 -1.95 87.95 12.93
N LYS CB 74 -2.23 86.71 13.35
CA LYS CB 74 -3.27 86.49 14.37
C LYS CB 74 -2.89 87.15 15.70
N GLU CB 75 -1.66 86.89 16.17
CA GLU CB 75 -1.23 87.52 17.41
C GLU CB 75 -1.18 89.03 17.27
N LEU CB 76 -0.85 89.53 16.07
CA LEU CB 76 -0.88 90.97 15.84
C LEU CB 76 -2.27 91.53 16.00
N HIS CB 77 -3.27 90.86 15.43
CA HIS CB 77 -4.64 91.32 15.59
C HIS CB 77 -5.02 91.42 17.06
N ILE CB 78 -4.79 90.35 17.82
CA ILE CB 78 -5.18 90.34 19.22
C ILE CB 78 -4.45 91.43 20.01
N GLU CB 79 -3.12 91.49 19.86
CA GLU CB 79 -2.33 92.42 20.67
C GLU CB 79 -2.57 93.86 20.27
N VAL CB 80 -2.77 94.14 18.98
CA VAL CB 80 -3.06 95.51 18.57
C VAL CB 80 -4.42 95.95 19.07
N PHE CB 81 -5.40 95.05 19.07
CA PHE CB 81 -6.69 95.41 19.66
C PHE CB 81 -6.54 95.77 21.12
N LYS CB 82 -5.80 94.94 21.88
CA LYS CB 82 -5.59 95.24 23.29
C LYS CB 82 -4.87 96.57 23.49
N LEU CB 83 -3.80 96.81 22.73
CA LEU CB 83 -3.01 98.02 22.89
C LEU CB 83 -3.80 99.26 22.52
N LEU CB 84 -4.58 99.20 21.44
CA LEU CB 84 -5.40 100.34 21.07
C LEU CB 84 -6.49 100.58 22.09
N LYS CB 85 -6.99 99.54 22.76
CA LYS CB 85 -7.88 99.74 23.90
C LYS CB 85 -7.15 100.50 25.00
N GLU CB 86 -5.93 100.09 25.33
CA GLU CB 86 -5.19 100.75 26.40
C GLU CB 86 -4.73 102.15 26.02
N GLY CB 87 -4.41 102.36 24.75
CA GLY CB 87 -3.89 103.64 24.29
C GLY CB 87 -2.43 103.63 23.86
N GLU CB 88 -1.80 102.47 23.77
CA GLU CB 88 -0.40 102.37 23.36
C GLU CB 88 -0.31 102.36 21.85
N TYR CB 89 -0.43 103.55 21.26
CA TYR CB 89 -0.40 103.68 19.81
C TYR CB 89 0.94 103.29 19.23
N LYS CB 90 2.03 103.73 19.88
CA LYS CB 90 3.37 103.47 19.34
C LYS CB 90 3.70 101.99 19.34
N GLU CB 91 3.30 101.26 20.38
CA GLU CB 91 3.55 99.83 20.43
C GLU CB 91 2.81 99.10 19.31
N ALA CB 92 1.55 99.47 19.07
CA ALA CB 92 0.78 98.86 17.99
C ALA CB 92 1.39 99.17 16.64
N LYS CB 93 1.80 100.42 16.43
CA LYS CB 93 2.47 100.79 15.19
C LYS CB 93 3.76 100.00 15.00
N ALA CB 94 4.52 99.80 16.09
CA ALA CB 94 5.74 99.01 16.00
C ALA CB 94 5.46 97.57 15.61
N LEU CB 95 4.41 96.98 16.20
CA LEU CB 95 4.08 95.60 15.84
C LEU CB 95 3.65 95.48 14.38
N VAL CB 96 2.85 96.44 13.89
CA VAL CB 96 2.43 96.41 12.50
C VAL CB 96 3.65 96.58 11.58
N GLU CB 97 4.56 97.48 11.94
CA GLU CB 97 5.77 97.67 11.13
C GLU CB 97 6.64 96.42 11.14
N ALA CB 98 6.71 95.72 12.27
CA ALA CB 98 7.47 94.49 12.33
C ALA CB 98 6.88 93.43 11.41
N LEU CB 99 5.55 93.30 11.41
CA LEU CB 99 4.93 92.33 10.49
C LEU CB 99 5.15 92.73 9.03
N ARG CB 100 5.09 94.03 8.75
CA ARG CB 100 5.33 94.50 7.38
C ARG CB 100 6.74 94.15 6.93
N VAL CB 101 7.73 94.42 7.79
CA VAL CB 101 9.12 94.10 7.46
C VAL CB 101 9.30 92.61 7.27
N SER CB 102 8.64 91.81 8.10
CA SER CB 102 8.74 90.35 7.97
C SER CB 102 8.18 89.87 6.63
N VAL CB 103 7.04 90.42 6.20
CA VAL CB 103 6.44 90.01 4.93
C VAL CB 103 7.33 90.44 3.76
N GLU CB 104 7.83 91.68 3.80
CA GLU CB 104 8.72 92.14 2.74
C GLU CB 104 9.99 91.31 2.68
N LEU CB 105 10.52 90.92 3.83
CA LEU CB 105 11.72 90.09 3.88
C LEU CB 105 11.45 88.71 3.29
N TYR CB 106 10.26 88.15 3.56
CA TYR CB 106 9.93 86.86 2.94
C TYR CB 106 9.85 87.00 1.43
N ILE CB 107 9.25 88.10 0.95
CA ILE CB 107 9.16 88.32 -0.49
C ILE CB 107 10.56 88.37 -1.10
N LEU CB 108 11.46 89.13 -0.47
CA LEU CB 108 12.80 89.30 -1.01
C LEU CB 108 13.58 88.00 -0.95
N ILE CB 109 13.40 87.21 0.11
CA ILE CB 109 14.08 85.91 0.19
C ILE CB 109 13.61 85.00 -0.92
N LYS CB 110 12.30 84.97 -1.18
CA LYS CB 110 11.79 84.11 -2.26
C LYS CB 110 12.33 84.55 -3.61
N ARG CB 111 12.33 85.87 -3.87
CA ARG CB 111 12.86 86.36 -5.14
C ARG CB 111 14.34 86.04 -5.28
N GLY CB 112 15.12 86.19 -4.21
CA GLY CB 112 16.54 85.88 -4.29
C GLY CB 112 16.81 84.42 -4.53
N VAL CB 113 16.08 83.54 -3.83
CA VAL CB 113 16.31 82.11 -3.98
C VAL CB 113 15.90 81.64 -5.36
N ARG CB 114 14.75 82.10 -5.86
CA ARG CB 114 14.30 81.69 -7.18
C ARG CB 114 15.26 82.15 -8.27
N GLU CB 115 15.67 83.42 -8.24
CA GLU CB 115 16.61 83.99 -9.20
C GLU CB 115 18.02 83.45 -9.05
N GLY CB 116 18.27 82.54 -8.12
CA GLY CB 116 19.62 82.04 -7.91
C GLY CB 116 20.60 83.10 -7.46
N ARG CB 117 20.15 84.11 -6.73
CA ARG CB 117 21.03 85.15 -6.26
C ARG CB 117 22.01 84.59 -5.23
N PRO CB 118 23.21 85.16 -5.15
CA PRO CB 118 24.18 84.71 -4.14
C PRO CB 118 23.68 84.98 -2.73
N ILE CB 119 24.08 84.11 -1.81
CA ILE CB 119 23.73 84.27 -0.40
C ILE CB 119 24.27 85.58 0.14
N GLU CB 120 25.41 86.05 -0.39
CA GLU CB 120 26.04 87.26 0.11
C GLU CB 120 25.11 88.47 0.01
N GLU CB 121 24.56 88.72 -1.17
CA GLU CB 121 23.74 89.91 -1.36
C GLU CB 121 22.39 89.77 -0.66
N ILE CB 122 21.86 88.55 -0.57
CA ILE CB 122 20.64 88.33 0.21
C ILE CB 122 20.87 88.72 1.66
N ALA CB 123 22.01 88.28 2.23
CA ALA CB 123 22.33 88.62 3.62
C ALA CB 123 22.49 90.13 3.79
N ARG CB 124 23.16 90.78 2.84
CA ARG CB 124 23.33 92.23 2.93
C ARG CB 124 21.98 92.94 2.89
N GLU CB 125 21.08 92.48 2.01
CA GLU CB 125 19.76 93.09 1.92
C GLU CB 125 18.97 92.91 3.22
N VAL CB 126 19.02 91.71 3.80
CA VAL CB 126 18.33 91.46 5.06
C VAL CB 126 18.86 92.37 6.15
N GLY CB 127 20.18 92.51 6.25
CA GLY CB 127 20.76 93.41 7.23
C GLY CB 127 20.34 94.85 7.03
N ARG CB 128 20.33 95.30 5.78
CA ARG CB 128 19.91 96.68 5.48
C ARG CB 128 18.46 96.91 5.89
N LYS CB 129 17.58 95.96 5.59
CA LYS CB 129 16.18 96.10 5.96
C LYS CB 129 16.01 96.15 7.48
N LEU CB 130 16.72 95.28 8.21
CA LEU CB 130 16.62 95.29 9.66
C LEU CB 130 17.14 96.59 10.24
N VAL CB 131 18.23 97.13 9.69
CA VAL CB 131 18.76 98.39 10.20
C VAL CB 131 17.78 99.54 9.92
N GLU CB 132 17.15 99.53 8.75
CA GLU CB 132 16.18 100.58 8.45
C GLU CB 132 14.98 100.50 9.40
N LEU CB 133 14.50 99.29 9.68
CA LEU CB 133 13.42 99.14 10.66
C LEU CB 133 13.84 99.65 12.03
N ALA CB 134 15.06 99.32 12.46
CA ALA CB 134 15.53 99.78 13.76
C ALA CB 134 15.61 101.30 13.82
N LYS CB 135 16.10 101.92 12.75
CA LYS CB 135 16.15 103.38 12.71
C LYS CB 135 14.76 103.99 12.77
N ARG CB 136 13.80 103.40 12.04
CA ARG CB 136 12.43 103.89 12.09
C ARG CB 136 11.87 103.81 13.51
N LEU CB 137 12.02 102.66 14.16
CA LEU CB 137 11.49 102.48 15.51
C LEU CB 137 12.17 103.42 16.49
N GLU CB 138 13.47 103.64 16.32
CA GLU CB 138 14.17 104.59 17.18
C GLU CB 138 13.64 106.00 16.99
N LYS CB 139 13.32 106.37 15.75
CA LYS CB 139 12.73 107.68 15.50
C LYS CB 139 11.35 107.78 16.15
N GLU CB 140 10.57 106.70 16.11
CA GLU CB 140 9.24 106.74 16.72
C GLU CB 140 9.31 107.00 18.22
N GLY CB 141 10.24 106.35 18.91
CA GLY CB 141 10.38 106.52 20.35
C GLY CB 141 10.38 105.22 21.12
N ILE CB 142 10.41 104.10 20.41
CA ILE CB 142 10.46 102.80 21.06
C ILE CB 142 11.86 102.55 21.59
N SER CB 143 11.94 102.02 22.82
CA SER CB 143 13.22 101.78 23.45
C SER CB 143 13.98 100.66 22.75
N TRP CB 144 15.29 100.61 23.01
CA TRP CB 144 16.16 99.69 22.27
C TRP CB 144 15.95 98.24 22.68
N GLU CB 145 15.51 97.98 23.91
CA GLU CB 145 15.22 96.62 24.31
C GLU CB 145 14.05 96.05 23.50
N GLU CB 146 12.99 96.85 23.34
CA GLU CB 146 11.86 96.42 22.51
C GLU CB 146 12.28 96.25 21.05
N ILE CB 147 13.12 97.16 20.55
CA ILE CB 147 13.60 97.06 19.18
C ILE CB 147 14.37 95.76 18.99
N ILE CB 148 15.25 95.42 19.93
CA ILE CB 148 16.03 94.19 19.83
C ILE CB 148 15.11 92.98 19.87
N GLU CB 149 14.12 92.97 20.77
CA GLU CB 149 13.22 91.83 20.86
C GLU CB 149 12.42 91.65 19.57
N LEU CB 150 11.91 92.74 19.00
CA LEU CB 150 11.21 92.67 17.73
C LEU CB 150 12.13 92.12 16.64
N ILE CB 151 13.38 92.59 16.61
CA ILE CB 151 14.32 92.14 15.60
C ILE CB 151 14.60 90.65 15.74
N GLU CB 152 14.75 90.15 16.96
CA GLU CB 152 14.97 88.72 17.14
C GLU CB 152 13.76 87.88 16.76
N ARG CB 153 12.55 88.39 17.02
CA ARG CB 153 11.37 87.69 16.53
C ARG CB 153 11.36 87.60 15.00
N ILE CB 154 11.69 88.72 14.35
CA ILE CB 154 11.78 88.71 12.89
C ILE CB 154 12.87 87.74 12.42
N LEU CB 155 13.97 87.66 13.16
CA LEU CB 155 15.06 86.76 12.80
C LEU CB 155 14.65 85.30 12.92
N GLU CB 156 13.87 84.96 13.95
CA GLU CB 156 13.35 83.61 14.06
C GLU CB 156 12.39 83.28 12.92
N SER CB 157 11.57 84.25 12.54
CA SER CB 157 10.70 84.06 11.38
C SER CB 157 11.53 83.84 10.11
N ILE CB 158 12.60 84.60 9.94
CA ILE CB 158 13.50 84.45 8.80
C ILE CB 158 14.14 83.07 8.80
N ARG CB 159 14.55 82.60 9.98
CA ARG CB 159 15.15 81.27 10.08
C ARG CB 159 14.17 80.19 9.63
N GLU CB 160 12.92 80.29 10.08
CA GLU CB 160 11.91 79.32 9.64
C GLU CB 160 11.68 79.39 8.13
N ILE CB 161 11.60 80.61 7.60
CA ILE CB 161 11.36 80.77 6.16
C ILE CB 161 12.51 80.18 5.35
N LEU CB 162 13.74 80.46 5.77
CA LEU CB 162 14.91 79.93 5.07
C LEU CB 162 14.96 78.42 5.14
N LYS CB 163 14.65 77.85 6.31
CA LYS CB 163 14.60 76.40 6.43
C LYS CB 163 13.53 75.81 5.53
N GLU CB 164 12.43 76.55 5.30
CA GLU CB 164 11.40 76.06 4.40
C GLU CB 164 11.91 75.94 2.97
N GLU CB 165 12.74 76.90 2.52
CA GLU CB 165 13.25 76.91 1.17
C GLU CB 165 14.26 75.81 0.89
N GLY CB 166 14.53 74.93 1.85
CA GLY CB 166 15.49 73.86 1.64
C GLY CB 166 16.94 74.25 1.73
N LEU CB 167 17.25 75.46 2.20
CA LEU CB 167 18.64 75.86 2.35
C LEU CB 167 19.28 75.08 3.49
N PRO CB 168 20.55 74.73 3.39
CA PRO CB 168 21.23 74.05 4.49
C PRO CB 168 21.55 75.01 5.63
N GLU CB 169 21.96 74.43 6.76
CA GLU CB 169 22.13 75.20 7.98
C GLU CB 169 23.25 76.23 7.87
N SER CB 170 24.28 75.95 7.08
CA SER CB 170 25.45 76.83 7.04
C SER CB 170 25.09 78.20 6.49
N GLU CB 171 24.40 78.25 5.35
CA GLU CB 171 24.03 79.54 4.78
C GLU CB 171 22.99 80.26 5.63
N ILE CB 172 22.07 79.53 6.25
CA ILE CB 172 21.10 80.15 7.14
C ILE CB 172 21.82 80.84 8.30
N ASN CB 173 22.75 80.13 8.92
CA ASN CB 173 23.52 80.70 10.02
C ASN CB 173 24.34 81.90 9.56
N ARG CB 174 24.90 81.81 8.35
CA ARG CB 174 25.68 82.92 7.81
C ARG CB 174 24.83 84.17 7.64
N ILE CB 175 23.63 84.01 7.06
CA ILE CB 175 22.74 85.15 6.84
C ILE CB 175 22.32 85.75 8.18
N LEU CB 176 21.94 84.91 9.13
CA LEU CB 176 21.50 85.40 10.43
C LEU CB 176 22.62 86.13 11.16
N ALA CB 177 23.83 85.57 11.12
CA ALA CB 177 24.97 86.21 11.77
C ALA CB 177 25.28 87.56 11.13
N VAL CB 178 25.20 87.63 9.80
CA VAL CB 178 25.47 88.90 9.12
C VAL CB 178 24.45 89.95 9.52
N SER CB 179 23.16 89.57 9.57
CA SER CB 179 22.13 90.53 9.95
C SER CB 179 22.33 91.03 11.39
N ILE CB 180 22.60 90.11 12.31
CA ILE CB 180 22.85 90.50 13.69
C ILE CB 180 24.05 91.43 13.78
N LEU CB 181 25.11 91.11 13.03
CA LEU CB 181 26.30 91.94 13.05
C LEU CB 181 26.05 93.31 12.44
N GLU CB 182 25.15 93.42 11.46
CA GLU CB 182 24.82 94.72 10.92
C GLU CB 182 24.08 95.58 11.93
N VAL CB 183 23.14 94.97 12.67
CA VAL CB 183 22.47 95.72 13.75
C VAL CB 183 23.50 96.15 14.80
N ALA CB 184 24.41 95.26 15.17
CA ALA CB 184 25.44 95.60 16.13
C ALA CB 184 26.35 96.71 15.62
N LYS CB 185 26.63 96.70 14.31
CA LYS CB 185 27.44 97.76 13.71
C LYS CB 185 26.74 99.10 13.80
N TYR CB 186 25.42 99.12 13.55
CA TYR CB 186 24.69 100.36 13.73
C TYR CB 186 24.75 100.85 15.16
N LEU CB 187 24.62 99.93 16.12
CA LEU CB 187 24.74 100.32 17.53
C LEU CB 187 26.13 100.88 17.85
N LEU CB 188 27.19 100.25 17.31
CA LEU CB 188 28.54 100.73 17.54
C LEU CB 188 28.75 102.12 16.94
N GLU CB 189 28.20 102.35 15.75
CA GLU CB 189 28.28 103.67 15.14
C GLU CB 189 27.57 104.71 16.00
N LYS CB 190 26.42 104.35 16.57
CA LYS CB 190 25.73 105.27 17.49
C LYS CB 190 26.60 105.57 18.70
N LEU CB 191 27.23 104.53 19.28
CA LEU CB 191 28.08 104.74 20.44
C LEU CB 191 29.30 105.58 20.11
N GLY CB 192 29.92 105.36 18.96
CA GLY CB 192 31.07 106.15 18.54
C GLY CB 192 32.39 105.42 18.68
N PHE CB 193 32.40 104.12 18.41
CA PHE CB 193 33.60 103.29 18.47
C PHE CB 193 33.94 102.88 17.04
N ASP CB 194 34.75 103.70 16.37
CA ASP CB 194 35.00 103.51 14.94
C ASP CB 194 35.87 102.28 14.68
N TYR CB 195 36.89 102.05 15.51
CA TYR CB 195 37.78 100.92 15.27
C TYR CB 195 37.04 99.59 15.39
N LEU CB 196 36.18 99.47 16.40
CA LEU CB 196 35.34 98.27 16.51
C LEU CB 196 34.42 98.14 15.32
N VAL CB 197 33.95 99.26 14.77
CA VAL CB 197 33.15 99.22 13.55
C VAL CB 197 33.94 98.60 12.42
N GLU CB 198 35.18 99.07 12.21
CA GLU CB 198 36.02 98.55 11.13
C GLU CB 198 36.30 97.06 11.29
N LEU CB 199 36.64 96.64 12.52
CA LEU CB 199 36.79 95.21 12.77
C LEU CB 199 35.51 94.45 12.47
N LEU CB 200 34.36 95.07 12.71
CA LEU CB 200 33.10 94.41 12.42
C LEU CB 200 32.87 94.25 10.92
N ASP CB 201 33.22 95.27 10.11
CA ASP CB 201 33.14 95.06 8.66
C ASP CB 201 34.08 93.96 8.22
N ARG CB 202 35.29 93.91 8.79
CA ARG CB 202 36.22 92.84 8.43
C ARG CB 202 35.62 91.46 8.73
N ALA CB 203 35.03 91.31 9.92
CA ALA CB 203 34.42 90.03 10.30
C ALA CB 203 33.23 89.70 9.41
N ILE CB 204 32.42 90.70 9.05
CA ILE CB 204 31.27 90.47 8.19
C ILE CB 204 31.73 90.01 6.81
N GLU CB 205 32.75 90.66 6.26
CA GLU CB 205 33.30 90.24 4.97
C GLU CB 205 33.84 88.80 5.04
N TYR CB 206 34.53 88.45 6.13
CA TYR CB 206 35.04 87.09 6.26
C TYR CB 206 33.91 86.08 6.35
N ILE CB 207 32.84 86.41 7.07
CA ILE CB 207 31.68 85.52 7.14
C ILE CB 207 31.05 85.36 5.76
N LEU CB 208 30.91 86.46 5.04
CA LEU CB 208 30.24 86.42 3.74
C LEU CB 208 31.04 85.64 2.71
N LYS CB 209 32.37 85.77 2.74
CA LYS CB 209 33.23 85.06 1.80
C LYS CB 209 33.38 83.58 2.12
N GLY CB 210 32.89 83.13 3.28
CA GLY CB 210 32.93 81.73 3.66
C GLY CB 210 34.00 81.36 4.65
N ARG CB 211 34.93 82.27 4.95
CA ARG CB 211 36.01 82.01 5.89
C ARG CB 211 35.48 82.13 7.31
N SER CB 212 35.14 80.99 7.92
CA SER CB 212 34.41 80.99 9.18
C SER CB 212 35.33 81.07 10.39
N GLU CB 213 36.41 80.29 10.41
CA GLU CB 213 37.27 80.25 11.59
C GLU CB 213 37.97 81.58 11.83
N LEU CB 214 38.43 82.23 10.76
CA LEU CB 214 39.01 83.56 10.89
C LEU CB 214 38.00 84.53 11.46
N ALA CB 215 36.76 84.44 11.00
CA ALA CB 215 35.69 85.31 11.51
C ALA CB 215 35.43 85.05 12.98
N VAL CB 216 35.46 83.78 13.40
CA VAL CB 216 35.24 83.45 14.80
C VAL CB 216 36.34 84.03 15.67
N HIS CB 217 37.60 83.92 15.22
CA HIS CB 217 38.70 84.50 15.98
C HIS CB 217 38.59 86.03 16.05
N LEU CB 218 38.22 86.65 14.93
CA LEU CB 218 38.01 88.10 14.92
C LEU CB 218 36.89 88.50 15.88
N LEU CB 219 35.82 87.71 15.92
CA LEU CB 219 34.71 88.00 16.81
C LEU CB 219 35.12 87.82 18.28
N ASP CB 220 35.98 86.85 18.56
CA ASP CB 220 36.52 86.70 19.91
C ASP CB 220 37.32 87.94 20.32
N ASP CB 221 38.16 88.44 19.42
CA ASP CB 221 38.93 89.65 19.73
C ASP CB 221 38.00 90.85 19.92
N ILE CB 222 36.97 90.95 19.09
CA ILE CB 222 36.00 92.04 19.22
C ILE CB 222 35.26 91.96 20.56
N ILE CB 223 34.90 90.74 20.97
CA ILE CB 223 34.21 90.54 22.24
C ILE CB 223 35.11 90.96 23.40
N ARG CB 224 36.39 90.60 23.34
CA ARG CB 224 37.33 91.04 24.37
C ARG CB 224 37.43 92.55 24.43
N ARG CB 225 37.51 93.21 23.27
CA ARG CB 225 37.59 94.66 23.26
C ARG CB 225 36.31 95.30 23.81
N VAL CB 226 35.16 94.73 23.49
CA VAL CB 226 33.89 95.26 24.00
C VAL CB 226 33.81 95.12 25.51
N HIS CB 227 34.24 93.97 26.04
CA HIS CB 227 34.26 93.79 27.48
C HIS CB 227 35.23 94.75 28.15
N GLU CB 228 36.37 95.03 27.52
CA GLU CB 228 37.29 96.03 28.05
C GLU CB 228 36.63 97.40 28.10
N GLU CB 229 35.90 97.77 27.05
CA GLU CB 229 35.20 99.05 27.04
C GLU CB 229 34.16 99.14 28.14
N ILE CB 230 33.38 98.05 28.32
CA ILE CB 230 32.37 98.02 29.36
C ILE CB 230 33.00 98.17 30.74
N GLU CB 231 34.10 97.45 30.98
CA GLU CB 231 34.80 97.57 32.25
C GLU CB 231 35.36 98.97 32.46
N ARG CB 232 35.80 99.63 31.39
CA ARG CB 232 36.25 101.01 31.51
C ARG CB 232 35.11 101.93 31.90
N TYR CB 233 33.91 101.70 31.37
CA TYR CB 233 32.78 102.58 31.67
C TYR CB 233 32.41 102.54 33.15
N GLY CB 234 32.41 101.36 33.75
CA GLY CB 234 32.18 101.23 35.19
C GLY CB 234 30.71 101.06 35.51
N ASP CB 235 30.14 101.99 36.28
CA ASP CB 235 28.76 101.91 36.70
C ASP CB 235 27.81 102.70 35.80
N ASP CB 236 28.34 103.50 34.87
CA ASP CB 236 27.53 104.34 33.99
C ASP CB 236 27.43 103.77 32.58
N VAL CB 237 27.39 102.45 32.46
CA VAL CB 237 27.40 101.80 31.15
C VAL CB 237 26.07 102.07 30.44
N PRO CB 238 26.09 102.63 29.24
CA PRO CB 238 24.85 102.76 28.47
C PRO CB 238 24.31 101.41 28.04
N GLU CB 239 22.99 101.33 27.90
CA GLU CB 239 22.33 100.07 27.53
C GLU CB 239 22.71 99.61 26.13
N GLU CB 240 23.09 100.53 25.25
CA GLU CB 240 23.49 100.15 23.90
C GLU CB 240 24.72 99.26 23.92
N LEU CB 241 25.65 99.53 24.84
CA LEU CB 241 26.85 98.70 24.95
C LEU CB 241 26.51 97.28 25.37
N LEU CB 242 25.58 97.11 26.32
CA LEU CB 242 25.21 95.78 26.75
C LEU CB 242 24.45 95.03 25.66
N LEU CB 243 23.55 95.73 24.96
CA LEU CB 243 22.84 95.09 23.85
C LEU CB 243 23.81 94.69 22.74
N LEU CB 244 24.79 95.55 22.46
CA LEU CB 244 25.83 95.22 21.48
C LEU CB 244 26.63 94.00 21.91
N ASP CB 245 26.98 93.93 23.20
CA ASP CB 245 27.68 92.76 23.73
C ASP CB 245 26.88 91.49 23.47
N LEU CB 246 25.59 91.50 23.82
CA LEU CB 246 24.76 90.32 23.61
C LEU CB 246 24.65 89.96 22.13
N LEU CB 247 24.49 90.97 21.27
CA LEU CB 247 24.35 90.73 19.85
C LEU CB 247 25.62 90.09 19.27
N VAL CB 248 26.79 90.64 19.62
CA VAL CB 248 28.04 90.11 19.11
C VAL CB 248 28.27 88.70 19.62
N GLN CB 249 27.90 88.43 20.88
CA GLN CB 249 28.06 87.08 21.40
C GLN CB 249 27.19 86.08 20.65
N LYS CB 250 25.92 86.42 20.41
CA LYS CB 250 25.07 85.49 19.68
C LYS CB 250 25.50 85.33 18.23
N ALA CB 251 26.02 86.40 17.62
CA ALA CB 251 26.54 86.29 16.26
C ALA CB 251 27.76 85.39 16.21
N ARG CB 252 28.63 85.48 17.22
CA ARG CB 252 29.78 84.59 17.29
C ARG CB 252 29.35 83.15 17.47
N ASP CB 253 28.32 82.91 18.29
CA ASP CB 253 27.80 81.55 18.43
C ASP CB 253 27.28 81.01 17.10
N LEU CB 254 26.53 81.84 16.35
CA LEU CB 254 26.03 81.41 15.05
C LEU CB 254 27.17 81.15 14.07
N ALA CB 255 28.19 82.00 14.08
CA ALA CB 255 29.33 81.81 13.18
C ALA CB 255 30.08 80.53 13.51
N ALA CB 256 30.20 80.21 14.80
CA ALA CB 256 30.79 78.93 15.19
C ALA CB 256 29.94 77.77 14.70
N ARG CB 257 28.61 77.89 14.80
CA ARG CB 257 27.73 76.80 14.36
C ARG CB 257 27.67 76.65 12.85
N ILE CB 258 28.25 77.58 12.09
CA ILE CB 258 28.21 77.51 10.63
C ILE CB 258 28.83 76.21 10.13
N MET DB 25 31.55 66.45 -46.43
CA MET DB 25 32.76 66.53 -45.61
C MET DB 25 33.35 67.93 -45.61
N GLU DB 26 32.49 68.95 -45.60
CA GLU DB 26 32.98 70.33 -45.66
C GLU DB 26 33.73 70.73 -44.41
N LYS DB 27 33.55 70.02 -43.29
CA LYS DB 27 34.31 70.31 -42.08
C LYS DB 27 35.81 70.10 -42.32
N LEU DB 28 36.17 69.04 -43.05
CA LEU DB 28 37.57 68.79 -43.33
C LEU DB 28 38.16 69.79 -44.31
N GLU DB 29 37.36 70.28 -45.26
CA GLU DB 29 37.83 71.37 -46.11
C GLU DB 29 38.04 72.65 -45.31
N VAL DB 30 37.16 72.92 -44.35
CA VAL DB 30 37.37 74.06 -43.47
C VAL DB 30 38.65 73.89 -42.66
N ALA DB 31 38.91 72.67 -42.20
CA ALA DB 31 40.15 72.38 -41.49
C ALA DB 31 41.37 72.61 -42.38
N VAL DB 32 41.29 72.21 -43.64
CA VAL DB 32 42.40 72.42 -44.57
C VAL DB 32 42.64 73.91 -44.79
N GLU DB 33 41.57 74.68 -44.95
CA GLU DB 33 41.71 76.12 -45.10
C GLU DB 33 42.32 76.76 -43.85
N HIS DB 34 41.88 76.32 -42.69
CA HIS DB 34 42.51 76.75 -41.47
C HIS DB 34 43.99 76.45 -41.45
N LEU DB 35 44.38 75.22 -41.83
CA LEU DB 35 45.79 74.85 -41.85
C LEU DB 35 46.60 75.75 -42.78
N LYS DB 36 46.04 76.08 -43.93
CA LYS DB 36 46.70 77.05 -44.81
C LYS DB 36 46.84 78.40 -44.12
N GLU DB 37 45.79 78.84 -43.41
CA GLU DB 37 45.87 80.08 -42.67
C GLU DB 37 46.95 80.03 -41.59
N ALA DB 38 47.08 78.88 -40.92
CA ALA DB 38 48.12 78.72 -39.90
C ALA DB 38 49.51 78.82 -40.50
N ILE DB 39 49.72 78.19 -41.66
CA ILE DB 39 51.02 78.30 -42.33
C ILE DB 39 51.31 79.76 -42.68
N GLU DB 40 50.31 80.47 -43.22
CA GLU DB 40 50.51 81.88 -43.55
C GLU DB 40 50.81 82.71 -42.31
N LEU DB 41 50.15 82.40 -41.19
CA LEU DB 41 50.38 83.14 -39.96
C LEU DB 41 51.79 82.90 -39.41
N ILE DB 42 52.24 81.64 -39.43
CA ILE DB 42 53.61 81.36 -39.02
C ILE DB 42 54.59 82.10 -39.92
N GLU DB 43 54.30 82.18 -41.22
CA GLU DB 43 55.16 82.93 -42.12
C GLU DB 43 55.18 84.41 -41.77
N LYS DB 44 54.02 84.97 -41.41
CA LYS DB 44 53.95 86.39 -41.08
C LYS DB 44 54.70 86.71 -39.80
N GLY DB 45 54.46 85.94 -38.74
CA GLY DB 45 55.15 86.16 -37.49
C GLY DB 45 54.25 86.17 -36.27
N GLU DB 46 52.96 85.90 -36.45
CA GLU DB 46 52.02 85.84 -35.33
C GLU DB 46 51.94 84.41 -34.82
N TYR DB 47 52.65 84.12 -33.74
CA TYR DB 47 52.72 82.77 -33.20
C TYR DB 47 51.59 82.46 -32.23
N VAL DB 48 51.07 83.46 -31.52
CA VAL DB 48 49.93 83.25 -30.64
C VAL DB 48 48.70 82.89 -31.46
N LYS DB 49 48.47 83.62 -32.54
CA LYS DB 49 47.34 83.31 -33.41
C LYS DB 49 47.50 81.95 -34.06
N ALA DB 50 48.74 81.57 -34.39
CA ALA DB 50 49.00 80.24 -34.94
C ALA DB 50 48.68 79.14 -33.93
N ASP DB 51 49.07 79.34 -32.67
CA ASP DB 51 48.76 78.36 -31.62
C ASP DB 51 47.25 78.23 -31.43
N LEU DB 52 46.54 79.37 -31.41
CA LEU DB 52 45.09 79.34 -31.27
C LEU DB 52 44.42 78.68 -32.47
N ILE DB 53 44.92 78.94 -33.68
CA ILE DB 53 44.39 78.28 -34.87
C ILE DB 53 44.59 76.78 -34.80
N LEU DB 54 45.75 76.34 -34.29
CA LEU DB 54 45.99 74.91 -34.16
C LEU DB 54 44.99 74.29 -33.19
N THR DB 55 44.68 74.99 -32.10
CA THR DB 55 43.65 74.50 -31.20
C THR DB 55 42.28 74.41 -31.89
N ASP DB 56 41.95 75.41 -32.70
CA ASP DB 56 40.69 75.38 -33.45
C ASP DB 56 40.65 74.21 -34.42
N ILE DB 57 41.75 73.94 -35.11
CA ILE DB 57 41.83 72.83 -36.04
C ILE DB 57 41.65 71.51 -35.30
N LEU DB 58 42.26 71.39 -34.13
CA LEU DB 58 42.07 70.19 -33.32
C LEU DB 58 40.60 70.01 -32.95
N ARG DB 59 39.93 71.10 -32.58
CA ARG DB 59 38.51 71.02 -32.25
C ARG DB 59 37.69 70.56 -33.45
N LEU DB 60 37.98 71.11 -34.64
CA LEU DB 60 37.28 70.71 -35.85
C LEU DB 60 37.48 69.22 -36.14
N LEU DB 61 38.73 68.76 -36.08
CA LEU DB 61 39.01 67.36 -36.39
C LEU DB 61 38.36 66.42 -35.38
N GLU DB 62 38.36 66.80 -34.10
CA GLU DB 62 37.67 66.01 -33.10
C GLU DB 62 36.17 66.00 -33.34
N GLU DB 63 35.63 67.11 -33.85
CA GLU DB 63 34.22 67.12 -34.23
C GLU DB 63 33.94 66.13 -35.35
N GLU DB 64 34.84 66.05 -36.34
CA GLU DB 64 34.66 65.09 -37.42
C GLU DB 64 34.77 63.65 -36.90
N GLY DB 65 35.85 63.35 -36.17
CA GLY DB 65 35.98 62.05 -35.55
C GLY DB 65 36.91 61.05 -36.21
N VAL DB 66 38.10 61.49 -36.63
CA VAL DB 66 39.12 60.61 -37.19
C VAL DB 66 40.26 60.55 -36.19
N LYS DB 67 40.52 59.35 -35.65
CA LYS DB 67 41.39 59.21 -34.50
C LYS DB 67 42.83 59.59 -34.83
N SER DB 68 43.35 59.09 -35.96
CA SER DB 68 44.73 59.38 -36.33
C SER DB 68 44.94 60.86 -36.54
N LEU DB 69 44.00 61.52 -37.24
CA LEU DB 69 44.07 62.96 -37.41
C LEU DB 69 44.03 63.68 -36.07
N ILE DB 70 43.23 63.16 -35.13
CA ILE DB 70 43.09 63.83 -33.84
C ILE DB 70 44.40 63.78 -33.06
N LYS DB 71 45.02 62.60 -32.97
CA LYS DB 71 46.28 62.51 -32.24
C LYS DB 71 47.38 63.30 -32.93
N GLN DB 72 47.39 63.28 -34.27
CA GLN DB 72 48.35 64.08 -35.01
C GLN DB 72 48.17 65.58 -34.72
N ALA DB 73 46.92 66.03 -34.61
CA ALA DB 73 46.66 67.44 -34.35
C ALA DB 73 47.08 67.84 -32.95
N LYS DB 74 46.83 66.98 -31.96
CA LYS DB 74 47.26 67.30 -30.59
C LYS DB 74 48.77 67.37 -30.49
N GLU DB 75 49.47 66.36 -31.02
CA GLU DB 75 50.92 66.41 -30.99
C GLU DB 75 51.46 67.57 -31.81
N LEU DB 76 50.75 67.94 -32.88
CA LEU DB 76 51.16 69.11 -33.66
C LEU DB 76 51.06 70.38 -32.83
N HIS DB 77 49.97 70.54 -32.07
CA HIS DB 77 49.85 71.71 -31.22
C HIS DB 77 51.01 71.81 -30.24
N ILE DB 78 51.28 70.71 -29.52
CA ILE DB 78 52.34 70.74 -28.52
C ILE DB 78 53.70 71.03 -29.16
N GLU DB 79 54.03 70.29 -30.23
CA GLU DB 79 55.36 70.41 -30.81
C GLU DB 79 55.56 71.75 -31.52
N VAL DB 80 54.52 72.28 -32.16
CA VAL DB 80 54.65 73.57 -32.81
C VAL DB 80 54.81 74.68 -31.76
N PHE DB 81 54.10 74.57 -30.63
CA PHE DB 81 54.32 75.55 -29.57
C PHE DB 81 55.77 75.52 -29.10
N LYS DB 82 56.31 74.32 -28.86
CA LYS DB 82 57.70 74.22 -28.44
C LYS DB 82 58.66 74.78 -29.48
N LEU DB 83 58.46 74.42 -30.75
CA LEU DB 83 59.37 74.86 -31.80
C LEU DB 83 59.31 76.38 -32.00
N LEU DB 84 58.11 76.95 -31.95
CA LEU DB 84 57.99 78.40 -32.08
C LEU DB 84 58.62 79.11 -30.88
N LYS DB 85 58.57 78.49 -29.71
CA LYS DB 85 59.34 79.02 -28.58
C LYS DB 85 60.83 79.01 -28.89
N GLU DB 86 61.34 77.90 -29.41
CA GLU DB 86 62.76 77.80 -29.71
C GLU DB 86 63.17 78.67 -30.90
N GLY DB 87 62.29 78.83 -31.87
CA GLY DB 87 62.60 79.57 -33.07
C GLY DB 87 62.72 78.76 -34.34
N GLU DB 88 62.36 77.47 -34.31
CA GLU DB 88 62.44 76.60 -35.48
C GLU DB 88 61.17 76.77 -36.31
N TYR DB 89 61.14 77.86 -37.08
CA TYR DB 89 59.97 78.16 -37.89
C TYR DB 89 59.76 77.12 -38.99
N LYS DB 90 60.84 76.71 -39.65
CA LYS DB 90 60.73 75.77 -40.77
C LYS DB 90 60.21 74.41 -40.31
N GLU DB 91 60.66 73.94 -39.15
CA GLU DB 91 60.19 72.66 -38.64
C GLU DB 91 58.69 72.70 -38.33
N ALA DB 92 58.23 73.80 -37.72
CA ALA DB 92 56.81 73.94 -37.43
C ALA DB 92 55.99 74.01 -38.71
N LYS DB 93 56.48 74.77 -39.70
CA LYS DB 93 55.80 74.84 -40.99
C LYS DB 93 55.73 73.46 -41.64
N ALA DB 94 56.81 72.68 -41.54
CA ALA DB 94 56.82 71.35 -42.11
C ALA DB 94 55.79 70.45 -41.42
N LEU DB 95 55.69 70.54 -40.10
CA LEU DB 95 54.72 69.72 -39.39
C LEU DB 95 53.28 70.10 -39.76
N VAL DB 96 53.01 71.40 -39.89
CA VAL DB 96 51.68 71.84 -40.29
C VAL DB 96 51.36 71.38 -41.71
N GLU DB 97 52.35 71.47 -42.61
CA GLU DB 97 52.14 71.00 -43.97
C GLU DB 97 51.91 69.50 -44.03
N ALA DB 98 52.60 68.75 -43.17
CA ALA DB 98 52.39 67.30 -43.12
C ALA DB 98 50.97 66.98 -42.67
N LEU DB 99 50.47 67.68 -41.65
CA LEU DB 99 49.10 67.44 -41.22
C LEU DB 99 48.10 67.83 -42.30
N ARG DB 100 48.37 68.93 -43.01
CA ARG DB 100 47.49 69.35 -44.09
C ARG DB 100 47.43 68.28 -45.19
N VAL DB 101 48.59 67.76 -45.58
CA VAL DB 101 48.64 66.73 -46.61
C VAL DB 101 47.91 65.48 -46.13
N SER DB 102 48.07 65.13 -44.86
CA SER DB 102 47.39 63.96 -44.33
C SER DB 102 45.87 64.11 -44.38
N VAL DB 103 45.36 65.30 -44.03
CA VAL DB 103 43.92 65.53 -44.06
C VAL DB 103 43.39 65.51 -45.49
N GLU DB 104 44.09 66.16 -46.41
CA GLU DB 104 43.68 66.14 -47.81
C GLU DB 104 43.70 64.72 -48.37
N LEU DB 105 44.71 63.93 -47.99
CA LEU DB 105 44.78 62.54 -48.44
C LEU DB 105 43.61 61.73 -47.91
N TYR DB 106 43.24 61.95 -46.65
CA TYR DB 106 42.06 61.26 -46.12
C TYR DB 106 40.81 61.64 -46.90
N ILE DB 107 40.66 62.92 -47.22
CA ILE DB 107 39.50 63.36 -48.00
C ILE DB 107 39.47 62.64 -49.34
N LEU DB 108 40.62 62.61 -50.03
CA LEU DB 108 40.67 62.00 -51.36
C LEU DB 108 40.43 60.49 -51.28
N ILE DB 109 40.94 59.83 -50.23
CA ILE DB 109 40.71 58.40 -50.08
C ILE DB 109 39.22 58.13 -49.89
N LYS DB 110 38.54 58.95 -49.06
CA LYS DB 110 37.12 58.75 -48.83
C LYS DB 110 36.32 58.97 -50.12
N ARG DB 111 36.66 60.02 -50.86
CA ARG DB 111 35.98 60.28 -52.13
C ARG DB 111 36.20 59.16 -53.12
N GLY DB 112 37.43 58.64 -53.20
CA GLY DB 112 37.69 57.55 -54.12
C GLY DB 112 36.97 56.26 -53.76
N VAL DB 113 36.96 55.93 -52.47
CA VAL DB 113 36.31 54.69 -52.05
C VAL DB 113 34.80 54.78 -52.24
N ARG DB 114 34.20 55.92 -51.88
CA ARG DB 114 32.76 56.08 -52.03
C ARG DB 114 32.35 56.00 -53.50
N GLU DB 115 33.03 56.74 -54.36
CA GLU DB 115 32.75 56.76 -55.79
C GLU DB 115 33.12 55.45 -56.49
N GLY DB 116 33.63 54.45 -55.77
CA GLY DB 116 34.04 53.21 -56.41
C GLY DB 116 35.18 53.37 -57.39
N ARG DB 117 36.07 54.33 -57.15
CA ARG DB 117 37.20 54.54 -58.04
C ARG DB 117 38.15 53.35 -57.97
N PRO DB 118 38.86 53.06 -59.06
CA PRO DB 118 39.83 51.96 -59.03
C PRO DB 118 40.98 52.27 -58.08
N ILE DB 119 41.53 51.20 -57.49
CA ILE DB 119 42.68 51.34 -56.60
C ILE DB 119 43.86 51.96 -57.32
N GLU DB 120 43.98 51.71 -58.62
CA GLU DB 120 45.12 52.20 -59.39
C GLU DB 120 45.23 53.72 -59.34
N GLU DB 121 44.14 54.42 -59.67
CA GLU DB 121 44.22 55.87 -59.72
C GLU DB 121 44.31 56.49 -58.32
N ILE DB 122 43.71 55.85 -57.32
CA ILE DB 122 43.87 56.29 -55.95
C ILE DB 122 45.35 56.24 -55.55
N ALA DB 123 46.02 55.13 -55.88
CA ALA DB 123 47.44 55.00 -55.56
C ALA DB 123 48.27 56.04 -56.30
N ARG DB 124 47.97 56.29 -57.58
CA ARG DB 124 48.70 57.30 -58.31
C ARG DB 124 48.51 58.69 -57.70
N GLU DB 125 47.28 59.00 -57.28
CA GLU DB 125 47.02 60.29 -56.65
C GLU DB 125 47.78 60.43 -55.34
N VAL DB 126 47.80 59.37 -54.52
CA VAL DB 126 48.52 59.42 -53.26
C VAL DB 126 50.01 59.66 -53.51
N GLY DB 127 50.58 58.94 -54.48
CA GLY DB 127 51.98 59.14 -54.81
C GLY DB 127 52.27 60.55 -55.29
N ARG DB 128 51.39 61.11 -56.14
CA ARG DB 128 51.58 62.47 -56.63
C ARG DB 128 51.55 63.47 -55.48
N LYS DB 129 50.61 63.30 -54.54
CA LYS DB 129 50.52 64.22 -53.41
C LYS DB 129 51.78 64.13 -52.54
N LEU DB 130 52.26 62.91 -52.28
CA LEU DB 130 53.46 62.76 -51.47
C LEU DB 130 54.68 63.39 -52.15
N VAL DB 131 54.79 63.23 -53.47
CA VAL DB 131 55.91 63.81 -54.19
C VAL DB 131 55.83 65.33 -54.15
N GLU DB 132 54.63 65.89 -54.29
CA GLU DB 132 54.50 67.34 -54.22
C GLU DB 132 54.87 67.87 -52.84
N LEU DB 133 54.46 67.17 -51.78
CA LEU DB 133 54.87 67.57 -50.45
C LEU DB 133 56.38 67.51 -50.28
N ALA DB 134 57.00 66.45 -50.79
CA ALA DB 134 58.45 66.32 -50.68
C ALA DB 134 59.16 67.45 -51.42
N LYS DB 135 58.67 67.81 -52.60
CA LYS DB 135 59.26 68.92 -53.35
C LYS DB 135 59.11 70.24 -52.60
N ARG DB 136 57.94 70.46 -52.01
CA ARG DB 136 57.73 71.67 -51.20
C ARG DB 136 58.73 71.73 -50.05
N LEU DB 137 58.84 70.64 -49.28
CA LEU DB 137 59.73 70.63 -48.14
C LEU DB 137 61.18 70.81 -48.55
N GLU DB 138 61.56 70.22 -49.69
CA GLU DB 138 62.92 70.40 -50.19
C GLU DB 138 63.16 71.84 -50.57
N LYS DB 139 62.17 72.51 -51.14
CA LYS DB 139 62.30 73.93 -51.45
C LYS DB 139 62.44 74.76 -50.17
N GLU DB 140 61.71 74.40 -49.12
CA GLU DB 140 61.80 75.15 -47.87
C GLU DB 140 63.20 75.08 -47.28
N GLY DB 141 63.82 73.90 -47.29
CA GLY DB 141 65.15 73.75 -46.74
C GLY DB 141 65.27 72.61 -45.75
N ILE DB 142 64.21 71.83 -45.60
CA ILE DB 142 64.22 70.68 -44.70
C ILE DB 142 65.04 69.56 -45.33
N SER DB 143 65.88 68.92 -44.52
CA SER DB 143 66.75 67.86 -45.00
C SER DB 143 65.93 66.62 -45.39
N TRP DB 144 66.55 65.74 -46.17
CA TRP DB 144 65.83 64.62 -46.75
C TRP DB 144 65.51 63.54 -45.73
N GLU DB 145 66.30 63.42 -44.66
CA GLU DB 145 65.97 62.48 -43.60
C GLU DB 145 64.67 62.87 -42.90
N GLU DB 146 64.51 64.16 -42.60
CA GLU DB 146 63.27 64.64 -42.01
C GLU DB 146 62.10 64.47 -42.96
N ILE DB 147 62.32 64.74 -44.26
CA ILE DB 147 61.28 64.57 -45.26
C ILE DB 147 60.83 63.12 -45.29
N ILE DB 148 61.77 62.18 -45.30
CA ILE DB 148 61.43 60.77 -45.35
C ILE DB 148 60.66 60.36 -44.09
N GLU DB 149 61.10 60.84 -42.92
CA GLU DB 149 60.40 60.48 -41.69
C GLU DB 149 58.97 61.01 -41.68
N LEU DB 150 58.78 62.26 -42.11
CA LEU DB 150 57.43 62.81 -42.22
C LEU DB 150 56.59 62.00 -43.18
N ILE DB 151 57.16 61.60 -44.32
CA ILE DB 151 56.43 60.83 -45.31
C ILE DB 151 56.01 59.48 -44.74
N GLU DB 152 56.90 58.82 -43.99
CA GLU DB 152 56.52 57.53 -43.40
C GLU DB 152 55.46 57.68 -42.32
N ARG DB 153 55.49 58.78 -41.56
CA ARG DB 153 54.39 59.01 -40.62
C ARG DB 153 53.06 59.18 -41.36
N ILE DB 154 53.07 59.94 -42.45
CA ILE DB 154 51.87 60.10 -43.26
C ILE DB 154 51.43 58.75 -43.82
N LEU DB 155 52.39 57.90 -44.21
CA LEU DB 155 52.06 56.60 -44.76
C LEU DB 155 51.41 55.69 -43.71
N GLU DB 156 51.89 55.75 -42.47
CA GLU DB 156 51.25 54.98 -41.41
C GLU DB 156 49.84 55.48 -41.15
N SER DB 157 49.64 56.81 -41.19
CA SER DB 157 48.29 57.35 -41.07
C SER DB 157 47.40 56.85 -42.21
N ILE DB 158 47.93 56.83 -43.44
CA ILE DB 158 47.18 56.34 -44.58
C ILE DB 158 46.83 54.87 -44.40
N ARG DB 159 47.77 54.08 -43.89
CA ARG DB 159 47.49 52.67 -43.65
C ARG DB 159 46.33 52.48 -42.68
N GLU DB 160 46.35 53.25 -41.58
CA GLU DB 160 45.24 53.16 -40.63
C GLU DB 160 43.92 53.59 -41.26
N ILE DB 161 43.94 54.67 -42.04
CA ILE DB 161 42.72 55.16 -42.67
C ILE DB 161 42.17 54.12 -43.63
N LEU DB 162 43.04 53.52 -44.45
CA LEU DB 162 42.61 52.51 -45.41
C LEU DB 162 42.06 51.28 -44.70
N LYS DB 163 42.71 50.85 -43.61
CA LYS DB 163 42.18 49.73 -42.84
C LYS DB 163 40.82 50.06 -42.25
N GLU DB 164 40.58 51.33 -41.92
CA GLU DB 164 39.27 51.72 -41.40
C GLU DB 164 38.18 51.53 -42.46
N GLU DB 165 38.47 51.84 -43.72
CA GLU DB 165 37.49 51.74 -44.79
C GLU DB 165 37.13 50.30 -45.14
N GLY DB 166 37.68 49.31 -44.45
CA GLY DB 166 37.36 47.92 -44.73
C GLY DB 166 38.08 47.33 -45.92
N LEU DB 167 39.08 48.02 -46.47
CA LEU DB 167 39.84 47.47 -47.58
C LEU DB 167 40.69 46.30 -47.10
N PRO DB 168 40.87 45.27 -47.92
CA PRO DB 168 41.75 44.16 -47.53
C PRO DB 168 43.21 44.55 -47.64
N GLU DB 169 44.06 43.68 -47.08
CA GLU DB 169 45.48 44.00 -46.94
C GLU DB 169 46.18 44.13 -48.28
N SER DB 170 45.73 43.41 -49.30
CA SER DB 170 46.45 43.39 -50.57
C SER DB 170 46.44 44.77 -51.23
N GLU DB 171 45.27 45.39 -51.33
CA GLU DB 171 45.19 46.71 -51.97
C GLU DB 171 45.88 47.77 -51.13
N ILE DB 172 45.79 47.66 -49.80
CA ILE DB 172 46.49 48.61 -48.93
C ILE DB 172 47.99 48.54 -49.18
N ASN DB 173 48.54 47.32 -49.21
CA ASN DB 173 49.96 47.15 -49.46
C ASN DB 173 50.33 47.64 -50.85
N ARG DB 174 49.46 47.41 -51.83
CA ARG DB 174 49.72 47.89 -53.19
C ARG DB 174 49.81 49.40 -53.24
N ILE DB 175 48.86 50.09 -52.59
CA ILE DB 175 48.86 51.56 -52.59
C ILE DB 175 50.11 52.09 -51.90
N LEU DB 176 50.44 51.51 -50.73
CA LEU DB 176 51.60 51.97 -49.98
C LEU DB 176 52.89 51.75 -50.77
N ALA DB 177 53.03 50.59 -51.40
CA ALA DB 177 54.21 50.30 -52.19
C ALA DB 177 54.33 51.25 -53.37
N VAL DB 178 53.21 51.56 -54.03
CA VAL DB 178 53.25 52.49 -55.16
C VAL DB 178 53.69 53.87 -54.71
N SER DB 179 53.16 54.35 -53.57
CA SER DB 179 53.54 55.68 -53.08
C SER DB 179 55.03 55.73 -52.73
N ILE DB 180 55.52 54.70 -52.02
CA ILE DB 180 56.93 54.65 -51.68
C ILE DB 180 57.79 54.63 -52.93
N LEU DB 181 57.37 53.85 -53.93
CA LEU DB 181 58.12 53.77 -55.18
C LEU DB 181 58.10 55.09 -55.95
N GLU DB 182 57.01 55.85 -55.84
CA GLU DB 182 56.99 57.17 -56.49
C GLU DB 182 57.96 58.13 -55.83
N VAL DB 183 58.03 58.11 -54.49
CA VAL DB 183 59.03 58.93 -53.81
C VAL DB 183 60.43 58.51 -54.22
N ALA DB 184 60.67 57.19 -54.27
CA ALA DB 184 61.98 56.69 -54.69
C ALA DB 184 62.30 57.08 -56.13
N LYS DB 185 61.28 57.10 -56.99
CA LYS DB 185 61.48 57.52 -58.37
C LYS DB 185 61.88 58.98 -58.45
N TYR DB 186 61.25 59.83 -57.63
CA TYR DB 186 61.68 61.23 -57.60
C TYR DB 186 63.12 61.35 -57.14
N LEU DB 187 63.51 60.57 -56.12
CA LEU DB 187 64.90 60.59 -55.67
C LEU DB 187 65.85 60.14 -56.78
N LEU DB 188 65.49 59.09 -57.51
CA LEU DB 188 66.33 58.61 -58.60
C LEU DB 188 66.46 59.65 -59.70
N GLU DB 189 65.37 60.34 -60.03
CA GLU DB 189 65.44 61.41 -61.01
C GLU DB 189 66.37 62.52 -60.55
N LYS DB 190 66.32 62.87 -59.25
CA LYS DB 190 67.25 63.85 -58.72
C LYS DB 190 68.69 63.38 -58.86
N LEU DB 191 68.95 62.11 -58.55
CA LEU DB 191 70.31 61.58 -58.66
C LEU DB 191 70.79 61.55 -60.11
N GLY DB 192 69.91 61.17 -61.04
CA GLY DB 192 70.27 61.14 -62.45
C GLY DB 192 70.52 59.76 -62.99
N PHE DB 193 69.74 58.77 -62.54
CA PHE DB 193 69.84 57.39 -62.98
C PHE DB 193 68.58 57.07 -63.77
N ASP DB 194 68.62 57.33 -65.08
CA ASP DB 194 67.41 57.23 -65.90
C ASP DB 194 66.95 55.78 -66.09
N TYR DB 195 67.90 54.86 -66.30
CA TYR DB 195 67.52 53.47 -66.53
C TYR DB 195 66.82 52.87 -65.31
N LEU DB 196 67.34 53.15 -64.12
CA LEU DB 196 66.67 52.70 -62.90
C LEU DB 196 65.30 53.34 -62.78
N VAL DB 197 65.15 54.58 -63.24
CA VAL DB 197 63.83 55.21 -63.26
C VAL DB 197 62.88 54.41 -64.13
N GLU DB 198 63.30 54.05 -65.35
CA GLU DB 198 62.44 53.31 -66.26
C GLU DB 198 62.06 51.95 -65.69
N LEU DB 199 63.02 51.24 -65.11
CA LEU DB 199 62.69 49.99 -64.43
C LEU DB 199 61.71 50.22 -63.31
N LEU DB 200 61.79 51.37 -62.64
CA LEU DB 200 60.85 51.66 -61.56
C LEU DB 200 59.43 51.89 -62.09
N ASP DB 201 59.29 52.59 -63.23
CA ASP DB 201 57.95 52.70 -63.81
C ASP DB 201 57.42 51.33 -64.21
N ARG DB 202 58.28 50.47 -64.76
CA ARG DB 202 57.84 49.13 -65.11
C ARG DB 202 57.32 48.37 -63.89
N ALA DB 203 58.08 48.44 -62.79
CA ALA DB 203 57.66 47.76 -61.56
C ALA DB 203 56.38 48.35 -61.00
N ILE DB 204 56.23 49.68 -61.07
CA ILE DB 204 55.02 50.32 -60.57
C ILE DB 204 53.81 49.90 -61.38
N GLU DB 205 53.95 49.85 -62.70
CA GLU DB 205 52.86 49.37 -63.55
C GLU DB 205 52.51 47.93 -63.25
N TYR DB 206 53.51 47.08 -63.03
CA TYR DB 206 53.22 45.68 -62.70
C TYR DB 206 52.50 45.57 -61.36
N ILE DB 207 52.90 46.37 -60.37
CA ILE DB 207 52.20 46.37 -59.08
C ILE DB 207 50.77 46.82 -59.25
N LEU DB 208 50.55 47.88 -60.04
CA LEU DB 208 49.23 48.45 -60.20
C LEU DB 208 48.30 47.49 -60.93
N LYS DB 209 48.80 46.79 -61.95
CA LYS DB 209 48.00 45.86 -62.71
C LYS DB 209 47.70 44.57 -61.95
N GLY DB 210 48.34 44.34 -60.81
CA GLY DB 210 48.08 43.17 -59.99
C GLY DB 210 49.12 42.08 -60.09
N ARG DB 211 50.06 42.18 -61.03
CA ARG DB 211 51.10 41.17 -61.22
C ARG DB 211 52.18 41.39 -60.16
N SER DB 212 52.11 40.62 -59.07
CA SER DB 212 52.94 40.87 -57.90
C SER DB 212 54.31 40.20 -57.97
N GLU DB 213 54.36 38.93 -58.39
CA GLU DB 213 55.62 38.19 -58.39
C GLU DB 213 56.60 38.77 -59.41
N LEU DB 214 56.12 39.16 -60.58
CA LEU DB 214 56.98 39.83 -61.55
C LEU DB 214 57.53 41.13 -60.99
N ALA DB 215 56.69 41.87 -60.27
CA ALA DB 215 57.13 43.12 -59.66
C ALA DB 215 58.18 42.86 -58.60
N VAL DB 216 58.03 41.78 -57.82
CA VAL DB 216 59.00 41.46 -56.78
C VAL DB 216 60.34 41.11 -57.42
N HIS DB 217 60.33 40.32 -58.50
CA HIS DB 217 61.58 39.99 -59.18
C HIS DB 217 62.23 41.24 -59.77
N LEU DB 218 61.42 42.12 -60.37
CA LEU DB 218 61.95 43.38 -60.89
C LEU DB 218 62.56 44.23 -59.78
N LEU DB 219 61.92 44.26 -58.62
CA LEU DB 219 62.43 45.02 -57.49
C LEU DB 219 63.73 44.43 -56.96
N ASP DB 220 63.85 43.10 -56.99
CA ASP DB 220 65.11 42.46 -56.62
C ASP DB 220 66.24 42.88 -57.57
N ASP DB 221 65.96 42.89 -58.87
CA ASP DB 221 66.98 43.32 -59.83
C ASP DB 221 67.33 44.79 -59.62
N ILE DB 222 66.33 45.63 -59.34
CA ILE DB 222 66.58 47.04 -59.08
C ILE DB 222 67.43 47.21 -57.83
N ILE DB 223 67.16 46.43 -56.79
CA ILE DB 223 67.93 46.50 -55.56
C ILE DB 223 69.38 46.12 -55.81
N ARG DB 224 69.60 45.06 -56.61
CA ARG DB 224 70.96 44.68 -56.96
C ARG DB 224 71.68 45.80 -57.71
N ARG DB 225 70.99 46.43 -58.66
CA ARG DB 225 71.61 47.53 -59.40
C ARG DB 225 71.94 48.71 -58.50
N VAL DB 226 71.04 49.01 -57.55
CA VAL DB 226 71.28 50.13 -56.63
C VAL DB 226 72.48 49.83 -55.74
N HIS DB 227 72.58 48.60 -55.24
CA HIS DB 227 73.74 48.23 -54.44
C HIS DB 227 75.03 48.30 -55.24
N GLU DB 228 74.98 47.92 -56.51
CA GLU DB 228 76.15 48.07 -57.38
C GLU DB 228 76.54 49.52 -57.52
N GLU DB 229 75.56 50.42 -57.70
CA GLU DB 229 75.87 51.84 -57.79
C GLU DB 229 76.49 52.37 -56.51
N ILE DB 230 75.94 51.97 -55.37
CA ILE DB 230 76.47 52.40 -54.07
C ILE DB 230 77.91 51.94 -53.91
N GLU DB 231 78.18 50.67 -54.25
CA GLU DB 231 79.53 50.15 -54.16
C GLU DB 231 80.48 50.87 -55.10
N ARG DB 232 79.99 51.28 -56.28
CA ARG DB 232 80.81 52.06 -57.19
C ARG DB 232 81.16 53.42 -56.59
N TYR DB 233 80.22 54.04 -55.89
CA TYR DB 233 80.48 55.37 -55.33
C TYR DB 233 81.58 55.35 -54.29
N GLY DB 234 81.60 54.34 -53.44
CA GLY DB 234 82.68 54.17 -52.48
C GLY DB 234 82.41 54.87 -51.16
N ASP DB 235 83.26 55.83 -50.81
CA ASP DB 235 83.13 56.56 -49.55
C ASP DB 235 82.39 57.88 -49.69
N ASP DB 236 82.10 58.32 -50.92
CA ASP DB 236 81.45 59.59 -51.17
C ASP DB 236 79.97 59.41 -51.56
N VAL DB 237 79.31 58.42 -50.97
CA VAL DB 237 77.93 58.11 -51.34
C VAL DB 237 77.01 59.24 -50.86
N PRO DB 238 76.23 59.85 -51.75
CA PRO DB 238 75.23 60.82 -51.31
C PRO DB 238 74.12 60.15 -50.51
N GLU DB 239 73.53 60.91 -49.59
CA GLU DB 239 72.48 60.38 -48.72
C GLU DB 239 71.23 60.00 -49.49
N GLU DB 240 70.99 60.62 -50.64
CA GLU DB 240 69.82 60.28 -51.44
C GLU DB 240 69.87 58.84 -51.90
N LEU DB 241 71.06 58.35 -52.23
CA LEU DB 241 71.20 56.95 -52.67
C LEU DB 241 70.86 55.99 -51.54
N LEU DB 242 71.30 56.28 -50.31
CA LEU DB 242 70.98 55.40 -49.18
C LEU DB 242 69.49 55.44 -48.85
N LEU DB 243 68.89 56.63 -48.88
CA LEU DB 243 67.45 56.73 -48.64
C LEU DB 243 66.67 56.00 -49.72
N LEU DB 244 67.11 56.11 -50.98
CA LEU DB 244 66.48 55.36 -52.07
C LEU DB 244 66.60 53.87 -51.85
N ASP DB 245 67.78 53.40 -51.42
CA ASP DB 245 67.96 51.99 -51.11
C ASP DB 245 66.96 51.52 -50.07
N LEU DB 246 66.83 52.27 -48.97
CA LEU DB 246 65.89 51.89 -47.92
C LEU DB 246 64.45 51.88 -48.43
N LEU DB 247 64.09 52.90 -49.22
CA LEU DB 247 62.73 53.00 -49.74
C LEU DB 247 62.40 51.82 -50.65
N VAL DB 248 63.31 51.49 -51.57
CA VAL DB 248 63.07 50.38 -52.49
C VAL DB 248 62.98 49.06 -51.74
N GLN DB 249 63.81 48.90 -50.71
CA GLN DB 249 63.76 47.67 -49.92
C GLN DB 249 62.42 47.53 -49.21
N LYS DB 250 61.93 48.61 -48.58
CA LYS DB 250 60.65 48.50 -47.89
C LYS DB 250 59.49 48.34 -48.87
N ALA DB 251 59.58 48.94 -50.06
CA ALA DB 251 58.57 48.74 -51.08
C ALA DB 251 58.55 47.30 -51.57
N ARG DB 252 59.73 46.70 -51.72
CA ARG DB 252 59.80 45.29 -52.10
C ARG DB 252 59.20 44.39 -51.02
N ASP DB 253 59.46 44.72 -49.75
CA ASP DB 253 58.83 43.96 -48.67
C ASP DB 253 57.32 44.06 -48.72
N LEU DB 254 56.78 45.26 -48.95
CA LEU DB 254 55.34 45.43 -49.05
C LEU DB 254 54.78 44.67 -50.25
N ALA DB 255 55.48 44.71 -51.38
CA ALA DB 255 55.00 44.00 -52.57
C ALA DB 255 55.00 42.50 -52.35
N ALA DB 256 56.00 41.99 -51.63
CA ALA DB 256 55.99 40.58 -51.26
C ALA DB 256 54.81 40.26 -50.35
N ARG DB 257 54.51 41.13 -49.40
CA ARG DB 257 53.39 40.90 -48.48
C ARG DB 257 52.03 41.04 -49.14
N ILE DB 258 51.96 41.52 -50.37
CA ILE DB 258 50.69 41.71 -51.07
C ILE DB 258 49.93 40.39 -51.15
N MET EB 25 66.57 55.97 -2.74
CA MET EB 25 67.53 54.91 -3.04
C MET EB 25 68.93 55.25 -2.55
N GLU EB 26 69.02 55.93 -1.40
CA GLU EB 26 70.32 56.36 -0.90
C GLU EB 26 71.20 55.20 -0.49
N LYS EB 27 70.62 54.02 -0.24
CA LYS EB 27 71.43 52.85 0.07
C LYS EB 27 72.35 52.49 -1.08
N LEU EB 28 71.84 52.58 -2.31
CA LEU EB 28 72.66 52.26 -3.48
C LEU EB 28 73.73 53.32 -3.73
N GLU EB 29 73.45 54.59 -3.43
CA GLU EB 29 74.51 55.60 -3.49
C GLU EB 29 75.59 55.35 -2.44
N VAL EB 30 75.18 54.90 -1.24
CA VAL EB 30 76.17 54.53 -0.24
C VAL EB 30 77.00 53.35 -0.72
N ALA EB 31 76.36 52.39 -1.39
CA ALA EB 31 77.09 51.27 -1.96
C ALA EB 31 78.09 51.73 -3.03
N VAL EB 32 77.69 52.69 -3.86
CA VAL EB 32 78.59 53.21 -4.89
C VAL EB 32 79.79 53.90 -4.24
N GLU EB 33 79.54 54.69 -3.19
CA GLU EB 33 80.63 55.35 -2.49
C GLU EB 33 81.57 54.32 -1.85
N HIS EB 34 81.01 53.29 -1.26
CA HIS EB 34 81.82 52.21 -0.77
C HIS EB 34 82.68 51.59 -1.86
N LEU EB 35 82.09 51.31 -3.02
CA LEU EB 35 82.84 50.72 -4.13
C LEU EB 35 84.00 51.62 -4.54
N LYS EB 36 83.78 52.93 -4.59
CA LYS EB 36 84.88 53.85 -4.85
C LYS EB 36 85.95 53.74 -3.78
N GLU EB 37 85.53 53.64 -2.52
CA GLU EB 37 86.49 53.46 -1.42
C GLU EB 37 87.28 52.17 -1.58
N ALA EB 38 86.61 51.09 -2.02
CA ALA EB 38 87.29 49.82 -2.24
C ALA EB 38 88.33 49.93 -3.34
N ILE EB 39 88.00 50.62 -4.44
CA ILE EB 39 88.97 50.82 -5.50
C ILE EB 39 90.17 51.59 -4.99
N GLU EB 40 89.92 52.65 -4.22
CA GLU EB 40 91.03 53.44 -3.66
C GLU EB 40 91.88 52.59 -2.70
N LEU EB 41 91.25 51.72 -1.91
CA LEU EB 41 91.98 50.87 -0.99
C LEU EB 41 92.85 49.86 -1.72
N ILE EB 42 92.31 49.23 -2.78
CA ILE EB 42 93.12 48.33 -3.59
C ILE EB 42 94.30 49.08 -4.19
N GLU EB 43 94.07 50.32 -4.63
CA GLU EB 43 95.17 51.12 -5.16
C GLU EB 43 96.22 51.39 -4.09
N LYS EB 44 95.80 51.67 -2.86
CA LYS EB 44 96.75 51.97 -1.79
C LYS EB 44 97.57 50.74 -1.41
N GLY EB 45 96.91 49.61 -1.19
CA GLY EB 45 97.62 48.40 -0.85
C GLY EB 45 97.04 47.63 0.31
N GLU EB 46 95.92 48.10 0.87
CA GLU EB 46 95.26 47.42 1.98
C GLU EB 46 94.23 46.46 1.41
N TYR EB 47 94.59 45.18 1.35
CA TYR EB 47 93.73 44.16 0.77
C TYR EB 47 92.74 43.56 1.77
N VAL EB 48 93.11 43.51 3.05
CA VAL EB 48 92.18 43.04 4.07
C VAL EB 48 90.99 44.00 4.19
N LYS EB 49 91.28 45.30 4.23
CA LYS EB 49 90.21 46.29 4.30
C LYS EB 49 89.37 46.25 3.04
N ALA EB 50 89.98 45.99 1.89
CA ALA EB 50 89.21 45.86 0.65
C ALA EB 50 88.28 44.67 0.70
N ASP EB 51 88.75 43.53 1.21
CA ASP EB 51 87.90 42.34 1.34
C ASP EB 51 86.73 42.62 2.29
N LEU EB 52 87.01 43.28 3.41
CA LEU EB 52 85.95 43.61 4.37
C LEU EB 52 84.96 44.59 3.77
N ILE EB 53 85.44 45.57 3.01
CA ILE EB 53 84.55 46.51 2.34
C ILE EB 53 83.65 45.80 1.34
N LEU EB 54 84.21 44.82 0.62
CA LEU EB 54 83.40 44.06 -0.32
C LEU EB 54 82.29 43.30 0.41
N THR EB 55 82.60 42.74 1.57
CA THR EB 55 81.56 42.10 2.37
C THR EB 55 80.48 43.10 2.81
N ASP EB 56 80.90 44.31 3.21
CA ASP EB 56 79.94 45.34 3.58
C ASP EB 56 79.04 45.74 2.40
N ILE EB 57 79.64 45.87 1.22
CA ILE EB 57 78.87 46.21 0.03
C ILE EB 57 77.86 45.11 -0.28
N LEU EB 58 78.27 43.85 -0.14
CA LEU EB 58 77.34 42.75 -0.33
C LEU EB 58 76.18 42.83 0.65
N ARG EB 59 76.47 43.15 1.91
CA ARG EB 59 75.41 43.30 2.90
C ARG EB 59 74.45 44.42 2.53
N LEU EB 60 74.98 45.57 2.07
CA LEU EB 60 74.14 46.67 1.64
C LEU EB 60 73.23 46.28 0.48
N LEU EB 61 73.81 45.64 -0.54
CA LEU EB 61 73.03 45.27 -1.72
C LEU EB 61 71.96 44.25 -1.37
N GLU EB 62 72.29 43.29 -0.49
CA GLU EB 62 71.29 42.33 -0.04
C GLU EB 62 70.19 43.03 0.76
N GLU EB 63 70.54 44.07 1.50
CA GLU EB 63 69.52 44.87 2.18
C GLU EB 63 68.58 45.53 1.19
N GLU EB 64 69.13 46.05 0.09
CA GLU EB 64 68.27 46.66 -0.93
C GLU EB 64 67.39 45.62 -1.61
N GLY EB 65 67.99 44.53 -2.09
CA GLY EB 65 67.21 43.42 -2.63
C GLY EB 65 67.15 43.32 -4.14
N VAL EB 66 68.29 43.47 -4.82
CA VAL EB 66 68.39 43.27 -6.26
C VAL EB 66 69.22 42.01 -6.51
N LYS EB 67 68.60 41.00 -7.11
CA LYS EB 67 69.19 39.66 -7.15
C LYS EB 67 70.47 39.64 -7.97
N SER EB 68 70.43 40.24 -9.17
CA SER EB 68 71.62 40.24 -10.03
C SER EB 68 72.78 40.94 -9.36
N LEU EB 69 72.53 42.10 -8.75
CA LEU EB 69 73.58 42.79 -8.01
C LEU EB 69 74.10 41.93 -6.87
N ILE EB 70 73.22 41.18 -6.21
CA ILE EB 70 73.64 40.37 -5.07
C ILE EB 70 74.59 39.25 -5.51
N LYS EB 71 74.21 38.52 -6.56
CA LYS EB 71 75.09 37.44 -7.03
C LYS EB 71 76.40 38.00 -7.57
N GLN EB 72 76.33 39.14 -8.26
CA GLN EB 72 77.54 39.78 -8.75
C GLN EB 72 78.45 40.18 -7.59
N ALA EB 73 77.87 40.67 -6.49
CA ALA EB 73 78.68 41.08 -5.35
C ALA EB 73 79.33 39.90 -4.65
N LYS EB 74 78.60 38.78 -4.52
CA LYS EB 74 79.19 37.59 -3.90
C LYS EB 74 80.34 37.05 -4.74
N GLU EB 75 80.11 36.89 -6.04
CA GLU EB 75 81.19 36.40 -6.90
C GLU EB 75 82.34 37.39 -6.93
N LEU EB 76 82.05 38.69 -6.82
CA LEU EB 76 83.11 39.68 -6.75
C LEU EB 76 83.96 39.49 -5.51
N HIS EB 77 83.32 39.27 -4.36
CA HIS EB 77 84.09 39.04 -3.14
C HIS EB 77 85.04 37.85 -3.31
N ILE EB 78 84.50 36.72 -3.78
CA ILE EB 78 85.33 35.52 -3.91
C ILE EB 78 86.48 35.76 -4.89
N GLU EB 79 86.16 36.27 -6.08
CA GLU EB 79 87.17 36.39 -7.11
C GLU EB 79 88.21 37.47 -6.79
N VAL EB 80 87.79 38.56 -6.15
CA VAL EB 80 88.75 39.59 -5.77
C VAL EB 80 89.68 39.06 -4.68
N PHE EB 81 89.15 38.28 -3.74
CA PHE EB 81 90.04 37.67 -2.74
C PHE EB 81 91.09 36.80 -3.42
N LYS EB 82 90.65 35.95 -4.35
CA LYS EB 82 91.60 35.09 -5.06
C LYS EB 82 92.63 35.90 -5.84
N LEU EB 83 92.18 36.92 -6.58
CA LEU EB 83 93.09 37.71 -7.40
C LEU EB 83 94.09 38.49 -6.55
N LEU EB 84 93.63 39.06 -5.44
CA LEU EB 84 94.54 39.77 -4.55
C LEU EB 84 95.54 38.82 -3.90
N LYS EB 85 95.13 37.58 -3.65
CA LYS EB 85 96.10 36.57 -3.24
C LYS EB 85 97.16 36.35 -4.31
N GLU EB 86 96.72 36.21 -5.57
CA GLU EB 86 97.67 35.95 -6.65
C GLU EB 86 98.50 37.18 -6.98
N GLY EB 87 97.93 38.38 -6.84
CA GLY EB 87 98.62 39.61 -7.19
C GLY EB 87 98.08 40.34 -8.40
N GLU EB 88 96.93 39.92 -8.93
CA GLU EB 88 96.33 40.56 -10.10
C GLU EB 88 95.49 41.76 -9.63
N TYR EB 89 96.20 42.86 -9.35
CA TYR EB 89 95.52 44.05 -8.86
C TYR EB 89 94.60 44.65 -9.92
N LYS EB 90 95.06 44.71 -11.17
CA LYS EB 90 94.28 45.34 -12.22
C LYS EB 90 92.98 44.58 -12.49
N GLU EB 91 93.03 43.25 -12.47
CA GLU EB 91 91.82 42.47 -12.70
C GLU EB 91 90.79 42.69 -11.59
N ALA EB 92 91.26 42.75 -10.34
CA ALA EB 92 90.35 43.01 -9.23
C ALA EB 92 89.75 44.41 -9.33
N LYS EB 93 90.58 45.40 -9.67
CA LYS EB 93 90.07 46.75 -9.86
C LYS EB 93 89.04 46.80 -10.98
N ALA EB 94 89.29 46.07 -12.06
CA ALA EB 94 88.33 46.02 -13.17
C ALA EB 94 87.01 45.41 -12.73
N LEU EB 95 87.06 44.33 -11.94
CA LEU EB 95 85.82 43.72 -11.47
C LEU EB 95 85.04 44.66 -10.56
N VAL EB 96 85.73 45.36 -9.67
CA VAL EB 96 85.06 46.30 -8.78
C VAL EB 96 84.45 47.44 -9.59
N GLU EB 97 85.18 47.94 -10.60
CA GLU EB 97 84.64 49.00 -11.44
C GLU EB 97 83.43 48.53 -12.22
N ALA EB 98 83.44 47.28 -12.68
CA ALA EB 98 82.30 46.73 -13.40
C ALA EB 98 81.08 46.67 -12.49
N LEU EB 99 81.26 46.22 -11.24
CA LEU EB 99 80.12 46.20 -10.31
C LEU EB 99 79.62 47.62 -10.01
N ARG EB 100 80.55 48.57 -9.88
CA ARG EB 100 80.15 49.95 -9.64
C ARG EB 100 79.31 50.50 -10.79
N VAL EB 101 79.77 50.26 -12.02
CA VAL EB 101 79.04 50.72 -13.20
C VAL EB 101 77.67 50.05 -13.27
N SER EB 102 77.60 48.76 -12.92
CA SER EB 102 76.31 48.07 -12.95
C SER EB 102 75.34 48.68 -11.94
N VAL EB 103 75.81 48.99 -10.73
CA VAL EB 103 74.94 49.57 -9.72
C VAL EB 103 74.47 50.97 -10.14
N GLU EB 104 75.39 51.79 -10.65
CA GLU EB 104 75.01 53.13 -11.11
C GLU EB 104 74.01 53.04 -12.26
N LEU EB 105 74.21 52.08 -13.17
CA LEU EB 105 73.27 51.90 -14.27
C LEU EB 105 71.90 51.49 -13.79
N TYR EB 106 71.84 50.62 -12.77
CA TYR EB 106 70.54 50.27 -12.20
C TYR EB 106 69.87 51.50 -11.60
N ILE EB 107 70.63 52.32 -10.90
CA ILE EB 107 70.07 53.54 -10.31
C ILE EB 107 69.48 54.42 -11.40
N LEU EB 108 70.25 54.63 -12.47
CA LEU EB 108 69.80 55.51 -13.54
C LEU EB 108 68.59 54.94 -14.27
N ILE EB 109 68.55 53.61 -14.45
CA ILE EB 109 67.40 52.99 -15.09
C ILE EB 109 66.15 53.20 -14.24
N LYS EB 110 66.27 53.02 -12.92
CA LYS EB 110 65.12 53.21 -12.06
C LYS EB 110 64.64 54.66 -12.07
N ARG EB 111 65.58 55.61 -12.03
CA ARG EB 111 65.20 57.02 -12.08
C ARG EB 111 64.53 57.36 -13.41
N GLY EB 112 65.06 56.84 -14.51
CA GLY EB 112 64.45 57.12 -15.81
C GLY EB 112 63.06 56.53 -15.95
N VAL EB 113 62.87 55.30 -15.49
CA VAL EB 113 61.57 54.65 -15.63
C VAL EB 113 60.54 55.33 -14.74
N ARG EB 114 60.91 55.66 -13.50
CA ARG EB 114 59.97 56.33 -12.60
C ARG EB 114 59.55 57.68 -13.13
N GLU EB 115 60.53 58.50 -13.55
CA GLU EB 115 60.27 59.84 -14.09
C GLU EB 115 59.59 59.81 -15.45
N GLY EB 116 59.30 58.63 -16.00
CA GLY EB 116 58.70 58.56 -17.33
C GLY EB 116 59.59 59.09 -18.43
N ARG EB 117 60.90 58.98 -18.27
CA ARG EB 117 61.82 59.46 -19.29
C ARG EB 117 61.69 58.62 -20.57
N PRO EB 118 61.95 59.22 -21.73
CA PRO EB 118 61.88 58.45 -22.98
C PRO EB 118 62.97 57.38 -23.02
N ILE EB 119 62.65 56.28 -23.71
CA ILE EB 119 63.61 55.20 -23.88
C ILE EB 119 64.86 55.69 -24.60
N GLU EB 120 64.70 56.67 -25.48
CA GLU EB 120 65.83 57.16 -26.28
C GLU EB 120 66.97 57.67 -25.40
N GLU EB 121 66.66 58.58 -24.47
CA GLU EB 121 67.72 59.18 -23.66
C GLU EB 121 68.27 58.18 -22.64
N ILE EB 122 67.44 57.26 -22.16
CA ILE EB 122 67.93 56.20 -21.29
C ILE EB 122 68.98 55.36 -22.03
N ALA EB 123 68.67 54.99 -23.28
CA ALA EB 123 69.62 54.21 -24.08
C ALA EB 123 70.90 54.99 -24.33
N ARG EB 124 70.79 56.28 -24.63
CA ARG EB 124 71.99 57.09 -24.84
C ARG EB 124 72.84 57.15 -23.59
N GLU EB 125 72.20 57.31 -22.43
CA GLU EB 125 72.94 57.36 -21.16
C GLU EB 125 73.65 56.04 -20.89
N VAL EB 126 72.96 54.92 -21.12
CA VAL EB 126 73.58 53.61 -20.90
C VAL EB 126 74.79 53.45 -21.80
N GLY EB 127 74.66 53.81 -23.08
CA GLY EB 127 75.80 53.73 -23.98
C GLY EB 127 76.96 54.60 -23.55
N ARG EB 128 76.66 55.83 -23.11
CA ARG EB 128 77.73 56.72 -22.65
C ARG EB 128 78.46 56.14 -21.45
N LYS EB 129 77.70 55.58 -20.50
CA LYS EB 129 78.33 54.98 -19.32
C LYS EB 129 79.21 53.80 -19.69
N LEU EB 130 78.73 52.94 -20.60
CA LEU EB 130 79.53 51.80 -21.02
C LEU EB 130 80.80 52.24 -21.73
N VAL EB 131 80.71 53.28 -22.57
CA VAL EB 131 81.89 53.76 -23.28
C VAL EB 131 82.89 54.35 -22.29
N GLU EB 132 82.41 55.07 -21.29
CA GLU EB 132 83.31 55.63 -20.28
C GLU EB 132 84.01 54.53 -19.50
N LEU EB 133 83.28 53.48 -19.12
CA LEU EB 133 83.92 52.35 -18.46
C LEU EB 133 84.97 51.70 -19.35
N ALA EB 134 84.66 51.51 -20.63
CA ALA EB 134 85.62 50.90 -21.54
C ALA EB 134 86.88 51.75 -21.67
N LYS EB 135 86.71 53.08 -21.75
CA LYS EB 135 87.87 53.96 -21.83
C LYS EB 135 88.71 53.88 -20.56
N ARG EB 136 88.05 53.83 -19.39
CA ARG EB 136 88.79 53.69 -18.14
C ARG EB 136 89.59 52.40 -18.12
N LEU EB 137 88.96 51.27 -18.46
CA LEU EB 137 89.65 49.99 -18.43
C LEU EB 137 90.79 49.96 -19.45
N GLU EB 138 90.60 50.58 -20.61
CA GLU EB 138 91.67 50.65 -21.59
C GLU EB 138 92.85 51.45 -21.05
N LYS EB 139 92.56 52.54 -20.33
CA LYS EB 139 93.63 53.31 -19.70
C LYS EB 139 94.36 52.50 -18.65
N GLU EB 140 93.63 51.69 -17.88
CA GLU EB 140 94.27 50.87 -16.85
C GLU EB 140 95.26 49.88 -17.46
N GLY EB 141 94.89 49.24 -18.56
CA GLY EB 141 95.76 48.26 -19.19
C GLY EB 141 95.11 46.92 -19.44
N ILE EB 142 93.80 46.84 -19.19
CA ILE EB 142 93.07 45.61 -19.44
C ILE EB 142 92.86 45.44 -20.94
N SER EB 143 93.05 44.22 -21.43
CA SER EB 143 92.91 43.94 -22.85
C SER EB 143 91.45 44.06 -23.28
N TRP EB 144 91.26 44.18 -24.60
CA TRP EB 144 89.92 44.47 -25.13
C TRP EB 144 89.00 43.27 -25.06
N GLU EB 145 89.54 42.05 -25.08
CA GLU EB 145 88.70 40.87 -24.91
C GLU EB 145 88.07 40.84 -23.52
N GLU EB 146 88.87 41.14 -22.49
CA GLU EB 146 88.32 41.21 -21.14
C GLU EB 146 87.32 42.36 -21.00
N ILE EB 147 87.61 43.50 -21.64
CA ILE EB 147 86.70 44.63 -21.60
C ILE EB 147 85.35 44.24 -22.21
N ILE EB 148 85.39 43.57 -23.36
CA ILE EB 148 84.16 43.16 -24.03
C ILE EB 148 83.39 42.18 -23.17
N GLU EB 149 84.08 41.21 -22.56
CA GLU EB 149 83.39 40.24 -21.73
C GLU EB 149 82.73 40.89 -20.52
N LEU EB 150 83.44 41.83 -19.87
CA LEU EB 150 82.85 42.56 -18.76
C LEU EB 150 81.63 43.35 -19.21
N ILE EB 151 81.72 43.98 -20.39
CA ILE EB 151 80.61 44.78 -20.90
C ILE EB 151 79.40 43.89 -21.17
N GLU EB 152 79.61 42.69 -21.74
CA GLU EB 152 78.47 41.80 -21.98
C GLU EB 152 77.87 41.28 -20.69
N ARG EB 153 78.68 41.03 -19.66
CA ARG EB 153 78.10 40.67 -18.37
C ARG EB 153 77.23 41.80 -17.83
N ILE EB 154 77.72 43.04 -17.92
CA ILE EB 154 76.92 44.19 -17.50
C ILE EB 154 75.64 44.29 -18.32
N LEU EB 155 75.72 43.97 -19.62
CA LEU EB 155 74.55 44.04 -20.48
C LEU EB 155 73.51 43.00 -20.11
N GLU EB 156 73.96 41.79 -19.74
CA GLU EB 156 73.01 40.78 -19.26
C GLU EB 156 72.35 41.22 -17.96
N SER EB 157 73.13 41.84 -17.07
CA SER EB 157 72.54 42.39 -15.85
C SER EB 157 71.51 43.46 -16.17
N ILE EB 158 71.81 44.32 -17.14
CA ILE EB 158 70.88 45.36 -17.55
C ILE EB 158 69.61 44.75 -18.12
N ARG EB 159 69.76 43.69 -18.92
CA ARG EB 159 68.60 43.02 -19.49
C ARG EB 159 67.69 42.47 -18.39
N GLU EB 160 68.28 41.83 -17.38
CA GLU EB 160 67.47 41.34 -16.27
C GLU EB 160 66.79 42.47 -15.52
N ILE EB 161 67.52 43.56 -15.27
CA ILE EB 161 66.94 44.69 -14.54
C ILE EB 161 65.78 45.30 -15.32
N LEU EB 162 65.96 45.48 -16.64
CA LEU EB 162 64.90 46.04 -17.47
C LEU EB 162 63.69 45.13 -17.51
N LYS EB 163 63.90 43.81 -17.62
CA LYS EB 163 62.79 42.88 -17.58
C LYS EB 163 62.07 42.93 -16.25
N GLU EB 164 62.79 43.23 -15.17
CA GLU EB 164 62.14 43.37 -13.86
C GLU EB 164 61.17 44.55 -13.84
N GLU EB 165 61.54 45.66 -14.47
CA GLU EB 165 60.72 46.86 -14.47
C GLU EB 165 59.44 46.71 -15.29
N GLY EB 166 59.17 45.54 -15.88
CA GLY EB 166 57.98 45.35 -16.66
C GLY EB 166 58.03 45.91 -18.06
N LEU EB 167 59.20 46.33 -18.54
CA LEU EB 167 59.30 46.82 -19.90
C LEU EB 167 59.12 45.68 -20.89
N PRO EB 168 58.51 45.92 -22.04
CA PRO EB 168 58.38 44.87 -23.05
C PRO EB 168 59.71 44.63 -23.76
N GLU EB 169 59.74 43.55 -24.54
CA GLU EB 169 60.98 43.10 -25.15
C GLU EB 169 61.53 44.08 -26.17
N SER EB 170 60.64 44.81 -26.86
CA SER EB 170 61.09 45.67 -27.95
C SER EB 170 62.01 46.78 -27.46
N GLU EB 171 61.59 47.50 -26.40
CA GLU EB 171 62.43 48.57 -25.88
C GLU EB 171 63.69 48.06 -25.23
N ILE EB 172 63.62 46.89 -24.57
CA ILE EB 172 64.82 46.29 -24.00
C ILE EB 172 65.84 46.00 -25.08
N ASN EB 173 65.38 45.37 -26.17
CA ASN EB 173 66.28 45.06 -27.28
C ASN EB 173 66.81 46.34 -27.91
N ARG EB 174 65.99 47.37 -28.01
CA ARG EB 174 66.44 48.64 -28.57
C ARG EB 174 67.55 49.25 -27.73
N ILE EB 175 67.38 49.27 -26.41
CA ILE EB 175 68.39 49.84 -25.53
C ILE EB 175 69.69 49.05 -25.62
N LEU EB 176 69.58 47.71 -25.58
CA LEU EB 176 70.77 46.88 -25.64
C LEU EB 176 71.51 47.05 -26.95
N ALA EB 177 70.77 47.09 -28.08
CA ALA EB 177 71.39 47.28 -29.37
C ALA EB 177 72.08 48.63 -29.46
N VAL EB 178 71.46 49.68 -28.93
CA VAL EB 178 72.07 51.01 -28.96
C VAL EB 178 73.37 51.01 -28.17
N SER EB 179 73.38 50.40 -26.98
CA SER EB 179 74.60 50.37 -26.17
C SER EB 179 75.72 49.61 -26.87
N ILE EB 180 75.39 48.44 -27.44
CA ILE EB 180 76.39 47.67 -28.16
C ILE EB 180 76.92 48.46 -29.34
N LEU EB 181 76.04 49.16 -30.05
CA LEU EB 181 76.47 49.95 -31.19
C LEU EB 181 77.32 51.13 -30.78
N GLU EB 182 77.08 51.70 -29.59
CA GLU EB 182 77.94 52.78 -29.11
C GLU EB 182 79.35 52.28 -28.80
N VAL EB 183 79.44 51.11 -28.17
CA VAL EB 183 80.76 50.51 -27.95
C VAL EB 183 81.46 50.24 -29.28
N ALA EB 184 80.71 49.70 -30.24
CA ALA EB 184 81.29 49.43 -31.56
C ALA EB 184 81.72 50.73 -32.25
N LYS EB 185 80.96 51.80 -32.06
CA LYS EB 185 81.33 53.10 -32.62
C LYS EB 185 82.63 53.60 -32.02
N TYR EB 186 82.80 53.44 -30.71
CA TYR EB 186 84.08 53.81 -30.10
C TYR EB 186 85.22 53.01 -30.69
N LEU EB 187 85.00 51.70 -30.89
CA LEU EB 187 86.04 50.87 -31.50
C LEU EB 187 86.36 51.34 -32.92
N LEU EB 188 85.34 51.68 -33.70
CA LEU EB 188 85.55 52.16 -35.07
C LEU EB 188 86.34 53.47 -35.07
N GLU EB 189 86.01 54.37 -34.15
CA GLU EB 189 86.75 55.62 -34.04
C GLU EB 189 88.21 55.36 -33.70
N LYS EB 190 88.47 54.40 -32.80
CA LYS EB 190 89.85 54.03 -32.52
C LYS EB 190 90.56 53.49 -33.76
N LEU EB 191 89.88 52.64 -34.53
CA LEU EB 191 90.49 52.09 -35.75
C LEU EB 191 90.73 53.17 -36.80
N GLY EB 192 89.79 54.11 -36.95
CA GLY EB 192 89.96 55.19 -37.90
C GLY EB 192 89.16 55.04 -39.17
N PHE EB 193 87.95 54.51 -39.06
CA PHE EB 193 87.03 54.32 -40.18
C PHE EB 193 85.86 55.27 -39.99
N ASP EB 194 86.01 56.50 -40.53
CA ASP EB 194 85.04 57.55 -40.26
C ASP EB 194 83.70 57.29 -40.94
N TYR EB 195 83.72 56.81 -42.19
CA TYR EB 195 82.48 56.58 -42.91
C TYR EB 195 81.63 55.53 -42.22
N LEU EB 196 82.24 54.44 -41.77
CA LEU EB 196 81.51 53.44 -41.02
C LEU EB 196 80.96 54.01 -39.73
N VAL EB 197 81.69 54.96 -39.12
CA VAL EB 197 81.19 55.64 -37.93
C VAL EB 197 79.90 56.38 -38.27
N GLU EB 198 79.91 57.16 -39.35
CA GLU EB 198 78.72 57.93 -39.75
C GLU EB 198 77.54 57.02 -40.03
N LEU EB 199 77.76 55.94 -40.76
CA LEU EB 199 76.70 54.97 -40.98
C LEU EB 199 76.19 54.40 -39.66
N LEU EB 200 77.09 54.25 -38.68
CA LEU EB 200 76.66 53.74 -37.38
C LEU EB 200 75.78 54.75 -36.64
N ASP EB 201 76.11 56.05 -36.70
CA ASP EB 201 75.19 57.02 -36.10
C ASP EB 201 73.85 57.00 -36.81
N ARG EB 202 73.84 56.86 -38.13
CA ARG EB 202 72.58 56.78 -38.85
C ARG EB 202 71.74 55.59 -38.37
N ALA EB 203 72.37 54.43 -38.24
CA ALA EB 203 71.66 53.24 -37.78
C ALA EB 203 71.18 53.41 -36.34
N ILE EB 204 71.99 54.03 -35.48
CA ILE EB 204 71.60 54.24 -34.10
C ILE EB 204 70.39 55.16 -34.02
N GLU EB 205 70.40 56.24 -34.81
CA GLU EB 205 69.24 57.13 -34.85
C GLU EB 205 68.00 56.42 -35.35
N TYR EB 206 68.13 55.57 -36.37
CA TYR EB 206 66.97 54.84 -36.87
C TYR EB 206 66.44 53.86 -35.82
N ILE EB 207 67.33 53.20 -35.08
CA ILE EB 207 66.89 52.31 -34.00
C ILE EB 207 66.17 53.10 -32.92
N LEU EB 208 66.71 54.27 -32.56
CA LEU EB 208 66.14 55.05 -31.47
C LEU EB 208 64.78 55.61 -31.85
N LYS EB 209 64.61 56.05 -33.10
CA LYS EB 209 63.34 56.60 -33.55
C LYS EB 209 62.27 55.53 -33.77
N GLY EB 210 62.62 54.26 -33.72
CA GLY EB 210 61.67 53.17 -33.85
C GLY EB 210 61.65 52.49 -35.21
N ARG EB 211 62.36 53.04 -36.19
CA ARG EB 211 62.40 52.46 -37.54
C ARG EB 211 63.37 51.30 -37.54
N SER EB 212 62.85 50.08 -37.41
CA SER EB 212 63.67 48.90 -37.17
C SER EB 212 64.18 48.27 -38.46
N GLU EB 213 63.32 48.11 -39.47
CA GLU EB 213 63.71 47.42 -40.69
C GLU EB 213 64.78 48.19 -41.46
N LEU EB 214 64.64 49.51 -41.52
CA LEU EB 214 65.67 50.33 -42.14
C LEU EB 214 67.00 50.19 -41.41
N ALA EB 215 66.94 50.13 -40.08
CA ALA EB 215 68.15 49.94 -39.29
C ALA EB 215 68.78 48.59 -39.55
N VAL EB 216 67.96 47.55 -39.72
CA VAL EB 216 68.48 46.21 -40.00
C VAL EB 216 69.18 46.19 -41.35
N HIS EB 217 68.57 46.82 -42.36
CA HIS EB 217 69.21 46.87 -43.68
C HIS EB 217 70.51 47.66 -43.62
N LEU EB 218 70.53 48.79 -42.89
CA LEU EB 218 71.75 49.56 -42.72
C LEU EB 218 72.83 48.74 -42.03
N LEU EB 219 72.43 47.96 -41.02
CA LEU EB 219 73.39 47.13 -40.30
C LEU EB 219 73.94 46.01 -41.20
N ASP EB 220 73.09 45.47 -42.08
CA ASP EB 220 73.58 44.50 -43.07
C ASP EB 220 74.63 45.12 -43.98
N ASP EB 221 74.38 46.33 -44.46
CA ASP EB 221 75.36 47.00 -45.31
C ASP EB 221 76.65 47.29 -44.54
N ILE EB 222 76.53 47.69 -43.28
CA ILE EB 222 77.70 47.94 -42.45
C ILE EB 222 78.50 46.67 -42.24
N ILE EB 223 77.80 45.55 -42.01
CA ILE EB 223 78.47 44.26 -41.82
C ILE EB 223 79.22 43.87 -43.08
N ARG EB 224 78.61 44.07 -44.25
CA ARG EB 224 79.32 43.78 -45.50
C ARG EB 224 80.56 44.63 -45.64
N ARG EB 225 80.47 45.92 -45.32
CA ARG EB 225 81.64 46.79 -45.41
C ARG EB 225 82.74 46.37 -44.44
N VAL EB 226 82.35 45.97 -43.23
CA VAL EB 226 83.33 45.53 -42.23
C VAL EB 226 84.04 44.26 -42.70
N HIS EB 227 83.28 43.32 -43.26
CA HIS EB 227 83.89 42.11 -43.78
C HIS EB 227 84.83 42.42 -44.94
N GLU EB 228 84.46 43.37 -45.79
CA GLU EB 228 85.36 43.80 -46.86
C GLU EB 228 86.66 44.36 -46.29
N GLU EB 229 86.56 45.18 -45.24
CA GLU EB 229 87.76 45.73 -44.62
C GLU EB 229 88.64 44.64 -44.03
N ILE EB 230 88.02 43.67 -43.35
CA ILE EB 230 88.76 42.56 -42.76
C ILE EB 230 89.49 41.76 -43.85
N GLU EB 231 88.78 41.47 -44.95
CA GLU EB 231 89.40 40.75 -46.05
C GLU EB 231 90.54 41.55 -46.68
N ARG EB 232 90.40 42.87 -46.72
CA ARG EB 232 91.50 43.70 -47.22
C ARG EB 232 92.72 43.61 -46.31
N TYR EB 233 92.50 43.55 -45.00
CA TYR EB 233 93.64 43.51 -44.07
C TYR EB 233 94.47 42.24 -44.24
N GLY EB 234 93.82 41.11 -44.43
CA GLY EB 234 94.53 39.87 -44.72
C GLY EB 234 94.89 39.10 -43.45
N ASP EB 235 96.17 38.89 -43.22
CA ASP EB 235 96.65 38.14 -42.07
C ASP EB 235 97.02 39.02 -40.88
N ASP EB 236 97.06 40.34 -41.06
CA ASP EB 236 97.46 41.27 -40.01
C ASP EB 236 96.26 42.00 -39.41
N VAL EB 237 95.12 41.34 -39.31
CA VAL EB 237 93.89 41.97 -38.83
C VAL EB 237 94.03 42.29 -37.34
N PRO EB 238 93.86 43.55 -36.95
CA PRO EB 238 93.83 43.87 -35.52
C PRO EB 238 92.61 43.27 -34.84
N GLU EB 239 92.76 42.98 -33.54
CA GLU EB 239 91.68 42.36 -32.79
C GLU EB 239 90.47 43.27 -32.62
N GLU EB 240 90.68 44.59 -32.69
CA GLU EB 240 89.56 45.52 -32.57
C GLU EB 240 88.58 45.33 -33.72
N LEU EB 241 89.08 45.04 -34.91
CA LEU EB 241 88.20 44.82 -36.06
C LEU EB 241 87.33 43.58 -35.86
N LEU EB 242 87.91 42.50 -35.33
CA LEU EB 242 87.12 41.29 -35.10
C LEU EB 242 86.09 41.50 -33.99
N LEU EB 243 86.49 42.19 -32.92
CA LEU EB 243 85.54 42.48 -31.85
C LEU EB 243 84.41 43.37 -32.35
N LEU EB 244 84.74 44.36 -33.20
CA LEU EB 244 83.73 45.21 -33.80
C LEU EB 244 82.78 44.39 -34.69
N ASP EB 245 83.33 43.46 -35.46
CA ASP EB 245 82.50 42.58 -36.28
C ASP EB 245 81.49 41.83 -35.41
N LEU EB 246 81.97 41.21 -34.32
CA LEU EB 246 81.09 40.46 -33.45
C LEU EB 246 80.03 41.36 -32.83
N LEU EB 247 80.43 42.56 -32.39
CA LEU EB 247 79.50 43.48 -31.76
C LEU EB 247 78.40 43.92 -32.72
N VAL EB 248 78.79 44.28 -33.94
CA VAL EB 248 77.81 44.72 -34.93
C VAL EB 248 76.87 43.57 -35.29
N GLN EB 249 77.40 42.35 -35.39
CA GLN EB 249 76.54 41.22 -35.69
C GLN EB 249 75.51 40.97 -34.59
N LYS EB 250 75.94 41.01 -33.33
CA LYS EB 250 74.97 40.79 -32.25
C LYS EB 250 73.98 41.94 -32.13
N ALA EB 251 74.41 43.17 -32.42
CA ALA EB 251 73.50 44.31 -32.43
C ALA EB 251 72.46 44.16 -33.54
N ARG EB 252 72.88 43.68 -34.71
CA ARG EB 252 71.94 43.43 -35.80
C ARG EB 252 70.93 42.34 -35.42
N ASP EB 253 71.41 41.29 -34.74
CA ASP EB 253 70.49 40.27 -34.27
C ASP EB 253 69.45 40.84 -33.30
N LEU EB 254 69.90 41.67 -32.36
CA LEU EB 254 68.97 42.29 -31.43
C LEU EB 254 67.99 43.21 -32.14
N ALA EB 255 68.46 43.98 -33.12
CA ALA EB 255 67.58 44.88 -33.86
C ALA EB 255 66.54 44.09 -34.64
N ALA EB 256 66.94 42.95 -35.21
CA ALA EB 256 65.97 42.08 -35.87
C ALA EB 256 64.94 41.56 -34.88
N ARG EB 257 65.39 41.18 -33.68
CA ARG EB 257 64.45 40.66 -32.68
C ARG EB 257 63.54 41.71 -32.09
N ILE EB 258 63.77 42.99 -32.38
CA ILE EB 258 62.94 44.07 -31.83
C ILE EB 258 61.49 43.87 -32.20
N MET FB 25 86.54 2.91 -8.56
CA MET FB 25 86.48 2.44 -9.93
C MET FB 25 87.76 1.71 -10.33
N GLU FB 26 88.34 0.96 -9.40
CA GLU FB 26 89.60 0.27 -9.68
C GLU FB 26 89.45 -0.82 -10.72
N LYS FB 27 88.23 -1.31 -10.96
CA LYS FB 27 88.01 -2.30 -11.99
C LYS FB 27 88.37 -1.74 -13.37
N LEU FB 28 88.01 -0.48 -13.62
CA LEU FB 28 88.33 0.13 -14.91
C LEU FB 28 89.82 0.42 -15.05
N GLU FB 29 90.50 0.74 -13.97
CA GLU FB 29 91.96 0.86 -14.03
C GLU FB 29 92.62 -0.49 -14.32
N VAL FB 30 92.07 -1.57 -13.74
CA VAL FB 30 92.57 -2.91 -14.05
C VAL FB 30 92.33 -3.21 -15.53
N ALA FB 31 91.18 -2.82 -16.06
CA ALA FB 31 90.90 -2.99 -17.48
C ALA FB 31 91.88 -2.21 -18.34
N VAL FB 32 92.22 -0.99 -17.94
CA VAL FB 32 93.18 -0.19 -18.70
C VAL FB 32 94.56 -0.86 -18.69
N GLU FB 33 94.96 -1.37 -17.53
CA GLU FB 33 96.25 -2.08 -17.46
C GLU FB 33 96.23 -3.33 -18.32
N HIS FB 34 95.14 -4.06 -18.30
CA HIS FB 34 95.00 -5.17 -19.21
C HIS FB 34 95.14 -4.76 -20.66
N LEU FB 35 94.47 -3.67 -21.06
CA LEU FB 35 94.55 -3.19 -22.44
C LEU FB 35 95.99 -2.85 -22.82
N LYS FB 36 96.73 -2.23 -21.92
CA LYS FB 36 98.15 -1.99 -22.17
C LYS FB 36 98.89 -3.31 -22.35
N GLU FB 37 98.59 -4.31 -21.51
CA GLU FB 37 99.20 -5.62 -21.65
C GLU FB 37 98.86 -6.25 -23.01
N ALA FB 38 97.62 -6.08 -23.46
CA ALA FB 38 97.22 -6.61 -24.76
C ALA FB 38 97.99 -5.95 -25.89
N ILE FB 39 98.16 -4.63 -25.82
CA ILE FB 39 98.96 -3.94 -26.84
C ILE FB 39 100.39 -4.47 -26.85
N GLU FB 40 100.98 -4.64 -25.67
CA GLU FB 40 102.34 -5.17 -25.60
C GLU FB 40 102.41 -6.59 -26.14
N LEU FB 41 101.39 -7.41 -25.88
CA LEU FB 41 101.37 -8.78 -26.38
C LEU FB 41 101.26 -8.82 -27.90
N ILE FB 42 100.39 -7.99 -28.48
CA ILE FB 42 100.31 -7.90 -29.93
C ILE FB 42 101.64 -7.48 -30.51
N GLU FB 43 102.33 -6.53 -29.84
CA GLU FB 43 103.65 -6.12 -30.30
C GLU FB 43 104.64 -7.28 -30.25
N LYS FB 44 104.59 -8.08 -29.19
CA LYS FB 44 105.53 -9.19 -29.05
C LYS FB 44 105.30 -10.26 -30.12
N GLY FB 45 104.04 -10.68 -30.27
CA GLY FB 45 103.73 -11.69 -31.27
C GLY FB 45 102.83 -12.81 -30.79
N GLU FB 46 102.38 -12.73 -29.54
CA GLU FB 46 101.48 -13.74 -28.98
C GLU FB 46 100.04 -13.30 -29.22
N TYR FB 47 99.41 -13.88 -30.24
CA TYR FB 47 98.06 -13.50 -30.63
C TYR FB 47 96.99 -14.27 -29.88
N VAL FB 48 97.28 -15.51 -29.48
CA VAL FB 48 96.33 -16.28 -28.68
C VAL FB 48 96.15 -15.63 -27.31
N LYS FB 49 97.26 -15.24 -26.68
CA LYS FB 49 97.17 -14.57 -25.40
C LYS FB 49 96.48 -13.22 -25.53
N ALA FB 50 96.69 -12.53 -26.64
CA ALA FB 50 95.99 -11.27 -26.87
C ALA FB 50 94.49 -11.48 -27.00
N ASP FB 51 94.06 -12.52 -27.72
CA ASP FB 51 92.64 -12.82 -27.85
C ASP FB 51 92.03 -13.16 -26.49
N LEU FB 52 92.74 -13.95 -25.68
CA LEU FB 52 92.26 -14.30 -24.35
C LEU FB 52 92.19 -13.08 -23.44
N ILE FB 53 93.19 -12.20 -23.53
CA ILE FB 53 93.16 -10.96 -22.76
C ILE FB 53 91.98 -10.09 -23.15
N LEU FB 54 91.66 -10.04 -24.45
CA LEU FB 54 90.51 -9.26 -24.88
C LEU FB 54 89.23 -9.83 -24.29
N THR FB 55 89.11 -11.16 -24.22
CA THR FB 55 87.95 -11.77 -23.57
C THR FB 55 87.91 -11.40 -22.08
N ASP FB 56 89.06 -11.41 -21.41
CA ASP FB 56 89.10 -11.01 -20.00
C ASP FB 56 88.67 -9.56 -19.81
N ILE FB 57 89.14 -8.67 -20.69
CA ILE FB 57 88.75 -7.27 -20.61
C ILE FB 57 87.25 -7.10 -20.81
N LEU FB 58 86.69 -7.86 -21.76
CA LEU FB 58 85.24 -7.81 -21.95
C LEU FB 58 84.51 -8.26 -20.69
N ARG FB 59 85.01 -9.31 -20.03
CA ARG FB 59 84.39 -9.77 -18.79
C ARG FB 59 84.45 -8.69 -17.71
N LEU FB 60 85.61 -8.02 -17.59
CA LEU FB 60 85.75 -6.94 -16.60
C LEU FB 60 84.77 -5.81 -16.88
N LEU FB 61 84.70 -5.36 -18.14
CA LEU FB 61 83.83 -4.25 -18.47
C LEU FB 61 82.36 -4.61 -18.26
N GLU FB 62 81.97 -5.84 -18.60
CA GLU FB 62 80.61 -6.28 -18.33
C GLU FB 62 80.34 -6.35 -16.83
N GLU FB 63 81.36 -6.69 -16.04
CA GLU FB 63 81.21 -6.65 -14.58
C GLU FB 63 80.94 -5.22 -14.11
N GLU FB 64 81.64 -4.24 -14.68
CA GLU FB 64 81.41 -2.85 -14.30
C GLU FB 64 80.01 -2.38 -14.74
N GLY FB 65 79.66 -2.60 -16.00
CA GLY FB 65 78.32 -2.32 -16.46
C GLY FB 65 78.13 -1.04 -17.27
N VAL FB 66 79.03 -0.76 -18.21
CA VAL FB 66 78.89 0.37 -19.13
C VAL FB 66 78.61 -0.18 -20.52
N LYS FB 67 77.42 0.15 -21.05
CA LYS FB 67 76.92 -0.54 -22.24
C LYS FB 67 77.79 -0.25 -23.46
N SER FB 68 78.13 1.03 -23.68
CA SER FB 68 78.92 1.39 -24.85
C SER FB 68 80.29 0.71 -24.80
N LEU FB 69 80.93 0.72 -23.64
CA LEU FB 69 82.21 0.02 -23.49
C LEU FB 69 82.04 -1.47 -23.75
N ILE FB 70 80.91 -2.05 -23.34
CA ILE FB 70 80.71 -3.48 -23.50
C ILE FB 70 80.60 -3.84 -24.99
N LYS FB 71 79.77 -3.11 -25.73
CA LYS FB 71 79.63 -3.42 -27.15
C LYS FB 71 80.94 -3.15 -27.90
N GLN FB 72 81.64 -2.08 -27.51
CA GLN FB 72 82.93 -1.81 -28.13
C GLN FB 72 83.92 -2.94 -27.86
N ALA FB 73 83.90 -3.51 -26.65
CA ALA FB 73 84.82 -4.58 -26.32
C ALA FB 73 84.50 -5.86 -27.08
N LYS FB 74 83.21 -6.18 -27.23
CA LYS FB 74 82.84 -7.37 -28.01
C LYS FB 74 83.25 -7.24 -29.48
N GLU FB 75 82.91 -6.10 -30.09
CA GLU FB 75 83.31 -5.90 -31.48
C GLU FB 75 84.83 -5.85 -31.60
N LEU FB 76 85.51 -5.34 -30.58
CA LEU FB 76 86.97 -5.35 -30.59
C LEU FB 76 87.51 -6.77 -30.60
N HIS FB 77 86.95 -7.64 -29.77
CA HIS FB 77 87.39 -9.03 -29.77
C HIS FB 77 87.24 -9.66 -31.15
N ILE FB 78 86.05 -9.53 -31.74
CA ILE FB 78 85.81 -10.16 -33.04
C ILE FB 78 86.76 -9.59 -34.11
N GLU FB 79 86.83 -8.26 -34.20
CA GLU FB 79 87.60 -7.64 -35.28
C GLU FB 79 89.09 -7.84 -35.09
N VAL FB 80 89.58 -7.82 -33.86
CA VAL FB 80 91.00 -8.05 -33.64
C VAL FB 80 91.37 -9.49 -33.96
N PHE FB 81 90.49 -10.45 -33.65
CA PHE FB 81 90.75 -11.82 -34.05
C PHE FB 81 90.86 -11.93 -35.57
N LYS FB 82 89.92 -11.31 -36.29
CA LYS FB 82 89.97 -11.35 -37.75
C LYS FB 82 91.24 -10.70 -38.29
N LEU FB 83 91.58 -9.51 -37.77
CA LEU FB 83 92.75 -8.78 -38.27
C LEU FB 83 94.04 -9.53 -37.98
N LEU FB 84 94.17 -10.12 -36.78
CA LEU FB 84 95.36 -10.89 -36.47
C LEU FB 84 95.45 -12.14 -37.32
N LYS FB 85 94.30 -12.72 -37.71
CA LYS FB 85 94.32 -13.79 -38.70
C LYS FB 85 94.88 -13.29 -40.03
N GLU FB 86 94.40 -12.12 -40.48
CA GLU FB 86 94.87 -11.59 -41.76
C GLU FB 86 96.30 -11.09 -41.69
N GLY FB 87 96.72 -10.56 -40.55
CA GLY FB 87 98.06 -10.00 -40.41
C GLY FB 87 98.11 -8.50 -40.25
N GLU FB 88 96.98 -7.83 -40.06
CA GLU FB 88 96.93 -6.38 -39.89
C GLU FB 88 97.18 -6.05 -38.43
N TYR FB 89 98.46 -6.08 -38.05
CA TYR FB 89 98.83 -5.82 -36.66
C TYR FB 89 98.53 -4.38 -36.26
N LYS FB 90 98.84 -3.43 -37.15
CA LYS FB 90 98.67 -2.01 -36.82
C LYS FB 90 97.20 -1.66 -36.62
N GLU FB 91 96.31 -2.22 -37.44
CA GLU FB 91 94.89 -1.94 -37.29
C GLU FB 91 94.36 -2.47 -35.96
N ALA FB 92 94.79 -3.68 -35.57
CA ALA FB 92 94.37 -4.24 -34.29
C ALA FB 92 94.90 -3.42 -33.13
N LYS FB 93 96.16 -3.00 -33.21
CA LYS FB 93 96.73 -2.14 -32.18
C LYS FB 93 95.97 -0.83 -32.08
N ALA FB 94 95.58 -0.26 -33.23
CA ALA FB 94 94.81 0.98 -33.23
C ALA FB 94 93.46 0.79 -32.56
N LEU FB 95 92.79 -0.32 -32.84
CA LEU FB 95 91.48 -0.57 -32.22
C LEU FB 95 91.62 -0.74 -30.70
N VAL FB 96 92.66 -1.46 -30.26
CA VAL FB 96 92.87 -1.63 -28.83
C VAL FB 96 93.18 -0.30 -28.17
N GLU FB 97 93.99 0.54 -28.82
CA GLU FB 97 94.31 1.86 -28.28
C GLU FB 97 93.07 2.74 -28.22
N ALA FB 98 92.19 2.63 -29.22
CA ALA FB 98 90.96 3.39 -29.20
C ALA FB 98 90.07 2.99 -28.02
N LEU FB 99 89.96 1.68 -27.77
CA LEU FB 99 89.17 1.24 -26.61
C LEU FB 99 89.80 1.70 -25.30
N ARG FB 100 91.13 1.65 -25.23
CA ARG FB 100 91.81 2.12 -24.03
C ARG FB 100 91.53 3.59 -23.76
N VAL FB 101 91.65 4.41 -24.81
CA VAL FB 101 91.39 5.85 -24.68
C VAL FB 101 89.94 6.08 -24.28
N SER FB 102 89.01 5.31 -24.84
CA SER FB 102 87.60 5.46 -24.48
C SER FB 102 87.36 5.15 -23.00
N VAL FB 103 87.98 4.08 -22.49
CA VAL FB 103 87.80 3.72 -21.09
C VAL FB 103 88.42 4.78 -20.17
N GLU FB 104 89.62 5.24 -20.49
CA GLU FB 104 90.25 6.29 -19.70
C GLU FB 104 89.42 7.57 -19.71
N LEU FB 105 88.85 7.91 -20.87
CA LEU FB 105 88.01 9.09 -20.97
C LEU FB 105 86.75 8.95 -20.12
N TYR FB 106 86.16 7.76 -20.09
CA TYR FB 106 85.01 7.55 -19.21
C TYR FB 106 85.40 7.73 -17.75
N ILE FB 107 86.55 7.20 -17.38
CA ILE FB 107 87.02 7.35 -16.00
C ILE FB 107 87.16 8.83 -15.65
N LEU FB 108 87.81 9.59 -16.54
CA LEU FB 108 88.04 11.00 -16.26
C LEU FB 108 86.75 11.80 -16.24
N ILE FB 109 85.78 11.44 -17.11
CA ILE FB 109 84.49 12.11 -17.09
C ILE FB 109 83.78 11.86 -15.77
N LYS FB 110 83.80 10.62 -15.30
CA LYS FB 110 83.15 10.32 -14.03
C LYS FB 110 83.81 11.06 -12.87
N ARG FB 111 85.14 11.09 -12.85
CA ARG FB 111 85.85 11.82 -11.79
C ARG FB 111 85.53 13.31 -11.84
N GLY FB 112 85.50 13.88 -13.04
CA GLY FB 112 85.20 15.30 -13.15
C GLY FB 112 83.79 15.64 -12.72
N VAL FB 113 82.81 14.83 -13.13
CA VAL FB 113 81.42 15.11 -12.78
C VAL FB 113 81.20 14.94 -11.29
N ARG FB 114 81.75 13.88 -10.69
CA ARG FB 114 81.58 13.66 -9.26
C ARG FB 114 82.20 14.81 -8.45
N GLU FB 115 83.44 15.16 -8.75
CA GLU FB 115 84.16 16.24 -8.08
C GLU FB 115 83.59 17.62 -8.37
N GLY FB 116 82.53 17.72 -9.17
CA GLY FB 116 81.99 19.03 -9.52
C GLY FB 116 82.94 19.90 -10.29
N ARG FB 117 83.82 19.31 -11.10
CA ARG FB 117 84.77 20.07 -11.88
C ARG FB 117 84.03 20.89 -12.95
N PRO FB 118 84.57 22.04 -13.33
CA PRO FB 118 83.94 22.83 -14.39
C PRO FB 118 83.98 22.10 -15.73
N ILE FB 119 82.95 22.35 -16.54
CA ILE FB 119 82.89 21.77 -17.88
C ILE FB 119 84.09 22.18 -18.72
N GLU FB 120 84.62 23.38 -18.47
CA GLU FB 120 85.73 23.90 -19.27
C GLU FB 120 86.94 22.98 -19.22
N GLU FB 121 87.39 22.63 -18.01
CA GLU FB 121 88.61 21.83 -17.90
C GLU FB 121 88.36 20.38 -18.31
N ILE FB 122 87.15 19.87 -18.12
CA ILE FB 122 86.81 18.55 -18.63
C ILE FB 122 86.95 18.52 -20.15
N ALA FB 123 86.42 19.54 -20.82
CA ALA FB 123 86.51 19.62 -22.27
C ALA FB 123 87.96 19.73 -22.72
N ARG FB 124 88.76 20.54 -22.03
CA ARG FB 124 90.18 20.65 -22.39
C ARG FB 124 90.89 19.32 -22.23
N GLU FB 125 90.60 18.59 -21.15
CA GLU FB 125 91.22 17.28 -20.93
C GLU FB 125 90.83 16.29 -22.04
N VAL FB 126 89.54 16.27 -22.41
CA VAL FB 126 89.10 15.38 -23.47
C VAL FB 126 89.82 15.69 -24.77
N GLY FB 127 89.92 16.98 -25.11
CA GLY FB 127 90.62 17.36 -26.31
C GLY FB 127 92.09 16.96 -26.29
N ARG FB 128 92.75 17.15 -25.15
CA ARG FB 128 94.15 16.77 -25.03
C ARG FB 128 94.33 15.27 -25.22
N LYS FB 129 93.45 14.47 -24.62
CA LYS FB 129 93.54 13.02 -24.77
C LYS FB 129 93.34 12.60 -26.21
N LEU FB 130 92.34 13.19 -26.88
CA LEU FB 130 92.11 12.84 -28.29
C LEU FB 130 93.30 13.23 -29.16
N VAL FB 131 93.91 14.38 -28.90
CA VAL FB 131 95.07 14.80 -29.70
C VAL FB 131 96.24 13.86 -29.45
N GLU FB 132 96.44 13.43 -28.20
CA GLU FB 132 97.53 12.50 -27.92
C GLU FB 132 97.31 11.16 -28.62
N LEU FB 133 96.07 10.67 -28.63
CA LEU FB 133 95.77 9.45 -29.36
C LEU FB 133 96.04 9.61 -30.85
N ALA FB 134 95.63 10.75 -31.42
CA ALA FB 134 95.85 10.98 -32.84
C ALA FB 134 97.34 11.02 -33.16
N LYS FB 135 98.14 11.67 -32.31
CA LYS FB 135 99.58 11.71 -32.52
C LYS FB 135 100.19 10.32 -32.44
N ARG FB 136 99.73 9.50 -31.49
CA ARG FB 136 100.22 8.12 -31.38
C ARG FB 136 99.91 7.35 -32.65
N LEU FB 137 98.66 7.41 -33.11
CA LEU FB 137 98.26 6.66 -34.30
C LEU FB 137 99.01 7.14 -35.53
N GLU FB 138 99.25 8.45 -35.63
CA GLU FB 138 100.03 8.98 -36.74
C GLU FB 138 101.46 8.46 -36.70
N LYS FB 139 102.03 8.35 -35.51
CA LYS FB 139 103.37 7.78 -35.38
C LYS FB 139 103.38 6.30 -35.79
N GLU FB 140 102.33 5.56 -35.45
CA GLU FB 140 102.27 4.15 -35.81
C GLU FB 140 102.27 3.96 -37.33
N GLY FB 141 101.51 4.77 -38.04
CA GLY FB 141 101.44 4.66 -39.48
C GLY FB 141 100.03 4.55 -40.02
N ILE FB 142 99.04 4.73 -39.14
CA ILE FB 142 97.65 4.70 -39.57
C ILE FB 142 97.30 5.99 -40.29
N SER FB 143 96.57 5.87 -41.39
CA SER FB 143 96.21 7.03 -42.20
C SER FB 143 95.22 7.92 -41.45
N TRP FB 144 95.11 9.17 -41.92
CA TRP FB 144 94.32 10.17 -41.19
C TRP FB 144 92.83 9.93 -41.32
N GLU FB 145 92.37 9.29 -42.39
CA GLU FB 145 90.95 8.95 -42.50
C GLU FB 145 90.56 7.96 -41.43
N GLU FB 146 91.37 6.92 -41.21
CA GLU FB 146 91.11 5.96 -40.15
C GLU FB 146 91.18 6.62 -38.78
N ILE FB 147 92.15 7.52 -38.58
CA ILE FB 147 92.27 8.23 -37.32
C ILE FB 147 91.01 9.04 -37.04
N ILE FB 148 90.52 9.75 -38.06
CA ILE FB 148 89.33 10.57 -37.88
C ILE FB 148 88.12 9.68 -37.57
N GLU FB 149 87.98 8.55 -38.27
CA GLU FB 149 86.84 7.67 -38.00
C GLU FB 149 86.89 7.10 -36.60
N LEU FB 150 88.07 6.68 -36.14
CA LEU FB 150 88.22 6.21 -34.77
C LEU FB 150 87.85 7.30 -33.77
N ILE FB 151 88.30 8.53 -34.04
CA ILE FB 151 88.03 9.64 -33.14
C ILE FB 151 86.53 9.92 -33.06
N GLU FB 152 85.84 9.87 -34.20
CA GLU FB 152 84.38 10.09 -34.16
C GLU FB 152 83.64 8.97 -33.45
N ARG FB 153 84.11 7.73 -33.58
CA ARG FB 153 83.50 6.66 -32.79
C ARG FB 153 83.68 6.91 -31.30
N ILE FB 154 84.89 7.32 -30.90
CA ILE FB 154 85.14 7.66 -29.50
C ILE FB 154 84.25 8.82 -29.07
N LEU FB 155 84.02 9.79 -29.96
CA LEU FB 155 83.19 10.94 -29.64
C LEU FB 155 81.73 10.54 -29.45
N GLU FB 156 81.24 9.61 -30.26
CA GLU FB 156 79.88 9.11 -30.06
C GLU FB 156 79.77 8.37 -28.72
N SER FB 157 80.80 7.59 -28.37
CA SER FB 157 80.81 6.94 -27.06
C SER FB 157 80.79 7.98 -25.94
N ILE FB 158 81.57 9.05 -26.09
CA ILE FB 158 81.59 10.12 -25.10
C ILE FB 158 80.23 10.79 -24.99
N ARG FB 159 79.56 11.00 -26.11
CA ARG FB 159 78.24 11.61 -26.10
C ARG FB 159 77.26 10.73 -25.32
N GLU FB 160 77.29 9.42 -25.55
CA GLU FB 160 76.42 8.53 -24.79
C GLU FB 160 76.74 8.54 -23.30
N ILE FB 161 78.04 8.53 -22.97
CA ILE FB 161 78.44 8.54 -21.56
C ILE FB 161 77.98 9.82 -20.88
N LEU FB 162 78.17 10.96 -21.53
CA LEU FB 162 77.77 12.23 -20.96
C LEU FB 162 76.25 12.31 -20.79
N LYS FB 163 75.51 11.81 -21.77
CA LYS FB 163 74.05 11.78 -21.64
C LYS FB 163 73.64 10.88 -20.48
N GLU FB 164 74.41 9.82 -20.20
CA GLU FB 164 74.09 8.97 -19.06
C GLU FB 164 74.23 9.73 -17.74
N GLU FB 165 75.23 10.59 -17.62
CA GLU FB 165 75.47 11.33 -16.38
C GLU FB 165 74.41 12.39 -16.11
N GLY FB 166 73.39 12.52 -16.94
CA GLY FB 166 72.36 13.50 -16.72
C GLY FB 166 72.71 14.91 -17.12
N LEU FB 167 73.81 15.11 -17.82
CA LEU FB 167 74.17 16.45 -18.28
C LEU FB 167 73.20 16.90 -19.37
N PRO FB 168 72.87 18.19 -19.41
CA PRO FB 168 72.00 18.69 -20.49
C PRO FB 168 72.77 18.79 -21.81
N GLU FB 169 72.00 19.01 -22.87
CA GLU FB 169 72.55 18.95 -24.22
C GLU FB 169 73.56 20.06 -24.48
N SER FB 170 73.41 21.21 -23.83
CA SER FB 170 74.28 22.35 -24.14
C SER FB 170 75.73 22.06 -23.79
N GLU FB 171 75.97 21.57 -22.57
CA GLU FB 171 77.35 21.28 -22.16
C GLU FB 171 77.93 20.10 -22.93
N ILE FB 172 77.11 19.10 -23.26
CA ILE FB 172 77.58 17.98 -24.06
C ILE FB 172 78.05 18.48 -25.42
N ASN FB 173 77.24 19.32 -26.07
CA ASN FB 173 77.61 19.86 -27.36
C ASN FB 173 78.86 20.74 -27.26
N ARG FB 174 78.97 21.49 -26.16
CA ARG FB 174 80.16 22.33 -25.95
C ARG FB 174 81.42 21.49 -25.86
N ILE FB 175 81.37 20.41 -25.06
CA ILE FB 175 82.54 19.55 -24.89
C ILE FB 175 82.92 18.90 -26.22
N LEU FB 176 81.91 18.38 -26.93
CA LEU FB 176 82.19 17.71 -28.21
C LEU FB 176 82.77 18.68 -29.23
N ALA FB 177 82.22 19.90 -29.31
CA ALA FB 177 82.74 20.89 -30.24
C ALA FB 177 84.16 21.27 -29.89
N VAL FB 178 84.47 21.43 -28.59
CA VAL FB 178 85.82 21.78 -28.19
C VAL FB 178 86.80 20.68 -28.57
N SER FB 179 86.44 19.42 -28.36
CA SER FB 179 87.33 18.31 -28.71
C SER FB 179 87.58 18.26 -30.22
N ILE FB 180 86.50 18.39 -31.01
CA ILE FB 180 86.65 18.39 -32.47
C ILE FB 180 87.54 19.55 -32.91
N LEU FB 181 87.35 20.72 -32.30
CA LEU FB 181 88.16 21.87 -32.67
C LEU FB 181 89.62 21.71 -32.26
N GLU FB 182 89.89 20.98 -31.18
CA GLU FB 182 91.27 20.73 -30.81
C GLU FB 182 91.95 19.80 -31.81
N VAL FB 183 91.23 18.77 -32.27
CA VAL FB 183 91.79 17.91 -33.33
C VAL FB 183 92.04 18.73 -34.60
N ALA FB 184 91.08 19.59 -34.95
CA ALA FB 184 91.25 20.43 -36.13
C ALA FB 184 92.42 21.40 -35.96
N LYS FB 185 92.63 21.90 -34.75
CA LYS FB 185 93.76 22.77 -34.47
C LYS FB 185 95.08 22.04 -34.66
N TYR FB 186 95.16 20.78 -34.21
CA TYR FB 186 96.36 20.00 -34.45
C TYR FB 186 96.59 19.82 -35.95
N LEU FB 187 95.52 19.55 -36.71
CA LEU FB 187 95.66 19.42 -38.15
C LEU FB 187 96.15 20.72 -38.79
N LEU FB 188 95.61 21.86 -38.35
CA LEU FB 188 96.05 23.15 -38.89
C LEU FB 188 97.51 23.42 -38.57
N GLU FB 189 97.94 23.08 -37.35
CA GLU FB 189 99.35 23.24 -37.01
C GLU FB 189 100.23 22.38 -37.89
N LYS FB 190 99.79 21.15 -38.18
CA LYS FB 190 100.55 20.31 -39.10
C LYS FB 190 100.62 20.94 -40.49
N LEU FB 191 99.51 21.49 -40.98
CA LEU FB 191 99.51 22.13 -42.29
C LEU FB 191 100.39 23.38 -42.33
N GLY FB 192 100.35 24.18 -41.26
CA GLY FB 192 101.19 25.37 -41.19
C GLY FB 192 100.43 26.66 -41.44
N PHE FB 193 99.20 26.73 -40.95
CA PHE FB 193 98.35 27.93 -41.07
C PHE FB 193 98.19 28.51 -39.68
N ASP FB 194 99.11 29.41 -39.29
CA ASP FB 194 99.16 29.90 -37.93
C ASP FB 194 97.99 30.82 -37.61
N TYR FB 195 97.61 31.69 -38.54
CA TYR FB 195 96.52 32.63 -38.28
C TYR FB 195 95.20 31.91 -38.04
N LEU FB 196 94.91 30.89 -38.86
CA LEU FB 196 93.73 30.08 -38.62
C LEU FB 196 93.80 29.37 -37.28
N VAL FB 197 95.01 28.98 -36.86
CA VAL FB 197 95.17 28.40 -35.54
C VAL FB 197 94.74 29.39 -34.46
N GLU FB 198 95.23 30.63 -34.56
CA GLU FB 198 94.90 31.65 -33.56
C GLU FB 198 93.40 31.92 -33.52
N LEU FB 199 92.78 32.06 -34.69
CA LEU FB 199 91.33 32.20 -34.73
C LEU FB 199 90.65 31.00 -34.08
N LEU FB 200 91.22 29.82 -34.23
CA LEU FB 200 90.64 28.63 -33.61
C LEU FB 200 90.72 28.67 -32.10
N ASP FB 201 91.86 29.12 -31.54
CA ASP FB 201 91.90 29.29 -30.09
C ASP FB 201 90.88 30.32 -29.63
N ARG FB 202 90.73 31.41 -30.38
CA ARG FB 202 89.72 32.41 -30.01
C ARG FB 202 88.33 31.79 -29.97
N ALA FB 203 87.98 31.03 -31.00
CA ALA FB 203 86.67 30.39 -31.05
C ALA FB 203 86.50 29.36 -29.93
N ILE FB 204 87.55 28.61 -29.61
CA ILE FB 204 87.48 27.63 -28.54
C ILE FB 204 87.26 28.31 -27.21
N GLU FB 205 87.97 29.41 -26.95
CA GLU FB 205 87.77 30.17 -25.73
C GLU FB 205 86.34 30.72 -25.64
N TYR FB 206 85.81 31.21 -26.75
CA TYR FB 206 84.44 31.73 -26.74
C TYR FB 206 83.43 30.62 -26.46
N ILE FB 207 83.65 29.44 -27.04
CA ILE FB 207 82.77 28.30 -26.76
C ILE FB 207 82.85 27.91 -25.29
N LEU FB 208 84.06 27.88 -24.75
CA LEU FB 208 84.25 27.44 -23.37
C LEU FB 208 83.63 28.43 -22.37
N LYS FB 209 83.76 29.72 -22.65
CA LYS FB 209 83.20 30.73 -21.76
C LYS FB 209 81.68 30.85 -21.85
N GLY FB 210 81.06 30.20 -22.82
CA GLY FB 210 79.62 30.20 -22.95
C GLY FB 210 79.07 31.09 -24.04
N ARG FB 211 79.91 31.94 -24.65
CA ARG FB 211 79.47 32.86 -25.69
C ARG FB 211 79.37 32.08 -27.00
N SER FB 212 78.15 31.66 -27.34
CA SER FB 212 77.94 30.74 -28.44
C SER FB 212 77.80 31.43 -29.80
N GLU FB 213 77.02 32.51 -29.87
CA GLU FB 213 76.77 33.16 -31.15
C GLU FB 213 78.04 33.79 -31.72
N LEU FB 214 78.85 34.41 -30.87
CA LEU FB 214 80.13 34.93 -31.33
C LEU FB 214 81.02 33.82 -31.86
N ALA FB 215 81.01 32.67 -31.18
CA ALA FB 215 81.78 31.53 -31.64
C ALA FB 215 81.29 31.02 -32.98
N VAL FB 216 79.97 31.01 -33.19
CA VAL FB 216 79.41 30.56 -34.46
C VAL FB 216 79.82 31.49 -35.59
N HIS FB 217 79.78 32.80 -35.34
CA HIS FB 217 80.22 33.75 -36.37
C HIS FB 217 81.71 33.60 -36.67
N LEU FB 218 82.51 33.41 -35.62
CA LEU FB 218 83.94 33.17 -35.82
C LEU FB 218 84.18 31.91 -36.64
N LEU FB 219 83.40 30.85 -36.36
CA LEU FB 219 83.55 29.60 -37.09
C LEU FB 219 83.13 29.76 -38.54
N ASP FB 220 82.11 30.58 -38.81
CA ASP FB 220 81.74 30.88 -40.18
C ASP FB 220 82.89 31.58 -40.92
N ASP FB 221 83.52 32.56 -40.27
CA ASP FB 221 84.65 33.23 -40.91
C ASP FB 221 85.81 32.26 -41.14
N ILE FB 222 86.06 31.37 -40.17
CA ILE FB 222 87.13 30.38 -40.32
C ILE FB 222 86.81 29.44 -41.48
N ILE FB 223 85.55 29.04 -41.62
CA ILE FB 223 85.16 28.15 -42.70
C ILE FB 223 85.36 28.83 -44.05
N ARG FB 224 85.00 30.12 -44.14
CA ARG FB 224 85.25 30.85 -45.38
C ARG FB 224 86.73 30.91 -45.71
N ARG FB 225 87.58 31.18 -44.71
CA ARG FB 225 89.01 31.22 -44.95
C ARG FB 225 89.56 29.86 -45.38
N VAL FB 226 89.06 28.78 -44.78
CA VAL FB 226 89.51 27.44 -45.14
C VAL FB 226 89.11 27.11 -46.58
N HIS FB 227 87.88 27.47 -46.97
CA HIS FB 227 87.46 27.24 -48.35
C HIS FB 227 88.30 28.07 -49.32
N GLU FB 228 88.66 29.29 -48.94
CA GLU FB 228 89.55 30.08 -49.79
C GLU FB 228 90.90 29.40 -49.95
N GLU FB 229 91.45 28.85 -48.86
CA GLU FB 229 92.73 28.15 -48.96
C GLU FB 229 92.62 26.91 -49.86
N ILE FB 230 91.54 26.16 -49.72
CA ILE FB 230 91.33 24.97 -50.55
C ILE FB 230 91.25 25.37 -52.03
N GLU FB 231 90.49 26.43 -52.33
CA GLU FB 231 90.39 26.90 -53.71
C GLU FB 231 91.72 27.38 -54.23
N ARG FB 232 92.55 27.98 -53.37
CA ARG FB 232 93.88 28.39 -53.80
C ARG FB 232 94.74 27.17 -54.15
N TYR FB 233 94.60 26.09 -53.39
CA TYR FB 233 95.44 24.92 -53.64
C TYR FB 233 95.15 24.30 -55.01
N GLY FB 234 93.89 24.22 -55.38
CA GLY FB 234 93.52 23.75 -56.71
C GLY FB 234 93.31 22.24 -56.75
N ASP FB 235 94.10 21.54 -57.56
CA ASP FB 235 93.97 20.11 -57.72
C ASP FB 235 94.90 19.30 -56.82
N ASP FB 236 95.84 19.97 -56.14
CA ASP FB 236 96.83 19.30 -55.29
C ASP FB 236 96.51 19.46 -53.80
N VAL FB 237 95.22 19.47 -53.46
CA VAL FB 237 94.80 19.70 -52.07
C VAL FB 237 95.20 18.51 -51.21
N PRO FB 238 95.96 18.72 -50.15
CA PRO FB 238 96.23 17.62 -49.21
C PRO FB 238 94.97 17.19 -48.48
N GLU FB 239 94.93 15.92 -48.09
CA GLU FB 239 93.76 15.36 -47.42
C GLU FB 239 93.54 15.97 -46.04
N GLU FB 240 94.59 16.48 -45.41
CA GLU FB 240 94.44 17.10 -44.10
C GLU FB 240 93.54 18.33 -44.19
N LEU FB 241 93.65 19.09 -45.28
CA LEU FB 241 92.81 20.27 -45.44
C LEU FB 241 91.34 19.90 -45.56
N LEU FB 242 91.02 18.83 -46.30
CA LEU FB 242 89.63 18.40 -46.43
C LEU FB 242 89.09 17.86 -45.11
N LEU FB 243 89.91 17.08 -44.40
CA LEU FB 243 89.47 16.58 -43.09
C LEU FB 243 89.25 17.73 -42.12
N LEU FB 244 90.14 18.73 -42.15
CA LEU FB 244 89.97 19.92 -41.33
C LEU FB 244 88.68 20.66 -41.68
N ASP FB 245 88.39 20.79 -42.97
CA ASP FB 245 87.14 21.40 -43.40
C ASP FB 245 85.94 20.69 -42.80
N LEU FB 246 85.91 19.37 -42.92
CA LEU FB 246 84.79 18.60 -42.38
C LEU FB 246 84.69 18.76 -40.87
N LEU FB 247 85.83 18.73 -40.17
CA LEU FB 247 85.83 18.83 -38.72
C LEU FB 247 85.29 20.19 -38.29
N VAL FB 248 85.76 21.27 -38.91
CA VAL FB 248 85.31 22.61 -38.53
C VAL FB 248 83.83 22.77 -38.84
N GLN FB 249 83.36 22.19 -39.95
CA GLN FB 249 81.94 22.30 -40.26
C GLN FB 249 81.09 21.58 -39.21
N LYS FB 250 81.47 20.38 -38.82
CA LYS FB 250 80.68 19.67 -37.81
C LYS FB 250 80.78 20.34 -36.45
N ALA FB 251 81.93 20.93 -36.12
CA ALA FB 251 82.05 21.68 -34.87
C ALA FB 251 81.15 22.91 -34.88
N ARG FB 252 81.06 23.60 -36.03
CA ARG FB 252 80.15 24.74 -36.14
C ARG FB 252 78.71 24.31 -36.00
N ASP FB 253 78.35 23.15 -36.57
CA ASP FB 253 76.99 22.65 -36.40
C ASP FB 253 76.69 22.37 -34.93
N LEU FB 254 77.64 21.74 -34.22
CA LEU FB 254 77.44 21.48 -32.79
C LEU FB 254 77.33 22.78 -32.00
N ALA FB 255 78.17 23.76 -32.32
CA ALA FB 255 78.12 25.04 -31.61
C ALA FB 255 76.79 25.74 -31.85
N ALA FB 256 76.26 25.65 -33.07
CA ALA FB 256 74.93 26.20 -33.32
C ALA FB 256 73.87 25.47 -32.51
N ARG FB 257 73.98 24.14 -32.41
CA ARG FB 257 73.00 23.36 -31.65
C ARG FB 257 73.10 23.56 -30.13
N ILE FB 258 74.15 24.25 -29.65
CA ILE FB 258 74.33 24.46 -28.22
C ILE FB 258 73.11 25.17 -27.63
N MET GB 25 63.86 -19.38 -55.84
CA MET GB 25 63.42 -18.36 -56.79
C MET GB 25 63.82 -18.71 -58.22
N GLU GB 26 63.76 -20.00 -58.57
CA GLU GB 26 64.17 -20.43 -59.89
C GLU GB 26 63.25 -19.91 -60.99
N LYS GB 27 62.03 -19.51 -60.65
CA LYS GB 27 61.14 -18.94 -61.64
C LYS GB 27 61.72 -17.64 -62.22
N LEU GB 28 62.32 -16.82 -61.36
CA LEU GB 28 62.92 -15.57 -61.84
C LEU GB 28 64.17 -15.81 -62.65
N GLU GB 29 64.95 -16.84 -62.33
CA GLU GB 29 66.07 -17.21 -63.20
C GLU GB 29 65.60 -17.71 -64.56
N VAL GB 30 64.48 -18.45 -64.58
CA VAL GB 30 63.91 -18.86 -65.85
C VAL GB 30 63.45 -17.64 -66.64
N ALA GB 31 62.86 -16.66 -65.95
CA ALA GB 31 62.47 -15.41 -66.60
C ALA GB 31 63.67 -14.68 -67.18
N VAL GB 32 64.78 -14.65 -66.44
CA VAL GB 32 66.00 -14.00 -66.93
C VAL GB 32 66.52 -14.71 -68.18
N GLU GB 33 66.52 -16.04 -68.17
CA GLU GB 33 66.95 -16.80 -69.33
C GLU GB 33 66.04 -16.53 -70.53
N HIS GB 34 64.75 -16.49 -70.28
CA HIS GB 34 63.83 -16.09 -71.33
C HIS GB 34 64.15 -14.72 -71.89
N LEU GB 35 64.40 -13.74 -71.02
CA LEU GB 35 64.73 -12.39 -71.48
C LEU GB 35 65.98 -12.39 -72.35
N LYS GB 36 66.99 -13.17 -71.98
CA LYS GB 36 68.15 -13.31 -72.84
C LYS GB 36 67.76 -13.91 -74.19
N GLU GB 37 66.89 -14.92 -74.17
CA GLU GB 37 66.42 -15.52 -75.42
C GLU GB 37 65.68 -14.49 -76.27
N ALA GB 38 64.89 -13.63 -75.64
CA ALA GB 38 64.16 -12.59 -76.36
C ALA GB 38 65.11 -11.61 -77.01
N ILE GB 39 66.17 -11.20 -76.29
CA ILE GB 39 67.16 -10.31 -76.87
C ILE GB 39 67.82 -10.97 -78.08
N GLU GB 40 68.19 -12.25 -77.95
CA GLU GB 40 68.80 -12.95 -79.08
C GLU GB 40 67.84 -13.07 -80.26
N LEU GB 41 66.55 -13.28 -79.98
CA LEU GB 41 65.57 -13.38 -81.05
C LEU GB 41 65.38 -12.06 -81.78
N ILE GB 42 65.31 -10.95 -81.04
CA ILE GB 42 65.23 -9.64 -81.66
C ILE GB 42 66.47 -9.40 -82.52
N GLU GB 43 67.64 -9.82 -82.04
CA GLU GB 43 68.86 -9.69 -82.83
C GLU GB 43 68.78 -10.51 -84.11
N LYS GB 44 68.22 -11.72 -84.04
CA LYS GB 44 68.15 -12.58 -85.22
C LYS GB 44 67.17 -12.01 -86.25
N GLY GB 45 65.98 -11.63 -85.83
CA GLY GB 45 65.01 -11.06 -86.74
C GLY GB 45 63.61 -11.64 -86.61
N GLU GB 46 63.40 -12.53 -85.66
CA GLU GB 46 62.08 -13.12 -85.43
C GLU GB 46 61.33 -12.29 -84.41
N TYR GB 47 60.44 -11.43 -84.88
CA TYR GB 47 59.72 -10.52 -84.01
C TYR GB 47 58.44 -11.12 -83.44
N VAL GB 48 57.80 -12.04 -84.17
CA VAL GB 48 56.63 -12.73 -83.64
C VAL GB 48 57.02 -13.59 -82.44
N LYS GB 49 58.12 -14.33 -82.58
CA LYS GB 49 58.58 -15.15 -81.47
C LYS GB 49 59.01 -14.30 -80.29
N ALA GB 50 59.59 -13.12 -80.57
CA ALA GB 50 59.95 -12.20 -79.50
C ALA GB 50 58.71 -11.70 -78.76
N ASP GB 51 57.65 -11.35 -79.49
CA ASP GB 51 56.42 -10.90 -78.86
C ASP GB 51 55.81 -12.01 -77.99
N LEU GB 52 55.81 -13.23 -78.52
CA LEU GB 52 55.28 -14.37 -77.75
C LEU GB 52 56.12 -14.66 -76.52
N ILE GB 53 57.45 -14.54 -76.64
CA ILE GB 53 58.33 -14.72 -75.49
C ILE GB 53 58.06 -13.66 -74.44
N LEU GB 54 57.81 -12.43 -74.86
CA LEU GB 54 57.49 -11.38 -73.90
C LEU GB 54 56.20 -11.69 -73.15
N THR GB 55 55.20 -12.24 -73.86
CA THR GB 55 53.99 -12.67 -73.17
C THR GB 55 54.27 -13.79 -72.17
N ASP GB 56 55.12 -14.73 -72.54
CA ASP GB 56 55.49 -15.81 -71.62
C ASP GB 56 56.21 -15.26 -70.38
N ILE GB 57 57.11 -14.30 -70.57
CA ILE GB 57 57.82 -13.70 -69.45
C ILE GB 57 56.85 -12.98 -68.54
N LEU GB 58 55.87 -12.28 -69.12
CA LEU GB 58 54.84 -11.64 -68.29
C LEU GB 58 54.08 -12.66 -67.48
N ARG GB 59 53.73 -13.80 -68.09
CA ARG GB 59 53.03 -14.85 -67.35
C ARG GB 59 53.88 -15.39 -66.20
N LEU GB 60 55.17 -15.60 -66.44
CA LEU GB 60 56.07 -16.06 -65.38
C LEU GB 60 56.14 -15.07 -64.23
N LEU GB 61 56.34 -13.78 -64.55
CA LEU GB 61 56.47 -12.77 -63.52
C LEU GB 61 55.18 -12.63 -62.72
N GLU GB 62 54.02 -12.71 -63.40
CA GLU GB 62 52.76 -12.66 -62.69
C GLU GB 62 52.59 -13.89 -61.80
N GLU GB 63 53.12 -15.04 -62.23
CA GLU GB 63 53.11 -16.23 -61.38
C GLU GB 63 53.93 -15.99 -60.12
N GLU GB 64 55.08 -15.34 -60.25
CA GLU GB 64 55.89 -15.04 -59.07
C GLU GB 64 55.20 -14.04 -58.15
N GLY GB 65 54.73 -12.92 -58.71
CA GLY GB 65 53.95 -11.97 -57.94
C GLY GB 65 54.66 -10.72 -57.45
N VAL GB 66 55.45 -10.08 -58.31
CA VAL GB 66 56.09 -8.81 -58.00
C VAL GB 66 55.44 -7.74 -58.87
N LYS GB 67 54.78 -6.77 -58.22
CA LYS GB 67 53.90 -5.85 -58.92
C LYS GB 67 54.66 -4.96 -59.90
N SER GB 68 55.77 -4.39 -59.45
CA SER GB 68 56.56 -3.49 -60.30
C SER GB 68 57.06 -4.23 -61.54
N LEU GB 69 57.59 -5.45 -61.34
CA LEU GB 69 58.02 -6.25 -62.46
C LEU GB 69 56.86 -6.57 -63.40
N ILE GB 70 55.66 -6.78 -62.85
CA ILE GB 70 54.51 -7.14 -63.67
C ILE GB 70 54.12 -5.96 -64.57
N LYS GB 71 53.99 -4.77 -63.99
CA LYS GB 71 53.61 -3.62 -64.81
C LYS GB 71 54.70 -3.29 -65.83
N GLN GB 72 55.98 -3.43 -65.42
CA GLN GB 72 57.06 -3.21 -66.36
C GLN GB 72 57.00 -4.20 -67.52
N ALA GB 73 56.64 -5.46 -67.24
CA ALA GB 73 56.57 -6.47 -68.29
C ALA GB 73 55.42 -6.21 -69.25
N LYS GB 74 54.26 -5.78 -68.73
CA LYS GB 74 53.14 -5.47 -69.61
C LYS GB 74 53.46 -4.29 -70.52
N GLU GB 75 53.97 -3.19 -69.93
CA GLU GB 75 54.33 -2.05 -70.76
C GLU GB 75 55.45 -2.41 -71.73
N LEU GB 76 56.34 -3.32 -71.33
CA LEU GB 76 57.38 -3.77 -72.24
C LEU GB 76 56.79 -4.50 -73.44
N HIS GB 77 55.81 -5.38 -73.20
CA HIS GB 77 55.17 -6.07 -74.31
C HIS GB 77 54.57 -5.08 -75.29
N ILE GB 78 53.77 -4.13 -74.79
CA ILE GB 78 53.11 -3.18 -75.67
C ILE GB 78 54.13 -2.35 -76.44
N GLU GB 79 55.09 -1.77 -75.74
CA GLU GB 79 56.02 -0.85 -76.38
C GLU GB 79 56.97 -1.55 -77.32
N VAL GB 80 57.40 -2.77 -76.99
CA VAL GB 80 58.27 -3.51 -77.90
C VAL GB 80 57.51 -3.91 -79.15
N PHE GB 81 56.24 -4.28 -79.03
CA PHE GB 81 55.45 -4.56 -80.23
C PHE GB 81 55.39 -3.33 -81.13
N LYS GB 82 55.10 -2.16 -80.53
CA LYS GB 82 55.05 -0.93 -81.32
C LYS GB 82 56.38 -0.62 -81.98
N LEU GB 83 57.47 -0.71 -81.22
CA LEU GB 83 58.79 -0.37 -81.76
C LEU GB 83 59.22 -1.34 -82.85
N LEU GB 84 58.96 -2.63 -82.68
CA LEU GB 84 59.30 -3.59 -83.72
C LEU GB 84 58.45 -3.37 -84.96
N LYS GB 85 57.21 -2.91 -84.80
CA LYS GB 85 56.44 -2.47 -85.97
C LYS GB 85 57.12 -1.30 -86.67
N GLU GB 86 57.57 -0.31 -85.91
CA GLU GB 86 58.20 0.86 -86.52
C GLU GB 86 59.59 0.53 -87.07
N GLY GB 87 60.31 -0.38 -86.44
CA GLY GB 87 61.66 -0.71 -86.84
C GLY GB 87 62.76 -0.27 -85.88
N GLU GB 88 62.41 0.20 -84.69
CA GLU GB 88 63.39 0.63 -83.70
C GLU GB 88 63.87 -0.59 -82.91
N TYR GB 89 64.78 -1.33 -83.52
CA TYR GB 89 65.30 -2.55 -82.89
C TYR GB 89 66.10 -2.23 -81.63
N LYS GB 90 66.94 -1.19 -81.70
CA LYS GB 90 67.81 -0.85 -80.58
C LYS GB 90 67.01 -0.42 -79.35
N GLU GB 91 65.94 0.35 -79.56
CA GLU GB 91 65.12 0.78 -78.43
C GLU GB 91 64.43 -0.40 -77.77
N ALA GB 92 63.92 -1.34 -78.56
CA ALA GB 92 63.30 -2.53 -78.00
C ALA GB 92 64.31 -3.38 -77.24
N LYS GB 93 65.51 -3.55 -77.81
CA LYS GB 93 66.55 -4.29 -77.11
C LYS GB 93 66.93 -3.61 -75.80
N ALA GB 94 66.99 -2.28 -75.81
CA ALA GB 94 67.29 -1.55 -74.58
C ALA GB 94 66.22 -1.76 -73.52
N LEU GB 95 64.95 -1.74 -73.93
CA LEU GB 95 63.88 -1.95 -72.95
C LEU GB 95 63.92 -3.36 -72.38
N VAL GB 96 64.19 -4.36 -73.22
CA VAL GB 96 64.28 -5.74 -72.73
C VAL GB 96 65.47 -5.87 -71.78
N GLU GB 97 66.61 -5.25 -72.12
CA GLU GB 97 67.77 -5.30 -71.24
C GLU GB 97 67.49 -4.61 -69.91
N ALA GB 98 66.74 -3.50 -69.94
CA ALA GB 98 66.38 -2.82 -68.70
C ALA GB 98 65.52 -3.71 -67.81
N LEU GB 99 64.54 -4.40 -68.40
CA LEU GB 99 63.73 -5.32 -67.60
C LEU GB 99 64.56 -6.48 -67.06
N ARG GB 100 65.50 -6.98 -67.86
CA ARG GB 100 66.37 -8.06 -67.39
C ARG GB 100 67.20 -7.61 -66.20
N VAL GB 101 67.80 -6.42 -66.30
CA VAL GB 101 68.60 -5.89 -65.21
C VAL GB 101 67.75 -5.68 -63.97
N SER GB 102 66.52 -5.21 -64.15
CA SER GB 102 65.63 -5.00 -63.01
C SER GB 102 65.31 -6.32 -62.30
N VAL GB 103 65.04 -7.37 -63.07
CA VAL GB 103 64.73 -8.67 -62.47
C VAL GB 103 65.94 -9.24 -61.74
N GLU GB 104 67.11 -9.17 -62.37
CA GLU GB 104 68.33 -9.65 -61.72
C GLU GB 104 68.63 -8.86 -60.44
N LEU GB 105 68.39 -7.55 -60.47
CA LEU GB 105 68.61 -6.73 -59.29
C LEU GB 105 67.65 -7.12 -58.17
N TYR GB 106 66.39 -7.41 -58.52
CA TYR GB 106 65.46 -7.87 -57.49
C TYR GB 106 65.93 -9.19 -56.88
N ILE GB 107 66.42 -10.11 -57.73
CA ILE GB 107 66.93 -11.39 -57.22
C ILE GB 107 68.07 -11.14 -56.24
N LEU GB 108 69.01 -10.29 -56.62
CA LEU GB 108 70.18 -10.03 -55.79
C LEU GB 108 69.79 -9.33 -54.49
N ILE GB 109 68.82 -8.41 -54.55
CA ILE GB 109 68.36 -7.74 -53.34
C ILE GB 109 67.74 -8.75 -52.38
N LYS GB 110 66.91 -9.67 -52.90
CA LYS GB 110 66.30 -10.67 -52.04
C LYS GB 110 67.34 -11.58 -51.41
N ARG GB 111 68.32 -12.02 -52.21
CA ARG GB 111 69.37 -12.88 -51.67
C ARG GB 111 70.19 -12.14 -50.61
N GLY GB 112 70.50 -10.87 -50.84
CA GLY GB 112 71.26 -10.12 -49.86
C GLY GB 112 70.51 -9.91 -48.56
N VAL GB 113 69.22 -9.56 -48.66
CA VAL GB 113 68.44 -9.30 -47.46
C VAL GB 113 68.23 -10.59 -46.67
N ARG GB 114 67.92 -11.69 -47.35
CA ARG GB 114 67.71 -12.96 -46.65
C ARG GB 114 68.98 -13.41 -45.93
N GLU GB 115 70.11 -13.40 -46.64
CA GLU GB 115 71.40 -13.79 -46.08
C GLU GB 115 71.93 -12.82 -45.05
N GLY GB 116 71.21 -11.74 -44.73
CA GLY GB 116 71.72 -10.76 -43.79
C GLY GB 116 72.98 -10.06 -44.24
N ARG GB 117 73.14 -9.88 -45.55
CA ARG GB 117 74.33 -9.20 -46.06
C ARG GB 117 74.31 -7.73 -45.67
N PRO GB 118 75.48 -7.11 -45.49
CA PRO GB 118 75.52 -5.68 -45.16
C PRO GB 118 74.97 -4.84 -46.30
N ILE GB 119 74.38 -3.70 -45.92
CA ILE GB 119 73.86 -2.76 -46.91
C ILE GB 119 74.96 -2.27 -47.83
N GLU GB 120 76.20 -2.18 -47.31
CA GLU GB 120 77.31 -1.65 -48.08
C GLU GB 120 77.55 -2.44 -49.36
N GLU GB 121 77.69 -3.76 -49.24
CA GLU GB 121 78.01 -4.56 -50.41
C GLU GB 121 76.82 -4.69 -51.34
N ILE GB 122 75.60 -4.67 -50.80
CA ILE GB 122 74.41 -4.64 -51.65
C ILE GB 122 74.41 -3.40 -52.52
N ALA GB 123 74.71 -2.24 -51.92
CA ALA GB 123 74.76 -0.99 -52.67
C ALA GB 123 75.86 -1.03 -53.72
N ARG GB 124 77.03 -1.56 -53.37
CA ARG GB 124 78.11 -1.66 -54.36
C ARG GB 124 77.71 -2.55 -55.53
N GLU GB 125 77.04 -3.68 -55.24
CA GLU GB 125 76.59 -4.57 -56.30
C GLU GB 125 75.58 -3.88 -57.21
N VAL GB 126 74.63 -3.16 -56.62
CA VAL GB 126 73.63 -2.45 -57.43
C VAL GB 126 74.30 -1.44 -58.33
N GLY GB 127 75.24 -0.67 -57.79
CA GLY GB 127 75.97 0.29 -58.61
C GLY GB 127 76.74 -0.37 -59.74
N ARG GB 128 77.40 -1.49 -59.45
CA ARG GB 128 78.15 -2.19 -60.49
C ARG GB 128 77.23 -2.68 -61.59
N LYS GB 129 76.07 -3.22 -61.24
CA LYS GB 129 75.13 -3.70 -62.24
C LYS GB 129 74.61 -2.54 -63.10
N LEU GB 130 74.28 -1.41 -62.47
CA LEU GB 130 73.81 -0.26 -63.24
C LEU GB 130 74.88 0.25 -64.19
N VAL GB 131 76.14 0.29 -63.73
CA VAL GB 131 77.22 0.76 -64.60
C VAL GB 131 77.42 -0.19 -65.77
N GLU GB 132 77.34 -1.50 -65.52
CA GLU GB 132 77.48 -2.46 -66.61
C GLU GB 132 76.37 -2.31 -67.64
N LEU GB 133 75.13 -2.10 -67.17
CA LEU GB 133 74.03 -1.85 -68.10
C LEU GB 133 74.26 -0.60 -68.92
N ALA GB 134 74.73 0.48 -68.27
CA ALA GB 134 74.99 1.72 -68.98
C ALA GB 134 76.07 1.54 -70.03
N LYS GB 135 77.14 0.81 -69.70
CA LYS GB 135 78.18 0.54 -70.67
C LYS GB 135 77.65 -0.27 -71.86
N ARG GB 136 76.81 -1.28 -71.58
CA ARG GB 136 76.22 -2.06 -72.65
C ARG GB 136 75.40 -1.18 -73.58
N LEU GB 137 74.51 -0.35 -73.01
CA LEU GB 137 73.66 0.50 -73.82
C LEU GB 137 74.47 1.51 -74.61
N GLU GB 138 75.55 2.04 -74.02
CA GLU GB 138 76.42 2.96 -74.74
C GLU GB 138 77.08 2.25 -75.92
N LYS GB 139 77.48 0.99 -75.72
CA LYS GB 139 78.05 0.23 -76.83
C LYS GB 139 77.02 0.00 -77.94
N GLU GB 140 75.77 -0.25 -77.56
CA GLU GB 140 74.72 -0.47 -78.57
C GLU GB 140 74.52 0.77 -79.45
N GLY GB 141 74.50 1.95 -78.84
CA GLY GB 141 74.31 3.17 -79.61
C GLY GB 141 73.19 4.05 -79.06
N ILE GB 142 72.64 3.67 -77.91
CA ILE GB 142 71.60 4.47 -77.28
C ILE GB 142 72.21 5.71 -76.65
N SER GB 143 71.56 6.86 -76.84
CA SER GB 143 72.06 8.12 -76.31
C SER GB 143 72.00 8.15 -74.79
N TRP GB 144 72.76 9.07 -74.20
CA TRP GB 144 72.93 9.09 -72.75
C TRP GB 144 71.68 9.58 -72.03
N GLU GB 145 70.86 10.41 -72.68
CA GLU GB 145 69.60 10.83 -72.07
C GLU GB 145 68.67 9.63 -71.88
N GLU GB 146 68.55 8.78 -72.90
CA GLU GB 146 67.74 7.58 -72.79
C GLU GB 146 68.32 6.62 -71.74
N ILE GB 147 69.65 6.50 -71.70
CA ILE GB 147 70.29 5.64 -70.70
C ILE GB 147 69.96 6.13 -69.30
N ILE GB 148 70.05 7.45 -69.08
CA ILE GB 148 69.76 7.99 -67.76
C ILE GB 148 68.30 7.76 -67.39
N GLU GB 149 67.38 7.98 -68.34
CA GLU GB 149 65.97 7.77 -68.04
C GLU GB 149 65.67 6.30 -67.70
N LEU GB 150 66.25 5.38 -68.46
CA LEU GB 150 66.09 3.96 -68.13
C LEU GB 150 66.65 3.64 -66.75
N ILE GB 151 67.80 4.21 -66.42
CA ILE GB 151 68.42 3.97 -65.12
C ILE GB 151 67.54 4.49 -63.99
N GLU GB 152 66.94 5.68 -64.17
CA GLU GB 152 66.06 6.20 -63.12
C GLU GB 152 64.78 5.39 -62.98
N ARG GB 153 64.25 4.86 -64.09
CA ARG GB 153 63.11 3.95 -63.96
C ARG GB 153 63.49 2.70 -63.16
N ILE GB 154 64.66 2.14 -63.46
CA ILE GB 154 65.14 0.98 -62.70
C ILE GB 154 65.32 1.36 -61.23
N LEU GB 155 65.79 2.58 -60.96
CA LEU GB 155 66.01 3.02 -59.59
C LEU GB 155 64.70 3.17 -58.83
N GLU GB 156 63.65 3.66 -59.49
CA GLU GB 156 62.34 3.71 -58.86
C GLU GB 156 61.80 2.31 -58.56
N SER GB 157 62.02 1.38 -59.49
CA SER GB 157 61.65 -0.01 -59.23
C SER GB 157 62.41 -0.56 -58.03
N ILE GB 158 63.70 -0.26 -57.94
CA ILE GB 158 64.51 -0.71 -56.81
C ILE GB 158 63.99 -0.11 -55.51
N ARG GB 159 63.61 1.16 -55.53
CA ARG GB 159 63.07 1.81 -54.35
C ARG GB 159 61.81 1.11 -53.87
N GLU GB 160 60.91 0.79 -54.80
CA GLU GB 160 59.69 0.07 -54.42
C GLU GB 160 60.01 -1.31 -53.86
N ILE GB 161 60.95 -2.03 -54.50
CA ILE GB 161 61.31 -3.37 -54.03
C ILE GB 161 61.90 -3.30 -52.62
N LEU GB 162 62.80 -2.35 -52.39
CA LEU GB 162 63.42 -2.20 -51.08
C LEU GB 162 62.39 -1.84 -50.02
N LYS GB 163 61.46 -0.94 -50.36
CA LYS GB 163 60.40 -0.61 -49.40
C LYS GB 163 59.53 -1.83 -49.11
N GLU GB 164 59.37 -2.73 -50.08
CA GLU GB 164 58.60 -3.95 -49.83
C GLU GB 164 59.28 -4.83 -48.78
N GLU GB 165 60.61 -4.92 -48.82
CA GLU GB 165 61.35 -5.77 -47.90
C GLU GB 165 61.34 -5.26 -46.46
N GLY GB 166 60.65 -4.15 -46.18
CA GLY GB 166 60.61 -3.63 -44.83
C GLY GB 166 61.83 -2.84 -44.41
N LEU GB 167 62.73 -2.52 -45.32
CA LEU GB 167 63.89 -1.71 -44.97
C LEU GB 167 63.45 -0.28 -44.64
N PRO GB 168 64.10 0.37 -43.68
CA PRO GB 168 63.77 1.77 -43.40
C PRO GB 168 64.32 2.71 -44.46
N GLU GB 169 63.87 3.96 -44.40
CA GLU GB 169 64.17 4.92 -45.45
C GLU GB 169 65.65 5.25 -45.55
N SER GB 170 66.38 5.20 -44.43
CA SER GB 170 67.77 5.63 -44.43
C SER GB 170 68.64 4.75 -45.32
N GLU GB 171 68.53 3.43 -45.15
CA GLU GB 171 69.33 2.51 -45.97
C GLU GB 171 68.90 2.53 -47.43
N ILE GB 172 67.60 2.68 -47.68
CA ILE GB 172 67.12 2.78 -49.06
C ILE GB 172 67.74 4.00 -49.74
N ASN GB 173 67.70 5.15 -49.06
CA ASN GB 173 68.29 6.36 -49.61
C ASN GB 173 69.79 6.20 -49.79
N ARG GB 174 70.45 5.52 -48.85
CA ARG GB 174 71.89 5.30 -48.98
C ARG GB 174 72.23 4.47 -50.21
N ILE GB 175 71.48 3.38 -50.43
CA ILE GB 175 71.73 2.52 -51.59
C ILE GB 175 71.49 3.28 -52.87
N LEU GB 176 70.38 4.02 -52.94
CA LEU GB 176 70.05 4.77 -54.16
C LEU GB 176 71.09 5.83 -54.45
N ALA GB 177 71.53 6.56 -53.41
CA ALA GB 177 72.55 7.58 -53.59
C ALA GB 177 73.86 6.99 -54.07
N VAL GB 178 74.25 5.83 -53.51
CA VAL GB 178 75.48 5.18 -53.93
C VAL GB 178 75.41 4.77 -55.39
N SER GB 179 74.28 4.21 -55.82
CA SER GB 179 74.14 3.79 -57.21
C SER GB 179 74.21 4.99 -58.16
N ILE GB 180 73.48 6.06 -57.82
CA ILE GB 180 73.53 7.26 -58.65
C ILE GB 180 74.94 7.81 -58.72
N LEU GB 181 75.65 7.82 -57.59
CA LEU GB 181 77.02 8.33 -57.57
C LEU GB 181 77.96 7.44 -58.36
N GLU GB 182 77.71 6.13 -58.42
CA GLU GB 182 78.54 5.27 -59.25
C GLU GB 182 78.34 5.56 -60.73
N VAL GB 183 77.09 5.77 -61.14
CA VAL GB 183 76.85 6.17 -62.53
C VAL GB 183 77.53 7.51 -62.83
N ALA GB 184 77.42 8.46 -61.91
CA ALA GB 184 78.07 9.75 -62.10
C ALA GB 184 79.59 9.61 -62.15
N LYS GB 185 80.14 8.69 -61.36
CA LYS GB 185 81.58 8.44 -61.40
C LYS GB 185 82.01 7.89 -62.75
N TYR GB 186 81.22 6.98 -63.32
CA TYR GB 186 81.52 6.49 -64.66
C TYR GB 186 81.50 7.64 -65.67
N LEU GB 187 80.51 8.52 -65.56
CA LEU GB 187 80.45 9.68 -66.45
C LEU GB 187 81.67 10.58 -66.29
N LEU GB 188 82.10 10.82 -65.05
CA LEU GB 188 83.26 11.65 -64.80
C LEU GB 188 84.53 11.01 -65.37
N GLU GB 189 84.66 9.69 -65.24
CA GLU GB 189 85.80 9.01 -65.83
C GLU GB 189 85.79 9.14 -67.34
N LYS GB 190 84.61 9.05 -67.96
CA LYS GB 190 84.52 9.28 -69.40
C LYS GB 190 84.96 10.70 -69.76
N LEU GB 191 84.51 11.69 -68.99
CA LEU GB 191 84.89 13.07 -69.27
C LEU GB 191 86.38 13.31 -69.08
N GLY GB 192 86.97 12.72 -68.04
CA GLY GB 192 88.39 12.86 -67.79
C GLY GB 192 88.74 13.81 -66.67
N PHE GB 193 87.93 13.83 -65.62
CA PHE GB 193 88.14 14.67 -64.44
C PHE GB 193 88.50 13.75 -63.28
N ASP GB 194 89.80 13.48 -63.11
CA ASP GB 194 90.24 12.47 -62.15
C ASP GB 194 90.04 12.94 -60.72
N TYR GB 195 90.34 14.21 -60.43
CA TYR GB 195 90.22 14.70 -59.06
C TYR GB 195 88.78 14.63 -58.56
N LEU GB 196 87.83 15.03 -59.41
CA LEU GB 196 86.43 14.89 -59.05
C LEU GB 196 86.05 13.43 -58.85
N VAL GB 197 86.67 12.53 -59.62
CA VAL GB 197 86.45 11.11 -59.40
C VAL GB 197 86.87 10.71 -58.00
N GLU GB 198 88.09 11.12 -57.59
CA GLU GB 198 88.59 10.77 -56.27
C GLU GB 198 87.72 11.32 -55.16
N LEU GB 199 87.30 12.58 -55.29
CA LEU GB 199 86.36 13.13 -54.32
C LEU GB 199 85.06 12.33 -54.30
N LEU GB 200 84.65 11.80 -55.45
CA LEU GB 200 83.43 11.00 -55.50
C LEU GB 200 83.60 9.68 -54.76
N ASP GB 201 84.76 9.01 -54.90
CA ASP GB 201 84.98 7.82 -54.09
C ASP GB 201 84.98 8.15 -52.61
N ARG GB 202 85.58 9.28 -52.24
CA ARG GB 202 85.57 9.68 -50.83
C ARG GB 202 84.14 9.85 -50.32
N ALA GB 203 83.31 10.55 -51.09
CA ALA GB 203 81.92 10.76 -50.69
C ALA GB 203 81.14 9.44 -50.63
N ILE GB 204 81.39 8.53 -51.58
CA ILE GB 204 80.71 7.24 -51.59
C ILE GB 204 81.09 6.44 -50.36
N GLU GB 205 82.38 6.42 -50.01
CA GLU GB 205 82.82 5.73 -48.80
C GLU GB 205 82.18 6.33 -47.56
N TYR GB 206 82.09 7.66 -47.49
CA TYR GB 206 81.46 8.28 -46.33
C TYR GB 206 79.98 7.94 -46.24
N ILE GB 207 79.28 7.90 -47.38
CA ILE GB 207 77.87 7.49 -47.39
C ILE GB 207 77.73 6.05 -46.92
N LEU GB 208 78.61 5.17 -47.41
CA LEU GB 208 78.51 3.76 -47.10
C LEU GB 208 78.80 3.49 -45.63
N LYS GB 209 79.77 4.19 -45.06
CA LYS GB 209 80.12 4.00 -43.65
C LYS GB 209 79.10 4.62 -42.69
N GLY GB 210 78.15 5.39 -43.19
CA GLY GB 210 77.10 5.97 -42.37
C GLY GB 210 77.28 7.43 -42.04
N ARG GB 211 78.44 8.01 -42.36
CA ARG GB 211 78.72 9.42 -42.06
C ARG GB 211 78.05 10.28 -43.12
N SER GB 212 76.86 10.80 -42.80
CA SER GB 212 76.01 11.45 -43.78
C SER GB 212 76.33 12.94 -43.96
N GLU GB 213 76.51 13.68 -42.87
CA GLU GB 213 76.72 15.12 -42.97
C GLU GB 213 78.04 15.44 -43.66
N LEU GB 214 79.10 14.70 -43.36
CA LEU GB 214 80.36 14.88 -44.06
C LEU GB 214 80.20 14.62 -45.54
N ALA GB 215 79.42 13.59 -45.90
CA ALA GB 215 79.18 13.28 -47.29
C ALA GB 215 78.40 14.40 -47.98
N VAL GB 216 77.43 15.00 -47.27
CA VAL GB 216 76.65 16.09 -47.84
C VAL GB 216 77.54 17.30 -48.10
N HIS GB 217 78.44 17.62 -47.16
CA HIS GB 217 79.35 18.73 -47.37
C HIS GB 217 80.31 18.45 -48.53
N LEU GB 218 80.81 17.22 -48.62
CA LEU GB 218 81.66 16.83 -49.74
C LEU GB 218 80.91 16.96 -51.06
N LEU GB 219 79.64 16.57 -51.09
CA LEU GB 219 78.85 16.65 -52.30
C LEU GB 219 78.58 18.10 -52.68
N ASP GB 220 78.42 18.97 -51.69
CA ASP GB 220 78.29 20.40 -51.97
C ASP GB 220 79.56 20.94 -52.63
N ASP GB 221 80.72 20.56 -52.10
CA ASP GB 221 81.97 21.02 -52.72
C ASP GB 221 82.13 20.47 -54.13
N ILE GB 222 81.74 19.20 -54.33
CA ILE GB 222 81.80 18.60 -55.66
C ILE GB 222 80.87 19.33 -56.62
N ILE GB 223 79.68 19.69 -56.16
CA ILE GB 223 78.72 20.41 -57.00
C ILE GB 223 79.29 21.76 -57.40
N ARG GB 224 79.91 22.47 -56.45
CA ARG GB 224 80.54 23.74 -56.78
C ARG GB 224 81.63 23.57 -57.83
N ARG GB 225 82.46 22.53 -57.68
CA ARG GB 225 83.53 22.30 -58.66
C ARG GB 225 82.95 21.98 -60.04
N VAL GB 226 81.87 21.18 -60.07
CA VAL GB 226 81.24 20.83 -61.35
C VAL GB 226 80.67 22.06 -62.03
N HIS GB 227 80.01 22.93 -61.25
CA HIS GB 227 79.49 24.17 -61.81
C HIS GB 227 80.61 25.06 -62.33
N GLU GB 228 81.73 25.10 -61.62
CA GLU GB 228 82.89 25.84 -62.12
C GLU GB 228 83.38 25.29 -63.44
N GLU GB 229 83.44 23.96 -63.57
CA GLU GB 229 83.87 23.36 -64.83
C GLU GB 229 82.89 23.69 -65.96
N ILE GB 230 81.60 23.62 -65.68
CA ILE GB 230 80.59 23.94 -66.69
C ILE GB 230 80.73 25.38 -67.14
N GLU GB 231 80.90 26.30 -66.19
CA GLU GB 231 81.09 27.70 -66.53
C GLU GB 231 82.36 27.92 -67.34
N ARG GB 232 83.42 27.15 -67.05
CA ARG GB 232 84.63 27.25 -67.84
C ARG GB 232 84.39 26.80 -69.28
N TYR GB 233 83.58 25.75 -69.47
CA TYR GB 233 83.36 25.25 -70.82
C TYR GB 233 82.65 26.27 -71.71
N GLY GB 234 81.67 26.98 -71.16
CA GLY GB 234 81.03 28.06 -71.90
C GLY GB 234 79.82 27.57 -72.69
N ASP GB 235 79.87 27.74 -74.01
CA ASP GB 235 78.77 27.35 -74.89
C ASP GB 235 78.93 25.96 -75.49
N ASP GB 236 80.10 25.32 -75.31
CA ASP GB 236 80.38 24.02 -75.90
C ASP GB 236 80.33 22.91 -74.85
N VAL GB 237 79.43 23.03 -73.88
CA VAL GB 237 79.35 22.06 -72.79
C VAL GB 237 78.85 20.72 -73.31
N PRO GB 238 79.59 19.63 -73.12
CA PRO GB 238 79.07 18.31 -73.48
C PRO GB 238 77.91 17.92 -72.58
N GLU GB 239 77.02 17.10 -73.13
CA GLU GB 239 75.82 16.68 -72.41
C GLU GB 239 76.15 15.80 -71.21
N GLU GB 240 77.29 15.12 -71.24
CA GLU GB 240 77.68 14.28 -70.10
C GLU GB 240 77.88 15.12 -68.85
N LEU GB 241 78.43 16.33 -69.02
CA LEU GB 241 78.63 17.20 -67.86
C LEU GB 241 77.30 17.63 -67.24
N LEU GB 242 76.31 17.95 -68.06
CA LEU GB 242 75.01 18.34 -67.53
C LEU GB 242 74.31 17.18 -66.86
N LEU GB 243 74.39 15.99 -67.47
CA LEU GB 243 73.79 14.81 -66.85
C LEU GB 243 74.48 14.48 -65.52
N LEU GB 244 75.81 14.63 -65.48
CA LEU GB 244 76.54 14.44 -64.24
C LEU GB 244 76.12 15.44 -63.18
N ASP GB 245 75.94 16.70 -63.57
CA ASP GB 245 75.45 17.72 -62.65
C ASP GB 245 74.12 17.31 -62.04
N LEU GB 246 73.17 16.89 -62.88
CA LEU GB 246 71.86 16.50 -62.38
C LEU GB 246 71.96 15.28 -61.46
N LEU GB 247 72.79 14.31 -61.84
CA LEU GB 247 72.95 13.10 -61.03
C LEU GB 247 73.51 13.42 -59.65
N VAL GB 248 74.58 14.23 -59.62
CA VAL GB 248 75.19 14.59 -58.34
C VAL GB 248 74.23 15.39 -57.48
N GLN GB 249 73.44 16.27 -58.10
CA GLN GB 249 72.46 17.03 -57.33
C GLN GB 249 71.41 16.13 -56.69
N LYS GB 250 70.87 15.18 -57.47
CA LYS GB 250 69.86 14.30 -56.90
C LYS GB 250 70.46 13.35 -55.86
N ALA GB 251 71.71 12.93 -56.04
CA ALA GB 251 72.37 12.12 -55.04
C ALA GB 251 72.59 12.90 -53.75
N ARG GB 252 72.94 14.18 -53.86
CA ARG GB 252 73.07 15.01 -52.67
C ARG GB 252 71.74 15.19 -51.97
N ASP GB 253 70.66 15.35 -52.72
CA ASP GB 253 69.34 15.43 -52.11
C ASP GB 253 69.01 14.15 -51.34
N LEU GB 254 69.28 12.99 -51.95
CA LEU GB 254 69.03 11.72 -51.27
C LEU GB 254 69.89 11.59 -50.02
N ALA GB 255 71.16 11.98 -50.10
CA ALA GB 255 72.04 11.88 -48.94
C ALA GB 255 71.56 12.79 -47.82
N ALA GB 256 71.05 13.98 -48.16
CA ALA GB 256 70.47 14.84 -47.14
C ALA GB 256 69.23 14.19 -46.52
N ARG GB 257 68.40 13.54 -47.33
CA ARG GB 257 67.20 12.90 -46.81
C ARG GB 257 67.48 11.65 -45.99
N ILE GB 258 68.72 11.16 -45.98
CA ILE GB 258 69.07 9.95 -45.24
C ILE GB 258 68.72 10.11 -43.76
N MET HB 25 29.86 19.93 -79.27
CA MET HB 25 30.21 21.28 -78.86
C MET HB 25 30.18 22.25 -80.02
N GLU HB 26 29.23 22.06 -80.95
CA GLU HB 26 29.17 22.90 -82.14
C GLU HB 26 28.81 24.34 -81.82
N LYS HB 27 28.23 24.60 -80.64
CA LYS HB 27 27.94 25.97 -80.25
C LYS HB 27 29.23 26.79 -80.12
N LEU HB 28 30.28 26.18 -79.56
CA LEU HB 28 31.54 26.89 -79.41
C LEU HB 28 32.24 27.09 -80.75
N GLU HB 29 32.10 26.17 -81.68
CA GLU HB 29 32.61 26.40 -83.03
C GLU HB 29 31.86 27.53 -83.71
N VAL HB 30 30.54 27.61 -83.51
CA VAL HB 30 29.78 28.74 -84.03
C VAL HB 30 30.26 30.04 -83.41
N ALA HB 31 30.55 30.03 -82.11
CA ALA HB 31 31.11 31.20 -81.45
C ALA HB 31 32.46 31.60 -82.04
N VAL HB 32 33.31 30.61 -82.33
CA VAL HB 32 34.61 30.91 -82.93
C VAL HB 32 34.44 31.53 -84.31
N GLU HB 33 33.51 30.99 -85.10
CA GLU HB 33 33.24 31.57 -86.42
C GLU HB 33 32.71 33.00 -86.30
N HIS HB 34 31.83 33.22 -85.35
CA HIS HB 34 31.39 34.57 -85.09
C HIS HB 34 32.54 35.50 -84.73
N LEU HB 35 33.44 35.05 -83.86
CA LEU HB 35 34.59 35.86 -83.48
C LEU HB 35 35.46 36.22 -84.68
N LYS HB 36 35.66 35.26 -85.59
CA LYS HB 36 36.36 35.56 -86.83
C LYS HB 36 35.60 36.63 -87.63
N GLU HB 37 34.27 36.49 -87.70
CA GLU HB 37 33.46 37.49 -88.40
C GLU HB 37 33.60 38.86 -87.75
N ALA HB 38 33.65 38.90 -86.42
CA ALA HB 38 33.82 40.17 -85.71
C ALA HB 38 35.16 40.82 -86.04
N ILE HB 39 36.23 40.01 -86.08
CA ILE HB 39 37.54 40.54 -86.45
C ILE HB 39 37.49 41.12 -87.85
N GLU HB 40 36.88 40.38 -88.79
CA GLU HB 40 36.78 40.87 -90.17
C GLU HB 40 35.95 42.16 -90.24
N LEU HB 41 34.89 42.25 -89.43
CA LEU HB 41 34.07 43.46 -89.43
C LEU HB 41 34.81 44.66 -88.89
N ILE HB 42 35.56 44.48 -87.79
CA ILE HB 42 36.39 45.56 -87.28
C ILE HB 42 37.41 45.99 -88.32
N GLU HB 43 37.97 45.03 -89.06
CA GLU HB 43 38.90 45.37 -90.12
C GLU HB 43 38.21 46.18 -91.22
N LYS HB 44 36.99 45.82 -91.57
CA LYS HB 44 36.27 46.52 -92.64
C LYS HB 44 35.92 47.95 -92.22
N GLY HB 45 35.34 48.12 -91.04
CA GLY HB 45 35.00 49.44 -90.55
C GLY HB 45 33.60 49.56 -89.99
N GLU HB 46 32.86 48.45 -89.92
CA GLU HB 46 31.53 48.44 -89.34
C GLU HB 46 31.62 48.13 -87.85
N TYR HB 47 31.55 49.17 -87.03
CA TYR HB 47 31.70 49.02 -85.59
C TYR HB 47 30.39 48.69 -84.88
N VAL HB 48 29.27 49.16 -85.41
CA VAL HB 48 27.97 48.81 -84.84
C VAL HB 48 27.71 47.31 -84.99
N LYS HB 49 27.96 46.79 -86.18
CA LYS HB 49 27.79 45.36 -86.42
C LYS HB 49 28.75 44.55 -85.57
N ALA HB 50 29.97 45.06 -85.34
CA ALA HB 50 30.92 44.38 -84.47
C ALA HB 50 30.41 44.34 -83.02
N ASP HB 51 29.86 45.45 -82.54
CA ASP HB 51 29.30 45.47 -81.18
C ASP HB 51 28.14 44.50 -81.04
N LEU HB 52 27.26 44.46 -82.05
CA LEU HB 52 26.14 43.54 -82.02
C LEU HB 52 26.60 42.09 -82.09
N ILE HB 53 27.62 41.80 -82.90
CA ILE HB 53 28.19 40.45 -82.97
C ILE HB 53 28.78 40.06 -81.62
N LEU HB 54 29.43 40.99 -80.94
CA LEU HB 54 29.98 40.67 -79.63
C LEU HB 54 28.87 40.32 -78.65
N THR HB 55 27.74 41.04 -78.72
CA THR HB 55 26.60 40.67 -77.88
C THR HB 55 26.08 39.28 -78.23
N ASP HB 56 26.02 38.95 -79.52
CA ASP HB 56 25.58 37.61 -79.93
C ASP HB 56 26.53 36.53 -79.41
N ILE HB 57 27.83 36.78 -79.48
CA ILE HB 57 28.82 35.83 -78.99
C ILE HB 57 28.66 35.64 -77.49
N LEU HB 58 28.41 36.72 -76.76
CA LEU HB 58 28.16 36.60 -75.32
C LEU HB 58 26.94 35.74 -75.06
N ARG HB 59 25.88 35.93 -75.84
CA ARG HB 59 24.68 35.10 -75.67
C ARG HB 59 24.98 33.63 -75.93
N LEU HB 60 25.74 33.34 -76.99
CA LEU HB 60 26.11 31.95 -77.28
C LEU HB 60 26.92 31.33 -76.14
N LEU HB 61 27.93 32.05 -75.65
CA LEU HB 61 28.77 31.51 -74.59
C LEU HB 61 27.98 31.30 -73.31
N GLU HB 62 27.07 32.23 -72.99
CA GLU HB 62 26.21 32.03 -71.82
C GLU HB 62 25.28 30.84 -72.02
N GLU HB 63 24.85 30.60 -73.25
CA GLU HB 63 24.07 29.39 -73.53
C GLU HB 63 24.87 28.14 -73.26
N GLU HB 64 26.15 28.13 -73.64
CA GLU HB 64 26.99 26.97 -73.36
C GLU HB 64 27.23 26.80 -71.86
N GLY HB 65 27.65 27.87 -71.18
CA GLY HB 65 27.77 27.82 -69.74
C GLY HB 65 29.17 27.68 -69.18
N VAL HB 66 30.15 28.42 -69.71
CA VAL HB 66 31.51 28.44 -69.18
C VAL HB 66 31.74 29.81 -68.57
N LYS HB 67 31.97 29.84 -67.25
CA LYS HB 67 31.94 31.10 -66.50
C LYS HB 67 33.06 32.04 -66.93
N SER HB 68 34.28 31.52 -67.05
CA SER HB 68 35.42 32.36 -67.42
C SER HB 68 35.21 32.97 -68.80
N LEU HB 69 34.75 32.16 -69.75
CA LEU HB 69 34.45 32.67 -71.08
C LEU HB 69 33.36 33.73 -71.02
N ILE HB 70 32.38 33.55 -70.14
CA ILE HB 70 31.26 34.49 -70.06
C ILE HB 70 31.75 35.85 -69.56
N LYS HB 71 32.52 35.86 -68.47
CA LYS HB 71 33.00 37.14 -67.96
C LYS HB 71 33.96 37.79 -68.95
N GLN HB 72 34.80 36.98 -69.61
CA GLN HB 72 35.68 37.53 -70.62
C GLN HB 72 34.91 38.15 -71.76
N ALA HB 73 33.79 37.53 -72.17
CA ALA HB 73 32.99 38.07 -73.26
C ALA HB 73 32.30 39.36 -72.87
N LYS HB 74 31.78 39.45 -71.65
CA LYS HB 74 31.15 40.70 -71.21
C LYS HB 74 32.16 41.85 -71.15
N GLU HB 75 33.31 41.60 -70.51
CA GLU HB 75 34.32 42.65 -70.46
C GLU HB 75 34.83 42.99 -71.86
N LEU HB 76 34.87 42.00 -72.75
CA LEU HB 76 35.26 42.27 -74.13
C LEU HB 76 34.27 43.21 -74.80
N HIS HB 77 32.97 42.97 -74.62
CA HIS HB 77 31.97 43.86 -75.20
C HIS HB 77 32.18 45.29 -74.73
N ILE HB 78 32.29 45.48 -73.41
CA ILE HB 78 32.43 46.83 -72.87
C ILE HB 78 33.70 47.50 -73.39
N GLU HB 79 34.83 46.80 -73.27
CA GLU HB 79 36.11 47.41 -73.61
C GLU HB 79 36.26 47.64 -75.10
N VAL HB 80 35.73 46.75 -75.94
CA VAL HB 80 35.81 46.96 -77.37
C VAL HB 80 34.93 48.13 -77.78
N PHE HB 81 33.75 48.28 -77.16
CA PHE HB 81 32.94 49.46 -77.45
C PHE HB 81 33.71 50.74 -77.12
N LYS HB 82 34.34 50.78 -75.94
CA LYS HB 82 35.11 51.96 -75.57
C LYS HB 82 36.26 52.22 -76.54
N LEU HB 83 37.02 51.18 -76.87
CA LEU HB 83 38.18 51.35 -77.75
C LEU HB 83 37.77 51.78 -79.15
N LEU HB 84 36.69 51.21 -79.69
CA LEU HB 84 36.22 51.61 -81.00
C LEU HB 84 35.70 53.05 -80.97
N LYS HB 85 35.14 53.49 -79.84
CA LYS HB 85 34.83 54.91 -79.70
C LYS HB 85 36.09 55.75 -79.78
N GLU HB 86 37.14 55.34 -79.05
CA GLU HB 86 38.38 56.12 -79.05
C GLU HB 86 39.12 56.02 -80.38
N GLY HB 87 39.05 54.88 -81.06
CA GLY HB 87 39.76 54.67 -82.30
C GLY HB 87 40.89 53.67 -82.22
N GLU HB 88 41.03 52.93 -81.12
CA GLU HB 88 42.08 51.94 -80.96
C GLU HB 88 41.62 50.62 -81.58
N TYR HB 89 41.74 50.56 -82.92
CA TYR HB 89 41.29 49.37 -83.64
C TYR HB 89 42.15 48.17 -83.32
N LYS HB 90 43.47 48.35 -83.23
CA LYS HB 90 44.38 47.24 -83.00
C LYS HB 90 44.17 46.61 -81.64
N GLU HB 91 43.93 47.44 -80.61
CA GLU HB 91 43.68 46.90 -79.28
C GLU HB 91 42.40 46.08 -79.23
N ALA HB 92 41.35 46.56 -79.89
CA ALA HB 92 40.09 45.81 -79.93
C ALA HB 92 40.27 44.49 -80.68
N LYS HB 93 40.98 44.54 -81.81
CA LYS HB 93 41.26 43.31 -82.55
C LYS HB 93 42.06 42.33 -81.70
N ALA HB 94 43.03 42.84 -80.93
CA ALA HB 94 43.81 41.97 -80.07
C ALA HB 94 42.94 41.32 -79.00
N LEU HB 95 42.03 42.08 -78.40
CA LEU HB 95 41.14 41.51 -77.39
C LEU HB 95 40.23 40.43 -77.98
N VAL HB 96 39.69 40.69 -79.17
CA VAL HB 96 38.83 39.70 -79.81
C VAL HB 96 39.63 38.44 -80.15
N GLU HB 97 40.87 38.62 -80.63
CA GLU HB 97 41.70 37.46 -80.94
C GLU HB 97 42.06 36.68 -79.68
N ALA HB 98 42.27 37.38 -78.57
CA ALA HB 98 42.55 36.70 -77.31
C ALA HB 98 41.35 35.85 -76.87
N LEU HB 99 40.14 36.41 -76.98
CA LEU HB 99 38.96 35.61 -76.62
C LEU HB 99 38.78 34.43 -77.56
N ARG HB 100 39.07 34.62 -78.85
CA ARG HB 100 38.98 33.51 -79.80
C ARG HB 100 39.94 32.40 -79.44
N VAL HB 101 41.19 32.76 -79.13
CA VAL HB 101 42.18 31.76 -78.76
C VAL HB 101 41.78 31.05 -77.48
N SER HB 102 41.21 31.79 -76.53
CA SER HB 102 40.77 31.17 -75.28
C SER HB 102 39.66 30.15 -75.53
N VAL HB 103 38.70 30.48 -76.39
CA VAL HB 103 37.60 29.56 -76.67
C VAL HB 103 38.12 28.32 -77.40
N GLU HB 104 38.98 28.51 -78.40
CA GLU HB 104 39.55 27.37 -79.10
C GLU HB 104 40.36 26.48 -78.16
N LEU HB 105 41.11 27.10 -77.24
CA LEU HB 105 41.88 26.33 -76.29
C LEU HB 105 40.98 25.53 -75.36
N TYR HB 106 39.85 26.11 -74.94
CA TYR HB 106 38.91 25.35 -74.12
C TYR HB 106 38.37 24.15 -74.91
N ILE HB 107 38.04 24.37 -76.18
CA ILE HB 107 37.55 23.27 -77.01
C ILE HB 107 38.58 22.15 -77.08
N LEU HB 108 39.84 22.52 -77.34
CA LEU HB 108 40.89 21.50 -77.48
C LEU HB 108 41.16 20.79 -76.16
N ILE HB 109 41.10 21.52 -75.03
CA ILE HB 109 41.28 20.89 -73.73
C ILE HB 109 40.18 19.87 -73.48
N LYS HB 110 38.94 20.22 -73.79
CA LYS HB 110 37.84 19.29 -73.57
C LYS HB 110 37.99 18.06 -74.46
N ARG HB 111 38.34 18.25 -75.73
CA ARG HB 111 38.54 17.12 -76.61
C ARG HB 111 39.68 16.22 -76.14
N GLY HB 112 40.78 16.82 -75.68
CA GLY HB 112 41.90 16.03 -75.20
C GLY HB 112 41.56 15.24 -73.95
N VAL HB 113 40.86 15.87 -73.00
CA VAL HB 113 40.54 15.19 -71.76
C VAL HB 113 39.54 14.07 -72.00
N ARG HB 114 38.52 14.32 -72.83
CA ARG HB 114 37.52 13.29 -73.11
C ARG HB 114 38.15 12.08 -73.80
N GLU HB 115 38.94 12.33 -74.84
CA GLU HB 115 39.63 11.28 -75.60
C GLU HB 115 40.73 10.60 -74.81
N GLY HB 116 40.98 10.99 -73.56
CA GLY HB 116 42.06 10.40 -72.79
C GLY HB 116 43.44 10.66 -73.38
N ARG HB 117 43.62 11.81 -74.03
CA ARG HB 117 44.91 12.13 -74.61
C ARG HB 117 45.94 12.37 -73.51
N PRO HB 118 47.22 12.08 -73.77
CA PRO HB 118 48.25 12.35 -72.77
C PRO HB 118 48.39 13.83 -72.50
N ILE HB 119 48.77 14.15 -71.26
CA ILE HB 119 49.00 15.54 -70.86
C ILE HB 119 50.09 16.17 -71.71
N GLU HB 120 51.07 15.36 -72.15
CA GLU HB 120 52.20 15.87 -72.90
C GLU HB 120 51.76 16.59 -74.17
N GLU HB 121 50.95 15.92 -75.00
CA GLU HB 121 50.57 16.51 -76.27
C GLU HB 121 49.58 17.65 -76.09
N ILE HB 122 48.74 17.58 -75.06
CA ILE HB 122 47.87 18.71 -74.74
C ILE HB 122 48.69 19.94 -74.42
N ALA HB 123 49.74 19.78 -73.60
CA ALA HB 123 50.61 20.90 -73.26
C ALA HB 123 51.32 21.44 -74.49
N ARG HB 124 51.81 20.55 -75.35
CA ARG HB 124 52.47 21.02 -76.58
C ARG HB 124 51.50 21.80 -77.47
N GLU HB 125 50.26 21.33 -77.58
CA GLU HB 125 49.27 22.04 -78.39
C GLU HB 125 48.97 23.41 -77.81
N VAL HB 126 48.82 23.50 -76.48
CA VAL HB 126 48.55 24.79 -75.85
C VAL HB 126 49.69 25.76 -76.11
N GLY HB 127 50.93 25.28 -75.95
CA GLY HB 127 52.08 26.14 -76.23
C GLY HB 127 52.13 26.60 -77.67
N ARG HB 128 51.83 25.70 -78.61
CA ARG HB 128 51.83 26.08 -80.02
C ARG HB 128 50.79 27.14 -80.31
N LYS HB 129 49.60 26.98 -79.74
CA LYS HB 129 48.54 27.97 -79.95
C LYS HB 129 48.92 29.33 -79.39
N LEU HB 130 49.51 29.34 -78.18
CA LEU HB 130 49.92 30.60 -77.58
C LEU HB 130 51.02 31.28 -78.41
N VAL HB 131 51.96 30.50 -78.93
CA VAL HB 131 53.02 31.08 -79.74
C VAL HB 131 52.45 31.65 -81.03
N GLU HB 132 51.49 30.94 -81.64
CA GLU HB 132 50.89 31.46 -82.87
C GLU HB 132 50.14 32.76 -82.61
N LEU HB 133 49.42 32.84 -81.49
CA LEU HB 133 48.75 34.09 -81.12
C LEU HB 133 49.76 35.21 -80.92
N ALA HB 134 50.86 34.92 -80.23
CA ALA HB 134 51.88 35.94 -80.01
C ALA HB 134 52.48 36.44 -81.31
N LYS HB 135 52.74 35.51 -82.24
CA LYS HB 135 53.28 35.91 -83.55
C LYS HB 135 52.28 36.78 -84.30
N ARG HB 136 50.99 36.42 -84.26
CA ARG HB 136 49.97 37.24 -84.90
C ARG HB 136 49.95 38.64 -84.33
N LEU HB 137 49.91 38.76 -83.00
CA LEU HB 137 49.84 40.06 -82.36
C LEU HB 137 51.09 40.88 -82.66
N GLU HB 138 52.26 40.22 -82.70
CA GLU HB 138 53.48 40.93 -83.05
C GLU HB 138 53.43 41.45 -84.48
N LYS HB 139 52.85 40.67 -85.39
CA LYS HB 139 52.67 41.14 -86.76
C LYS HB 139 51.72 42.34 -86.82
N GLU HB 140 50.67 42.32 -86.00
CA GLU HB 140 49.72 43.43 -86.01
C GLU HB 140 50.39 44.74 -85.59
N GLY HB 141 51.22 44.69 -84.55
CA GLY HB 141 51.89 45.88 -84.07
C GLY HB 141 51.72 46.12 -82.59
N ILE HB 142 51.13 45.16 -81.89
CA ILE HB 142 50.95 45.27 -80.45
C ILE HB 142 52.29 45.02 -79.76
N SER HB 143 52.60 45.83 -78.75
CA SER HB 143 53.86 45.72 -78.04
C SER HB 143 53.90 44.44 -77.22
N TRP HB 144 55.12 44.05 -76.83
CA TRP HB 144 55.32 42.75 -76.19
C TRP HB 144 54.81 42.73 -74.75
N GLU HB 145 54.76 43.88 -74.08
CA GLU HB 145 54.17 43.92 -72.74
C GLU HB 145 52.68 43.58 -72.79
N GLU HB 146 51.96 44.17 -73.75
CA GLU HB 146 50.55 43.85 -73.93
C GLU HB 146 50.36 42.40 -74.33
N ILE HB 147 51.23 41.88 -75.19
CA ILE HB 147 51.14 40.49 -75.61
C ILE HB 147 51.31 39.57 -74.40
N ILE HB 148 52.29 39.86 -73.55
CA ILE HB 148 52.53 39.04 -72.38
C ILE HB 148 51.33 39.10 -71.43
N GLU HB 149 50.77 40.30 -71.22
CA GLU HB 149 49.62 40.41 -70.32
C GLU HB 149 48.42 39.64 -70.84
N LEU HB 150 48.16 39.74 -72.15
CA LEU HB 150 47.08 38.96 -72.74
C LEU HB 150 47.32 37.47 -72.57
N ILE HB 151 48.56 37.04 -72.78
CA ILE HB 151 48.90 35.62 -72.65
C ILE HB 151 48.68 35.14 -71.22
N GLU HB 152 49.06 35.95 -70.22
CA GLU HB 152 48.84 35.53 -68.84
C GLU HB 152 47.36 35.51 -68.48
N ARG HB 153 46.56 36.42 -69.03
CA ARG HB 153 45.12 36.33 -68.81
C ARG HB 153 44.57 35.02 -69.39
N ILE HB 154 45.00 34.67 -70.60
CA ILE HB 154 44.59 33.41 -71.21
C ILE HB 154 45.04 32.24 -70.35
N LEU HB 155 46.24 32.33 -69.77
CA LEU HB 155 46.77 31.25 -68.94
C LEU HB 155 45.96 31.08 -67.66
N GLU HB 156 45.52 32.18 -67.05
CA GLU HB 156 44.64 32.09 -65.89
C GLU HB 156 43.31 31.45 -66.26
N SER HB 157 42.76 31.81 -67.43
CA SER HB 157 41.55 31.17 -67.91
C SER HB 157 41.77 29.67 -68.10
N ILE HB 158 42.91 29.29 -68.66
CA ILE HB 158 43.23 27.88 -68.86
C ILE HB 158 43.34 27.16 -67.52
N ARG HB 159 43.95 27.81 -66.53
CA ARG HB 159 44.07 27.21 -65.21
C ARG HB 159 42.69 26.94 -64.62
N GLU HB 160 41.78 27.90 -64.73
CA GLU HB 160 40.43 27.68 -64.23
C GLU HB 160 39.72 26.55 -64.97
N ILE HB 161 39.87 26.51 -66.30
CA ILE HB 161 39.22 25.47 -67.10
C ILE HB 161 39.75 24.10 -66.71
N LEU HB 162 41.08 23.98 -66.57
CA LEU HB 162 41.68 22.70 -66.20
C LEU HB 162 41.25 22.26 -64.82
N LYS HB 163 41.18 23.20 -63.86
CA LYS HB 163 40.69 22.86 -62.54
C LYS HB 163 39.24 22.41 -62.58
N GLU HB 164 38.46 22.95 -63.52
CA GLU HB 164 37.08 22.49 -63.67
C GLU HB 164 37.00 21.03 -64.08
N GLU HB 165 37.88 20.60 -64.97
CA GLU HB 165 37.88 19.23 -65.47
C GLU HB 165 38.29 18.20 -64.43
N GLY HB 166 38.57 18.61 -63.19
CA GLY HB 166 38.97 17.67 -62.17
C GLY HB 166 40.41 17.21 -62.22
N LEU HB 167 41.24 17.84 -63.05
CA LEU HB 167 42.65 17.49 -63.10
C LEU HB 167 43.35 17.90 -61.81
N PRO HB 168 44.30 17.12 -61.33
CA PRO HB 168 45.06 17.53 -60.13
C PRO HB 168 46.05 18.64 -60.45
N GLU HB 169 46.60 19.22 -59.37
CA GLU HB 169 47.43 20.41 -59.51
C GLU HB 169 48.72 20.14 -60.28
N SER HB 170 49.26 18.93 -60.19
CA SER HB 170 50.56 18.65 -60.79
C SER HB 170 50.52 18.79 -62.31
N GLU HB 171 49.53 18.16 -62.95
CA GLU HB 171 49.45 18.25 -64.40
C GLU HB 171 49.07 19.65 -64.86
N ILE HB 172 48.24 20.36 -64.11
CA ILE HB 172 47.90 21.73 -64.44
C ILE HB 172 49.16 22.59 -64.44
N ASN HB 173 49.96 22.47 -63.38
CA ASN HB 173 51.19 23.23 -63.29
C ASN HB 173 52.16 22.84 -64.40
N ARG HB 174 52.21 21.56 -64.74
CA ARG HB 174 53.07 21.10 -65.82
C ARG HB 174 52.69 21.74 -67.15
N ILE HB 175 51.38 21.74 -67.46
CA ILE HB 175 50.91 22.32 -68.73
C ILE HB 175 51.21 23.81 -68.77
N LEU HB 176 50.91 24.52 -67.67
CA LEU HB 176 51.14 25.96 -67.63
C LEU HB 176 52.62 26.29 -67.78
N ALA HB 177 53.48 25.54 -67.08
CA ALA HB 177 54.92 25.77 -67.18
C ALA HB 177 55.42 25.52 -68.59
N VAL HB 178 54.92 24.47 -69.24
CA VAL HB 178 55.35 24.17 -70.61
C VAL HB 178 54.93 25.30 -71.56
N SER HB 179 53.71 25.81 -71.42
CA SER HB 179 53.25 26.89 -72.28
C SER HB 179 54.09 28.16 -72.08
N ILE HB 180 54.34 28.52 -70.82
CA ILE HB 180 55.16 29.68 -70.53
C ILE HB 180 56.56 29.51 -71.11
N LEU HB 181 57.12 28.31 -70.97
CA LEU HB 181 58.45 28.05 -71.49
C LEU HB 181 58.48 28.09 -73.01
N GLU HB 182 57.39 27.71 -73.68
CA GLU HB 182 57.35 27.80 -75.13
C GLU HB 182 57.34 29.26 -75.59
N VAL HB 183 56.57 30.11 -74.89
CA VAL HB 183 56.61 31.54 -75.20
C VAL HB 183 58.01 32.10 -74.97
N ALA HB 184 58.63 31.72 -73.86
CA ALA HB 184 59.98 32.17 -73.57
C ALA HB 184 60.98 31.68 -74.62
N LYS HB 185 60.78 30.45 -75.13
CA LYS HB 185 61.63 29.92 -76.18
C LYS HB 185 61.50 30.73 -77.46
N TYR HB 186 60.27 31.12 -77.80
CA TYR HB 186 60.09 31.99 -78.96
C TYR HB 186 60.82 33.32 -78.76
N LEU HB 187 60.72 33.89 -77.56
CA LEU HB 187 61.44 35.14 -77.28
C LEU HB 187 62.95 34.95 -77.42
N LEU HB 188 63.48 33.84 -76.89
CA LEU HB 188 64.92 33.57 -76.99
C LEU HB 188 65.35 33.42 -78.45
N GLU HB 189 64.54 32.74 -79.25
CA GLU HB 189 64.85 32.61 -80.67
C GLU HB 189 64.86 33.98 -81.35
N LYS HB 190 63.92 34.85 -80.99
CA LYS HB 190 63.96 36.20 -81.52
C LYS HB 190 65.22 36.93 -81.12
N LEU HB 191 65.63 36.81 -79.85
CA LEU HB 191 66.85 37.47 -79.40
C LEU HB 191 68.10 36.91 -80.07
N GLY HB 192 68.16 35.59 -80.27
CA GLY HB 192 69.29 34.99 -80.93
C GLY HB 192 70.26 34.27 -80.00
N PHE HB 193 69.73 33.63 -78.96
CA PHE HB 193 70.53 32.88 -77.99
C PHE HB 193 70.20 31.40 -78.18
N ASP HB 194 70.96 30.75 -79.06
CA ASP HB 194 70.62 29.38 -79.45
C ASP HB 194 70.88 28.38 -78.33
N TYR HB 195 71.98 28.55 -77.59
CA TYR HB 195 72.30 27.59 -76.53
C TYR HB 195 71.24 27.60 -75.43
N LEU HB 196 70.79 28.79 -75.04
CA LEU HB 196 69.70 28.88 -74.07
C LEU HB 196 68.43 28.26 -74.62
N VAL HB 197 68.21 28.36 -75.93
CA VAL HB 197 67.07 27.69 -76.55
C VAL HB 197 67.17 26.19 -76.34
N GLU HB 198 68.34 25.61 -76.64
CA GLU HB 198 68.54 24.16 -76.50
C GLU HB 198 68.33 23.71 -75.06
N LEU HB 199 68.91 24.45 -74.11
CA LEU HB 199 68.65 24.14 -72.70
C LEU HB 199 67.17 24.22 -72.38
N LEU HB 200 66.46 25.14 -73.03
CA LEU HB 200 65.03 25.25 -72.78
C LEU HB 200 64.26 24.04 -73.32
N ASP HB 201 64.62 23.53 -74.49
CA ASP HB 201 63.98 22.30 -74.95
C ASP HB 201 64.29 21.15 -74.00
N ARG HB 202 65.53 21.08 -73.50
CA ARG HB 202 65.86 20.02 -72.54
C ARG HB 202 64.97 20.11 -71.30
N ALA HB 203 64.82 21.32 -70.76
CA ALA HB 203 63.99 21.51 -69.57
C ALA HB 203 62.53 21.19 -69.85
N ILE HB 204 62.04 21.57 -71.04
CA ILE HB 204 60.64 21.30 -71.40
C ILE HB 204 60.41 19.79 -71.51
N GLU HB 205 61.35 19.07 -72.12
CA GLU HB 205 61.24 17.62 -72.20
C GLU HB 205 61.25 16.98 -70.82
N TYR HB 206 62.11 17.48 -69.92
CA TYR HB 206 62.15 16.93 -68.57
C TYR HB 206 60.84 17.19 -67.83
N ILE HB 207 60.27 18.38 -68.00
CA ILE HB 207 58.98 18.67 -67.38
C ILE HB 207 57.90 17.76 -67.93
N LEU HB 208 57.90 17.56 -69.25
CA LEU HB 208 56.85 16.76 -69.88
C LEU HB 208 56.94 15.29 -69.48
N LYS HB 209 58.16 14.76 -69.36
CA LYS HB 209 58.34 13.37 -68.99
C LYS HB 209 58.09 13.10 -67.50
N GLY HB 210 57.91 14.14 -66.70
CA GLY HB 210 57.60 14.00 -65.29
C GLY HB 210 58.76 14.24 -64.35
N ARG HB 211 59.98 14.36 -64.87
CA ARG HB 211 61.17 14.58 -64.04
C ARG HB 211 61.23 16.05 -63.65
N SER HB 212 60.76 16.36 -62.44
CA SER HB 212 60.55 17.74 -62.01
C SER HB 212 61.80 18.37 -61.41
N GLU HB 213 62.50 17.65 -60.52
CA GLU HB 213 63.65 18.24 -59.83
C GLU HB 213 64.79 18.54 -60.79
N LEU HB 214 65.04 17.64 -61.75
CA LEU HB 214 66.04 17.91 -62.77
C LEU HB 214 65.67 19.14 -63.58
N ALA HB 215 64.39 19.29 -63.90
CA ALA HB 215 63.93 20.46 -64.64
C ALA HB 215 64.12 21.73 -63.82
N VAL HB 216 63.86 21.66 -62.51
CA VAL HB 216 64.04 22.84 -61.66
C VAL HB 216 65.50 23.25 -61.62
N HIS HB 217 66.41 22.28 -61.50
CA HIS HB 217 67.83 22.60 -61.50
C HIS HB 217 68.28 23.18 -62.84
N LEU HB 218 67.77 22.61 -63.94
CA LEU HB 218 68.06 23.16 -65.26
C LEU HB 218 67.55 24.58 -65.40
N LEU HB 219 66.36 24.85 -64.86
CA LEU HB 219 65.79 26.19 -64.93
C LEU HB 219 66.59 27.17 -64.08
N ASP HB 220 67.12 26.72 -62.94
CA ASP HB 220 68.01 27.56 -62.15
C ASP HB 220 69.26 27.93 -62.93
N ASP HB 221 69.87 26.96 -63.62
CA ASP HB 221 71.04 27.26 -64.43
C ASP HB 221 70.71 28.21 -65.57
N ILE HB 222 69.54 28.01 -66.19
CA ILE HB 222 69.10 28.90 -67.26
C ILE HB 222 68.90 30.31 -66.75
N ILE HB 223 68.31 30.45 -65.55
CA ILE HB 223 68.09 31.76 -64.96
C ILE HB 223 69.41 32.45 -64.69
N ARG HB 224 70.39 31.71 -64.17
CA ARG HB 224 71.71 32.29 -63.95
C ARG HB 224 72.33 32.77 -65.26
N ARG HB 225 72.21 31.98 -66.32
CA ARG HB 225 72.77 32.38 -67.61
C ARG HB 225 72.06 33.63 -68.15
N VAL HB 226 70.74 33.69 -67.98
CA VAL HB 226 69.98 34.86 -68.46
C VAL HB 226 70.39 36.10 -67.70
N HIS HB 227 70.57 35.99 -66.38
CA HIS HB 227 71.01 37.14 -65.59
C HIS HB 227 72.41 37.57 -66.00
N GLU HB 228 73.29 36.61 -66.32
CA GLU HB 228 74.61 36.97 -66.82
C GLU HB 228 74.51 37.73 -68.13
N GLU HB 229 73.63 37.29 -69.04
CA GLU HB 229 73.46 38.00 -70.30
C GLU HB 229 72.93 39.42 -70.08
N ILE HB 230 71.96 39.56 -69.17
CA ILE HB 230 71.41 40.90 -68.88
C ILE HB 230 72.50 41.81 -68.32
N GLU HB 231 73.31 41.29 -67.38
CA GLU HB 231 74.39 42.08 -66.83
C GLU HB 231 75.43 42.44 -67.89
N ARG HB 232 75.66 41.55 -68.85
CA ARG HB 232 76.57 41.88 -69.94
C ARG HB 232 76.01 43.03 -70.80
N TYR HB 233 74.70 43.03 -71.02
CA TYR HB 233 74.11 44.08 -71.87
C TYR HB 233 74.28 45.46 -71.26
N GLY HB 234 74.09 45.59 -69.97
CA GLY HB 234 74.34 46.85 -69.28
C GLY HB 234 73.09 47.73 -69.24
N ASP HB 235 73.19 48.92 -69.84
CA ASP HB 235 72.09 49.87 -69.84
C ASP HB 235 71.21 49.79 -71.07
N ASP HB 236 71.62 49.02 -72.09
CA ASP HB 236 70.89 48.93 -73.35
C ASP HB 236 70.13 47.61 -73.46
N VAL HB 237 69.61 47.10 -72.35
CA VAL HB 237 68.94 45.81 -72.33
C VAL HB 237 67.63 45.90 -73.10
N PRO HB 238 67.42 45.06 -74.11
CA PRO HB 238 66.11 45.01 -74.78
C PRO HB 238 65.04 44.47 -73.84
N GLU HB 239 63.80 44.91 -74.07
CA GLU HB 239 62.68 44.50 -73.22
C GLU HB 239 62.37 43.02 -73.34
N GLU HB 240 62.71 42.40 -74.48
CA GLU HB 240 62.46 40.98 -74.64
C GLU HB 240 63.26 40.17 -73.62
N LEU HB 241 64.49 40.59 -73.31
CA LEU HB 241 65.29 39.89 -72.33
C LEU HB 241 64.66 39.94 -70.94
N LEU HB 242 64.12 41.10 -70.54
CA LEU HB 242 63.49 41.21 -69.23
C LEU HB 242 62.20 40.41 -69.18
N LEU HB 243 61.40 40.44 -70.25
CA LEU HB 243 60.20 39.63 -70.28
C LEU HB 243 60.52 38.15 -70.23
N LEU HB 244 61.58 37.73 -70.94
CA LEU HB 244 62.03 36.35 -70.89
C LEU HB 244 62.47 35.96 -69.47
N ASP HB 245 63.21 36.87 -68.81
CA ASP HB 245 63.60 36.62 -67.42
C ASP HB 245 62.38 36.36 -66.54
N LEU HB 246 61.38 37.24 -66.64
CA LEU HB 246 60.18 37.07 -65.81
C LEU HB 246 59.46 35.77 -66.14
N LEU HB 247 59.37 35.44 -67.44
CA LEU HB 247 58.67 34.22 -67.84
C LEU HB 247 59.37 32.98 -67.32
N VAL HB 248 60.70 32.93 -67.45
CA VAL HB 248 61.45 31.77 -66.98
C VAL HB 248 61.35 31.65 -65.46
N GLN HB 249 61.37 32.77 -64.76
CA GLN HB 249 61.23 32.72 -63.31
C GLN HB 249 59.87 32.18 -62.89
N LYS HB 250 58.79 32.63 -63.52
CA LYS HB 250 57.48 32.13 -63.14
C LYS HB 250 57.30 30.66 -63.55
N ALA HB 251 57.91 30.26 -64.67
CA ALA HB 251 57.87 28.86 -65.07
C ALA HB 251 58.62 27.98 -64.07
N ARG HB 252 59.76 28.47 -63.58
CA ARG HB 252 60.49 27.73 -62.56
C ARG HB 252 59.68 27.62 -61.27
N ASP HB 253 58.99 28.69 -60.88
CA ASP HB 253 58.12 28.61 -59.71
C ASP HB 253 57.03 27.56 -59.90
N LEU HB 254 56.39 27.54 -61.07
CA LEU HB 254 55.36 26.53 -61.34
C LEU HB 254 55.94 25.13 -61.32
N ALA HB 255 57.13 24.94 -61.91
CA ALA HB 255 57.75 23.61 -61.92
C ALA HB 255 58.09 23.15 -60.51
N ALA HB 256 58.53 24.08 -59.65
CA ALA HB 256 58.75 23.74 -58.25
C ALA HB 256 57.44 23.34 -57.57
N ARG HB 257 56.36 24.06 -57.87
CA ARG HB 257 55.07 23.75 -57.24
C ARG HB 257 54.45 22.45 -57.76
N ILE HB 258 55.01 21.85 -58.82
CA ILE HB 258 54.45 20.63 -59.38
C ILE HB 258 54.39 19.52 -58.33
#